data_9G3Z
#
_entry.id   9G3Z
#
_cell.length_a   1.00
_cell.length_b   1.00
_cell.length_c   1.00
_cell.angle_alpha   90.00
_cell.angle_beta   90.00
_cell.angle_gamma   90.00
#
_symmetry.space_group_name_H-M   'P 1'
#
loop_
_entity.id
_entity.type
_entity.pdbx_description
1 polymer 'Mitotic spindle organizing protein 1'
2 polymer 'Mitotic-spindle organizing protein 2A isoform X4'
3 polymer 'Tubulin gamma chain'
4 polymer 'CDK5 regulatory subunit-associated protein 2'
5 polymer 'Gamma-tubulin complex component 3'
6 polymer 'Gamma-tubulin complex component'
7 polymer 'Tubulin gamma complex associated protein 6'
8 polymer 'Gamma-tubulin complex component'
9 polymer 'Gamma-tubulin complex component'
#
loop_
_entity_poly.entity_id
_entity_poly.type
_entity_poly.pdbx_seq_one_letter_code
_entity_poly.pdbx_strand_id
1 'polypeptide(L)' MAGNSGSGAAAAANLNAVRETMDVLLEISRILNTGLDMETLSICVRLCEQGINPEALSSVIKELRKATEALKAAENMTS O,P,Q
2 'polypeptide(L)'
;MAAPGAGPGPGAPPGLEAALQKLALRRKKVLSAEETELFELAQAAGGAMDPEVFKILVDLLKLNVAPLAVFQMLKSMCAG
QRLASEPQDPVAVPLPTTSVPETRGRNRGSSALGGGPALAERSGREGSSQRMPRQPSATRLPKGGGPGKSPTRST
;
Y
3 'polypeptide(L)'
;MPREIITLQLGQCGNQIGFEFWKQLCAEHGISPEGIVEEFATEGTDRKDVFFYQADDEHYIPRAVLLDLEPRVIHSILNS
PYAKLYNPENIYLSEHGGGAGNNWASGFSQGEKIHEDIFDIIDREADGSDSLEGFVLCHSIAGGTGSGLGSYLLERLNDR
YPKKLVQTYSVFPNQDEMSDVVVQPYNSLLTLKRLTQNADCVVVLDNTALNRIATDRLHIQNPSFSQINQLVSTIMSAST
TTLRYPGYMNNDLIGLIASLIPTPRLHFLMTGYTPLTTDQSVASVRKTTVLDVMRRLLQPKNVMVSTGRDRQTNHCYIAI
LNIIQGEVDPTQVHKSLQRIRERKLANFIPWGPASIQVALSRKSPYLPSAHRVSGLMMANHTSISSLFESSCQQYDKLRK
REAFLEQFRKEDIFKENFDELDRSREVVQELIDEYHAATRPDYISWGTQEQ
;
a,m,b,c,d,e,f,g,h,i,n,k,j,l
4 'polypeptide(L)'
;MMDLVLEEDVTVPGTLSGCSGLVPSVPDDLDGINPNAGLGNGLLPNVSEETVSPTRARNMKDFENQITELKKENFNLKLR
IYFLEERMQQEFHGPTEHIYKTNIELKVEVESLKRELQEREQLLIKASKAVESLAEAGGSEIQRVKEDARKKVQQVEDLL
TKRILLLEKDVTAAQAELEKAFAGTETEKALRLRLESKLSEMKKMHEGDLAMALVLDEKDRLIEELKLSLKSKEALIQCL
KEEKSQMACPDENVSSGELRGLCAAPREEKERETEAAQMEHQKERNSFEERIQALEEDLREKEREIATEKKNSLKRDKAI
QGLTMALKSKEKKVEELNSEIEKLSAAFAKAREALQKAQTQEFQGSEDYETALSGKEALSAALRSQNLTKSTENHRLRRS
IKKITQELSDLQQERERLEKDLEEAHREKSKGDCTIRDLRNEVEKLRNEVNEREKAMENRYKSLLSESNKKLHNQEQVIK
HLTESTNQKDVLLQKFNEKDLEVIQQNCYLMAAEDLELRSEGLITEKCSSQQPPGSKTIFSKEKKQSSDYEELIQVLKKE
QDIYTHLVKSLQESDSINNLQAELNKIFALRKQLEQDVLSYQNLRKTLEEQISEIRRREESFSLYSDQTSYLSICLEENN
RFQVEHFSQEELKKKVSDLIQLVKELYTDNQHLKKTIFDLSCMGFQGNGFPDRLASTEQTEEAKKSRLPILIKPSRSLGN
MYRLPATQEVVTQLQSQILELQGELKEFKTCNKQLHQKLILAEAVMEGRPTPDKTLLNAQPPVGAAYQDSPGEQKGIKTT
SSVWRDKEMDSDQQRSYEIDSEICPPDDLASLPSCKENPEDVLSPTSVATYLSSKSQPSAKVSVMGTDQSESINTSNETE
YLKQKIHDLETELEGYQNFIFQLQKHSQCSEAIITVLCGTEGAQDGLSKPKNGSDGEEMTFSSLHQVRYVKHVKILGPLA
PEMIDSRVLENLKQQLEEQEYKLQKEQNLNMQLFSEIHNLQNKFRDLSPPRYDSLVQSQARELSLQRQQIKDGHGICVIS
RQHMNTMIKAFEELLQASDVDYCVAEGFQEQLNQCAELLEKLEKLFLNGKSVGVEMNTQNELMERIEEDNLTYQHLLPES
PEPSASHALSDYETSEKSFFSRDQKQDNETEKTSVMVNSFSQDLLMEHIQEIRTLRKRLEESIKTNEKLRKQLERQGSEF
VQGSTSIFASGSELHSSLTSEIHFLRKQNQALNAMLIKGSRDKQKENDKLRESLSRKTVSLEHLQREYASVKEENERLQK
EGSEKERHNQQLIQEVRCSGQELSRVQEEVKLRQQLLSQNDKLLQSLRVELKAYEKLDEEHRRLREASGEGWKGQDPFRD
LHSLLMEIQALRLQLERSIETSSTLQSRLKEQLARGAEKAQEGALTLAVQAVSIPEVPLQPDKHDGDKYPMESDNSFDLF
DSSQAVTPKSVSETPPLSGNDTDSLSCDSGSSATSTPCVSRLVTGHHLWASKNGRHVLGLIEDYEALLKQISQGQRLLAE
MDIQTQEAPSSTSQELGTKGPHPAPLSKFVSSVSTAKLTLEEAYRRLKLLWRVSLPEDGQCPLHCEQIGEMKAEVTKLHK
KLFEQEKKLQNTMKLLQLSKRQEKVIFDQLVVTHKILRKARGNLELRPGGAHPGTCSPSRPGS
;
w,x
5 'polypeptide(L)'
;MATPDQKSPNVLLQNLCCRILGKSEADVAQQFQYAVRVIGSNFAPTVERDEFLVAEKIKKELTRQRREADAALFSELHRK
LHSQGVLKNKWSILYLLLSLSEDPRKQPSKVSGYAALFAQALPRDAHSTPYYYARPQSLPLNYQERGAPSAQSAGSAGSS
GVSSLGTYALNGPTPPPPPPALLPGQPLPAPGVGDGLRQQLGSRLAWTLTASQPSLPSTTSKAVPSSGSRGAARPRREGD
AAAGAVEVTEAALVRDILYVFQGIDGKHVKMSNADNCYTVEGKANLSKSLRDTAVRLAELGWLHNKIRKYTDQRSLDRSF
GLVGQSFCAALHQELREYYRLLSVLHSQLQLEDDQGVNLGLESSLTLRRLLVWTYDPKMRLKTLAALVDHCQGRKGGELA
SAVHAYTKTGDPYARSLVQHILSLVSHPVLSFLYRWIYDGELEDTYHEFFVASDPAVKADRLWHDKYALRKPMIPSFMTM
DQCRKVLLIGKSINFLHQVCHDQTPTTKMIAVTKSAESPQDAADLFTDLENAFQGKIDAAYFETSKYLLDVLNKKYSLLD
HMQAMRRYLLLGQGDFIRHLMDLLKPELVRPATTLYQHNLTGILETAVRATNAQFDSPEILKRLDVRLLEVSPGDTGWDV
FSLDYHVDGPIATVFTRECMSHYLRAFNFLWRAKRVEYILTDIRKGHMCNARLLRSMPEFSGVLHHCHILASEMVHFIHQ
MQYYVTFEVLECSWDELWNRVQRAQDLDHIIAAHEAFLGTVISRCLLDSDSRALLNQLRAVFDQIIELQNTQDAIYRAAL
EELQRRLQFEEKKKQREAEGQWGVSAAEEEQEKRRVQEFQESIPKMCSQLRILTHFYQGVVQQFLVSLTTSSDESLRFLS
FRLDFNEHYRAREPRLRVSLGTRGRRSSHT
;
N,B,H,D,F
6 'polypeptide(L)'
;MSEFRIHHDVNELLSLLRVHGGDGAEVYIDLLQKNRTPYVTTTVSAHSAKVKIAEFSRTPEDFLKKYDELKSKNTRNLDP
LVYLLSKLMEDRETLQYLQQNAKERAELAASAAASSTASFGASATASKISMQELEELRKQLGSVATGPTWQQSLELTRKM
LRDKQSKKNSGQRLPVLPAWVYERPALLGDFLPGTGGSADTAVPIGSLPLASQEAAVVEDLLYVLVGVDGRYISAQPLTG
RQGRTFLVDPNLDLSIRELVSRILPVAASYSTVTRFIEEKSSFEYGQVNHALAAAMRTLVKEYLVLVTQLEQLQRQGLLS
LQKLWFYIQPAMRSLDILASLATSVDKGECIGGATLSLLHDRSFSYTGDSQAQELCLHLTKAASTPYFEILEKWIYRGII
DDPYSEFMVEEHELRKEKIQEDYNDKYWDQRYTVVQRQIPSFLQKMAGKVLSTGKYLNVVRECGHDVTCPVAKEVVYTLK
ERAYVEQIEKAFSYASKVLLDFLMGEKELLAHLRSIKRYFLMDQGDFFVHFMDLTEEELKKPVDDITPTRLEALLELALR
MSTANTDPFKDDLKIDLMPHDLITQLLRVLAIETQQEKAMVHADPTELTLSGLEAFSFDYVVTWPLSLIINRKALTRYQM
LFRHMFYCKHVERQLCSVWISNKAAKRFSLHSAKWFAGAFTLRQRMLNFVQNIQSYMMFEVMEPTWHVLEQNLRSASNID
DVLGHHASFLDNCLKDCMLTNPELLRVFSKLMSVCVMFTNCLQRFTQSMKLDSELGHPALEPGAMLGPPTEAERAEERAR
KELARKCLAEHVDAPQLASSFEATITKFDKNFSAHLLDLLARLSIYSTSDCEHGMASVISRLDFNGFYTERLERLSAERS
QKAAPPVPGPRGPPALVPRVAVTAQ
;
M,A,C,E,G
7 'polypeptide(L)'
;MASVPQLLDDLCEALLPAAKAHLGQRRGSRKRAKQSLKKVAYNALFTNLFQDEARKLQPDLPRLPVKNRILMLSFDLRVG
GLAAEADRLEELVEGLETAPRGPLAELGSVLDLLVQLAGSGPPRVLQRRRDYFLPKEHVGRNVRYGGYDCCHLSGIEADV
RSIISGEEELCRDLIRKTLQVMEAAPGTGLPAFGLSSYGDPYGDRFERDTRVSLFGALVHSRTADLDVRLDLPPVPDSAD
VSGLAIKVPLSVDQSEDEGFQSAPNLTPDSQSEPGVTPDIDLWEAVLTYEASRRRCWEQIGCPPGHREEPYLTEAGRDAF
DRFCRLRQGELQVLGGALLQAPQPVLVKESELVKDTLNVLLGVVSATFSLCQPAQAFTVKRGVHVSGASPESVSSLLSEV
AECGTHYARLSDFSLQPVLDSSCSKGLVFQAFTSGLRRYLQYYRACVLSTPPTLSLLTIGFLFKKLGRQLRYLAELCGVG
TALPGTGGGEPRAAFPTGVRLLSYLYQEALDNCSNEHYPVLLSLLKTSCEPYTRFIHDWVYSGVFRDVYGEFMIQVNHEY
LGCRDKSYWTHGYVLVSKEVEACVPVFLKHVAHDVYVCGKTINLLKLCCPRHYLCCSDVPVPRISVIFSLEELKDIEKDC
AIYVGRMERVARHSSLSKEEKELRMEIAKQELIVHAREAASRVLSALSDRQMSERMALDARKREQFQRLKEQFMRDQERR
RAARQEELDDDFSYARELRDRERRLKALEEQLERKARQALVDHYSKLSAEAARRERKALWRVQRHRLADARRRFLLEEEK
RVQVMPSCSWERNQGALVFQASLPCPEHPDGGGGCGSGPSEQPKAARDGPRGPSRLMPQLPESPAEAACGLLSVGLSIRD
FLPTAQGAEQPLHTGSALVLEEALQTIGSDLPPPAPSAAVGTGPSGPQEYDFRTILRPAVATSAFPGPLQSTGGGLGSEG
QPQWEDTHVQLDMCVLDGQVALPHACSPQKTSPQEGSQAMGQLLRQVSEGDVPTGGYASGTAPSRPRWNVHGHVSDASIK
VGENVCDVVPSRPRWNVHGHVSDASIKVGENVCDVVPSRPRWNVHGHVSDASIKVGENVCDVVPSRPRWNIHGHVSDASI
KVGENVCDVVPSRPRWNVHGHVSQSQVTLGVLSGEAEPIVPWPHQTPPDHGSQSGLSLGAQSPAQEGEPQPAAETAVEGA
ESGPQASPTAGAGSSLLSGSRLGPEARPPPPPPHLFCPGRSEDTVDLPASCRPSSQVRGQGLGVGGESSAGCPSHPACPF
MGNEGSVPGPGVDTQSSPGLGEEAAQRWGMEQAYLAGLAGQYRLEQYPDSYEAMSEPPVARLLHHGLPRAFALPEDSGVQ
PDTDETAVQLSELLPLPVLMKHSVTAPLAAHVSLVNKAAVDYFFVELHLGAHFEALRHFLLMEDGEFAQSLSDLLFEKLG
AGQTPGELLSPLVLNSVLSKALQYSLHGDTPHAANLSFALKFLPEAFAPNAPDVLSCLELRYKVDWPLNIVVTEGCLSRY
SGIFSFLLQLKLMMWTLKDVCFHLKRTARMSHVASSVQFRQLQLFKHEMQHFVKVIQGYIANQILHVTWCEFRARLASVG
DLEEIQRAHAEYLHKAVFRGLLTEKAAPAMNIIHSLFSLVLKFRSQLISQPWGLAGGPHGAEHPNFALMQQSYSTFKYYS
HFLFKVVSKLVNRGYQPHLEDFLLRINFNNYYQDA
;
L
8 'polypeptide(L)'
;MIHELLLALSGYPGSIFTWNKRGGLQVSQDFPFLHPSETSVLNRLCRLGTDYIRFTEFIEQYTGHVQQQDHHPSQQGQGG
LHGIYLRAFCTGLDSVLQPYRQALLDLEQEFLADPHLSISHINYSLDQFQLLFPSVMVVVEQIKSQKIHGCQILETVYKH
SCGGLPPVRSALEKILAVCHGVMYKQLSAWMLHGLLLDQHEEFFIKQGPSSGNVSAQPEEDEEDLGIGGLTGKQLRELQD
LRLIEEENMLAPSLKQFSLRVEILPSYIPVRVAEKILFVGESVQMFENQNVNLTRKGSILKDQEDTFAAELHRLKQQPLF
SLVDFEQVVDRIRSTVAEHLWKLMVEESDLLGQLKIIKDFYLLGRGELFQAFIDTAQHMLKTPPTAVTEHDVNVAFQQSA
HKVLLDDDNLLPLLHLTIEYHGKEHKADATQAREGPSRETSPREAPASGWAALGLSYKVQWPLHILFTPAVLEKYNVVFK
YLLSVRRVQAELQHCWALQMQRKHLKSNQTDAVKWRLRNHMAFLVDNLQYYLQVDVLESQFSQLLHQINSTRDFESIRLA
HDHFLSNLLAQSFILLKPVFHCLNEILDLCHSFCSLVSQNLGPLDERGAAQLSILVKGFSRQSSLLFKILSSVRNHQINS
DLAQLLLRLDYNKYYTQAGGTLGSFGM
;
I,K
9 'polypeptide(L)'
;MASPAPSWTRLDPQQERDVRELIRLVSGVQDEADPNFQLALHFAWSNFRFHRFLDVNSHKVEKTIEGIYEKFIIHSDLSK
AASWKRLTDEFLNASLPSIKEIKTDAHYSILSLLLCLSDSPSNSNYVETPRNKEVEKKDDFDWGKYLMEGEEIDLGPNVD
TPNWSEESEDEDDPQPLSREDSGIQVDRTPLEEQDQSRKPASRVSWKVDEPDARSWLEQHVVRQYWTTRSSKFPHSLHLH
SNLAAVWDQHLYSSDPLYVPDDRVSVTETQVIRETLWLLSGVKKLFIFQLIDGKVAVRNNIMVTHLTHSCLRSVLEQIAA
YGQVVFRLQEFIDEVMGHSSESTLPGNGSVPKKSTDAPFRTYQAFMWALYKYFISFKEELSEIEKCIINNDTTVTLAIVV
DKLSPRLAQLKVLHKVFSTGVAEVPPDTRNVVRASHLLNTLYKAILEYDNVGEASEQTVSLLFSLWVETVRPYLQIVDEW
IVHGHLCDGAREFIIQRNKNVPVNHRDFWYATYTLYSVSEKTENEEKMSDNASASSGSDQGPSSRQHTMVSFLKPVLKQI
IMAGKSMQLLKNLQCAESTTCQAMARDAERKSLYTLFLESVQSRLRHGEDATAQALTEQQATRETLIKMQSIAERHLELD
DVHDPLLAINFARLYLEQSDFHEKFAGGDICVDRSSESVTCQTFELTLRSCLYPHIDKQYLDCCGNLMRTLKKDYRLVEY
LQAMRNFFLMEGGDTMYDFYTSIFDKIREKETWQNVSFLNVQLQEAVGQRYPEDSSRLSISFENTDTAKKKLPVHTLDGL
TLSYKVPWPVDIVISLECQKIYNQVFLLLLQIKWAKYSLDVLLFGELASSAEKPQSKEGLLSGQDTAAQFGPQKEPVRQQ
IHRMFLLRVKLMHFVNSLHNYIMTRILHSTGLEFQHQVEEAKDLDQLIKIHYRYLSTIHDRCLLREKVSFVKEAIMKVLN
LALMFADGWQAGLGAWHGISSAVTHGWHGTKLNIFSAVNTSDLIVIHFHHMQLRNRNLFWTVLKPLVYYLDKWILFPLGI
IG
;
J
#
# COMPACT_ATOMS: atom_id res chain seq x y z
N ALA A 10 -67.54 -37.92 91.44
CA ALA A 10 -66.39 -37.41 92.17
C ALA A 10 -66.25 -38.11 93.51
N ALA A 11 -67.23 -37.95 94.39
CA ALA A 11 -67.17 -38.60 95.69
C ALA A 11 -67.21 -40.12 95.54
N ALA A 12 -68.02 -40.62 94.61
CA ALA A 12 -68.07 -42.06 94.40
C ALA A 12 -66.72 -42.59 93.93
N ALA A 13 -66.06 -41.84 93.04
CA ALA A 13 -64.73 -42.24 92.58
C ALA A 13 -63.72 -42.21 93.72
N ASN A 14 -63.80 -41.20 94.59
CA ASN A 14 -62.90 -41.14 95.74
C ASN A 14 -63.12 -42.32 96.68
N LEU A 15 -64.38 -42.66 96.95
CA LEU A 15 -64.66 -43.80 97.80
C LEU A 15 -64.19 -45.11 97.17
N ASN A 16 -64.36 -45.24 95.85
CA ASN A 16 -63.87 -46.42 95.15
C ASN A 16 -62.36 -46.52 95.26
N ALA A 17 -61.65 -45.40 95.08
CA ALA A 17 -60.19 -45.42 95.22
C ALA A 17 -59.78 -45.79 96.63
N VAL A 18 -60.47 -45.26 97.64
CA VAL A 18 -60.11 -45.57 99.02
C VAL A 18 -60.31 -47.05 99.31
N ARG A 19 -61.43 -47.61 98.84
CA ARG A 19 -61.69 -49.02 99.10
C ARG A 19 -60.76 -49.92 98.32
N GLU A 20 -60.38 -49.52 97.10
CA GLU A 20 -59.39 -50.27 96.35
C GLU A 20 -58.04 -50.26 97.06
N THR A 21 -57.64 -49.11 97.60
CA THR A 21 -56.39 -49.03 98.35
C THR A 21 -56.44 -49.92 99.58
N MET A 22 -57.57 -49.93 100.30
CA MET A 22 -57.68 -50.77 101.48
C MET A 22 -57.63 -52.25 101.12
N ASP A 23 -58.31 -52.63 100.03
CA ASP A 23 -58.27 -54.02 99.59
C ASP A 23 -56.86 -54.43 99.17
N VAL A 24 -56.15 -53.54 98.48
CA VAL A 24 -54.78 -53.83 98.08
C VAL A 24 -53.88 -53.96 99.30
N LEU A 25 -54.10 -53.12 100.32
CA LEU A 25 -53.33 -53.25 101.55
C LEU A 25 -53.59 -54.58 102.23
N LEU A 26 -54.85 -55.01 102.27
CA LEU A 26 -55.18 -56.32 102.84
C LEU A 26 -54.50 -57.44 102.05
N GLU A 27 -54.53 -57.35 100.71
CA GLU A 27 -53.89 -58.37 99.89
C GLU A 27 -52.38 -58.40 100.13
N ILE A 28 -51.76 -57.24 100.24
CA ILE A 28 -50.31 -57.18 100.47
C ILE A 28 -49.98 -57.77 101.84
N SER A 29 -50.79 -57.48 102.85
CA SER A 29 -50.58 -58.11 104.16
C SER A 29 -50.74 -59.62 104.08
N ARG A 30 -51.70 -60.09 103.26
CA ARG A 30 -51.87 -61.52 103.08
C ARG A 30 -50.64 -62.15 102.44
N ILE A 31 -50.12 -61.52 101.39
CA ILE A 31 -48.95 -62.06 100.70
C ILE A 31 -47.72 -61.99 101.61
N LEU A 32 -47.65 -60.98 102.47
CA LEU A 32 -46.57 -60.87 103.45
C LEU A 32 -46.76 -61.81 104.63
N ASN A 33 -47.93 -62.44 104.76
CA ASN A 33 -48.24 -63.29 105.90
C ASN A 33 -48.06 -62.54 107.22
N THR A 34 -48.50 -61.28 107.22
CA THR A 34 -48.36 -60.45 108.42
C THR A 34 -49.22 -60.98 109.56
N GLY A 35 -50.30 -61.67 109.24
CA GLY A 35 -51.22 -62.17 110.25
C GLY A 35 -51.93 -61.07 110.99
N LEU A 36 -52.36 -60.03 110.27
CA LEU A 36 -53.08 -58.89 110.83
C LEU A 36 -54.53 -58.95 110.39
N ASP A 37 -55.44 -58.84 111.34
CA ASP A 37 -56.86 -58.97 111.03
C ASP A 37 -57.35 -57.69 110.34
N MET A 38 -58.57 -57.73 109.82
CA MET A 38 -59.04 -56.60 109.02
C MET A 38 -59.27 -55.37 109.88
N GLU A 39 -59.90 -55.53 111.04
CA GLU A 39 -60.17 -54.38 111.90
C GLU A 39 -58.86 -53.79 112.43
N THR A 40 -57.94 -54.64 112.89
CA THR A 40 -56.66 -54.16 113.39
C THR A 40 -55.85 -53.48 112.29
N LEU A 41 -55.86 -54.04 111.08
CA LEU A 41 -55.14 -53.41 109.97
C LEU A 41 -55.75 -52.06 109.63
N SER A 42 -57.09 -51.97 109.60
CA SER A 42 -57.73 -50.71 109.26
C SER A 42 -57.51 -49.66 110.35
N ILE A 43 -57.40 -50.11 111.61
CA ILE A 43 -57.09 -49.17 112.68
C ILE A 43 -55.65 -48.69 112.57
N CYS A 44 -54.72 -49.60 112.25
CA CYS A 44 -53.33 -49.18 112.23
C CYS A 44 -53.09 -48.27 111.02
N VAL A 45 -53.79 -48.55 109.92
CA VAL A 45 -53.69 -47.72 108.72
C VAL A 45 -54.24 -46.33 108.99
N ARG A 46 -55.39 -46.24 109.67
CA ARG A 46 -55.92 -44.92 110.00
C ARG A 46 -55.04 -44.19 111.00
N LEU A 47 -54.44 -44.94 111.94
CA LEU A 47 -53.52 -44.32 112.89
C LEU A 47 -52.32 -43.73 112.17
N CYS A 48 -51.76 -44.46 111.22
CA CYS A 48 -50.60 -43.95 110.48
C CYS A 48 -50.99 -42.81 109.56
N GLU A 49 -52.19 -42.85 108.98
CA GLU A 49 -52.61 -41.74 108.13
C GLU A 49 -52.81 -40.47 108.95
N GLN A 50 -53.42 -40.60 110.13
CA GLN A 50 -53.68 -39.44 110.98
C GLN A 50 -52.44 -38.95 111.71
N GLY A 51 -51.40 -39.79 111.80
CA GLY A 51 -50.15 -39.39 112.43
C GLY A 51 -49.91 -40.13 113.74
N ILE A 52 -49.05 -41.15 113.69
CA ILE A 52 -48.67 -41.89 114.89
C ILE A 52 -47.39 -42.65 114.56
N ASN A 53 -46.60 -42.93 115.59
CA ASN A 53 -45.38 -43.71 115.40
C ASN A 53 -45.72 -45.18 115.16
N PRO A 54 -45.37 -45.74 114.00
CA PRO A 54 -45.63 -47.18 113.82
C PRO A 54 -44.83 -48.02 114.80
N GLU A 55 -43.66 -47.52 115.23
CA GLU A 55 -42.88 -48.26 116.21
C GLU A 55 -43.66 -48.40 117.51
N ALA A 56 -44.21 -47.28 117.99
CA ALA A 56 -44.98 -47.29 119.22
C ALA A 56 -46.23 -48.15 119.10
N LEU A 57 -46.92 -48.05 117.95
CA LEU A 57 -48.12 -48.85 117.76
C LEU A 57 -47.79 -50.34 117.76
N SER A 58 -46.72 -50.73 117.06
CA SER A 58 -46.31 -52.13 117.03
C SER A 58 -45.89 -52.60 118.42
N SER A 59 -45.17 -51.78 119.17
CA SER A 59 -44.76 -52.17 120.52
C SER A 59 -45.97 -52.36 121.42
N VAL A 60 -46.96 -51.48 121.33
CA VAL A 60 -48.15 -51.62 122.16
C VAL A 60 -48.93 -52.86 121.76
N ILE A 61 -49.04 -53.12 120.46
CA ILE A 61 -49.74 -54.32 119.99
C ILE A 61 -49.01 -55.58 120.48
N LYS A 62 -47.68 -55.59 120.39
CA LYS A 62 -46.92 -56.74 120.86
C LYS A 62 -47.07 -56.94 122.36
N GLU A 63 -47.06 -55.85 123.13
CA GLU A 63 -47.25 -55.98 124.57
C GLU A 63 -48.63 -56.55 124.90
N LEU A 64 -49.67 -56.07 124.20
CA LEU A 64 -51.02 -56.58 124.44
C LEU A 64 -51.12 -58.06 124.05
N ARG A 65 -50.54 -58.42 122.91
CA ARG A 65 -50.57 -59.82 122.48
C ARG A 65 -49.79 -60.72 123.45
N LYS A 66 -48.66 -60.23 123.96
CA LYS A 66 -47.90 -61.02 124.94
C LYS A 66 -48.67 -61.19 126.24
N ALA A 67 -49.37 -60.15 126.69
CA ALA A 67 -50.21 -60.30 127.87
C ALA A 67 -51.34 -61.29 127.62
N THR A 68 -51.95 -61.23 126.42
CA THR A 68 -53.01 -62.17 126.07
C THR A 68 -52.49 -63.60 126.06
N GLU A 69 -51.32 -63.83 125.45
CA GLU A 69 -50.78 -65.17 125.39
C GLU A 69 -50.33 -65.66 126.76
N ALA A 70 -49.85 -64.77 127.62
CA ALA A 70 -49.52 -65.16 128.98
C ALA A 70 -50.78 -65.57 129.75
N LEU A 71 -51.87 -64.83 129.58
CA LEU A 71 -53.12 -65.21 130.20
C LEU A 71 -53.62 -66.55 129.67
N LYS A 72 -53.50 -66.77 128.36
CA LYS A 72 -53.90 -68.05 127.79
C LYS A 72 -53.05 -69.19 128.32
N ALA A 73 -51.75 -68.99 128.45
CA ALA A 73 -50.88 -70.02 128.99
C ALA A 73 -51.22 -70.33 130.44
N ALA A 74 -51.49 -69.29 131.25
CA ALA A 74 -51.89 -69.53 132.62
C ALA A 74 -53.24 -70.26 132.67
N GLU A 75 -54.11 -69.99 131.70
CA GLU A 75 -55.36 -70.73 131.60
C GLU A 75 -55.10 -72.20 131.31
N ASN A 76 -54.14 -72.48 130.44
CA ASN A 76 -53.78 -73.86 130.11
C ASN A 76 -53.08 -74.53 131.28
N ALA B 10 -32.87 12.35 -40.76
CA ALA B 10 -32.51 13.75 -40.79
C ALA B 10 -31.31 14.01 -39.89
N ALA B 11 -31.39 13.55 -38.64
CA ALA B 11 -30.27 13.76 -37.72
C ALA B 11 -29.03 13.03 -38.19
N ALA B 12 -29.20 11.86 -38.81
CA ALA B 12 -28.04 11.14 -39.31
C ALA B 12 -27.36 11.96 -40.39
N ALA B 13 -28.16 12.54 -41.29
CA ALA B 13 -27.60 13.36 -42.35
C ALA B 13 -26.88 14.58 -41.79
N ASN B 14 -27.48 15.22 -40.79
CA ASN B 14 -26.83 16.38 -40.18
C ASN B 14 -25.52 15.99 -39.52
N LEU B 15 -25.49 14.85 -38.83
CA LEU B 15 -24.25 14.40 -38.20
C LEU B 15 -23.19 14.10 -39.25
N ASN B 16 -23.57 13.43 -40.33
CA ASN B 16 -22.62 13.18 -41.41
C ASN B 16 -22.07 14.48 -41.98
N ALA B 17 -22.98 15.42 -42.28
CA ALA B 17 -22.56 16.68 -42.85
C ALA B 17 -21.59 17.40 -41.93
N VAL B 18 -21.91 17.44 -40.64
CA VAL B 18 -21.06 18.17 -39.71
C VAL B 18 -19.71 17.48 -39.57
N ARG B 19 -19.71 16.15 -39.57
CA ARG B 19 -18.44 15.44 -39.51
C ARG B 19 -17.57 15.77 -40.71
N GLU B 20 -18.16 15.72 -41.90
CA GLU B 20 -17.37 15.98 -43.11
C GLU B 20 -16.92 17.43 -43.17
N THR B 21 -17.78 18.35 -42.75
CA THR B 21 -17.38 19.75 -42.71
C THR B 21 -16.23 19.97 -41.73
N MET B 22 -16.30 19.33 -40.57
CA MET B 22 -15.23 19.45 -39.60
C MET B 22 -13.93 18.87 -40.14
N ASP B 23 -14.01 17.73 -40.83
CA ASP B 23 -12.80 17.17 -41.43
C ASP B 23 -12.22 18.12 -42.48
N VAL B 24 -13.08 18.69 -43.32
CA VAL B 24 -12.61 19.61 -44.34
C VAL B 24 -11.95 20.83 -43.70
N LEU B 25 -12.58 21.38 -42.66
CA LEU B 25 -11.98 22.52 -41.96
C LEU B 25 -10.67 22.14 -41.29
N LEU B 26 -10.58 20.95 -40.72
CA LEU B 26 -9.33 20.50 -40.13
C LEU B 26 -8.23 20.44 -41.18
N GLU B 27 -8.54 19.88 -42.34
CA GLU B 27 -7.57 19.80 -43.42
C GLU B 27 -7.18 21.19 -43.90
N ILE B 28 -8.15 22.09 -44.02
CA ILE B 28 -7.86 23.45 -44.46
C ILE B 28 -6.93 24.13 -43.46
N SER B 29 -7.19 23.91 -42.17
CA SER B 29 -6.35 24.51 -41.14
C SER B 29 -4.94 23.96 -41.22
N ARG B 30 -4.79 22.65 -41.39
CA ARG B 30 -3.46 22.08 -41.38
C ARG B 30 -2.70 22.46 -42.65
N ILE B 31 -3.40 22.57 -43.78
CA ILE B 31 -2.74 22.98 -45.01
C ILE B 31 -2.34 24.45 -44.94
N LEU B 32 -3.17 25.29 -44.34
CA LEU B 32 -2.77 26.68 -44.16
C LEU B 32 -1.78 26.88 -43.04
N ASN B 33 -1.51 25.85 -42.24
CA ASN B 33 -0.59 25.97 -41.11
C ASN B 33 -1.00 27.15 -40.24
N THR B 34 -2.30 27.21 -39.94
CA THR B 34 -2.80 28.28 -39.07
C THR B 34 -2.30 28.12 -37.64
N GLY B 35 -2.08 26.91 -37.18
CA GLY B 35 -1.52 26.71 -35.86
C GLY B 35 -2.54 26.48 -34.77
N LEU B 36 -3.81 26.33 -35.12
CA LEU B 36 -4.86 26.21 -34.12
C LEU B 36 -5.06 24.77 -33.71
N ASP B 37 -5.32 24.59 -32.42
CA ASP B 37 -5.50 23.28 -31.80
C ASP B 37 -6.95 22.80 -31.88
N MET B 38 -7.15 21.61 -31.32
CA MET B 38 -8.37 20.85 -31.53
C MET B 38 -9.60 21.60 -31.02
N GLU B 39 -9.52 22.23 -29.85
CA GLU B 39 -10.72 22.80 -29.27
C GLU B 39 -11.36 23.81 -30.20
N THR B 40 -10.58 24.57 -30.97
CA THR B 40 -11.25 25.38 -31.99
C THR B 40 -11.78 24.40 -33.05
N LEU B 41 -12.37 23.30 -32.61
CA LEU B 41 -12.99 22.32 -33.49
C LEU B 41 -14.26 22.86 -34.13
N SER B 42 -15.12 23.47 -33.33
CA SER B 42 -16.44 23.87 -33.77
C SER B 42 -16.90 25.13 -33.06
N ILE B 43 -16.69 25.20 -31.75
CA ILE B 43 -17.32 26.29 -31.02
C ILE B 43 -16.80 27.61 -31.54
N CYS B 44 -15.50 27.72 -31.78
CA CYS B 44 -15.04 29.05 -32.18
C CYS B 44 -15.71 29.41 -33.49
N VAL B 45 -15.73 28.46 -34.43
CA VAL B 45 -16.36 28.74 -35.70
C VAL B 45 -17.87 28.83 -35.52
N ARG B 46 -18.42 28.07 -34.57
CA ARG B 46 -19.84 28.19 -34.28
C ARG B 46 -20.20 29.60 -33.86
N LEU B 47 -19.29 30.26 -33.15
CA LEU B 47 -19.45 31.66 -32.82
C LEU B 47 -19.37 32.52 -34.07
N CYS B 48 -18.40 32.23 -34.93
CA CYS B 48 -18.28 33.07 -36.11
C CYS B 48 -19.50 32.92 -37.00
N GLU B 49 -20.12 31.74 -36.99
CA GLU B 49 -21.34 31.49 -37.75
C GLU B 49 -22.54 32.30 -37.24
N GLN B 50 -22.43 32.94 -36.08
CA GLN B 50 -23.52 33.80 -35.63
C GLN B 50 -23.57 35.13 -36.34
N GLY B 51 -22.65 35.40 -37.26
CA GLY B 51 -22.57 36.71 -37.89
C GLY B 51 -21.68 37.68 -37.16
N ILE B 52 -20.75 37.20 -36.34
CA ILE B 52 -19.89 38.08 -35.56
C ILE B 52 -18.84 38.70 -36.47
N ASN B 53 -18.37 39.88 -36.11
CA ASN B 53 -17.41 40.58 -36.94
C ASN B 53 -16.16 39.72 -36.98
N PRO B 54 -15.84 39.11 -38.11
CA PRO B 54 -14.67 38.21 -38.11
C PRO B 54 -13.37 38.95 -37.93
N GLU B 55 -13.29 40.21 -38.34
CA GLU B 55 -12.06 40.96 -38.14
C GLU B 55 -11.80 41.12 -36.65
N ALA B 56 -12.83 41.55 -35.91
CA ALA B 56 -12.72 41.68 -34.47
C ALA B 56 -12.45 40.33 -33.82
N LEU B 57 -13.10 39.27 -34.31
CA LEU B 57 -12.84 37.95 -33.77
C LEU B 57 -11.37 37.58 -33.94
N SER B 58 -10.83 37.86 -35.13
CA SER B 58 -9.42 37.61 -35.38
C SER B 58 -8.55 38.43 -34.43
N SER B 59 -8.88 39.70 -34.26
CA SER B 59 -8.09 40.55 -33.38
C SER B 59 -8.08 40.00 -31.97
N VAL B 60 -9.24 39.58 -31.48
CA VAL B 60 -9.34 39.12 -30.10
C VAL B 60 -8.62 37.79 -29.93
N ILE B 61 -8.72 36.91 -30.92
CA ILE B 61 -8.02 35.64 -30.82
C ILE B 61 -6.52 35.84 -30.92
N LYS B 62 -6.08 36.80 -31.73
CA LYS B 62 -4.67 37.17 -31.75
C LYS B 62 -4.22 37.69 -30.40
N GLU B 63 -5.03 38.54 -29.78
CA GLU B 63 -4.68 39.06 -28.46
C GLU B 63 -4.59 37.93 -27.44
N LEU B 64 -5.54 37.00 -27.48
CA LEU B 64 -5.51 35.87 -26.57
C LEU B 64 -4.27 35.01 -26.80
N ARG B 65 -3.91 34.79 -28.07
CA ARG B 65 -2.69 34.04 -28.35
C ARG B 65 -1.45 34.75 -27.81
N LYS B 66 -1.38 36.06 -27.98
CA LYS B 66 -0.26 36.82 -27.42
C LYS B 66 -0.22 36.69 -25.91
N ALA B 67 -1.37 36.80 -25.25
CA ALA B 67 -1.42 36.66 -23.80
C ALA B 67 -0.99 35.27 -23.38
N THR B 68 -1.45 34.25 -24.09
CA THR B 68 -1.10 32.88 -23.73
C THR B 68 0.39 32.64 -23.89
N GLU B 69 0.98 33.13 -24.98
CA GLU B 69 2.40 32.98 -25.17
C GLU B 69 3.17 33.74 -24.09
N ALA B 70 2.69 34.92 -23.72
CA ALA B 70 3.33 35.67 -22.65
C ALA B 70 3.27 34.91 -21.33
N LEU B 71 2.12 34.32 -21.03
CA LEU B 71 1.97 33.56 -19.79
C LEU B 71 2.84 32.32 -19.80
N LYS B 72 2.94 31.64 -20.95
CA LYS B 72 3.77 30.45 -21.01
C LYS B 72 5.25 30.79 -20.95
N ALA B 73 5.62 31.99 -21.42
CA ALA B 73 7.00 32.44 -21.30
C ALA B 73 7.31 32.83 -19.86
N ALA B 74 6.36 33.46 -19.18
CA ALA B 74 6.60 33.82 -17.78
C ALA B 74 6.69 32.57 -16.94
N GLU B 75 5.81 31.59 -17.21
CA GLU B 75 5.83 30.35 -16.45
C GLU B 75 7.13 29.59 -16.71
N ASN B 76 7.57 29.56 -17.96
CA ASN B 76 8.81 28.88 -18.31
C ASN B 76 10.01 29.75 -18.00
N ASN C 16 -22.49 55.41 6.49
CA ASN C 16 -22.50 56.13 5.22
C ASN C 16 -22.19 55.18 4.06
N ALA C 17 -21.24 54.27 4.30
CA ALA C 17 -20.86 53.31 3.27
C ALA C 17 -22.04 52.42 2.90
N VAL C 18 -22.82 51.99 3.90
CA VAL C 18 -24.02 51.21 3.61
C VAL C 18 -25.00 52.00 2.76
N ARG C 19 -25.23 53.27 3.08
CA ARG C 19 -26.17 54.06 2.31
C ARG C 19 -25.70 54.27 0.88
N GLU C 20 -24.39 54.48 0.71
CA GLU C 20 -23.85 54.69 -0.62
C GLU C 20 -23.94 53.42 -1.46
N THR C 21 -23.57 52.27 -0.87
CA THR C 21 -23.80 51.00 -1.55
C THR C 21 -25.28 50.83 -1.89
N MET C 22 -26.17 51.27 -0.99
CA MET C 22 -27.60 51.08 -1.22
C MET C 22 -28.04 51.84 -2.46
N ASP C 23 -27.70 53.13 -2.56
CA ASP C 23 -28.19 53.89 -3.69
C ASP C 23 -27.42 53.58 -4.97
N VAL C 24 -26.18 53.08 -4.85
CA VAL C 24 -25.47 52.56 -6.02
C VAL C 24 -26.20 51.34 -6.56
N LEU C 25 -26.60 50.43 -5.67
CA LEU C 25 -27.37 49.27 -6.11
C LEU C 25 -28.70 49.69 -6.69
N LEU C 26 -29.34 50.71 -6.12
CA LEU C 26 -30.58 51.22 -6.69
C LEU C 26 -30.39 51.64 -8.14
N GLU C 27 -29.38 52.48 -8.40
CA GLU C 27 -29.12 52.93 -9.76
C GLU C 27 -28.74 51.75 -10.66
N ILE C 28 -27.94 50.82 -10.16
CA ILE C 28 -27.52 49.68 -10.95
C ILE C 28 -28.71 48.84 -11.36
N SER C 29 -29.61 48.54 -10.42
CA SER C 29 -30.79 47.75 -10.74
C SER C 29 -31.69 48.49 -11.73
N ARG C 30 -31.81 49.81 -11.56
CA ARG C 30 -32.61 50.60 -12.48
C ARG C 30 -32.06 50.49 -13.89
N ILE C 31 -30.74 50.56 -14.04
CA ILE C 31 -30.17 50.38 -15.37
C ILE C 31 -30.35 48.93 -15.82
N LEU C 32 -30.19 47.99 -14.90
CA LEU C 32 -30.34 46.55 -15.13
C LEU C 32 -31.73 46.13 -15.40
N ASN C 33 -32.69 47.05 -15.50
CA ASN C 33 -34.04 46.69 -15.90
C ASN C 33 -34.61 45.61 -14.97
N THR C 34 -34.49 45.86 -13.67
CA THR C 34 -35.03 44.96 -12.66
C THR C 34 -35.84 45.67 -11.60
N GLY C 35 -35.59 46.96 -11.36
CA GLY C 35 -36.50 47.78 -10.59
C GLY C 35 -36.70 47.40 -9.14
N LEU C 36 -35.62 47.19 -8.38
CA LEU C 36 -35.76 46.97 -6.95
C LEU C 36 -35.80 48.32 -6.27
N ASP C 37 -36.72 48.47 -5.32
CA ASP C 37 -36.94 49.75 -4.68
C ASP C 37 -36.08 49.88 -3.42
N MET C 38 -36.33 50.93 -2.65
CA MET C 38 -35.49 51.27 -1.51
C MET C 38 -35.61 50.13 -0.51
N GLU C 39 -36.82 49.95 0.02
CA GLU C 39 -36.99 49.02 1.12
C GLU C 39 -36.89 47.59 0.62
N THR C 40 -37.23 47.32 -0.63
CA THR C 40 -36.97 46.01 -1.18
C THR C 40 -35.49 45.69 -1.17
N LEU C 41 -34.65 46.65 -1.56
CA LEU C 41 -33.21 46.45 -1.53
C LEU C 41 -32.70 46.30 -0.10
N SER C 42 -33.23 47.08 0.82
CA SER C 42 -32.85 46.94 2.22
C SER C 42 -33.23 45.55 2.76
N ILE C 43 -34.42 45.08 2.43
CA ILE C 43 -34.87 43.76 2.85
C ILE C 43 -33.95 42.69 2.29
N CYS C 44 -33.61 42.80 1.00
CA CYS C 44 -32.72 41.81 0.40
C CYS C 44 -31.34 41.86 1.04
N VAL C 45 -30.85 43.05 1.38
CA VAL C 45 -29.58 43.16 2.08
C VAL C 45 -29.65 42.46 3.42
N ARG C 46 -30.74 42.68 4.16
CA ARG C 46 -30.88 42.06 5.47
C ARG C 46 -30.97 40.55 5.35
N LEU C 47 -31.71 40.05 4.36
CA LEU C 47 -31.78 38.61 4.14
C LEU C 47 -30.40 38.04 3.78
N CYS C 48 -29.67 38.73 2.91
CA CYS C 48 -28.36 38.23 2.51
C CYS C 48 -27.39 38.17 3.68
N GLU C 49 -27.39 39.20 4.53
CA GLU C 49 -26.55 39.11 5.71
C GLU C 49 -27.10 38.13 6.73
N GLN C 50 -28.40 37.85 6.70
CA GLN C 50 -28.99 36.80 7.51
C GLN C 50 -28.58 35.41 7.04
N GLY C 51 -28.13 35.28 5.79
CA GLY C 51 -27.74 33.98 5.29
C GLY C 51 -28.81 33.33 4.43
N ILE C 52 -29.36 34.07 3.48
CA ILE C 52 -30.41 33.58 2.59
C ILE C 52 -29.89 33.63 1.16
N ASN C 53 -30.07 32.53 0.44
CA ASN C 53 -29.47 32.38 -0.89
C ASN C 53 -30.01 33.43 -1.85
N PRO C 54 -29.15 34.11 -2.61
CA PRO C 54 -29.65 35.12 -3.55
C PRO C 54 -30.62 34.55 -4.55
N GLU C 55 -30.37 33.32 -5.00
CA GLU C 55 -31.24 32.71 -6.00
C GLU C 55 -32.62 32.40 -5.42
N ALA C 56 -32.67 31.91 -4.19
CA ALA C 56 -33.95 31.70 -3.54
C ALA C 56 -34.66 33.03 -3.32
N LEU C 57 -33.91 34.07 -2.96
CA LEU C 57 -34.51 35.39 -2.80
C LEU C 57 -35.12 35.88 -4.10
N SER C 58 -34.39 35.71 -5.19
CA SER C 58 -34.89 36.15 -6.49
C SER C 58 -36.08 35.31 -6.94
N SER C 59 -36.06 34.01 -6.69
CA SER C 59 -37.19 33.16 -7.05
C SER C 59 -38.44 33.59 -6.29
N VAL C 60 -38.29 33.83 -4.99
CA VAL C 60 -39.42 34.31 -4.20
C VAL C 60 -39.89 35.66 -4.70
N ILE C 61 -38.94 36.53 -5.07
CA ILE C 61 -39.30 37.86 -5.55
C ILE C 61 -40.11 37.77 -6.83
N LYS C 62 -39.67 36.93 -7.76
CA LYS C 62 -40.39 36.79 -9.03
C LYS C 62 -41.75 36.14 -8.82
N GLU C 63 -41.83 35.12 -7.96
CA GLU C 63 -43.12 34.50 -7.70
C GLU C 63 -44.08 35.48 -7.08
N LEU C 64 -43.61 36.28 -6.12
CA LEU C 64 -44.48 37.27 -5.50
C LEU C 64 -44.79 38.42 -6.46
N ARG C 65 -43.90 38.73 -7.38
CA ARG C 65 -44.21 39.70 -8.42
C ARG C 65 -45.36 39.23 -9.29
N LYS C 66 -45.30 37.97 -9.74
CA LYS C 66 -46.40 37.42 -10.52
C LYS C 66 -47.70 37.38 -9.72
N ALA C 67 -47.62 36.94 -8.46
CA ALA C 67 -48.80 36.88 -7.64
C ALA C 67 -49.38 38.28 -7.41
N THR C 68 -48.52 39.26 -7.17
CA THR C 68 -48.98 40.63 -6.96
C THR C 68 -49.61 41.20 -8.22
N GLU C 69 -49.02 40.92 -9.39
CA GLU C 69 -49.65 41.36 -10.64
C GLU C 69 -51.04 40.78 -10.80
N ALA C 70 -51.16 39.46 -10.59
CA ALA C 70 -52.47 38.84 -10.73
C ALA C 70 -53.47 39.38 -9.71
N LEU C 71 -53.01 39.56 -8.46
CA LEU C 71 -53.90 40.02 -7.41
C LEU C 71 -54.31 41.46 -7.62
N LYS C 72 -53.37 42.31 -8.08
CA LYS C 72 -53.70 43.69 -8.36
C LYS C 72 -54.69 43.81 -9.52
N ALA C 73 -54.52 42.98 -10.56
CA ALA C 73 -55.50 42.95 -11.63
C ALA C 73 -56.87 42.55 -11.09
N ALA C 74 -56.92 41.47 -10.31
CA ALA C 74 -58.20 41.02 -9.77
C ALA C 74 -58.84 42.07 -8.87
N GLU C 75 -58.07 42.66 -7.96
CA GLU C 75 -58.60 43.71 -7.11
C GLU C 75 -59.02 44.95 -7.88
N ASN C 76 -58.34 45.25 -8.99
CA ASN C 76 -58.76 46.36 -9.82
C ASN C 76 -60.12 46.08 -10.43
N MET C 77 -60.35 44.86 -10.89
CA MET C 77 -61.68 44.59 -11.41
C MET C 77 -62.68 44.31 -10.29
N THR C 78 -62.20 44.16 -9.06
CA THR C 78 -63.02 43.98 -7.88
C THR C 78 -63.34 45.28 -7.16
N SER C 79 -62.87 46.41 -7.68
CA SER C 79 -63.12 47.70 -7.03
C SER C 79 -64.56 48.16 -7.20
N VAL D 30 -53.53 -69.20 33.67
CA VAL D 30 -52.86 -70.10 32.69
C VAL D 30 -51.83 -69.33 31.88
N LEU D 31 -52.31 -68.52 30.93
CA LEU D 31 -51.41 -67.74 30.09
C LEU D 31 -50.81 -66.59 30.87
N SER D 32 -49.54 -66.30 30.59
CA SER D 32 -48.82 -65.15 31.14
C SER D 32 -48.89 -64.01 30.14
N ALA D 33 -48.22 -62.90 30.46
CA ALA D 33 -48.24 -61.75 29.55
C ALA D 33 -47.62 -62.12 28.20
N GLU D 34 -46.43 -62.71 28.23
CA GLU D 34 -45.78 -63.15 27.00
C GLU D 34 -46.54 -64.28 26.32
N GLU D 35 -47.11 -65.20 27.10
CA GLU D 35 -47.94 -66.24 26.52
C GLU D 35 -49.16 -65.66 25.81
N THR D 36 -49.78 -64.65 26.41
CA THR D 36 -50.91 -63.97 25.78
C THR D 36 -50.48 -63.27 24.49
N GLU D 37 -49.31 -62.64 24.51
CA GLU D 37 -48.83 -61.96 23.31
C GLU D 37 -48.58 -62.96 22.18
N LEU D 38 -47.92 -64.08 22.51
CA LEU D 38 -47.67 -65.11 21.51
C LEU D 38 -48.96 -65.77 21.07
N PHE D 39 -49.96 -65.86 21.96
CA PHE D 39 -51.26 -66.39 21.59
C PHE D 39 -51.97 -65.48 20.60
N GLU D 40 -51.95 -64.17 20.84
CA GLU D 40 -52.54 -63.24 19.88
C GLU D 40 -51.81 -63.27 18.54
N LEU D 41 -50.47 -63.34 18.56
CA LEU D 41 -49.73 -63.55 17.32
C LEU D 41 -50.12 -64.86 16.64
N ALA D 42 -50.39 -65.89 17.45
CA ALA D 42 -50.79 -67.18 16.91
C ALA D 42 -52.13 -67.10 16.21
N GLN D 43 -53.13 -66.51 16.87
CA GLN D 43 -54.43 -66.30 16.23
C GLN D 43 -54.34 -65.39 15.02
N ALA D 44 -53.45 -64.40 15.04
CA ALA D 44 -53.21 -63.59 13.83
C ALA D 44 -52.65 -64.43 12.69
N ALA D 45 -51.83 -65.44 13.01
CA ALA D 45 -51.35 -66.37 12.01
C ALA D 45 -52.36 -67.47 11.69
N GLY D 46 -53.36 -67.65 12.52
CA GLY D 46 -54.44 -68.59 12.33
C GLY D 46 -54.36 -69.75 13.31
N GLY D 47 -55.51 -70.36 13.55
CA GLY D 47 -55.63 -71.50 14.45
C GLY D 47 -56.02 -71.16 15.88
N ALA D 48 -57.06 -71.85 16.35
CA ALA D 48 -57.56 -71.77 17.71
C ALA D 48 -57.00 -72.91 18.56
N MET D 49 -56.60 -72.59 19.78
CA MET D 49 -55.81 -73.53 20.57
C MET D 49 -55.92 -73.16 22.05
N ASP D 50 -55.98 -74.19 22.88
CA ASP D 50 -56.25 -74.02 24.30
C ASP D 50 -55.15 -73.19 24.95
N PRO D 51 -55.48 -72.34 25.94
CA PRO D 51 -54.40 -71.63 26.65
C PRO D 51 -53.40 -72.56 27.33
N GLU D 52 -53.86 -73.69 27.87
CA GLU D 52 -52.92 -74.65 28.46
C GLU D 52 -52.06 -75.31 27.39
N VAL D 53 -52.64 -75.62 26.23
CA VAL D 53 -51.87 -76.23 25.16
C VAL D 53 -50.85 -75.24 24.60
N PHE D 54 -51.24 -73.96 24.50
CA PHE D 54 -50.32 -72.93 24.05
C PHE D 54 -49.21 -72.71 25.08
N LYS D 55 -49.53 -72.79 26.37
CA LYS D 55 -48.49 -72.75 27.39
C LYS D 55 -47.52 -73.91 27.22
N ILE D 56 -48.04 -75.10 26.92
CA ILE D 56 -47.19 -76.27 26.70
C ILE D 56 -46.28 -76.03 25.49
N LEU D 57 -46.85 -75.51 24.40
CA LEU D 57 -46.07 -75.26 23.19
C LEU D 57 -45.00 -74.22 23.43
N VAL D 58 -45.33 -73.15 24.17
CA VAL D 58 -44.35 -72.12 24.46
C VAL D 58 -43.24 -72.68 25.35
N ASP D 59 -43.59 -73.55 26.30
CA ASP D 59 -42.58 -74.20 27.11
C ASP D 59 -41.66 -75.06 26.25
N LEU D 60 -42.23 -75.81 25.31
CA LEU D 60 -41.43 -76.66 24.44
C LEU D 60 -40.50 -75.83 23.56
N LEU D 61 -40.99 -74.71 23.03
CA LEU D 61 -40.13 -73.82 22.24
C LEU D 61 -39.04 -73.18 23.10
N LYS D 62 -39.38 -72.85 24.34
CA LYS D 62 -38.39 -72.32 25.28
C LYS D 62 -37.37 -73.37 25.69
N LEU D 63 -37.72 -74.64 25.59
CA LEU D 63 -36.83 -75.75 25.92
C LEU D 63 -35.79 -76.02 24.84
N ASN D 64 -35.72 -75.19 23.80
CA ASN D 64 -34.73 -75.39 22.73
C ASN D 64 -34.91 -76.72 22.03
N VAL D 65 -36.14 -76.98 21.59
CA VAL D 65 -36.45 -78.16 20.79
C VAL D 65 -36.51 -77.76 19.31
N ALA D 66 -36.04 -78.66 18.46
CA ALA D 66 -35.95 -78.37 17.03
C ALA D 66 -37.33 -78.02 16.50
N PRO D 67 -37.46 -76.95 15.70
CA PRO D 67 -38.80 -76.63 15.18
C PRO D 67 -39.43 -77.77 14.39
N LEU D 68 -38.64 -78.52 13.62
CA LEU D 68 -39.19 -79.69 12.94
C LEU D 68 -39.69 -80.73 13.94
N ALA D 69 -38.93 -80.94 15.02
CA ALA D 69 -39.32 -81.94 16.02
C ALA D 69 -40.60 -81.52 16.73
N VAL D 70 -40.65 -80.28 17.22
CA VAL D 70 -41.85 -79.79 17.89
C VAL D 70 -43.04 -79.81 16.95
N PHE D 71 -42.82 -79.48 15.67
CA PHE D 71 -43.91 -79.57 14.70
C PHE D 71 -44.42 -81.00 14.61
N GLN D 72 -43.51 -81.96 14.44
CA GLN D 72 -43.91 -83.35 14.28
C GLN D 72 -44.68 -83.84 15.50
N MET D 73 -44.21 -83.48 16.70
CA MET D 73 -44.84 -84.02 17.90
C MET D 73 -46.11 -83.28 18.27
N LEU D 74 -46.24 -82.00 17.90
CA LEU D 74 -47.53 -81.34 18.04
C LEU D 74 -48.55 -81.87 17.05
N LYS D 75 -48.11 -82.23 15.84
CA LYS D 75 -49.00 -82.92 14.92
C LYS D 75 -49.42 -84.27 15.48
N SER D 76 -48.48 -85.00 16.09
CA SER D 76 -48.81 -86.28 16.70
C SER D 76 -49.83 -86.10 17.81
N MET D 77 -49.66 -85.08 18.64
CA MET D 77 -50.59 -84.82 19.74
C MET D 77 -51.96 -84.46 19.19
N CYS D 78 -52.05 -83.49 18.28
CA CYS D 78 -53.36 -83.01 17.87
C CYS D 78 -54.07 -84.06 17.03
N ALA D 79 -53.41 -84.60 16.00
CA ALA D 79 -54.04 -85.58 15.14
C ALA D 79 -54.31 -86.89 15.88
N GLY D 80 -53.64 -87.14 17.00
CA GLY D 80 -53.89 -88.35 17.76
C GLY D 80 -55.15 -88.25 18.60
N MET E 1 -88.50 -0.78 59.25
CA MET E 1 -87.97 -0.83 60.64
C MET E 1 -87.29 -2.16 60.87
N PRO E 2 -86.12 -2.11 61.52
CA PRO E 2 -85.44 -3.36 61.89
C PRO E 2 -86.33 -4.24 62.76
N ARG E 3 -86.08 -5.55 62.68
CA ARG E 3 -86.76 -6.55 63.50
C ARG E 3 -85.66 -7.39 64.13
N GLU E 4 -85.07 -6.88 65.20
CA GLU E 4 -83.87 -7.49 65.75
C GLU E 4 -84.15 -8.85 66.38
N ILE E 5 -83.20 -9.76 66.20
CA ILE E 5 -83.26 -11.10 66.73
C ILE E 5 -81.98 -11.31 67.53
N ILE E 6 -82.12 -11.72 68.78
CA ILE E 6 -80.96 -12.03 69.61
C ILE E 6 -80.67 -13.51 69.50
N THR E 7 -79.44 -13.86 69.11
CA THR E 7 -79.01 -15.26 69.01
C THR E 7 -78.28 -15.65 70.29
N LEU E 8 -78.81 -16.63 71.01
CA LEU E 8 -78.18 -17.11 72.24
C LEU E 8 -77.50 -18.43 71.92
N GLN E 9 -76.18 -18.48 72.01
CA GLN E 9 -75.41 -19.67 71.69
C GLN E 9 -75.00 -20.35 72.99
N LEU E 10 -75.53 -21.55 73.24
CA LEU E 10 -75.40 -22.24 74.51
C LEU E 10 -74.58 -23.51 74.36
N GLY E 11 -73.52 -23.62 75.16
CA GLY E 11 -72.67 -24.80 75.18
C GLY E 11 -71.87 -24.95 73.89
N GLN E 12 -71.11 -26.04 73.83
CA GLN E 12 -70.21 -26.25 72.70
C GLN E 12 -70.96 -26.19 71.37
N CYS E 13 -72.04 -26.96 71.24
CA CYS E 13 -72.76 -27.02 69.98
C CYS E 13 -73.43 -25.69 69.66
N GLY E 14 -74.09 -25.09 70.63
CA GLY E 14 -74.73 -23.81 70.40
C GLY E 14 -73.75 -22.72 69.98
N ASN E 15 -72.59 -22.66 70.65
CA ASN E 15 -71.58 -21.68 70.29
C ASN E 15 -70.98 -21.93 68.92
N GLN E 16 -70.78 -23.20 68.56
CA GLN E 16 -70.23 -23.50 67.23
C GLN E 16 -71.24 -23.15 66.15
N ILE E 17 -72.52 -23.44 66.39
CA ILE E 17 -73.54 -23.11 65.40
C ILE E 17 -73.70 -21.59 65.31
N GLY E 18 -73.64 -20.88 66.44
CA GLY E 18 -73.71 -19.43 66.39
C GLY E 18 -72.54 -18.81 65.64
N PHE E 19 -71.33 -19.32 65.88
CA PHE E 19 -70.16 -18.85 65.15
C PHE E 19 -70.31 -19.07 63.65
N GLU E 20 -70.74 -20.27 63.24
CA GLU E 20 -70.94 -20.51 61.81
C GLU E 20 -72.09 -19.70 61.26
N PHE E 21 -73.11 -19.43 62.08
CA PHE E 21 -74.21 -18.58 61.66
C PHE E 21 -73.73 -17.16 61.38
N TRP E 22 -72.92 -16.61 62.29
CA TRP E 22 -72.41 -15.26 62.10
C TRP E 22 -71.48 -15.19 60.90
N LYS E 23 -70.63 -16.21 60.70
CA LYS E 23 -69.83 -16.26 59.47
C LYS E 23 -70.70 -16.28 58.22
N GLN E 24 -71.76 -17.10 58.23
CA GLN E 24 -72.65 -17.17 57.09
C GLN E 24 -73.36 -15.84 56.85
N LEU E 25 -73.81 -15.19 57.92
CA LEU E 25 -74.45 -13.88 57.77
C LEU E 25 -73.49 -12.86 57.19
N CYS E 26 -72.26 -12.83 57.68
CA CYS E 26 -71.25 -11.95 57.12
C CYS E 26 -71.08 -12.19 55.62
N ALA E 27 -70.95 -13.45 55.22
CA ALA E 27 -70.78 -13.76 53.80
C ALA E 27 -72.02 -13.39 52.98
N GLU E 28 -73.22 -13.59 53.53
CA GLU E 28 -74.44 -13.27 52.82
C GLU E 28 -74.65 -11.78 52.69
N HIS E 29 -74.17 -11.00 53.66
CA HIS E 29 -74.33 -9.55 53.68
C HIS E 29 -73.13 -8.81 53.11
N GLY E 30 -72.07 -9.52 52.72
CA GLY E 30 -70.88 -8.86 52.24
C GLY E 30 -70.17 -8.08 53.32
N ILE E 31 -70.07 -8.65 54.53
CA ILE E 31 -69.36 -8.05 55.65
C ILE E 31 -68.06 -8.80 55.84
N SER E 32 -66.97 -8.05 55.99
CA SER E 32 -65.66 -8.65 56.16
C SER E 32 -65.58 -9.38 57.50
N PRO E 33 -64.58 -10.25 57.67
CA PRO E 33 -64.42 -10.93 58.96
C PRO E 33 -64.22 -9.97 60.12
N GLU E 34 -63.85 -8.71 59.84
CA GLU E 34 -63.70 -7.70 60.88
C GLU E 34 -64.99 -6.93 61.11
N GLY E 35 -66.05 -7.25 60.38
CA GLY E 35 -67.32 -6.58 60.49
C GLY E 35 -67.46 -5.36 59.61
N ILE E 36 -66.48 -5.08 58.77
CA ILE E 36 -66.49 -3.89 57.92
C ILE E 36 -67.20 -4.25 56.62
N VAL E 37 -68.05 -3.35 56.13
CA VAL E 37 -68.71 -3.58 54.86
C VAL E 37 -67.65 -3.58 53.76
N GLU E 38 -67.63 -4.64 52.96
CA GLU E 38 -66.71 -4.71 51.84
C GLU E 38 -67.10 -3.70 50.76
N GLU E 39 -66.08 -3.16 50.09
CA GLU E 39 -66.35 -2.17 49.06
C GLU E 39 -67.30 -2.75 48.02
N PHE E 40 -67.16 -4.04 47.71
CA PHE E 40 -68.06 -4.66 46.75
C PHE E 40 -69.44 -4.86 47.34
N ALA E 41 -69.58 -4.64 48.65
CA ALA E 41 -70.83 -4.90 49.36
C ALA E 41 -71.45 -3.60 49.86
N THR E 42 -70.89 -2.45 49.46
CA THR E 42 -71.43 -1.18 49.89
C THR E 42 -72.81 -0.96 49.28
N GLU E 43 -73.02 -1.47 48.07
CA GLU E 43 -74.28 -1.33 47.33
C GLU E 43 -75.13 -2.59 47.44
N GLY E 44 -74.95 -3.36 48.50
CA GLY E 44 -75.69 -4.60 48.65
C GLY E 44 -77.18 -4.34 48.78
N THR E 45 -77.96 -5.30 48.27
CA THR E 45 -79.41 -5.24 48.39
C THR E 45 -79.92 -5.90 49.68
N ASP E 46 -79.03 -6.33 50.56
CA ASP E 46 -79.47 -6.98 51.79
C ASP E 46 -79.90 -5.90 52.78
N ARG E 47 -80.93 -6.22 53.57
CA ARG E 47 -81.35 -5.34 54.66
C ARG E 47 -80.63 -5.78 55.91
N LYS E 48 -79.58 -5.04 56.29
CA LYS E 48 -78.83 -5.41 57.47
C LYS E 48 -79.53 -4.96 58.74
N ASP E 49 -80.26 -3.86 58.71
CA ASP E 49 -80.88 -3.37 59.94
C ASP E 49 -81.87 -4.38 60.53
N VAL E 50 -82.45 -5.24 59.68
CA VAL E 50 -83.38 -6.27 60.16
C VAL E 50 -82.70 -7.28 61.09
N PHE E 51 -81.52 -7.79 60.71
CA PHE E 51 -80.90 -8.89 61.46
C PHE E 51 -79.61 -8.54 62.18
N PHE E 52 -78.93 -7.47 61.80
CA PHE E 52 -77.69 -7.03 62.41
C PHE E 52 -77.91 -5.71 63.14
N TYR E 53 -77.12 -5.52 64.19
CA TYR E 53 -76.93 -4.20 64.77
C TYR E 53 -75.66 -3.56 64.22
N GLN E 54 -75.69 -2.23 64.14
CA GLN E 54 -74.57 -1.43 63.66
C GLN E 54 -73.70 -0.99 64.83
N ALA E 55 -72.44 -1.40 64.80
CA ALA E 55 -71.44 -0.97 65.77
C ALA E 55 -70.95 0.44 65.44
N ASP E 56 -70.23 1.04 66.38
CA ASP E 56 -69.75 2.41 66.25
C ASP E 56 -68.85 2.60 65.04
N ASP E 57 -68.29 1.54 64.48
CA ASP E 57 -67.42 1.65 63.32
C ASP E 57 -68.16 1.35 62.02
N GLU E 58 -69.48 1.52 62.02
CA GLU E 58 -70.33 1.19 60.87
C GLU E 58 -70.26 -0.28 60.50
N HIS E 59 -69.74 -1.12 61.40
CA HIS E 59 -69.73 -2.55 61.18
C HIS E 59 -71.11 -3.11 61.48
N TYR E 60 -71.58 -4.00 60.60
CA TYR E 60 -72.83 -4.72 60.87
C TYR E 60 -72.46 -5.99 61.60
N ILE E 61 -72.89 -6.06 62.85
CA ILE E 61 -72.56 -7.13 63.77
C ILE E 61 -73.82 -7.95 64.03
N PRO E 62 -73.79 -9.26 63.91
CA PRO E 62 -74.97 -10.03 64.29
C PRO E 62 -75.30 -9.72 65.73
N ARG E 63 -76.59 -9.56 66.01
CA ARG E 63 -77.04 -9.51 67.40
C ARG E 63 -76.97 -10.88 68.06
N ALA E 64 -75.75 -11.40 68.24
CA ALA E 64 -75.55 -12.75 68.75
C ALA E 64 -74.68 -12.69 69.99
N VAL E 65 -75.11 -13.36 71.04
CA VAL E 65 -74.38 -13.50 72.28
C VAL E 65 -73.97 -14.96 72.43
N LEU E 66 -72.68 -15.21 72.58
CA LEU E 66 -72.13 -16.54 72.72
C LEU E 66 -71.80 -16.76 74.18
N LEU E 67 -72.52 -17.68 74.83
CA LEU E 67 -72.36 -17.99 76.24
C LEU E 67 -71.95 -19.45 76.35
N ASP E 68 -70.82 -19.69 76.99
CA ASP E 68 -70.38 -21.03 77.30
C ASP E 68 -69.82 -21.09 78.71
N LEU E 69 -70.06 -22.21 79.38
CA LEU E 69 -69.52 -22.48 80.71
C LEU E 69 -68.13 -23.12 80.62
N GLU E 70 -67.66 -23.43 79.42
CA GLU E 70 -66.35 -23.97 79.15
C GLU E 70 -65.62 -23.03 78.22
N PRO E 71 -64.34 -22.75 78.49
CA PRO E 71 -63.64 -21.71 77.70
C PRO E 71 -63.36 -22.10 76.26
N ARG E 72 -63.34 -23.38 75.92
CA ARG E 72 -62.83 -23.80 74.62
C ARG E 72 -63.62 -23.16 73.48
N VAL E 73 -64.95 -23.19 73.58
CA VAL E 73 -65.79 -22.74 72.47
C VAL E 73 -65.85 -21.22 72.41
N ILE E 74 -66.00 -20.57 73.56
CA ILE E 74 -66.00 -19.10 73.59
C ILE E 74 -64.68 -18.57 73.03
N HIS E 75 -63.55 -19.13 73.47
CA HIS E 75 -62.27 -18.76 72.92
C HIS E 75 -62.17 -19.06 71.43
N SER E 76 -62.78 -20.15 70.97
CA SER E 76 -62.77 -20.43 69.54
C SER E 76 -63.54 -19.39 68.75
N ILE E 77 -64.64 -18.89 69.31
CA ILE E 77 -65.40 -17.83 68.67
C ILE E 77 -64.60 -16.53 68.64
N LEU E 78 -63.99 -16.18 69.77
CA LEU E 78 -63.16 -14.99 69.80
C LEU E 78 -61.88 -15.14 68.98
N ASN E 79 -61.50 -16.36 68.65
CA ASN E 79 -60.37 -16.65 67.77
C ASN E 79 -60.78 -16.91 66.33
N SER E 80 -62.06 -16.75 66.00
CA SER E 80 -62.52 -17.02 64.65
C SER E 80 -62.27 -15.80 63.78
N PRO E 81 -62.34 -15.95 62.46
CA PRO E 81 -62.24 -14.78 61.57
C PRO E 81 -63.29 -13.72 61.83
N TYR E 82 -64.39 -14.05 62.50
CA TYR E 82 -65.45 -13.11 62.77
C TYR E 82 -65.32 -12.48 64.14
N ALA E 83 -64.19 -12.67 64.83
CA ALA E 83 -64.04 -12.12 66.17
C ALA E 83 -64.21 -10.60 66.17
N LYS E 84 -63.70 -9.93 65.13
CA LYS E 84 -63.86 -8.49 65.04
C LYS E 84 -65.20 -8.10 64.45
N LEU E 85 -65.94 -9.05 63.87
CA LEU E 85 -67.25 -8.75 63.31
C LEU E 85 -68.27 -8.46 64.41
N TYR E 86 -68.22 -9.24 65.49
CA TYR E 86 -69.22 -9.18 66.54
C TYR E 86 -68.91 -8.05 67.52
N ASN E 87 -69.95 -7.42 68.04
CA ASN E 87 -69.79 -6.49 69.14
C ASN E 87 -69.25 -7.24 70.36
N PRO E 88 -68.07 -6.89 70.87
CA PRO E 88 -67.55 -7.58 72.06
C PRO E 88 -68.44 -7.50 73.29
N GLU E 89 -69.24 -6.43 73.42
CA GLU E 89 -70.10 -6.29 74.58
C GLU E 89 -71.23 -7.31 74.62
N ASN E 90 -71.51 -8.02 73.53
CA ASN E 90 -72.55 -9.04 73.53
C ASN E 90 -72.01 -10.45 73.78
N ILE E 91 -70.73 -10.59 74.10
CA ILE E 91 -70.13 -11.90 74.35
C ILE E 91 -69.84 -12.05 75.84
N TYR E 92 -70.56 -12.95 76.50
CA TYR E 92 -70.24 -13.39 77.86
C TYR E 92 -69.59 -14.77 77.78
N LEU E 93 -68.45 -14.93 78.44
CA LEU E 93 -67.81 -16.24 78.56
C LEU E 93 -67.47 -16.53 80.01
N SER E 94 -67.99 -17.63 80.53
CA SER E 94 -67.69 -18.06 81.90
C SER E 94 -66.21 -18.38 82.04
N GLU E 95 -65.55 -17.73 83.00
CA GLU E 95 -64.17 -18.08 83.33
C GLU E 95 -64.07 -19.46 83.98
N HIS E 96 -65.15 -19.94 84.61
CA HIS E 96 -65.20 -21.25 85.23
C HIS E 96 -65.42 -22.31 84.16
N GLY E 97 -64.31 -22.80 83.59
CA GLY E 97 -64.30 -23.77 82.53
C GLY E 97 -64.78 -25.17 82.89
N GLY E 98 -65.65 -25.29 83.90
CA GLY E 98 -66.20 -26.57 84.29
C GLY E 98 -67.43 -27.01 83.53
N GLY E 99 -68.03 -26.12 82.75
CA GLY E 99 -69.25 -26.41 82.01
C GLY E 99 -70.44 -26.83 82.87
N ALA E 100 -71.50 -27.22 82.16
CA ALA E 100 -72.69 -27.81 82.74
C ALA E 100 -72.62 -29.32 82.86
N GLY E 101 -71.55 -29.94 82.35
CA GLY E 101 -71.35 -31.37 82.49
C GLY E 101 -72.43 -32.28 81.93
N ASN E 102 -73.02 -31.90 80.79
CA ASN E 102 -74.12 -32.64 80.19
C ASN E 102 -75.33 -32.83 81.11
N ASN E 103 -75.51 -31.97 82.10
CA ASN E 103 -76.65 -32.08 83.02
C ASN E 103 -77.61 -30.92 82.77
N TRP E 104 -78.84 -31.25 82.38
CA TRP E 104 -79.84 -30.21 82.18
C TRP E 104 -80.07 -29.42 83.46
N ALA E 105 -80.16 -30.10 84.60
CA ALA E 105 -80.43 -29.39 85.85
C ALA E 105 -79.28 -28.45 86.21
N SER E 106 -78.04 -28.90 86.00
CA SER E 106 -76.90 -28.04 86.27
C SER E 106 -76.83 -26.86 85.30
N GLY E 107 -77.11 -27.10 84.02
CA GLY E 107 -77.16 -25.99 83.07
C GLY E 107 -78.23 -24.97 83.42
N PHE E 108 -79.39 -25.46 83.86
CA PHE E 108 -80.47 -24.56 84.26
C PHE E 108 -80.07 -23.74 85.48
N SER E 109 -79.54 -24.41 86.51
CA SER E 109 -79.08 -23.68 87.70
C SER E 109 -77.98 -22.68 87.35
N GLN E 110 -77.11 -23.01 86.40
CA GLN E 110 -76.09 -22.05 85.97
C GLN E 110 -76.70 -20.86 85.24
N GLY E 111 -77.66 -21.11 84.35
CA GLY E 111 -78.39 -20.01 83.73
C GLY E 111 -79.07 -19.10 84.74
N GLU E 112 -79.67 -19.70 85.77
CA GLU E 112 -80.27 -18.91 86.85
C GLU E 112 -79.20 -18.12 87.60
N LYS E 113 -78.03 -18.72 87.83
CA LYS E 113 -76.99 -18.04 88.59
C LYS E 113 -76.40 -16.88 87.79
N ILE E 114 -76.35 -17.00 86.48
CA ILE E 114 -75.78 -15.97 85.61
C ILE E 114 -76.89 -15.17 84.91
N HIS E 115 -78.11 -15.24 85.43
CA HIS E 115 -79.24 -14.55 84.79
C HIS E 115 -78.94 -13.07 84.60
N GLU E 116 -78.52 -12.39 85.68
CA GLU E 116 -78.28 -10.96 85.60
C GLU E 116 -77.22 -10.62 84.57
N ASP E 117 -76.08 -11.33 84.60
CA ASP E 117 -75.03 -11.06 83.62
C ASP E 117 -75.54 -11.24 82.19
N ILE E 118 -76.33 -12.28 81.96
CA ILE E 118 -76.87 -12.55 80.62
C ILE E 118 -77.92 -11.51 80.25
N PHE E 119 -78.81 -11.18 81.18
CA PHE E 119 -79.90 -10.27 80.86
C PHE E 119 -79.40 -8.85 80.68
N ASP E 120 -78.29 -8.48 81.33
CA ASP E 120 -77.67 -7.19 81.03
C ASP E 120 -77.27 -7.10 79.56
N ILE E 121 -76.71 -8.18 79.02
CA ILE E 121 -76.35 -8.22 77.62
C ILE E 121 -77.59 -8.19 76.74
N ILE E 122 -78.58 -9.01 77.08
CA ILE E 122 -79.79 -9.09 76.26
C ILE E 122 -80.49 -7.74 76.21
N ASP E 123 -80.58 -7.06 77.35
CA ASP E 123 -81.21 -5.75 77.40
C ASP E 123 -80.39 -4.71 76.65
N ARG E 124 -79.05 -4.78 76.76
CA ARG E 124 -78.21 -3.89 75.98
C ARG E 124 -78.47 -4.05 74.48
N GLU E 125 -78.58 -5.30 74.01
CA GLU E 125 -78.85 -5.54 72.60
C GLU E 125 -80.26 -5.10 72.21
N ALA E 126 -81.23 -5.27 73.11
CA ALA E 126 -82.59 -4.84 72.81
C ALA E 126 -82.66 -3.32 72.71
N ASP E 127 -82.04 -2.60 73.64
CA ASP E 127 -82.02 -1.15 73.54
C ASP E 127 -81.18 -0.66 72.36
N GLY E 128 -80.13 -1.40 71.99
CA GLY E 128 -79.44 -1.06 70.77
C GLY E 128 -80.14 -1.54 69.52
N SER E 129 -81.31 -2.15 69.67
CA SER E 129 -82.14 -2.58 68.56
C SER E 129 -83.35 -1.66 68.50
N ASP E 130 -83.62 -1.14 67.31
CA ASP E 130 -84.74 -0.21 67.16
C ASP E 130 -86.08 -0.91 67.38
N SER E 131 -86.21 -2.14 66.87
CA SER E 131 -87.45 -2.91 67.00
C SER E 131 -87.12 -4.40 67.16
N LEU E 132 -86.39 -4.75 68.21
CA LEU E 132 -86.10 -6.14 68.50
C LEU E 132 -87.36 -7.00 68.35
N GLU E 133 -87.30 -7.96 67.42
CA GLU E 133 -88.45 -8.84 67.21
C GLU E 133 -88.48 -10.00 68.20
N GLY E 134 -87.34 -10.61 68.49
CA GLY E 134 -87.38 -11.74 69.42
C GLY E 134 -86.04 -12.41 69.57
N PHE E 135 -86.05 -13.55 70.27
CA PHE E 135 -84.82 -14.30 70.49
C PHE E 135 -84.84 -15.67 69.81
N VAL E 136 -83.69 -16.04 69.23
CA VAL E 136 -83.44 -17.38 68.73
C VAL E 136 -82.35 -18.02 69.60
N LEU E 137 -82.70 -19.07 70.33
CA LEU E 137 -81.75 -19.77 71.19
C LEU E 137 -81.20 -20.96 70.42
N CYS E 138 -79.90 -21.00 70.22
CA CYS E 138 -79.22 -22.12 69.58
C CYS E 138 -78.51 -22.90 70.68
N HIS E 139 -78.98 -24.13 70.91
CA HIS E 139 -78.52 -24.94 72.03
C HIS E 139 -78.70 -26.41 71.65
N SER E 140 -78.10 -27.28 72.46
CA SER E 140 -78.33 -28.71 72.35
C SER E 140 -79.20 -29.18 73.51
N ILE E 141 -80.13 -30.09 73.20
CA ILE E 141 -81.03 -30.63 74.23
C ILE E 141 -80.36 -31.67 75.12
N ALA E 142 -79.20 -32.20 74.72
CA ALA E 142 -78.60 -33.33 75.42
C ALA E 142 -77.49 -32.89 76.34
N GLY E 143 -76.87 -31.74 76.08
CA GLY E 143 -75.79 -31.25 76.90
C GLY E 143 -76.35 -30.74 78.21
N GLY E 144 -75.49 -30.06 78.96
CA GLY E 144 -75.94 -29.36 80.14
C GLY E 144 -76.32 -27.93 79.84
N THR E 145 -75.40 -27.17 79.25
CA THR E 145 -75.64 -25.76 78.96
C THR E 145 -76.76 -25.58 77.95
N GLY E 146 -76.62 -26.19 76.77
CA GLY E 146 -77.63 -26.01 75.75
C GLY E 146 -79.01 -26.49 76.17
N SER E 147 -79.06 -27.49 77.04
CA SER E 147 -80.34 -27.98 77.55
C SER E 147 -80.77 -27.17 78.77
N GLY E 148 -79.94 -27.19 79.81
CA GLY E 148 -80.26 -26.53 81.06
C GLY E 148 -80.19 -25.03 80.93
N LEU E 149 -79.02 -24.53 80.56
CA LEU E 149 -78.85 -23.09 80.35
C LEU E 149 -79.74 -22.60 79.22
N GLY E 150 -79.96 -23.41 78.19
CA GLY E 150 -80.91 -23.03 77.15
C GLY E 150 -82.31 -22.87 77.68
N SER E 151 -82.75 -23.79 78.55
CA SER E 151 -84.06 -23.67 79.18
C SER E 151 -84.14 -22.44 80.06
N TYR E 152 -83.08 -22.18 80.84
CA TYR E 152 -83.04 -20.98 81.67
C TYR E 152 -83.16 -19.71 80.82
N LEU E 153 -82.39 -19.63 79.73
CA LEU E 153 -82.45 -18.46 78.88
C LEU E 153 -83.80 -18.34 78.20
N LEU E 154 -84.40 -19.46 77.78
CA LEU E 154 -85.74 -19.43 77.23
C LEU E 154 -86.74 -18.88 78.24
N GLU E 155 -86.66 -19.34 79.49
CA GLU E 155 -87.54 -18.82 80.54
C GLU E 155 -87.35 -17.32 80.72
N ARG E 156 -86.09 -16.88 80.83
CA ARG E 156 -85.85 -15.47 81.14
C ARG E 156 -86.23 -14.58 79.97
N LEU E 157 -86.01 -15.05 78.74
CA LEU E 157 -86.47 -14.30 77.56
C LEU E 157 -87.98 -14.24 77.50
N ASN E 158 -88.66 -15.34 77.83
CA ASN E 158 -90.12 -15.33 77.83
C ASN E 158 -90.65 -14.36 78.90
N ASP E 159 -89.96 -14.27 80.04
CA ASP E 159 -90.40 -13.35 81.08
C ASP E 159 -90.13 -11.90 80.69
N ARG E 160 -88.95 -11.62 80.14
CA ARG E 160 -88.57 -10.23 79.87
C ARG E 160 -89.26 -9.69 78.63
N TYR E 161 -89.49 -10.56 77.63
CA TYR E 161 -90.04 -10.16 76.34
C TYR E 161 -91.30 -10.98 76.06
N PRO E 162 -92.29 -10.91 76.94
CA PRO E 162 -93.44 -11.82 76.82
C PRO E 162 -94.25 -11.60 75.56
N LYS E 163 -93.93 -10.55 74.79
CA LYS E 163 -94.58 -10.25 73.54
C LYS E 163 -93.69 -10.59 72.35
N LYS E 164 -92.49 -11.10 72.61
CA LYS E 164 -91.51 -11.42 71.59
C LYS E 164 -91.48 -12.93 71.37
N LEU E 165 -91.26 -13.31 70.12
CA LEU E 165 -91.15 -14.73 69.78
C LEU E 165 -89.85 -15.33 70.30
N VAL E 166 -89.93 -16.58 70.73
CA VAL E 166 -88.78 -17.37 71.14
C VAL E 166 -88.71 -18.58 70.22
N GLN E 167 -87.76 -18.54 69.29
CA GLN E 167 -87.44 -19.67 68.45
C GLN E 167 -86.20 -20.35 69.01
N THR E 168 -86.15 -21.67 68.94
CA THR E 168 -84.98 -22.42 69.35
C THR E 168 -84.46 -23.22 68.18
N TYR E 169 -83.14 -23.35 68.11
CA TYR E 169 -82.47 -24.36 67.31
C TYR E 169 -81.98 -25.36 68.35
N SER E 170 -82.79 -26.39 68.58
CA SER E 170 -82.55 -27.36 69.65
C SER E 170 -81.93 -28.58 69.01
N VAL E 171 -80.72 -28.93 69.41
CA VAL E 171 -80.06 -30.10 68.84
C VAL E 171 -80.55 -31.34 69.58
N PHE E 172 -81.23 -32.21 68.85
CA PHE E 172 -81.72 -33.46 69.41
C PHE E 172 -80.63 -34.52 69.37
N PRO E 173 -80.49 -35.34 70.40
CA PRO E 173 -79.42 -36.33 70.39
C PRO E 173 -79.68 -37.40 69.34
N ASN E 174 -78.61 -38.10 68.97
CA ASN E 174 -78.75 -39.23 68.07
C ASN E 174 -79.56 -40.32 68.75
N GLN E 175 -80.64 -40.75 68.09
CA GLN E 175 -81.47 -41.79 68.67
C GLN E 175 -80.92 -43.18 68.42
N ASP E 176 -80.09 -43.35 67.39
CA ASP E 176 -79.63 -44.67 67.00
C ASP E 176 -78.32 -45.04 67.67
N GLU E 177 -77.55 -44.05 68.13
CA GLU E 177 -76.28 -44.27 68.81
C GLU E 177 -76.43 -44.10 70.32
N MET E 178 -75.71 -44.95 71.06
CA MET E 178 -75.54 -44.78 72.50
C MET E 178 -74.86 -43.46 72.83
N SER E 179 -75.58 -42.52 73.43
CA SER E 179 -74.97 -41.27 73.85
C SER E 179 -73.85 -41.54 74.86
N ASP E 180 -72.69 -40.94 74.61
CA ASP E 180 -71.59 -40.95 75.58
C ASP E 180 -71.97 -40.30 76.91
N VAL E 181 -73.03 -39.50 76.93
CA VAL E 181 -73.50 -38.82 78.12
C VAL E 181 -74.60 -39.67 78.72
N VAL E 182 -74.27 -40.41 79.79
CA VAL E 182 -75.23 -41.32 80.39
C VAL E 182 -76.45 -40.56 80.89
N VAL E 183 -76.31 -39.25 81.13
CA VAL E 183 -77.43 -38.43 81.57
C VAL E 183 -78.14 -37.81 80.39
N GLN E 184 -77.70 -38.11 79.18
CA GLN E 184 -78.31 -37.53 77.98
C GLN E 184 -79.82 -37.70 77.95
N PRO E 185 -80.40 -38.84 78.33
CA PRO E 185 -81.87 -38.93 78.26
C PRO E 185 -82.54 -37.94 79.19
N TYR E 186 -81.96 -37.71 80.38
CA TYR E 186 -82.48 -36.71 81.30
C TYR E 186 -82.36 -35.31 80.71
N ASN E 187 -81.18 -34.99 80.19
CA ASN E 187 -80.98 -33.69 79.57
C ASN E 187 -81.95 -33.49 78.42
N SER E 188 -82.14 -34.52 77.60
CA SER E 188 -83.02 -34.42 76.45
C SER E 188 -84.46 -34.20 76.87
N LEU E 189 -84.92 -34.93 77.88
CA LEU E 189 -86.30 -34.75 78.35
C LEU E 189 -86.49 -33.36 78.92
N LEU E 190 -85.55 -32.90 79.76
CA LEU E 190 -85.64 -31.56 80.32
C LEU E 190 -85.63 -30.49 79.24
N THR E 191 -84.79 -30.65 78.22
CA THR E 191 -84.76 -29.69 77.12
C THR E 191 -86.05 -29.71 76.32
N LEU E 192 -86.59 -30.90 76.04
CA LEU E 192 -87.88 -30.95 75.35
C LEU E 192 -88.97 -30.28 76.18
N LYS E 193 -88.93 -30.48 77.49
CA LYS E 193 -89.83 -29.77 78.39
C LYS E 193 -89.69 -28.25 78.23
N ARG E 194 -88.46 -27.76 78.19
CA ARG E 194 -88.26 -26.32 78.09
C ARG E 194 -88.66 -25.79 76.72
N LEU E 195 -88.40 -26.54 75.66
CA LEU E 195 -88.91 -26.18 74.34
C LEU E 195 -90.44 -26.11 74.34
N THR E 196 -91.09 -27.06 74.99
CA THR E 196 -92.55 -27.07 75.04
C THR E 196 -93.13 -25.95 75.91
N GLN E 197 -92.45 -25.59 76.99
CA GLN E 197 -93.04 -24.69 77.97
C GLN E 197 -92.56 -23.25 77.88
N ASN E 198 -91.34 -23.01 77.42
CA ASN E 198 -90.71 -21.70 77.52
C ASN E 198 -90.22 -21.21 76.17
N ALA E 199 -90.40 -21.99 75.11
CA ALA E 199 -90.09 -21.60 73.75
C ALA E 199 -91.39 -21.54 72.96
N ASP E 200 -91.48 -20.58 72.04
CA ASP E 200 -92.65 -20.52 71.17
C ASP E 200 -92.53 -21.48 70.01
N CYS E 201 -91.30 -21.82 69.60
CA CYS E 201 -91.09 -22.74 68.49
C CYS E 201 -89.72 -23.36 68.67
N VAL E 202 -89.63 -24.70 68.64
CA VAL E 202 -88.36 -25.40 68.77
C VAL E 202 -88.12 -26.17 67.47
N VAL E 203 -87.11 -25.74 66.72
CA VAL E 203 -86.67 -26.45 65.52
C VAL E 203 -85.66 -27.51 65.94
N VAL E 204 -86.03 -28.77 65.79
CA VAL E 204 -85.18 -29.89 66.20
C VAL E 204 -84.14 -30.14 65.12
N LEU E 205 -82.87 -30.07 65.50
CA LEU E 205 -81.72 -30.35 64.65
C LEU E 205 -81.09 -31.64 65.14
N ASP E 206 -81.38 -32.74 64.48
CA ASP E 206 -80.91 -34.06 64.89
C ASP E 206 -79.54 -34.31 64.27
N ASN E 207 -78.51 -34.38 65.12
CA ASN E 207 -77.16 -34.65 64.63
C ASN E 207 -77.07 -36.00 63.94
N THR E 208 -77.87 -36.98 64.37
CA THR E 208 -77.83 -38.28 63.71
C THR E 208 -78.24 -38.13 62.25
N ALA E 209 -79.34 -37.41 62.00
CA ALA E 209 -79.79 -37.21 60.63
C ALA E 209 -78.83 -36.32 59.86
N LEU E 210 -78.24 -35.32 60.52
CA LEU E 210 -77.29 -34.47 59.82
C LEU E 210 -76.07 -35.28 59.36
N ASN E 211 -75.56 -36.15 60.22
CA ASN E 211 -74.48 -37.05 59.82
C ASN E 211 -74.92 -37.98 58.70
N ARG E 212 -76.09 -38.60 58.83
CA ARG E 212 -76.63 -39.46 57.77
C ARG E 212 -76.73 -38.71 56.44
N ILE E 213 -77.25 -37.49 56.47
CA ILE E 213 -77.37 -36.70 55.25
C ILE E 213 -76.00 -36.39 54.67
N ALA E 214 -75.05 -36.01 55.53
CA ALA E 214 -73.70 -35.71 55.07
C ALA E 214 -73.06 -36.92 54.40
N THR E 215 -73.27 -38.10 54.97
CA THR E 215 -72.69 -39.31 54.39
C THR E 215 -73.40 -39.72 53.10
N ASP E 216 -74.73 -39.84 53.13
CA ASP E 216 -75.44 -40.40 51.98
C ASP E 216 -75.54 -39.42 50.83
N ARG E 217 -75.67 -38.13 51.11
CA ARG E 217 -75.96 -37.12 50.10
C ARG E 217 -74.81 -36.16 49.88
N LEU E 218 -74.10 -35.79 50.94
CA LEU E 218 -72.90 -34.97 50.85
C LEU E 218 -71.64 -35.80 50.75
N HIS E 219 -71.74 -37.12 50.87
CA HIS E 219 -70.59 -38.02 50.80
C HIS E 219 -69.54 -37.67 51.85
N ILE E 220 -69.97 -37.19 53.01
CA ILE E 220 -69.07 -36.89 54.12
C ILE E 220 -68.95 -38.16 54.96
N GLN E 221 -67.81 -38.83 54.88
CA GLN E 221 -67.53 -39.96 55.75
C GLN E 221 -67.20 -39.45 57.15
N ASN E 222 -68.01 -39.82 58.13
CA ASN E 222 -67.80 -39.34 59.49
C ASN E 222 -67.82 -37.81 59.52
N PRO E 223 -68.98 -37.18 59.40
CA PRO E 223 -69.00 -35.72 59.44
C PRO E 223 -68.47 -35.19 60.77
N SER E 224 -67.54 -34.25 60.68
CA SER E 224 -67.05 -33.55 61.85
C SER E 224 -68.02 -32.48 62.33
N PHE E 225 -67.87 -32.12 63.61
CA PHE E 225 -68.67 -31.03 64.18
C PHE E 225 -68.51 -29.73 63.38
N SER E 226 -67.33 -29.48 62.83
CA SER E 226 -67.13 -28.27 62.04
C SER E 226 -68.03 -28.29 60.81
N GLN E 227 -68.12 -29.44 60.14
CA GLN E 227 -68.98 -29.58 58.97
C GLN E 227 -70.46 -29.52 59.36
N ILE E 228 -70.80 -30.08 60.51
CA ILE E 228 -72.18 -29.99 60.99
C ILE E 228 -72.57 -28.54 61.26
N ASN E 229 -71.68 -27.79 61.92
CA ASN E 229 -71.97 -26.38 62.19
C ASN E 229 -71.99 -25.56 60.90
N GLN E 230 -71.18 -25.93 59.91
CA GLN E 230 -71.27 -25.29 58.60
C GLN E 230 -72.60 -25.57 57.92
N LEU E 231 -73.10 -26.79 58.03
CA LEU E 231 -74.42 -27.10 57.49
C LEU E 231 -75.52 -26.33 58.23
N VAL E 232 -75.42 -26.26 59.55
CA VAL E 232 -76.39 -25.50 60.34
C VAL E 232 -76.39 -24.04 59.91
N SER E 233 -75.20 -23.45 59.77
CA SER E 233 -75.12 -22.06 59.34
C SER E 233 -75.66 -21.87 57.93
N THR E 234 -75.41 -22.83 57.04
CA THR E 234 -76.00 -22.78 55.71
C THR E 234 -77.52 -22.79 55.76
N ILE E 235 -78.09 -23.64 56.61
CA ILE E 235 -79.54 -23.72 56.74
C ILE E 235 -80.09 -22.41 57.28
N MET E 236 -79.47 -21.89 58.33
CA MET E 236 -79.92 -20.63 58.92
C MET E 236 -79.81 -19.48 57.92
N SER E 237 -78.75 -19.47 57.12
CA SER E 237 -78.62 -18.44 56.09
C SER E 237 -79.71 -18.56 55.04
N ALA E 238 -80.02 -19.78 54.60
CA ALA E 238 -81.07 -19.92 53.60
C ALA E 238 -82.42 -19.54 54.18
N SER E 239 -82.65 -19.85 55.45
CA SER E 239 -83.91 -19.49 56.09
C SER E 239 -84.01 -17.98 56.32
N THR E 240 -82.89 -17.29 56.52
CA THR E 240 -82.90 -15.87 56.74
C THR E 240 -82.67 -15.06 55.48
N THR E 241 -82.51 -15.72 54.33
CA THR E 241 -82.23 -14.97 53.12
C THR E 241 -83.40 -14.07 52.77
N THR E 242 -84.63 -14.52 53.02
CA THR E 242 -85.79 -13.68 52.76
C THR E 242 -85.90 -12.54 53.77
N LEU E 243 -85.26 -12.68 54.93
CA LEU E 243 -85.21 -11.60 55.90
C LEU E 243 -84.22 -10.54 55.44
N ARG E 244 -83.07 -10.99 54.93
CA ARG E 244 -82.01 -10.07 54.57
C ARG E 244 -82.27 -9.41 53.21
N TYR E 245 -83.01 -10.09 52.34
CA TYR E 245 -83.35 -9.57 51.02
C TYR E 245 -84.86 -9.33 50.98
N PRO E 246 -85.32 -8.09 50.85
CA PRO E 246 -86.76 -7.83 50.92
C PRO E 246 -87.52 -8.53 49.79
N GLY E 247 -88.48 -9.36 50.19
CA GLY E 247 -89.36 -10.02 49.26
C GLY E 247 -90.80 -9.54 49.43
N TYR E 248 -91.72 -10.25 48.78
CA TYR E 248 -93.12 -9.88 48.87
C TYR E 248 -93.84 -10.56 50.03
N MET E 249 -93.33 -11.70 50.51
CA MET E 249 -94.03 -12.46 51.53
C MET E 249 -93.02 -13.06 52.51
N ASN E 250 -93.47 -13.23 53.75
CA ASN E 250 -92.67 -13.86 54.81
C ASN E 250 -91.29 -13.20 54.96
N ASN E 251 -91.28 -11.89 55.10
CA ASN E 251 -90.03 -11.17 55.24
C ASN E 251 -89.55 -11.06 56.69
N ASP E 252 -90.27 -11.67 57.64
CA ASP E 252 -89.89 -11.61 59.04
C ASP E 252 -90.01 -13.00 59.67
N LEU E 253 -89.29 -13.18 60.78
CA LEU E 253 -89.32 -14.47 61.46
C LEU E 253 -90.69 -14.74 62.05
N ILE E 254 -91.37 -13.69 62.53
CA ILE E 254 -92.73 -13.85 63.01
C ILE E 254 -93.61 -14.43 61.91
N GLY E 255 -93.51 -13.87 60.70
CA GLY E 255 -94.30 -14.38 59.59
C GLY E 255 -93.94 -15.80 59.24
N LEU E 256 -92.65 -16.15 59.35
CA LEU E 256 -92.24 -17.54 59.13
C LEU E 256 -92.95 -18.46 60.13
N ILE E 257 -92.92 -18.08 61.41
CA ILE E 257 -93.54 -18.91 62.43
C ILE E 257 -95.03 -19.04 62.15
N ALA E 258 -95.69 -17.92 61.87
CA ALA E 258 -97.13 -17.95 61.59
C ALA E 258 -97.46 -18.84 60.40
N SER E 259 -96.57 -18.91 59.40
CA SER E 259 -96.78 -19.81 58.27
C SER E 259 -96.49 -21.26 58.61
N LEU E 260 -95.65 -21.52 59.62
CA LEU E 260 -95.18 -22.88 59.91
C LEU E 260 -95.95 -23.54 61.05
N ILE E 261 -96.58 -22.76 61.91
CA ILE E 261 -97.15 -23.21 63.17
C ILE E 261 -98.63 -22.88 63.21
N PRO E 262 -99.49 -23.71 62.63
CA PRO E 262 -100.94 -23.48 62.76
C PRO E 262 -101.45 -23.74 64.15
N THR E 263 -100.69 -24.43 64.99
CA THR E 263 -101.08 -24.72 66.37
C THR E 263 -100.01 -24.11 67.27
N PRO E 264 -100.36 -23.10 68.07
CA PRO E 264 -99.33 -22.31 68.75
C PRO E 264 -98.39 -23.13 69.61
N ARG E 265 -98.89 -24.16 70.29
CA ARG E 265 -98.00 -24.97 71.10
C ARG E 265 -97.22 -25.95 70.23
N LEU E 266 -97.78 -26.33 69.08
CA LEU E 266 -97.13 -27.27 68.17
C LEU E 266 -96.36 -26.49 67.10
N HIS E 267 -95.43 -25.67 67.58
CA HIS E 267 -94.71 -24.73 66.73
C HIS E 267 -93.27 -25.16 66.50
N PHE E 268 -92.94 -26.42 66.80
CA PHE E 268 -91.60 -26.94 66.58
C PHE E 268 -91.48 -27.42 65.14
N LEU E 269 -90.60 -26.78 64.37
CA LEU E 269 -90.43 -27.09 62.96
C LEU E 269 -89.18 -27.93 62.74
N MET E 270 -89.31 -28.99 61.96
CA MET E 270 -88.15 -29.71 61.47
C MET E 270 -87.71 -29.10 60.15
N THR E 271 -86.42 -29.18 59.87
CA THR E 271 -85.89 -28.64 58.63
C THR E 271 -85.54 -29.76 57.66
N GLY E 272 -85.68 -29.44 56.38
CA GLY E 272 -85.23 -30.30 55.31
C GLY E 272 -84.69 -29.45 54.19
N TYR E 273 -83.66 -29.94 53.52
CA TYR E 273 -82.96 -29.17 52.51
C TYR E 273 -82.88 -29.96 51.22
N THR E 274 -82.95 -29.23 50.10
CA THR E 274 -82.79 -29.84 48.80
C THR E 274 -82.20 -28.78 47.89
N PRO E 275 -81.25 -29.14 47.01
CA PRO E 275 -80.71 -30.49 46.79
C PRO E 275 -79.81 -30.89 47.95
N LEU E 276 -79.75 -32.19 48.26
CA LEU E 276 -78.79 -32.71 49.23
C LEU E 276 -77.72 -33.44 48.43
N THR E 277 -76.71 -32.66 48.02
CA THR E 277 -75.61 -33.14 47.20
C THR E 277 -74.38 -32.38 47.62
N THR E 278 -73.23 -33.06 47.62
CA THR E 278 -71.98 -32.37 47.85
C THR E 278 -71.66 -31.44 46.69
N ASP E 279 -70.98 -30.33 47.00
CA ASP E 279 -70.64 -29.36 45.97
C ASP E 279 -69.86 -30.00 44.84
N GLN E 280 -69.27 -31.17 45.07
CA GLN E 280 -68.59 -31.89 43.99
C GLN E 280 -69.57 -32.54 43.04
N SER E 281 -70.82 -32.72 43.46
CA SER E 281 -71.87 -33.28 42.59
C SER E 281 -72.44 -32.14 41.73
N VAL E 282 -71.75 -31.88 40.63
CA VAL E 282 -72.25 -31.04 39.54
C VAL E 282 -73.36 -31.79 38.82
N ALA E 283 -74.60 -31.66 39.29
CA ALA E 283 -75.71 -32.34 38.64
C ALA E 283 -75.83 -31.85 37.20
N SER E 284 -75.57 -32.75 36.26
CA SER E 284 -75.60 -32.47 34.83
C SER E 284 -76.83 -31.67 34.41
N VAL E 285 -76.59 -30.46 33.91
CA VAL E 285 -77.40 -29.81 32.88
C VAL E 285 -78.85 -30.30 32.89
N ARG E 286 -79.45 -30.42 34.07
CA ARG E 286 -80.87 -30.66 34.23
C ARG E 286 -81.49 -29.43 34.90
N LYS E 287 -82.34 -28.72 34.17
CA LYS E 287 -83.07 -27.60 34.75
C LYS E 287 -83.94 -28.13 35.89
N THR E 288 -83.50 -27.92 37.13
CA THR E 288 -84.30 -28.29 38.28
C THR E 288 -85.55 -27.44 38.33
N THR E 289 -86.71 -28.08 38.19
CA THR E 289 -87.97 -27.36 38.22
C THR E 289 -88.42 -27.23 39.66
N VAL E 290 -89.31 -26.26 39.90
CA VAL E 290 -89.94 -26.16 41.21
C VAL E 290 -90.56 -27.49 41.63
N LEU E 291 -91.21 -28.18 40.69
CA LEU E 291 -91.78 -29.50 40.99
C LEU E 291 -90.70 -30.50 41.36
N ASP E 292 -89.55 -30.47 40.69
CA ASP E 292 -88.46 -31.37 41.05
C ASP E 292 -87.88 -31.01 42.41
N VAL E 293 -87.79 -29.72 42.70
CA VAL E 293 -87.35 -29.28 44.02
C VAL E 293 -88.27 -29.85 45.09
N MET E 294 -89.58 -29.63 44.96
CA MET E 294 -90.52 -30.11 45.95
C MET E 294 -90.49 -31.64 46.07
N ARG E 295 -90.32 -32.34 44.96
CA ARG E 295 -90.20 -33.80 45.03
C ARG E 295 -88.94 -34.22 45.78
N ARG E 296 -87.82 -33.54 45.55
CA ARG E 296 -86.60 -33.86 46.29
C ARG E 296 -86.76 -33.53 47.77
N LEU E 297 -87.39 -32.39 48.06
CA LEU E 297 -87.64 -31.99 49.44
C LEU E 297 -88.45 -33.05 50.17
N LEU E 298 -89.42 -33.66 49.48
CA LEU E 298 -90.19 -34.73 50.10
C LEU E 298 -89.39 -36.02 50.22
N GLN E 299 -88.19 -36.08 49.65
CA GLN E 299 -87.37 -37.28 49.75
C GLN E 299 -86.69 -37.33 51.11
N PRO E 300 -86.84 -38.42 51.87
CA PRO E 300 -86.20 -38.48 53.19
C PRO E 300 -84.69 -38.31 53.16
N LYS E 301 -84.03 -38.68 52.06
CA LYS E 301 -82.58 -38.60 51.99
C LYS E 301 -82.05 -37.18 52.01
N ASN E 302 -82.91 -36.18 51.84
CA ASN E 302 -82.52 -34.78 51.91
C ASN E 302 -83.04 -34.07 53.15
N VAL E 303 -83.79 -34.77 54.01
CA VAL E 303 -84.27 -34.17 55.25
C VAL E 303 -83.18 -34.22 56.31
N MET E 304 -82.95 -33.09 56.98
CA MET E 304 -81.86 -32.93 57.94
C MET E 304 -82.34 -33.13 59.38
N VAL E 305 -83.39 -33.94 59.57
CA VAL E 305 -83.93 -34.24 60.89
C VAL E 305 -84.18 -35.73 61.00
N SER E 306 -83.65 -36.33 62.06
CA SER E 306 -83.81 -37.76 62.32
C SER E 306 -85.14 -38.02 63.01
N THR E 307 -86.16 -38.33 62.20
CA THR E 307 -87.44 -38.77 62.71
C THR E 307 -87.50 -40.27 62.52
N GLY E 308 -87.91 -40.98 63.57
CA GLY E 308 -88.12 -42.40 63.44
C GLY E 308 -89.19 -42.71 62.41
N ARG E 309 -88.92 -43.66 61.52
CA ARG E 309 -89.98 -44.21 60.68
C ARG E 309 -90.75 -45.21 61.55
N ASP E 310 -91.52 -44.64 62.47
CA ASP E 310 -92.54 -45.38 63.19
C ASP E 310 -93.62 -45.86 62.24
N ARG E 311 -93.81 -47.18 62.17
CA ARG E 311 -94.88 -47.72 61.36
C ARG E 311 -96.23 -47.58 62.05
N GLN E 312 -96.22 -47.26 63.35
CA GLN E 312 -97.45 -47.14 64.14
C GLN E 312 -98.04 -45.75 64.00
N THR E 313 -97.20 -44.71 63.93
CA THR E 313 -97.65 -43.33 63.84
C THR E 313 -97.58 -42.90 62.38
N ASN E 314 -98.73 -42.55 61.83
CA ASN E 314 -98.81 -42.05 60.45
C ASN E 314 -98.42 -40.57 60.47
N HIS E 315 -97.10 -40.33 60.52
CA HIS E 315 -96.64 -38.96 60.52
C HIS E 315 -97.08 -38.23 59.26
N CYS E 316 -97.30 -36.92 59.40
CA CYS E 316 -97.81 -36.09 58.33
C CYS E 316 -97.22 -34.71 58.51
N TYR E 317 -97.23 -33.92 57.44
CA TYR E 317 -96.87 -32.52 57.57
C TYR E 317 -98.06 -31.74 58.13
N ILE E 318 -97.82 -30.96 59.18
CA ILE E 318 -98.82 -30.00 59.62
C ILE E 318 -98.81 -28.79 58.70
N ALA E 319 -97.63 -28.25 58.43
CA ALA E 319 -97.46 -27.14 57.53
C ALA E 319 -96.10 -27.27 56.88
N ILE E 320 -95.94 -26.73 55.68
CA ILE E 320 -94.65 -26.75 54.99
C ILE E 320 -94.38 -25.37 54.42
N LEU E 321 -93.19 -24.85 54.71
CA LEU E 321 -92.65 -23.68 54.02
C LEU E 321 -91.43 -24.13 53.24
N ASN E 322 -91.44 -23.88 51.94
CA ASN E 322 -90.27 -24.08 51.11
C ASN E 322 -89.68 -22.71 50.79
N ILE E 323 -88.49 -22.44 51.30
CA ILE E 323 -87.72 -21.26 50.96
C ILE E 323 -86.84 -21.65 49.78
N ILE E 324 -87.16 -21.10 48.61
CA ILE E 324 -86.41 -21.36 47.39
C ILE E 324 -85.56 -20.14 47.10
N GLN E 325 -84.24 -20.33 47.08
CA GLN E 325 -83.30 -19.25 46.89
C GLN E 325 -82.67 -19.38 45.51
N GLY E 326 -82.69 -18.30 44.75
CA GLY E 326 -82.04 -18.23 43.46
C GLY E 326 -83.03 -17.73 42.43
N GLU E 327 -82.64 -17.89 41.16
CA GLU E 327 -83.51 -17.47 40.06
C GLU E 327 -84.64 -18.48 39.94
N VAL E 328 -85.80 -18.14 40.49
CA VAL E 328 -86.95 -19.02 40.53
C VAL E 328 -88.10 -18.31 39.84
N ASP E 329 -88.74 -19.00 38.90
CA ASP E 329 -89.97 -18.51 38.30
C ASP E 329 -91.15 -18.76 39.23
N PRO E 330 -91.85 -17.73 39.71
CA PRO E 330 -93.00 -18.00 40.58
C PRO E 330 -94.03 -18.87 39.88
N THR E 331 -94.13 -18.78 38.55
CA THR E 331 -95.07 -19.64 37.85
C THR E 331 -94.63 -21.09 37.95
N GLN E 332 -93.31 -21.31 38.04
CA GLN E 332 -92.81 -22.67 38.25
C GLN E 332 -93.06 -23.11 39.67
N VAL E 333 -93.06 -22.17 40.62
CA VAL E 333 -93.42 -22.50 41.99
C VAL E 333 -94.88 -22.95 42.05
N HIS E 334 -95.76 -22.19 41.41
CA HIS E 334 -97.18 -22.56 41.36
C HIS E 334 -97.37 -23.92 40.70
N LYS E 335 -96.70 -24.14 39.56
CA LYS E 335 -96.76 -25.45 38.91
C LYS E 335 -96.22 -26.55 39.83
N SER E 336 -95.22 -26.23 40.65
CA SER E 336 -94.66 -27.21 41.56
C SER E 336 -95.66 -27.55 42.67
N LEU E 337 -96.34 -26.55 43.20
CA LEU E 337 -97.40 -26.80 44.17
C LEU E 337 -98.50 -27.66 43.57
N GLN E 338 -98.93 -27.34 42.34
CA GLN E 338 -99.94 -28.15 41.67
C GLN E 338 -99.48 -29.59 41.49
N ARG E 339 -98.25 -29.78 41.01
CA ARG E 339 -97.70 -31.13 40.82
C ARG E 339 -97.56 -31.88 42.14
N ILE E 340 -97.16 -31.18 43.19
CA ILE E 340 -97.03 -31.80 44.51
C ILE E 340 -98.38 -32.25 45.03
N ARG E 341 -99.41 -31.42 44.85
CA ARG E 341 -100.75 -31.79 45.28
C ARG E 341 -101.26 -32.98 44.48
N GLU E 342 -101.19 -32.91 43.15
CA GLU E 342 -101.68 -34.02 42.32
C GLU E 342 -100.92 -35.31 42.60
N ARG E 343 -99.60 -35.24 42.78
CA ARG E 343 -98.77 -36.40 43.03
C ARG E 343 -98.73 -36.80 44.51
N LYS E 344 -99.37 -36.05 45.39
CA LYS E 344 -99.33 -36.30 46.81
C LYS E 344 -97.88 -36.48 47.27
N LEU E 345 -97.02 -35.59 46.80
CA LEU E 345 -95.60 -35.71 47.10
C LEU E 345 -95.31 -35.47 48.56
N ALA E 346 -96.27 -34.88 49.28
CA ALA E 346 -96.16 -34.67 50.72
C ALA E 346 -97.47 -35.09 51.37
N ASN E 347 -97.38 -35.87 52.43
CA ASN E 347 -98.52 -36.21 53.27
C ASN E 347 -98.61 -35.19 54.39
N PHE E 348 -99.75 -34.53 54.52
CA PHE E 348 -99.91 -33.54 55.57
C PHE E 348 -100.92 -34.00 56.61
N ILE E 349 -100.83 -33.35 57.78
CA ILE E 349 -101.77 -33.53 58.88
C ILE E 349 -103.21 -33.38 58.44
N PRO E 350 -104.12 -34.26 58.89
CA PRO E 350 -105.52 -34.16 58.48
C PRO E 350 -106.33 -33.16 59.30
N TRP E 351 -105.86 -32.80 60.50
CA TRP E 351 -106.61 -31.90 61.39
C TRP E 351 -105.69 -30.75 61.79
N GLY E 352 -105.24 -30.03 60.77
CA GLY E 352 -104.41 -28.87 60.90
C GLY E 352 -104.71 -28.07 59.66
N PRO E 353 -104.31 -26.80 59.59
CA PRO E 353 -104.57 -26.07 58.36
C PRO E 353 -103.67 -26.54 57.23
N ALA E 354 -104.24 -26.57 56.03
CA ALA E 354 -103.49 -26.89 54.82
C ALA E 354 -102.54 -25.74 54.53
N SER E 355 -101.23 -25.97 54.65
CA SER E 355 -100.28 -24.92 54.31
C SER E 355 -99.16 -25.51 53.44
N ILE E 356 -99.27 -25.25 52.14
CA ILE E 356 -98.19 -25.46 51.17
C ILE E 356 -98.09 -24.14 50.44
N GLN E 357 -97.03 -23.39 50.72
CA GLN E 357 -96.77 -22.12 50.05
C GLN E 357 -95.59 -22.23 49.10
N VAL E 358 -95.64 -21.45 48.03
CA VAL E 358 -94.49 -21.30 47.14
C VAL E 358 -94.30 -19.81 46.92
N ALA E 359 -93.18 -19.29 47.42
CA ALA E 359 -92.72 -17.93 47.19
C ALA E 359 -91.52 -17.94 46.25
N LEU E 360 -91.55 -17.11 45.21
CA LEU E 360 -90.35 -16.91 44.42
C LEU E 360 -89.64 -15.70 45.02
N SER E 361 -88.40 -15.89 45.43
CA SER E 361 -87.55 -14.83 45.96
C SER E 361 -86.16 -14.94 45.37
N ARG E 362 -85.43 -13.84 45.44
CA ARG E 362 -84.03 -13.83 45.04
C ARG E 362 -83.18 -14.16 46.26
N LYS E 363 -82.04 -14.82 46.01
CA LYS E 363 -81.06 -15.00 47.06
C LYS E 363 -80.32 -13.70 47.34
N SER E 364 -79.73 -13.63 48.53
CA SER E 364 -78.79 -12.57 48.83
C SER E 364 -77.74 -12.48 47.73
N PRO E 365 -77.43 -11.30 47.22
CA PRO E 365 -76.38 -11.18 46.20
C PRO E 365 -74.98 -11.46 46.72
N TYR E 366 -74.78 -11.48 48.04
CA TYR E 366 -73.45 -11.63 48.60
C TYR E 366 -73.06 -13.09 48.83
N LEU E 367 -74.03 -14.02 48.87
CA LEU E 367 -73.67 -15.42 49.09
C LEU E 367 -73.60 -16.14 47.76
N PRO E 368 -72.47 -16.78 47.44
CA PRO E 368 -72.39 -17.64 46.25
C PRO E 368 -73.25 -18.89 46.37
N SER E 369 -74.15 -19.09 45.40
CA SER E 369 -74.99 -20.28 45.33
C SER E 369 -74.51 -21.10 44.14
N ALA E 370 -73.96 -22.29 44.43
CA ALA E 370 -73.61 -23.22 43.36
C ALA E 370 -74.83 -23.65 42.56
N HIS E 371 -76.01 -23.57 43.16
CA HIS E 371 -77.26 -24.01 42.55
C HIS E 371 -78.05 -22.77 42.12
N ARG E 372 -78.42 -22.72 40.83
CA ARG E 372 -79.23 -21.60 40.38
C ARG E 372 -80.51 -21.53 41.20
N VAL E 373 -80.97 -22.67 41.71
CA VAL E 373 -82.14 -22.74 42.56
C VAL E 373 -81.78 -23.74 43.66
N SER E 374 -81.91 -23.33 44.91
CA SER E 374 -81.82 -24.22 46.06
C SER E 374 -83.13 -24.15 46.84
N GLY E 375 -83.33 -25.13 47.72
CA GLY E 375 -84.47 -25.08 48.59
C GLY E 375 -84.19 -25.59 49.98
N LEU E 376 -84.74 -24.88 50.97
CA LEU E 376 -84.85 -25.35 52.34
C LEU E 376 -86.32 -25.60 52.63
N MET E 377 -86.62 -26.71 53.29
CA MET E 377 -87.95 -26.94 53.83
C MET E 377 -87.91 -26.78 55.35
N MET E 378 -88.79 -25.94 55.86
CA MET E 378 -89.15 -25.94 57.28
C MET E 378 -90.56 -26.52 57.37
N ALA E 379 -90.70 -27.62 58.08
CA ALA E 379 -91.97 -28.33 58.13
C ALA E 379 -92.39 -28.62 59.56
N ASN E 380 -93.67 -28.39 59.83
CA ASN E 380 -94.32 -28.91 61.03
C ASN E 380 -94.92 -30.23 60.58
N HIS E 381 -94.35 -31.33 61.06
CA HIS E 381 -94.66 -32.67 60.59
C HIS E 381 -94.77 -33.63 61.75
N THR E 382 -95.81 -34.46 61.75
CA THR E 382 -96.13 -35.27 62.91
C THR E 382 -95.04 -36.30 63.22
N SER E 383 -94.13 -36.57 62.29
CA SER E 383 -93.08 -37.53 62.63
C SER E 383 -92.16 -36.95 63.70
N ILE E 384 -92.26 -35.64 63.95
CA ILE E 384 -91.58 -35.10 65.10
C ILE E 384 -92.15 -35.71 66.36
N SER E 385 -93.46 -36.07 66.33
CA SER E 385 -94.01 -36.78 67.47
C SER E 385 -93.31 -38.13 67.66
N SER E 386 -92.96 -38.81 66.57
CA SER E 386 -92.19 -40.04 66.66
C SER E 386 -90.81 -39.79 67.26
N LEU E 387 -90.23 -38.64 66.94
CA LEU E 387 -88.96 -38.24 67.54
C LEU E 387 -89.12 -37.91 69.03
N PHE E 388 -90.19 -37.23 69.40
CA PHE E 388 -90.44 -36.92 70.80
C PHE E 388 -90.73 -38.19 71.59
N GLU E 389 -91.49 -39.12 71.02
CA GLU E 389 -91.69 -40.42 71.62
C GLU E 389 -90.35 -41.14 71.84
N SER E 390 -89.47 -41.14 70.84
CA SER E 390 -88.15 -41.71 71.02
C SER E 390 -87.36 -41.02 72.14
N SER E 391 -87.39 -39.70 72.19
CA SER E 391 -86.72 -38.95 73.25
C SER E 391 -87.30 -39.29 74.62
N CYS E 392 -88.63 -39.37 74.71
CA CYS E 392 -89.29 -39.77 75.94
C CYS E 392 -88.89 -41.18 76.35
N GLN E 393 -88.82 -42.11 75.39
CA GLN E 393 -88.39 -43.46 75.70
C GLN E 393 -86.95 -43.49 76.21
N GLN E 394 -86.08 -42.67 75.63
CA GLN E 394 -84.71 -42.58 76.15
C GLN E 394 -84.68 -42.01 77.56
N TYR E 395 -85.46 -40.95 77.81
CA TYR E 395 -85.57 -40.42 79.16
C TYR E 395 -86.05 -41.49 80.13
N ASP E 396 -87.13 -42.18 79.78
CA ASP E 396 -87.67 -43.24 80.63
C ASP E 396 -86.66 -44.36 80.85
N LYS E 397 -85.85 -44.65 79.82
CA LYS E 397 -84.80 -45.66 79.94
C LYS E 397 -83.76 -45.25 80.96
N LEU E 398 -83.41 -43.96 81.01
CA LEU E 398 -82.44 -43.53 82.00
C LEU E 398 -83.08 -43.41 83.39
N ARG E 399 -84.22 -42.74 83.48
CA ARG E 399 -84.86 -42.51 84.77
C ARG E 399 -85.26 -43.81 85.45
N LYS E 400 -85.83 -44.74 84.68
CA LYS E 400 -86.20 -46.05 85.22
C LYS E 400 -84.99 -46.84 85.68
N ARG E 401 -83.81 -46.52 85.16
CA ARG E 401 -82.58 -47.20 85.53
C ARG E 401 -81.74 -46.35 86.48
N GLU E 402 -82.24 -45.17 86.86
CA GLU E 402 -81.50 -44.19 87.64
C GLU E 402 -80.12 -43.95 87.03
N ALA E 403 -80.02 -44.01 85.70
CA ALA E 403 -78.72 -43.90 85.07
C ALA E 403 -78.29 -42.45 85.10
N PHE E 404 -77.02 -42.21 85.44
CA PHE E 404 -76.44 -40.87 85.37
C PHE E 404 -77.20 -39.92 86.28
N LEU E 405 -77.85 -40.44 87.31
CA LEU E 405 -78.63 -39.63 88.23
C LEU E 405 -77.81 -39.06 89.38
N GLU E 406 -76.58 -39.52 89.59
CA GLU E 406 -75.82 -39.05 90.74
C GLU E 406 -75.54 -37.55 90.62
N GLN E 407 -75.30 -37.09 89.39
CA GLN E 407 -75.07 -35.67 89.16
C GLN E 407 -76.36 -34.88 89.24
N PHE E 408 -77.50 -35.45 88.86
CA PHE E 408 -78.75 -34.72 89.06
C PHE E 408 -79.04 -34.61 90.55
N ARG E 409 -78.91 -35.72 91.28
CA ARG E 409 -79.16 -35.71 92.71
C ARG E 409 -78.21 -34.77 93.42
N LYS E 410 -77.06 -34.47 92.80
CA LYS E 410 -76.17 -33.47 93.38
C LYS E 410 -76.68 -32.06 93.12
N GLU E 411 -77.52 -31.88 92.10
CA GLU E 411 -78.04 -30.58 91.72
C GLU E 411 -79.41 -30.32 92.35
N ASP E 412 -79.65 -29.05 92.70
CA ASP E 412 -80.81 -28.73 93.52
C ASP E 412 -82.11 -29.12 92.82
N ILE E 413 -82.17 -28.95 91.50
CA ILE E 413 -83.37 -29.29 90.74
C ILE E 413 -83.67 -30.78 90.82
N PHE E 414 -82.64 -31.59 91.05
CA PHE E 414 -82.80 -33.03 91.18
C PHE E 414 -82.31 -33.55 92.52
N LYS E 415 -81.99 -32.66 93.46
CA LYS E 415 -81.40 -33.08 94.73
C LYS E 415 -82.40 -33.88 95.56
N GLU E 416 -83.66 -33.47 95.55
CA GLU E 416 -84.68 -34.13 96.37
C GLU E 416 -85.34 -35.27 95.61
N ASN E 417 -85.70 -35.03 94.35
CA ASN E 417 -86.37 -36.01 93.52
C ASN E 417 -86.02 -35.73 92.07
N PHE E 418 -86.61 -36.52 91.16
CA PHE E 418 -86.40 -36.36 89.73
C PHE E 418 -87.65 -35.79 89.06
N ASP E 419 -88.49 -35.09 89.82
CA ASP E 419 -89.76 -34.62 89.30
C ASP E 419 -89.59 -33.74 88.07
N GLU E 420 -88.50 -32.98 87.99
CA GLU E 420 -88.28 -32.17 86.79
C GLU E 420 -88.00 -33.05 85.57
N LEU E 421 -87.29 -34.17 85.77
CA LEU E 421 -87.10 -35.11 84.68
C LEU E 421 -88.39 -35.81 84.31
N ASP E 422 -89.19 -36.20 85.30
CA ASP E 422 -90.43 -36.91 85.00
C ASP E 422 -91.44 -35.99 84.34
N ARG E 423 -91.55 -34.75 84.81
CA ARG E 423 -92.37 -33.75 84.14
C ARG E 423 -91.89 -33.49 82.73
N SER E 424 -90.57 -33.44 82.51
CA SER E 424 -90.07 -33.27 81.15
C SER E 424 -90.44 -34.45 80.26
N ARG E 425 -90.37 -35.66 80.80
CA ARG E 425 -90.77 -36.85 80.05
C ARG E 425 -92.26 -36.81 79.74
N GLU E 426 -93.07 -36.36 80.71
CA GLU E 426 -94.50 -36.22 80.49
C GLU E 426 -94.79 -35.19 79.41
N VAL E 427 -94.16 -34.02 79.51
CA VAL E 427 -94.35 -32.98 78.51
C VAL E 427 -93.97 -33.48 77.13
N VAL E 428 -92.86 -34.21 77.01
CA VAL E 428 -92.45 -34.71 75.70
C VAL E 428 -93.39 -35.82 75.20
N GLN E 429 -93.94 -36.62 76.11
CA GLN E 429 -94.93 -37.61 75.70
C GLN E 429 -96.20 -36.92 75.21
N GLU E 430 -96.69 -35.94 75.97
CA GLU E 430 -97.85 -35.16 75.55
C GLU E 430 -97.60 -34.48 74.22
N LEU E 431 -96.40 -33.95 74.02
CA LEU E 431 -96.04 -33.34 72.74
C LEU E 431 -96.11 -34.36 71.60
N ILE E 432 -95.55 -35.56 71.82
CA ILE E 432 -95.62 -36.59 70.79
C ILE E 432 -97.08 -36.94 70.49
N ASP E 433 -97.88 -37.12 71.53
CA ASP E 433 -99.28 -37.49 71.33
C ASP E 433 -100.06 -36.39 70.64
N GLU E 434 -99.80 -35.13 70.99
CA GLU E 434 -100.46 -34.01 70.33
C GLU E 434 -100.04 -33.89 68.86
N TYR E 435 -98.74 -34.09 68.58
CA TYR E 435 -98.28 -34.11 67.20
C TYR E 435 -98.93 -35.22 66.40
N HIS E 436 -99.10 -36.39 67.01
CA HIS E 436 -99.79 -37.48 66.32
C HIS E 436 -101.27 -37.15 66.10
N ALA E 437 -101.94 -36.61 67.13
CA ALA E 437 -103.33 -36.21 66.92
C ALA E 437 -103.43 -35.16 65.83
N ALA E 438 -102.52 -34.18 65.81
CA ALA E 438 -102.55 -33.18 64.76
C ALA E 438 -102.24 -33.80 63.41
N THR E 439 -101.65 -35.00 63.41
CA THR E 439 -101.48 -35.74 62.17
C THR E 439 -102.77 -36.41 61.75
N ARG E 440 -103.76 -36.49 62.67
CA ARG E 440 -105.02 -37.20 62.56
C ARG E 440 -106.15 -36.23 62.29
N PRO E 441 -107.20 -36.66 61.60
CA PRO E 441 -108.34 -35.75 61.33
C PRO E 441 -109.06 -35.27 62.59
N ASP E 442 -108.96 -35.99 63.70
CA ASP E 442 -109.69 -35.65 64.91
C ASP E 442 -108.95 -34.65 65.81
N TYR E 443 -107.82 -34.11 65.36
CA TYR E 443 -107.09 -33.15 66.20
C TYR E 443 -108.01 -32.01 66.61
N ILE E 444 -108.87 -31.55 65.71
CA ILE E 444 -109.79 -30.46 65.99
C ILE E 444 -110.69 -30.81 67.17
N MET F 1 -23.52 -102.84 71.86
CA MET F 1 -23.06 -103.55 73.09
C MET F 1 -22.16 -104.72 72.72
N PRO F 2 -21.06 -104.87 73.46
CA PRO F 2 -20.19 -106.03 73.26
C PRO F 2 -20.95 -107.34 73.43
N ARG F 3 -20.41 -108.39 72.79
CA ARG F 3 -20.95 -109.75 72.87
C ARG F 3 -19.78 -110.64 73.29
N GLU F 4 -19.50 -110.65 74.60
CA GLU F 4 -18.32 -111.29 75.13
C GLU F 4 -18.36 -112.80 75.00
N ILE F 5 -17.19 -113.38 74.74
CA ILE F 5 -17.04 -114.83 74.64
C ILE F 5 -15.94 -115.24 75.60
N ILE F 6 -16.25 -116.19 76.48
CA ILE F 6 -15.28 -116.73 77.41
C ILE F 6 -14.66 -117.98 76.81
N THR F 7 -13.33 -118.01 76.72
CA THR F 7 -12.62 -119.18 76.21
C THR F 7 -12.19 -120.08 77.35
N LEU F 8 -12.70 -121.31 77.36
CA LEU F 8 -12.37 -122.31 78.37
C LEU F 8 -11.40 -123.31 77.73
N GLN F 9 -10.17 -123.36 78.23
CA GLN F 9 -9.14 -124.24 77.67
C GLN F 9 -8.99 -125.44 78.60
N LEU F 10 -9.33 -126.63 78.09
CA LEU F 10 -9.44 -127.84 78.89
C LEU F 10 -8.38 -128.86 78.49
N GLY F 11 -7.59 -129.31 79.47
CA GLY F 11 -6.57 -130.31 79.26
C GLY F 11 -5.42 -129.82 78.40
N GLN F 12 -4.48 -130.71 78.13
CA GLN F 12 -3.28 -130.33 77.38
C GLN F 12 -3.65 -129.70 76.04
N CYS F 13 -4.48 -130.41 75.25
CA CYS F 13 -4.81 -129.92 73.91
C CYS F 13 -5.62 -128.64 73.99
N GLY F 14 -6.63 -128.61 74.86
CA GLY F 14 -7.44 -127.40 75.01
C GLY F 14 -6.60 -126.20 75.42
N ASN F 15 -5.67 -126.39 76.36
CA ASN F 15 -4.81 -125.30 76.80
C ASN F 15 -3.88 -124.84 75.69
N GLN F 16 -3.36 -125.77 74.89
CA GLN F 16 -2.47 -125.36 73.80
C GLN F 16 -3.24 -124.61 72.72
N ILE F 17 -4.47 -125.05 72.43
CA ILE F 17 -5.29 -124.36 71.43
C ILE F 17 -5.71 -123.00 71.96
N GLY F 18 -6.05 -122.91 73.24
CA GLY F 18 -6.37 -121.62 73.82
C GLY F 18 -5.19 -120.66 73.81
N PHE F 19 -4.00 -121.16 74.12
CA PHE F 19 -2.80 -120.33 74.04
C PHE F 19 -2.58 -119.80 72.63
N GLU F 20 -2.68 -120.68 71.62
CA GLU F 20 -2.50 -120.20 70.26
C GLU F 20 -3.63 -119.27 69.81
N PHE F 21 -4.85 -119.49 70.32
CA PHE F 21 -5.96 -118.58 70.04
C PHE F 21 -5.68 -117.20 70.60
N TRP F 22 -5.22 -117.14 71.86
CA TRP F 22 -4.93 -115.85 72.49
C TRP F 22 -3.76 -115.16 71.80
N LYS F 23 -2.73 -115.91 71.40
CA LYS F 23 -1.65 -115.32 70.61
C LYS F 23 -2.18 -114.73 69.30
N GLN F 24 -3.05 -115.46 68.60
CA GLN F 24 -3.61 -114.94 67.36
C GLN F 24 -4.46 -113.70 67.60
N LEU F 25 -5.26 -113.70 68.67
CA LEU F 25 -6.07 -112.53 68.99
C LEU F 25 -5.18 -111.33 69.31
N CYS F 26 -4.14 -111.54 70.12
CA CYS F 26 -3.18 -110.48 70.40
C CYS F 26 -2.59 -109.91 69.11
N ALA F 27 -2.16 -110.78 68.20
CA ALA F 27 -1.57 -110.30 66.95
C ALA F 27 -2.60 -109.56 66.10
N GLU F 28 -3.86 -110.02 66.10
CA GLU F 28 -4.89 -109.34 65.31
C GLU F 28 -5.27 -108.00 65.92
N HIS F 29 -5.16 -107.86 67.24
CA HIS F 29 -5.56 -106.65 67.95
C HIS F 29 -4.40 -105.71 68.21
N GLY F 30 -3.18 -106.09 67.85
CA GLY F 30 -2.03 -105.25 68.12
C GLY F 30 -1.71 -105.09 69.59
N ILE F 31 -1.79 -106.18 70.36
CA ILE F 31 -1.45 -106.19 71.77
C ILE F 31 -0.11 -106.92 71.92
N SER F 32 0.82 -106.31 72.65
CA SER F 32 2.12 -106.91 72.85
C SER F 32 2.02 -108.17 73.72
N PRO F 33 3.06 -109.02 73.69
CA PRO F 33 3.06 -110.18 74.58
C PRO F 33 3.01 -109.82 76.06
N GLU F 34 3.31 -108.58 76.41
CA GLU F 34 3.23 -108.11 77.79
C GLU F 34 1.87 -107.51 78.13
N GLY F 35 0.94 -107.50 77.19
CA GLY F 35 -0.38 -106.94 77.43
C GLY F 35 -0.53 -105.47 77.12
N ILE F 36 0.50 -104.84 76.55
CA ILE F 36 0.47 -103.41 76.27
C ILE F 36 -0.13 -103.20 74.89
N VAL F 37 -1.01 -102.20 74.77
CA VAL F 37 -1.58 -101.86 73.47
C VAL F 37 -0.48 -101.30 72.58
N GLU F 38 -0.36 -101.85 71.38
CA GLU F 38 0.63 -101.35 70.44
C GLU F 38 0.24 -99.96 69.94
N GLU F 39 1.26 -99.13 69.72
CA GLU F 39 1.04 -97.76 69.27
C GLU F 39 0.23 -97.72 67.97
N PHE F 40 0.47 -98.69 67.08
CA PHE F 40 -0.24 -98.71 65.82
C PHE F 40 -1.70 -99.09 65.94
N ALA F 41 -2.15 -99.56 67.12
CA ALA F 41 -3.51 -100.04 67.29
C ALA F 41 -4.33 -99.16 68.21
N THR F 42 -3.78 -98.01 68.63
CA THR F 42 -4.52 -97.13 69.53
C THR F 42 -5.73 -96.49 68.86
N GLU F 43 -5.63 -96.22 67.56
CA GLU F 43 -6.69 -95.55 66.81
C GLU F 43 -7.53 -96.51 65.98
N GLY F 44 -7.57 -97.79 66.35
CA GLY F 44 -8.33 -98.75 65.57
C GLY F 44 -9.82 -98.46 65.59
N THR F 45 -10.47 -98.77 64.47
CA THR F 45 -11.93 -98.68 64.38
C THR F 45 -12.60 -99.98 64.78
N ASP F 46 -11.83 -100.96 65.23
CA ASP F 46 -12.35 -102.26 65.62
C ASP F 46 -12.93 -102.19 67.02
N ARG F 47 -13.99 -102.99 67.24
CA ARG F 47 -14.57 -103.13 68.57
C ARG F 47 -13.87 -104.31 69.24
N LYS F 48 -12.92 -103.99 70.12
CA LYS F 48 -12.17 -105.03 70.83
C LYS F 48 -12.95 -105.64 71.98
N ASP F 49 -13.86 -104.88 72.59
CA ASP F 49 -14.58 -105.35 73.78
C ASP F 49 -15.34 -106.64 73.53
N VAL F 50 -15.67 -106.95 72.27
CA VAL F 50 -16.36 -108.20 71.95
C VAL F 50 -15.51 -109.41 72.35
N PHE F 51 -14.22 -109.40 72.04
CA PHE F 51 -13.37 -110.57 72.26
C PHE F 51 -12.33 -110.39 73.35
N PHE F 52 -11.99 -109.15 73.69
CA PHE F 52 -11.05 -108.80 74.74
C PHE F 52 -11.80 -108.13 75.88
N TYR F 53 -11.28 -108.30 77.09
CA TYR F 53 -11.65 -107.43 78.20
C TYR F 53 -10.59 -106.33 78.34
N GLN F 54 -11.04 -105.17 78.81
CA GLN F 54 -10.16 -104.02 79.02
C GLN F 54 -9.70 -103.98 80.48
N ALA F 55 -8.39 -104.10 80.66
CA ALA F 55 -7.76 -103.94 81.96
C ALA F 55 -7.63 -102.47 82.31
N ASP F 56 -7.31 -102.20 83.59
CA ASP F 56 -7.20 -100.83 84.06
C ASP F 56 -6.14 -100.03 83.32
N ASP F 57 -5.21 -100.72 82.63
CA ASP F 57 -4.15 -100.07 81.88
C ASP F 57 -4.48 -99.94 80.40
N GLU F 58 -5.76 -99.96 80.04
CA GLU F 58 -6.20 -99.95 78.64
C GLU F 58 -5.70 -101.15 77.87
N HIS F 59 -5.26 -102.19 78.56
CA HIS F 59 -4.87 -103.44 77.93
C HIS F 59 -6.11 -104.27 77.59
N TYR F 60 -6.12 -104.82 76.38
CA TYR F 60 -7.17 -105.75 75.99
C TYR F 60 -6.70 -107.17 76.32
N ILE F 61 -7.39 -107.79 77.26
CA ILE F 61 -7.02 -109.11 77.80
C ILE F 61 -8.08 -110.11 77.35
N PRO F 62 -7.69 -111.24 76.77
CA PRO F 62 -8.70 -112.26 76.46
C PRO F 62 -9.42 -112.70 77.72
N ARG F 63 -10.74 -112.83 77.60
CA ARG F 63 -11.55 -113.52 78.60
C ARG F 63 -11.36 -115.02 78.56
N ALA F 64 -10.17 -115.51 78.88
CA ALA F 64 -9.86 -116.94 78.73
C ALA F 64 -9.40 -117.50 80.07
N VAL F 65 -9.99 -118.64 80.43
CA VAL F 65 -9.62 -119.39 81.63
C VAL F 65 -8.98 -120.70 81.18
N LEU F 66 -7.76 -120.94 81.65
CA LEU F 66 -6.99 -122.13 81.29
C LEU F 66 -7.05 -123.09 82.48
N LEU F 67 -7.68 -124.24 82.29
CA LEU F 67 -7.84 -125.25 83.32
C LEU F 67 -7.15 -126.52 82.85
N ASP F 68 -6.20 -127.01 83.63
CA ASP F 68 -5.56 -128.29 83.38
C ASP F 68 -5.39 -129.05 84.69
N LEU F 69 -5.52 -130.37 84.59
CA LEU F 69 -5.28 -131.27 85.70
C LEU F 69 -3.82 -131.71 85.79
N GLU F 70 -2.99 -131.31 84.83
CA GLU F 70 -1.57 -131.62 84.84
C GLU F 70 -0.77 -130.31 84.81
N PRO F 71 0.29 -130.22 85.63
CA PRO F 71 0.99 -128.92 85.75
C PRO F 71 1.78 -128.52 84.53
N ARG F 72 2.15 -129.45 83.66
CA ARG F 72 3.12 -129.15 82.61
C ARG F 72 2.62 -128.01 81.71
N VAL F 73 1.37 -128.09 81.30
CA VAL F 73 0.84 -127.13 80.32
C VAL F 73 0.55 -125.80 80.96
N ILE F 74 -0.04 -125.80 82.15
CA ILE F 74 -0.28 -124.55 82.87
C ILE F 74 1.04 -123.83 83.12
N HIS F 75 2.06 -124.56 83.59
CA HIS F 75 3.38 -123.96 83.78
C HIS F 75 3.97 -123.46 82.46
N SER F 76 3.72 -124.16 81.35
CA SER F 76 4.20 -123.68 80.06
C SER F 76 3.52 -122.38 79.67
N ILE F 77 2.24 -122.23 79.99
CA ILE F 77 1.52 -121.00 79.71
C ILE F 77 2.06 -119.87 80.58
N LEU F 78 2.25 -120.13 81.87
CA LEU F 78 2.80 -119.11 82.75
C LEU F 78 4.26 -118.79 82.43
N ASN F 79 4.93 -119.68 81.69
CA ASN F 79 6.28 -119.43 81.19
C ASN F 79 6.30 -118.95 79.74
N SER F 80 5.15 -118.71 79.14
CA SER F 80 5.08 -118.27 77.75
C SER F 80 5.26 -116.77 77.66
N PRO F 81 5.53 -116.26 76.46
CA PRO F 81 5.58 -114.79 76.29
C PRO F 81 4.28 -114.09 76.65
N TYR F 82 3.15 -114.80 76.68
CA TYR F 82 1.86 -114.21 76.99
C TYR F 82 1.49 -114.39 78.46
N ALA F 83 2.44 -114.84 79.30
CA ALA F 83 2.12 -115.06 80.70
C ALA F 83 1.63 -113.78 81.38
N LYS F 84 2.21 -112.64 81.00
CA LYS F 84 1.79 -111.38 81.59
C LYS F 84 0.53 -110.82 80.93
N LEU F 85 0.11 -111.38 79.79
CA LEU F 85 -1.09 -110.90 79.13
C LEU F 85 -2.34 -111.27 79.92
N TYR F 86 -2.38 -112.48 80.46
CA TYR F 86 -3.58 -112.99 81.11
C TYR F 86 -3.66 -112.50 82.55
N ASN F 87 -4.88 -112.25 83.00
CA ASN F 87 -5.13 -112.01 84.41
C ASN F 87 -4.82 -113.27 85.21
N PRO F 88 -3.88 -113.21 86.17
CA PRO F 88 -3.60 -114.43 86.95
C PRO F 88 -4.80 -114.97 87.70
N GLU F 89 -5.75 -114.12 88.08
CA GLU F 89 -6.94 -114.59 88.78
C GLU F 89 -7.87 -115.41 87.88
N ASN F 90 -7.66 -115.37 86.57
CA ASN F 90 -8.46 -116.15 85.63
C ASN F 90 -7.80 -117.48 85.27
N ILE F 91 -6.71 -117.84 85.94
CA ILE F 91 -6.00 -119.09 85.69
C ILE F 91 -6.26 -120.04 86.86
N TYR F 92 -6.97 -121.12 86.60
CA TYR F 92 -7.11 -122.23 87.53
C TYR F 92 -6.19 -123.35 87.09
N LEU F 93 -5.38 -123.86 88.03
CA LEU F 93 -4.54 -125.03 87.79
C LEU F 93 -4.77 -126.03 88.92
N SER F 94 -5.16 -127.25 88.57
CA SER F 94 -5.37 -128.29 89.56
C SER F 94 -4.04 -128.60 90.26
N GLU F 95 -4.05 -128.49 91.59
CA GLU F 95 -2.88 -128.92 92.36
C GLU F 95 -2.68 -130.43 92.30
N HIS F 96 -3.74 -131.19 92.06
CA HIS F 96 -3.65 -132.64 91.91
C HIS F 96 -3.12 -132.97 90.52
N GLY F 97 -1.79 -133.01 90.40
CA GLY F 97 -1.12 -133.26 89.14
C GLY F 97 -1.27 -134.67 88.59
N GLY F 98 -2.36 -135.37 88.95
CA GLY F 98 -2.59 -136.71 88.45
C GLY F 98 -3.31 -136.78 87.12
N GLY F 99 -3.88 -135.67 86.65
CA GLY F 99 -4.64 -135.68 85.43
C GLY F 99 -5.83 -136.63 85.46
N ALA F 100 -6.44 -136.75 84.28
CA ALA F 100 -7.50 -137.72 84.04
C ALA F 100 -6.98 -139.07 83.55
N GLY F 101 -5.67 -139.20 83.33
CA GLY F 101 -5.11 -140.48 82.94
C GLY F 101 -5.71 -141.04 81.68
N ASN F 102 -6.00 -140.18 80.70
CA ASN F 102 -6.67 -140.57 79.46
C ASN F 102 -8.03 -141.22 79.73
N ASN F 103 -8.64 -140.95 80.87
CA ASN F 103 -9.95 -141.50 81.22
C ASN F 103 -10.99 -140.38 81.22
N TRP F 104 -11.99 -140.51 80.35
CA TRP F 104 -13.07 -139.53 80.32
C TRP F 104 -13.76 -139.47 81.67
N ALA F 105 -14.02 -140.62 82.28
CA ALA F 105 -14.73 -140.64 83.55
C ALA F 105 -13.92 -139.94 84.64
N SER F 106 -12.60 -140.14 84.63
CA SER F 106 -11.74 -139.47 85.60
C SER F 106 -11.73 -137.96 85.37
N GLY F 107 -11.67 -137.54 84.10
CA GLY F 107 -11.74 -136.12 83.82
C GLY F 107 -13.06 -135.51 84.26
N PHE F 108 -14.16 -136.24 84.08
CA PHE F 108 -15.47 -135.76 84.54
C PHE F 108 -15.51 -135.64 86.05
N SER F 109 -15.06 -136.68 86.75
CA SER F 109 -15.01 -136.62 88.22
C SER F 109 -14.13 -135.48 88.70
N GLN F 110 -13.04 -135.19 87.99
CA GLN F 110 -12.20 -134.05 88.36
C GLN F 110 -12.93 -132.73 88.14
N GLY F 111 -13.63 -132.60 87.02
CA GLY F 111 -14.47 -131.42 86.82
C GLY F 111 -15.49 -131.25 87.92
N GLU F 112 -16.09 -132.36 88.37
CA GLU F 112 -17.02 -132.31 89.50
C GLU F 112 -16.31 -131.88 90.78
N LYS F 113 -15.06 -132.34 90.98
CA LYS F 113 -14.34 -131.99 92.20
C LYS F 113 -13.94 -130.52 92.19
N ILE F 114 -13.69 -129.96 91.02
CA ILE F 114 -13.27 -128.57 90.90
C ILE F 114 -14.43 -127.70 90.41
N HIS F 115 -15.67 -128.18 90.56
CA HIS F 115 -16.84 -127.45 90.08
C HIS F 115 -16.89 -126.04 90.66
N GLU F 116 -16.74 -125.91 91.98
CA GLU F 116 -16.87 -124.60 92.62
C GLU F 116 -15.87 -123.60 92.07
N ASP F 117 -14.59 -123.98 91.99
CA ASP F 117 -13.59 -123.06 91.45
C ASP F 117 -13.93 -122.65 90.02
N ILE F 118 -14.37 -123.61 89.20
CA ILE F 118 -14.65 -123.33 87.81
C ILE F 118 -15.87 -122.42 87.68
N PHE F 119 -16.93 -122.70 88.44
CA PHE F 119 -18.13 -121.89 88.31
C PHE F 119 -17.94 -120.51 88.94
N ASP F 120 -17.08 -120.42 89.96
CA ASP F 120 -16.67 -119.12 90.48
C ASP F 120 -15.95 -118.30 89.42
N ILE F 121 -15.08 -118.94 88.65
CA ILE F 121 -14.37 -118.22 87.58
C ILE F 121 -15.36 -117.79 86.50
N ILE F 122 -16.23 -118.71 86.07
CA ILE F 122 -17.16 -118.41 85.00
C ILE F 122 -18.11 -117.27 85.42
N ASP F 123 -18.60 -117.31 86.66
CA ASP F 123 -19.49 -116.26 87.13
C ASP F 123 -18.76 -114.93 87.28
N ARG F 124 -17.52 -114.96 87.77
CA ARG F 124 -16.72 -113.73 87.82
C ARG F 124 -16.57 -113.11 86.45
N GLU F 125 -16.28 -113.92 85.43
CA GLU F 125 -16.13 -113.38 84.08
C GLU F 125 -17.46 -112.90 83.50
N ALA F 126 -18.55 -113.59 83.82
CA ALA F 126 -19.84 -113.16 83.32
C ALA F 126 -20.27 -111.84 83.94
N ASP F 127 -20.09 -111.69 85.26
CA ASP F 127 -20.41 -110.42 85.88
C ASP F 127 -19.44 -109.32 85.46
N GLY F 128 -18.19 -109.65 85.17
CA GLY F 128 -17.30 -108.67 84.59
C GLY F 128 -17.48 -108.43 83.12
N SER F 129 -18.46 -109.08 82.50
CA SER F 129 -18.78 -108.86 81.09
C SER F 129 -20.10 -108.10 81.00
N ASP F 130 -20.11 -107.02 80.22
CA ASP F 130 -21.31 -106.20 80.10
C ASP F 130 -22.42 -106.94 79.37
N SER F 131 -22.09 -107.67 78.32
CA SER F 131 -23.07 -108.42 77.54
C SER F 131 -22.44 -109.73 77.03
N LEU F 132 -22.01 -110.57 77.97
CA LEU F 132 -21.48 -111.88 77.62
C LEU F 132 -22.37 -112.59 76.59
N GLU F 133 -21.78 -112.89 75.43
CA GLU F 133 -22.50 -113.58 74.37
C GLU F 133 -22.50 -115.08 74.59
N GLY F 134 -21.38 -115.66 75.01
CA GLY F 134 -21.34 -117.09 75.21
C GLY F 134 -19.95 -117.59 75.55
N PHE F 135 -19.84 -118.91 75.59
CA PHE F 135 -18.59 -119.59 75.89
C PHE F 135 -18.09 -120.37 74.68
N VAL F 136 -16.78 -120.31 74.46
CA VAL F 136 -16.10 -121.16 73.49
C VAL F 136 -15.22 -122.13 74.28
N LEU F 137 -15.53 -123.42 74.19
CA LEU F 137 -14.78 -124.46 74.89
C LEU F 137 -13.74 -125.02 73.92
N CYS F 138 -12.47 -124.91 74.25
CA CYS F 138 -11.39 -125.49 73.47
C CYS F 138 -10.87 -126.71 74.21
N HIS F 139 -11.08 -127.89 73.62
CA HIS F 139 -10.76 -129.14 74.30
C HIS F 139 -10.46 -130.20 73.25
N SER F 140 -9.89 -131.31 73.70
CA SER F 140 -9.69 -132.48 72.85
C SER F 140 -10.66 -133.59 73.23
N ILE F 141 -11.20 -134.26 72.20
CA ILE F 141 -12.12 -135.38 72.40
C ILE F 141 -11.40 -136.67 72.76
N ALA F 142 -10.08 -136.74 72.60
CA ALA F 142 -9.36 -138.00 72.73
C ALA F 142 -8.65 -138.15 74.07
N GLY F 143 -8.33 -137.06 74.74
CA GLY F 143 -7.63 -137.14 76.01
C GLY F 143 -8.57 -137.62 77.11
N GLY F 144 -8.07 -137.52 78.34
CA GLY F 144 -8.91 -137.74 79.49
C GLY F 144 -9.54 -136.46 80.00
N THR F 145 -8.69 -135.47 80.27
CA THR F 145 -9.16 -134.20 80.82
C THR F 145 -10.06 -133.47 79.83
N GLY F 146 -9.55 -133.25 78.62
CA GLY F 146 -10.30 -132.48 77.63
C GLY F 146 -11.64 -133.08 77.28
N SER F 147 -11.80 -134.40 77.43
CA SER F 147 -13.07 -135.05 77.14
C SER F 147 -14.02 -134.99 78.33
N GLY F 148 -13.62 -135.56 79.46
CA GLY F 148 -14.49 -135.64 80.61
C GLY F 148 -14.74 -134.30 81.28
N LEU F 149 -13.67 -133.65 81.71
CA LEU F 149 -13.80 -132.32 82.31
C LEU F 149 -14.35 -131.32 81.31
N GLY F 150 -14.00 -131.45 80.03
CA GLY F 150 -14.59 -130.59 79.02
C GLY F 150 -16.08 -130.77 78.90
N SER F 151 -16.55 -132.01 78.93
CA SER F 151 -18.00 -132.27 78.92
C SER F 151 -18.67 -131.72 80.16
N TYR F 152 -18.04 -131.89 81.33
CA TYR F 152 -18.58 -131.33 82.56
C TYR F 152 -18.72 -129.82 82.46
N LEU F 153 -17.67 -129.15 81.99
CA LEU F 153 -17.72 -127.69 81.86
C LEU F 153 -18.75 -127.24 80.83
N LEU F 154 -18.87 -127.99 79.72
CA LEU F 154 -19.92 -127.68 78.74
C LEU F 154 -21.30 -127.79 79.36
N GLU F 155 -21.54 -128.85 80.12
CA GLU F 155 -22.82 -129.01 80.81
C GLU F 155 -23.07 -127.85 81.76
N ARG F 156 -22.08 -127.50 82.57
CA ARG F 156 -22.30 -126.48 83.58
C ARG F 156 -22.47 -125.10 82.95
N LEU F 157 -21.77 -124.81 81.86
CA LEU F 157 -21.99 -123.55 81.14
C LEU F 157 -23.37 -123.52 80.49
N ASN F 158 -23.82 -124.64 79.94
CA ASN F 158 -25.16 -124.68 79.35
C ASN F 158 -26.23 -124.47 80.41
N ASP F 159 -26.02 -125.00 81.60
CA ASP F 159 -26.99 -124.82 82.68
C ASP F 159 -26.96 -123.39 83.22
N ARG F 160 -25.77 -122.83 83.41
CA ARG F 160 -25.65 -121.52 84.05
C ARG F 160 -25.99 -120.38 83.11
N TYR F 161 -25.72 -120.53 81.81
CA TYR F 161 -25.89 -119.46 80.83
C TYR F 161 -26.84 -119.91 79.73
N PRO F 162 -28.07 -120.29 80.08
CA PRO F 162 -28.97 -120.90 79.09
C PRO F 162 -29.35 -119.96 77.95
N LYS F 163 -28.96 -118.70 78.02
CA LYS F 163 -29.24 -117.71 76.99
C LYS F 163 -27.99 -117.37 76.18
N LYS F 164 -26.85 -117.99 76.49
CA LYS F 164 -25.58 -117.70 75.84
C LYS F 164 -25.25 -118.83 74.86
N LEU F 165 -24.62 -118.44 73.76
CA LEU F 165 -24.18 -119.44 72.78
C LEU F 165 -23.01 -120.24 73.31
N VAL F 166 -22.98 -121.53 72.98
CA VAL F 166 -21.86 -122.41 73.32
C VAL F 166 -21.26 -122.95 72.03
N GLN F 167 -20.08 -122.42 71.66
CA GLN F 167 -19.28 -122.96 70.59
C GLN F 167 -18.14 -123.80 71.17
N THR F 168 -17.81 -124.90 70.50
CA THR F 168 -16.70 -125.73 70.93
C THR F 168 -15.69 -125.85 69.79
N TYR F 169 -14.42 -125.90 70.15
CA TYR F 169 -13.33 -126.38 69.31
C TYR F 169 -12.96 -127.74 69.87
N SER F 170 -13.55 -128.79 69.30
CA SER F 170 -13.42 -130.15 69.82
C SER F 170 -12.41 -130.89 68.97
N VAL F 171 -11.32 -131.34 69.57
CA VAL F 171 -10.30 -132.08 68.84
C VAL F 171 -10.71 -133.54 68.76
N PHE F 172 -10.95 -134.02 67.54
CA PHE F 172 -11.32 -135.41 67.30
C PHE F 172 -10.07 -136.26 67.18
N PRO F 173 -10.07 -137.47 67.73
CA PRO F 173 -8.86 -138.29 67.66
C PRO F 173 -8.58 -138.74 66.24
N ASN F 174 -7.33 -139.11 66.00
CA ASN F 174 -6.96 -139.68 64.71
C ASN F 174 -7.63 -141.04 64.56
N GLN F 175 -8.37 -141.21 63.46
CA GLN F 175 -9.05 -142.48 63.22
C GLN F 175 -8.13 -143.49 62.54
N ASP F 176 -7.08 -143.04 61.86
CA ASP F 176 -6.28 -143.92 61.02
C ASP F 176 -5.09 -144.51 61.77
N GLU F 177 -4.65 -143.89 62.86
CA GLU F 177 -3.54 -144.39 63.65
C GLU F 177 -4.07 -145.07 64.92
N MET F 178 -3.41 -146.16 65.31
CA MET F 178 -3.66 -146.77 66.61
C MET F 178 -3.35 -145.78 67.73
N SER F 179 -4.38 -145.29 68.41
CA SER F 179 -4.19 -144.41 69.55
C SER F 179 -3.40 -145.13 70.64
N ASP F 180 -2.35 -144.46 71.14
CA ASP F 180 -1.65 -144.97 72.32
C ASP F 180 -2.57 -145.04 73.53
N VAL F 181 -3.69 -144.33 73.49
CA VAL F 181 -4.67 -144.31 74.57
C VAL F 181 -5.76 -145.31 74.18
N VAL F 182 -5.73 -146.49 74.79
CA VAL F 182 -6.67 -147.54 74.43
C VAL F 182 -8.10 -147.10 74.68
N VAL F 183 -8.31 -146.11 75.56
CA VAL F 183 -9.65 -145.61 75.84
C VAL F 183 -10.01 -144.42 74.94
N GLN F 184 -9.13 -144.05 74.02
CA GLN F 184 -9.42 -142.92 73.14
C GLN F 184 -10.78 -143.04 72.45
N PRO F 185 -11.20 -144.20 71.96
CA PRO F 185 -12.53 -144.27 71.32
C PRO F 185 -13.64 -143.94 72.29
N TYR F 186 -13.49 -144.35 73.55
CA TYR F 186 -14.47 -144.01 74.57
C TYR F 186 -14.50 -142.51 74.82
N ASN F 187 -13.32 -141.91 74.99
CA ASN F 187 -13.26 -140.46 75.18
C ASN F 187 -13.90 -139.74 74.00
N SER F 188 -13.61 -140.18 72.78
CA SER F 188 -14.13 -139.52 71.60
C SER F 188 -15.65 -139.64 71.54
N LEU F 189 -16.19 -140.83 71.83
CA LEU F 189 -17.63 -141.01 71.81
C LEU F 189 -18.31 -140.18 72.88
N LEU F 190 -17.75 -140.17 74.10
CA LEU F 190 -18.32 -139.35 75.17
C LEU F 190 -18.28 -137.87 74.81
N THR F 191 -17.20 -137.40 74.18
CA THR F 191 -17.13 -136.00 73.77
C THR F 191 -18.13 -135.69 72.68
N LEU F 192 -18.30 -136.59 71.71
CA LEU F 192 -19.33 -136.38 70.69
C LEU F 192 -20.74 -136.35 71.30
N LYS F 193 -20.99 -137.22 72.27
CA LYS F 193 -22.24 -137.19 73.02
C LYS F 193 -22.45 -135.83 73.68
N ARG F 194 -21.41 -135.31 74.32
CA ARG F 194 -21.56 -134.03 75.03
C ARG F 194 -21.74 -132.87 74.05
N LEU F 195 -21.05 -132.91 72.92
CA LEU F 195 -21.30 -131.94 71.86
C LEU F 195 -22.75 -132.01 71.38
N THR F 196 -23.28 -133.21 71.21
CA THR F 196 -24.65 -133.37 70.73
C THR F 196 -25.69 -132.91 71.74
N GLN F 197 -25.43 -133.10 73.04
CA GLN F 197 -26.47 -132.89 74.05
C GLN F 197 -26.35 -131.56 74.79
N ASN F 198 -25.13 -131.03 74.94
CA ASN F 198 -24.89 -129.90 75.83
C ASN F 198 -24.14 -128.75 75.16
N ALA F 199 -23.81 -128.87 73.87
CA ALA F 199 -23.18 -127.80 73.10
C ALA F 199 -24.13 -127.32 72.01
N ASP F 200 -24.11 -126.01 71.74
CA ASP F 200 -24.89 -125.47 70.65
C ASP F 200 -24.20 -125.63 69.30
N CYS F 201 -22.86 -125.68 69.28
CA CYS F 201 -22.14 -125.83 68.03
C CYS F 201 -20.78 -126.45 68.34
N VAL F 202 -20.44 -127.54 67.66
CA VAL F 202 -19.14 -128.20 67.84
C VAL F 202 -18.38 -128.14 66.52
N VAL F 203 -17.30 -127.36 66.49
CA VAL F 203 -16.37 -127.33 65.38
C VAL F 203 -15.33 -128.43 65.59
N VAL F 204 -15.36 -129.46 64.74
CA VAL F 204 -14.45 -130.59 64.86
C VAL F 204 -13.11 -130.21 64.27
N LEU F 205 -12.05 -130.30 65.07
CA LEU F 205 -10.68 -130.06 64.66
C LEU F 205 -9.95 -131.41 64.72
N ASP F 206 -9.80 -132.06 63.57
CA ASP F 206 -9.20 -133.38 63.51
C ASP F 206 -7.70 -133.23 63.34
N ASN F 207 -6.93 -133.63 64.37
CA ASN F 207 -5.48 -133.56 64.28
C ASN F 207 -4.95 -134.43 63.16
N THR F 208 -5.63 -135.55 62.87
CA THR F 208 -5.19 -136.40 61.76
C THR F 208 -5.27 -135.64 60.45
N ALA F 209 -6.39 -134.96 60.21
CA ALA F 209 -6.56 -134.20 58.98
C ALA F 209 -5.61 -133.02 58.93
N LEU F 210 -5.38 -132.36 60.07
CA LEU F 210 -4.45 -131.25 60.10
C LEU F 210 -3.03 -131.71 59.76
N ASN F 211 -2.61 -132.84 60.32
CA ASN F 211 -1.32 -133.42 59.97
C ASN F 211 -1.26 -133.75 58.48
N ARG F 212 -2.30 -134.41 57.97
CA ARG F 212 -2.35 -134.71 56.53
C ARG F 212 -2.19 -133.45 55.69
N ILE F 213 -2.89 -132.37 56.06
CA ILE F 213 -2.78 -131.12 55.31
C ILE F 213 -1.36 -130.56 55.41
N ALA F 214 -0.77 -130.57 56.60
CA ALA F 214 0.58 -130.06 56.77
C ALA F 214 1.58 -130.83 55.94
N THR F 215 1.42 -132.16 55.86
CA THR F 215 2.35 -132.97 55.08
C THR F 215 2.14 -132.76 53.58
N ASP F 216 0.90 -132.86 53.12
CA ASP F 216 0.66 -132.86 51.67
C ASP F 216 0.83 -131.47 51.07
N ARG F 217 0.52 -130.41 51.80
CA ARG F 217 0.48 -129.07 51.24
C ARG F 217 1.57 -128.16 51.76
N LEU F 218 1.93 -128.25 53.03
CA LEU F 218 3.04 -127.49 53.59
C LEU F 218 4.37 -128.24 53.53
N HIS F 219 4.36 -129.51 53.15
CA HIS F 219 5.58 -130.32 53.06
C HIS F 219 6.31 -130.36 54.41
N ILE F 220 5.56 -130.35 55.50
CA ILE F 220 6.12 -130.45 56.84
C ILE F 220 6.24 -131.92 57.20
N GLN F 221 7.47 -132.41 57.24
CA GLN F 221 7.73 -133.77 57.72
C GLN F 221 7.61 -133.82 59.24
N ASN F 222 6.68 -134.62 59.74
CA ASN F 222 6.44 -134.70 61.18
C ASN F 222 6.05 -133.35 61.76
N PRO F 223 4.84 -132.87 61.52
CA PRO F 223 4.43 -131.57 62.07
C PRO F 223 4.50 -131.57 63.58
N SER F 224 5.14 -130.55 64.14
CA SER F 224 5.17 -130.37 65.58
C SER F 224 3.85 -129.77 66.11
N PHE F 225 3.65 -129.98 67.42
CA PHE F 225 2.51 -129.39 68.10
C PHE F 225 2.48 -127.88 67.93
N SER F 226 3.65 -127.24 67.87
CA SER F 226 3.66 -125.79 67.68
C SER F 226 3.01 -125.42 66.36
N GLN F 227 3.31 -126.18 65.30
CA GLN F 227 2.71 -125.91 64.00
C GLN F 227 1.23 -126.23 63.99
N ILE F 228 0.82 -127.28 64.72
CA ILE F 228 -0.60 -127.56 64.84
C ILE F 228 -1.33 -126.43 65.54
N ASN F 229 -0.75 -125.91 66.62
CA ASN F 229 -1.37 -124.79 67.32
C ASN F 229 -1.36 -123.52 66.49
N GLN F 230 -0.35 -123.32 65.63
CA GLN F 230 -0.38 -122.19 64.71
C GLN F 230 -1.51 -122.33 63.69
N LEU F 231 -1.75 -123.55 63.21
CA LEU F 231 -2.89 -123.76 62.31
C LEU F 231 -4.21 -123.51 63.04
N VAL F 232 -4.32 -123.97 64.28
CA VAL F 232 -5.52 -123.75 65.06
C VAL F 232 -5.77 -122.25 65.25
N SER F 233 -4.72 -121.50 65.61
CA SER F 233 -4.86 -120.06 65.78
C SER F 233 -5.24 -119.37 64.48
N THR F 234 -4.68 -119.81 63.35
CA THR F 234 -5.08 -119.27 62.06
C THR F 234 -6.57 -119.52 61.80
N ILE F 235 -7.04 -120.72 62.13
CA ILE F 235 -8.45 -121.04 61.92
C ILE F 235 -9.33 -120.17 62.80
N MET F 236 -8.96 -120.03 64.07
CA MET F 236 -9.74 -119.21 64.99
C MET F 236 -9.77 -117.75 64.55
N SER F 237 -8.65 -117.25 64.02
CA SER F 237 -8.64 -115.88 63.50
C SER F 237 -9.56 -115.74 62.30
N ALA F 238 -9.53 -116.71 61.38
CA ALA F 238 -10.40 -116.58 60.22
C ALA F 238 -11.86 -116.68 60.65
N SER F 239 -12.15 -117.50 61.65
CA SER F 239 -13.53 -117.62 62.12
C SER F 239 -13.98 -116.36 62.83
N THR F 240 -13.06 -115.62 63.45
CA THR F 240 -13.42 -114.41 64.18
C THR F 240 -13.26 -113.15 63.33
N THR F 241 -12.89 -113.28 62.06
CA THR F 241 -12.65 -112.08 61.27
C THR F 241 -13.92 -111.25 61.09
N THR F 242 -15.09 -111.90 60.99
CA THR F 242 -16.33 -111.14 60.87
C THR F 242 -16.70 -110.48 62.19
N LEU F 243 -16.18 -110.99 63.31
CA LEU F 243 -16.40 -110.34 64.60
C LEU F 243 -15.51 -109.12 64.69
N ARG F 244 -14.27 -109.25 64.21
CA ARG F 244 -13.26 -108.22 64.38
C ARG F 244 -13.45 -107.08 63.40
N TYR F 245 -14.08 -107.32 62.25
CA TYR F 245 -14.30 -106.26 61.28
C TYR F 245 -15.79 -105.93 61.17
N PRO F 246 -16.21 -104.73 61.58
CA PRO F 246 -17.64 -104.39 61.57
C PRO F 246 -18.21 -104.37 60.16
N GLY F 247 -19.25 -105.18 59.94
CA GLY F 247 -19.97 -105.18 58.69
C GLY F 247 -21.40 -104.68 58.83
N TYR F 248 -22.15 -104.86 57.75
CA TYR F 248 -23.55 -104.45 57.72
C TYR F 248 -24.51 -105.53 58.18
N MET F 249 -24.10 -106.80 58.13
CA MET F 249 -24.99 -107.91 58.43
C MET F 249 -24.22 -108.97 59.20
N ASN F 250 -24.93 -109.70 60.05
CA ASN F 250 -24.35 -110.79 60.83
C ASN F 250 -23.14 -110.28 61.63
N ASN F 251 -23.36 -109.19 62.35
CA ASN F 251 -22.33 -108.56 63.16
C ASN F 251 -22.25 -109.12 64.58
N ASP F 252 -23.04 -110.15 64.89
CA ASP F 252 -23.06 -110.73 66.23
C ASP F 252 -23.02 -112.26 66.14
N LEU F 253 -22.59 -112.87 67.24
CA LEU F 253 -22.47 -114.32 67.27
C LEU F 253 -23.83 -115.00 67.15
N ILE F 254 -24.88 -114.39 67.70
CA ILE F 254 -26.22 -114.94 67.50
C ILE F 254 -26.51 -115.06 66.01
N GLY F 255 -26.24 -113.98 65.26
CA GLY F 255 -26.46 -114.01 63.82
C GLY F 255 -25.58 -115.03 63.12
N LEU F 256 -24.34 -115.18 63.59
CA LEU F 256 -23.46 -116.21 63.04
C LEU F 256 -24.07 -117.59 63.22
N ILE F 257 -24.52 -117.89 64.43
CA ILE F 257 -25.11 -119.20 64.71
C ILE F 257 -26.35 -119.40 63.85
N ALA F 258 -27.22 -118.40 63.80
CA ALA F 258 -28.42 -118.52 62.98
C ALA F 258 -28.10 -118.74 61.50
N SER F 259 -26.97 -118.20 61.04
CA SER F 259 -26.53 -118.45 59.66
C SER F 259 -25.89 -119.83 59.48
N LEU F 260 -25.34 -120.41 60.55
CA LEU F 260 -24.56 -121.63 60.43
C LEU F 260 -25.34 -122.90 60.78
N ILE F 261 -26.37 -122.79 61.61
CA ILE F 261 -27.05 -123.96 62.18
C ILE F 261 -28.54 -123.89 61.85
N PRO F 262 -28.95 -124.28 60.64
CA PRO F 262 -30.39 -124.33 60.34
C PRO F 262 -31.11 -125.49 61.00
N THR F 263 -30.40 -126.52 61.45
CA THR F 263 -30.99 -127.69 62.09
C THR F 263 -30.43 -127.85 63.49
N PRO F 264 -31.24 -127.71 64.55
CA PRO F 264 -30.67 -127.60 65.90
C PRO F 264 -29.78 -128.79 66.27
N ARG F 265 -30.13 -130.00 65.84
CA ARG F 265 -29.28 -131.14 66.13
C ARG F 265 -28.10 -131.21 65.17
N LEU F 266 -28.28 -130.70 63.96
CA LEU F 266 -27.24 -130.70 62.94
C LEU F 266 -26.49 -129.36 62.96
N HIS F 267 -25.91 -129.05 64.12
CA HIS F 267 -25.31 -127.74 64.35
C HIS F 267 -23.78 -127.81 64.35
N PHE F 268 -23.21 -128.90 63.87
CA PHE F 268 -21.77 -129.06 63.78
C PHE F 268 -21.28 -128.46 62.46
N LEU F 269 -20.45 -127.43 62.56
CA LEU F 269 -19.96 -126.72 61.39
C LEU F 269 -18.52 -127.18 61.11
N MET F 270 -18.24 -127.49 59.85
CA MET F 270 -16.88 -127.72 59.40
C MET F 270 -16.23 -126.42 58.92
N THR F 271 -14.92 -126.34 59.10
CA THR F 271 -14.12 -125.20 58.68
C THR F 271 -13.27 -125.57 57.47
N GLY F 272 -12.98 -124.58 56.64
CA GLY F 272 -12.02 -124.74 55.56
C GLY F 272 -11.17 -123.50 55.36
N TYR F 273 -9.89 -123.69 55.01
CA TYR F 273 -8.94 -122.58 54.93
C TYR F 273 -8.22 -122.62 53.59
N THR F 274 -7.92 -121.43 53.08
CA THR F 274 -7.14 -121.23 51.86
C THR F 274 -6.44 -119.88 51.98
N PRO F 275 -5.20 -119.74 51.49
CA PRO F 275 -4.33 -120.70 50.80
C PRO F 275 -3.68 -121.73 51.72
N LEU F 276 -3.45 -122.94 51.21
CA LEU F 276 -2.65 -123.96 51.88
C LEU F 276 -1.34 -124.10 51.11
N THR F 277 -0.36 -123.27 51.45
CA THR F 277 0.92 -123.25 50.74
C THR F 277 2.03 -122.96 51.73
N THR F 278 3.18 -123.61 51.51
CA THR F 278 4.39 -123.32 52.28
C THR F 278 4.95 -121.95 51.91
N ASP F 279 5.55 -121.30 52.91
CA ASP F 279 6.12 -119.97 52.71
C ASP F 279 7.20 -119.95 51.63
N GLN F 280 7.77 -121.11 51.29
CA GLN F 280 8.75 -121.15 50.22
C GLN F 280 8.13 -121.05 48.83
N SER F 281 6.85 -121.39 48.70
CA SER F 281 6.14 -121.20 47.43
C SER F 281 5.59 -119.78 47.40
N VAL F 282 6.46 -118.85 47.00
CA VAL F 282 6.02 -117.50 46.68
C VAL F 282 5.24 -117.52 45.37
N ALA F 283 3.95 -117.84 45.45
CA ALA F 283 3.09 -117.83 44.28
C ALA F 283 2.95 -116.41 43.76
N SER F 284 3.49 -116.15 42.57
CA SER F 284 3.42 -114.83 41.97
C SER F 284 2.01 -114.28 42.08
N VAL F 285 1.83 -113.19 42.85
CA VAL F 285 0.83 -112.15 42.59
C VAL F 285 -0.33 -112.70 41.77
N ARG F 286 -0.80 -113.90 42.12
CA ARG F 286 -2.01 -114.45 41.53
C ARG F 286 -3.22 -113.67 42.01
N LYS F 287 -3.89 -112.96 41.10
CA LYS F 287 -5.13 -112.29 41.43
C LYS F 287 -6.17 -113.35 41.81
N THR F 288 -6.38 -113.51 43.11
CA THR F 288 -7.40 -114.44 43.60
C THR F 288 -8.79 -113.91 43.25
N THR F 289 -9.51 -114.65 42.40
CA THR F 289 -10.85 -114.27 42.02
C THR F 289 -11.85 -114.84 43.03
N VAL F 290 -13.03 -114.24 43.07
CA VAL F 290 -14.12 -114.81 43.86
C VAL F 290 -14.37 -116.26 43.50
N LEU F 291 -14.36 -116.57 42.19
CA LEU F 291 -14.52 -117.94 41.75
C LEU F 291 -13.39 -118.85 42.21
N ASP F 292 -12.15 -118.35 42.21
CA ASP F 292 -11.03 -119.17 42.69
C ASP F 292 -11.12 -119.39 44.20
N VAL F 293 -11.52 -118.37 44.95
CA VAL F 293 -11.74 -118.51 46.38
C VAL F 293 -12.77 -119.59 46.65
N MET F 294 -13.95 -119.47 46.02
CA MET F 294 -15.01 -120.44 46.24
C MET F 294 -14.59 -121.84 45.81
N ARG F 295 -13.82 -121.95 44.72
CA ARG F 295 -13.33 -123.26 44.29
C ARG F 295 -12.37 -123.86 45.30
N ARG F 296 -11.49 -123.05 45.88
CA ARG F 296 -10.59 -123.58 46.90
C ARG F 296 -11.36 -123.99 48.14
N LEU F 297 -12.34 -123.19 48.56
CA LEU F 297 -13.15 -123.57 49.70
C LEU F 297 -13.91 -124.88 49.44
N LEU F 298 -14.43 -125.05 48.23
CA LEU F 298 -15.10 -126.29 47.85
C LEU F 298 -14.13 -127.43 47.57
N GLN F 299 -12.84 -127.17 47.56
CA GLN F 299 -11.88 -128.25 47.30
C GLN F 299 -11.66 -129.07 48.56
N PRO F 300 -11.82 -130.40 48.49
CA PRO F 300 -11.61 -131.23 49.69
C PRO F 300 -10.23 -131.06 50.31
N LYS F 301 -9.23 -130.70 49.49
CA LYS F 301 -7.86 -130.57 49.98
C LYS F 301 -7.67 -129.43 50.96
N ASN F 302 -8.65 -128.54 51.11
CA ASN F 302 -8.57 -127.45 52.08
C ASN F 302 -9.49 -127.66 53.27
N VAL F 303 -10.24 -128.74 53.32
CA VAL F 303 -11.06 -129.06 54.48
C VAL F 303 -10.20 -129.71 55.55
N MET F 304 -10.33 -129.24 56.79
CA MET F 304 -9.49 -129.66 57.90
C MET F 304 -10.11 -130.80 58.70
N VAL F 305 -10.95 -131.61 58.08
CA VAL F 305 -11.58 -132.77 58.72
C VAL F 305 -11.51 -133.94 57.75
N SER F 306 -11.01 -135.07 58.22
CA SER F 306 -10.92 -136.28 57.41
C SER F 306 -12.26 -136.99 57.44
N THR F 307 -13.09 -136.70 56.43
CA THR F 307 -14.36 -137.38 56.22
C THR F 307 -14.19 -138.39 55.09
N GLY F 308 -14.67 -139.61 55.31
CA GLY F 308 -14.68 -140.60 54.26
C GLY F 308 -15.51 -140.19 53.07
N ARG F 309 -14.95 -140.33 51.86
CA ARG F 309 -15.70 -140.25 50.62
C ARG F 309 -16.41 -141.58 50.36
N ASP F 310 -17.48 -141.80 51.13
CA ASP F 310 -18.42 -142.86 50.82
C ASP F 310 -19.12 -142.57 49.49
N ARG F 311 -18.94 -143.48 48.52
CA ARG F 311 -19.60 -143.36 47.22
C ARG F 311 -21.06 -143.77 47.26
N GLN F 312 -21.52 -144.43 48.32
CA GLN F 312 -22.89 -144.92 48.40
C GLN F 312 -23.85 -143.84 48.92
N THR F 313 -23.41 -143.02 49.86
CA THR F 313 -24.25 -141.98 50.45
C THR F 313 -23.93 -140.64 49.79
N ASN F 314 -24.94 -140.03 49.17
CA ASN F 314 -24.80 -138.73 48.53
C ASN F 314 -24.84 -137.64 49.60
N HIS F 315 -23.72 -137.48 50.29
CA HIS F 315 -23.59 -136.44 51.29
C HIS F 315 -23.77 -135.06 50.66
N CYS F 316 -24.24 -134.11 51.47
CA CYS F 316 -24.54 -132.77 50.98
C CYS F 316 -24.25 -131.77 52.08
N TYR F 317 -24.06 -130.52 51.66
CA TYR F 317 -23.96 -129.39 52.60
C TYR F 317 -25.34 -128.98 53.07
N ILE F 318 -25.51 -128.84 54.38
CA ILE F 318 -26.72 -128.23 54.90
C ILE F 318 -26.69 -126.72 54.73
N ALA F 319 -25.58 -126.08 55.12
CA ALA F 319 -25.44 -124.64 54.95
C ALA F 319 -23.97 -124.30 54.76
N ILE F 320 -23.70 -123.19 54.06
CA ILE F 320 -22.33 -122.72 53.87
C ILE F 320 -22.27 -121.23 54.13
N LEU F 321 -21.32 -120.80 54.95
CA LEU F 321 -20.95 -119.40 55.11
C LEU F 321 -19.51 -119.24 54.62
N ASN F 322 -19.31 -118.34 53.66
CA ASN F 322 -17.96 -117.97 53.23
C ASN F 322 -17.64 -116.58 53.78
N ILE F 323 -16.67 -116.52 54.68
CA ILE F 323 -16.12 -115.26 55.18
C ILE F 323 -14.94 -114.91 54.27
N ILE F 324 -15.10 -113.86 53.46
CA ILE F 324 -14.04 -113.41 52.57
C ILE F 324 -13.44 -112.14 53.15
N GLN F 325 -12.13 -112.21 53.44
CA GLN F 325 -11.41 -111.12 54.08
C GLN F 325 -10.45 -110.49 53.07
N GLY F 326 -10.50 -109.17 52.97
CA GLY F 326 -9.60 -108.40 52.15
C GLY F 326 -10.35 -107.48 51.23
N GLU F 327 -9.63 -106.93 50.26
CA GLU F 327 -10.24 -106.03 49.28
C GLU F 327 -11.06 -106.87 48.30
N VAL F 328 -12.37 -106.91 48.52
CA VAL F 328 -13.27 -107.75 47.72
C VAL F 328 -14.32 -106.84 47.08
N ASP F 329 -14.49 -106.98 45.77
CA ASP F 329 -15.59 -106.33 45.08
C ASP F 329 -16.89 -107.10 45.31
N PRO F 330 -17.90 -106.49 45.94
CA PRO F 330 -19.15 -107.24 46.14
C PRO F 330 -19.75 -107.71 44.83
N THR F 331 -19.53 -106.97 43.73
CA THR F 331 -20.05 -107.43 42.45
C THR F 331 -19.34 -108.70 42.01
N GLN F 332 -18.06 -108.85 42.39
CA GLN F 332 -17.34 -110.09 42.08
C GLN F 332 -17.80 -111.21 42.98
N VAL F 333 -18.21 -110.90 44.21
CA VAL F 333 -18.78 -111.91 45.09
C VAL F 333 -20.09 -112.42 44.49
N HIS F 334 -20.95 -111.50 44.06
CA HIS F 334 -22.22 -111.86 43.45
C HIS F 334 -22.01 -112.69 42.19
N LYS F 335 -21.08 -112.26 41.31
CA LYS F 335 -20.77 -113.04 40.13
C LYS F 335 -20.24 -114.43 40.47
N SER F 336 -19.47 -114.54 41.57
CA SER F 336 -18.95 -115.84 41.96
C SER F 336 -20.07 -116.74 42.46
N LEU F 337 -21.00 -116.19 43.24
CA LEU F 337 -22.17 -116.94 43.66
C LEU F 337 -22.99 -117.41 42.47
N GLN F 338 -23.20 -116.52 41.50
CA GLN F 338 -23.92 -116.88 40.28
C GLN F 338 -23.22 -118.02 39.53
N ARG F 339 -21.90 -117.92 39.37
CA ARG F 339 -21.18 -118.98 38.67
C ARG F 339 -21.23 -120.29 39.45
N ILE F 340 -21.16 -120.23 40.78
CA ILE F 340 -21.24 -121.44 41.59
C ILE F 340 -22.62 -122.08 41.45
N ARG F 341 -23.66 -121.27 41.44
CA ARG F 341 -25.01 -121.80 41.26
C ARG F 341 -25.17 -122.44 39.89
N GLU F 342 -24.76 -121.74 38.83
CA GLU F 342 -24.87 -122.30 37.49
C GLU F 342 -24.08 -123.58 37.36
N ARG F 343 -22.89 -123.65 37.97
CA ARG F 343 -22.04 -124.83 37.89
C ARG F 343 -22.42 -125.92 38.89
N LYS F 344 -23.39 -125.67 39.77
CA LYS F 344 -23.77 -126.63 40.79
C LYS F 344 -22.54 -127.16 41.52
N LEU F 345 -21.65 -126.23 41.88
CA LEU F 345 -20.37 -126.59 42.50
C LEU F 345 -20.55 -127.18 43.90
N ALA F 346 -21.71 -127.02 44.52
CA ALA F 346 -21.96 -127.62 45.83
C ALA F 346 -23.30 -128.33 45.84
N ASN F 347 -23.32 -129.54 46.39
CA ASN F 347 -24.53 -130.29 46.63
C ASN F 347 -25.04 -129.98 48.03
N PHE F 348 -26.30 -129.56 48.13
CA PHE F 348 -26.88 -129.21 49.42
C PHE F 348 -27.94 -130.23 49.83
N ILE F 349 -28.25 -130.21 51.12
CA ILE F 349 -29.35 -131.00 51.69
C ILE F 349 -30.63 -130.78 50.89
N PRO F 350 -31.38 -131.84 50.60
CA PRO F 350 -32.60 -131.66 49.79
C PRO F 350 -33.82 -131.20 50.57
N TRP F 351 -33.81 -131.32 51.91
CA TRP F 351 -34.97 -130.96 52.74
C TRP F 351 -34.54 -129.98 53.83
N GLY F 352 -34.04 -128.83 53.38
CA GLY F 352 -33.61 -127.78 54.27
C GLY F 352 -33.69 -126.45 53.57
N PRO F 353 -33.60 -125.36 54.33
CA PRO F 353 -33.58 -124.04 53.69
C PRO F 353 -32.26 -123.79 52.99
N ALA F 354 -32.35 -123.07 51.87
CA ALA F 354 -31.18 -122.63 51.11
C ALA F 354 -30.40 -121.62 51.94
N SER F 355 -29.20 -121.98 52.38
CA SER F 355 -28.35 -121.05 53.11
C SER F 355 -26.93 -121.08 52.57
N ILE F 356 -26.61 -120.08 51.75
CA ILE F 356 -25.26 -119.79 51.31
C ILE F 356 -25.07 -118.30 51.61
N GLN F 357 -24.25 -118.00 52.60
CA GLN F 357 -23.93 -116.62 52.96
C GLN F 357 -22.53 -116.25 52.51
N VAL F 358 -22.36 -114.98 52.17
CA VAL F 358 -21.05 -114.40 51.87
C VAL F 358 -20.95 -113.10 52.63
N ALA F 359 -19.99 -113.01 53.54
CA ALA F 359 -19.66 -111.78 54.23
C ALA F 359 -18.36 -111.21 53.68
N LEU F 360 -18.38 -109.93 53.31
CA LEU F 360 -17.18 -109.21 52.95
C LEU F 360 -16.66 -108.50 54.19
N SER F 361 -15.41 -108.77 54.57
CA SER F 361 -14.78 -108.10 55.69
C SER F 361 -13.38 -107.64 55.32
N ARG F 362 -12.87 -106.69 56.09
CA ARG F 362 -11.49 -106.25 55.95
C ARG F 362 -10.59 -107.08 56.86
N LYS F 363 -9.35 -107.27 56.42
CA LYS F 363 -8.35 -107.88 57.29
C LYS F 363 -7.88 -106.90 58.37
N SER F 364 -7.34 -107.46 59.43
CA SER F 364 -6.64 -106.67 60.43
C SER F 364 -5.57 -105.81 59.75
N PRO F 365 -5.49 -104.52 60.07
CA PRO F 365 -4.42 -103.68 59.50
C PRO F 365 -3.03 -104.01 60.04
N TYR F 366 -2.94 -104.75 61.13
CA TYR F 366 -1.66 -105.02 61.77
C TYR F 366 -0.97 -106.27 61.24
N LEU F 367 -1.70 -107.17 60.58
CA LEU F 367 -1.09 -108.39 60.06
C LEU F 367 -0.78 -108.24 58.58
N PRO F 368 0.47 -108.46 58.17
CA PRO F 368 0.81 -108.50 56.74
C PRO F 368 0.16 -109.72 56.08
N SER F 369 -0.63 -109.47 55.04
CA SER F 369 -1.26 -110.53 54.26
C SER F 369 -0.59 -110.62 52.90
N ALA F 370 0.09 -111.74 52.65
CA ALA F 370 0.66 -112.02 51.33
C ALA F 370 -0.43 -112.14 50.27
N HIS F 371 -1.65 -112.48 50.66
CA HIS F 371 -2.75 -112.70 49.73
C HIS F 371 -3.71 -111.52 49.79
N ARG F 372 -3.93 -110.89 48.63
CA ARG F 372 -4.86 -109.77 48.56
C ARG F 372 -6.27 -110.17 49.00
N VAL F 373 -6.63 -111.43 48.81
CA VAL F 373 -7.95 -111.93 49.19
C VAL F 373 -7.77 -113.31 49.79
N SER F 374 -8.32 -113.52 50.98
CA SER F 374 -8.45 -114.84 51.57
C SER F 374 -9.91 -115.17 51.83
N GLY F 375 -10.16 -116.46 52.06
CA GLY F 375 -11.49 -116.92 52.42
C GLY F 375 -11.46 -118.06 53.41
N LEU F 376 -12.36 -118.01 54.39
CA LEU F 376 -12.67 -119.15 55.25
C LEU F 376 -14.08 -119.64 54.93
N MET F 377 -14.25 -120.95 54.86
CA MET F 377 -15.57 -121.55 54.80
C MET F 377 -15.91 -122.19 56.13
N MET F 378 -17.07 -121.81 56.69
CA MET F 378 -17.71 -122.56 57.76
C MET F 378 -18.95 -123.22 57.17
N ALA F 379 -19.00 -124.54 57.21
CA ALA F 379 -20.08 -125.29 56.59
C ALA F 379 -20.69 -126.28 57.56
N ASN F 380 -22.02 -126.32 57.57
CA ASN F 380 -22.76 -127.40 58.21
C ASN F 380 -23.04 -128.43 57.13
N HIS F 381 -22.36 -129.56 57.21
CA HIS F 381 -22.39 -130.59 56.18
C HIS F 381 -22.46 -131.95 56.82
N THR F 382 -23.36 -132.80 56.33
CA THR F 382 -23.67 -134.06 56.98
C THR F 382 -22.48 -135.03 56.96
N SER F 383 -21.47 -134.78 56.12
CA SER F 383 -20.33 -135.67 56.07
C SER F 383 -19.51 -135.67 57.35
N ILE F 384 -19.75 -134.73 58.27
CA ILE F 384 -19.12 -134.83 59.60
C ILE F 384 -19.58 -136.10 60.28
N SER F 385 -20.78 -136.57 59.93
CA SER F 385 -21.25 -137.84 60.46
C SER F 385 -20.29 -138.97 60.13
N SER F 386 -19.61 -138.93 58.99
CA SER F 386 -18.63 -139.98 58.71
C SER F 386 -17.51 -140.02 59.74
N LEU F 387 -17.10 -138.86 60.26
CA LEU F 387 -16.16 -138.79 61.37
C LEU F 387 -16.77 -139.30 62.67
N PHE F 388 -18.02 -138.93 62.93
CA PHE F 388 -18.67 -139.43 64.14
C PHE F 388 -18.88 -140.94 64.07
N GLU F 389 -19.25 -141.44 62.89
CA GLU F 389 -19.33 -142.87 62.64
C GLU F 389 -18.00 -143.57 62.89
N SER F 390 -16.89 -143.00 62.41
CA SER F 390 -15.59 -143.58 62.70
C SER F 390 -15.31 -143.64 64.20
N SER F 391 -15.61 -142.55 64.92
CA SER F 391 -15.41 -142.57 66.37
C SER F 391 -16.30 -143.62 67.04
N CYS F 392 -17.55 -143.73 66.60
CA CYS F 392 -18.45 -144.75 67.10
C CYS F 392 -17.93 -146.15 66.82
N GLN F 393 -17.40 -146.37 65.61
CA GLN F 393 -16.83 -147.68 65.28
C GLN F 393 -15.64 -148.02 66.16
N GLN F 394 -14.81 -147.02 66.48
CA GLN F 394 -13.71 -147.28 67.41
C GLN F 394 -14.24 -147.63 68.80
N TYR F 395 -15.25 -146.88 69.27
CA TYR F 395 -15.88 -147.21 70.54
C TYR F 395 -16.41 -148.63 70.53
N ASP F 396 -17.18 -148.98 69.49
CA ASP F 396 -17.75 -150.32 69.38
C ASP F 396 -16.67 -151.40 69.33
N LYS F 397 -15.54 -151.09 68.69
CA LYS F 397 -14.41 -152.01 68.65
C LYS F 397 -13.86 -152.26 70.04
N LEU F 398 -13.83 -151.22 70.88
CA LEU F 398 -13.36 -151.42 72.25
C LEU F 398 -14.43 -152.11 73.11
N ARG F 399 -15.67 -151.62 73.02
CA ARG F 399 -16.75 -152.15 73.87
C ARG F 399 -17.01 -153.63 73.59
N LYS F 400 -17.01 -154.04 72.31
CA LYS F 400 -17.20 -155.46 72.02
C LYS F 400 -16.06 -156.29 72.59
N ARG F 401 -14.90 -155.66 72.82
CA ARG F 401 -13.74 -156.32 73.39
C ARG F 401 -13.56 -155.93 74.85
N GLU F 402 -14.48 -155.13 75.38
CA GLU F 402 -14.36 -154.53 76.71
C GLU F 402 -13.02 -153.83 76.86
N ALA F 403 -12.50 -153.26 75.78
CA ALA F 403 -11.18 -152.68 75.80
C ALA F 403 -11.19 -151.33 76.51
N PHE F 404 -10.18 -151.10 77.34
CA PHE F 404 -9.96 -149.81 78.00
C PHE F 404 -11.12 -149.42 78.90
N LEU F 405 -11.89 -150.40 79.38
CA LEU F 405 -13.02 -150.13 80.24
C LEU F 405 -12.64 -150.08 81.71
N GLU F 406 -11.43 -150.53 82.07
CA GLU F 406 -11.04 -150.60 83.47
C GLU F 406 -10.98 -149.21 84.10
N GLN F 407 -10.56 -148.20 83.33
CA GLN F 407 -10.50 -146.86 83.89
C GLN F 407 -11.89 -146.26 84.04
N PHE F 408 -12.83 -146.61 83.17
CA PHE F 408 -14.18 -146.13 83.40
C PHE F 408 -14.78 -146.83 84.61
N ARG F 409 -14.61 -148.16 84.68
CA ARG F 409 -15.16 -148.92 85.80
C ARG F 409 -14.56 -148.51 87.13
N LYS F 410 -13.38 -147.87 87.11
CA LYS F 410 -12.82 -147.35 88.35
C LYS F 410 -13.51 -146.07 88.80
N GLU F 411 -14.17 -145.36 87.89
CA GLU F 411 -14.82 -144.10 88.19
C GLU F 411 -16.29 -144.31 88.53
N ASP F 412 -16.80 -143.47 89.44
CA ASP F 412 -18.12 -143.71 90.02
C ASP F 412 -19.20 -143.71 88.94
N ILE F 413 -19.06 -142.86 87.92
CA ILE F 413 -20.04 -142.80 86.85
C ILE F 413 -20.12 -144.11 86.09
N PHE F 414 -19.05 -144.91 86.12
CA PHE F 414 -19.02 -146.21 85.44
C PHE F 414 -18.76 -147.36 86.41
N LYS F 415 -18.79 -147.09 87.72
CA LYS F 415 -18.47 -148.12 88.71
C LYS F 415 -19.52 -149.22 88.73
N GLU F 416 -20.79 -148.85 88.58
CA GLU F 416 -21.89 -149.80 88.65
C GLU F 416 -22.21 -150.39 87.29
N ASN F 417 -22.28 -149.55 86.25
CA ASN F 417 -22.63 -150.00 84.92
C ASN F 417 -21.95 -149.08 83.91
N PHE F 418 -22.21 -149.33 82.62
CA PHE F 418 -21.68 -148.53 81.53
C PHE F 418 -22.77 -147.70 80.86
N ASP F 419 -23.85 -147.40 81.58
CA ASP F 419 -24.99 -146.75 80.97
C ASP F 419 -24.62 -145.40 80.35
N GLU F 420 -23.64 -144.70 80.92
CA GLU F 420 -23.22 -143.44 80.29
C GLU F 420 -22.54 -143.69 78.95
N LEU F 421 -21.78 -144.79 78.85
CA LEU F 421 -21.20 -145.17 77.57
C LEU F 421 -22.27 -145.58 76.57
N ASP F 422 -23.26 -146.33 77.02
CA ASP F 422 -24.30 -146.81 76.11
C ASP F 422 -25.17 -145.65 75.64
N ARG F 423 -25.51 -144.73 76.54
CA ARG F 423 -26.21 -143.51 76.13
C ARG F 423 -25.38 -142.68 75.15
N SER F 424 -24.07 -142.57 75.37
CA SER F 424 -23.24 -141.85 74.41
C SER F 424 -23.22 -142.54 73.05
N ARG F 425 -23.17 -143.87 73.04
CA ARG F 425 -23.21 -144.60 71.78
C ARG F 425 -24.55 -144.42 71.08
N GLU F 426 -25.64 -144.40 71.85
CA GLU F 426 -26.96 -144.18 71.28
C GLU F 426 -27.06 -142.78 70.68
N VAL F 427 -26.63 -141.77 71.44
CA VAL F 427 -26.67 -140.40 70.94
C VAL F 427 -25.85 -140.26 69.67
N VAL F 428 -24.66 -140.88 69.62
CA VAL F 428 -23.83 -140.77 68.42
C VAL F 428 -24.44 -141.54 67.24
N GLN F 429 -25.12 -142.66 67.51
CA GLN F 429 -25.81 -143.38 66.45
C GLN F 429 -26.96 -142.53 65.90
N GLU F 430 -27.76 -141.95 66.79
CA GLU F 430 -28.83 -141.06 66.38
C GLU F 430 -28.29 -139.87 65.59
N LEU F 431 -27.15 -139.32 66.01
CA LEU F 431 -26.53 -138.23 65.27
C LEU F 431 -26.14 -138.66 63.86
N ILE F 432 -25.51 -139.82 63.72
CA ILE F 432 -25.14 -140.33 62.41
C ILE F 432 -26.38 -140.52 61.54
N ASP F 433 -27.42 -141.13 62.11
CA ASP F 433 -28.65 -141.39 61.35
C ASP F 433 -29.34 -140.10 60.95
N GLU F 434 -29.34 -139.10 61.84
CA GLU F 434 -29.93 -137.81 61.51
C GLU F 434 -29.13 -137.10 60.41
N TYR F 435 -27.81 -137.18 60.46
CA TYR F 435 -26.99 -136.62 59.37
C TYR F 435 -27.28 -137.30 58.04
N HIS F 436 -27.46 -138.62 58.06
CA HIS F 436 -27.81 -139.31 56.82
C HIS F 436 -29.20 -138.91 56.35
N ALA F 437 -30.19 -138.85 57.25
CA ALA F 437 -31.50 -138.39 56.84
C ALA F 437 -31.44 -136.97 56.29
N ALA F 438 -30.65 -136.10 56.94
CA ALA F 438 -30.50 -134.74 56.45
C ALA F 438 -29.83 -134.72 55.08
N THR F 439 -29.19 -135.82 54.70
CA THR F 439 -28.66 -135.94 53.36
C THR F 439 -29.74 -136.28 52.35
N ARG F 440 -30.98 -136.67 52.84
CA ARG F 440 -32.10 -137.20 52.08
C ARG F 440 -33.21 -136.15 51.94
N PRO F 441 -33.99 -136.23 50.86
CA PRO F 441 -35.09 -135.27 50.69
C PRO F 441 -36.15 -135.35 51.76
N ASP F 442 -36.27 -136.48 52.47
CA ASP F 442 -37.29 -136.69 53.49
C ASP F 442 -36.87 -136.14 54.86
N TYR F 443 -35.72 -135.48 54.95
CA TYR F 443 -35.27 -134.95 56.23
C TYR F 443 -36.33 -134.08 56.89
N ILE F 444 -37.05 -133.28 56.10
CA ILE F 444 -38.10 -132.42 56.63
C ILE F 444 -39.15 -133.27 57.35
N ASN G 59 -32.68 -100.82 20.02
CA ASN G 59 -32.98 -102.25 20.09
C ASN G 59 -33.69 -102.58 21.39
N MET G 60 -33.64 -103.86 21.79
CA MET G 60 -34.27 -104.27 23.03
C MET G 60 -33.57 -103.68 24.26
N LYS G 61 -32.30 -103.28 24.11
CA LYS G 61 -31.60 -102.68 25.23
C LYS G 61 -32.19 -101.32 25.56
N ASP G 62 -32.60 -100.57 24.53
CA ASP G 62 -33.17 -99.25 24.79
C ASP G 62 -34.47 -99.37 25.57
N PHE G 63 -35.33 -100.34 25.18
CA PHE G 63 -36.58 -100.53 25.89
C PHE G 63 -36.34 -101.02 27.32
N GLU G 64 -35.38 -101.93 27.50
CA GLU G 64 -35.06 -102.40 28.85
C GLU G 64 -34.54 -101.27 29.72
N ASN G 65 -33.68 -100.41 29.16
CA ASN G 65 -33.19 -99.26 29.90
C ASN G 65 -34.32 -98.30 30.24
N GLN G 66 -35.25 -98.09 29.29
CA GLN G 66 -36.36 -97.19 29.55
C GLN G 66 -37.25 -97.72 30.67
N ILE G 67 -37.55 -99.02 30.66
CA ILE G 67 -38.37 -99.61 31.72
C ILE G 67 -37.65 -99.51 33.07
N THR G 68 -36.36 -99.84 33.11
CA THR G 68 -35.59 -99.71 34.34
C THR G 68 -35.58 -98.27 34.84
N GLU G 69 -35.42 -97.31 33.94
CA GLU G 69 -35.40 -95.90 34.33
C GLU G 69 -36.76 -95.44 34.81
N LEU G 70 -37.84 -95.94 34.21
CA LEU G 70 -39.16 -95.42 34.54
C LEU G 70 -39.78 -96.10 35.73
N LYS G 71 -39.30 -97.28 36.13
CA LYS G 71 -39.72 -97.84 37.41
C LYS G 71 -39.24 -96.95 38.55
N LYS G 72 -37.97 -96.57 38.51
CA LYS G 72 -37.42 -95.64 39.50
C LYS G 72 -38.04 -94.26 39.35
N GLU G 73 -38.33 -93.82 38.12
CA GLU G 73 -38.96 -92.52 37.93
C GLU G 73 -40.37 -92.52 38.53
N ASN G 74 -41.10 -93.62 38.38
CA ASN G 74 -42.41 -93.75 39.02
C ASN G 74 -42.27 -93.70 40.53
N PHE G 75 -41.27 -94.38 41.08
CA PHE G 75 -41.06 -94.32 42.53
C PHE G 75 -40.71 -92.89 42.98
N ASN G 76 -39.88 -92.20 42.20
CA ASN G 76 -39.50 -90.84 42.53
C ASN G 76 -40.70 -89.90 42.49
N LEU G 77 -41.56 -90.04 41.46
CA LEU G 77 -42.75 -89.22 41.37
C LEU G 77 -43.71 -89.52 42.52
N LYS G 78 -43.82 -90.80 42.90
CA LYS G 78 -44.65 -91.16 44.04
C LYS G 78 -44.13 -90.54 45.32
N LEU G 79 -42.82 -90.54 45.51
CA LEU G 79 -42.24 -89.92 46.70
C LEU G 79 -42.42 -88.41 46.68
N ARG G 80 -42.32 -87.80 45.49
CA ARG G 80 -42.53 -86.36 45.39
C ARG G 80 -43.98 -86.02 45.74
N ILE G 81 -44.92 -86.83 45.27
CA ILE G 81 -46.33 -86.60 45.61
C ILE G 81 -46.53 -86.77 47.11
N TYR G 82 -45.93 -87.81 47.68
CA TYR G 82 -46.13 -88.09 49.10
C TYR G 82 -45.58 -86.96 49.95
N PHE G 83 -44.40 -86.45 49.60
CA PHE G 83 -43.81 -85.35 50.37
C PHE G 83 -44.57 -84.04 50.15
N LEU G 84 -45.11 -83.82 48.95
CA LEU G 84 -45.96 -82.65 48.74
C LEU G 84 -47.23 -82.72 49.58
N GLU G 85 -47.84 -83.90 49.64
CA GLU G 85 -49.01 -84.08 50.52
C GLU G 85 -48.64 -83.91 51.99
N GLU G 86 -47.47 -84.40 52.40
CA GLU G 86 -47.05 -84.19 53.79
C GLU G 86 -46.83 -82.71 54.08
N ARG G 87 -46.25 -81.98 53.13
CA ARG G 87 -46.06 -80.54 53.32
C ARG G 87 -47.40 -79.81 53.41
N MET G 88 -48.37 -80.20 52.56
CA MET G 88 -49.68 -79.56 52.66
C MET G 88 -50.41 -79.94 53.95
N GLN G 89 -50.13 -81.14 54.47
CA GLN G 89 -50.70 -81.53 55.75
C GLN G 89 -50.10 -80.70 56.88
N GLN G 90 -48.80 -80.43 56.82
CA GLN G 90 -48.11 -79.71 57.87
C GLN G 90 -48.24 -78.20 57.75
N GLU G 91 -48.71 -77.69 56.60
CA GLU G 91 -48.80 -76.26 56.39
C GLU G 91 -50.25 -75.81 56.41
N MET H 60 -39.09 -108.00 22.92
CA MET H 60 -39.03 -106.56 23.10
C MET H 60 -40.41 -105.99 23.41
N LYS H 61 -41.45 -106.76 23.09
CA LYS H 61 -42.81 -106.32 23.37
C LYS H 61 -43.06 -106.19 24.87
N ASP H 62 -42.55 -107.14 25.66
CA ASP H 62 -42.76 -107.06 27.11
C ASP H 62 -42.10 -105.83 27.70
N PHE H 63 -40.87 -105.53 27.30
CA PHE H 63 -40.23 -104.31 27.80
C PHE H 63 -40.91 -103.06 27.25
N GLU H 64 -41.44 -103.12 26.03
CA GLU H 64 -42.16 -101.98 25.47
C GLU H 64 -43.40 -101.67 26.29
N ASN H 65 -44.13 -102.71 26.69
CA ASN H 65 -45.34 -102.48 27.47
C ASN H 65 -44.99 -102.11 28.91
N GLN H 66 -43.90 -102.65 29.45
CA GLN H 66 -43.49 -102.27 30.80
C GLN H 66 -43.12 -100.80 30.85
N ILE H 67 -42.36 -100.33 29.86
CA ILE H 67 -41.98 -98.92 29.81
C ILE H 67 -43.20 -98.05 29.49
N THR H 68 -44.16 -98.56 28.71
CA THR H 68 -45.37 -97.80 28.47
C THR H 68 -46.18 -97.62 29.76
N GLU H 69 -46.30 -98.68 30.55
CA GLU H 69 -46.99 -98.57 31.83
C GLU H 69 -46.25 -97.63 32.78
N LEU H 70 -44.93 -97.74 32.82
CA LEU H 70 -44.15 -96.85 33.68
C LEU H 70 -44.29 -95.40 33.25
N LYS H 71 -44.27 -95.13 31.94
CA LYS H 71 -44.42 -93.77 31.47
C LYS H 71 -45.84 -93.24 31.70
N LYS H 72 -46.86 -94.09 31.60
CA LYS H 72 -48.22 -93.64 31.93
C LYS H 72 -48.35 -93.32 33.41
N GLU H 73 -47.74 -94.15 34.26
CA GLU H 73 -47.71 -93.88 35.70
C GLU H 73 -46.99 -92.56 35.99
N ASN H 74 -45.86 -92.30 35.31
CA ASN H 74 -45.18 -91.04 35.52
C ASN H 74 -45.94 -89.87 34.90
N PHE H 75 -46.73 -90.12 33.85
CA PHE H 75 -47.57 -89.07 33.29
C PHE H 75 -48.63 -88.63 34.29
N ASN H 76 -49.25 -89.59 34.98
CA ASN H 76 -50.24 -89.24 36.00
C ASN H 76 -49.56 -88.67 37.22
N LEU H 77 -48.36 -89.16 37.56
CA LEU H 77 -47.62 -88.63 38.70
C LEU H 77 -47.29 -87.17 38.45
N LYS H 78 -46.83 -86.83 37.24
CA LYS H 78 -46.44 -85.46 36.93
C LYS H 78 -47.67 -84.57 36.79
N LEU H 79 -48.80 -85.10 36.32
CA LEU H 79 -50.04 -84.33 36.35
C LEU H 79 -50.46 -84.02 37.78
N ARG H 80 -50.33 -84.99 38.69
CA ARG H 80 -50.59 -84.74 40.10
C ARG H 80 -49.60 -83.73 40.67
N ILE H 81 -48.33 -83.82 40.28
CA ILE H 81 -47.33 -82.88 40.75
C ILE H 81 -47.68 -81.46 40.31
N TYR H 82 -48.06 -81.30 39.04
CA TYR H 82 -48.47 -79.99 38.55
C TYR H 82 -49.70 -79.47 39.28
N PHE H 83 -50.66 -80.36 39.56
CA PHE H 83 -51.83 -79.95 40.33
C PHE H 83 -51.46 -79.51 41.73
N LEU H 84 -50.55 -80.23 42.38
CA LEU H 84 -50.17 -79.88 43.74
C LEU H 84 -49.36 -78.59 43.76
N GLU H 85 -48.50 -78.38 42.75
CA GLU H 85 -47.79 -77.12 42.66
C GLU H 85 -48.75 -75.96 42.44
N GLU H 86 -49.80 -76.17 41.64
CA GLU H 86 -50.79 -75.12 41.46
C GLU H 86 -51.53 -74.85 42.77
N ARG H 87 -51.82 -75.92 43.53
CA ARG H 87 -52.51 -75.74 44.81
C ARG H 87 -51.64 -74.95 45.77
N MET H 88 -50.35 -75.28 45.83
CA MET H 88 -49.47 -74.63 46.79
C MET H 88 -49.23 -73.18 46.39
N GLN H 89 -49.15 -72.89 45.08
CA GLN H 89 -48.95 -71.52 44.67
C GLN H 89 -50.23 -70.70 44.77
N GLN H 90 -51.40 -71.35 44.74
CA GLN H 90 -52.66 -70.65 44.95
C GLN H 90 -52.99 -70.47 46.42
N GLU H 91 -52.33 -71.23 47.30
CA GLU H 91 -52.64 -71.20 48.73
C GLU H 91 -51.61 -70.40 49.53
N PHE H 92 -50.32 -70.72 49.37
CA PHE H 92 -49.28 -70.20 50.25
C PHE H 92 -48.61 -68.95 49.70
N HIS H 93 -48.91 -68.56 48.47
CA HIS H 93 -48.32 -67.37 47.87
C HIS H 93 -49.11 -66.12 48.27
N LYS I 7 -56.85 -38.67 124.25
CA LYS I 7 -57.76 -39.72 124.68
C LYS I 7 -57.79 -40.86 123.66
N SER I 8 -57.42 -40.54 122.41
CA SER I 8 -57.39 -41.56 121.37
C SER I 8 -56.44 -42.70 121.71
N PRO I 9 -55.21 -42.46 122.17
CA PRO I 9 -54.34 -43.60 122.51
C PRO I 9 -54.93 -44.46 123.62
N ASN I 10 -55.58 -43.84 124.59
CA ASN I 10 -56.14 -44.58 125.71
C ASN I 10 -57.30 -45.46 125.25
N VAL I 11 -58.21 -44.91 124.45
CA VAL I 11 -59.33 -45.70 123.95
C VAL I 11 -58.83 -46.79 123.01
N LEU I 12 -57.84 -46.48 122.19
CA LEU I 12 -57.23 -47.52 121.36
C LEU I 12 -56.71 -48.67 122.21
N LEU I 13 -55.93 -48.36 123.25
CA LEU I 13 -55.32 -49.41 124.05
C LEU I 13 -56.38 -50.21 124.79
N GLN I 14 -57.41 -49.54 125.33
CA GLN I 14 -58.44 -50.27 126.07
C GLN I 14 -59.27 -51.15 125.13
N ASN I 15 -59.60 -50.65 123.94
CA ASN I 15 -60.36 -51.45 122.98
C ASN I 15 -59.55 -52.64 122.50
N LEU I 16 -58.24 -52.45 122.31
CA LEU I 16 -57.38 -53.55 121.90
C LEU I 16 -57.28 -54.60 123.00
N CYS I 17 -57.11 -54.17 124.24
CA CYS I 17 -56.91 -55.11 125.33
C CYS I 17 -58.20 -55.83 125.72
N CYS I 18 -59.36 -55.20 125.51
CA CYS I 18 -60.62 -55.83 125.87
C CYS I 18 -61.04 -56.93 124.91
N ARG I 19 -60.46 -56.98 123.71
CA ARG I 19 -60.81 -58.01 122.73
C ARG I 19 -59.66 -58.95 122.39
N ILE I 20 -58.43 -58.45 122.29
CA ILE I 20 -57.30 -59.34 122.02
C ILE I 20 -56.99 -60.19 123.25
N LEU I 21 -56.98 -59.58 124.42
CA LEU I 21 -56.76 -60.27 125.67
C LEU I 21 -58.09 -60.54 126.36
N GLY I 22 -58.15 -61.63 127.12
CA GLY I 22 -59.33 -61.88 127.93
C GLY I 22 -59.44 -61.01 129.16
N LYS I 23 -58.39 -60.27 129.50
CA LYS I 23 -58.42 -59.35 130.63
C LYS I 23 -57.94 -57.97 130.16
N SER I 24 -58.36 -56.95 130.89
CA SER I 24 -57.89 -55.59 130.65
C SER I 24 -56.48 -55.43 131.18
N GLU I 25 -55.70 -54.57 130.53
CA GLU I 25 -54.33 -54.33 130.98
C GLU I 25 -54.27 -53.29 132.09
N ALA I 26 -55.42 -52.79 132.55
CA ALA I 26 -55.46 -52.00 133.78
C ALA I 26 -55.47 -52.87 135.03
N ASP I 27 -55.76 -54.16 134.88
CA ASP I 27 -55.66 -55.08 136.01
C ASP I 27 -54.21 -55.42 136.33
N VAL I 28 -53.36 -55.43 135.32
CA VAL I 28 -51.91 -55.60 135.49
C VAL I 28 -51.29 -54.27 135.12
N ALA I 29 -50.97 -53.45 136.13
CA ALA I 29 -50.50 -52.11 135.87
C ALA I 29 -49.19 -52.10 135.10
N GLN I 30 -48.40 -53.18 135.18
CA GLN I 30 -47.17 -53.22 134.41
C GLN I 30 -47.47 -53.19 132.92
N GLN I 31 -48.45 -53.97 132.47
CA GLN I 31 -48.82 -53.96 131.06
C GLN I 31 -49.38 -52.60 130.66
N PHE I 32 -50.25 -52.03 131.49
CA PHE I 32 -50.82 -50.72 131.18
C PHE I 32 -49.74 -49.65 131.15
N GLN I 33 -48.82 -49.67 132.11
CA GLN I 33 -47.74 -48.69 132.12
C GLN I 33 -46.85 -48.84 130.90
N TYR I 34 -46.52 -50.08 130.53
CA TYR I 34 -45.69 -50.30 129.35
C TYR I 34 -46.39 -49.80 128.09
N ALA I 35 -47.69 -50.08 127.96
CA ALA I 35 -48.43 -49.62 126.79
C ALA I 35 -48.49 -48.10 126.74
N VAL I 36 -48.74 -47.46 127.87
CA VAL I 36 -48.88 -46.00 127.89
C VAL I 36 -47.54 -45.30 127.69
N ARG I 37 -46.44 -45.93 128.11
CA ARG I 37 -45.13 -45.37 127.89
C ARG I 37 -44.55 -45.74 126.54
N VAL I 38 -45.11 -46.74 125.86
CA VAL I 38 -44.71 -47.02 124.49
C VAL I 38 -45.48 -46.15 123.52
N ILE I 39 -46.78 -45.96 123.76
CA ILE I 39 -47.60 -45.19 122.82
C ILE I 39 -47.06 -43.78 122.70
N GLY I 40 -46.80 -43.12 123.83
CA GLY I 40 -46.24 -41.79 123.76
C GLY I 40 -44.72 -41.84 123.79
N SER I 41 -44.13 -41.92 122.61
CA SER I 41 -42.71 -41.65 122.38
C SER I 41 -42.52 -40.59 121.30
N ASN I 42 -43.24 -40.74 120.19
CA ASN I 42 -43.22 -39.82 119.08
C ASN I 42 -44.64 -39.74 118.52
N PHE I 43 -44.92 -38.67 117.78
CA PHE I 43 -46.24 -38.46 117.20
C PHE I 43 -46.17 -38.32 115.68
N ALA I 44 -45.10 -38.82 115.07
CA ALA I 44 -44.97 -38.93 113.63
C ALA I 44 -44.51 -40.32 113.28
N PRO I 45 -44.96 -40.86 112.14
CA PRO I 45 -44.55 -42.22 111.77
C PRO I 45 -43.03 -42.30 111.57
N THR I 46 -42.45 -43.42 111.99
CA THR I 46 -41.03 -43.66 111.77
C THR I 46 -40.89 -44.98 111.01
N VAL I 47 -40.99 -44.88 109.68
CA VAL I 47 -40.96 -46.02 108.79
C VAL I 47 -40.07 -45.65 107.61
N GLU I 48 -39.61 -46.65 106.88
CA GLU I 48 -38.85 -46.38 105.66
C GLU I 48 -39.83 -46.07 104.53
N ARG I 49 -39.73 -44.87 103.98
CA ARG I 49 -40.65 -44.40 102.95
C ARG I 49 -40.09 -44.52 101.54
N ASP I 50 -38.92 -45.14 101.38
CA ASP I 50 -38.35 -45.35 100.05
C ASP I 50 -38.87 -46.64 99.42
N GLU I 51 -39.02 -46.60 98.09
CA GLU I 51 -39.44 -47.79 97.37
C GLU I 51 -38.37 -48.86 97.44
N PHE I 52 -37.10 -48.46 97.37
CA PHE I 52 -36.01 -49.43 97.37
C PHE I 52 -35.96 -50.16 98.71
N LEU I 53 -36.12 -49.42 99.80
CA LEU I 53 -36.05 -50.03 101.13
C LEU I 53 -37.28 -50.90 101.38
N VAL I 54 -38.45 -50.46 100.92
CA VAL I 54 -39.64 -51.31 101.04
C VAL I 54 -39.45 -52.61 100.26
N ALA I 55 -38.92 -52.52 99.03
CA ALA I 55 -38.68 -53.71 98.24
C ALA I 55 -37.66 -54.63 98.90
N GLU I 56 -36.60 -54.05 99.48
CA GLU I 56 -35.61 -54.87 100.16
C GLU I 56 -36.22 -55.58 101.36
N LYS I 57 -37.03 -54.87 102.14
CA LYS I 57 -37.67 -55.49 103.29
C LYS I 57 -38.61 -56.60 102.87
N ILE I 58 -39.38 -56.39 101.79
CA ILE I 58 -40.30 -57.42 101.34
C ILE I 58 -39.54 -58.63 100.82
N LYS I 59 -38.44 -58.39 100.09
CA LYS I 59 -37.65 -59.52 99.59
C LYS I 59 -37.03 -60.32 100.72
N LYS I 60 -36.50 -59.63 101.75
CA LYS I 60 -35.91 -60.34 102.87
C LYS I 60 -36.97 -61.10 103.66
N GLU I 61 -38.16 -60.51 103.82
CA GLU I 61 -39.25 -61.20 104.48
C GLU I 61 -39.66 -62.45 103.72
N LEU I 62 -39.74 -62.37 102.39
CA LEU I 62 -40.14 -63.53 101.61
C LEU I 62 -39.06 -64.60 101.58
N THR I 63 -37.79 -64.20 101.57
CA THR I 63 -36.71 -65.18 101.63
C THR I 63 -36.66 -65.88 102.98
N ARG I 64 -36.88 -65.15 104.08
CA ARG I 64 -37.02 -65.80 105.37
C ARG I 64 -38.30 -66.62 105.48
N GLN I 65 -39.31 -66.31 104.66
CA GLN I 65 -40.50 -67.14 104.53
C GLN I 65 -40.32 -68.31 103.56
N ARG I 66 -39.16 -68.40 102.91
CA ARG I 66 -38.91 -69.45 101.92
C ARG I 66 -39.86 -69.28 100.74
N ARG I 67 -40.07 -68.03 100.35
CA ARG I 67 -40.83 -67.67 99.16
C ARG I 67 -39.97 -66.74 98.31
N GLU I 68 -39.85 -67.06 97.02
CA GLU I 68 -39.00 -66.31 96.11
C GLU I 68 -39.73 -65.90 94.84
N ALA I 69 -41.07 -65.84 94.88
CA ALA I 69 -41.84 -65.44 93.72
C ALA I 69 -43.03 -64.55 94.05
N ASP I 70 -43.23 -64.15 95.31
CA ASP I 70 -44.35 -63.29 95.68
C ASP I 70 -43.94 -61.83 95.84
N ALA I 71 -42.69 -61.49 95.50
CA ALA I 71 -42.32 -60.08 95.53
C ALA I 71 -43.03 -59.33 94.43
N ALA I 72 -43.31 -60.01 93.31
CA ALA I 72 -44.05 -59.37 92.24
C ALA I 72 -45.47 -59.06 92.71
N LEU I 73 -46.05 -59.99 93.47
CA LEU I 73 -47.38 -59.78 94.03
C LEU I 73 -47.40 -58.60 95.01
N PHE I 74 -46.39 -58.51 95.89
CA PHE I 74 -46.33 -57.36 96.79
C PHE I 74 -46.14 -56.06 96.02
N SER I 75 -45.33 -56.09 94.96
CA SER I 75 -45.12 -54.91 94.14
C SER I 75 -46.40 -54.47 93.46
N GLU I 76 -47.17 -55.43 92.95
CA GLU I 76 -48.45 -55.10 92.31
C GLU I 76 -49.45 -54.59 93.34
N LEU I 77 -49.44 -55.14 94.54
CA LEU I 77 -50.43 -54.72 95.53
C LEU I 77 -50.11 -53.32 96.04
N HIS I 78 -48.82 -52.98 96.14
CA HIS I 78 -48.49 -51.64 96.61
C HIS I 78 -48.81 -50.58 95.56
N ARG I 79 -48.97 -50.97 94.30
CA ARG I 79 -49.49 -50.05 93.29
C ARG I 79 -50.96 -49.75 93.53
N LYS I 80 -51.76 -50.80 93.76
CA LYS I 80 -53.16 -50.55 94.09
C LYS I 80 -53.27 -49.72 95.36
N LEU I 81 -52.36 -49.93 96.31
CA LEU I 81 -52.34 -49.07 97.48
C LEU I 81 -52.03 -47.63 97.10
N HIS I 82 -51.06 -47.42 96.21
CA HIS I 82 -50.63 -46.07 95.84
C HIS I 82 -51.42 -45.54 94.65
N SER I 83 -52.61 -46.08 94.39
CA SER I 83 -53.44 -45.59 93.30
C SER I 83 -53.96 -44.19 93.58
N GLN I 84 -54.48 -43.99 94.80
CA GLN I 84 -55.04 -42.69 95.16
C GLN I 84 -53.96 -41.63 95.27
N GLY I 85 -52.84 -41.97 95.89
CA GLY I 85 -51.81 -41.00 96.20
C GLY I 85 -52.22 -39.98 97.23
N VAL I 86 -53.00 -40.39 98.21
CA VAL I 86 -53.47 -39.52 99.28
C VAL I 86 -53.20 -40.10 100.66
N LEU I 87 -52.62 -41.30 100.73
CA LEU I 87 -52.34 -42.04 101.95
C LEU I 87 -50.82 -42.13 102.03
N LYS I 88 -50.21 -41.18 102.74
CA LYS I 88 -48.75 -41.13 102.80
C LYS I 88 -48.16 -42.08 103.82
N ASN I 89 -48.98 -42.74 104.64
CA ASN I 89 -48.48 -43.70 105.62
C ASN I 89 -48.82 -45.14 105.25
N LYS I 90 -49.10 -45.41 103.97
CA LYS I 90 -49.18 -46.79 103.54
C LYS I 90 -47.84 -47.50 103.73
N TRP I 91 -46.74 -46.77 103.52
CA TRP I 91 -45.42 -47.31 103.85
C TRP I 91 -45.33 -47.58 105.34
N SER I 92 -45.97 -46.72 106.16
CA SER I 92 -45.96 -46.93 107.59
C SER I 92 -46.66 -48.22 107.96
N ILE I 93 -47.82 -48.49 107.35
CA ILE I 93 -48.55 -49.71 107.68
C ILE I 93 -47.84 -50.93 107.11
N LEU I 94 -47.16 -50.78 105.96
CA LEU I 94 -46.37 -51.89 105.44
C LEU I 94 -45.19 -52.22 106.34
N TYR I 95 -44.54 -51.19 106.90
CA TYR I 95 -43.50 -51.42 107.90
C TYR I 95 -44.06 -52.04 109.16
N LEU I 96 -45.26 -51.63 109.57
CA LEU I 96 -45.91 -52.25 110.73
C LEU I 96 -46.13 -53.74 110.50
N LEU I 97 -46.66 -54.10 109.34
CA LEU I 97 -46.84 -55.51 109.01
C LEU I 97 -45.51 -56.25 108.94
N LEU I 98 -44.50 -55.62 108.35
CA LEU I 98 -43.16 -56.20 108.33
C LEU I 98 -42.68 -56.51 109.73
N SER I 99 -42.82 -55.55 110.65
CA SER I 99 -42.35 -55.75 112.02
C SER I 99 -43.15 -56.84 112.72
N LEU I 100 -44.46 -56.88 112.50
CA LEU I 100 -45.28 -57.90 113.15
C LEU I 100 -45.04 -59.29 112.58
N SER I 101 -44.54 -59.39 111.35
CA SER I 101 -44.27 -60.69 110.74
C SER I 101 -42.81 -61.12 110.85
N GLU I 102 -41.89 -60.21 111.17
CA GLU I 102 -40.48 -60.56 111.16
C GLU I 102 -40.11 -61.41 112.36
N ASP I 103 -40.68 -61.12 113.53
CA ASP I 103 -40.23 -61.79 114.75
C ASP I 103 -40.53 -63.28 114.71
N PRO I 104 -41.75 -63.72 114.40
CA PRO I 104 -42.02 -65.17 114.35
C PRO I 104 -41.40 -65.87 113.16
N ARG I 105 -40.86 -65.13 112.20
CA ARG I 105 -40.37 -65.71 110.96
C ARG I 105 -38.85 -65.62 110.89
N GLY I 244 -41.30 -11.53 9.67
CA GLY I 244 -40.56 -12.64 10.21
C GLY I 244 -39.07 -12.41 10.22
N ALA I 245 -38.67 -11.18 10.52
CA ALA I 245 -37.26 -10.81 10.56
C ALA I 245 -36.98 -9.89 11.75
N VAL I 246 -37.72 -10.11 12.84
CA VAL I 246 -37.61 -9.31 14.06
C VAL I 246 -36.92 -10.19 15.09
N GLU I 247 -35.75 -9.77 15.56
CA GLU I 247 -35.07 -10.51 16.61
C GLU I 247 -34.34 -9.54 17.53
N VAL I 248 -33.63 -10.13 18.48
CA VAL I 248 -32.73 -9.41 19.38
C VAL I 248 -31.30 -9.56 18.87
N THR I 249 -30.60 -8.44 18.79
CA THR I 249 -29.29 -8.43 18.14
C THR I 249 -28.36 -9.38 18.88
N GLU I 250 -27.34 -9.85 18.17
CA GLU I 250 -26.51 -10.93 18.69
C GLU I 250 -25.75 -10.51 19.95
N ALA I 251 -25.31 -9.25 20.02
CA ALA I 251 -24.67 -8.79 21.25
C ALA I 251 -25.65 -8.83 22.43
N ALA I 252 -26.89 -8.38 22.22
CA ALA I 252 -27.88 -8.42 23.28
C ALA I 252 -28.19 -9.86 23.70
N LEU I 253 -28.29 -10.77 22.72
CA LEU I 253 -28.53 -12.17 23.04
C LEU I 253 -27.36 -12.77 23.82
N VAL I 254 -26.12 -12.43 23.43
CA VAL I 254 -24.95 -12.96 24.12
C VAL I 254 -24.92 -12.48 25.56
N ARG I 255 -25.23 -11.20 25.78
CA ARG I 255 -25.25 -10.69 27.15
C ARG I 255 -26.41 -11.30 27.95
N ASP I 256 -27.55 -11.53 27.29
CA ASP I 256 -28.65 -12.23 27.93
C ASP I 256 -28.24 -13.62 28.40
N ILE I 257 -27.61 -14.40 27.52
CA ILE I 257 -27.20 -15.74 27.89
C ILE I 257 -26.08 -15.71 28.92
N LEU I 258 -25.23 -14.68 28.91
CA LEU I 258 -24.20 -14.56 29.94
C LEU I 258 -24.82 -14.29 31.31
N TYR I 259 -25.81 -13.41 31.38
CA TYR I 259 -26.56 -13.27 32.62
C TYR I 259 -27.26 -14.57 33.01
N VAL I 260 -27.84 -15.27 32.03
CA VAL I 260 -28.48 -16.54 32.35
C VAL I 260 -27.48 -17.46 33.04
N PHE I 261 -26.25 -17.52 32.50
CA PHE I 261 -25.26 -18.39 33.10
C PHE I 261 -24.94 -17.92 34.51
N GLN I 262 -24.80 -16.61 34.69
CA GLN I 262 -24.37 -16.07 35.98
C GLN I 262 -25.54 -15.88 36.93
N GLY I 263 -26.69 -16.50 36.64
CA GLY I 263 -27.83 -16.47 37.54
C GLY I 263 -28.65 -15.21 37.51
N ILE I 264 -28.28 -14.21 36.70
CA ILE I 264 -29.04 -12.96 36.58
C ILE I 264 -29.89 -13.02 35.32
N ASP I 265 -31.09 -12.46 35.39
CA ASP I 265 -31.97 -12.45 34.22
C ASP I 265 -31.30 -11.70 33.08
N GLY I 266 -31.27 -12.33 31.91
CA GLY I 266 -30.66 -11.75 30.74
C GLY I 266 -31.56 -10.75 30.06
N LYS I 267 -31.05 -10.21 28.95
CA LYS I 267 -31.84 -9.26 28.17
C LYS I 267 -33.14 -9.89 27.69
N HIS I 268 -33.05 -11.12 27.19
CA HIS I 268 -34.22 -11.85 26.73
C HIS I 268 -34.29 -13.28 27.24
N VAL I 269 -33.17 -13.89 27.65
CA VAL I 269 -33.15 -15.18 28.33
C VAL I 269 -32.87 -14.95 29.80
N LYS I 270 -33.81 -15.31 30.67
CA LYS I 270 -33.76 -14.88 32.06
C LYS I 270 -34.09 -16.06 32.96
N MET I 271 -33.77 -15.91 34.24
CA MET I 271 -34.07 -16.95 35.21
C MET I 271 -35.58 -17.08 35.34
N SER I 272 -36.11 -18.24 34.94
CA SER I 272 -37.45 -18.66 35.35
C SER I 272 -37.29 -19.63 36.52
N ASN I 273 -37.17 -19.04 37.70
CA ASN I 273 -37.02 -19.82 38.92
C ASN I 273 -38.31 -20.52 39.32
N ALA I 274 -39.46 -20.05 38.82
CA ALA I 274 -40.70 -20.79 38.99
C ALA I 274 -40.70 -22.08 38.18
N ASP I 275 -40.04 -22.08 37.02
CA ASP I 275 -39.79 -23.31 36.28
C ASP I 275 -38.47 -23.96 36.67
N ASN I 276 -37.71 -23.34 37.56
CA ASN I 276 -36.44 -23.91 38.03
C ASN I 276 -35.50 -24.12 36.85
N CYS I 277 -35.40 -23.11 36.01
CA CYS I 277 -34.57 -23.14 34.81
C CYS I 277 -34.44 -21.70 34.32
N TYR I 278 -33.97 -21.55 33.09
CA TYR I 278 -34.00 -20.25 32.42
C TYR I 278 -34.97 -20.32 31.24
N THR I 279 -35.77 -19.27 31.11
CA THR I 279 -36.77 -19.16 30.05
C THR I 279 -36.65 -17.81 29.37
N VAL I 280 -37.01 -17.76 28.10
CA VAL I 280 -37.03 -16.51 27.34
C VAL I 280 -38.41 -15.89 27.50
N GLU I 281 -38.45 -14.57 27.64
CA GLU I 281 -39.70 -13.87 27.93
C GLU I 281 -40.33 -13.33 26.64
N GLY I 282 -41.60 -12.96 26.75
CA GLY I 282 -42.33 -12.45 25.60
C GLY I 282 -41.92 -11.07 25.15
N LYS I 283 -41.23 -10.31 26.01
CA LYS I 283 -40.74 -9.00 25.60
C LYS I 283 -39.74 -9.12 24.47
N ALA I 284 -39.01 -10.23 24.41
CA ALA I 284 -38.00 -10.40 23.39
C ALA I 284 -38.64 -10.53 22.01
N ASN I 285 -37.98 -9.97 21.01
CA ASN I 285 -38.35 -10.17 19.62
C ASN I 285 -37.60 -11.34 18.98
N LEU I 286 -36.85 -12.10 19.78
CA LEU I 286 -35.98 -13.14 19.25
C LEU I 286 -36.79 -14.15 18.45
N SER I 287 -36.18 -14.66 17.38
CA SER I 287 -36.87 -15.66 16.59
C SER I 287 -37.01 -16.96 17.39
N LYS I 288 -37.94 -17.80 16.94
CA LYS I 288 -38.23 -19.01 17.69
C LYS I 288 -37.04 -19.96 17.71
N SER I 289 -36.34 -20.13 16.58
CA SER I 289 -35.13 -20.95 16.61
C SER I 289 -34.05 -20.32 17.49
N LEU I 290 -33.85 -19.00 17.35
CA LEU I 290 -32.88 -18.31 18.20
C LEU I 290 -33.32 -18.34 19.66
N ARG I 291 -34.61 -18.14 19.91
CA ARG I 291 -35.12 -18.22 21.28
C ARG I 291 -34.95 -19.61 21.84
N ASP I 292 -35.21 -20.64 21.03
CA ASP I 292 -35.03 -22.02 21.47
C ASP I 292 -33.58 -22.30 21.84
N THR I 293 -32.64 -21.86 21.00
CA THR I 293 -31.23 -22.09 21.32
C THR I 293 -30.81 -21.32 22.57
N ALA I 294 -31.31 -20.09 22.71
CA ALA I 294 -30.98 -19.29 23.89
C ALA I 294 -31.55 -19.95 25.14
N VAL I 295 -32.77 -20.47 25.07
CA VAL I 295 -33.39 -21.13 26.21
C VAL I 295 -32.67 -22.44 26.51
N ARG I 296 -32.25 -23.18 25.48
CA ARG I 296 -31.52 -24.41 25.71
C ARG I 296 -30.21 -24.16 26.44
N LEU I 297 -29.48 -23.10 26.06
CA LEU I 297 -28.26 -22.78 26.78
C LEU I 297 -28.52 -22.16 28.14
N ALA I 298 -29.62 -21.41 28.28
CA ALA I 298 -29.91 -20.80 29.57
C ALA I 298 -30.49 -21.79 30.57
N GLU I 299 -31.11 -22.89 30.12
CA GLU I 299 -31.39 -24.00 31.02
C GLU I 299 -30.11 -24.52 31.66
N LEU I 300 -29.04 -24.63 30.86
CA LEU I 300 -27.74 -24.98 31.41
C LEU I 300 -27.26 -23.94 32.40
N GLY I 301 -27.44 -22.67 32.07
CA GLY I 301 -27.02 -21.61 32.99
C GLY I 301 -27.78 -21.65 34.30
N TRP I 302 -29.10 -21.88 34.24
CA TRP I 302 -29.92 -22.02 35.44
C TRP I 302 -29.47 -23.20 36.28
N LEU I 303 -29.21 -24.34 35.62
CA LEU I 303 -28.75 -25.52 36.35
C LEU I 303 -27.41 -25.24 37.02
N HIS I 304 -26.52 -24.54 36.31
CA HIS I 304 -25.21 -24.21 36.89
C HIS I 304 -25.38 -23.27 38.08
N ASN I 305 -26.30 -22.31 37.99
CA ASN I 305 -26.57 -21.44 39.12
C ASN I 305 -27.06 -22.24 40.31
N LYS I 306 -27.99 -23.17 40.07
CA LYS I 306 -28.50 -24.00 41.15
C LYS I 306 -27.37 -24.82 41.78
N ILE I 307 -26.52 -25.41 40.94
CA ILE I 307 -25.43 -26.24 41.44
C ILE I 307 -24.48 -25.41 42.27
N ARG I 308 -24.13 -24.22 41.79
CA ARG I 308 -23.22 -23.34 42.53
C ARG I 308 -23.84 -22.93 43.86
N LYS I 309 -25.14 -22.61 43.85
CA LYS I 309 -25.82 -22.25 45.09
C LYS I 309 -25.76 -23.39 46.10
N TYR I 310 -26.05 -24.61 45.65
CA TYR I 310 -26.00 -25.76 46.55
C TYR I 310 -24.58 -25.97 47.06
N THR I 311 -23.59 -25.85 46.18
CA THR I 311 -22.19 -25.99 46.57
C THR I 311 -21.86 -25.01 47.69
N ASP I 312 -22.20 -23.73 47.48
CA ASP I 312 -21.91 -22.71 48.48
C ASP I 312 -22.63 -23.03 49.78
N GLN I 313 -23.90 -23.40 49.70
CA GLN I 313 -24.69 -23.61 50.92
C GLN I 313 -24.14 -24.79 51.71
N ARG I 314 -23.67 -25.82 51.02
CA ARG I 314 -23.16 -26.99 51.74
C ARG I 314 -21.74 -26.78 52.21
N SER I 315 -20.97 -25.91 51.55
CA SER I 315 -19.67 -25.55 52.11
C SER I 315 -19.87 -24.71 53.36
N LEU I 316 -20.87 -23.82 53.33
CA LEU I 316 -21.16 -22.97 54.48
C LEU I 316 -21.69 -23.80 55.63
N ASP I 317 -22.29 -24.95 55.34
CA ASP I 317 -22.97 -25.76 56.34
C ASP I 317 -21.98 -26.77 56.90
N ARG I 318 -21.58 -26.56 58.16
CA ARG I 318 -20.80 -27.56 58.87
C ARG I 318 -21.62 -28.81 59.16
N SER I 319 -22.94 -28.65 59.34
CA SER I 319 -23.79 -29.80 59.56
C SER I 319 -23.77 -30.75 58.37
N PHE I 320 -23.36 -30.26 57.19
CA PHE I 320 -23.20 -31.14 56.05
C PHE I 320 -22.08 -32.14 56.27
N GLY I 321 -21.19 -31.88 57.24
CA GLY I 321 -20.15 -32.81 57.60
C GLY I 321 -18.81 -32.42 57.00
N LEU I 322 -17.74 -32.94 57.61
CA LEU I 322 -16.42 -32.71 57.04
C LEU I 322 -16.32 -33.35 55.66
N VAL I 323 -17.07 -34.44 55.44
CA VAL I 323 -17.14 -35.05 54.13
C VAL I 323 -17.78 -34.08 53.14
N GLY I 324 -18.87 -33.43 53.58
CA GLY I 324 -19.51 -32.43 52.77
C GLY I 324 -18.62 -31.23 52.49
N GLN I 325 -17.78 -30.85 53.45
CA GLN I 325 -16.84 -29.76 53.20
C GLN I 325 -15.85 -30.13 52.10
N SER I 326 -15.38 -31.38 52.10
CA SER I 326 -14.52 -31.83 51.00
C SER I 326 -15.30 -31.86 49.69
N PHE I 327 -16.57 -32.25 49.75
CA PHE I 327 -17.41 -32.21 48.55
C PHE I 327 -17.51 -30.79 48.01
N CYS I 328 -17.70 -29.81 48.89
CA CYS I 328 -17.76 -28.42 48.46
C CYS I 328 -16.42 -27.95 47.93
N ALA I 329 -15.32 -28.47 48.49
CA ALA I 329 -14.00 -28.16 47.95
C ALA I 329 -13.86 -28.67 46.52
N ALA I 330 -14.33 -29.89 46.26
CA ALA I 330 -14.33 -30.41 44.90
C ALA I 330 -15.24 -29.58 44.00
N LEU I 331 -16.38 -29.16 44.53
CA LEU I 331 -17.28 -28.28 43.78
C LEU I 331 -16.59 -26.98 43.42
N HIS I 332 -15.81 -26.43 44.34
CA HIS I 332 -15.05 -25.21 44.06
C HIS I 332 -13.96 -25.47 43.02
N GLN I 333 -13.33 -26.64 43.08
CA GLN I 333 -12.35 -26.98 42.06
C GLN I 333 -13.01 -27.02 40.68
N GLU I 334 -14.22 -27.56 40.59
CA GLU I 334 -14.95 -27.55 39.33
C GLU I 334 -15.36 -26.13 38.94
N LEU I 335 -15.81 -25.34 39.92
CA LEU I 335 -16.21 -23.97 39.65
C LEU I 335 -15.02 -23.14 39.17
N ARG I 336 -13.81 -23.52 39.55
CA ARG I 336 -12.63 -22.86 39.01
C ARG I 336 -12.59 -23.00 37.49
N GLU I 337 -12.76 -24.22 36.98
CA GLU I 337 -12.83 -24.42 35.53
C GLU I 337 -14.08 -23.79 34.94
N TYR I 338 -15.13 -23.65 35.76
CA TYR I 338 -16.33 -22.97 35.28
C TYR I 338 -16.07 -21.49 35.06
N TYR I 339 -15.37 -20.84 35.99
CA TYR I 339 -15.09 -19.43 35.83
C TYR I 339 -14.01 -19.23 34.77
N ARG I 340 -13.07 -20.17 34.68
CA ARG I 340 -12.04 -20.12 33.63
C ARG I 340 -12.62 -20.28 32.25
N LEU I 341 -13.81 -20.88 32.13
CA LEU I 341 -14.50 -20.90 30.84
C LEU I 341 -15.52 -19.79 30.68
N LEU I 342 -16.07 -19.28 31.78
CA LEU I 342 -16.90 -18.07 31.70
C LEU I 342 -16.07 -16.89 31.24
N SER I 343 -14.79 -16.85 31.64
CA SER I 343 -13.88 -15.84 31.12
C SER I 343 -13.74 -15.93 29.60
N VAL I 344 -13.59 -17.15 29.08
CA VAL I 344 -13.49 -17.31 27.63
C VAL I 344 -14.80 -16.94 26.96
N LEU I 345 -15.92 -17.28 27.60
CA LEU I 345 -17.22 -16.88 27.07
C LEU I 345 -17.33 -15.36 26.98
N HIS I 346 -16.91 -14.66 28.05
CA HIS I 346 -16.96 -13.21 28.04
C HIS I 346 -16.00 -12.63 27.00
N SER I 347 -14.83 -13.23 26.84
CA SER I 347 -13.90 -12.76 25.82
C SER I 347 -14.49 -12.92 24.42
N GLN I 348 -15.15 -14.06 24.16
CA GLN I 348 -15.77 -14.26 22.86
C GLN I 348 -16.96 -13.33 22.67
N LEU I 349 -17.70 -13.02 23.74
CA LEU I 349 -18.77 -12.02 23.65
C LEU I 349 -18.22 -10.65 23.32
N GLN I 350 -17.09 -10.28 23.93
CA GLN I 350 -16.42 -9.04 23.58
C GLN I 350 -16.00 -9.02 22.12
N LEU I 351 -15.47 -10.15 21.64
CA LEU I 351 -15.10 -10.24 20.22
C LEU I 351 -16.31 -10.08 19.32
N GLU I 352 -17.43 -10.72 19.70
CA GLU I 352 -18.67 -10.57 18.93
C GLU I 352 -19.14 -9.12 18.92
N ASP I 353 -19.07 -8.44 20.06
CA ASP I 353 -19.44 -7.03 20.09
C ASP I 353 -18.49 -6.18 19.26
N ASP I 354 -17.24 -6.62 19.16
CA ASP I 354 -16.21 -5.87 18.44
C ASP I 354 -16.41 -5.98 16.93
N GLN I 355 -16.31 -7.20 16.40
CA GLN I 355 -16.40 -7.41 14.96
C GLN I 355 -17.83 -7.67 14.47
N GLY I 356 -18.60 -8.49 15.16
CA GLY I 356 -19.93 -8.84 14.73
C GLY I 356 -20.22 -10.30 14.96
N VAL I 357 -21.34 -10.76 14.40
CA VAL I 357 -21.78 -12.15 14.54
C VAL I 357 -20.95 -13.05 13.63
N ASN I 358 -21.03 -14.36 13.86
CA ASN I 358 -20.42 -15.35 12.97
C ASN I 358 -18.92 -15.15 12.89
N LEU I 359 -18.26 -15.23 14.03
CA LEU I 359 -16.80 -15.09 14.11
C LEU I 359 -16.15 -16.34 13.53
N GLY I 360 -15.71 -16.25 12.28
CA GLY I 360 -15.05 -17.37 11.64
C GLY I 360 -16.01 -18.52 11.38
N LEU I 361 -15.42 -19.68 11.09
CA LEU I 361 -16.18 -20.92 10.97
C LEU I 361 -16.27 -21.68 12.29
N GLU I 362 -15.49 -21.27 13.29
CA GLU I 362 -15.51 -21.94 14.59
C GLU I 362 -15.19 -20.91 15.66
N SER I 363 -15.64 -21.18 16.88
CA SER I 363 -15.49 -20.28 18.01
C SER I 363 -16.26 -18.99 17.81
N SER I 364 -17.21 -18.99 16.87
CA SER I 364 -18.11 -17.86 16.70
C SER I 364 -19.09 -17.77 17.86
N LEU I 365 -19.71 -16.60 18.01
CA LEU I 365 -20.66 -16.35 19.09
C LEU I 365 -22.05 -16.31 18.46
N THR I 366 -22.64 -17.48 18.31
CA THR I 366 -24.04 -17.66 17.98
C THR I 366 -24.65 -18.54 19.05
N LEU I 367 -25.99 -18.66 19.05
CA LEU I 367 -26.60 -19.58 20.00
C LEU I 367 -26.10 -21.00 19.74
N ARG I 368 -25.88 -21.36 18.48
CA ARG I 368 -25.42 -22.69 18.14
C ARG I 368 -23.98 -22.91 18.60
N ARG I 369 -23.11 -21.94 18.34
CA ARG I 369 -21.71 -22.07 18.73
C ARG I 369 -21.56 -22.07 20.24
N LEU I 370 -22.32 -21.22 20.92
CA LEU I 370 -22.31 -21.22 22.38
C LEU I 370 -22.78 -22.56 22.93
N LEU I 371 -23.86 -23.12 22.35
CA LEU I 371 -24.32 -24.43 22.80
C LEU I 371 -23.27 -25.50 22.56
N VAL I 372 -22.57 -25.42 21.44
CA VAL I 372 -21.51 -26.38 21.15
C VAL I 372 -20.40 -26.27 22.19
N TRP I 373 -19.93 -25.05 22.47
CA TRP I 373 -18.87 -24.92 23.46
C TRP I 373 -19.38 -25.17 24.88
N THR I 374 -20.70 -25.24 25.07
CA THR I 374 -21.30 -25.48 26.37
C THR I 374 -22.22 -26.69 26.31
N TYR I 375 -21.75 -27.76 25.64
CA TYR I 375 -22.50 -29.00 25.57
C TYR I 375 -22.07 -29.95 26.70
N ASP I 376 -20.79 -30.30 26.74
CA ASP I 376 -20.30 -31.02 27.92
C ASP I 376 -20.54 -30.22 29.18
N PRO I 377 -20.30 -28.91 29.23
CA PRO I 377 -20.69 -28.14 30.42
C PRO I 377 -22.17 -28.20 30.72
N LYS I 378 -23.02 -28.22 29.69
CA LYS I 378 -24.46 -28.33 29.90
C LYS I 378 -24.80 -29.59 30.69
N MET I 379 -24.31 -30.74 30.23
CA MET I 379 -24.68 -31.99 30.87
C MET I 379 -23.96 -32.16 32.19
N ARG I 380 -22.76 -31.60 32.31
CA ARG I 380 -22.07 -31.59 33.60
C ARG I 380 -22.88 -30.82 34.63
N LEU I 381 -23.38 -29.63 34.27
CA LEU I 381 -24.20 -28.85 35.18
C LEU I 381 -25.49 -29.57 35.53
N LYS I 382 -26.12 -30.21 34.53
CA LYS I 382 -27.35 -30.94 34.80
C LYS I 382 -27.09 -32.09 35.78
N THR I 383 -26.01 -32.84 35.56
CA THR I 383 -25.68 -33.95 36.43
C THR I 383 -25.34 -33.47 37.83
N LEU I 384 -24.58 -32.38 37.93
CA LEU I 384 -24.21 -31.86 39.24
C LEU I 384 -25.43 -31.34 40.00
N ALA I 385 -26.39 -30.72 39.29
CA ALA I 385 -27.60 -30.27 39.95
C ALA I 385 -28.46 -31.44 40.40
N ALA I 386 -28.52 -32.51 39.59
CA ALA I 386 -29.24 -33.71 40.01
C ALA I 386 -28.59 -34.34 41.23
N LEU I 387 -27.25 -34.43 41.24
CA LEU I 387 -26.56 -34.97 42.39
C LEU I 387 -26.77 -34.10 43.63
N VAL I 388 -26.76 -32.77 43.45
CA VAL I 388 -27.08 -31.87 44.55
C VAL I 388 -28.47 -32.17 45.11
N ASP I 389 -29.45 -32.26 44.21
CA ASP I 389 -30.82 -32.52 44.65
C ASP I 389 -30.94 -33.86 45.35
N HIS I 390 -30.16 -34.86 44.94
CA HIS I 390 -30.19 -36.14 45.65
C HIS I 390 -29.37 -36.12 46.92
N CYS I 391 -28.46 -35.14 47.06
CA CYS I 391 -27.61 -34.99 48.23
C CYS I 391 -28.16 -33.97 49.22
N GLN I 392 -29.33 -33.38 48.93
CA GLN I 392 -29.89 -32.36 49.81
C GLN I 392 -30.32 -32.99 51.12
N GLY I 393 -30.03 -32.29 52.22
CA GLY I 393 -30.38 -32.79 53.54
C GLY I 393 -29.64 -34.06 53.91
N ARG I 394 -28.39 -34.20 53.47
CA ARG I 394 -27.57 -35.36 53.73
C ARG I 394 -26.18 -34.88 54.10
N LYS I 395 -25.56 -35.55 55.07
CA LYS I 395 -24.23 -35.16 55.52
C LYS I 395 -23.45 -36.38 55.96
N GLY I 396 -22.13 -36.30 55.83
CA GLY I 396 -21.28 -37.39 56.23
C GLY I 396 -21.64 -38.64 55.45
N GLY I 397 -21.95 -39.70 56.19
CA GLY I 397 -22.40 -40.93 55.56
C GLY I 397 -23.69 -40.77 54.80
N GLU I 398 -24.58 -39.90 55.27
CA GLU I 398 -25.82 -39.65 54.52
C GLU I 398 -25.53 -39.06 53.15
N LEU I 399 -24.63 -38.08 53.08
CA LEU I 399 -24.26 -37.52 51.78
C LEU I 399 -23.50 -38.54 50.93
N ALA I 400 -22.69 -39.38 51.58
CA ALA I 400 -22.00 -40.44 50.84
C ALA I 400 -22.99 -41.42 50.22
N SER I 401 -24.01 -41.82 50.98
CA SER I 401 -25.05 -42.68 50.44
C SER I 401 -25.84 -41.98 49.34
N ALA I 402 -26.09 -40.69 49.50
CA ALA I 402 -26.81 -39.94 48.46
C ALA I 402 -26.04 -39.94 47.15
N VAL I 403 -24.73 -39.71 47.21
CA VAL I 403 -23.93 -39.68 45.98
C VAL I 403 -23.62 -41.08 45.46
N HIS I 404 -23.61 -42.10 46.33
CA HIS I 404 -23.43 -43.47 45.90
C HIS I 404 -24.68 -44.08 45.29
N ALA I 405 -25.86 -43.56 45.64
CA ALA I 405 -27.10 -44.11 45.10
C ALA I 405 -27.26 -43.83 43.61
N TYR I 406 -26.43 -42.96 43.05
CA TYR I 406 -26.51 -42.58 41.64
C TYR I 406 -25.32 -43.11 40.85
N THR I 407 -24.63 -44.13 41.37
CA THR I 407 -23.62 -44.86 40.63
C THR I 407 -24.16 -46.12 39.96
N LYS I 408 -25.47 -46.37 40.05
CA LYS I 408 -26.04 -47.58 39.46
C LYS I 408 -26.11 -47.46 37.95
N THR I 409 -26.40 -46.26 37.44
CA THR I 409 -26.51 -46.03 36.01
C THR I 409 -25.15 -46.24 35.34
N GLY I 410 -25.20 -46.60 34.06
CA GLY I 410 -24.01 -46.89 33.29
C GLY I 410 -23.51 -45.77 32.42
N ASP I 411 -24.13 -44.59 32.48
CA ASP I 411 -23.64 -43.44 31.72
C ASP I 411 -22.22 -43.12 32.17
N PRO I 412 -21.23 -43.28 31.29
CA PRO I 412 -19.83 -43.14 31.72
C PRO I 412 -19.48 -41.77 32.29
N TYR I 413 -19.98 -40.69 31.68
CA TYR I 413 -19.63 -39.35 32.16
C TYR I 413 -20.13 -39.13 33.59
N ALA I 414 -21.41 -39.43 33.83
CA ALA I 414 -21.96 -39.28 35.17
C ALA I 414 -21.29 -40.24 36.15
N ARG I 415 -21.03 -41.47 35.72
CA ARG I 415 -20.35 -42.42 36.59
C ARG I 415 -19.00 -41.89 37.04
N SER I 416 -18.18 -41.42 36.09
CA SER I 416 -16.86 -40.89 36.42
C SER I 416 -16.98 -39.67 37.32
N LEU I 417 -17.89 -38.75 36.99
CA LEU I 417 -18.02 -37.53 37.79
C LEU I 417 -18.43 -37.86 39.22
N VAL I 418 -19.40 -38.75 39.39
CA VAL I 418 -19.89 -39.09 40.72
C VAL I 418 -18.82 -39.85 41.49
N GLN I 419 -18.10 -40.76 40.82
CA GLN I 419 -17.02 -41.49 41.49
C GLN I 419 -15.94 -40.53 41.97
N HIS I 420 -15.53 -39.59 41.12
CA HIS I 420 -14.52 -38.61 41.53
C HIS I 420 -15.00 -37.77 42.69
N ILE I 421 -16.26 -37.30 42.63
CA ILE I 421 -16.79 -36.47 43.70
C ILE I 421 -16.83 -37.25 45.01
N LEU I 422 -17.32 -38.49 44.96
CA LEU I 422 -17.39 -39.31 46.16
C LEU I 422 -16.00 -39.57 46.73
N SER I 423 -15.04 -39.91 45.88
CA SER I 423 -13.69 -40.18 46.36
C SER I 423 -13.08 -38.93 46.99
N LEU I 424 -13.33 -37.76 46.39
CA LEU I 424 -12.77 -36.53 46.92
C LEU I 424 -13.41 -36.13 48.24
N VAL I 425 -14.73 -36.31 48.37
CA VAL I 425 -15.45 -35.80 49.53
C VAL I 425 -15.65 -36.82 50.64
N SER I 426 -15.28 -38.08 50.43
CA SER I 426 -15.39 -39.08 51.47
C SER I 426 -14.19 -39.08 52.40
N HIS I 427 -13.19 -38.22 52.16
CA HIS I 427 -11.98 -38.26 52.97
C HIS I 427 -12.24 -37.94 54.44
N PRO I 428 -13.05 -36.94 54.80
CA PRO I 428 -13.24 -36.68 56.24
C PRO I 428 -13.92 -37.82 56.98
N VAL I 429 -14.89 -38.48 56.34
CA VAL I 429 -15.55 -39.62 56.98
C VAL I 429 -14.58 -40.78 57.15
N LEU I 430 -13.77 -41.05 56.13
CA LEU I 430 -12.76 -42.09 56.24
C LEU I 430 -11.73 -41.75 57.32
N SER I 431 -11.35 -40.48 57.41
CA SER I 431 -10.41 -40.05 58.45
C SER I 431 -10.99 -40.31 59.83
N PHE I 432 -12.24 -39.88 60.07
CA PHE I 432 -12.87 -40.14 61.35
C PHE I 432 -12.91 -41.64 61.64
N LEU I 433 -13.33 -42.45 60.65
CA LEU I 433 -13.47 -43.88 60.86
C LEU I 433 -12.13 -44.51 61.23
N TYR I 434 -11.08 -44.21 60.46
CA TYR I 434 -9.79 -44.85 60.67
C TYR I 434 -9.14 -44.37 61.96
N ARG I 435 -9.29 -43.08 62.30
CA ARG I 435 -8.80 -42.60 63.58
C ARG I 435 -9.48 -43.33 64.72
N TRP I 436 -10.80 -43.52 64.63
CA TRP I 436 -11.53 -44.19 65.71
C TRP I 436 -11.10 -45.65 65.81
N ILE I 437 -10.91 -46.31 64.66
CA ILE I 437 -10.59 -47.74 64.68
C ILE I 437 -9.17 -47.98 65.18
N TYR I 438 -8.23 -47.11 64.82
CA TYR I 438 -6.82 -47.33 65.16
C TYR I 438 -6.45 -46.68 66.48
N ASP I 439 -6.58 -45.36 66.57
CA ASP I 439 -6.17 -44.61 67.75
C ASP I 439 -7.31 -44.41 68.74
N GLY I 440 -8.52 -44.85 68.40
CA GLY I 440 -9.67 -44.62 69.26
C GLY I 440 -10.02 -43.16 69.41
N GLU I 441 -9.67 -42.33 68.44
CA GLU I 441 -9.90 -40.90 68.48
C GLU I 441 -11.05 -40.56 67.55
N LEU I 442 -11.90 -39.63 67.96
CA LEU I 442 -13.01 -39.19 67.12
C LEU I 442 -13.19 -37.68 67.30
N GLU I 443 -13.12 -36.95 66.19
CA GLU I 443 -13.42 -35.52 66.17
C GLU I 443 -14.82 -35.25 65.64
N ASP I 444 -15.63 -36.29 65.48
CA ASP I 444 -16.98 -36.16 64.94
C ASP I 444 -17.91 -35.70 66.04
N THR I 445 -18.28 -34.41 66.02
CA THR I 445 -19.33 -33.92 66.90
C THR I 445 -20.71 -34.01 66.27
N TYR I 446 -20.80 -33.87 64.94
CA TYR I 446 -22.04 -34.13 64.21
C TYR I 446 -22.10 -35.55 63.66
N HIS I 447 -21.06 -36.36 63.88
CA HIS I 447 -21.03 -37.75 63.46
C HIS I 447 -21.24 -37.87 61.95
N GLU I 448 -20.33 -37.24 61.18
CA GLU I 448 -20.28 -37.48 59.75
C GLU I 448 -19.72 -38.85 59.40
N PHE I 449 -19.14 -39.57 60.36
CA PHE I 449 -18.65 -40.92 60.17
C PHE I 449 -19.62 -41.91 60.79
N PHE I 450 -19.65 -43.13 60.25
CA PHE I 450 -20.56 -44.14 60.78
C PHE I 450 -20.18 -44.57 62.19
N VAL I 451 -18.92 -44.40 62.57
CA VAL I 451 -18.48 -44.63 63.95
C VAL I 451 -18.85 -43.40 64.76
N ALA I 452 -19.74 -43.57 65.73
CA ALA I 452 -20.19 -42.47 66.57
C ALA I 452 -19.59 -42.62 67.97
N SER I 453 -19.02 -41.52 68.47
CA SER I 453 -18.35 -41.54 69.77
C SER I 453 -19.40 -41.58 70.89
N ASP I 454 -19.25 -42.51 71.81
CA ASP I 454 -20.13 -42.60 72.97
C ASP I 454 -19.35 -42.25 74.23
N PRO I 455 -19.50 -41.05 74.76
CA PRO I 455 -18.79 -40.68 75.99
C PRO I 455 -19.53 -41.17 77.24
N ALA I 456 -18.82 -41.14 78.36
CA ALA I 456 -19.37 -41.49 79.66
C ALA I 456 -19.95 -42.91 79.65
N VAL I 457 -19.05 -43.88 79.43
CA VAL I 457 -19.39 -45.30 79.39
C VAL I 457 -18.74 -45.99 80.58
N LYS I 458 -19.50 -46.84 81.24
CA LYS I 458 -19.00 -47.56 82.40
C LYS I 458 -17.87 -48.50 82.00
N ALA I 459 -17.17 -49.03 83.00
CA ALA I 459 -16.09 -49.96 82.74
C ALA I 459 -16.59 -51.32 82.27
N ASP I 460 -17.90 -51.57 82.39
CA ASP I 460 -18.49 -52.82 81.96
C ASP I 460 -18.87 -52.82 80.49
N ARG I 461 -18.84 -51.66 79.83
CA ARG I 461 -19.29 -51.53 78.45
C ARG I 461 -18.28 -50.75 77.61
N LEU I 462 -16.99 -50.92 77.91
CA LEU I 462 -15.96 -50.30 77.07
C LEU I 462 -15.83 -50.98 75.72
N TRP I 463 -16.35 -52.20 75.60
CA TRP I 463 -16.31 -52.92 74.33
C TRP I 463 -17.68 -53.03 73.68
N HIS I 464 -18.76 -52.71 74.41
CA HIS I 464 -20.11 -52.87 73.91
C HIS I 464 -20.68 -51.54 73.42
N ASP I 465 -20.67 -50.52 74.27
CA ASP I 465 -21.25 -49.22 73.95
C ASP I 465 -20.28 -48.10 74.32
N LYS I 466 -18.98 -48.37 74.30
CA LYS I 466 -18.01 -47.28 74.42
C LYS I 466 -18.10 -46.34 73.23
N TYR I 467 -18.48 -46.87 72.06
CA TYR I 467 -18.74 -46.07 70.88
C TYR I 467 -20.00 -46.59 70.21
N ALA I 468 -20.72 -45.71 69.53
CA ALA I 468 -22.00 -46.03 68.93
C ALA I 468 -21.91 -45.93 67.41
N LEU I 469 -22.95 -46.41 66.75
CA LEU I 469 -23.06 -46.33 65.30
C LEU I 469 -24.22 -45.42 64.91
N ARG I 470 -24.00 -44.59 63.91
CA ARG I 470 -25.01 -43.70 63.36
C ARG I 470 -25.44 -44.28 62.01
N LYS I 471 -26.68 -44.76 61.94
CA LYS I 471 -27.12 -45.44 60.73
C LYS I 471 -27.06 -44.52 59.52
N PRO I 472 -27.62 -43.31 59.55
CA PRO I 472 -27.52 -42.45 58.36
C PRO I 472 -26.10 -42.02 58.07
N MET I 473 -25.24 -42.00 59.09
CA MET I 473 -23.88 -41.48 58.97
C MET I 473 -22.90 -42.53 58.48
N ILE I 474 -23.41 -43.62 57.90
CA ILE I 474 -22.59 -44.69 57.34
C ILE I 474 -22.60 -44.55 55.83
N PRO I 475 -21.46 -44.60 55.16
CA PRO I 475 -21.45 -44.45 53.70
C PRO I 475 -22.09 -45.64 53.03
N SER I 476 -22.27 -45.50 51.71
CA SER I 476 -22.77 -46.59 50.89
C SER I 476 -21.64 -47.50 50.41
N PHE I 477 -20.39 -47.08 50.57
CA PHE I 477 -19.24 -47.92 50.30
C PHE I 477 -18.77 -48.68 51.53
N MET I 478 -19.45 -48.53 52.66
CA MET I 478 -19.11 -49.25 53.89
C MET I 478 -20.38 -49.87 54.43
N THR I 479 -20.36 -51.18 54.64
CA THR I 479 -21.57 -51.91 54.97
C THR I 479 -21.85 -51.85 56.47
N MET I 480 -22.94 -52.51 56.87
CA MET I 480 -23.32 -52.52 58.28
C MET I 480 -22.24 -53.23 59.11
N ASP I 481 -21.83 -54.42 58.66
CA ASP I 481 -20.85 -55.16 59.44
C ASP I 481 -19.51 -54.44 59.41
N GLN I 482 -19.20 -53.75 58.32
CA GLN I 482 -18.01 -52.92 58.25
C GLN I 482 -18.01 -51.85 59.34
N CYS I 483 -19.13 -51.12 59.45
CA CYS I 483 -19.22 -50.08 60.47
C CYS I 483 -19.19 -50.70 61.87
N ARG I 484 -19.85 -51.84 62.05
CA ARG I 484 -19.85 -52.51 63.34
C ARG I 484 -18.45 -52.90 63.76
N LYS I 485 -17.67 -53.46 62.81
CA LYS I 485 -16.31 -53.87 63.13
C LYS I 485 -15.39 -52.68 63.35
N VAL I 486 -15.60 -51.58 62.62
CA VAL I 486 -14.85 -50.35 62.88
C VAL I 486 -15.12 -49.86 64.30
N LEU I 487 -16.39 -49.84 64.70
CA LEU I 487 -16.72 -49.42 66.05
C LEU I 487 -16.14 -50.37 67.08
N LEU I 488 -16.18 -51.68 66.80
CA LEU I 488 -15.64 -52.67 67.72
C LEU I 488 -14.14 -52.48 67.89
N ILE I 489 -13.42 -52.25 66.79
CA ILE I 489 -11.98 -52.06 66.87
C ILE I 489 -11.66 -50.79 67.65
N GLY I 490 -12.39 -49.71 67.40
CA GLY I 490 -12.14 -48.49 68.14
C GLY I 490 -12.43 -48.63 69.62
N LYS I 491 -13.49 -49.36 69.97
CA LYS I 491 -13.80 -49.59 71.37
C LYS I 491 -12.76 -50.49 72.03
N SER I 492 -12.27 -51.51 71.31
CA SER I 492 -11.20 -52.34 71.83
C SER I 492 -9.94 -51.51 72.08
N ILE I 493 -9.59 -50.62 71.15
CA ILE I 493 -8.40 -49.80 71.32
C ILE I 493 -8.56 -48.88 72.53
N ASN I 494 -9.73 -48.25 72.66
CA ASN I 494 -9.95 -47.38 73.81
C ASN I 494 -9.92 -48.16 75.12
N PHE I 495 -10.50 -49.37 75.14
CA PHE I 495 -10.46 -50.20 76.34
C PHE I 495 -9.03 -50.59 76.70
N LEU I 496 -8.22 -50.95 75.69
CA LEU I 496 -6.82 -51.28 75.95
C LEU I 496 -6.07 -50.08 76.51
N HIS I 497 -6.36 -48.88 75.99
CA HIS I 497 -5.75 -47.68 76.53
C HIS I 497 -6.15 -47.47 77.99
N GLN I 498 -7.46 -47.51 78.26
CA GLN I 498 -8.00 -47.02 79.51
C GLN I 498 -7.82 -48.02 80.65
N VAL I 499 -8.20 -49.28 80.43
CA VAL I 499 -8.29 -50.26 81.50
C VAL I 499 -7.19 -51.30 81.44
N CYS I 500 -6.70 -51.67 80.25
CA CYS I 500 -5.68 -52.70 80.20
C CYS I 500 -4.33 -52.20 80.69
N HIS I 501 -4.03 -50.92 80.48
CA HIS I 501 -2.78 -50.31 80.95
C HIS I 501 -1.55 -51.03 80.40
N ASP I 502 -1.66 -51.67 79.24
CA ASP I 502 -0.51 -52.32 78.64
C ASP I 502 -0.75 -52.51 77.15
N GLN I 503 0.35 -52.70 76.42
CA GLN I 503 0.28 -52.90 74.97
C GLN I 503 -0.01 -54.36 74.64
N ALA I 522 -8.66 -41.86 49.72
CA ALA I 522 -10.12 -41.85 49.79
C ALA I 522 -10.72 -42.67 48.66
N ALA I 523 -10.24 -42.44 47.43
CA ALA I 523 -10.71 -43.25 46.31
C ALA I 523 -10.32 -44.71 46.50
N ASP I 524 -9.09 -44.96 46.97
CA ASP I 524 -8.68 -46.33 47.23
C ASP I 524 -9.51 -46.96 48.34
N LEU I 525 -9.81 -46.20 49.38
CA LEU I 525 -10.64 -46.72 50.46
C LEU I 525 -12.07 -47.00 49.99
N PHE I 526 -12.55 -46.22 49.01
CA PHE I 526 -13.85 -46.51 48.42
C PHE I 526 -13.80 -47.78 47.56
N THR I 527 -12.73 -47.96 46.80
CA THR I 527 -12.65 -49.10 45.89
C THR I 527 -12.44 -50.40 46.65
N ASP I 528 -11.53 -50.40 47.62
CA ASP I 528 -11.16 -51.61 48.35
C ASP I 528 -12.21 -52.03 49.38
N LEU I 529 -13.38 -51.39 49.38
CA LEU I 529 -14.40 -51.75 50.35
C LEU I 529 -14.87 -53.18 50.14
N GLU I 530 -15.07 -53.57 48.88
CA GLU I 530 -15.66 -54.87 48.55
C GLU I 530 -14.61 -55.90 48.16
N ASN I 531 -13.33 -55.60 48.38
CA ASN I 531 -12.25 -56.54 48.05
C ASN I 531 -11.52 -57.06 49.28
N ALA I 532 -11.01 -56.15 50.12
CA ALA I 532 -10.30 -56.56 51.33
C ALA I 532 -10.53 -55.63 52.52
N PHE I 533 -11.34 -54.59 52.38
CA PHE I 533 -11.57 -53.69 53.52
C PHE I 533 -12.28 -54.40 54.65
N GLN I 534 -13.27 -55.24 54.33
CA GLN I 534 -13.93 -56.03 55.35
C GLN I 534 -12.96 -57.01 56.01
N GLY I 535 -12.08 -57.62 55.23
CA GLY I 535 -11.09 -58.51 55.81
C GLY I 535 -10.14 -57.79 56.75
N LYS I 536 -9.66 -56.61 56.34
CA LYS I 536 -8.81 -55.81 57.22
C LYS I 536 -9.54 -55.42 58.49
N ILE I 537 -10.80 -54.99 58.37
CA ILE I 537 -11.58 -54.63 59.55
C ILE I 537 -11.73 -55.82 60.48
N ASP I 538 -12.03 -56.98 59.92
CA ASP I 538 -12.21 -58.18 60.75
C ASP I 538 -10.90 -58.56 61.43
N ALA I 539 -9.79 -58.50 60.71
CA ALA I 539 -8.50 -58.83 61.31
C ALA I 539 -8.14 -57.87 62.42
N ALA I 540 -8.35 -56.57 62.20
CA ALA I 540 -8.06 -55.59 63.25
C ALA I 540 -8.94 -55.81 64.46
N TYR I 541 -10.23 -56.07 64.25
CA TYR I 541 -11.14 -56.32 65.37
C TYR I 541 -10.72 -57.57 66.12
N PHE I 542 -10.37 -58.62 65.41
CA PHE I 542 -9.92 -59.86 66.04
C PHE I 542 -8.68 -59.62 66.89
N GLU I 543 -7.68 -58.94 66.32
CA GLU I 543 -6.45 -58.70 67.06
C GLU I 543 -6.69 -57.83 68.28
N THR I 544 -7.51 -56.79 68.14
CA THR I 544 -7.78 -55.91 69.28
C THR I 544 -8.53 -56.66 70.37
N SER I 545 -9.52 -57.48 70.00
CA SER I 545 -10.26 -58.25 70.99
C SER I 545 -9.36 -59.28 71.65
N LYS I 546 -8.47 -59.91 70.89
CA LYS I 546 -7.53 -60.87 71.44
C LYS I 546 -6.60 -60.21 72.45
N TYR I 547 -6.07 -59.04 72.10
CA TYR I 547 -5.17 -58.34 73.02
C TYR I 547 -5.92 -57.89 74.27
N LEU I 548 -7.16 -57.42 74.12
CA LEU I 548 -7.95 -57.03 75.29
C LEU I 548 -8.23 -58.22 76.20
N LEU I 549 -8.60 -59.36 75.61
CA LEU I 549 -8.86 -60.56 76.40
C LEU I 549 -7.58 -61.05 77.10
N ASP I 550 -6.45 -61.02 76.40
CA ASP I 550 -5.18 -61.41 77.02
C ASP I 550 -4.86 -60.51 78.19
N VAL I 551 -5.01 -59.19 78.01
CA VAL I 551 -4.69 -58.25 79.07
C VAL I 551 -5.60 -58.48 80.26
N LEU I 552 -6.90 -58.65 80.02
CA LEU I 552 -7.83 -58.88 81.12
C LEU I 552 -7.53 -60.19 81.85
N ASN I 553 -7.22 -61.25 81.09
CA ASN I 553 -6.97 -62.55 81.70
C ASN I 553 -5.69 -62.53 82.54
N LYS I 554 -4.63 -61.91 82.04
CA LYS I 554 -3.34 -61.95 82.72
C LYS I 554 -3.14 -60.75 83.65
N LYS I 555 -4.09 -59.82 83.70
CA LYS I 555 -4.01 -58.65 84.55
C LYS I 555 -5.16 -58.59 85.55
N TYR I 556 -6.40 -58.69 85.09
CA TYR I 556 -7.56 -58.55 85.96
C TYR I 556 -8.18 -59.89 86.32
N SER I 557 -7.55 -61.00 85.96
CA SER I 557 -8.00 -62.33 86.36
C SER I 557 -9.43 -62.59 85.89
N LEU I 558 -9.67 -62.43 84.58
CA LEU I 558 -11.00 -62.72 84.06
C LEU I 558 -11.34 -64.20 84.19
N LEU I 559 -10.38 -65.08 83.87
CA LEU I 559 -10.60 -66.50 84.02
C LEU I 559 -10.78 -66.89 85.48
N ASP I 560 -10.00 -66.26 86.36
CA ASP I 560 -10.13 -66.51 87.79
C ASP I 560 -11.50 -66.08 88.30
N HIS I 561 -12.01 -64.94 87.82
CA HIS I 561 -13.35 -64.50 88.23
C HIS I 561 -14.41 -65.44 87.69
N MET I 562 -14.25 -65.94 86.47
CA MET I 562 -15.19 -66.93 85.94
C MET I 562 -15.20 -68.19 86.80
N GLN I 563 -14.00 -68.68 87.15
CA GLN I 563 -13.91 -69.86 88.00
C GLN I 563 -14.50 -69.60 89.37
N ALA I 564 -14.30 -68.40 89.91
CA ALA I 564 -14.87 -68.04 91.20
C ALA I 564 -16.40 -68.06 91.15
N MET I 565 -16.99 -67.50 90.10
CA MET I 565 -18.44 -67.50 90.00
C MET I 565 -18.98 -68.90 89.76
N ARG I 566 -18.23 -69.74 89.04
CA ARG I 566 -18.60 -71.15 88.93
C ARG I 566 -18.57 -71.84 90.29
N ARG I 567 -17.54 -71.57 91.09
CA ARG I 567 -17.37 -72.27 92.36
C ARG I 567 -18.37 -71.80 93.40
N TYR I 568 -18.77 -70.53 93.35
CA TYR I 568 -19.54 -69.92 94.42
C TYR I 568 -21.03 -69.83 94.09
N LEU I 569 -21.38 -69.54 92.84
CA LEU I 569 -22.77 -69.38 92.44
C LEU I 569 -23.23 -70.46 91.48
N LEU I 570 -22.38 -71.45 91.17
CA LEU I 570 -22.81 -72.54 90.31
C LEU I 570 -22.35 -73.92 90.79
N LEU I 571 -21.88 -74.03 92.03
CA LEU I 571 -21.52 -75.34 92.60
C LEU I 571 -20.53 -76.06 91.69
N GLY I 572 -19.41 -75.40 91.41
CA GLY I 572 -18.37 -76.05 90.62
C GLY I 572 -17.21 -76.74 91.32
N GLN I 573 -17.07 -76.69 92.65
CA GLN I 573 -15.96 -77.43 93.24
C GLN I 573 -16.34 -78.12 94.54
N GLY I 574 -17.52 -78.71 94.63
CA GLY I 574 -17.91 -79.40 95.84
C GLY I 574 -17.97 -78.91 97.29
N ASP I 575 -17.25 -77.88 97.76
CA ASP I 575 -17.28 -77.58 99.20
C ASP I 575 -18.61 -77.04 99.81
N PHE I 576 -19.16 -75.95 99.27
CA PHE I 576 -19.71 -74.88 100.14
C PHE I 576 -20.94 -74.96 101.06
N ILE I 577 -22.13 -74.85 100.45
CA ILE I 577 -23.39 -74.73 101.19
C ILE I 577 -23.71 -75.97 102.03
N ARG I 578 -23.57 -77.16 101.47
CA ARG I 578 -23.88 -78.35 102.25
C ARG I 578 -22.93 -78.46 103.43
N HIS I 579 -21.66 -78.08 103.25
CA HIS I 579 -20.73 -78.12 104.39
C HIS I 579 -21.15 -77.12 105.46
N LEU I 580 -21.65 -75.95 105.03
CA LEU I 580 -22.09 -74.97 106.01
C LEU I 580 -23.31 -75.48 106.76
N MET I 581 -24.22 -76.15 106.04
CA MET I 581 -25.36 -76.81 106.69
C MET I 581 -24.90 -77.89 107.65
N ASP I 582 -23.90 -78.68 107.26
CA ASP I 582 -23.40 -79.74 108.14
C ASP I 582 -22.82 -79.15 109.43
N LEU I 583 -22.09 -78.06 109.31
CA LEU I 583 -21.53 -77.41 110.50
C LEU I 583 -22.65 -76.80 111.36
N LEU I 584 -23.63 -76.17 110.72
CA LEU I 584 -24.65 -75.40 111.42
C LEU I 584 -25.83 -76.24 111.87
N LYS I 585 -25.90 -77.52 111.49
CA LYS I 585 -27.04 -78.35 111.90
C LYS I 585 -27.24 -78.37 113.40
N PRO I 586 -26.21 -78.57 114.23
CA PRO I 586 -26.43 -78.39 115.67
C PRO I 586 -26.64 -76.94 116.06
N GLU I 587 -26.25 -75.99 115.20
CA GLU I 587 -26.34 -74.57 115.51
C GLU I 587 -27.54 -73.88 114.86
N LEU I 588 -28.04 -74.41 113.73
CA LEU I 588 -29.19 -73.78 113.08
C LEU I 588 -30.43 -73.87 113.95
N VAL I 589 -30.65 -75.02 114.59
CA VAL I 589 -31.79 -75.15 115.49
C VAL I 589 -31.61 -74.22 116.67
N ARG I 590 -30.35 -73.93 117.04
CA ARG I 590 -30.08 -72.97 118.09
C ARG I 590 -30.41 -71.56 117.64
N PRO I 591 -30.71 -70.66 118.58
CA PRO I 591 -31.14 -69.32 118.20
C PRO I 591 -30.13 -68.61 117.32
N ALA I 592 -30.63 -67.89 116.33
CA ALA I 592 -29.79 -67.10 115.44
C ALA I 592 -29.53 -65.70 115.98
N THR I 593 -30.04 -65.41 117.18
CA THR I 593 -29.69 -64.18 117.89
C THR I 593 -28.30 -64.27 118.52
N THR I 594 -27.76 -65.48 118.63
CA THR I 594 -26.39 -65.71 119.09
C THR I 594 -25.48 -66.09 117.94
N LEU I 595 -25.99 -66.14 116.72
CA LEU I 595 -25.24 -66.50 115.52
C LEU I 595 -25.51 -65.43 114.48
N TYR I 596 -24.46 -64.79 113.99
CA TYR I 596 -24.58 -63.67 113.08
C TYR I 596 -23.76 -63.94 111.82
N GLN I 597 -24.09 -63.20 110.77
CA GLN I 597 -23.44 -63.42 109.47
C GLN I 597 -21.95 -63.09 109.50
N HIS I 598 -21.48 -62.35 110.52
CA HIS I 598 -20.06 -62.02 110.57
C HIS I 598 -19.22 -63.24 110.96
N ASN I 599 -19.72 -64.05 111.90
CA ASN I 599 -19.03 -65.27 112.27
C ASN I 599 -18.98 -66.25 111.11
N LEU I 600 -20.11 -66.42 110.40
CA LEU I 600 -20.12 -67.31 109.24
C LEU I 600 -19.31 -66.75 108.08
N THR I 601 -19.24 -65.42 107.95
CA THR I 601 -18.35 -64.83 106.96
C THR I 601 -16.90 -65.14 107.28
N GLY I 602 -16.51 -65.02 108.55
CA GLY I 602 -15.16 -65.39 108.93
C GLY I 602 -14.87 -66.86 108.72
N ILE I 603 -15.84 -67.72 109.03
CA ILE I 603 -15.67 -69.16 108.81
C ILE I 603 -15.50 -69.46 107.33
N LEU I 604 -16.31 -68.83 106.47
CA LEU I 604 -16.16 -69.02 105.03
C LEU I 604 -14.83 -68.52 104.53
N GLU I 605 -14.40 -67.35 105.00
CA GLU I 605 -13.08 -66.83 104.60
C GLU I 605 -11.97 -67.78 105.02
N THR I 606 -12.07 -68.32 106.23
CA THR I 606 -11.05 -69.25 106.71
C THR I 606 -11.04 -70.52 105.87
N ALA I 607 -12.22 -71.06 105.57
CA ALA I 607 -12.26 -72.38 104.93
C ALA I 607 -12.12 -72.30 103.42
N VAL I 608 -12.20 -71.08 102.85
CA VAL I 608 -12.09 -70.95 101.41
C VAL I 608 -10.62 -70.92 101.01
N ARG I 609 -9.75 -70.51 101.93
CA ARG I 609 -8.32 -70.51 101.64
C ARG I 609 -7.82 -71.92 101.43
N ALA I 610 -8.28 -72.86 102.25
CA ALA I 610 -7.90 -74.25 102.04
C ALA I 610 -8.56 -74.81 100.80
N THR I 611 -9.62 -74.16 100.33
CA THR I 611 -10.33 -74.55 99.12
C THR I 611 -9.71 -73.88 97.90
N ASN I 612 -10.42 -73.97 96.76
CA ASN I 612 -9.99 -73.43 95.49
C ASN I 612 -9.94 -71.90 95.48
N ALA I 613 -10.50 -71.25 96.50
CA ALA I 613 -10.48 -69.79 96.51
C ALA I 613 -9.08 -69.25 96.67
N GLN I 614 -8.10 -70.08 97.04
CA GLN I 614 -6.72 -69.62 97.03
C GLN I 614 -6.31 -69.25 95.61
N PHE I 615 -6.96 -69.87 94.62
CA PHE I 615 -6.75 -69.47 93.23
C PHE I 615 -7.30 -68.07 93.00
N ASP I 616 -8.42 -67.75 93.65
CA ASP I 616 -9.02 -66.44 93.50
C ASP I 616 -8.13 -65.40 94.18
N SER I 617 -8.18 -64.19 93.68
CA SER I 617 -7.40 -63.12 94.29
C SER I 617 -7.95 -62.77 95.67
N PRO I 618 -7.11 -62.24 96.57
CA PRO I 618 -7.61 -61.95 97.91
C PRO I 618 -8.74 -60.95 97.85
N GLU I 619 -8.77 -60.08 96.82
CA GLU I 619 -9.90 -59.17 96.70
C GLU I 619 -11.15 -59.96 96.38
N ILE I 620 -10.99 -61.09 95.71
CA ILE I 620 -12.14 -61.93 95.38
C ILE I 620 -12.67 -62.58 96.65
N LEU I 621 -11.77 -63.08 97.50
CA LEU I 621 -12.28 -63.64 98.75
C LEU I 621 -12.87 -62.54 99.61
N LYS I 622 -12.36 -61.31 99.48
CA LYS I 622 -12.92 -60.20 100.24
C LYS I 622 -14.32 -59.85 99.75
N ARG I 623 -14.56 -60.03 98.44
CA ARG I 623 -15.85 -59.73 97.83
C ARG I 623 -16.81 -60.91 97.91
N LEU I 624 -16.38 -62.03 98.47
CA LEU I 624 -17.22 -63.21 98.57
C LEU I 624 -17.70 -63.31 100.01
N ASP I 625 -19.01 -63.44 100.20
CA ASP I 625 -19.57 -63.67 101.52
C ASP I 625 -20.68 -64.73 101.41
N VAL I 626 -21.42 -64.87 102.50
CA VAL I 626 -22.53 -65.82 102.59
C VAL I 626 -23.58 -65.22 103.51
N ARG I 627 -24.85 -65.42 103.17
CA ARG I 627 -25.97 -65.03 104.01
C ARG I 627 -26.62 -66.27 104.61
N LEU I 628 -26.97 -66.19 105.89
CA LEU I 628 -27.45 -67.34 106.64
C LEU I 628 -28.43 -66.84 107.69
N LEU I 629 -28.88 -67.74 108.56
CA LEU I 629 -29.79 -67.36 109.63
C LEU I 629 -29.11 -66.40 110.59
N GLU I 630 -29.80 -65.29 110.91
CA GLU I 630 -29.35 -64.35 111.91
C GLU I 630 -30.56 -63.81 112.67
N VAL I 631 -30.36 -63.50 113.93
CA VAL I 631 -31.39 -62.85 114.75
C VAL I 631 -32.67 -63.67 114.69
N SER I 632 -32.65 -64.86 115.26
CA SER I 632 -33.82 -65.73 115.32
C SER I 632 -33.75 -66.55 116.59
N PRO I 633 -34.89 -66.95 117.15
CA PRO I 633 -34.89 -67.81 118.33
C PRO I 633 -34.59 -69.27 118.04
N GLY I 634 -34.22 -69.62 116.81
CA GLY I 634 -33.98 -71.00 116.45
C GLY I 634 -35.09 -71.62 115.64
N ASP I 635 -34.92 -71.70 114.32
CA ASP I 635 -35.98 -72.22 113.46
C ASP I 635 -35.36 -72.71 112.16
N THR I 636 -36.21 -72.93 111.16
CA THR I 636 -35.77 -73.41 109.86
C THR I 636 -34.77 -72.45 109.22
N GLY I 637 -33.69 -72.99 108.69
CA GLY I 637 -32.73 -72.22 107.95
C GLY I 637 -32.34 -72.95 106.68
N TRP I 638 -33.18 -73.92 106.30
CA TRP I 638 -32.88 -74.77 105.15
C TRP I 638 -32.89 -73.97 103.85
N ASP I 639 -33.80 -73.00 103.74
CA ASP I 639 -34.01 -72.26 102.50
C ASP I 639 -33.39 -70.87 102.51
N VAL I 640 -32.53 -70.57 103.49
CA VAL I 640 -31.86 -69.27 103.56
C VAL I 640 -30.37 -69.57 103.54
N PHE I 641 -29.81 -69.62 102.33
CA PHE I 641 -28.37 -69.77 102.15
C PHE I 641 -28.05 -69.41 100.70
N SER I 642 -27.31 -68.33 100.50
CA SER I 642 -27.06 -67.85 99.14
C SER I 642 -25.67 -67.21 99.09
N LEU I 643 -24.78 -67.81 98.32
CA LEU I 643 -23.49 -67.20 98.03
C LEU I 643 -23.66 -66.00 97.10
N ASP I 644 -22.91 -64.95 97.38
CA ASP I 644 -22.92 -63.72 96.60
C ASP I 644 -21.50 -63.47 96.11
N TYR I 645 -21.33 -63.24 94.82
CA TYR I 645 -20.00 -63.09 94.23
C TYR I 645 -20.01 -61.93 93.25
N HIS I 646 -18.83 -61.30 93.12
CA HIS I 646 -18.66 -60.14 92.27
C HIS I 646 -17.23 -60.13 91.75
N VAL I 647 -16.98 -59.29 90.76
CA VAL I 647 -15.66 -59.13 90.18
C VAL I 647 -15.27 -57.66 90.25
N ASP I 648 -13.98 -57.40 90.17
CA ASP I 648 -13.46 -56.05 90.31
C ASP I 648 -13.72 -55.25 89.03
N GLY I 649 -13.45 -53.95 89.11
CA GLY I 649 -13.81 -53.04 88.04
C GLY I 649 -13.14 -53.42 86.74
N PRO I 650 -11.81 -53.52 86.76
CA PRO I 650 -11.09 -53.81 85.51
C PRO I 650 -11.52 -55.13 84.89
N ILE I 651 -11.81 -56.13 85.73
CA ILE I 651 -12.25 -57.43 85.24
C ILE I 651 -13.76 -57.51 85.07
N ALA I 652 -14.49 -56.46 85.42
CA ALA I 652 -15.95 -56.51 85.31
C ALA I 652 -16.44 -56.21 83.90
N THR I 653 -15.55 -55.96 82.96
CA THR I 653 -15.95 -55.90 81.55
C THR I 653 -16.05 -57.28 80.93
N VAL I 654 -15.51 -58.30 81.58
CA VAL I 654 -15.69 -59.68 81.15
C VAL I 654 -16.96 -60.28 81.75
N PHE I 655 -17.24 -59.98 83.01
CA PHE I 655 -18.45 -60.44 83.70
C PHE I 655 -19.31 -59.23 84.05
N THR I 656 -20.43 -59.09 83.35
CA THR I 656 -21.28 -57.91 83.49
C THR I 656 -22.09 -57.98 84.78
N ARG I 657 -22.79 -56.88 85.07
CA ARG I 657 -23.63 -56.81 86.26
C ARG I 657 -24.71 -57.87 86.22
N GLU I 658 -25.45 -57.95 85.10
CA GLU I 658 -26.48 -58.95 84.96
C GLU I 658 -25.92 -60.36 85.07
N CYS I 659 -24.69 -60.57 84.61
CA CYS I 659 -24.08 -61.89 84.72
C CYS I 659 -23.94 -62.30 86.18
N MET I 660 -23.41 -61.40 87.01
CA MET I 660 -23.29 -61.69 88.44
C MET I 660 -24.66 -61.84 89.10
N SER I 661 -25.63 -61.02 88.70
CA SER I 661 -26.98 -61.15 89.25
C SER I 661 -27.57 -62.52 88.93
N HIS I 662 -27.38 -63.01 87.71
CA HIS I 662 -27.90 -64.32 87.35
C HIS I 662 -27.12 -65.44 88.01
N TYR I 663 -25.82 -65.22 88.25
CA TYR I 663 -25.06 -66.17 89.06
C TYR I 663 -25.64 -66.26 90.46
N LEU I 664 -25.98 -65.12 91.06
CA LEU I 664 -26.59 -65.12 92.39
C LEU I 664 -27.95 -65.82 92.36
N ARG I 665 -28.74 -65.58 91.33
CA ARG I 665 -30.05 -66.22 91.24
C ARG I 665 -29.91 -67.74 91.11
N ALA I 666 -28.99 -68.20 90.25
CA ALA I 666 -28.74 -69.62 90.13
C ALA I 666 -28.18 -70.20 91.43
N PHE I 667 -27.38 -69.43 92.17
CA PHE I 667 -26.92 -69.89 93.47
C PHE I 667 -28.08 -70.06 94.44
N ASN I 668 -29.06 -69.14 94.41
CA ASN I 668 -30.22 -69.28 95.26
C ASN I 668 -31.05 -70.51 94.87
N PHE I 669 -31.22 -70.74 93.57
CA PHE I 669 -31.97 -71.90 93.10
C PHE I 669 -31.28 -73.19 93.53
N LEU I 670 -29.97 -73.30 93.26
CA LEU I 670 -29.23 -74.46 93.70
C LEU I 670 -29.16 -74.58 95.21
N TRP I 671 -29.32 -73.48 95.94
CA TRP I 671 -29.42 -73.57 97.39
C TRP I 671 -30.74 -74.18 97.82
N ARG I 672 -31.84 -73.80 97.18
CA ARG I 672 -33.11 -74.48 97.43
C ARG I 672 -33.01 -75.96 97.12
N ALA I 673 -32.40 -76.30 95.97
CA ALA I 673 -32.23 -77.69 95.59
C ALA I 673 -31.37 -78.43 96.61
N LYS I 674 -30.29 -77.80 97.07
CA LYS I 674 -29.40 -78.42 98.04
C LYS I 674 -30.11 -78.60 99.38
N ARG I 675 -30.97 -77.66 99.77
CA ARG I 675 -31.74 -77.84 101.00
C ARG I 675 -32.71 -79.02 100.87
N VAL I 676 -33.35 -79.17 99.72
CA VAL I 676 -34.23 -80.31 99.52
C VAL I 676 -33.44 -81.62 99.59
N GLU I 677 -32.30 -81.65 98.91
CA GLU I 677 -31.43 -82.83 98.95
C GLU I 677 -30.90 -83.08 100.35
N TYR I 678 -30.65 -82.03 101.12
CA TYR I 678 -30.15 -82.19 102.47
C TYR I 678 -31.22 -82.75 103.40
N ILE I 679 -32.47 -82.32 103.24
CA ILE I 679 -33.56 -82.95 103.98
C ILE I 679 -33.67 -84.43 103.61
N LEU I 680 -33.55 -84.73 102.31
CA LEU I 680 -33.61 -86.13 101.89
C LEU I 680 -32.47 -86.95 102.49
N THR I 681 -31.25 -86.39 102.48
CA THR I 681 -30.10 -87.09 103.03
C THR I 681 -30.21 -87.24 104.54
N ASP I 682 -30.73 -86.23 105.24
CA ASP I 682 -31.02 -86.36 106.66
C ASP I 682 -31.92 -87.55 106.91
N ILE I 683 -33.05 -87.62 106.19
CA ILE I 683 -33.97 -88.75 106.38
C ILE I 683 -33.26 -90.06 106.11
N ARG I 684 -32.50 -90.12 105.01
CA ARG I 684 -31.84 -91.35 104.60
C ARG I 684 -30.84 -91.81 105.66
N LYS I 685 -29.96 -90.91 106.09
CA LYS I 685 -28.97 -91.27 107.09
C LYS I 685 -29.61 -91.66 108.41
N GLY I 686 -30.69 -90.97 108.80
CA GLY I 686 -31.39 -91.33 110.02
C GLY I 686 -31.97 -92.73 109.96
N HIS I 687 -32.60 -93.08 108.85
CA HIS I 687 -33.25 -94.38 108.72
C HIS I 687 -32.28 -95.47 108.26
N MET I 688 -31.06 -95.12 107.89
CA MET I 688 -29.99 -96.10 107.74
C MET I 688 -29.25 -96.37 109.04
N CYS I 689 -29.18 -95.39 109.94
CA CYS I 689 -28.29 -95.52 111.10
C CYS I 689 -29.06 -95.77 112.39
N ASN I 690 -30.02 -94.93 112.75
CA ASN I 690 -30.61 -95.10 114.06
C ASN I 690 -31.26 -96.46 114.18
N ALA I 691 -31.61 -97.08 113.05
CA ALA I 691 -32.13 -98.45 113.10
C ALA I 691 -31.08 -99.40 113.65
N ARG I 692 -29.82 -99.24 113.21
CA ARG I 692 -28.73 -100.09 113.66
C ARG I 692 -27.95 -99.46 114.81
N LEU I 693 -28.54 -98.48 115.48
CA LEU I 693 -27.92 -97.87 116.65
C LEU I 693 -28.63 -98.19 117.95
N LEU I 694 -29.79 -98.83 117.89
CA LEU I 694 -30.55 -99.17 119.09
C LEU I 694 -31.43 -100.38 118.79
N ARG I 695 -31.46 -101.32 119.73
CA ARG I 695 -32.35 -102.48 119.65
C ARG I 695 -33.32 -102.42 120.82
N SER I 696 -34.60 -102.26 120.51
CA SER I 696 -35.64 -102.18 121.53
C SER I 696 -36.86 -102.96 121.05
N MET I 697 -37.98 -102.75 121.74
CA MET I 697 -39.19 -103.49 121.44
C MET I 697 -39.68 -103.14 120.03
N PRO I 698 -40.24 -104.10 119.29
CA PRO I 698 -40.77 -103.80 117.96
C PRO I 698 -42.20 -103.29 117.95
N GLU I 699 -42.90 -103.29 119.08
CA GLU I 699 -44.28 -102.81 119.10
C GLU I 699 -44.37 -101.34 118.70
N PHE I 700 -43.29 -100.58 118.89
CA PHE I 700 -43.22 -99.21 118.40
C PHE I 700 -42.78 -99.14 116.95
N SER I 701 -42.28 -100.25 116.38
CA SER I 701 -41.81 -100.23 114.99
C SER I 701 -42.95 -100.21 113.99
N GLY I 702 -44.19 -100.53 114.39
CA GLY I 702 -45.28 -100.48 113.44
C GLY I 702 -45.59 -99.08 112.96
N VAL I 703 -45.71 -98.13 113.89
CA VAL I 703 -45.91 -96.74 113.49
C VAL I 703 -44.69 -96.21 112.77
N LEU I 704 -43.50 -96.71 113.13
CA LEU I 704 -42.29 -96.33 112.40
C LEU I 704 -42.38 -96.75 110.94
N HIS I 705 -42.83 -97.98 110.68
CA HIS I 705 -42.98 -98.45 109.30
C HIS I 705 -44.08 -97.69 108.57
N HIS I 706 -45.16 -97.36 109.27
CA HIS I 706 -46.23 -96.58 108.65
C HIS I 706 -45.70 -95.21 108.20
N CYS I 707 -44.94 -94.55 109.06
CA CYS I 707 -44.30 -93.29 108.67
C CYS I 707 -43.27 -93.51 107.55
N HIS I 708 -42.47 -94.58 107.67
CA HIS I 708 -41.28 -94.70 106.84
C HIS I 708 -41.56 -95.25 105.45
N ILE I 709 -42.73 -95.84 105.20
CA ILE I 709 -43.07 -96.17 103.82
C ILE I 709 -43.27 -94.89 103.02
N LEU I 710 -44.08 -93.97 103.55
CA LEU I 710 -44.21 -92.64 102.94
C LEU I 710 -42.88 -91.91 102.90
N ALA I 711 -42.12 -91.96 104.00
CA ALA I 711 -40.86 -91.25 104.04
C ALA I 711 -39.87 -91.78 103.00
N SER I 712 -39.87 -93.09 102.75
CA SER I 712 -38.98 -93.65 101.76
C SER I 712 -39.45 -93.35 100.34
N GLU I 713 -40.76 -93.36 100.11
CA GLU I 713 -41.27 -92.90 98.82
C GLU I 713 -40.85 -91.46 98.54
N MET I 714 -40.99 -90.58 99.55
CA MET I 714 -40.54 -89.20 99.39
C MET I 714 -39.03 -89.12 99.21
N VAL I 715 -38.29 -89.97 99.91
CA VAL I 715 -36.84 -90.01 99.76
C VAL I 715 -36.48 -90.32 98.31
N HIS I 716 -37.09 -91.36 97.75
CA HIS I 716 -36.75 -91.75 96.39
C HIS I 716 -37.16 -90.65 95.41
N PHE I 717 -38.34 -90.06 95.61
CA PHE I 717 -38.78 -88.99 94.73
C PHE I 717 -37.80 -87.83 94.76
N ILE I 718 -37.38 -87.42 95.95
CA ILE I 718 -36.55 -86.22 96.07
C ILE I 718 -35.11 -86.49 95.65
N HIS I 719 -34.61 -87.72 95.85
CA HIS I 719 -33.31 -88.07 95.28
C HIS I 719 -33.35 -88.11 93.76
N GLN I 720 -34.45 -88.59 93.19
CA GLN I 720 -34.62 -88.51 91.73
C GLN I 720 -34.61 -87.06 91.26
N MET I 721 -35.35 -86.20 91.95
CA MET I 721 -35.38 -84.79 91.62
C MET I 721 -33.99 -84.16 91.72
N GLN I 722 -33.27 -84.46 92.80
CA GLN I 722 -31.95 -83.88 92.98
C GLN I 722 -30.99 -84.34 91.89
N TYR I 723 -31.00 -85.63 91.57
CA TYR I 723 -30.12 -86.14 90.53
C TYR I 723 -30.47 -85.53 89.17
N TYR I 724 -31.76 -85.32 88.91
CA TYR I 724 -32.14 -84.71 87.64
C TYR I 724 -31.73 -83.24 87.58
N VAL I 725 -31.89 -82.51 88.69
CA VAL I 725 -31.73 -81.06 88.63
C VAL I 725 -30.27 -80.70 88.69
N THR I 726 -29.47 -81.39 89.52
CA THR I 726 -28.08 -81.00 89.64
C THR I 726 -27.31 -81.38 88.39
N PHE I 727 -27.92 -82.16 87.51
CA PHE I 727 -27.33 -82.61 86.26
C PHE I 727 -27.79 -81.75 85.09
N GLU I 728 -29.08 -81.44 85.02
CA GLU I 728 -29.63 -80.71 83.89
C GLU I 728 -29.74 -79.21 84.14
N VAL I 729 -29.24 -78.71 85.28
CA VAL I 729 -29.32 -77.29 85.56
C VAL I 729 -27.94 -76.67 85.70
N LEU I 730 -27.19 -77.15 86.70
CA LEU I 730 -25.86 -76.59 86.97
C LEU I 730 -24.80 -77.14 86.01
N GLU I 731 -24.71 -78.46 85.92
CA GLU I 731 -23.55 -79.09 85.29
C GLU I 731 -23.45 -78.75 83.81
N CYS I 732 -24.56 -78.85 83.07
CA CYS I 732 -24.49 -78.58 81.63
C CYS I 732 -24.11 -77.14 81.36
N SER I 733 -24.70 -76.19 82.10
CA SER I 733 -24.38 -74.78 81.90
C SER I 733 -22.93 -74.49 82.24
N TRP I 734 -22.44 -75.03 83.36
CA TRP I 734 -21.06 -74.79 83.75
C TRP I 734 -20.09 -75.40 82.76
N ASP I 735 -20.39 -76.60 82.25
CA ASP I 735 -19.51 -77.22 81.27
C ASP I 735 -19.48 -76.42 79.97
N GLU I 736 -20.64 -75.95 79.50
CA GLU I 736 -20.67 -75.16 78.29
C GLU I 736 -19.89 -73.86 78.46
N LEU I 737 -20.09 -73.18 79.60
CA LEU I 737 -19.37 -71.95 79.86
C LEU I 737 -17.86 -72.18 79.93
N TRP I 738 -17.44 -73.24 80.64
CA TRP I 738 -16.02 -73.52 80.74
C TRP I 738 -15.40 -73.85 79.39
N ASN I 739 -16.07 -74.67 78.59
CA ASN I 739 -15.54 -75.01 77.28
C ASN I 739 -15.45 -73.79 76.37
N ARG I 740 -16.48 -72.95 76.38
CA ARG I 740 -16.44 -71.75 75.56
C ARG I 740 -15.34 -70.81 76.02
N VAL I 741 -15.18 -70.62 77.33
CA VAL I 741 -14.14 -69.70 77.79
C VAL I 741 -12.77 -70.28 77.47
N GLN I 742 -12.65 -71.61 77.58
CA GLN I 742 -11.37 -72.26 77.32
C GLN I 742 -10.94 -72.04 75.88
N ARG I 743 -11.88 -72.11 74.94
CA ARG I 743 -11.56 -71.87 73.54
C ARG I 743 -11.74 -70.42 73.13
N ALA I 744 -12.06 -69.54 74.08
CA ALA I 744 -12.38 -68.15 73.77
C ALA I 744 -11.10 -67.34 73.63
N GLN I 745 -10.93 -66.69 72.48
CA GLN I 745 -9.86 -65.73 72.27
C GLN I 745 -10.38 -64.33 71.98
N ASP I 746 -11.70 -64.12 72.06
CA ASP I 746 -12.30 -62.81 71.87
C ASP I 746 -13.21 -62.47 73.05
N LEU I 747 -13.34 -61.16 73.31
CA LEU I 747 -14.23 -60.75 74.39
C LEU I 747 -15.67 -61.05 74.01
N ASP I 748 -16.01 -60.91 72.73
CA ASP I 748 -17.36 -61.23 72.31
C ASP I 748 -17.62 -62.72 72.55
N HIS I 749 -16.59 -63.53 72.34
CA HIS I 749 -16.70 -64.98 72.55
C HIS I 749 -16.97 -65.29 74.02
N ILE I 750 -16.23 -64.65 74.92
CA ILE I 750 -16.44 -64.93 76.35
C ILE I 750 -17.78 -64.37 76.81
N ILE I 751 -18.21 -63.24 76.25
CA ILE I 751 -19.52 -62.70 76.58
C ILE I 751 -20.61 -63.67 76.13
N ALA I 752 -20.48 -64.22 74.92
CA ALA I 752 -21.45 -65.19 74.45
C ALA I 752 -21.44 -66.45 75.30
N ALA I 753 -20.26 -66.86 75.77
CA ALA I 753 -20.20 -68.01 76.69
C ALA I 753 -20.96 -67.72 77.97
N HIS I 754 -20.76 -66.54 78.54
CA HIS I 754 -21.49 -66.17 79.76
C HIS I 754 -22.99 -66.13 79.50
N GLU I 755 -23.40 -65.57 78.36
CA GLU I 755 -24.82 -65.49 78.02
C GLU I 755 -25.42 -66.88 77.85
N ALA I 756 -24.68 -67.80 77.22
CA ALA I 756 -25.17 -69.16 77.07
C ALA I 756 -25.32 -69.85 78.42
N PHE I 757 -24.35 -69.66 79.32
CA PHE I 757 -24.49 -70.21 80.66
C PHE I 757 -25.72 -69.65 81.36
N LEU I 758 -25.92 -68.34 81.27
CA LEU I 758 -27.10 -67.72 81.89
C LEU I 758 -28.39 -68.29 81.31
N GLY I 759 -28.46 -68.42 79.99
CA GLY I 759 -29.66 -68.94 79.36
C GLY I 759 -29.93 -70.38 79.74
N THR I 760 -28.90 -71.20 79.79
CA THR I 760 -29.08 -72.60 80.18
C THR I 760 -29.57 -72.70 81.63
N VAL I 761 -29.04 -71.86 82.51
CA VAL I 761 -29.53 -71.87 83.90
C VAL I 761 -30.97 -71.40 83.95
N ILE I 762 -31.33 -70.39 83.15
CA ILE I 762 -32.68 -69.85 83.13
C ILE I 762 -33.68 -70.87 82.62
N SER I 763 -33.30 -71.64 81.59
CA SER I 763 -34.26 -72.46 80.86
C SER I 763 -34.94 -73.50 81.74
N ARG I 764 -34.18 -74.14 82.64
CA ARG I 764 -34.70 -75.25 83.41
C ARG I 764 -35.14 -74.86 84.82
N CYS I 765 -35.31 -73.56 85.09
CA CYS I 765 -35.72 -73.15 86.43
C CYS I 765 -37.15 -73.58 86.73
N LEU I 766 -38.06 -73.41 85.78
CA LEU I 766 -39.47 -73.81 85.95
C LEU I 766 -40.10 -73.16 87.17
N LEU I 767 -39.59 -72.01 87.60
CA LEU I 767 -40.15 -71.26 88.72
C LEU I 767 -40.78 -69.93 88.30
N ASP I 768 -40.93 -69.69 87.01
CA ASP I 768 -41.49 -68.43 86.55
C ASP I 768 -43.00 -68.39 86.77
N SER I 769 -43.61 -67.24 86.45
CA SER I 769 -45.05 -67.09 86.64
C SER I 769 -45.83 -68.03 85.73
N ASP I 770 -45.41 -68.18 84.48
CA ASP I 770 -46.13 -69.05 83.55
C ASP I 770 -45.95 -70.52 83.90
N SER I 771 -45.03 -70.85 84.81
CA SER I 771 -44.82 -72.19 85.32
C SER I 771 -45.43 -72.37 86.70
N ARG I 772 -46.61 -71.79 86.92
CA ARG I 772 -47.21 -71.77 88.25
C ARG I 772 -47.46 -73.18 88.77
N ALA I 773 -47.87 -74.11 87.90
CA ALA I 773 -48.11 -75.48 88.33
C ALA I 773 -46.83 -76.14 88.82
N LEU I 774 -45.75 -76.04 88.05
CA LEU I 774 -44.47 -76.61 88.49
C LEU I 774 -43.96 -75.92 89.75
N LEU I 775 -44.15 -74.60 89.84
CA LEU I 775 -43.72 -73.88 91.03
C LEU I 775 -44.45 -74.38 92.26
N ASN I 776 -45.78 -74.53 92.16
CA ASN I 776 -46.57 -75.00 93.29
C ASN I 776 -46.22 -76.44 93.64
N GLN I 777 -45.97 -77.28 92.63
CA GLN I 777 -45.57 -78.65 92.92
C GLN I 777 -44.22 -78.70 93.64
N LEU I 778 -43.27 -77.87 93.21
CA LEU I 778 -41.97 -77.83 93.89
C LEU I 778 -42.10 -77.31 95.31
N ARG I 779 -42.93 -76.28 95.52
CA ARG I 779 -43.15 -75.77 96.86
C ARG I 779 -43.81 -76.81 97.75
N ALA I 780 -44.78 -77.55 97.21
CA ALA I 780 -45.43 -78.61 97.98
C ALA I 780 -44.45 -79.72 98.32
N VAL I 781 -43.58 -80.08 97.38
CA VAL I 781 -42.57 -81.11 97.65
C VAL I 781 -41.61 -80.64 98.74
N PHE I 782 -41.16 -79.38 98.66
CA PHE I 782 -40.26 -78.85 99.68
C PHE I 782 -40.94 -78.83 101.05
N ASP I 783 -42.19 -78.39 101.10
CA ASP I 783 -42.92 -78.36 102.37
C ASP I 783 -43.12 -79.76 102.92
N GLN I 784 -43.42 -80.73 102.04
CA GLN I 784 -43.54 -82.11 102.49
C GLN I 784 -42.23 -82.62 103.08
N ILE I 785 -41.12 -82.34 102.39
CA ILE I 785 -39.82 -82.79 102.90
C ILE I 785 -39.53 -82.15 104.26
N ILE I 786 -39.79 -80.85 104.38
CA ILE I 786 -39.53 -80.15 105.65
C ILE I 786 -40.40 -80.73 106.75
N GLU I 787 -41.68 -80.94 106.48
CA GLU I 787 -42.59 -81.47 107.48
C GLU I 787 -42.19 -82.88 107.89
N LEU I 788 -41.81 -83.72 106.92
CA LEU I 788 -41.38 -85.07 107.25
C LEU I 788 -40.12 -85.05 108.10
N GLN I 789 -39.16 -84.18 107.76
CA GLN I 789 -37.94 -84.08 108.56
C GLN I 789 -38.26 -83.61 109.98
N ASN I 790 -39.14 -82.61 110.12
CA ASN I 790 -39.48 -82.11 111.43
C ASN I 790 -40.20 -83.16 112.26
N THR I 791 -41.14 -83.89 111.66
CA THR I 791 -41.87 -84.91 112.40
C THR I 791 -40.97 -86.09 112.76
N GLN I 792 -40.03 -86.44 111.87
CA GLN I 792 -39.08 -87.48 112.21
C GLN I 792 -38.17 -87.06 113.35
N ASP I 793 -37.73 -85.79 113.35
CA ASP I 793 -36.89 -85.32 114.44
C ASP I 793 -37.66 -85.28 115.76
N ALA I 794 -38.92 -84.83 115.72
CA ALA I 794 -39.73 -84.84 116.94
C ALA I 794 -39.97 -86.24 117.46
N ILE I 795 -40.27 -87.19 116.56
CA ILE I 795 -40.44 -88.58 116.97
C ILE I 795 -39.16 -89.12 117.58
N TYR I 796 -38.01 -88.83 116.96
CA TYR I 796 -36.74 -89.31 117.49
C TYR I 796 -36.45 -88.71 118.85
N ARG I 797 -36.73 -87.43 119.04
CA ARG I 797 -36.51 -86.79 120.34
C ARG I 797 -37.41 -87.41 121.40
N ALA I 798 -38.70 -87.61 121.08
CA ALA I 798 -39.60 -88.20 122.05
C ALA I 798 -39.18 -89.63 122.40
N ALA I 799 -38.79 -90.42 121.41
CA ALA I 799 -38.34 -91.78 121.67
C ALA I 799 -37.06 -91.78 122.50
N LEU I 800 -36.13 -90.88 122.19
CA LEU I 800 -34.90 -90.79 122.97
C LEU I 800 -35.22 -90.44 124.42
N GLU I 801 -36.12 -89.49 124.64
CA GLU I 801 -36.49 -89.12 126.01
C GLU I 801 -37.12 -90.31 126.74
N GLU I 802 -38.06 -90.98 126.09
CA GLU I 802 -38.75 -92.10 126.73
C GLU I 802 -37.79 -93.22 127.06
N LEU I 803 -36.90 -93.57 126.13
CA LEU I 803 -35.98 -94.67 126.37
C LEU I 803 -34.90 -94.29 127.36
N GLN I 804 -34.51 -93.02 127.42
CA GLN I 804 -33.58 -92.58 128.46
C GLN I 804 -34.23 -92.64 129.84
N ARG I 805 -35.50 -92.25 129.93
CA ARG I 805 -36.22 -92.40 131.20
C ARG I 805 -36.34 -93.86 131.59
N ARG I 806 -36.61 -94.74 130.62
CA ARG I 806 -36.68 -96.17 130.92
C ARG I 806 -35.34 -96.70 131.40
N LEU I 807 -34.25 -96.29 130.76
CA LEU I 807 -32.93 -96.74 131.18
C LEU I 807 -32.59 -96.22 132.57
N GLN I 808 -32.95 -94.96 132.86
CA GLN I 808 -32.72 -94.41 134.20
C GLN I 808 -33.53 -95.17 135.24
N PHE I 809 -34.78 -95.53 134.92
CA PHE I 809 -35.58 -96.32 135.85
C PHE I 809 -34.97 -97.69 136.06
N GLU I 810 -34.47 -98.32 134.99
CA GLU I 810 -33.86 -99.64 135.14
C GLU I 810 -32.60 -99.57 135.99
N GLU I 811 -31.76 -98.56 135.75
CA GLU I 811 -30.51 -98.45 136.51
C GLU I 811 -30.80 -98.12 137.98
N LYS I 812 -31.77 -97.24 138.23
CA LYS I 812 -32.12 -96.84 139.59
C LYS I 812 -32.76 -97.99 140.34
N LYS I 833 -43.10 -100.29 134.08
CA LYS I 833 -44.32 -100.71 133.40
C LYS I 833 -45.08 -99.51 132.86
N ARG I 834 -45.16 -98.45 133.67
CA ARG I 834 -45.79 -97.21 133.22
C ARG I 834 -45.05 -96.61 132.03
N ARG I 835 -43.72 -96.62 132.07
CA ARG I 835 -42.93 -96.15 130.95
C ARG I 835 -43.23 -96.93 129.67
N VAL I 836 -43.25 -98.26 129.77
CA VAL I 836 -43.55 -99.07 128.59
C VAL I 836 -44.97 -98.81 128.10
N GLN I 837 -45.90 -98.65 129.03
CA GLN I 837 -47.30 -98.40 128.65
C GLN I 837 -47.42 -97.09 127.88
N GLU I 838 -46.76 -96.03 128.37
CA GLU I 838 -46.82 -94.75 127.67
C GLU I 838 -46.07 -94.81 126.34
N PHE I 839 -44.96 -95.56 126.29
CA PHE I 839 -44.21 -95.69 125.04
C PHE I 839 -45.03 -96.42 123.99
N GLN I 840 -45.87 -97.38 124.41
CA GLN I 840 -46.75 -98.05 123.46
C GLN I 840 -47.93 -97.18 123.08
N GLU I 841 -48.48 -96.44 124.05
CA GLU I 841 -49.61 -95.56 123.74
C GLU I 841 -49.21 -94.45 122.78
N SER I 842 -47.95 -94.00 122.85
CA SER I 842 -47.47 -92.97 121.95
C SER I 842 -47.38 -93.44 120.50
N ILE I 843 -47.49 -94.75 120.26
CA ILE I 843 -47.23 -95.31 118.94
C ILE I 843 -48.46 -95.10 118.06
N PRO I 844 -49.66 -95.42 118.55
CA PRO I 844 -50.84 -95.30 117.67
C PRO I 844 -51.07 -93.90 117.11
N LYS I 845 -50.82 -92.86 117.90
CA LYS I 845 -50.93 -91.49 117.38
C LYS I 845 -49.91 -91.25 116.27
N MET I 846 -48.68 -91.74 116.46
CA MET I 846 -47.68 -91.66 115.41
C MET I 846 -48.15 -92.37 114.14
N CYS I 847 -48.73 -93.57 114.30
CA CYS I 847 -49.21 -94.31 113.14
C CYS I 847 -50.31 -93.56 112.41
N SER I 848 -51.27 -93.01 113.15
CA SER I 848 -52.37 -92.28 112.51
C SER I 848 -51.85 -91.05 111.78
N GLN I 849 -50.97 -90.28 112.42
CA GLN I 849 -50.46 -89.06 111.78
C GLN I 849 -49.57 -89.40 110.60
N LEU I 850 -48.84 -90.50 110.66
CA LEU I 850 -48.02 -90.92 109.53
C LEU I 850 -48.88 -91.45 108.39
N ARG I 851 -50.01 -92.08 108.69
CA ARG I 851 -50.96 -92.45 107.65
C ARG I 851 -51.52 -91.22 106.96
N ILE I 852 -51.88 -90.19 107.73
CA ILE I 852 -52.37 -88.95 107.12
C ILE I 852 -51.28 -88.31 106.26
N LEU I 853 -50.05 -88.27 106.77
CA LEU I 853 -48.95 -87.70 106.01
C LEU I 853 -48.68 -88.49 104.74
N THR I 854 -48.74 -89.82 104.83
CA THR I 854 -48.54 -90.66 103.65
C THR I 854 -49.62 -90.41 102.61
N HIS I 855 -50.88 -90.31 103.05
CA HIS I 855 -51.95 -90.02 102.10
C HIS I 855 -51.74 -88.67 101.43
N PHE I 856 -51.37 -87.65 102.21
CA PHE I 856 -51.15 -86.32 101.62
C PHE I 856 -49.98 -86.34 100.64
N TYR I 857 -48.89 -87.01 101.01
CA TYR I 857 -47.75 -87.11 100.11
C TYR I 857 -48.10 -87.86 98.84
N GLN I 858 -48.83 -88.97 98.97
CA GLN I 858 -49.26 -89.72 97.80
C GLN I 858 -50.10 -88.84 96.88
N GLY I 859 -51.05 -88.09 97.45
CA GLY I 859 -51.87 -87.21 96.62
C GLY I 859 -51.04 -86.17 95.90
N VAL I 860 -50.16 -85.49 96.64
CA VAL I 860 -49.36 -84.42 96.04
C VAL I 860 -48.45 -84.97 94.94
N VAL I 861 -47.80 -86.11 95.21
CA VAL I 861 -46.94 -86.74 94.20
C VAL I 861 -47.76 -87.18 93.00
N GLN I 862 -48.99 -87.66 93.23
CA GLN I 862 -49.86 -88.06 92.13
C GLN I 862 -50.19 -86.88 91.24
N GLN I 863 -50.57 -85.75 91.85
CA GLN I 863 -50.88 -84.56 91.05
C GLN I 863 -49.64 -84.05 90.33
N PHE I 864 -48.47 -84.13 90.96
CA PHE I 864 -47.24 -83.69 90.29
C PHE I 864 -46.91 -84.58 89.10
N LEU I 865 -47.05 -85.90 89.28
CA LEU I 865 -46.81 -86.82 88.17
C LEU I 865 -47.81 -86.60 87.05
N VAL I 866 -49.08 -86.36 87.39
CA VAL I 866 -50.09 -86.09 86.37
C VAL I 866 -49.73 -84.82 85.60
N SER I 867 -49.30 -83.78 86.32
CA SER I 867 -48.90 -82.54 85.66
C SER I 867 -47.71 -82.76 84.75
N LEU I 868 -46.73 -83.56 85.19
CA LEU I 868 -45.58 -83.84 84.34
C LEU I 868 -46.00 -84.63 83.10
N THR I 869 -46.85 -85.65 83.27
CA THR I 869 -47.14 -86.54 82.16
C THR I 869 -48.05 -85.88 81.13
N THR I 870 -49.10 -85.19 81.60
CA THR I 870 -50.09 -84.63 80.68
C THR I 870 -49.51 -83.47 79.88
N SER I 871 -48.35 -82.96 80.27
CA SER I 871 -47.71 -81.86 79.57
C SER I 871 -47.19 -82.32 78.22
N SER I 872 -47.02 -81.36 77.30
CA SER I 872 -46.52 -81.66 75.97
C SER I 872 -45.01 -81.77 75.93
N ASP I 873 -44.34 -81.51 77.05
CA ASP I 873 -42.89 -81.62 77.14
C ASP I 873 -42.53 -83.07 77.43
N GLU I 874 -41.79 -83.70 76.52
CA GLU I 874 -41.39 -85.09 76.72
C GLU I 874 -40.40 -85.23 77.87
N SER I 875 -39.74 -84.15 78.29
CA SER I 875 -38.83 -84.24 79.41
C SER I 875 -39.58 -84.62 80.69
N LEU I 876 -40.74 -84.02 80.92
CA LEU I 876 -41.54 -84.37 82.09
C LEU I 876 -42.07 -85.80 82.00
N ARG I 877 -42.43 -86.24 80.80
CA ARG I 877 -42.87 -87.63 80.64
C ARG I 877 -41.74 -88.61 80.93
N PHE I 878 -40.52 -88.30 80.49
CA PHE I 878 -39.39 -89.15 80.81
C PHE I 878 -39.05 -89.10 82.30
N LEU I 879 -39.23 -87.94 82.95
CA LEU I 879 -39.06 -87.87 84.39
C LEU I 879 -40.08 -88.73 85.11
N SER I 880 -41.34 -88.71 84.66
CA SER I 880 -42.35 -89.57 85.25
C SER I 880 -42.05 -91.05 85.01
N PHE I 881 -41.54 -91.38 83.82
CA PHE I 881 -41.14 -92.76 83.55
C PHE I 881 -40.00 -93.20 84.48
N ARG I 882 -39.00 -92.33 84.69
CA ARG I 882 -37.92 -92.65 85.61
C ARG I 882 -38.41 -92.77 87.05
N LEU I 883 -39.39 -91.94 87.43
CA LEU I 883 -39.97 -92.08 88.76
C LEU I 883 -40.69 -93.41 88.91
N ASP I 884 -41.45 -93.84 87.90
CA ASP I 884 -42.03 -95.17 87.99
C ASP I 884 -40.94 -96.24 87.98
N PHE I 885 -39.83 -95.98 87.29
CA PHE I 885 -38.71 -96.93 87.31
C PHE I 885 -38.09 -97.00 88.69
N ASN I 886 -38.35 -95.99 89.53
CA ASN I 886 -37.85 -95.97 90.89
C ASN I 886 -38.50 -97.02 91.77
N GLU I 887 -39.55 -97.68 91.29
CA GLU I 887 -40.25 -98.71 92.05
C GLU I 887 -40.82 -98.13 93.34
N HIS I 888 -41.27 -96.88 93.28
CA HIS I 888 -42.01 -96.25 94.35
C HIS I 888 -43.40 -95.79 93.95
N TYR I 889 -43.68 -95.66 92.65
CA TYR I 889 -44.95 -95.12 92.18
C TYR I 889 -45.63 -96.10 91.23
N MET J 1 -39.29 -75.52 33.03
CA MET J 1 -40.34 -75.23 34.05
C MET J 1 -40.43 -76.36 35.06
N SER J 2 -40.63 -77.59 34.56
CA SER J 2 -40.70 -78.78 35.38
C SER J 2 -39.47 -79.65 35.14
N GLU J 3 -39.06 -80.37 36.19
CA GLU J 3 -37.94 -81.30 36.06
C GLU J 3 -38.26 -82.38 35.04
N PHE J 4 -39.55 -82.69 34.88
CA PHE J 4 -40.02 -83.66 33.89
C PHE J 4 -40.99 -82.90 33.01
N ARG J 5 -40.60 -81.68 32.61
CA ARG J 5 -41.53 -80.80 31.92
C ARG J 5 -41.92 -81.31 30.54
N ILE J 6 -41.10 -82.16 29.92
CA ILE J 6 -41.52 -82.80 28.69
C ILE J 6 -42.73 -83.70 28.95
N HIS J 7 -42.62 -84.52 30.00
CA HIS J 7 -43.74 -85.38 30.38
C HIS J 7 -44.96 -84.57 30.78
N HIS J 8 -44.75 -83.50 31.56
CA HIS J 8 -45.88 -82.69 31.99
C HIS J 8 -46.57 -82.01 30.82
N ASP J 9 -45.80 -81.48 29.87
CA ASP J 9 -46.39 -80.86 28.69
C ASP J 9 -47.14 -81.90 27.85
N VAL J 10 -46.57 -83.09 27.68
CA VAL J 10 -47.25 -84.14 26.92
C VAL J 10 -48.57 -84.50 27.60
N ASN J 11 -48.54 -84.67 28.93
CA ASN J 11 -49.76 -85.03 29.65
C ASN J 11 -50.81 -83.93 29.55
N GLU J 12 -50.40 -82.66 29.69
CA GLU J 12 -51.35 -81.56 29.60
C GLU J 12 -51.94 -81.46 28.20
N LEU J 13 -51.11 -81.63 27.17
CA LEU J 13 -51.62 -81.58 25.80
C LEU J 13 -52.58 -82.74 25.54
N LEU J 14 -52.25 -83.93 26.03
CA LEU J 14 -53.12 -85.09 25.83
C LEU J 14 -54.44 -84.90 26.57
N SER J 15 -54.40 -84.29 27.75
CA SER J 15 -55.62 -84.01 28.49
C SER J 15 -56.46 -82.97 27.78
N LEU J 16 -55.83 -81.93 27.23
CA LEU J 16 -56.61 -80.90 26.55
C LEU J 16 -57.22 -81.45 25.26
N LEU J 17 -56.44 -82.21 24.50
CA LEU J 17 -56.92 -82.80 23.26
C LEU J 17 -57.78 -84.03 23.49
N ARG J 18 -57.98 -84.43 24.75
CA ARG J 18 -58.75 -85.63 25.07
C ARG J 18 -58.16 -86.85 24.38
N VAL J 19 -56.82 -86.90 24.32
CA VAL J 19 -56.10 -87.99 23.68
C VAL J 19 -55.27 -88.69 24.75
N HIS J 20 -55.51 -89.98 24.94
CA HIS J 20 -54.73 -90.79 25.87
C HIS J 20 -54.30 -92.11 25.25
N GLY J 21 -54.44 -92.26 23.93
CA GLY J 21 -54.04 -93.48 23.24
C GLY J 21 -53.04 -93.21 22.15
N GLY J 22 -53.27 -93.76 20.97
CA GLY J 22 -52.33 -93.55 19.88
C GLY J 22 -50.99 -94.15 20.25
N ASP J 23 -49.91 -93.48 19.82
CA ASP J 23 -48.59 -93.91 20.22
C ASP J 23 -48.42 -93.79 21.74
N GLY J 24 -48.95 -92.73 22.32
CA GLY J 24 -48.87 -92.49 23.74
C GLY J 24 -48.02 -91.28 24.06
N ALA J 25 -48.23 -90.73 25.25
CA ALA J 25 -47.43 -89.59 25.67
C ALA J 25 -45.94 -89.95 25.70
N GLU J 26 -45.63 -91.24 25.85
CA GLU J 26 -44.25 -91.67 25.98
C GLU J 26 -43.48 -91.35 24.70
N VAL J 27 -44.02 -91.75 23.56
CA VAL J 27 -43.32 -91.56 22.29
C VAL J 27 -43.15 -90.07 21.99
N TYR J 28 -44.20 -89.28 22.21
CA TYR J 28 -44.11 -87.86 21.92
C TYR J 28 -43.07 -87.19 22.82
N ILE J 29 -43.07 -87.52 24.11
CA ILE J 29 -42.09 -86.94 25.03
C ILE J 29 -40.68 -87.36 24.63
N ASP J 30 -40.49 -88.64 24.32
CA ASP J 30 -39.18 -89.14 23.96
C ASP J 30 -38.67 -88.48 22.70
N LEU J 31 -39.54 -88.29 21.70
CA LEU J 31 -39.11 -87.66 20.46
C LEU J 31 -38.81 -86.17 20.66
N LEU J 32 -39.58 -85.50 21.53
CA LEU J 32 -39.28 -84.10 21.85
C LEU J 32 -37.93 -83.99 22.54
N GLN J 33 -37.68 -84.84 23.53
CA GLN J 33 -36.43 -84.76 24.30
C GLN J 33 -35.22 -85.30 23.55
N LYS J 34 -35.41 -86.18 22.57
CA LYS J 34 -34.30 -86.76 21.83
C LYS J 34 -34.01 -86.06 20.51
N ASN J 35 -34.96 -85.31 19.97
CA ASN J 35 -34.75 -84.54 18.74
C ASN J 35 -34.85 -83.08 19.15
N ARG J 36 -33.70 -82.44 19.33
CA ARG J 36 -33.68 -81.07 19.78
C ARG J 36 -32.52 -80.32 19.16
N THR J 37 -32.77 -79.08 18.78
CA THR J 37 -31.71 -78.13 18.49
C THR J 37 -30.98 -77.77 19.78
N PRO J 38 -29.72 -77.37 19.69
CA PRO J 38 -29.00 -76.98 20.91
C PRO J 38 -29.73 -75.86 21.62
N TYR J 39 -29.98 -74.76 20.90
CA TYR J 39 -30.83 -73.70 21.42
C TYR J 39 -31.53 -73.04 20.24
N VAL J 40 -32.63 -72.34 20.54
CA VAL J 40 -33.44 -71.74 19.48
C VAL J 40 -32.75 -70.46 19.04
N THR J 41 -31.83 -70.58 18.10
CA THR J 41 -31.20 -69.44 17.45
C THR J 41 -31.15 -69.53 15.94
N THR J 42 -31.31 -70.71 15.35
CA THR J 42 -31.29 -70.84 13.90
C THR J 42 -32.46 -70.10 13.28
N THR J 43 -32.18 -69.35 12.22
CA THR J 43 -33.24 -68.80 11.40
C THR J 43 -33.80 -69.86 10.47
N VAL J 44 -35.00 -69.59 9.98
CA VAL J 44 -35.74 -70.50 9.11
C VAL J 44 -35.90 -69.84 7.75
N SER J 45 -36.55 -70.54 6.83
CA SER J 45 -36.96 -69.93 5.58
C SER J 45 -38.04 -68.92 5.95
N ALA J 46 -37.61 -67.80 6.55
CA ALA J 46 -38.52 -66.94 7.28
C ALA J 46 -39.50 -66.23 6.36
N HIS J 47 -39.12 -65.98 5.11
CA HIS J 47 -40.05 -65.27 4.24
C HIS J 47 -41.04 -66.23 3.59
N SER J 48 -40.63 -67.48 3.37
CA SER J 48 -41.60 -68.51 3.04
C SER J 48 -42.58 -68.73 4.19
N ALA J 49 -42.08 -68.76 5.44
CA ALA J 49 -42.97 -68.85 6.59
C ALA J 49 -43.91 -67.66 6.66
N LYS J 50 -43.40 -66.46 6.37
CA LYS J 50 -44.24 -65.27 6.36
C LYS J 50 -45.34 -65.41 5.31
N VAL J 51 -44.99 -65.90 4.12
CA VAL J 51 -45.97 -66.09 3.08
C VAL J 51 -47.02 -67.11 3.49
N LYS J 52 -46.58 -68.21 4.11
CA LYS J 52 -47.53 -69.23 4.57
C LYS J 52 -48.50 -68.66 5.60
N ILE J 53 -47.98 -67.93 6.59
CA ILE J 53 -48.86 -67.30 7.57
C ILE J 53 -49.81 -66.33 6.88
N ALA J 54 -49.30 -65.59 5.89
CA ALA J 54 -50.14 -64.63 5.18
C ALA J 54 -51.27 -65.34 4.44
N GLU J 55 -50.96 -66.46 3.79
CA GLU J 55 -51.96 -67.22 3.05
C GLU J 55 -52.98 -67.88 3.98
N PHE J 56 -52.61 -68.14 5.23
CA PHE J 56 -53.59 -68.60 6.20
C PHE J 56 -54.13 -67.45 7.05
N SER J 57 -53.74 -66.22 6.71
CA SER J 57 -54.14 -65.02 7.43
C SER J 57 -55.46 -64.46 6.92
N ARG J 58 -56.26 -63.93 7.84
CA ARG J 58 -57.37 -63.07 7.45
C ARG J 58 -56.86 -61.68 7.08
N THR J 59 -55.74 -61.27 7.67
CA THR J 59 -55.05 -60.01 7.39
C THR J 59 -53.57 -60.17 7.71
N PRO J 60 -52.72 -60.19 6.68
CA PRO J 60 -51.27 -60.30 6.94
C PRO J 60 -50.68 -59.08 7.63
N GLU J 61 -51.27 -57.91 7.45
CA GLU J 61 -50.65 -56.68 7.94
C GLU J 61 -50.59 -56.66 9.47
N ASP J 62 -51.70 -57.02 10.13
CA ASP J 62 -51.69 -57.03 11.58
C ASP J 62 -50.79 -58.13 12.14
N PHE J 63 -50.68 -59.26 11.44
CA PHE J 63 -49.75 -60.30 11.87
C PHE J 63 -48.31 -59.80 11.79
N LEU J 64 -47.97 -59.10 10.70
CA LEU J 64 -46.62 -58.55 10.57
C LEU J 64 -46.38 -57.48 11.62
N LYS J 65 -47.39 -56.67 11.93
CA LYS J 65 -47.25 -55.65 12.97
C LYS J 65 -47.00 -56.29 14.33
N LYS J 66 -47.70 -57.38 14.64
CA LYS J 66 -47.45 -58.09 15.90
C LYS J 66 -46.06 -58.69 15.93
N TYR J 67 -45.61 -59.24 14.80
CA TYR J 67 -44.23 -59.73 14.70
C TYR J 67 -43.24 -58.61 15.00
N ASP J 68 -43.45 -57.44 14.39
CA ASP J 68 -42.56 -56.32 14.60
C ASP J 68 -42.57 -55.86 16.06
N GLU J 69 -43.75 -55.84 16.69
CA GLU J 69 -43.82 -55.44 18.09
C GLU J 69 -43.09 -56.42 18.97
N LEU J 70 -43.22 -57.73 18.70
CA LEU J 70 -42.50 -58.71 19.49
C LEU J 70 -41.00 -58.60 19.27
N LYS J 71 -40.57 -58.28 18.04
CA LYS J 71 -39.15 -58.02 17.80
C LYS J 71 -38.67 -56.78 18.55
N SER J 72 -39.53 -55.75 18.63
CA SER J 72 -39.22 -54.59 19.45
C SER J 72 -39.13 -54.96 20.93
N LYS J 73 -39.82 -56.02 21.33
CA LYS J 73 -39.70 -56.57 22.68
C LYS J 73 -38.78 -57.77 22.72
N ASN J 74 -37.91 -57.92 21.73
CA ASN J 74 -36.88 -58.96 21.66
C ASN J 74 -37.39 -60.28 22.22
N THR J 75 -38.54 -60.71 21.71
CA THR J 75 -39.12 -61.98 22.11
C THR J 75 -38.24 -63.13 21.64
N ARG J 76 -38.27 -64.23 22.38
CA ARG J 76 -37.51 -65.41 22.01
C ARG J 76 -38.39 -66.38 21.24
N ASN J 77 -37.77 -67.09 20.30
CA ASN J 77 -38.46 -68.08 19.47
C ASN J 77 -39.65 -67.43 18.73
N LEU J 78 -39.33 -66.49 17.84
CA LEU J 78 -40.34 -65.80 17.05
C LEU J 78 -40.34 -66.23 15.60
N ASP J 79 -39.19 -66.17 14.92
CA ASP J 79 -39.11 -66.77 13.59
C ASP J 79 -39.34 -68.28 13.66
N PRO J 80 -38.71 -69.01 14.57
CA PRO J 80 -39.06 -70.43 14.72
C PRO J 80 -40.51 -70.65 15.12
N LEU J 81 -41.10 -69.74 15.90
CA LEU J 81 -42.51 -69.86 16.23
C LEU J 81 -43.37 -69.73 14.98
N VAL J 82 -43.03 -68.77 14.11
CA VAL J 82 -43.77 -68.62 12.86
C VAL J 82 -43.60 -69.86 11.99
N TYR J 83 -42.38 -70.40 11.92
CA TYR J 83 -42.16 -71.63 11.15
C TYR J 83 -42.99 -72.78 11.69
N LEU J 84 -43.02 -72.95 13.02
CA LEU J 84 -43.79 -74.03 13.62
C LEU J 84 -45.28 -73.83 13.37
N LEU J 85 -45.78 -72.61 13.49
CA LEU J 85 -47.18 -72.34 13.23
C LEU J 85 -47.53 -72.62 11.77
N SER J 86 -46.65 -72.24 10.85
CA SER J 86 -46.87 -72.54 9.44
C SER J 86 -46.93 -74.04 9.20
N LYS J 87 -45.98 -74.79 9.79
CA LYS J 87 -45.98 -76.23 9.62
C LYS J 87 -47.23 -76.87 10.22
N LEU J 88 -47.71 -76.32 11.34
CA LEU J 88 -48.92 -76.84 11.97
C LEU J 88 -50.14 -76.59 11.09
N MET J 89 -50.32 -75.35 10.64
CA MET J 89 -51.46 -75.03 9.79
C MET J 89 -51.32 -75.58 8.38
N GLU J 90 -50.16 -76.14 8.02
CA GLU J 90 -50.05 -76.88 6.78
C GLU J 90 -51.02 -78.06 6.78
N ASP J 91 -51.08 -78.79 7.89
CA ASP J 91 -51.94 -79.96 8.01
C ASP J 91 -53.31 -79.51 8.50
N ARG J 92 -54.36 -79.94 7.79
CA ARG J 92 -55.71 -79.62 8.20
C ARG J 92 -56.16 -80.49 9.38
N GLU J 93 -55.68 -81.72 9.46
CA GLU J 93 -56.15 -82.62 10.51
C GLU J 93 -55.62 -82.18 11.88
N THR J 94 -54.31 -81.93 11.99
CA THR J 94 -53.76 -81.40 13.23
C THR J 94 -54.42 -80.08 13.60
N LEU J 95 -54.56 -79.18 12.63
CA LEU J 95 -55.25 -77.91 12.85
C LEU J 95 -56.64 -78.13 13.45
N GLN J 96 -57.44 -78.98 12.79
CA GLN J 96 -58.82 -79.16 13.21
C GLN J 96 -58.89 -79.82 14.57
N TYR J 97 -58.01 -80.79 14.84
CA TYR J 97 -57.99 -81.42 16.16
C TYR J 97 -57.62 -80.41 17.24
N LEU J 98 -56.66 -79.53 16.95
CA LEU J 98 -56.28 -78.51 17.92
C LEU J 98 -57.43 -77.55 18.20
N GLN J 99 -58.11 -77.10 17.15
CA GLN J 99 -59.27 -76.23 17.34
C GLN J 99 -60.39 -76.94 18.09
N GLN J 100 -60.56 -78.24 17.83
CA GLN J 100 -61.61 -78.99 18.51
C GLN J 100 -61.28 -79.12 20.00
N ASN J 101 -60.02 -79.39 20.33
CA ASN J 101 -59.60 -79.42 21.73
C ASN J 101 -59.81 -78.07 22.39
N ALA J 102 -59.46 -76.98 21.69
CA ALA J 102 -59.61 -75.66 22.29
C ALA J 102 -61.08 -75.35 22.54
N LYS J 103 -61.95 -75.70 21.60
CA LYS J 103 -63.38 -75.48 21.78
C LYS J 103 -63.93 -76.33 22.92
N GLU J 104 -63.47 -77.59 23.02
CA GLU J 104 -63.91 -78.45 24.12
C GLU J 104 -63.51 -77.87 25.47
N ARG J 105 -62.23 -77.48 25.61
CA ARG J 105 -61.80 -76.85 26.86
C ARG J 105 -62.51 -75.53 27.11
N ALA J 106 -62.95 -74.85 26.06
CA ALA J 106 -63.70 -73.61 26.22
C ALA J 106 -65.09 -73.88 26.80
N GLU J 107 -65.81 -74.84 26.20
CA GLU J 107 -67.18 -75.12 26.60
C GLU J 107 -67.27 -75.88 27.91
N LEU J 108 -66.26 -76.70 28.24
CA LEU J 108 -66.34 -77.52 29.45
C LEU J 108 -66.39 -76.65 30.70
N ALA J 109 -65.62 -75.58 30.73
CA ALA J 109 -65.63 -74.67 31.86
C ALA J 109 -66.89 -73.81 31.86
N GLY J 147 -55.33 -37.69 27.74
CA GLY J 147 -54.65 -38.71 26.97
C GLY J 147 -53.15 -38.71 27.20
N PRO J 148 -52.57 -39.90 27.37
CA PRO J 148 -51.13 -39.98 27.61
C PRO J 148 -50.34 -39.71 26.33
N THR J 149 -49.31 -38.88 26.47
CA THR J 149 -48.38 -38.59 25.39
C THR J 149 -47.16 -39.47 25.59
N TRP J 150 -46.20 -39.38 24.68
CA TRP J 150 -45.01 -40.23 24.82
C TRP J 150 -44.21 -39.87 26.06
N GLN J 151 -44.13 -38.58 26.40
CA GLN J 151 -43.50 -38.16 27.65
C GLN J 151 -44.26 -38.65 28.88
N GLN J 152 -45.59 -38.55 28.88
CA GLN J 152 -46.34 -39.06 30.03
C GLN J 152 -46.23 -40.57 30.13
N SER J 153 -46.26 -41.27 29.00
CA SER J 153 -46.08 -42.72 29.01
C SER J 153 -44.71 -43.08 29.55
N LEU J 154 -43.68 -42.33 29.17
CA LEU J 154 -42.34 -42.63 29.64
C LEU J 154 -42.18 -42.30 31.12
N GLU J 155 -42.86 -41.25 31.61
CA GLU J 155 -42.82 -40.97 33.04
C GLU J 155 -43.53 -42.04 33.85
N LEU J 156 -44.69 -42.51 33.38
CA LEU J 156 -45.37 -43.61 34.04
C LEU J 156 -44.54 -44.89 34.00
N THR J 157 -43.90 -45.14 32.86
CA THR J 157 -42.99 -46.28 32.75
C THR J 157 -41.83 -46.15 33.72
N ARG J 158 -41.27 -44.94 33.85
CA ARG J 158 -40.20 -44.71 34.81
C ARG J 158 -40.66 -45.02 36.22
N LYS J 159 -41.86 -44.54 36.59
CA LYS J 159 -42.37 -44.79 37.93
C LYS J 159 -42.56 -46.28 38.17
N MET J 160 -43.18 -46.97 37.20
CA MET J 160 -43.44 -48.39 37.36
C MET J 160 -42.15 -49.19 37.38
N LEU J 161 -41.14 -48.79 36.58
CA LEU J 161 -39.87 -49.48 36.58
C LEU J 161 -39.09 -49.24 37.87
N ARG J 162 -39.18 -48.05 38.44
CA ARG J 162 -38.58 -47.81 39.75
C ARG J 162 -39.24 -48.70 40.79
N ASP J 163 -40.57 -48.76 40.78
CA ASP J 163 -41.29 -49.66 41.70
C ASP J 163 -40.87 -51.10 41.50
N LYS J 164 -40.73 -51.52 40.24
CA LYS J 164 -40.36 -52.90 39.96
C LYS J 164 -38.96 -53.20 40.47
N GLN J 165 -38.00 -52.33 40.18
CA GLN J 165 -36.65 -52.61 40.65
C GLN J 165 -36.60 -52.55 42.17
N SER J 166 -37.44 -51.70 42.77
CA SER J 166 -37.53 -51.63 44.23
C SER J 166 -37.95 -52.97 44.82
N LYS J 167 -38.96 -53.61 44.22
CA LYS J 167 -39.39 -54.90 44.73
C LYS J 167 -38.44 -56.02 44.34
N LYS J 168 -37.92 -55.99 43.11
CA LYS J 168 -37.05 -57.07 42.65
C LYS J 168 -35.74 -57.09 43.42
N ASN J 169 -35.31 -55.91 43.88
CA ASN J 169 -34.11 -55.80 44.71
C ASN J 169 -34.39 -56.10 46.17
N SER J 170 -35.64 -56.39 46.54
CA SER J 170 -35.99 -56.75 47.91
C SER J 170 -35.80 -55.59 48.88
N GLY J 171 -35.60 -54.38 48.37
CA GLY J 171 -35.34 -53.22 49.22
C GLY J 171 -34.00 -52.57 48.98
N GLN J 172 -33.19 -53.07 48.06
CA GLN J 172 -31.89 -52.48 47.77
C GLN J 172 -32.08 -51.13 47.07
N ARG J 173 -31.04 -50.31 47.15
CA ARG J 173 -31.13 -48.93 46.70
C ARG J 173 -31.33 -48.84 45.19
N LEU J 174 -31.94 -47.74 44.77
CA LEU J 174 -32.22 -47.40 43.39
C LEU J 174 -31.68 -46.00 43.12
N PRO J 175 -31.23 -45.75 41.89
CA PRO J 175 -30.74 -44.41 41.55
C PRO J 175 -31.89 -43.44 41.30
N VAL J 176 -32.06 -42.48 42.20
CA VAL J 176 -33.14 -41.51 42.14
C VAL J 176 -32.53 -40.12 42.34
N LEU J 177 -32.94 -39.18 41.51
CA LEU J 177 -32.46 -37.80 41.58
C LEU J 177 -33.62 -36.87 41.22
N PRO J 178 -33.60 -35.63 41.72
CA PRO J 178 -34.57 -34.64 41.24
C PRO J 178 -34.16 -34.12 39.88
N ALA J 179 -35.12 -34.07 38.96
CA ALA J 179 -34.88 -33.65 37.58
C ALA J 179 -35.99 -32.70 37.16
N TRP J 180 -35.59 -31.55 36.62
CA TRP J 180 -36.52 -30.65 35.95
C TRP J 180 -36.44 -30.78 34.44
N VAL J 181 -35.67 -31.76 33.95
CA VAL J 181 -35.56 -31.99 32.51
C VAL J 181 -36.90 -32.40 31.93
N TYR J 182 -37.61 -33.29 32.62
CA TYR J 182 -38.95 -33.69 32.20
C TYR J 182 -39.95 -32.55 32.30
N GLU J 183 -39.70 -31.55 33.14
CA GLU J 183 -40.64 -30.45 33.26
C GLU J 183 -40.65 -29.56 32.02
N ARG J 184 -39.59 -29.60 31.21
CA ARG J 184 -39.53 -28.81 29.98
C ARG J 184 -38.57 -29.49 29.01
N PRO J 185 -38.95 -30.67 28.50
CA PRO J 185 -38.03 -31.37 27.58
C PRO J 185 -37.99 -30.74 26.20
N ALA J 186 -39.14 -30.30 25.69
CA ALA J 186 -39.19 -29.69 24.37
C ALA J 186 -38.35 -28.43 24.28
N LEU J 187 -38.11 -27.76 25.40
CA LEU J 187 -37.29 -26.56 25.44
C LEU J 187 -35.80 -26.83 25.52
N LEU J 188 -35.37 -28.09 25.62
CA LEU J 188 -33.96 -28.44 25.75
C LEU J 188 -33.45 -29.21 24.53
N GLY J 189 -33.81 -28.75 23.34
CA GLY J 189 -33.34 -29.38 22.11
C GLY J 189 -33.80 -30.79 21.87
N ASP J 190 -35.03 -31.14 22.25
CA ASP J 190 -35.58 -32.46 21.98
C ASP J 190 -36.90 -32.29 21.24
N PHE J 191 -37.61 -33.40 21.05
CA PHE J 191 -38.91 -33.38 20.37
C PHE J 191 -39.91 -34.19 21.19
N LEU J 192 -41.00 -33.53 21.56
CA LEU J 192 -42.05 -34.06 22.40
C LEU J 192 -43.39 -33.74 21.76
N PRO J 193 -44.43 -34.54 22.02
CA PRO J 193 -45.75 -34.14 21.53
C PRO J 193 -46.09 -32.73 21.97
N GLY J 194 -46.19 -31.80 21.02
CA GLY J 194 -46.42 -30.40 21.34
C GLY J 194 -45.47 -29.48 20.61
N THR J 195 -44.46 -30.06 19.97
CA THR J 195 -43.47 -29.29 19.22
C THR J 195 -44.07 -28.80 17.90
N GLY J 196 -43.41 -27.81 17.32
CA GLY J 196 -43.82 -27.23 16.05
C GLY J 196 -42.63 -26.60 15.36
N GLY J 197 -42.87 -25.52 14.63
CA GLY J 197 -41.82 -24.82 13.94
C GLY J 197 -41.27 -23.63 14.69
N SER J 198 -41.54 -22.43 14.18
CA SER J 198 -41.13 -21.20 14.84
C SER J 198 -42.17 -20.14 14.57
N ALA J 199 -42.77 -19.62 15.64
CA ALA J 199 -43.70 -18.51 15.53
C ALA J 199 -43.00 -17.16 15.55
N ASP J 200 -41.72 -17.11 15.92
CA ASP J 200 -40.96 -15.88 15.88
C ASP J 200 -40.07 -15.74 14.66
N THR J 201 -39.73 -16.84 13.99
CA THR J 201 -38.95 -16.81 12.75
C THR J 201 -39.80 -17.46 11.68
N ALA J 202 -40.47 -16.64 10.86
CA ALA J 202 -41.37 -17.14 9.82
C ALA J 202 -41.42 -16.07 8.73
N VAL J 203 -40.73 -16.30 7.63
CA VAL J 203 -40.83 -15.41 6.48
C VAL J 203 -41.16 -16.21 5.24
N PRO J 204 -41.79 -15.61 4.23
CA PRO J 204 -42.09 -16.36 3.01
C PRO J 204 -40.82 -16.79 2.29
N ILE J 205 -40.56 -18.10 2.27
CA ILE J 205 -39.33 -18.56 1.64
C ILE J 205 -39.39 -18.32 0.15
N GLY J 206 -40.58 -18.42 -0.45
CA GLY J 206 -40.71 -18.14 -1.87
C GLY J 206 -40.38 -16.70 -2.19
N SER J 207 -40.88 -15.77 -1.37
CA SER J 207 -40.53 -14.37 -1.57
C SER J 207 -39.05 -14.13 -1.33
N LEU J 208 -38.45 -14.94 -0.45
CA LEU J 208 -37.03 -14.83 -0.19
C LEU J 208 -36.23 -15.27 -1.41
N PRO J 209 -35.06 -14.70 -1.64
CA PRO J 209 -34.23 -15.16 -2.74
C PRO J 209 -33.81 -16.60 -2.50
N LEU J 210 -33.27 -17.24 -3.54
CA LEU J 210 -32.93 -18.64 -3.43
C LEU J 210 -31.87 -18.86 -2.37
N ALA J 211 -30.85 -17.99 -2.32
CA ALA J 211 -29.82 -18.12 -1.31
C ALA J 211 -30.37 -17.88 0.09
N SER J 212 -31.22 -16.86 0.24
CA SER J 212 -31.83 -16.60 1.55
C SER J 212 -32.72 -17.75 1.97
N GLN J 213 -33.50 -18.30 1.03
CA GLN J 213 -34.33 -19.46 1.35
C GLN J 213 -33.46 -20.63 1.79
N GLU J 214 -32.35 -20.85 1.09
CA GLU J 214 -31.45 -21.94 1.44
C GLU J 214 -30.89 -21.74 2.83
N ALA J 215 -30.46 -20.52 3.16
CA ALA J 215 -29.92 -20.26 4.49
C ALA J 215 -30.98 -20.51 5.57
N ALA J 216 -32.21 -20.02 5.35
CA ALA J 216 -33.26 -20.21 6.34
C ALA J 216 -33.58 -21.69 6.51
N VAL J 217 -33.62 -22.42 5.40
CA VAL J 217 -33.96 -23.84 5.46
C VAL J 217 -32.83 -24.61 6.13
N VAL J 218 -31.59 -24.24 5.85
CA VAL J 218 -30.45 -24.88 6.51
C VAL J 218 -30.51 -24.65 8.02
N GLU J 219 -30.84 -23.44 8.44
CA GLU J 219 -30.92 -23.15 9.87
C GLU J 219 -32.05 -23.96 10.52
N ASP J 220 -33.22 -24.02 9.88
CA ASP J 220 -34.32 -24.79 10.42
C ASP J 220 -34.00 -26.28 10.45
N LEU J 221 -33.35 -26.77 9.40
CA LEU J 221 -32.91 -28.16 9.35
C LEU J 221 -31.95 -28.47 10.47
N LEU J 222 -30.96 -27.60 10.70
CA LEU J 222 -29.96 -27.86 11.74
C LEU J 222 -30.56 -27.78 13.13
N TYR J 223 -31.53 -26.90 13.34
CA TYR J 223 -32.25 -26.90 14.62
C TYR J 223 -33.06 -28.19 14.81
N VAL J 224 -33.74 -28.66 13.76
CA VAL J 224 -34.38 -29.96 13.82
C VAL J 224 -33.36 -31.08 14.07
N LEU J 225 -32.19 -31.00 13.44
CA LEU J 225 -31.16 -32.01 13.63
C LEU J 225 -30.47 -31.89 14.98
N VAL J 226 -30.75 -30.82 15.73
CA VAL J 226 -30.33 -30.74 17.12
C VAL J 226 -31.48 -31.01 18.06
N GLY J 227 -32.68 -31.26 17.55
CA GLY J 227 -33.82 -31.63 18.34
C GLY J 227 -34.82 -30.52 18.56
N VAL J 228 -34.41 -29.27 18.37
CA VAL J 228 -35.29 -28.12 18.56
C VAL J 228 -35.98 -27.84 17.24
N ASP J 229 -37.02 -27.03 17.26
CA ASP J 229 -37.74 -26.77 16.03
C ASP J 229 -36.91 -25.90 15.10
N GLY J 230 -37.43 -25.72 13.90
CA GLY J 230 -36.86 -24.89 12.86
C GLY J 230 -37.51 -23.52 12.80
N ARG J 231 -37.48 -22.93 11.62
CA ARG J 231 -38.13 -21.66 11.34
C ARG J 231 -39.04 -21.93 10.15
N TYR J 232 -38.64 -22.89 9.30
CA TYR J 232 -39.48 -23.39 8.24
C TYR J 232 -39.63 -24.90 8.28
N ILE J 233 -38.83 -25.60 9.09
CA ILE J 233 -39.01 -27.03 9.38
C ILE J 233 -39.49 -27.17 10.81
N SER J 234 -40.70 -27.70 10.99
CA SER J 234 -41.38 -27.70 12.28
C SER J 234 -41.46 -29.12 12.81
N ALA J 235 -40.93 -29.36 14.00
CA ALA J 235 -41.08 -30.67 14.61
C ALA J 235 -42.54 -30.85 15.01
N GLN J 236 -43.15 -31.91 14.54
CA GLN J 236 -44.55 -32.19 14.80
C GLN J 236 -44.72 -33.02 16.07
N PRO J 237 -45.86 -32.87 16.75
CA PRO J 237 -46.09 -33.68 17.95
C PRO J 237 -46.13 -35.17 17.63
N LEU J 238 -45.74 -35.99 18.60
CA LEU J 238 -45.72 -37.43 18.47
C LEU J 238 -46.58 -38.03 19.58
N THR J 239 -47.44 -38.99 19.21
CA THR J 239 -48.20 -39.77 20.16
C THR J 239 -47.57 -41.15 20.29
N GLY J 240 -47.24 -41.54 21.52
CA GLY J 240 -46.40 -42.70 21.74
C GLY J 240 -44.98 -42.43 21.30
N ARG J 241 -44.01 -43.10 21.91
CA ARG J 241 -42.61 -42.83 21.62
C ARG J 241 -42.26 -43.39 20.25
N GLN J 242 -42.07 -42.51 19.27
CA GLN J 242 -41.74 -42.90 17.91
C GLN J 242 -40.72 -41.90 17.37
N GLY J 243 -40.35 -42.08 16.11
CA GLY J 243 -39.52 -41.07 15.46
C GLY J 243 -40.25 -39.75 15.36
N ARG J 244 -39.54 -38.66 15.67
CA ARG J 244 -40.14 -37.35 15.65
C ARG J 244 -40.25 -36.88 14.20
N THR J 245 -41.46 -36.61 13.76
CA THR J 245 -41.69 -36.16 12.39
C THR J 245 -41.49 -34.65 12.29
N PHE J 246 -41.07 -34.20 11.11
CA PHE J 246 -40.82 -32.79 10.88
C PHE J 246 -41.54 -32.36 9.61
N LEU J 247 -42.47 -31.43 9.75
CA LEU J 247 -43.21 -30.87 8.62
C LEU J 247 -42.41 -29.76 7.95
N VAL J 248 -42.33 -29.79 6.63
CA VAL J 248 -41.66 -28.77 5.86
C VAL J 248 -42.71 -27.78 5.37
N ASP J 249 -42.42 -26.50 5.51
CA ASP J 249 -43.35 -25.48 5.03
C ASP J 249 -43.52 -25.64 3.51
N PRO J 250 -44.75 -25.61 3.00
CA PRO J 250 -44.95 -25.81 1.55
C PRO J 250 -44.47 -24.65 0.70
N ASN J 251 -44.10 -23.52 1.30
CA ASN J 251 -43.60 -22.38 0.55
C ASN J 251 -42.26 -22.63 -0.12
N LEU J 252 -41.55 -23.70 0.25
CA LEU J 252 -40.24 -23.95 -0.34
C LEU J 252 -40.36 -24.39 -1.80
N ASP J 253 -39.28 -24.15 -2.53
CA ASP J 253 -39.21 -24.52 -3.95
C ASP J 253 -39.28 -26.03 -4.11
N LEU J 254 -39.71 -26.48 -5.28
CA LEU J 254 -39.94 -27.90 -5.46
C LEU J 254 -38.66 -28.67 -5.24
N SER J 255 -37.56 -28.21 -5.83
CA SER J 255 -36.29 -28.89 -5.60
C SER J 255 -35.83 -28.64 -4.18
N ILE J 256 -36.05 -27.40 -3.70
CA ILE J 256 -35.67 -27.03 -2.35
C ILE J 256 -36.46 -27.84 -1.34
N ARG J 257 -37.77 -27.90 -1.50
CA ARG J 257 -38.61 -28.68 -0.59
C ARG J 257 -38.29 -30.16 -0.71
N GLU J 258 -38.00 -30.63 -1.93
CA GLU J 258 -37.55 -32.00 -2.13
C GLU J 258 -36.35 -32.29 -1.25
N LEU J 259 -35.33 -31.43 -1.31
CA LEU J 259 -34.12 -31.69 -0.54
C LEU J 259 -34.33 -31.45 0.94
N VAL J 260 -35.24 -30.55 1.30
CA VAL J 260 -35.60 -30.37 2.70
C VAL J 260 -36.20 -31.65 3.24
N SER J 261 -37.11 -32.26 2.48
CA SER J 261 -37.69 -33.54 2.87
C SER J 261 -36.64 -34.64 2.92
N ARG J 262 -35.70 -34.63 1.99
CA ARG J 262 -34.60 -35.60 2.03
C ARG J 262 -33.80 -35.45 3.31
N ILE J 263 -33.54 -34.21 3.74
CA ILE J 263 -32.82 -34.03 5.00
C ILE J 263 -33.71 -34.46 6.14
N LEU J 264 -35.01 -34.18 6.04
CA LEU J 264 -35.99 -34.34 7.10
C LEU J 264 -35.81 -35.69 7.78
N PRO J 265 -35.41 -36.72 7.05
CA PRO J 265 -35.00 -37.96 7.73
C PRO J 265 -33.96 -37.72 8.81
N VAL J 266 -32.98 -36.87 8.52
CA VAL J 266 -31.96 -36.53 9.50
C VAL J 266 -32.56 -35.74 10.65
N ALA J 267 -33.47 -34.81 10.35
CA ALA J 267 -34.10 -34.02 11.40
C ALA J 267 -34.92 -34.89 12.33
N ALA J 268 -35.72 -35.80 11.77
CA ALA J 268 -36.50 -36.72 12.59
C ALA J 268 -35.60 -37.64 13.40
N SER J 269 -34.52 -38.13 12.79
CA SER J 269 -33.58 -38.98 13.51
C SER J 269 -32.99 -38.25 14.70
N TYR J 270 -32.53 -37.03 14.49
CA TYR J 270 -31.93 -36.27 15.59
C TYR J 270 -32.95 -35.90 16.65
N SER J 271 -34.19 -35.58 16.25
CA SER J 271 -35.21 -35.26 17.25
C SER J 271 -35.49 -36.47 18.15
N THR J 272 -35.69 -37.64 17.53
CA THR J 272 -35.92 -38.85 18.33
C THR J 272 -34.69 -39.19 19.16
N VAL J 273 -33.50 -38.99 18.60
CA VAL J 273 -32.27 -39.27 19.32
C VAL J 273 -32.17 -38.41 20.57
N THR J 274 -32.45 -37.11 20.43
CA THR J 274 -32.33 -36.23 21.58
C THR J 274 -33.46 -36.45 22.59
N ARG J 275 -34.63 -36.89 22.13
CA ARG J 275 -35.68 -37.25 23.07
C ARG J 275 -35.29 -38.48 23.89
N PHE J 276 -34.77 -39.51 23.23
CA PHE J 276 -34.30 -40.68 23.97
C PHE J 276 -33.12 -40.31 24.87
N ILE J 277 -32.25 -39.43 24.38
CA ILE J 277 -31.06 -39.04 25.12
C ILE J 277 -31.45 -38.36 26.42
N GLU J 278 -32.36 -37.39 26.34
CA GLU J 278 -32.79 -36.69 27.55
C GLU J 278 -33.77 -37.49 28.38
N GLU J 279 -34.33 -38.57 27.84
CA GLU J 279 -35.20 -39.42 28.67
C GLU J 279 -34.38 -40.39 29.51
N LYS J 280 -33.51 -41.17 28.88
CA LYS J 280 -32.60 -42.06 29.60
C LYS J 280 -31.41 -41.34 30.25
N SER J 281 -31.23 -40.04 30.00
CA SER J 281 -30.16 -39.29 30.66
C SER J 281 -30.26 -39.35 32.17
N SER J 282 -31.45 -39.45 32.71
CA SER J 282 -31.63 -39.55 34.15
C SER J 282 -31.67 -41.02 34.56
N PHE J 283 -31.14 -41.29 35.74
CA PHE J 283 -30.96 -42.66 36.23
C PHE J 283 -32.23 -43.08 36.96
N GLU J 284 -33.15 -43.64 36.21
CA GLU J 284 -34.30 -44.38 36.71
C GLU J 284 -34.37 -45.76 36.08
N TYR J 285 -34.02 -45.86 34.80
CA TYR J 285 -34.05 -47.11 34.07
C TYR J 285 -32.76 -47.86 34.38
N GLY J 286 -32.50 -48.95 33.68
CA GLY J 286 -31.38 -49.78 34.03
C GLY J 286 -30.05 -49.15 33.66
N GLN J 287 -28.98 -49.82 34.12
CA GLN J 287 -27.65 -49.33 33.84
C GLN J 287 -27.41 -49.28 32.34
N VAL J 288 -27.86 -50.30 31.62
CA VAL J 288 -27.62 -50.35 30.19
C VAL J 288 -28.35 -49.19 29.53
N ASN J 289 -29.54 -48.87 30.03
CA ASN J 289 -30.30 -47.76 29.47
C ASN J 289 -29.56 -46.45 29.64
N HIS J 290 -29.00 -46.22 30.83
CA HIS J 290 -28.29 -44.96 31.06
C HIS J 290 -26.99 -44.90 30.26
N ALA J 291 -26.28 -46.02 30.16
CA ALA J 291 -25.07 -46.05 29.35
C ALA J 291 -25.38 -45.80 27.87
N LEU J 292 -26.45 -46.41 27.38
CA LEU J 292 -26.87 -46.17 26.01
C LEU J 292 -27.20 -44.70 25.80
N ALA J 293 -27.89 -44.09 26.76
CA ALA J 293 -28.21 -42.68 26.64
C ALA J 293 -26.94 -41.84 26.59
N ALA J 294 -25.94 -42.21 27.40
CA ALA J 294 -24.67 -41.48 27.40
C ALA J 294 -24.00 -41.56 26.03
N ALA J 295 -23.87 -42.77 25.50
CA ALA J 295 -23.23 -42.92 24.19
C ALA J 295 -24.04 -42.21 23.11
N MET J 296 -25.36 -42.32 23.16
CA MET J 296 -26.22 -41.68 22.18
C MET J 296 -26.08 -40.17 22.22
N ARG J 297 -25.99 -39.59 23.42
CA ARG J 297 -25.84 -38.14 23.51
C ARG J 297 -24.44 -37.70 23.12
N THR J 298 -23.44 -38.55 23.31
CA THR J 298 -22.12 -38.24 22.77
C THR J 298 -22.14 -38.18 21.24
N LEU J 299 -22.71 -39.20 20.61
CA LEU J 299 -22.84 -39.18 19.15
C LEU J 299 -23.72 -38.02 18.68
N VAL J 300 -24.74 -37.66 19.45
CA VAL J 300 -25.58 -36.52 19.09
C VAL J 300 -24.79 -35.22 19.18
N LYS J 301 -23.89 -35.12 20.17
CA LYS J 301 -23.08 -33.91 20.29
C LYS J 301 -22.09 -33.79 19.15
N GLU J 302 -21.50 -34.91 18.72
CA GLU J 302 -20.64 -34.86 17.54
C GLU J 302 -21.45 -34.52 16.30
N TYR J 303 -22.63 -35.11 16.15
CA TYR J 303 -23.50 -34.76 15.03
C TYR J 303 -23.86 -33.28 15.05
N LEU J 304 -24.01 -32.70 16.24
CA LEU J 304 -24.38 -31.30 16.32
C LEU J 304 -23.20 -30.37 16.08
N VAL J 305 -21.99 -30.79 16.46
CA VAL J 305 -20.80 -30.07 16.00
C VAL J 305 -20.76 -30.03 14.48
N LEU J 306 -20.97 -31.18 13.84
CA LEU J 306 -21.00 -31.21 12.38
C LEU J 306 -22.13 -30.34 11.84
N VAL J 307 -23.29 -30.37 12.51
CA VAL J 307 -24.44 -29.60 12.07
C VAL J 307 -24.15 -28.12 12.12
N THR J 308 -23.49 -27.65 13.19
CA THR J 308 -23.14 -26.24 13.29
C THR J 308 -22.10 -25.84 12.26
N GLN J 309 -21.12 -26.71 11.99
CA GLN J 309 -20.17 -26.40 10.92
C GLN J 309 -20.89 -26.28 9.58
N LEU J 310 -21.81 -27.19 9.30
CA LEU J 310 -22.57 -27.12 8.05
C LEU J 310 -23.48 -25.90 8.02
N GLU J 311 -24.09 -25.55 9.14
CA GLU J 311 -24.90 -24.34 9.21
C GLU J 311 -24.07 -23.11 8.83
N GLN J 312 -22.87 -23.00 9.40
CA GLN J 312 -22.02 -21.86 9.06
C GLN J 312 -21.63 -21.85 7.59
N LEU J 313 -21.26 -23.04 7.06
CA LEU J 313 -20.90 -23.10 5.66
C LEU J 313 -22.07 -22.70 4.75
N GLN J 314 -23.28 -23.16 5.07
CA GLN J 314 -24.45 -22.71 4.33
C GLN J 314 -24.67 -21.21 4.50
N ARG J 315 -24.37 -20.69 5.69
CA ARG J 315 -24.54 -19.27 5.94
C ARG J 315 -23.69 -18.45 4.99
N GLN J 316 -22.45 -18.90 4.75
CA GLN J 316 -21.60 -18.26 3.77
C GLN J 316 -21.91 -18.69 2.35
N GLY J 317 -22.90 -19.54 2.14
CA GLY J 317 -23.28 -19.95 0.80
C GLY J 317 -22.38 -20.99 0.17
N LEU J 318 -21.64 -21.75 0.96
CA LEU J 318 -20.72 -22.77 0.46
C LEU J 318 -21.27 -24.18 0.61
N LEU J 319 -22.57 -24.37 0.40
CA LEU J 319 -23.19 -25.67 0.59
C LEU J 319 -24.37 -25.81 -0.36
N SER J 320 -24.68 -27.04 -0.72
CA SER J 320 -25.86 -27.38 -1.50
C SER J 320 -26.54 -28.58 -0.83
N LEU J 321 -27.83 -28.75 -1.14
CA LEU J 321 -28.57 -29.85 -0.56
C LEU J 321 -27.93 -31.19 -0.87
N GLN J 322 -27.41 -31.33 -2.09
CA GLN J 322 -26.69 -32.56 -2.44
C GLN J 322 -25.47 -32.77 -1.55
N LYS J 323 -24.70 -31.72 -1.29
CA LYS J 323 -23.53 -31.88 -0.43
C LYS J 323 -23.94 -32.16 1.00
N LEU J 324 -25.03 -31.55 1.46
CA LEU J 324 -25.54 -31.85 2.80
C LEU J 324 -25.93 -33.33 2.92
N TRP J 325 -26.64 -33.84 1.91
CA TRP J 325 -27.00 -35.26 1.94
C TRP J 325 -25.78 -36.15 1.81
N PHE J 326 -24.75 -35.70 1.08
CA PHE J 326 -23.60 -36.55 0.81
C PHE J 326 -22.62 -36.60 1.98
N TYR J 327 -22.47 -35.48 2.71
CA TYR J 327 -21.38 -35.38 3.67
C TYR J 327 -21.52 -36.40 4.79
N ILE J 328 -22.75 -36.67 5.23
CA ILE J 328 -22.96 -37.41 6.47
C ILE J 328 -23.68 -38.72 6.15
N GLN J 329 -23.42 -39.28 4.97
CA GLN J 329 -24.10 -40.51 4.59
C GLN J 329 -23.84 -41.64 5.59
N PRO J 330 -22.60 -41.94 5.96
CA PRO J 330 -22.41 -42.92 7.05
C PRO J 330 -22.97 -42.43 8.37
N ALA J 331 -22.85 -41.11 8.61
CA ALA J 331 -23.42 -40.53 9.82
C ALA J 331 -24.93 -40.71 9.85
N MET J 332 -25.60 -40.46 8.72
CA MET J 332 -27.05 -40.61 8.69
C MET J 332 -27.46 -42.07 8.74
N ARG J 333 -26.63 -42.96 8.19
CA ARG J 333 -26.87 -44.39 8.35
C ARG J 333 -26.85 -44.77 9.82
N SER J 334 -25.80 -44.34 10.54
CA SER J 334 -25.71 -44.62 11.96
C SER J 334 -26.87 -44.00 12.72
N LEU J 335 -27.28 -42.79 12.31
CA LEU J 335 -28.39 -42.15 12.99
C LEU J 335 -29.67 -42.96 12.81
N ASP J 336 -29.93 -43.45 11.61
CA ASP J 336 -31.11 -44.28 11.39
C ASP J 336 -31.04 -45.58 12.17
N ILE J 337 -29.87 -46.23 12.17
CA ILE J 337 -29.72 -47.48 12.92
C ILE J 337 -29.96 -47.26 14.41
N LEU J 338 -29.37 -46.19 14.96
CA LEU J 338 -29.51 -45.95 16.39
C LEU J 338 -30.90 -45.45 16.73
N ALA J 339 -31.56 -44.76 15.81
CA ALA J 339 -32.94 -44.39 16.02
C ALA J 339 -33.83 -45.62 16.06
N SER J 340 -33.60 -46.59 15.17
CA SER J 340 -34.34 -47.84 15.23
C SER J 340 -34.09 -48.57 16.53
N LEU J 341 -32.83 -48.64 16.97
CA LEU J 341 -32.51 -49.29 18.24
C LEU J 341 -33.20 -48.59 19.41
N ALA J 342 -33.14 -47.26 19.42
CA ALA J 342 -33.75 -46.49 20.50
C ALA J 342 -35.27 -46.66 20.50
N THR J 343 -35.88 -46.64 19.32
CA THR J 343 -37.33 -46.81 19.24
C THR J 343 -37.74 -48.21 19.71
N SER J 344 -36.97 -49.23 19.35
CA SER J 344 -37.27 -50.57 19.84
C SER J 344 -37.13 -50.65 21.36
N VAL J 345 -36.10 -49.98 21.89
CA VAL J 345 -35.93 -49.92 23.34
C VAL J 345 -37.13 -49.24 23.98
N ASP J 346 -37.58 -48.13 23.40
CA ASP J 346 -38.63 -47.34 24.03
C ASP J 346 -39.96 -48.08 23.95
N LYS J 347 -40.28 -48.65 22.79
CA LYS J 347 -41.55 -49.33 22.62
C LYS J 347 -41.61 -50.57 23.51
N GLY J 348 -40.59 -51.43 23.46
CA GLY J 348 -40.61 -52.63 24.26
C GLY J 348 -40.12 -52.41 25.67
N GLU J 349 -39.88 -51.14 26.04
CA GLU J 349 -39.36 -50.76 27.34
C GLU J 349 -38.26 -51.71 27.77
N CYS J 350 -37.36 -52.03 26.85
CA CYS J 350 -36.28 -52.94 27.18
C CYS J 350 -35.31 -52.29 28.16
N ILE J 351 -34.77 -53.10 29.05
CA ILE J 351 -33.88 -52.63 30.11
C ILE J 351 -33.13 -53.84 30.60
N GLY J 352 -31.94 -53.63 31.15
CA GLY J 352 -31.25 -54.80 31.62
C GLY J 352 -30.85 -55.67 30.44
N GLY J 353 -30.89 -56.99 30.67
CA GLY J 353 -30.55 -57.83 29.55
C GLY J 353 -31.56 -57.79 28.42
N ALA J 354 -32.76 -57.26 28.65
CA ALA J 354 -33.70 -57.10 27.53
C ALA J 354 -33.15 -56.10 26.54
N THR J 355 -32.75 -54.93 27.06
CA THR J 355 -32.14 -53.89 26.23
C THR J 355 -30.84 -54.39 25.60
N LEU J 356 -30.05 -55.14 26.38
CA LEU J 356 -28.84 -55.74 25.82
C LEU J 356 -29.15 -56.69 24.66
N SER J 357 -30.16 -57.54 24.81
CA SER J 357 -30.61 -58.39 23.71
C SER J 357 -31.09 -57.56 22.52
N LEU J 358 -31.76 -56.45 22.79
CA LEU J 358 -32.16 -55.55 21.70
C LEU J 358 -30.95 -55.02 20.95
N LEU J 359 -29.92 -54.60 21.67
CA LEU J 359 -28.75 -54.03 21.03
C LEU J 359 -27.99 -55.10 20.25
N HIS J 360 -27.83 -56.28 20.88
CA HIS J 360 -27.14 -57.38 20.23
C HIS J 360 -27.85 -57.76 18.93
N ASP J 361 -29.19 -57.88 18.98
CA ASP J 361 -29.94 -58.17 17.77
C ASP J 361 -29.83 -57.04 16.76
N ARG J 362 -29.72 -55.79 17.22
CA ARG J 362 -29.57 -54.67 16.30
C ARG J 362 -28.26 -54.76 15.53
N SER J 363 -27.17 -55.10 16.23
CA SER J 363 -25.86 -55.16 15.62
C SER J 363 -25.58 -56.52 14.98
N PHE J 364 -26.44 -57.51 15.22
CA PHE J 364 -26.28 -58.86 14.70
C PHE J 364 -27.19 -59.16 13.52
N SER J 365 -28.28 -58.39 13.34
CA SER J 365 -29.18 -58.67 12.23
C SER J 365 -28.49 -58.38 10.90
N TYR J 366 -27.56 -57.43 10.88
CA TYR J 366 -26.87 -57.09 9.64
C TYR J 366 -25.60 -57.92 9.55
N THR J 367 -24.69 -57.73 10.51
CA THR J 367 -23.50 -58.56 10.65
C THR J 367 -22.57 -58.38 9.46
N GLY J 368 -21.29 -58.14 9.71
CA GLY J 368 -20.29 -58.27 8.68
C GLY J 368 -20.36 -57.07 7.76
N ASP J 369 -19.22 -56.45 7.45
CA ASP J 369 -19.22 -55.34 6.51
C ASP J 369 -19.96 -54.17 7.15
N SER J 370 -19.41 -52.97 7.08
CA SER J 370 -19.92 -51.87 7.89
C SER J 370 -19.86 -50.57 7.12
N GLN J 371 -20.87 -49.76 7.33
CA GLN J 371 -20.94 -48.38 6.90
C GLN J 371 -21.31 -47.47 8.06
N ALA J 372 -22.17 -47.94 8.95
CA ALA J 372 -22.49 -47.21 10.17
C ALA J 372 -22.63 -48.09 11.40
N GLN J 373 -22.34 -49.39 11.31
CA GLN J 373 -22.45 -50.28 12.45
C GLN J 373 -21.36 -50.07 13.49
N GLU J 374 -20.31 -49.31 13.19
CA GLU J 374 -19.30 -49.01 14.19
C GLU J 374 -19.93 -48.27 15.38
N LEU J 375 -20.80 -47.30 15.08
CA LEU J 375 -21.46 -46.54 16.14
C LEU J 375 -22.33 -47.46 16.99
N CYS J 376 -23.09 -48.33 16.34
CA CYS J 376 -23.97 -49.24 17.07
C CYS J 376 -23.17 -50.21 17.93
N LEU J 377 -22.03 -50.70 17.42
CA LEU J 377 -21.20 -51.60 18.23
C LEU J 377 -20.62 -50.87 19.44
N HIS J 378 -20.14 -49.64 19.25
CA HIS J 378 -19.65 -48.87 20.38
C HIS J 378 -20.75 -48.62 21.40
N LEU J 379 -21.94 -48.28 20.92
CA LEU J 379 -23.07 -48.06 21.82
C LEU J 379 -23.43 -49.33 22.57
N THR J 380 -23.44 -50.47 21.89
CA THR J 380 -23.74 -51.74 22.56
C THR J 380 -22.70 -52.06 23.63
N LYS J 381 -21.42 -51.83 23.33
CA LYS J 381 -20.39 -52.08 24.34
C LYS J 381 -20.59 -51.17 25.55
N ALA J 382 -20.86 -49.89 25.31
CA ALA J 382 -21.00 -48.99 26.44
C ALA J 382 -22.27 -49.30 27.22
N ALA J 383 -23.33 -49.70 26.50
CA ALA J 383 -24.57 -50.03 27.17
C ALA J 383 -24.39 -51.25 28.06
N SER J 384 -23.60 -52.22 27.61
CA SER J 384 -23.45 -53.44 28.38
C SER J 384 -22.28 -53.34 29.34
N THR J 385 -21.64 -52.18 29.42
CA THR J 385 -20.49 -52.06 30.31
C THR J 385 -20.89 -52.31 31.76
N PRO J 386 -21.94 -51.67 32.29
CA PRO J 386 -22.36 -52.01 33.66
C PRO J 386 -22.81 -53.45 33.79
N TYR J 387 -23.56 -53.95 32.80
CA TYR J 387 -24.00 -55.34 32.84
C TYR J 387 -22.83 -56.30 32.70
N PHE J 388 -21.87 -55.95 31.85
CA PHE J 388 -20.68 -56.79 31.69
C PHE J 388 -19.86 -56.80 32.97
N GLU J 389 -19.73 -55.66 33.64
CA GLU J 389 -19.01 -55.62 34.90
C GLU J 389 -19.72 -56.45 35.98
N ILE J 390 -21.05 -56.36 36.03
CA ILE J 390 -21.79 -57.17 36.98
C ILE J 390 -21.59 -58.65 36.69
N LEU J 391 -21.65 -59.04 35.42
CA LEU J 391 -21.45 -60.44 35.07
C LEU J 391 -20.03 -60.89 35.39
N GLU J 392 -19.04 -60.04 35.15
CA GLU J 392 -17.66 -60.38 35.51
C GLU J 392 -17.52 -60.60 37.00
N LYS J 393 -18.09 -59.70 37.81
CA LYS J 393 -18.05 -59.87 39.25
C LYS J 393 -18.76 -61.16 39.66
N TRP J 394 -19.85 -61.48 38.96
CA TRP J 394 -20.66 -62.64 39.34
C TRP J 394 -19.96 -63.95 39.00
N ILE J 395 -19.27 -64.00 37.87
CA ILE J 395 -18.73 -65.25 37.33
C ILE J 395 -17.22 -65.36 37.47
N TYR J 396 -16.56 -64.37 38.09
CA TYR J 396 -15.16 -64.47 38.42
C TYR J 396 -14.87 -64.47 39.91
N ARG J 397 -15.78 -63.92 40.73
CA ARG J 397 -15.62 -63.88 42.18
C ARG J 397 -16.89 -64.37 42.86
N GLY J 398 -18.02 -64.24 42.18
CA GLY J 398 -19.31 -64.63 42.71
C GLY J 398 -20.13 -63.49 43.27
N ILE J 399 -19.58 -62.28 43.30
CA ILE J 399 -20.31 -61.14 43.83
C ILE J 399 -21.35 -60.70 42.82
N ILE J 400 -22.57 -60.47 43.30
CA ILE J 400 -23.70 -60.13 42.43
C ILE J 400 -24.64 -59.23 43.21
N ASP J 401 -25.20 -58.23 42.53
CA ASP J 401 -26.25 -57.43 43.13
C ASP J 401 -27.06 -56.76 42.03
N ASP J 402 -28.27 -56.34 42.40
CA ASP J 402 -29.22 -55.76 41.45
C ASP J 402 -29.34 -54.26 41.68
N PRO J 403 -28.84 -53.41 40.77
CA PRO J 403 -29.12 -51.97 40.93
C PRO J 403 -30.55 -51.63 40.55
N TYR J 404 -31.08 -52.26 39.50
CA TYR J 404 -32.49 -52.17 39.17
C TYR J 404 -33.03 -53.53 38.72
N SER J 405 -32.38 -54.62 39.16
CA SER J 405 -32.64 -55.96 38.63
C SER J 405 -32.43 -56.01 37.13
N GLU J 406 -31.51 -55.19 36.62
CA GLU J 406 -31.22 -55.17 35.20
C GLU J 406 -30.58 -56.48 34.74
N PHE J 407 -29.91 -57.20 35.63
CA PHE J 407 -29.03 -58.27 35.20
C PHE J 407 -29.81 -59.57 35.00
N MET J 408 -29.11 -60.58 34.47
CA MET J 408 -29.58 -61.95 34.49
C MET J 408 -30.19 -62.32 35.83
N VAL J 409 -29.56 -61.91 36.91
CA VAL J 409 -30.00 -62.28 38.25
C VAL J 409 -31.09 -61.32 38.70
N GLU J 410 -32.20 -61.88 39.17
CA GLU J 410 -33.23 -61.16 39.91
C GLU J 410 -33.19 -61.68 41.34
N GLU J 411 -32.77 -60.82 42.27
CA GLU J 411 -32.42 -61.29 43.61
C GLU J 411 -33.64 -61.80 44.34
N HIS J 412 -33.51 -62.99 44.94
CA HIS J 412 -34.55 -63.56 45.79
C HIS J 412 -33.83 -64.30 46.92
N GLU J 413 -33.81 -63.68 48.10
CA GLU J 413 -33.09 -64.25 49.24
C GLU J 413 -33.76 -65.53 49.72
N LEU J 414 -32.97 -66.59 49.87
CA LEU J 414 -33.47 -67.88 50.29
C LEU J 414 -32.53 -68.47 51.32
N ARG J 415 -33.07 -69.27 52.22
CA ARG J 415 -32.28 -69.94 53.24
C ARG J 415 -31.52 -71.13 52.69
N LYS J 416 -30.22 -71.19 52.98
CA LYS J 416 -29.41 -72.33 52.55
C LYS J 416 -29.76 -73.58 53.35
N GLU J 417 -30.00 -73.43 54.64
CA GLU J 417 -30.36 -74.55 55.49
C GLU J 417 -31.70 -75.15 55.09
N LYS J 418 -32.66 -74.30 54.72
CA LYS J 418 -33.98 -74.80 54.34
C LYS J 418 -33.91 -75.70 53.12
N ILE J 419 -32.82 -75.64 52.35
CA ILE J 419 -32.69 -76.57 51.24
C ILE J 419 -32.69 -77.99 51.76
N GLN J 420 -32.10 -78.22 52.95
CA GLN J 420 -32.14 -79.57 53.49
C GLN J 420 -33.52 -79.95 54.02
N GLU J 421 -34.42 -78.97 54.19
CA GLU J 421 -35.74 -79.24 54.73
C GLU J 421 -36.82 -79.16 53.66
N ASP J 422 -36.45 -78.88 52.42
CA ASP J 422 -37.39 -78.74 51.32
C ASP J 422 -37.08 -79.77 50.25
N TYR J 423 -38.13 -80.36 49.67
CA TYR J 423 -37.91 -81.35 48.61
C TYR J 423 -37.24 -80.71 47.40
N ASN J 424 -37.69 -79.53 47.00
CA ASN J 424 -37.06 -78.80 45.92
C ASN J 424 -35.87 -78.00 46.45
N ASP J 425 -34.78 -77.99 45.69
CA ASP J 425 -33.58 -77.26 46.10
C ASP J 425 -33.76 -75.80 45.71
N LYS J 426 -33.87 -74.92 46.71
CA LYS J 426 -34.21 -73.53 46.43
C LYS J 426 -33.02 -72.74 45.88
N TYR J 427 -31.79 -73.20 46.13
CA TYR J 427 -30.62 -72.39 45.84
C TYR J 427 -30.49 -72.14 44.34
N TRP J 428 -30.72 -73.18 43.54
CA TRP J 428 -30.53 -73.08 42.10
C TRP J 428 -31.75 -72.48 41.42
N ASP J 429 -32.94 -72.72 41.97
CA ASP J 429 -34.19 -72.34 41.32
C ASP J 429 -34.56 -70.88 41.65
N GLN J 430 -34.72 -70.56 42.93
CA GLN J 430 -35.31 -69.28 43.32
C GLN J 430 -34.32 -68.30 43.94
N ARG J 431 -33.13 -68.75 44.35
CA ARG J 431 -32.13 -67.82 44.84
C ARG J 431 -31.67 -66.88 43.74
N TYR J 432 -31.26 -67.42 42.59
CA TYR J 432 -31.03 -66.65 41.37
C TYR J 432 -31.84 -67.25 40.24
N THR J 433 -32.66 -66.43 39.59
CA THR J 433 -33.65 -66.92 38.65
C THR J 433 -33.13 -66.77 37.21
N VAL J 434 -33.82 -67.43 36.29
CA VAL J 434 -33.52 -67.36 34.87
C VAL J 434 -34.73 -66.79 34.15
N VAL J 435 -34.50 -65.74 33.35
CA VAL J 435 -35.56 -65.02 32.66
C VAL J 435 -35.14 -64.84 31.21
N GLN J 436 -35.99 -64.14 30.44
CA GLN J 436 -35.72 -63.88 29.03
C GLN J 436 -35.70 -62.39 28.72
N ARG J 437 -35.69 -61.54 29.74
CA ARG J 437 -35.63 -60.10 29.56
C ARG J 437 -34.62 -59.42 30.48
N GLN J 438 -34.05 -60.13 31.45
CA GLN J 438 -32.92 -59.65 32.22
C GLN J 438 -31.61 -60.28 31.77
N ILE J 439 -31.60 -60.97 30.64
CA ILE J 439 -30.47 -61.74 30.18
C ILE J 439 -30.06 -61.21 28.81
N PRO J 440 -28.79 -60.85 28.61
CA PRO J 440 -28.36 -60.43 27.27
C PRO J 440 -28.45 -61.59 26.29
N SER J 441 -28.66 -61.24 25.01
CA SER J 441 -28.80 -62.27 23.99
C SER J 441 -27.53 -63.12 23.87
N PHE J 442 -26.37 -62.48 23.92
CA PHE J 442 -25.11 -63.23 23.83
C PHE J 442 -24.87 -64.06 25.08
N LEU J 443 -25.22 -63.53 26.25
CA LEU J 443 -24.95 -64.24 27.51
C LEU J 443 -25.94 -65.38 27.76
N GLN J 444 -27.15 -65.28 27.19
CA GLN J 444 -28.14 -66.33 27.38
C GLN J 444 -27.67 -67.66 26.81
N LYS J 445 -26.77 -67.63 25.81
CA LYS J 445 -26.28 -68.87 25.24
C LYS J 445 -25.53 -69.70 26.28
N MET J 446 -24.70 -69.05 27.09
CA MET J 446 -23.96 -69.73 28.15
C MET J 446 -24.45 -69.29 29.53
N ALA J 447 -25.74 -68.98 29.66
CA ALA J 447 -26.28 -68.51 30.93
C ALA J 447 -26.15 -69.59 32.00
N GLY J 448 -26.40 -70.85 31.64
CA GLY J 448 -26.33 -71.91 32.63
C GLY J 448 -24.94 -72.07 33.20
N LYS J 449 -23.93 -72.10 32.34
CA LYS J 449 -22.55 -72.23 32.82
C LYS J 449 -22.14 -70.98 33.59
N VAL J 450 -22.54 -69.80 33.10
CA VAL J 450 -22.25 -68.56 33.81
C VAL J 450 -22.88 -68.58 35.20
N LEU J 451 -24.15 -68.97 35.28
CA LEU J 451 -24.83 -69.00 36.57
C LEU J 451 -24.19 -70.01 37.52
N SER J 452 -23.82 -71.18 36.99
CA SER J 452 -23.19 -72.20 37.83
C SER J 452 -21.86 -71.71 38.37
N THR J 453 -21.04 -71.12 37.51
CA THR J 453 -19.75 -70.60 37.95
C THR J 453 -19.94 -69.48 38.97
N GLY J 454 -20.90 -68.59 38.73
CA GLY J 454 -21.15 -67.53 39.68
C GLY J 454 -21.60 -68.04 41.03
N LYS J 455 -22.46 -69.07 41.04
CA LYS J 455 -22.90 -69.63 42.31
C LYS J 455 -21.76 -70.32 43.03
N TYR J 456 -20.90 -71.03 42.28
CA TYR J 456 -19.72 -71.64 42.89
C TYR J 456 -18.81 -70.59 43.51
N LEU J 457 -18.55 -69.50 42.77
CA LEU J 457 -17.66 -68.46 43.28
C LEU J 457 -18.29 -67.74 44.47
N ASN J 458 -19.61 -67.58 44.47
CA ASN J 458 -20.27 -66.94 45.61
C ASN J 458 -20.21 -67.83 46.84
N VAL J 459 -20.38 -69.15 46.66
CA VAL J 459 -20.21 -70.08 47.77
C VAL J 459 -18.77 -70.03 48.28
N VAL J 460 -17.82 -69.92 47.35
CA VAL J 460 -16.41 -69.86 47.73
C VAL J 460 -16.15 -68.62 48.58
N ARG J 461 -16.65 -67.46 48.15
CA ARG J 461 -16.34 -66.26 48.89
C ARG J 461 -17.10 -66.27 50.22
N GLU J 462 -18.34 -66.75 50.21
CA GLU J 462 -19.15 -66.77 51.42
C GLU J 462 -18.58 -67.76 52.42
N CYS J 463 -17.69 -68.65 51.98
CA CYS J 463 -17.02 -69.58 52.87
C CYS J 463 -15.69 -69.00 53.35
N VAL J 475 -13.98 -57.74 31.84
CA VAL J 475 -14.96 -58.28 30.89
C VAL J 475 -15.35 -57.19 29.90
N VAL J 476 -15.30 -57.52 28.61
CA VAL J 476 -15.62 -56.58 27.55
C VAL J 476 -16.58 -57.23 26.56
N TYR J 477 -17.39 -56.40 25.91
CA TYR J 477 -18.36 -56.89 24.94
C TYR J 477 -17.69 -57.18 23.60
N THR J 478 -18.23 -58.17 22.90
CA THR J 478 -17.76 -58.53 21.57
C THR J 478 -18.97 -58.82 20.69
N LEU J 479 -18.77 -58.67 19.38
CA LEU J 479 -19.85 -58.97 18.44
C LEU J 479 -20.23 -60.45 18.45
N LYS J 480 -19.36 -61.31 18.96
CA LYS J 480 -19.61 -62.74 19.03
C LYS J 480 -19.50 -63.21 20.46
N GLU J 481 -20.36 -64.17 20.83
CA GLU J 481 -20.32 -64.70 22.19
C GLU J 481 -18.99 -65.37 22.46
N ARG J 482 -18.49 -66.14 21.49
CA ARG J 482 -17.27 -66.92 21.67
C ARG J 482 -16.21 -66.14 22.44
N ALA J 483 -15.99 -64.88 22.05
CA ALA J 483 -14.89 -64.12 22.62
C ALA J 483 -14.97 -64.10 24.13
N TYR J 484 -16.19 -64.08 24.66
CA TYR J 484 -16.41 -64.16 26.10
C TYR J 484 -16.97 -65.52 26.50
N VAL J 485 -17.46 -66.29 25.53
CA VAL J 485 -17.96 -67.64 25.84
C VAL J 485 -16.81 -68.49 26.39
N GLU J 486 -15.67 -68.49 25.70
CA GLU J 486 -14.49 -69.20 26.21
C GLU J 486 -14.06 -68.65 27.56
N GLN J 487 -14.29 -67.35 27.79
CA GLN J 487 -14.05 -66.75 29.10
C GLN J 487 -14.89 -67.47 30.14
N ILE J 488 -16.21 -67.40 30.01
CA ILE J 488 -17.09 -67.94 31.02
C ILE J 488 -16.93 -69.46 31.12
N GLU J 489 -16.50 -70.11 30.04
CA GLU J 489 -16.13 -71.52 30.10
C GLU J 489 -15.01 -71.76 31.11
N LYS J 490 -13.86 -71.12 30.87
CA LYS J 490 -12.72 -71.34 31.75
C LYS J 490 -13.06 -70.90 33.17
N ALA J 491 -13.73 -69.76 33.31
CA ALA J 491 -14.15 -69.30 34.63
C ALA J 491 -15.08 -70.30 35.30
N PHE J 492 -15.88 -71.04 34.51
CA PHE J 492 -16.69 -72.11 35.08
C PHE J 492 -15.80 -73.22 35.61
N SER J 493 -14.85 -73.67 34.79
CA SER J 493 -14.04 -74.82 35.20
C SER J 493 -13.28 -74.48 36.48
N TYR J 494 -12.74 -73.26 36.56
CA TYR J 494 -12.09 -72.84 37.79
C TYR J 494 -13.10 -72.72 38.91
N ALA J 495 -14.30 -72.19 38.61
CA ALA J 495 -15.26 -71.91 39.66
C ALA J 495 -15.63 -73.21 40.36
N SER J 496 -15.82 -74.26 39.57
CA SER J 496 -16.11 -75.58 40.14
C SER J 496 -14.91 -76.09 40.91
N LYS J 497 -13.71 -76.02 40.32
CA LYS J 497 -12.56 -76.65 40.97
C LYS J 497 -12.32 -76.00 42.33
N VAL J 498 -12.24 -74.67 42.34
CA VAL J 498 -12.04 -73.91 43.57
C VAL J 498 -13.17 -74.14 44.56
N LEU J 499 -14.43 -74.17 44.09
CA LEU J 499 -15.54 -74.47 44.98
C LEU J 499 -15.37 -75.83 45.66
N LEU J 500 -14.99 -76.84 44.87
CA LEU J 500 -14.69 -78.15 45.45
C LEU J 500 -13.61 -78.04 46.53
N ASP J 501 -12.50 -77.39 46.21
CA ASP J 501 -11.44 -77.25 47.20
C ASP J 501 -11.87 -76.39 48.39
N PHE J 502 -12.90 -75.55 48.24
CA PHE J 502 -13.38 -74.77 49.37
C PHE J 502 -14.36 -75.57 50.20
N LEU J 503 -14.94 -76.62 49.63
CA LEU J 503 -15.93 -77.45 50.29
C LEU J 503 -15.33 -78.75 50.80
N MET J 504 -14.04 -78.97 50.57
CA MET J 504 -13.36 -80.14 51.10
C MET J 504 -11.86 -80.05 50.87
N LEU J 510 -16.14 -86.21 52.49
CA LEU J 510 -15.82 -87.59 52.81
C LEU J 510 -16.28 -87.92 54.23
N ALA J 511 -16.07 -86.99 55.15
CA ALA J 511 -16.47 -87.19 56.54
C ALA J 511 -17.99 -87.28 56.68
N HIS J 512 -18.71 -86.44 55.93
CA HIS J 512 -20.17 -86.51 55.96
C HIS J 512 -20.69 -87.84 55.42
N LEU J 513 -20.11 -88.33 54.33
CA LEU J 513 -20.49 -89.65 53.84
C LEU J 513 -20.09 -90.76 54.79
N ARG J 514 -18.98 -90.58 55.51
CA ARG J 514 -18.59 -91.57 56.53
C ARG J 514 -19.62 -91.64 57.65
N SER J 515 -20.07 -90.47 58.13
CA SER J 515 -21.08 -90.45 59.17
C SER J 515 -22.41 -91.00 58.66
N ILE J 516 -22.76 -90.70 57.40
CA ILE J 516 -23.99 -91.23 56.84
C ILE J 516 -23.93 -92.75 56.77
N LYS J 517 -22.79 -93.31 56.35
CA LYS J 517 -22.64 -94.75 56.33
C LYS J 517 -22.70 -95.35 57.73
N ARG J 518 -22.07 -94.69 58.70
CA ARG J 518 -22.09 -95.19 60.07
C ARG J 518 -23.49 -95.21 60.66
N TYR J 519 -24.29 -94.16 60.42
CA TYR J 519 -25.61 -94.08 61.05
C TYR J 519 -26.73 -94.63 60.18
N PHE J 520 -26.93 -94.04 59.00
CA PHE J 520 -28.02 -94.46 58.11
C PHE J 520 -27.79 -95.86 57.56
N LEU J 521 -26.57 -96.15 57.11
CA LEU J 521 -26.21 -97.47 56.60
C LEU J 521 -25.83 -98.45 57.70
N MET J 522 -25.87 -98.03 58.95
CA MET J 522 -25.74 -98.94 60.09
C MET J 522 -24.38 -99.65 60.10
N ASP J 523 -23.38 -99.06 59.46
CA ASP J 523 -22.01 -99.51 59.69
C ASP J 523 -21.68 -99.33 61.16
N GLN J 524 -20.92 -100.28 61.71
CA GLN J 524 -20.76 -100.36 63.16
C GLN J 524 -22.13 -100.35 63.83
N GLY J 525 -22.88 -101.42 63.55
CA GLY J 525 -24.25 -101.56 63.97
C GLY J 525 -24.44 -102.02 65.40
N ASP J 526 -23.36 -102.08 66.18
CA ASP J 526 -23.48 -102.41 67.60
C ASP J 526 -24.35 -101.38 68.33
N PHE J 527 -24.24 -100.12 67.94
CA PHE J 527 -25.17 -99.11 68.43
C PHE J 527 -26.61 -99.42 68.05
N PHE J 528 -26.84 -99.94 66.85
CA PHE J 528 -28.21 -100.32 66.50
C PHE J 528 -28.69 -101.55 67.27
N VAL J 529 -27.79 -102.48 67.58
CA VAL J 529 -28.14 -103.62 68.43
C VAL J 529 -28.50 -103.13 69.82
N HIS J 530 -27.75 -102.15 70.33
CA HIS J 530 -28.08 -101.57 71.63
C HIS J 530 -29.41 -100.83 71.59
N PHE J 531 -29.71 -100.15 70.48
CA PHE J 531 -30.94 -99.39 70.37
C PHE J 531 -32.14 -100.30 70.15
N MET J 532 -31.93 -101.52 69.65
CA MET J 532 -33.01 -102.50 69.56
C MET J 532 -33.73 -102.64 70.90
N ASP J 533 -32.96 -102.74 71.99
CA ASP J 533 -33.56 -102.98 73.30
C ASP J 533 -34.30 -101.76 73.82
N LEU J 534 -33.78 -100.55 73.52
CA LEU J 534 -34.52 -99.34 73.87
C LEU J 534 -35.81 -99.23 73.07
N THR J 535 -35.76 -99.55 71.77
CA THR J 535 -36.95 -99.49 70.93
C THR J 535 -37.96 -100.57 71.29
N GLU J 536 -37.52 -101.66 71.92
CA GLU J 536 -38.43 -102.74 72.24
C GLU J 536 -39.39 -102.36 73.35
N GLU J 537 -39.05 -101.37 74.18
CA GLU J 537 -39.94 -100.95 75.25
C GLU J 537 -41.12 -100.13 74.72
N GLU J 538 -41.07 -99.72 73.46
CA GLU J 538 -42.09 -98.91 72.81
C GLU J 538 -42.57 -99.71 71.61
N LEU J 539 -43.66 -100.48 71.79
CA LEU J 539 -44.22 -101.27 70.72
C LEU J 539 -45.71 -101.05 70.52
N LYS J 540 -46.34 -100.21 71.34
CA LYS J 540 -47.79 -100.04 71.31
C LYS J 540 -48.19 -98.97 70.28
N LYS J 541 -47.66 -97.77 70.45
CA LYS J 541 -47.99 -96.61 69.63
C LYS J 541 -46.75 -96.16 68.86
N PRO J 542 -46.95 -95.49 67.72
CA PRO J 542 -45.79 -95.04 66.94
C PRO J 542 -44.92 -94.09 67.75
N VAL J 543 -43.61 -94.12 67.46
CA VAL J 543 -42.67 -93.29 68.21
C VAL J 543 -42.89 -91.81 67.94
N ASP J 544 -43.58 -91.46 66.85
CA ASP J 544 -43.81 -90.06 66.56
C ASP J 544 -44.70 -89.40 67.61
N ASP J 545 -45.41 -90.20 68.42
CA ASP J 545 -46.22 -89.69 69.52
C ASP J 545 -45.39 -89.13 70.66
N ILE J 546 -44.07 -89.35 70.66
CA ILE J 546 -43.19 -88.94 71.74
C ILE J 546 -42.09 -88.08 71.14
N THR J 547 -41.73 -87.01 71.85
CA THR J 547 -40.71 -86.12 71.34
C THR J 547 -39.37 -86.85 71.18
N PRO J 548 -38.58 -86.48 70.16
CA PRO J 548 -37.31 -87.16 69.90
C PRO J 548 -36.17 -86.77 70.83
N THR J 549 -36.37 -85.81 71.73
CA THR J 549 -35.29 -85.40 72.62
C THR J 549 -34.83 -86.53 73.53
N ARG J 550 -35.77 -87.27 74.12
CA ARG J 550 -35.37 -88.38 74.98
C ARG J 550 -34.85 -89.56 74.18
N LEU J 551 -35.31 -89.71 72.93
CA LEU J 551 -34.72 -90.72 72.06
C LEU J 551 -33.26 -90.42 71.75
N GLU J 552 -32.96 -89.15 71.43
CA GLU J 552 -31.57 -88.76 71.21
C GLU J 552 -30.75 -88.85 72.48
N ALA J 553 -31.35 -88.56 73.64
CA ALA J 553 -30.63 -88.74 74.90
C ALA J 553 -30.27 -90.19 75.14
N LEU J 554 -31.20 -91.11 74.89
CA LEU J 554 -30.89 -92.53 75.01
C LEU J 554 -29.82 -92.96 74.01
N LEU J 555 -29.92 -92.46 72.78
CA LEU J 555 -28.91 -92.79 71.78
C LEU J 555 -27.53 -92.30 72.21
N GLU J 556 -27.44 -91.08 72.75
CA GLU J 556 -26.14 -90.54 73.13
C GLU J 556 -25.60 -91.22 74.38
N LEU J 557 -26.47 -91.66 75.28
CA LEU J 557 -26.00 -92.41 76.45
C LEU J 557 -25.59 -93.83 76.08
N ALA J 558 -26.15 -94.39 75.00
CA ALA J 558 -25.63 -95.63 74.45
C ALA J 558 -24.33 -95.41 73.69
N LEU J 559 -24.13 -94.21 73.14
CA LEU J 559 -22.96 -93.95 72.30
C LEU J 559 -21.66 -94.11 73.08
N ARG J 560 -21.56 -93.45 74.24
CA ARG J 560 -20.29 -93.38 74.94
C ARG J 560 -19.86 -94.72 75.53
N MET J 561 -20.73 -95.73 75.49
CA MET J 561 -20.36 -97.08 75.91
C MET J 561 -19.73 -97.89 74.79
N SER J 562 -19.83 -97.40 73.55
CA SER J 562 -19.21 -98.03 72.39
C SER J 562 -18.14 -97.10 71.83
N THR J 563 -17.16 -97.69 71.14
CA THR J 563 -16.07 -96.93 70.55
C THR J 563 -16.59 -96.11 69.38
N ALA J 564 -16.86 -94.82 69.65
CA ALA J 564 -17.36 -93.91 68.63
C ALA J 564 -16.71 -92.53 68.73
N ASN J 565 -15.62 -92.40 69.48
CA ASN J 565 -15.01 -91.09 69.70
C ASN J 565 -14.51 -90.48 68.40
N THR J 566 -13.94 -91.29 67.52
CA THR J 566 -13.31 -90.78 66.31
C THR J 566 -14.31 -90.75 65.15
N ASP J 567 -15.34 -89.92 65.32
CA ASP J 567 -16.31 -89.64 64.27
C ASP J 567 -16.99 -88.31 64.56
N PRO J 568 -16.35 -87.17 64.22
CA PRO J 568 -16.90 -85.85 64.50
C PRO J 568 -17.97 -85.41 63.49
N PHE J 569 -18.93 -86.30 63.23
CA PHE J 569 -19.99 -86.00 62.28
C PHE J 569 -21.35 -86.54 62.72
N LYS J 570 -21.46 -87.16 63.90
CA LYS J 570 -22.75 -87.66 64.36
C LYS J 570 -23.60 -86.59 65.02
N ASP J 571 -23.06 -85.39 65.25
CA ASP J 571 -23.85 -84.29 65.79
C ASP J 571 -24.77 -83.67 64.74
N ASP J 572 -24.55 -83.97 63.46
CA ASP J 572 -25.42 -83.49 62.40
C ASP J 572 -26.64 -84.38 62.22
N LEU J 573 -26.73 -85.48 62.97
CA LEU J 573 -27.87 -86.37 62.93
C LEU J 573 -28.94 -85.91 63.89
N LYS J 574 -30.20 -85.97 63.44
CA LYS J 574 -31.34 -85.58 64.25
C LYS J 574 -32.46 -86.59 64.03
N ILE J 575 -33.40 -86.62 64.96
CA ILE J 575 -34.51 -87.56 64.95
C ILE J 575 -35.77 -86.83 64.49
N ASP J 576 -36.43 -87.39 63.49
CA ASP J 576 -37.64 -86.82 62.90
C ASP J 576 -38.80 -87.77 63.19
N LEU J 577 -39.96 -87.21 63.51
CA LEU J 577 -41.17 -88.00 63.75
C LEU J 577 -42.04 -87.96 62.51
N MET J 578 -42.00 -89.03 61.72
CA MET J 578 -42.82 -89.12 60.53
C MET J 578 -44.28 -89.30 60.92
N PRO J 579 -45.20 -88.76 60.10
CA PRO J 579 -46.63 -88.97 60.37
C PRO J 579 -47.15 -90.34 59.95
N HIS J 580 -46.27 -91.21 59.47
CA HIS J 580 -46.63 -92.55 59.03
C HIS J 580 -45.50 -93.50 59.36
N ASP J 581 -45.86 -94.78 59.54
CA ASP J 581 -44.88 -95.79 59.89
C ASP J 581 -44.15 -96.27 58.64
N LEU J 582 -43.13 -97.09 58.84
CA LEU J 582 -42.32 -97.56 57.73
C LEU J 582 -43.17 -98.34 56.71
N ILE J 583 -43.93 -99.33 57.18
CA ILE J 583 -44.74 -100.14 56.28
C ILE J 583 -45.76 -99.28 55.54
N THR J 584 -46.49 -98.44 56.28
CA THR J 584 -47.53 -97.62 55.66
C THR J 584 -46.94 -96.64 54.65
N GLN J 585 -45.85 -95.97 55.02
CA GLN J 585 -45.23 -95.00 54.12
C GLN J 585 -44.69 -95.70 52.88
N LEU J 586 -44.05 -96.85 53.03
CA LEU J 586 -43.55 -97.61 51.89
C LEU J 586 -44.70 -97.98 50.96
N LEU J 587 -45.80 -98.48 51.53
CA LEU J 587 -46.94 -98.89 50.72
C LEU J 587 -47.54 -97.70 49.98
N ARG J 588 -47.61 -96.54 50.63
CA ARG J 588 -48.19 -95.37 49.98
C ARG J 588 -47.24 -94.83 48.90
N VAL J 589 -45.93 -94.92 49.13
CA VAL J 589 -44.98 -94.52 48.09
C VAL J 589 -45.10 -95.45 46.90
N LEU J 590 -45.27 -96.75 47.14
CA LEU J 590 -45.31 -97.70 46.04
C LEU J 590 -46.71 -97.85 45.48
N ALA J 591 -47.67 -97.08 46.00
CA ALA J 591 -49.04 -97.11 45.55
C ALA J 591 -49.49 -95.78 44.97
N ILE J 592 -48.68 -94.73 45.08
CA ILE J 592 -49.09 -93.42 44.59
C ILE J 592 -48.91 -93.39 43.08
N GLU J 593 -49.68 -92.52 42.42
CA GLU J 593 -49.68 -92.45 40.97
C GLU J 593 -49.97 -93.84 40.40
N THR J 594 -50.83 -94.57 41.10
CA THR J 594 -51.24 -95.91 40.71
C THR J 594 -52.60 -96.19 41.32
N GLN J 595 -53.28 -97.21 40.79
CA GLN J 595 -54.56 -97.66 41.33
C GLN J 595 -54.45 -98.31 42.69
N GLN J 596 -53.25 -98.48 43.26
CA GLN J 596 -53.15 -99.11 44.57
C GLN J 596 -53.47 -98.14 45.71
N GLU J 597 -53.42 -96.83 45.45
CA GLU J 597 -53.67 -95.88 46.53
C GLU J 597 -55.10 -96.00 47.03
N LYS J 598 -56.05 -96.23 46.11
CA LYS J 598 -57.44 -96.32 46.52
C LYS J 598 -57.63 -97.54 47.41
N ALA J 599 -56.99 -98.65 47.05
CA ALA J 599 -57.20 -99.90 47.77
C ALA J 599 -56.57 -99.83 49.15
N MET J 600 -55.35 -99.29 49.24
CA MET J 600 -54.61 -99.28 50.48
C MET J 600 -54.75 -97.96 51.25
N VAL J 601 -55.70 -97.11 50.87
CA VAL J 601 -55.99 -95.94 51.70
C VAL J 601 -56.62 -96.32 53.02
N HIS J 602 -57.29 -97.47 53.08
CA HIS J 602 -57.84 -97.99 54.34
C HIS J 602 -56.85 -98.85 55.10
N ALA J 603 -55.67 -99.10 54.54
CA ALA J 603 -54.72 -100.00 55.18
C ALA J 603 -54.18 -99.38 56.47
N ASP J 604 -53.94 -100.24 57.46
CA ASP J 604 -53.46 -99.84 58.76
C ASP J 604 -52.42 -100.85 59.23
N PRO J 605 -51.51 -100.44 60.11
CA PRO J 605 -50.48 -101.38 60.61
C PRO J 605 -50.93 -102.24 61.77
N THR J 606 -52.19 -102.11 62.21
CA THR J 606 -52.68 -102.94 63.31
C THR J 606 -52.87 -104.38 62.86
N GLU J 607 -53.47 -104.60 61.70
CA GLU J 607 -53.60 -105.95 61.17
C GLU J 607 -52.24 -106.55 60.87
N LEU J 608 -51.33 -105.77 60.30
CA LEU J 608 -49.96 -106.20 60.10
C LEU J 608 -49.16 -106.02 61.39
N THR J 609 -47.84 -106.11 61.29
CA THR J 609 -46.99 -105.87 62.45
C THR J 609 -47.23 -104.47 63.01
N LEU J 610 -47.38 -104.39 64.32
CA LEU J 610 -47.58 -103.09 64.96
C LEU J 610 -46.28 -102.30 64.94
N SER J 611 -46.40 -100.99 64.73
CA SER J 611 -45.26 -100.10 64.60
C SER J 611 -45.14 -99.25 65.85
N GLY J 612 -44.11 -99.51 66.65
CA GLY J 612 -43.81 -98.70 67.81
C GLY J 612 -42.42 -98.11 67.75
N LEU J 613 -41.60 -98.61 66.82
CA LEU J 613 -40.25 -98.12 66.64
C LEU J 613 -39.85 -97.97 65.19
N GLU J 614 -40.77 -98.22 64.24
CA GLU J 614 -40.46 -98.15 62.82
C GLU J 614 -40.53 -96.74 62.26
N ALA J 615 -41.05 -95.77 63.02
CA ALA J 615 -41.04 -94.39 62.61
C ALA J 615 -39.76 -93.65 62.97
N PHE J 616 -38.96 -94.18 63.89
CA PHE J 616 -37.64 -93.60 64.13
C PHE J 616 -36.84 -93.61 62.84
N SER J 617 -36.21 -92.48 62.53
CA SER J 617 -35.34 -92.39 61.36
C SER J 617 -34.23 -91.39 61.64
N PHE J 618 -33.18 -91.47 60.83
CA PHE J 618 -32.05 -90.56 60.88
C PHE J 618 -32.17 -89.51 59.79
N ASP J 619 -31.80 -88.28 60.12
CA ASP J 619 -31.68 -87.19 59.15
C ASP J 619 -30.32 -86.53 59.34
N TYR J 620 -29.82 -85.91 58.27
CA TYR J 620 -28.51 -85.27 58.27
C TYR J 620 -28.66 -83.80 57.86
N VAL J 621 -28.88 -82.94 58.85
CA VAL J 621 -28.97 -81.50 58.65
C VAL J 621 -27.57 -80.91 58.74
N VAL J 622 -27.12 -80.28 57.66
CA VAL J 622 -25.77 -79.72 57.58
C VAL J 622 -25.87 -78.28 57.11
N THR J 623 -24.92 -77.46 57.56
CA THR J 623 -24.96 -76.03 57.32
C THR J 623 -24.55 -75.70 55.89
N TRP J 624 -24.86 -74.48 55.48
CA TRP J 624 -24.45 -74.00 54.17
C TRP J 624 -22.93 -73.90 54.08
N PRO J 625 -22.35 -74.19 52.91
CA PRO J 625 -23.01 -74.57 51.65
C PRO J 625 -23.25 -76.07 51.56
N LEU J 626 -22.89 -76.82 52.60
CA LEU J 626 -23.19 -78.25 52.65
C LEU J 626 -24.69 -78.52 52.76
N SER J 627 -25.48 -77.52 53.15
CA SER J 627 -26.93 -77.65 53.11
C SER J 627 -27.46 -77.79 51.69
N LEU J 628 -26.69 -77.36 50.69
CA LEU J 628 -27.06 -77.55 49.30
C LEU J 628 -26.89 -79.00 48.84
N ILE J 629 -25.91 -79.71 49.41
CA ILE J 629 -25.67 -81.09 49.00
C ILE J 629 -26.83 -81.99 49.43
N ILE J 630 -27.31 -81.82 50.65
CA ILE J 630 -28.36 -82.67 51.21
C ILE J 630 -29.67 -81.89 51.17
N ASN J 631 -30.69 -82.47 50.54
CA ASN J 631 -32.00 -81.84 50.42
C ASN J 631 -33.07 -82.79 50.94
N ARG J 632 -34.28 -82.25 51.09
CA ARG J 632 -35.37 -83.06 51.63
C ARG J 632 -35.82 -84.13 50.66
N LYS J 633 -35.65 -83.90 49.35
CA LYS J 633 -35.96 -84.95 48.38
C LYS J 633 -35.10 -86.18 48.60
N ALA J 634 -33.81 -85.96 48.88
CA ALA J 634 -32.93 -87.06 49.25
C ALA J 634 -33.16 -87.49 50.69
N LEU J 635 -33.55 -86.57 51.56
CA LEU J 635 -33.77 -86.88 52.96
C LEU J 635 -34.93 -87.85 53.14
N THR J 636 -35.99 -87.72 52.34
CA THR J 636 -37.10 -88.66 52.45
C THR J 636 -36.67 -90.08 52.09
N ARG J 637 -35.90 -90.23 51.01
CA ARG J 637 -35.38 -91.55 50.66
C ARG J 637 -34.44 -92.07 51.74
N TYR J 638 -33.58 -91.20 52.28
CA TYR J 638 -32.70 -91.59 53.38
C TYR J 638 -33.52 -92.11 54.56
N GLN J 639 -34.56 -91.36 54.94
CA GLN J 639 -35.38 -91.74 56.10
C GLN J 639 -36.05 -93.08 55.86
N MET J 640 -36.63 -93.27 54.67
CA MET J 640 -37.32 -94.53 54.39
C MET J 640 -36.34 -95.70 54.42
N LEU J 641 -35.19 -95.55 53.76
CA LEU J 641 -34.19 -96.61 53.76
C LEU J 641 -33.70 -96.91 55.16
N PHE J 642 -33.43 -95.87 55.96
CA PHE J 642 -32.91 -96.08 57.30
C PHE J 642 -33.94 -96.77 58.18
N ARG J 643 -35.22 -96.37 58.08
CA ARG J 643 -36.26 -97.03 58.86
C ARG J 643 -36.42 -98.49 58.46
N HIS J 644 -36.35 -98.77 57.16
CA HIS J 644 -36.46 -100.15 56.70
C HIS J 644 -35.29 -100.99 57.19
N MET J 645 -34.07 -100.48 57.05
CA MET J 645 -32.90 -101.18 57.58
C MET J 645 -33.02 -101.39 59.09
N PHE J 646 -33.50 -100.38 59.82
CA PHE J 646 -33.54 -100.48 61.27
C PHE J 646 -34.59 -101.49 61.73
N TYR J 647 -35.72 -101.56 61.01
CA TYR J 647 -36.73 -102.55 61.37
C TYR J 647 -36.32 -103.95 60.97
N CYS J 648 -35.63 -104.09 59.84
CA CYS J 648 -35.08 -105.39 59.47
C CYS J 648 -34.04 -105.86 60.49
N LYS J 649 -33.18 -104.95 60.94
CA LYS J 649 -32.18 -105.31 61.94
C LYS J 649 -32.84 -105.65 63.28
N HIS J 650 -33.90 -104.92 63.65
CA HIS J 650 -34.62 -105.26 64.87
C HIS J 650 -35.24 -106.65 64.78
N VAL J 651 -35.87 -106.97 63.64
CA VAL J 651 -36.44 -108.30 63.46
C VAL J 651 -35.37 -109.37 63.51
N GLU J 652 -34.24 -109.14 62.84
CA GLU J 652 -33.16 -110.13 62.84
C GLU J 652 -32.58 -110.33 64.23
N ARG J 653 -32.42 -109.24 64.99
CA ARG J 653 -31.89 -109.37 66.35
C ARG J 653 -32.89 -110.06 67.26
N GLN J 654 -34.18 -109.80 67.09
CA GLN J 654 -35.20 -110.52 67.86
C GLN J 654 -35.17 -112.01 67.54
N LEU J 655 -35.06 -112.37 66.25
CA LEU J 655 -34.97 -113.76 65.88
C LEU J 655 -33.72 -114.42 66.47
N CYS J 656 -32.59 -113.74 66.42
CA CYS J 656 -31.36 -114.30 66.97
C CYS J 656 -31.45 -114.45 68.49
N SER J 657 -32.09 -113.49 69.15
CA SER J 657 -32.30 -113.60 70.59
C SER J 657 -33.22 -114.75 70.93
N VAL J 658 -34.28 -114.96 70.15
CA VAL J 658 -35.17 -116.11 70.36
C VAL J 658 -34.39 -117.41 70.19
N TRP J 659 -33.58 -117.50 69.14
CA TRP J 659 -32.78 -118.70 68.92
C TRP J 659 -31.81 -118.95 70.07
N ILE J 660 -31.15 -117.89 70.54
CA ILE J 660 -30.15 -118.07 71.60
C ILE J 660 -30.82 -118.34 72.94
N SER J 661 -32.01 -117.79 73.17
CA SER J 661 -32.76 -118.08 74.39
C SER J 661 -33.38 -119.47 74.37
N ASN J 662 -33.53 -120.07 73.18
CA ASN J 662 -33.97 -121.45 73.12
C ASN J 662 -32.83 -122.43 73.44
N LYS J 663 -31.70 -121.90 73.93
CA LYS J 663 -30.61 -122.73 74.41
C LYS J 663 -30.98 -123.51 75.66
N ALA J 664 -31.98 -123.04 76.41
CA ALA J 664 -32.45 -123.77 77.59
C ALA J 664 -33.32 -124.96 77.23
N ALA J 665 -33.68 -125.11 75.95
CA ALA J 665 -34.36 -126.31 75.51
C ALA J 665 -33.45 -127.53 75.60
N LYS J 666 -32.13 -127.31 75.62
CA LYS J 666 -31.19 -128.41 75.85
C LYS J 666 -31.24 -128.94 77.27
N ARG J 667 -31.93 -128.25 78.18
CA ARG J 667 -32.13 -128.77 79.53
C ARG J 667 -33.23 -129.82 79.58
N PHE J 668 -33.88 -130.07 78.44
CA PHE J 668 -34.99 -131.01 78.33
C PHE J 668 -34.64 -132.05 77.28
N SER J 669 -35.32 -133.19 77.34
CA SER J 669 -35.04 -134.27 76.41
C SER J 669 -35.57 -133.94 75.02
N LEU J 670 -35.10 -134.72 74.04
CA LEU J 670 -35.47 -134.48 72.64
C LEU J 670 -36.93 -134.84 72.39
N HIS J 671 -37.37 -135.99 72.90
CA HIS J 671 -38.70 -136.53 72.62
C HIS J 671 -39.81 -135.86 73.42
N SER J 672 -39.54 -134.70 74.03
CA SER J 672 -40.58 -133.91 74.69
C SER J 672 -40.67 -132.50 74.11
N ALA J 673 -40.04 -132.26 72.96
CA ALA J 673 -40.03 -130.95 72.33
C ALA J 673 -40.27 -131.07 70.83
N LYS J 674 -40.98 -132.11 70.39
CA LYS J 674 -41.23 -132.29 68.97
C LYS J 674 -42.04 -131.13 68.40
N TRP J 675 -43.06 -130.68 69.13
CA TRP J 675 -43.76 -129.46 68.72
C TRP J 675 -42.82 -128.26 68.81
N PHE J 676 -42.03 -128.20 69.88
CA PHE J 676 -41.01 -127.17 69.99
C PHE J 676 -39.98 -127.30 68.89
N ALA J 677 -39.65 -128.54 68.50
CA ALA J 677 -38.72 -128.74 67.39
C ALA J 677 -39.28 -128.20 66.09
N GLY J 678 -40.56 -128.45 65.81
CA GLY J 678 -41.16 -127.90 64.61
C GLY J 678 -41.23 -126.38 64.62
N ALA J 679 -41.58 -125.80 65.77
CA ALA J 679 -41.59 -124.35 65.88
C ALA J 679 -40.19 -123.77 65.70
N PHE J 680 -39.18 -124.45 66.26
CA PHE J 680 -37.81 -124.00 66.10
C PHE J 680 -37.37 -124.08 64.64
N THR J 681 -37.75 -125.16 63.95
CA THR J 681 -37.42 -125.25 62.53
C THR J 681 -38.09 -124.14 61.72
N LEU J 682 -39.35 -123.84 62.02
CA LEU J 682 -40.04 -122.76 61.32
C LEU J 682 -39.36 -121.41 61.57
N ARG J 683 -39.02 -121.14 62.83
CA ARG J 683 -38.38 -119.86 63.15
C ARG J 683 -36.96 -119.81 62.63
N GLN J 684 -36.29 -120.96 62.53
CA GLN J 684 -34.96 -121.01 61.93
C GLN J 684 -35.03 -120.71 60.44
N ARG J 685 -36.04 -121.22 59.75
CA ARG J 685 -36.24 -120.85 58.35
C ARG J 685 -36.52 -119.35 58.22
N MET J 686 -37.36 -118.81 59.10
CA MET J 686 -37.62 -117.37 59.10
C MET J 686 -36.32 -116.59 59.27
N LEU J 687 -35.54 -116.92 60.30
CA LEU J 687 -34.29 -116.22 60.58
C LEU J 687 -33.30 -116.37 59.44
N ASN J 688 -33.22 -117.57 58.84
CA ASN J 688 -32.29 -117.78 57.75
C ASN J 688 -32.68 -116.94 56.54
N PHE J 689 -33.97 -116.86 56.23
CA PHE J 689 -34.41 -116.00 55.13
C PHE J 689 -34.09 -114.54 55.42
N VAL J 690 -34.37 -114.08 56.64
CA VAL J 690 -34.06 -112.70 57.00
C VAL J 690 -32.57 -112.42 56.88
N GLN J 691 -31.73 -113.34 57.38
CA GLN J 691 -30.29 -113.15 57.34
C GLN J 691 -29.78 -113.15 55.90
N ASN J 692 -30.31 -114.04 55.07
CA ASN J 692 -29.89 -114.07 53.66
C ASN J 692 -30.27 -112.78 52.96
N ILE J 693 -31.49 -112.30 53.17
CA ILE J 693 -31.91 -111.03 52.59
C ILE J 693 -31.00 -109.91 53.04
N GLN J 694 -30.69 -109.87 54.34
CA GLN J 694 -29.84 -108.81 54.87
C GLN J 694 -28.44 -108.88 54.26
N SER J 695 -27.87 -110.08 54.19
CA SER J 695 -26.52 -110.23 53.66
C SER J 695 -26.47 -109.83 52.19
N TYR J 696 -27.45 -110.28 51.40
CA TYR J 696 -27.52 -109.86 50.00
C TYR J 696 -27.61 -108.35 49.90
N MET J 697 -28.59 -107.74 50.57
CA MET J 697 -28.90 -106.34 50.34
C MET J 697 -27.90 -105.40 51.00
N MET J 698 -27.04 -105.91 51.88
CA MET J 698 -25.89 -105.14 52.36
C MET J 698 -24.67 -105.38 51.46
N PHE J 699 -24.15 -106.60 51.46
CA PHE J 699 -22.82 -106.86 50.92
C PHE J 699 -22.84 -107.11 49.42
N GLU J 700 -24.01 -107.02 48.77
CA GLU J 700 -24.12 -107.09 47.33
C GLU J 700 -24.75 -105.85 46.72
N VAL J 701 -25.26 -104.93 47.53
CA VAL J 701 -25.98 -103.76 47.07
C VAL J 701 -25.32 -102.50 47.63
N MET J 702 -25.26 -102.41 48.97
CA MET J 702 -24.96 -101.14 49.61
C MET J 702 -23.47 -100.85 49.58
N GLU J 703 -22.62 -101.83 49.83
CA GLU J 703 -21.19 -101.59 49.74
C GLU J 703 -20.79 -101.25 48.31
N PRO J 704 -21.19 -101.99 47.29
CA PRO J 704 -20.87 -101.58 45.91
C PRO J 704 -21.42 -100.22 45.52
N THR J 705 -22.64 -99.90 45.95
CA THR J 705 -23.19 -98.59 45.59
C THR J 705 -22.47 -97.47 46.32
N TRP J 706 -22.05 -97.70 47.56
CA TRP J 706 -21.25 -96.73 48.29
C TRP J 706 -19.90 -96.53 47.61
N HIS J 707 -19.27 -97.62 47.17
CA HIS J 707 -18.00 -97.48 46.47
C HIS J 707 -18.16 -96.72 45.16
N VAL J 708 -19.24 -96.98 44.43
CA VAL J 708 -19.47 -96.25 43.18
C VAL J 708 -19.70 -94.77 43.46
N LEU J 709 -20.47 -94.46 44.51
CA LEU J 709 -20.71 -93.07 44.86
C LEU J 709 -19.42 -92.37 45.28
N GLU J 710 -18.59 -93.05 46.07
CA GLU J 710 -17.32 -92.49 46.48
C GLU J 710 -16.40 -92.25 45.28
N GLN J 711 -16.37 -93.19 44.35
CA GLN J 711 -15.54 -93.01 43.16
C GLN J 711 -16.04 -91.84 42.32
N ASN J 712 -17.36 -91.67 42.22
CA ASN J 712 -17.90 -90.55 41.46
C ASN J 712 -17.56 -89.23 42.15
N LEU J 713 -17.67 -89.18 43.48
CA LEU J 713 -17.33 -87.94 44.18
C LEU J 713 -15.85 -87.62 44.05
N ARG J 714 -14.99 -88.63 44.19
CA ARG J 714 -13.56 -88.42 44.10
C ARG J 714 -13.09 -88.08 42.70
N SER J 715 -13.88 -88.43 41.67
CA SER J 715 -13.48 -88.11 40.31
C SER J 715 -14.04 -86.76 39.86
N ALA J 716 -15.33 -86.53 40.11
CA ALA J 716 -15.97 -85.29 39.73
C ALA J 716 -15.62 -84.18 40.71
N SER J 717 -15.91 -82.94 40.32
CA SER J 717 -15.63 -81.78 41.15
C SER J 717 -16.88 -80.92 41.26
N ASN J 718 -17.76 -81.02 40.27
CA ASN J 718 -18.96 -80.19 40.24
C ASN J 718 -19.94 -80.64 41.33
N ILE J 719 -20.47 -79.67 42.08
CA ILE J 719 -21.41 -79.98 43.14
C ILE J 719 -22.71 -80.51 42.55
N ASP J 720 -23.13 -79.95 41.42
CA ASP J 720 -24.34 -80.45 40.76
C ASP J 720 -24.16 -81.90 40.34
N ASP J 721 -23.00 -82.24 39.78
CA ASP J 721 -22.73 -83.63 39.42
C ASP J 721 -22.67 -84.52 40.67
N VAL J 722 -22.17 -84.00 41.78
CA VAL J 722 -22.16 -84.77 43.03
C VAL J 722 -23.58 -85.07 43.47
N LEU J 723 -24.45 -84.05 43.40
CA LEU J 723 -25.85 -84.24 43.77
C LEU J 723 -26.54 -85.22 42.83
N GLY J 724 -26.27 -85.13 41.54
CA GLY J 724 -26.83 -86.10 40.60
C GLY J 724 -26.38 -87.52 40.90
N HIS J 725 -25.10 -87.69 41.23
CA HIS J 725 -24.59 -89.02 41.58
C HIS J 725 -25.26 -89.53 42.85
N HIS J 726 -25.43 -88.66 43.84
CA HIS J 726 -26.14 -89.05 45.06
C HIS J 726 -27.56 -89.47 44.77
N ALA J 727 -28.26 -88.72 43.92
CA ALA J 727 -29.64 -89.07 43.56
C ALA J 727 -29.70 -90.41 42.85
N SER J 728 -28.78 -90.66 41.92
CA SER J 728 -28.76 -91.94 41.23
C SER J 728 -28.44 -93.08 42.19
N PHE J 729 -27.53 -92.85 43.13
CA PHE J 729 -27.23 -93.85 44.14
C PHE J 729 -28.46 -94.17 44.98
N LEU J 730 -29.19 -93.14 45.40
CA LEU J 730 -30.40 -93.35 46.19
C LEU J 730 -31.44 -94.12 45.38
N ASP J 731 -31.60 -93.78 44.10
CA ASP J 731 -32.54 -94.50 43.25
C ASP J 731 -32.15 -95.97 43.12
N ASN J 732 -30.86 -96.24 42.92
CA ASN J 732 -30.39 -97.62 42.83
C ASN J 732 -30.64 -98.36 44.14
N CYS J 733 -30.38 -97.70 45.27
CA CYS J 733 -30.61 -98.34 46.57
C CYS J 733 -32.08 -98.67 46.74
N LEU J 734 -32.97 -97.76 46.34
CA LEU J 734 -34.39 -98.00 46.53
C LEU J 734 -34.88 -99.08 45.58
N LYS J 735 -34.30 -99.16 44.38
CA LYS J 735 -34.73 -100.19 43.45
C LYS J 735 -34.23 -101.56 43.89
N ASP J 736 -32.97 -101.64 44.36
CA ASP J 736 -32.46 -102.90 44.89
C ASP J 736 -33.21 -103.31 46.15
N CYS J 737 -33.83 -102.36 46.85
CA CYS J 737 -34.69 -102.65 47.98
C CYS J 737 -36.07 -103.10 47.54
N MET J 738 -36.28 -103.27 46.23
CA MET J 738 -37.59 -103.62 45.68
C MET J 738 -38.65 -102.59 46.08
N LEU J 739 -38.26 -101.31 46.04
CA LEU J 739 -39.17 -100.21 46.29
C LEU J 739 -39.77 -99.62 45.01
N THR J 740 -39.40 -100.14 43.85
CA THR J 740 -40.00 -99.70 42.59
C THR J 740 -41.10 -100.63 42.10
N ASN J 741 -41.35 -101.72 42.82
CA ASN J 741 -42.41 -102.66 42.49
C ASN J 741 -43.36 -102.75 43.68
N PRO J 742 -44.57 -102.20 43.59
CA PRO J 742 -45.45 -102.27 44.76
C PRO J 742 -45.76 -103.69 45.20
N GLU J 743 -45.87 -104.64 44.26
CA GLU J 743 -46.15 -106.02 44.63
C GLU J 743 -45.02 -106.59 45.48
N LEU J 744 -43.77 -106.31 45.10
CA LEU J 744 -42.64 -106.84 45.85
C LEU J 744 -42.47 -106.13 47.17
N LEU J 745 -42.75 -104.83 47.21
CA LEU J 745 -42.63 -104.12 48.49
C LEU J 745 -43.70 -104.61 49.47
N ARG J 746 -44.93 -104.85 48.98
CA ARG J 746 -45.97 -105.39 49.82
C ARG J 746 -45.63 -106.79 50.30
N VAL J 747 -45.07 -107.63 49.41
CA VAL J 747 -44.68 -108.97 49.82
C VAL J 747 -43.58 -108.93 50.87
N PHE J 748 -42.58 -108.07 50.68
CA PHE J 748 -41.53 -107.91 51.68
C PHE J 748 -42.10 -107.48 53.02
N SER J 749 -43.00 -106.49 53.00
CA SER J 749 -43.58 -105.99 54.24
C SER J 749 -44.38 -107.09 54.94
N LYS J 750 -45.18 -107.84 54.18
CA LYS J 750 -45.94 -108.92 54.78
C LYS J 750 -45.03 -109.99 55.37
N LEU J 751 -43.98 -110.38 54.65
CA LEU J 751 -43.05 -111.39 55.14
C LEU J 751 -42.41 -110.96 56.45
N MET J 752 -41.90 -109.73 56.50
CA MET J 752 -41.19 -109.30 57.70
C MET J 752 -42.17 -109.03 58.84
N SER J 753 -43.39 -108.63 58.53
CA SER J 753 -44.43 -108.50 59.56
C SER J 753 -44.76 -109.85 60.16
N VAL J 754 -44.90 -110.89 59.33
CA VAL J 754 -45.22 -112.20 59.85
C VAL J 754 -44.05 -112.78 60.64
N CYS J 755 -42.82 -112.47 60.23
CA CYS J 755 -41.66 -112.88 61.03
C CYS J 755 -41.66 -112.20 62.39
N VAL J 756 -41.96 -110.90 62.41
CA VAL J 756 -42.02 -110.16 63.68
C VAL J 756 -43.12 -110.73 64.56
N MET J 757 -44.30 -111.01 63.98
CA MET J 757 -45.40 -111.58 64.75
C MET J 757 -45.03 -112.94 65.31
N PHE J 758 -44.36 -113.78 64.51
CA PHE J 758 -43.97 -115.10 64.99
C PHE J 758 -43.00 -114.98 66.16
N THR J 759 -42.01 -114.08 66.04
CA THR J 759 -41.04 -113.93 67.12
C THR J 759 -41.66 -113.32 68.36
N ASN J 760 -42.62 -112.40 68.19
CA ASN J 760 -43.30 -111.83 69.35
C ASN J 760 -44.16 -112.87 70.05
N CYS J 761 -44.84 -113.73 69.29
CA CYS J 761 -45.59 -114.82 69.91
C CYS J 761 -44.66 -115.80 70.60
N LEU J 762 -43.49 -116.06 70.01
CA LEU J 762 -42.51 -116.95 70.63
C LEU J 762 -42.04 -116.39 71.96
N GLN J 763 -41.60 -115.13 71.97
CA GLN J 763 -40.81 -114.60 73.08
C GLN J 763 -41.49 -114.82 74.43
N ARG J 764 -42.82 -114.70 74.49
CA ARG J 764 -43.51 -114.84 75.76
C ARG J 764 -43.25 -116.22 76.37
N PHE J 765 -43.66 -117.28 75.67
CA PHE J 765 -43.49 -118.63 76.21
C PHE J 765 -42.03 -119.04 76.23
N THR J 766 -41.20 -118.48 75.34
CA THR J 766 -39.77 -118.75 75.40
C THR J 766 -39.19 -118.27 76.73
N GLN J 767 -39.48 -117.03 77.11
CA GLN J 767 -39.02 -116.51 78.39
C GLN J 767 -39.64 -117.30 79.54
N SER J 768 -40.91 -117.69 79.41
CA SER J 768 -41.55 -118.46 80.47
C SER J 768 -40.81 -119.78 80.72
N MET J 769 -40.56 -120.53 79.65
CA MET J 769 -39.87 -121.81 79.82
C MET J 769 -38.41 -121.62 80.21
N LYS J 770 -37.78 -120.55 79.76
CA LYS J 770 -36.41 -120.27 80.20
C LYS J 770 -36.37 -120.03 81.70
N LEU J 771 -37.30 -119.22 82.21
CA LEU J 771 -37.37 -118.98 83.65
C LEU J 771 -37.66 -120.28 84.39
N ASP J 772 -38.59 -121.09 83.88
CA ASP J 772 -38.90 -122.35 84.54
C ASP J 772 -37.67 -123.25 84.62
N SER J 773 -36.93 -123.38 83.52
CA SER J 773 -35.76 -124.24 83.51
C SER J 773 -34.66 -123.69 84.42
N GLU J 774 -34.45 -122.37 84.39
CA GLU J 774 -33.40 -121.74 85.17
C GLU J 774 -33.75 -121.56 86.64
N LEU J 775 -35.03 -121.71 87.00
CA LEU J 775 -35.42 -121.71 88.40
C LEU J 775 -35.47 -123.10 89.01
N GLY J 776 -35.79 -124.12 88.21
CA GLY J 776 -35.83 -125.47 88.72
C GLY J 776 -34.47 -126.10 88.94
N HIS J 777 -33.44 -125.60 88.27
CA HIS J 777 -32.10 -126.15 88.39
C HIS J 777 -31.27 -125.35 89.40
N PRO J 815 -47.23 -132.86 78.13
CA PRO J 815 -48.37 -132.09 77.60
C PRO J 815 -48.20 -130.59 77.80
N GLN J 816 -47.37 -130.20 78.78
CA GLN J 816 -47.15 -128.78 79.03
C GLN J 816 -46.49 -128.11 77.83
N LEU J 817 -45.48 -128.76 77.24
CA LEU J 817 -44.81 -128.19 76.08
C LEU J 817 -45.74 -128.14 74.87
N ALA J 818 -46.59 -129.15 74.70
CA ALA J 818 -47.54 -129.10 73.59
C ALA J 818 -48.56 -127.97 73.78
N SER J 819 -49.05 -127.77 75.00
CA SER J 819 -49.98 -126.66 75.18
C SER J 819 -49.27 -125.33 75.02
N SER J 820 -47.99 -125.27 75.40
CA SER J 820 -47.21 -124.06 75.17
C SER J 820 -47.06 -123.77 73.69
N PHE J 821 -47.04 -124.81 72.86
CA PHE J 821 -46.99 -124.67 71.42
C PHE J 821 -48.40 -124.45 70.88
N GLU J 822 -48.68 -123.22 70.44
CA GLU J 822 -50.00 -122.87 69.95
C GLU J 822 -50.20 -123.33 68.52
N ALA J 823 -51.47 -123.44 68.12
CA ALA J 823 -51.81 -123.84 66.76
C ALA J 823 -51.52 -122.75 65.74
N THR J 824 -51.25 -121.52 66.19
CA THR J 824 -50.94 -120.42 65.28
C THR J 824 -49.58 -120.58 64.62
N ILE J 825 -48.70 -121.43 65.18
CA ILE J 825 -47.37 -121.62 64.60
C ILE J 825 -47.47 -122.23 63.21
N THR J 826 -48.36 -123.21 63.03
CA THR J 826 -48.53 -123.80 61.71
C THR J 826 -49.05 -122.78 60.70
N LYS J 827 -49.99 -121.93 61.13
CA LYS J 827 -50.48 -120.87 60.26
C LYS J 827 -49.36 -119.90 59.89
N PHE J 828 -48.53 -119.53 60.87
CA PHE J 828 -47.39 -118.66 60.59
C PHE J 828 -46.44 -119.30 59.59
N ASP J 829 -46.16 -120.60 59.77
CA ASP J 829 -45.27 -121.28 58.84
C ASP J 829 -45.84 -121.30 57.43
N LYS J 830 -47.14 -121.59 57.31
CA LYS J 830 -47.76 -121.63 55.99
C LYS J 830 -47.75 -120.24 55.35
N ASN J 831 -48.03 -119.21 56.14
CA ASN J 831 -48.00 -117.84 55.60
C ASN J 831 -46.59 -117.46 55.16
N PHE J 832 -45.58 -117.83 55.94
CA PHE J 832 -44.20 -117.56 55.55
C PHE J 832 -43.87 -118.27 54.25
N SER J 833 -44.27 -119.53 54.11
CA SER J 833 -43.99 -120.28 52.89
C SER J 833 -44.67 -119.61 51.69
N ALA J 834 -45.94 -119.23 51.86
CA ALA J 834 -46.68 -118.57 50.79
C ALA J 834 -46.01 -117.26 50.39
N HIS J 835 -45.61 -116.46 51.37
CA HIS J 835 -44.99 -115.18 51.07
C HIS J 835 -43.64 -115.37 50.39
N LEU J 836 -42.89 -116.38 50.80
CA LEU J 836 -41.60 -116.65 50.15
C LEU J 836 -41.80 -117.09 48.70
N LEU J 837 -42.79 -117.95 48.46
CA LEU J 837 -43.07 -118.39 47.09
C LEU J 837 -43.56 -117.22 46.24
N ASP J 838 -44.41 -116.36 46.80
CA ASP J 838 -44.86 -115.18 46.07
C ASP J 838 -43.69 -114.28 45.74
N LEU J 839 -42.78 -114.05 46.69
CA LEU J 839 -41.63 -113.19 46.44
C LEU J 839 -40.77 -113.78 45.34
N LEU J 840 -40.51 -115.09 45.38
CA LEU J 840 -39.68 -115.71 44.36
C LEU J 840 -40.35 -115.62 42.99
N ALA J 841 -41.65 -115.90 42.93
CA ALA J 841 -42.37 -115.84 41.66
C ALA J 841 -42.34 -114.44 41.08
N ARG J 842 -42.60 -113.43 41.91
CA ARG J 842 -42.61 -112.05 41.43
C ARG J 842 -41.21 -111.62 41.01
N LEU J 843 -40.18 -112.06 41.74
CA LEU J 843 -38.81 -111.74 41.36
C LEU J 843 -38.48 -112.32 39.99
N SER J 844 -38.84 -113.58 39.76
CA SER J 844 -38.58 -114.18 38.46
C SER J 844 -39.38 -113.49 37.35
N ILE J 845 -40.63 -113.16 37.64
CA ILE J 845 -41.48 -112.49 36.64
C ILE J 845 -40.89 -111.14 36.26
N TYR J 846 -40.46 -110.37 37.26
CA TYR J 846 -39.86 -109.07 36.99
C TYR J 846 -38.52 -109.21 36.28
N SER J 847 -37.74 -110.23 36.63
CA SER J 847 -36.47 -110.44 35.95
C SER J 847 -36.69 -110.77 34.47
N THR J 848 -37.69 -111.58 34.16
CA THR J 848 -37.98 -111.90 32.76
C THR J 848 -38.60 -110.72 32.01
N SER J 849 -39.44 -109.91 32.65
CA SER J 849 -40.12 -108.83 31.93
C SER J 849 -39.41 -107.49 32.08
N ASP J 850 -39.34 -106.97 33.31
CA ASP J 850 -38.71 -105.67 33.55
C ASP J 850 -37.21 -105.74 33.37
N CYS J 851 -36.61 -106.90 33.65
CA CYS J 851 -35.17 -107.11 33.48
C CYS J 851 -34.37 -106.15 34.36
N GLU J 852 -34.81 -106.00 35.60
CA GLU J 852 -34.02 -105.30 36.61
C GLU J 852 -32.94 -106.21 37.17
N HIS J 853 -31.79 -105.61 37.49
CA HIS J 853 -30.61 -106.38 37.85
C HIS J 853 -30.70 -107.01 39.25
N GLY J 854 -31.63 -106.54 40.08
CA GLY J 854 -31.66 -106.96 41.47
C GLY J 854 -32.53 -108.17 41.75
N MET J 855 -33.49 -108.44 40.86
CA MET J 855 -34.45 -109.50 41.14
C MET J 855 -33.86 -110.89 40.92
N ALA J 856 -32.92 -111.02 39.99
CA ALA J 856 -32.27 -112.31 39.77
C ALA J 856 -31.48 -112.74 40.99
N SER J 857 -30.88 -111.78 41.71
CA SER J 857 -30.15 -112.12 42.93
C SER J 857 -31.09 -112.61 44.02
N VAL J 858 -32.27 -112.00 44.14
CA VAL J 858 -33.23 -112.46 45.15
C VAL J 858 -33.78 -113.82 44.76
N ILE J 859 -33.99 -114.06 43.46
CA ILE J 859 -34.41 -115.38 43.01
C ILE J 859 -33.36 -116.43 43.35
N SER J 860 -32.08 -116.10 43.12
CA SER J 860 -31.01 -117.05 43.40
C SER J 860 -30.88 -117.31 44.90
N ARG J 861 -31.07 -116.28 45.73
CA ARG J 861 -30.98 -116.49 47.16
C ARG J 861 -32.19 -117.25 47.69
N LEU J 862 -33.35 -117.08 47.06
CA LEU J 862 -34.53 -117.81 47.49
C LEU J 862 -34.46 -119.27 47.07
N ASP J 863 -33.81 -119.57 45.94
CA ASP J 863 -33.69 -120.92 45.41
C ASP J 863 -32.20 -121.27 45.33
N PHE J 864 -31.67 -121.83 46.42
CA PHE J 864 -30.26 -122.20 46.50
C PHE J 864 -30.07 -123.52 47.23
N ASN J 865 -31.14 -124.32 47.37
CA ASN J 865 -31.10 -125.55 48.15
C ASN J 865 -31.44 -126.78 47.32
N GLY J 866 -31.77 -126.62 46.04
CA GLY J 866 -32.23 -127.72 45.22
C GLY J 866 -33.64 -128.17 45.49
N PHE J 867 -34.43 -127.37 46.20
CA PHE J 867 -35.82 -127.70 46.51
C PHE J 867 -36.80 -126.61 46.10
N TYR J 868 -36.33 -125.44 45.70
CA TYR J 868 -37.18 -124.37 45.24
C TYR J 868 -36.83 -123.84 43.86
N THR J 869 -35.73 -124.33 43.25
CA THR J 869 -35.39 -123.86 41.92
C THR J 869 -36.34 -124.43 40.87
N GLU J 870 -36.96 -125.57 41.14
CA GLU J 870 -38.01 -126.05 40.26
C GLU J 870 -39.39 -125.63 40.77
N ARG J 871 -39.44 -124.96 41.92
CA ARG J 871 -40.65 -124.32 42.42
C ARG J 871 -40.70 -122.83 42.09
N LEU J 872 -39.69 -122.33 41.37
CA LEU J 872 -39.65 -120.92 41.00
C LEU J 872 -40.77 -120.59 40.01
N MET K 1 -33.21 44.26 9.45
CA MET K 1 -33.05 43.02 10.26
C MET K 1 -34.32 42.70 11.03
N ALA K 2 -34.98 41.60 10.66
CA ALA K 2 -36.21 41.19 11.30
C ALA K 2 -36.42 39.72 11.01
N SER K 3 -37.50 39.17 11.54
CA SER K 3 -37.83 37.78 11.29
C SER K 3 -38.18 37.58 9.83
N VAL K 4 -38.02 36.36 9.35
CA VAL K 4 -38.28 36.11 7.94
C VAL K 4 -39.72 36.44 7.58
N PRO K 5 -40.73 35.95 8.31
CA PRO K 5 -42.11 36.36 7.99
C PRO K 5 -42.37 37.86 8.17
N GLN K 6 -41.76 38.48 9.18
CA GLN K 6 -41.97 39.91 9.39
C GLN K 6 -41.44 40.73 8.21
N LEU K 7 -40.23 40.44 7.77
CA LEU K 7 -39.66 41.16 6.64
C LEU K 7 -40.39 40.80 5.35
N LEU K 8 -40.84 39.56 5.22
CA LEU K 8 -41.63 39.17 4.06
C LEU K 8 -42.93 39.95 3.99
N ASP K 9 -43.62 40.10 5.12
CA ASP K 9 -44.84 40.89 5.15
C ASP K 9 -44.55 42.37 4.87
N ASP K 10 -43.45 42.90 5.42
CA ASP K 10 -43.07 44.27 5.12
C ASP K 10 -42.88 44.47 3.61
N LEU K 11 -42.12 43.57 2.97
CA LEU K 11 -41.89 43.71 1.53
C LEU K 11 -43.17 43.49 0.75
N CYS K 12 -43.98 42.52 1.16
CA CYS K 12 -45.23 42.25 0.46
C CYS K 12 -46.17 43.45 0.52
N GLU K 13 -46.28 44.09 1.69
CA GLU K 13 -47.09 45.28 1.79
C GLU K 13 -46.49 46.44 1.01
N ALA K 14 -45.16 46.50 0.92
CA ALA K 14 -44.55 47.55 0.10
C ALA K 14 -44.92 47.35 -1.37
N LEU K 15 -44.85 46.12 -1.85
CA LEU K 15 -45.19 45.86 -3.25
C LEU K 15 -46.68 45.97 -3.50
N LEU K 16 -47.49 45.72 -2.47
CA LEU K 16 -48.93 45.71 -2.64
C LEU K 16 -49.44 47.13 -2.92
N PRO K 17 -50.23 47.33 -3.97
CA PRO K 17 -50.89 48.63 -4.16
C PRO K 17 -52.23 48.76 -3.43
N ALA K 18 -52.58 47.79 -2.59
CA ALA K 18 -53.85 47.80 -1.88
C ALA K 18 -53.87 48.89 -0.82
N GLN K 25 -65.34 48.64 -4.06
CA GLN K 25 -64.11 48.25 -3.37
C GLN K 25 -64.25 48.45 -1.86
N ARG K 26 -63.68 47.51 -1.09
CA ARG K 26 -63.74 47.55 0.35
C ARG K 26 -62.37 47.25 0.93
N ARG K 27 -62.12 47.77 2.14
CA ARG K 27 -60.86 47.51 2.81
C ARG K 27 -60.70 46.03 3.14
N GLY K 28 -61.80 45.29 3.26
CA GLY K 28 -61.69 43.86 3.44
C GLY K 28 -61.02 43.19 2.26
N SER K 29 -61.26 43.71 1.06
CA SER K 29 -60.58 43.19 -0.12
C SER K 29 -59.07 43.40 -0.02
N ARG K 30 -58.66 44.59 0.42
CA ARG K 30 -57.23 44.85 0.58
C ARG K 30 -56.62 43.95 1.66
N LYS K 31 -57.34 43.76 2.77
CA LYS K 31 -56.84 42.88 3.82
C LYS K 31 -56.70 41.44 3.30
N ARG K 32 -57.70 40.96 2.55
CA ARG K 32 -57.62 39.62 2.00
C ARG K 32 -56.47 39.51 1.00
N ALA K 33 -56.26 40.55 0.20
CA ALA K 33 -55.17 40.52 -0.77
C ALA K 33 -53.81 40.45 -0.07
N LYS K 34 -53.63 41.26 0.98
CA LYS K 34 -52.36 41.24 1.71
C LYS K 34 -52.15 39.91 2.41
N GLN K 35 -53.22 39.33 2.98
CA GLN K 35 -53.10 38.02 3.60
C GLN K 35 -52.73 36.96 2.58
N SER K 36 -53.34 37.01 1.40
CA SER K 36 -53.01 36.05 0.35
C SER K 36 -51.58 36.21 -0.12
N LEU K 37 -51.12 37.46 -0.25
CA LEU K 37 -49.73 37.69 -0.64
C LEU K 37 -48.77 37.14 0.40
N LYS K 38 -49.05 37.37 1.68
CA LYS K 38 -48.18 36.84 2.73
C LYS K 38 -48.18 35.32 2.71
N LYS K 39 -49.36 34.71 2.51
CA LYS K 39 -49.44 33.26 2.45
C LYS K 39 -48.65 32.71 1.27
N VAL K 40 -48.77 33.35 0.10
CA VAL K 40 -48.03 32.90 -1.07
C VAL K 40 -46.53 33.02 -0.85
N ALA K 41 -46.10 34.14 -0.24
CA ALA K 41 -44.69 34.30 0.06
C ALA K 41 -44.21 33.22 1.01
N TYR K 42 -44.99 32.95 2.05
CA TYR K 42 -44.61 31.91 3.01
C TYR K 42 -44.52 30.56 2.32
N ASN K 43 -45.50 30.24 1.46
CA ASN K 43 -45.50 28.96 0.77
C ASN K 43 -44.30 28.83 -0.16
N ALA K 44 -43.97 29.89 -0.88
CA ALA K 44 -42.79 29.84 -1.76
C ALA K 44 -41.51 29.64 -0.97
N LEU K 45 -41.36 30.35 0.15
CA LEU K 45 -40.18 30.15 0.99
C LEU K 45 -40.12 28.74 1.53
N PHE K 46 -41.27 28.21 1.99
CA PHE K 46 -41.31 26.85 2.52
C PHE K 46 -40.96 25.82 1.45
N THR K 47 -41.50 26.00 0.24
CA THR K 47 -41.20 25.06 -0.84
C THR K 47 -39.72 25.10 -1.19
N ASN K 48 -39.14 26.30 -1.25
CA ASN K 48 -37.72 26.40 -1.56
C ASN K 48 -36.87 25.75 -0.47
N LEU K 49 -37.24 25.97 0.80
CA LEU K 49 -36.49 25.36 1.89
C LEU K 49 -36.62 23.85 1.90
N PHE K 50 -37.81 23.34 1.61
CA PHE K 50 -38.00 21.89 1.50
C PHE K 50 -37.16 21.31 0.37
N GLN K 51 -37.13 21.99 -0.78
CA GLN K 51 -36.32 21.50 -1.89
C GLN K 51 -34.84 21.53 -1.51
N ASP K 52 -34.42 22.57 -0.80
CA ASP K 52 -33.04 22.65 -0.32
C ASP K 52 -32.80 21.63 0.78
N ARG K 63 -21.65 26.71 -10.25
CA ARG K 63 -21.55 28.14 -10.04
C ARG K 63 -20.59 28.78 -11.04
N LEU K 64 -20.70 30.09 -11.21
CA LEU K 64 -19.84 30.85 -12.10
C LEU K 64 -19.43 32.13 -11.40
N PRO K 65 -18.28 32.69 -11.74
CA PRO K 65 -17.87 33.96 -11.12
C PRO K 65 -18.89 35.06 -11.35
N VAL K 66 -19.16 35.82 -10.30
CA VAL K 66 -20.15 36.89 -10.43
C VAL K 66 -19.60 37.92 -11.40
N LYS K 67 -18.28 38.08 -11.44
CA LYS K 67 -17.67 38.96 -12.42
C LYS K 67 -18.00 38.46 -13.83
N ASN K 68 -17.94 37.15 -14.02
CA ASN K 68 -18.28 36.58 -15.32
C ASN K 68 -19.73 36.87 -15.67
N ARG K 69 -20.63 36.79 -14.69
CA ARG K 69 -22.03 37.03 -14.99
C ARG K 69 -22.28 38.50 -15.32
N ILE K 70 -21.62 39.41 -14.59
CA ILE K 70 -21.76 40.82 -14.90
C ILE K 70 -21.13 41.16 -16.23
N LEU K 71 -20.05 40.48 -16.60
CA LEU K 71 -19.49 40.63 -17.93
C LEU K 71 -20.47 40.15 -18.99
N MET K 72 -21.13 39.02 -18.73
CA MET K 72 -22.18 38.55 -19.63
C MET K 72 -23.21 39.65 -19.85
N LEU K 73 -23.69 40.25 -18.77
CA LEU K 73 -24.75 41.24 -18.90
C LEU K 73 -24.24 42.49 -19.61
N SER K 74 -23.01 42.89 -19.33
CA SER K 74 -22.43 44.05 -20.01
C SER K 74 -22.26 43.78 -21.50
N PHE K 75 -21.79 42.59 -21.85
CA PHE K 75 -21.68 42.24 -23.26
C PHE K 75 -23.03 42.25 -23.93
N ASP K 76 -24.05 41.72 -23.26
CA ASP K 76 -25.38 41.71 -23.84
C ASP K 76 -25.88 43.14 -24.06
N LEU K 77 -25.63 44.02 -23.10
CA LEU K 77 -26.04 45.42 -23.26
C LEU K 77 -25.31 46.07 -24.42
N ARG K 78 -24.01 45.83 -24.54
CA ARG K 78 -23.27 46.39 -25.66
C ARG K 78 -23.79 45.84 -26.98
N VAL K 79 -24.15 44.56 -27.01
CA VAL K 79 -24.71 43.95 -28.20
C VAL K 79 -26.03 44.63 -28.56
N GLY K 80 -26.86 44.89 -27.56
CA GLY K 80 -28.17 45.47 -27.79
C GLY K 80 -28.13 46.96 -28.10
N GLY K 81 -27.02 47.45 -28.62
CA GLY K 81 -26.90 48.86 -28.93
C GLY K 81 -26.97 49.73 -27.70
N LEU K 82 -26.47 49.24 -26.57
CA LEU K 82 -26.46 49.96 -25.30
C LEU K 82 -25.05 49.98 -24.74
N ALA K 83 -24.09 50.32 -25.60
CA ALA K 83 -22.70 50.28 -25.19
C ALA K 83 -22.42 51.29 -24.08
N ALA K 84 -23.02 52.47 -24.16
CA ALA K 84 -22.83 53.46 -23.10
C ALA K 84 -23.37 52.95 -21.78
N GLU K 85 -24.54 52.30 -21.81
CA GLU K 85 -25.11 51.73 -20.60
C GLU K 85 -24.21 50.61 -20.06
N ALA K 86 -23.67 49.78 -20.93
CA ALA K 86 -22.75 48.75 -20.49
C ALA K 86 -21.50 49.35 -19.86
N ASP K 87 -21.00 50.45 -20.42
CA ASP K 87 -19.86 51.13 -19.82
C ASP K 87 -20.21 51.66 -18.43
N ARG K 88 -21.41 52.23 -18.29
CA ARG K 88 -21.85 52.68 -16.98
C ARG K 88 -21.92 51.52 -16.00
N LEU K 89 -22.48 50.39 -16.45
CA LEU K 89 -22.56 49.22 -15.58
C LEU K 89 -21.19 48.73 -15.19
N GLU K 90 -20.24 48.75 -16.13
CA GLU K 90 -18.88 48.32 -15.83
C GLU K 90 -18.28 49.22 -14.76
N GLU K 91 -18.45 50.53 -14.91
CA GLU K 91 -17.89 51.44 -13.92
C GLU K 91 -18.57 51.25 -12.57
N LEU K 92 -19.86 50.98 -12.57
CA LEU K 92 -20.57 50.72 -11.32
C LEU K 92 -20.01 49.48 -10.64
N VAL K 93 -19.83 48.40 -11.40
CA VAL K 93 -19.34 47.17 -10.81
C VAL K 93 -17.90 47.33 -10.31
N GLU K 94 -17.10 48.13 -11.02
CA GLU K 94 -15.74 48.38 -10.55
C GLU K 94 -15.76 49.19 -9.26
N GLY K 95 -16.68 50.13 -9.13
CA GLY K 95 -16.82 50.82 -7.86
C GLY K 95 -17.29 49.89 -6.77
N LEU K 96 -18.14 48.93 -7.12
CA LEU K 96 -18.59 47.94 -6.15
C LEU K 96 -17.42 47.12 -5.64
N GLU K 97 -16.55 46.69 -6.54
CA GLU K 97 -15.39 45.91 -6.15
C GLU K 97 -14.27 46.83 -5.71
N LEU K 107 -23.29 41.19 -0.35
CA LEU K 107 -23.54 42.08 -1.48
C LEU K 107 -23.54 41.31 -2.78
N GLY K 108 -22.66 40.32 -2.89
CA GLY K 108 -22.59 39.52 -4.10
C GLY K 108 -23.89 38.78 -4.39
N SER K 109 -24.50 38.21 -3.36
CA SER K 109 -25.80 37.57 -3.54
C SER K 109 -26.88 38.59 -3.89
N VAL K 110 -26.77 39.80 -3.36
CA VAL K 110 -27.70 40.86 -3.76
C VAL K 110 -27.54 41.16 -5.24
N LEU K 111 -26.31 41.23 -5.71
CA LEU K 111 -26.07 41.45 -7.13
C LEU K 111 -26.60 40.30 -7.97
N ASP K 112 -26.45 39.07 -7.48
CA ASP K 112 -27.03 37.92 -8.19
C ASP K 112 -28.54 38.02 -8.28
N LEU K 113 -29.19 38.36 -7.17
CA LEU K 113 -30.63 38.55 -7.18
C LEU K 113 -31.05 39.65 -8.15
N LEU K 114 -30.32 40.77 -8.14
CA LEU K 114 -30.56 41.80 -9.14
C LEU K 114 -30.35 41.27 -10.55
N VAL K 115 -29.38 40.38 -10.74
CA VAL K 115 -29.11 39.83 -12.06
C VAL K 115 -30.30 39.03 -12.55
N GLN K 116 -30.83 38.18 -11.69
CA GLN K 116 -32.03 37.42 -12.02
C GLN K 116 -33.21 38.34 -12.28
N LEU K 117 -33.36 39.38 -11.48
CA LEU K 117 -34.44 40.33 -11.67
C LEU K 117 -34.23 41.24 -12.88
N ALA K 118 -33.03 41.27 -13.44
CA ALA K 118 -32.73 42.18 -14.53
C ALA K 118 -33.64 41.88 -15.72
N GLY K 119 -34.02 42.95 -16.42
CA GLY K 119 -34.87 42.80 -17.58
C GLY K 119 -36.32 42.66 -17.21
N SER K 120 -36.66 42.79 -15.92
CA SER K 120 -38.03 42.62 -15.44
C SER K 120 -38.79 43.93 -15.35
N GLY K 121 -38.15 45.04 -15.69
CA GLY K 121 -38.81 46.33 -15.64
C GLY K 121 -39.51 46.52 -16.96
N PRO K 122 -40.15 47.66 -17.16
CA PRO K 122 -40.83 47.86 -18.44
C PRO K 122 -39.81 48.09 -19.53
N PRO K 123 -40.00 47.46 -20.69
CA PRO K 123 -39.03 47.64 -21.77
C PRO K 123 -39.02 49.09 -22.24
N ARG K 124 -37.86 49.53 -22.70
CA ARG K 124 -37.70 50.90 -23.18
C ARG K 124 -37.58 50.85 -24.70
N VAL K 125 -38.45 51.60 -25.38
CA VAL K 125 -38.35 51.80 -26.81
C VAL K 125 -37.72 53.16 -27.05
N LEU K 126 -37.98 54.10 -26.14
CA LEU K 126 -37.32 55.40 -26.14
C LEU K 126 -36.68 55.63 -24.78
N GLN K 127 -35.53 56.29 -24.79
CA GLN K 127 -34.76 56.51 -23.58
C GLN K 127 -34.82 57.98 -23.18
N ASN K 142 -10.07 67.34 -33.06
CA ASN K 142 -11.08 68.26 -32.57
C ASN K 142 -12.43 67.95 -33.20
N VAL K 143 -12.49 68.01 -34.52
CA VAL K 143 -13.73 67.87 -35.27
C VAL K 143 -13.48 66.90 -36.42
N ARG K 144 -14.52 66.73 -37.25
CA ARG K 144 -14.46 65.86 -38.42
C ARG K 144 -13.19 66.12 -39.22
N TYR K 145 -12.68 65.06 -39.86
CA TYR K 145 -11.46 65.16 -40.66
C TYR K 145 -11.78 65.23 -42.15
N GLY K 146 -13.00 65.61 -42.50
CA GLY K 146 -13.44 65.64 -43.88
C GLY K 146 -13.83 64.29 -44.42
N GLY K 147 -13.48 63.21 -43.72
CA GLY K 147 -13.92 61.88 -44.08
C GLY K 147 -14.84 61.39 -43.00
N TYR K 148 -14.76 62.05 -41.83
CA TYR K 148 -15.71 61.75 -40.77
C TYR K 148 -17.12 62.14 -41.17
N ASP K 149 -17.29 62.90 -42.25
CA ASP K 149 -18.63 63.12 -42.79
C ASP K 149 -19.30 61.77 -42.87
N CYS K 150 -20.32 61.55 -42.04
CA CYS K 150 -20.97 60.25 -41.95
C CYS K 150 -22.47 60.40 -41.92
N CYS K 151 -23.15 59.57 -42.71
CA CYS K 151 -24.61 59.57 -42.69
C CYS K 151 -25.13 59.07 -41.35
N HIS K 152 -24.30 58.33 -40.60
CA HIS K 152 -24.79 57.71 -39.38
C HIS K 152 -25.21 58.75 -38.36
N LEU K 153 -24.43 59.82 -38.19
CA LEU K 153 -24.82 60.84 -37.23
C LEU K 153 -26.12 61.49 -37.68
N SER K 154 -26.17 61.91 -38.95
CA SER K 154 -27.36 62.56 -39.46
C SER K 154 -28.52 61.58 -39.53
N GLY K 155 -28.24 60.33 -39.86
CA GLY K 155 -29.29 59.32 -39.83
C GLY K 155 -29.87 59.14 -38.44
N ILE K 156 -29.00 59.12 -37.43
CA ILE K 156 -29.45 58.99 -36.05
C ILE K 156 -30.32 60.19 -35.66
N GLU K 157 -29.89 61.39 -36.04
CA GLU K 157 -30.69 62.56 -35.72
C GLU K 157 -32.05 62.47 -36.40
N ALA K 158 -32.07 62.05 -37.66
CA ALA K 158 -33.33 61.91 -38.37
C ALA K 158 -34.22 60.89 -37.70
N ASP K 159 -33.64 59.76 -37.28
CA ASP K 159 -34.43 58.73 -36.64
C ASP K 159 -35.00 59.21 -35.31
N VAL K 160 -34.23 59.99 -34.56
CA VAL K 160 -34.73 60.53 -33.30
C VAL K 160 -35.89 61.47 -33.55
N ARG K 161 -35.70 62.43 -34.46
CA ARG K 161 -36.79 63.34 -34.78
C ARG K 161 -37.99 62.64 -35.39
N SER K 162 -37.79 61.47 -36.00
CA SER K 162 -38.92 60.66 -36.38
C SER K 162 -39.59 60.08 -35.16
N ILE K 163 -38.80 59.60 -34.20
CA ILE K 163 -39.36 58.86 -33.08
C ILE K 163 -40.21 59.80 -32.24
N ILE K 164 -39.71 61.01 -32.00
CA ILE K 164 -40.48 62.00 -31.27
C ILE K 164 -41.85 62.17 -31.91
N SER K 165 -41.87 62.64 -33.14
CA SER K 165 -43.12 62.87 -33.86
C SER K 165 -44.04 61.66 -33.80
N GLY K 166 -43.53 60.51 -34.23
CA GLY K 166 -44.34 59.30 -34.22
C GLY K 166 -44.95 59.01 -32.86
N GLU K 167 -44.14 59.12 -31.81
CA GLU K 167 -44.64 58.84 -30.47
C GLU K 167 -45.75 59.82 -30.09
N GLU K 168 -45.59 61.09 -30.49
CA GLU K 168 -46.62 62.07 -30.17
C GLU K 168 -47.92 61.73 -30.89
N GLU K 169 -47.84 61.35 -32.16
CA GLU K 169 -49.06 61.01 -32.88
C GLU K 169 -49.67 59.73 -32.35
N LEU K 170 -48.85 58.81 -31.86
CA LEU K 170 -49.37 57.60 -31.22
C LEU K 170 -50.11 57.93 -29.94
N CYS K 171 -49.54 58.81 -29.11
CA CYS K 171 -50.23 59.24 -27.90
C CYS K 171 -51.56 59.90 -28.25
N ARG K 172 -51.57 60.71 -29.32
CA ARG K 172 -52.82 61.36 -29.71
C ARG K 172 -53.85 60.33 -30.15
N ASP K 173 -53.41 59.33 -30.92
CA ASP K 173 -54.34 58.30 -31.35
C ASP K 173 -54.89 57.54 -30.17
N LEU K 174 -54.03 57.21 -29.21
CA LEU K 174 -54.47 56.43 -28.06
C LEU K 174 -55.45 57.20 -27.18
N ILE K 175 -55.20 58.49 -26.97
CA ILE K 175 -56.15 59.28 -26.20
C ILE K 175 -57.46 59.42 -26.96
N ARG K 176 -57.39 59.54 -28.28
CA ARG K 176 -58.61 59.60 -29.06
C ARG K 176 -59.40 58.31 -28.95
N LYS K 177 -58.72 57.17 -29.00
CA LYS K 177 -59.40 55.88 -28.86
C LYS K 177 -60.02 55.73 -27.48
N THR K 178 -59.30 56.16 -26.43
CA THR K 178 -59.84 56.08 -25.09
C THR K 178 -61.12 56.91 -24.96
N LEU K 179 -61.09 58.13 -25.49
CA LEU K 179 -62.28 58.96 -25.44
C LEU K 179 -63.40 58.37 -26.29
N GLN K 180 -63.05 57.76 -27.43
CA GLN K 180 -64.07 57.15 -28.27
C GLN K 180 -64.76 56.00 -27.53
N VAL K 181 -63.98 55.20 -26.79
CA VAL K 181 -64.57 54.11 -26.05
C VAL K 181 -65.44 54.67 -24.92
N MET K 182 -64.95 55.68 -24.21
CA MET K 182 -65.72 56.18 -23.09
C MET K 182 -67.05 56.74 -23.59
N GLU K 183 -67.02 57.45 -24.73
CA GLU K 183 -68.27 57.98 -25.26
C GLU K 183 -69.22 56.88 -25.70
N ALA K 184 -68.71 55.67 -25.96
CA ALA K 184 -69.54 54.50 -26.19
C ALA K 184 -69.85 53.73 -24.93
N ALA K 185 -69.37 54.18 -23.79
CA ALA K 185 -69.56 53.46 -22.54
C ALA K 185 -70.65 54.10 -21.67
N PRO K 186 -71.27 53.29 -20.80
CA PRO K 186 -72.38 53.82 -19.99
C PRO K 186 -71.98 55.00 -19.11
N GLY K 187 -70.76 55.02 -18.58
CA GLY K 187 -70.31 56.14 -17.77
C GLY K 187 -70.51 56.04 -16.26
N THR K 188 -71.37 55.14 -15.78
CA THR K 188 -71.55 54.96 -14.34
C THR K 188 -70.87 53.71 -13.83
N GLY K 189 -69.68 53.40 -14.33
CA GLY K 189 -68.97 52.19 -13.93
C GLY K 189 -68.31 51.49 -15.10
N VAL K 286 -20.79 19.71 -30.37
CA VAL K 286 -21.78 18.83 -30.97
C VAL K 286 -21.21 18.14 -32.20
N LEU K 287 -19.93 18.41 -32.49
CA LEU K 287 -19.29 17.86 -33.69
C LEU K 287 -18.94 16.38 -33.56
N THR K 288 -19.07 15.80 -32.37
CA THR K 288 -18.39 14.57 -32.01
C THR K 288 -19.08 13.32 -32.55
N TYR K 289 -20.18 13.45 -33.28
CA TYR K 289 -20.87 12.27 -33.80
C TYR K 289 -19.99 11.46 -34.74
N GLU K 290 -20.25 10.14 -34.73
CA GLU K 290 -19.63 9.13 -35.57
C GLU K 290 -20.53 8.82 -36.76
N ALA K 291 -19.93 8.44 -37.88
CA ALA K 291 -20.71 8.06 -39.06
C ALA K 291 -20.21 6.74 -39.64
N SER K 292 -21.04 6.15 -40.49
CA SER K 292 -20.76 4.83 -41.05
C SER K 292 -19.51 4.84 -41.93
N ARG K 293 -18.67 3.83 -41.75
CA ARG K 293 -17.57 3.61 -42.68
C ARG K 293 -17.90 2.66 -43.82
N ARG K 294 -19.08 2.05 -43.84
CA ARG K 294 -19.50 1.28 -45.00
C ARG K 294 -20.09 2.22 -46.04
N ARG K 295 -19.51 2.23 -47.23
CA ARG K 295 -20.02 3.01 -48.36
C ARG K 295 -20.41 2.05 -49.47
N CYS K 296 -21.67 2.06 -49.88
CA CYS K 296 -22.14 1.04 -50.80
C CYS K 296 -22.17 1.59 -52.22
N TRP K 297 -22.42 0.68 -53.17
CA TRP K 297 -22.46 1.02 -54.59
C TRP K 297 -23.88 1.08 -55.11
N GLU K 298 -24.86 1.19 -54.23
CA GLU K 298 -26.26 1.34 -54.61
C GLU K 298 -26.79 2.76 -54.49
N GLN K 299 -26.43 3.50 -53.45
CA GLN K 299 -26.74 4.92 -53.40
C GLN K 299 -25.49 5.72 -53.72
N ILE K 300 -25.57 6.51 -54.79
CA ILE K 300 -24.47 7.38 -55.18
C ILE K 300 -24.65 8.76 -54.57
N GLY K 301 -25.52 8.87 -53.56
CA GLY K 301 -25.46 10.04 -52.72
C GLY K 301 -24.79 9.62 -51.43
N CYS K 302 -25.45 9.81 -50.29
CA CYS K 302 -24.92 9.28 -49.05
C CYS K 302 -25.84 8.15 -48.65
N PRO K 303 -25.43 6.88 -48.73
CA PRO K 303 -26.33 5.82 -48.31
C PRO K 303 -26.46 5.82 -46.80
N PRO K 304 -27.58 5.31 -46.27
CA PRO K 304 -27.64 5.13 -44.81
C PRO K 304 -26.73 4.03 -44.31
N GLY K 305 -26.75 2.87 -44.97
CA GLY K 305 -26.01 1.72 -44.51
C GLY K 305 -27.06 0.89 -43.79
N HIS K 306 -27.74 -0.02 -44.47
CA HIS K 306 -28.74 -0.84 -43.79
C HIS K 306 -28.80 -2.29 -44.24
N ARG K 307 -27.95 -2.74 -45.15
CA ARG K 307 -27.99 -4.12 -45.62
C ARG K 307 -29.34 -4.53 -46.20
N GLU K 308 -29.59 -5.85 -46.20
CA GLU K 308 -30.75 -6.47 -46.84
C GLU K 308 -31.47 -7.43 -45.91
N GLU K 309 -31.36 -7.26 -44.60
CA GLU K 309 -31.96 -8.21 -43.69
C GLU K 309 -31.21 -9.52 -43.91
N PRO K 310 -30.04 -9.62 -43.26
CA PRO K 310 -29.16 -10.78 -43.45
C PRO K 310 -29.86 -12.11 -43.45
N TYR K 311 -29.22 -13.08 -44.11
CA TYR K 311 -29.79 -14.39 -44.29
C TYR K 311 -29.98 -15.07 -42.94
N LEU K 312 -30.93 -16.01 -42.90
CA LEU K 312 -31.32 -16.64 -41.65
C LEU K 312 -30.14 -17.33 -41.01
N THR K 313 -29.27 -17.93 -41.81
CA THR K 313 -28.23 -18.78 -41.28
C THR K 313 -26.94 -18.05 -40.92
N GLU K 314 -26.86 -16.73 -41.16
CA GLU K 314 -25.66 -16.00 -40.78
C GLU K 314 -25.86 -15.19 -39.50
N ALA K 315 -26.95 -15.43 -38.78
CA ALA K 315 -27.28 -14.71 -37.57
C ALA K 315 -28.47 -15.42 -36.95
N GLY K 316 -28.52 -15.49 -35.62
CA GLY K 316 -29.66 -16.06 -34.93
C GLY K 316 -29.89 -15.51 -33.55
N ARG K 317 -30.36 -16.38 -32.66
CA ARG K 317 -30.62 -16.11 -31.25
C ARG K 317 -31.83 -15.22 -31.02
N ASP K 318 -32.18 -14.35 -31.98
CA ASP K 318 -33.53 -13.82 -32.04
C ASP K 318 -34.24 -14.20 -33.32
N ALA K 319 -33.60 -14.02 -34.47
CA ALA K 319 -34.19 -14.48 -35.71
C ALA K 319 -34.18 -15.99 -35.81
N PHE K 320 -33.25 -16.66 -35.13
CA PHE K 320 -33.28 -18.11 -35.13
C PHE K 320 -34.57 -18.60 -34.51
N ASP K 321 -34.84 -18.13 -33.29
CA ASP K 321 -36.06 -18.52 -32.60
C ASP K 321 -37.28 -18.04 -33.36
N ARG K 322 -37.20 -16.89 -34.03
CA ARG K 322 -38.37 -16.37 -34.72
C ARG K 322 -38.68 -17.19 -35.96
N PHE K 323 -37.66 -17.52 -36.76
CA PHE K 323 -37.86 -18.40 -37.89
C PHE K 323 -38.35 -19.77 -37.46
N CYS K 324 -37.77 -20.32 -36.40
CA CYS K 324 -38.22 -21.62 -35.92
C CYS K 324 -39.68 -21.57 -35.50
N ARG K 325 -40.02 -20.57 -34.69
CA ARG K 325 -41.41 -20.37 -34.29
C ARG K 325 -42.31 -20.20 -35.49
N LEU K 326 -41.84 -19.51 -36.53
CA LEU K 326 -42.68 -19.28 -37.70
C LEU K 326 -42.92 -20.57 -38.47
N ARG K 327 -41.88 -21.37 -38.67
CA ARG K 327 -42.06 -22.66 -39.32
C ARG K 327 -42.99 -23.56 -38.50
N GLN K 328 -42.83 -23.55 -37.18
CA GLN K 328 -43.72 -24.34 -36.34
C GLN K 328 -45.13 -23.77 -36.36
N GLY K 329 -45.27 -22.46 -36.51
CA GLY K 329 -46.58 -21.86 -36.68
C GLY K 329 -47.25 -22.31 -37.97
N GLU K 330 -46.48 -22.38 -39.06
CA GLU K 330 -47.02 -22.91 -40.30
C GLU K 330 -47.48 -24.34 -40.12
N LEU K 331 -46.65 -25.17 -39.48
CA LEU K 331 -47.03 -26.56 -39.26
C LEU K 331 -48.26 -26.67 -38.36
N GLN K 332 -48.33 -25.82 -37.32
CA GLN K 332 -49.49 -25.80 -36.44
C GLN K 332 -50.74 -25.30 -37.14
N VAL K 333 -50.61 -24.37 -38.08
CA VAL K 333 -51.75 -23.95 -38.87
C VAL K 333 -52.26 -25.10 -39.71
N LEU K 334 -51.34 -25.85 -40.31
CA LEU K 334 -51.77 -26.98 -41.14
C LEU K 334 -52.28 -28.15 -40.30
N GLY K 335 -51.85 -28.26 -39.04
CA GLY K 335 -52.27 -29.29 -38.13
C GLY K 335 -53.50 -28.98 -37.28
N GLY K 336 -53.87 -27.71 -37.19
CA GLY K 336 -54.93 -27.29 -36.29
C GLY K 336 -54.46 -26.92 -34.90
N ALA K 337 -53.26 -26.34 -34.77
CA ALA K 337 -52.69 -25.91 -33.49
C ALA K 337 -52.33 -27.09 -32.59
N LEU K 338 -51.70 -28.11 -33.16
CA LEU K 338 -51.30 -29.29 -32.39
C LEU K 338 -49.81 -29.20 -32.04
N LEU K 339 -49.45 -28.11 -31.36
CA LEU K 339 -48.16 -28.01 -30.70
C LEU K 339 -48.34 -27.45 -29.29
N GLN K 340 -49.00 -26.30 -29.21
CA GLN K 340 -49.30 -25.64 -27.94
C GLN K 340 -48.05 -25.48 -27.08
N ALA K 341 -46.89 -25.27 -27.72
CA ALA K 341 -45.72 -24.69 -27.07
C ALA K 341 -45.61 -25.16 -25.63
N PRO K 342 -45.21 -26.41 -25.39
CA PRO K 342 -44.85 -26.78 -24.02
C PRO K 342 -43.52 -26.17 -23.64
N GLN K 343 -43.58 -25.12 -22.83
CA GLN K 343 -42.41 -24.29 -22.61
C GLN K 343 -41.98 -23.72 -23.96
N PRO K 344 -42.63 -22.68 -24.46
CA PRO K 344 -42.16 -22.11 -25.72
C PRO K 344 -40.74 -21.59 -25.57
N VAL K 345 -40.48 -20.85 -24.51
CA VAL K 345 -39.14 -20.43 -24.15
C VAL K 345 -39.02 -20.64 -22.64
N LEU K 346 -37.89 -21.20 -22.22
CA LEU K 346 -37.49 -21.12 -20.83
C LEU K 346 -36.36 -22.11 -20.55
N VAL K 347 -35.58 -21.87 -19.49
CA VAL K 347 -35.71 -20.71 -18.63
C VAL K 347 -34.79 -19.68 -19.24
N LYS K 348 -33.51 -19.97 -19.11
CA LYS K 348 -32.45 -19.19 -19.70
C LYS K 348 -31.38 -20.18 -20.11
N GLU K 349 -30.13 -19.76 -20.07
CA GLU K 349 -29.04 -20.72 -20.16
C GLU K 349 -28.78 -21.27 -18.77
N SER K 350 -28.34 -20.41 -17.86
CA SER K 350 -27.83 -20.89 -16.58
C SER K 350 -28.94 -21.45 -15.70
N GLU K 351 -30.15 -20.91 -15.80
CA GLU K 351 -31.27 -21.42 -15.03
C GLU K 351 -31.80 -22.74 -15.56
N LEU K 352 -31.86 -22.89 -16.88
CA LEU K 352 -32.22 -24.19 -17.44
C LEU K 352 -31.16 -25.23 -17.10
N VAL K 353 -29.89 -24.83 -17.19
CA VAL K 353 -28.80 -25.70 -16.77
C VAL K 353 -28.94 -26.09 -15.31
N LYS K 354 -29.34 -25.15 -14.46
CA LYS K 354 -29.51 -25.45 -13.05
C LYS K 354 -30.63 -26.47 -12.83
N ASP K 355 -31.74 -26.29 -13.52
CA ASP K 355 -32.84 -27.25 -13.40
C ASP K 355 -32.43 -28.62 -13.90
N THR K 356 -31.74 -28.68 -15.05
CA THR K 356 -31.27 -29.96 -15.55
C THR K 356 -30.27 -30.62 -14.60
N LEU K 357 -29.34 -29.84 -14.06
CA LEU K 357 -28.40 -30.40 -13.09
C LEU K 357 -29.10 -30.90 -11.85
N ASN K 358 -30.16 -30.22 -11.42
CA ASN K 358 -30.95 -30.74 -10.31
C ASN K 358 -31.61 -32.06 -10.67
N VAL K 359 -32.15 -32.15 -11.89
CA VAL K 359 -32.79 -33.39 -12.32
C VAL K 359 -31.77 -34.53 -12.38
N LEU K 360 -30.56 -34.22 -12.84
CA LEU K 360 -29.49 -35.22 -12.89
C LEU K 360 -29.00 -35.59 -11.49
N LEU K 361 -29.06 -34.66 -10.56
CA LEU K 361 -28.76 -35.00 -9.17
C LEU K 361 -29.83 -35.91 -8.59
N GLY K 362 -31.08 -35.69 -8.97
CA GLY K 362 -32.16 -36.58 -8.61
C GLY K 362 -33.34 -35.82 -8.04
N VAL K 363 -33.30 -34.50 -8.20
CA VAL K 363 -34.37 -33.60 -7.77
C VAL K 363 -34.97 -33.05 -9.06
N VAL K 364 -36.24 -33.36 -9.31
CA VAL K 364 -36.75 -33.12 -10.65
C VAL K 364 -36.72 -31.63 -10.95
N SER K 365 -36.48 -31.31 -12.20
CA SER K 365 -36.27 -29.92 -12.60
C SER K 365 -37.61 -29.19 -12.63
N ALA K 366 -37.55 -27.87 -12.71
CA ALA K 366 -38.80 -27.14 -12.63
C ALA K 366 -39.63 -27.32 -13.89
N THR K 367 -39.10 -28.02 -14.90
CA THR K 367 -39.86 -28.41 -16.06
C THR K 367 -39.71 -29.92 -16.32
N PHE K 368 -39.09 -30.65 -15.40
CA PHE K 368 -38.72 -32.04 -15.63
C PHE K 368 -39.07 -32.84 -14.39
N SER K 369 -39.80 -33.93 -14.56
CA SER K 369 -40.00 -34.93 -13.53
C SER K 369 -39.22 -36.19 -13.84
N LEU K 370 -38.70 -36.85 -12.81
CA LEU K 370 -37.82 -37.98 -13.02
C LEU K 370 -38.72 -39.18 -13.31
N CYS K 371 -38.45 -39.87 -14.42
CA CYS K 371 -39.36 -40.90 -14.89
C CYS K 371 -40.75 -40.30 -15.07
N GLN K 372 -40.81 -39.22 -15.85
CA GLN K 372 -42.05 -38.53 -16.18
C GLN K 372 -41.75 -37.47 -17.23
N PRO K 373 -42.54 -37.38 -18.29
CA PRO K 373 -42.29 -36.35 -19.31
C PRO K 373 -42.09 -34.96 -18.74
N ALA K 374 -40.94 -34.38 -19.05
CA ALA K 374 -40.65 -33.01 -18.59
C ALA K 374 -41.66 -32.01 -19.12
N GLN K 375 -41.97 -32.08 -20.40
CA GLN K 375 -42.81 -31.10 -21.08
C GLN K 375 -44.00 -31.77 -21.74
N ALA K 376 -45.09 -31.00 -21.86
CA ALA K 376 -46.35 -31.48 -22.42
C ALA K 376 -46.39 -31.31 -23.94
N PHE K 377 -45.23 -31.26 -24.58
CA PHE K 377 -45.09 -31.29 -26.02
C PHE K 377 -44.54 -32.66 -26.40
N THR K 378 -45.11 -33.26 -27.45
CA THR K 378 -44.61 -34.54 -27.96
C THR K 378 -44.07 -34.45 -29.38
N VAL K 379 -43.81 -33.25 -29.88
CA VAL K 379 -43.14 -33.05 -31.15
C VAL K 379 -41.66 -32.77 -30.89
N LYS K 380 -40.81 -33.03 -31.89
CA LYS K 380 -39.39 -32.78 -31.68
C LYS K 380 -39.12 -31.29 -31.91
N ARG K 381 -39.78 -30.52 -31.06
CA ARG K 381 -39.46 -29.13 -30.77
C ARG K 381 -40.10 -29.02 -29.39
N GLY K 382 -39.30 -29.25 -28.39
CA GLY K 382 -39.72 -29.67 -27.06
C GLY K 382 -39.36 -31.11 -26.73
N VAL K 383 -39.13 -31.97 -27.73
CA VAL K 383 -38.28 -33.13 -27.51
C VAL K 383 -37.23 -33.05 -28.60
N HIS K 384 -36.25 -32.20 -28.42
CA HIS K 384 -35.52 -31.69 -29.57
C HIS K 384 -34.12 -31.30 -29.12
N VAL K 385 -33.08 -31.86 -29.74
CA VAL K 385 -31.76 -31.51 -29.27
C VAL K 385 -31.59 -30.02 -29.43
N SER K 386 -32.19 -29.46 -30.49
CA SER K 386 -32.47 -28.04 -30.62
C SER K 386 -33.23 -27.83 -31.94
N GLY K 387 -34.03 -26.77 -32.01
CA GLY K 387 -34.48 -26.27 -33.29
C GLY K 387 -34.77 -24.79 -33.26
N ALA K 388 -34.57 -24.18 -32.09
CA ALA K 388 -35.01 -22.82 -31.81
C ALA K 388 -36.52 -22.71 -31.90
N SER K 389 -37.21 -23.84 -31.95
CA SER K 389 -38.65 -23.89 -32.13
C SER K 389 -39.32 -23.71 -30.78
N PRO K 390 -40.60 -23.35 -30.76
CA PRO K 390 -41.27 -23.28 -29.47
C PRO K 390 -41.20 -24.65 -28.82
N GLU K 391 -40.77 -24.69 -27.57
CA GLU K 391 -40.46 -25.87 -26.79
C GLU K 391 -39.04 -26.35 -27.10
N SER K 392 -38.38 -25.90 -28.17
CA SER K 392 -37.13 -26.55 -28.51
C SER K 392 -36.05 -26.21 -27.50
N VAL K 393 -36.20 -25.08 -26.79
CA VAL K 393 -35.23 -24.71 -25.77
C VAL K 393 -35.33 -25.68 -24.62
N SER K 394 -36.57 -26.06 -24.26
CA SER K 394 -36.78 -27.12 -23.29
C SER K 394 -36.37 -28.46 -23.87
N SER K 395 -36.42 -28.58 -25.19
CA SER K 395 -36.26 -29.87 -25.84
C SER K 395 -34.82 -30.33 -25.83
N LEU K 396 -33.90 -29.39 -26.04
CA LEU K 396 -32.49 -29.74 -25.96
C LEU K 396 -32.16 -30.36 -24.62
N LEU K 397 -32.72 -29.78 -23.55
CA LEU K 397 -32.58 -30.40 -22.24
C LEU K 397 -33.33 -31.71 -22.17
N SER K 398 -34.51 -31.80 -22.77
CA SER K 398 -35.37 -32.97 -22.58
C SER K 398 -34.77 -34.22 -23.18
N GLU K 399 -34.19 -34.09 -24.38
CA GLU K 399 -33.65 -35.26 -25.05
C GLU K 399 -32.60 -35.93 -24.18
N VAL K 400 -31.72 -35.14 -23.57
CA VAL K 400 -30.76 -35.72 -22.65
C VAL K 400 -31.42 -35.99 -21.31
N ALA K 401 -32.52 -35.31 -21.01
CA ALA K 401 -33.10 -35.34 -19.69
C ALA K 401 -33.67 -36.71 -19.41
N GLU K 402 -34.18 -37.37 -20.43
CA GLU K 402 -34.89 -38.62 -20.15
C GLU K 402 -33.91 -39.62 -19.53
N CYS K 403 -32.67 -39.60 -20.03
CA CYS K 403 -31.59 -40.38 -19.44
C CYS K 403 -31.31 -39.94 -18.00
N GLY K 404 -31.34 -38.63 -17.74
CA GLY K 404 -31.08 -38.16 -16.39
C GLY K 404 -32.18 -38.53 -15.41
N THR K 405 -33.43 -38.52 -15.87
CA THR K 405 -34.54 -38.98 -15.06
C THR K 405 -34.38 -40.47 -14.74
N HIS K 406 -33.98 -41.25 -15.75
CA HIS K 406 -33.70 -42.66 -15.49
C HIS K 406 -32.57 -42.79 -14.48
N TYR K 407 -31.52 -41.99 -14.65
CA TYR K 407 -30.40 -41.99 -13.71
C TYR K 407 -30.87 -41.68 -12.30
N ALA K 408 -31.77 -40.72 -12.16
CA ALA K 408 -32.25 -40.33 -10.85
C ALA K 408 -33.02 -41.47 -10.20
N ARG K 409 -33.92 -42.09 -10.95
CA ARG K 409 -34.67 -43.19 -10.36
C ARG K 409 -33.77 -44.39 -10.07
N LEU K 410 -32.75 -44.61 -10.91
CA LEU K 410 -31.79 -45.67 -10.63
C LEU K 410 -30.95 -45.37 -9.41
N SER K 411 -30.65 -44.09 -9.18
CA SER K 411 -29.86 -43.74 -8.02
C SER K 411 -30.70 -43.86 -6.77
N ASP K 412 -31.99 -43.57 -6.86
CA ASP K 412 -32.89 -43.88 -5.75
C ASP K 412 -32.95 -45.38 -5.51
N PHE K 413 -33.02 -46.18 -6.59
CA PHE K 413 -33.07 -47.63 -6.45
C PHE K 413 -31.85 -48.17 -5.71
N SER K 414 -30.68 -47.63 -6.02
CA SER K 414 -29.43 -48.10 -5.44
C SER K 414 -28.95 -47.21 -4.30
N LEU K 415 -29.79 -46.28 -3.86
CA LEU K 415 -29.35 -45.29 -2.87
C LEU K 415 -29.30 -45.88 -1.46
N GLN K 416 -30.35 -46.58 -1.07
CA GLN K 416 -30.26 -47.26 0.22
C GLN K 416 -29.73 -48.68 0.05
N PRO K 417 -28.90 -49.14 0.99
CA PRO K 417 -28.29 -50.45 0.87
C PRO K 417 -29.23 -51.58 1.28
N VAL K 418 -30.44 -51.25 1.69
CA VAL K 418 -31.41 -52.22 2.16
C VAL K 418 -32.77 -51.82 1.59
N LEU K 419 -33.58 -52.81 1.28
CA LEU K 419 -34.80 -52.58 0.51
C LEU K 419 -35.75 -53.75 0.75
N ASP K 420 -37.02 -53.51 0.51
CA ASP K 420 -38.06 -54.49 0.81
C ASP K 420 -38.11 -55.58 -0.25
N SER K 421 -38.45 -56.79 0.19
CA SER K 421 -38.94 -57.85 -0.67
C SER K 421 -37.78 -58.66 -1.25
N SER K 422 -37.32 -58.30 -2.45
CA SER K 422 -36.22 -59.00 -3.09
C SER K 422 -34.87 -58.35 -2.85
N CYS K 423 -34.77 -57.53 -1.79
CA CYS K 423 -33.56 -56.77 -1.53
C CYS K 423 -33.27 -56.67 -0.04
N SER K 424 -34.05 -57.32 0.81
CA SER K 424 -33.83 -57.28 2.25
C SER K 424 -32.88 -58.40 2.65
N LYS K 425 -32.15 -58.17 3.72
CA LYS K 425 -31.04 -59.03 4.10
C LYS K 425 -29.98 -59.03 3.00
N GLY K 426 -28.81 -59.59 3.29
CA GLY K 426 -27.72 -59.62 2.35
C GLY K 426 -26.70 -58.53 2.56
N LEU K 427 -25.52 -58.92 3.06
CA LEU K 427 -24.48 -57.94 3.28
C LEU K 427 -23.79 -57.58 1.98
N VAL K 428 -23.58 -58.56 1.10
CA VAL K 428 -23.08 -58.24 -0.23
C VAL K 428 -24.03 -57.32 -0.97
N PHE K 429 -25.34 -57.47 -0.72
CA PHE K 429 -26.30 -56.58 -1.35
C PHE K 429 -26.20 -55.17 -0.76
N GLN K 430 -26.01 -55.07 0.55
CA GLN K 430 -25.83 -53.76 1.15
C GLN K 430 -24.57 -53.08 0.66
N ALA K 431 -23.47 -53.82 0.56
CA ALA K 431 -22.23 -53.26 0.01
C ALA K 431 -22.41 -52.81 -1.43
N PHE K 432 -23.04 -53.64 -2.26
CA PHE K 432 -23.26 -53.27 -3.66
C PHE K 432 -24.10 -52.01 -3.76
N THR K 433 -25.22 -51.97 -3.04
CA THR K 433 -26.10 -50.82 -3.12
C THR K 433 -25.43 -49.57 -2.58
N SER K 434 -24.64 -49.70 -1.50
CA SER K 434 -23.94 -48.55 -0.95
C SER K 434 -22.89 -48.02 -1.92
N GLY K 435 -22.16 -48.91 -2.59
CA GLY K 435 -21.17 -48.44 -3.53
C GLY K 435 -21.80 -47.81 -4.76
N LEU K 436 -22.94 -48.37 -5.19
CA LEU K 436 -23.64 -47.74 -6.30
C LEU K 436 -24.15 -46.37 -5.89
N ARG K 437 -24.71 -46.23 -4.68
CA ARG K 437 -25.13 -44.92 -4.23
C ARG K 437 -23.95 -43.97 -4.17
N ARG K 438 -22.77 -44.50 -3.84
CA ARG K 438 -21.56 -43.67 -3.82
C ARG K 438 -21.27 -43.12 -5.20
N TYR K 439 -21.38 -43.96 -6.22
CA TYR K 439 -21.09 -43.50 -7.57
C TYR K 439 -22.20 -42.58 -8.08
N LEU K 440 -23.45 -42.85 -7.71
CA LEU K 440 -24.54 -41.95 -8.05
C LEU K 440 -24.32 -40.58 -7.44
N GLN K 441 -23.89 -40.55 -6.18
CA GLN K 441 -23.60 -39.30 -5.50
C GLN K 441 -22.44 -38.57 -6.18
N TYR K 442 -21.41 -39.31 -6.57
CA TYR K 442 -20.29 -38.66 -7.23
C TYR K 442 -20.72 -38.09 -8.58
N TYR K 443 -21.55 -38.82 -9.32
CA TYR K 443 -22.11 -38.31 -10.57
C TYR K 443 -22.92 -37.05 -10.32
N ARG K 444 -23.77 -37.07 -9.30
CA ARG K 444 -24.62 -35.92 -9.02
C ARG K 444 -23.81 -34.73 -8.55
N ALA K 445 -22.69 -34.96 -7.87
CA ALA K 445 -21.89 -33.82 -7.45
C ALA K 445 -21.03 -33.33 -8.61
N CYS K 446 -20.70 -34.22 -9.54
CA CYS K 446 -19.95 -33.78 -10.71
C CYS K 446 -20.82 -32.87 -11.55
N VAL K 447 -22.10 -33.23 -11.70
CA VAL K 447 -23.05 -32.36 -12.37
C VAL K 447 -23.50 -31.27 -11.42
N LEU K 448 -23.78 -30.10 -11.98
CA LEU K 448 -23.95 -28.88 -11.18
C LEU K 448 -22.82 -28.72 -10.18
N SER K 449 -21.61 -29.08 -10.60
CA SER K 449 -20.40 -28.52 -10.00
C SER K 449 -19.32 -28.32 -11.03
N THR K 450 -19.39 -29.06 -12.13
CA THR K 450 -18.49 -28.84 -13.24
C THR K 450 -19.15 -27.86 -14.21
N PRO K 451 -20.41 -28.09 -14.56
CA PRO K 451 -21.05 -27.24 -15.57
C PRO K 451 -22.04 -26.30 -14.93
N PRO K 452 -21.55 -25.31 -14.18
CA PRO K 452 -22.45 -24.22 -13.77
C PRO K 452 -22.48 -23.20 -14.88
N THR K 453 -23.68 -22.90 -15.39
CA THR K 453 -23.86 -21.90 -16.43
C THR K 453 -23.17 -22.34 -17.72
N LEU K 454 -23.39 -23.60 -18.09
CA LEU K 454 -22.97 -24.14 -19.38
C LEU K 454 -24.19 -24.38 -20.25
N SER K 455 -24.09 -24.07 -21.54
CA SER K 455 -25.18 -24.38 -22.47
C SER K 455 -25.59 -25.84 -22.39
N LEU K 456 -26.83 -26.13 -22.82
CA LEU K 456 -27.31 -27.50 -22.80
C LEU K 456 -26.38 -28.41 -23.57
N LEU K 457 -25.87 -27.93 -24.70
CA LEU K 457 -25.05 -28.78 -25.56
C LEU K 457 -23.80 -29.23 -24.82
N THR K 458 -23.14 -28.31 -24.11
CA THR K 458 -21.97 -28.71 -23.34
C THR K 458 -22.36 -29.64 -22.22
N ILE K 459 -23.46 -29.35 -21.53
CA ILE K 459 -23.90 -30.21 -20.45
C ILE K 459 -24.13 -31.63 -20.96
N GLY K 460 -24.84 -31.75 -22.09
CA GLY K 460 -25.15 -33.06 -22.61
C GLY K 460 -23.92 -33.78 -23.13
N PHE K 461 -23.02 -33.05 -23.78
CA PHE K 461 -21.82 -33.67 -24.31
C PHE K 461 -20.94 -34.17 -23.16
N LEU K 462 -20.75 -33.34 -22.13
CA LEU K 462 -19.91 -33.74 -21.01
C LEU K 462 -20.52 -34.93 -20.27
N PHE K 463 -21.85 -34.94 -20.11
CA PHE K 463 -22.48 -35.99 -19.32
C PHE K 463 -22.88 -37.21 -20.13
N LYS K 464 -22.71 -37.21 -21.45
CA LYS K 464 -23.09 -38.37 -22.25
C LYS K 464 -22.28 -39.61 -21.86
N LYS K 465 -20.97 -39.45 -21.64
CA LYS K 465 -20.10 -40.58 -21.35
C LYS K 465 -20.32 -41.13 -19.96
N LEU K 466 -21.01 -40.39 -19.11
CA LEU K 466 -21.37 -40.83 -17.78
C LEU K 466 -22.76 -41.42 -17.76
N GLY K 467 -23.70 -40.78 -18.47
CA GLY K 467 -25.06 -41.25 -18.53
C GLY K 467 -25.21 -42.54 -19.30
N ARG K 468 -24.35 -42.78 -20.29
CA ARG K 468 -24.43 -44.07 -20.97
C ARG K 468 -24.03 -45.21 -20.05
N GLN K 469 -22.99 -45.00 -19.24
CA GLN K 469 -22.61 -45.99 -18.24
C GLN K 469 -23.70 -46.13 -17.20
N LEU K 470 -24.33 -45.02 -16.81
CA LEU K 470 -25.44 -45.08 -15.88
C LEU K 470 -26.60 -45.87 -16.45
N ARG K 471 -26.91 -45.68 -17.74
CA ARG K 471 -28.04 -46.38 -18.33
C ARG K 471 -27.75 -47.86 -18.43
N TYR K 472 -26.49 -48.22 -18.73
CA TYR K 472 -26.10 -49.62 -18.72
C TYR K 472 -26.26 -50.22 -17.34
N LEU K 473 -25.87 -49.49 -16.30
CA LEU K 473 -26.04 -49.98 -14.94
C LEU K 473 -27.50 -49.97 -14.51
N ALA K 474 -28.30 -49.08 -15.09
CA ALA K 474 -29.73 -49.07 -14.84
C ALA K 474 -30.39 -50.31 -15.43
N GLU K 475 -29.93 -50.75 -16.60
CA GLU K 475 -30.42 -52.02 -17.09
C GLU K 475 -29.94 -53.12 -16.18
N LEU K 476 -28.72 -52.97 -15.65
CA LEU K 476 -28.20 -53.91 -14.67
C LEU K 476 -28.97 -53.83 -13.36
N CYS K 477 -29.35 -52.63 -12.93
CA CYS K 477 -29.98 -52.46 -11.62
C CYS K 477 -31.44 -51.99 -11.73
N GLY K 478 -31.98 -51.56 -10.58
CA GLY K 478 -33.38 -51.26 -10.40
C GLY K 478 -33.89 -50.00 -11.10
N VAL K 479 -35.13 -49.66 -10.72
CA VAL K 479 -35.95 -48.63 -11.35
C VAL K 479 -35.15 -47.37 -11.63
N GLY K 480 -35.43 -46.72 -12.75
CA GLY K 480 -34.57 -45.69 -13.28
C GLY K 480 -34.15 -46.01 -14.70
N THR K 481 -34.95 -46.85 -15.34
CA THR K 481 -34.58 -47.47 -16.61
C THR K 481 -35.85 -47.93 -17.29
N ALA K 482 -35.73 -48.24 -18.57
CA ALA K 482 -36.84 -48.84 -19.29
C ALA K 482 -36.87 -50.35 -19.06
N LEU K 483 -35.90 -50.88 -18.34
CA LEU K 483 -35.96 -52.23 -17.78
C LEU K 483 -35.79 -52.10 -16.27
N PRO K 484 -36.86 -52.22 -15.50
CA PRO K 484 -36.72 -52.31 -14.04
C PRO K 484 -35.84 -53.48 -13.60
N GLY K 485 -34.85 -53.17 -12.79
CA GLY K 485 -33.82 -54.15 -12.49
C GLY K 485 -33.08 -54.61 -13.74
N THR K 486 -32.29 -55.66 -13.54
CA THR K 486 -31.79 -56.45 -14.66
C THR K 486 -32.72 -57.64 -14.84
N GLY K 487 -33.23 -57.78 -16.06
CA GLY K 487 -34.24 -58.78 -16.34
C GLY K 487 -35.62 -58.16 -16.30
N GLY K 488 -36.51 -58.54 -17.22
CA GLY K 488 -37.79 -57.87 -17.21
C GLY K 488 -37.69 -56.37 -17.43
N GLY K 489 -38.83 -55.72 -17.25
CA GLY K 489 -38.92 -54.28 -17.29
C GLY K 489 -39.95 -53.76 -16.31
N GLU K 490 -40.12 -54.50 -15.22
CA GLU K 490 -41.20 -54.32 -14.26
C GLU K 490 -40.68 -54.60 -12.86
N PRO K 491 -41.47 -54.31 -11.83
CA PRO K 491 -40.99 -54.52 -10.45
C PRO K 491 -40.91 -55.98 -10.03
N ARG K 492 -40.90 -56.91 -10.98
CA ARG K 492 -40.68 -58.32 -10.70
C ARG K 492 -39.43 -58.86 -11.38
N ALA K 493 -38.40 -58.02 -11.49
CA ALA K 493 -37.21 -58.42 -12.24
C ALA K 493 -36.42 -59.46 -11.47
N ALA K 494 -35.68 -60.29 -12.21
CA ALA K 494 -34.92 -61.38 -11.60
C ALA K 494 -33.74 -60.89 -10.78
N PHE K 495 -33.38 -59.61 -10.84
CA PHE K 495 -32.23 -59.10 -10.10
C PHE K 495 -32.19 -59.75 -8.72
N PRO K 496 -31.14 -60.51 -8.41
CA PRO K 496 -31.03 -61.13 -7.09
C PRO K 496 -30.72 -60.12 -5.99
N THR K 497 -30.73 -60.64 -4.76
CA THR K 497 -30.24 -59.93 -3.60
C THR K 497 -29.65 -60.93 -2.63
N GLY K 498 -28.77 -60.45 -1.74
CA GLY K 498 -28.18 -61.32 -0.74
C GLY K 498 -27.38 -62.39 -1.44
N VAL K 499 -27.42 -63.62 -0.90
CA VAL K 499 -26.61 -64.69 -1.46
C VAL K 499 -27.08 -64.97 -2.88
N ARG K 500 -28.38 -64.81 -3.12
CA ARG K 500 -28.92 -64.90 -4.46
C ARG K 500 -28.26 -63.87 -5.37
N LEU K 501 -27.98 -62.69 -4.84
CA LEU K 501 -27.25 -61.68 -5.60
C LEU K 501 -25.78 -62.06 -5.79
N LEU K 502 -25.17 -62.70 -4.79
CA LEU K 502 -23.79 -63.12 -4.95
C LEU K 502 -23.67 -64.16 -6.06
N SER K 503 -24.70 -64.97 -6.24
CA SER K 503 -24.83 -65.71 -7.50
C SER K 503 -25.02 -64.78 -8.69
N TYR K 504 -26.19 -64.13 -8.75
CA TYR K 504 -26.59 -63.31 -9.90
C TYR K 504 -25.46 -62.47 -10.50
N LEU K 505 -24.73 -61.77 -9.63
CA LEU K 505 -23.69 -60.86 -10.09
C LEU K 505 -22.57 -61.55 -10.85
N TYR K 506 -22.26 -62.79 -10.52
CA TYR K 506 -21.13 -63.44 -11.20
C TYR K 506 -21.45 -63.66 -12.67
N GLN K 507 -22.66 -64.14 -12.96
CA GLN K 507 -23.07 -64.28 -14.35
C GLN K 507 -23.32 -62.94 -15.02
N GLU K 508 -23.94 -61.98 -14.32
CA GLU K 508 -24.07 -60.67 -14.94
C GLU K 508 -22.73 -60.05 -15.27
N ALA K 509 -21.72 -60.29 -14.43
CA ALA K 509 -20.38 -59.75 -14.63
C ALA K 509 -19.69 -60.41 -15.81
N LEU K 510 -19.80 -61.73 -15.93
CA LEU K 510 -19.21 -62.36 -17.11
C LEU K 510 -20.00 -62.00 -18.36
N ASP K 511 -21.33 -62.09 -18.28
CA ASP K 511 -22.17 -61.97 -19.46
C ASP K 511 -22.11 -60.57 -20.06
N ASN K 512 -21.99 -59.54 -19.23
CA ASN K 512 -21.78 -58.20 -19.76
C ASN K 512 -20.83 -57.39 -18.90
N CYS K 513 -19.83 -56.79 -19.55
CA CYS K 513 -19.02 -55.72 -18.97
C CYS K 513 -18.57 -54.76 -20.05
N SER K 514 -19.35 -54.61 -21.12
CA SER K 514 -18.88 -54.10 -22.39
C SER K 514 -18.95 -52.59 -22.56
N ASN K 515 -19.46 -51.85 -21.58
CA ASN K 515 -19.43 -50.40 -21.72
C ASN K 515 -18.24 -49.79 -20.98
N GLU K 516 -18.33 -49.73 -19.66
CA GLU K 516 -17.30 -49.07 -18.87
C GLU K 516 -17.16 -49.72 -17.49
N HIS K 517 -17.69 -50.92 -17.30
CA HIS K 517 -17.83 -51.49 -15.98
C HIS K 517 -16.66 -52.35 -15.55
N TYR K 518 -15.57 -52.44 -16.33
CA TYR K 518 -14.54 -53.39 -15.96
C TYR K 518 -13.95 -53.04 -14.60
N PRO K 519 -13.51 -51.80 -14.37
CA PRO K 519 -13.00 -51.48 -13.03
C PRO K 519 -14.13 -51.45 -12.02
N VAL K 520 -15.28 -50.93 -12.45
CA VAL K 520 -16.43 -50.77 -11.57
C VAL K 520 -17.01 -52.12 -11.23
N LEU K 521 -17.16 -52.98 -12.22
CA LEU K 521 -17.66 -54.32 -11.97
C LEU K 521 -16.68 -55.11 -11.10
N LEU K 522 -15.38 -54.90 -11.29
CA LEU K 522 -14.41 -55.57 -10.43
C LEU K 522 -14.58 -55.13 -8.99
N SER K 523 -14.73 -53.82 -8.76
CA SER K 523 -14.94 -53.34 -7.41
C SER K 523 -16.26 -53.84 -6.84
N LEU K 524 -17.30 -53.90 -7.67
CA LEU K 524 -18.59 -54.37 -7.22
C LEU K 524 -18.54 -55.83 -6.84
N LEU K 525 -17.86 -56.65 -7.65
CA LEU K 525 -17.71 -58.05 -7.31
C LEU K 525 -16.92 -58.21 -6.03
N LYS K 526 -15.89 -57.37 -5.83
CA LYS K 526 -15.11 -57.45 -4.61
C LYS K 526 -15.98 -57.17 -3.40
N THR K 527 -16.74 -56.07 -3.45
CA THR K 527 -17.55 -55.69 -2.30
C THR K 527 -18.71 -56.66 -2.10
N SER K 528 -19.27 -57.20 -3.17
CA SER K 528 -20.31 -58.21 -3.03
C SER K 528 -19.75 -59.49 -2.44
N CYS K 529 -18.47 -59.78 -2.70
CA CYS K 529 -17.90 -60.99 -2.14
C CYS K 529 -17.45 -60.75 -0.72
N GLU K 530 -17.31 -59.48 -0.34
CA GLU K 530 -16.85 -59.18 1.01
C GLU K 530 -17.79 -59.77 2.06
N PRO K 531 -19.12 -59.72 1.89
CA PRO K 531 -19.97 -60.45 2.83
C PRO K 531 -19.89 -61.96 2.62
N TYR K 532 -19.76 -62.39 1.36
CA TYR K 532 -19.59 -63.81 1.09
C TYR K 532 -18.24 -64.29 1.63
N THR K 533 -17.19 -63.51 1.41
CA THR K 533 -15.88 -63.87 1.94
C THR K 533 -15.84 -63.83 3.46
N ARG K 534 -16.56 -62.89 4.07
CA ARG K 534 -16.75 -62.92 5.51
C ARG K 534 -17.38 -64.24 5.97
N PHE K 535 -18.55 -64.55 5.43
CA PHE K 535 -19.25 -65.77 5.81
C PHE K 535 -18.39 -67.01 5.60
N ILE K 536 -17.65 -67.05 4.49
CA ILE K 536 -16.78 -68.19 4.23
C ILE K 536 -15.53 -68.20 5.09
N HIS K 537 -15.07 -67.06 5.58
CA HIS K 537 -13.98 -67.13 6.54
C HIS K 537 -14.53 -67.67 7.85
N ASP K 538 -15.74 -67.26 8.20
CA ASP K 538 -16.30 -67.66 9.48
C ASP K 538 -16.44 -69.17 9.49
N TRP K 539 -16.98 -69.72 8.39
CA TRP K 539 -17.21 -71.15 8.30
C TRP K 539 -15.89 -71.91 8.18
N VAL K 540 -14.93 -71.38 7.42
CA VAL K 540 -13.67 -72.08 7.19
C VAL K 540 -12.85 -72.12 8.47
N TYR K 541 -12.97 -71.09 9.30
CA TYR K 541 -12.10 -70.92 10.46
C TYR K 541 -12.82 -71.27 11.76
N SER K 542 -14.15 -71.29 11.76
CA SER K 542 -14.92 -71.65 12.95
C SER K 542 -15.99 -72.68 12.67
N GLY K 543 -16.14 -73.13 11.43
CA GLY K 543 -17.00 -74.26 11.16
C GLY K 543 -18.49 -74.00 11.26
N VAL K 544 -18.91 -72.73 11.26
CA VAL K 544 -20.32 -72.39 11.21
C VAL K 544 -20.56 -71.30 10.18
N PHE K 545 -21.62 -71.47 9.40
CA PHE K 545 -22.09 -70.47 8.44
C PHE K 545 -23.33 -69.80 9.02
N ARG K 546 -23.38 -68.47 8.93
CA ARG K 546 -24.46 -67.68 9.51
C ARG K 546 -25.50 -67.36 8.44
N ASP K 547 -26.76 -67.65 8.74
CA ASP K 547 -27.89 -67.05 8.04
C ASP K 547 -28.70 -66.20 9.01
N VAL K 548 -29.18 -65.06 8.51
CA VAL K 548 -30.04 -64.18 9.28
C VAL K 548 -31.50 -64.25 8.81
N TYR K 549 -31.74 -64.48 7.53
CA TYR K 549 -33.07 -64.71 6.99
C TYR K 549 -33.16 -66.07 6.34
N GLY K 550 -32.19 -66.43 5.51
CA GLY K 550 -32.17 -67.70 4.81
C GLY K 550 -32.78 -67.66 3.43
N GLU K 551 -31.92 -67.61 2.41
CA GLU K 551 -32.38 -67.68 1.03
C GLU K 551 -31.27 -68.22 0.15
N PHE K 552 -30.37 -69.03 0.70
CA PHE K 552 -29.16 -69.43 -0.01
C PHE K 552 -28.89 -70.92 0.20
N MET K 553 -28.07 -71.47 -0.70
CA MET K 553 -27.72 -72.89 -0.64
C MET K 553 -26.86 -73.16 0.58
N ILE K 554 -25.82 -72.37 0.79
CA ILE K 554 -24.91 -72.56 1.92
C ILE K 554 -25.60 -72.05 3.17
N GLN K 555 -25.56 -72.85 4.23
CA GLN K 555 -26.05 -72.45 5.54
C GLN K 555 -25.45 -73.38 6.57
N VAL K 556 -25.50 -72.95 7.82
CA VAL K 556 -25.31 -73.85 8.96
C VAL K 556 -26.65 -74.00 9.68
N ASN K 557 -26.95 -75.24 10.07
CA ASN K 557 -28.09 -75.55 10.90
C ASN K 557 -27.66 -76.65 11.88
N HIS K 558 -26.57 -76.37 12.61
CA HIS K 558 -25.82 -77.42 13.26
C HIS K 558 -26.67 -78.16 14.27
N GLU K 559 -26.48 -79.47 14.32
CA GLU K 559 -26.98 -80.25 15.45
C GLU K 559 -26.22 -79.88 16.71
N TYR K 560 -26.88 -80.06 17.86
CA TYR K 560 -26.29 -79.68 19.13
C TYR K 560 -25.05 -80.51 19.41
N LEU K 561 -24.22 -80.00 20.31
CA LEU K 561 -23.06 -80.73 20.81
C LEU K 561 -23.37 -81.57 22.04
N GLY K 562 -24.61 -81.56 22.51
CA GLY K 562 -24.99 -82.43 23.61
C GLY K 562 -25.30 -83.84 23.15
N CYS K 563 -25.83 -84.00 21.94
CA CYS K 563 -26.00 -85.31 21.33
C CYS K 563 -24.67 -85.78 20.77
N ARG K 564 -24.14 -86.87 21.33
CA ARG K 564 -22.88 -87.46 20.88
C ARG K 564 -23.10 -88.75 20.12
N ASP K 565 -24.32 -89.00 19.64
CA ASP K 565 -24.61 -90.11 18.75
C ASP K 565 -24.48 -89.73 17.27
N LYS K 566 -24.05 -88.51 16.96
CA LYS K 566 -23.80 -88.15 15.57
C LYS K 566 -22.39 -88.57 15.17
N SER K 567 -22.10 -88.37 13.88
CA SER K 567 -20.73 -88.36 13.36
C SER K 567 -20.20 -86.94 13.14
N TYR K 568 -21.01 -85.92 13.36
CA TYR K 568 -20.64 -84.51 13.32
C TYR K 568 -20.58 -83.98 11.89
N TRP K 569 -20.95 -84.79 10.89
CA TRP K 569 -21.10 -84.32 9.52
C TRP K 569 -22.56 -84.08 9.15
N THR K 570 -23.44 -83.94 10.14
CA THR K 570 -24.87 -83.79 9.93
C THR K 570 -25.33 -82.34 10.01
N HIS K 571 -24.39 -81.39 9.98
CA HIS K 571 -24.75 -79.99 10.10
C HIS K 571 -25.55 -79.52 8.90
N GLY K 572 -26.20 -78.38 9.07
CA GLY K 572 -27.07 -77.82 8.05
C GLY K 572 -26.43 -77.68 6.68
N TYR K 573 -27.21 -78.00 5.64
CA TYR K 573 -26.82 -77.67 4.27
C TYR K 573 -28.04 -77.49 3.39
N VAL K 574 -29.18 -77.12 3.98
CA VAL K 574 -30.43 -77.07 3.24
C VAL K 574 -30.29 -76.08 2.09
N LEU K 575 -30.70 -76.50 0.91
CA LEU K 575 -30.46 -75.71 -0.29
C LEU K 575 -31.49 -74.59 -0.40
N VAL K 576 -31.09 -73.52 -1.07
CA VAL K 576 -32.01 -72.50 -1.54
C VAL K 576 -31.74 -72.23 -3.01
N SER K 577 -32.81 -71.95 -3.75
CA SER K 577 -32.69 -71.46 -5.12
C SER K 577 -32.26 -70.00 -5.13
N LYS K 578 -31.28 -69.67 -5.95
CA LYS K 578 -30.87 -68.27 -6.05
C LYS K 578 -31.94 -67.47 -6.80
N GLU K 579 -31.76 -66.15 -6.78
CA GLU K 579 -32.60 -65.23 -7.53
C GLU K 579 -32.17 -65.02 -8.97
N VAL K 580 -31.16 -65.74 -9.44
CA VAL K 580 -30.71 -65.65 -10.82
C VAL K 580 -30.76 -67.03 -11.45
N GLU K 581 -31.13 -67.10 -12.73
CA GLU K 581 -30.97 -68.31 -13.51
C GLU K 581 -30.57 -68.07 -14.95
N ALA K 582 -30.33 -66.82 -15.37
CA ALA K 582 -30.02 -66.50 -16.76
C ALA K 582 -28.52 -66.67 -16.90
N CYS K 583 -28.11 -67.79 -17.50
CA CYS K 583 -26.72 -68.25 -17.47
C CYS K 583 -26.43 -68.85 -16.10
N VAL K 584 -27.41 -68.89 -15.20
CA VAL K 584 -27.27 -69.39 -13.83
C VAL K 584 -26.03 -68.77 -13.19
N PRO K 585 -26.09 -67.50 -12.78
CA PRO K 585 -24.98 -66.93 -12.01
C PRO K 585 -24.68 -67.73 -10.76
N VAL K 586 -23.39 -67.88 -10.49
CA VAL K 586 -22.89 -68.73 -9.41
C VAL K 586 -21.72 -68.02 -8.72
N PHE K 587 -21.47 -68.41 -7.49
CA PHE K 587 -20.20 -68.09 -6.86
C PHE K 587 -19.14 -69.04 -7.43
N LEU K 588 -17.91 -68.92 -6.95
CA LEU K 588 -16.87 -69.82 -7.43
C LEU K 588 -17.15 -71.22 -6.91
N LYS K 589 -17.53 -72.13 -7.81
CA LYS K 589 -17.95 -73.43 -7.35
C LYS K 589 -16.77 -74.30 -6.96
N HIS K 590 -15.56 -73.92 -7.37
CA HIS K 590 -14.38 -74.66 -6.94
C HIS K 590 -14.31 -74.68 -5.43
N VAL K 591 -14.62 -73.54 -4.80
CA VAL K 591 -14.68 -73.42 -3.36
C VAL K 591 -16.09 -73.55 -2.80
N ALA K 592 -17.14 -73.57 -3.63
CA ALA K 592 -18.48 -73.53 -3.08
C ALA K 592 -18.81 -74.82 -2.33
N HIS K 593 -18.43 -75.98 -2.89
CA HIS K 593 -18.49 -77.23 -2.15
C HIS K 593 -17.41 -77.30 -1.07
N ASP K 594 -16.23 -76.75 -1.37
CA ASP K 594 -15.11 -76.84 -0.44
C ASP K 594 -15.44 -76.19 0.89
N VAL K 595 -16.03 -74.99 0.85
CA VAL K 595 -16.42 -74.31 2.08
C VAL K 595 -17.47 -75.12 2.83
N TYR K 596 -18.40 -75.72 2.08
CA TYR K 596 -19.48 -76.47 2.71
C TYR K 596 -18.92 -77.64 3.51
N VAL K 597 -17.95 -78.35 2.95
CA VAL K 597 -17.37 -79.49 3.66
C VAL K 597 -16.39 -79.00 4.73
N CYS K 598 -15.62 -77.96 4.42
CA CYS K 598 -14.60 -77.47 5.34
C CYS K 598 -15.23 -76.94 6.62
N GLY K 599 -16.36 -76.25 6.52
CA GLY K 599 -16.99 -75.72 7.72
C GLY K 599 -17.59 -76.82 8.57
N LYS K 600 -18.11 -77.87 7.95
CA LYS K 600 -18.62 -79.00 8.72
C LYS K 600 -17.48 -79.72 9.43
N THR K 601 -16.34 -79.88 8.75
CA THR K 601 -15.18 -80.46 9.40
C THR K 601 -14.65 -79.57 10.51
N ILE K 602 -14.66 -78.26 10.32
CA ILE K 602 -14.25 -77.32 11.36
C ILE K 602 -15.16 -77.43 12.58
N ASN K 603 -16.47 -77.53 12.34
CA ASN K 603 -17.40 -77.73 13.45
C ASN K 603 -17.14 -79.04 14.17
N LEU K 604 -16.85 -80.11 13.42
CA LEU K 604 -16.55 -81.39 14.05
C LEU K 604 -15.25 -81.34 14.86
N LEU K 605 -14.24 -80.64 14.34
CA LEU K 605 -12.95 -80.52 15.03
C LEU K 605 -12.97 -79.56 16.21
N LYS K 606 -13.89 -78.59 16.22
CA LYS K 606 -13.95 -77.66 17.35
C LYS K 606 -14.46 -78.32 18.62
N LEU K 607 -14.97 -79.54 18.57
CA LEU K 607 -15.29 -80.25 19.79
C LEU K 607 -14.03 -80.49 20.61
N CYS K 608 -12.92 -80.79 19.94
CA CYS K 608 -11.63 -81.04 20.58
C CYS K 608 -10.64 -79.90 20.39
N CYS K 609 -10.99 -78.88 19.61
CA CYS K 609 -10.10 -77.75 19.38
C CYS K 609 -10.75 -76.44 19.81
N VAL K 1359 -15.63 -61.82 -19.64
CA VAL K 1359 -15.57 -61.67 -18.20
C VAL K 1359 -15.60 -60.20 -17.84
N GLN K 1360 -14.53 -59.49 -18.17
CA GLN K 1360 -14.54 -58.04 -18.23
C GLN K 1360 -14.60 -57.61 -19.67
N PRO K 1361 -15.74 -57.12 -20.18
CA PRO K 1361 -15.79 -56.63 -21.56
C PRO K 1361 -15.56 -55.15 -21.69
N ASP K 1362 -15.58 -54.39 -20.59
CA ASP K 1362 -15.16 -53.01 -20.65
C ASP K 1362 -13.66 -52.97 -20.81
N THR K 1363 -13.18 -52.14 -21.72
CA THR K 1363 -11.74 -52.06 -21.96
C THR K 1363 -11.14 -51.16 -20.88
N ASP K 1364 -10.46 -51.77 -19.92
CA ASP K 1364 -9.57 -51.04 -19.02
C ASP K 1364 -8.11 -51.40 -19.28
N PRO K 1375 -4.11 -59.05 -12.45
CA PRO K 1375 -5.32 -59.46 -13.16
C PRO K 1375 -6.31 -58.33 -13.35
N LEU K 1376 -5.83 -57.20 -13.91
CA LEU K 1376 -6.71 -56.05 -14.08
C LEU K 1376 -7.75 -56.31 -15.15
N PRO K 1377 -7.39 -56.58 -16.41
CA PRO K 1377 -8.33 -57.23 -17.31
C PRO K 1377 -8.57 -58.67 -16.88
N VAL K 1378 -9.74 -59.19 -17.25
CA VAL K 1378 -10.14 -60.54 -16.88
C VAL K 1378 -10.78 -60.44 -15.50
N LEU K 1379 -12.04 -60.84 -15.39
CA LEU K 1379 -12.65 -61.04 -14.08
C LEU K 1379 -12.52 -62.49 -13.66
N MET K 1380 -12.27 -62.69 -12.38
CA MET K 1380 -12.03 -64.01 -11.82
C MET K 1380 -12.35 -63.92 -10.34
N LYS K 1381 -12.25 -65.05 -9.63
CA LYS K 1381 -12.26 -65.04 -8.18
C LYS K 1381 -11.08 -65.79 -7.59
N HIS K 1382 -10.07 -66.11 -8.40
CA HIS K 1382 -9.00 -66.95 -7.89
C HIS K 1382 -8.02 -66.18 -7.03
N SER K 1383 -7.92 -64.86 -7.22
CA SER K 1383 -7.12 -64.05 -6.30
C SER K 1383 -7.71 -64.04 -4.90
N VAL K 1384 -9.03 -64.21 -4.79
CA VAL K 1384 -9.67 -64.33 -3.48
C VAL K 1384 -9.82 -65.77 -3.03
N THR K 1385 -10.00 -66.71 -3.96
CA THR K 1385 -10.24 -68.09 -3.58
C THR K 1385 -9.01 -68.70 -2.89
N ALA K 1386 -7.83 -68.40 -3.40
CA ALA K 1386 -6.62 -69.03 -2.87
C ALA K 1386 -6.39 -68.74 -1.40
N PRO K 1387 -6.48 -67.49 -0.92
CA PRO K 1387 -6.32 -67.26 0.52
C PRO K 1387 -7.41 -67.86 1.38
N LEU K 1388 -8.57 -68.16 0.80
CA LEU K 1388 -9.64 -68.81 1.56
C LEU K 1388 -9.44 -70.31 1.59
N ALA K 1389 -9.20 -70.90 0.42
CA ALA K 1389 -8.90 -72.33 0.33
C ALA K 1389 -7.69 -72.71 1.16
N ALA K 1390 -6.72 -71.81 1.30
CA ALA K 1390 -5.55 -72.13 2.12
C ALA K 1390 -5.96 -72.41 3.56
N HIS K 1391 -6.92 -71.64 4.08
CA HIS K 1391 -7.29 -71.84 5.48
C HIS K 1391 -8.30 -72.96 5.61
N VAL K 1392 -9.17 -73.13 4.61
CA VAL K 1392 -10.09 -74.26 4.63
C VAL K 1392 -9.30 -75.56 4.67
N SER K 1393 -8.29 -75.66 3.80
CA SER K 1393 -7.45 -76.85 3.74
C SER K 1393 -6.65 -77.02 5.02
N LEU K 1394 -6.15 -75.93 5.59
CA LEU K 1394 -5.42 -76.05 6.86
C LEU K 1394 -6.32 -76.61 7.95
N VAL K 1395 -7.55 -76.09 8.04
CA VAL K 1395 -8.49 -76.58 9.05
C VAL K 1395 -8.80 -78.06 8.83
N ASN K 1396 -9.08 -78.45 7.59
CA ASN K 1396 -9.37 -79.85 7.30
C ASN K 1396 -8.18 -80.75 7.65
N LYS K 1397 -6.97 -80.32 7.26
CA LYS K 1397 -5.78 -81.09 7.57
C LYS K 1397 -5.62 -81.26 9.07
N ALA K 1398 -5.78 -80.16 9.82
CA ALA K 1398 -5.64 -80.24 11.27
C ALA K 1398 -6.68 -81.15 11.88
N ALA K 1399 -7.93 -81.08 11.40
CA ALA K 1399 -8.98 -81.95 11.93
C ALA K 1399 -8.66 -83.42 11.70
N VAL K 1400 -8.24 -83.76 10.48
CA VAL K 1400 -8.02 -85.17 10.18
C VAL K 1400 -6.74 -85.66 10.86
N ASP K 1401 -5.72 -84.80 10.99
CA ASP K 1401 -4.53 -85.17 11.73
C ASP K 1401 -4.85 -85.41 13.20
N TYR K 1402 -5.66 -84.54 13.81
CA TYR K 1402 -6.13 -84.78 15.16
C TYR K 1402 -6.86 -86.12 15.28
N PHE K 1403 -7.70 -86.44 14.30
CA PHE K 1403 -8.33 -87.76 14.27
C PHE K 1403 -7.28 -88.88 14.23
N PHE K 1404 -6.24 -88.69 13.43
CA PHE K 1404 -5.27 -89.77 13.21
C PHE K 1404 -4.38 -89.98 14.43
N VAL K 1405 -4.00 -88.89 15.09
CA VAL K 1405 -3.00 -88.92 16.15
C VAL K 1405 -3.61 -89.04 17.55
N GLU K 1406 -4.91 -88.78 17.69
CA GLU K 1406 -5.55 -88.77 19.01
C GLU K 1406 -6.57 -89.88 19.14
N LEU K 1407 -7.43 -90.08 18.14
CA LEU K 1407 -8.41 -91.15 18.16
C LEU K 1407 -7.87 -92.44 17.55
N HIS K 1408 -6.65 -92.41 17.01
CA HIS K 1408 -5.96 -93.63 16.59
C HIS K 1408 -6.81 -94.43 15.61
N LEU K 1409 -7.28 -93.77 14.55
CA LEU K 1409 -8.12 -94.46 13.57
C LEU K 1409 -7.38 -95.62 12.91
N GLY K 1410 -6.10 -95.43 12.59
CA GLY K 1410 -5.32 -96.53 12.06
C GLY K 1410 -5.13 -97.66 13.06
N ALA K 1411 -5.02 -97.33 14.34
CA ALA K 1411 -4.96 -98.36 15.37
C ALA K 1411 -6.27 -99.13 15.44
N HIS K 1412 -7.40 -98.43 15.32
CA HIS K 1412 -8.69 -99.10 15.24
C HIS K 1412 -8.77 -100.03 14.03
N PHE K 1413 -8.29 -99.57 12.88
CA PHE K 1413 -8.29 -100.40 11.68
C PHE K 1413 -7.45 -101.66 11.89
N GLU K 1414 -6.28 -101.53 12.51
CA GLU K 1414 -5.45 -102.72 12.74
C GLU K 1414 -6.06 -103.60 13.81
N ALA K 1415 -6.78 -103.00 14.76
CA ALA K 1415 -7.43 -103.79 15.80
C ALA K 1415 -8.54 -104.64 15.19
N LEU K 1416 -9.35 -104.03 14.32
CA LEU K 1416 -10.43 -104.74 13.67
C LEU K 1416 -9.90 -105.81 12.73
N ARG K 1417 -8.72 -105.57 12.14
CA ARG K 1417 -8.08 -106.62 11.35
C ARG K 1417 -7.63 -107.78 12.25
N HIS K 1418 -7.03 -107.47 13.41
CA HIS K 1418 -6.53 -108.50 14.30
C HIS K 1418 -7.65 -109.34 14.91
N PHE K 1419 -8.74 -108.69 15.33
CA PHE K 1419 -9.79 -109.34 16.12
C PHE K 1419 -11.02 -109.70 15.29
N LEU K 1420 -11.53 -108.77 14.49
CA LEU K 1420 -12.76 -109.01 13.74
C LEU K 1420 -12.50 -109.81 12.47
N LEU K 1421 -11.25 -109.92 12.04
CA LEU K 1421 -10.86 -110.75 10.90
C LEU K 1421 -9.96 -111.91 11.33
N MET K 1422 -9.85 -112.18 12.63
CA MET K 1422 -9.06 -113.30 13.15
C MET K 1422 -7.71 -113.39 12.46
N GLU K 1423 -6.86 -112.39 12.66
CA GLU K 1423 -5.51 -112.36 12.12
C GLU K 1423 -4.45 -112.79 13.12
N ASP K 1424 -4.83 -113.25 14.31
CA ASP K 1424 -3.89 -113.58 15.37
C ASP K 1424 -3.79 -115.09 15.49
N GLY K 1425 -2.66 -115.64 15.05
CA GLY K 1425 -2.44 -117.07 15.13
C GLY K 1425 -1.81 -117.49 16.45
N GLU K 1426 -2.07 -118.74 16.84
CA GLU K 1426 -1.67 -119.28 18.14
C GLU K 1426 -2.49 -118.69 19.27
N PHE K 1427 -3.25 -117.64 18.99
CA PHE K 1427 -4.44 -117.31 19.77
C PHE K 1427 -5.64 -118.08 19.28
N ALA K 1428 -5.90 -117.99 17.97
CA ALA K 1428 -7.04 -118.67 17.35
C ALA K 1428 -6.88 -120.18 17.39
N GLN K 1429 -5.68 -120.68 17.14
CA GLN K 1429 -5.40 -122.11 17.19
C GLN K 1429 -5.32 -122.67 18.61
N SER K 1430 -5.81 -121.92 19.60
CA SER K 1430 -6.13 -122.51 20.90
C SER K 1430 -7.56 -122.13 21.27
N LEU K 1431 -7.98 -120.93 20.89
CA LEU K 1431 -9.34 -120.48 21.17
C LEU K 1431 -10.36 -121.40 20.50
N SER K 1432 -10.19 -121.62 19.20
CA SER K 1432 -11.16 -122.43 18.46
C SER K 1432 -11.09 -123.88 18.91
N ASP K 1433 -9.89 -124.39 19.17
CA ASP K 1433 -9.77 -125.76 19.68
C ASP K 1433 -10.55 -125.92 20.99
N LEU K 1434 -10.38 -124.98 21.92
CA LEU K 1434 -11.11 -125.05 23.19
C LEU K 1434 -12.60 -124.82 23.02
N LEU K 1435 -13.01 -124.04 22.01
CA LEU K 1435 -14.43 -123.96 21.66
C LEU K 1435 -14.93 -125.30 21.14
N PHE K 1436 -14.14 -125.96 20.29
CA PHE K 1436 -14.59 -127.22 19.72
C PHE K 1436 -14.65 -128.29 20.80
N GLU K 1437 -13.82 -128.18 21.84
CA GLU K 1437 -13.93 -129.14 22.91
C GLU K 1437 -15.32 -129.08 23.54
N LYS K 1438 -15.95 -127.91 23.49
CA LYS K 1438 -17.33 -127.71 23.94
C LYS K 1438 -18.29 -127.71 22.75
N LEU K 1439 -17.81 -128.11 21.58
CA LEU K 1439 -18.61 -128.19 20.36
C LEU K 1439 -18.03 -129.28 19.47
N GLY K 1440 -18.04 -129.07 18.16
CA GLY K 1440 -17.36 -129.99 17.26
C GLY K 1440 -18.22 -130.50 16.13
N ALA K 1441 -17.56 -130.91 15.03
CA ALA K 1441 -18.22 -131.50 13.87
C ALA K 1441 -19.19 -130.51 13.24
N GLY K 1442 -18.69 -129.31 12.97
CA GLY K 1442 -19.51 -128.27 12.39
C GLY K 1442 -20.37 -127.58 13.42
N GLN K 1443 -21.67 -127.88 13.38
CA GLN K 1443 -22.64 -127.18 14.22
C GLN K 1443 -22.35 -127.43 15.69
N THR K 1444 -22.68 -126.45 16.52
CA THR K 1444 -22.60 -126.65 17.96
C THR K 1444 -23.72 -127.59 18.40
N PRO K 1445 -23.46 -128.45 19.39
CA PRO K 1445 -24.47 -129.42 19.84
C PRO K 1445 -25.33 -128.89 20.98
N GLY K 1446 -25.92 -127.71 20.78
CA GLY K 1446 -26.68 -127.04 21.81
C GLY K 1446 -25.87 -126.14 22.71
N GLU K 1447 -24.61 -125.86 22.35
CA GLU K 1447 -23.79 -124.90 23.07
C GLU K 1447 -23.55 -123.69 22.18
N LEU K 1448 -22.98 -122.64 22.80
CA LEU K 1448 -22.73 -121.40 22.09
C LEU K 1448 -24.00 -120.88 21.43
N LEU K 1449 -25.12 -121.02 22.13
CA LEU K 1449 -26.41 -120.52 21.64
C LEU K 1449 -26.66 -119.09 22.11
N SER K 1450 -26.09 -118.72 23.24
CA SER K 1450 -26.19 -117.39 23.81
C SER K 1450 -24.77 -116.89 24.05
N PRO K 1451 -24.56 -115.57 24.01
CA PRO K 1451 -23.18 -115.06 24.02
C PRO K 1451 -22.61 -114.88 25.42
N LEU K 1452 -22.60 -115.98 26.19
CA LEU K 1452 -22.07 -115.93 27.55
C LEU K 1452 -21.04 -117.03 27.73
N VAL K 1453 -21.26 -118.18 27.08
CA VAL K 1453 -20.26 -119.24 27.11
C VAL K 1453 -19.11 -118.88 26.18
N LEU K 1454 -19.45 -118.39 25.00
CA LEU K 1454 -18.42 -118.03 24.03
C LEU K 1454 -17.66 -116.82 24.54
N ASN K 1455 -18.38 -115.86 25.11
CA ASN K 1455 -17.72 -114.67 25.67
C ASN K 1455 -16.82 -115.03 26.85
N SER K 1456 -17.20 -116.02 27.68
CA SER K 1456 -16.34 -116.35 28.81
C SER K 1456 -15.13 -117.19 28.40
N VAL K 1457 -15.29 -118.02 27.36
CA VAL K 1457 -14.12 -118.66 26.76
C VAL K 1457 -13.19 -117.60 26.17
N LEU K 1458 -13.77 -116.61 25.51
CA LEU K 1458 -12.96 -115.51 24.94
C LEU K 1458 -12.25 -114.73 26.03
N SER K 1459 -12.93 -114.49 27.15
CA SER K 1459 -12.32 -113.79 28.28
C SER K 1459 -11.14 -114.58 28.86
N LYS K 1460 -11.27 -115.90 28.98
CA LYS K 1460 -10.11 -116.70 29.37
C LYS K 1460 -9.01 -116.66 28.30
N ALA K 1461 -9.39 -116.73 27.03
CA ALA K 1461 -8.42 -116.72 25.93
C ALA K 1461 -7.68 -115.39 25.80
N LEU K 1462 -8.32 -114.28 26.19
CA LEU K 1462 -7.81 -112.96 25.85
C LEU K 1462 -6.47 -112.65 26.48
N GLN K 1463 -6.06 -113.35 27.53
CA GLN K 1463 -4.73 -113.09 28.07
C GLN K 1463 -3.67 -113.66 27.13
N TYR K 1464 -4.03 -114.66 26.34
CA TYR K 1464 -3.12 -115.39 25.45
C TYR K 1464 -3.43 -114.95 24.02
N SER K 1465 -2.44 -114.39 23.34
CA SER K 1465 -2.68 -113.91 21.98
C SER K 1465 -1.35 -113.70 21.29
N LEU K 1466 -1.40 -113.64 19.95
CA LEU K 1466 -0.29 -113.16 19.15
C LEU K 1466 -0.53 -111.79 18.53
N HIS K 1467 -1.79 -111.34 18.43
CA HIS K 1467 -2.09 -109.94 18.18
C HIS K 1467 -3.20 -109.54 19.14
N GLY K 1468 -2.87 -108.69 20.11
CA GLY K 1468 -3.85 -108.29 21.10
C GLY K 1468 -3.21 -107.55 22.25
N ASP K 1469 -3.86 -107.63 23.41
CA ASP K 1469 -3.39 -106.99 24.64
C ASP K 1469 -3.17 -105.50 24.45
N THR K 1470 -4.05 -104.86 23.68
CA THR K 1470 -3.98 -103.44 23.41
C THR K 1470 -5.29 -102.78 23.81
N PRO K 1471 -5.30 -101.46 24.01
CA PRO K 1471 -6.60 -100.80 24.22
C PRO K 1471 -7.54 -100.94 23.04
N HIS K 1472 -7.00 -101.07 21.83
CA HIS K 1472 -7.83 -101.29 20.66
C HIS K 1472 -8.14 -102.77 20.44
N ALA K 1473 -7.46 -103.67 21.15
CA ALA K 1473 -7.80 -105.08 21.18
C ALA K 1473 -8.58 -105.45 22.43
N ALA K 1474 -8.97 -104.47 23.23
CA ALA K 1474 -9.90 -104.68 24.33
C ALA K 1474 -11.25 -104.11 23.92
N ASN K 1475 -12.28 -104.55 24.63
CA ASN K 1475 -13.66 -104.17 24.27
C ASN K 1475 -14.04 -104.80 22.94
N LEU K 1476 -13.66 -106.05 22.75
CA LEU K 1476 -14.06 -106.81 21.57
C LEU K 1476 -15.45 -107.39 21.80
N SER K 1477 -16.27 -107.35 20.76
CA SER K 1477 -17.63 -107.86 20.85
C SER K 1477 -17.73 -109.17 20.06
N PHE K 1478 -18.03 -110.25 20.76
CA PHE K 1478 -18.14 -111.58 20.18
C PHE K 1478 -19.61 -111.97 20.30
N ALA K 1479 -20.26 -112.23 19.15
CA ALA K 1479 -21.70 -112.41 19.20
C ALA K 1479 -22.16 -113.34 18.08
N LEU K 1480 -23.40 -113.78 18.22
CA LEU K 1480 -24.06 -114.66 17.28
C LEU K 1480 -25.18 -113.91 16.57
N LYS K 1481 -25.31 -114.19 15.27
CA LYS K 1481 -26.40 -113.70 14.45
C LYS K 1481 -27.35 -114.83 14.07
N PHE K 1482 -27.11 -116.02 14.61
CA PHE K 1482 -27.91 -117.21 14.33
C PHE K 1482 -27.59 -118.19 15.45
N LEU K 1483 -28.60 -118.57 16.23
CA LEU K 1483 -28.39 -119.55 17.28
C LEU K 1483 -28.00 -120.88 16.65
N PRO K 1484 -27.10 -121.63 17.28
CA PRO K 1484 -26.56 -122.84 16.63
C PRO K 1484 -27.41 -124.10 16.74
N GLU K 1485 -28.40 -124.17 15.84
CA GLU K 1485 -29.31 -125.31 15.75
C GLU K 1485 -29.51 -125.56 14.27
N ALA K 1486 -28.93 -126.64 13.75
CA ALA K 1486 -29.26 -127.13 12.43
C ALA K 1486 -30.53 -127.97 12.47
N PHE K 1487 -31.24 -127.99 11.34
CA PHE K 1487 -32.39 -128.87 11.20
C PHE K 1487 -31.98 -130.26 10.72
N ALA K 1488 -30.68 -130.52 10.61
CA ALA K 1488 -30.13 -131.85 10.41
C ALA K 1488 -28.66 -131.85 10.80
N PRO K 1489 -28.34 -131.90 12.08
CA PRO K 1489 -26.93 -131.96 12.50
C PRO K 1489 -26.14 -133.03 11.75
N ASN K 1490 -24.93 -132.68 11.33
CA ASN K 1490 -24.09 -133.57 10.53
C ASN K 1490 -22.71 -133.63 11.17
N ALA K 1491 -22.09 -134.82 11.14
CA ALA K 1491 -20.73 -134.94 11.66
C ALA K 1491 -19.70 -134.29 10.75
N PRO K 1492 -19.73 -134.50 9.43
CA PRO K 1492 -18.82 -133.73 8.55
C PRO K 1492 -19.35 -132.35 8.23
N ASP K 1493 -18.85 -131.31 8.89
CA ASP K 1493 -19.22 -129.95 8.53
C ASP K 1493 -18.12 -128.99 8.98
N VAL K 1494 -17.95 -127.92 8.20
CA VAL K 1494 -16.98 -126.88 8.50
C VAL K 1494 -17.63 -125.52 8.71
N LEU K 1495 -18.95 -125.42 8.59
CA LEU K 1495 -19.65 -124.15 8.67
C LEU K 1495 -19.49 -123.56 10.07
N SER K 1496 -18.71 -122.49 10.20
CA SER K 1496 -18.64 -121.70 11.42
C SER K 1496 -18.90 -120.23 11.10
N CYS K 1497 -19.96 -119.67 11.68
CA CYS K 1497 -20.23 -118.24 11.56
C CYS K 1497 -20.44 -117.66 12.95
N LEU K 1498 -19.62 -116.68 13.30
CA LEU K 1498 -19.79 -115.82 14.46
C LEU K 1498 -19.24 -114.46 14.10
N GLU K 1499 -19.69 -113.42 14.80
CA GLU K 1499 -19.37 -112.04 14.42
C GLU K 1499 -18.53 -111.44 15.55
N LEU K 1500 -17.27 -111.17 15.24
CA LEU K 1500 -16.36 -110.45 16.11
C LEU K 1500 -16.22 -109.01 15.61
N ARG K 1501 -16.32 -108.06 16.53
CA ARG K 1501 -16.22 -106.65 16.20
C ARG K 1501 -15.24 -105.98 17.15
N TYR K 1502 -14.75 -104.83 16.71
CA TYR K 1502 -13.82 -103.99 17.46
C TYR K 1502 -14.43 -102.61 17.62
N LYS K 1503 -14.41 -102.10 18.84
CA LYS K 1503 -14.92 -100.75 19.08
C LYS K 1503 -14.08 -99.71 18.36
N VAL K 1504 -14.76 -98.74 17.77
CA VAL K 1504 -14.15 -97.59 17.12
C VAL K 1504 -14.83 -96.34 17.66
N ASP K 1505 -14.04 -95.36 18.05
CA ASP K 1505 -14.59 -94.15 18.65
C ASP K 1505 -15.40 -93.35 17.64
N TRP K 1506 -16.20 -92.42 18.18
CA TRP K 1506 -17.21 -91.78 17.36
C TRP K 1506 -16.58 -90.98 16.23
N PRO K 1507 -15.49 -90.24 16.43
CA PRO K 1507 -14.99 -89.40 15.33
C PRO K 1507 -14.32 -90.21 14.26
N LEU K 1508 -13.93 -91.46 14.55
CA LEU K 1508 -13.38 -92.33 13.53
C LEU K 1508 -14.46 -93.20 12.89
N ASN K 1509 -15.66 -93.24 13.47
CA ASN K 1509 -16.69 -94.10 12.89
C ASN K 1509 -17.38 -93.36 11.75
N ILE K 1510 -16.59 -92.82 10.83
CA ILE K 1510 -17.04 -92.26 9.56
C ILE K 1510 -16.06 -92.75 8.52
N VAL K 1511 -14.88 -93.17 9.00
CA VAL K 1511 -13.85 -93.83 8.21
C VAL K 1511 -14.08 -95.33 8.36
N VAL K 1512 -14.01 -95.81 9.60
CA VAL K 1512 -14.20 -97.25 9.86
C VAL K 1512 -15.69 -97.44 10.11
N THR K 1513 -16.44 -97.52 9.01
CA THR K 1513 -17.87 -97.77 9.06
C THR K 1513 -18.14 -99.22 9.45
N GLU K 1514 -19.39 -99.48 9.85
CA GLU K 1514 -19.85 -100.84 10.06
C GLU K 1514 -19.75 -101.69 8.79
N GLY K 1515 -19.77 -101.06 7.62
CA GLY K 1515 -19.73 -101.81 6.37
C GLY K 1515 -18.41 -102.49 6.10
N CYS K 1516 -17.33 -102.01 6.73
CA CYS K 1516 -16.05 -102.71 6.64
C CYS K 1516 -15.92 -103.77 7.72
N LEU K 1517 -16.47 -103.51 8.91
CA LEU K 1517 -16.40 -104.48 9.99
C LEU K 1517 -17.22 -105.72 9.66
N SER K 1518 -18.33 -105.58 8.93
CA SER K 1518 -19.13 -106.74 8.58
C SER K 1518 -18.38 -107.67 7.61
N ARG K 1519 -17.64 -107.08 6.65
CA ARG K 1519 -16.83 -107.91 5.76
C ARG K 1519 -15.64 -108.50 6.50
N TYR K 1520 -15.08 -107.75 7.46
CA TYR K 1520 -14.01 -108.30 8.27
C TYR K 1520 -14.49 -109.49 9.09
N SER K 1521 -15.71 -109.43 9.61
CA SER K 1521 -16.28 -110.58 10.30
C SER K 1521 -16.63 -111.72 9.35
N GLY K 1522 -17.01 -111.42 8.11
CA GLY K 1522 -17.22 -112.49 7.15
C GLY K 1522 -15.95 -113.24 6.82
N ILE K 1523 -14.83 -112.52 6.73
CA ILE K 1523 -13.56 -113.22 6.52
C ILE K 1523 -13.05 -113.84 7.81
N PHE K 1524 -13.43 -113.29 8.96
CA PHE K 1524 -13.16 -113.96 10.22
C PHE K 1524 -13.85 -115.33 10.25
N SER K 1525 -15.10 -115.39 9.80
CA SER K 1525 -15.82 -116.66 9.76
C SER K 1525 -15.20 -117.62 8.76
N PHE K 1526 -14.74 -117.10 7.61
CA PHE K 1526 -14.05 -117.97 6.66
C PHE K 1526 -12.78 -118.56 7.27
N LEU K 1527 -11.98 -117.72 7.92
CA LEU K 1527 -10.77 -118.21 8.57
C LEU K 1527 -11.09 -119.10 9.76
N LEU K 1528 -12.23 -118.89 10.41
CA LEU K 1528 -12.66 -119.78 11.48
C LEU K 1528 -12.99 -121.18 10.96
N GLN K 1529 -13.69 -121.26 9.83
CA GLN K 1529 -13.88 -122.56 9.20
C GLN K 1529 -12.56 -123.20 8.79
N LEU K 1530 -11.60 -122.39 8.33
CA LEU K 1530 -10.29 -122.94 8.04
C LEU K 1530 -9.59 -123.45 9.30
N LYS K 1531 -9.73 -122.72 10.41
CA LYS K 1531 -9.11 -123.13 11.66
C LYS K 1531 -9.76 -124.39 12.21
N LEU K 1532 -11.08 -124.53 12.02
CA LEU K 1532 -11.75 -125.77 12.38
C LEU K 1532 -11.22 -126.94 11.55
N MET K 1533 -10.97 -126.69 10.26
CA MET K 1533 -10.46 -127.77 9.42
C MET K 1533 -9.05 -128.18 9.85
N MET K 1534 -8.20 -127.21 10.18
CA MET K 1534 -6.87 -127.55 10.65
C MET K 1534 -6.88 -128.14 12.06
N TRP K 1535 -7.90 -127.80 12.86
CA TRP K 1535 -8.07 -128.43 14.15
C TRP K 1535 -8.40 -129.91 13.98
N THR K 1536 -9.33 -130.22 13.08
CA THR K 1536 -9.70 -131.61 12.86
C THR K 1536 -8.55 -132.39 12.24
N LEU K 1537 -7.78 -131.75 11.36
CA LEU K 1537 -6.58 -132.39 10.85
C LEU K 1537 -5.58 -132.68 11.95
N LYS K 1538 -5.40 -131.76 12.90
CA LYS K 1538 -4.55 -132.02 14.06
C LYS K 1538 -5.09 -133.18 14.90
N ASP K 1539 -6.41 -133.20 15.10
CA ASP K 1539 -7.03 -134.33 15.79
C ASP K 1539 -6.68 -135.65 15.12
N VAL K 1540 -6.84 -135.72 13.80
CA VAL K 1540 -6.65 -136.98 13.11
C VAL K 1540 -5.18 -137.36 13.08
N CYS K 1541 -4.29 -136.37 13.02
CA CYS K 1541 -2.86 -136.66 13.13
C CYS K 1541 -2.53 -137.22 14.50
N PHE K 1542 -3.15 -136.67 15.56
CA PHE K 1542 -2.93 -137.23 16.90
C PHE K 1542 -3.49 -138.65 16.99
N HIS K 1543 -4.66 -138.89 16.40
CA HIS K 1543 -5.24 -140.22 16.41
C HIS K 1543 -4.31 -141.22 15.73
N LEU K 1544 -3.75 -140.86 14.58
CA LEU K 1544 -2.79 -141.75 13.95
C LEU K 1544 -1.53 -141.89 14.82
N LYS K 1545 -1.14 -140.80 15.47
CA LYS K 1545 0.16 -140.74 16.13
C LYS K 1545 0.21 -141.66 17.34
N ARG K 1546 -0.88 -141.69 18.11
CA ARG K 1546 -0.93 -142.46 19.34
C ARG K 1546 -1.10 -143.95 19.11
N THR K 1547 -1.34 -144.38 17.88
CA THR K 1547 -1.53 -145.81 17.59
C THR K 1547 -0.29 -146.60 17.96
N GLN K 1558 -5.30 -150.02 5.42
CA GLN K 1558 -6.35 -149.01 5.49
C GLN K 1558 -5.82 -147.72 6.08
N PHE K 1559 -5.08 -147.84 7.19
CA PHE K 1559 -4.50 -146.66 7.83
C PHE K 1559 -3.60 -145.89 6.88
N ARG K 1560 -2.71 -146.61 6.19
CA ARG K 1560 -1.78 -145.94 5.27
C ARG K 1560 -2.48 -145.36 4.07
N GLN K 1561 -3.48 -146.06 3.51
CA GLN K 1561 -4.26 -145.48 2.41
C GLN K 1561 -5.01 -144.23 2.84
N LEU K 1562 -5.60 -144.25 4.04
CA LEU K 1562 -6.25 -143.07 4.56
C LEU K 1562 -5.27 -141.92 4.76
N GLN K 1563 -4.07 -142.22 5.25
CA GLN K 1563 -3.06 -141.18 5.40
C GLN K 1563 -2.60 -140.62 4.06
N LEU K 1564 -2.48 -141.49 3.05
CA LEU K 1564 -2.15 -141.04 1.70
C LEU K 1564 -3.22 -140.08 1.16
N PHE K 1565 -4.50 -140.46 1.30
CA PHE K 1565 -5.56 -139.59 0.81
C PHE K 1565 -5.59 -138.28 1.61
N LYS K 1566 -5.34 -138.37 2.92
CA LYS K 1566 -5.27 -137.16 3.74
C LYS K 1566 -4.15 -136.26 3.26
N HIS K 1567 -3.00 -136.82 2.94
CA HIS K 1567 -1.87 -136.00 2.50
C HIS K 1567 -2.17 -135.35 1.15
N GLU K 1568 -2.74 -136.12 0.21
CA GLU K 1568 -3.08 -135.54 -1.10
C GLU K 1568 -4.07 -134.40 -0.95
N MET K 1569 -5.14 -134.63 -0.18
CA MET K 1569 -6.14 -133.59 0.01
C MET K 1569 -5.54 -132.39 0.75
N GLN K 1570 -4.68 -132.65 1.74
CA GLN K 1570 -4.13 -131.56 2.52
C GLN K 1570 -3.16 -130.73 1.69
N HIS K 1571 -2.37 -131.37 0.83
CA HIS K 1571 -1.59 -130.66 -0.18
C HIS K 1571 -2.47 -129.73 -1.00
N PHE K 1572 -3.52 -130.28 -1.60
CA PHE K 1572 -4.35 -129.48 -2.50
C PHE K 1572 -5.03 -128.34 -1.74
N VAL K 1573 -5.57 -128.63 -0.56
CA VAL K 1573 -6.21 -127.61 0.26
C VAL K 1573 -5.20 -126.56 0.70
N LYS K 1574 -3.96 -126.97 0.98
CA LYS K 1574 -2.94 -126.02 1.40
C LYS K 1574 -2.57 -125.09 0.26
N VAL K 1575 -2.49 -125.60 -0.96
CA VAL K 1575 -2.18 -124.73 -2.10
C VAL K 1575 -3.34 -123.77 -2.36
N ILE K 1576 -4.58 -124.26 -2.23
CA ILE K 1576 -5.74 -123.39 -2.39
C ILE K 1576 -5.75 -122.31 -1.31
N GLN K 1577 -5.49 -122.72 -0.06
CA GLN K 1577 -5.48 -121.79 1.05
C GLN K 1577 -4.34 -120.78 0.93
N GLY K 1578 -3.19 -121.17 0.38
CA GLY K 1578 -2.14 -120.21 0.16
C GLY K 1578 -2.43 -119.25 -0.98
N TYR K 1579 -3.22 -119.68 -1.95
CA TYR K 1579 -3.71 -118.73 -2.95
C TYR K 1579 -4.68 -117.73 -2.31
N ILE K 1580 -5.59 -118.23 -1.48
CA ILE K 1580 -6.54 -117.34 -0.81
C ILE K 1580 -5.82 -116.41 0.16
N ALA K 1581 -4.91 -116.94 0.97
CA ALA K 1581 -4.09 -116.18 1.89
C ALA K 1581 -2.88 -115.54 1.24
N ASN K 1582 -2.91 -115.41 -0.08
CA ASN K 1582 -2.11 -114.40 -0.77
C ASN K 1582 -3.03 -113.31 -1.33
N GLN K 1583 -4.09 -113.69 -2.04
CA GLN K 1583 -4.83 -112.67 -2.77
C GLN K 1583 -5.74 -111.88 -1.82
N ILE K 1584 -6.51 -112.58 -0.99
CA ILE K 1584 -7.52 -111.96 -0.13
C ILE K 1584 -6.99 -111.60 1.24
N LEU K 1585 -5.82 -112.12 1.62
CA LEU K 1585 -5.29 -112.00 2.97
C LEU K 1585 -4.01 -111.20 3.03
N HIS K 1586 -3.32 -111.05 1.91
CA HIS K 1586 -2.01 -110.42 1.87
C HIS K 1586 -2.10 -109.07 1.19
N VAL K 1587 -2.55 -109.00 -0.05
CA VAL K 1587 -2.44 -107.75 -0.79
C VAL K 1587 -3.38 -106.69 -0.21
N THR K 1588 -4.59 -107.10 0.16
CA THR K 1588 -5.53 -106.18 0.80
C THR K 1588 -5.14 -105.85 2.24
N TRP K 1589 -4.45 -106.76 2.92
CA TRP K 1589 -3.97 -106.42 4.26
C TRP K 1589 -2.81 -105.45 4.18
N CYS K 1590 -1.93 -105.65 3.20
CA CYS K 1590 -0.83 -104.72 2.97
C CYS K 1590 -1.37 -103.35 2.60
N GLU K 1591 -2.36 -103.29 1.71
CA GLU K 1591 -2.97 -102.04 1.29
C GLU K 1591 -4.07 -101.56 2.23
N PHE K 1592 -4.21 -102.17 3.40
CA PHE K 1592 -5.01 -101.58 4.47
C PHE K 1592 -4.18 -101.19 5.67
N ARG K 1593 -3.05 -101.85 5.92
CA ARG K 1593 -2.12 -101.36 6.93
C ARG K 1593 -1.32 -100.17 6.40
N ALA K 1594 -0.80 -100.26 5.18
CA ALA K 1594 -0.11 -99.15 4.53
C ALA K 1594 -1.11 -98.37 3.66
N ARG K 1595 -2.19 -97.93 4.31
CA ARG K 1595 -3.19 -97.12 3.63
C ARG K 1595 -3.71 -95.97 4.47
N LEU K 1596 -3.46 -95.94 5.77
CA LEU K 1596 -3.98 -94.84 6.59
C LEU K 1596 -3.48 -93.52 6.02
N ALA K 1597 -4.33 -92.49 6.12
CA ALA K 1597 -3.93 -91.15 5.72
C ALA K 1597 -2.85 -90.60 6.65
N SER K 1598 -1.94 -89.82 6.06
CA SER K 1598 -0.93 -89.12 6.83
C SER K 1598 -0.68 -87.69 6.36
N VAL K 1599 -1.13 -87.31 5.15
CA VAL K 1599 -1.24 -85.89 4.83
C VAL K 1599 -2.36 -85.23 5.61
N GLY K 1600 -3.26 -86.02 6.18
CA GLY K 1600 -4.31 -85.51 7.04
C GLY K 1600 -5.67 -85.38 6.39
N ASP K 1601 -5.98 -86.22 5.40
CA ASP K 1601 -7.29 -86.17 4.77
C ASP K 1601 -8.33 -86.81 5.68
N LEU K 1602 -9.45 -86.10 5.93
CA LEU K 1602 -10.53 -86.72 6.66
C LEU K 1602 -11.22 -87.77 5.79
N GLU K 1603 -11.37 -87.48 4.50
CA GLU K 1603 -12.10 -88.36 3.59
C GLU K 1603 -11.27 -89.59 3.25
N GLU K 1604 -9.96 -89.41 3.12
CA GLU K 1604 -9.11 -90.44 2.55
C GLU K 1604 -9.07 -91.68 3.43
N ILE K 1605 -9.19 -91.53 4.75
CA ILE K 1605 -9.24 -92.71 5.61
C ILE K 1605 -10.47 -93.54 5.31
N GLN K 1606 -11.62 -92.89 5.15
CA GLN K 1606 -12.85 -93.59 4.80
C GLN K 1606 -12.71 -94.27 3.45
N ARG K 1607 -12.17 -93.56 2.46
CA ARG K 1607 -12.04 -94.15 1.13
C ARG K 1607 -11.04 -95.31 1.14
N ALA K 1608 -9.99 -95.19 1.96
CA ALA K 1608 -9.00 -96.27 2.08
C ALA K 1608 -9.63 -97.50 2.70
N HIS K 1609 -10.43 -97.32 3.74
CA HIS K 1609 -11.12 -98.47 4.34
C HIS K 1609 -12.12 -99.09 3.36
N ALA K 1610 -12.83 -98.25 2.59
CA ALA K 1610 -13.80 -98.79 1.65
C ALA K 1610 -13.11 -99.60 0.56
N GLU K 1611 -11.97 -99.11 0.07
CA GLU K 1611 -11.24 -99.87 -0.94
C GLU K 1611 -10.57 -101.10 -0.35
N TYR K 1612 -10.11 -101.03 0.90
CA TYR K 1612 -9.61 -102.22 1.57
C TYR K 1612 -10.67 -103.31 1.64
N LEU K 1613 -11.90 -102.93 1.99
CA LEU K 1613 -12.99 -103.91 2.05
C LEU K 1613 -13.29 -104.46 0.66
N HIS K 1614 -13.40 -103.59 -0.34
CA HIS K 1614 -13.68 -104.05 -1.69
C HIS K 1614 -12.62 -105.03 -2.18
N LYS K 1615 -11.34 -104.72 -1.94
CA LYS K 1615 -10.26 -105.57 -2.40
C LYS K 1615 -10.22 -106.88 -1.62
N ALA K 1616 -10.47 -106.82 -0.32
CA ALA K 1616 -10.51 -108.04 0.47
C ALA K 1616 -11.60 -108.97 -0.03
N VAL K 1617 -12.77 -108.43 -0.34
CA VAL K 1617 -13.87 -109.26 -0.83
C VAL K 1617 -13.56 -109.82 -2.23
N PHE K 1618 -13.00 -108.96 -3.08
CA PHE K 1618 -12.66 -109.38 -4.45
C PHE K 1618 -11.67 -110.54 -4.41
N ARG K 1619 -10.62 -110.42 -3.63
CA ARG K 1619 -9.64 -111.50 -3.61
C ARG K 1619 -10.09 -112.64 -2.68
N GLY K 1620 -11.07 -112.38 -1.81
CA GLY K 1620 -11.70 -113.38 -0.98
C GLY K 1620 -12.64 -114.28 -1.71
N LEU K 1621 -12.94 -113.94 -2.97
CA LEU K 1621 -13.89 -114.73 -3.75
C LEU K 1621 -15.31 -114.65 -3.17
N LEU K 1622 -15.67 -113.48 -2.68
CA LEU K 1622 -17.06 -113.21 -2.32
C LEU K 1622 -17.81 -112.62 -3.50
N THR K 1623 -17.10 -112.32 -4.59
CA THR K 1623 -17.72 -111.88 -5.82
C THR K 1623 -18.42 -113.06 -6.50
N GLU K 1624 -19.49 -112.74 -7.23
CA GLU K 1624 -20.33 -113.78 -7.81
C GLU K 1624 -19.55 -114.67 -8.76
N LYS K 1625 -18.60 -114.09 -9.50
CA LYS K 1625 -17.77 -114.90 -10.38
C LYS K 1625 -17.04 -116.01 -9.62
N ALA K 1626 -16.52 -115.70 -8.43
CA ALA K 1626 -15.75 -116.67 -7.67
C ALA K 1626 -16.58 -117.36 -6.59
N ALA K 1627 -17.87 -117.03 -6.50
CA ALA K 1627 -18.66 -117.57 -5.40
C ALA K 1627 -18.72 -119.08 -5.46
N PRO K 1628 -18.89 -119.73 -6.60
CA PRO K 1628 -18.92 -121.20 -6.60
C PRO K 1628 -17.60 -121.79 -6.16
N ALA K 1629 -16.49 -121.15 -6.54
CA ALA K 1629 -15.17 -121.62 -6.11
C ALA K 1629 -15.06 -121.60 -4.59
N MET K 1630 -15.47 -120.47 -3.99
CA MET K 1630 -15.42 -120.39 -2.53
C MET K 1630 -16.39 -121.39 -1.91
N ASN K 1631 -17.54 -121.65 -2.54
CA ASN K 1631 -18.45 -122.61 -1.95
C ASN K 1631 -17.88 -124.01 -2.04
N ILE K 1632 -17.11 -124.29 -3.10
CA ILE K 1632 -16.52 -125.61 -3.26
C ILE K 1632 -15.41 -125.80 -2.24
N ILE K 1633 -14.77 -124.70 -1.85
CA ILE K 1633 -13.74 -124.77 -0.81
C ILE K 1633 -14.34 -125.30 0.48
N HIS K 1634 -15.55 -124.85 0.81
CA HIS K 1634 -16.24 -125.31 2.01
C HIS K 1634 -16.48 -126.81 1.94
N SER K 1635 -16.84 -127.33 0.76
CA SER K 1635 -17.10 -128.76 0.65
C SER K 1635 -15.82 -129.57 0.67
N LEU K 1636 -14.73 -129.02 0.13
CA LEU K 1636 -13.45 -129.71 0.23
C LEU K 1636 -12.98 -129.79 1.68
N PHE K 1637 -13.03 -128.67 2.40
CA PHE K 1637 -12.81 -128.68 3.83
C PHE K 1637 -13.68 -129.73 4.53
N SER K 1638 -14.97 -129.74 4.22
CA SER K 1638 -15.88 -130.67 4.91
C SER K 1638 -15.52 -132.11 4.60
N LEU K 1639 -15.10 -132.40 3.37
CA LEU K 1639 -14.75 -133.77 3.01
C LEU K 1639 -13.44 -134.17 3.69
N VAL K 1640 -12.51 -133.24 3.83
CA VAL K 1640 -11.23 -133.60 4.44
C VAL K 1640 -11.41 -133.76 5.94
N LEU K 1641 -12.36 -133.02 6.53
CA LEU K 1641 -12.70 -133.22 7.93
C LEU K 1641 -13.38 -134.56 8.15
N LYS K 1642 -14.33 -134.92 7.27
CA LYS K 1642 -14.98 -136.21 7.40
C LYS K 1642 -13.97 -137.34 7.24
N PHE K 1643 -13.00 -137.19 6.32
CA PHE K 1643 -11.94 -138.17 6.21
C PHE K 1643 -11.12 -138.24 7.50
N ARG K 1644 -10.75 -137.08 8.05
CA ARG K 1644 -9.82 -137.04 9.16
C ARG K 1644 -10.46 -137.49 10.47
N SER K 1645 -11.78 -137.44 10.57
CA SER K 1645 -12.44 -137.77 11.83
C SER K 1645 -12.31 -139.25 12.16
N GLN K 1646 -12.03 -140.11 11.17
CA GLN K 1646 -11.77 -141.51 11.43
C GLN K 1646 -10.26 -141.75 11.52
N LEU K 1647 -9.58 -141.68 10.37
CA LEU K 1647 -8.13 -141.88 10.30
C LEU K 1647 -7.79 -143.15 11.09
N ILE K 1648 -6.61 -143.20 11.71
CA ILE K 1648 -6.25 -144.31 12.57
C ILE K 1648 -6.90 -144.11 13.93
N SER K 1649 -7.52 -145.16 14.44
CA SER K 1649 -8.20 -145.13 15.74
C SER K 1649 -7.33 -145.69 16.86
N GLN K 1650 -6.05 -145.90 16.61
CA GLN K 1650 -5.17 -146.50 17.61
C GLN K 1650 -5.54 -147.95 17.86
N ASN K 1665 -13.68 -145.74 9.62
CA ASN K 1665 -14.37 -146.45 8.56
C ASN K 1665 -13.64 -146.26 7.22
N PHE K 1666 -13.24 -147.38 6.60
CA PHE K 1666 -12.63 -147.27 5.29
C PHE K 1666 -13.63 -146.73 4.28
N ALA K 1667 -14.89 -147.11 4.41
CA ALA K 1667 -15.87 -146.69 3.41
C ALA K 1667 -16.08 -145.18 3.49
N LEU K 1668 -16.21 -144.66 4.71
CA LEU K 1668 -16.29 -143.22 4.93
C LEU K 1668 -15.04 -142.50 4.44
N MET K 1669 -13.87 -143.11 4.62
CA MET K 1669 -12.64 -142.48 4.14
C MET K 1669 -12.60 -142.44 2.61
N GLN K 1670 -13.08 -143.50 1.95
CA GLN K 1670 -13.15 -143.49 0.50
C GLN K 1670 -14.16 -142.47 0.02
N GLN K 1671 -15.27 -142.32 0.73
CA GLN K 1671 -16.25 -141.30 0.38
C GLN K 1671 -15.66 -139.90 0.54
N SER K 1672 -14.91 -139.67 1.62
CA SER K 1672 -14.29 -138.37 1.82
C SER K 1672 -13.23 -138.09 0.75
N TYR K 1673 -12.51 -139.12 0.31
CA TYR K 1673 -11.53 -138.93 -0.76
C TYR K 1673 -12.22 -138.59 -2.07
N SER K 1674 -13.30 -139.32 -2.39
CA SER K 1674 -14.05 -139.03 -3.61
C SER K 1674 -14.61 -137.62 -3.56
N THR K 1675 -15.17 -137.22 -2.41
CA THR K 1675 -15.71 -135.87 -2.29
C THR K 1675 -14.62 -134.81 -2.41
N PHE K 1676 -13.44 -135.08 -1.87
CA PHE K 1676 -12.33 -134.12 -2.02
C PHE K 1676 -11.93 -133.98 -3.47
N LYS K 1677 -11.86 -135.10 -4.20
CA LYS K 1677 -11.49 -135.03 -5.61
C LYS K 1677 -12.58 -134.32 -6.42
N TYR K 1678 -13.84 -134.57 -6.09
CA TYR K 1678 -14.95 -133.84 -6.72
C TYR K 1678 -14.83 -132.35 -6.44
N TYR K 1679 -14.51 -131.98 -5.19
CA TYR K 1679 -14.40 -130.59 -4.83
C TYR K 1679 -13.30 -129.90 -5.64
N SER K 1680 -12.12 -130.54 -5.71
CA SER K 1680 -11.01 -129.90 -6.40
C SER K 1680 -11.25 -129.85 -7.91
N HIS K 1681 -11.87 -130.89 -8.48
CA HIS K 1681 -12.33 -130.83 -9.86
C HIS K 1681 -13.27 -129.64 -10.07
N PHE K 1682 -14.24 -129.46 -9.17
CA PHE K 1682 -15.22 -128.39 -9.35
C PHE K 1682 -14.58 -127.03 -9.20
N LEU K 1683 -13.66 -126.88 -8.24
CA LEU K 1683 -12.87 -125.66 -8.14
C LEU K 1683 -12.15 -125.35 -9.45
N PHE K 1684 -11.46 -126.35 -10.00
CA PHE K 1684 -10.74 -126.12 -11.25
C PHE K 1684 -11.69 -125.78 -12.39
N LYS K 1685 -12.89 -126.36 -12.39
CA LYS K 1685 -13.85 -126.07 -13.44
C LYS K 1685 -14.40 -124.66 -13.30
N VAL K 1686 -14.65 -124.23 -12.07
CA VAL K 1686 -15.18 -122.89 -11.85
C VAL K 1686 -14.12 -121.86 -12.23
N VAL K 1687 -12.86 -122.14 -11.87
CA VAL K 1687 -11.78 -121.21 -12.16
C VAL K 1687 -11.57 -121.08 -13.66
N SER K 1688 -11.63 -122.21 -14.39
CA SER K 1688 -11.50 -122.15 -15.84
C SER K 1688 -12.71 -121.46 -16.48
N LYS K 1689 -13.91 -121.67 -15.92
CA LYS K 1689 -15.10 -121.05 -16.49
C LYS K 1689 -15.07 -119.54 -16.30
N LEU K 1690 -14.56 -119.08 -15.15
CA LEU K 1690 -14.43 -117.65 -14.93
C LEU K 1690 -13.28 -117.05 -15.73
N VAL K 1691 -12.21 -117.81 -15.93
CA VAL K 1691 -11.10 -117.36 -16.76
C VAL K 1691 -11.59 -117.11 -18.18
N THR L 149 -124.80 35.17 -7.71
CA THR L 149 -123.68 35.65 -8.50
C THR L 149 -122.37 35.04 -8.01
N TRP L 150 -121.55 34.60 -8.97
CA TRP L 150 -120.29 33.96 -8.60
C TRP L 150 -119.47 34.87 -7.71
N GLN L 151 -119.50 36.18 -8.00
CA GLN L 151 -118.75 37.14 -7.20
C GLN L 151 -119.17 37.05 -5.74
N GLN L 152 -120.48 37.08 -5.49
CA GLN L 152 -120.98 37.02 -4.12
C GLN L 152 -120.63 35.70 -3.46
N SER L 153 -120.73 34.59 -4.20
CA SER L 153 -120.39 33.30 -3.63
C SER L 153 -118.91 33.24 -3.25
N LEU L 154 -118.05 33.81 -4.11
CA LEU L 154 -116.63 33.86 -3.82
C LEU L 154 -116.31 34.78 -2.64
N GLU L 155 -117.05 35.89 -2.50
CA GLU L 155 -116.85 36.75 -1.35
C GLU L 155 -117.26 36.05 -0.05
N LEU L 156 -118.34 35.27 -0.11
CA LEU L 156 -118.72 34.47 1.04
C LEU L 156 -117.65 33.44 1.38
N THR L 157 -117.14 32.76 0.37
CA THR L 157 -116.07 31.78 0.58
C THR L 157 -114.82 32.44 1.19
N ARG L 158 -114.43 33.61 0.67
CA ARG L 158 -113.22 34.26 1.19
C ARG L 158 -113.41 34.69 2.64
N LYS L 159 -114.59 35.24 2.97
CA LYS L 159 -114.87 35.60 4.35
C LYS L 159 -114.82 34.38 5.26
N MET L 160 -115.43 33.28 4.83
CA MET L 160 -115.41 32.06 5.62
C MET L 160 -113.99 31.54 5.78
N LEU L 161 -113.18 31.64 4.73
CA LEU L 161 -111.80 31.16 4.82
C LEU L 161 -111.00 31.99 5.82
N ARG L 162 -111.16 33.32 5.79
CA ARG L 162 -110.52 34.16 6.79
C ARG L 162 -110.97 33.75 8.20
N ASP L 163 -112.28 33.60 8.40
CA ASP L 163 -112.79 33.26 9.71
C ASP L 163 -112.29 31.90 10.17
N LYS L 164 -112.15 30.96 9.23
CA LYS L 164 -111.72 29.61 9.57
C LYS L 164 -110.24 29.59 9.89
N GLN L 165 -109.46 30.43 9.20
CA GLN L 165 -108.05 30.46 9.49
C GLN L 165 -107.85 31.05 10.88
N SER L 166 -108.56 32.14 11.20
CA SER L 166 -108.39 32.71 12.54
C SER L 166 -108.89 31.73 13.60
N LYS L 167 -109.96 30.99 13.30
CA LYS L 167 -110.56 30.07 14.26
C LYS L 167 -109.65 28.89 14.55
N LYS L 168 -108.78 28.52 13.60
CA LYS L 168 -107.86 27.42 13.83
C LYS L 168 -106.51 27.92 14.28
N ASN L 169 -106.21 29.18 13.99
CA ASN L 169 -104.98 29.84 14.34
C ASN L 169 -105.07 30.51 15.70
N SER L 170 -106.20 30.36 16.40
CA SER L 170 -106.36 31.02 17.69
C SER L 170 -106.23 32.53 17.55
N GLY L 171 -106.65 33.04 16.40
CA GLY L 171 -106.64 34.46 16.14
C GLY L 171 -105.34 34.99 15.60
N GLN L 172 -104.45 34.10 15.15
CA GLN L 172 -103.31 34.53 14.37
C GLN L 172 -103.79 35.05 13.03
N ARG L 173 -103.06 36.04 12.49
CA ARG L 173 -103.43 36.62 11.21
C ARG L 173 -103.36 35.59 10.10
N LEU L 174 -104.34 35.67 9.18
CA LEU L 174 -104.36 34.92 7.96
C LEU L 174 -104.29 35.88 6.79
N PRO L 175 -103.80 35.43 5.64
CA PRO L 175 -103.78 36.31 4.48
C PRO L 175 -105.18 36.47 3.92
N VAL L 176 -105.50 37.67 3.46
CA VAL L 176 -106.80 37.97 2.87
C VAL L 176 -106.57 38.89 1.68
N LEU L 177 -107.23 38.60 0.55
CA LEU L 177 -107.01 39.42 -0.64
C LEU L 177 -107.79 40.74 -0.52
N PRO L 178 -107.15 41.87 -0.79
CA PRO L 178 -107.84 43.16 -0.71
C PRO L 178 -109.09 43.22 -1.59
N ALA L 179 -110.12 43.90 -1.09
CA ALA L 179 -111.44 43.82 -1.70
C ALA L 179 -111.45 44.45 -3.09
N TRP L 180 -110.61 45.46 -3.31
CA TRP L 180 -110.70 46.26 -4.53
C TRP L 180 -110.47 45.44 -5.79
N VAL L 181 -109.85 44.26 -5.67
CA VAL L 181 -109.66 43.43 -6.86
C VAL L 181 -111.01 42.91 -7.33
N TYR L 182 -111.89 42.58 -6.38
CA TYR L 182 -113.19 42.00 -6.67
C TYR L 182 -114.27 43.06 -6.79
N GLU L 183 -114.03 44.26 -6.27
CA GLU L 183 -115.05 45.31 -6.22
C GLU L 183 -114.94 46.33 -7.35
N ARG L 184 -114.14 46.05 -8.38
CA ARG L 184 -114.01 46.95 -9.53
C ARG L 184 -114.14 46.14 -10.80
N PRO L 185 -115.29 46.21 -11.48
CA PRO L 185 -115.41 45.50 -12.77
C PRO L 185 -114.45 46.01 -13.82
N ALA L 186 -114.09 47.30 -13.80
CA ALA L 186 -113.24 47.87 -14.84
C ALA L 186 -111.77 47.57 -14.61
N LEU L 187 -111.44 46.80 -13.59
CA LEU L 187 -110.08 46.32 -13.37
C LEU L 187 -110.00 44.79 -13.30
N LEU L 188 -111.07 44.08 -13.63
CA LEU L 188 -110.95 42.65 -13.84
C LEU L 188 -110.15 42.32 -15.10
N GLY L 189 -109.40 41.22 -15.01
CA GLY L 189 -108.73 40.53 -16.08
C GLY L 189 -109.47 39.37 -16.70
N ASP L 190 -110.62 38.99 -16.17
CA ASP L 190 -111.43 37.94 -16.77
C ASP L 190 -112.39 38.49 -17.82
N PHE L 191 -113.41 37.71 -18.16
CA PHE L 191 -114.40 38.09 -19.17
C PHE L 191 -115.34 39.18 -18.66
N LEU L 192 -115.97 39.84 -19.63
CA LEU L 192 -116.94 40.89 -19.37
C LEU L 192 -118.33 40.30 -19.49
N PRO L 193 -119.09 40.17 -18.39
CA PRO L 193 -120.45 39.61 -18.41
C PRO L 193 -121.49 40.62 -18.89
N ALA L 202 -123.07 48.17 -33.09
CA ALA L 202 -123.23 46.92 -33.83
C ALA L 202 -124.11 47.13 -35.06
N VAL L 203 -123.71 46.50 -36.16
CA VAL L 203 -124.51 46.48 -37.39
C VAL L 203 -125.26 45.16 -37.43
N PRO L 204 -126.55 45.14 -37.77
CA PRO L 204 -127.30 43.89 -37.74
C PRO L 204 -126.68 42.86 -38.68
N ILE L 205 -126.64 41.61 -38.22
CA ILE L 205 -125.84 40.59 -38.88
C ILE L 205 -126.47 40.10 -40.17
N GLY L 206 -127.79 40.22 -40.33
CA GLY L 206 -128.41 39.66 -41.52
C GLY L 206 -128.14 40.42 -42.79
N SER L 207 -127.54 41.60 -42.70
CA SER L 207 -127.10 42.31 -43.89
C SER L 207 -125.68 41.94 -44.31
N LEU L 208 -124.94 41.19 -43.45
CA LEU L 208 -123.59 40.74 -43.75
C LEU L 208 -123.59 39.41 -44.48
N PRO L 209 -122.64 39.21 -45.40
CA PRO L 209 -122.48 37.89 -46.01
C PRO L 209 -122.15 36.85 -44.95
N LEU L 210 -122.56 35.61 -45.22
CA LEU L 210 -122.46 34.57 -44.21
C LEU L 210 -121.04 34.43 -43.70
N ALA L 211 -120.05 34.43 -44.60
CA ALA L 211 -118.66 34.25 -44.17
C ALA L 211 -118.21 35.42 -43.31
N SER L 212 -118.63 36.64 -43.65
CA SER L 212 -118.30 37.79 -42.80
C SER L 212 -119.00 37.70 -41.45
N GLN L 213 -120.22 37.17 -41.43
CA GLN L 213 -120.89 36.92 -40.16
C GLN L 213 -120.08 35.96 -39.31
N GLU L 214 -119.63 34.86 -39.92
CA GLU L 214 -118.79 33.90 -39.20
C GLU L 214 -117.52 34.55 -38.68
N ALA L 215 -116.89 35.39 -39.50
CA ALA L 215 -115.66 36.05 -39.08
C ALA L 215 -115.90 36.97 -37.88
N ALA L 216 -116.91 37.84 -37.96
CA ALA L 216 -117.21 38.74 -36.85
C ALA L 216 -117.58 37.96 -35.60
N VAL L 217 -118.36 36.88 -35.76
CA VAL L 217 -118.73 36.05 -34.62
C VAL L 217 -117.48 35.43 -34.01
N VAL L 218 -116.56 34.96 -34.84
CA VAL L 218 -115.37 34.31 -34.33
C VAL L 218 -114.48 35.31 -33.61
N GLU L 219 -114.44 36.55 -34.11
CA GLU L 219 -113.71 37.61 -33.41
C GLU L 219 -114.29 37.85 -32.02
N ASP L 220 -115.62 38.05 -31.95
CA ASP L 220 -116.26 38.21 -30.65
C ASP L 220 -115.99 37.00 -29.76
N LEU L 221 -116.05 35.79 -30.34
CA LEU L 221 -115.80 34.58 -29.58
C LEU L 221 -114.39 34.57 -29.02
N LEU L 222 -113.41 34.92 -29.84
CA LEU L 222 -112.02 34.89 -29.40
C LEU L 222 -111.77 35.90 -28.30
N TYR L 223 -112.45 37.05 -28.39
CA TYR L 223 -112.42 37.99 -27.27
C TYR L 223 -113.00 37.34 -26.02
N VAL L 224 -114.15 36.69 -26.14
CA VAL L 224 -114.76 36.16 -24.93
C VAL L 224 -113.94 34.98 -24.42
N LEU L 225 -113.25 34.28 -25.32
CA LEU L 225 -112.37 33.18 -24.93
C LEU L 225 -111.12 33.71 -24.26
N VAL L 226 -110.84 34.99 -24.42
CA VAL L 226 -109.73 35.64 -23.77
C VAL L 226 -110.24 36.63 -22.74
N GLY L 227 -111.51 36.47 -22.36
CA GLY L 227 -112.14 37.32 -21.38
C GLY L 227 -112.41 38.72 -21.88
N VAL L 228 -112.91 38.84 -23.11
CA VAL L 228 -113.27 40.14 -23.67
C VAL L 228 -114.59 40.04 -24.42
N ASP L 229 -115.47 41.00 -24.17
CA ASP L 229 -116.79 40.96 -24.79
C ASP L 229 -116.64 41.33 -26.26
N GLY L 230 -117.41 40.67 -27.13
CA GLY L 230 -117.49 41.07 -28.51
C GLY L 230 -118.53 42.15 -28.74
N ARG L 231 -118.69 42.51 -30.01
CA ARG L 231 -119.66 43.53 -30.38
C ARG L 231 -121.04 42.92 -30.55
N TYR L 232 -121.14 41.83 -31.29
CA TYR L 232 -122.41 41.15 -31.50
C TYR L 232 -122.44 39.79 -30.83
N ILE L 233 -121.39 39.43 -30.10
CA ILE L 233 -121.38 38.30 -29.17
C ILE L 233 -120.87 38.79 -27.82
N SER L 234 -121.69 38.67 -26.79
CA SER L 234 -121.38 39.21 -25.48
C SER L 234 -121.67 38.15 -24.42
N ALA L 235 -120.86 38.18 -23.36
CA ALA L 235 -121.01 37.24 -22.25
C ALA L 235 -122.04 37.74 -21.24
N GLN L 236 -122.72 36.79 -20.59
CA GLN L 236 -123.73 37.10 -19.59
C GLN L 236 -123.24 36.70 -18.21
N PRO L 237 -123.32 37.61 -17.23
CA PRO L 237 -122.86 37.30 -15.88
C PRO L 237 -123.53 36.07 -15.30
N LEU L 238 -122.80 35.41 -14.41
CA LEU L 238 -123.18 34.14 -13.83
C LEU L 238 -123.97 34.35 -12.54
N THR L 239 -124.64 33.29 -12.10
CA THR L 239 -125.25 33.23 -10.77
C THR L 239 -124.72 31.97 -10.10
N GLY L 240 -124.17 32.12 -8.89
CA GLY L 240 -123.36 31.07 -8.33
C GLY L 240 -122.09 31.00 -9.16
N ARG L 241 -121.25 30.01 -8.87
CA ARG L 241 -120.05 29.85 -9.69
C ARG L 241 -120.51 29.11 -10.94
N GLN L 242 -120.49 29.83 -12.07
CA GLN L 242 -120.91 29.26 -13.35
C GLN L 242 -120.06 29.87 -14.45
N GLY L 243 -120.06 29.19 -15.60
CA GLY L 243 -119.50 29.77 -16.79
C GLY L 243 -120.41 30.83 -17.41
N ARG L 244 -119.78 31.77 -18.11
CA ARG L 244 -120.51 32.87 -18.73
C ARG L 244 -121.52 32.33 -19.73
N THR L 245 -122.72 32.89 -19.70
CA THR L 245 -123.73 32.65 -20.72
C THR L 245 -123.67 33.76 -21.75
N PHE L 246 -123.93 33.41 -22.99
CA PHE L 246 -123.75 34.32 -24.11
C PHE L 246 -125.06 34.53 -24.86
N LEU L 247 -125.31 35.78 -25.25
CA LEU L 247 -126.37 36.13 -26.16
C LEU L 247 -125.75 36.31 -27.54
N VAL L 248 -126.32 35.65 -28.55
CA VAL L 248 -125.84 35.75 -29.92
C VAL L 248 -126.84 36.54 -30.73
N ASP L 249 -126.33 37.44 -31.55
CA ASP L 249 -127.19 38.30 -32.35
C ASP L 249 -128.04 37.41 -33.27
N PRO L 250 -129.35 37.60 -33.31
CA PRO L 250 -130.19 36.69 -34.12
C PRO L 250 -130.21 37.01 -35.60
N ASN L 251 -129.62 38.12 -36.03
CA ASN L 251 -129.50 38.37 -37.47
C ASN L 251 -128.29 37.68 -38.08
N LEU L 252 -127.39 37.14 -37.24
CA LEU L 252 -126.37 36.22 -37.71
C LEU L 252 -127.02 34.97 -38.29
N ASP L 253 -126.27 34.23 -39.09
CA ASP L 253 -126.79 32.99 -39.64
C ASP L 253 -126.89 31.93 -38.55
N LEU L 254 -128.00 31.20 -38.56
CA LEU L 254 -128.26 30.24 -37.49
C LEU L 254 -127.12 29.24 -37.35
N SER L 255 -126.60 28.76 -38.49
CA SER L 255 -125.57 27.73 -38.47
C SER L 255 -124.32 28.23 -37.78
N ILE L 256 -123.89 29.46 -38.11
CA ILE L 256 -122.72 30.02 -37.44
C ILE L 256 -122.98 30.09 -35.94
N ARG L 257 -124.18 30.51 -35.54
CA ARG L 257 -124.46 30.59 -34.12
C ARG L 257 -124.41 29.20 -33.51
N GLU L 258 -125.00 28.21 -34.20
CA GLU L 258 -124.90 26.84 -33.72
C GLU L 258 -123.45 26.39 -33.67
N LEU L 259 -122.69 26.69 -34.73
CA LEU L 259 -121.30 26.27 -34.70
C LEU L 259 -120.55 27.09 -33.68
N VAL L 260 -121.01 28.33 -33.48
CA VAL L 260 -120.42 29.15 -32.42
C VAL L 260 -120.77 28.51 -31.10
N SER L 261 -122.04 28.13 -30.94
CA SER L 261 -122.57 27.65 -29.67
C SER L 261 -121.94 26.33 -29.27
N ARG L 262 -121.33 25.60 -30.21
CA ARG L 262 -120.62 24.40 -29.82
C ARG L 262 -119.28 24.74 -29.20
N ILE L 263 -118.69 25.85 -29.62
CA ILE L 263 -117.38 26.25 -29.13
C ILE L 263 -117.58 27.00 -27.82
N LEU L 264 -118.68 27.74 -27.73
CA LEU L 264 -118.91 28.63 -26.60
C LEU L 264 -118.89 27.92 -25.25
N PRO L 265 -119.25 26.64 -25.12
CA PRO L 265 -119.23 26.05 -23.77
C PRO L 265 -117.84 26.04 -23.16
N VAL L 266 -116.81 25.97 -24.01
CA VAL L 266 -115.44 26.07 -23.52
C VAL L 266 -115.19 27.46 -22.97
N ALA L 267 -115.62 28.49 -23.72
CA ALA L 267 -115.49 29.85 -23.22
C ALA L 267 -116.33 30.06 -21.96
N ALA L 268 -117.46 29.38 -21.85
CA ALA L 268 -118.29 29.50 -20.66
C ALA L 268 -117.53 28.97 -19.44
N SER L 269 -116.99 27.76 -19.58
CA SER L 269 -116.17 27.21 -18.50
C SER L 269 -114.99 28.13 -18.20
N TYR L 270 -114.41 28.73 -19.24
CA TYR L 270 -113.29 29.65 -19.01
C TYR L 270 -113.75 30.89 -18.26
N SER L 271 -114.92 31.44 -18.60
CA SER L 271 -115.43 32.62 -17.92
C SER L 271 -115.73 32.31 -16.47
N THR L 272 -116.14 31.08 -16.17
CA THR L 272 -116.28 30.67 -14.79
C THR L 272 -114.92 30.55 -14.13
N VAL L 273 -113.96 30.00 -14.87
CA VAL L 273 -112.63 29.70 -14.33
C VAL L 273 -111.92 31.00 -13.96
N THR L 274 -112.08 32.04 -14.77
CA THR L 274 -111.38 33.28 -14.51
C THR L 274 -111.85 33.92 -13.22
N ARG L 275 -113.16 34.07 -13.04
CA ARG L 275 -113.68 34.55 -11.77
C ARG L 275 -113.26 33.64 -10.62
N PHE L 276 -113.27 32.32 -10.86
CA PHE L 276 -112.84 31.39 -9.83
C PHE L 276 -111.39 31.63 -9.45
N ILE L 277 -110.53 31.81 -10.45
CA ILE L 277 -109.11 32.05 -10.22
C ILE L 277 -108.94 33.30 -9.38
N GLU L 278 -109.65 34.36 -9.75
CA GLU L 278 -109.53 35.62 -9.03
C GLU L 278 -109.97 35.45 -7.57
N GLU L 279 -111.16 34.89 -7.36
CA GLU L 279 -111.63 34.65 -5.99
C GLU L 279 -110.68 33.74 -5.21
N LYS L 280 -110.34 32.58 -5.77
CA LYS L 280 -109.59 31.57 -5.05
C LYS L 280 -108.09 31.79 -5.13
N SER L 281 -107.68 32.94 -5.66
CA SER L 281 -106.32 33.42 -5.52
C SER L 281 -106.30 34.55 -4.52
N SER L 282 -107.35 34.65 -3.72
CA SER L 282 -107.42 35.58 -2.63
C SER L 282 -106.80 34.96 -1.40
N PHE L 283 -106.12 35.79 -0.62
CA PHE L 283 -105.28 35.28 0.45
C PHE L 283 -106.10 34.50 1.46
N GLU L 284 -107.36 34.90 1.68
CA GLU L 284 -108.16 34.31 2.76
C GLU L 284 -108.38 32.83 2.51
N TYR L 285 -108.32 32.40 1.26
CA TYR L 285 -108.70 31.04 0.90
C TYR L 285 -107.57 30.07 1.18
N GLY L 286 -106.44 30.55 1.66
CA GLY L 286 -105.41 29.70 2.20
C GLY L 286 -104.27 29.53 1.22
N GLN L 287 -103.08 29.21 1.75
CA GLN L 287 -101.90 29.21 0.90
C GLN L 287 -102.00 28.13 -0.17
N VAL L 288 -102.56 26.98 0.18
CA VAL L 288 -102.79 25.92 -0.79
C VAL L 288 -103.63 26.44 -1.96
N ASN L 289 -104.74 27.12 -1.66
CA ASN L 289 -105.58 27.66 -2.73
C ASN L 289 -104.89 28.81 -3.44
N HIS L 290 -104.07 29.58 -2.72
CA HIS L 290 -103.32 30.66 -3.34
C HIS L 290 -102.42 30.09 -4.43
N ALA L 291 -101.63 29.08 -4.08
CA ALA L 291 -100.72 28.47 -5.04
C ALA L 291 -101.48 27.78 -6.15
N LEU L 292 -102.62 27.16 -5.83
CA LEU L 292 -103.41 26.52 -6.87
C LEU L 292 -103.94 27.54 -7.86
N ALA L 293 -104.42 28.68 -7.36
CA ALA L 293 -104.87 29.76 -8.22
C ALA L 293 -103.70 30.32 -9.03
N ALA L 294 -102.51 30.39 -8.43
CA ALA L 294 -101.34 30.86 -9.17
C ALA L 294 -101.02 29.91 -10.33
N ALA L 295 -101.11 28.61 -10.07
CA ALA L 295 -100.87 27.65 -11.14
C ALA L 295 -101.93 27.78 -12.23
N MET L 296 -103.19 27.92 -11.82
CA MET L 296 -104.25 28.15 -12.78
C MET L 296 -104.00 29.44 -13.56
N ARG L 297 -103.44 30.46 -12.91
CA ARG L 297 -103.10 31.70 -13.60
C ARG L 297 -102.01 31.46 -14.63
N THR L 298 -101.04 30.60 -14.30
CA THR L 298 -100.02 30.22 -15.28
C THR L 298 -100.67 29.54 -16.48
N LEU L 299 -101.55 28.58 -16.21
CA LEU L 299 -102.24 27.89 -17.30
C LEU L 299 -103.06 28.86 -18.12
N VAL L 300 -103.72 29.81 -17.47
CA VAL L 300 -104.53 30.78 -18.18
C VAL L 300 -103.65 31.69 -18.99
N LYS L 301 -102.44 31.99 -18.50
CA LYS L 301 -101.48 32.74 -19.28
C LYS L 301 -101.10 31.98 -20.55
N GLU L 302 -100.84 30.68 -20.41
CA GLU L 302 -100.59 29.86 -21.60
C GLU L 302 -101.77 29.94 -22.56
N TYR L 303 -102.98 29.81 -22.03
CA TYR L 303 -104.18 29.97 -22.83
C TYR L 303 -104.17 31.32 -23.53
N LEU L 304 -103.80 32.37 -22.79
CA LEU L 304 -103.79 33.71 -23.35
C LEU L 304 -102.77 33.82 -24.47
N VAL L 305 -101.62 33.16 -24.31
CA VAL L 305 -100.63 33.14 -25.38
C VAL L 305 -101.23 32.50 -26.62
N LEU L 306 -101.92 31.37 -26.43
CA LEU L 306 -102.57 30.70 -27.55
C LEU L 306 -103.55 31.64 -28.23
N VAL L 307 -104.37 32.32 -27.43
CA VAL L 307 -105.40 33.18 -27.98
C VAL L 307 -104.79 34.41 -28.61
N THR L 308 -103.65 34.88 -28.09
CA THR L 308 -102.87 35.91 -28.76
C THR L 308 -102.47 35.48 -30.16
N GLN L 309 -101.95 34.27 -30.29
CA GLN L 309 -101.59 33.78 -31.62
C GLN L 309 -102.82 33.68 -32.50
N LEU L 310 -103.94 33.25 -31.92
CA LEU L 310 -105.18 33.18 -32.68
C LEU L 310 -105.67 34.56 -33.09
N GLU L 311 -105.48 35.55 -32.22
CA GLU L 311 -105.80 36.92 -32.57
C GLU L 311 -104.93 37.40 -33.73
N GLN L 312 -103.65 37.05 -33.70
CA GLN L 312 -102.77 37.38 -34.81
C GLN L 312 -103.27 36.77 -36.12
N LEU L 313 -103.75 35.53 -36.04
CA LEU L 313 -104.25 34.88 -37.25
C LEU L 313 -105.58 35.48 -37.70
N GLN L 314 -106.43 35.89 -36.75
CA GLN L 314 -107.58 36.71 -37.09
C GLN L 314 -107.12 37.95 -37.85
N ARG L 315 -106.16 38.69 -37.27
CA ARG L 315 -105.78 39.98 -37.81
C ARG L 315 -105.12 39.83 -39.17
N GLN L 316 -104.66 38.62 -39.49
CA GLN L 316 -104.14 38.34 -40.82
C GLN L 316 -105.23 37.89 -41.77
N GLY L 317 -106.48 37.83 -41.31
CA GLY L 317 -107.57 37.34 -42.13
C GLY L 317 -107.42 35.88 -42.54
N LEU L 318 -107.01 35.02 -41.60
CA LEU L 318 -106.67 33.64 -41.93
C LEU L 318 -107.38 32.64 -41.01
N LEU L 319 -108.45 33.04 -40.33
CA LEU L 319 -109.23 32.12 -39.53
C LEU L 319 -110.72 32.32 -39.78
N SER L 320 -111.50 31.27 -39.49
CA SER L 320 -112.95 31.36 -39.56
C SER L 320 -113.54 30.31 -38.63
N LEU L 321 -114.73 30.62 -38.12
CA LEU L 321 -115.67 29.66 -37.54
C LEU L 321 -115.09 28.26 -37.29
N GLN L 322 -115.31 27.36 -38.24
CA GLN L 322 -114.93 25.97 -38.05
C GLN L 322 -113.43 25.79 -37.85
N LYS L 323 -112.61 26.64 -38.46
CA LYS L 323 -111.18 26.50 -38.28
C LYS L 323 -110.77 26.89 -36.87
N LEU L 324 -111.34 27.98 -36.35
CA LEU L 324 -111.13 28.32 -34.95
C LEU L 324 -111.60 27.21 -34.03
N TRP L 325 -112.76 26.63 -34.32
CA TRP L 325 -113.28 25.56 -33.47
C TRP L 325 -112.38 24.34 -33.51
N PHE L 326 -111.80 24.04 -34.66
CA PHE L 326 -110.92 22.87 -34.75
C PHE L 326 -109.62 23.13 -34.02
N TYR L 327 -108.98 24.27 -34.28
CA TYR L 327 -107.70 24.53 -33.62
C TYR L 327 -107.90 24.58 -32.12
N ILE L 328 -109.04 25.11 -31.66
CA ILE L 328 -109.29 25.25 -30.24
C ILE L 328 -109.85 23.99 -29.61
N GLN L 329 -110.17 22.97 -30.41
CA GLN L 329 -110.83 21.80 -29.84
C GLN L 329 -109.95 21.09 -28.83
N PRO L 330 -108.67 20.85 -29.10
CA PRO L 330 -107.81 20.30 -28.03
C PRO L 330 -107.77 21.24 -26.84
N ALA L 331 -107.56 22.53 -27.10
CA ALA L 331 -107.57 23.51 -26.04
C ALA L 331 -108.96 23.63 -25.42
N MET L 332 -110.01 23.47 -26.21
CA MET L 332 -111.36 23.54 -25.66
C MET L 332 -111.56 22.46 -24.62
N ARG L 333 -111.19 21.22 -24.97
CA ARG L 333 -111.31 20.11 -24.03
C ARG L 333 -110.44 20.33 -22.81
N SER L 334 -109.19 20.76 -23.03
CA SER L 334 -108.29 20.97 -21.92
C SER L 334 -108.84 22.00 -20.95
N LEU L 335 -109.37 23.11 -21.48
CA LEU L 335 -109.85 24.19 -20.63
C LEU L 335 -111.16 23.82 -19.96
N ASP L 336 -112.03 23.08 -20.65
CA ASP L 336 -113.21 22.54 -20.00
C ASP L 336 -112.81 21.67 -18.80
N ILE L 337 -111.81 20.81 -18.98
CA ILE L 337 -111.37 19.93 -17.90
C ILE L 337 -110.79 20.74 -16.74
N LEU L 338 -109.91 21.68 -17.06
CA LEU L 338 -109.30 22.50 -16.02
C LEU L 338 -110.36 23.28 -15.25
N ALA L 339 -111.31 23.88 -15.96
CA ALA L 339 -112.34 24.66 -15.30
C ALA L 339 -113.23 23.76 -14.45
N SER L 340 -113.53 22.55 -14.94
CA SER L 340 -114.33 21.63 -14.14
C SER L 340 -113.62 21.25 -12.85
N LEU L 341 -112.33 20.96 -12.93
CA LEU L 341 -111.57 20.64 -11.71
C LEU L 341 -111.55 21.83 -10.75
N ALA L 342 -111.27 23.02 -11.27
CA ALA L 342 -111.21 24.18 -10.41
C ALA L 342 -112.57 24.43 -9.76
N THR L 343 -113.64 24.32 -10.55
CA THR L 343 -114.97 24.56 -10.03
C THR L 343 -115.32 23.54 -8.96
N SER L 344 -114.96 22.28 -9.18
CA SER L 344 -115.23 21.25 -8.17
C SER L 344 -114.51 21.56 -6.86
N VAL L 345 -113.25 22.00 -6.94
CA VAL L 345 -112.53 22.32 -5.71
C VAL L 345 -113.13 23.56 -5.04
N ASP L 346 -113.48 24.57 -5.84
CA ASP L 346 -114.03 25.81 -5.31
C ASP L 346 -115.41 25.62 -4.67
N LYS L 347 -116.28 24.87 -5.32
CA LYS L 347 -117.69 24.81 -4.92
C LYS L 347 -117.88 24.07 -3.61
N GLY L 348 -116.99 23.16 -3.27
CA GLY L 348 -117.02 22.60 -1.95
C GLY L 348 -116.22 23.39 -0.96
N GLU L 349 -115.72 24.55 -1.36
CA GLU L 349 -114.92 25.42 -0.51
C GLU L 349 -113.88 24.60 0.25
N CYS L 350 -113.13 23.81 -0.50
CA CYS L 350 -112.20 22.89 0.13
C CYS L 350 -110.99 23.68 0.59
N ILE L 351 -110.51 23.36 1.78
CA ILE L 351 -109.28 23.95 2.30
C ILE L 351 -108.41 22.82 2.82
N GLY L 352 -107.09 23.00 2.67
CA GLY L 352 -106.17 22.07 3.25
C GLY L 352 -106.40 20.68 2.71
N GLY L 353 -106.36 19.70 3.61
CA GLY L 353 -106.44 18.33 3.16
C GLY L 353 -107.74 18.01 2.46
N ALA L 354 -108.80 18.79 2.72
CA ALA L 354 -110.03 18.61 1.95
C ALA L 354 -109.73 18.83 0.47
N THR L 355 -109.13 19.98 0.17
CA THR L 355 -108.79 20.31 -1.20
C THR L 355 -107.79 19.32 -1.78
N LEU L 356 -106.77 18.95 -1.00
CA LEU L 356 -105.79 17.98 -1.47
C LEU L 356 -106.44 16.61 -1.77
N SER L 357 -107.33 16.16 -0.89
CA SER L 357 -108.12 14.97 -1.17
C SER L 357 -108.86 15.09 -2.48
N LEU L 358 -109.61 16.18 -2.65
CA LEU L 358 -110.30 16.39 -3.93
C LEU L 358 -109.32 16.36 -5.09
N LEU L 359 -108.12 16.92 -4.89
CA LEU L 359 -107.15 16.97 -5.97
C LEU L 359 -106.66 15.58 -6.34
N HIS L 360 -106.42 14.74 -5.33
CA HIS L 360 -106.08 13.35 -5.59
C HIS L 360 -107.20 12.67 -6.36
N ASP L 361 -108.41 12.75 -5.83
CA ASP L 361 -109.52 12.03 -6.43
C ASP L 361 -109.72 12.46 -7.87
N ARG L 362 -109.72 13.78 -8.11
CA ARG L 362 -109.87 14.31 -9.46
C ARG L 362 -108.74 13.84 -10.37
N SER L 363 -107.49 13.91 -9.90
CA SER L 363 -106.36 13.42 -10.68
C SER L 363 -106.54 11.95 -11.07
N PHE L 364 -107.13 11.16 -10.18
CA PHE L 364 -107.45 9.77 -10.52
C PHE L 364 -108.58 9.69 -11.55
N SER L 365 -109.66 10.43 -11.33
CA SER L 365 -110.80 10.38 -12.24
C SER L 365 -110.44 10.89 -13.63
N TYR L 366 -109.47 11.80 -13.72
CA TYR L 366 -108.93 12.28 -14.99
C TYR L 366 -107.79 11.40 -15.49
N THR L 367 -107.78 10.13 -15.11
CA THR L 367 -106.77 9.22 -15.62
C THR L 367 -106.97 8.96 -17.11
N GLY L 368 -108.18 9.23 -17.62
CA GLY L 368 -108.47 8.92 -19.01
C GLY L 368 -107.59 9.69 -19.96
N ASP L 369 -107.28 10.95 -19.64
CA ASP L 369 -106.45 11.79 -20.48
C ASP L 369 -105.16 12.12 -19.75
N SER L 370 -104.04 11.96 -20.47
CA SER L 370 -102.73 12.12 -19.85
C SER L 370 -102.46 13.57 -19.51
N GLN L 371 -102.93 14.49 -20.36
CA GLN L 371 -102.75 15.90 -20.07
C GLN L 371 -103.38 16.25 -18.73
N ALA L 372 -104.62 15.80 -18.52
CA ALA L 372 -105.31 16.11 -17.27
C ALA L 372 -104.63 15.44 -16.08
N GLN L 373 -104.21 14.18 -16.24
CA GLN L 373 -103.53 13.51 -15.14
C GLN L 373 -102.24 14.24 -14.76
N GLU L 374 -101.40 14.55 -15.74
CA GLU L 374 -100.14 15.22 -15.46
C GLU L 374 -100.39 16.60 -14.86
N LEU L 375 -101.33 17.35 -15.42
CA LEU L 375 -101.63 18.68 -14.91
C LEU L 375 -102.07 18.60 -13.45
N CYS L 376 -102.98 17.68 -13.13
CA CYS L 376 -103.46 17.60 -11.77
C CYS L 376 -102.38 17.14 -10.82
N LEU L 377 -101.48 16.25 -11.26
CA LEU L 377 -100.38 15.85 -10.38
C LEU L 377 -99.41 16.99 -10.15
N HIS L 378 -99.08 17.73 -11.21
CA HIS L 378 -98.28 18.94 -11.06
C HIS L 378 -98.92 19.90 -10.08
N LEU L 379 -100.20 20.21 -10.28
CA LEU L 379 -100.89 21.15 -9.42
C LEU L 379 -100.89 20.66 -7.98
N THR L 380 -101.12 19.38 -7.78
CA THR L 380 -101.22 18.87 -6.42
C THR L 380 -99.87 18.94 -5.73
N LYS L 381 -98.80 18.55 -6.43
CA LYS L 381 -97.46 18.76 -5.91
C LYS L 381 -97.24 20.21 -5.52
N ALA L 382 -97.51 21.13 -6.45
CA ALA L 382 -97.22 22.53 -6.21
C ALA L 382 -97.98 23.03 -4.99
N ALA L 383 -99.27 22.72 -4.90
CA ALA L 383 -100.06 23.26 -3.80
C ALA L 383 -99.70 22.57 -2.50
N SER L 384 -99.23 21.32 -2.56
CA SER L 384 -98.84 20.64 -1.34
C SER L 384 -97.49 21.12 -0.87
N THR L 385 -96.71 21.75 -1.75
CA THR L 385 -95.40 22.23 -1.31
C THR L 385 -95.55 23.12 -0.09
N PRO L 386 -96.38 24.16 -0.11
CA PRO L 386 -96.60 24.93 1.13
C PRO L 386 -97.19 24.07 2.22
N TYR L 387 -98.17 23.23 1.88
CA TYR L 387 -98.81 22.42 2.89
C TYR L 387 -97.82 21.40 3.43
N PHE L 388 -97.03 20.81 2.54
CA PHE L 388 -95.96 19.94 3.01
C PHE L 388 -94.92 20.75 3.74
N GLU L 389 -94.72 22.01 3.32
CA GLU L 389 -93.85 22.89 4.07
C GLU L 389 -94.39 23.04 5.48
N ILE L 390 -95.69 23.33 5.59
CA ILE L 390 -96.30 23.45 6.91
C ILE L 390 -96.26 22.08 7.58
N LEU L 391 -96.64 21.05 6.83
CA LEU L 391 -96.54 19.69 7.33
C LEU L 391 -95.09 19.39 7.69
N GLU L 392 -94.15 19.89 6.89
CA GLU L 392 -92.74 19.64 7.15
C GLU L 392 -92.31 20.33 8.43
N LYS L 393 -92.69 21.60 8.60
CA LYS L 393 -92.45 22.23 9.89
C LYS L 393 -93.02 21.35 10.99
N TRP L 394 -94.25 20.87 10.80
CA TRP L 394 -94.89 20.08 11.84
C TRP L 394 -94.23 18.71 11.94
N ILE L 395 -94.07 18.04 10.79
CA ILE L 395 -93.58 16.67 10.74
C ILE L 395 -92.07 16.58 10.70
N TYR L 396 -91.36 17.68 10.45
CA TYR L 396 -89.91 17.69 10.45
C TYR L 396 -89.33 18.44 11.64
N ARG L 397 -90.12 19.30 12.27
CA ARG L 397 -89.62 20.16 13.35
C ARG L 397 -90.55 20.22 14.54
N GLY L 398 -91.76 19.68 14.46
CA GLY L 398 -92.67 19.79 15.58
C GLY L 398 -93.12 21.22 15.75
N ILE L 399 -93.30 21.93 14.65
CA ILE L 399 -93.82 23.29 14.65
C ILE L 399 -94.99 23.33 13.69
N ILE L 400 -96.06 24.00 14.09
CA ILE L 400 -97.17 24.29 13.21
C ILE L 400 -97.29 25.80 13.07
N ASP L 401 -96.92 26.31 11.90
CA ASP L 401 -97.18 27.69 11.53
C ASP L 401 -98.03 27.64 10.26
N ASP L 402 -99.23 28.19 10.33
CA ASP L 402 -100.08 28.23 9.16
C ASP L 402 -101.15 29.30 9.32
N PRO L 403 -101.21 30.28 8.42
CA PRO L 403 -102.15 31.39 8.63
C PRO L 403 -103.56 31.05 8.17
N TYR L 404 -103.72 30.06 7.30
CA TYR L 404 -105.02 29.71 6.75
C TYR L 404 -105.72 28.60 7.51
N SER L 405 -104.98 27.78 8.26
CA SER L 405 -105.54 26.55 8.81
C SER L 405 -105.94 25.62 7.67
N GLU L 406 -104.95 24.96 7.07
CA GLU L 406 -105.19 23.92 6.09
C GLU L 406 -104.53 22.59 6.44
N PHE L 407 -103.91 22.48 7.61
CA PHE L 407 -103.00 21.39 7.90
C PHE L 407 -103.74 20.34 8.72
N MET L 408 -103.24 19.10 8.65
CA MET L 408 -103.91 17.99 9.30
C MET L 408 -104.25 18.34 10.74
N VAL L 409 -103.31 18.95 11.45
CA VAL L 409 -103.41 19.17 12.88
C VAL L 409 -103.74 20.62 13.14
N GLU L 410 -104.65 20.84 14.07
CA GLU L 410 -105.06 22.15 14.56
C GLU L 410 -104.74 22.17 16.04
N GLU L 411 -104.32 23.32 16.56
CA GLU L 411 -103.97 23.40 17.97
C GLU L 411 -105.14 23.92 18.79
N HIS L 412 -105.30 23.31 19.96
CA HIS L 412 -106.19 23.76 21.02
C HIS L 412 -105.35 23.94 22.28
N GLU L 413 -105.88 24.69 23.23
CA GLU L 413 -105.06 24.99 24.39
C GLU L 413 -104.86 23.75 25.25
N LEU L 414 -103.79 23.77 26.02
CA LEU L 414 -103.46 22.69 26.95
C LEU L 414 -102.45 23.21 27.95
N ARG L 415 -102.39 22.55 29.11
CA ARG L 415 -101.32 22.75 30.06
C ARG L 415 -100.55 21.45 30.21
N LYS L 416 -99.22 21.51 30.12
CA LYS L 416 -98.44 20.29 30.22
C LYS L 416 -98.52 19.71 31.63
N GLU L 417 -98.58 20.58 32.64
CA GLU L 417 -98.64 20.12 34.02
C GLU L 417 -99.80 19.16 34.21
N LYS L 418 -100.95 19.48 33.62
CA LYS L 418 -102.19 18.74 33.84
C LYS L 418 -102.19 17.39 33.16
N ILE L 419 -101.12 17.05 32.41
CA ILE L 419 -101.08 15.76 31.74
C ILE L 419 -101.15 14.64 32.77
N GLN L 420 -100.43 14.80 33.88
CA GLN L 420 -100.40 13.76 34.89
C GLN L 420 -101.39 14.05 36.01
N GLU L 421 -101.95 15.27 36.04
CA GLU L 421 -103.03 15.56 36.97
C GLU L 421 -104.31 14.84 36.56
N ASP L 422 -104.60 14.81 35.26
CA ASP L 422 -105.85 14.26 34.77
C ASP L 422 -105.62 12.88 34.16
N TYR L 423 -106.63 12.00 34.28
CA TYR L 423 -106.55 10.72 33.58
C TYR L 423 -106.53 10.95 32.07
N ASN L 424 -107.22 11.98 31.59
CA ASN L 424 -107.19 12.34 30.19
C ASN L 424 -105.80 12.83 29.81
N ASP L 425 -105.39 12.53 28.59
CA ASP L 425 -104.06 12.94 28.12
C ASP L 425 -104.16 14.31 27.43
N LYS L 426 -104.54 15.31 28.22
CA LYS L 426 -104.95 16.57 27.62
C LYS L 426 -103.79 17.24 26.90
N TYR L 427 -102.55 17.03 27.37
CA TYR L 427 -101.41 17.58 26.66
C TYR L 427 -101.36 17.03 25.25
N TRP L 428 -101.53 15.71 25.11
CA TRP L 428 -101.43 15.08 23.80
C TRP L 428 -102.64 15.44 22.94
N ASP L 429 -103.81 15.56 23.56
CA ASP L 429 -105.06 15.62 22.83
C ASP L 429 -105.43 17.05 22.43
N GLN L 430 -105.17 18.03 23.29
CA GLN L 430 -105.63 19.39 23.02
C GLN L 430 -104.54 20.22 22.37
N ARG L 431 -103.28 20.01 22.77
CA ARG L 431 -102.21 20.83 22.22
C ARG L 431 -102.20 20.68 20.71
N TYR L 432 -102.29 19.43 20.24
CA TYR L 432 -102.45 19.10 18.83
C TYR L 432 -103.67 18.19 18.74
N THR L 433 -104.65 18.60 17.93
CA THR L 433 -105.83 17.83 17.60
C THR L 433 -105.82 17.67 16.09
N VAL L 434 -106.60 16.73 15.57
CA VAL L 434 -106.63 16.49 14.14
C VAL L 434 -107.95 17.02 13.62
N VAL L 435 -107.87 17.97 12.70
CA VAL L 435 -109.04 18.46 11.97
C VAL L 435 -109.42 17.44 10.92
N GLN L 436 -110.66 16.98 10.96
CA GLN L 436 -111.06 15.85 10.10
C GLN L 436 -111.64 16.38 8.79
N ARG L 437 -110.92 17.34 8.24
CA ARG L 437 -111.05 17.75 6.86
C ARG L 437 -109.71 18.18 6.28
N GLN L 438 -108.63 18.11 7.06
CA GLN L 438 -107.32 18.58 6.66
C GLN L 438 -106.35 17.46 6.28
N ILE L 439 -106.84 16.23 6.12
CA ILE L 439 -105.97 15.15 5.63
C ILE L 439 -106.02 15.16 4.11
N PRO L 440 -104.88 15.17 3.42
CA PRO L 440 -104.89 14.97 1.98
C PRO L 440 -105.06 13.51 1.59
N SER L 441 -105.73 13.30 0.45
CA SER L 441 -105.96 11.92 0.02
C SER L 441 -104.65 11.17 -0.07
N PHE L 442 -103.60 11.81 -0.59
CA PHE L 442 -102.35 11.12 -0.74
C PHE L 442 -101.57 11.11 0.57
N LEU L 443 -101.99 11.90 1.55
CA LEU L 443 -101.51 11.79 2.92
C LEU L 443 -102.55 11.18 3.84
N GLN L 444 -103.73 10.86 3.32
CA GLN L 444 -104.80 10.35 4.18
C GLN L 444 -104.41 9.01 4.77
N LYS L 445 -103.60 8.24 4.04
CA LYS L 445 -103.22 6.91 4.49
C LYS L 445 -102.15 6.98 5.56
N MET L 446 -101.26 7.95 5.46
CA MET L 446 -100.22 8.18 6.46
C MET L 446 -100.65 9.17 7.54
N ALA L 447 -101.89 9.66 7.50
CA ALA L 447 -102.30 10.73 8.40
C ALA L 447 -102.14 10.32 9.86
N GLY L 448 -102.55 9.09 10.19
CA GLY L 448 -102.34 8.61 11.54
C GLY L 448 -100.89 8.56 11.95
N LYS L 449 -100.01 8.06 11.07
CA LYS L 449 -98.61 7.98 11.41
C LYS L 449 -98.01 9.38 11.53
N VAL L 450 -98.45 10.30 10.67
CA VAL L 450 -98.02 11.69 10.76
C VAL L 450 -98.39 12.26 12.11
N LEU L 451 -99.65 12.05 12.52
CA LEU L 451 -100.10 12.52 13.82
C LEU L 451 -99.22 11.96 14.93
N SER L 452 -98.97 10.65 14.90
CA SER L 452 -98.20 10.05 16.00
C SER L 452 -96.77 10.57 15.97
N THR L 453 -96.21 10.75 14.78
CA THR L 453 -94.87 11.28 14.62
C THR L 453 -94.77 12.66 15.24
N GLY L 454 -95.70 13.54 14.88
CA GLY L 454 -95.69 14.89 15.42
C GLY L 454 -95.95 14.90 16.92
N LYS L 455 -96.79 13.99 17.40
CA LYS L 455 -96.97 13.84 18.84
C LYS L 455 -95.63 13.53 19.52
N TYR L 456 -94.88 12.57 18.99
CA TYR L 456 -93.58 12.24 19.57
C TYR L 456 -92.62 13.43 19.49
N LEU L 457 -92.60 14.11 18.36
CA LEU L 457 -91.69 15.24 18.21
C LEU L 457 -92.07 16.35 19.18
N ASN L 458 -93.37 16.59 19.35
CA ASN L 458 -93.82 17.65 20.23
C ASN L 458 -93.51 17.29 21.67
N VAL L 459 -93.62 16.00 22.01
CA VAL L 459 -93.31 15.56 23.37
C VAL L 459 -91.84 15.81 23.66
N VAL L 460 -90.98 15.54 22.67
CA VAL L 460 -89.56 15.84 22.85
C VAL L 460 -89.35 17.34 22.96
N ARG L 461 -90.01 18.13 22.11
CA ARG L 461 -89.88 19.58 22.21
C ARG L 461 -90.35 20.07 23.58
N GLU L 462 -91.45 19.53 24.08
CA GLU L 462 -91.99 19.93 25.37
C GLU L 462 -91.18 19.38 26.52
N CYS L 463 -90.20 18.54 26.22
CA CYS L 463 -89.23 18.09 27.19
C CYS L 463 -88.09 19.10 27.32
N GLY L 464 -88.18 20.20 26.58
CA GLY L 464 -87.13 21.20 26.54
C GLY L 464 -86.12 20.92 25.46
N HIS L 465 -86.56 20.37 24.33
CA HIS L 465 -85.69 20.02 23.23
C HIS L 465 -86.00 20.89 22.01
N ASP L 466 -84.94 21.30 21.32
CA ASP L 466 -85.08 21.92 20.02
C ASP L 466 -85.22 20.80 19.00
N VAL L 467 -86.35 20.74 18.32
CA VAL L 467 -86.70 19.58 17.51
C VAL L 467 -86.79 20.00 16.05
N THR L 468 -85.82 19.52 15.26
CA THR L 468 -85.77 19.72 13.83
C THR L 468 -85.28 18.40 13.25
N CYS L 469 -85.98 17.89 12.26
CA CYS L 469 -85.56 16.62 11.66
C CYS L 469 -84.34 16.85 10.79
N PRO L 470 -83.30 16.02 10.89
CA PRO L 470 -82.14 16.18 10.01
C PRO L 470 -82.31 15.47 8.68
N VAL L 471 -83.32 14.61 8.56
CA VAL L 471 -83.62 13.95 7.30
C VAL L 471 -84.86 14.62 6.73
N ALA L 472 -85.10 15.87 7.11
CA ALA L 472 -86.28 16.58 6.65
C ALA L 472 -86.22 16.74 5.13
N LYS L 473 -87.34 16.45 4.47
CA LYS L 473 -87.44 16.66 3.04
C LYS L 473 -88.66 17.52 2.75
N GLU L 474 -88.68 18.09 1.55
CA GLU L 474 -89.88 18.71 1.03
C GLU L 474 -90.82 17.66 0.49
N VAL L 475 -92.05 17.65 0.98
CA VAL L 475 -93.04 16.66 0.59
C VAL L 475 -93.73 17.20 -0.65
N VAL L 476 -93.59 16.51 -1.76
CA VAL L 476 -94.26 16.87 -3.01
C VAL L 476 -95.20 15.75 -3.40
N TYR L 477 -96.30 16.13 -4.05
CA TYR L 477 -97.27 15.15 -4.48
C TYR L 477 -96.77 14.42 -5.71
N THR L 478 -96.92 13.10 -5.69
CA THR L 478 -96.49 12.23 -6.76
C THR L 478 -97.62 11.26 -7.05
N LEU L 479 -97.59 10.67 -8.25
CA LEU L 479 -98.76 9.92 -8.68
C LEU L 479 -98.89 8.64 -7.88
N LYS L 480 -97.79 8.15 -7.31
CA LYS L 480 -97.82 7.14 -6.26
C LYS L 480 -97.36 7.76 -4.94
N GLU L 481 -98.01 7.34 -3.85
CA GLU L 481 -97.80 7.99 -2.56
C GLU L 481 -96.42 7.70 -2.00
N ARG L 482 -95.84 6.57 -2.40
CA ARG L 482 -94.72 5.95 -1.67
C ARG L 482 -93.63 6.96 -1.32
N ALA L 483 -93.25 7.83 -2.26
CA ALA L 483 -92.05 8.63 -2.06
C ALA L 483 -92.17 9.48 -0.79
N TYR L 484 -93.29 10.18 -0.62
CA TYR L 484 -93.50 10.96 0.58
C TYR L 484 -93.95 10.10 1.77
N VAL L 485 -94.72 9.04 1.50
CA VAL L 485 -95.13 8.10 2.54
C VAL L 485 -93.93 7.60 3.34
N GLU L 486 -93.00 6.94 2.66
CA GLU L 486 -91.86 6.33 3.35
C GLU L 486 -91.06 7.36 4.12
N GLN L 487 -91.05 8.60 3.65
CA GLN L 487 -90.30 9.65 4.34
C GLN L 487 -91.04 10.09 5.59
N ILE L 488 -92.36 10.25 5.50
CA ILE L 488 -93.17 10.51 6.67
C ILE L 488 -92.94 9.43 7.72
N GLU L 489 -93.01 8.16 7.30
CA GLU L 489 -92.78 7.06 8.24
C GLU L 489 -91.38 7.14 8.84
N LYS L 490 -90.37 7.41 8.02
CA LYS L 490 -89.01 7.57 8.53
C LYS L 490 -88.96 8.65 9.60
N ALA L 491 -89.55 9.81 9.31
CA ALA L 491 -89.62 10.89 10.28
C ALA L 491 -90.28 10.45 11.57
N PHE L 492 -91.43 9.78 11.46
CA PHE L 492 -92.12 9.28 12.65
C PHE L 492 -91.21 8.39 13.48
N SER L 493 -90.54 7.44 12.82
CA SER L 493 -89.66 6.52 13.54
C SER L 493 -88.45 7.22 14.13
N TYR L 494 -87.99 8.31 13.49
CA TYR L 494 -86.92 9.09 14.08
C TYR L 494 -87.43 9.82 15.32
N ALA L 495 -88.57 10.50 15.20
CA ALA L 495 -89.04 11.32 16.30
C ALA L 495 -89.31 10.44 17.50
N SER L 496 -89.94 9.28 17.27
CA SER L 496 -90.24 8.38 18.37
C SER L 496 -88.97 7.77 18.94
N LYS L 497 -87.98 7.48 18.09
CA LYS L 497 -86.75 6.88 18.60
C LYS L 497 -86.02 7.87 19.49
N VAL L 498 -85.86 9.10 18.99
CA VAL L 498 -85.11 10.11 19.74
C VAL L 498 -85.82 10.43 21.04
N LEU L 499 -87.15 10.57 20.99
CA LEU L 499 -87.92 10.76 22.21
C LEU L 499 -87.68 9.61 23.19
N LEU L 500 -87.79 8.37 22.70
CA LEU L 500 -87.74 7.23 23.59
C LEU L 500 -86.37 7.11 24.24
N ASP L 501 -85.31 7.17 23.43
CA ASP L 501 -83.95 7.15 23.97
C ASP L 501 -83.70 8.30 24.93
N PHE L 502 -84.31 9.46 24.69
CA PHE L 502 -84.13 10.58 25.62
C PHE L 502 -84.84 10.33 26.94
N LEU L 503 -86.06 9.78 26.88
CA LEU L 503 -86.87 9.64 28.09
C LEU L 503 -86.38 8.47 28.91
N MET L 504 -86.02 7.36 28.27
CA MET L 504 -85.48 6.23 29.00
C MET L 504 -84.06 6.51 29.47
N GLY L 505 -83.28 7.27 28.71
CA GLY L 505 -81.95 7.62 29.13
C GLY L 505 -81.99 8.81 30.06
N GLU L 506 -82.37 9.96 29.52
CA GLU L 506 -82.20 11.21 30.26
C GLU L 506 -83.26 11.32 31.36
N LYS L 507 -84.48 10.90 31.08
CA LYS L 507 -85.58 11.00 32.03
C LYS L 507 -85.83 9.69 32.76
N GLU L 508 -85.08 8.64 32.44
CA GLU L 508 -85.05 7.42 33.25
C GLU L 508 -86.45 6.84 33.37
N LEU L 509 -87.06 6.54 32.22
CA LEU L 509 -88.38 5.93 32.21
C LEU L 509 -88.38 4.68 33.07
N LEU L 510 -87.37 3.84 32.88
CA LEU L 510 -87.32 2.59 33.64
C LEU L 510 -87.18 2.87 35.13
N ALA L 511 -86.57 3.99 35.49
CA ALA L 511 -86.42 4.33 36.90
C ALA L 511 -87.75 4.80 37.46
N HIS L 512 -88.52 5.55 36.69
CA HIS L 512 -89.83 5.99 37.15
C HIS L 512 -90.75 4.80 37.32
N LEU L 513 -90.69 3.86 36.37
CA LEU L 513 -91.45 2.61 36.51
C LEU L 513 -91.01 1.82 37.73
N ARG L 514 -89.70 1.80 38.02
CA ARG L 514 -89.24 1.03 39.16
C ARG L 514 -89.65 1.70 40.47
N SER L 515 -89.65 3.04 40.49
CA SER L 515 -90.21 3.77 41.62
C SER L 515 -91.68 3.41 41.83
N ILE L 516 -92.46 3.39 40.74
CA ILE L 516 -93.87 3.05 40.85
C ILE L 516 -94.05 1.62 41.37
N LYS L 517 -93.19 0.70 40.92
CA LYS L 517 -93.22 -0.65 41.48
C LYS L 517 -92.89 -0.65 42.98
N ARG L 518 -91.79 0.02 43.34
CA ARG L 518 -91.37 0.11 44.74
C ARG L 518 -92.49 0.63 45.65
N TYR L 519 -93.19 1.68 45.23
CA TYR L 519 -94.17 2.31 46.10
C TYR L 519 -95.58 1.79 45.86
N PHE L 520 -96.11 1.99 44.65
CA PHE L 520 -97.50 1.64 44.40
C PHE L 520 -97.67 0.13 44.29
N LEU L 521 -96.61 -0.57 43.86
CA LEU L 521 -96.62 -2.02 43.79
C LEU L 521 -95.85 -2.67 44.93
N MET L 522 -95.30 -1.89 45.85
CA MET L 522 -94.67 -2.41 47.06
C MET L 522 -93.53 -3.37 46.72
N ASP L 523 -92.74 -3.00 45.70
CA ASP L 523 -91.47 -3.70 45.48
C ASP L 523 -90.52 -3.47 46.65
N GLN L 524 -90.49 -2.25 47.18
CA GLN L 524 -89.60 -1.93 48.30
C GLN L 524 -90.31 -2.37 49.57
N GLY L 525 -90.32 -3.68 49.80
CA GLY L 525 -91.12 -4.23 50.88
C GLY L 525 -90.66 -3.79 52.25
N ASP L 526 -89.38 -3.43 52.40
CA ASP L 526 -88.92 -2.97 53.70
C ASP L 526 -89.46 -1.58 54.01
N PHE L 527 -89.65 -0.77 52.97
CA PHE L 527 -90.36 0.49 53.14
C PHE L 527 -91.75 0.29 53.72
N PHE L 528 -92.50 -0.70 53.20
CA PHE L 528 -93.85 -0.92 53.70
C PHE L 528 -93.83 -1.57 55.07
N VAL L 529 -92.83 -2.40 55.34
CA VAL L 529 -92.58 -2.88 56.70
C VAL L 529 -92.47 -1.69 57.65
N HIS L 530 -91.54 -0.79 57.35
CA HIS L 530 -91.31 0.35 58.22
C HIS L 530 -92.58 1.19 58.36
N PHE L 531 -93.25 1.44 57.24
CA PHE L 531 -94.41 2.32 57.26
C PHE L 531 -95.52 1.73 58.12
N MET L 532 -95.81 0.44 57.98
CA MET L 532 -96.92 -0.14 58.72
C MET L 532 -96.55 -0.43 60.17
N ASP L 533 -95.27 -0.66 60.45
CA ASP L 533 -94.83 -0.74 61.85
C ASP L 533 -94.99 0.61 62.54
N LEU L 534 -94.56 1.69 61.87
CA LEU L 534 -94.56 2.99 62.52
C LEU L 534 -95.97 3.56 62.59
N THR L 535 -96.80 3.25 61.60
CA THR L 535 -98.10 3.89 61.42
C THR L 535 -99.25 3.02 61.89
N GLU L 536 -98.98 1.80 62.36
CA GLU L 536 -100.08 0.88 62.62
C GLU L 536 -101.04 1.48 63.64
N GLU L 537 -100.50 2.08 64.71
CA GLU L 537 -101.35 2.71 65.70
C GLU L 537 -101.86 4.06 65.23
N GLU L 538 -101.19 4.66 64.23
CA GLU L 538 -101.59 5.98 63.77
C GLU L 538 -102.67 5.87 62.71
N LEU L 539 -102.55 4.90 61.80
CA LEU L 539 -103.57 4.75 60.77
C LEU L 539 -104.79 4.02 61.32
N LYS L 540 -104.67 3.38 62.48
CA LYS L 540 -105.80 2.71 63.10
C LYS L 540 -106.74 3.70 63.76
N LYS L 541 -106.29 4.92 64.00
CA LYS L 541 -107.11 5.97 64.55
C LYS L 541 -108.02 6.56 63.48
N PRO L 542 -109.13 7.17 63.89
CA PRO L 542 -109.97 7.87 62.91
C PRO L 542 -109.19 8.96 62.20
N VAL L 543 -109.70 9.36 61.04
CA VAL L 543 -109.01 10.35 60.22
C VAL L 543 -108.81 11.65 60.99
N ASP L 544 -109.75 11.98 61.89
CA ASP L 544 -109.66 13.24 62.61
C ASP L 544 -108.60 13.22 63.71
N ASP L 545 -108.19 12.05 64.17
CA ASP L 545 -107.15 11.94 65.19
C ASP L 545 -105.73 11.98 64.63
N ILE L 546 -105.55 12.04 63.32
CA ILE L 546 -104.24 12.02 62.69
C ILE L 546 -103.93 13.40 62.15
N THR L 547 -102.82 14.00 62.63
CA THR L 547 -102.32 15.25 62.05
C THR L 547 -101.37 14.93 60.91
N PRO L 548 -101.58 15.51 59.72
CA PRO L 548 -100.85 15.01 58.53
C PRO L 548 -99.35 15.09 58.65
N THR L 549 -98.81 16.14 59.28
CA THR L 549 -97.36 16.33 59.28
C THR L 549 -96.66 15.22 60.04
N ARG L 550 -97.34 14.58 60.98
CA ARG L 550 -96.74 13.43 61.67
C ARG L 550 -96.60 12.24 60.73
N LEU L 551 -97.64 11.98 59.93
CA LEU L 551 -97.54 10.93 58.92
C LEU L 551 -96.48 11.26 57.87
N GLU L 552 -96.37 12.53 57.47
CA GLU L 552 -95.35 12.90 56.51
C GLU L 552 -93.94 12.69 57.08
N ALA L 553 -93.75 13.05 58.36
CA ALA L 553 -92.47 12.83 59.00
C ALA L 553 -92.15 11.35 59.11
N LEU L 554 -93.14 10.54 59.51
CA LEU L 554 -92.92 9.11 59.59
C LEU L 554 -92.65 8.49 58.22
N LEU L 555 -93.28 9.03 57.17
CA LEU L 555 -93.02 8.54 55.82
C LEU L 555 -91.59 8.83 55.40
N GLU L 556 -91.13 10.06 55.61
CA GLU L 556 -89.75 10.37 55.29
C GLU L 556 -88.78 9.53 56.12
N LEU L 557 -89.07 9.34 57.41
CA LEU L 557 -88.23 8.50 58.23
C LEU L 557 -88.17 7.08 57.69
N ALA L 558 -89.32 6.52 57.32
CA ALA L 558 -89.36 5.15 56.83
C ALA L 558 -88.60 5.00 55.53
N LEU L 559 -88.71 6.00 54.66
CA LEU L 559 -87.96 5.98 53.40
C LEU L 559 -86.47 5.98 53.67
N ARG L 560 -85.99 6.90 54.52
CA ARG L 560 -84.55 7.01 54.71
C ARG L 560 -84.00 5.82 55.50
N MET L 561 -84.74 5.35 56.48
CA MET L 561 -84.35 4.25 57.35
C MET L 561 -84.71 2.88 56.79
N SER L 562 -85.21 2.82 55.56
CA SER L 562 -85.47 1.56 54.88
C SER L 562 -84.73 1.52 53.55
N THR L 563 -84.64 0.30 52.99
CA THR L 563 -83.88 0.11 51.78
C THR L 563 -84.46 0.86 50.58
N ALA L 564 -85.68 1.37 50.69
CA ALA L 564 -86.14 2.33 49.69
C ALA L 564 -85.13 3.46 49.50
N ASN L 565 -84.26 3.70 50.48
CA ASN L 565 -83.26 4.75 50.33
C ASN L 565 -82.38 4.52 49.13
N THR L 566 -82.22 3.27 48.70
CA THR L 566 -81.37 2.98 47.55
C THR L 566 -82.04 3.37 46.25
N ASP L 567 -83.33 3.67 46.30
CA ASP L 567 -84.05 4.16 45.13
C ASP L 567 -83.78 5.65 45.00
N PRO L 568 -83.29 6.13 43.85
CA PRO L 568 -82.99 7.56 43.75
C PRO L 568 -84.25 8.42 43.75
N PHE L 569 -85.38 7.85 43.36
CA PHE L 569 -86.65 8.57 43.31
C PHE L 569 -87.40 8.48 44.63
N LYS L 570 -86.78 7.88 45.66
CA LYS L 570 -87.42 7.79 46.97
C LYS L 570 -87.90 9.14 47.47
N ASP L 571 -87.19 10.21 47.10
CA ASP L 571 -87.57 11.53 47.61
C ASP L 571 -88.77 12.10 46.86
N ASP L 572 -89.12 11.50 45.71
CA ASP L 572 -90.35 11.85 45.03
C ASP L 572 -91.57 11.37 45.81
N LEU L 573 -91.37 10.38 46.68
CA LEU L 573 -92.48 9.70 47.34
C LEU L 573 -93.09 10.55 48.44
N LYS L 574 -94.41 10.61 48.46
CA LYS L 574 -95.17 11.41 49.41
C LYS L 574 -96.20 10.51 50.08
N ILE L 575 -96.80 11.02 51.15
CA ILE L 575 -97.89 10.33 51.84
C ILE L 575 -99.21 10.96 51.44
N ASP L 576 -100.22 10.13 51.19
CA ASP L 576 -101.50 10.62 50.70
C ASP L 576 -102.63 10.03 51.55
N LEU L 577 -103.63 10.86 51.87
CA LEU L 577 -104.72 10.45 52.75
C LEU L 577 -106.02 10.54 51.95
N MET L 578 -106.47 9.41 51.39
CA MET L 578 -107.62 9.43 50.51
C MET L 578 -108.90 9.63 51.32
N PRO L 579 -109.92 10.23 50.73
CA PRO L 579 -111.08 10.68 51.51
C PRO L 579 -112.02 9.55 51.90
N HIS L 580 -111.75 8.34 51.43
CA HIS L 580 -112.52 7.16 51.79
C HIS L 580 -111.61 5.96 51.67
N ASP L 581 -112.07 4.83 52.19
CA ASP L 581 -111.28 3.62 52.11
C ASP L 581 -111.16 3.15 50.66
N LEU L 582 -110.17 2.30 50.43
CA LEU L 582 -109.90 1.84 49.06
C LEU L 582 -111.12 1.14 48.50
N ILE L 583 -111.79 0.33 49.32
CA ILE L 583 -112.88 -0.49 48.82
C ILE L 583 -114.07 0.40 48.47
N THR L 584 -114.40 1.35 49.36
CA THR L 584 -115.44 2.33 49.05
C THR L 584 -115.12 3.09 47.77
N GLN L 585 -113.86 3.49 47.59
CA GLN L 585 -113.49 4.29 46.43
C GLN L 585 -113.64 3.49 45.15
N LEU L 586 -113.08 2.28 45.13
CA LEU L 586 -113.21 1.43 43.95
C LEU L 586 -114.66 1.09 43.68
N LEU L 587 -115.47 0.89 44.72
CA LEU L 587 -116.87 0.54 44.50
C LEU L 587 -117.65 1.71 43.89
N ARG L 588 -117.36 2.94 44.36
CA ARG L 588 -117.94 4.11 43.70
C ARG L 588 -117.53 4.19 42.24
N VAL L 589 -116.24 3.97 41.96
CA VAL L 589 -115.75 4.04 40.59
C VAL L 589 -116.46 3.01 39.72
N LEU L 590 -116.54 1.76 40.20
CA LEU L 590 -117.06 0.64 39.43
C LEU L 590 -118.58 0.59 39.35
N ALA L 591 -119.30 1.27 40.24
CA ALA L 591 -120.75 1.17 40.19
C ALA L 591 -121.35 1.91 39.01
N ILE L 592 -120.58 2.79 38.37
CA ILE L 592 -121.13 3.58 37.26
C ILE L 592 -121.53 2.63 36.14
N GLU L 593 -122.71 2.85 35.59
CA GLU L 593 -123.16 2.10 34.42
C GLU L 593 -123.62 0.69 34.82
N PRO L 605 -121.16 10.76 54.01
CA PRO L 605 -120.32 9.78 54.72
C PRO L 605 -120.26 10.05 56.22
N THR L 606 -121.42 10.29 56.83
CA THR L 606 -121.51 10.52 58.26
C THR L 606 -121.93 9.28 59.03
N GLU L 607 -122.36 8.22 58.33
CA GLU L 607 -122.78 6.98 58.99
C GLU L 607 -121.81 5.82 58.73
N LEU L 608 -120.66 6.09 58.10
CA LEU L 608 -119.68 5.04 57.83
C LEU L 608 -118.34 5.46 58.42
N THR L 609 -117.69 4.54 59.13
CA THR L 609 -116.36 4.78 59.63
C THR L 609 -115.33 4.98 58.52
N LEU L 610 -114.41 5.91 58.73
CA LEU L 610 -113.35 6.21 57.77
C LEU L 610 -112.16 6.65 58.59
N SER L 611 -110.96 6.24 58.20
CA SER L 611 -109.80 6.54 59.01
C SER L 611 -108.53 6.52 58.17
N GLY L 612 -107.41 6.79 58.84
CA GLY L 612 -106.15 6.88 58.14
C GLY L 612 -105.74 5.54 57.54
N LEU L 613 -106.10 4.44 58.20
CA LEU L 613 -105.66 3.14 57.73
C LEU L 613 -106.14 2.93 56.30
N GLU L 614 -107.42 3.23 56.05
CA GLU L 614 -108.01 3.01 54.74
C GLU L 614 -107.67 4.14 53.79
N ALA L 615 -107.45 5.35 54.33
CA ALA L 615 -107.13 6.49 53.47
C ALA L 615 -105.71 6.41 52.92
N PHE L 616 -104.78 5.79 53.67
CA PHE L 616 -103.36 5.92 53.37
C PHE L 616 -103.00 5.39 51.99
N SER L 617 -102.12 6.10 51.32
CA SER L 617 -101.47 5.66 50.10
C SER L 617 -100.08 6.28 50.06
N PHE L 618 -99.25 5.77 49.16
CA PHE L 618 -98.10 6.54 48.71
C PHE L 618 -98.48 7.33 47.46
N ASP L 619 -97.72 8.41 47.22
CA ASP L 619 -97.64 9.04 45.91
C ASP L 619 -96.19 9.14 45.48
N TYR L 620 -96.00 9.48 44.21
CA TYR L 620 -94.67 9.63 43.61
C TYR L 620 -94.77 10.82 42.65
N VAL L 621 -94.09 11.91 42.96
CA VAL L 621 -94.16 13.09 42.10
C VAL L 621 -93.47 12.80 40.77
N VAL L 622 -94.15 13.14 39.68
CA VAL L 622 -93.61 13.14 38.33
C VAL L 622 -93.95 14.47 37.67
N THR L 623 -92.97 15.11 37.05
CA THR L 623 -93.18 16.39 36.39
C THR L 623 -93.27 16.22 34.87
N TRP L 624 -93.97 17.17 34.24
CA TRP L 624 -94.03 17.20 32.78
C TRP L 624 -92.64 17.42 32.22
N PRO L 625 -92.30 16.81 31.08
CA PRO L 625 -93.19 16.10 30.16
C PRO L 625 -93.43 14.68 30.61
N LEU L 626 -92.65 14.20 31.59
CA LEU L 626 -92.84 12.83 32.06
C LEU L 626 -94.25 12.64 32.61
N SER L 627 -94.89 13.72 33.04
CA SER L 627 -96.24 13.65 33.57
C SER L 627 -97.25 13.28 32.49
N LEU L 628 -96.83 13.30 31.22
CA LEU L 628 -97.68 12.95 30.10
C LEU L 628 -97.91 11.45 29.97
N ILE L 629 -97.19 10.64 30.73
CA ILE L 629 -97.43 9.19 30.78
C ILE L 629 -98.08 8.77 32.10
N ILE L 630 -97.40 9.01 33.22
CA ILE L 630 -97.98 8.70 34.52
C ILE L 630 -99.05 9.74 34.83
N ASN L 631 -100.31 9.30 34.90
CA ASN L 631 -101.43 10.19 35.18
C ASN L 631 -102.34 9.55 36.24
N ARG L 632 -103.42 10.28 36.57
CA ARG L 632 -104.36 9.83 37.60
C ARG L 632 -104.88 8.42 37.35
N LYS L 633 -105.15 8.08 36.09
CA LYS L 633 -105.76 6.79 35.81
C LYS L 633 -104.91 5.63 36.31
N ALA L 634 -103.58 5.76 36.25
CA ALA L 634 -102.70 4.71 36.74
C ALA L 634 -102.48 4.82 38.24
N LEU L 635 -102.33 6.05 38.74
CA LEU L 635 -102.11 6.25 40.17
C LEU L 635 -103.26 5.71 40.99
N THR L 636 -104.50 5.95 40.55
CA THR L 636 -105.66 5.48 41.30
C THR L 636 -105.69 3.96 41.40
N ARG L 637 -105.36 3.27 40.31
CA ARG L 637 -105.33 1.81 40.35
C ARG L 637 -104.19 1.30 41.23
N TYR L 638 -103.00 1.88 41.08
CA TYR L 638 -101.91 1.52 41.98
C TYR L 638 -102.29 1.72 43.43
N GLN L 639 -103.01 2.81 43.73
CA GLN L 639 -103.41 3.09 45.10
C GLN L 639 -104.41 2.05 45.59
N MET L 640 -105.39 1.71 44.76
CA MET L 640 -106.39 0.72 45.16
C MET L 640 -105.72 -0.61 45.47
N LEU L 641 -104.81 -1.05 44.59
CA LEU L 641 -104.11 -2.31 44.82
C LEU L 641 -103.31 -2.25 46.11
N PHE L 642 -102.54 -1.17 46.29
CA PHE L 642 -101.76 -1.02 47.51
C PHE L 642 -102.66 -1.11 48.74
N ARG L 643 -103.75 -0.34 48.75
CA ARG L 643 -104.61 -0.28 49.92
C ARG L 643 -105.24 -1.64 50.21
N HIS L 644 -105.69 -2.35 49.17
CA HIS L 644 -106.25 -3.68 49.39
C HIS L 644 -105.21 -4.61 50.02
N MET L 645 -104.00 -4.61 49.47
CA MET L 645 -102.97 -5.48 50.00
C MET L 645 -102.64 -5.09 51.44
N PHE L 646 -102.63 -3.79 51.71
CA PHE L 646 -102.27 -3.30 53.04
C PHE L 646 -103.33 -3.69 54.06
N TYR L 647 -104.61 -3.59 53.69
CA TYR L 647 -105.66 -3.98 54.61
C TYR L 647 -105.60 -5.48 54.89
N CYS L 648 -105.35 -6.28 53.85
CA CYS L 648 -105.17 -7.71 54.09
C CYS L 648 -103.96 -7.97 54.97
N LYS L 649 -102.90 -7.16 54.85
CA LYS L 649 -101.72 -7.37 55.67
C LYS L 649 -101.98 -6.95 57.11
N HIS L 650 -102.73 -5.86 57.31
CA HIS L 650 -103.18 -5.50 58.65
C HIS L 650 -103.96 -6.63 59.30
N VAL L 651 -104.86 -7.26 58.55
CA VAL L 651 -105.66 -8.32 59.14
C VAL L 651 -104.78 -9.54 59.45
N GLU L 652 -103.86 -9.87 58.54
CA GLU L 652 -102.91 -10.94 58.82
C GLU L 652 -102.09 -10.61 60.06
N ARG L 653 -101.70 -9.35 60.21
CA ARG L 653 -100.90 -8.94 61.36
C ARG L 653 -101.69 -9.08 62.65
N GLN L 654 -102.96 -8.70 62.64
CA GLN L 654 -103.76 -8.84 63.86
C GLN L 654 -103.97 -10.31 64.22
N LEU L 655 -104.17 -11.16 63.20
CA LEU L 655 -104.31 -12.58 63.49
C LEU L 655 -103.01 -13.16 64.04
N CYS L 656 -101.88 -12.70 63.50
CA CYS L 656 -100.58 -13.13 64.00
C CYS L 656 -100.37 -12.66 65.43
N SER L 657 -100.73 -11.41 65.72
CA SER L 657 -100.63 -10.90 67.09
C SER L 657 -101.44 -11.76 68.05
N VAL L 658 -102.64 -12.15 67.66
CA VAL L 658 -103.46 -12.98 68.55
C VAL L 658 -102.81 -14.35 68.75
N TRP L 659 -102.34 -14.95 67.65
CA TRP L 659 -101.67 -16.24 67.74
C TRP L 659 -100.45 -16.15 68.64
N ILE L 660 -99.66 -15.09 68.52
CA ILE L 660 -98.45 -14.97 69.32
C ILE L 660 -98.83 -14.73 70.78
N SER L 661 -99.86 -13.91 71.02
CA SER L 661 -100.21 -13.60 72.39
C SER L 661 -100.69 -14.86 73.09
N ASN L 662 -101.27 -15.79 72.33
CA ASN L 662 -101.68 -17.06 72.90
C ASN L 662 -100.50 -18.03 73.04
N LYS L 663 -99.30 -17.62 72.60
CA LYS L 663 -98.09 -18.40 72.87
C LYS L 663 -97.75 -18.40 74.35
N ALA L 664 -98.19 -17.39 75.10
CA ALA L 664 -97.91 -17.33 76.53
C ALA L 664 -98.48 -18.53 77.27
N ALA L 665 -99.51 -19.18 76.71
CA ALA L 665 -100.12 -20.30 77.41
C ALA L 665 -99.19 -21.49 77.54
N LYS L 666 -98.10 -21.53 76.77
CA LYS L 666 -97.20 -22.67 76.86
C LYS L 666 -96.36 -22.63 78.13
N ARG L 667 -96.14 -21.44 78.69
CA ARG L 667 -95.40 -21.33 79.94
C ARG L 667 -96.23 -21.79 81.13
N PHE L 668 -97.54 -21.90 80.96
CA PHE L 668 -98.47 -22.30 82.01
C PHE L 668 -98.98 -23.70 81.73
N SER L 669 -99.73 -24.22 82.71
CA SER L 669 -100.18 -25.61 82.66
C SER L 669 -100.78 -25.91 81.29
N LEU L 670 -100.61 -27.16 80.86
CA LEU L 670 -101.28 -27.65 79.65
C LEU L 670 -102.75 -27.92 79.89
N HIS L 671 -103.17 -28.09 81.14
CA HIS L 671 -104.46 -28.66 81.51
C HIS L 671 -105.47 -27.61 81.93
N SER L 672 -105.14 -26.32 81.83
CA SER L 672 -106.11 -25.24 82.03
C SER L 672 -106.23 -24.35 80.81
N ALA L 673 -106.17 -24.95 79.62
CA ALA L 673 -106.28 -24.23 78.36
C ALA L 673 -107.50 -24.67 77.56
N LYS L 674 -108.44 -25.40 78.18
CA LYS L 674 -109.58 -25.95 77.47
C LYS L 674 -110.37 -24.90 76.69
N TRP L 675 -110.45 -23.68 77.20
CA TRP L 675 -111.32 -22.67 76.58
C TRP L 675 -110.56 -21.75 75.66
N PHE L 676 -109.27 -21.56 75.90
CA PHE L 676 -108.40 -20.92 74.92
C PHE L 676 -108.43 -21.67 73.60
N ALA L 677 -108.51 -23.01 73.65
CA ALA L 677 -108.29 -23.83 72.47
C ALA L 677 -109.31 -23.59 71.37
N GLY L 678 -110.59 -23.39 71.72
CA GLY L 678 -111.56 -23.09 70.68
C GLY L 678 -111.23 -21.81 69.94
N ALA L 679 -110.89 -20.75 70.68
CA ALA L 679 -110.46 -19.51 70.06
C ALA L 679 -109.22 -19.73 69.22
N PHE L 680 -108.26 -20.51 69.72
CA PHE L 680 -107.02 -20.73 69.00
C PHE L 680 -107.26 -21.48 67.69
N THR L 681 -108.13 -22.49 67.73
CA THR L 681 -108.41 -23.26 66.51
C THR L 681 -109.17 -22.42 65.50
N LEU L 682 -110.09 -21.57 65.96
CA LEU L 682 -110.73 -20.65 65.02
C LEU L 682 -109.73 -19.67 64.44
N ARG L 683 -108.85 -19.14 65.28
CA ARG L 683 -107.79 -18.25 64.83
C ARG L 683 -106.92 -18.94 63.79
N GLN L 684 -106.52 -20.18 64.04
CA GLN L 684 -105.68 -20.91 63.10
C GLN L 684 -106.38 -21.12 61.78
N ARG L 685 -107.63 -21.57 61.81
CA ARG L 685 -108.34 -21.81 60.56
C ARG L 685 -108.48 -20.51 59.75
N MET L 686 -108.86 -19.42 60.43
CA MET L 686 -109.08 -18.16 59.71
C MET L 686 -107.77 -17.58 59.21
N LEU L 687 -106.75 -17.58 60.06
CA LEU L 687 -105.46 -17.03 59.66
C LEU L 687 -104.85 -17.83 58.51
N ASN L 688 -104.93 -19.16 58.58
CA ASN L 688 -104.40 -19.96 57.49
C ASN L 688 -105.13 -19.67 56.18
N PHE L 689 -106.47 -19.61 56.22
CA PHE L 689 -107.22 -19.26 55.02
C PHE L 689 -106.77 -17.92 54.47
N VAL L 690 -106.76 -16.88 55.32
CA VAL L 690 -106.47 -15.54 54.87
C VAL L 690 -105.04 -15.43 54.34
N GLN L 691 -104.09 -16.07 55.04
CA GLN L 691 -102.70 -16.00 54.62
C GLN L 691 -102.48 -16.74 53.31
N ASN L 692 -103.17 -17.87 53.12
CA ASN L 692 -103.03 -18.58 51.85
C ASN L 692 -103.59 -17.75 50.70
N ILE L 693 -104.74 -17.11 50.93
CA ILE L 693 -105.30 -16.22 49.92
C ILE L 693 -104.33 -15.09 49.59
N GLN L 694 -103.83 -14.41 50.62
CA GLN L 694 -102.90 -13.30 50.41
C GLN L 694 -101.66 -13.76 49.66
N SER L 695 -101.06 -14.87 50.09
CA SER L 695 -99.81 -15.31 49.48
C SER L 695 -100.03 -15.70 48.03
N TYR L 696 -101.12 -16.42 47.75
CA TYR L 696 -101.45 -16.75 46.36
C TYR L 696 -101.58 -15.49 45.53
N MET L 697 -102.38 -14.53 45.99
CA MET L 697 -102.57 -13.31 45.21
C MET L 697 -101.23 -12.61 45.00
N MET L 698 -100.42 -12.52 46.04
CA MET L 698 -99.22 -11.69 46.02
C MET L 698 -98.17 -12.29 45.08
N PHE L 699 -97.93 -13.59 45.20
CA PHE L 699 -96.88 -14.25 44.45
C PHE L 699 -97.34 -14.80 43.11
N GLU L 700 -98.64 -14.77 42.80
CA GLU L 700 -99.12 -15.35 41.56
C GLU L 700 -99.91 -14.40 40.66
N VAL L 701 -100.40 -13.25 41.15
CA VAL L 701 -101.09 -12.27 40.32
C VAL L 701 -100.20 -11.07 40.04
N MET L 702 -99.79 -10.36 41.09
CA MET L 702 -99.03 -9.12 40.88
C MET L 702 -97.74 -9.42 40.13
N GLU L 703 -96.98 -10.41 40.60
CA GLU L 703 -95.65 -10.64 40.06
C GLU L 703 -95.70 -11.03 38.58
N PRO L 704 -96.61 -11.89 38.14
CA PRO L 704 -96.65 -12.20 36.70
C PRO L 704 -97.02 -11.00 35.86
N THR L 705 -98.02 -10.23 36.28
CA THR L 705 -98.39 -9.03 35.53
C THR L 705 -97.27 -8.01 35.53
N TRP L 706 -96.49 -7.93 36.61
CA TRP L 706 -95.39 -6.99 36.66
C TRP L 706 -94.25 -7.45 35.75
N HIS L 707 -93.91 -8.73 35.78
CA HIS L 707 -92.99 -9.29 34.79
C HIS L 707 -93.43 -8.95 33.38
N VAL L 708 -94.72 -9.16 33.09
CA VAL L 708 -95.23 -8.94 31.75
C VAL L 708 -95.09 -7.47 31.35
N LEU L 709 -95.42 -6.57 32.27
CA LEU L 709 -95.22 -5.14 32.02
C LEU L 709 -93.75 -4.82 31.78
N GLU L 710 -92.86 -5.39 32.58
CA GLU L 710 -91.43 -5.16 32.40
C GLU L 710 -90.99 -5.59 31.01
N GLN L 711 -91.39 -6.79 30.59
CA GLN L 711 -91.01 -7.29 29.27
C GLN L 711 -91.62 -6.42 28.18
N ASN L 712 -92.87 -6.01 28.35
CA ASN L 712 -93.54 -5.25 27.30
C ASN L 712 -92.88 -3.89 27.14
N LEU L 713 -92.52 -3.24 28.24
CA LEU L 713 -91.79 -1.99 28.13
C LEU L 713 -90.38 -2.19 27.60
N ARG L 714 -89.75 -3.32 27.92
CA ARG L 714 -88.44 -3.65 27.36
C ARG L 714 -88.52 -4.02 25.88
N SER L 715 -89.73 -4.17 25.34
CA SER L 715 -89.91 -4.42 23.91
C SER L 715 -90.81 -3.39 23.23
N ALA L 716 -91.13 -2.30 23.91
CA ALA L 716 -91.90 -1.24 23.27
C ALA L 716 -91.07 -0.52 22.22
N SER L 717 -91.73 -0.06 21.16
CA SER L 717 -91.05 0.63 20.07
C SER L 717 -91.74 1.91 19.62
N ASN L 718 -93.04 2.07 19.85
CA ASN L 718 -93.74 3.32 19.58
C ASN L 718 -94.59 3.66 20.80
N ILE L 719 -95.13 4.88 20.81
CA ILE L 719 -95.85 5.30 22.01
C ILE L 719 -97.20 4.60 22.07
N ASP L 720 -97.78 4.25 20.92
CA ASP L 720 -99.00 3.45 20.93
C ASP L 720 -98.72 2.05 21.46
N ASP L 721 -97.58 1.47 21.07
CA ASP L 721 -97.20 0.16 21.60
C ASP L 721 -96.98 0.21 23.11
N VAL L 722 -96.30 1.26 23.58
CA VAL L 722 -96.09 1.43 25.02
C VAL L 722 -97.44 1.54 25.72
N LEU L 723 -98.32 2.40 25.21
CA LEU L 723 -99.62 2.60 25.85
C LEU L 723 -100.39 1.28 25.92
N GLY L 724 -100.41 0.53 24.82
CA GLY L 724 -101.13 -0.73 24.81
C GLY L 724 -100.54 -1.74 25.77
N HIS L 725 -99.22 -1.91 25.74
CA HIS L 725 -98.58 -2.87 26.64
C HIS L 725 -98.85 -2.52 28.09
N HIS L 726 -98.71 -1.24 28.44
CA HIS L 726 -98.89 -0.82 29.83
C HIS L 726 -100.34 -0.98 30.27
N ALA L 727 -101.28 -0.56 29.43
CA ALA L 727 -102.69 -0.71 29.77
C ALA L 727 -103.06 -2.18 29.92
N SER L 728 -102.56 -3.04 29.03
CA SER L 728 -102.91 -4.44 29.13
C SER L 728 -102.31 -5.08 30.38
N PHE L 729 -101.08 -4.70 30.72
CA PHE L 729 -100.50 -5.11 32.00
C PHE L 729 -101.41 -4.71 33.16
N LEU L 730 -101.78 -3.43 33.20
CA LEU L 730 -102.56 -2.92 34.32
C LEU L 730 -103.89 -3.64 34.43
N ASP L 731 -104.58 -3.84 33.29
CA ASP L 731 -105.92 -4.40 33.34
C ASP L 731 -105.88 -5.90 33.58
N ASN L 732 -104.84 -6.59 33.11
CA ASN L 732 -104.65 -7.98 33.49
C ASN L 732 -104.47 -8.11 34.99
N CYS L 733 -103.63 -7.26 35.58
CA CYS L 733 -103.42 -7.33 37.03
C CYS L 733 -104.70 -6.97 37.77
N LEU L 734 -105.47 -6.00 37.26
CA LEU L 734 -106.72 -5.62 37.90
C LEU L 734 -107.71 -6.77 37.90
N LYS L 735 -107.83 -7.46 36.75
CA LYS L 735 -108.70 -8.62 36.67
C LYS L 735 -108.23 -9.72 37.63
N ASP L 736 -106.93 -9.99 37.65
CA ASP L 736 -106.43 -11.15 38.38
C ASP L 736 -106.30 -10.89 39.87
N CYS L 737 -106.35 -9.63 40.32
CA CYS L 737 -106.37 -9.32 41.75
C CYS L 737 -107.78 -9.29 42.33
N MET L 738 -108.79 -9.73 41.58
CA MET L 738 -110.16 -9.83 42.09
C MET L 738 -110.75 -8.45 42.42
N LEU L 739 -110.36 -7.43 41.66
CA LEU L 739 -110.73 -6.05 41.94
C LEU L 739 -112.05 -5.64 41.29
N THR L 740 -112.80 -6.58 40.71
CA THR L 740 -113.95 -6.24 39.89
C THR L 740 -115.25 -6.91 40.34
N ASN L 741 -115.24 -7.65 41.44
CA ASN L 741 -116.46 -8.23 42.01
C ASN L 741 -116.66 -7.72 43.44
N PRO L 742 -117.60 -6.80 43.68
CA PRO L 742 -117.67 -6.18 45.00
C PRO L 742 -118.06 -7.14 46.10
N GLU L 743 -118.62 -8.31 45.75
CA GLU L 743 -119.09 -9.22 46.79
C GLU L 743 -117.89 -9.80 47.52
N LEU L 744 -116.86 -10.21 46.77
CA LEU L 744 -115.69 -10.76 47.42
C LEU L 744 -114.98 -9.68 48.23
N LEU L 745 -115.00 -8.44 47.75
CA LEU L 745 -114.44 -7.34 48.53
C LEU L 745 -115.16 -7.24 49.87
N ARG L 746 -116.48 -7.31 49.85
CA ARG L 746 -117.25 -7.16 51.09
C ARG L 746 -117.09 -8.37 51.99
N VAL L 747 -116.76 -9.52 51.41
CA VAL L 747 -116.55 -10.71 52.23
C VAL L 747 -115.17 -10.66 52.86
N PHE L 748 -114.18 -10.15 52.13
CA PHE L 748 -112.86 -9.99 52.72
C PHE L 748 -112.92 -8.95 53.83
N SER L 749 -113.72 -7.89 53.63
CA SER L 749 -113.91 -6.91 54.69
C SER L 749 -114.58 -7.54 55.90
N LYS L 750 -115.56 -8.41 55.70
CA LYS L 750 -116.19 -9.10 56.83
C LYS L 750 -115.19 -9.99 57.54
N LEU L 751 -114.36 -10.71 56.77
CA LEU L 751 -113.34 -11.56 57.37
C LEU L 751 -112.37 -10.73 58.21
N MET L 752 -111.96 -9.58 57.69
CA MET L 752 -111.08 -8.69 58.45
C MET L 752 -111.76 -8.22 59.73
N SER L 753 -113.04 -7.84 59.64
CA SER L 753 -113.76 -7.43 60.84
C SER L 753 -113.78 -8.55 61.87
N VAL L 754 -114.01 -9.78 61.42
CA VAL L 754 -114.07 -10.92 62.34
C VAL L 754 -112.70 -11.16 62.97
N CYS L 755 -111.63 -11.05 62.18
CA CYS L 755 -110.28 -11.20 62.72
C CYS L 755 -110.00 -10.13 63.77
N VAL L 756 -110.40 -8.89 63.49
CA VAL L 756 -110.14 -7.79 64.41
C VAL L 756 -110.92 -7.98 65.69
N MET L 757 -112.18 -8.43 65.59
CA MET L 757 -112.95 -8.76 66.77
C MET L 757 -112.28 -9.84 67.59
N PHE L 758 -111.77 -10.88 66.91
CA PHE L 758 -111.11 -11.97 67.63
C PHE L 758 -109.86 -11.46 68.35
N THR L 759 -109.08 -10.62 67.68
CA THR L 759 -107.85 -10.14 68.28
C THR L 759 -108.16 -9.21 69.44
N ASN L 760 -109.21 -8.40 69.32
CA ASN L 760 -109.62 -7.54 70.41
C ASN L 760 -110.17 -8.36 71.57
N CYS L 761 -110.79 -9.51 71.29
CA CYS L 761 -111.22 -10.41 72.36
C CYS L 761 -110.02 -10.95 73.10
N LEU L 762 -109.05 -11.48 72.37
CA LEU L 762 -107.91 -12.10 73.04
C LEU L 762 -107.13 -11.04 73.81
N GLN L 763 -107.00 -9.84 73.25
CA GLN L 763 -106.29 -8.77 73.92
C GLN L 763 -107.05 -8.31 75.17
N ARG L 764 -108.37 -8.22 75.08
CA ARG L 764 -109.17 -7.93 76.26
C ARG L 764 -108.94 -8.96 77.35
N PHE L 765 -108.92 -10.24 76.99
CA PHE L 765 -108.77 -11.27 78.02
C PHE L 765 -107.37 -11.24 78.62
N THR L 766 -106.35 -11.09 77.78
CA THR L 766 -104.97 -11.05 78.27
C THR L 766 -104.70 -9.79 79.07
N GLN L 767 -105.44 -8.71 78.83
CA GLN L 767 -105.31 -7.54 79.68
C GLN L 767 -106.09 -7.71 80.97
N SER L 768 -107.25 -8.37 80.92
CA SER L 768 -107.98 -8.55 82.17
C SER L 768 -107.15 -9.40 83.11
N MET L 769 -106.54 -10.46 82.57
CA MET L 769 -105.66 -11.32 83.35
C MET L 769 -104.44 -10.55 83.85
N LYS L 770 -103.85 -9.70 83.00
CA LYS L 770 -102.72 -8.90 83.45
C LYS L 770 -103.11 -7.95 84.58
N LEU L 771 -104.26 -7.28 84.45
CA LEU L 771 -104.72 -6.40 85.51
C LEU L 771 -104.96 -7.19 86.80
N ASP L 772 -105.52 -8.39 86.68
CA ASP L 772 -105.86 -9.17 87.87
C ASP L 772 -104.59 -9.64 88.56
N SER L 773 -103.58 -10.04 87.80
CA SER L 773 -102.29 -10.43 88.35
C SER L 773 -101.57 -9.21 88.90
N PRO L 815 -115.92 -5.53 73.68
CA PRO L 815 -117.10 -5.65 72.82
C PRO L 815 -117.70 -7.05 72.83
N GLN L 816 -118.28 -7.47 71.70
CA GLN L 816 -118.86 -8.81 71.64
C GLN L 816 -117.78 -9.86 71.82
N LEU L 817 -116.62 -9.67 71.21
CA LEU L 817 -115.55 -10.65 71.35
C LEU L 817 -115.10 -10.72 72.80
N ALA L 818 -114.98 -9.55 73.45
CA ALA L 818 -114.53 -9.49 74.83
C ALA L 818 -115.52 -10.21 75.75
N SER L 819 -116.81 -10.09 75.45
CA SER L 819 -117.84 -10.59 76.35
C SER L 819 -117.72 -12.09 76.60
N SER L 820 -117.48 -12.87 75.55
CA SER L 820 -117.40 -14.33 75.66
C SER L 820 -115.98 -14.79 75.40
N PHE L 821 -115.39 -15.48 76.39
CA PHE L 821 -114.01 -15.93 76.25
C PHE L 821 -113.86 -16.93 75.10
N GLU L 822 -114.72 -17.95 75.07
CA GLU L 822 -114.65 -18.98 74.05
C GLU L 822 -115.91 -19.09 73.21
N ALA L 823 -117.06 -18.66 73.72
CA ALA L 823 -118.28 -18.70 72.92
C ALA L 823 -118.16 -17.75 71.75
N THR L 824 -117.64 -16.55 72.00
CA THR L 824 -117.47 -15.59 70.93
C THR L 824 -116.50 -16.12 69.90
N ILE L 825 -115.42 -16.75 70.34
CA ILE L 825 -114.43 -17.29 69.41
C ILE L 825 -115.07 -18.37 68.54
N THR L 826 -115.88 -19.24 69.15
CA THR L 826 -116.53 -20.30 68.39
C THR L 826 -117.51 -19.71 67.37
N LYS L 827 -118.31 -18.74 67.79
CA LYS L 827 -119.28 -18.15 66.88
C LYS L 827 -118.58 -17.42 65.74
N PHE L 828 -117.51 -16.69 66.05
CA PHE L 828 -116.76 -16.01 65.02
C PHE L 828 -116.14 -17.02 64.05
N ASP L 829 -115.66 -18.14 64.57
CA ASP L 829 -115.10 -19.17 63.69
C ASP L 829 -116.17 -19.70 62.75
N LYS L 830 -117.38 -19.93 63.26
CA LYS L 830 -118.46 -20.38 62.41
C LYS L 830 -118.80 -19.35 61.34
N ASN L 831 -118.86 -18.08 61.71
CA ASN L 831 -119.14 -17.03 60.74
C ASN L 831 -118.02 -16.96 59.70
N PHE L 832 -116.78 -17.07 60.13
CA PHE L 832 -115.65 -17.04 59.21
C PHE L 832 -115.73 -18.22 58.24
N SER L 833 -116.07 -19.41 58.75
CA SER L 833 -116.20 -20.56 57.87
C SER L 833 -117.30 -20.34 56.84
N ALA L 834 -118.43 -19.79 57.27
CA ALA L 834 -119.52 -19.53 56.33
C ALA L 834 -119.10 -18.52 55.27
N HIS L 835 -118.42 -17.45 55.68
CA HIS L 835 -117.95 -16.46 54.73
C HIS L 835 -116.94 -17.07 53.78
N LEU L 836 -116.05 -17.92 54.31
CA LEU L 836 -115.06 -18.58 53.47
C LEU L 836 -115.73 -19.46 52.43
N LEU L 837 -116.76 -20.21 52.84
CA LEU L 837 -117.48 -21.04 51.88
C LEU L 837 -118.14 -20.18 50.81
N ASP L 838 -118.74 -19.05 51.22
CA ASP L 838 -119.37 -18.14 50.27
C ASP L 838 -118.35 -17.67 49.23
N LEU L 839 -117.33 -16.96 49.71
CA LEU L 839 -116.27 -16.46 48.83
C LEU L 839 -115.68 -17.56 47.97
N LEU L 840 -115.46 -18.75 48.53
CA LEU L 840 -114.90 -19.86 47.76
C LEU L 840 -115.85 -20.28 46.65
N ALA L 841 -117.16 -20.29 46.91
CA ALA L 841 -118.11 -20.62 45.86
C ALA L 841 -118.07 -19.57 44.75
N ARG L 842 -117.97 -18.30 45.12
CA ARG L 842 -117.82 -17.25 44.11
C ARG L 842 -116.53 -17.43 43.32
N LEU L 843 -115.45 -17.80 44.01
CA LEU L 843 -114.17 -18.06 43.35
C LEU L 843 -114.29 -19.21 42.36
N SER L 844 -114.96 -20.29 42.76
CA SER L 844 -115.13 -21.42 41.86
C SER L 844 -115.99 -21.03 40.66
N ILE L 845 -116.98 -20.17 40.88
CA ILE L 845 -117.79 -19.69 39.77
C ILE L 845 -116.91 -18.90 38.80
N TYR L 846 -116.04 -18.03 39.34
CA TYR L 846 -115.14 -17.26 38.49
C TYR L 846 -114.17 -18.17 37.76
N SER L 847 -113.74 -19.26 38.40
CA SER L 847 -112.82 -20.18 37.75
C SER L 847 -113.51 -20.90 36.61
N THR L 848 -114.71 -21.42 36.86
CA THR L 848 -115.48 -22.13 35.84
C THR L 848 -115.97 -21.21 34.74
N SER L 849 -115.97 -19.90 34.96
CA SER L 849 -116.42 -18.95 33.93
C SER L 849 -115.28 -18.34 33.11
N ASP L 850 -114.21 -17.88 33.75
CA ASP L 850 -113.13 -17.22 33.04
C ASP L 850 -111.99 -18.18 32.72
N CYS L 851 -112.65 -21.12 32.66
CA CYS L 851 -111.34 -21.75 32.72
C CYS L 851 -110.31 -20.76 33.25
N GLU L 852 -110.47 -20.35 34.50
CA GLU L 852 -109.53 -19.45 35.16
C GLU L 852 -108.62 -20.30 36.05
N HIS L 853 -107.39 -20.53 35.58
CA HIS L 853 -106.46 -21.39 36.30
C HIS L 853 -106.15 -20.84 37.69
N GLY L 854 -106.35 -19.55 37.91
CA GLY L 854 -105.98 -18.95 39.19
C GLY L 854 -106.81 -19.46 40.35
N MET L 855 -108.12 -19.62 40.15
CA MET L 855 -108.95 -20.13 41.23
C MET L 855 -108.69 -21.61 41.49
N ALA L 856 -108.37 -22.38 40.45
CA ALA L 856 -107.96 -23.76 40.67
C ALA L 856 -106.64 -23.82 41.42
N SER L 857 -105.74 -22.88 41.16
CA SER L 857 -104.50 -22.82 41.93
C SER L 857 -104.75 -22.43 43.37
N VAL L 858 -105.66 -21.49 43.59
CA VAL L 858 -106.02 -21.09 44.96
C VAL L 858 -106.58 -22.28 45.73
N ILE L 859 -107.48 -23.04 45.10
CA ILE L 859 -108.00 -24.26 45.72
C ILE L 859 -106.89 -25.25 46.00
N SER L 860 -105.98 -25.44 45.03
CA SER L 860 -104.93 -26.44 45.17
C SER L 860 -103.92 -26.08 46.25
N ARG L 861 -103.73 -24.78 46.47
CA ARG L 861 -102.89 -24.31 47.58
C ARG L 861 -103.62 -24.43 48.91
N LEU L 862 -104.87 -23.96 48.97
CA LEU L 862 -105.58 -23.87 50.23
C LEU L 862 -106.05 -25.24 50.74
N ASP L 863 -106.12 -26.25 49.87
CA ASP L 863 -106.60 -27.57 50.29
C ASP L 863 -105.61 -28.66 49.93
N PHE L 864 -104.31 -28.39 50.10
CA PHE L 864 -103.31 -29.39 49.75
C PHE L 864 -103.28 -30.51 50.78
N ASN L 865 -103.32 -30.17 52.06
CA ASN L 865 -103.35 -31.15 53.14
C ASN L 865 -104.77 -31.57 53.48
N GLY L 866 -105.76 -30.99 52.80
CA GLY L 866 -107.15 -31.33 52.96
C GLY L 866 -107.79 -30.75 54.19
N PHE L 867 -107.22 -29.67 54.74
CA PHE L 867 -107.82 -29.06 55.92
C PHE L 867 -109.11 -28.35 55.55
N TYR L 868 -109.07 -27.60 54.45
CA TYR L 868 -110.22 -26.89 53.92
C TYR L 868 -110.89 -27.68 52.80
N THR L 869 -110.17 -28.61 52.18
CA THR L 869 -110.67 -29.29 50.99
C THR L 869 -112.02 -29.94 51.25
N GLU L 870 -112.10 -30.74 52.31
CA GLU L 870 -113.35 -31.40 52.69
C GLU L 870 -114.44 -30.40 53.10
N ARG L 871 -114.09 -29.36 53.83
CA ARG L 871 -115.11 -28.39 54.22
C ARG L 871 -115.64 -27.64 53.01
N LEU L 872 -114.75 -27.26 52.10
CA LEU L 872 -115.16 -26.57 50.88
C LEU L 872 -116.01 -27.48 50.00
N GLU L 873 -115.65 -28.77 49.92
CA GLU L 873 -116.49 -29.72 49.20
C GLU L 873 -117.87 -29.83 49.82
N ARG L 874 -117.93 -29.94 51.14
CA ARG L 874 -119.21 -30.06 51.82
C ARG L 874 -120.07 -28.82 51.61
N LEU L 875 -119.47 -27.64 51.69
CA LEU L 875 -120.22 -26.41 51.46
C LEU L 875 -120.66 -26.29 50.01
N SER L 876 -119.83 -26.73 49.08
CA SER L 876 -120.23 -26.75 47.68
C SER L 876 -121.45 -27.65 47.47
N ALA L 877 -121.45 -28.82 48.09
CA ALA L 877 -122.58 -29.74 48.01
C ALA L 877 -123.82 -29.13 48.65
N GLY M 244 -117.22 63.45 -40.21
CA GLY M 244 -117.09 62.08 -39.75
C GLY M 244 -116.79 61.99 -38.27
N ALA M 245 -117.57 61.18 -37.56
CA ALA M 245 -117.35 60.97 -36.14
C ALA M 245 -115.89 60.58 -35.88
N VAL M 246 -115.42 60.79 -34.67
CA VAL M 246 -114.10 60.35 -34.26
C VAL M 246 -114.24 59.00 -33.57
N GLU M 247 -113.70 57.96 -34.19
CA GLU M 247 -113.40 56.69 -33.53
C GLU M 247 -111.90 56.59 -33.38
N VAL M 248 -111.44 56.32 -32.15
CA VAL M 248 -110.02 56.42 -31.84
C VAL M 248 -109.33 55.14 -32.33
N THR M 249 -108.23 55.30 -33.05
CA THR M 249 -107.57 54.15 -33.63
C THR M 249 -106.95 53.28 -32.54
N GLU M 250 -106.59 52.05 -32.94
CA GLU M 250 -105.96 51.14 -31.99
C GLU M 250 -104.64 51.70 -31.51
N ALA M 251 -103.84 52.27 -32.41
CA ALA M 251 -102.57 52.88 -32.02
C ALA M 251 -102.77 54.04 -31.05
N ALA M 252 -103.75 54.90 -31.32
CA ALA M 252 -103.94 56.05 -30.44
C ALA M 252 -104.46 55.61 -29.07
N LEU M 253 -105.33 54.60 -29.06
CA LEU M 253 -105.78 54.06 -27.78
C LEU M 253 -104.64 53.40 -27.04
N VAL M 254 -103.74 52.74 -27.76
CA VAL M 254 -102.58 52.12 -27.13
C VAL M 254 -101.71 53.18 -26.50
N ARG M 255 -101.45 54.27 -27.22
CA ARG M 255 -100.62 55.34 -26.67
C ARG M 255 -101.25 55.95 -25.43
N ASP M 256 -102.57 56.18 -25.47
CA ASP M 256 -103.23 56.76 -24.31
C ASP M 256 -103.20 55.82 -23.12
N ILE M 257 -103.45 54.53 -23.37
CA ILE M 257 -103.43 53.55 -22.30
C ILE M 257 -102.02 53.35 -21.77
N LEU M 258 -101.00 53.49 -22.62
CA LEU M 258 -99.63 53.40 -22.13
C LEU M 258 -99.28 54.59 -21.26
N TYR M 259 -99.77 55.77 -21.59
CA TYR M 259 -99.63 56.88 -20.65
C TYR M 259 -100.38 56.60 -19.36
N VAL M 260 -101.57 56.01 -19.46
CA VAL M 260 -102.33 55.68 -18.25
C VAL M 260 -101.52 54.69 -17.41
N PHE M 261 -100.83 53.76 -18.07
CA PHE M 261 -100.03 52.79 -17.34
C PHE M 261 -98.87 53.51 -16.68
N GLN M 262 -98.33 54.51 -17.36
CA GLN M 262 -97.24 55.28 -16.79
C GLN M 262 -97.72 56.20 -15.70
N GLY M 263 -99.03 56.25 -15.46
CA GLY M 263 -99.59 57.04 -14.39
C GLY M 263 -99.94 58.46 -14.78
N ILE M 264 -99.79 58.82 -16.04
CA ILE M 264 -100.14 60.16 -16.53
C ILE M 264 -101.11 60.00 -17.69
N ASP M 265 -102.22 60.72 -17.63
CA ASP M 265 -103.35 60.45 -18.50
C ASP M 265 -102.93 60.61 -19.96
N GLY M 266 -103.72 60.00 -20.83
CA GLY M 266 -103.46 59.98 -22.26
C GLY M 266 -104.00 61.20 -22.96
N LYS M 267 -104.30 61.04 -24.25
CA LYS M 267 -104.99 62.04 -25.04
C LYS M 267 -106.43 61.65 -25.33
N HIS M 268 -106.78 60.37 -25.17
CA HIS M 268 -108.12 59.87 -25.35
C HIS M 268 -108.57 59.03 -24.16
N VAL M 269 -107.63 58.52 -23.37
CA VAL M 269 -107.90 57.81 -22.13
C VAL M 269 -107.31 58.65 -21.01
N LYS M 270 -108.13 59.00 -20.03
CA LYS M 270 -107.74 59.97 -19.02
C LYS M 270 -108.06 59.39 -17.65
N MET M 271 -107.24 59.74 -16.66
CA MET M 271 -107.49 59.26 -15.31
C MET M 271 -108.78 59.84 -14.78
N SER M 272 -109.77 58.98 -14.61
CA SER M 272 -110.92 59.23 -13.76
C SER M 272 -110.46 59.17 -12.31
N ASN M 273 -110.43 60.34 -11.67
CA ASN M 273 -110.10 60.49 -10.26
C ASN M 273 -111.31 60.32 -9.35
N ALA M 274 -112.42 59.80 -9.89
CA ALA M 274 -113.56 59.41 -9.08
C ALA M 274 -113.63 57.91 -8.96
N ASP M 275 -112.70 57.20 -9.60
CA ASP M 275 -112.45 55.80 -9.36
C ASP M 275 -110.97 55.54 -9.11
N ASN M 276 -110.09 56.50 -9.39
CA ASN M 276 -108.65 56.32 -9.24
C ASN M 276 -108.17 55.33 -10.28
N CYS M 277 -108.74 55.40 -11.48
CA CYS M 277 -108.28 54.60 -12.60
C CYS M 277 -108.58 55.34 -13.89
N TYR M 278 -107.95 54.92 -14.97
CA TYR M 278 -108.12 55.60 -16.25
C TYR M 278 -109.41 55.14 -16.91
N THR M 279 -110.26 56.11 -17.24
CA THR M 279 -111.49 55.89 -17.99
C THR M 279 -111.34 56.48 -19.39
N VAL M 280 -111.95 55.81 -20.35
CA VAL M 280 -111.95 56.29 -21.74
C VAL M 280 -113.07 57.31 -21.92
N GLU M 281 -112.72 58.46 -22.47
CA GLU M 281 -113.70 59.52 -22.68
C GLU M 281 -114.80 59.03 -23.62
N GLY M 282 -115.98 59.64 -23.49
CA GLY M 282 -117.07 59.36 -24.40
C GLY M 282 -117.16 60.26 -25.62
N LYS M 283 -116.36 61.32 -25.68
CA LYS M 283 -116.36 62.17 -26.87
C LYS M 283 -115.97 61.37 -28.10
N ALA M 284 -114.98 60.48 -27.98
CA ALA M 284 -114.68 59.53 -29.03
C ALA M 284 -115.59 58.31 -28.91
N ASN M 285 -116.05 57.82 -30.05
CA ASN M 285 -116.93 56.67 -30.12
C ASN M 285 -116.09 55.44 -30.45
N LEU M 286 -115.96 54.54 -29.48
CA LEU M 286 -115.31 53.26 -29.69
C LEU M 286 -116.23 52.15 -29.23
N SER M 287 -116.01 50.96 -29.79
CA SER M 287 -116.84 49.83 -29.46
C SER M 287 -116.69 49.41 -28.00
N LYS M 288 -117.65 48.62 -27.55
CA LYS M 288 -117.70 48.24 -26.15
C LYS M 288 -116.48 47.43 -25.78
N SER M 289 -116.04 46.55 -26.68
CA SER M 289 -114.94 45.67 -26.35
C SER M 289 -113.67 46.49 -26.16
N LEU M 290 -113.47 47.47 -27.03
CA LEU M 290 -112.31 48.34 -26.92
C LEU M 290 -112.32 49.09 -25.59
N ARG M 291 -113.48 49.63 -25.22
CA ARG M 291 -113.55 50.36 -23.95
C ARG M 291 -113.31 49.42 -22.77
N ASP M 292 -113.84 48.20 -22.84
CA ASP M 292 -113.67 47.24 -21.75
C ASP M 292 -112.20 46.85 -21.60
N THR M 293 -111.54 46.56 -22.71
CA THR M 293 -110.12 46.24 -22.64
C THR M 293 -109.34 47.42 -22.07
N ALA M 294 -109.70 48.64 -22.49
CA ALA M 294 -109.01 49.81 -21.98
C ALA M 294 -109.15 49.90 -20.47
N VAL M 295 -110.35 49.65 -19.95
CA VAL M 295 -110.57 49.69 -18.51
C VAL M 295 -109.76 48.60 -17.82
N ARG M 296 -109.82 47.37 -18.38
CA ARG M 296 -109.07 46.27 -17.81
C ARG M 296 -107.59 46.60 -17.73
N LEU M 297 -107.09 47.40 -18.67
CA LEU M 297 -105.68 47.75 -18.66
C LEU M 297 -105.44 48.91 -17.70
N ALA M 298 -106.38 49.84 -17.62
CA ALA M 298 -106.25 50.97 -16.72
C ALA M 298 -106.32 50.57 -15.26
N GLU M 299 -106.78 49.34 -14.99
CA GLU M 299 -106.59 48.80 -13.64
C GLU M 299 -105.13 48.97 -13.20
N LEU M 300 -104.21 48.68 -14.13
CA LEU M 300 -102.80 48.82 -13.83
C LEU M 300 -102.43 50.28 -13.60
N GLY M 301 -103.00 51.20 -14.39
CA GLY M 301 -102.74 52.61 -14.15
C GLY M 301 -103.24 53.07 -12.81
N TRP M 302 -104.38 52.53 -12.36
CA TRP M 302 -104.89 52.83 -11.04
C TRP M 302 -103.88 52.40 -9.98
N LEU M 303 -103.42 51.15 -10.06
CA LEU M 303 -102.44 50.67 -9.10
C LEU M 303 -101.18 51.49 -9.18
N HIS M 304 -100.73 51.79 -10.41
CA HIS M 304 -99.58 52.66 -10.63
C HIS M 304 -99.72 53.97 -9.87
N ASN M 305 -100.86 54.64 -10.03
CA ASN M 305 -101.01 55.97 -9.45
C ASN M 305 -101.08 55.90 -7.94
N LYS M 306 -101.69 54.84 -7.40
CA LYS M 306 -101.69 54.65 -5.96
C LYS M 306 -100.27 54.46 -5.44
N ILE M 307 -99.53 53.53 -6.03
CA ILE M 307 -98.14 53.28 -5.64
C ILE M 307 -97.31 54.55 -5.78
N ARG M 308 -97.53 55.31 -6.84
CA ARG M 308 -96.79 56.54 -7.06
C ARG M 308 -97.05 57.53 -5.93
N LYS M 309 -98.32 57.73 -5.61
CA LYS M 309 -98.64 58.66 -4.53
C LYS M 309 -98.01 58.21 -3.23
N TYR M 310 -98.07 56.91 -2.94
CA TYR M 310 -97.49 56.40 -1.70
C TYR M 310 -95.99 56.65 -1.65
N THR M 311 -95.30 56.38 -2.77
CA THR M 311 -93.85 56.55 -2.80
C THR M 311 -93.49 58.02 -2.67
N ASP M 312 -94.18 58.89 -3.41
CA ASP M 312 -93.93 60.32 -3.31
C ASP M 312 -94.13 60.79 -1.89
N GLN M 313 -95.22 60.36 -1.26
CA GLN M 313 -95.55 60.86 0.07
C GLN M 313 -94.50 60.43 1.07
N ARG M 314 -94.16 59.14 1.10
CA ARG M 314 -93.21 58.72 2.10
C ARG M 314 -91.82 59.24 1.77
N SER M 315 -91.56 59.56 0.50
CA SER M 315 -90.26 60.11 0.14
C SER M 315 -90.16 61.57 0.58
N LEU M 316 -91.30 62.27 0.61
CA LEU M 316 -91.33 63.67 0.99
C LEU M 316 -91.47 63.84 2.48
N ASP M 317 -91.86 62.79 3.20
CA ASP M 317 -92.11 62.88 4.62
C ASP M 317 -90.81 62.57 5.36
N ARG M 318 -90.18 63.60 5.90
CA ARG M 318 -89.04 63.37 6.78
C ARG M 318 -89.46 62.53 7.98
N SER M 319 -90.74 62.60 8.34
CA SER M 319 -91.27 61.84 9.46
C SER M 319 -91.27 60.34 9.20
N PHE M 320 -91.23 59.91 7.93
CA PHE M 320 -91.32 58.50 7.62
C PHE M 320 -90.08 57.72 8.04
N GLY M 321 -88.97 58.40 8.33
CA GLY M 321 -87.83 57.75 8.93
C GLY M 321 -86.91 57.07 7.92
N LEU M 322 -85.73 56.71 8.39
CA LEU M 322 -84.75 56.10 7.50
C LEU M 322 -85.21 54.73 7.04
N VAL M 323 -85.82 53.96 7.95
CA VAL M 323 -86.35 52.66 7.56
C VAL M 323 -87.45 52.84 6.52
N GLY M 324 -88.32 53.83 6.74
CA GLY M 324 -89.33 54.14 5.75
C GLY M 324 -88.70 54.59 4.45
N GLN M 325 -87.63 55.37 4.54
CA GLN M 325 -86.95 55.81 3.32
C GLN M 325 -86.37 54.63 2.57
N SER M 326 -85.83 53.64 3.29
CA SER M 326 -85.31 52.46 2.63
C SER M 326 -86.43 51.65 1.97
N PHE M 327 -87.57 51.55 2.64
CA PHE M 327 -88.73 50.92 2.02
C PHE M 327 -89.12 51.65 0.75
N CYS M 328 -89.15 52.98 0.81
CA CYS M 328 -89.49 53.76 -0.37
C CYS M 328 -88.47 53.56 -1.47
N ALA M 329 -87.19 53.43 -1.09
CA ALA M 329 -86.16 53.18 -2.09
C ALA M 329 -86.36 51.84 -2.77
N ALA M 330 -86.67 50.81 -1.99
CA ALA M 330 -86.97 49.51 -2.58
C ALA M 330 -88.16 49.62 -3.53
N LEU M 331 -89.16 50.40 -3.13
CA LEU M 331 -90.34 50.53 -3.97
C LEU M 331 -89.99 51.28 -5.25
N HIS M 332 -89.23 52.36 -5.12
CA HIS M 332 -88.67 53.04 -6.28
C HIS M 332 -87.97 52.07 -7.21
N GLN M 333 -87.18 51.17 -6.65
CA GLN M 333 -86.44 50.22 -7.47
C GLN M 333 -87.39 49.32 -8.25
N GLU M 334 -88.39 48.78 -7.56
CA GLU M 334 -89.39 47.98 -8.27
C GLU M 334 -90.10 48.82 -9.32
N LEU M 335 -90.36 50.09 -9.01
CA LEU M 335 -91.01 50.99 -9.95
C LEU M 335 -90.14 51.18 -11.18
N ARG M 336 -88.83 51.28 -10.98
CA ARG M 336 -87.93 51.44 -12.11
C ARG M 336 -87.86 50.16 -12.94
N GLU M 337 -87.94 49.00 -12.31
CA GLU M 337 -88.11 47.77 -13.08
C GLU M 337 -89.37 47.84 -13.94
N TYR M 338 -90.46 48.31 -13.32
CA TYR M 338 -91.70 48.50 -14.06
C TYR M 338 -91.50 49.47 -15.21
N TYR M 339 -90.80 50.57 -14.95
CA TYR M 339 -90.54 51.55 -16.00
C TYR M 339 -89.68 50.97 -17.10
N ARG M 340 -88.73 50.10 -16.77
CA ARG M 340 -87.91 49.48 -17.80
C ARG M 340 -88.75 48.57 -18.68
N LEU M 341 -89.75 47.93 -18.09
CA LEU M 341 -90.67 47.16 -18.92
C LEU M 341 -91.57 48.08 -19.73
N LEU M 342 -92.01 49.18 -19.12
CA LEU M 342 -92.84 50.13 -19.86
C LEU M 342 -92.07 50.72 -21.02
N SER M 343 -90.79 50.98 -20.82
CA SER M 343 -89.95 51.48 -21.91
C SER M 343 -89.77 50.42 -22.98
N VAL M 344 -89.71 49.15 -22.58
CA VAL M 344 -89.73 48.09 -23.58
C VAL M 344 -91.00 48.18 -24.40
N LEU M 345 -92.12 48.42 -23.73
CA LEU M 345 -93.41 48.40 -24.42
C LEU M 345 -93.54 49.62 -25.32
N HIS M 346 -93.04 50.76 -24.87
CA HIS M 346 -92.95 51.95 -25.71
C HIS M 346 -92.12 51.66 -26.95
N SER M 347 -90.91 51.14 -26.75
CA SER M 347 -90.06 50.79 -27.87
C SER M 347 -90.77 49.86 -28.85
N GLN M 348 -91.52 48.88 -28.32
CA GLN M 348 -92.30 48.01 -29.19
C GLN M 348 -93.38 48.79 -29.94
N LEU M 349 -94.03 49.73 -29.26
CA LEU M 349 -95.00 50.57 -29.95
C LEU M 349 -94.35 51.36 -31.07
N GLN M 350 -93.15 51.90 -30.83
CA GLN M 350 -92.54 52.67 -31.90
C GLN M 350 -92.06 51.74 -33.00
N LEU M 351 -91.72 50.49 -32.66
CA LEU M 351 -91.38 49.54 -33.70
C LEU M 351 -92.61 49.26 -34.55
N GLU M 352 -93.79 49.35 -33.93
CA GLU M 352 -95.03 49.23 -34.67
C GLU M 352 -95.20 50.44 -35.58
N ASP M 353 -94.72 51.59 -35.12
CA ASP M 353 -94.77 52.81 -35.90
C ASP M 353 -93.76 52.74 -37.05
N LEU M 365 -100.33 44.62 -33.82
CA LEU M 365 -100.33 44.99 -32.41
C LEU M 365 -101.75 45.14 -31.91
N THR M 366 -102.07 44.44 -30.81
CA THR M 366 -103.34 44.61 -30.12
C THR M 366 -103.11 44.78 -28.63
N LEU M 367 -104.12 45.37 -27.98
CA LEU M 367 -104.04 45.64 -26.55
C LEU M 367 -103.81 44.37 -25.75
N ARG M 368 -104.36 43.24 -26.20
CA ARG M 368 -104.32 42.03 -25.40
C ARG M 368 -102.90 41.47 -25.28
N ARG M 369 -102.11 41.53 -26.34
CA ARG M 369 -100.73 41.06 -26.21
C ARG M 369 -99.97 41.89 -25.19
N LEU M 370 -100.23 43.19 -25.14
CA LEU M 370 -99.61 44.01 -24.11
C LEU M 370 -100.17 43.67 -22.73
N LEU M 371 -101.47 43.39 -22.67
CA LEU M 371 -102.06 42.93 -21.41
C LEU M 371 -101.41 41.64 -20.95
N VAL M 372 -101.17 40.71 -21.88
CA VAL M 372 -100.54 39.46 -21.50
C VAL M 372 -99.13 39.72 -21.02
N TRP M 373 -98.39 40.55 -21.74
CA TRP M 373 -97.06 40.92 -21.29
C TRP M 373 -97.14 41.62 -19.94
N THR M 374 -98.20 42.38 -19.71
CA THR M 374 -98.38 43.06 -18.44
C THR M 374 -99.10 42.20 -17.42
N TYR M 375 -99.59 41.02 -17.83
CA TYR M 375 -100.29 40.17 -16.88
C TYR M 375 -99.37 39.82 -15.72
N ASP M 376 -98.17 39.35 -16.02
CA ASP M 376 -97.22 38.99 -14.99
C ASP M 376 -96.82 40.26 -14.29
N PRO M 377 -96.59 41.34 -15.05
CA PRO M 377 -96.45 42.65 -14.40
C PRO M 377 -97.66 42.97 -13.56
N LYS M 378 -98.85 42.58 -14.01
CA LYS M 378 -100.06 42.87 -13.24
C LYS M 378 -100.01 42.15 -11.91
N MET M 379 -99.60 40.87 -11.92
CA MET M 379 -99.46 40.11 -10.69
C MET M 379 -98.44 40.77 -9.77
N ARG M 380 -97.26 41.08 -10.31
CA ARG M 380 -96.21 41.68 -9.50
C ARG M 380 -96.71 42.96 -8.85
N LEU M 381 -97.31 43.85 -9.64
CA LEU M 381 -97.72 45.14 -9.11
C LEU M 381 -98.90 45.00 -8.16
N LYS M 382 -99.75 43.99 -8.38
CA LYS M 382 -100.81 43.72 -7.41
C LYS M 382 -100.23 43.31 -6.07
N THR M 383 -99.25 42.41 -6.09
CA THR M 383 -98.61 41.99 -4.85
C THR M 383 -97.91 43.17 -4.18
N LEU M 384 -97.25 44.01 -4.98
CA LEU M 384 -96.54 45.15 -4.41
C LEU M 384 -97.50 46.13 -3.78
N ALA M 385 -98.63 46.39 -4.44
CA ALA M 385 -99.62 47.30 -3.89
C ALA M 385 -100.22 46.74 -2.62
N ALA M 386 -100.45 45.43 -2.57
CA ALA M 386 -101.00 44.83 -1.36
C ALA M 386 -100.01 44.91 -0.20
N LEU M 387 -98.74 44.61 -0.44
CA LEU M 387 -97.71 44.81 0.57
C LEU M 387 -97.68 46.26 1.05
N VAL M 388 -97.69 47.20 0.12
CA VAL M 388 -97.63 48.61 0.48
C VAL M 388 -98.84 49.02 1.30
N ASP M 389 -100.03 48.59 0.89
CA ASP M 389 -101.24 48.97 1.58
C ASP M 389 -101.22 48.45 3.02
N HIS M 390 -100.77 47.22 3.23
CA HIS M 390 -100.74 46.70 4.59
C HIS M 390 -99.69 47.45 5.40
N CYS M 391 -98.65 47.96 4.75
CA CYS M 391 -97.58 48.68 5.42
C CYS M 391 -97.83 50.17 5.39
N GLN M 392 -98.97 50.59 4.88
CA GLN M 392 -99.32 52.01 4.79
C GLN M 392 -99.91 52.49 6.12
N GLY M 393 -99.60 53.72 6.47
CA GLY M 393 -100.06 54.21 7.75
C GLY M 393 -99.36 53.58 8.94
N ARG M 394 -98.15 53.09 8.75
CA ARG M 394 -97.39 52.48 9.83
C ARG M 394 -95.95 52.93 9.74
N LYS M 395 -95.24 52.83 10.86
CA LYS M 395 -93.87 53.29 10.92
C LYS M 395 -93.10 52.39 11.88
N GLY M 396 -91.79 52.32 11.65
CA GLY M 396 -90.92 51.60 12.57
C GLY M 396 -91.34 50.16 12.62
N GLY M 397 -91.45 49.62 13.84
CA GLY M 397 -91.80 48.22 13.95
C GLY M 397 -93.22 47.91 13.54
N GLU M 398 -94.12 48.90 13.58
CA GLU M 398 -95.45 48.70 13.05
C GLU M 398 -95.44 48.55 11.54
N LEU M 399 -94.63 49.35 10.85
CA LEU M 399 -94.46 49.18 9.41
C LEU M 399 -93.80 47.84 9.11
N ALA M 400 -92.72 47.53 9.84
CA ALA M 400 -91.99 46.29 9.57
C ALA M 400 -92.88 45.07 9.78
N SER M 401 -93.64 45.06 10.88
CA SER M 401 -94.59 43.98 11.10
C SER M 401 -95.63 43.93 9.98
N ALA M 402 -96.16 45.09 9.59
CA ALA M 402 -97.17 45.10 8.54
C ALA M 402 -96.64 44.47 7.27
N VAL M 403 -95.42 44.81 6.90
CA VAL M 403 -94.81 44.20 5.72
C VAL M 403 -94.58 42.71 5.94
N HIS M 404 -94.10 42.34 7.13
CA HIS M 404 -93.77 40.94 7.39
C HIS M 404 -95.02 40.08 7.33
N ALA M 405 -96.19 40.67 7.59
CA ALA M 405 -97.42 39.90 7.51
C ALA M 405 -97.73 39.45 6.08
N TYR M 406 -97.33 40.25 5.09
CA TYR M 406 -97.63 39.93 3.71
C TYR M 406 -96.74 38.80 3.20
N THR M 407 -95.60 38.58 3.84
CA THR M 407 -94.71 37.47 3.48
C THR M 407 -95.40 36.11 3.57
N LYS M 408 -96.49 35.99 4.31
CA LYS M 408 -97.13 34.69 4.49
C LYS M 408 -97.86 34.22 3.23
N THR M 409 -97.95 35.05 2.20
CA THR M 409 -98.56 34.62 0.94
C THR M 409 -97.93 33.33 0.42
N GLY M 410 -98.78 32.50 -0.19
CA GLY M 410 -98.36 31.24 -0.79
C GLY M 410 -97.95 31.29 -2.24
N ASP M 411 -98.27 32.37 -2.94
CA ASP M 411 -97.84 32.51 -4.33
C ASP M 411 -96.34 32.76 -4.38
N PRO M 412 -95.57 31.97 -5.11
CA PRO M 412 -94.11 32.07 -5.01
C PRO M 412 -93.53 33.32 -5.64
N TYR M 413 -94.10 33.82 -6.74
CA TYR M 413 -93.56 35.05 -7.34
C TYR M 413 -93.69 36.20 -6.35
N ALA M 414 -94.90 36.41 -5.83
CA ALA M 414 -95.12 37.44 -4.82
C ALA M 414 -94.30 37.15 -3.57
N ARG M 415 -94.27 35.89 -3.14
CA ARG M 415 -93.57 35.57 -1.91
C ARG M 415 -92.10 35.95 -2.03
N SER M 416 -91.47 35.58 -3.14
CA SER M 416 -90.06 35.86 -3.33
C SER M 416 -89.81 37.36 -3.43
N LEU M 417 -90.64 38.06 -4.20
CA LEU M 417 -90.51 39.52 -4.28
C LEU M 417 -90.55 40.13 -2.90
N VAL M 418 -91.58 39.78 -2.11
CA VAL M 418 -91.78 40.42 -0.83
C VAL M 418 -90.68 40.00 0.15
N GLN M 419 -90.17 38.78 0.04
CA GLN M 419 -89.11 38.36 0.96
C GLN M 419 -87.81 39.09 0.66
N HIS M 420 -87.51 39.29 -0.62
CA HIS M 420 -86.36 40.10 -0.99
C HIS M 420 -86.52 41.52 -0.47
N ILE M 421 -87.69 42.12 -0.69
CA ILE M 421 -87.91 43.48 -0.23
C ILE M 421 -87.82 43.55 1.29
N LEU M 422 -88.30 42.53 1.99
CA LEU M 422 -88.29 42.54 3.45
C LEU M 422 -86.88 42.41 3.98
N SER M 423 -86.08 41.54 3.38
CA SER M 423 -84.68 41.45 3.78
C SER M 423 -83.96 42.77 3.53
N LEU M 424 -84.19 43.39 2.37
CA LEU M 424 -83.54 44.66 2.09
C LEU M 424 -83.98 45.73 3.09
N VAL M 425 -85.27 45.75 3.43
CA VAL M 425 -85.75 46.80 4.32
C VAL M 425 -85.29 46.55 5.74
N SER M 426 -85.01 45.29 6.09
CA SER M 426 -84.53 44.99 7.43
C SER M 426 -83.04 45.24 7.52
N HIS M 427 -82.35 45.24 6.39
CA HIS M 427 -80.92 45.53 6.42
C HIS M 427 -80.64 46.84 7.15
N PRO M 428 -81.39 47.92 6.92
CA PRO M 428 -81.19 49.11 7.75
C PRO M 428 -81.56 48.87 9.20
N VAL M 429 -82.73 48.28 9.44
CA VAL M 429 -83.12 47.92 10.79
C VAL M 429 -82.08 47.00 11.41
N LEU M 430 -81.59 46.04 10.64
CA LEU M 430 -80.59 45.12 11.16
C LEU M 430 -79.30 45.87 11.47
N SER M 431 -78.95 46.87 10.67
CA SER M 431 -77.76 47.65 10.92
C SER M 431 -77.90 48.42 12.23
N PHE M 432 -79.05 49.06 12.41
CA PHE M 432 -79.35 49.72 13.68
C PHE M 432 -79.22 48.75 14.83
N LEU M 433 -79.81 47.57 14.69
CA LEU M 433 -79.76 46.61 15.79
C LEU M 433 -78.33 46.16 16.04
N TYR M 434 -77.56 45.97 14.98
CA TYR M 434 -76.16 45.59 15.18
C TYR M 434 -75.43 46.68 15.93
N ARG M 435 -75.67 47.94 15.55
CA ARG M 435 -75.04 49.01 16.29
C ARG M 435 -75.63 49.06 17.69
N TRP M 436 -76.93 48.82 17.81
CA TRP M 436 -77.56 48.78 19.12
C TRP M 436 -77.08 47.56 19.88
N ILE M 437 -76.79 46.48 19.14
CA ILE M 437 -76.36 45.22 19.75
C ILE M 437 -74.86 45.21 19.97
N TYR M 438 -74.11 45.95 19.17
CA TYR M 438 -72.66 45.98 19.23
C TYR M 438 -72.15 47.28 19.82
N ASP M 439 -72.70 48.41 19.37
CA ASP M 439 -72.31 49.69 19.94
C ASP M 439 -73.03 49.97 21.25
N GLY M 440 -74.23 49.44 21.41
CA GLY M 440 -75.09 49.88 22.50
C GLY M 440 -75.43 51.35 22.36
N GLU M 441 -75.76 51.78 21.15
CA GLU M 441 -76.10 53.17 20.93
C GLU M 441 -77.15 53.24 19.82
N LEU M 442 -77.84 54.38 19.78
CA LEU M 442 -79.01 54.58 18.93
C LEU M 442 -78.81 55.79 18.02
N GLU M 443 -79.19 55.63 16.76
CA GLU M 443 -79.36 56.75 15.84
C GLU M 443 -80.82 57.10 15.63
N ASP M 444 -81.66 56.80 16.62
CA ASP M 444 -83.11 56.94 16.49
C ASP M 444 -83.50 58.41 16.69
N THR M 445 -83.67 59.12 15.58
CA THR M 445 -84.19 60.47 15.63
C THR M 445 -85.62 60.54 15.15
N TYR M 446 -86.12 59.48 14.52
CA TYR M 446 -87.52 59.36 14.15
C TYR M 446 -88.31 58.57 15.19
N HIS M 447 -87.63 57.75 15.98
CA HIS M 447 -88.25 56.85 16.95
C HIS M 447 -89.12 55.82 16.23
N GLU M 448 -88.47 55.06 15.35
CA GLU M 448 -89.10 53.92 14.69
C GLU M 448 -88.53 52.59 15.15
N PHE M 449 -87.44 52.60 15.91
CA PHE M 449 -86.79 51.38 16.35
C PHE M 449 -87.39 50.89 17.66
N PHE M 450 -87.42 49.57 17.82
CA PHE M 450 -88.13 49.00 18.96
C PHE M 450 -87.42 49.28 20.27
N VAL M 451 -86.24 49.89 20.23
CA VAL M 451 -85.57 50.35 21.44
C VAL M 451 -85.94 51.81 21.62
N ALA M 452 -86.63 52.12 22.71
CA ALA M 452 -86.86 53.48 23.13
C ALA M 452 -85.72 53.93 24.03
N SER M 453 -85.14 55.08 23.72
CA SER M 453 -84.31 55.78 24.68
C SER M 453 -85.19 56.75 25.48
N ASP M 454 -85.02 56.73 26.79
CA ASP M 454 -85.66 57.72 27.65
C ASP M 454 -84.60 58.67 28.17
N PRO M 455 -84.62 59.96 27.79
CA PRO M 455 -83.61 60.89 28.30
C PRO M 455 -83.80 61.25 29.77
N ALA M 456 -84.94 60.89 30.35
CA ALA M 456 -85.21 61.27 31.74
C ALA M 456 -84.39 60.45 32.71
N VAL M 457 -84.04 59.23 32.37
CA VAL M 457 -83.28 58.38 33.27
C VAL M 457 -81.82 58.82 33.27
N LYS M 458 -81.23 58.83 34.46
CA LYS M 458 -79.81 59.11 34.62
C LYS M 458 -79.00 57.83 34.45
N ALA M 459 -77.68 57.98 34.41
CA ALA M 459 -76.85 56.80 34.26
C ALA M 459 -77.03 55.86 35.44
N ASP M 460 -77.44 56.39 36.60
CA ASP M 460 -77.69 55.51 37.73
C ASP M 460 -78.85 54.58 37.43
N ARG M 461 -79.81 55.05 36.65
CA ARG M 461 -80.96 54.25 36.24
C ARG M 461 -80.83 53.77 34.81
N LEU M 462 -79.61 53.77 34.26
CA LEU M 462 -79.43 53.30 32.89
C LEU M 462 -80.00 51.90 32.73
N TRP M 463 -79.75 51.04 33.71
CA TRP M 463 -80.22 49.66 33.63
C TRP M 463 -81.73 49.64 33.57
N HIS M 464 -82.37 50.51 34.36
CA HIS M 464 -83.81 50.45 34.57
C HIS M 464 -84.54 51.30 33.54
N ASP M 465 -84.27 52.61 33.52
CA ASP M 465 -85.14 53.53 32.81
C ASP M 465 -84.54 54.10 31.54
N LYS M 466 -83.21 54.17 31.42
CA LYS M 466 -82.65 54.93 30.31
C LYS M 466 -82.92 54.21 29.00
N TYR M 467 -82.98 52.88 29.03
CA TYR M 467 -83.10 52.04 27.85
C TYR M 467 -84.32 51.16 28.04
N ALA M 468 -85.34 51.36 27.21
CA ALA M 468 -86.65 50.77 27.40
C ALA M 468 -87.10 50.12 26.10
N LEU M 469 -87.93 49.09 26.22
CA LEU M 469 -88.45 48.40 25.04
C LEU M 469 -89.75 49.10 24.64
N ARG M 470 -89.77 49.66 23.44
CA ARG M 470 -91.00 50.27 22.90
C ARG M 470 -91.76 49.21 22.12
N LYS M 471 -92.79 48.65 22.76
CA LYS M 471 -93.51 47.53 22.16
C LYS M 471 -94.06 47.86 20.78
N PRO M 472 -94.64 49.04 20.55
CA PRO M 472 -95.24 49.31 19.23
C PRO M 472 -94.24 49.42 18.11
N MET M 473 -92.96 49.56 18.40
CA MET M 473 -91.93 49.60 17.37
C MET M 473 -91.21 48.26 17.25
N ILE M 474 -91.74 47.22 17.87
CA ILE M 474 -91.25 45.87 17.65
C ILE M 474 -91.76 45.37 16.30
N PRO M 475 -90.90 44.90 15.41
CA PRO M 475 -91.37 44.39 14.12
C PRO M 475 -91.76 42.92 14.20
N SER M 476 -92.42 42.45 13.14
CA SER M 476 -92.92 41.09 13.10
C SER M 476 -91.94 40.16 12.42
N PHE M 477 -90.75 40.64 12.10
CA PHE M 477 -89.60 39.79 11.84
C PHE M 477 -88.79 39.56 13.11
N MET M 478 -89.18 40.18 14.22
CA MET M 478 -88.57 39.95 15.53
C MET M 478 -89.61 39.32 16.44
N THR M 479 -89.14 38.85 17.59
CA THR M 479 -90.02 38.29 18.60
C THR M 479 -89.68 38.82 19.98
N MET M 480 -90.51 38.46 20.96
CA MET M 480 -90.34 38.94 22.32
C MET M 480 -89.00 38.51 22.89
N ASP M 481 -88.58 37.27 22.62
CA ASP M 481 -87.35 36.78 23.23
C ASP M 481 -86.13 37.44 22.58
N GLN M 482 -86.18 37.64 21.27
CA GLN M 482 -85.11 38.39 20.61
C GLN M 482 -85.04 39.80 21.15
N CYS M 483 -86.19 40.42 21.39
CA CYS M 483 -86.19 41.75 21.99
C CYS M 483 -85.61 41.73 23.40
N ARG M 484 -85.92 40.68 24.17
CA ARG M 484 -85.35 40.58 25.52
C ARG M 484 -83.84 40.45 25.47
N LYS M 485 -83.33 39.62 24.56
CA LYS M 485 -81.89 39.47 24.42
C LYS M 485 -81.25 40.79 24.00
N VAL M 486 -81.87 41.49 23.04
CA VAL M 486 -81.31 42.75 22.57
C VAL M 486 -81.31 43.77 23.69
N LEU M 487 -82.42 43.85 24.43
CA LEU M 487 -82.49 44.72 25.60
C LEU M 487 -81.35 44.43 26.57
N LEU M 488 -81.10 43.15 26.85
CA LEU M 488 -80.06 42.83 27.83
C LEU M 488 -78.68 43.16 27.31
N ILE M 489 -78.43 42.92 26.02
CA ILE M 489 -77.17 43.31 25.40
C ILE M 489 -76.96 44.82 25.53
N GLY M 490 -77.97 45.59 25.15
CA GLY M 490 -77.84 47.04 25.21
C GLY M 490 -77.66 47.53 26.62
N LYS M 491 -78.39 46.94 27.57
CA LYS M 491 -78.22 47.30 28.97
C LYS M 491 -76.80 47.02 29.42
N SER M 492 -76.25 45.86 29.05
CA SER M 492 -74.88 45.55 29.42
C SER M 492 -73.91 46.59 28.88
N ILE M 493 -74.07 46.94 27.60
CA ILE M 493 -73.13 47.86 26.97
C ILE M 493 -73.24 49.24 27.61
N ASN M 494 -74.47 49.73 27.82
CA ASN M 494 -74.64 51.06 28.36
C ASN M 494 -74.35 51.11 29.85
N PHE M 495 -74.45 49.98 30.55
CA PHE M 495 -74.04 49.94 31.95
C PHE M 495 -72.52 50.00 32.05
N LEU M 496 -71.83 49.26 31.18
CA LEU M 496 -70.38 49.38 31.16
C LEU M 496 -69.96 50.81 30.84
N HIS M 497 -70.62 51.44 29.88
CA HIS M 497 -70.25 52.80 29.52
C HIS M 497 -70.58 53.81 30.62
N GLN M 498 -71.82 53.80 31.12
CA GLN M 498 -72.30 54.89 31.97
C GLN M 498 -72.25 54.63 33.47
N VAL M 499 -72.24 53.37 33.91
CA VAL M 499 -72.35 53.04 35.33
C VAL M 499 -71.09 52.34 35.83
N CYS M 500 -70.63 51.33 35.09
CA CYS M 500 -69.30 50.80 35.37
C CYS M 500 -68.25 51.81 34.96
N HIS M 501 -68.59 52.66 34.00
CA HIS M 501 -67.70 53.65 33.41
C HIS M 501 -66.63 52.99 32.56
N ASP M 502 -66.89 51.77 32.09
CA ASP M 502 -66.07 51.12 31.08
C ASP M 502 -66.54 51.52 29.69
N GLN M 503 -65.74 52.34 29.01
CA GLN M 503 -65.99 52.67 27.62
C GLN M 503 -65.08 51.87 26.69
N THR M 504 -64.29 50.96 27.25
CA THR M 504 -63.51 50.02 26.46
C THR M 504 -64.43 48.99 25.83
N PRO M 505 -64.18 48.60 24.59
CA PRO M 505 -65.17 47.81 23.84
C PRO M 505 -65.02 46.32 24.13
N THR M 506 -66.00 45.57 23.63
CA THR M 506 -65.97 44.12 23.61
C THR M 506 -65.37 43.62 22.31
N THR M 507 -64.43 42.69 22.41
CA THR M 507 -63.51 42.44 21.32
C THR M 507 -64.12 41.47 20.31
N LYS M 508 -65.01 40.58 20.75
CA LYS M 508 -65.74 39.80 19.76
C LYS M 508 -66.78 40.67 19.09
N MET M 509 -67.18 41.78 19.72
CA MET M 509 -68.06 42.73 19.08
C MET M 509 -67.30 43.52 18.02
N ILE M 510 -66.05 43.86 18.32
CA ILE M 510 -65.22 44.59 17.37
C ILE M 510 -65.08 43.81 16.08
N ALA M 511 -65.23 42.49 16.13
CA ALA M 511 -65.13 41.63 14.95
C ALA M 511 -66.43 41.56 14.15
N VAL M 512 -67.55 42.03 14.70
CA VAL M 512 -68.82 41.94 14.02
C VAL M 512 -69.16 43.27 13.36
N ALA M 523 -80.08 42.26 4.09
CA ALA M 523 -80.94 41.15 3.74
C ALA M 523 -80.43 39.83 4.34
N ASP M 524 -79.12 39.60 4.21
CA ASP M 524 -78.55 38.39 4.80
C ASP M 524 -78.71 38.39 6.31
N LEU M 525 -78.47 39.53 6.95
CA LEU M 525 -78.61 39.60 8.40
C LEU M 525 -80.06 39.43 8.83
N PHE M 526 -80.99 40.01 8.06
CA PHE M 526 -82.40 39.84 8.38
C PHE M 526 -82.84 38.40 8.19
N THR M 527 -82.21 37.66 7.28
CA THR M 527 -82.52 36.25 7.16
C THR M 527 -81.85 35.43 8.25
N ASP M 528 -80.66 35.85 8.69
CA ASP M 528 -79.99 35.16 9.79
C ASP M 528 -80.57 35.50 11.16
N LEU M 529 -81.47 36.48 11.25
CA LEU M 529 -81.79 37.00 12.58
C LEU M 529 -82.40 35.92 13.44
N GLU M 530 -83.08 34.95 12.82
CA GLU M 530 -83.60 33.77 13.49
C GLU M 530 -82.68 32.59 13.28
N ASN M 531 -81.75 32.71 12.33
CA ASN M 531 -80.77 31.72 11.94
C ASN M 531 -79.53 31.99 12.76
N ALA M 532 -78.34 31.74 12.19
CA ALA M 532 -77.13 31.96 12.97
C ALA M 532 -77.13 33.35 13.58
N PHE M 533 -77.71 34.35 12.91
CA PHE M 533 -77.62 35.68 13.49
C PHE M 533 -78.45 35.74 14.76
N GLN M 534 -79.50 34.92 14.86
CA GLN M 534 -80.10 34.68 16.16
C GLN M 534 -79.07 34.06 17.10
N GLY M 535 -78.30 33.10 16.57
CA GLY M 535 -77.20 32.56 17.33
C GLY M 535 -76.16 33.62 17.65
N LYS M 536 -75.93 34.52 16.70
CA LYS M 536 -75.02 35.62 16.95
C LYS M 536 -75.50 36.47 18.11
N ILE M 537 -76.81 36.73 18.16
CA ILE M 537 -77.38 37.51 19.25
C ILE M 537 -77.23 36.76 20.57
N ASP M 538 -77.52 35.47 20.59
CA ASP M 538 -77.39 34.70 21.83
C ASP M 538 -75.94 34.63 22.28
N ALA M 539 -75.01 34.44 21.35
CA ALA M 539 -73.61 34.42 21.69
C ALA M 539 -73.15 35.77 22.20
N ALA M 540 -73.61 36.85 21.57
CA ALA M 540 -73.27 38.18 22.05
C ALA M 540 -73.83 38.41 23.44
N TYR M 541 -75.06 37.92 23.68
CA TYR M 541 -75.63 37.98 25.02
C TYR M 541 -74.72 37.29 26.02
N PHE M 542 -74.33 36.05 25.75
CA PHE M 542 -73.44 35.33 26.63
C PHE M 542 -72.12 36.08 26.83
N GLU M 543 -71.55 36.61 25.74
CA GLU M 543 -70.22 37.21 25.81
C GLU M 543 -70.26 38.51 26.60
N THR M 544 -71.22 39.37 26.28
CA THR M 544 -71.36 40.63 27.00
C THR M 544 -71.72 40.38 28.45
N SER M 545 -72.57 39.39 28.70
CA SER M 545 -72.90 39.06 30.08
C SER M 545 -71.67 38.60 30.84
N LYS M 546 -70.82 37.78 30.22
CA LYS M 546 -69.60 37.34 30.88
C LYS M 546 -68.68 38.51 31.16
N TYR M 547 -68.52 39.41 30.20
CA TYR M 547 -67.67 40.59 30.41
C TYR M 547 -68.24 41.49 31.50
N LEU M 548 -69.55 41.72 31.46
CA LEU M 548 -70.21 42.49 32.50
C LEU M 548 -70.01 41.85 33.86
N LEU M 549 -70.20 40.54 33.96
CA LEU M 549 -70.05 39.86 35.24
C LEU M 549 -68.61 39.95 35.73
N ASP M 550 -67.65 39.86 34.82
CA ASP M 550 -66.26 40.07 35.20
C ASP M 550 -66.08 41.45 35.80
N VAL M 551 -66.61 42.47 35.13
CA VAL M 551 -66.47 43.83 35.61
C VAL M 551 -67.15 43.98 36.97
N LEU M 552 -68.37 43.48 37.09
CA LEU M 552 -69.12 43.65 38.32
C LEU M 552 -68.50 42.89 39.48
N ASN M 553 -67.85 41.76 39.21
CA ASN M 553 -67.23 40.98 40.26
C ASN M 553 -65.88 41.53 40.67
N LYS M 554 -65.13 42.13 39.73
CA LYS M 554 -63.78 42.57 40.04
C LYS M 554 -63.69 44.06 40.37
N LYS M 555 -64.44 44.90 39.66
CA LYS M 555 -64.37 46.34 39.81
C LYS M 555 -65.54 46.90 40.61
N TYR M 556 -66.71 46.24 40.57
CA TYR M 556 -67.86 46.71 41.33
C TYR M 556 -68.44 45.61 42.21
N SER M 557 -67.79 44.45 42.28
CA SER M 557 -67.99 43.47 43.35
C SER M 557 -69.46 43.30 43.71
N LEU M 558 -70.32 43.09 42.71
CA LEU M 558 -71.74 42.94 43.02
C LEU M 558 -71.96 41.78 43.99
N LEU M 559 -71.31 40.65 43.74
CA LEU M 559 -71.47 39.50 44.61
C LEU M 559 -70.94 39.79 46.00
N ASP M 560 -69.77 40.45 46.07
CA ASP M 560 -69.19 40.77 47.36
C ASP M 560 -70.07 41.77 48.11
N HIS M 561 -70.74 42.66 47.40
CA HIS M 561 -71.69 43.57 48.04
C HIS M 561 -72.87 42.81 48.63
N MET M 562 -73.38 41.82 47.88
CA MET M 562 -74.41 40.96 48.44
C MET M 562 -73.92 40.30 49.73
N GLN M 563 -72.72 39.73 49.67
CA GLN M 563 -72.21 38.98 50.82
C GLN M 563 -71.91 39.91 51.98
N ALA M 564 -71.40 41.10 51.68
CA ALA M 564 -71.20 42.12 52.71
C ALA M 564 -72.51 42.48 53.38
N MET M 565 -73.59 42.61 52.60
CA MET M 565 -74.83 43.06 53.20
C MET M 565 -75.44 41.95 54.04
N ARG M 566 -75.21 40.69 53.65
CA ARG M 566 -75.58 39.58 54.53
C ARG M 566 -74.73 39.58 55.80
N ARG M 567 -73.42 39.79 55.67
CA ARG M 567 -72.52 39.81 56.82
C ARG M 567 -72.89 40.91 57.82
N TYR M 568 -73.15 42.12 57.33
CA TYR M 568 -73.18 43.32 58.15
C TYR M 568 -74.59 43.83 58.38
N LEU M 569 -75.41 43.87 57.32
CA LEU M 569 -76.77 44.34 57.46
C LEU M 569 -77.68 43.22 57.93
N LEU M 570 -77.28 41.97 57.70
CA LEU M 570 -77.97 40.81 58.25
C LEU M 570 -77.24 40.24 59.46
N LEU M 571 -76.22 40.94 59.96
CA LEU M 571 -75.50 40.55 61.17
C LEU M 571 -74.86 39.16 61.01
N GLY M 572 -74.27 38.92 59.84
CA GLY M 572 -73.74 37.60 59.55
C GLY M 572 -72.55 37.22 60.41
N GLN M 573 -71.70 38.17 60.77
CA GLN M 573 -70.66 37.96 61.79
C GLN M 573 -71.20 38.41 63.13
N GLY M 574 -71.62 37.45 63.96
CA GLY M 574 -72.18 37.76 65.26
C GLY M 574 -71.20 38.25 66.30
N ASP M 575 -69.91 37.94 66.14
CA ASP M 575 -68.95 38.33 67.17
C ASP M 575 -68.74 39.83 67.18
N PHE M 576 -68.57 40.43 66.00
CA PHE M 576 -68.39 41.87 65.91
C PHE M 576 -69.57 42.60 66.52
N ILE M 577 -70.79 42.19 66.18
CA ILE M 577 -71.99 42.86 66.68
C ILE M 577 -72.14 42.63 68.19
N ARG M 578 -71.88 41.42 68.67
CA ARG M 578 -72.03 41.15 70.09
C ARG M 578 -71.06 42.00 70.91
N HIS M 579 -69.81 42.11 70.45
CA HIS M 579 -68.85 42.91 71.20
C HIS M 579 -69.14 44.39 71.06
N LEU M 580 -69.59 44.82 69.88
CA LEU M 580 -69.97 46.21 69.70
C LEU M 580 -71.11 46.61 70.62
N MET M 581 -72.11 45.73 70.77
CA MET M 581 -73.20 46.00 71.71
C MET M 581 -72.73 45.93 73.16
N ASP M 582 -71.79 45.02 73.46
CA ASP M 582 -71.21 45.00 74.80
C ASP M 582 -70.57 46.35 75.13
N LEU M 583 -69.78 46.89 74.20
CA LEU M 583 -69.14 48.17 74.43
C LEU M 583 -70.15 49.32 74.40
N LEU M 584 -71.20 49.20 73.59
CA LEU M 584 -72.14 50.29 73.38
C LEU M 584 -73.20 50.37 74.47
N LYS M 585 -73.41 49.31 75.24
CA LYS M 585 -74.49 49.33 76.22
C LYS M 585 -74.39 50.54 77.13
N PRO M 586 -73.22 50.93 77.63
CA PRO M 586 -73.13 52.18 78.39
C PRO M 586 -73.51 53.39 77.56
N GLU M 587 -73.44 53.29 76.23
CA GLU M 587 -73.88 54.36 75.34
C GLU M 587 -75.33 54.14 74.92
N LEU M 588 -75.66 52.94 74.46
CA LEU M 588 -76.96 52.71 73.84
C LEU M 588 -78.06 52.70 74.88
N VAL M 589 -77.70 52.59 76.16
CA VAL M 589 -78.65 52.71 77.25
C VAL M 589 -79.12 54.16 77.41
N ARG M 590 -78.39 55.12 76.88
CA ARG M 590 -78.81 56.51 76.98
C ARG M 590 -80.08 56.74 76.16
N PRO M 591 -80.90 57.71 76.55
CA PRO M 591 -82.05 58.07 75.72
C PRO M 591 -81.65 58.48 74.32
N ALA M 592 -82.47 58.08 73.34
CA ALA M 592 -82.12 58.28 71.94
C ALA M 592 -81.98 59.75 71.58
N THR M 593 -82.60 60.65 72.35
CA THR M 593 -82.59 62.07 72.02
C THR M 593 -81.20 62.69 72.14
N THR M 594 -80.26 62.00 72.79
CA THR M 594 -78.90 62.48 72.99
C THR M 594 -77.88 61.81 72.08
N LEU M 595 -78.32 60.93 71.19
CA LEU M 595 -77.42 60.27 70.25
C LEU M 595 -77.08 61.19 69.08
N TYR M 596 -75.79 61.28 68.79
CA TYR M 596 -75.28 62.03 67.63
C TYR M 596 -74.36 61.12 66.83
N GLN M 597 -74.41 61.27 65.50
CA GLN M 597 -73.86 60.25 64.61
C GLN M 597 -72.36 60.04 64.84
N HIS M 598 -71.63 61.11 65.13
CA HIS M 598 -70.18 61.01 65.17
C HIS M 598 -69.70 60.07 66.28
N ASN M 599 -70.34 60.14 67.45
CA ASN M 599 -69.96 59.25 68.54
C ASN M 599 -70.19 57.79 68.14
N LEU M 600 -71.31 57.51 67.49
CA LEU M 600 -71.64 56.13 67.17
C LEU M 600 -70.77 55.60 66.04
N THR M 601 -70.41 56.45 65.08
CA THR M 601 -69.47 56.02 64.05
C THR M 601 -68.08 55.79 64.62
N GLY M 602 -67.64 56.63 65.56
CA GLY M 602 -66.39 56.34 66.26
C GLY M 602 -66.43 55.03 67.01
N ILE M 603 -67.55 54.75 67.68
CA ILE M 603 -67.68 53.49 68.40
C ILE M 603 -67.69 52.32 67.43
N LEU M 604 -68.36 52.48 66.28
CA LEU M 604 -68.36 51.44 65.26
C LEU M 604 -66.96 51.16 64.74
N GLU M 605 -66.20 52.22 64.46
CA GLU M 605 -64.80 52.04 64.04
C GLU M 605 -64.00 51.30 65.10
N THR M 606 -64.15 51.68 66.37
CA THR M 606 -63.42 51.00 67.43
C THR M 606 -63.81 49.53 67.52
N ALA M 607 -65.11 49.24 67.43
CA ALA M 607 -65.57 47.86 67.47
C ALA M 607 -65.03 47.06 66.30
N VAL M 608 -65.03 47.67 65.11
CA VAL M 608 -64.50 46.98 63.94
C VAL M 608 -63.03 46.64 64.15
N ARG M 609 -62.25 47.61 64.62
CA ARG M 609 -60.81 47.36 64.71
C ARG M 609 -60.49 46.38 65.82
N ALA M 610 -61.29 46.37 66.90
CA ALA M 610 -61.09 45.41 67.98
C ALA M 610 -61.72 44.06 67.69
N THR M 611 -62.54 43.96 66.65
CA THR M 611 -63.23 42.75 66.24
C THR M 611 -62.70 42.29 64.89
N ASN M 612 -63.24 41.16 64.43
CA ASN M 612 -62.90 40.66 63.10
C ASN M 612 -63.55 41.45 61.98
N ALA M 613 -64.50 42.34 62.29
CA ALA M 613 -65.11 43.15 61.24
C ALA M 613 -64.08 44.04 60.56
N GLN M 614 -62.95 44.30 61.21
CA GLN M 614 -61.90 45.10 60.61
C GLN M 614 -61.30 44.42 59.38
N PHE M 615 -61.48 43.11 59.26
CA PHE M 615 -60.98 42.34 58.13
C PHE M 615 -61.98 42.22 56.99
N ASP M 616 -63.16 42.82 57.11
CA ASP M 616 -64.02 42.93 55.95
C ASP M 616 -63.38 43.84 54.91
N SER M 617 -63.67 43.55 53.66
CA SER M 617 -63.05 44.27 52.56
C SER M 617 -63.15 45.78 52.78
N PRO M 618 -62.08 46.54 52.48
CA PRO M 618 -62.13 47.97 52.77
C PRO M 618 -63.14 48.70 51.93
N GLU M 619 -63.48 48.19 50.73
CA GLU M 619 -64.51 48.83 49.94
C GLU M 619 -65.85 48.73 50.65
N ILE M 620 -66.07 47.60 51.34
CA ILE M 620 -67.27 47.43 52.14
C ILE M 620 -67.25 48.38 53.32
N LEU M 621 -66.11 48.46 53.99
CA LEU M 621 -66.03 49.30 55.17
C LEU M 621 -66.27 50.77 54.81
N LYS M 622 -65.66 51.24 53.72
CA LYS M 622 -65.76 52.64 53.33
C LYS M 622 -67.19 53.04 52.99
N ARG M 623 -68.06 52.07 52.71
CA ARG M 623 -69.45 52.34 52.43
C ARG M 623 -70.33 51.89 53.60
N LEU M 624 -69.72 51.31 54.63
CA LEU M 624 -70.41 50.85 55.83
C LEU M 624 -70.61 52.04 56.74
N ASP M 625 -71.82 52.58 56.75
CA ASP M 625 -72.12 53.82 57.44
C ASP M 625 -73.06 53.53 58.61
N VAL M 626 -73.14 54.48 59.53
CA VAL M 626 -74.14 54.47 60.58
C VAL M 626 -75.35 55.27 60.14
N ARG M 627 -76.53 54.65 60.22
CA ARG M 627 -77.80 55.31 59.99
C ARG M 627 -78.47 55.49 61.35
N LEU M 628 -78.79 56.74 61.69
CA LEU M 628 -79.63 57.02 62.84
C LEU M 628 -81.11 56.99 62.47
N LEU M 629 -81.90 56.38 63.34
CA LEU M 629 -83.33 56.21 63.08
C LEU M 629 -84.04 57.47 63.55
N GLU M 630 -85.36 57.51 63.38
CA GLU M 630 -86.09 58.67 63.85
C GLU M 630 -86.03 58.73 65.38
N VAL M 631 -85.65 59.89 65.90
CA VAL M 631 -85.49 60.08 67.34
C VAL M 631 -86.85 60.47 67.91
N SER M 632 -87.35 59.65 68.84
CA SER M 632 -88.56 59.96 69.56
C SER M 632 -88.34 59.72 71.04
N PRO M 633 -88.90 60.54 71.92
CA PRO M 633 -88.72 60.31 73.36
C PRO M 633 -89.27 58.94 73.72
N GLY M 634 -88.89 58.47 74.91
CA GLY M 634 -89.25 57.13 75.30
C GLY M 634 -88.39 56.07 74.66
N ASP M 635 -87.24 56.44 74.14
CA ASP M 635 -86.34 55.53 73.44
C ASP M 635 -84.94 55.73 73.99
N THR M 636 -84.09 54.73 73.75
CA THR M 636 -82.67 54.84 74.07
C THR M 636 -81.83 54.54 72.83
N GLY M 637 -80.53 54.77 72.98
CA GLY M 637 -79.63 54.66 71.84
C GLY M 637 -79.75 53.33 71.12
N TRP M 638 -80.10 52.26 71.84
CA TRP M 638 -80.29 50.97 71.19
C TRP M 638 -81.35 51.06 70.10
N ASP M 639 -82.43 51.81 70.34
CA ASP M 639 -83.50 51.88 69.37
C ASP M 639 -83.22 52.87 68.24
N VAL M 640 -82.28 53.79 68.44
CA VAL M 640 -82.01 54.84 67.46
C VAL M 640 -80.77 54.55 66.61
N PHE M 641 -79.85 53.71 67.10
CA PHE M 641 -78.70 53.30 66.30
C PHE M 641 -79.13 52.36 65.19
N SER M 642 -78.68 52.66 63.98
CA SER M 642 -78.79 51.76 62.84
C SER M 642 -77.48 51.79 62.06
N LEU M 643 -77.10 50.64 61.52
CA LEU M 643 -76.06 50.62 60.50
C LEU M 643 -76.64 50.99 59.13
N ASP M 644 -75.77 51.46 58.26
CA ASP M 644 -76.14 51.82 56.89
C ASP M 644 -75.02 51.39 55.96
N TYR M 645 -75.39 51.05 54.73
CA TYR M 645 -74.44 50.75 53.67
C TYR M 645 -74.71 51.63 52.46
N HIS M 646 -73.82 52.57 52.19
CA HIS M 646 -74.01 53.44 51.05
C HIS M 646 -73.61 52.68 49.78
N VAL M 647 -74.16 53.13 48.65
CA VAL M 647 -73.85 52.51 47.36
C VAL M 647 -73.57 53.59 46.33
N ASP M 648 -72.70 53.25 45.38
CA ASP M 648 -72.40 54.12 44.25
C ASP M 648 -71.91 53.25 43.10
N GLY M 649 -71.89 53.84 41.91
CA GLY M 649 -71.41 53.16 40.73
C GLY M 649 -72.33 52.04 40.31
N PRO M 650 -71.77 51.02 39.65
CA PRO M 650 -72.59 49.86 39.29
C PRO M 650 -73.23 49.19 40.48
N ILE M 651 -72.59 49.23 41.66
CA ILE M 651 -73.20 48.67 42.85
C ILE M 651 -74.55 49.33 43.12
N ALA M 652 -74.68 50.62 42.83
CA ALA M 652 -75.95 51.27 43.08
C ALA M 652 -77.00 50.81 42.08
N THR M 653 -76.58 50.32 40.91
CA THR M 653 -77.53 49.74 39.99
C THR M 653 -78.04 48.42 40.53
N VAL M 654 -77.24 47.76 41.36
CA VAL M 654 -77.58 46.47 41.93
C VAL M 654 -78.50 46.65 43.13
N PHE M 655 -78.31 47.72 43.90
CA PHE M 655 -79.05 47.92 45.14
C PHE M 655 -79.93 49.17 45.03
N THR M 656 -81.22 48.96 44.75
CA THR M 656 -82.16 50.03 44.55
C THR M 656 -82.82 50.41 45.88
N ARG M 657 -83.65 51.46 45.84
CA ARG M 657 -84.28 51.97 47.06
C ARG M 657 -85.13 50.90 47.74
N GLU M 658 -85.75 50.00 46.96
CA GLU M 658 -86.56 48.96 47.57
C GLU M 658 -85.68 47.96 48.33
N CYS M 659 -84.53 47.61 47.75
CA CYS M 659 -83.56 46.79 48.48
C CYS M 659 -83.18 47.44 49.80
N MET M 660 -82.92 48.75 49.78
CA MET M 660 -82.50 49.41 51.01
C MET M 660 -83.62 49.48 52.03
N SER M 661 -84.87 49.64 51.59
CA SER M 661 -85.98 49.63 52.54
C SER M 661 -86.21 48.25 53.12
N HIS M 662 -86.00 47.20 52.31
CA HIS M 662 -86.05 45.84 52.83
C HIS M 662 -84.95 45.63 53.87
N TYR M 663 -83.73 46.00 53.52
CA TYR M 663 -82.63 45.89 54.46
C TYR M 663 -82.94 46.65 55.74
N LEU M 664 -83.57 47.82 55.63
CA LEU M 664 -83.88 48.61 56.81
C LEU M 664 -84.90 47.92 57.70
N ARG M 665 -85.99 47.41 57.11
CA ARG M 665 -86.97 46.66 57.90
C ARG M 665 -86.32 45.46 58.58
N ALA M 666 -85.46 44.75 57.83
CA ALA M 666 -84.76 43.60 58.40
C ALA M 666 -83.90 44.05 59.57
N PHE M 667 -83.17 45.15 59.39
CA PHE M 667 -82.31 45.66 60.45
C PHE M 667 -83.14 45.96 61.69
N ASN M 668 -84.26 46.68 61.51
CA ASN M 668 -85.05 47.09 62.64
C ASN M 668 -85.70 45.91 63.36
N PHE M 669 -85.90 44.79 62.66
CA PHE M 669 -86.36 43.59 63.36
C PHE M 669 -85.21 42.86 64.06
N LEU M 670 -84.11 42.63 63.34
CA LEU M 670 -83.03 41.81 63.86
C LEU M 670 -82.27 42.51 64.98
N TRP M 671 -82.11 43.83 64.91
CA TRP M 671 -81.53 44.56 66.02
C TRP M 671 -82.37 44.42 67.28
N ARG M 672 -83.69 44.49 67.14
CA ARG M 672 -84.55 44.29 68.31
C ARG M 672 -84.43 42.87 68.84
N ALA M 673 -84.30 41.89 67.94
CA ALA M 673 -84.05 40.52 68.38
C ALA M 673 -82.74 40.41 69.14
N LYS M 674 -81.70 41.08 68.66
CA LYS M 674 -80.42 41.06 69.34
C LYS M 674 -80.51 41.75 70.70
N ARG M 675 -81.24 42.86 70.75
CA ARG M 675 -81.50 43.52 72.02
C ARG M 675 -82.16 42.56 73.00
N VAL M 676 -83.18 41.83 72.55
CA VAL M 676 -83.88 40.93 73.46
C VAL M 676 -82.97 39.79 73.88
N GLU M 677 -82.11 39.32 72.97
CA GLU M 677 -81.16 38.26 73.33
C GLU M 677 -80.18 38.74 74.37
N TYR M 678 -79.64 39.94 74.20
CA TYR M 678 -78.79 40.54 75.24
C TYR M 678 -79.55 40.66 76.54
N ILE M 679 -80.81 41.11 76.47
CA ILE M 679 -81.61 41.28 77.67
C ILE M 679 -81.71 39.97 78.43
N LEU M 680 -82.05 38.89 77.73
CA LEU M 680 -82.20 37.61 78.40
C LEU M 680 -80.86 37.07 78.90
N THR M 681 -79.78 37.31 78.15
CA THR M 681 -78.47 36.87 78.61
C THR M 681 -78.09 37.57 79.92
N ASP M 682 -78.35 38.88 79.99
CA ASP M 682 -78.07 39.59 81.23
C ASP M 682 -79.03 39.20 82.34
N ILE M 683 -80.26 38.86 81.98
CA ILE M 683 -81.21 38.35 82.97
C ILE M 683 -80.67 37.07 83.60
N ARG M 684 -80.17 36.17 82.77
CA ARG M 684 -79.62 34.92 83.29
C ARG M 684 -78.34 35.16 84.09
N LYS M 685 -77.49 36.07 83.62
CA LYS M 685 -76.29 36.42 84.37
C LYS M 685 -76.65 36.92 85.77
N GLY M 686 -77.56 37.89 85.85
CA GLY M 686 -78.00 38.38 87.15
C GLY M 686 -78.64 37.29 87.99
N HIS M 687 -79.47 36.45 87.37
CA HIS M 687 -80.04 35.31 88.07
C HIS M 687 -78.95 34.51 88.77
N MET M 688 -77.94 34.09 88.00
CA MET M 688 -76.96 33.13 88.49
C MET M 688 -75.93 33.77 89.40
N CYS M 689 -75.79 35.09 89.36
CA CYS M 689 -74.96 35.78 90.34
C CYS M 689 -75.72 36.00 91.64
N ASN M 690 -76.96 36.50 91.55
CA ASN M 690 -77.72 36.83 92.74
C ASN M 690 -78.17 35.58 93.49
N ALA M 691 -78.36 34.45 92.79
CA ALA M 691 -78.70 33.22 93.48
C ALA M 691 -77.50 32.61 94.20
N ARG M 692 -76.27 32.94 93.77
CA ARG M 692 -75.10 32.63 94.59
C ARG M 692 -74.98 33.60 95.76
N LEU M 693 -75.21 34.90 95.51
CA LEU M 693 -75.04 35.90 96.56
C LEU M 693 -76.04 35.69 97.69
N LEU M 694 -77.32 35.56 97.35
CA LEU M 694 -78.39 35.50 98.34
C LEU M 694 -78.64 34.09 98.86
N ARG M 695 -77.78 33.13 98.51
CA ARG M 695 -77.89 31.81 99.11
C ARG M 695 -77.69 31.90 100.61
N SER M 696 -76.81 32.79 101.06
CA SER M 696 -76.49 32.91 102.47
C SER M 696 -77.74 33.17 103.31
N MET M 697 -78.70 33.90 102.77
CA MET M 697 -79.99 34.07 103.42
C MET M 697 -81.02 33.18 102.75
N PRO M 698 -81.55 32.16 103.43
CA PRO M 698 -82.50 31.25 102.80
C PRO M 698 -83.84 31.89 102.47
N GLU M 699 -84.21 32.97 103.15
CA GLU M 699 -85.54 33.55 102.98
C GLU M 699 -85.86 33.86 101.52
N PHE M 700 -84.85 34.21 100.73
CA PHE M 700 -85.08 34.75 99.40
C PHE M 700 -85.25 33.65 98.36
N SER M 701 -84.90 32.41 98.71
CA SER M 701 -84.73 31.37 97.70
C SER M 701 -86.02 31.14 96.91
N GLY M 702 -87.16 31.14 97.59
CA GLY M 702 -88.42 30.91 96.88
C GLY M 702 -88.70 31.96 95.81
N VAL M 703 -88.43 33.22 96.13
CA VAL M 703 -88.55 34.29 95.14
C VAL M 703 -87.56 34.06 94.01
N LEU M 704 -86.30 33.82 94.37
CA LEU M 704 -85.26 33.59 93.38
C LEU M 704 -85.70 32.51 92.41
N HIS M 705 -86.11 31.36 92.94
CA HIS M 705 -86.53 30.23 92.10
C HIS M 705 -87.74 30.58 91.24
N HIS M 706 -88.75 31.25 91.79
CA HIS M 706 -89.93 31.56 90.99
C HIS M 706 -89.58 32.49 89.84
N CYS M 707 -88.67 33.43 90.09
CA CYS M 707 -88.26 34.35 89.03
C CYS M 707 -87.38 33.62 88.02
N HIS M 708 -86.43 32.83 88.50
CA HIS M 708 -85.59 32.04 87.62
C HIS M 708 -86.44 31.15 86.71
N ILE M 709 -87.54 30.60 87.26
CA ILE M 709 -88.42 29.76 86.45
C ILE M 709 -89.09 30.58 85.36
N LEU M 710 -89.68 31.72 85.71
CA LEU M 710 -90.30 32.56 84.70
C LEU M 710 -89.28 32.94 83.63
N ALA M 711 -88.11 33.38 84.07
CA ALA M 711 -87.04 33.77 83.17
C ALA M 711 -86.59 32.61 82.30
N SER M 712 -86.50 31.40 82.86
CA SER M 712 -86.07 30.26 82.09
C SER M 712 -87.09 29.91 81.02
N GLU M 713 -88.37 30.06 81.34
CA GLU M 713 -89.41 29.83 80.34
C GLU M 713 -89.24 30.81 79.18
N MET M 714 -89.17 32.10 79.49
CA MET M 714 -88.86 33.09 78.46
C MET M 714 -87.58 32.72 77.70
N VAL M 715 -86.53 32.33 78.43
CA VAL M 715 -85.24 32.00 77.81
C VAL M 715 -85.41 30.88 76.80
N HIS M 716 -86.19 29.85 77.16
CA HIS M 716 -86.46 28.77 76.23
C HIS M 716 -87.12 29.32 74.99
N PHE M 717 -88.21 30.07 75.17
CA PHE M 717 -88.96 30.54 74.01
C PHE M 717 -88.06 31.35 73.10
N ILE M 718 -87.40 32.36 73.67
CA ILE M 718 -86.55 33.25 72.90
C ILE M 718 -85.43 32.49 72.21
N HIS M 719 -84.77 31.58 72.93
CA HIS M 719 -83.67 30.83 72.33
C HIS M 719 -84.15 30.01 71.14
N GLN M 720 -85.27 29.31 71.30
CA GLN M 720 -85.81 28.53 70.19
C GLN M 720 -86.11 29.46 69.02
N MET M 721 -86.74 30.60 69.30
CA MET M 721 -87.15 31.49 68.22
C MET M 721 -85.93 32.06 67.50
N GLN M 722 -84.87 32.36 68.23
CA GLN M 722 -83.66 32.88 67.60
C GLN M 722 -82.95 31.81 66.78
N TYR M 723 -82.92 30.56 67.28
CA TYR M 723 -82.41 29.49 66.45
C TYR M 723 -83.24 29.31 65.19
N TYR M 724 -84.54 29.56 65.27
CA TYR M 724 -85.39 29.50 64.08
C TYR M 724 -85.06 30.63 63.13
N VAL M 725 -84.87 31.84 63.66
CA VAL M 725 -84.64 32.98 62.80
C VAL M 725 -83.30 32.82 62.10
N THR M 726 -82.30 32.32 62.83
CA THR M 726 -80.97 32.20 62.25
C THR M 726 -80.94 31.10 61.21
N PHE M 727 -81.48 29.93 61.54
CA PHE M 727 -81.47 28.83 60.59
C PHE M 727 -82.75 28.77 59.75
N GLU M 728 -83.91 28.84 60.39
CA GLU M 728 -85.15 28.62 59.68
C GLU M 728 -85.60 29.82 58.84
N VAL M 729 -85.05 31.01 59.10
CA VAL M 729 -85.37 32.20 58.34
C VAL M 729 -84.22 32.60 57.43
N LEU M 730 -83.06 32.91 58.02
CA LEU M 730 -81.96 33.50 57.24
C LEU M 730 -81.32 32.46 56.34
N GLU M 731 -81.11 31.24 56.85
CA GLU M 731 -80.34 30.26 56.11
C GLU M 731 -81.03 29.86 54.82
N CYS M 732 -82.35 29.63 54.85
CA CYS M 732 -83.04 29.21 53.64
C CYS M 732 -82.98 30.30 52.57
N SER M 733 -83.22 31.55 52.96
CA SER M 733 -83.16 32.65 52.01
C SER M 733 -81.76 32.84 51.45
N TRP M 734 -80.74 32.73 52.30
CA TRP M 734 -79.38 32.90 51.82
C TRP M 734 -78.96 31.77 50.90
N ASP M 735 -79.38 30.54 51.20
CA ASP M 735 -79.07 29.43 50.32
C ASP M 735 -79.76 29.60 48.97
N GLU M 736 -81.02 30.02 48.99
CA GLU M 736 -81.72 30.35 47.74
C GLU M 736 -80.93 31.38 46.95
N LEU M 737 -80.56 32.48 47.60
CA LEU M 737 -79.83 33.54 46.92
C LEU M 737 -78.53 33.02 46.32
N TRP M 738 -77.75 32.27 47.11
CA TRP M 738 -76.43 31.86 46.65
C TRP M 738 -76.52 30.83 45.52
N ASN M 739 -77.42 29.84 45.65
CA ASN M 739 -77.64 28.90 44.57
C ASN M 739 -78.11 29.62 43.30
N ARG M 740 -78.97 30.62 43.46
CA ARG M 740 -79.50 31.30 42.29
C ARG M 740 -78.39 32.11 41.62
N VAL M 741 -77.61 32.84 42.42
CA VAL M 741 -76.58 33.69 41.84
C VAL M 741 -75.51 32.83 41.19
N GLN M 742 -75.18 31.70 41.82
CA GLN M 742 -74.15 30.81 41.28
C GLN M 742 -74.65 30.05 40.07
N ARG M 743 -75.96 29.99 39.84
CA ARG M 743 -76.50 29.48 38.59
C ARG M 743 -77.08 30.59 37.71
N ALA M 744 -76.76 31.84 38.01
CA ALA M 744 -77.26 32.96 37.22
C ALA M 744 -76.52 33.05 35.89
N GLN M 745 -77.27 33.19 34.81
CA GLN M 745 -76.68 33.40 33.49
C GLN M 745 -76.98 34.78 32.92
N ASP M 746 -77.88 35.53 33.54
CA ASP M 746 -78.32 36.81 33.03
C ASP M 746 -78.35 37.82 34.17
N LEU M 747 -78.23 39.11 33.82
CA LEU M 747 -78.31 40.12 34.86
C LEU M 747 -79.70 40.14 35.45
N ASP M 748 -80.72 40.01 34.59
CA ASP M 748 -82.08 39.88 35.09
C ASP M 748 -82.14 38.73 36.07
N HIS M 749 -81.47 37.62 35.74
CA HIS M 749 -81.45 36.45 36.62
C HIS M 749 -80.86 36.80 37.98
N ILE M 750 -79.74 37.51 37.98
CA ILE M 750 -79.14 37.91 39.25
C ILE M 750 -80.10 38.78 40.05
N ILE M 751 -80.76 39.72 39.39
CA ILE M 751 -81.69 40.62 40.07
C ILE M 751 -82.84 39.80 40.66
N ALA M 752 -83.38 38.89 39.87
CA ALA M 752 -84.49 38.06 40.33
C ALA M 752 -84.07 37.20 41.51
N ALA M 753 -82.86 36.65 41.46
CA ALA M 753 -82.37 35.85 42.57
C ALA M 753 -82.27 36.67 43.84
N HIS M 754 -81.78 37.90 43.74
CA HIS M 754 -81.67 38.75 44.92
C HIS M 754 -83.06 39.11 45.46
N GLU M 755 -84.00 39.40 44.54
CA GLU M 755 -85.37 39.68 44.96
C GLU M 755 -85.99 38.48 45.66
N ALA M 756 -85.78 37.28 45.11
CA ALA M 756 -86.31 36.08 45.74
C ALA M 756 -85.70 35.85 47.11
N PHE M 757 -84.38 36.05 47.22
CA PHE M 757 -83.73 36.00 48.53
C PHE M 757 -84.43 36.90 49.52
N LEU M 758 -84.62 38.17 49.15
CA LEU M 758 -85.22 39.12 50.08
C LEU M 758 -86.67 38.76 50.39
N GLY M 759 -87.41 38.25 49.40
CA GLY M 759 -88.79 37.86 49.64
C GLY M 759 -88.89 36.69 50.60
N THR M 760 -88.05 35.68 50.41
CA THR M 760 -88.01 34.55 51.33
C THR M 760 -87.62 35.01 52.72
N VAL M 761 -86.64 35.91 52.81
CA VAL M 761 -86.22 36.40 54.11
C VAL M 761 -87.38 37.10 54.80
N ILE M 762 -88.11 37.95 54.06
CA ILE M 762 -89.23 38.68 54.66
C ILE M 762 -90.29 37.70 55.14
N SER M 763 -90.61 36.71 54.29
CA SER M 763 -91.66 35.76 54.64
C SER M 763 -91.27 35.00 55.90
N ARG M 764 -90.03 34.51 55.96
CA ARG M 764 -89.65 33.72 57.12
C ARG M 764 -89.55 34.60 58.35
N CYS M 765 -89.10 35.84 58.17
CA CYS M 765 -88.92 36.79 59.26
C CYS M 765 -90.20 37.51 59.63
N LEU M 766 -91.36 37.04 59.15
CA LEU M 766 -92.63 37.67 59.51
C LEU M 766 -92.65 39.14 59.14
N LEU M 767 -92.31 39.43 57.88
CA LEU M 767 -92.33 40.79 57.36
C LEU M 767 -93.63 41.13 56.64
N ASP M 768 -94.63 40.26 56.71
CA ASP M 768 -95.88 40.49 56.03
C ASP M 768 -96.72 41.52 56.79
N SER M 769 -97.88 41.86 56.24
CA SER M 769 -98.86 42.71 56.90
C SER M 769 -99.85 41.91 57.75
N ASP M 770 -99.63 40.61 57.89
CA ASP M 770 -100.46 39.76 58.73
C ASP M 770 -99.76 39.29 60.00
N SER M 771 -98.43 39.34 60.03
CA SER M 771 -97.69 38.97 61.22
C SER M 771 -97.62 40.11 62.23
N ARG M 772 -98.31 41.22 61.98
CA ARG M 772 -98.14 42.39 62.82
C ARG M 772 -98.47 42.06 64.27
N ALA M 773 -99.43 41.17 64.49
CA ALA M 773 -99.81 40.77 65.83
C ALA M 773 -98.68 40.01 66.50
N LEU M 774 -98.08 39.05 65.80
CA LEU M 774 -96.96 38.32 66.37
C LEU M 774 -95.78 39.24 66.64
N LEU M 775 -95.56 40.23 65.78
CA LEU M 775 -94.53 41.23 66.03
C LEU M 775 -94.84 42.01 67.30
N ASN M 776 -96.10 42.43 67.47
CA ASN M 776 -96.48 43.16 68.67
C ASN M 776 -96.29 42.28 69.90
N GLN M 777 -96.62 41.00 69.80
CA GLN M 777 -96.45 40.09 70.92
C GLN M 777 -94.98 39.93 71.28
N LEU M 778 -94.12 39.74 70.28
CA LEU M 778 -92.67 39.75 70.50
C LEU M 778 -92.24 41.00 71.24
N ARG M 779 -92.68 42.16 70.79
CA ARG M 779 -92.26 43.42 71.42
C ARG M 779 -92.77 43.50 72.85
N ALA M 780 -94.01 43.07 73.08
CA ALA M 780 -94.57 43.09 74.42
C ALA M 780 -93.82 42.13 75.33
N VAL M 781 -93.42 40.97 74.81
CA VAL M 781 -92.60 40.04 75.58
C VAL M 781 -91.28 40.68 75.95
N PHE M 782 -90.65 41.37 75.00
CA PHE M 782 -89.42 42.10 75.29
C PHE M 782 -89.64 43.11 76.41
N ASP M 783 -90.71 43.91 76.31
CA ASP M 783 -90.93 44.96 77.29
C ASP M 783 -91.26 44.37 78.66
N GLN M 784 -92.02 43.27 78.69
CA GLN M 784 -92.29 42.57 79.94
C GLN M 784 -91.02 42.00 80.52
N ILE M 785 -90.10 41.54 79.68
CA ILE M 785 -88.83 41.02 80.19
C ILE M 785 -88.01 42.14 80.79
N ILE M 786 -88.01 43.30 80.16
CA ILE M 786 -87.36 44.47 80.74
C ILE M 786 -88.00 44.82 82.09
N GLU M 787 -89.33 44.76 82.17
CA GLU M 787 -90.01 45.06 83.41
C GLU M 787 -89.65 44.05 84.50
N LEU M 788 -89.61 42.77 84.14
CA LEU M 788 -89.22 41.74 85.11
C LEU M 788 -87.79 41.94 85.55
N GLN M 789 -86.90 42.31 84.62
CA GLN M 789 -85.53 42.66 84.98
C GLN M 789 -85.52 43.76 86.02
N ASN M 790 -86.27 44.84 85.75
CA ASN M 790 -86.29 45.98 86.66
C ASN M 790 -86.80 45.55 88.04
N THR M 791 -87.90 44.80 88.07
CA THR M 791 -88.48 44.37 89.35
C THR M 791 -87.52 43.47 90.10
N GLN M 792 -86.86 42.54 89.41
CA GLN M 792 -85.91 41.66 90.05
C GLN M 792 -84.71 42.44 90.60
N ASP M 793 -84.21 43.39 89.81
CA ASP M 793 -83.07 44.19 90.27
C ASP M 793 -83.46 45.01 91.48
N ALA M 794 -84.68 45.54 91.50
CA ALA M 794 -85.14 46.29 92.67
C ALA M 794 -85.24 45.40 93.89
N ILE M 795 -85.90 44.24 93.74
CA ILE M 795 -86.02 43.30 94.84
C ILE M 795 -84.65 42.92 95.38
N TYR M 796 -83.72 42.57 94.49
CA TYR M 796 -82.38 42.19 94.93
C TYR M 796 -81.66 43.36 95.59
N ARG M 797 -81.85 44.57 95.08
CA ARG M 797 -81.18 45.72 95.69
C ARG M 797 -81.70 45.96 97.10
N ALA M 798 -83.02 45.84 97.29
CA ALA M 798 -83.59 45.97 98.62
C ALA M 798 -83.07 44.88 99.54
N ALA M 799 -83.06 43.64 99.05
CA ALA M 799 -82.64 42.52 99.90
C ALA M 799 -81.17 42.65 100.26
N LEU M 800 -80.35 43.16 99.34
CA LEU M 800 -78.93 43.34 99.63
C LEU M 800 -78.71 44.51 100.57
N GLU M 801 -79.52 45.56 100.46
CA GLU M 801 -79.49 46.63 101.47
C GLU M 801 -79.82 46.07 102.85
N GLU M 802 -80.85 45.23 102.94
CA GLU M 802 -81.20 44.63 104.24
C GLU M 802 -80.07 43.74 104.76
N LEU M 803 -79.47 42.94 103.87
CA LEU M 803 -78.36 42.09 104.27
C LEU M 803 -77.18 42.93 104.75
N GLN M 804 -76.89 44.03 104.06
CA GLN M 804 -75.80 44.92 104.46
C GLN M 804 -76.10 45.56 105.81
N ARG M 805 -77.35 45.95 106.04
CA ARG M 805 -77.72 46.49 107.35
C ARG M 805 -77.52 45.45 108.44
N ARG M 806 -78.00 44.22 108.21
CA ARG M 806 -77.81 43.16 109.19
C ARG M 806 -76.32 42.91 109.45
N LEU M 807 -75.51 42.90 108.39
CA LEU M 807 -74.09 42.64 108.54
C LEU M 807 -73.39 43.78 109.26
N GLN M 808 -73.76 45.02 108.99
CA GLN M 808 -73.20 46.15 109.71
C GLN M 808 -73.61 46.12 111.18
N PHE M 809 -74.83 45.69 111.46
CA PHE M 809 -75.25 45.51 112.85
C PHE M 809 -74.42 44.43 113.54
N GLU M 810 -74.16 43.32 112.84
CA GLU M 810 -73.33 42.27 113.41
C GLU M 810 -71.91 42.77 113.64
N GLU M 811 -71.39 43.56 112.70
CA GLU M 811 -70.05 44.13 112.88
C GLU M 811 -69.99 45.04 114.08
N LYS M 812 -70.98 45.93 114.23
CA LYS M 812 -71.01 46.82 115.38
C LYS M 812 -71.13 46.03 116.67
N LYS M 813 -71.94 44.96 116.67
CA LYS M 813 -72.06 44.12 117.84
C LYS M 813 -70.72 43.48 118.21
N LYS M 814 -70.02 42.94 117.21
CA LYS M 814 -68.70 42.35 117.48
C LYS M 814 -67.73 43.41 117.99
N GLN M 815 -67.82 44.62 117.43
CA GLN M 815 -66.91 45.69 117.84
C GLN M 815 -67.14 46.06 119.30
N ARG M 816 -68.41 46.20 119.70
CA ARG M 816 -68.75 46.46 121.09
C ARG M 816 -68.33 45.31 121.97
N ALA M 826 -76.66 45.98 121.64
CA ALA M 826 -78.09 45.71 121.55
C ALA M 826 -78.73 46.52 120.42
N ALA M 827 -78.18 47.72 120.18
CA ALA M 827 -78.68 48.54 119.09
C ALA M 827 -78.45 47.87 117.75
N GLU M 828 -77.27 47.29 117.56
CA GLU M 828 -76.98 46.60 116.30
C GLU M 828 -77.90 45.41 116.13
N GLU M 829 -78.16 44.67 117.21
CA GLU M 829 -79.06 43.52 117.12
C GLU M 829 -80.47 43.95 116.79
N GLU M 830 -80.96 45.04 117.40
CA GLU M 830 -82.28 45.56 117.06
C GLU M 830 -82.34 45.99 115.60
N GLN M 831 -81.29 46.63 115.09
CA GLN M 831 -81.29 47.04 113.69
C GLN M 831 -81.27 45.85 112.75
N GLU M 832 -80.50 44.81 113.10
CA GLU M 832 -80.52 43.58 112.31
C GLU M 832 -81.89 42.94 112.32
N LYS M 833 -82.53 42.88 113.49
CA LYS M 833 -83.87 42.32 113.59
C LYS M 833 -84.84 43.09 112.71
N ARG M 834 -84.79 44.43 112.77
CA ARG M 834 -85.70 45.24 111.96
C ARG M 834 -85.44 45.03 110.47
N ARG M 835 -84.18 44.93 110.07
CA ARG M 835 -83.88 44.68 108.66
C ARG M 835 -84.37 43.31 108.23
N VAL M 836 -84.18 42.29 109.07
CA VAL M 836 -84.66 40.95 108.77
C VAL M 836 -86.18 40.96 108.61
N GLN M 837 -86.87 41.70 109.47
CA GLN M 837 -88.32 41.70 109.42
C GLN M 837 -88.83 42.44 108.20
N GLU M 838 -88.22 43.58 107.86
CA GLU M 838 -88.64 44.29 106.65
C GLU M 838 -88.36 43.46 105.41
N PHE M 839 -87.27 42.69 105.42
CA PHE M 839 -86.94 41.87 104.26
C PHE M 839 -87.91 40.70 104.13
N GLN M 840 -88.21 40.03 105.25
CA GLN M 840 -89.19 38.96 105.22
C GLN M 840 -90.55 39.46 104.77
N GLU M 841 -90.96 40.65 105.22
CA GLU M 841 -92.24 41.18 104.76
C GLU M 841 -92.19 41.65 103.31
N SER M 842 -91.00 41.95 102.79
CA SER M 842 -90.89 42.29 101.38
C SER M 842 -90.92 41.04 100.51
N ILE M 843 -90.37 39.94 101.03
CA ILE M 843 -90.25 38.73 100.23
C ILE M 843 -91.60 38.24 99.72
N PRO M 844 -92.68 38.26 100.49
CA PRO M 844 -93.97 37.88 99.91
C PRO M 844 -94.36 38.72 98.71
N LYS M 845 -94.05 40.02 98.74
CA LYS M 845 -94.36 40.87 97.59
C LYS M 845 -93.53 40.45 96.38
N MET M 846 -92.24 40.19 96.58
CA MET M 846 -91.39 39.76 95.47
C MET M 846 -91.86 38.42 94.91
N CYS M 847 -92.25 37.49 95.80
CA CYS M 847 -92.72 36.20 95.34
C CYS M 847 -94.00 36.34 94.52
N SER M 848 -94.91 37.20 94.97
CA SER M 848 -96.15 37.39 94.22
C SER M 848 -95.86 38.08 92.89
N GLN M 849 -94.91 39.01 92.88
CA GLN M 849 -94.50 39.65 91.64
C GLN M 849 -93.93 38.64 90.66
N LEU M 850 -93.05 37.77 91.14
CA LEU M 850 -92.47 36.75 90.26
C LEU M 850 -93.53 35.77 89.77
N ARG M 851 -94.49 35.44 90.63
CA ARG M 851 -95.59 34.59 90.18
C ARG M 851 -96.39 35.28 89.08
N ILE M 852 -96.65 36.58 89.26
CA ILE M 852 -97.40 37.33 88.25
C ILE M 852 -96.62 37.37 86.94
N LEU M 853 -95.32 37.65 87.02
CA LEU M 853 -94.49 37.68 85.82
C LEU M 853 -94.50 36.33 85.11
N THR M 854 -94.35 35.24 85.85
CA THR M 854 -94.40 33.91 85.24
C THR M 854 -95.74 33.69 84.56
N HIS M 855 -96.82 34.00 85.26
CA HIS M 855 -98.16 33.81 84.71
C HIS M 855 -98.34 34.61 83.44
N PHE M 856 -97.95 35.88 83.46
CA PHE M 856 -98.16 36.74 82.31
C PHE M 856 -97.31 36.28 81.13
N TYR M 857 -96.06 35.90 81.39
CA TYR M 857 -95.21 35.42 80.32
C TYR M 857 -95.79 34.17 79.69
N GLN M 858 -96.27 33.23 80.52
CA GLN M 858 -96.85 31.99 79.99
C GLN M 858 -98.13 32.28 79.21
N GLY M 859 -98.97 33.18 79.72
CA GLY M 859 -100.19 33.52 79.01
C GLY M 859 -99.91 34.17 77.67
N VAL M 860 -98.93 35.07 77.64
CA VAL M 860 -98.55 35.73 76.39
C VAL M 860 -97.98 34.72 75.42
N VAL M 861 -97.17 33.78 75.91
CA VAL M 861 -96.64 32.73 75.03
C VAL M 861 -97.76 31.85 74.51
N GLN M 862 -98.79 31.60 75.32
CA GLN M 862 -99.95 30.86 74.84
C GLN M 862 -100.67 31.63 73.75
N GLN M 863 -100.87 32.93 73.94
CA GLN M 863 -101.50 33.75 72.90
C GLN M 863 -100.67 33.74 71.62
N PHE M 864 -99.34 33.85 71.76
CA PHE M 864 -98.46 33.72 70.61
C PHE M 864 -98.69 32.40 69.90
N LEU M 865 -98.75 31.30 70.65
CA LEU M 865 -98.90 29.99 70.03
C LEU M 865 -100.25 29.88 69.32
N VAL M 866 -101.30 30.42 69.94
CA VAL M 866 -102.61 30.44 69.30
C VAL M 866 -102.53 31.16 67.97
N SER M 867 -101.92 32.35 67.96
CA SER M 867 -101.78 33.08 66.70
C SER M 867 -100.89 32.33 65.73
N LEU M 868 -99.95 31.55 66.24
CA LEU M 868 -99.12 30.69 65.39
C LEU M 868 -99.99 29.66 64.69
N THR M 869 -100.96 29.10 65.41
CA THR M 869 -101.75 28.01 64.86
C THR M 869 -102.58 28.47 63.68
N THR M 870 -102.86 29.77 63.57
CA THR M 870 -103.65 30.27 62.45
C THR M 870 -102.82 30.43 61.19
N SER M 871 -101.51 30.25 61.28
CA SER M 871 -100.61 30.52 60.17
C SER M 871 -100.62 29.36 59.18
N SER M 872 -100.11 29.64 57.99
CA SER M 872 -99.95 28.64 56.94
C SER M 872 -98.52 28.11 56.81
N ASP M 873 -97.57 28.63 57.59
CA ASP M 873 -96.17 28.26 57.39
C ASP M 873 -95.81 26.96 58.11
N GLU M 874 -95.18 26.06 57.35
CA GLU M 874 -94.83 24.76 57.91
C GLU M 874 -93.71 24.90 58.92
N SER M 875 -92.80 25.85 58.67
CA SER M 875 -91.71 26.06 59.62
C SER M 875 -92.25 26.52 60.96
N LEU M 876 -93.27 27.39 60.93
CA LEU M 876 -93.90 27.83 62.17
C LEU M 876 -94.69 26.71 62.83
N ARG M 877 -95.29 25.81 62.05
CA ARG M 877 -95.94 24.65 62.64
C ARG M 877 -94.93 23.71 63.30
N PHE M 878 -93.77 23.53 62.67
CA PHE M 878 -92.69 22.80 63.30
C PHE M 878 -92.22 23.51 64.56
N LEU M 879 -92.14 24.84 64.53
CA LEU M 879 -91.73 25.59 65.71
C LEU M 879 -92.71 25.34 66.85
N SER M 880 -94.00 25.39 66.56
CA SER M 880 -95.02 25.15 67.57
C SER M 880 -94.96 23.73 68.12
N PHE M 881 -94.56 22.76 67.29
CA PHE M 881 -94.40 21.39 67.79
C PHE M 881 -93.15 21.26 68.65
N ARG M 882 -92.05 21.88 68.21
CA ARG M 882 -90.80 21.79 68.95
C ARG M 882 -90.92 22.47 70.30
N LEU M 883 -91.64 23.59 70.36
CA LEU M 883 -91.68 24.35 71.60
C LEU M 883 -92.53 23.63 72.64
N ASP M 884 -93.51 22.84 72.21
CA ASP M 884 -94.41 22.16 73.13
C ASP M 884 -94.28 20.65 72.99
N PHE M 885 -93.09 20.16 72.63
CA PHE M 885 -92.90 18.72 72.50
C PHE M 885 -92.98 18.04 73.86
N ASN M 886 -92.35 18.64 74.88
CA ASN M 886 -92.48 18.14 76.24
C ASN M 886 -93.92 18.23 76.71
N GLU M 887 -94.70 19.10 76.09
CA GLU M 887 -96.04 19.47 76.53
C GLU M 887 -95.99 20.45 77.70
N HIS M 888 -94.95 21.29 77.76
CA HIS M 888 -94.90 22.26 78.84
C HIS M 888 -95.89 23.39 78.57
N TYR M 889 -96.14 23.67 77.29
CA TYR M 889 -97.18 24.59 76.86
C TYR M 889 -98.41 23.85 76.37
N ARG M 890 -98.36 22.51 76.33
CA ARG M 890 -99.53 21.68 76.15
C ARG M 890 -100.03 21.15 77.49
N ALA M 891 -99.49 21.67 78.58
CA ALA M 891 -100.02 21.46 79.92
C ALA M 891 -100.49 22.79 80.49
N ARG M 892 -100.37 23.88 79.73
CA ARG M 892 -100.82 25.20 80.14
C ARG M 892 -101.66 25.88 79.07
N GLU M 893 -101.53 25.49 77.81
CA GLU M 893 -102.44 25.92 76.74
C GLU M 893 -102.86 24.66 75.99
N PRO M 894 -104.14 24.28 76.01
CA PRO M 894 -104.50 23.06 75.29
C PRO M 894 -104.42 23.21 73.78
N THR N 149 -83.03 87.12 -6.26
CA THR N 149 -82.30 86.38 -7.29
C THR N 149 -81.17 85.58 -6.67
N TRP N 150 -81.03 84.32 -7.12
CA TRP N 150 -79.99 83.48 -6.54
C TRP N 150 -78.64 84.16 -6.68
N GLN N 151 -78.43 84.84 -7.80
CA GLN N 151 -77.15 85.53 -8.01
C GLN N 151 -76.89 86.52 -6.88
N GLN N 152 -77.89 87.35 -6.57
CA GLN N 152 -77.74 88.37 -5.54
C GLN N 152 -77.53 87.73 -4.17
N SER N 153 -78.28 86.68 -3.86
CA SER N 153 -78.13 86.03 -2.56
C SER N 153 -76.75 85.41 -2.42
N LEU N 154 -76.25 84.80 -3.48
CA LEU N 154 -74.91 84.23 -3.46
C LEU N 154 -73.84 85.33 -3.37
N GLU N 155 -74.09 86.48 -4.00
CA GLU N 155 -73.14 87.59 -3.88
C GLU N 155 -73.08 88.13 -2.45
N LEU N 156 -74.24 88.20 -1.80
CA LEU N 156 -74.26 88.59 -0.39
C LEU N 156 -73.50 87.58 0.47
N THR N 157 -73.76 86.29 0.24
CA THR N 157 -73.05 85.26 0.98
C THR N 157 -71.54 85.34 0.76
N ARG N 158 -71.11 85.52 -0.49
CA ARG N 158 -69.68 85.59 -0.79
C ARG N 158 -69.04 86.80 -0.14
N LYS N 159 -69.72 87.95 -0.16
CA LYS N 159 -69.19 89.13 0.51
C LYS N 159 -69.03 88.88 2.01
N MET N 160 -70.04 88.27 2.63
CA MET N 160 -69.94 87.97 4.05
C MET N 160 -68.81 86.98 4.33
N LEU N 161 -68.63 86.00 3.45
CA LEU N 161 -67.56 85.03 3.64
C LEU N 161 -66.19 85.68 3.54
N ARG N 162 -66.02 86.58 2.56
CA ARG N 162 -64.78 87.35 2.47
C ARG N 162 -64.54 88.15 3.75
N ASP N 163 -65.57 88.86 4.23
CA ASP N 163 -65.41 89.66 5.43
C ASP N 163 -65.05 88.79 6.63
N LYS N 164 -65.63 87.59 6.70
CA LYS N 164 -65.38 86.71 7.83
C LYS N 164 -64.00 86.10 7.74
N GLN N 165 -63.53 85.82 6.53
CA GLN N 165 -62.18 85.27 6.40
C GLN N 165 -61.16 86.32 6.78
N SER N 166 -61.35 87.56 6.34
CA SER N 166 -60.39 88.59 6.72
C SER N 166 -60.47 88.84 8.23
N LYS N 167 -61.67 88.73 8.80
CA LYS N 167 -61.86 88.97 10.23
C LYS N 167 -61.20 87.88 11.06
N LYS N 168 -61.04 86.69 10.50
CA LYS N 168 -60.40 85.60 11.23
C LYS N 168 -58.92 85.49 10.92
N ASN N 169 -58.50 85.98 9.77
CA ASN N 169 -57.10 85.97 9.36
C ASN N 169 -56.38 87.24 9.81
N SER N 170 -57.08 88.16 10.47
CA SER N 170 -56.47 89.41 10.92
C SER N 170 -55.87 90.20 9.76
N GLY N 171 -56.47 90.08 8.58
CA GLY N 171 -56.03 90.83 7.42
C GLY N 171 -54.90 90.24 6.61
N GLN N 172 -54.58 88.97 6.82
CA GLN N 172 -53.66 88.29 5.90
C GLN N 172 -54.32 88.16 4.53
N ARG N 173 -53.50 88.17 3.48
CA ARG N 173 -54.03 88.08 2.13
C ARG N 173 -54.77 86.76 1.92
N LEU N 174 -55.89 86.85 1.23
CA LEU N 174 -56.69 85.70 0.81
C LEU N 174 -56.78 85.66 -0.72
N PRO N 175 -57.00 84.48 -1.29
CA PRO N 175 -57.21 84.42 -2.74
C PRO N 175 -58.59 84.95 -3.09
N VAL N 176 -58.66 85.64 -4.24
CA VAL N 176 -59.91 86.22 -4.72
C VAL N 176 -60.00 85.98 -6.23
N LEU N 177 -61.16 85.54 -6.68
CA LEU N 177 -61.34 85.25 -8.10
C LEU N 177 -61.53 86.54 -8.88
N PRO N 178 -60.84 86.71 -10.00
CA PRO N 178 -61.02 87.93 -10.81
C PRO N 178 -62.50 88.13 -11.11
N ALA N 179 -62.92 89.39 -11.15
CA ALA N 179 -64.34 89.68 -11.11
C ALA N 179 -65.07 89.09 -12.31
N TRP N 180 -64.41 89.02 -13.46
CA TRP N 180 -65.11 88.58 -14.67
C TRP N 180 -65.61 87.15 -14.56
N VAL N 181 -65.06 86.35 -13.64
CA VAL N 181 -65.53 84.98 -13.49
C VAL N 181 -66.95 84.97 -12.93
N TYR N 182 -67.24 85.88 -12.01
CA TYR N 182 -68.56 85.95 -11.40
C TYR N 182 -69.45 86.88 -12.18
N GLU N 183 -68.85 87.78 -12.97
CA GLU N 183 -69.56 88.79 -13.73
C GLU N 183 -69.72 88.36 -15.19
N ARG N 184 -69.51 87.08 -15.48
CA ARG N 184 -69.65 86.54 -16.83
C ARG N 184 -70.54 85.31 -16.77
N PRO N 185 -71.78 85.40 -17.23
CA PRO N 185 -72.63 84.21 -17.31
C PRO N 185 -72.07 83.14 -18.20
N ALA N 186 -71.23 83.51 -19.17
CA ALA N 186 -70.72 82.59 -20.18
C ALA N 186 -69.65 81.65 -19.65
N LEU N 187 -69.42 81.59 -18.34
CA LEU N 187 -68.54 80.58 -17.77
C LEU N 187 -69.24 79.65 -16.80
N LEU N 188 -70.56 79.72 -16.66
CA LEU N 188 -71.29 78.65 -16.01
C LEU N 188 -71.29 77.39 -16.90
N GLY N 189 -71.34 76.23 -16.25
CA GLY N 189 -71.59 75.01 -16.99
C GLY N 189 -73.05 74.61 -17.11
N ASP N 190 -73.94 75.31 -16.41
CA ASP N 190 -75.37 75.16 -16.57
C ASP N 190 -75.85 76.15 -17.64
N PHE N 191 -77.14 76.46 -17.66
CA PHE N 191 -77.65 77.43 -18.61
C PHE N 191 -77.20 78.83 -18.20
N LEU N 192 -77.16 79.72 -19.18
CA LEU N 192 -76.77 81.10 -18.94
C LEU N 192 -78.01 81.97 -18.87
N PRO N 193 -78.36 82.53 -17.71
CA PRO N 193 -79.54 83.40 -17.67
C PRO N 193 -79.25 84.80 -18.18
N ALA N 202 -86.93 77.92 -33.17
CA ALA N 202 -87.94 77.02 -32.61
C ALA N 202 -89.11 76.87 -33.58
N VAL N 203 -89.61 75.65 -33.70
CA VAL N 203 -90.80 75.36 -34.49
C VAL N 203 -92.00 75.26 -33.55
N PRO N 204 -93.13 75.88 -33.86
CA PRO N 204 -94.27 75.85 -32.94
C PRO N 204 -94.70 74.42 -32.68
N ILE N 205 -95.03 74.12 -31.42
CA ILE N 205 -95.16 72.71 -31.04
C ILE N 205 -96.46 72.12 -31.58
N GLY N 206 -97.49 72.94 -31.79
CA GLY N 206 -98.75 72.37 -32.22
C GLY N 206 -98.77 71.95 -33.68
N SER N 207 -97.78 72.34 -34.47
CA SER N 207 -97.66 71.86 -35.83
C SER N 207 -96.83 70.59 -35.97
N LEU N 208 -96.16 70.16 -34.90
CA LEU N 208 -95.35 68.95 -35.02
C LEU N 208 -96.16 67.69 -34.76
N PRO N 209 -95.84 66.61 -35.47
CA PRO N 209 -96.43 65.32 -35.14
C PRO N 209 -96.05 64.91 -33.73
N LEU N 210 -96.92 64.14 -33.08
CA LEU N 210 -96.73 63.87 -31.67
C LEU N 210 -95.35 63.26 -31.42
N ALA N 211 -94.98 62.26 -32.21
CA ALA N 211 -93.68 61.62 -32.01
C ALA N 211 -92.54 62.59 -32.32
N SER N 212 -92.70 63.40 -33.37
CA SER N 212 -91.69 64.41 -33.67
C SER N 212 -91.66 65.48 -32.60
N GLN N 213 -92.82 65.81 -32.05
CA GLN N 213 -92.85 66.73 -30.91
C GLN N 213 -92.03 66.15 -29.76
N GLU N 214 -92.25 64.88 -29.46
CA GLU N 214 -91.49 64.23 -28.40
C GLU N 214 -90.00 64.25 -28.68
N ALA N 215 -89.61 63.97 -29.92
CA ALA N 215 -88.19 63.97 -30.27
C ALA N 215 -87.56 65.35 -30.09
N ALA N 216 -88.20 66.38 -30.65
CA ALA N 216 -87.68 67.73 -30.50
C ALA N 216 -87.64 68.12 -29.03
N VAL N 217 -88.66 67.70 -28.28
CA VAL N 217 -88.70 67.97 -26.86
C VAL N 217 -87.51 67.32 -26.18
N VAL N 218 -87.19 66.09 -26.56
CA VAL N 218 -86.10 65.38 -25.91
C VAL N 218 -84.78 66.05 -26.22
N GLU N 219 -84.62 66.57 -27.44
CA GLU N 219 -83.43 67.37 -27.75
C GLU N 219 -83.35 68.60 -26.85
N ASP N 220 -84.43 69.35 -26.78
CA ASP N 220 -84.46 70.52 -25.90
C ASP N 220 -84.17 70.12 -24.47
N LEU N 221 -84.73 68.99 -24.03
CA LEU N 221 -84.54 68.50 -22.68
C LEU N 221 -83.08 68.22 -22.42
N LEU N 222 -82.41 67.56 -23.35
CA LEU N 222 -81.00 67.24 -23.15
C LEU N 222 -80.17 68.50 -23.09
N TYR N 223 -80.54 69.51 -23.88
CA TYR N 223 -79.89 70.80 -23.72
C TYR N 223 -80.15 71.37 -22.33
N VAL N 224 -81.39 71.33 -21.87
CA VAL N 224 -81.68 71.99 -20.60
C VAL N 224 -81.05 71.20 -19.47
N LEU N 225 -80.90 69.89 -19.65
CA LEU N 225 -80.25 69.05 -18.66
C LEU N 225 -78.75 69.30 -18.66
N VAL N 226 -78.26 69.94 -19.72
CA VAL N 226 -76.86 70.29 -19.82
C VAL N 226 -76.72 71.81 -19.77
N GLY N 227 -77.75 72.49 -19.30
CA GLY N 227 -77.70 73.94 -19.19
C GLY N 227 -77.76 74.60 -20.53
N VAL N 228 -78.66 74.15 -21.41
CA VAL N 228 -78.84 74.78 -22.71
C VAL N 228 -80.33 74.86 -23.02
N ASP N 229 -80.78 76.04 -23.45
CA ASP N 229 -82.19 76.24 -23.71
C ASP N 229 -82.58 75.49 -24.99
N GLY N 230 -83.77 74.89 -25.00
CA GLY N 230 -84.30 74.33 -26.22
C GLY N 230 -85.07 75.35 -27.05
N ARG N 231 -85.64 74.85 -28.15
CA ARG N 231 -86.43 75.70 -29.03
C ARG N 231 -87.85 75.88 -28.53
N TYR N 232 -88.49 74.79 -28.14
CA TYR N 232 -89.85 74.82 -27.60
C TYR N 232 -89.88 74.47 -26.12
N ILE N 233 -88.71 74.33 -25.51
CA ILE N 233 -88.57 74.21 -24.06
C ILE N 233 -87.59 75.28 -23.62
N SER N 234 -88.01 76.15 -22.71
CA SER N 234 -87.22 77.29 -22.32
C SER N 234 -87.15 77.39 -20.81
N ALA N 235 -86.01 77.87 -20.32
CA ALA N 235 -85.74 78.04 -18.90
C ALA N 235 -86.26 79.39 -18.42
N GLN N 236 -86.64 79.42 -17.14
CA GLN N 236 -87.09 80.64 -16.49
C GLN N 236 -86.08 81.06 -15.44
N PRO N 237 -85.60 82.30 -15.48
CA PRO N 237 -84.63 82.77 -14.48
C PRO N 237 -85.18 82.64 -13.07
N LEU N 238 -84.28 82.45 -12.11
CA LEU N 238 -84.66 82.14 -10.75
C LEU N 238 -84.79 83.42 -9.91
N THR N 239 -85.47 83.30 -8.77
CA THR N 239 -85.50 84.33 -7.75
C THR N 239 -85.15 83.73 -6.41
N GLY N 240 -84.16 84.32 -5.73
CA GLY N 240 -83.54 83.69 -4.57
C GLY N 240 -82.76 82.49 -5.03
N ARG N 241 -82.20 81.76 -4.06
CA ARG N 241 -81.50 80.54 -4.42
C ARG N 241 -82.57 79.47 -4.59
N GLN N 242 -82.76 79.03 -5.83
CA GLN N 242 -83.77 78.04 -6.15
C GLN N 242 -83.27 77.19 -7.30
N GLY N 243 -83.94 76.06 -7.50
CA GLY N 243 -83.72 75.30 -8.71
C GLY N 243 -84.35 76.00 -9.90
N ARG N 244 -83.80 75.74 -11.08
CA ARG N 244 -84.23 76.45 -12.28
C ARG N 244 -85.71 76.18 -12.53
N THR N 245 -86.45 77.24 -12.82
CA THR N 245 -87.81 77.13 -13.33
C THR N 245 -87.78 77.28 -14.85
N PHE N 246 -88.64 76.52 -15.52
CA PHE N 246 -88.63 76.41 -16.97
C PHE N 246 -89.97 76.83 -17.54
N LEU N 247 -89.93 77.53 -18.68
CA LEU N 247 -91.13 77.83 -19.45
C LEU N 247 -91.26 76.79 -20.56
N VAL N 248 -92.42 76.16 -20.63
CA VAL N 248 -92.73 75.17 -21.66
C VAL N 248 -93.77 75.73 -22.61
N ASP N 249 -93.56 75.51 -23.90
CA ASP N 249 -94.47 76.04 -24.90
C ASP N 249 -95.88 75.49 -24.64
N PRO N 250 -96.91 76.34 -24.65
CA PRO N 250 -98.24 75.85 -24.29
C PRO N 250 -98.91 75.05 -25.39
N ASN N 251 -98.32 74.99 -26.58
CA ASN N 251 -98.80 74.10 -27.62
C ASN N 251 -98.22 72.70 -27.48
N LEU N 252 -97.29 72.50 -26.56
CA LEU N 252 -96.86 71.16 -26.21
C LEU N 252 -98.02 70.34 -25.65
N ASP N 253 -97.87 69.03 -25.72
CA ASP N 253 -98.89 68.13 -25.18
C ASP N 253 -98.83 68.13 -23.67
N LEU N 254 -100.00 68.17 -23.04
CA LEU N 254 -100.02 68.25 -21.57
C LEU N 254 -99.31 67.05 -20.96
N SER N 255 -99.55 65.86 -21.49
CA SER N 255 -98.93 64.66 -20.92
C SER N 255 -97.42 64.70 -21.10
N ILE N 256 -96.96 65.05 -22.29
CA ILE N 256 -95.52 65.20 -22.52
C ILE N 256 -94.95 66.25 -21.58
N ARG N 257 -95.67 67.35 -21.40
CA ARG N 257 -95.18 68.41 -20.52
C ARG N 257 -95.04 67.92 -19.10
N GLU N 258 -96.02 67.15 -18.63
CA GLU N 258 -95.92 66.55 -17.31
C GLU N 258 -94.73 65.60 -17.22
N LEU N 259 -94.51 64.80 -18.26
CA LEU N 259 -93.42 63.85 -18.21
C LEU N 259 -92.09 64.58 -18.24
N VAL N 260 -92.06 65.73 -18.92
CA VAL N 260 -90.88 66.58 -18.88
C VAL N 260 -90.71 67.14 -17.48
N SER N 261 -91.80 67.63 -16.90
CA SER N 261 -91.74 68.34 -15.63
C SER N 261 -91.37 67.39 -14.51
N ARG N 262 -91.51 66.09 -14.73
CA ARG N 262 -91.04 65.14 -13.72
C ARG N 262 -89.53 65.03 -13.76
N ILE N 263 -88.94 65.22 -14.95
CA ILE N 263 -87.50 65.10 -15.10
C ILE N 263 -86.83 66.42 -14.78
N LEU N 264 -87.51 67.53 -15.07
CA LEU N 264 -86.89 68.84 -14.97
C LEU N 264 -86.33 69.11 -13.59
N PRO N 265 -86.84 68.52 -12.52
CA PRO N 265 -86.25 68.80 -11.21
C PRO N 265 -84.78 68.43 -11.18
N VAL N 266 -84.38 67.47 -12.01
CA VAL N 266 -82.97 67.12 -12.10
C VAL N 266 -82.18 68.30 -12.67
N ALA N 267 -82.67 68.91 -13.76
CA ALA N 267 -81.99 70.08 -14.29
C ALA N 267 -82.02 71.26 -13.34
N ALA N 268 -83.11 71.41 -12.58
CA ALA N 268 -83.15 72.47 -11.58
C ALA N 268 -82.08 72.24 -10.54
N SER N 269 -81.99 71.00 -10.06
CA SER N 269 -80.95 70.63 -9.12
C SER N 269 -79.58 70.90 -9.73
N TYR N 270 -79.43 70.65 -11.03
CA TYR N 270 -78.15 70.89 -11.68
C TYR N 270 -77.80 72.38 -11.68
N SER N 271 -78.77 73.23 -12.00
CA SER N 271 -78.49 74.66 -11.98
C SER N 271 -78.17 75.13 -10.57
N THR N 272 -78.77 74.48 -9.57
CA THR N 272 -78.44 74.81 -8.19
C THR N 272 -77.02 74.34 -7.88
N VAL N 273 -76.66 73.16 -8.35
CA VAL N 273 -75.36 72.61 -8.01
C VAL N 273 -74.28 73.47 -8.65
N THR N 274 -74.54 73.92 -9.86
CA THR N 274 -73.57 74.73 -10.58
C THR N 274 -73.36 76.05 -9.86
N ARG N 275 -74.45 76.74 -9.51
CA ARG N 275 -74.30 77.96 -8.74
C ARG N 275 -73.59 77.71 -7.42
N PHE N 276 -73.89 76.59 -6.76
CA PHE N 276 -73.23 76.26 -5.51
C PHE N 276 -71.74 76.10 -5.72
N ILE N 277 -71.35 75.39 -6.77
CA ILE N 277 -69.94 75.18 -7.05
C ILE N 277 -69.27 76.52 -7.29
N GLU N 278 -69.90 77.37 -8.08
CA GLU N 278 -69.29 78.65 -8.41
C GLU N 278 -69.09 79.49 -7.16
N GLU N 279 -70.14 79.64 -6.34
CA GLU N 279 -70.00 80.37 -5.10
C GLU N 279 -68.91 79.79 -4.22
N LYS N 280 -68.97 78.48 -3.97
CA LYS N 280 -68.11 77.83 -3.01
C LYS N 280 -66.77 77.45 -3.59
N SER N 281 -66.43 77.95 -4.78
CA SER N 281 -65.07 77.87 -5.28
C SER N 281 -64.35 79.20 -5.21
N SER N 282 -64.88 80.17 -4.48
CA SER N 282 -64.14 81.38 -4.18
C SER N 282 -63.38 81.19 -2.87
N PHE N 283 -62.18 81.77 -2.80
CA PHE N 283 -61.29 81.48 -1.67
C PHE N 283 -61.96 81.84 -0.36
N GLU N 284 -62.81 82.87 -0.38
CA GLU N 284 -63.40 83.38 0.85
C GLU N 284 -64.28 82.32 1.51
N TYR N 285 -64.82 81.39 0.73
CA TYR N 285 -65.81 80.46 1.24
C TYR N 285 -65.16 79.26 1.92
N GLY N 286 -63.83 79.18 1.91
CA GLY N 286 -63.11 78.25 2.75
C GLY N 286 -62.67 77.01 2.01
N GLN N 287 -61.60 76.39 2.51
CA GLN N 287 -60.99 75.26 1.80
C GLN N 287 -61.93 74.06 1.81
N VAL N 288 -62.62 73.83 2.92
CA VAL N 288 -63.59 72.74 2.99
C VAL N 288 -64.60 72.88 1.85
N ASN N 289 -65.15 74.08 1.69
CA ASN N 289 -66.11 74.29 0.62
C ASN N 289 -65.43 74.20 -0.74
N HIS N 290 -64.16 74.59 -0.82
CA HIS N 290 -63.43 74.45 -2.07
C HIS N 290 -63.38 72.99 -2.50
N ALA N 291 -62.98 72.11 -1.57
CA ALA N 291 -62.87 70.70 -1.90
C ALA N 291 -64.24 70.11 -2.19
N LEU N 292 -65.27 70.57 -1.48
CA LEU N 292 -66.60 70.08 -1.77
C LEU N 292 -67.01 70.47 -3.17
N ALA N 293 -66.68 71.70 -3.57
CA ALA N 293 -66.97 72.12 -4.94
C ALA N 293 -66.18 71.31 -5.94
N ALA N 294 -64.94 70.95 -5.62
CA ALA N 294 -64.16 70.12 -6.54
C ALA N 294 -64.81 68.75 -6.72
N ALA N 295 -65.29 68.16 -5.63
CA ALA N 295 -65.97 66.88 -5.74
C ALA N 295 -67.24 67.03 -6.56
N MET N 296 -68.00 68.09 -6.30
CA MET N 296 -69.18 68.36 -7.11
C MET N 296 -68.82 68.54 -8.57
N ARG N 297 -67.66 69.13 -8.86
CA ARG N 297 -67.23 69.27 -10.24
C ARG N 297 -66.98 67.92 -10.88
N THR N 298 -66.40 67.01 -10.10
CA THR N 298 -66.24 65.64 -10.60
C THR N 298 -67.58 65.02 -10.90
N LEU N 299 -68.51 65.13 -9.96
CA LEU N 299 -69.84 64.55 -10.17
C LEU N 299 -70.53 65.18 -11.37
N VAL N 300 -70.36 66.48 -11.56
CA VAL N 300 -71.01 67.15 -12.69
C VAL N 300 -70.37 66.69 -13.98
N LYS N 301 -69.07 66.42 -13.95
CA LYS N 301 -68.44 65.85 -15.14
C LYS N 301 -69.05 64.51 -15.45
N GLU N 302 -69.26 63.67 -14.43
CA GLU N 302 -69.94 62.40 -14.65
C GLU N 302 -71.31 62.59 -15.25
N TYR N 303 -72.08 63.53 -14.71
CA TYR N 303 -73.39 63.84 -15.27
C TYR N 303 -73.28 64.20 -16.74
N LEU N 304 -72.31 65.05 -17.07
CA LEU N 304 -72.15 65.48 -18.44
C LEU N 304 -71.80 64.30 -19.33
N VAL N 305 -70.96 63.39 -18.84
CA VAL N 305 -70.62 62.19 -19.59
C VAL N 305 -71.88 61.38 -19.87
N LEU N 306 -72.71 61.21 -18.84
CA LEU N 306 -73.97 60.50 -19.02
C LEU N 306 -74.80 61.15 -20.10
N VAL N 307 -74.92 62.47 -20.05
CA VAL N 307 -75.77 63.15 -21.01
C VAL N 307 -75.14 63.09 -22.39
N THR N 308 -73.81 63.08 -22.45
CA THR N 308 -73.11 62.82 -23.70
C THR N 308 -73.51 61.48 -24.30
N GLN N 309 -73.51 60.43 -23.48
CA GLN N 309 -73.90 59.12 -23.99
C GLN N 309 -75.34 59.13 -24.47
N LEU N 310 -76.21 59.82 -23.73
CA LEU N 310 -77.59 59.91 -24.15
C LEU N 310 -77.71 60.71 -25.44
N GLU N 311 -76.89 61.74 -25.60
CA GLU N 311 -76.86 62.48 -26.85
C GLU N 311 -76.42 61.60 -28.00
N GLN N 312 -75.40 60.77 -27.77
CA GLN N 312 -74.97 59.84 -28.80
C GLN N 312 -76.10 58.91 -29.20
N LEU N 313 -76.88 58.44 -28.23
CA LEU N 313 -77.97 57.55 -28.56
C LEU N 313 -79.10 58.29 -29.26
N GLN N 314 -79.33 59.55 -28.90
CA GLN N 314 -80.17 60.42 -29.70
C GLN N 314 -79.68 60.48 -31.13
N ARG N 315 -78.39 60.79 -31.30
CA ARG N 315 -77.86 61.05 -32.63
C ARG N 315 -77.90 59.79 -33.46
N GLN N 316 -78.01 58.64 -32.82
CA GLN N 316 -78.23 57.39 -33.52
C GLN N 316 -79.71 57.13 -33.74
N GLY N 317 -80.57 58.02 -33.26
CA GLY N 317 -82.00 57.81 -33.37
C GLY N 317 -82.45 56.58 -32.63
N LEU N 318 -81.94 56.36 -31.41
CA LEU N 318 -82.17 55.12 -30.69
C LEU N 318 -82.62 55.34 -29.25
N LEU N 319 -83.11 56.53 -28.93
CA LEU N 319 -83.63 56.80 -27.60
C LEU N 319 -84.97 57.52 -27.72
N SER N 320 -85.77 57.41 -26.65
CA SER N 320 -87.01 58.17 -26.60
C SER N 320 -87.43 58.40 -25.16
N LEU N 321 -88.16 59.50 -24.96
CA LEU N 321 -89.02 59.73 -23.80
C LEU N 321 -88.75 58.75 -22.67
N GLN N 322 -89.51 57.66 -22.64
CA GLN N 322 -89.43 56.75 -21.51
C GLN N 322 -88.03 56.20 -21.35
N LYS N 323 -87.29 56.05 -22.45
CA LYS N 323 -85.94 55.56 -22.31
C LYS N 323 -85.10 56.62 -21.63
N LEU N 324 -85.25 57.89 -22.04
CA LEU N 324 -84.63 58.95 -21.29
C LEU N 324 -85.15 58.95 -19.86
N TRP N 325 -86.47 58.77 -19.71
CA TRP N 325 -87.05 58.76 -18.38
C TRP N 325 -86.51 57.57 -17.59
N PHE N 326 -86.30 56.45 -18.28
CA PHE N 326 -85.75 55.28 -17.60
C PHE N 326 -84.29 55.50 -17.31
N TYR N 327 -83.52 55.93 -18.31
CA TYR N 327 -82.09 56.08 -18.10
C TYR N 327 -81.81 57.14 -17.06
N ILE N 328 -82.65 58.19 -17.00
CA ILE N 328 -82.35 59.30 -16.12
C ILE N 328 -82.80 59.08 -14.69
N GLN N 329 -83.52 57.99 -14.42
CA GLN N 329 -84.07 57.83 -13.07
C GLN N 329 -82.97 57.67 -12.04
N PRO N 330 -81.96 56.83 -12.27
CA PRO N 330 -80.85 56.80 -11.30
C PRO N 330 -80.20 58.16 -11.18
N ALA N 331 -79.94 58.79 -12.33
CA ALA N 331 -79.35 60.12 -12.31
C ALA N 331 -80.32 61.14 -11.70
N MET N 332 -81.61 60.96 -11.91
CA MET N 332 -82.57 61.88 -11.30
C MET N 332 -82.45 61.85 -9.79
N ARG N 333 -82.44 60.65 -9.21
CA ARG N 333 -82.28 60.51 -7.78
C ARG N 333 -80.94 61.08 -7.32
N SER N 334 -79.87 60.74 -8.04
CA SER N 334 -78.55 61.21 -7.65
C SER N 334 -78.49 62.73 -7.62
N LEU N 335 -79.05 63.38 -8.65
CA LEU N 335 -78.93 64.82 -8.75
C LEU N 335 -79.86 65.51 -7.76
N ASP N 336 -81.03 64.92 -7.51
CA ASP N 336 -81.87 65.42 -6.43
C ASP N 336 -81.12 65.41 -5.11
N ILE N 337 -80.43 64.31 -4.82
CA ILE N 337 -79.69 64.21 -3.56
C ILE N 337 -78.58 65.25 -3.51
N LEU N 338 -77.82 65.36 -4.59
CA LEU N 338 -76.70 66.30 -4.62
C LEU N 338 -77.20 67.72 -4.41
N ALA N 339 -78.27 68.10 -5.11
CA ALA N 339 -78.78 69.47 -5.00
C ALA N 339 -79.36 69.72 -3.63
N SER N 340 -80.02 68.73 -3.04
CA SER N 340 -80.55 68.91 -1.69
C SER N 340 -79.43 69.17 -0.71
N LEU N 341 -78.34 68.41 -0.81
CA LEU N 341 -77.18 68.64 0.05
C LEU N 341 -76.60 70.02 -0.18
N ALA N 342 -76.43 70.41 -1.44
CA ALA N 342 -75.84 71.71 -1.75
C ALA N 342 -76.71 72.84 -1.20
N THR N 343 -78.02 72.74 -1.42
CA THR N 343 -78.93 73.80 -0.98
C THR N 343 -78.92 73.91 0.53
N SER N 344 -78.95 72.77 1.22
CA SER N 344 -78.93 72.82 2.68
C SER N 344 -77.63 73.42 3.18
N VAL N 345 -76.49 73.07 2.57
CA VAL N 345 -75.22 73.61 3.03
C VAL N 345 -75.15 75.11 2.77
N ASP N 346 -75.62 75.54 1.60
CA ASP N 346 -75.60 76.95 1.25
C ASP N 346 -76.51 77.78 2.15
N LYS N 347 -77.71 77.29 2.41
CA LYS N 347 -78.69 78.10 3.11
C LYS N 347 -78.32 78.29 4.57
N GLY N 348 -77.62 77.32 5.15
CA GLY N 348 -77.05 77.51 6.47
C GLY N 348 -75.65 78.07 6.47
N GLU N 349 -75.13 78.43 5.30
CA GLU N 349 -73.79 79.02 5.18
C GLU N 349 -72.80 78.31 6.10
N CYS N 350 -72.75 76.99 5.99
CA CYS N 350 -71.90 76.21 6.87
C CYS N 350 -70.46 76.29 6.40
N ILE N 351 -69.55 76.46 7.35
CA ILE N 351 -68.11 76.45 7.05
C ILE N 351 -67.42 75.54 8.04
N GLY N 352 -66.34 74.91 7.58
CA GLY N 352 -65.50 74.12 8.46
C GLY N 352 -66.28 73.00 9.12
N GLY N 353 -66.05 72.83 10.43
CA GLY N 353 -66.68 71.71 11.11
C GLY N 353 -68.18 71.79 11.09
N ALA N 354 -68.75 72.99 10.92
CA ALA N 354 -70.18 73.10 10.72
C ALA N 354 -70.58 72.32 9.49
N THR N 355 -69.92 72.61 8.37
CA THR N 355 -70.23 71.94 7.12
C THR N 355 -69.99 70.44 7.24
N LEU N 356 -68.88 70.05 7.89
CA LEU N 356 -68.62 68.63 8.07
C LEU N 356 -69.72 67.95 8.88
N SER N 357 -70.17 68.59 9.95
CA SER N 357 -71.33 68.10 10.69
C SER N 357 -72.53 67.91 9.78
N LEU N 358 -72.88 68.95 9.03
CA LEU N 358 -74.00 68.86 8.10
C LEU N 358 -73.81 67.69 7.14
N LEU N 359 -72.58 67.46 6.70
CA LEU N 359 -72.33 66.39 5.75
C LEU N 359 -72.54 65.04 6.42
N HIS N 360 -72.11 64.91 7.67
CA HIS N 360 -72.35 63.68 8.42
C HIS N 360 -73.84 63.43 8.51
N ASP N 361 -74.58 64.43 9.00
CA ASP N 361 -76.01 64.25 9.21
C ASP N 361 -76.71 63.90 7.91
N ARG N 362 -76.38 64.61 6.84
CA ARG N 362 -76.98 64.31 5.55
C ARG N 362 -76.65 62.88 5.11
N SER N 363 -75.38 62.47 5.28
CA SER N 363 -75.00 61.10 4.96
C SER N 363 -75.82 60.08 5.73
N PHE N 364 -76.17 60.39 6.98
CA PHE N 364 -77.06 59.52 7.72
C PHE N 364 -78.48 59.53 7.15
N SER N 365 -79.01 60.73 6.89
CA SER N 365 -80.37 60.83 6.38
C SER N 365 -80.50 60.20 5.00
N TYR N 366 -79.42 60.19 4.22
CA TYR N 366 -79.38 59.50 2.95
C TYR N 366 -78.96 58.04 3.08
N THR N 367 -79.21 57.45 4.26
CA THR N 367 -78.94 56.04 4.44
C THR N 367 -79.94 55.18 3.70
N GLY N 368 -81.09 55.75 3.34
CA GLY N 368 -82.16 54.95 2.75
C GLY N 368 -81.77 54.33 1.42
N ASP N 369 -81.01 55.06 0.60
CA ASP N 369 -80.63 54.59 -0.73
C ASP N 369 -79.13 54.39 -0.80
N SER N 370 -78.72 53.24 -1.36
CA SER N 370 -77.32 52.86 -1.36
C SER N 370 -76.50 53.74 -2.31
N GLN N 371 -77.08 54.14 -3.44
CA GLN N 371 -76.36 55.04 -4.34
C GLN N 371 -75.97 56.32 -3.62
N ALA N 372 -76.94 56.93 -2.93
CA ALA N 372 -76.67 58.16 -2.21
C ALA N 372 -75.67 57.92 -1.09
N GLN N 373 -75.78 56.78 -0.41
CA GLN N 373 -74.83 56.46 0.65
C GLN N 373 -73.41 56.41 0.10
N GLU N 374 -73.21 55.70 -1.00
CA GLU N 374 -71.87 55.61 -1.58
C GLU N 374 -71.36 56.97 -2.01
N LEU N 375 -72.21 57.76 -2.66
CA LEU N 375 -71.79 59.09 -3.09
C LEU N 375 -71.37 59.94 -1.90
N CYS N 376 -72.19 59.94 -0.85
CA CYS N 376 -71.90 60.78 0.29
C CYS N 376 -70.68 60.28 1.05
N LEU N 377 -70.44 58.97 1.10
CA LEU N 377 -69.25 58.48 1.79
C LEU N 377 -68.00 58.89 1.04
N HIS N 378 -68.02 58.77 -0.29
CA HIS N 378 -66.92 59.28 -1.10
C HIS N 378 -66.68 60.75 -0.78
N LEU N 379 -67.75 61.55 -0.84
CA LEU N 379 -67.62 62.98 -0.61
C LEU N 379 -67.06 63.26 0.77
N THR N 380 -67.54 62.54 1.78
CA THR N 380 -67.15 62.85 3.15
C THR N 380 -65.69 62.51 3.38
N LYS N 381 -65.23 61.35 2.91
CA LYS N 381 -63.81 61.05 2.96
C LYS N 381 -63.01 62.16 2.30
N ALA N 382 -63.37 62.48 1.05
CA ALA N 382 -62.58 63.45 0.30
C ALA N 382 -62.53 64.79 1.02
N ALA N 383 -63.67 65.27 1.49
CA ALA N 383 -63.70 66.60 2.07
C ALA N 383 -63.02 66.61 3.43
N SER N 384 -63.01 65.47 4.13
CA SER N 384 -62.33 65.46 5.41
C SER N 384 -60.84 65.40 5.19
N THR N 385 -60.41 65.00 4.00
CA THR N 385 -58.97 64.97 3.73
C THR N 385 -58.34 66.33 4.00
N PRO N 386 -58.84 67.44 3.44
CA PRO N 386 -58.27 68.75 3.81
C PRO N 386 -58.43 69.07 5.28
N TYR N 387 -59.60 68.77 5.83
CA TYR N 387 -59.86 69.08 7.22
C TYR N 387 -58.99 68.23 8.13
N PHE N 388 -58.80 66.97 7.78
CA PHE N 388 -57.87 66.15 8.54
C PHE N 388 -56.45 66.63 8.35
N GLU N 389 -56.13 67.18 7.19
CA GLU N 389 -54.82 67.78 6.99
C GLU N 389 -54.58 68.92 7.97
N ILE N 390 -55.57 69.81 8.09
CA ILE N 390 -55.46 70.93 9.01
C ILE N 390 -55.38 70.43 10.45
N LEU N 391 -56.27 69.50 10.81
CA LEU N 391 -56.23 68.91 12.14
C LEU N 391 -54.87 68.27 12.39
N GLU N 392 -54.28 67.69 11.36
CA GLU N 392 -53.00 67.02 11.50
C GLU N 392 -51.90 68.03 11.82
N LYS N 393 -51.86 69.16 11.12
CA LYS N 393 -50.91 70.19 11.53
C LYS N 393 -51.09 70.45 13.03
N TRP N 394 -52.33 70.63 13.45
CA TRP N 394 -52.57 70.94 14.85
C TRP N 394 -52.31 69.72 15.70
N ILE N 395 -52.90 68.58 15.30
CA ILE N 395 -52.84 67.36 16.09
C ILE N 395 -51.62 66.50 15.81
N TYR N 396 -50.86 66.79 14.75
CA TYR N 396 -49.65 66.03 14.47
C TYR N 396 -48.40 66.84 14.73
N ARG N 397 -48.51 68.17 14.75
CA ARG N 397 -47.35 69.03 14.88
C ARG N 397 -47.56 70.15 15.88
N GLY N 398 -48.77 70.35 16.39
CA GLY N 398 -49.02 71.44 17.30
C GLY N 398 -48.91 72.76 16.57
N ILE N 399 -49.36 72.80 15.33
CA ILE N 399 -49.40 74.02 14.53
C ILE N 399 -50.80 74.18 14.01
N ILE N 400 -51.30 75.42 14.03
CA ILE N 400 -52.54 75.78 13.36
C ILE N 400 -52.18 76.77 12.27
N ASP N 401 -52.24 76.32 11.02
CA ASP N 401 -52.15 77.20 9.87
C ASP N 401 -53.42 77.01 9.06
N ASP N 402 -54.17 78.09 8.89
CA ASP N 402 -55.38 78.04 8.09
C ASP N 402 -55.78 79.44 7.67
N PRO N 403 -55.91 79.71 6.37
CA PRO N 403 -56.15 81.10 5.96
C PRO N 403 -57.59 81.52 6.13
N TYR N 404 -58.53 80.57 6.18
CA TYR N 404 -59.93 80.94 6.30
C TYR N 404 -60.41 80.93 7.75
N SER N 405 -59.72 80.21 8.64
CA SER N 405 -60.25 79.96 9.97
C SER N 405 -61.55 79.18 9.88
N GLU N 406 -61.47 77.88 9.65
CA GLU N 406 -62.64 77.01 9.71
C GLU N 406 -62.47 75.84 10.67
N PHE N 407 -61.38 75.77 11.42
CA PHE N 407 -61.00 74.54 12.11
C PHE N 407 -61.46 74.58 13.56
N MET N 408 -61.60 73.39 14.13
CA MET N 408 -62.18 73.25 15.47
C MET N 408 -61.54 74.23 16.45
N VAL N 409 -60.23 74.32 16.42
CA VAL N 409 -59.47 75.09 17.40
C VAL N 409 -59.02 76.38 16.74
N GLU N 410 -59.19 77.49 17.45
CA GLU N 410 -58.76 78.79 16.98
C GLU N 410 -57.75 79.36 17.97
N GLU N 411 -56.76 80.06 17.47
CA GLU N 411 -55.77 80.68 18.32
C GLU N 411 -56.15 82.12 18.58
N HIS N 412 -55.92 82.56 19.81
CA HIS N 412 -56.02 83.95 20.20
C HIS N 412 -54.69 84.37 20.78
N GLU N 413 -54.48 85.69 20.84
CA GLU N 413 -53.17 86.18 21.24
C GLU N 413 -52.94 85.93 22.73
N LEU N 414 -51.67 85.88 23.10
CA LEU N 414 -51.27 85.66 24.48
C LEU N 414 -49.83 86.11 24.62
N ARG N 415 -49.43 86.40 25.85
CA ARG N 415 -48.03 86.61 26.19
C ARG N 415 -47.61 85.57 27.21
N LYS N 416 -46.45 84.95 26.99
CA LYS N 416 -45.99 83.92 27.92
C LYS N 416 -45.73 84.53 29.28
N GLU N 417 -45.21 85.77 29.29
CA GLU N 417 -44.95 86.43 30.56
C GLU N 417 -46.22 86.46 31.40
N LYS N 418 -47.35 86.74 30.76
CA LYS N 418 -48.60 86.94 31.48
C LYS N 418 -49.20 85.64 31.96
N ILE N 419 -48.57 84.50 31.65
CA ILE N 419 -49.11 83.22 32.11
C ILE N 419 -49.06 83.17 33.63
N GLN N 420 -47.95 83.61 34.22
CA GLN N 420 -47.76 83.58 35.66
C GLN N 420 -48.05 84.91 36.33
N GLU N 421 -48.21 86.00 35.55
CA GLU N 421 -48.60 87.27 36.14
C GLU N 421 -50.02 87.21 36.67
N ASP N 422 -50.94 86.57 35.94
CA ASP N 422 -52.35 86.53 36.28
C ASP N 422 -52.71 85.20 36.91
N TYR N 423 -53.70 85.24 37.82
CA TYR N 423 -54.23 84.00 38.36
C TYR N 423 -54.86 83.17 37.26
N ASN N 424 -55.44 83.82 36.26
CA ASN N 424 -55.98 83.11 35.11
C ASN N 424 -54.85 82.42 34.36
N ASP N 425 -55.17 81.27 33.77
CA ASP N 425 -54.19 80.50 33.02
C ASP N 425 -54.23 80.93 31.56
N LYS N 426 -53.85 82.19 31.34
CA LYS N 426 -54.16 82.82 30.06
C LYS N 426 -53.45 82.12 28.92
N TYR N 427 -52.29 81.53 29.19
CA TYR N 427 -51.59 80.77 28.15
C TYR N 427 -52.46 79.62 27.67
N TRP N 428 -53.03 78.87 28.62
CA TRP N 428 -53.84 77.71 28.25
C TRP N 428 -55.18 78.14 27.69
N ASP N 429 -55.76 79.20 28.23
CA ASP N 429 -57.16 79.49 27.95
C ASP N 429 -57.33 80.40 26.74
N GLN N 430 -56.47 81.40 26.61
CA GLN N 430 -56.62 82.41 25.56
C GLN N 430 -55.75 82.10 24.37
N ARG N 431 -54.53 81.59 24.60
CA ARG N 431 -53.60 81.39 23.50
C ARG N 431 -54.24 80.49 22.46
N TYR N 432 -54.83 79.39 22.91
CA TYR N 432 -55.58 78.47 22.07
C TYR N 432 -56.94 78.31 22.71
N THR N 433 -57.99 78.59 21.95
CA THR N 433 -59.36 78.37 22.36
C THR N 433 -60.00 77.41 21.38
N VAL N 434 -61.13 76.83 21.77
CA VAL N 434 -61.86 75.89 20.92
C VAL N 434 -63.12 76.60 20.48
N VAL N 435 -63.28 76.78 19.17
CA VAL N 435 -64.51 77.31 18.62
C VAL N 435 -65.55 76.20 18.60
N GLN N 436 -66.69 76.44 19.24
CA GLN N 436 -67.68 75.38 19.40
C GLN N 436 -68.72 75.47 18.28
N ARG N 437 -68.20 75.64 17.07
CA ARG N 437 -68.97 75.38 15.86
C ARG N 437 -68.08 74.84 14.75
N GLN N 438 -66.78 74.67 14.99
CA GLN N 438 -65.84 74.21 13.98
C GLN N 438 -65.48 72.75 14.17
N ILE N 439 -66.18 72.05 15.06
CA ILE N 439 -66.00 70.61 15.24
C ILE N 439 -66.95 69.93 14.26
N PRO N 440 -66.48 68.95 13.50
CA PRO N 440 -67.42 68.14 12.71
C PRO N 440 -68.19 67.17 13.56
N SER N 441 -69.44 66.91 13.14
CA SER N 441 -70.32 66.06 13.93
C SER N 441 -69.64 64.74 14.26
N PHE N 442 -68.92 64.17 13.30
CA PHE N 442 -68.34 62.86 13.53
C PHE N 442 -67.04 62.96 14.32
N LEU N 443 -66.51 64.17 14.50
CA LEU N 443 -65.42 64.44 15.41
C LEU N 443 -65.90 65.19 16.64
N GLN N 444 -67.19 65.50 16.72
CA GLN N 444 -67.68 66.34 17.82
C GLN N 444 -67.48 65.65 19.17
N LYS N 445 -67.46 64.32 19.18
CA LYS N 445 -67.33 63.60 20.45
C LYS N 445 -65.90 63.61 20.96
N MET N 446 -64.91 63.57 20.07
CA MET N 446 -63.51 63.64 20.46
C MET N 446 -62.98 65.06 20.48
N ALA N 447 -63.83 66.07 20.24
CA ALA N 447 -63.33 67.42 20.06
C ALA N 447 -62.58 67.91 21.30
N GLY N 448 -63.09 67.61 22.49
CA GLY N 448 -62.39 68.00 23.70
C GLY N 448 -60.99 67.43 23.76
N LYS N 449 -60.84 66.15 23.43
CA LYS N 449 -59.52 65.55 23.46
C LYS N 449 -58.63 66.15 22.39
N VAL N 450 -59.20 66.47 21.23
CA VAL N 450 -58.44 67.11 20.17
C VAL N 450 -57.88 68.43 20.66
N LEU N 451 -58.75 69.23 21.28
CA LEU N 451 -58.32 70.52 21.82
C LEU N 451 -57.21 70.33 22.84
N SER N 452 -57.40 69.42 23.80
CA SER N 452 -56.42 69.32 24.88
C SER N 452 -55.10 68.79 24.33
N THR N 453 -55.16 67.84 23.41
CA THR N 453 -53.96 67.29 22.81
C THR N 453 -53.17 68.38 22.10
N GLY N 454 -53.86 69.15 21.25
CA GLY N 454 -53.18 70.21 20.54
C GLY N 454 -52.66 71.29 21.47
N LYS N 455 -53.40 71.58 22.55
CA LYS N 455 -52.89 72.47 23.58
C LYS N 455 -51.55 71.97 24.12
N TYR N 456 -51.49 70.68 24.45
CA TYR N 456 -50.24 70.12 24.95
C TYR N 456 -49.14 70.21 23.91
N LEU N 457 -49.47 69.92 22.65
CA LEU N 457 -48.45 69.97 21.62
C LEU N 457 -47.94 71.39 21.44
N ASN N 458 -48.84 72.36 21.50
CA ASN N 458 -48.43 73.75 21.30
C ASN N 458 -47.57 74.19 22.47
N VAL N 459 -47.91 73.73 23.67
CA VAL N 459 -47.14 74.08 24.86
C VAL N 459 -45.73 73.54 24.73
N VAL N 460 -45.60 72.31 24.23
CA VAL N 460 -44.27 71.74 24.05
C VAL N 460 -43.52 72.53 22.98
N ARG N 461 -44.18 72.85 21.87
CA ARG N 461 -43.52 73.61 20.82
C ARG N 461 -43.05 74.96 21.33
N GLU N 462 -43.87 75.63 22.14
CA GLU N 462 -43.52 76.93 22.69
C GLU N 462 -42.54 76.81 23.86
N CYS N 463 -42.26 75.59 24.29
CA CYS N 463 -41.23 75.34 25.29
C CYS N 463 -39.85 75.23 24.67
N GLY N 464 -39.76 75.38 23.35
CA GLY N 464 -38.52 75.24 22.62
C GLY N 464 -38.34 73.80 22.19
N HIS N 465 -39.45 73.16 21.88
CA HIS N 465 -39.48 71.78 21.43
C HIS N 465 -39.90 71.73 19.97
N ASP N 466 -39.27 70.84 19.21
CA ASP N 466 -39.69 70.56 17.85
C ASP N 466 -40.82 69.55 17.91
N VAL N 467 -42.02 69.94 17.44
CA VAL N 467 -43.21 69.12 17.64
C VAL N 467 -43.77 68.73 16.27
N THR N 468 -43.59 67.46 15.94
CA THR N 468 -44.11 66.81 14.74
C THR N 468 -44.51 65.41 15.17
N CYS N 469 -45.70 64.98 14.83
CA CYS N 469 -46.11 63.64 15.25
C CYS N 469 -45.37 62.61 14.41
N PRO N 470 -44.73 61.60 15.03
CA PRO N 470 -44.07 60.56 14.25
C PRO N 470 -45.00 59.41 13.88
N VAL N 471 -46.16 59.32 14.51
CA VAL N 471 -47.15 58.30 14.18
C VAL N 471 -48.26 58.98 13.39
N ALA N 472 -47.93 60.08 12.72
CA ALA N 472 -48.94 60.81 11.98
C ALA N 472 -49.49 59.94 10.85
N LYS N 473 -50.81 59.92 10.75
CA LYS N 473 -51.51 59.25 9.67
C LYS N 473 -52.46 60.25 9.05
N GLU N 474 -52.92 59.95 7.84
CA GLU N 474 -54.02 60.70 7.25
C GLU N 474 -55.35 60.22 7.80
N VAL N 475 -56.12 61.16 8.35
CA VAL N 475 -57.42 60.86 8.93
C VAL N 475 -58.44 60.96 7.80
N VAL N 476 -59.09 59.85 7.48
CA VAL N 476 -60.10 59.83 6.44
C VAL N 476 -61.43 59.47 7.05
N TYR N 477 -62.50 59.99 6.46
CA TYR N 477 -63.84 59.73 6.94
C TYR N 477 -64.25 58.33 6.52
N THR N 478 -64.83 57.59 7.46
CA THR N 478 -65.29 56.24 7.23
C THR N 478 -66.69 56.09 7.80
N LEU N 479 -67.41 55.09 7.31
CA LEU N 479 -68.83 55.02 7.61
C LEU N 479 -69.05 54.64 9.07
N LYS N 480 -68.05 54.02 9.69
CA LYS N 480 -67.99 53.89 11.13
C LYS N 480 -66.88 54.77 11.67
N GLU N 481 -67.10 55.37 12.84
CA GLU N 481 -66.22 56.43 13.32
C GLU N 481 -64.85 55.88 13.66
N ARG N 482 -64.78 54.60 14.04
CA ARG N 482 -63.62 54.05 14.72
C ARG N 482 -62.32 54.44 14.04
N ALA N 483 -62.27 54.36 12.71
CA ALA N 483 -60.99 54.46 12.03
C ALA N 483 -60.28 55.78 12.35
N TYR N 484 -60.97 56.90 12.25
CA TYR N 484 -60.37 58.17 12.63
C TYR N 484 -60.36 58.40 14.13
N VAL N 485 -61.38 57.92 14.84
CA VAL N 485 -61.41 58.00 16.30
C VAL N 485 -60.13 57.44 16.90
N GLU N 486 -59.85 56.15 16.66
CA GLU N 486 -58.73 55.48 17.30
C GLU N 486 -57.41 56.15 16.98
N GLN N 487 -57.30 56.75 15.79
CA GLN N 487 -56.04 57.40 15.43
C GLN N 487 -55.91 58.72 16.17
N ILE N 488 -57.00 59.48 16.23
CA ILE N 488 -57.02 60.70 17.05
C ILE N 488 -56.63 60.37 18.48
N GLU N 489 -57.24 59.34 19.05
CA GLU N 489 -56.92 58.95 20.42
C GLU N 489 -55.45 58.56 20.58
N LYS N 490 -54.91 57.80 19.63
CA LYS N 490 -53.49 57.46 19.68
C LYS N 490 -52.63 58.72 19.70
N ALA N 491 -52.91 59.64 18.77
CA ALA N 491 -52.17 60.89 18.72
C ALA N 491 -52.28 61.66 20.04
N PHE N 492 -53.51 61.79 20.56
CA PHE N 492 -53.70 62.47 21.84
C PHE N 492 -52.86 61.86 22.94
N SER N 493 -52.88 60.53 23.06
CA SER N 493 -52.11 59.89 24.10
C SER N 493 -50.61 60.02 23.89
N TYR N 494 -50.17 60.11 22.64
CA TYR N 494 -48.77 60.40 22.39
C TYR N 494 -48.44 61.82 22.81
N ALA N 495 -49.26 62.77 22.38
CA ALA N 495 -48.94 64.17 22.64
C ALA N 495 -48.91 64.41 24.14
N SER N 496 -49.88 63.84 24.86
CA SER N 496 -49.93 64.03 26.30
C SER N 496 -48.75 63.34 26.97
N LYS N 497 -48.35 62.18 26.47
CA LYS N 497 -47.24 61.49 27.10
C LYS N 497 -45.96 62.29 26.93
N VAL N 498 -45.70 62.73 25.70
CA VAL N 498 -44.47 63.46 25.41
C VAL N 498 -44.45 64.78 26.17
N LEU N 499 -45.58 65.48 26.19
CA LEU N 499 -45.68 66.70 26.98
C LEU N 499 -45.35 66.42 28.45
N LEU N 500 -45.95 65.38 29.02
CA LEU N 500 -45.80 65.14 30.44
C LEU N 500 -44.35 64.82 30.77
N ASP N 501 -43.76 63.89 30.02
CA ASP N 501 -42.35 63.58 30.24
C ASP N 501 -41.46 64.80 30.04
N PHE N 502 -41.83 65.71 29.15
CA PHE N 502 -41.03 66.91 28.95
C PHE N 502 -41.15 67.85 30.14
N LEU N 503 -42.36 68.02 30.68
CA LEU N 503 -42.57 69.00 31.73
C LEU N 503 -42.05 68.48 33.06
N MET N 504 -42.27 67.20 33.37
CA MET N 504 -41.73 66.66 34.60
C MET N 504 -40.24 66.45 34.49
N GLY N 505 -39.74 66.14 33.29
CA GLY N 505 -38.33 65.96 33.07
C GLY N 505 -37.65 67.30 32.91
N GLU N 506 -38.02 68.02 31.84
CA GLU N 506 -37.24 69.18 31.44
C GLU N 506 -37.42 70.33 32.42
N LYS N 507 -38.65 70.53 32.90
CA LYS N 507 -38.95 71.61 33.81
C LYS N 507 -39.01 71.14 35.25
N GLU N 508 -38.84 69.85 35.49
CA GLU N 508 -38.66 69.31 36.84
C GLU N 508 -39.85 69.71 37.72
N LEU N 509 -41.04 69.31 37.27
CA LEU N 509 -42.25 69.63 38.01
C LEU N 509 -42.15 69.13 39.44
N LEU N 510 -41.70 67.88 39.61
CA LEU N 510 -41.60 67.32 40.95
C LEU N 510 -40.58 68.09 41.79
N ALA N 511 -39.55 68.64 41.15
CA ALA N 511 -38.56 69.38 41.92
C ALA N 511 -39.11 70.73 42.34
N HIS N 512 -39.88 71.37 41.46
CA HIS N 512 -40.49 72.64 41.83
C HIS N 512 -41.50 72.41 42.94
N LEU N 513 -42.22 71.29 42.88
CA LEU N 513 -43.12 70.93 43.97
C LEU N 513 -42.37 70.70 45.27
N ARG N 514 -41.20 70.07 45.22
CA ARG N 514 -40.47 69.80 46.44
C ARG N 514 -39.89 71.07 47.04
N SER N 515 -39.43 71.97 46.18
CA SER N 515 -39.04 73.31 46.64
C SER N 515 -40.21 74.01 47.30
N ILE N 516 -41.38 73.98 46.68
CA ILE N 516 -42.55 74.62 47.26
C ILE N 516 -42.90 73.98 48.60
N LYS N 517 -42.75 72.67 48.71
CA LYS N 517 -42.97 72.03 50.00
C LYS N 517 -42.00 72.56 51.05
N ARG N 518 -40.71 72.61 50.71
CA ARG N 518 -39.70 73.15 51.61
C ARG N 518 -40.04 74.58 52.07
N TYR N 519 -40.44 75.45 51.15
CA TYR N 519 -40.61 76.86 51.47
C TYR N 519 -42.06 77.25 51.78
N PHE N 520 -42.96 77.11 50.81
CA PHE N 520 -44.32 77.62 50.97
C PHE N 520 -45.13 76.73 51.91
N LEU N 521 -44.76 75.46 51.99
CA LEU N 521 -45.40 74.50 52.89
C LEU N 521 -44.55 74.26 54.12
N MET N 522 -43.41 74.94 54.23
CA MET N 522 -42.59 74.90 55.44
C MET N 522 -42.15 73.47 55.74
N ASP N 523 -41.86 72.71 54.68
CA ASP N 523 -41.14 71.46 54.87
C ASP N 523 -39.74 71.74 55.40
N GLN N 524 -39.09 72.78 54.87
CA GLN N 524 -37.74 73.16 55.29
C GLN N 524 -37.87 74.05 56.51
N GLY N 525 -38.15 73.43 57.65
CA GLY N 525 -38.47 74.20 58.85
C GLY N 525 -37.34 75.07 59.34
N ASP N 526 -36.10 74.73 58.98
CA ASP N 526 -34.97 75.52 59.45
C ASP N 526 -34.93 76.89 58.78
N PHE N 527 -35.39 76.98 57.52
CA PHE N 527 -35.56 78.27 56.89
C PHE N 527 -36.49 79.17 57.68
N PHE N 528 -37.63 78.63 58.12
CA PHE N 528 -38.58 79.46 58.86
C PHE N 528 -38.10 79.76 60.28
N VAL N 529 -37.40 78.81 60.89
CA VAL N 529 -36.71 79.08 62.16
C VAL N 529 -35.81 80.30 61.99
N HIS N 530 -34.89 80.21 61.03
CA HIS N 530 -33.91 81.27 60.84
C HIS N 530 -34.61 82.59 60.54
N PHE N 531 -35.59 82.56 59.65
CA PHE N 531 -36.25 83.79 59.22
C PHE N 531 -36.96 84.44 60.39
N MET N 532 -37.69 83.67 61.20
CA MET N 532 -38.46 84.29 62.26
C MET N 532 -37.58 84.69 63.43
N ASP N 533 -36.44 84.00 63.62
CA ASP N 533 -35.46 84.49 64.58
C ASP N 533 -34.93 85.85 64.14
N LEU N 534 -34.60 85.97 62.86
CA LEU N 534 -33.97 87.19 62.40
C LEU N 534 -34.97 88.34 62.33
N THR N 535 -36.23 88.02 62.06
CA THR N 535 -37.25 89.01 61.76
C THR N 535 -38.16 89.32 62.92
N GLU N 536 -38.00 88.68 64.08
CA GLU N 536 -38.99 88.87 65.14
C GLU N 536 -39.06 90.33 65.54
N GLU N 537 -37.90 90.98 65.69
CA GLU N 537 -37.87 92.39 66.04
C GLU N 537 -38.15 93.30 64.84
N GLU N 538 -38.01 92.78 63.62
CA GLU N 538 -38.19 93.62 62.44
C GLU N 538 -39.67 93.73 62.06
N LEU N 539 -40.40 92.63 62.18
CA LEU N 539 -41.81 92.63 61.86
C LEU N 539 -42.64 93.25 62.97
N LYS N 540 -42.05 93.45 64.15
CA LYS N 540 -42.77 94.06 65.25
C LYS N 540 -42.97 95.56 65.03
N LYS N 541 -42.21 96.16 64.12
CA LYS N 541 -42.40 97.54 63.75
C LYS N 541 -43.62 97.68 62.84
N PRO N 542 -44.19 98.87 62.75
CA PRO N 542 -45.28 99.09 61.80
C PRO N 542 -44.81 98.80 60.37
N VAL N 543 -45.78 98.53 59.50
CA VAL N 543 -45.46 98.17 58.13
C VAL N 543 -44.70 99.28 57.44
N ASP N 544 -45.02 100.54 57.78
CA ASP N 544 -44.37 101.67 57.15
C ASP N 544 -42.96 101.87 57.65
N ASP N 545 -42.63 101.33 58.82
CA ASP N 545 -41.30 101.40 59.40
C ASP N 545 -40.36 100.34 58.86
N ILE N 546 -40.84 99.45 57.98
CA ILE N 546 -40.05 98.36 57.44
C ILE N 546 -39.72 98.69 55.99
N THR N 547 -38.44 98.78 55.69
CA THR N 547 -37.93 98.91 54.32
C THR N 547 -37.71 97.52 53.72
N PRO N 548 -38.25 97.24 52.54
CA PRO N 548 -38.28 95.83 52.09
C PRO N 548 -36.92 95.19 52.00
N THR N 549 -35.89 95.96 51.60
CA THR N 549 -34.59 95.37 51.37
C THR N 549 -33.99 94.81 52.66
N ARG N 550 -34.40 95.33 53.81
CA ARG N 550 -33.92 94.76 55.07
C ARG N 550 -34.48 93.36 55.28
N LEU N 551 -35.77 93.17 55.00
CA LEU N 551 -36.36 91.84 55.05
C LEU N 551 -35.74 90.93 54.01
N GLU N 552 -35.46 91.46 52.82
CA GLU N 552 -34.83 90.64 51.79
C GLU N 552 -33.43 90.18 52.24
N ALA N 553 -32.68 91.08 52.87
CA ALA N 553 -31.36 90.72 53.39
C ALA N 553 -31.46 89.66 54.47
N LEU N 554 -32.42 89.81 55.40
CA LEU N 554 -32.56 88.80 56.43
C LEU N 554 -33.00 87.47 55.83
N LEU N 555 -33.81 87.50 54.77
CA LEU N 555 -34.21 86.26 54.10
C LEU N 555 -33.02 85.58 53.47
N GLU N 556 -32.20 86.34 52.75
CA GLU N 556 -31.00 85.76 52.14
C GLU N 556 -30.07 85.21 53.21
N LEU N 557 -29.90 85.94 54.31
CA LEU N 557 -29.06 85.44 55.39
C LEU N 557 -29.59 84.12 55.91
N ALA N 558 -30.90 84.03 56.14
CA ALA N 558 -31.47 82.82 56.69
C ALA N 558 -31.32 81.66 55.71
N LEU N 559 -31.49 81.94 54.42
CA LEU N 559 -31.29 80.89 53.43
C LEU N 559 -29.87 80.38 53.47
N ARG N 560 -28.89 81.30 53.51
CA ARG N 560 -27.51 80.86 53.44
C ARG N 560 -27.11 80.11 54.70
N MET N 561 -27.64 80.54 55.85
CA MET N 561 -27.33 79.91 57.13
C MET N 561 -28.23 78.73 57.45
N SER N 562 -29.10 78.33 56.53
CA SER N 562 -29.88 77.12 56.71
C SER N 562 -29.72 76.20 55.51
N THR N 563 -30.05 74.93 55.73
CA THR N 563 -29.89 73.89 54.72
C THR N 563 -30.84 74.05 53.53
N ALA N 564 -31.85 74.92 53.63
CA ALA N 564 -32.65 75.27 52.45
C ALA N 564 -31.81 75.66 51.25
N ASN N 565 -30.54 76.03 51.46
CA ASN N 565 -29.68 76.41 50.35
C ASN N 565 -29.54 75.28 49.33
N THR N 566 -29.75 74.04 49.74
CA THR N 566 -29.57 72.90 48.85
C THR N 566 -30.67 72.79 47.80
N ASP N 567 -31.75 73.54 47.92
CA ASP N 567 -32.76 73.56 46.88
C ASP N 567 -32.33 74.48 45.75
N PRO N 568 -32.23 73.99 44.51
CA PRO N 568 -31.77 74.89 43.44
C PRO N 568 -32.79 75.97 43.15
N PHE N 569 -34.05 75.74 43.50
CA PHE N 569 -35.09 76.70 43.23
C PHE N 569 -35.18 77.72 44.36
N LYS N 570 -34.23 77.66 45.31
CA LYS N 570 -34.20 78.65 46.38
C LYS N 570 -34.20 80.07 45.84
N ASP N 571 -33.61 80.28 44.66
CA ASP N 571 -33.50 81.61 44.11
C ASP N 571 -34.78 82.08 43.44
N ASP N 572 -35.74 81.20 43.16
CA ASP N 572 -37.04 81.65 42.68
C ASP N 572 -37.80 82.41 43.76
N LEU N 573 -37.46 82.19 45.02
CA LEU N 573 -38.25 82.73 46.13
C LEU N 573 -37.98 84.21 46.31
N LYS N 574 -39.04 84.98 46.49
CA LYS N 574 -38.98 86.42 46.66
C LYS N 574 -39.73 86.76 47.95
N ILE N 575 -39.55 87.99 48.43
CA ILE N 575 -40.27 88.48 49.59
C ILE N 575 -41.37 89.43 49.11
N ASP N 576 -42.56 89.29 49.70
CA ASP N 576 -43.73 90.06 49.32
C ASP N 576 -44.37 90.63 50.58
N LEU N 577 -44.79 91.89 50.53
CA LEU N 577 -45.38 92.55 51.69
C LEU N 577 -46.80 92.91 51.30
N MET N 578 -47.74 92.03 51.65
CA MET N 578 -49.11 92.20 51.19
C MET N 578 -49.79 93.33 51.96
N PRO N 579 -50.73 94.04 51.32
CA PRO N 579 -51.25 95.27 51.91
C PRO N 579 -52.27 95.04 53.01
N HIS N 580 -52.66 93.78 53.25
CA HIS N 580 -53.57 93.44 54.33
C HIS N 580 -53.29 92.02 54.76
N ASP N 581 -53.87 91.64 55.89
CA ASP N 581 -53.65 90.30 56.41
C ASP N 581 -54.33 89.27 55.51
N LEU N 582 -53.85 88.02 55.64
CA LEU N 582 -54.36 86.95 54.80
C LEU N 582 -55.84 86.75 55.04
N ILE N 583 -56.27 86.79 56.30
CA ILE N 583 -57.64 86.43 56.63
C ILE N 583 -58.60 87.49 56.11
N THR N 584 -58.29 88.76 56.35
CA THR N 584 -59.10 89.84 55.76
C THR N 584 -59.16 89.74 54.24
N GLN N 585 -58.03 89.46 53.60
CA GLN N 585 -58.01 89.43 52.14
C GLN N 585 -58.85 88.28 51.60
N LEU N 586 -58.62 87.08 52.13
CA LEU N 586 -59.41 85.93 51.70
C LEU N 586 -60.89 86.12 52.03
N LEU N 587 -61.20 86.77 53.15
CA LEU N 587 -62.61 86.97 53.49
C LEU N 587 -63.28 87.91 52.50
N ARG N 588 -62.58 88.96 52.09
CA ARG N 588 -63.09 89.81 51.01
C ARG N 588 -63.28 89.01 49.73
N VAL N 589 -62.29 88.20 49.37
CA VAL N 589 -62.38 87.41 48.14
C VAL N 589 -63.58 86.47 48.19
N LEU N 590 -63.76 85.75 49.29
CA LEU N 590 -64.80 84.74 49.41
C LEU N 590 -66.18 85.31 49.69
N ALA N 591 -66.28 86.56 50.16
CA ALA N 591 -67.60 87.08 50.49
C ALA N 591 -68.42 87.37 49.24
N ILE N 592 -67.77 87.44 48.08
CA ILE N 592 -68.49 87.74 46.85
C ILE N 592 -69.49 86.62 46.56
N GLU N 593 -70.70 87.01 46.20
CA GLU N 593 -71.73 86.06 45.78
C GLU N 593 -72.32 85.34 46.99
N PRO N 605 -59.38 100.22 55.61
CA PRO N 605 -58.42 99.93 56.68
C PRO N 605 -57.60 101.15 57.09
N THR N 606 -58.27 102.28 57.29
CA THR N 606 -57.63 103.51 57.73
C THR N 606 -57.73 103.74 59.23
N GLU N 607 -58.55 102.96 59.93
CA GLU N 607 -58.68 103.05 61.38
C GLU N 607 -58.10 101.84 62.10
N LEU N 608 -57.41 100.96 61.39
CA LEU N 608 -56.83 99.76 61.98
C LEU N 608 -55.33 99.73 61.73
N THR N 609 -54.58 99.40 62.77
CA THR N 609 -53.14 99.20 62.65
C THR N 609 -52.82 98.05 61.70
N LEU N 610 -51.73 98.20 60.96
CA LEU N 610 -51.31 97.20 59.98
C LEU N 610 -49.79 97.19 60.01
N SER N 611 -49.20 96.01 59.89
CA SER N 611 -47.77 95.88 60.07
C SER N 611 -47.26 94.66 59.32
N GLY N 612 -45.96 94.41 59.49
CA GLY N 612 -45.31 93.36 58.74
C GLY N 612 -45.90 92.00 59.07
N LEU N 613 -46.36 91.81 60.30
CA LEU N 613 -46.83 90.48 60.67
C LEU N 613 -47.90 90.02 59.68
N GLU N 614 -48.87 90.90 59.40
CA GLU N 614 -49.94 90.56 58.48
C GLU N 614 -49.53 90.74 57.02
N ALA N 615 -48.61 91.68 56.75
CA ALA N 615 -48.22 91.90 55.36
C ALA N 615 -47.34 90.79 54.79
N PHE N 616 -46.54 90.14 55.63
CA PHE N 616 -45.46 89.29 55.13
C PHE N 616 -45.98 88.11 54.32
N SER N 617 -45.31 87.84 53.21
CA SER N 617 -45.48 86.63 52.44
C SER N 617 -44.16 86.31 51.74
N PHE N 618 -44.07 85.08 51.23
CA PHE N 618 -43.15 84.74 50.16
C PHE N 618 -43.88 84.85 48.81
N ASP N 619 -43.09 85.00 47.75
CA ASP N 619 -43.55 84.74 46.39
C ASP N 619 -42.59 83.76 45.73
N TYR N 620 -42.99 83.25 44.56
CA TYR N 620 -42.17 82.32 43.79
C TYR N 620 -42.35 82.65 42.31
N VAL N 621 -41.29 83.14 41.67
CA VAL N 621 -41.37 83.46 40.25
C VAL N 621 -41.44 82.17 39.44
N VAL N 622 -42.38 82.12 38.49
CA VAL N 622 -42.49 81.05 37.50
C VAL N 622 -42.66 81.69 36.14
N THR N 623 -41.89 81.24 35.15
CA THR N 623 -42.01 81.73 33.79
C THR N 623 -42.74 80.75 32.89
N TRP N 624 -43.39 81.29 31.86
CA TRP N 624 -44.01 80.47 30.83
C TRP N 624 -42.92 79.70 30.07
N PRO N 625 -43.23 78.48 29.63
CA PRO N 625 -44.56 77.86 29.60
C PRO N 625 -44.87 77.21 30.93
N LEU N 626 -43.86 77.02 31.79
CA LEU N 626 -44.11 76.39 33.08
C LEU N 626 -45.09 77.21 33.90
N SER N 627 -45.20 78.51 33.62
CA SER N 627 -46.12 79.38 34.34
C SER N 627 -47.57 79.04 34.05
N LEU N 628 -47.83 78.18 33.06
CA LEU N 628 -49.18 77.76 32.72
C LEU N 628 -49.74 76.76 33.71
N ILE N 629 -48.91 76.23 34.60
CA ILE N 629 -49.35 75.36 35.69
C ILE N 629 -49.31 76.10 37.03
N ILE N 630 -48.12 76.52 37.45
CA ILE N 630 -48.00 77.37 38.64
C ILE N 630 -48.43 78.77 38.20
N ASN N 631 -49.56 79.24 38.72
CA ASN N 631 -50.05 80.57 38.40
C ASN N 631 -50.50 81.28 39.67
N ARG N 632 -50.93 82.53 39.49
CA ARG N 632 -51.36 83.35 40.62
C ARG N 632 -52.48 82.67 41.39
N LYS N 633 -53.42 82.02 40.71
CA LYS N 633 -54.54 81.44 41.41
C LYS N 633 -54.08 80.42 42.44
N ALA N 634 -53.00 79.69 42.16
CA ALA N 634 -52.45 78.76 43.12
C ALA N 634 -51.51 79.46 44.10
N LEU N 635 -50.74 80.41 43.59
CA LEU N 635 -49.80 81.13 44.44
C LEU N 635 -50.52 81.85 45.58
N THR N 636 -51.67 82.46 45.28
CA THR N 636 -52.41 83.17 46.31
C THR N 636 -52.85 82.24 47.43
N ARG N 637 -53.26 81.02 47.08
CA ARG N 637 -53.67 80.06 48.10
C ARG N 637 -52.46 79.62 48.92
N TYR N 638 -51.35 79.30 48.24
CA TYR N 638 -50.13 78.97 48.94
C TYR N 638 -49.74 80.09 49.88
N GLN N 639 -49.89 81.33 49.43
CA GLN N 639 -49.54 82.48 50.26
C GLN N 639 -50.46 82.60 51.46
N MET N 640 -51.76 82.40 51.27
CA MET N 640 -52.69 82.47 52.39
C MET N 640 -52.31 81.44 53.44
N LEU N 641 -52.02 80.22 52.99
CA LEU N 641 -51.60 79.17 53.91
C LEU N 641 -50.31 79.57 54.62
N PHE N 642 -49.35 80.09 53.86
CA PHE N 642 -48.11 80.57 54.44
C PHE N 642 -48.40 81.58 55.54
N ARG N 643 -49.25 82.56 55.24
CA ARG N 643 -49.51 83.63 56.19
C ARG N 643 -50.14 83.08 57.46
N HIS N 644 -51.08 82.15 57.31
CA HIS N 644 -51.68 81.53 58.49
C HIS N 644 -50.61 80.82 59.31
N MET N 645 -49.76 80.04 58.64
CA MET N 645 -48.72 79.31 59.37
C MET N 645 -47.77 80.28 60.05
N PHE N 646 -47.47 81.39 59.38
CA PHE N 646 -46.53 82.36 59.92
C PHE N 646 -47.11 83.04 61.15
N TYR N 647 -48.40 83.38 61.11
CA TYR N 647 -49.02 83.98 62.27
C TYR N 647 -49.06 83.00 63.42
N CYS N 648 -49.36 81.72 63.13
CA CYS N 648 -49.28 80.70 64.16
C CYS N 648 -47.87 80.56 64.71
N LYS N 649 -46.85 80.75 63.87
CA LYS N 649 -45.47 80.63 64.34
C LYS N 649 -45.10 81.83 65.20
N HIS N 650 -45.56 83.02 64.81
CA HIS N 650 -45.42 84.19 65.68
C HIS N 650 -46.04 83.92 67.04
N VAL N 651 -47.22 83.30 67.05
CA VAL N 651 -47.89 83.05 68.31
C VAL N 651 -47.12 82.00 69.11
N GLU N 652 -46.60 80.98 68.44
CA GLU N 652 -45.78 79.98 69.11
C GLU N 652 -44.56 80.63 69.73
N ARG N 653 -43.94 81.56 69.00
CA ARG N 653 -42.75 82.24 69.50
C ARG N 653 -43.08 83.08 70.72
N GLN N 654 -44.20 83.80 70.68
CA GLN N 654 -44.57 84.62 71.82
C GLN N 654 -44.92 83.74 73.01
N LEU N 655 -45.55 82.60 72.76
CA LEU N 655 -45.86 81.68 73.85
C LEU N 655 -44.58 81.13 74.45
N CYS N 656 -43.57 80.85 73.62
CA CYS N 656 -42.29 80.39 74.12
C CYS N 656 -41.64 81.48 74.97
N SER N 657 -41.70 82.72 74.49
CA SER N 657 -41.16 83.84 75.26
C SER N 657 -41.82 83.93 76.62
N VAL N 658 -43.15 83.77 76.65
CA VAL N 658 -43.86 83.86 77.93
C VAL N 658 -43.45 82.70 78.83
N TRP N 659 -43.38 81.49 78.29
CA TRP N 659 -42.95 80.34 79.07
C TRP N 659 -41.57 80.55 79.67
N ILE N 660 -40.63 81.07 78.88
CA ILE N 660 -39.29 81.27 79.41
C ILE N 660 -39.30 82.36 80.46
N SER N 661 -40.05 83.45 80.22
CA SER N 661 -40.02 84.51 81.22
C SER N 661 -40.66 84.03 82.52
N ASN N 662 -41.63 83.11 82.41
CA ASN N 662 -42.26 82.51 83.58
C ASN N 662 -41.41 81.38 84.15
N LYS N 663 -40.29 81.06 83.50
CA LYS N 663 -39.32 80.16 84.09
C LYS N 663 -38.69 80.75 85.33
N ALA N 664 -38.66 82.08 85.43
CA ALA N 664 -38.09 82.72 86.61
C ALA N 664 -38.82 82.31 87.88
N ALA N 665 -40.09 81.91 87.79
CA ALA N 665 -40.79 81.60 89.02
C ALA N 665 -40.19 80.37 89.70
N LYS N 666 -39.49 79.52 88.95
CA LYS N 666 -38.83 78.39 89.60
C LYS N 666 -37.55 78.85 90.27
N ARG N 667 -36.93 79.90 89.71
CA ARG N 667 -35.74 80.48 90.29
C ARG N 667 -36.07 81.31 91.51
N PHE N 668 -37.33 81.68 91.68
CA PHE N 668 -37.76 82.52 92.78
C PHE N 668 -38.54 81.71 93.81
N SER N 669 -38.82 82.36 94.93
CA SER N 669 -39.42 81.68 96.07
C SER N 669 -40.62 80.85 95.65
N LEU N 670 -40.80 79.71 96.32
CA LEU N 670 -42.03 78.95 96.18
C LEU N 670 -43.18 79.57 96.95
N HIS N 671 -42.87 80.35 97.99
CA HIS N 671 -43.85 80.78 98.97
C HIS N 671 -44.26 82.23 98.79
N SER N 672 -43.72 82.91 97.78
CA SER N 672 -44.20 84.21 97.34
C SER N 672 -44.52 84.14 95.86
N ALA N 673 -45.03 82.98 95.46
CA ALA N 673 -45.37 82.65 94.09
C ALA N 673 -46.86 82.36 93.94
N LYS N 674 -47.68 82.68 94.93
CA LYS N 674 -49.09 82.33 94.82
C LYS N 674 -49.70 82.87 93.54
N TRP N 675 -49.27 84.05 93.10
CA TRP N 675 -49.88 84.68 91.94
C TRP N 675 -49.07 84.46 90.67
N PHE N 676 -47.75 84.29 90.84
CA PHE N 676 -46.93 83.82 89.72
C PHE N 676 -47.46 82.50 89.22
N ALA N 677 -47.84 81.60 90.13
CA ALA N 677 -48.24 80.26 89.74
C ALA N 677 -49.55 80.29 88.98
N GLY N 678 -50.49 81.13 89.42
CA GLY N 678 -51.74 81.29 88.69
C GLY N 678 -51.53 81.87 87.31
N ALA N 679 -50.69 82.91 87.22
CA ALA N 679 -50.36 83.46 85.91
C ALA N 679 -49.71 82.41 85.02
N PHE N 680 -48.79 81.63 85.58
CA PHE N 680 -48.08 80.61 84.82
C PHE N 680 -49.03 79.51 84.35
N THR N 681 -49.95 79.10 85.22
CA THR N 681 -50.89 78.05 84.83
C THR N 681 -51.87 78.54 83.77
N LEU N 682 -52.30 79.79 83.85
CA LEU N 682 -53.13 80.34 82.77
C LEU N 682 -52.34 80.43 81.47
N ARG N 683 -51.10 80.89 81.54
CA ARG N 683 -50.23 80.92 80.37
C ARG N 683 -50.07 79.53 79.78
N GLN N 684 -49.84 78.53 80.63
CA GLN N 684 -49.68 77.16 80.16
C GLN N 684 -50.95 76.66 79.48
N ARG N 685 -52.12 76.91 80.10
CA ARG N 685 -53.36 76.48 79.48
C ARG N 685 -53.55 77.12 78.12
N MET N 686 -53.26 78.42 78.00
CA MET N 686 -53.45 79.10 76.72
C MET N 686 -52.47 78.57 75.69
N LEU N 687 -51.21 78.38 76.10
CA LEU N 687 -50.19 77.88 75.19
C LEU N 687 -50.56 76.49 74.70
N ASN N 688 -51.04 75.63 75.61
CA ASN N 688 -51.45 74.29 75.22
C ASN N 688 -52.60 74.35 74.22
N PHE N 689 -53.60 75.20 74.48
CA PHE N 689 -54.72 75.32 73.54
C PHE N 689 -54.22 75.73 72.16
N VAL N 690 -53.47 76.83 72.09
CA VAL N 690 -53.05 77.36 70.80
C VAL N 690 -52.15 76.36 70.09
N GLN N 691 -51.24 75.73 70.83
CA GLN N 691 -50.33 74.77 70.23
C GLN N 691 -51.07 73.54 69.75
N ASN N 692 -52.11 73.12 70.46
CA ASN N 692 -52.89 71.98 70.02
C ASN N 692 -53.62 72.31 68.73
N ILE N 693 -54.16 73.53 68.64
CA ILE N 693 -54.79 73.96 67.38
C ILE N 693 -53.78 73.91 66.25
N GLN N 694 -52.61 74.52 66.46
CA GLN N 694 -51.58 74.52 65.43
C GLN N 694 -51.19 73.10 65.03
N SER N 695 -50.96 72.24 66.02
CA SER N 695 -50.50 70.88 65.73
C SER N 695 -51.56 70.11 64.98
N TYR N 696 -52.82 70.28 65.36
CA TYR N 696 -53.92 69.68 64.62
C TYR N 696 -53.86 70.10 63.17
N MET N 697 -53.77 71.39 62.92
CA MET N 697 -53.73 71.87 61.54
C MET N 697 -52.55 71.26 60.81
N MET N 698 -51.38 71.25 61.46
CA MET N 698 -50.13 70.91 60.80
C MET N 698 -50.09 69.43 60.45
N PHE N 699 -50.42 68.58 61.42
CA PHE N 699 -50.28 67.14 61.26
C PHE N 699 -51.54 66.49 60.70
N GLU N 700 -52.62 67.27 60.51
CA GLU N 700 -53.89 66.71 60.05
C GLU N 700 -54.42 67.31 58.76
N VAL N 701 -53.90 68.45 58.30
CA VAL N 701 -54.32 69.04 57.03
C VAL N 701 -53.24 68.85 55.97
N MET N 702 -52.05 69.41 56.19
CA MET N 702 -51.05 69.44 55.14
C MET N 702 -50.63 68.03 54.74
N GLU N 703 -50.25 67.21 55.72
CA GLU N 703 -49.60 65.95 55.38
C GLU N 703 -50.51 65.02 54.59
N PRO N 704 -51.79 64.85 54.94
CA PRO N 704 -52.63 63.99 54.12
C PRO N 704 -52.85 64.53 52.73
N THR N 705 -53.12 65.84 52.61
CA THR N 705 -53.31 66.42 51.29
C THR N 705 -52.04 66.33 50.45
N TRP N 706 -50.88 66.42 51.10
CA TRP N 706 -49.63 66.33 50.37
C TRP N 706 -49.37 64.90 49.90
N HIS N 707 -49.61 63.91 50.78
CA HIS N 707 -49.57 62.52 50.35
C HIS N 707 -50.48 62.30 49.15
N VAL N 708 -51.70 62.82 49.22
CA VAL N 708 -52.69 62.58 48.17
C VAL N 708 -52.24 63.19 46.86
N LEU N 709 -51.74 64.43 46.91
CA LEU N 709 -51.19 65.04 45.70
C LEU N 709 -50.01 64.26 45.18
N GLU N 710 -49.12 63.81 46.06
CA GLU N 710 -47.96 63.04 45.62
C GLU N 710 -48.41 61.80 44.85
N GLN N 711 -49.36 61.06 45.40
CA GLN N 711 -49.85 59.87 44.71
C GLN N 711 -50.56 60.22 43.41
N ASN N 712 -51.38 61.26 43.42
CA ASN N 712 -52.16 61.57 42.23
C ASN N 712 -51.26 62.06 41.11
N LEU N 713 -50.28 62.90 41.42
CA LEU N 713 -49.32 63.32 40.41
C LEU N 713 -48.39 62.17 40.00
N ARG N 714 -48.05 61.28 40.93
CA ARG N 714 -47.27 60.10 40.59
C ARG N 714 -48.03 59.11 39.75
N SER N 715 -49.34 59.32 39.58
CA SER N 715 -50.14 58.52 38.68
C SER N 715 -50.84 59.37 37.63
N ALA N 716 -50.44 60.64 37.52
CA ALA N 716 -50.98 61.51 36.48
C ALA N 716 -50.49 61.09 35.11
N SER N 717 -51.34 61.32 34.11
CA SER N 717 -51.04 60.94 32.74
C SER N 717 -51.33 62.05 31.75
N ASN N 718 -52.15 63.02 32.11
CA ASN N 718 -52.41 64.19 31.30
C ASN N 718 -52.30 65.42 32.19
N ILE N 719 -52.34 66.60 31.57
CA ILE N 719 -52.12 67.80 32.34
C ILE N 719 -53.34 68.05 33.21
N ASP N 720 -54.50 67.55 32.79
CA ASP N 720 -55.67 67.61 33.65
C ASP N 720 -55.45 66.75 34.89
N ASP N 721 -54.81 65.58 34.73
CA ASP N 721 -54.48 64.74 35.88
C ASP N 721 -53.53 65.47 36.83
N VAL N 722 -52.52 66.13 36.27
CA VAL N 722 -51.61 66.92 37.11
C VAL N 722 -52.39 67.99 37.87
N LEU N 723 -53.23 68.72 37.15
CA LEU N 723 -54.02 69.79 37.75
C LEU N 723 -54.87 69.24 38.89
N GLY N 724 -55.51 68.10 38.65
CA GLY N 724 -56.37 67.52 39.66
C GLY N 724 -55.59 67.13 40.90
N HIS N 725 -54.44 66.47 40.71
CA HIS N 725 -53.66 66.07 41.88
C HIS N 725 -53.24 67.29 42.69
N HIS N 726 -52.78 68.35 42.01
CA HIS N 726 -52.33 69.54 42.72
C HIS N 726 -53.50 70.23 43.41
N ALA N 727 -54.63 70.36 42.72
CA ALA N 727 -55.80 70.97 43.33
C ALA N 727 -56.24 70.18 44.55
N SER N 728 -56.18 68.84 44.47
CA SER N 728 -56.63 68.03 45.59
C SER N 728 -55.70 68.22 46.78
N PHE N 729 -54.40 68.31 46.54
CA PHE N 729 -53.47 68.66 47.61
C PHE N 729 -53.89 69.96 48.27
N LEU N 730 -53.99 71.01 47.46
CA LEU N 730 -54.24 72.34 47.99
C LEU N 730 -55.56 72.41 48.73
N ASP N 731 -56.62 71.84 48.14
CA ASP N 731 -57.95 72.00 48.72
C ASP N 731 -58.15 71.08 49.92
N ASN N 732 -57.52 69.90 49.93
CA ASN N 732 -57.53 69.09 51.14
C ASN N 732 -56.86 69.82 52.29
N CYS N 733 -55.68 70.38 52.05
CA CYS N 733 -55.02 71.11 53.12
C CYS N 733 -55.83 72.34 53.54
N LEU N 734 -56.42 73.03 52.57
CA LEU N 734 -57.22 74.22 52.88
C LEU N 734 -58.43 73.86 53.72
N LYS N 735 -59.13 72.79 53.35
CA LYS N 735 -60.27 72.34 54.12
C LYS N 735 -59.87 71.96 55.53
N ASP N 736 -58.79 71.20 55.67
CA ASP N 736 -58.46 70.68 56.98
C ASP N 736 -57.75 71.70 57.86
N CYS N 737 -57.26 72.80 57.28
CA CYS N 737 -56.67 73.87 58.06
C CYS N 737 -57.70 74.91 58.53
N MET N 738 -59.00 74.62 58.38
CA MET N 738 -60.04 75.52 58.90
C MET N 738 -60.03 76.86 58.17
N LEU N 739 -59.67 76.85 56.90
CA LEU N 739 -59.51 78.06 56.11
C LEU N 739 -60.79 78.55 55.42
N THR N 740 -61.94 77.95 55.71
CA THR N 740 -63.15 78.26 54.93
C THR N 740 -64.34 78.71 55.79
N ASN N 741 -64.17 78.81 57.10
CA ASN N 741 -65.20 79.33 57.98
C ASN N 741 -64.68 80.55 58.71
N PRO N 742 -65.11 81.77 58.38
CA PRO N 742 -64.43 82.94 58.95
C PRO N 742 -64.59 83.05 60.44
N GLU N 743 -65.57 82.35 61.03
CA GLU N 743 -65.81 82.50 62.46
C GLU N 743 -64.69 81.83 63.24
N LEU N 744 -64.32 80.62 62.85
CA LEU N 744 -63.27 79.92 63.58
C LEU N 744 -61.96 80.65 63.40
N LEU N 745 -61.73 81.22 62.21
CA LEU N 745 -60.55 82.04 62.00
C LEU N 745 -60.54 83.21 62.97
N ARG N 746 -61.70 83.86 63.15
CA ARG N 746 -61.76 85.01 64.04
C ARG N 746 -61.62 84.60 65.49
N VAL N 747 -61.97 83.35 65.83
CA VAL N 747 -61.81 82.91 67.22
C VAL N 747 -60.36 82.54 67.48
N PHE N 748 -59.69 81.93 66.52
CA PHE N 748 -58.27 81.67 66.69
C PHE N 748 -57.52 82.98 66.76
N SER N 749 -57.94 83.97 65.96
CA SER N 749 -57.36 85.29 66.04
C SER N 749 -57.61 85.91 67.41
N LYS N 750 -58.79 85.70 67.98
CA LYS N 750 -59.06 86.22 69.31
C LYS N 750 -58.14 85.58 70.34
N LEU N 751 -57.92 84.27 70.23
CA LEU N 751 -56.99 83.60 71.14
C LEU N 751 -55.58 84.17 71.00
N MET N 752 -55.14 84.37 69.75
CA MET N 752 -53.83 84.97 69.54
C MET N 752 -53.75 86.39 70.11
N SER N 753 -54.79 87.18 69.90
CA SER N 753 -54.83 88.53 70.47
C SER N 753 -54.73 88.48 71.98
N VAL N 754 -55.44 87.54 72.60
CA VAL N 754 -55.40 87.42 74.06
C VAL N 754 -54.00 87.04 74.50
N CYS N 755 -53.35 86.14 73.76
CA CYS N 755 -51.97 85.79 74.06
C CYS N 755 -51.06 87.00 73.96
N VAL N 756 -51.23 87.82 72.93
CA VAL N 756 -50.37 88.98 72.73
C VAL N 756 -50.59 90.01 73.83
N MET N 757 -51.86 90.22 74.21
CA MET N 757 -52.15 91.09 75.35
C MET N 757 -51.50 90.54 76.62
N PHE N 758 -51.57 89.24 76.83
CA PHE N 758 -50.96 88.63 78.01
C PHE N 758 -49.46 88.85 78.00
N THR N 759 -48.83 88.68 76.84
CA THR N 759 -47.37 88.82 76.77
C THR N 759 -46.96 90.27 76.99
N ASN N 760 -47.74 91.22 76.46
CA ASN N 760 -47.44 92.62 76.71
C ASN N 760 -47.69 92.99 78.17
N CYS N 761 -48.66 92.33 78.81
CA CYS N 761 -48.87 92.54 80.24
C CYS N 761 -47.69 92.02 81.02
N LEU N 762 -47.27 90.80 80.75
CA LEU N 762 -46.18 90.21 81.52
C LEU N 762 -44.90 90.99 81.29
N GLN N 763 -44.66 91.45 80.05
CA GLN N 763 -43.44 92.19 79.78
C GLN N 763 -43.46 93.56 80.46
N ARG N 764 -44.60 94.24 80.44
CA ARG N 764 -44.74 95.49 81.17
C ARG N 764 -44.51 95.27 82.66
N PHE N 765 -45.11 94.21 83.22
CA PHE N 765 -45.01 94.00 84.65
C PHE N 765 -43.59 93.63 85.05
N THR N 766 -42.95 92.75 84.25
CA THR N 766 -41.57 92.35 84.54
C THR N 766 -40.60 93.49 84.33
N GLN N 767 -40.95 94.48 83.51
CA GLN N 767 -40.10 95.65 83.40
C GLN N 767 -40.35 96.59 84.56
N SER N 768 -41.59 96.68 85.04
CA SER N 768 -41.86 97.54 86.17
C SER N 768 -41.12 97.00 87.39
N MET N 769 -41.19 95.68 87.58
CA MET N 769 -40.49 95.02 88.66
C MET N 769 -38.97 95.17 88.52
N LYS N 770 -38.44 95.03 87.31
CA LYS N 770 -37.01 95.23 87.11
C LYS N 770 -36.61 96.66 87.46
N LEU N 771 -37.39 97.64 87.02
CA LEU N 771 -37.07 99.03 87.36
C LEU N 771 -37.11 99.23 88.86
N ASP N 772 -38.07 98.60 89.53
CA ASP N 772 -38.23 98.82 90.96
C ASP N 772 -37.07 98.19 91.73
N SER N 773 -36.63 97.02 91.31
CA SER N 773 -35.48 96.36 91.91
C SER N 773 -34.19 97.11 91.58
N PRO N 815 -49.23 98.29 80.15
CA PRO N 815 -50.54 98.87 79.83
C PRO N 815 -51.65 98.43 80.77
N GLN N 816 -52.88 98.32 80.23
CA GLN N 816 -53.99 97.90 81.07
C GLN N 816 -53.76 96.49 81.61
N LEU N 817 -53.28 95.59 80.76
CA LEU N 817 -53.00 94.24 81.23
C LEU N 817 -51.89 94.29 82.28
N ALA N 818 -50.91 95.15 82.06
CA ALA N 818 -49.77 95.30 82.97
C ALA N 818 -50.23 95.75 84.36
N SER N 819 -51.32 96.51 84.41
CA SER N 819 -51.71 97.19 85.64
C SER N 819 -51.84 96.23 86.83
N SER N 820 -52.38 95.02 86.62
CA SER N 820 -52.60 94.08 87.71
C SER N 820 -51.64 92.90 87.58
N PHE N 821 -50.83 92.70 88.62
CA PHE N 821 -49.83 91.63 88.61
C PHE N 821 -50.49 90.25 88.51
N GLU N 822 -51.47 89.98 89.38
CA GLU N 822 -52.14 88.69 89.40
C GLU N 822 -53.61 88.80 89.09
N ALA N 823 -54.23 89.95 89.34
CA ALA N 823 -55.63 90.12 88.99
C ALA N 823 -55.76 90.07 87.48
N THR N 824 -54.84 90.75 86.80
CA THR N 824 -54.84 90.74 85.34
C THR N 824 -54.61 89.33 84.82
N ILE N 825 -53.69 88.58 85.46
CA ILE N 825 -53.42 87.22 84.99
C ILE N 825 -54.68 86.37 85.13
N THR N 826 -55.39 86.51 86.25
CA THR N 826 -56.62 85.76 86.46
C THR N 826 -57.68 86.17 85.43
N LYS N 827 -57.83 87.47 85.20
CA LYS N 827 -58.83 87.95 84.24
C LYS N 827 -58.51 87.48 82.84
N PHE N 828 -57.24 87.54 82.45
CA PHE N 828 -56.84 87.08 81.13
C PHE N 828 -57.09 85.59 81.00
N ASP N 829 -56.80 84.82 82.06
CA ASP N 829 -57.05 83.39 82.00
C ASP N 829 -58.54 83.12 81.82
N LYS N 830 -59.39 83.86 82.53
CA LYS N 830 -60.84 83.69 82.38
C LYS N 830 -61.30 84.07 80.97
N ASN N 831 -60.79 85.17 80.43
CA ASN N 831 -61.16 85.57 79.08
C ASN N 831 -60.70 84.51 78.07
N PHE N 832 -59.50 83.99 78.26
CA PHE N 832 -58.99 82.95 77.37
C PHE N 832 -59.86 81.71 77.46
N SER N 833 -60.28 81.33 78.67
CA SER N 833 -61.15 80.17 78.82
C SER N 833 -62.48 80.39 78.12
N ALA N 834 -63.06 81.59 78.25
CA ALA N 834 -64.33 81.85 77.58
C ALA N 834 -64.17 81.78 76.06
N HIS N 835 -63.10 82.37 75.54
CA HIS N 835 -62.85 82.31 74.11
C HIS N 835 -62.60 80.86 73.67
N LEU N 836 -61.87 80.11 74.49
CA LEU N 836 -61.61 78.70 74.17
C LEU N 836 -62.91 77.92 74.12
N LEU N 837 -63.81 78.15 75.07
CA LEU N 837 -65.09 77.46 75.04
C LEU N 837 -65.87 77.83 73.78
N ASP N 838 -65.84 79.11 73.42
CA ASP N 838 -66.50 79.55 72.20
C ASP N 838 -65.95 78.80 71.00
N LEU N 839 -64.65 78.98 70.75
CA LEU N 839 -63.98 78.31 69.64
C LEU N 839 -64.22 76.81 69.64
N LEU N 840 -64.20 76.16 70.81
CA LEU N 840 -64.44 74.73 70.87
C LEU N 840 -65.86 74.39 70.44
N ALA N 841 -66.83 75.23 70.83
CA ALA N 841 -68.20 75.01 70.37
C ALA N 841 -68.28 75.17 68.86
N ARG N 842 -67.60 76.18 68.32
CA ARG N 842 -67.55 76.35 66.87
C ARG N 842 -66.91 75.14 66.21
N LEU N 843 -65.84 74.60 66.82
CA LEU N 843 -65.20 73.40 66.30
C LEU N 843 -66.17 72.23 66.26
N SER N 844 -66.93 72.06 67.34
CA SER N 844 -67.92 70.98 67.38
C SER N 844 -68.99 71.20 66.32
N ILE N 845 -69.37 72.46 66.09
CA ILE N 845 -70.33 72.74 65.02
C ILE N 845 -69.74 72.35 63.68
N TYR N 846 -68.47 72.67 63.45
CA TYR N 846 -67.81 72.30 62.20
C TYR N 846 -67.73 70.78 62.07
N SER N 847 -67.56 70.09 63.19
CA SER N 847 -67.51 68.64 63.16
C SER N 847 -68.88 68.07 62.78
N THR N 848 -69.94 68.59 63.42
CA THR N 848 -71.29 68.12 63.15
C THR N 848 -71.77 68.52 61.76
N SER N 849 -71.12 69.48 61.11
CA SER N 849 -71.50 69.89 59.76
C SER N 849 -70.69 69.24 58.66
N ASP N 850 -69.36 69.19 58.78
CA ASP N 850 -68.52 68.65 57.71
C ASP N 850 -68.17 67.19 57.94
N CYS N 851 -68.73 65.15 59.94
CA CYS N 851 -67.63 64.21 60.07
C CYS N 851 -66.30 64.89 59.81
N GLU N 852 -65.91 65.83 60.67
CA GLU N 852 -64.63 66.52 60.55
C GLU N 852 -63.66 65.87 61.53
N HIS N 853 -62.78 65.02 60.99
CA HIS N 853 -61.85 64.31 61.84
C HIS N 853 -61.02 65.29 62.64
N GLY N 854 -60.83 66.51 62.12
CA GLY N 854 -60.03 67.47 62.82
C GLY N 854 -60.70 67.95 64.09
N MET N 855 -62.00 68.21 64.02
CA MET N 855 -62.71 68.61 65.24
C MET N 855 -62.88 67.46 66.20
N ALA N 856 -63.02 66.23 65.68
CA ALA N 856 -63.03 65.08 66.59
C ALA N 856 -61.69 64.90 67.28
N SER N 857 -60.60 65.18 66.57
CA SER N 857 -59.27 65.12 67.15
C SER N 857 -59.10 66.22 68.19
N VAL N 858 -59.60 67.41 67.89
CA VAL N 858 -59.49 68.53 68.82
C VAL N 858 -60.23 68.19 70.12
N ILE N 859 -61.43 67.64 70.02
CA ILE N 859 -62.16 67.23 71.22
C ILE N 859 -61.39 66.16 71.98
N SER N 860 -60.86 65.16 71.28
CA SER N 860 -60.19 64.05 71.94
C SER N 860 -58.86 64.48 72.56
N ARG N 861 -58.21 65.48 71.98
CA ARG N 861 -56.98 66.01 72.57
C ARG N 861 -57.30 66.90 73.76
N LEU N 862 -58.27 67.81 73.59
CA LEU N 862 -58.51 68.84 74.58
C LEU N 862 -59.15 68.27 75.84
N ASP N 863 -59.76 67.09 75.76
CA ASP N 863 -60.38 66.54 76.96
C ASP N 863 -59.92 65.11 77.22
N PHE N 864 -58.62 64.83 77.00
CA PHE N 864 -58.15 63.47 77.21
C PHE N 864 -57.98 63.14 78.70
N ASN N 865 -57.37 64.04 79.47
CA ASN N 865 -57.23 63.88 80.91
C ASN N 865 -58.41 64.47 81.66
N GLY N 866 -59.37 65.03 80.94
CA GLY N 866 -60.58 65.59 81.50
C GLY N 866 -60.45 66.97 82.09
N PHE N 867 -59.44 67.75 81.70
CA PHE N 867 -59.36 69.11 82.21
C PHE N 867 -60.44 69.97 81.57
N TYR N 868 -60.62 69.80 80.26
CA TYR N 868 -61.65 70.48 79.49
C TYR N 868 -62.90 69.64 79.30
N THR N 869 -62.79 68.31 79.48
CA THR N 869 -63.87 67.40 79.10
C THR N 869 -65.19 67.79 79.76
N GLU N 870 -65.15 68.00 81.08
CA GLU N 870 -66.36 68.37 81.81
C GLU N 870 -66.90 69.72 81.34
N ARG N 871 -66.02 70.68 81.07
CA ARG N 871 -66.49 71.97 80.59
C ARG N 871 -67.12 71.84 79.21
N LEU N 872 -66.53 71.02 78.35
CA LEU N 872 -67.08 70.81 77.02
C LEU N 872 -68.44 70.12 77.10
N GLU N 873 -68.58 69.15 78.01
CA GLU N 873 -69.88 68.53 78.22
C GLU N 873 -70.90 69.55 78.70
N ARG N 874 -70.50 70.37 79.67
CA ARG N 874 -71.43 71.37 80.22
C ARG N 874 -71.86 72.36 79.15
N LEU N 875 -70.92 72.80 78.31
CA LEU N 875 -71.25 73.73 77.24
C LEU N 875 -72.15 73.07 76.21
N SER N 876 -71.94 71.78 75.95
CA SER N 876 -72.86 71.06 75.08
C SER N 876 -74.26 71.06 75.69
N ALA N 877 -74.35 70.83 76.99
CA ALA N 877 -75.61 70.89 77.70
C ALA N 877 -76.16 72.31 77.68
N LYS O 7 -23.77 27.97 -24.48
CA LYS O 7 -24.92 28.17 -25.36
C LYS O 7 -24.96 29.61 -25.86
N SER O 8 -24.95 30.54 -24.91
CA SER O 8 -25.01 31.95 -25.28
C SER O 8 -23.68 32.39 -25.86
N PRO O 9 -23.68 33.36 -26.78
CA PRO O 9 -22.41 33.74 -27.41
C PRO O 9 -21.38 34.17 -26.39
N ASN O 10 -21.81 34.86 -25.34
CA ASN O 10 -20.88 35.25 -24.29
C ASN O 10 -20.34 34.03 -23.56
N VAL O 11 -21.19 33.04 -23.30
CA VAL O 11 -20.74 31.81 -22.66
C VAL O 11 -19.72 31.11 -23.55
N LEU O 12 -19.99 31.06 -24.84
CA LEU O 12 -19.05 30.43 -25.77
C LEU O 12 -17.73 31.18 -25.78
N LEU O 13 -17.77 32.50 -25.75
CA LEU O 13 -16.53 33.27 -25.70
C LEU O 13 -15.77 32.98 -24.42
N GLN O 14 -16.48 32.87 -23.30
CA GLN O 14 -15.84 32.52 -22.04
C GLN O 14 -15.19 31.15 -22.12
N ASN O 15 -15.90 30.18 -22.70
CA ASN O 15 -15.34 28.84 -22.84
C ASN O 15 -14.12 28.86 -23.73
N LEU O 16 -14.16 29.63 -24.81
CA LEU O 16 -13.02 29.70 -25.72
C LEU O 16 -11.82 30.30 -25.00
N CYS O 17 -12.03 31.37 -24.25
CA CYS O 17 -10.92 32.00 -23.55
C CYS O 17 -10.37 31.07 -22.48
N CYS O 18 -11.25 30.31 -21.82
CA CYS O 18 -10.80 29.33 -20.85
C CYS O 18 -9.94 28.26 -21.51
N ARG O 19 -10.37 27.78 -22.67
CA ARG O 19 -9.60 26.76 -23.37
C ARG O 19 -8.26 27.31 -23.83
N ILE O 20 -8.25 28.54 -24.33
CA ILE O 20 -7.01 29.13 -24.84
C ILE O 20 -6.01 29.36 -23.71
N LEU O 21 -6.47 29.90 -22.58
CA LEU O 21 -5.56 30.20 -21.49
C LEU O 21 -5.27 29.00 -20.60
N GLY O 22 -6.07 27.94 -20.71
CA GLY O 22 -5.92 26.82 -19.80
C GLY O 22 -6.13 27.25 -18.37
N LYS O 23 -7.11 28.11 -18.14
CA LYS O 23 -7.40 28.67 -16.83
C LYS O 23 -8.90 28.55 -16.56
N SER O 24 -9.28 28.82 -15.31
CA SER O 24 -10.69 28.82 -14.97
C SER O 24 -11.36 30.06 -15.55
N GLU O 25 -12.69 30.07 -15.49
CA GLU O 25 -13.44 31.21 -16.01
C GLU O 25 -13.12 32.49 -15.25
N ALA O 26 -12.97 32.38 -13.92
CA ALA O 26 -12.68 33.56 -13.12
C ALA O 26 -11.25 34.05 -13.31
N ASP O 27 -10.33 33.16 -13.67
CA ASP O 27 -8.92 33.53 -13.76
C ASP O 27 -8.61 34.36 -15.00
N VAL O 28 -9.57 34.51 -15.92
CA VAL O 28 -9.37 35.27 -17.13
C VAL O 28 -10.30 36.48 -17.19
N ALA O 29 -10.77 36.94 -16.03
CA ALA O 29 -11.79 37.99 -16.03
C ALA O 29 -11.27 39.26 -16.67
N GLN O 30 -10.04 39.66 -16.35
CA GLN O 30 -9.50 40.88 -16.95
C GLN O 30 -9.34 40.68 -18.45
N GLN O 31 -8.80 39.53 -18.84
CA GLN O 31 -8.66 39.23 -20.26
C GLN O 31 -10.05 39.10 -20.87
N PHE O 32 -10.96 38.47 -20.14
CA PHE O 32 -12.32 38.32 -20.61
C PHE O 32 -13.00 39.68 -20.74
N GLN O 33 -12.73 40.58 -19.80
CA GLN O 33 -13.30 41.92 -19.89
C GLN O 33 -12.76 42.66 -21.12
N TYR O 34 -11.46 42.56 -21.37
CA TYR O 34 -10.89 43.15 -22.58
C TYR O 34 -11.54 42.56 -23.82
N ALA O 35 -11.71 41.24 -23.83
CA ALA O 35 -12.34 40.58 -24.97
C ALA O 35 -13.77 41.04 -25.16
N VAL O 36 -14.51 41.19 -24.06
CA VAL O 36 -15.89 41.64 -24.16
C VAL O 36 -15.95 43.04 -24.74
N ARG O 37 -15.06 43.92 -24.29
CA ARG O 37 -15.02 45.27 -24.85
C ARG O 37 -14.68 45.23 -26.33
N VAL O 38 -13.73 44.38 -26.71
CA VAL O 38 -13.35 44.28 -28.12
C VAL O 38 -14.53 43.79 -28.95
N ILE O 39 -15.25 42.79 -28.45
CA ILE O 39 -16.32 42.21 -29.25
C ILE O 39 -17.46 43.22 -29.35
N GLY O 40 -17.83 43.83 -28.22
CA GLY O 40 -18.88 44.81 -28.22
C GLY O 40 -18.54 46.04 -29.04
N SER O 41 -17.27 46.21 -29.39
CA SER O 41 -16.91 47.32 -30.27
C SER O 41 -17.62 47.18 -31.61
N ASN O 42 -17.65 45.96 -32.15
CA ASN O 42 -18.29 45.71 -33.44
C ASN O 42 -18.92 44.33 -33.41
N PHE O 43 -20.23 44.24 -33.64
CA PHE O 43 -20.88 42.95 -33.76
C PHE O 43 -21.25 42.57 -35.20
N ALA O 44 -21.33 43.54 -36.11
CA ALA O 44 -21.64 43.24 -37.49
C ALA O 44 -20.49 43.59 -38.42
N PRO O 45 -20.31 42.85 -39.51
CA PRO O 45 -19.24 43.19 -40.44
C PRO O 45 -19.51 44.51 -41.14
N THR O 46 -18.44 45.24 -41.43
CA THR O 46 -18.54 46.54 -42.07
C THR O 46 -18.42 46.47 -43.59
N VAL O 47 -18.18 45.29 -44.15
CA VAL O 47 -17.98 45.14 -45.59
C VAL O 47 -18.76 43.92 -46.07
N GLU O 48 -19.03 43.90 -47.37
CA GLU O 48 -19.80 42.83 -47.97
C GLU O 48 -19.04 41.50 -47.88
N ARG O 49 -19.80 40.42 -47.93
CA ARG O 49 -19.27 39.07 -47.82
C ARG O 49 -19.29 38.45 -49.21
N ASP O 50 -18.14 37.93 -49.65
CA ASP O 50 -18.07 37.20 -50.91
C ASP O 50 -16.79 36.38 -50.87
N GLU O 51 -16.94 35.06 -50.76
CA GLU O 51 -15.81 34.18 -50.49
C GLU O 51 -14.83 34.08 -51.64
N PHE O 52 -15.23 34.45 -52.86
CA PHE O 52 -14.30 34.33 -53.97
C PHE O 52 -13.04 35.15 -53.73
N LEU O 53 -13.21 36.38 -53.24
CA LEU O 53 -12.06 37.21 -52.91
C LEU O 53 -11.21 36.57 -51.81
N VAL O 54 -11.86 35.96 -50.82
CA VAL O 54 -11.11 35.32 -49.75
C VAL O 54 -10.27 34.19 -50.31
N ALA O 55 -10.86 33.37 -51.17
CA ALA O 55 -10.12 32.27 -51.77
C ALA O 55 -8.98 32.78 -52.63
N GLU O 56 -9.21 33.84 -53.39
CA GLU O 56 -8.14 34.39 -54.21
C GLU O 56 -7.01 34.91 -53.34
N LYS O 57 -7.34 35.58 -52.24
CA LYS O 57 -6.30 36.02 -51.32
C LYS O 57 -5.55 34.83 -50.74
N ILE O 58 -6.27 33.76 -50.40
CA ILE O 58 -5.63 32.59 -49.84
C ILE O 58 -4.65 32.00 -50.85
N LYS O 59 -5.08 31.89 -52.11
CA LYS O 59 -4.21 31.34 -53.14
C LYS O 59 -2.98 32.23 -53.35
N LYS O 60 -3.17 33.54 -53.34
CA LYS O 60 -2.04 34.44 -53.48
C LYS O 60 -1.07 34.27 -52.32
N GLU O 61 -1.59 34.15 -51.11
CA GLU O 61 -0.72 33.95 -49.95
C GLU O 61 0.05 32.64 -50.07
N LEU O 62 -0.63 31.57 -50.51
CA LEU O 62 0.06 30.31 -50.67
C LEU O 62 1.17 30.42 -51.72
N THR O 63 0.89 31.10 -52.82
CA THR O 63 1.93 31.27 -53.82
C THR O 63 3.09 32.06 -53.24
N ARG O 64 2.79 33.12 -52.49
CA ARG O 64 3.86 33.88 -51.86
C ARG O 64 4.63 33.00 -50.89
N GLN O 65 4.00 31.94 -50.39
CA GLN O 65 4.68 31.02 -49.51
C GLN O 65 5.28 29.84 -50.27
N ARG O 66 5.28 29.91 -51.60
CA ARG O 66 5.91 28.89 -52.44
C ARG O 66 5.29 27.51 -52.19
N ARG O 67 3.97 27.45 -52.20
CA ARG O 67 3.23 26.22 -51.94
C ARG O 67 2.12 26.04 -52.97
N GLU O 68 2.45 26.18 -54.26
CA GLU O 68 1.41 26.16 -55.28
C GLU O 68 0.65 24.82 -55.30
N ALA O 69 1.35 23.72 -55.04
CA ALA O 69 0.64 22.45 -54.89
C ALA O 69 -0.34 22.50 -53.73
N ASP O 70 0.06 23.10 -52.61
CA ASP O 70 -0.89 23.28 -51.51
C ASP O 70 -2.02 24.21 -51.92
N ALA O 71 -1.75 25.17 -52.81
CA ALA O 71 -2.80 26.05 -53.30
C ALA O 71 -3.84 25.25 -54.09
N ALA O 72 -3.36 24.35 -54.95
CA ALA O 72 -4.30 23.51 -55.69
C ALA O 72 -5.09 22.64 -54.73
N LEU O 73 -4.43 22.12 -53.69
CA LEU O 73 -5.15 21.33 -52.70
C LEU O 73 -6.21 22.17 -52.01
N PHE O 74 -5.88 23.41 -51.68
CA PHE O 74 -6.85 24.29 -51.04
C PHE O 74 -8.02 24.57 -51.97
N SER O 75 -7.76 24.77 -53.25
CA SER O 75 -8.85 24.96 -54.19
C SER O 75 -9.75 23.72 -54.23
N GLU O 76 -9.13 22.54 -54.24
CA GLU O 76 -9.93 21.32 -54.22
C GLU O 76 -10.77 21.24 -52.95
N LEU O 77 -10.17 21.58 -51.81
CA LEU O 77 -10.90 21.48 -50.55
C LEU O 77 -12.03 22.50 -50.48
N HIS O 78 -11.80 23.69 -51.02
CA HIS O 78 -12.87 24.68 -51.10
C HIS O 78 -14.00 24.18 -51.96
N ARG O 79 -13.68 23.55 -53.09
CA ARG O 79 -14.72 22.94 -53.90
C ARG O 79 -15.50 21.91 -53.10
N LYS O 80 -14.78 21.02 -52.41
CA LYS O 80 -15.45 19.99 -51.62
C LYS O 80 -16.38 20.61 -50.58
N LEU O 81 -15.90 21.62 -49.87
CA LEU O 81 -16.71 22.24 -48.83
C LEU O 81 -17.97 22.87 -49.43
N HIS O 82 -17.80 23.66 -50.49
CA HIS O 82 -18.98 24.33 -51.02
C HIS O 82 -19.91 23.33 -51.66
N SER O 83 -19.39 22.17 -52.06
CA SER O 83 -20.25 21.14 -52.62
C SER O 83 -21.12 20.55 -51.53
N GLN O 84 -20.49 20.20 -50.40
CA GLN O 84 -21.20 19.66 -49.26
C GLN O 84 -21.64 20.76 -48.30
N GLY O 85 -21.97 21.93 -48.83
CA GLY O 85 -22.26 23.11 -48.03
C GLY O 85 -23.30 22.89 -46.94
N VAL O 86 -22.89 23.11 -45.70
CA VAL O 86 -23.78 23.07 -44.55
C VAL O 86 -23.61 24.38 -43.77
N LEU O 87 -22.63 25.18 -44.14
CA LEU O 87 -22.35 26.46 -43.49
C LEU O 87 -22.84 27.60 -44.37
N LYS O 88 -23.51 28.57 -43.74
CA LYS O 88 -24.09 29.70 -44.46
C LYS O 88 -23.27 30.98 -44.33
N ASN O 89 -22.28 31.01 -43.44
CA ASN O 89 -21.47 32.20 -43.22
C ASN O 89 -20.00 31.90 -43.44
N LYS O 90 -19.69 31.24 -44.56
CA LYS O 90 -18.31 30.83 -44.81
C LYS O 90 -17.35 32.01 -44.82
N TRP O 91 -17.73 33.10 -45.47
CA TRP O 91 -16.87 34.28 -45.55
C TRP O 91 -16.19 34.55 -44.21
N SER O 92 -16.96 34.47 -43.14
CA SER O 92 -16.41 34.75 -41.82
C SER O 92 -15.35 33.74 -41.43
N ILE O 93 -15.63 32.44 -41.61
CA ILE O 93 -14.66 31.44 -41.18
C ILE O 93 -13.41 31.49 -42.04
N LEU O 94 -13.59 31.76 -43.33
CA LEU O 94 -12.44 31.92 -44.20
C LEU O 94 -11.59 33.10 -43.77
N TYR O 95 -12.23 34.23 -43.43
CA TYR O 95 -11.46 35.38 -42.98
C TYR O 95 -10.74 35.07 -41.68
N LEU O 96 -11.41 34.37 -40.77
CA LEU O 96 -10.76 33.95 -39.52
C LEU O 96 -9.53 33.11 -39.79
N LEU O 97 -9.68 32.08 -40.60
CA LEU O 97 -8.55 31.21 -40.89
C LEU O 97 -7.43 31.98 -41.57
N LEU O 98 -7.78 32.89 -42.48
CA LEU O 98 -6.76 33.70 -43.13
C LEU O 98 -6.02 34.55 -42.11
N SER O 99 -6.75 35.17 -41.19
CA SER O 99 -6.12 36.00 -40.19
C SER O 99 -5.27 35.17 -39.25
N LEU O 100 -5.57 33.89 -39.13
CA LEU O 100 -4.83 33.03 -38.22
C LEU O 100 -3.75 32.24 -38.93
N SER O 101 -3.59 32.43 -40.23
CA SER O 101 -2.61 31.66 -40.98
C SER O 101 -1.20 32.08 -40.60
N GLU O 102 -0.30 31.11 -40.50
CA GLU O 102 1.12 31.37 -40.29
C GLU O 102 1.96 30.76 -41.41
N ASP O 103 3.26 31.03 -41.36
CA ASP O 103 4.22 30.58 -42.37
C ASP O 103 5.33 29.82 -41.65
N PRO O 104 5.20 28.52 -41.45
CA PRO O 104 6.28 27.78 -40.79
C PRO O 104 7.36 27.31 -41.76
N ARG O 105 7.06 27.29 -43.05
CA ARG O 105 7.97 26.71 -44.03
C ARG O 105 8.88 27.74 -44.69
N LYS O 106 8.87 28.99 -44.23
CA LYS O 106 9.73 30.00 -44.84
C LYS O 106 10.01 31.10 -43.84
N GLN O 107 11.13 31.79 -44.07
CA GLN O 107 11.51 32.90 -43.21
C GLN O 107 10.49 34.02 -43.31
N PRO O 108 10.19 34.70 -42.20
CA PRO O 108 9.11 35.71 -42.21
C PRO O 108 9.45 36.99 -42.95
N SER O 109 8.90 37.20 -44.14
CA SER O 109 9.07 38.47 -44.84
C SER O 109 8.12 38.59 -46.04
N LYS O 110 7.41 39.71 -46.12
CA LYS O 110 6.39 39.94 -47.15
C LYS O 110 6.50 41.34 -47.73
N VAL O 111 6.34 41.44 -49.05
CA VAL O 111 6.25 42.75 -49.71
C VAL O 111 4.85 43.31 -49.50
N SER O 112 4.78 44.59 -49.15
CA SER O 112 3.50 45.22 -48.83
C SER O 112 2.53 45.20 -50.01
N GLY O 113 1.29 44.77 -49.73
CA GLY O 113 0.21 44.82 -50.69
C GLY O 113 -0.52 46.16 -50.62
N TYR O 114 -1.31 46.46 -51.65
CA TYR O 114 -1.96 47.76 -51.74
C TYR O 114 -3.47 47.61 -51.83
N ALA O 115 -4.19 48.50 -51.14
CA ALA O 115 -5.64 48.49 -51.14
C ALA O 115 -6.24 49.70 -51.85
N ALA O 116 -5.40 50.57 -52.41
CA ALA O 116 -5.85 51.69 -53.22
C ALA O 116 -5.27 51.63 -54.61
N LEU O 117 -4.10 51.00 -54.75
CA LEU O 117 -3.59 50.62 -56.06
C LEU O 117 -4.25 49.32 -56.44
N PHE O 118 -4.19 48.35 -55.54
CA PHE O 118 -4.91 47.10 -55.69
C PHE O 118 -6.33 47.29 -55.15
N ALA O 119 -7.19 46.36 -55.50
CA ALA O 119 -8.60 46.44 -55.15
C ALA O 119 -8.82 46.42 -53.64
N GLN O 120 -9.88 47.09 -53.21
CA GLN O 120 -10.28 47.17 -51.81
C GLN O 120 -11.77 46.91 -51.76
N ALA O 121 -12.22 46.32 -50.67
CA ALA O 121 -13.65 46.03 -50.54
C ALA O 121 -14.53 47.26 -50.38
N LEU O 122 -15.65 47.24 -51.09
CA LEU O 122 -16.59 48.35 -51.07
C LEU O 122 -17.33 48.28 -49.74
N PRO O 123 -17.38 49.35 -48.95
CA PRO O 123 -18.10 49.24 -47.68
C PRO O 123 -19.57 48.95 -47.90
N ARG O 124 -20.15 48.20 -46.96
CA ARG O 124 -21.56 47.87 -47.01
C ARG O 124 -22.40 49.03 -46.51
N GLY O 244 -38.02 30.67 -82.26
CA GLY O 244 -37.15 31.49 -81.43
C GLY O 244 -35.71 31.04 -81.50
N ALA O 245 -34.81 32.00 -81.76
CA ALA O 245 -33.38 31.70 -81.80
C ALA O 245 -32.94 31.00 -80.52
N VAL O 246 -31.83 30.29 -80.59
CA VAL O 246 -31.20 29.69 -79.41
C VAL O 246 -30.13 30.65 -78.94
N GLU O 247 -30.30 31.19 -77.74
CA GLU O 247 -29.24 31.87 -77.02
C GLU O 247 -28.75 30.97 -75.90
N VAL O 248 -27.45 30.76 -75.85
CA VAL O 248 -26.86 29.77 -74.95
C VAL O 248 -26.70 30.40 -73.58
N THR O 249 -27.14 29.68 -72.54
CA THR O 249 -27.11 30.25 -71.22
C THR O 249 -25.68 30.41 -70.76
N GLU O 250 -25.49 31.18 -69.69
CA GLU O 250 -24.14 31.35 -69.16
C GLU O 250 -23.57 30.03 -68.69
N ALA O 251 -24.38 29.22 -68.01
CA ALA O 251 -23.94 27.90 -67.58
C ALA O 251 -23.60 27.02 -68.77
N ALA O 252 -24.42 27.06 -69.82
CA ALA O 252 -24.15 26.21 -70.97
C ALA O 252 -22.90 26.67 -71.71
N LEU O 253 -22.70 27.98 -71.78
CA LEU O 253 -21.48 28.49 -72.39
C LEU O 253 -20.27 28.11 -71.56
N VAL O 254 -20.43 28.10 -70.23
CA VAL O 254 -19.34 27.68 -69.36
C VAL O 254 -19.01 26.22 -69.62
N ARG O 255 -20.03 25.38 -69.74
CA ARG O 255 -19.78 23.96 -69.99
C ARG O 255 -19.09 23.76 -71.34
N ASP O 256 -19.54 24.48 -72.36
CA ASP O 256 -18.94 24.32 -73.67
C ASP O 256 -17.50 24.82 -73.68
N ILE O 257 -17.24 25.96 -73.03
CA ILE O 257 -15.88 26.47 -72.98
C ILE O 257 -14.99 25.59 -72.14
N LEU O 258 -15.52 24.93 -71.11
CA LEU O 258 -14.70 24.00 -70.36
C LEU O 258 -14.35 22.77 -71.18
N TYR O 259 -15.28 22.32 -72.03
CA TYR O 259 -14.91 21.30 -72.99
C TYR O 259 -13.86 21.82 -73.96
N VAL O 260 -14.00 23.06 -74.41
CA VAL O 260 -13.00 23.62 -75.31
C VAL O 260 -11.65 23.67 -74.63
N PHE O 261 -11.63 23.97 -73.33
CA PHE O 261 -10.37 24.04 -72.62
C PHE O 261 -9.77 22.66 -72.52
N GLN O 262 -10.60 21.64 -72.41
CA GLN O 262 -10.06 20.29 -72.31
C GLN O 262 -9.47 19.82 -73.62
N GLY O 263 -9.51 20.65 -74.66
CA GLY O 263 -8.93 20.32 -75.94
C GLY O 263 -9.88 19.66 -76.91
N ILE O 264 -11.15 19.52 -76.55
CA ILE O 264 -12.16 18.95 -77.43
C ILE O 264 -13.32 19.92 -77.55
N ASP O 265 -13.71 20.22 -78.78
CA ASP O 265 -14.62 21.34 -79.02
C ASP O 265 -15.95 21.11 -78.31
N GLY O 266 -16.72 22.19 -78.17
CA GLY O 266 -17.98 22.17 -77.46
C GLY O 266 -19.14 21.71 -78.31
N LYS O 267 -20.35 22.16 -77.94
CA LYS O 267 -21.55 21.93 -78.73
C LYS O 267 -22.04 23.17 -79.46
N HIS O 268 -21.58 24.35 -79.07
CA HIS O 268 -21.95 25.59 -79.74
C HIS O 268 -20.75 26.44 -80.11
N VAL O 269 -19.59 26.20 -79.49
CA VAL O 269 -18.32 26.83 -79.83
C VAL O 269 -17.41 25.73 -80.34
N LYS O 270 -16.90 25.90 -81.56
CA LYS O 270 -16.19 24.83 -82.24
C LYS O 270 -14.90 25.38 -82.82
N MET O 271 -13.88 24.53 -82.88
CA MET O 271 -12.61 24.94 -83.47
C MET O 271 -12.83 25.19 -84.95
N SER O 272 -12.72 26.46 -85.35
CA SER O 272 -12.49 26.82 -86.74
C SER O 272 -11.06 26.45 -87.10
N ASN O 273 -10.94 25.41 -87.94
CA ASN O 273 -9.67 24.94 -88.46
C ASN O 273 -9.26 25.68 -89.72
N ALA O 274 -9.92 26.81 -90.02
CA ALA O 274 -9.47 27.69 -91.07
C ALA O 274 -8.84 28.94 -90.49
N ASP O 275 -8.82 29.03 -89.17
CA ASP O 275 -8.02 30.01 -88.45
C ASP O 275 -7.17 29.34 -87.37
N ASN O 276 -7.45 28.08 -87.03
CA ASN O 276 -6.72 27.36 -85.99
C ASN O 276 -7.08 27.96 -84.63
N CYS O 277 -8.34 28.34 -84.47
CA CYS O 277 -8.81 28.75 -83.15
C CYS O 277 -10.31 28.46 -83.05
N TYR O 278 -10.81 28.43 -81.82
CA TYR O 278 -12.21 28.11 -81.61
C TYR O 278 -13.05 29.36 -81.80
N THR O 279 -14.02 29.27 -82.70
CA THR O 279 -14.99 30.32 -82.92
C THR O 279 -16.35 29.87 -82.41
N VAL O 280 -17.11 30.81 -81.86
CA VAL O 280 -18.46 30.55 -81.40
C VAL O 280 -19.40 30.65 -82.59
N GLU O 281 -20.23 29.63 -82.79
CA GLU O 281 -21.10 29.64 -83.95
C GLU O 281 -22.03 30.85 -83.88
N GLY O 282 -22.48 31.30 -85.05
CA GLY O 282 -23.47 32.35 -85.10
C GLY O 282 -24.90 31.87 -85.14
N LYS O 283 -25.11 30.56 -85.33
CA LYS O 283 -26.46 30.02 -85.23
C LYS O 283 -27.04 30.28 -83.84
N ALA O 284 -26.22 30.14 -82.80
CA ALA O 284 -26.59 30.58 -81.48
C ALA O 284 -26.28 32.06 -81.32
N ASN O 285 -27.19 32.77 -80.66
CA ASN O 285 -27.08 34.21 -80.45
C ASN O 285 -26.56 34.46 -79.04
N LEU O 286 -25.34 34.98 -78.94
CA LEU O 286 -24.76 35.41 -77.68
C LEU O 286 -24.27 36.84 -77.85
N SER O 287 -24.20 37.56 -76.73
CA SER O 287 -23.75 38.94 -76.83
C SER O 287 -22.31 39.02 -77.30
N LYS O 288 -21.93 40.22 -77.74
CA LYS O 288 -20.61 40.39 -78.32
C LYS O 288 -19.55 40.11 -77.27
N SER O 289 -19.79 40.57 -76.04
CA SER O 289 -18.80 40.41 -74.99
C SER O 289 -18.65 38.94 -74.64
N LEU O 290 -19.75 38.22 -74.56
CA LEU O 290 -19.67 36.80 -74.26
C LEU O 290 -18.88 36.08 -75.34
N ARG O 291 -19.16 36.37 -76.61
CA ARG O 291 -18.41 35.73 -77.68
C ARG O 291 -16.94 36.10 -77.63
N ASP O 292 -16.64 37.36 -77.32
CA ASP O 292 -15.26 37.80 -77.24
C ASP O 292 -14.53 37.09 -76.11
N THR O 293 -15.17 37.00 -74.95
CA THR O 293 -14.58 36.27 -73.84
C THR O 293 -14.34 34.82 -74.22
N ALA O 294 -15.29 34.23 -74.92
CA ALA O 294 -15.13 32.85 -75.32
C ALA O 294 -13.91 32.70 -76.20
N VAL O 295 -13.73 33.62 -77.14
CA VAL O 295 -12.57 33.56 -78.03
C VAL O 295 -11.28 33.74 -77.23
N ARG O 296 -11.27 34.73 -76.34
CA ARG O 296 -10.09 34.97 -75.52
C ARG O 296 -9.73 33.75 -74.71
N LEU O 297 -10.73 32.96 -74.33
CA LEU O 297 -10.43 31.77 -73.54
C LEU O 297 -10.00 30.61 -74.42
N ALA O 298 -10.62 30.48 -75.60
CA ALA O 298 -10.26 29.41 -76.52
C ALA O 298 -8.88 29.60 -77.10
N GLU O 299 -8.30 30.79 -77.00
CA GLU O 299 -6.88 30.91 -77.27
C GLU O 299 -6.11 29.86 -76.48
N LEU O 300 -6.52 29.65 -75.22
CA LEU O 300 -5.87 28.66 -74.39
C LEU O 300 -6.06 27.28 -74.96
N GLY O 301 -7.26 26.97 -75.46
CA GLY O 301 -7.46 25.68 -76.09
C GLY O 301 -6.61 25.49 -77.32
N TRP O 302 -6.39 26.56 -78.09
CA TRP O 302 -5.49 26.48 -79.23
C TRP O 302 -4.09 26.08 -78.78
N LEU O 303 -3.57 26.79 -77.79
CA LEU O 303 -2.24 26.46 -77.30
C LEU O 303 -2.20 25.05 -76.73
N HIS O 304 -3.23 24.69 -75.96
CA HIS O 304 -3.36 23.33 -75.44
C HIS O 304 -3.23 22.31 -76.56
N ASN O 305 -3.99 22.48 -77.63
CA ASN O 305 -4.02 21.46 -78.65
C ASN O 305 -2.70 21.42 -79.41
N LYS O 306 -2.07 22.57 -79.59
CA LYS O 306 -0.75 22.58 -80.22
C LYS O 306 0.25 21.80 -79.38
N ILE O 307 0.34 22.13 -78.09
CA ILE O 307 1.25 21.41 -77.20
C ILE O 307 0.92 19.93 -77.17
N ARG O 308 -0.36 19.59 -77.16
CA ARG O 308 -0.76 18.19 -77.12
C ARG O 308 -0.28 17.45 -78.35
N LYS O 309 -0.55 18.01 -79.53
CA LYS O 309 -0.13 17.34 -80.76
C LYS O 309 1.38 17.18 -80.80
N TYR O 310 2.10 18.24 -80.42
CA TYR O 310 3.56 18.15 -80.46
C TYR O 310 4.05 17.05 -79.52
N THR O 311 3.49 16.98 -78.32
CA THR O 311 3.96 16.00 -77.37
C THR O 311 3.64 14.59 -77.84
N ASP O 312 2.42 14.37 -78.31
CA ASP O 312 2.04 13.05 -78.81
C ASP O 312 2.96 12.62 -79.94
N GLN O 313 3.18 13.50 -80.92
CA GLN O 313 3.93 13.09 -82.08
C GLN O 313 5.38 12.80 -81.71
N ARG O 314 6.03 13.75 -81.03
CA ARG O 314 7.45 13.59 -80.75
C ARG O 314 7.72 12.50 -79.73
N SER O 315 6.71 12.10 -78.95
CA SER O 315 6.95 11.13 -77.90
C SER O 315 7.25 9.73 -78.44
N LEU O 316 6.80 9.41 -79.66
CA LEU O 316 6.98 8.07 -80.18
C LEU O 316 8.32 7.84 -80.90
N ASP O 317 9.08 8.87 -81.23
CA ASP O 317 10.28 8.68 -82.05
C ASP O 317 11.47 8.41 -81.13
N ARG O 318 11.89 7.15 -81.06
CA ARG O 318 13.13 6.82 -80.37
C ARG O 318 14.32 7.53 -80.99
N SER O 319 14.22 7.89 -82.27
CA SER O 319 15.30 8.58 -82.94
C SER O 319 15.53 9.97 -82.38
N PHE O 320 14.52 10.56 -81.74
CA PHE O 320 14.66 11.90 -81.21
C PHE O 320 15.57 11.95 -80.00
N GLY O 321 15.93 10.80 -79.43
CA GLY O 321 16.91 10.76 -78.38
C GLY O 321 16.32 10.94 -77.00
N LEU O 322 17.16 10.66 -76.01
CA LEU O 322 16.74 10.69 -74.62
C LEU O 322 16.35 12.11 -74.21
N VAL O 323 17.10 13.10 -74.70
CA VAL O 323 16.76 14.48 -74.39
C VAL O 323 15.39 14.85 -74.93
N GLY O 324 15.09 14.44 -76.16
CA GLY O 324 13.77 14.70 -76.68
C GLY O 324 12.68 14.01 -75.89
N GLN O 325 12.93 12.77 -75.50
CA GLN O 325 11.92 12.08 -74.70
C GLN O 325 11.74 12.75 -73.35
N SER O 326 12.81 13.24 -72.74
CA SER O 326 12.68 13.93 -71.46
C SER O 326 11.93 15.24 -71.62
N PHE O 327 12.17 15.96 -72.71
CA PHE O 327 11.38 17.16 -72.96
C PHE O 327 9.90 16.81 -73.08
N CYS O 328 9.59 15.74 -73.79
CA CYS O 328 8.20 15.34 -73.90
C CYS O 328 7.61 14.97 -72.55
N ALA O 329 8.40 14.31 -71.70
CA ALA O 329 7.91 13.95 -70.38
C ALA O 329 7.62 15.18 -69.52
N ALA O 330 8.54 16.14 -69.52
CA ALA O 330 8.28 17.36 -68.76
C ALA O 330 7.02 18.05 -69.25
N LEU O 331 6.82 18.07 -70.57
CA LEU O 331 5.66 18.76 -71.09
C LEU O 331 4.39 18.02 -70.70
N HIS O 332 4.40 16.70 -70.80
CA HIS O 332 3.30 15.90 -70.28
C HIS O 332 2.99 16.26 -68.84
N GLN O 333 4.01 16.41 -68.00
CA GLN O 333 3.78 16.69 -66.59
C GLN O 333 3.08 18.04 -66.40
N GLU O 334 3.60 19.07 -67.05
CA GLU O 334 2.93 20.38 -66.96
C GLU O 334 1.52 20.31 -67.52
N LEU O 335 1.32 19.55 -68.59
CA LEU O 335 0.00 19.43 -69.16
C LEU O 335 -0.94 18.78 -68.16
N ARG O 336 -0.44 17.80 -67.41
CA ARG O 336 -1.27 17.13 -66.43
C ARG O 336 -1.63 18.06 -65.27
N GLU O 337 -0.70 18.92 -64.85
CA GLU O 337 -1.08 19.94 -63.88
C GLU O 337 -2.21 20.81 -64.39
N TYR O 338 -2.08 21.27 -65.63
CA TYR O 338 -3.15 22.08 -66.22
C TYR O 338 -4.45 21.32 -66.25
N TYR O 339 -4.39 20.04 -66.64
CA TYR O 339 -5.60 19.24 -66.71
C TYR O 339 -6.19 19.04 -65.33
N ARG O 340 -5.36 18.92 -64.29
CA ARG O 340 -5.90 18.74 -62.95
C ARG O 340 -6.64 19.98 -62.49
N LEU O 341 -6.16 21.15 -62.90
CA LEU O 341 -6.93 22.35 -62.57
C LEU O 341 -8.20 22.41 -63.39
N LEU O 342 -8.12 22.01 -64.67
CA LEU O 342 -9.32 22.03 -65.49
C LEU O 342 -10.36 21.08 -64.91
N SER O 343 -9.92 19.93 -64.40
CA SER O 343 -10.82 18.97 -63.79
C SER O 343 -11.40 19.50 -62.50
N VAL O 344 -10.64 20.30 -61.75
CA VAL O 344 -11.23 20.95 -60.58
C VAL O 344 -12.36 21.85 -61.05
N LEU O 345 -12.14 22.59 -62.12
CA LEU O 345 -13.13 23.57 -62.53
C LEU O 345 -14.37 22.87 -63.07
N HIS O 346 -14.16 21.76 -63.79
CA HIS O 346 -15.26 20.93 -64.23
C HIS O 346 -16.06 20.43 -63.03
N SER O 347 -15.39 19.81 -62.06
CA SER O 347 -16.06 19.28 -60.88
C SER O 347 -16.88 20.36 -60.18
N GLN O 348 -16.32 21.57 -60.07
CA GLN O 348 -17.08 22.65 -59.47
C GLN O 348 -18.31 22.98 -60.28
N LEU O 349 -18.17 23.02 -61.60
CA LEU O 349 -19.35 23.27 -62.43
C LEU O 349 -20.41 22.21 -62.20
N GLN O 350 -19.99 20.95 -62.12
CA GLN O 350 -20.99 19.90 -61.98
C GLN O 350 -21.61 19.92 -60.59
N LEU O 351 -20.84 20.35 -59.59
CA LEU O 351 -21.43 20.49 -58.26
C LEU O 351 -22.46 21.61 -58.29
N GLU O 352 -22.22 22.60 -59.14
CA GLU O 352 -23.21 23.65 -59.32
C GLU O 352 -24.43 23.05 -59.99
N ASP O 353 -24.22 22.07 -60.85
CA ASP O 353 -25.30 21.37 -61.50
C ASP O 353 -25.99 20.49 -60.48
N LEU O 365 -19.99 30.18 -60.01
CA LEU O 365 -19.12 30.29 -61.18
C LEU O 365 -19.72 31.23 -62.22
N THR O 366 -18.93 32.20 -62.65
CA THR O 366 -19.29 33.07 -63.76
C THR O 366 -18.14 33.16 -64.74
N LEU O 367 -18.46 33.58 -65.96
CA LEU O 367 -17.45 33.63 -67.01
C LEU O 367 -16.28 34.49 -66.58
N ARG O 368 -16.53 35.58 -65.85
CA ARG O 368 -15.44 36.47 -65.49
C ARG O 368 -14.56 35.81 -64.43
N ARG O 369 -15.19 35.11 -63.48
CA ARG O 369 -14.41 34.40 -62.49
C ARG O 369 -13.58 33.32 -63.16
N LEU O 370 -14.13 32.71 -64.21
CA LEU O 370 -13.38 31.70 -64.95
C LEU O 370 -12.21 32.32 -65.69
N LEU O 371 -12.40 33.52 -66.23
CA LEU O 371 -11.28 34.23 -66.85
C LEU O 371 -10.18 34.48 -65.84
N VAL O 372 -10.57 34.88 -64.64
CA VAL O 372 -9.57 35.15 -63.61
C VAL O 372 -8.85 33.86 -63.23
N TRP O 373 -9.61 32.78 -63.05
CA TRP O 373 -8.98 31.50 -62.76
C TRP O 373 -8.06 31.05 -63.89
N THR O 374 -8.37 31.38 -65.13
CA THR O 374 -7.55 30.97 -66.27
C THR O 374 -6.41 31.91 -66.60
N TYR O 375 -6.30 33.06 -65.92
CA TYR O 375 -5.22 33.97 -66.27
C TYR O 375 -3.85 33.32 -66.10
N ASP O 376 -3.59 32.70 -64.96
CA ASP O 376 -2.29 32.11 -64.69
C ASP O 376 -2.00 30.93 -65.61
N PRO O 377 -2.98 30.07 -65.85
CA PRO O 377 -2.78 29.05 -66.88
C PRO O 377 -2.40 29.65 -68.22
N LYS O 378 -2.95 30.82 -68.55
CA LYS O 378 -2.63 31.40 -69.84
C LYS O 378 -1.16 31.72 -69.92
N MET O 379 -0.61 32.32 -68.85
CA MET O 379 0.81 32.63 -68.84
C MET O 379 1.65 31.37 -68.96
N ARG O 380 1.37 30.37 -68.10
CA ARG O 380 2.19 29.17 -68.10
C ARG O 380 2.19 28.52 -69.48
N LEU O 381 1.01 28.27 -70.03
CA LEU O 381 0.96 27.54 -71.29
C LEU O 381 1.46 28.39 -72.46
N LYS O 382 1.33 29.71 -72.38
CA LYS O 382 1.92 30.55 -73.41
C LYS O 382 3.43 30.40 -73.41
N THR O 383 4.04 30.46 -72.23
CA THR O 383 5.48 30.30 -72.15
C THR O 383 5.90 28.93 -72.66
N LEU O 384 5.16 27.89 -72.30
CA LEU O 384 5.55 26.55 -72.73
C LEU O 384 5.42 26.39 -74.24
N ALA O 385 4.34 26.90 -74.83
CA ALA O 385 4.17 26.79 -76.27
C ALA O 385 5.25 27.57 -77.01
N ALA O 386 5.61 28.74 -76.50
CA ALA O 386 6.65 29.50 -77.15
C ALA O 386 7.99 28.80 -77.06
N LEU O 387 8.31 28.24 -75.89
CA LEU O 387 9.50 27.41 -75.78
C LEU O 387 9.48 26.27 -76.79
N VAL O 388 8.34 25.60 -76.93
CA VAL O 388 8.26 24.46 -77.85
C VAL O 388 8.52 24.93 -79.28
N ASP O 389 7.90 26.02 -79.68
CA ASP O 389 8.08 26.49 -81.05
C ASP O 389 9.53 26.87 -81.30
N HIS O 390 10.15 27.58 -80.37
CA HIS O 390 11.54 27.95 -80.61
C HIS O 390 12.46 26.75 -80.53
N CYS O 391 12.07 25.72 -79.79
CA CYS O 391 12.88 24.54 -79.57
C CYS O 391 12.61 23.44 -80.59
N GLN O 392 11.81 23.71 -81.60
CA GLN O 392 11.52 22.69 -82.59
C GLN O 392 12.65 22.61 -83.61
N GLY O 393 12.91 21.39 -84.09
CA GLY O 393 14.02 21.18 -85.00
C GLY O 393 15.42 21.17 -84.41
N ARG O 394 15.57 20.82 -83.14
CA ARG O 394 16.89 20.75 -82.52
C ARG O 394 16.94 19.51 -81.64
N LYS O 395 18.16 19.02 -81.40
CA LYS O 395 18.33 17.79 -80.65
C LYS O 395 19.65 17.82 -79.87
N GLY O 396 19.68 17.03 -78.80
CA GLY O 396 20.92 16.83 -78.07
C GLY O 396 21.44 18.14 -77.52
N GLY O 397 22.71 18.41 -77.76
CA GLY O 397 23.28 19.60 -77.17
C GLY O 397 22.68 20.85 -77.74
N GLU O 398 22.07 20.76 -78.92
CA GLU O 398 21.30 21.89 -79.42
C GLU O 398 20.05 22.09 -78.57
N LEU O 399 19.45 21.00 -78.11
CA LEU O 399 18.31 21.12 -77.21
C LEU O 399 18.75 21.76 -75.91
N ALA O 400 19.87 21.29 -75.35
CA ALA O 400 20.35 21.83 -74.09
C ALA O 400 20.64 23.32 -74.21
N SER O 401 21.28 23.72 -75.29
CA SER O 401 21.49 25.14 -75.55
C SER O 401 20.16 25.87 -75.69
N ALA O 402 19.20 25.29 -76.40
CA ALA O 402 17.93 25.96 -76.61
C ALA O 402 17.27 26.26 -75.27
N VAL O 403 17.29 25.29 -74.35
CA VAL O 403 16.72 25.53 -73.04
C VAL O 403 17.53 26.59 -72.29
N HIS O 404 18.86 26.51 -72.34
CA HIS O 404 19.62 27.48 -71.58
C HIS O 404 19.36 28.88 -72.12
N ALA O 405 19.03 28.98 -73.41
CA ALA O 405 18.71 30.28 -73.98
C ALA O 405 17.37 30.79 -73.46
N TYR O 406 16.43 29.89 -73.18
CA TYR O 406 15.14 30.33 -72.73
C TYR O 406 15.21 30.72 -71.27
N THR O 407 16.22 30.20 -70.57
CA THR O 407 16.45 30.58 -69.19
C THR O 407 16.67 32.09 -69.02
N LYS O 408 17.04 32.79 -70.07
CA LYS O 408 17.32 34.23 -70.00
C LYS O 408 16.08 35.10 -69.85
N THR O 409 14.88 34.53 -69.90
CA THR O 409 13.67 35.31 -69.67
C THR O 409 13.72 36.06 -68.36
N GLY O 410 13.16 37.27 -68.36
CA GLY O 410 13.12 38.11 -67.17
C GLY O 410 11.88 37.95 -66.31
N ASP O 411 10.82 37.33 -66.84
CA ASP O 411 9.65 37.06 -66.02
C ASP O 411 9.93 35.93 -65.04
N PRO O 412 9.71 36.13 -63.74
CA PRO O 412 10.16 35.11 -62.79
C PRO O 412 9.33 33.84 -62.82
N TYR O 413 8.02 33.93 -63.08
CA TYR O 413 7.23 32.71 -63.19
C TYR O 413 7.76 31.85 -64.33
N ALA O 414 7.94 32.48 -65.49
CA ALA O 414 8.53 31.78 -66.62
C ALA O 414 9.92 31.28 -66.25
N ARG O 415 10.70 32.10 -65.56
CA ARG O 415 12.07 31.72 -65.25
C ARG O 415 12.08 30.43 -64.45
N SER O 416 11.24 30.34 -63.43
CA SER O 416 11.21 29.15 -62.60
C SER O 416 10.74 27.94 -63.39
N LEU O 417 9.68 28.10 -64.19
CA LEU O 417 9.23 26.99 -65.03
C LEU O 417 10.37 26.49 -65.89
N VAL O 418 11.06 27.42 -66.57
CA VAL O 418 12.08 27.01 -67.52
C VAL O 418 13.28 26.42 -66.80
N GLN O 419 13.56 26.88 -65.58
CA GLN O 419 14.70 26.32 -64.87
C GLN O 419 14.41 24.89 -64.43
N HIS O 420 13.17 24.64 -64.01
CA HIS O 420 12.79 23.26 -63.72
C HIS O 420 12.91 22.39 -64.97
N ILE O 421 12.38 22.89 -66.09
CA ILE O 421 12.45 22.11 -67.33
C ILE O 421 13.89 21.88 -67.74
N LEU O 422 14.76 22.86 -67.52
CA LEU O 422 16.16 22.72 -67.90
C LEU O 422 16.87 21.71 -67.02
N SER O 423 16.58 21.72 -65.72
CA SER O 423 17.16 20.69 -64.85
C SER O 423 16.72 19.30 -65.29
N LEU O 424 15.44 19.14 -65.58
CA LEU O 424 14.95 17.84 -66.03
C LEU O 424 15.61 17.44 -67.34
N VAL O 425 15.78 18.38 -68.26
CA VAL O 425 16.33 18.04 -69.56
C VAL O 425 17.82 17.79 -69.46
N SER O 426 18.48 18.38 -68.47
CA SER O 426 19.91 18.18 -68.35
C SER O 426 20.23 16.91 -67.58
N HIS O 427 19.30 16.41 -66.78
CA HIS O 427 19.58 15.18 -66.05
C HIS O 427 20.05 14.08 -66.99
N PRO O 428 19.42 13.85 -68.13
CA PRO O 428 19.98 12.84 -69.06
C PRO O 428 21.34 13.22 -69.62
N VAL O 429 21.48 14.45 -70.10
CA VAL O 429 22.77 14.90 -70.62
C VAL O 429 23.83 14.80 -69.53
N LEU O 430 23.49 15.18 -68.32
CA LEU O 430 24.46 15.11 -67.23
C LEU O 430 24.81 13.67 -66.95
N SER O 431 23.83 12.78 -67.06
CA SER O 431 24.10 11.37 -66.83
C SER O 431 25.06 10.82 -67.88
N PHE O 432 24.82 11.17 -69.15
CA PHE O 432 25.73 10.78 -70.21
C PHE O 432 27.15 11.27 -69.93
N LEU O 433 27.28 12.55 -69.57
CA LEU O 433 28.61 13.09 -69.34
C LEU O 433 29.27 12.42 -68.14
N TYR O 434 28.48 12.15 -67.10
CA TYR O 434 29.01 11.46 -65.93
C TYR O 434 29.51 10.08 -66.31
N ARG O 435 28.76 9.39 -67.16
CA ARG O 435 29.19 8.06 -67.59
C ARG O 435 30.46 8.16 -68.44
N TRP O 436 30.57 9.21 -69.26
CA TRP O 436 31.77 9.39 -70.06
C TRP O 436 32.97 9.72 -69.18
N ILE O 437 32.73 10.38 -68.06
CA ILE O 437 33.79 10.79 -67.17
C ILE O 437 34.19 9.69 -66.19
N TYR O 438 33.27 8.78 -65.89
CA TYR O 438 33.48 7.75 -64.89
C TYR O 438 33.74 6.38 -65.48
N ASP O 439 32.95 5.98 -66.47
CA ASP O 439 33.16 4.68 -67.09
C ASP O 439 34.27 4.73 -68.11
N GLY O 440 34.50 5.89 -68.71
CA GLY O 440 35.30 5.91 -69.90
C GLY O 440 34.62 5.10 -70.96
N GLU O 441 33.29 5.25 -71.06
CA GLU O 441 32.50 4.52 -72.04
C GLU O 441 31.34 5.39 -72.47
N LEU O 442 30.77 5.04 -73.61
CA LEU O 442 29.73 5.81 -74.26
C LEU O 442 28.53 4.91 -74.47
N GLU O 443 27.35 5.43 -74.16
CA GLU O 443 26.09 4.81 -74.57
C GLU O 443 25.46 5.56 -75.73
N ASP O 444 26.28 6.25 -76.51
CA ASP O 444 25.80 7.13 -77.57
C ASP O 444 25.47 6.29 -78.79
N THR O 445 24.19 5.95 -78.93
CA THR O 445 23.70 5.28 -80.13
C THR O 445 22.85 6.23 -80.97
N TYR O 446 22.48 7.38 -80.43
CA TYR O 446 21.79 8.42 -81.16
C TYR O 446 22.76 9.44 -81.71
N HIS O 447 23.96 9.51 -81.13
CA HIS O 447 24.95 10.53 -81.46
C HIS O 447 24.43 11.90 -81.06
N GLU O 448 24.13 12.03 -79.76
CA GLU O 448 23.80 13.30 -79.15
C GLU O 448 24.84 13.81 -78.16
N PHE O 449 25.83 13.00 -77.79
CA PHE O 449 26.83 13.40 -76.82
C PHE O 449 28.00 14.06 -77.54
N PHE O 450 28.58 15.07 -76.89
CA PHE O 450 29.59 15.88 -77.57
C PHE O 450 30.91 15.15 -77.77
N VAL O 451 31.09 13.97 -77.19
CA VAL O 451 32.26 13.14 -77.44
C VAL O 451 31.89 12.14 -78.52
N ALA O 452 32.55 12.21 -79.67
CA ALA O 452 32.42 11.19 -80.70
C ALA O 452 33.48 10.11 -80.49
N SER O 453 33.04 8.86 -80.44
CA SER O 453 33.92 7.73 -80.67
C SER O 453 33.89 7.34 -82.14
N ASP O 454 35.06 7.12 -82.71
CA ASP O 454 35.16 6.59 -84.06
C ASP O 454 35.63 5.15 -83.98
N PRO O 455 34.81 4.17 -84.36
CA PRO O 455 35.26 2.77 -84.33
C PRO O 455 36.25 2.45 -85.43
N ALA O 456 36.41 3.34 -86.41
CA ALA O 456 37.30 3.04 -87.52
C ALA O 456 38.75 3.17 -87.11
N VAL O 457 39.05 4.02 -86.14
CA VAL O 457 40.42 4.16 -85.67
C VAL O 457 40.79 2.99 -84.79
N LYS O 458 42.00 2.49 -84.96
CA LYS O 458 42.53 1.42 -84.13
C LYS O 458 43.11 1.96 -82.82
N ALA O 459 43.45 1.02 -81.94
CA ALA O 459 44.01 1.41 -80.65
C ALA O 459 45.34 2.13 -80.83
N ASP O 460 46.04 1.89 -81.93
CA ASP O 460 47.29 2.62 -82.13
C ASP O 460 47.02 4.10 -82.28
N ARG O 461 45.88 4.47 -82.87
CA ARG O 461 45.52 5.87 -83.01
C ARG O 461 44.43 6.26 -82.01
N LEU O 462 44.24 5.47 -80.96
CA LEU O 462 43.24 5.82 -79.95
C LEU O 462 43.51 7.22 -79.43
N TRP O 463 44.78 7.52 -79.16
CA TRP O 463 45.13 8.83 -78.61
C TRP O 463 44.74 9.90 -79.61
N HIS O 464 44.95 9.64 -80.89
CA HIS O 464 44.87 10.63 -81.94
C HIS O 464 43.44 10.71 -82.47
N ASP O 465 42.93 9.60 -83.01
CA ASP O 465 41.74 9.65 -83.84
C ASP O 465 40.49 9.08 -83.18
N LYS O 466 40.63 8.19 -82.20
CA LYS O 466 39.46 7.44 -81.75
C LYS O 466 38.44 8.33 -81.05
N TYR O 467 38.89 9.40 -80.39
CA TYR O 467 38.04 10.20 -79.52
C TYR O 467 38.09 11.65 -79.98
N ALA O 468 36.97 12.18 -80.45
CA ALA O 468 36.93 13.47 -81.12
C ALA O 468 35.83 14.34 -80.51
N LEU O 469 36.04 15.65 -80.54
CA LEU O 469 35.09 16.61 -80.00
C LEU O 469 34.12 17.00 -81.11
N ARG O 470 32.83 16.73 -80.94
CA ARG O 470 31.82 17.19 -81.90
C ARG O 470 31.31 18.55 -81.45
N LYS O 471 31.83 19.60 -82.10
CA LYS O 471 31.53 20.95 -81.67
C LYS O 471 30.04 21.25 -81.61
N PRO O 472 29.22 20.85 -82.58
CA PRO O 472 27.80 21.21 -82.52
C PRO O 472 27.05 20.54 -81.39
N MET O 473 27.65 19.54 -80.75
CA MET O 473 27.03 18.85 -79.63
C MET O 473 27.54 19.37 -78.29
N ILE O 474 28.26 20.48 -78.30
CA ILE O 474 28.60 21.14 -77.04
C ILE O 474 27.37 21.84 -76.50
N PRO O 475 26.99 21.61 -75.26
CA PRO O 475 25.81 22.27 -74.69
C PRO O 475 26.16 23.64 -74.14
N SER O 476 25.11 24.40 -73.83
CA SER O 476 25.27 25.77 -73.36
C SER O 476 25.30 25.86 -71.84
N PHE O 477 25.29 24.73 -71.15
CA PHE O 477 25.74 24.67 -69.77
C PHE O 477 27.21 24.31 -69.69
N MET O 478 27.84 24.08 -70.83
CA MET O 478 29.27 23.82 -70.94
C MET O 478 29.94 24.95 -71.70
N THR O 479 31.27 24.93 -71.69
CA THR O 479 32.07 25.88 -72.43
C THR O 479 33.17 25.13 -73.18
N MET O 480 33.94 25.88 -73.97
CA MET O 480 34.98 25.24 -74.77
C MET O 480 36.00 24.52 -73.90
N ASP O 481 36.38 25.13 -72.78
CA ASP O 481 37.42 24.53 -71.96
C ASP O 481 36.89 23.33 -71.20
N GLN O 482 35.67 23.41 -70.70
CA GLN O 482 35.08 22.25 -70.05
C GLN O 482 34.91 21.10 -71.03
N CYS O 483 34.49 21.40 -72.25
CA CYS O 483 34.38 20.34 -73.25
C CYS O 483 35.74 19.74 -73.58
N ARG O 484 36.78 20.57 -73.66
CA ARG O 484 38.10 20.03 -73.93
C ARG O 484 38.55 19.11 -72.80
N LYS O 485 38.31 19.53 -71.57
CA LYS O 485 38.69 18.69 -70.43
C LYS O 485 37.91 17.38 -70.45
N VAL O 486 36.62 17.44 -70.73
CA VAL O 486 35.81 16.22 -70.74
C VAL O 486 36.27 15.28 -71.83
N LEU O 487 36.52 15.81 -73.02
CA LEU O 487 37.06 15.01 -74.11
C LEU O 487 38.35 14.33 -73.68
N LEU O 488 39.25 15.09 -73.04
CA LEU O 488 40.54 14.50 -72.71
C LEU O 488 40.40 13.45 -71.61
N ILE O 489 39.53 13.70 -70.64
CA ILE O 489 39.25 12.70 -69.62
C ILE O 489 38.75 11.41 -70.25
N GLY O 490 37.76 11.51 -71.13
CA GLY O 490 37.19 10.31 -71.74
C GLY O 490 38.18 9.56 -72.61
N LYS O 491 38.98 10.30 -73.40
CA LYS O 491 39.99 9.65 -74.20
C LYS O 491 40.99 8.94 -73.31
N SER O 492 41.40 9.60 -72.24
CA SER O 492 42.34 8.98 -71.30
C SER O 492 41.74 7.71 -70.73
N ILE O 493 40.48 7.76 -70.33
CA ILE O 493 39.87 6.61 -69.68
C ILE O 493 39.80 5.44 -70.64
N ASN O 494 39.36 5.68 -71.88
CA ASN O 494 39.20 4.57 -72.79
C ASN O 494 40.54 4.06 -73.32
N PHE O 495 41.56 4.92 -73.34
CA PHE O 495 42.89 4.42 -73.71
C PHE O 495 43.48 3.60 -72.59
N LEU O 496 43.32 4.03 -71.34
CA LEU O 496 43.79 3.23 -70.22
C LEU O 496 43.13 1.87 -70.22
N HIS O 497 41.82 1.83 -70.48
CA HIS O 497 41.12 0.56 -70.46
C HIS O 497 41.53 -0.34 -71.61
N GLN O 498 41.55 0.18 -72.84
CA GLN O 498 41.65 -0.70 -74.00
C GLN O 498 43.05 -0.88 -74.57
N VAL O 499 43.97 0.05 -74.32
CA VAL O 499 45.27 0.05 -74.97
C VAL O 499 46.41 -0.16 -73.98
N CYS O 500 46.35 0.51 -72.83
CA CYS O 500 47.31 0.23 -71.78
C CYS O 500 47.09 -1.17 -71.22
N HIS O 501 45.88 -1.69 -71.35
CA HIS O 501 45.50 -2.98 -70.83
C HIS O 501 45.47 -2.98 -69.30
N ASP O 502 45.31 -1.79 -68.71
CA ASP O 502 44.97 -1.66 -67.31
C ASP O 502 43.46 -1.71 -67.23
N GLN O 503 42.92 -2.81 -66.72
CA GLN O 503 41.49 -2.92 -66.52
C GLN O 503 41.06 -2.70 -65.07
N THR O 504 42.00 -2.39 -64.18
CA THR O 504 41.62 -1.98 -62.85
C THR O 504 41.02 -0.57 -62.90
N PRO O 505 39.93 -0.32 -62.19
CA PRO O 505 39.23 0.95 -62.39
C PRO O 505 39.77 2.02 -61.44
N THR O 506 39.36 3.25 -61.70
CA THR O 506 39.56 4.34 -60.76
C THR O 506 38.32 4.53 -59.90
N THR O 507 38.51 4.60 -58.58
CA THR O 507 37.37 4.41 -57.71
C THR O 507 36.64 5.73 -57.49
N LYS O 508 37.38 6.84 -57.55
CA LYS O 508 36.73 8.15 -57.60
C LYS O 508 36.20 8.42 -59.00
N MET O 509 36.73 7.70 -59.99
CA MET O 509 36.23 7.85 -61.36
C MET O 509 34.85 7.22 -61.46
N ILE O 510 34.66 6.08 -60.79
CA ILE O 510 33.37 5.40 -60.79
C ILE O 510 32.28 6.33 -60.27
N ALA O 511 32.66 7.29 -59.44
CA ALA O 511 31.71 8.27 -58.90
C ALA O 511 31.46 9.44 -59.85
N VAL O 512 32.26 9.60 -60.89
CA VAL O 512 32.11 10.73 -61.80
C VAL O 512 31.34 10.33 -63.05
N ALA O 523 16.98 20.18 -60.60
CA ALA O 523 17.21 21.58 -60.28
C ALA O 523 18.55 21.73 -59.57
N ASP O 524 18.82 20.85 -58.62
CA ASP O 524 20.10 20.91 -57.90
C ASP O 524 21.25 20.67 -58.85
N LEU O 525 21.13 19.70 -59.76
CA LEU O 525 22.20 19.45 -60.72
C LEU O 525 22.34 20.60 -61.71
N PHE O 526 21.22 21.19 -62.13
CA PHE O 526 21.30 22.34 -63.02
C PHE O 526 21.95 23.53 -62.33
N THR O 527 21.81 23.63 -61.01
CA THR O 527 22.51 24.69 -60.30
C THR O 527 23.98 24.33 -60.04
N ASP O 528 24.29 23.05 -59.86
CA ASP O 528 25.68 22.67 -59.66
C ASP O 528 26.49 22.64 -60.94
N LEU O 529 25.87 22.72 -62.12
CA LEU O 529 26.63 22.38 -63.32
C LEU O 529 27.76 23.38 -63.52
N GLU O 530 27.55 24.61 -63.04
CA GLU O 530 28.53 25.69 -63.05
C GLU O 530 29.20 25.80 -61.68
N ASN O 531 28.68 25.11 -60.69
CA ASN O 531 29.12 25.15 -59.31
C ASN O 531 30.17 24.07 -59.03
N ALA O 532 30.14 23.53 -57.82
CA ALA O 532 31.13 22.55 -57.40
C ALA O 532 31.35 21.43 -58.41
N PHE O 533 30.35 21.08 -59.21
CA PHE O 533 30.54 19.94 -60.10
C PHE O 533 31.61 20.23 -61.15
N GLN O 534 31.82 21.50 -61.48
CA GLN O 534 33.02 21.85 -62.23
C GLN O 534 34.27 21.49 -61.45
N GLY O 535 34.29 21.77 -60.14
CA GLY O 535 35.42 21.36 -59.32
C GLY O 535 35.60 19.85 -59.30
N LYS O 536 34.48 19.12 -59.24
CA LYS O 536 34.56 17.66 -59.28
C LYS O 536 35.18 17.20 -60.58
N ILE O 537 34.81 17.84 -61.69
CA ILE O 537 35.39 17.49 -62.97
C ILE O 537 36.89 17.78 -62.97
N ASP O 538 37.29 18.92 -62.44
CA ASP O 538 38.71 19.24 -62.38
C ASP O 538 39.46 18.26 -61.50
N ALA O 539 38.86 17.86 -60.38
CA ALA O 539 39.49 16.89 -59.50
C ALA O 539 39.62 15.54 -60.18
N ALA O 540 38.59 15.12 -60.90
CA ALA O 540 38.68 13.86 -61.63
C ALA O 540 39.76 13.94 -62.69
N TYR O 541 39.86 15.08 -63.37
CA TYR O 541 40.93 15.28 -64.34
C TYR O 541 42.28 15.06 -63.67
N PHE O 542 42.52 15.77 -62.55
CA PHE O 542 43.78 15.60 -61.85
C PHE O 542 44.02 14.15 -61.46
N GLU O 543 43.00 13.47 -60.93
CA GLU O 543 43.20 12.13 -60.40
C GLU O 543 43.46 11.14 -61.51
N THR O 544 42.68 11.20 -62.59
CA THR O 544 42.86 10.30 -63.71
C THR O 544 44.19 10.58 -64.39
N SER O 545 44.57 11.84 -64.51
CA SER O 545 45.85 12.16 -65.12
C SER O 545 46.98 11.59 -64.29
N LYS O 546 46.89 11.71 -62.96
CA LYS O 546 47.94 11.17 -62.11
C LYS O 546 48.02 9.65 -62.25
N TYR O 547 46.87 8.98 -62.30
CA TYR O 547 46.87 7.53 -62.45
C TYR O 547 47.47 7.12 -63.79
N LEU O 548 47.09 7.82 -64.86
CA LEU O 548 47.65 7.54 -66.18
C LEU O 548 49.16 7.74 -66.19
N LEU O 549 49.63 8.85 -65.64
CA LEU O 549 51.07 9.10 -65.66
C LEU O 549 51.80 8.05 -64.83
N ASP O 550 51.22 7.64 -63.70
CA ASP O 550 51.81 6.56 -62.92
C ASP O 550 51.92 5.29 -63.75
N VAL O 551 50.83 4.93 -64.44
CA VAL O 551 50.82 3.69 -65.23
C VAL O 551 51.86 3.77 -66.33
N LEU O 552 51.90 4.89 -67.05
CA LEU O 552 52.81 5.02 -68.17
C LEU O 552 54.26 5.05 -67.69
N ASN O 553 54.49 5.55 -66.48
CA ASN O 553 55.85 5.62 -65.96
C ASN O 553 56.30 4.28 -65.41
N LYS O 554 55.38 3.47 -64.89
CA LYS O 554 55.75 2.25 -64.18
C LYS O 554 55.70 1.01 -65.06
N LYS O 555 54.72 0.90 -65.97
CA LYS O 555 54.55 -0.31 -66.73
C LYS O 555 55.11 -0.20 -68.14
N TYR O 556 55.17 1.00 -68.69
CA TYR O 556 55.74 1.22 -70.01
C TYR O 556 56.86 2.23 -69.98
N SER O 557 57.28 2.66 -68.79
CA SER O 557 58.55 3.36 -68.58
C SER O 557 58.80 4.41 -69.65
N LEU O 558 57.81 5.28 -69.85
CA LEU O 558 57.95 6.31 -70.89
C LEU O 558 59.21 7.13 -70.66
N LEU O 559 59.47 7.51 -69.40
CA LEU O 559 60.64 8.33 -69.10
C LEU O 559 61.91 7.58 -69.42
N ASP O 560 61.96 6.29 -69.08
CA ASP O 560 63.17 5.52 -69.34
C ASP O 560 63.38 5.37 -70.83
N HIS O 561 62.30 5.26 -71.61
CA HIS O 561 62.43 5.23 -73.05
C HIS O 561 62.98 6.55 -73.57
N MET O 562 62.51 7.67 -73.01
CA MET O 562 63.08 8.96 -73.36
C MET O 562 64.58 8.98 -73.11
N GLN O 563 65.00 8.54 -71.92
CA GLN O 563 66.41 8.64 -71.56
C GLN O 563 67.25 7.70 -72.41
N ALA O 564 66.72 6.51 -72.69
CA ALA O 564 67.40 5.60 -73.60
C ALA O 564 67.57 6.23 -74.97
N MET O 565 66.54 6.92 -75.46
CA MET O 565 66.61 7.43 -76.82
C MET O 565 67.56 8.61 -76.89
N ARG O 566 67.67 9.38 -75.82
CA ARG O 566 68.71 10.40 -75.75
C ARG O 566 70.09 9.78 -75.73
N ARG O 567 70.27 8.73 -74.93
CA ARG O 567 71.58 8.08 -74.87
C ARG O 567 71.97 7.51 -76.23
N TYR O 568 71.05 6.81 -76.89
CA TYR O 568 71.37 5.93 -78.00
C TYR O 568 70.98 6.47 -79.37
N LEU O 569 69.78 7.02 -79.54
CA LEU O 569 69.36 7.49 -80.84
C LEU O 569 69.90 8.88 -81.14
N LEU O 570 70.20 9.66 -80.11
CA LEU O 570 70.88 10.92 -80.27
C LEU O 570 72.36 10.80 -79.95
N LEU O 571 72.86 9.58 -79.81
CA LEU O 571 74.28 9.35 -79.55
C LEU O 571 74.67 10.01 -78.23
N GLY O 572 73.79 9.93 -77.25
CA GLY O 572 74.05 10.56 -75.97
C GLY O 572 75.17 9.89 -75.22
N GLN O 573 75.28 8.57 -75.35
CA GLN O 573 76.44 7.83 -74.85
C GLN O 573 77.43 7.75 -76.01
N GLY O 574 78.49 8.57 -75.95
CA GLY O 574 79.46 8.61 -77.02
C GLY O 574 80.31 7.37 -77.14
N ASP O 575 80.42 6.58 -76.07
CA ASP O 575 81.26 5.39 -76.13
C ASP O 575 80.65 4.35 -77.06
N PHE O 576 79.35 4.12 -76.95
CA PHE O 576 78.68 3.18 -77.84
C PHE O 576 78.86 3.57 -79.30
N ILE O 577 78.65 4.85 -79.61
CA ILE O 577 78.79 5.29 -81.00
C ILE O 577 80.24 5.19 -81.46
N ARG O 578 81.19 5.55 -80.60
CA ARG O 578 82.60 5.45 -80.99
C ARG O 578 82.98 4.02 -81.28
N HIS O 579 82.53 3.08 -80.44
CA HIS O 579 82.90 1.69 -80.65
C HIS O 579 82.19 1.12 -81.87
N LEU O 580 80.94 1.52 -82.08
CA LEU O 580 80.22 1.06 -83.26
C LEU O 580 80.91 1.52 -84.53
N MET O 581 81.38 2.77 -84.57
CA MET O 581 82.08 3.23 -85.76
C MET O 581 83.46 2.57 -85.88
N ASP O 582 84.12 2.31 -84.77
CA ASP O 582 85.37 1.56 -84.82
C ASP O 582 85.17 0.20 -85.44
N LEU O 583 84.15 -0.52 -85.00
CA LEU O 583 83.89 -1.84 -85.56
C LEU O 583 83.38 -1.78 -86.99
N LEU O 584 82.64 -0.73 -87.33
CA LEU O 584 81.98 -0.67 -88.63
C LEU O 584 82.91 -0.19 -89.73
N LYS O 585 83.99 0.50 -89.39
CA LYS O 585 84.84 1.04 -90.45
C LYS O 585 85.30 -0.06 -91.39
N PRO O 586 85.72 -1.23 -90.91
CA PRO O 586 86.04 -2.32 -91.85
C PRO O 586 84.84 -2.79 -92.63
N GLU O 587 83.62 -2.53 -92.14
CA GLU O 587 82.41 -2.87 -92.86
C GLU O 587 81.90 -1.73 -93.73
N LEU O 588 81.80 -0.52 -93.18
CA LEU O 588 81.07 0.52 -93.88
C LEU O 588 81.83 1.00 -95.09
N VAL O 589 83.12 0.68 -95.16
CA VAL O 589 83.92 0.95 -96.35
C VAL O 589 83.54 0.04 -97.51
N ARG O 590 82.89 -1.09 -97.25
CA ARG O 590 82.49 -1.96 -98.34
C ARG O 590 81.41 -1.32 -99.20
N PRO O 591 81.35 -1.67 -100.48
CA PRO O 591 80.22 -1.25 -101.31
C PRO O 591 78.90 -1.76 -100.76
N ALA O 592 77.86 -0.94 -100.91
CA ALA O 592 76.58 -1.24 -100.28
C ALA O 592 75.98 -2.55 -100.80
N THR O 593 76.37 -3.01 -101.98
CA THR O 593 75.79 -4.22 -102.52
C THR O 593 76.19 -5.47 -101.74
N THR O 594 77.20 -5.38 -100.88
CA THR O 594 77.72 -6.51 -100.13
C THR O 594 77.29 -6.53 -98.68
N LEU O 595 76.45 -5.59 -98.26
CA LEU O 595 75.97 -5.59 -96.88
C LEU O 595 74.86 -6.61 -96.70
N TYR O 596 74.98 -7.42 -95.65
CA TYR O 596 73.95 -8.38 -95.27
C TYR O 596 73.64 -8.20 -93.80
N GLN O 597 72.35 -8.31 -93.46
CA GLN O 597 71.87 -7.83 -92.18
C GLN O 597 72.54 -8.57 -91.03
N HIS O 598 72.79 -9.86 -91.21
CA HIS O 598 73.24 -10.69 -90.10
C HIS O 598 74.60 -10.25 -89.59
N ASN O 599 75.51 -9.89 -90.49
CA ASN O 599 76.82 -9.43 -90.06
C ASN O 599 76.71 -8.17 -89.21
N LEU O 600 75.85 -7.24 -89.64
CA LEU O 600 75.76 -5.97 -88.93
C LEU O 600 75.05 -6.13 -87.61
N THR O 601 74.07 -7.04 -87.54
CA THR O 601 73.44 -7.30 -86.25
C THR O 601 74.42 -7.99 -85.29
N GLY O 602 75.25 -8.89 -85.80
CA GLY O 602 76.29 -9.46 -84.97
C GLY O 602 77.24 -8.41 -84.44
N ILE O 603 77.62 -7.45 -85.29
CA ILE O 603 78.54 -6.41 -84.83
C ILE O 603 77.87 -5.54 -83.78
N LEU O 604 76.59 -5.21 -83.99
CA LEU O 604 75.88 -4.41 -82.99
C LEU O 604 75.80 -5.14 -81.66
N GLU O 605 75.48 -6.43 -81.68
CA GLU O 605 75.45 -7.22 -80.47
C GLU O 605 76.81 -7.20 -79.76
N THR O 606 77.88 -7.38 -80.52
CA THR O 606 79.20 -7.38 -79.91
C THR O 606 79.49 -6.04 -79.26
N ALA O 607 79.15 -4.95 -79.94
CA ALA O 607 79.41 -3.63 -79.38
C ALA O 607 78.59 -3.41 -78.12
N VAL O 608 77.33 -3.84 -78.13
CA VAL O 608 76.49 -3.65 -76.95
C VAL O 608 77.10 -4.39 -75.77
N ARG O 609 77.48 -5.65 -75.98
CA ARG O 609 77.95 -6.41 -74.84
C ARG O 609 79.32 -5.91 -74.38
N ALA O 610 80.11 -5.38 -75.32
CA ALA O 610 81.44 -4.87 -75.01
C ALA O 610 81.42 -3.47 -74.41
N THR O 611 80.26 -2.81 -74.36
CA THR O 611 80.22 -1.47 -73.80
C THR O 611 79.46 -1.45 -72.48
N ASN O 612 79.42 -0.26 -71.87
CA ASN O 612 78.69 -0.05 -70.62
C ASN O 612 77.18 -0.01 -70.80
N ALA O 613 76.69 0.04 -72.05
CA ALA O 613 75.25 0.04 -72.25
C ALA O 613 74.63 -1.23 -71.71
N GLN O 614 75.45 -2.25 -71.45
CA GLN O 614 74.96 -3.50 -70.90
C GLN O 614 74.33 -3.32 -69.53
N PHE O 615 74.64 -2.22 -68.84
CA PHE O 615 74.04 -1.98 -67.55
C PHE O 615 72.77 -1.15 -67.67
N ASP O 616 72.42 -0.73 -68.88
CA ASP O 616 71.09 -0.22 -69.14
C ASP O 616 70.08 -1.35 -69.03
N SER O 617 68.87 -1.01 -68.61
CA SER O 617 67.84 -2.01 -68.43
C SER O 617 67.79 -2.91 -69.66
N PRO O 618 67.60 -4.22 -69.49
CA PRO O 618 67.68 -5.10 -70.67
C PRO O 618 66.54 -4.83 -71.64
N GLU O 619 65.44 -4.26 -71.15
CA GLU O 619 64.34 -3.91 -72.04
C GLU O 619 64.80 -2.83 -73.01
N ILE O 620 65.69 -1.96 -72.56
CA ILE O 620 66.21 -0.94 -73.46
C ILE O 620 67.06 -1.61 -74.53
N LEU O 621 67.90 -2.56 -74.12
CA LEU O 621 68.80 -3.19 -75.06
C LEU O 621 68.01 -3.92 -76.12
N LYS O 622 66.96 -4.63 -75.72
CA LYS O 622 66.20 -5.46 -76.64
C LYS O 622 65.50 -4.68 -77.75
N ARG O 623 65.38 -3.36 -77.65
CA ARG O 623 64.71 -2.59 -78.69
C ARG O 623 65.69 -1.80 -79.56
N LEU O 624 66.98 -1.91 -79.29
CA LEU O 624 68.04 -1.24 -80.06
C LEU O 624 68.41 -2.05 -81.30
N ASP O 625 67.92 -1.65 -82.46
CA ASP O 625 68.06 -2.43 -83.68
C ASP O 625 68.92 -1.66 -84.67
N VAL O 626 69.45 -2.39 -85.66
CA VAL O 626 70.08 -1.79 -86.83
C VAL O 626 69.04 -1.68 -87.94
N ARG O 627 68.87 -0.47 -88.50
CA ARG O 627 68.03 -0.26 -89.66
C ARG O 627 68.89 -0.03 -90.89
N LEU O 628 68.72 -0.88 -91.89
CA LEU O 628 69.28 -0.67 -93.21
C LEU O 628 68.35 0.19 -94.05
N LEU O 629 68.93 1.14 -94.78
CA LEU O 629 68.15 2.09 -95.55
C LEU O 629 67.85 1.48 -96.91
N GLU O 630 67.13 2.20 -97.75
CA GLU O 630 66.87 1.70 -99.09
C GLU O 630 68.17 1.64 -99.87
N VAL O 631 68.42 0.49 -100.48
CA VAL O 631 69.68 0.25 -101.19
C VAL O 631 69.60 0.80 -102.60
N SER O 632 70.52 1.71 -102.92
CA SER O 632 70.68 2.24 -104.26
C SER O 632 72.16 2.17 -104.61
N PRO O 633 72.49 1.86 -105.86
CA PRO O 633 73.91 1.80 -106.23
C PRO O 633 74.59 3.14 -106.01
N GLY O 634 75.92 3.12 -106.04
CA GLY O 634 76.68 4.31 -105.75
C GLY O 634 76.85 4.64 -104.28
N ASP O 635 76.66 3.69 -103.39
CA ASP O 635 76.78 3.94 -101.95
C ASP O 635 77.64 2.86 -101.33
N THR O 636 78.18 3.16 -100.15
CA THR O 636 78.89 2.18 -99.34
C THR O 636 78.31 2.14 -97.94
N GLY O 637 78.77 1.14 -97.19
CA GLY O 637 78.20 0.91 -95.88
C GLY O 637 78.20 2.13 -94.99
N TRP O 638 79.20 3.01 -95.15
CA TRP O 638 79.18 4.23 -94.37
C TRP O 638 77.91 5.02 -94.62
N ASP O 639 77.49 5.11 -95.89
CA ASP O 639 76.32 5.90 -96.23
C ASP O 639 75.02 5.13 -96.03
N VAL O 640 75.09 3.79 -95.96
CA VAL O 640 73.90 2.97 -95.92
C VAL O 640 73.53 2.46 -94.53
N PHE O 641 74.47 2.45 -93.59
CA PHE O 641 74.16 2.04 -92.22
C PHE O 641 73.28 3.04 -91.50
N SER O 642 72.22 2.53 -90.88
CA SER O 642 71.40 3.27 -89.94
C SER O 642 71.07 2.39 -88.74
N LEU O 643 71.05 2.97 -87.56
CA LEU O 643 70.46 2.31 -86.40
C LEU O 643 68.93 2.52 -86.36
N ASP O 644 68.25 1.62 -85.65
CA ASP O 644 66.81 1.74 -85.43
C ASP O 644 66.47 1.30 -84.01
N TYR O 645 65.43 1.92 -83.45
CA TYR O 645 64.87 1.54 -82.16
C TYR O 645 63.38 1.31 -82.32
N HIS O 646 62.93 0.07 -82.22
CA HIS O 646 61.51 -0.17 -82.39
C HIS O 646 60.74 0.22 -81.14
N VAL O 647 59.46 0.54 -81.35
CA VAL O 647 58.53 0.91 -80.30
C VAL O 647 57.22 0.17 -80.52
N ASP O 648 56.51 -0.12 -79.43
CA ASP O 648 55.19 -0.74 -79.55
C ASP O 648 54.33 -0.40 -78.35
N GLY O 649 53.04 -0.65 -78.51
CA GLY O 649 52.05 -0.41 -77.48
C GLY O 649 51.81 1.05 -77.22
N PRO O 650 51.37 1.38 -75.99
CA PRO O 650 51.22 2.81 -75.66
C PRO O 650 52.51 3.58 -75.79
N ILE O 651 53.65 2.93 -75.54
CA ILE O 651 54.92 3.62 -75.70
C ILE O 651 55.02 4.15 -77.12
N ALA O 652 54.50 3.39 -78.09
CA ALA O 652 54.54 3.81 -79.47
C ALA O 652 53.61 4.98 -79.72
N THR O 653 52.64 5.17 -78.83
CA THR O 653 51.75 6.32 -78.94
C THR O 653 52.53 7.61 -78.69
N VAL O 654 53.63 7.51 -77.95
CA VAL O 654 54.44 8.68 -77.65
C VAL O 654 55.33 9.04 -78.82
N PHE O 655 55.83 8.04 -79.54
CA PHE O 655 56.76 8.25 -80.64
C PHE O 655 56.09 7.77 -81.92
N THR O 656 55.54 8.70 -82.69
CA THR O 656 54.76 8.35 -83.87
C THR O 656 55.68 8.26 -85.09
N ARG O 657 55.10 7.83 -86.21
CA ARG O 657 55.91 7.67 -87.41
C ARG O 657 56.59 8.97 -87.81
N GLU O 658 55.93 10.11 -87.57
CA GLU O 658 56.57 11.37 -87.87
C GLU O 658 57.71 11.64 -86.90
N CYS O 659 57.49 11.33 -85.63
CA CYS O 659 58.56 11.40 -84.65
C CYS O 659 59.72 10.50 -85.03
N MET O 660 59.43 9.28 -85.47
CA MET O 660 60.52 8.37 -85.78
C MET O 660 61.26 8.80 -87.03
N SER O 661 60.57 9.38 -88.01
CA SER O 661 61.28 9.88 -89.18
C SER O 661 62.11 11.10 -88.85
N HIS O 662 61.65 11.95 -87.95
CA HIS O 662 62.47 13.06 -87.50
C HIS O 662 63.73 12.57 -86.81
N TYR O 663 63.57 11.64 -85.87
CA TYR O 663 64.72 11.05 -85.21
C TYR O 663 65.66 10.44 -86.23
N LEU O 664 65.11 9.81 -87.27
CA LEU O 664 65.96 9.17 -88.27
C LEU O 664 66.77 10.19 -89.03
N ARG O 665 66.13 11.27 -89.48
CA ARG O 665 66.88 12.32 -90.17
C ARG O 665 67.99 12.87 -89.28
N ALA O 666 67.67 13.10 -88.00
CA ALA O 666 68.69 13.60 -87.09
C ALA O 666 69.84 12.61 -87.00
N PHE O 667 69.52 11.33 -86.87
CA PHE O 667 70.55 10.32 -86.79
C PHE O 667 71.43 10.35 -88.03
N ASN O 668 70.81 10.40 -89.21
CA ASN O 668 71.56 10.34 -90.44
C ASN O 668 72.45 11.56 -90.65
N PHE O 669 72.10 12.69 -90.03
CA PHE O 669 73.01 13.84 -90.10
C PHE O 669 74.15 13.70 -89.10
N LEU O 670 73.81 13.36 -87.85
CA LEU O 670 74.83 13.36 -86.81
C LEU O 670 75.81 12.24 -87.05
N TRP O 671 75.33 11.11 -87.57
CA TRP O 671 76.23 10.03 -87.95
C TRP O 671 77.22 10.47 -89.01
N ARG O 672 76.78 11.23 -90.01
CA ARG O 672 77.72 11.69 -91.01
C ARG O 672 78.74 12.65 -90.41
N ALA O 673 78.28 13.51 -89.49
CA ALA O 673 79.23 14.38 -88.80
C ALA O 673 80.25 13.60 -87.98
N LYS O 674 79.78 12.56 -87.28
CA LYS O 674 80.70 11.74 -86.51
C LYS O 674 81.66 11.00 -87.41
N ARG O 675 81.17 10.49 -88.54
CA ARG O 675 82.05 9.87 -89.52
C ARG O 675 83.16 10.82 -89.93
N VAL O 676 82.80 12.06 -90.23
CA VAL O 676 83.82 13.00 -90.69
C VAL O 676 84.80 13.33 -89.57
N GLU O 677 84.30 13.41 -88.34
CA GLU O 677 85.19 13.66 -87.22
C GLU O 677 86.16 12.51 -87.02
N TYR O 678 85.66 11.28 -87.09
CA TYR O 678 86.53 10.12 -87.05
C TYR O 678 87.56 10.17 -88.17
N ILE O 679 87.12 10.52 -89.38
CA ILE O 679 88.01 10.55 -90.51
C ILE O 679 89.17 11.50 -90.24
N LEU O 680 88.85 12.71 -89.79
CA LEU O 680 89.90 13.69 -89.55
C LEU O 680 90.78 13.28 -88.37
N THR O 681 90.21 12.67 -87.35
CA THR O 681 91.01 12.20 -86.23
C THR O 681 92.03 11.17 -86.69
N ASP O 682 91.59 10.24 -87.54
CA ASP O 682 92.52 9.24 -88.05
C ASP O 682 93.51 9.87 -89.01
N ILE O 683 93.09 10.90 -89.75
CA ILE O 683 94.00 11.63 -90.61
C ILE O 683 95.14 12.22 -89.78
N ARG O 684 94.80 12.83 -88.65
CA ARG O 684 95.83 13.40 -87.79
C ARG O 684 96.71 12.31 -87.18
N LYS O 685 96.11 11.20 -86.78
CA LYS O 685 96.90 10.09 -86.27
C LYS O 685 97.94 9.65 -87.29
N GLY O 686 97.48 9.39 -88.51
CA GLY O 686 98.40 9.01 -89.58
C GLY O 686 99.43 10.10 -89.86
N HIS O 687 98.99 11.36 -89.88
CA HIS O 687 99.93 12.46 -90.03
C HIS O 687 101.06 12.32 -89.03
N MET O 688 100.72 12.21 -87.75
CA MET O 688 101.74 12.31 -86.72
C MET O 688 102.55 11.04 -86.57
N CYS O 689 102.07 9.92 -87.10
CA CYS O 689 102.90 8.73 -87.17
C CYS O 689 103.84 8.78 -88.37
N ASN O 690 103.31 9.11 -89.54
CA ASN O 690 104.14 9.10 -90.73
C ASN O 690 105.15 10.23 -90.69
N ALA O 691 104.85 11.32 -89.99
CA ALA O 691 105.85 12.37 -89.83
C ALA O 691 106.95 11.98 -88.87
N ARG O 692 106.68 11.03 -87.99
CA ARG O 692 107.75 10.40 -87.21
C ARG O 692 108.58 9.50 -88.10
N LEU O 693 107.92 8.71 -88.94
CA LEU O 693 108.69 7.81 -89.80
C LEU O 693 109.54 8.60 -90.78
N LEU O 694 108.92 9.55 -91.49
CA LEU O 694 109.53 10.31 -92.56
C LEU O 694 110.25 11.57 -92.07
N ARG O 695 110.38 11.74 -90.75
CA ARG O 695 111.20 12.85 -90.27
C ARG O 695 112.65 12.70 -90.73
N SER O 696 113.13 11.46 -90.84
CA SER O 696 114.52 11.23 -91.21
C SER O 696 114.88 11.90 -92.54
N MET O 697 113.93 12.02 -93.46
CA MET O 697 114.18 12.73 -94.71
C MET O 697 113.61 14.14 -94.65
N PRO O 698 114.46 15.17 -94.67
CA PRO O 698 113.95 16.55 -94.58
C PRO O 698 113.21 17.00 -95.82
N GLU O 699 113.42 16.34 -96.96
CA GLU O 699 112.86 16.84 -98.21
C GLU O 699 111.37 17.10 -98.09
N PHE O 700 110.67 16.34 -97.26
CA PHE O 700 109.22 16.36 -97.26
C PHE O 700 108.66 17.47 -96.38
N SER O 701 109.51 18.11 -95.57
CA SER O 701 109.01 18.92 -94.46
C SER O 701 108.07 20.03 -94.94
N GLY O 702 108.37 20.66 -96.07
CA GLY O 702 107.48 21.70 -96.57
C GLY O 702 106.09 21.19 -96.86
N VAL O 703 106.00 20.01 -97.46
CA VAL O 703 104.71 19.36 -97.67
C VAL O 703 104.06 19.06 -96.33
N LEU O 704 104.82 18.45 -95.43
CA LEU O 704 104.30 18.12 -94.10
C LEU O 704 103.67 19.34 -93.46
N HIS O 705 104.42 20.44 -93.40
CA HIS O 705 103.92 21.66 -92.77
C HIS O 705 102.66 22.19 -93.47
N HIS O 706 102.66 22.20 -94.81
CA HIS O 706 101.49 22.73 -95.51
C HIS O 706 100.27 21.85 -95.24
N CYS O 707 100.51 20.54 -95.12
CA CYS O 707 99.41 19.63 -94.88
C CYS O 707 98.92 19.78 -93.44
N HIS O 708 99.84 19.85 -92.49
CA HIS O 708 99.46 20.06 -91.10
C HIS O 708 98.64 21.33 -90.95
N ILE O 709 99.00 22.39 -91.68
CA ILE O 709 98.23 23.62 -91.61
C ILE O 709 96.82 23.42 -92.17
N LEU O 710 96.71 22.84 -93.36
CA LEU O 710 95.38 22.59 -93.92
C LEU O 710 94.56 21.75 -92.96
N ALA O 711 95.16 20.67 -92.45
CA ALA O 711 94.48 19.79 -91.53
C ALA O 711 94.04 20.52 -90.27
N SER O 712 94.87 21.43 -89.76
CA SER O 712 94.46 22.15 -88.56
C SER O 712 93.29 23.06 -88.84
N GLU O 713 93.27 23.67 -90.02
CA GLU O 713 92.13 24.51 -90.39
C GLU O 713 90.85 23.69 -90.45
N MET O 714 90.89 22.59 -91.19
CA MET O 714 89.77 21.66 -91.20
C MET O 714 89.36 21.25 -89.79
N VAL O 715 90.36 20.91 -88.96
CA VAL O 715 90.07 20.46 -87.60
C VAL O 715 89.33 21.54 -86.84
N HIS O 716 89.76 22.79 -86.99
CA HIS O 716 89.07 23.89 -86.34
C HIS O 716 87.62 23.92 -86.76
N PHE O 717 87.37 23.92 -88.07
CA PHE O 717 85.99 24.04 -88.53
C PHE O 717 85.14 22.90 -87.98
N ILE O 718 85.58 21.66 -88.19
CA ILE O 718 84.81 20.51 -87.74
C ILE O 718 84.59 20.53 -86.24
N HIS O 719 85.63 20.83 -85.46
CA HIS O 719 85.48 20.87 -84.02
C HIS O 719 84.47 21.92 -83.59
N GLN O 720 84.54 23.11 -84.18
CA GLN O 720 83.58 24.15 -83.83
C GLN O 720 82.17 23.68 -84.14
N MET O 721 81.98 23.08 -85.31
CA MET O 721 80.63 22.68 -85.69
C MET O 721 80.11 21.59 -84.76
N GLN O 722 80.98 20.68 -84.34
CA GLN O 722 80.56 19.64 -83.42
C GLN O 722 80.26 20.18 -82.03
N TYR O 723 81.06 21.12 -81.55
CA TYR O 723 80.72 21.78 -80.29
C TYR O 723 79.38 22.51 -80.37
N TYR O 724 79.07 23.09 -81.53
CA TYR O 724 77.77 23.75 -81.68
C TYR O 724 76.64 22.74 -81.67
N VAL O 725 76.82 21.62 -82.37
CA VAL O 725 75.75 20.64 -82.44
C VAL O 725 75.53 20.02 -81.07
N THR O 726 76.62 19.78 -80.35
CA THR O 726 76.54 19.12 -79.05
C THR O 726 75.90 20.03 -78.02
N PHE O 727 76.34 21.27 -77.94
CA PHE O 727 75.78 22.14 -76.90
C PHE O 727 74.58 22.94 -77.38
N GLU O 728 74.67 23.58 -78.55
CA GLU O 728 73.62 24.50 -78.96
C GLU O 728 72.36 23.82 -79.48
N VAL O 729 72.43 22.56 -79.88
CA VAL O 729 71.25 21.82 -80.35
C VAL O 729 70.83 20.76 -79.34
N LEU O 730 71.68 19.77 -79.10
CA LEU O 730 71.25 18.61 -78.33
C LEU O 730 71.09 18.96 -76.87
N GLU O 731 72.06 19.68 -76.29
CA GLU O 731 72.02 19.94 -74.86
C GLU O 731 70.84 20.84 -74.53
N CYS O 732 70.67 21.90 -75.30
CA CYS O 732 69.57 22.81 -75.04
C CYS O 732 68.22 22.13 -75.24
N SER O 733 68.09 21.35 -76.32
CA SER O 733 66.81 20.68 -76.55
C SER O 733 66.50 19.68 -75.45
N TRP O 734 67.51 18.92 -75.00
CA TRP O 734 67.25 17.94 -73.95
C TRP O 734 66.93 18.63 -72.63
N ASP O 735 67.58 19.74 -72.34
CA ASP O 735 67.25 20.46 -71.12
C ASP O 735 65.83 21.02 -71.17
N GLU O 736 65.44 21.58 -72.32
CA GLU O 736 64.06 22.03 -72.48
C GLU O 736 63.07 20.90 -72.25
N LEU O 737 63.28 19.77 -72.93
CA LEU O 737 62.38 18.65 -72.78
C LEU O 737 62.29 18.20 -71.33
N TRP O 738 63.43 18.06 -70.67
CA TRP O 738 63.44 17.50 -69.32
C TRP O 738 62.77 18.46 -68.34
N ASN O 739 63.05 19.76 -68.47
CA ASN O 739 62.34 20.75 -67.66
C ASN O 739 60.84 20.69 -67.90
N ARG O 740 60.41 20.47 -69.14
CA ARG O 740 58.98 20.42 -69.40
C ARG O 740 58.36 19.17 -68.79
N VAL O 741 59.01 18.04 -69.00
CA VAL O 741 58.44 16.77 -68.55
C VAL O 741 58.39 16.73 -67.04
N GLN O 742 59.40 17.30 -66.37
CA GLN O 742 59.41 17.23 -64.92
C GLN O 742 58.33 18.09 -64.30
N ARG O 743 57.78 19.04 -65.06
CA ARG O 743 56.60 19.76 -64.63
C ARG O 743 55.36 19.34 -65.41
N ALA O 744 55.45 18.24 -66.13
CA ALA O 744 54.31 17.76 -66.90
C ALA O 744 53.29 17.13 -65.97
N GLN O 745 52.02 17.50 -66.14
CA GLN O 745 50.94 16.89 -65.39
C GLN O 745 49.99 16.07 -66.26
N ASP O 746 50.11 16.15 -67.58
CA ASP O 746 49.18 15.48 -68.47
C ASP O 746 49.93 14.79 -69.59
N LEU O 747 49.31 13.77 -70.16
CA LEU O 747 49.93 13.07 -71.27
C LEU O 747 49.97 13.99 -72.49
N ASP O 748 48.92 14.78 -72.71
CA ASP O 748 48.96 15.74 -73.80
C ASP O 748 50.19 16.61 -73.63
N HIS O 749 50.45 17.05 -72.40
CA HIS O 749 51.62 17.87 -72.12
C HIS O 749 52.89 17.13 -72.47
N ILE O 750 53.01 15.87 -72.06
CA ILE O 750 54.21 15.10 -72.38
C ILE O 750 54.40 15.01 -73.88
N ILE O 751 53.32 14.75 -74.61
CA ILE O 751 53.41 14.63 -76.07
C ILE O 751 53.87 15.93 -76.68
N ALA O 752 53.28 17.03 -76.23
CA ALA O 752 53.66 18.33 -76.78
C ALA O 752 55.12 18.63 -76.48
N ALA O 753 55.57 18.30 -75.28
CA ALA O 753 56.97 18.53 -74.93
C ALA O 753 57.89 17.69 -75.82
N HIS O 754 57.51 16.46 -76.11
CA HIS O 754 58.35 15.63 -76.96
C HIS O 754 58.40 16.20 -78.37
N GLU O 755 57.27 16.69 -78.87
CA GLU O 755 57.26 17.35 -80.16
C GLU O 755 58.17 18.58 -80.14
N ALA O 756 58.10 19.35 -79.06
CA ALA O 756 58.95 20.53 -78.95
C ALA O 756 60.43 20.17 -78.92
N PHE O 757 60.78 19.13 -78.16
CA PHE O 757 62.15 18.63 -78.17
C PHE O 757 62.61 18.33 -79.59
N LEU O 758 61.80 17.57 -80.33
CA LEU O 758 62.19 17.22 -81.69
C LEU O 758 62.25 18.44 -82.59
N GLY O 759 61.36 19.41 -82.38
CA GLY O 759 61.41 20.62 -83.18
C GLY O 759 62.67 21.42 -82.92
N THR O 760 63.05 21.54 -81.65
CA THR O 760 64.29 22.22 -81.31
C THR O 760 65.49 21.50 -81.91
N VAL O 761 65.49 20.18 -81.86
CA VAL O 761 66.60 19.44 -82.44
C VAL O 761 66.68 19.72 -83.94
N ILE O 762 65.54 19.71 -84.62
CA ILE O 762 65.54 19.95 -86.07
C ILE O 762 66.03 21.36 -86.37
N SER O 763 65.51 22.33 -85.63
CA SER O 763 65.87 23.72 -85.89
C SER O 763 67.36 23.93 -85.69
N ARG O 764 67.90 23.42 -84.58
CA ARG O 764 69.31 23.67 -84.32
C ARG O 764 70.17 22.88 -85.31
N CYS O 765 69.73 21.68 -85.67
CA CYS O 765 70.48 20.85 -86.60
C CYS O 765 70.20 21.21 -88.04
N LEU O 766 69.55 22.34 -88.31
CA LEU O 766 69.30 22.77 -89.68
C LEU O 766 68.54 21.69 -90.44
N LEU O 767 67.45 21.23 -89.84
CA LEU O 767 66.58 20.23 -90.46
C LEU O 767 65.38 20.83 -91.18
N ASP O 768 65.31 22.15 -91.33
CA ASP O 768 64.16 22.74 -91.97
C ASP O 768 64.26 22.55 -93.48
N SER O 769 63.22 22.97 -94.20
CA SER O 769 63.22 23.00 -95.65
C SER O 769 63.74 24.32 -96.20
N ASP O 770 64.22 25.21 -95.35
CA ASP O 770 64.79 26.47 -95.79
C ASP O 770 66.28 26.55 -95.59
N SER O 771 66.84 25.73 -94.72
CA SER O 771 68.28 25.67 -94.52
C SER O 771 68.96 24.76 -95.53
N ARG O 772 68.23 24.26 -96.52
CA ARG O 772 68.75 23.22 -97.39
C ARG O 772 70.03 23.66 -98.08
N ALA O 773 70.14 24.94 -98.42
CA ALA O 773 71.34 25.41 -99.10
C ALA O 773 72.54 25.38 -98.16
N LEU O 774 72.38 25.89 -96.95
CA LEU O 774 73.48 25.83 -95.98
C LEU O 774 73.84 24.39 -95.64
N LEU O 775 72.85 23.51 -95.57
CA LEU O 775 73.14 22.10 -95.36
C LEU O 775 73.97 21.53 -96.49
N ASN O 776 73.61 21.87 -97.72
CA ASN O 776 74.39 21.40 -98.86
C ASN O 776 75.81 21.92 -98.81
N GLN O 777 75.97 23.18 -98.41
CA GLN O 777 77.31 23.74 -98.30
C GLN O 777 78.13 23.05 -97.22
N LEU O 778 77.52 22.83 -96.04
CA LEU O 778 78.16 22.01 -95.01
C LEU O 778 78.60 20.67 -95.57
N ARG O 779 77.72 20.00 -96.30
CA ARG O 779 78.03 18.68 -96.83
C ARG O 779 79.18 18.77 -97.82
N ALA O 780 79.19 19.81 -98.65
CA ALA O 780 80.29 19.99 -99.60
C ALA O 780 81.61 20.21 -98.88
N VAL O 781 81.58 20.95 -97.78
CA VAL O 781 82.78 21.12 -96.96
C VAL O 781 83.25 19.77 -96.43
N PHE O 782 82.30 18.97 -95.94
CA PHE O 782 82.65 17.61 -95.50
C PHE O 782 83.29 16.83 -96.64
N ASP O 783 82.71 16.88 -97.82
CA ASP O 783 83.21 16.08 -98.93
C ASP O 783 84.60 16.56 -99.35
N GLN O 784 84.83 17.87 -99.31
CA GLN O 784 86.17 18.38 -99.59
C GLN O 784 87.15 17.90 -98.55
N ILE O 785 86.71 17.75 -97.30
CA ILE O 785 87.61 17.23 -96.28
C ILE O 785 87.93 15.77 -96.54
N ILE O 786 86.94 15.00 -96.97
CA ILE O 786 87.18 13.62 -97.38
C ILE O 786 88.18 13.56 -98.54
N GLU O 787 88.02 14.47 -99.51
CA GLU O 787 88.95 14.50 -100.62
C GLU O 787 90.35 14.82 -100.15
N LEU O 788 90.47 15.76 -99.23
CA LEU O 788 91.79 16.09 -98.68
C LEU O 788 92.37 14.89 -97.96
N GLN O 789 91.54 14.14 -97.24
CA GLN O 789 92.00 12.91 -96.62
C GLN O 789 92.59 11.97 -97.66
N ASN O 790 91.87 11.74 -98.74
CA ASN O 790 92.35 10.83 -99.79
C ASN O 790 93.66 11.33 -100.37
N THR O 791 93.73 12.62 -100.69
CA THR O 791 94.95 13.17 -101.28
C THR O 791 96.12 13.06 -100.32
N GLN O 792 95.87 13.31 -99.04
CA GLN O 792 96.93 13.20 -98.04
C GLN O 792 97.44 11.76 -97.95
N ASP O 793 96.51 10.80 -97.97
CA ASP O 793 96.93 9.40 -97.92
C ASP O 793 97.77 9.05 -99.14
N ALA O 794 97.41 9.61 -100.29
CA ALA O 794 98.20 9.37 -101.50
C ALA O 794 99.61 9.95 -101.34
N ILE O 795 99.68 11.21 -100.91
CA ILE O 795 100.97 11.86 -100.71
C ILE O 795 101.85 11.05 -99.76
N TYR O 796 101.27 10.62 -98.64
CA TYR O 796 102.04 9.83 -97.67
C TYR O 796 102.47 8.50 -98.27
N ARG O 797 101.61 7.88 -99.08
CA ARG O 797 101.99 6.60 -99.69
C ARG O 797 103.16 6.80 -100.64
N ALA O 798 103.13 7.87 -101.41
CA ALA O 798 104.25 8.17 -102.31
C ALA O 798 105.53 8.41 -101.52
N ALA O 799 105.42 9.21 -100.45
CA ALA O 799 106.61 9.55 -99.68
C ALA O 799 107.18 8.30 -99.00
N LEU O 800 106.32 7.39 -98.56
CA LEU O 800 106.82 6.18 -97.93
C LEU O 800 107.42 5.23 -98.95
N GLU O 801 106.86 5.19 -100.16
CA GLU O 801 107.51 4.44 -101.23
C GLU O 801 108.91 4.96 -101.51
N GLU O 802 109.05 6.28 -101.58
CA GLU O 802 110.36 6.87 -101.82
C GLU O 802 111.32 6.55 -100.68
N LEU O 803 110.84 6.65 -99.45
CA LEU O 803 111.68 6.33 -98.30
C LEU O 803 112.12 4.87 -98.33
N GLN O 804 111.20 3.98 -98.70
CA GLN O 804 111.55 2.56 -98.76
C GLN O 804 112.57 2.29 -99.85
N ARG O 805 112.45 2.96 -101.00
CA ARG O 805 113.46 2.82 -102.04
C ARG O 805 114.82 3.30 -101.55
N ARG O 806 114.85 4.47 -100.93
CA ARG O 806 116.11 4.99 -100.39
C ARG O 806 116.72 4.04 -99.37
N LEU O 807 115.89 3.49 -98.49
CA LEU O 807 116.40 2.60 -97.45
C LEU O 807 116.93 1.30 -98.03
N GLN O 808 116.25 0.76 -99.04
CA GLN O 808 116.77 -0.45 -99.68
C GLN O 808 118.07 -0.17 -100.42
N PHE O 809 118.19 1.01 -101.03
CA PHE O 809 119.46 1.37 -101.66
C PHE O 809 120.57 1.48 -100.61
N GLU O 810 120.28 2.10 -99.48
CA GLU O 810 121.27 2.21 -98.41
C GLU O 810 121.65 0.83 -97.87
N GLU O 811 120.67 -0.06 -97.75
CA GLU O 811 120.96 -1.41 -97.29
C GLU O 811 121.87 -2.14 -98.27
N LYS O 812 121.56 -2.06 -99.56
CA LYS O 812 122.41 -2.70 -100.56
C LYS O 812 123.81 -2.11 -100.54
N LYS O 813 123.91 -0.80 -100.36
CA LYS O 813 125.22 -0.15 -100.27
C LYS O 813 126.02 -0.67 -99.08
N LYS O 814 125.38 -0.75 -97.92
CA LYS O 814 126.08 -1.27 -96.74
C LYS O 814 126.48 -2.71 -96.96
N GLN O 815 125.63 -3.49 -97.62
CA GLN O 815 125.94 -4.90 -97.84
C GLN O 815 127.18 -5.04 -98.72
N ARG O 816 127.26 -4.26 -99.78
CA ARG O 816 128.45 -4.25 -100.63
C ARG O 816 129.67 -3.77 -99.85
N ALA O 826 127.88 1.92 -108.37
CA ALA O 826 127.59 3.17 -109.08
C ALA O 826 126.17 3.17 -109.63
N ALA O 827 125.68 1.98 -109.99
CA ALA O 827 124.31 1.88 -110.49
C ALA O 827 123.32 2.24 -109.40
N GLU O 828 123.55 1.77 -108.18
CA GLU O 828 122.66 2.10 -107.07
C GLU O 828 122.70 3.60 -106.79
N GLU O 829 123.87 4.21 -106.85
CA GLU O 829 123.98 5.64 -106.61
C GLU O 829 123.27 6.44 -107.71
N GLU O 830 123.43 6.04 -108.97
CA GLU O 830 122.69 6.69 -110.05
C GLU O 830 121.18 6.55 -109.87
N GLN O 831 120.73 5.37 -109.43
CA GLN O 831 119.30 5.17 -109.20
C GLN O 831 118.81 6.03 -108.04
N GLU O 832 119.63 6.16 -106.99
CA GLU O 832 119.29 7.05 -105.89
C GLU O 832 119.21 8.50 -106.36
N LYS O 833 120.16 8.92 -107.19
CA LYS O 833 120.11 10.28 -107.74
C LYS O 833 118.83 10.50 -108.54
N ARG O 834 118.49 9.54 -109.40
CA ARG O 834 117.27 9.68 -110.20
C ARG O 834 116.03 9.70 -109.32
N ARG O 835 116.00 8.88 -108.27
CA ARG O 835 114.87 8.88 -107.36
C ARG O 835 114.77 10.21 -106.62
N VAL O 836 115.90 10.74 -106.16
CA VAL O 836 115.91 12.04 -105.50
C VAL O 836 115.38 13.11 -106.43
N GLN O 837 115.76 13.05 -107.72
CA GLN O 837 115.32 14.07 -108.66
C GLN O 837 113.83 13.94 -108.94
N GLU O 838 113.34 12.70 -109.11
CA GLU O 838 111.92 12.51 -109.33
C GLU O 838 111.12 12.96 -108.13
N PHE O 839 111.67 12.77 -106.93
CA PHE O 839 110.96 13.17 -105.72
C PHE O 839 110.94 14.68 -105.59
N GLN O 840 112.07 15.34 -105.85
CA GLN O 840 112.11 16.79 -105.83
C GLN O 840 111.15 17.37 -106.87
N GLU O 841 111.08 16.77 -108.06
CA GLU O 841 110.14 17.27 -109.06
C GLU O 841 108.70 16.96 -108.71
N SER O 842 108.47 15.93 -107.89
CA SER O 842 107.11 15.66 -107.45
C SER O 842 106.71 16.64 -106.35
N ILE O 843 107.68 17.00 -105.51
CA ILE O 843 107.38 17.87 -104.37
C ILE O 843 106.77 19.18 -104.85
N PRO O 844 107.29 19.84 -105.88
CA PRO O 844 106.59 21.04 -106.36
C PRO O 844 105.17 20.76 -106.80
N LYS O 845 104.93 19.60 -107.43
CA LYS O 845 103.58 19.24 -107.82
C LYS O 845 102.69 19.03 -106.60
N MET O 846 103.20 18.32 -105.60
CA MET O 846 102.40 18.09 -104.40
C MET O 846 102.10 19.40 -103.69
N CYS O 847 103.09 20.28 -103.61
CA CYS O 847 102.88 21.57 -102.96
C CYS O 847 101.86 22.40 -103.70
N SER O 848 101.90 22.40 -105.03
CA SER O 848 100.93 23.18 -105.79
C SER O 848 99.53 22.58 -105.66
N GLN O 849 99.44 21.25 -105.64
CA GLN O 849 98.15 20.61 -105.42
C GLN O 849 97.58 20.98 -104.06
N LEU O 850 98.42 20.91 -103.02
CA LEU O 850 97.97 21.26 -101.68
C LEU O 850 97.60 22.73 -101.60
N ARG O 851 98.33 23.60 -102.30
CA ARG O 851 97.98 25.00 -102.34
C ARG O 851 96.60 25.19 -102.95
N ILE O 852 96.33 24.50 -104.05
CA ILE O 852 95.03 24.63 -104.70
C ILE O 852 93.93 24.14 -103.77
N LEU O 853 94.15 22.97 -103.15
CA LEU O 853 93.17 22.44 -102.22
C LEU O 853 92.94 23.38 -101.06
N THR O 854 94.01 23.94 -100.49
CA THR O 854 93.88 24.87 -99.39
C THR O 854 93.07 26.09 -99.82
N HIS O 855 93.40 26.64 -100.99
CA HIS O 855 92.68 27.81 -101.47
C HIS O 855 91.19 27.49 -101.60
N PHE O 856 90.86 26.36 -102.22
CA PHE O 856 89.47 26.03 -102.44
C PHE O 856 88.75 25.79 -101.12
N TYR O 857 89.38 25.07 -100.20
CA TYR O 857 88.77 24.80 -98.91
C TYR O 857 88.52 26.09 -98.15
N GLN O 858 89.50 26.99 -98.16
CA GLN O 858 89.34 28.25 -97.44
C GLN O 858 88.25 29.09 -98.07
N GLY O 859 88.18 29.11 -99.39
CA GLY O 859 87.12 29.85 -100.05
C GLY O 859 85.75 29.29 -99.72
N VAL O 860 85.64 27.97 -99.70
CA VAL O 860 84.37 27.34 -99.35
C VAL O 860 83.98 27.65 -97.92
N VAL O 861 84.96 27.61 -97.01
CA VAL O 861 84.66 27.94 -95.62
C VAL O 861 84.26 29.40 -95.49
N GLN O 862 84.88 30.27 -96.27
CA GLN O 862 84.48 31.67 -96.28
C GLN O 862 83.05 31.83 -96.78
N GLN O 863 82.70 31.14 -97.87
CA GLN O 863 81.34 31.21 -98.36
C GLN O 863 80.36 30.70 -97.33
N PHE O 864 80.71 29.61 -96.66
CA PHE O 864 79.92 29.10 -95.54
C PHE O 864 79.73 30.18 -94.49
N LEU O 865 80.80 30.84 -94.10
CA LEU O 865 80.70 31.84 -93.04
C LEU O 865 79.82 33.01 -93.49
N VAL O 866 79.98 33.44 -94.74
CA VAL O 866 79.13 34.50 -95.29
C VAL O 866 77.67 34.09 -95.20
N SER O 867 77.36 32.87 -95.65
CA SER O 867 75.97 32.44 -95.58
C SER O 867 75.51 32.33 -94.14
N LEU O 868 76.42 32.01 -93.22
CA LEU O 868 76.03 32.03 -91.81
C LEU O 868 75.66 33.44 -91.39
N THR O 869 76.46 34.41 -91.83
CA THR O 869 76.23 35.78 -91.40
C THR O 869 74.93 36.28 -91.98
N THR O 870 74.49 35.67 -93.09
CA THR O 870 73.26 36.08 -93.74
C THR O 870 72.04 35.50 -93.05
N SER O 871 72.25 34.62 -92.08
CA SER O 871 71.18 33.90 -91.43
C SER O 871 70.50 34.78 -90.38
N SER O 872 69.31 34.36 -89.97
CA SER O 872 68.56 35.02 -88.92
C SER O 872 68.67 34.34 -87.56
N ASP O 873 69.34 33.20 -87.47
CA ASP O 873 69.37 32.45 -86.21
C ASP O 873 70.48 32.93 -85.30
N GLU O 874 70.10 33.23 -84.05
CA GLU O 874 71.09 33.74 -83.10
C GLU O 874 72.05 32.64 -82.69
N SER O 875 71.57 31.40 -82.59
CA SER O 875 72.45 30.31 -82.22
C SER O 875 73.50 30.11 -83.30
N LEU O 876 73.09 30.23 -84.56
CA LEU O 876 74.06 30.13 -85.65
C LEU O 876 75.01 31.31 -85.68
N ARG O 877 74.55 32.49 -85.27
CA ARG O 877 75.48 33.62 -85.14
C ARG O 877 76.49 33.37 -84.04
N PHE O 878 76.05 32.77 -82.93
CA PHE O 878 76.98 32.34 -81.90
C PHE O 878 77.96 31.31 -82.44
N LEU O 879 77.48 30.37 -83.25
CA LEU O 879 78.38 29.39 -83.83
C LEU O 879 79.43 30.06 -84.69
N SER O 880 79.00 31.00 -85.54
CA SER O 880 79.94 31.69 -86.40
C SER O 880 80.94 32.50 -85.59
N PHE O 881 80.54 32.99 -84.42
CA PHE O 881 81.49 33.71 -83.58
C PHE O 881 82.47 32.74 -82.92
N ARG O 882 81.97 31.60 -82.48
CA ARG O 882 82.83 30.64 -81.80
C ARG O 882 83.87 30.11 -82.76
N LEU O 883 83.49 29.89 -84.01
CA LEU O 883 84.42 29.27 -84.94
C LEU O 883 85.49 30.28 -85.35
N ASP O 884 85.15 31.56 -85.33
CA ASP O 884 86.00 32.64 -85.81
C ASP O 884 86.41 33.58 -84.68
N PHE O 885 86.65 33.05 -83.48
CA PHE O 885 86.96 33.92 -82.36
C PHE O 885 88.29 34.66 -82.57
N ASN O 886 89.34 33.99 -83.05
CA ASN O 886 90.58 34.70 -83.35
C ASN O 886 90.38 35.72 -84.45
N GLU O 887 89.40 35.48 -85.33
CA GLU O 887 89.27 36.24 -86.55
C GLU O 887 90.32 35.80 -87.55
N HIS O 888 90.71 34.53 -87.51
CA HIS O 888 91.75 34.09 -88.44
C HIS O 888 91.18 34.02 -89.85
N TYR O 889 89.88 33.77 -89.95
CA TYR O 889 89.13 33.86 -91.20
C TYR O 889 88.34 35.15 -91.26
N ARG O 890 88.41 35.95 -90.19
CA ARG O 890 87.93 37.32 -90.14
C ARG O 890 89.05 38.31 -90.40
N ALA O 891 90.16 37.82 -90.95
CA ALA O 891 91.25 38.66 -91.41
C ALA O 891 91.37 38.62 -92.93
N ARG O 892 90.42 37.96 -93.61
CA ARG O 892 90.41 37.86 -95.05
C ARG O 892 89.06 38.26 -95.63
N GLU O 893 87.99 38.23 -94.84
CA GLU O 893 86.71 38.81 -95.22
C GLU O 893 86.27 39.65 -94.04
N PRO O 894 86.16 40.98 -94.19
CA PRO O 894 85.78 41.78 -93.02
C PRO O 894 84.32 41.56 -92.62
N GLY P 244 -82.02 81.66 -48.49
CA GLY P 244 -81.95 80.86 -47.28
C GLY P 244 -80.92 81.39 -46.30
N ALA P 245 -81.35 81.57 -45.04
CA ALA P 245 -80.44 82.04 -44.00
C ALA P 245 -79.19 81.17 -43.95
N VAL P 246 -78.11 81.71 -43.41
CA VAL P 246 -76.90 80.96 -43.17
C VAL P 246 -76.97 80.48 -41.72
N GLU P 247 -77.07 79.17 -41.53
CA GLU P 247 -76.84 78.54 -40.25
C GLU P 247 -75.50 77.81 -40.29
N VAL P 248 -74.65 78.06 -39.31
CA VAL P 248 -73.29 77.56 -39.34
C VAL P 248 -73.31 76.12 -38.87
N THR P 249 -72.64 75.25 -39.61
CA THR P 249 -72.73 73.85 -39.29
C THR P 249 -72.03 73.60 -37.95
N GLU P 250 -72.28 72.44 -37.39
CA GLU P 250 -71.63 72.11 -36.12
C GLU P 250 -70.13 72.07 -36.28
N ALA P 251 -69.65 71.48 -37.37
CA ALA P 251 -68.21 71.45 -37.65
C ALA P 251 -67.65 72.85 -37.84
N ALA P 252 -68.34 73.72 -38.57
CA ALA P 252 -67.81 75.05 -38.80
C ALA P 252 -67.82 75.87 -37.52
N LEU P 253 -68.86 75.69 -36.70
CA LEU P 253 -68.88 76.37 -35.41
C LEU P 253 -67.77 75.84 -34.52
N VAL P 254 -67.50 74.55 -34.59
CA VAL P 254 -66.40 73.98 -33.82
C VAL P 254 -65.08 74.57 -34.26
N ARG P 255 -64.87 74.70 -35.57
CA ARG P 255 -63.63 75.27 -36.06
C ARG P 255 -63.48 76.71 -35.61
N ASP P 256 -64.57 77.48 -35.66
CA ASP P 256 -64.51 78.87 -35.24
C ASP P 256 -64.24 78.98 -33.75
N ILE P 257 -64.89 78.14 -32.95
CA ILE P 257 -64.65 78.16 -31.51
C ILE P 257 -63.25 77.67 -31.18
N LEU P 258 -62.70 76.77 -31.98
CA LEU P 258 -61.33 76.35 -31.74
C LEU P 258 -60.35 77.45 -32.08
N TYR P 259 -60.65 78.23 -33.12
CA TYR P 259 -59.86 79.44 -33.34
C TYR P 259 -60.00 80.41 -32.19
N VAL P 260 -61.22 80.56 -31.67
CA VAL P 260 -61.42 81.45 -30.54
C VAL P 260 -60.60 80.97 -29.36
N PHE P 261 -60.50 79.65 -29.19
CA PHE P 261 -59.69 79.13 -28.10
C PHE P 261 -58.23 79.41 -28.38
N GLN P 262 -57.85 79.35 -29.65
CA GLN P 262 -56.48 79.63 -30.02
C GLN P 262 -56.18 81.11 -29.94
N GLY P 263 -57.18 81.92 -29.61
CA GLY P 263 -56.95 83.34 -29.48
C GLY P 263 -57.15 84.13 -30.75
N ILE P 264 -57.62 83.50 -31.82
CA ILE P 264 -57.88 84.20 -33.07
C ILE P 264 -59.31 83.93 -33.52
N ASP P 265 -60.05 85.00 -33.80
CA ASP P 265 -61.48 84.93 -33.98
C ASP P 265 -61.84 84.02 -35.15
N GLY P 266 -63.10 83.60 -35.19
CA GLY P 266 -63.59 82.69 -36.20
C GLY P 266 -64.03 83.45 -37.44
N LYS P 267 -64.95 82.83 -38.18
CA LYS P 267 -65.59 83.48 -39.31
C LYS P 267 -67.03 83.88 -39.04
N HIS P 268 -67.64 83.34 -37.99
CA HIS P 268 -69.00 83.68 -37.59
C HIS P 268 -69.09 84.01 -36.12
N VAL P 269 -68.10 83.60 -35.31
CA VAL P 269 -67.98 83.94 -33.91
C VAL P 269 -66.72 84.78 -33.77
N LYS P 270 -66.86 85.99 -33.24
CA LYS P 270 -65.79 86.96 -33.25
C LYS P 270 -65.65 87.55 -31.84
N MET P 271 -64.43 87.91 -31.49
CA MET P 271 -64.20 88.53 -30.18
C MET P 271 -64.90 89.88 -30.15
N SER P 272 -65.94 89.97 -29.34
CA SER P 272 -66.46 91.25 -28.87
C SER P 272 -65.48 91.83 -27.85
N ASN P 273 -64.81 92.90 -28.26
CA ASN P 273 -63.88 93.63 -27.42
C ASN P 273 -64.57 94.71 -26.60
N ALA P 274 -65.90 94.67 -26.52
CA ALA P 274 -66.64 95.53 -25.61
C ALA P 274 -67.14 94.73 -24.42
N ASP P 275 -66.86 93.43 -24.41
CA ASP P 275 -67.01 92.58 -23.25
C ASP P 275 -65.74 91.79 -22.98
N ASN P 276 -64.81 91.73 -23.92
CA ASN P 276 -63.58 90.97 -23.79
C ASN P 276 -63.92 89.48 -23.82
N CYS P 277 -64.88 89.11 -24.66
CA CYS P 277 -65.17 87.71 -24.92
C CYS P 277 -65.74 87.56 -26.31
N TYR P 278 -65.72 86.34 -26.83
CA TYR P 278 -66.19 86.11 -28.19
C TYR P 278 -67.70 85.97 -28.19
N THR P 279 -68.36 86.79 -29.01
CA THR P 279 -69.78 86.72 -29.25
C THR P 279 -70.03 86.18 -30.65
N VAL P 280 -71.09 85.39 -30.78
CA VAL P 280 -71.48 84.86 -32.07
C VAL P 280 -72.32 85.89 -32.81
N GLU P 281 -71.94 86.19 -34.04
CA GLU P 281 -72.66 87.20 -34.80
C GLU P 281 -74.10 86.78 -34.98
N GLY P 282 -74.98 87.77 -35.15
CA GLY P 282 -76.36 87.48 -35.47
C GLY P 282 -76.68 87.39 -36.94
N LYS P 283 -75.73 87.78 -37.80
CA LYS P 283 -75.92 87.59 -39.23
C LYS P 283 -76.10 86.12 -39.56
N ALA P 284 -75.34 85.24 -38.90
CA ALA P 284 -75.61 83.82 -38.98
C ALA P 284 -76.68 83.44 -37.96
N ASN P 285 -77.59 82.56 -38.38
CA ASN P 285 -78.70 82.13 -37.55
C ASN P 285 -78.35 80.77 -36.95
N LEU P 286 -78.18 80.72 -35.63
CA LEU P 286 -77.99 79.49 -34.91
C LEU P 286 -79.01 79.41 -33.80
N SER P 287 -79.33 78.18 -33.39
CA SER P 287 -80.31 77.99 -32.34
C SER P 287 -79.80 78.56 -31.03
N LYS P 288 -80.74 78.72 -30.09
CA LYS P 288 -80.40 79.37 -28.84
C LYS P 288 -79.38 78.52 -28.10
N SER P 289 -79.53 77.20 -28.16
CA SER P 289 -78.63 76.31 -27.45
C SER P 289 -77.25 76.40 -28.05
N LEU P 290 -77.16 76.46 -29.38
CA LEU P 290 -75.88 76.60 -30.03
C LEU P 290 -75.19 77.89 -29.61
N ARG P 291 -75.94 78.99 -29.57
CA ARG P 291 -75.36 80.26 -29.14
C ARG P 291 -74.90 80.20 -27.69
N ASP P 292 -75.67 79.53 -26.83
CA ASP P 292 -75.29 79.41 -25.43
C ASP P 292 -74.01 78.62 -25.29
N THR P 293 -73.92 77.50 -26.02
CA THR P 293 -72.69 76.72 -25.99
C THR P 293 -71.53 77.56 -26.49
N ALA P 294 -71.77 78.35 -27.54
CA ALA P 294 -70.71 79.17 -28.09
C ALA P 294 -70.19 80.15 -27.04
N VAL P 295 -71.10 80.78 -26.30
CA VAL P 295 -70.70 81.71 -25.25
C VAL P 295 -69.92 80.96 -24.16
N ARG P 296 -70.46 79.82 -23.74
CA ARG P 296 -69.81 79.03 -22.71
C ARG P 296 -68.39 78.67 -23.13
N LEU P 297 -68.17 78.49 -24.43
CA LEU P 297 -66.84 78.10 -24.89
C LEU P 297 -65.93 79.32 -25.05
N ALA P 298 -66.49 80.43 -25.53
CA ALA P 298 -65.69 81.64 -25.69
C ALA P 298 -65.24 82.23 -24.37
N GLU P 299 -65.87 81.84 -23.26
CA GLU P 299 -65.26 82.15 -21.97
C GLU P 299 -63.81 81.69 -21.94
N LEU P 300 -63.56 80.50 -22.49
CA LEU P 300 -62.20 79.99 -22.52
C LEU P 300 -61.30 80.85 -23.38
N GLY P 301 -61.81 81.31 -24.53
CA GLY P 301 -61.01 82.21 -25.35
C GLY P 301 -60.69 83.52 -24.65
N TRP P 302 -61.62 84.01 -23.85
CA TRP P 302 -61.34 85.19 -23.05
C TRP P 302 -60.17 84.93 -22.11
N LEU P 303 -60.24 83.82 -21.37
CA LEU P 303 -59.16 83.50 -20.45
C LEU P 303 -57.83 83.32 -21.19
N HIS P 304 -57.88 82.60 -22.31
CA HIS P 304 -56.71 82.44 -23.17
C HIS P 304 -56.08 83.78 -23.50
N ASN P 305 -56.90 84.71 -23.97
CA ASN P 305 -56.35 85.97 -24.44
C ASN P 305 -55.81 86.78 -23.27
N LYS P 306 -56.43 86.66 -22.11
CA LYS P 306 -55.90 87.34 -20.93
C LYS P 306 -54.51 86.82 -20.60
N ILE P 307 -54.36 85.49 -20.52
CA ILE P 307 -53.05 84.91 -20.25
C ILE P 307 -52.04 85.33 -21.32
N ARG P 308 -52.48 85.37 -22.57
CA ARG P 308 -51.58 85.76 -23.65
C ARG P 308 -51.09 87.19 -23.46
N LYS P 309 -52.02 88.11 -23.19
CA LYS P 309 -51.63 89.49 -23.02
C LYS P 309 -50.67 89.64 -21.85
N TYR P 310 -50.94 88.94 -20.75
CA TYR P 310 -50.06 89.04 -19.59
C TYR P 310 -48.66 88.57 -19.93
N THR P 311 -48.56 87.45 -20.66
CA THR P 311 -47.24 86.94 -20.99
C THR P 311 -46.52 87.88 -21.94
N ASP P 312 -47.23 88.38 -22.95
CA ASP P 312 -46.62 89.30 -23.89
C ASP P 312 -46.09 90.53 -23.15
N GLN P 313 -46.91 91.07 -22.24
CA GLN P 313 -46.53 92.32 -21.59
C GLN P 313 -45.30 92.11 -20.72
N ARG P 314 -45.33 91.10 -19.85
CA ARG P 314 -44.20 90.92 -18.95
C ARG P 314 -42.96 90.43 -19.67
N SER P 315 -43.11 89.89 -20.88
CA SER P 315 -41.96 89.35 -21.61
C SER P 315 -41.02 90.43 -22.13
N LEU P 316 -41.51 91.64 -22.37
CA LEU P 316 -40.67 92.70 -22.93
C LEU P 316 -39.86 93.48 -21.90
N ASP P 317 -40.16 93.40 -20.61
CA ASP P 317 -39.47 94.22 -19.62
C ASP P 317 -38.26 93.47 -19.10
N ARG P 318 -37.06 93.86 -19.56
CA ARG P 318 -35.84 93.33 -18.96
C ARG P 318 -35.78 93.69 -17.48
N SER P 319 -36.45 94.77 -17.10
CA SER P 319 -36.46 95.21 -15.70
C SER P 319 -37.22 94.24 -14.81
N PHE P 320 -38.09 93.41 -15.38
CA PHE P 320 -38.91 92.53 -14.56
C PHE P 320 -38.12 91.41 -13.89
N GLY P 321 -36.87 91.18 -14.29
CA GLY P 321 -36.01 90.27 -13.58
C GLY P 321 -36.17 88.82 -14.01
N LEU P 322 -35.22 88.01 -13.54
CA LEU P 322 -35.20 86.59 -13.91
C LEU P 322 -36.38 85.84 -13.34
N VAL P 323 -36.80 86.18 -12.12
CA VAL P 323 -37.95 85.50 -11.53
C VAL P 323 -39.21 85.73 -12.36
N GLY P 324 -39.42 86.97 -12.80
CA GLY P 324 -40.57 87.23 -13.66
C GLY P 324 -40.49 86.49 -14.98
N GLN P 325 -39.31 86.42 -15.56
CA GLN P 325 -39.14 85.69 -16.80
C GLN P 325 -39.41 84.20 -16.61
N SER P 326 -38.98 83.66 -15.47
CA SER P 326 -39.25 82.25 -15.20
C SER P 326 -40.73 82.00 -14.99
N PHE P 327 -41.42 82.91 -14.32
CA PHE P 327 -42.87 82.79 -14.21
C PHE P 327 -43.52 82.80 -15.59
N CYS P 328 -43.07 83.70 -16.45
CA CYS P 328 -43.62 83.75 -17.80
C CYS P 328 -43.31 82.48 -18.57
N ALA P 329 -42.13 81.92 -18.36
CA ALA P 329 -41.78 80.67 -19.04
C ALA P 329 -42.66 79.52 -18.58
N ALA P 330 -42.87 79.40 -17.28
CA ALA P 330 -43.79 78.38 -16.78
C ALA P 330 -45.18 78.57 -17.37
N LEU P 331 -45.62 79.82 -17.49
CA LEU P 331 -46.95 80.06 -18.01
C LEU P 331 -47.01 79.70 -19.48
N HIS P 332 -46.00 80.08 -20.24
CA HIS P 332 -45.87 79.60 -21.61
C HIS P 332 -45.98 78.09 -21.69
N GLN P 333 -45.32 77.38 -20.78
CA GLN P 333 -45.34 75.93 -20.82
C GLN P 333 -46.75 75.39 -20.61
N GLU P 334 -47.45 75.92 -19.61
CA GLU P 334 -48.84 75.52 -19.42
C GLU P 334 -49.68 75.87 -20.64
N LEU P 335 -49.40 77.01 -21.26
CA LEU P 335 -50.13 77.41 -22.45
C LEU P 335 -49.91 76.41 -23.57
N ARG P 336 -48.68 75.93 -23.71
CA ARG P 336 -48.38 74.96 -24.75
C ARG P 336 -49.07 73.64 -24.46
N GLU P 337 -49.16 73.25 -23.19
CA GLU P 337 -49.98 72.09 -22.85
C GLU P 337 -51.41 72.30 -23.33
N TYR P 338 -51.96 73.47 -23.07
CA TYR P 338 -53.31 73.77 -23.53
C TYR P 338 -53.39 73.67 -25.04
N TYR P 339 -52.38 74.19 -25.73
CA TYR P 339 -52.37 74.11 -27.18
C TYR P 339 -52.26 72.68 -27.66
N ARG P 340 -51.53 71.83 -26.93
CA ARG P 340 -51.42 70.43 -27.34
C ARG P 340 -52.76 69.73 -27.21
N LEU P 341 -53.54 70.14 -26.21
CA LEU P 341 -54.88 69.58 -26.12
C LEU P 341 -55.74 70.14 -27.24
N LEU P 342 -55.55 71.41 -27.57
CA LEU P 342 -56.31 72.00 -28.66
C LEU P 342 -55.98 71.30 -29.97
N SER P 343 -54.72 70.92 -30.15
CA SER P 343 -54.31 70.20 -31.35
C SER P 343 -54.89 68.78 -31.37
N VAL P 344 -55.03 68.15 -30.20
CA VAL P 344 -55.74 66.89 -30.17
C VAL P 344 -57.17 67.12 -30.65
N LEU P 345 -57.77 68.20 -30.19
CA LEU P 345 -59.17 68.43 -30.49
C LEU P 345 -59.33 68.78 -31.96
N HIS P 346 -58.36 69.52 -32.50
CA HIS P 346 -58.34 69.78 -33.93
C HIS P 346 -58.30 68.48 -34.71
N SER P 347 -57.34 67.61 -34.38
CA SER P 347 -57.25 66.33 -35.08
C SER P 347 -58.57 65.56 -35.01
N GLN P 348 -59.20 65.58 -33.84
CA GLN P 348 -60.50 64.91 -33.71
C GLN P 348 -61.56 65.56 -34.59
N LEU P 349 -61.57 66.89 -34.65
CA LEU P 349 -62.51 67.58 -35.53
C LEU P 349 -62.25 67.21 -36.98
N GLN P 350 -60.98 67.13 -37.36
CA GLN P 350 -60.66 66.86 -38.75
C GLN P 350 -61.05 65.43 -39.09
N LEU P 351 -61.07 64.57 -38.07
CA LEU P 351 -61.50 63.20 -38.31
C LEU P 351 -62.97 63.17 -38.70
N GLU P 352 -63.75 64.13 -38.21
CA GLU P 352 -65.15 64.23 -38.62
C GLU P 352 -65.29 64.65 -40.08
N ASP P 353 -64.37 65.49 -40.56
CA ASP P 353 -64.40 65.93 -41.95
C ASP P 353 -63.98 64.80 -42.90
N LEU P 365 -68.58 63.77 -34.00
CA LEU P 365 -68.17 64.93 -33.22
C LEU P 365 -69.33 65.90 -33.06
N THR P 366 -69.65 66.28 -31.82
CA THR P 366 -70.61 67.32 -31.55
C THR P 366 -70.05 68.33 -30.57
N LEU P 367 -70.66 69.51 -30.56
CA LEU P 367 -70.20 70.59 -29.72
C LEU P 367 -70.18 70.17 -28.25
N ARG P 368 -71.15 69.36 -27.85
CA ARG P 368 -71.24 69.00 -26.44
C ARG P 368 -70.09 68.09 -26.04
N ARG P 369 -69.72 67.15 -26.91
CA ARG P 369 -68.58 66.31 -26.58
C ARG P 369 -67.34 67.17 -26.44
N LEU P 370 -67.22 68.18 -27.29
CA LEU P 370 -66.08 69.08 -27.14
C LEU P 370 -66.24 69.88 -25.85
N LEU P 371 -67.47 70.26 -25.53
CA LEU P 371 -67.70 70.90 -24.24
C LEU P 371 -67.29 69.96 -23.13
N VAL P 372 -67.65 68.68 -23.27
CA VAL P 372 -67.26 67.72 -22.25
C VAL P 372 -65.75 67.57 -22.25
N TRP P 373 -65.17 67.46 -23.44
CA TRP P 373 -63.73 67.41 -23.57
C TRP P 373 -63.05 68.66 -23.03
N THR P 374 -63.73 69.80 -23.14
CA THR P 374 -63.17 71.07 -22.67
C THR P 374 -63.41 71.35 -21.19
N TYR P 375 -64.14 70.50 -20.48
CA TYR P 375 -64.40 70.76 -19.08
C TYR P 375 -63.09 70.89 -18.29
N ASP P 376 -62.18 69.94 -18.45
CA ASP P 376 -60.93 69.97 -17.70
C ASP P 376 -60.07 71.17 -18.12
N PRO P 377 -59.99 71.45 -19.41
CA PRO P 377 -59.35 72.71 -19.82
C PRO P 377 -59.95 73.94 -19.17
N LYS P 378 -61.26 73.96 -18.96
CA LYS P 378 -61.86 75.14 -18.34
C LYS P 378 -61.34 75.33 -16.93
N MET P 379 -61.26 74.23 -16.18
CA MET P 379 -60.71 74.31 -14.82
C MET P 379 -59.27 74.77 -14.85
N ARG P 380 -58.46 74.16 -15.71
CA ARG P 380 -57.05 74.52 -15.77
C ARG P 380 -56.89 76.01 -16.04
N LEU P 381 -57.55 76.51 -17.09
CA LEU P 381 -57.35 77.90 -17.47
C LEU P 381 -57.98 78.86 -16.47
N LYS P 382 -59.04 78.45 -15.78
CA LYS P 382 -59.57 79.30 -14.71
C LYS P 382 -58.56 79.44 -13.59
N THR P 383 -57.98 78.33 -13.16
CA THR P 383 -56.98 78.40 -12.10
C THR P 383 -55.80 79.23 -12.55
N LEU P 384 -55.39 79.07 -13.80
CA LEU P 384 -54.23 79.82 -14.28
C LEU P 384 -54.52 81.31 -14.33
N ALA P 385 -55.72 81.69 -14.78
CA ALA P 385 -56.07 83.11 -14.83
C ALA P 385 -56.11 83.70 -13.43
N ALA P 386 -56.64 82.94 -12.47
CA ALA P 386 -56.69 83.44 -11.11
C ALA P 386 -55.30 83.60 -10.50
N LEU P 387 -54.42 82.63 -10.71
CA LEU P 387 -53.03 82.79 -10.29
C LEU P 387 -52.40 84.02 -10.92
N VAL P 388 -52.62 84.21 -12.22
CA VAL P 388 -52.04 85.34 -12.93
C VAL P 388 -52.51 86.67 -12.35
N ASP P 389 -53.80 86.80 -12.08
CA ASP P 389 -54.31 88.07 -11.57
C ASP P 389 -53.70 88.43 -10.23
N HIS P 390 -53.57 87.47 -9.32
CA HIS P 390 -53.00 87.78 -8.01
C HIS P 390 -51.52 88.08 -8.08
N CYS P 391 -50.81 87.54 -9.07
CA CYS P 391 -49.38 87.72 -9.18
C CYS P 391 -49.00 88.88 -10.08
N GLN P 392 -49.97 89.64 -10.56
CA GLN P 392 -49.69 90.76 -11.46
C GLN P 392 -49.31 92.01 -10.69
N GLY P 393 -48.39 92.78 -11.26
CA GLY P 393 -47.93 93.97 -10.59
C GLY P 393 -47.03 93.74 -9.40
N ARG P 394 -46.31 92.61 -9.36
CA ARG P 394 -45.42 92.33 -8.25
C ARG P 394 -44.13 91.75 -8.79
N LYS P 395 -43.08 91.86 -7.99
CA LYS P 395 -41.76 91.41 -8.40
C LYS P 395 -41.03 90.91 -7.17
N GLY P 396 -40.07 90.02 -7.39
CA GLY P 396 -39.22 89.59 -6.30
C GLY P 396 -40.10 88.97 -5.23
N GLY P 397 -39.89 89.39 -3.98
CA GLY P 397 -40.64 88.78 -2.92
C GLY P 397 -42.11 89.13 -2.95
N GLU P 398 -42.47 90.24 -3.60
CA GLU P 398 -43.89 90.53 -3.78
C GLU P 398 -44.53 89.55 -4.75
N LEU P 399 -43.82 89.20 -5.82
CA LEU P 399 -44.33 88.19 -6.74
C LEU P 399 -44.42 86.84 -6.04
N ALA P 400 -43.34 86.47 -5.32
CA ALA P 400 -43.31 85.17 -4.66
C ALA P 400 -44.43 85.05 -3.64
N SER P 401 -44.65 86.09 -2.84
CA SER P 401 -45.77 86.09 -1.91
C SER P 401 -47.10 85.99 -2.66
N ALA P 402 -47.26 86.74 -3.75
CA ALA P 402 -48.51 86.72 -4.48
C ALA P 402 -48.84 85.31 -4.95
N VAL P 403 -47.84 84.60 -5.47
CA VAL P 403 -48.06 83.22 -5.88
C VAL P 403 -48.30 82.33 -4.67
N HIS P 404 -47.53 82.52 -3.60
CA HIS P 404 -47.65 81.64 -2.44
C HIS P 404 -49.01 81.75 -1.81
N ALA P 405 -49.67 82.90 -1.97
CA ALA P 405 -51.01 83.07 -1.43
C ALA P 405 -52.02 82.19 -2.15
N TYR P 406 -51.81 81.92 -3.44
CA TYR P 406 -52.77 81.15 -4.19
C TYR P 406 -52.68 79.67 -3.86
N THR P 407 -51.53 79.23 -3.34
CA THR P 407 -51.35 77.85 -2.89
C THR P 407 -52.35 77.44 -1.82
N LYS P 408 -52.98 78.39 -1.12
CA LYS P 408 -53.89 78.02 -0.04
C LYS P 408 -55.20 77.44 -0.55
N THR P 409 -55.44 77.43 -1.86
CA THR P 409 -56.62 76.80 -2.41
C THR P 409 -56.77 75.36 -1.94
N GLY P 410 -58.03 74.96 -1.72
CA GLY P 410 -58.36 73.62 -1.29
C GLY P 410 -58.66 72.62 -2.39
N ASP P 411 -58.88 73.08 -3.62
CA ASP P 411 -59.10 72.17 -4.73
C ASP P 411 -57.80 71.48 -5.13
N PRO P 412 -57.75 70.14 -5.18
CA PRO P 412 -56.46 69.48 -5.38
C PRO P 412 -55.90 69.63 -6.78
N TYR P 413 -56.73 69.67 -7.81
CA TYR P 413 -56.20 69.88 -9.15
C TYR P 413 -55.50 71.23 -9.22
N ALA P 414 -56.19 72.26 -8.76
CA ALA P 414 -55.59 73.59 -8.69
C ALA P 414 -54.38 73.57 -7.78
N ARG P 415 -54.48 72.88 -6.64
CA ARG P 415 -53.36 72.87 -5.69
C ARG P 415 -52.11 72.32 -6.33
N SER P 416 -52.24 71.19 -7.03
CA SER P 416 -51.07 70.58 -7.66
C SER P 416 -50.51 71.46 -8.77
N LEU P 417 -51.39 72.00 -9.62
CA LEU P 417 -50.92 72.92 -10.65
C LEU P 417 -50.14 74.07 -10.04
N VAL P 418 -50.70 74.70 -9.01
CA VAL P 418 -50.09 75.87 -8.43
C VAL P 418 -48.81 75.50 -7.71
N GLN P 419 -48.73 74.30 -7.15
CA GLN P 419 -47.51 73.91 -6.46
C GLN P 419 -46.38 73.70 -7.47
N HIS P 420 -46.71 73.11 -8.61
CA HIS P 420 -45.72 72.99 -9.68
C HIS P 420 -45.25 74.37 -10.14
N ILE P 421 -46.19 75.27 -10.39
CA ILE P 421 -45.83 76.61 -10.83
C ILE P 421 -45.00 77.32 -9.77
N LEU P 422 -45.32 77.09 -8.50
CA LEU P 422 -44.58 77.74 -7.42
C LEU P 422 -43.16 77.20 -7.32
N SER P 423 -42.99 75.89 -7.49
CA SER P 423 -41.64 75.35 -7.52
C SER P 423 -40.84 75.94 -8.67
N LEU P 424 -41.47 76.03 -9.85
CA LEU P 424 -40.78 76.60 -11.00
C LEU P 424 -40.39 78.06 -10.73
N VAL P 425 -41.29 78.83 -10.12
CA VAL P 425 -41.01 80.23 -9.92
C VAL P 425 -40.02 80.43 -8.78
N SER P 426 -39.93 79.47 -7.85
CA SER P 426 -39.00 79.62 -6.75
C SER P 426 -37.61 79.17 -7.13
N HIS P 427 -37.49 78.33 -8.16
CA HIS P 427 -36.16 77.90 -8.58
C HIS P 427 -35.25 79.09 -8.85
N PRO P 428 -35.70 80.13 -9.56
CA PRO P 428 -34.84 81.32 -9.69
C PRO P 428 -34.62 82.02 -8.36
N VAL P 429 -35.69 82.22 -7.60
CA VAL P 429 -35.54 82.81 -6.27
C VAL P 429 -34.60 81.98 -5.42
N LEU P 430 -34.73 80.66 -5.50
CA LEU P 430 -33.87 79.79 -4.70
C LEU P 430 -32.42 79.90 -5.15
N SER P 431 -32.19 80.03 -6.46
CA SER P 431 -30.84 80.19 -6.95
C SER P 431 -30.23 81.49 -6.47
N PHE P 432 -30.99 82.59 -6.55
CA PHE P 432 -30.51 83.86 -6.02
C PHE P 432 -30.17 83.72 -4.55
N LEU P 433 -31.05 83.09 -3.78
CA LEU P 433 -30.79 82.97 -2.35
C LEU P 433 -29.55 82.12 -2.11
N TYR P 434 -29.39 81.05 -2.89
CA TYR P 434 -28.21 80.23 -2.75
C TYR P 434 -26.97 81.06 -3.04
N ARG P 435 -27.01 81.87 -4.11
CA ARG P 435 -25.85 82.70 -4.38
C ARG P 435 -25.69 83.74 -3.29
N TRP P 436 -26.81 84.28 -2.79
CA TRP P 436 -26.73 85.22 -1.69
C TRP P 436 -26.30 84.49 -0.44
N ILE P 437 -26.70 83.22 -0.35
CA ILE P 437 -26.41 82.40 0.82
C ILE P 437 -25.03 81.76 0.67
N TYR P 438 -24.59 81.54 -0.55
CA TYR P 438 -23.32 80.87 -0.81
C TYR P 438 -22.25 81.84 -1.29
N ASP P 439 -22.58 82.73 -2.23
CA ASP P 439 -21.60 83.69 -2.67
C ASP P 439 -21.53 84.88 -1.73
N GLY P 440 -22.63 85.20 -1.07
CA GLY P 440 -22.70 86.48 -0.40
C GLY P 440 -22.52 87.59 -1.41
N GLU P 441 -23.14 87.44 -2.58
CA GLU P 441 -23.03 88.44 -3.62
C GLU P 441 -24.32 88.49 -4.39
N LEU P 442 -24.53 89.59 -5.10
CA LEU P 442 -25.79 89.87 -5.76
C LEU P 442 -25.56 90.12 -7.24
N GLU P 443 -26.41 89.53 -8.06
CA GLU P 443 -26.56 89.91 -9.46
C GLU P 443 -27.82 90.72 -9.68
N ASP P 444 -28.27 91.40 -8.64
CA ASP P 444 -29.55 92.08 -8.65
C ASP P 444 -29.39 93.42 -9.37
N THR P 445 -29.75 93.43 -10.65
CA THR P 445 -29.81 94.65 -11.42
C THR P 445 -31.24 95.07 -11.66
N TYR P 446 -32.20 94.19 -11.37
CA TYR P 446 -33.60 94.49 -11.41
C TYR P 446 -34.10 94.89 -10.02
N HIS P 447 -33.36 94.51 -8.98
CA HIS P 447 -33.74 94.72 -7.59
C HIS P 447 -34.99 93.90 -7.26
N GLU P 448 -34.86 92.59 -7.40
CA GLU P 448 -35.89 91.65 -6.96
C GLU P 448 -35.49 90.80 -5.76
N PHE P 449 -34.23 90.83 -5.33
CA PHE P 449 -33.79 90.00 -4.22
C PHE P 449 -33.97 90.75 -2.91
N PHE P 450 -34.36 90.00 -1.87
CA PHE P 450 -34.70 90.63 -0.60
C PHE P 450 -33.47 91.13 0.15
N VAL P 451 -32.27 90.81 -0.31
CA VAL P 451 -31.05 91.35 0.26
C VAL P 451 -30.65 92.55 -0.59
N ALA P 452 -30.62 93.73 0.01
CA ALA P 452 -30.03 94.90 -0.64
C ALA P 452 -28.56 94.98 -0.26
N SER P 453 -27.70 95.06 -1.26
CA SER P 453 -26.34 95.55 -1.09
C SER P 453 -26.33 97.05 -1.39
N ASP P 454 -25.69 97.83 -0.53
CA ASP P 454 -25.49 99.24 -0.82
C ASP P 454 -24.02 99.49 -1.14
N PRO P 455 -23.68 99.86 -2.38
CA PRO P 455 -22.28 100.17 -2.70
C PRO P 455 -21.83 101.51 -2.16
N ALA P 456 -22.75 102.34 -1.68
CA ALA P 456 -22.38 103.66 -1.20
C ALA P 456 -21.69 103.58 0.16
N VAL P 457 -22.00 102.56 0.95
CA VAL P 457 -21.39 102.42 2.25
C VAL P 457 -19.98 101.90 2.07
N LYS P 458 -19.06 102.45 2.85
CA LYS P 458 -17.68 102.01 2.86
C LYS P 458 -17.52 100.80 3.79
N ALA P 459 -16.32 100.21 3.74
CA ALA P 459 -16.08 99.06 4.60
C ALA P 459 -16.17 99.46 6.07
N ASP P 460 -15.95 100.73 6.37
CA ASP P 460 -16.11 101.17 7.75
C ASP P 460 -17.56 101.04 8.20
N ARG P 461 -18.51 101.24 7.27
CA ARG P 461 -19.92 101.09 7.58
C ARG P 461 -20.48 99.78 7.03
N LEU P 462 -19.60 98.82 6.72
CA LEU P 462 -20.07 97.54 6.22
C LEU P 462 -21.06 96.94 7.20
N TRP P 463 -20.75 97.04 8.49
CA TRP P 463 -21.61 96.45 9.50
C TRP P 463 -22.98 97.08 9.44
N HIS P 464 -23.02 98.39 9.20
CA HIS P 464 -24.24 99.18 9.36
C HIS P 464 -25.02 99.19 8.04
N ASP P 465 -24.40 99.70 6.97
CA ASP P 465 -25.14 100.08 5.78
C ASP P 465 -24.97 99.14 4.60
N LYS P 466 -23.88 98.38 4.52
CA LYS P 466 -23.60 97.70 3.27
C LYS P 466 -24.61 96.61 2.99
N TYR P 467 -25.17 95.99 4.01
CA TYR P 467 -26.03 94.82 3.88
C TYR P 467 -27.36 95.10 4.57
N ALA P 468 -28.44 95.20 3.78
CA ALA P 468 -29.72 95.68 4.28
C ALA P 468 -30.84 94.73 3.88
N LEU P 469 -31.87 94.67 4.71
CA LEU P 469 -33.04 93.83 4.45
C LEU P 469 -34.07 94.65 3.67
N ARG P 470 -34.42 94.22 2.46
CA ARG P 470 -35.46 94.87 1.68
C ARG P 470 -36.79 94.19 1.98
N LYS P 471 -37.58 94.81 2.85
CA LYS P 471 -38.82 94.20 3.33
C LYS P 471 -39.77 93.80 2.21
N PRO P 472 -40.01 94.62 1.20
CA PRO P 472 -40.99 94.25 0.15
C PRO P 472 -40.54 93.10 -0.73
N MET P 473 -39.25 92.73 -0.71
CA MET P 473 -38.75 91.63 -1.50
C MET P 473 -38.58 90.35 -0.70
N ILE P 474 -39.10 90.30 0.53
CA ILE P 474 -39.16 89.04 1.28
C ILE P 474 -40.31 88.20 0.72
N PRO P 475 -40.07 86.95 0.36
CA PRO P 475 -41.13 86.10 -0.18
C PRO P 475 -41.93 85.42 0.92
N SER P 476 -43.05 84.82 0.52
CA SER P 476 -43.96 84.18 1.45
C SER P 476 -43.68 82.70 1.61
N PHE P 477 -42.60 82.22 1.01
CA PHE P 477 -41.98 80.96 1.43
C PHE P 477 -40.88 81.19 2.45
N MET P 478 -40.62 82.44 2.80
CA MET P 478 -39.68 82.83 3.84
C MET P 478 -40.44 83.48 4.99
N THR P 479 -39.74 83.68 6.10
CA THR P 479 -40.31 84.34 7.26
C THR P 479 -39.33 85.38 7.78
N MET P 480 -39.75 86.12 8.80
CA MET P 480 -38.91 87.18 9.34
C MET P 480 -37.58 86.63 9.83
N ASP P 481 -37.62 85.47 10.48
CA ASP P 481 -36.39 84.93 11.06
C ASP P 481 -35.48 84.38 9.98
N GLN P 482 -36.05 83.73 8.96
CA GLN P 482 -35.25 83.29 7.84
C GLN P 482 -34.63 84.47 7.10
N CYS P 483 -35.38 85.54 6.92
CA CYS P 483 -34.82 86.74 6.29
C CYS P 483 -33.70 87.34 7.13
N ARG P 484 -33.86 87.36 8.45
CA ARG P 484 -32.79 87.87 9.31
C ARG P 484 -31.55 87.00 9.19
N LYS P 485 -31.73 85.69 9.19
CA LYS P 485 -30.60 84.79 9.04
C LYS P 485 -29.91 84.99 7.70
N VAL P 486 -30.69 85.13 6.62
CA VAL P 486 -30.10 85.30 5.29
C VAL P 486 -29.32 86.60 5.22
N LEU P 487 -29.92 87.68 5.73
CA LEU P 487 -29.21 88.95 5.80
C LEU P 487 -27.89 88.80 6.55
N LEU P 488 -27.93 88.14 7.70
CA LEU P 488 -26.72 88.05 8.51
C LEU P 488 -25.67 87.16 7.86
N ILE P 489 -26.10 86.08 7.22
CA ILE P 489 -25.17 85.24 6.47
C ILE P 489 -24.48 86.04 5.39
N GLY P 490 -25.25 86.77 4.59
CA GLY P 490 -24.66 87.53 3.49
C GLY P 490 -23.74 88.62 4.00
N LYS P 491 -24.15 89.31 5.06
CA LYS P 491 -23.29 90.33 5.64
C LYS P 491 -22.00 89.70 6.15
N SER P 492 -22.09 88.56 6.83
CA SER P 492 -20.89 87.89 7.32
C SER P 492 -19.94 87.55 6.18
N ILE P 493 -20.48 87.00 5.10
CA ILE P 493 -19.63 86.57 4.00
C ILE P 493 -18.94 87.77 3.37
N ASN P 494 -19.70 88.83 3.12
CA ASN P 494 -19.10 89.97 2.45
C ASN P 494 -18.19 90.77 3.37
N PHE P 495 -18.40 90.70 4.68
CA PHE P 495 -17.49 91.33 5.62
C PHE P 495 -16.18 90.56 5.69
N LEU P 496 -16.26 89.24 5.70
CA LEU P 496 -15.04 88.44 5.65
C LEU P 496 -14.26 88.76 4.39
N HIS P 497 -14.96 88.86 3.26
CA HIS P 497 -14.25 89.13 2.01
C HIS P 497 -13.66 90.55 1.98
N GLN P 498 -14.45 91.57 2.31
CA GLN P 498 -14.08 92.94 2.03
C GLN P 498 -13.45 93.71 3.19
N VAL P 499 -13.66 93.30 4.44
CA VAL P 499 -13.26 94.09 5.60
C VAL P 499 -12.18 93.38 6.40
N CYS P 500 -12.33 92.09 6.63
CA CYS P 500 -11.23 91.32 7.18
C CYS P 500 -10.11 91.22 6.17
N HIS P 501 -10.45 91.35 4.88
CA HIS P 501 -9.54 91.23 3.77
C HIS P 501 -9.08 89.79 3.58
N ASP P 502 -9.85 88.85 4.11
CA ASP P 502 -9.71 87.44 3.78
C ASP P 502 -10.57 87.21 2.56
N GLN P 503 -9.96 86.99 1.41
CA GLN P 503 -10.71 86.66 0.22
C GLN P 503 -10.70 85.16 -0.09
N THR P 504 -10.09 84.36 0.77
CA THR P 504 -10.23 82.92 0.65
C THR P 504 -11.64 82.54 1.09
N PRO P 505 -12.30 81.63 0.40
CA PRO P 505 -13.73 81.43 0.65
C PRO P 505 -13.96 80.38 1.73
N THR P 506 -15.21 80.29 2.17
CA THR P 506 -15.67 79.19 3.00
C THR P 506 -16.28 78.10 2.14
N THR P 507 -15.88 76.86 2.37
CA THR P 507 -16.09 75.86 1.35
C THR P 507 -17.48 75.26 1.45
N LYS P 508 -18.06 75.23 2.65
CA LYS P 508 -19.47 74.88 2.76
C LYS P 508 -20.36 76.04 2.33
N MET P 509 -19.84 77.27 2.35
CA MET P 509 -20.62 78.38 1.83
C MET P 509 -20.69 78.31 0.33
N ILE P 510 -19.57 77.96 -0.31
CA ILE P 510 -19.60 77.79 -1.76
C ILE P 510 -20.60 76.71 -2.12
N ALA P 511 -20.81 75.77 -1.20
CA ALA P 511 -21.76 74.68 -1.36
C ALA P 511 -23.18 75.06 -0.98
N VAL P 512 -23.36 76.20 -0.31
CA VAL P 512 -24.69 76.61 0.16
C VAL P 512 -25.30 77.64 -0.79
N ALA P 523 -40.62 71.41 -6.42
CA ALA P 523 -41.64 71.33 -5.38
C ALA P 523 -41.03 70.81 -4.10
N ASP P 524 -40.22 69.76 -4.22
CA ASP P 524 -39.55 69.20 -3.05
C ASP P 524 -38.63 70.22 -2.43
N LEU P 525 -37.89 70.98 -3.25
CA LEU P 525 -37.01 72.01 -2.72
C LEU P 525 -37.82 73.14 -2.11
N PHE P 526 -38.96 73.48 -2.72
CA PHE P 526 -39.81 74.52 -2.14
C PHE P 526 -40.37 74.08 -0.81
N THR P 527 -40.54 72.77 -0.61
CA THR P 527 -40.97 72.30 0.70
C THR P 527 -39.80 72.22 1.67
N ASP P 528 -38.59 71.95 1.18
CA ASP P 528 -37.44 71.90 2.05
C ASP P 528 -36.92 73.28 2.43
N LEU P 529 -37.39 74.35 1.78
CA LEU P 529 -36.67 75.62 1.93
C LEU P 529 -36.75 76.10 3.36
N GLU P 530 -37.83 75.73 4.05
CA GLU P 530 -38.04 76.00 5.47
C GLU P 530 -37.70 74.79 6.31
N ASN P 531 -37.47 73.65 5.65
CA ASN P 531 -37.18 72.37 6.25
C ASN P 531 -35.67 72.25 6.38
N ALA P 532 -35.13 71.03 6.24
CA ALA P 532 -33.70 70.85 6.40
C ALA P 532 -32.92 71.86 5.58
N PHE P 533 -33.43 72.29 4.42
CA PHE P 533 -32.64 73.24 3.65
C PHE P 533 -32.61 74.57 4.39
N GLN P 534 -33.67 74.86 5.15
CA GLN P 534 -33.59 75.91 6.15
C GLN P 534 -32.54 75.56 7.18
N GLY P 535 -32.53 74.29 7.61
CA GLY P 535 -31.50 73.83 8.51
C GLY P 535 -30.13 73.94 7.91
N LYS P 536 -30.01 73.63 6.61
CA LYS P 536 -28.74 73.81 5.93
C LYS P 536 -28.31 75.26 5.98
N ILE P 537 -29.27 76.18 5.79
CA ILE P 537 -28.97 77.60 5.86
C ILE P 537 -28.51 77.99 7.26
N ASP P 538 -29.20 77.49 8.28
CA ASP P 538 -28.82 77.79 9.66
C ASP P 538 -27.43 77.24 9.97
N ALA P 539 -27.12 76.04 9.48
CA ALA P 539 -25.80 75.48 9.68
C ALA P 539 -24.74 76.31 8.97
N ALA P 540 -25.03 76.76 7.76
CA ALA P 540 -24.09 77.63 7.06
C ALA P 540 -23.89 78.92 7.82
N TYR P 541 -24.98 79.46 8.37
CA TYR P 541 -24.87 80.64 9.23
C TYR P 541 -23.92 80.37 10.38
N PHE P 542 -24.14 79.27 11.09
CA PHE P 542 -23.25 78.92 12.19
C PHE P 542 -21.81 78.79 11.72
N GLU P 543 -21.60 78.16 10.57
CA GLU P 543 -20.23 77.89 10.11
C GLU P 543 -19.52 79.17 9.73
N THR P 544 -20.21 80.03 8.98
CA THR P 544 -19.61 81.30 8.59
C THR P 544 -19.37 82.17 9.82
N SER P 545 -20.30 82.14 10.77
CA SER P 545 -20.10 82.90 12.00
C SER P 545 -18.88 82.39 12.76
N LYS P 546 -18.70 81.07 12.82
CA LYS P 546 -17.54 80.53 13.51
C LYS P 546 -16.25 80.94 12.82
N TYR P 547 -16.22 80.89 11.49
CA TYR P 547 -15.02 81.30 10.76
C TYR P 547 -14.73 82.78 10.98
N LEU P 548 -15.77 83.61 10.93
CA LEU P 548 -15.62 85.03 11.21
C LEU P 548 -15.08 85.26 12.61
N LEU P 549 -15.64 84.56 13.60
CA LEU P 549 -15.19 84.75 14.97
C LEU P 549 -13.74 84.30 15.12
N ASP P 550 -13.37 83.22 14.44
CA ASP P 550 -11.97 82.79 14.43
C ASP P 550 -11.09 83.90 13.89
N VAL P 551 -11.49 84.48 12.75
CA VAL P 551 -10.68 85.51 12.13
C VAL P 551 -10.56 86.71 13.07
N LEU P 552 -11.67 87.13 13.65
CA LEU P 552 -11.65 88.31 14.50
C LEU P 552 -10.85 88.08 15.77
N ASN P 553 -10.83 86.85 16.29
CA ASN P 553 -10.08 86.57 17.51
C ASN P 553 -8.60 86.36 17.25
N LYS P 554 -8.22 85.79 16.11
CA LYS P 554 -6.83 85.44 15.86
C LYS P 554 -6.09 86.47 15.02
N LYS P 555 -6.73 87.04 14.01
CA LYS P 555 -6.07 87.96 13.09
C LYS P 555 -6.42 89.41 13.38
N TYR P 556 -7.58 89.68 13.96
CA TYR P 556 -7.98 91.03 14.31
C TYR P 556 -8.33 91.15 15.78
N SER P 557 -8.09 90.09 16.55
CA SER P 557 -8.03 90.15 18.01
C SER P 557 -9.14 91.02 18.61
N LEU P 558 -10.38 90.74 18.20
CA LEU P 558 -11.48 91.54 18.73
C LEU P 558 -11.50 91.47 20.25
N LEU P 559 -11.27 90.28 20.79
CA LEU P 559 -11.27 90.11 22.25
C LEU P 559 -10.15 90.93 22.86
N ASP P 560 -8.98 90.92 22.22
CA ASP P 560 -7.85 91.67 22.74
C ASP P 560 -8.12 93.17 22.70
N HIS P 561 -8.85 93.64 21.69
CA HIS P 561 -9.25 95.05 21.66
C HIS P 561 -10.20 95.37 22.80
N MET P 562 -11.14 94.47 23.06
CA MET P 562 -12.01 94.63 24.22
C MET P 562 -11.19 94.75 25.50
N GLN P 563 -10.22 93.84 25.66
CA GLN P 563 -9.44 93.80 26.90
C GLN P 563 -8.55 95.03 27.00
N ALA P 564 -8.01 95.48 25.87
CA ALA P 564 -7.24 96.71 25.84
C ALA P 564 -8.09 97.89 26.31
N MET P 565 -9.34 97.94 25.84
CA MET P 565 -10.17 99.09 26.19
C MET P 565 -10.60 99.02 27.63
N ARG P 566 -10.75 97.81 28.17
CA ARG P 566 -10.96 97.68 29.62
C ARG P 566 -9.73 98.09 30.41
N ARG P 567 -8.53 97.67 29.97
CA ARG P 567 -7.30 98.04 30.67
C ARG P 567 -7.10 99.55 30.68
N TYR P 568 -7.30 100.21 29.54
CA TYR P 568 -6.84 101.57 29.34
C TYR P 568 -7.97 102.58 29.37
N LEU P 569 -9.08 102.30 28.66
CA LEU P 569 -10.20 103.22 28.63
C LEU P 569 -11.09 103.02 29.84
N LEU P 570 -11.07 101.84 30.44
CA LEU P 570 -11.73 101.57 31.70
C LEU P 570 -10.75 101.57 32.88
N LEU P 571 -9.51 101.98 32.66
CA LEU P 571 -8.53 102.10 33.73
C LEU P 571 -8.30 100.76 34.41
N GLY P 572 -8.22 99.68 33.62
CA GLY P 572 -8.10 98.36 34.20
C GLY P 572 -6.79 98.15 34.91
N GLN P 573 -5.70 98.73 34.38
CA GLN P 573 -4.44 98.80 35.11
C GLN P 573 -4.37 100.17 35.79
N GLY P 574 -4.64 100.20 37.09
CA GLY P 574 -4.60 101.45 37.82
C GLY P 574 -3.21 101.99 38.09
N ASP P 575 -2.20 101.12 38.09
CA ASP P 575 -0.85 101.56 38.42
C ASP P 575 -0.26 102.40 37.29
N PHE P 576 -0.40 101.95 36.05
CA PHE P 576 0.11 102.71 34.92
C PHE P 576 -0.51 104.10 34.88
N ILE P 577 -1.83 104.19 35.06
CA ILE P 577 -2.50 105.49 35.02
C ILE P 577 -2.10 106.35 36.21
N ARG P 578 -1.99 105.76 37.41
CA ARG P 578 -1.60 106.54 38.57
C ARG P 578 -0.21 107.12 38.42
N HIS P 579 0.73 106.33 37.90
CA HIS P 579 2.08 106.83 37.72
C HIS P 579 2.15 107.82 36.57
N LEU P 580 1.37 107.59 35.51
CA LEU P 580 1.31 108.55 34.42
C LEU P 580 0.80 109.90 34.89
N MET P 581 -0.24 109.90 35.73
CA MET P 581 -0.73 111.16 36.28
C MET P 581 0.25 111.78 37.27
N ASP P 582 0.97 110.96 38.04
CA ASP P 582 2.03 111.49 38.88
C ASP P 582 3.08 112.21 38.04
N LEU P 583 3.51 111.60 36.94
CA LEU P 583 4.50 112.22 36.07
C LEU P 583 3.94 113.44 35.37
N LEU P 584 2.65 113.43 35.04
CA LEU P 584 2.06 114.51 34.27
C LEU P 584 1.69 115.70 35.14
N LYS P 585 1.57 115.52 36.45
CA LYS P 585 1.13 116.60 37.31
C LYS P 585 2.00 117.84 37.12
N PRO P 586 3.32 117.74 37.02
CA PRO P 586 4.11 118.94 36.73
C PRO P 586 3.76 119.56 35.39
N GLU P 587 3.17 118.78 34.48
CA GLU P 587 2.65 119.33 33.23
C GLU P 587 1.16 119.64 33.35
N LEU P 588 0.37 118.69 33.86
CA LEU P 588 -1.07 118.81 33.79
C LEU P 588 -1.63 119.81 34.78
N VAL P 589 -0.86 120.16 35.82
CA VAL P 589 -1.26 121.24 36.71
C VAL P 589 -1.07 122.58 36.03
N ARG P 590 -0.23 122.64 35.02
CA ARG P 590 -0.04 123.86 34.27
C ARG P 590 -1.27 124.17 33.42
N PRO P 591 -1.50 125.44 33.11
CA PRO P 591 -2.54 125.77 32.13
C PRO P 591 -2.30 125.05 30.83
N ALA P 592 -3.39 124.69 30.16
CA ALA P 592 -3.29 123.82 28.99
C ALA P 592 -2.45 124.46 27.89
N THR P 593 -2.24 125.77 27.94
CA THR P 593 -1.49 126.44 26.89
C THR P 593 -0.02 126.02 26.88
N THR P 594 0.46 125.35 27.93
CA THR P 594 1.85 124.93 28.02
C THR P 594 2.03 123.44 27.75
N LEU P 595 0.96 122.73 27.45
CA LEU P 595 1.06 121.32 27.09
C LEU P 595 1.44 121.20 25.61
N TYR P 596 2.43 120.38 25.31
CA TYR P 596 2.80 120.11 23.92
C TYR P 596 2.85 118.62 23.66
N GLN P 597 2.37 118.24 22.47
CA GLN P 597 2.05 116.84 22.22
C GLN P 597 3.30 115.97 22.32
N HIS P 598 4.43 116.50 21.84
CA HIS P 598 5.64 115.68 21.76
C HIS P 598 6.09 115.29 23.15
N ASN P 599 5.99 116.22 24.09
CA ASN P 599 6.35 115.91 25.47
C ASN P 599 5.48 114.80 26.04
N LEU P 600 4.18 114.85 25.74
CA LEU P 600 3.28 113.88 26.32
C LEU P 600 3.44 112.51 25.67
N THR P 601 3.75 112.47 24.38
CA THR P 601 4.05 111.19 23.74
C THR P 601 5.37 110.60 24.25
N GLY P 602 6.38 111.46 24.45
CA GLY P 602 7.60 110.99 25.09
C GLY P 602 7.36 110.43 26.48
N ILE P 603 6.53 111.11 27.27
CA ILE P 603 6.24 110.63 28.62
C ILE P 603 5.48 109.32 28.56
N LEU P 604 4.55 109.19 27.61
CA LEU P 604 3.82 107.93 27.46
C LEU P 604 4.77 106.79 27.10
N GLU P 605 5.69 107.02 26.16
CA GLU P 605 6.68 106.01 25.84
C GLU P 605 7.51 105.62 27.05
N THR P 606 7.97 106.62 27.81
CA THR P 606 8.76 106.32 28.99
C THR P 606 7.98 105.53 30.02
N ALA P 607 6.73 105.92 30.26
CA ALA P 607 5.90 105.20 31.23
C ALA P 607 5.66 103.76 30.79
N VAL P 608 5.38 103.57 29.49
CA VAL P 608 5.15 102.23 28.99
C VAL P 608 6.40 101.38 29.20
N ARG P 609 7.56 101.92 28.85
CA ARG P 609 8.75 101.08 28.93
C ARG P 609 9.12 100.83 30.39
N ALA P 610 8.80 101.78 31.27
CA ALA P 610 9.09 101.66 32.70
C ALA P 610 8.08 100.80 33.45
N THR P 611 6.96 100.42 32.83
CA THR P 611 5.96 99.61 33.50
C THR P 611 5.88 98.22 32.87
N ASN P 612 5.03 97.37 33.46
CA ASN P 612 4.76 96.05 32.93
C ASN P 612 3.84 96.08 31.71
N ALA P 613 3.24 97.23 31.40
CA ALA P 613 2.38 97.35 30.24
C ALA P 613 3.13 97.05 28.95
N GLN P 614 4.47 97.07 28.99
CA GLN P 614 5.28 96.80 27.82
C GLN P 614 5.05 95.38 27.29
N PHE P 615 4.51 94.48 28.11
CA PHE P 615 4.26 93.13 27.67
C PHE P 615 2.85 92.96 27.11
N ASP P 616 2.05 94.03 27.07
CA ASP P 616 0.82 93.99 26.31
C ASP P 616 1.10 93.89 24.82
N SER P 617 0.17 93.25 24.11
CA SER P 617 0.33 93.00 22.69
C SER P 617 0.82 94.27 21.99
N PRO P 618 1.71 94.16 21.01
CA PRO P 618 2.27 95.38 20.41
C PRO P 618 1.22 96.20 19.67
N GLU P 619 0.14 95.59 19.22
CA GLU P 619 -0.94 96.34 18.58
C GLU P 619 -1.59 97.29 19.59
N ILE P 620 -1.64 96.87 20.86
CA ILE P 620 -2.20 97.75 21.87
C ILE P 620 -1.31 98.96 22.05
N LEU P 621 0.00 98.74 22.11
CA LEU P 621 0.90 99.86 22.31
C LEU P 621 0.79 100.79 21.12
N LYS P 622 0.82 100.22 19.90
CA LYS P 622 0.78 101.03 18.70
C LYS P 622 -0.54 101.77 18.55
N ARG P 623 -1.58 101.35 19.28
CA ARG P 623 -2.87 102.02 19.21
C ARG P 623 -3.15 102.85 20.46
N LEU P 624 -2.22 102.88 21.40
CA LEU P 624 -2.35 103.68 22.62
C LEU P 624 -1.94 105.11 22.33
N ASP P 625 -2.92 105.98 22.14
CA ASP P 625 -2.68 107.35 21.69
C ASP P 625 -3.10 108.35 22.76
N VAL P 626 -2.55 109.56 22.63
CA VAL P 626 -3.00 110.72 23.38
C VAL P 626 -4.02 111.51 22.56
N ARG P 627 -5.18 111.79 23.15
CA ARG P 627 -6.18 112.67 22.56
C ARG P 627 -6.16 113.99 23.31
N LEU P 628 -5.95 115.08 22.59
CA LEU P 628 -6.13 116.41 23.14
C LEU P 628 -7.58 116.85 22.99
N LEU P 629 -8.14 117.40 24.07
CA LEU P 629 -9.54 117.77 24.11
C LEU P 629 -9.71 119.18 23.56
N GLU P 630 -10.95 119.65 23.51
CA GLU P 630 -11.21 121.01 23.09
C GLU P 630 -10.67 121.98 24.14
N VAL P 631 -9.90 122.97 23.69
CA VAL P 631 -9.26 123.90 24.61
C VAL P 631 -10.25 125.00 24.95
N SER P 632 -10.56 125.14 26.24
CA SER P 632 -11.38 126.22 26.74
C SER P 632 -10.70 126.85 27.95
N PRO P 633 -10.79 128.16 28.10
CA PRO P 633 -10.16 128.80 29.26
C PRO P 633 -10.76 128.26 30.55
N GLY P 634 -10.07 128.53 31.66
CA GLY P 634 -10.49 127.97 32.92
C GLY P 634 -10.10 126.53 33.16
N ASP P 635 -9.13 126.01 32.41
CA ASP P 635 -8.72 124.62 32.53
C ASP P 635 -7.21 124.54 32.61
N THR P 636 -6.71 123.42 33.12
CA THR P 636 -5.28 123.12 33.10
C THR P 636 -5.03 121.76 32.47
N GLY P 637 -3.76 121.48 32.24
CA GLY P 637 -3.39 120.28 31.52
C GLY P 637 -4.00 119.02 32.11
N TRP P 638 -4.21 119.00 33.43
CA TRP P 638 -4.88 117.84 34.01
C TRP P 638 -6.26 117.65 33.41
N ASP P 639 -6.99 118.75 33.20
CA ASP P 639 -8.34 118.67 32.67
C ASP P 639 -8.36 118.56 31.16
N VAL P 640 -7.25 118.91 30.50
CA VAL P 640 -7.21 118.95 29.04
C VAL P 640 -6.55 117.71 28.42
N PHE P 641 -5.76 116.97 29.18
CA PHE P 641 -5.20 115.72 28.68
C PHE P 641 -6.28 114.66 28.52
N SER P 642 -6.28 114.01 27.35
CA SER P 642 -7.09 112.84 27.10
C SER P 642 -6.25 111.81 26.34
N LEU P 643 -6.47 110.54 26.65
CA LEU P 643 -5.98 109.46 25.80
C LEU P 643 -6.93 109.22 24.63
N ASP P 644 -6.38 108.61 23.57
CA ASP P 644 -7.14 108.22 22.40
C ASP P 644 -6.66 106.85 21.95
N TYR P 645 -7.58 106.07 21.38
CA TYR P 645 -7.25 104.77 20.82
C TYR P 645 -7.74 104.69 19.38
N HIS P 646 -6.81 104.67 18.42
CA HIS P 646 -7.25 104.57 17.04
C HIS P 646 -7.66 103.14 16.74
N VAL P 647 -8.54 102.98 15.75
CA VAL P 647 -9.01 101.67 15.33
C VAL P 647 -8.99 101.58 13.81
N ASP P 648 -8.79 100.36 13.32
CA ASP P 648 -8.87 100.08 11.89
C ASP P 648 -9.24 98.62 11.68
N GLY P 649 -9.65 98.32 10.45
CA GLY P 649 -10.01 96.97 10.08
C GLY P 649 -11.28 96.51 10.77
N PRO P 650 -11.42 95.19 10.94
CA PRO P 650 -12.58 94.69 11.67
C PRO P 650 -12.66 95.21 13.10
N ILE P 651 -11.52 95.47 13.73
CA ILE P 651 -11.54 96.00 15.09
C ILE P 651 -12.30 97.31 15.13
N ALA P 652 -12.18 98.13 14.09
CA ALA P 652 -12.86 99.42 14.07
C ALA P 652 -14.36 99.24 13.90
N THR P 653 -14.79 98.10 13.36
CA THR P 653 -16.21 97.82 13.26
C THR P 653 -16.80 97.56 14.63
N VAL P 654 -15.97 97.15 15.59
CA VAL P 654 -16.46 96.84 16.93
C VAL P 654 -16.67 98.10 17.75
N PHE P 655 -15.82 99.11 17.59
CA PHE P 655 -15.88 100.32 18.41
C PHE P 655 -16.19 101.50 17.49
N THR P 656 -17.46 101.91 17.46
CA THR P 656 -17.89 102.98 16.57
C THR P 656 -17.73 104.32 17.26
N ARG P 657 -17.98 105.41 16.52
CA ARG P 657 -17.79 106.73 17.10
C ARG P 657 -18.61 106.92 18.37
N GLU P 658 -19.80 106.31 18.43
CA GLU P 658 -20.60 106.43 19.64
C GLU P 658 -19.96 105.64 20.78
N CYS P 659 -19.48 104.44 20.46
CA CYS P 659 -18.71 103.66 21.43
C CYS P 659 -17.51 104.44 21.91
N MET P 660 -16.79 105.07 20.99
CA MET P 660 -15.58 105.79 21.38
C MET P 660 -15.91 107.02 22.19
N SER P 661 -17.03 107.69 21.92
CA SER P 661 -17.43 108.83 22.75
C SER P 661 -17.86 108.39 24.13
N HIS P 662 -18.51 107.24 24.24
CA HIS P 662 -18.82 106.70 25.56
C HIS P 662 -17.55 106.37 26.33
N TYR P 663 -16.63 105.65 25.69
CA TYR P 663 -15.35 105.35 26.30
C TYR P 663 -14.63 106.62 26.72
N LEU P 664 -14.72 107.66 25.89
CA LEU P 664 -14.04 108.91 26.18
C LEU P 664 -14.64 109.60 27.40
N ARG P 665 -15.97 109.66 27.47
CA ARG P 665 -16.61 110.22 28.66
C ARG P 665 -16.20 109.44 29.91
N ALA P 666 -16.20 108.11 29.81
CA ALA P 666 -15.79 107.29 30.95
C ALA P 666 -14.36 107.60 31.35
N PHE P 667 -13.46 107.67 30.38
CA PHE P 667 -12.06 107.98 30.67
C PHE P 667 -11.94 109.34 31.34
N ASN P 668 -12.62 110.34 30.78
CA ASN P 668 -12.49 111.69 31.29
C ASN P 668 -13.09 111.83 32.69
N PHE P 669 -14.02 110.95 33.05
CA PHE P 669 -14.50 110.94 34.43
C PHE P 669 -13.51 110.22 35.35
N LEU P 670 -13.06 109.05 34.93
CA LEU P 670 -12.22 108.24 35.81
C LEU P 670 -10.85 108.86 36.03
N TRP P 671 -10.30 109.50 35.00
CA TRP P 671 -9.06 110.25 35.16
C TRP P 671 -9.21 111.38 36.16
N ARG P 672 -10.32 112.11 36.10
CA ARG P 672 -10.55 113.18 37.08
C ARG P 672 -10.73 112.61 38.49
N ALA P 673 -11.41 111.46 38.59
CA ALA P 673 -11.52 110.81 39.89
C ALA P 673 -10.14 110.40 40.41
N LYS P 674 -9.28 109.89 39.52
CA LYS P 674 -7.93 109.52 39.93
C LYS P 674 -7.13 110.75 40.34
N ARG P 675 -7.27 111.84 39.59
CA ARG P 675 -6.62 113.09 39.98
C ARG P 675 -7.05 113.51 41.39
N VAL P 676 -8.35 113.47 41.65
CA VAL P 676 -8.84 113.91 42.96
C VAL P 676 -8.39 112.94 44.05
N GLU P 677 -8.34 111.65 43.73
CA GLU P 677 -7.86 110.66 44.70
C GLU P 677 -6.39 110.88 45.03
N TYR P 678 -5.56 111.12 44.01
CA TYR P 678 -4.17 111.47 44.25
C TYR P 678 -4.07 112.74 45.10
N ILE P 679 -4.89 113.75 44.78
CA ILE P 679 -4.84 115.00 45.51
C ILE P 679 -5.12 114.76 46.99
N LEU P 680 -6.19 114.04 47.29
CA LEU P 680 -6.55 113.80 48.68
C LEU P 680 -5.54 112.89 49.37
N THR P 681 -4.98 111.91 48.65
CA THR P 681 -3.97 111.05 49.25
C THR P 681 -2.73 111.86 49.63
N ASP P 682 -2.30 112.77 48.75
CA ASP P 682 -1.15 113.59 49.08
C ASP P 682 -1.49 114.61 50.16
N ILE P 683 -2.73 115.09 50.19
CA ILE P 683 -3.16 115.97 51.27
C ILE P 683 -3.04 115.27 52.61
N ARG P 684 -3.51 114.02 52.68
CA ARG P 684 -3.42 113.26 53.92
C ARG P 684 -1.97 112.94 54.27
N LYS P 685 -1.16 112.60 53.27
CA LYS P 685 0.26 112.36 53.49
C LYS P 685 0.91 113.59 54.13
N GLY P 686 0.70 114.76 53.52
CA GLY P 686 1.24 115.98 54.09
C GLY P 686 0.71 116.27 55.48
N HIS P 687 -0.59 116.08 55.69
CA HIS P 687 -1.16 116.23 57.02
C HIS P 687 -0.37 115.41 58.04
N MET P 688 -0.25 114.11 57.80
CA MET P 688 0.26 113.20 58.80
C MET P 688 1.78 113.24 58.92
N CYS P 689 2.46 113.78 57.91
CA CYS P 689 3.89 114.05 58.05
C CYS P 689 4.13 115.36 58.80
N ASN P 690 3.41 116.41 58.41
CA ASN P 690 3.63 117.71 59.03
C ASN P 690 3.16 117.74 60.47
N ALA P 691 2.19 116.91 60.85
CA ALA P 691 1.81 116.85 62.25
C ALA P 691 2.86 116.14 63.11
N ARG P 692 3.68 115.28 62.49
CA ARG P 692 4.89 114.78 63.14
C ARG P 692 5.96 115.85 63.21
N LEU P 693 6.14 116.59 62.12
CA LEU P 693 7.19 117.61 62.13
C LEU P 693 6.85 118.68 63.16
N LEU P 694 5.63 119.21 63.10
CA LEU P 694 5.18 120.30 63.94
C LEU P 694 4.61 119.83 65.28
N ARG P 695 4.74 118.53 65.59
CA ARG P 695 4.37 118.10 66.93
C ARG P 695 5.24 118.78 67.97
N SER P 696 6.51 119.02 67.62
CA SER P 696 7.46 119.62 68.56
C SER P 696 6.94 120.95 69.09
N MET P 697 6.21 121.70 68.26
CA MET P 697 5.54 122.90 68.70
C MET P 697 4.06 122.62 68.94
N PRO P 698 3.57 122.71 70.18
CA PRO P 698 2.18 122.36 70.45
C PRO P 698 1.16 123.33 69.85
N GLU P 699 1.55 124.56 69.55
CA GLU P 699 0.58 125.55 69.10
C GLU P 699 -0.21 125.05 67.89
N PHE P 700 0.42 124.25 67.04
CA PHE P 700 -0.16 123.91 65.75
C PHE P 700 -1.12 122.72 65.85
N SER P 701 -1.10 122.01 66.98
CA SER P 701 -1.72 120.69 67.04
C SER P 701 -3.21 120.77 66.70
N GLY P 702 -3.89 121.81 67.16
CA GLY P 702 -5.32 121.92 66.86
C GLY P 702 -5.59 121.99 65.37
N VAL P 703 -4.76 122.76 64.66
CA VAL P 703 -4.86 122.82 63.19
C VAL P 703 -4.59 121.45 62.60
N LEU P 704 -3.49 120.83 63.01
CA LEU P 704 -3.14 119.50 62.51
C LEU P 704 -4.30 118.54 62.67
N HIS P 705 -4.84 118.43 63.89
CA HIS P 705 -5.93 117.50 64.18
C HIS P 705 -7.19 117.83 63.36
N HIS P 706 -7.56 119.10 63.27
CA HIS P 706 -8.78 119.43 62.52
C HIS P 706 -8.61 119.11 61.04
N CYS P 707 -7.40 119.30 60.53
CA CYS P 707 -7.16 119.02 59.12
C CYS P 707 -7.14 117.52 58.90
N HIS P 708 -6.48 116.78 59.78
CA HIS P 708 -6.48 115.32 59.69
C HIS P 708 -7.91 114.78 59.72
N ILE P 709 -8.78 115.37 60.54
CA ILE P 709 -10.17 114.91 60.60
C ILE P 709 -10.89 115.19 59.29
N LEU P 710 -10.80 116.43 58.79
CA LEU P 710 -11.46 116.74 57.51
C LEU P 710 -10.93 115.84 56.40
N ALA P 711 -9.60 115.71 56.31
CA ALA P 711 -8.98 114.88 55.30
C ALA P 711 -9.41 113.43 55.45
N SER P 712 -9.56 112.94 56.68
CA SER P 712 -9.97 111.56 56.87
C SER P 712 -11.39 111.36 56.40
N GLU P 713 -12.26 112.34 56.63
CA GLU P 713 -13.62 112.26 56.12
C GLU P 713 -13.63 112.18 54.60
N MET P 714 -12.93 113.12 53.95
CA MET P 714 -12.75 113.07 52.50
C MET P 714 -12.19 111.73 52.04
N VAL P 715 -11.15 111.23 52.70
CA VAL P 715 -10.53 109.98 52.30
C VAL P 715 -11.53 108.83 52.38
N HIS P 716 -12.29 108.77 53.47
CA HIS P 716 -13.32 107.76 53.60
C HIS P 716 -14.30 107.83 52.44
N PHE P 717 -14.85 109.02 52.20
CA PHE P 717 -15.85 109.18 51.15
C PHE P 717 -15.28 108.74 49.81
N ILE P 718 -14.11 109.28 49.44
CA ILE P 718 -13.50 108.96 48.16
C ILE P 718 -13.24 107.47 48.02
N HIS P 719 -12.68 106.85 49.07
CA HIS P 719 -12.40 105.42 49.00
C HIS P 719 -13.68 104.60 48.82
N GLN P 720 -14.72 104.93 49.58
CA GLN P 720 -15.99 104.22 49.44
C GLN P 720 -16.55 104.40 48.04
N MET P 721 -16.53 105.63 47.53
CA MET P 721 -17.12 105.90 46.23
C MET P 721 -16.35 105.19 45.13
N GLN P 722 -15.02 105.10 45.27
CA GLN P 722 -14.23 104.39 44.28
C GLN P 722 -14.47 102.88 44.35
N TYR P 723 -14.61 102.33 45.56
CA TYR P 723 -15.01 100.93 45.66
C TYR P 723 -16.39 100.68 45.03
N TYR P 724 -17.30 101.64 45.15
CA TYR P 724 -18.61 101.49 44.52
C TYR P 724 -18.48 101.55 43.00
N VAL P 725 -17.70 102.49 42.49
CA VAL P 725 -17.58 102.62 41.04
C VAL P 725 -16.90 101.38 40.48
N THR P 726 -15.89 100.87 41.19
CA THR P 726 -15.13 99.74 40.71
C THR P 726 -15.99 98.49 40.69
N PHE P 727 -16.75 98.26 41.76
CA PHE P 727 -17.56 97.06 41.78
C PHE P 727 -18.93 97.30 41.18
N GLU P 728 -19.61 98.38 41.58
CA GLU P 728 -20.98 98.57 41.13
C GLU P 728 -21.06 99.06 39.69
N VAL P 729 -19.97 99.60 39.16
CA VAL P 729 -19.88 100.02 37.77
C VAL P 729 -18.96 99.10 36.98
N LEU P 730 -17.68 99.06 37.36
CA LEU P 730 -16.70 98.36 36.53
C LEU P 730 -16.87 96.86 36.65
N GLU P 731 -17.05 96.35 37.86
CA GLU P 731 -17.09 94.90 38.01
C GLU P 731 -18.33 94.35 37.32
N CYS P 732 -19.48 94.99 37.54
CA CYS P 732 -20.70 94.53 36.93
C CYS P 732 -20.67 94.66 35.41
N SER P 733 -20.18 95.80 34.90
CA SER P 733 -20.12 95.97 33.45
C SER P 733 -19.17 94.97 32.81
N TRP P 734 -18.02 94.73 33.44
CA TRP P 734 -17.07 93.77 32.88
C TRP P 734 -17.60 92.34 32.96
N ASP P 735 -18.30 91.99 34.05
CA ASP P 735 -18.89 90.66 34.12
C ASP P 735 -19.97 90.47 33.06
N GLU P 736 -20.82 91.48 32.87
CA GLU P 736 -21.80 91.43 31.80
C GLU P 736 -21.13 91.22 30.45
N LEU P 737 -20.13 92.05 30.14
CA LEU P 737 -19.45 91.93 28.87
C LEU P 737 -18.83 90.55 28.70
N TRP P 738 -18.13 90.06 29.73
CA TRP P 738 -17.40 88.81 29.57
C TRP P 738 -18.35 87.62 29.47
N ASN P 739 -19.39 87.58 30.29
CA ASN P 739 -20.40 86.53 30.15
C ASN P 739 -21.06 86.56 28.78
N ARG P 740 -21.33 87.77 28.27
CA ARG P 740 -22.00 87.86 26.99
C ARG P 740 -21.08 87.42 25.87
N VAL P 741 -19.83 87.90 25.90
CA VAL P 741 -18.92 87.58 24.81
C VAL P 741 -18.59 86.09 24.84
N GLN P 742 -18.44 85.53 26.04
CA GLN P 742 -18.11 84.12 26.18
C GLN P 742 -19.28 83.23 25.83
N ARG P 743 -20.50 83.77 25.80
CA ARG P 743 -21.63 83.03 25.25
C ARG P 743 -22.07 83.60 23.90
N ALA P 744 -21.26 84.43 23.28
CA ALA P 744 -21.59 85.00 21.98
C ALA P 744 -21.44 83.97 20.88
N GLN P 745 -22.46 83.85 20.03
CA GLN P 745 -22.40 83.01 18.86
C GLN P 745 -22.42 83.80 17.56
N ASP P 746 -22.71 85.09 17.62
CA ASP P 746 -22.87 85.93 16.44
C ASP P 746 -22.13 87.24 16.63
N LEU P 747 -21.75 87.87 15.52
CA LEU P 747 -21.09 89.16 15.62
C LEU P 747 -22.07 90.19 16.17
N ASP P 748 -23.33 90.14 15.71
CA ASP P 748 -24.33 91.03 16.27
C ASP P 748 -24.36 90.86 17.78
N HIS P 749 -24.30 89.61 18.23
CA HIS P 749 -24.30 89.30 19.65
C HIS P 749 -23.11 89.96 20.34
N ILE P 750 -21.92 89.85 19.75
CA ILE P 750 -20.73 90.46 20.33
C ILE P 750 -20.92 91.97 20.45
N ILE P 751 -21.46 92.59 19.40
CA ILE P 751 -21.66 94.04 19.41
C ILE P 751 -22.63 94.42 20.53
N ALA P 752 -23.72 93.66 20.62
CA ALA P 752 -24.72 93.94 21.65
C ALA P 752 -24.11 93.78 23.04
N ALA P 753 -23.28 92.75 23.23
CA ALA P 753 -22.64 92.54 24.52
C ALA P 753 -21.73 93.71 24.88
N HIS P 754 -20.98 94.22 23.90
CA HIS P 754 -20.11 95.35 24.18
C HIS P 754 -20.92 96.59 24.53
N GLU P 755 -22.02 96.81 23.81
CA GLU P 755 -22.90 97.91 24.14
C GLU P 755 -23.46 97.76 25.54
N ALA P 756 -23.86 96.55 25.91
CA ALA P 756 -24.40 96.32 27.24
C ALA P 756 -23.35 96.57 28.32
N PHE P 757 -22.12 96.11 28.09
CA PHE P 757 -21.04 96.42 29.02
C PHE P 757 -20.91 97.92 29.23
N LEU P 758 -20.83 98.68 28.13
CA LEU P 758 -20.66 100.12 28.26
C LEU P 758 -21.87 100.78 28.89
N GLY P 759 -23.07 100.28 28.60
CA GLY P 759 -24.27 100.83 29.20
C GLY P 759 -24.32 100.59 30.69
N THR P 760 -23.96 99.39 31.13
CA THR P 760 -23.91 99.10 32.56
C THR P 760 -22.87 99.98 33.25
N VAL P 761 -21.71 100.15 32.63
CA VAL P 761 -20.69 101.01 33.23
C VAL P 761 -21.22 102.43 33.36
N ILE P 762 -21.87 102.95 32.31
CA ILE P 762 -22.39 104.32 32.33
C ILE P 762 -23.46 104.47 33.40
N SER P 763 -24.39 103.51 33.45
CA SER P 763 -25.49 103.60 34.39
C SER P 763 -24.97 103.59 35.82
N ARG P 764 -24.03 102.69 36.12
CA ARG P 764 -23.56 102.63 37.50
C ARG P 764 -22.72 103.86 37.80
N CYS P 765 -21.96 104.33 36.81
CA CYS P 765 -21.10 105.48 36.98
C CYS P 765 -21.83 106.80 36.83
N LEU P 766 -23.17 106.80 36.83
CA LEU P 766 -23.94 108.03 36.72
C LEU P 766 -23.54 108.81 35.47
N LEU P 767 -23.54 108.10 34.34
CA LEU P 767 -23.25 108.69 33.04
C LEU P 767 -24.49 109.09 32.27
N ASP P 768 -25.67 109.02 32.89
CA ASP P 768 -26.90 109.35 32.20
C ASP P 768 -27.03 110.87 32.08
N SER P 769 -28.09 111.31 31.38
CA SER P 769 -28.46 112.71 31.30
C SER P 769 -29.41 113.14 32.41
N ASP P 770 -29.68 112.25 33.37
CA ASP P 770 -30.50 112.56 34.52
C ASP P 770 -29.69 112.61 35.81
N SER P 771 -28.50 112.03 35.82
CA SER P 771 -27.61 112.08 36.98
C SER P 771 -26.78 113.35 37.00
N ARG P 772 -27.07 114.32 36.11
CA ARG P 772 -26.18 115.46 35.95
C ARG P 772 -26.01 116.21 37.26
N ALA P 773 -27.06 116.25 38.08
CA ALA P 773 -26.97 116.96 39.36
C ALA P 773 -26.00 116.25 40.30
N LEU P 774 -26.14 114.92 40.42
CA LEU P 774 -25.22 114.17 41.26
C LEU P 774 -23.79 114.26 40.73
N LEU P 775 -23.63 114.29 39.40
CA LEU P 775 -22.30 114.49 38.83
C LEU P 775 -21.74 115.85 39.23
N ASN P 776 -22.57 116.90 39.17
CA ASN P 776 -22.11 118.21 39.57
C ASN P 776 -21.73 118.22 41.04
N GLN P 777 -22.49 117.52 41.87
CA GLN P 777 -22.18 117.46 43.30
C GLN P 777 -20.86 116.73 43.54
N LEU P 778 -20.66 115.59 42.86
CA LEU P 778 -19.37 114.91 42.88
C LEU P 778 -18.24 115.86 42.50
N ARG P 779 -18.42 116.60 41.41
CA ARG P 779 -17.37 117.49 40.95
C ARG P 779 -17.10 118.60 41.96
N ALA P 780 -18.15 119.14 42.57
CA ALA P 780 -17.97 120.16 43.59
C ALA P 780 -17.24 119.61 44.80
N VAL P 781 -17.54 118.37 45.17
CA VAL P 781 -16.80 117.71 46.26
C VAL P 781 -15.33 117.58 45.89
N PHE P 782 -15.03 117.15 44.66
CA PHE P 782 -13.65 117.08 44.22
C PHE P 782 -12.96 118.45 44.34
N ASP P 783 -13.62 119.50 43.84
CA ASP P 783 -13.01 120.82 43.84
C ASP P 783 -12.81 121.33 45.27
N GLN P 784 -13.78 121.04 46.16
CA GLN P 784 -13.62 121.40 47.56
C GLN P 784 -12.47 120.64 48.20
N ILE P 785 -12.24 119.39 47.80
CA ILE P 785 -11.12 118.64 48.35
C ILE P 785 -9.79 119.23 47.88
N ILE P 786 -9.71 119.64 46.62
CA ILE P 786 -8.53 120.34 46.13
C ILE P 786 -8.34 121.64 46.91
N GLU P 787 -9.42 122.36 47.17
CA GLU P 787 -9.34 123.60 47.93
C GLU P 787 -8.85 123.34 49.34
N LEU P 788 -9.36 122.28 49.98
CA LEU P 788 -8.92 121.95 51.33
C LEU P 788 -7.44 121.59 51.33
N GLN P 789 -6.99 120.86 50.30
CA GLN P 789 -5.56 120.58 50.17
C GLN P 789 -4.77 121.88 50.12
N ASN P 790 -5.20 122.82 49.28
CA ASN P 790 -4.50 124.09 49.14
C ASN P 790 -4.48 124.84 50.48
N THR P 791 -5.63 124.91 51.15
CA THR P 791 -5.71 125.61 52.42
C THR P 791 -4.80 124.97 53.47
N GLN P 792 -4.77 123.64 53.51
CA GLN P 792 -3.90 122.95 54.46
C GLN P 792 -2.44 123.25 54.16
N ASP P 793 -2.06 123.23 52.88
CA ASP P 793 -0.68 123.54 52.53
C ASP P 793 -0.33 124.97 52.91
N ALA P 794 -1.29 125.90 52.77
CA ALA P 794 -1.06 127.28 53.18
C ALA P 794 -0.85 127.37 54.68
N ILE P 795 -1.75 126.74 55.45
CA ILE P 795 -1.62 126.73 56.90
C ILE P 795 -0.25 126.19 57.31
N TYR P 796 0.15 125.07 56.71
CA TYR P 796 1.44 124.48 57.06
C TYR P 796 2.59 125.39 56.65
N ARG P 797 2.46 126.10 55.52
CA ARG P 797 3.52 127.01 55.10
C ARG P 797 3.66 128.16 56.10
N ALA P 798 2.54 128.69 56.57
CA ALA P 798 2.58 129.74 57.58
C ALA P 798 3.22 129.22 58.86
N ALA P 799 2.82 128.03 59.30
CA ALA P 799 3.35 127.49 60.54
C ALA P 799 4.84 127.22 60.42
N LEU P 800 5.30 126.79 59.23
CA LEU P 800 6.71 126.54 59.04
C LEU P 800 7.50 127.84 58.94
N GLU P 801 6.92 128.89 58.37
CA GLU P 801 7.54 130.20 58.43
C GLU P 801 7.72 130.65 59.88
N GLU P 802 6.70 130.46 60.70
CA GLU P 802 6.82 130.83 62.12
C GLU P 802 7.87 130.00 62.82
N LEU P 803 7.90 128.69 62.54
CA LEU P 803 8.91 127.82 63.14
C LEU P 803 10.31 128.23 62.71
N GLN P 804 10.48 128.58 61.44
CA GLN P 804 11.79 129.02 60.95
C GLN P 804 12.22 130.33 61.60
N ARG P 805 11.28 131.25 61.80
CA ARG P 805 11.60 132.48 62.52
C ARG P 805 12.05 132.18 63.95
N ARG P 806 11.29 131.33 64.64
CA ARG P 806 11.66 130.94 66.00
C ARG P 806 13.04 130.29 66.02
N LEU P 807 13.32 129.41 65.06
CA LEU P 807 14.59 128.69 65.04
C LEU P 807 15.75 129.63 64.73
N GLN P 808 15.55 130.60 63.82
CA GLN P 808 16.60 131.56 63.56
C GLN P 808 16.86 132.45 64.76
N PHE P 809 15.80 132.80 65.50
CA PHE P 809 16.00 133.56 66.74
C PHE P 809 16.77 132.74 67.77
N GLU P 810 16.43 131.46 67.90
CA GLU P 810 17.15 130.58 68.82
C GLU P 810 18.60 130.42 68.41
N GLU P 811 18.86 130.30 67.11
CA GLU P 811 20.23 130.19 66.62
C GLU P 811 21.02 131.45 66.94
N LYS P 812 20.44 132.62 66.67
CA LYS P 812 21.14 133.87 66.98
C LYS P 812 21.41 133.97 68.48
N LYS P 813 20.45 133.55 69.30
CA LYS P 813 20.64 133.56 70.75
C LYS P 813 21.80 132.66 71.16
N LYS P 814 21.83 131.43 70.62
CA LYS P 814 22.94 130.53 70.95
C LYS P 814 24.26 131.10 70.46
N GLN P 815 24.26 131.74 69.30
CA GLN P 815 25.50 132.29 68.76
C GLN P 815 26.04 133.40 69.65
N ARG P 816 25.16 134.29 70.10
CA ARG P 816 25.55 135.34 71.03
C ARG P 816 26.03 134.74 72.35
N ALA P 826 19.40 140.92 72.89
CA ALA P 826 18.00 141.30 73.09
C ALA P 826 17.26 141.34 71.76
N ALA P 827 17.98 141.68 70.68
CA ALA P 827 17.36 141.70 69.36
C ALA P 827 16.91 140.30 68.93
N GLU P 828 17.75 139.30 69.17
CA GLU P 828 17.37 137.94 68.83
C GLU P 828 16.17 137.48 69.65
N GLU P 829 16.15 137.84 70.94
CA GLU P 829 15.01 137.47 71.77
C GLU P 829 13.73 138.18 71.32
N GLU P 830 13.83 139.45 70.95
CA GLU P 830 12.67 140.16 70.41
C GLU P 830 12.18 139.52 69.12
N GLN P 831 13.11 139.09 68.25
CA GLN P 831 12.69 138.44 67.01
C GLN P 831 12.02 137.10 67.28
N GLU P 832 12.54 136.34 68.26
CA GLU P 832 11.88 135.11 68.66
C GLU P 832 10.49 135.38 69.23
N LYS P 833 10.37 136.42 70.07
CA LYS P 833 9.07 136.80 70.60
C LYS P 833 8.10 137.14 69.49
N ARG P 834 8.55 137.94 68.52
CA ARG P 834 7.67 138.32 67.41
C ARG P 834 7.26 137.11 66.60
N ARG P 835 8.17 136.16 66.37
CA ARG P 835 7.82 134.96 65.63
C ARG P 835 6.82 134.12 66.41
N VAL P 836 7.03 133.96 67.71
CA VAL P 836 6.11 133.21 68.55
C VAL P 836 4.73 133.86 68.53
N GLN P 837 4.69 135.20 68.58
CA GLN P 837 3.41 135.89 68.62
C GLN P 837 2.69 135.77 67.29
N GLU P 838 3.42 135.90 66.17
CA GLU P 838 2.79 135.73 64.87
C GLU P 838 2.27 134.32 64.70
N PHE P 839 2.97 133.33 65.27
CA PHE P 839 2.53 131.94 65.15
C PHE P 839 1.29 131.70 66.00
N GLN P 840 1.29 132.20 67.23
CA GLN P 840 0.11 132.08 68.08
C GLN P 840 -1.10 132.78 67.47
N GLU P 841 -0.91 133.95 66.86
CA GLU P 841 -2.01 134.63 66.22
C GLU P 841 -2.43 133.96 64.92
N SER P 842 -1.53 133.19 64.29
CA SER P 842 -1.90 132.44 63.09
C SER P 842 -2.67 131.18 63.46
N ILE P 843 -2.34 130.57 64.58
CA ILE P 843 -2.97 129.30 64.95
C ILE P 843 -4.49 129.44 65.04
N PRO P 844 -5.05 130.50 65.63
CA PRO P 844 -6.52 130.64 65.59
C PRO P 844 -7.07 130.67 64.18
N LYS P 845 -6.35 131.30 63.26
CA LYS P 845 -6.78 131.33 61.86
C LYS P 845 -6.75 129.93 61.26
N MET P 846 -5.69 129.18 61.50
CA MET P 846 -5.61 127.82 60.95
C MET P 846 -6.69 126.93 61.53
N CYS P 847 -6.95 127.05 62.84
CA CYS P 847 -7.99 126.24 63.46
C CYS P 847 -9.36 126.59 62.91
N SER P 848 -9.63 127.88 62.72
CA SER P 848 -10.93 128.29 62.17
C SER P 848 -11.06 127.84 60.72
N GLN P 849 -9.95 127.91 59.96
CA GLN P 849 -9.96 127.42 58.59
C GLN P 849 -10.28 125.94 58.53
N LEU P 850 -9.62 125.14 59.38
CA LEU P 850 -9.88 123.70 59.38
C LEU P 850 -11.31 123.40 59.84
N ARG P 851 -11.83 124.16 60.80
CA ARG P 851 -13.22 123.99 61.20
C ARG P 851 -14.16 124.31 60.04
N ILE P 852 -13.88 125.40 59.31
CA ILE P 852 -14.72 125.79 58.18
C ILE P 852 -14.66 124.72 57.10
N LEU P 853 -13.46 124.22 56.81
CA LEU P 853 -13.33 123.17 55.80
C LEU P 853 -14.11 121.93 56.21
N THR P 854 -14.02 121.53 57.47
CA THR P 854 -14.78 120.38 57.94
C THR P 854 -16.28 120.62 57.77
N HIS P 855 -16.75 121.81 58.19
CA HIS P 855 -18.17 122.12 58.09
C HIS P 855 -18.64 122.08 56.64
N PHE P 856 -17.90 122.72 55.75
CA PHE P 856 -18.32 122.79 54.35
C PHE P 856 -18.29 121.42 53.71
N TYR P 857 -17.24 120.63 53.98
CA TYR P 857 -17.16 119.29 53.43
C TYR P 857 -18.32 118.45 53.92
N GLN P 858 -18.66 118.58 55.21
CA GLN P 858 -19.76 117.80 55.76
C GLN P 858 -21.09 118.23 55.15
N GLY P 859 -21.28 119.53 54.93
CA GLY P 859 -22.52 119.97 54.30
C GLY P 859 -22.66 119.48 52.88
N VAL P 860 -21.56 119.51 52.13
CA VAL P 860 -21.59 119.00 50.75
C VAL P 860 -21.83 117.51 50.75
N VAL P 861 -21.20 116.77 51.67
CA VAL P 861 -21.42 115.34 51.76
C VAL P 861 -22.86 115.03 52.17
N GLN P 862 -23.45 115.88 53.03
CA GLN P 862 -24.86 115.71 53.38
C GLN P 862 -25.75 115.89 52.16
N GLN P 863 -25.49 116.92 51.36
CA GLN P 863 -26.27 117.10 50.14
C GLN P 863 -26.10 115.91 49.20
N PHE P 864 -24.86 115.44 49.05
CA PHE P 864 -24.59 114.22 48.30
C PHE P 864 -25.40 113.05 48.83
N LEU P 865 -25.40 112.85 50.15
CA LEU P 865 -26.11 111.72 50.74
C LEU P 865 -27.61 111.83 50.51
N VAL P 866 -28.16 113.04 50.65
CA VAL P 866 -29.57 113.25 50.36
C VAL P 866 -29.88 112.86 48.91
N SER P 867 -29.05 113.33 47.97
CA SER P 867 -29.30 112.97 46.58
C SER P 867 -29.10 111.48 46.34
N LEU P 868 -28.21 110.84 47.10
CA LEU P 868 -28.08 109.39 47.00
C LEU P 868 -29.35 108.72 47.48
N THR P 869 -29.90 109.20 48.59
CA THR P 869 -31.06 108.54 49.15
C THR P 869 -32.25 108.74 48.22
N THR P 870 -32.19 109.80 47.41
CA THR P 870 -33.27 110.08 46.47
C THR P 870 -33.14 109.24 45.22
N SER P 871 -32.03 108.51 45.08
CA SER P 871 -31.73 107.78 43.86
C SER P 871 -32.52 106.48 43.82
N SER P 872 -32.59 105.90 42.63
CA SER P 872 -33.22 104.61 42.40
C SER P 872 -32.23 103.46 42.32
N ASP P 873 -30.93 103.73 42.39
CA ASP P 873 -29.96 102.66 42.21
C ASP P 873 -29.69 101.94 43.51
N GLU P 874 -29.76 100.60 43.45
CA GLU P 874 -29.59 99.82 44.66
C GLU P 874 -28.14 99.86 45.11
N SER P 875 -27.21 99.93 44.17
CA SER P 875 -25.80 100.01 44.54
C SER P 875 -25.54 101.31 45.27
N LEU P 876 -26.16 102.40 44.83
CA LEU P 876 -26.01 103.67 45.53
C LEU P 876 -26.70 103.67 46.88
N ARG P 877 -27.81 102.95 47.01
CA ARG P 877 -28.42 102.80 48.33
C ARG P 877 -27.53 102.00 49.28
N PHE P 878 -26.88 100.95 48.77
CA PHE P 878 -25.89 100.24 49.55
C PHE P 878 -24.71 101.14 49.91
N LEU P 879 -24.27 101.96 48.97
CA LEU P 879 -23.17 102.88 49.26
C LEU P 879 -23.57 103.84 50.37
N SER P 880 -24.77 104.39 50.28
CA SER P 880 -25.26 105.31 51.32
C SER P 880 -25.40 104.62 52.66
N PHE P 881 -25.72 103.32 52.66
CA PHE P 881 -25.80 102.61 53.93
C PHE P 881 -24.42 102.34 54.50
N ARG P 882 -23.46 101.97 53.65
CA ARG P 882 -22.13 101.71 54.16
C ARG P 882 -21.54 103.00 54.69
N LEU P 883 -21.80 104.11 53.99
CA LEU P 883 -21.20 105.39 54.33
C LEU P 883 -21.84 105.97 55.58
N ASP P 884 -23.11 105.65 55.83
CA ASP P 884 -23.83 106.23 56.97
C ASP P 884 -24.21 105.15 57.98
N PHE P 885 -23.39 104.10 58.08
CA PHE P 885 -23.66 103.05 59.05
C PHE P 885 -23.49 103.59 60.46
N ASN P 886 -22.47 104.42 60.66
CA ASN P 886 -22.27 105.11 61.94
C ASN P 886 -23.43 106.03 62.24
N GLU P 887 -24.18 106.43 61.21
CA GLU P 887 -25.20 107.48 61.30
C GLU P 887 -24.58 108.86 61.32
N HIS P 888 -23.43 109.03 60.66
CA HIS P 888 -22.84 110.36 60.64
C HIS P 888 -23.61 111.26 59.68
N TYR P 889 -24.23 110.66 58.67
CA TYR P 889 -25.15 111.36 57.78
C TYR P 889 -26.60 111.06 58.12
N ARG P 890 -26.84 110.18 59.11
CA ARG P 890 -28.15 110.01 59.73
C ARG P 890 -28.25 110.81 61.02
N ALA P 891 -27.27 111.67 61.27
CA ALA P 891 -27.34 112.70 62.29
C ALA P 891 -27.29 114.07 61.65
N ARG P 892 -27.23 114.12 60.32
CA ARG P 892 -27.16 115.37 59.57
C ARG P 892 -28.19 115.42 58.45
N GLU P 893 -28.71 114.29 58.00
CA GLU P 893 -29.86 114.26 57.10
C GLU P 893 -30.84 113.24 57.67
N PRO P 894 -32.03 113.67 58.10
CA PRO P 894 -32.99 112.74 58.70
C PRO P 894 -33.58 111.76 57.68
N THR Q 149 -28.81 98.18 -47.78
CA THR Q 149 -28.69 96.74 -47.61
C THR Q 149 -27.63 96.40 -46.56
N TRP Q 150 -27.96 95.46 -45.68
CA TRP Q 150 -27.05 95.11 -44.58
C TRP Q 150 -25.69 94.69 -45.13
N GLN Q 151 -25.69 94.04 -46.29
CA GLN Q 151 -24.45 93.53 -46.89
C GLN Q 151 -23.40 94.63 -47.04
N GLN Q 152 -23.78 95.77 -47.59
CA GLN Q 152 -22.81 96.84 -47.81
C GLN Q 152 -22.25 97.36 -46.49
N SER Q 153 -23.11 97.53 -45.48
CA SER Q 153 -22.63 98.01 -44.19
C SER Q 153 -21.69 97.00 -43.56
N LEU Q 154 -22.01 95.71 -43.68
CA LEU Q 154 -21.12 94.69 -43.14
C LEU Q 154 -19.81 94.63 -43.91
N GLU Q 155 -19.83 94.88 -45.21
CA GLU Q 155 -18.59 94.92 -45.98
C GLU Q 155 -17.73 96.11 -45.55
N LEU Q 156 -18.36 97.24 -45.27
CA LEU Q 156 -17.60 98.38 -44.74
C LEU Q 156 -16.98 98.04 -43.40
N THR Q 157 -17.77 97.43 -42.51
CA THR Q 157 -17.24 97.04 -41.22
C THR Q 157 -16.08 96.06 -41.38
N ARG Q 158 -16.23 95.09 -42.28
CA ARG Q 158 -15.17 94.11 -42.50
C ARG Q 158 -13.91 94.77 -43.03
N LYS Q 159 -14.08 95.73 -43.95
CA LYS Q 159 -12.92 96.46 -44.46
C LYS Q 159 -12.21 97.21 -43.34
N MET Q 160 -12.98 97.88 -42.47
CA MET Q 160 -12.35 98.59 -41.37
C MET Q 160 -11.65 97.62 -40.42
N LEU Q 161 -12.26 96.45 -40.18
CA LEU Q 161 -11.64 95.47 -39.31
C LEU Q 161 -10.35 94.93 -39.91
N ARG Q 162 -10.36 94.68 -41.22
CA ARG Q 162 -9.14 94.29 -41.93
C ARG Q 162 -8.07 95.36 -41.76
N ASP Q 163 -8.43 96.63 -41.97
CA ASP Q 163 -7.43 97.68 -41.86
C ASP Q 163 -6.87 97.74 -40.45
N LYS Q 164 -7.70 97.50 -39.45
CA LYS Q 164 -7.22 97.57 -38.08
C LYS Q 164 -6.37 96.37 -37.73
N GLN Q 165 -6.70 95.21 -38.29
CA GLN Q 165 -5.89 94.04 -38.02
C GLN Q 165 -4.55 94.20 -38.69
N SER Q 166 -4.53 94.70 -39.93
CA SER Q 166 -3.26 94.89 -40.61
C SER Q 166 -2.44 95.93 -39.88
N LYS Q 167 -3.11 96.95 -39.32
CA LYS Q 167 -2.42 97.99 -38.58
C LYS Q 167 -1.81 97.46 -37.29
N LYS Q 168 -2.37 96.37 -36.75
CA LYS Q 168 -1.87 95.78 -35.52
C LYS Q 168 -0.88 94.64 -35.74
N ASN Q 169 -0.90 94.03 -36.92
CA ASN Q 169 0.00 92.93 -37.24
C ASN Q 169 1.33 93.40 -37.82
N SER Q 170 1.53 94.71 -37.94
CA SER Q 170 2.76 95.26 -38.50
C SER Q 170 3.00 94.76 -39.93
N GLY Q 171 1.92 94.51 -40.67
CA GLY Q 171 2.02 94.10 -42.05
C GLY Q 171 2.22 92.62 -42.30
N GLN Q 172 2.00 91.77 -41.30
CA GLN Q 172 1.93 90.34 -41.54
C GLN Q 172 0.69 89.99 -42.35
N ARG Q 173 0.80 88.94 -43.17
CA ARG Q 173 -0.32 88.53 -43.99
C ARG Q 173 -1.48 88.11 -43.10
N LEU Q 174 -2.70 88.45 -43.53
CA LEU Q 174 -3.91 88.03 -42.86
C LEU Q 174 -4.74 87.14 -43.79
N PRO Q 175 -5.56 86.26 -43.24
CA PRO Q 175 -6.43 85.46 -44.11
C PRO Q 175 -7.56 86.32 -44.65
N VAL Q 176 -7.92 86.05 -45.89
CA VAL Q 176 -8.99 86.76 -46.58
C VAL Q 176 -9.81 85.76 -47.37
N LEU Q 177 -11.12 85.83 -47.25
CA LEU Q 177 -12.00 84.90 -47.95
C LEU Q 177 -12.11 85.30 -49.40
N PRO Q 178 -12.01 84.35 -50.34
CA PRO Q 178 -12.14 84.72 -51.75
C PRO Q 178 -13.43 85.49 -51.95
N ALA Q 179 -13.38 86.46 -52.87
CA ALA Q 179 -14.44 87.46 -52.90
C ALA Q 179 -15.79 86.84 -53.21
N TRP Q 180 -15.82 85.78 -54.01
CA TRP Q 180 -17.10 85.26 -54.47
C TRP Q 180 -17.96 84.79 -53.30
N VAL Q 181 -17.35 84.53 -52.14
CA VAL Q 181 -18.12 84.10 -50.98
C VAL Q 181 -18.99 85.24 -50.50
N TYR Q 182 -18.47 86.47 -50.56
CA TYR Q 182 -19.23 87.62 -50.10
C TYR Q 182 -20.00 88.22 -51.25
N GLU Q 183 -19.58 87.91 -52.47
CA GLU Q 183 -20.13 88.47 -53.70
C GLU Q 183 -21.12 87.54 -54.38
N ARG Q 184 -21.63 86.53 -53.70
CA ARG Q 184 -22.58 85.60 -54.31
C ARG Q 184 -23.79 85.46 -53.41
N PRO Q 185 -24.92 86.07 -53.77
CA PRO Q 185 -26.15 85.88 -52.98
C PRO Q 185 -26.63 84.45 -52.93
N ALA Q 186 -26.34 83.66 -53.94
CA ALA Q 186 -26.89 82.32 -54.04
C ALA Q 186 -26.20 81.33 -53.12
N LEU Q 187 -25.30 81.81 -52.26
CA LEU Q 187 -24.71 80.99 -51.20
C LEU Q 187 -24.99 81.57 -49.82
N LEU Q 188 -25.88 82.57 -49.75
CA LEU Q 188 -26.42 83.00 -48.47
C LEU Q 188 -27.30 81.89 -47.87
N GLY Q 189 -27.35 81.87 -46.55
CA GLY Q 189 -28.24 81.01 -45.81
C GLY Q 189 -29.61 81.58 -45.52
N ASP Q 190 -29.86 82.83 -45.87
CA ASP Q 190 -31.20 83.39 -45.78
C ASP Q 190 -31.96 83.14 -47.08
N PHE Q 191 -33.06 83.85 -47.30
CA PHE Q 191 -33.84 83.71 -48.53
C PHE Q 191 -33.13 84.33 -49.72
N LEU Q 192 -33.52 83.86 -50.91
CA LEU Q 192 -32.98 84.37 -52.16
C LEU Q 192 -34.01 85.30 -52.78
N PRO Q 193 -33.74 86.61 -52.87
CA PRO Q 193 -34.74 87.49 -53.49
C PRO Q 193 -34.70 87.43 -55.02
N ALA Q 202 -49.01 78.73 -59.04
CA ALA Q 202 -49.78 78.84 -57.82
C ALA Q 202 -51.24 79.18 -58.14
N VAL Q 203 -52.16 78.56 -57.42
CA VAL Q 203 -53.59 78.89 -57.52
C VAL Q 203 -53.91 79.80 -56.35
N PRO Q 204 -54.66 80.87 -56.57
CA PRO Q 204 -54.93 81.79 -55.46
C PRO Q 204 -55.64 81.07 -54.32
N ILE Q 205 -55.25 81.40 -53.10
CA ILE Q 205 -55.66 80.59 -51.98
C ILE Q 205 -57.12 80.82 -51.62
N GLY Q 206 -57.67 81.97 -51.94
CA GLY Q 206 -59.04 82.23 -51.52
C GLY Q 206 -60.07 81.47 -52.32
N SER Q 207 -59.66 80.80 -53.40
CA SER Q 207 -60.55 79.93 -54.14
C SER Q 207 -60.53 78.49 -53.63
N LEU Q 208 -59.61 78.17 -52.69
CA LEU Q 208 -59.53 76.81 -52.17
C LEU Q 208 -60.48 76.60 -50.99
N PRO Q 209 -61.00 75.39 -50.88
CA PRO Q 209 -61.79 75.05 -49.69
C PRO Q 209 -60.94 75.18 -48.44
N LEU Q 210 -61.60 75.44 -47.32
CA LEU Q 210 -60.87 75.80 -46.11
C LEU Q 210 -59.79 74.77 -45.82
N ALA Q 211 -60.13 73.49 -45.92
CA ALA Q 211 -59.13 72.46 -45.68
C ALA Q 211 -58.05 72.51 -46.74
N SER Q 212 -58.45 72.76 -47.99
CA SER Q 212 -57.47 72.94 -49.05
C SER Q 212 -56.66 74.19 -48.84
N GLN Q 213 -57.28 75.24 -48.30
CA GLN Q 213 -56.52 76.42 -47.94
C GLN Q 213 -55.45 76.07 -46.91
N GLU Q 214 -55.84 75.33 -45.88
CA GLU Q 214 -54.88 74.89 -44.88
C GLU Q 214 -53.75 74.07 -45.49
N ALA Q 215 -54.09 73.18 -46.42
CA ALA Q 215 -53.06 72.37 -47.04
C ALA Q 215 -52.06 73.22 -47.82
N ALA Q 216 -52.57 74.11 -48.67
CA ALA Q 216 -51.68 74.98 -49.43
C ALA Q 216 -50.86 75.86 -48.51
N VAL Q 217 -51.48 76.35 -47.44
CA VAL Q 217 -50.77 77.18 -46.48
C VAL Q 217 -49.66 76.37 -45.84
N VAL Q 218 -49.94 75.13 -45.48
CA VAL Q 218 -48.94 74.33 -44.81
C VAL Q 218 -47.78 74.04 -45.75
N GLU Q 219 -48.08 73.84 -47.04
CA GLU Q 219 -47.01 73.70 -48.02
C GLU Q 219 -46.14 74.95 -48.07
N ASP Q 220 -46.76 76.11 -48.23
CA ASP Q 220 -46.00 77.35 -48.24
C ASP Q 220 -45.20 77.51 -46.96
N LEU Q 221 -45.81 77.19 -45.82
CA LEU Q 221 -45.14 77.32 -44.54
C LEU Q 221 -43.92 76.42 -44.48
N LEU Q 222 -44.06 75.18 -44.94
CA LEU Q 222 -42.95 74.25 -44.88
C LEU Q 222 -41.81 74.73 -45.76
N TYR Q 223 -42.13 75.35 -46.89
CA TYR Q 223 -41.09 76.02 -47.67
C TYR Q 223 -40.48 77.18 -46.88
N VAL Q 224 -41.33 78.00 -46.26
CA VAL Q 224 -40.87 79.22 -45.62
C VAL Q 224 -40.07 78.97 -44.35
N LEU Q 225 -40.26 77.84 -43.68
CA LEU Q 225 -39.51 77.57 -42.47
C LEU Q 225 -38.05 77.27 -42.73
N VAL Q 226 -37.68 76.99 -43.98
CA VAL Q 226 -36.29 76.74 -44.33
C VAL Q 226 -35.75 77.84 -45.23
N GLY Q 227 -36.40 79.00 -45.24
CA GLY Q 227 -35.93 80.09 -46.07
C GLY Q 227 -36.20 79.88 -47.53
N VAL Q 228 -37.39 79.39 -47.88
CA VAL Q 228 -37.78 79.21 -49.27
C VAL Q 228 -39.21 79.68 -49.44
N ASP Q 229 -39.46 80.45 -50.50
CA ASP Q 229 -40.77 81.06 -50.69
C ASP Q 229 -41.79 80.00 -51.08
N GLY Q 230 -43.01 80.15 -50.56
CA GLY Q 230 -44.13 79.34 -50.98
C GLY Q 230 -44.82 79.93 -52.20
N ARG Q 231 -45.94 79.30 -52.58
CA ARG Q 231 -46.70 79.77 -53.72
C ARG Q 231 -47.63 80.92 -53.35
N TYR Q 232 -48.34 80.79 -52.23
CA TYR Q 232 -49.25 81.81 -51.76
C TYR Q 232 -48.74 82.48 -50.49
N ILE Q 233 -47.52 82.15 -50.07
CA ILE Q 233 -46.80 82.87 -49.02
C ILE Q 233 -45.46 83.29 -49.60
N SER Q 234 -45.19 84.60 -49.58
CA SER Q 234 -44.02 85.15 -50.23
C SER Q 234 -43.28 86.08 -49.28
N ALA Q 235 -41.96 86.09 -49.41
CA ALA Q 235 -41.06 86.88 -48.59
C ALA Q 235 -40.90 88.29 -49.14
N GLN Q 236 -40.66 89.24 -48.24
CA GLN Q 236 -40.40 90.62 -48.61
C GLN Q 236 -38.95 90.96 -48.32
N PRO Q 237 -38.20 91.45 -49.30
CA PRO Q 237 -36.79 91.77 -49.08
C PRO Q 237 -36.59 92.78 -47.97
N LEU Q 238 -35.46 92.68 -47.29
CA LEU Q 238 -35.20 93.48 -46.10
C LEU Q 238 -34.45 94.76 -46.48
N THR Q 239 -34.48 95.72 -45.57
CA THR Q 239 -33.63 96.91 -45.63
C THR Q 239 -32.94 97.10 -44.29
N GLY Q 240 -31.62 97.24 -44.33
CA GLY Q 240 -30.84 97.17 -43.11
C GLY Q 240 -30.83 95.75 -42.57
N ARG Q 241 -30.22 95.59 -41.40
CA ARG Q 241 -30.22 94.28 -40.76
C ARG Q 241 -31.54 94.14 -40.01
N GLN Q 242 -32.39 93.25 -40.49
CA GLN Q 242 -33.69 92.99 -39.89
C GLN Q 242 -34.03 91.52 -40.06
N GLY Q 243 -35.00 91.06 -39.29
CA GLY Q 243 -35.58 89.77 -39.55
C GLY Q 243 -36.44 89.80 -40.81
N ARG Q 244 -36.55 88.64 -41.45
CA ARG Q 244 -37.23 88.59 -42.74
C ARG Q 244 -38.67 89.08 -42.57
N THR Q 245 -39.09 89.94 -43.48
CA THR Q 245 -40.49 90.31 -43.61
C THR Q 245 -41.12 89.52 -44.75
N PHE Q 246 -42.37 89.13 -44.56
CA PHE Q 246 -43.06 88.23 -45.46
C PHE Q 246 -44.35 88.88 -45.96
N LEU Q 247 -44.64 88.66 -47.24
CA LEU Q 247 -45.92 89.01 -47.82
C LEU Q 247 -46.80 87.77 -47.86
N VAL Q 248 -48.02 87.90 -47.35
CA VAL Q 248 -48.99 86.81 -47.33
C VAL Q 248 -50.10 87.13 -48.31
N ASP Q 249 -50.51 86.12 -49.06
CA ASP Q 249 -51.52 86.34 -50.08
C ASP Q 249 -52.79 86.85 -49.40
N PRO Q 250 -53.38 87.94 -49.89
CA PRO Q 250 -54.52 88.52 -49.18
C PRO Q 250 -55.84 87.82 -49.41
N ASN Q 251 -55.88 86.84 -50.32
CA ASN Q 251 -57.07 86.03 -50.48
C ASN Q 251 -57.14 84.89 -49.49
N LEU Q 252 -56.09 84.68 -48.71
CA LEU Q 252 -56.17 83.76 -47.57
C LEU Q 252 -57.21 84.21 -46.56
N ASP Q 253 -57.67 83.26 -45.77
CA ASP Q 253 -58.62 83.54 -44.71
C ASP Q 253 -57.92 84.26 -43.57
N LEU Q 254 -58.60 85.26 -42.99
CA LEU Q 254 -57.97 86.07 -41.97
C LEU Q 254 -57.44 85.20 -40.84
N SER Q 255 -58.21 84.19 -40.44
CA SER Q 255 -57.78 83.35 -39.32
C SER Q 255 -56.50 82.61 -39.68
N ILE Q 256 -56.45 82.04 -40.88
CA ILE Q 256 -55.25 81.37 -41.35
C ILE Q 256 -54.08 82.35 -41.36
N ARG Q 257 -54.32 83.56 -41.84
CA ARG Q 257 -53.25 84.53 -41.90
C ARG Q 257 -52.72 84.85 -40.50
N GLU Q 258 -53.62 85.00 -39.53
CA GLU Q 258 -53.19 85.21 -38.16
C GLU Q 258 -52.37 84.03 -37.64
N LEU Q 259 -52.80 82.81 -37.95
CA LEU Q 259 -52.06 81.67 -37.45
C LEU Q 259 -50.71 81.57 -38.12
N VAL Q 260 -50.61 82.02 -39.36
CA VAL Q 260 -49.31 82.08 -40.01
C VAL Q 260 -48.46 83.13 -39.33
N SER Q 261 -49.05 84.30 -39.08
CA SER Q 261 -48.28 85.44 -38.60
C SER Q 261 -47.79 85.17 -37.20
N ARG Q 262 -48.41 84.21 -36.51
CA ARG Q 262 -47.87 83.82 -35.22
C ARG Q 262 -46.64 82.96 -35.42
N ILE Q 263 -46.56 82.24 -36.53
CA ILE Q 263 -45.44 81.35 -36.79
C ILE Q 263 -44.27 82.06 -37.45
N LEU Q 264 -44.56 83.07 -38.27
CA LEU Q 264 -43.53 83.68 -39.09
C LEU Q 264 -42.32 84.18 -38.30
N PRO Q 265 -42.43 84.54 -37.03
CA PRO Q 265 -41.24 85.05 -36.34
C PRO Q 265 -40.13 84.03 -36.33
N VAL Q 266 -40.44 82.74 -36.42
CA VAL Q 266 -39.39 81.74 -36.47
C VAL Q 266 -38.58 81.93 -37.73
N ALA Q 267 -39.26 82.11 -38.87
CA ALA Q 267 -38.55 82.35 -40.12
C ALA Q 267 -37.76 83.64 -40.07
N ALA Q 268 -38.27 84.64 -39.36
CA ALA Q 268 -37.51 85.87 -39.21
C ALA Q 268 -36.21 85.58 -38.49
N SER Q 269 -36.32 84.84 -37.38
CA SER Q 269 -35.14 84.43 -36.64
C SER Q 269 -34.20 83.64 -37.54
N TYR Q 270 -34.74 82.81 -38.43
CA TYR Q 270 -33.87 82.04 -39.30
C TYR Q 270 -33.10 82.94 -40.25
N SER Q 271 -33.76 83.94 -40.82
CA SER Q 271 -33.05 84.85 -41.71
C SER Q 271 -32.00 85.63 -40.95
N THR Q 272 -32.27 85.92 -39.68
CA THR Q 272 -31.27 86.63 -38.89
C THR Q 272 -30.09 85.71 -38.60
N VAL Q 273 -30.36 84.46 -38.25
CA VAL Q 273 -29.28 83.58 -37.87
C VAL Q 273 -28.41 83.32 -39.08
N THR Q 274 -29.03 83.18 -40.25
CA THR Q 274 -28.27 82.89 -41.46
C THR Q 274 -27.35 84.06 -41.79
N ARG Q 275 -27.90 85.28 -41.81
CA ARG Q 275 -27.05 86.43 -42.05
C ARG Q 275 -25.94 86.53 -41.02
N PHE Q 276 -26.26 86.26 -39.75
CA PHE Q 276 -25.24 86.31 -38.71
C PHE Q 276 -24.12 85.31 -38.97
N ILE Q 277 -24.47 84.08 -39.30
CA ILE Q 277 -23.45 83.07 -39.53
C ILE Q 277 -22.55 83.50 -40.69
N GLU Q 278 -23.16 83.93 -41.78
CA GLU Q 278 -22.37 84.27 -42.96
C GLU Q 278 -21.43 85.43 -42.64
N GLU Q 279 -21.95 86.52 -42.08
CA GLU Q 279 -21.09 87.64 -41.73
C GLU Q 279 -19.98 87.21 -40.79
N LYS Q 280 -20.32 86.53 -39.70
CA LYS Q 280 -19.39 86.26 -38.62
C LYS Q 280 -18.55 85.03 -38.86
N SER Q 281 -18.54 84.49 -40.07
CA SER Q 281 -17.56 83.47 -40.40
C SER Q 281 -16.45 83.96 -41.33
N SER Q 282 -16.27 85.28 -41.47
CA SER Q 282 -15.13 85.78 -42.22
C SER Q 282 -13.92 85.93 -41.31
N PHE Q 283 -12.74 85.67 -41.86
CA PHE Q 283 -11.54 85.54 -41.05
C PHE Q 283 -11.26 86.80 -40.24
N GLU Q 284 -11.57 87.97 -40.82
CA GLU Q 284 -11.22 89.24 -40.20
C GLU Q 284 -11.96 89.45 -38.88
N TYR Q 285 -13.14 88.86 -38.72
CA TYR Q 285 -13.99 89.18 -37.59
C TYR Q 285 -13.61 88.40 -36.34
N GLY Q 286 -12.63 87.51 -36.44
CA GLY Q 286 -12.04 86.92 -35.27
C GLY Q 286 -12.58 85.54 -34.97
N GLN Q 287 -11.77 84.77 -34.24
CA GLN Q 287 -12.11 83.38 -33.99
C GLN Q 287 -13.35 83.26 -33.14
N VAL Q 288 -13.52 84.16 -32.17
CA VAL Q 288 -14.72 84.14 -31.34
C VAL Q 288 -15.97 84.18 -32.21
N ASN Q 289 -16.02 85.12 -33.15
CA ASN Q 289 -17.19 85.20 -34.02
C ASN Q 289 -17.27 84.01 -34.95
N HIS Q 290 -16.12 83.47 -35.37
CA HIS Q 290 -16.15 82.28 -36.21
C HIS Q 290 -16.82 81.14 -35.48
N ALA Q 291 -16.39 80.89 -34.25
CA ALA Q 291 -16.94 79.77 -33.48
C ALA Q 291 -18.39 80.01 -33.14
N LEU Q 292 -18.78 81.26 -32.89
CA LEU Q 292 -20.18 81.53 -32.61
C LEU Q 292 -21.02 81.22 -33.84
N ALA Q 293 -20.53 81.58 -35.02
CA ALA Q 293 -21.26 81.26 -36.23
C ALA Q 293 -21.35 79.76 -36.42
N ALA Q 294 -20.28 79.03 -36.10
CA ALA Q 294 -20.34 77.58 -36.23
C ALA Q 294 -21.35 76.96 -35.26
N ALA Q 295 -21.41 77.45 -34.03
CA ALA Q 295 -22.39 76.93 -33.10
C ALA Q 295 -23.80 77.25 -33.55
N MET Q 296 -24.01 78.47 -34.00
CA MET Q 296 -25.32 78.82 -34.54
C MET Q 296 -25.65 77.92 -35.72
N ARG Q 297 -24.65 77.55 -36.51
CA ARG Q 297 -24.89 76.64 -37.62
C ARG Q 297 -25.32 75.27 -37.13
N THR Q 298 -24.74 74.81 -36.02
CA THR Q 298 -25.19 73.56 -35.42
C THR Q 298 -26.66 73.65 -35.02
N LEU Q 299 -27.01 74.71 -34.31
CA LEU Q 299 -28.40 74.86 -33.87
C LEU Q 299 -29.34 74.96 -35.06
N VAL Q 300 -28.92 75.66 -36.10
CA VAL Q 300 -29.78 75.80 -37.27
C VAL Q 300 -29.91 74.46 -37.97
N LYS Q 301 -28.86 73.66 -37.94
CA LYS Q 301 -28.95 72.32 -38.49
C LYS Q 301 -29.99 71.51 -37.74
N GLU Q 302 -29.98 71.60 -36.41
CA GLU Q 302 -30.99 70.91 -35.62
C GLU Q 302 -32.39 71.38 -36.02
N TYR Q 303 -32.58 72.69 -36.11
CA TYR Q 303 -33.88 73.22 -36.54
C TYR Q 303 -34.26 72.65 -37.90
N LEU Q 304 -33.31 72.64 -38.83
CA LEU Q 304 -33.59 72.15 -40.16
C LEU Q 304 -33.95 70.68 -40.12
N VAL Q 305 -33.27 69.91 -39.29
CA VAL Q 305 -33.60 68.49 -39.14
C VAL Q 305 -35.02 68.33 -38.67
N LEU Q 306 -35.40 69.12 -37.68
CA LEU Q 306 -36.77 69.06 -37.17
C LEU Q 306 -37.76 69.33 -38.30
N VAL Q 307 -37.51 70.38 -39.07
CA VAL Q 307 -38.48 70.73 -40.10
C VAL Q 307 -38.46 69.73 -41.23
N THR Q 308 -37.31 69.14 -41.52
CA THR Q 308 -37.23 68.02 -42.45
C THR Q 308 -38.11 66.86 -41.99
N GLN Q 309 -37.99 66.48 -40.73
CA GLN Q 309 -38.82 65.39 -40.22
C GLN Q 309 -40.29 65.76 -40.29
N LEU Q 310 -40.62 67.01 -40.00
CA LEU Q 310 -42.00 67.43 -40.08
C LEU Q 310 -42.49 67.36 -41.51
N GLU Q 311 -41.61 67.68 -42.46
CA GLU Q 311 -41.97 67.53 -43.86
C GLU Q 311 -42.23 66.08 -44.20
N GLN Q 312 -41.39 65.18 -43.69
CA GLN Q 312 -41.60 63.76 -43.91
C GLN Q 312 -42.95 63.32 -43.39
N LEU Q 313 -43.35 63.84 -42.23
CA LEU Q 313 -44.65 63.46 -41.69
C LEU Q 313 -45.78 64.11 -42.48
N GLN Q 314 -45.55 65.32 -42.98
CA GLN Q 314 -46.45 65.92 -43.96
C GLN Q 314 -46.68 64.95 -45.11
N ARG Q 315 -45.60 64.42 -45.66
CA ARG Q 315 -45.73 63.66 -46.89
C ARG Q 315 -46.58 62.42 -46.67
N GLN Q 316 -46.78 62.03 -45.42
CA GLN Q 316 -47.69 60.95 -45.08
C GLN Q 316 -49.11 61.43 -44.93
N GLY Q 317 -49.37 62.72 -45.15
CA GLY Q 317 -50.71 63.25 -44.96
C GLY Q 317 -51.19 63.14 -43.53
N LEU Q 318 -50.32 63.45 -42.57
CA LEU Q 318 -50.65 63.23 -41.16
C LEU Q 318 -50.38 64.46 -40.30
N LEU Q 319 -50.26 65.65 -40.90
CA LEU Q 319 -50.11 66.87 -40.13
C LEU Q 319 -51.04 67.95 -40.67
N SER Q 320 -51.36 68.92 -39.81
CA SER Q 320 -52.13 70.08 -40.24
C SER Q 320 -51.84 71.26 -39.33
N LEU Q 321 -52.00 72.45 -39.89
CA LEU Q 321 -52.19 73.69 -39.14
C LEU Q 321 -51.87 73.55 -37.67
N GLN Q 322 -52.89 73.24 -36.88
CA GLN Q 322 -52.74 73.22 -35.43
C GLN Q 322 -51.69 72.21 -34.99
N LYS Q 323 -51.53 71.12 -35.74
CA LYS Q 323 -50.53 70.14 -35.35
C LYS Q 323 -49.14 70.69 -35.56
N LEU Q 324 -48.91 71.35 -36.68
CA LEU Q 324 -47.65 72.06 -36.87
C LEU Q 324 -47.45 73.09 -35.79
N TRP Q 325 -48.51 73.82 -35.44
CA TRP Q 325 -48.40 74.86 -34.42
C TRP Q 325 -48.01 74.27 -33.08
N PHE Q 326 -48.50 73.07 -32.78
CA PHE Q 326 -48.13 72.44 -31.52
C PHE Q 326 -46.70 71.97 -31.57
N TYR Q 327 -46.32 71.29 -32.64
CA TYR Q 327 -44.96 70.77 -32.71
C TYR Q 327 -43.92 71.88 -32.72
N ILE Q 328 -44.25 73.03 -33.30
CA ILE Q 328 -43.28 74.10 -33.52
C ILE Q 328 -43.03 74.98 -32.32
N GLN Q 329 -43.75 74.79 -31.22
CA GLN Q 329 -43.63 75.73 -30.12
C GLN Q 329 -42.23 75.76 -29.53
N PRO Q 330 -41.57 74.62 -29.29
CA PRO Q 330 -40.18 74.69 -28.82
C PRO Q 330 -39.27 75.46 -29.76
N ALA Q 331 -39.39 75.20 -31.06
CA ALA Q 331 -38.57 75.90 -32.03
C ALA Q 331 -38.85 77.39 -32.08
N MET Q 332 -40.08 77.82 -31.85
CA MET Q 332 -40.34 79.25 -31.86
C MET Q 332 -39.53 79.95 -30.79
N ARG Q 333 -39.56 79.41 -29.56
CA ARG Q 333 -38.77 79.99 -28.49
C ARG Q 333 -37.28 79.93 -28.79
N SER Q 334 -36.80 78.78 -29.28
CA SER Q 334 -35.38 78.66 -29.57
C SER Q 334 -34.94 79.70 -30.59
N LEU Q 335 -35.73 79.88 -31.64
CA LEU Q 335 -35.31 80.79 -32.71
C LEU Q 335 -35.44 82.23 -32.28
N ASP Q 336 -36.44 82.55 -31.47
CA ASP Q 336 -36.51 83.87 -30.87
C ASP Q 336 -35.24 84.16 -30.08
N ILE Q 337 -34.78 83.19 -29.27
CA ILE Q 337 -33.58 83.40 -28.48
C ILE Q 337 -32.38 83.63 -29.39
N LEU Q 338 -32.25 82.79 -30.41
CA LEU Q 338 -31.13 82.92 -31.32
C LEU Q 338 -31.14 84.29 -31.99
N ALA Q 339 -32.30 84.73 -32.45
CA ALA Q 339 -32.38 86.01 -33.15
C ALA Q 339 -32.09 87.18 -32.23
N SER Q 340 -32.55 87.10 -30.98
CA SER Q 340 -32.25 88.17 -30.04
C SER Q 340 -30.74 88.26 -29.80
N LEU Q 341 -30.09 87.11 -29.63
CA LEU Q 341 -28.64 87.12 -29.45
C LEU Q 341 -27.96 87.69 -30.68
N ALA Q 342 -28.37 87.25 -31.86
CA ALA Q 342 -27.73 87.72 -33.08
C ALA Q 342 -27.89 89.23 -33.26
N THR Q 343 -29.11 89.74 -33.03
CA THR Q 343 -29.33 91.16 -33.21
C THR Q 343 -28.50 91.96 -32.22
N SER Q 344 -28.47 91.51 -30.96
CA SER Q 344 -27.67 92.23 -29.97
C SER Q 344 -26.19 92.22 -30.32
N VAL Q 345 -25.68 91.07 -30.79
CA VAL Q 345 -24.26 91.00 -31.10
C VAL Q 345 -23.93 91.88 -32.29
N ASP Q 346 -24.78 91.87 -33.32
CA ASP Q 346 -24.52 92.69 -34.48
C ASP Q 346 -24.59 94.17 -34.11
N LYS Q 347 -25.61 94.56 -33.36
CA LYS Q 347 -25.83 95.97 -33.12
C LYS Q 347 -24.79 96.53 -32.17
N GLY Q 348 -24.25 95.71 -31.27
CA GLY Q 348 -23.11 96.17 -30.50
C GLY Q 348 -21.76 95.86 -31.10
N GLU Q 349 -21.71 95.28 -32.30
CA GLU Q 349 -20.44 95.01 -32.97
C GLU Q 349 -19.40 94.50 -31.99
N CYS Q 350 -19.77 93.49 -31.21
CA CYS Q 350 -18.90 92.99 -30.17
C CYS Q 350 -17.83 92.10 -30.78
N ILE Q 351 -16.59 92.28 -30.33
CA ILE Q 351 -15.51 91.40 -30.74
C ILE Q 351 -14.76 90.96 -29.49
N GLY Q 352 -14.25 89.74 -29.52
CA GLY Q 352 -13.40 89.29 -28.43
C GLY Q 352 -14.14 89.32 -27.11
N GLY Q 353 -13.45 89.85 -26.11
CA GLY Q 353 -14.03 89.83 -24.78
C GLY Q 353 -15.33 90.59 -24.71
N ALA Q 354 -15.56 91.52 -25.64
CA ALA Q 354 -16.87 92.16 -25.68
C ALA Q 354 -17.96 91.13 -25.90
N THR Q 355 -17.79 90.32 -26.95
CA THR Q 355 -18.78 89.31 -27.26
C THR Q 355 -18.89 88.31 -26.13
N LEU Q 356 -17.76 87.89 -25.57
CA LEU Q 356 -17.80 86.96 -24.44
C LEU Q 356 -18.55 87.56 -23.24
N SER Q 357 -18.30 88.83 -22.95
CA SER Q 357 -19.05 89.53 -21.92
C SER Q 357 -20.55 89.45 -22.20
N LEU Q 358 -20.95 89.82 -23.41
CA LEU Q 358 -22.36 89.76 -23.75
C LEU Q 358 -22.91 88.35 -23.56
N LEU Q 359 -22.13 87.35 -23.93
CA LEU Q 359 -22.64 85.98 -23.80
C LEU Q 359 -22.76 85.58 -22.34
N HIS Q 360 -21.80 85.96 -21.50
CA HIS Q 360 -21.92 85.68 -20.07
C HIS Q 360 -23.17 86.34 -19.52
N ASP Q 361 -23.31 87.64 -19.78
CA ASP Q 361 -24.41 88.40 -19.21
C ASP Q 361 -25.75 87.79 -19.64
N ARG Q 362 -25.88 87.49 -20.93
CA ARG Q 362 -27.10 86.87 -21.40
C ARG Q 362 -27.33 85.53 -20.74
N SER Q 363 -26.29 84.71 -20.63
CA SER Q 363 -26.39 83.42 -19.96
C SER Q 363 -26.92 83.56 -18.54
N PHE Q 364 -26.53 84.64 -17.86
CA PHE Q 364 -27.09 84.90 -16.54
C PHE Q 364 -28.55 85.34 -16.62
N SER Q 365 -28.86 86.28 -17.51
CA SER Q 365 -30.21 86.80 -17.60
C SER Q 365 -31.22 85.74 -18.05
N TYR Q 366 -30.78 84.77 -18.84
CA TYR Q 366 -31.61 83.65 -19.26
C TYR Q 366 -31.57 82.49 -18.26
N THR Q 367 -31.29 82.78 -16.99
CA THR Q 367 -31.34 81.74 -15.97
C THR Q 367 -32.76 81.30 -15.66
N GLY Q 368 -33.75 82.13 -15.99
CA GLY Q 368 -35.13 81.84 -15.60
C GLY Q 368 -35.68 80.57 -16.20
N ASP Q 369 -35.35 80.29 -17.46
CA ASP Q 369 -35.88 79.13 -18.18
C ASP Q 369 -34.76 78.15 -18.48
N SER Q 370 -35.02 76.87 -18.21
CA SER Q 370 -33.97 75.86 -18.32
C SER Q 370 -33.59 75.60 -19.77
N GLN Q 371 -34.56 75.62 -20.69
CA GLN Q 371 -34.22 75.42 -22.09
C GLN Q 371 -33.24 76.49 -22.57
N ALA Q 372 -33.55 77.75 -22.31
CA ALA Q 372 -32.69 78.83 -22.74
C ALA Q 372 -31.36 78.77 -22.01
N GLN Q 373 -31.38 78.45 -20.72
CA GLN Q 373 -30.14 78.33 -19.97
C GLN Q 373 -29.23 77.28 -20.58
N GLU Q 374 -29.77 76.09 -20.85
CA GLU Q 374 -28.95 75.03 -21.43
C GLU Q 374 -28.41 75.44 -22.78
N LEU Q 375 -29.26 76.03 -23.63
CA LEU Q 375 -28.79 76.44 -24.94
C LEU Q 375 -27.65 77.45 -24.83
N CYS Q 376 -27.84 78.44 -23.99
CA CYS Q 376 -26.83 79.49 -23.88
C CYS Q 376 -25.56 78.97 -23.24
N LEU Q 377 -25.66 78.03 -22.30
CA LEU Q 377 -24.44 77.49 -21.71
C LEU Q 377 -23.67 76.67 -22.72
N HIS Q 378 -24.37 75.87 -23.52
CA HIS Q 378 -23.70 75.18 -24.62
C HIS Q 378 -22.99 76.18 -25.52
N LEU Q 379 -23.71 77.20 -25.96
CA LEU Q 379 -23.13 78.17 -26.88
C LEU Q 379 -21.92 78.84 -26.24
N THR Q 380 -22.03 79.20 -24.98
CA THR Q 380 -20.96 79.95 -24.33
C THR Q 380 -19.72 79.10 -24.19
N LYS Q 381 -19.88 77.84 -23.78
CA LYS Q 381 -18.74 76.93 -23.76
C LYS Q 381 -18.09 76.88 -25.13
N ALA Q 382 -18.88 76.61 -26.16
CA ALA Q 382 -18.31 76.42 -27.48
C ALA Q 382 -17.55 77.65 -27.94
N ALA Q 383 -18.16 78.81 -27.78
CA ALA Q 383 -17.54 80.03 -28.30
C ALA Q 383 -16.36 80.45 -27.44
N SER Q 384 -16.38 80.10 -26.15
CA SER Q 384 -15.29 80.48 -25.28
C SER Q 384 -14.09 79.58 -25.49
N THR Q 385 -14.28 78.44 -26.13
CA THR Q 385 -13.15 77.55 -26.35
C THR Q 385 -11.98 78.26 -27.03
N PRO Q 386 -12.18 78.97 -28.14
CA PRO Q 386 -11.04 79.70 -28.72
C PRO Q 386 -10.45 80.75 -27.80
N TYR Q 387 -11.30 81.51 -27.11
CA TYR Q 387 -10.78 82.57 -26.25
C TYR Q 387 -10.03 82.00 -25.07
N PHE Q 388 -10.53 80.91 -24.49
CA PHE Q 388 -9.78 80.27 -23.42
C PHE Q 388 -8.49 79.65 -23.94
N GLU Q 389 -8.49 79.16 -25.18
CA GLU Q 389 -7.26 78.69 -25.78
C GLU Q 389 -6.22 79.80 -25.86
N ILE Q 390 -6.65 80.97 -26.32
CA ILE Q 390 -5.72 82.10 -26.46
C ILE Q 390 -5.23 82.54 -25.08
N LEU Q 391 -6.15 82.68 -24.13
CA LEU Q 391 -5.76 83.03 -22.77
C LEU Q 391 -4.76 82.02 -22.21
N GLU Q 392 -4.94 80.75 -22.54
CA GLU Q 392 -4.04 79.73 -22.03
C GLU Q 392 -2.66 79.91 -22.61
N LYS Q 393 -2.56 80.12 -23.93
CA LYS Q 393 -1.26 80.45 -24.48
C LYS Q 393 -0.64 81.61 -23.71
N TRP Q 394 -1.42 82.66 -23.49
CA TRP Q 394 -0.87 83.85 -22.83
C TRP Q 394 -0.59 83.54 -21.36
N ILE Q 395 -1.59 82.97 -20.68
CA ILE Q 395 -1.49 82.76 -19.24
C ILE Q 395 -0.80 81.45 -18.87
N TYR Q 396 -0.60 80.55 -19.83
CA TYR Q 396 0.10 79.31 -19.55
C TYR Q 396 1.48 79.26 -20.18
N ARG Q 397 1.74 80.09 -21.19
CA ARG Q 397 2.99 80.06 -21.91
C ARG Q 397 3.60 81.43 -22.15
N GLY Q 398 2.89 82.51 -21.86
CA GLY Q 398 3.46 83.81 -22.13
C GLY Q 398 3.57 84.07 -23.61
N ILE Q 399 2.59 83.63 -24.38
CA ILE Q 399 2.54 83.90 -25.80
C ILE Q 399 1.19 84.53 -26.12
N ILE Q 400 1.21 85.57 -26.95
CA ILE Q 400 0.02 86.16 -27.51
C ILE Q 400 0.09 85.97 -29.02
N ASP Q 401 -0.76 85.09 -29.55
CA ASP Q 401 -0.97 84.95 -30.98
C ASP Q 401 -2.44 85.24 -31.25
N ASP Q 402 -2.69 86.25 -32.06
CA ASP Q 402 -4.07 86.54 -32.41
C ASP Q 402 -4.12 87.38 -33.68
N PRO Q 403 -4.80 86.92 -34.73
CA PRO Q 403 -4.75 87.67 -35.99
C PRO Q 403 -5.71 88.83 -35.98
N TYR Q 404 -6.71 88.79 -35.11
CA TYR Q 404 -7.71 89.84 -35.04
C TYR Q 404 -7.35 90.86 -33.98
N SER Q 405 -6.47 90.50 -33.03
CA SER Q 405 -6.29 91.30 -31.84
C SER Q 405 -7.61 91.26 -31.08
N GLU Q 406 -7.86 90.16 -30.38
CA GLU Q 406 -9.03 90.05 -29.52
C GLU Q 406 -8.70 89.71 -28.07
N PHE Q 407 -7.44 89.67 -27.69
CA PHE Q 407 -7.08 89.06 -26.43
C PHE Q 407 -6.94 90.13 -25.36
N MET Q 408 -7.14 89.70 -24.11
CA MET Q 408 -7.18 90.64 -23.00
C MET Q 408 -5.98 91.57 -23.01
N VAL Q 409 -4.79 91.03 -23.21
CA VAL Q 409 -3.54 91.76 -23.06
C VAL Q 409 -2.99 92.05 -24.45
N GLU Q 410 -2.54 93.29 -24.65
CA GLU Q 410 -1.91 93.70 -25.89
C GLU Q 410 -0.49 94.17 -25.61
N GLU Q 411 0.41 93.84 -26.53
CA GLU Q 411 1.80 94.25 -26.43
C GLU Q 411 2.03 95.51 -27.25
N HIS Q 412 2.83 96.42 -26.71
CA HIS Q 412 3.31 97.56 -27.47
C HIS Q 412 4.82 97.57 -27.42
N GLU Q 413 5.42 98.30 -28.36
CA GLU Q 413 6.87 98.27 -28.48
C GLU Q 413 7.53 99.00 -27.31
N LEU Q 414 8.79 98.65 -27.08
CA LEU Q 414 9.60 99.25 -26.03
C LEU Q 414 11.06 98.97 -26.36
N ARG Q 415 11.94 99.82 -25.84
CA ARG Q 415 13.38 99.56 -25.88
C ARG Q 415 13.89 99.43 -24.46
N LYS Q 416 14.68 98.37 -24.21
CA LYS Q 416 15.20 98.16 -22.86
C LYS Q 416 16.19 99.26 -22.47
N GLU Q 417 16.98 99.76 -23.43
CA GLU Q 417 17.96 100.79 -23.12
C GLU Q 417 17.31 101.96 -22.39
N LYS Q 418 16.12 102.37 -22.85
CA LYS Q 418 15.50 103.58 -22.31
C LYS Q 418 14.93 103.37 -20.93
N ILE Q 419 15.02 102.16 -20.38
CA ILE Q 419 14.45 101.87 -19.07
C ILE Q 419 15.12 102.74 -18.01
N GLN Q 420 16.45 102.84 -18.05
CA GLN Q 420 17.18 103.61 -17.06
C GLN Q 420 17.51 105.01 -17.56
N GLU Q 421 17.35 105.25 -18.87
CA GLU Q 421 17.48 106.61 -19.38
C GLU Q 421 16.31 107.46 -18.92
N ASP Q 422 15.11 106.90 -18.94
CA ASP Q 422 13.90 107.64 -18.60
C ASP Q 422 13.41 107.25 -17.22
N TYR Q 423 12.82 108.23 -16.51
CA TYR Q 423 12.18 107.92 -15.25
C TYR Q 423 10.99 107.00 -15.46
N ASN Q 424 10.29 107.14 -16.60
CA ASN Q 424 9.18 106.27 -16.93
C ASN Q 424 9.67 104.85 -17.16
N ASP Q 425 8.84 103.88 -16.75
CA ASP Q 425 9.18 102.46 -16.92
C ASP Q 425 8.61 101.92 -18.22
N LYS Q 426 9.11 102.45 -19.34
CA LYS Q 426 8.41 102.22 -20.60
C LYS Q 426 8.46 100.74 -20.95
N TYR Q 427 9.51 100.05 -20.51
CA TYR Q 427 9.58 98.61 -20.74
C TYR Q 427 8.38 97.93 -20.09
N TRP Q 428 8.11 98.30 -18.84
CA TRP Q 428 7.03 97.67 -18.09
C TRP Q 428 5.68 98.07 -18.66
N ASP Q 429 5.56 99.30 -19.13
CA ASP Q 429 4.25 99.85 -19.41
C ASP Q 429 3.84 99.56 -20.85
N GLN Q 430 4.79 99.59 -21.79
CA GLN Q 430 4.48 99.47 -23.20
C GLN Q 430 4.68 98.06 -23.73
N ARG Q 431 5.66 97.32 -23.22
CA ARG Q 431 5.97 96.02 -23.78
C ARG Q 431 4.74 95.13 -23.75
N TYR Q 432 4.05 95.10 -22.62
CA TYR Q 432 2.77 94.41 -22.48
C TYR Q 432 1.79 95.42 -21.92
N THR Q 433 0.69 95.62 -22.63
CA THR Q 433 -0.39 96.47 -22.13
C THR Q 433 -1.68 95.67 -22.05
N VAL Q 434 -2.62 96.20 -21.28
CA VAL Q 434 -3.92 95.57 -21.06
C VAL Q 434 -4.96 96.42 -21.77
N VAL Q 435 -5.63 95.84 -22.75
CA VAL Q 435 -6.75 96.53 -23.39
C VAL Q 435 -7.97 96.40 -22.48
N GLN Q 436 -8.55 97.54 -22.10
CA GLN Q 436 -9.64 97.51 -21.12
C GLN Q 436 -10.98 97.46 -21.82
N ARG Q 437 -11.05 96.62 -22.83
CA ARG Q 437 -12.30 96.15 -23.40
C ARG Q 437 -12.17 94.72 -23.91
N GLN Q 438 -10.99 94.10 -23.77
CA GLN Q 438 -10.73 92.77 -24.25
C GLN Q 438 -10.72 91.75 -23.13
N ILE Q 439 -11.15 92.15 -21.94
CA ILE Q 439 -11.31 91.24 -20.82
C ILE Q 439 -12.75 90.72 -20.91
N PRO Q 440 -12.97 89.42 -20.79
CA PRO Q 440 -14.35 88.93 -20.70
C PRO Q 440 -14.96 89.22 -19.34
N SER Q 441 -16.28 89.43 -19.35
CA SER Q 441 -16.98 89.82 -18.14
C SER Q 441 -16.65 88.87 -17.00
N PHE Q 442 -16.55 87.57 -17.29
CA PHE Q 442 -16.35 86.60 -16.23
C PHE Q 442 -14.90 86.53 -15.77
N LEU Q 443 -13.97 87.17 -16.48
CA LEU Q 443 -12.60 87.32 -16.03
C LEU Q 443 -12.30 88.72 -15.54
N GLN Q 444 -13.29 89.62 -15.55
CA GLN Q 444 -13.02 91.01 -15.20
C GLN Q 444 -12.53 91.14 -13.77
N LYS Q 445 -12.93 90.24 -12.89
CA LYS Q 445 -12.52 90.37 -11.50
C LYS Q 445 -11.09 89.92 -11.32
N MET Q 446 -10.66 88.92 -12.08
CA MET Q 446 -9.28 88.47 -12.08
C MET Q 446 -8.45 89.14 -13.15
N ALA Q 447 -9.03 90.10 -13.89
CA ALA Q 447 -8.36 90.63 -15.07
C ALA Q 447 -7.02 91.26 -14.72
N GLY Q 448 -6.96 92.00 -13.60
CA GLY Q 448 -5.70 92.57 -13.18
C GLY Q 448 -4.63 91.52 -12.95
N LYS Q 449 -4.98 90.45 -12.25
CA LYS Q 449 -4.00 89.42 -11.97
C LYS Q 449 -3.60 88.72 -13.25
N VAL Q 450 -4.55 88.50 -14.17
CA VAL Q 450 -4.23 87.89 -15.44
C VAL Q 450 -3.21 88.73 -16.20
N LEU Q 451 -3.48 90.04 -16.28
CA LEU Q 451 -2.56 90.93 -16.95
C LEU Q 451 -1.18 90.87 -16.32
N SER Q 452 -1.12 90.97 -14.99
CA SER Q 452 0.20 91.02 -14.37
C SER Q 452 0.91 89.69 -14.55
N THR Q 453 0.16 88.60 -14.47
CA THR Q 453 0.73 87.28 -14.64
C THR Q 453 1.37 87.14 -16.02
N GLY Q 454 0.61 87.49 -17.06
CA GLY Q 454 1.14 87.39 -18.41
C GLY Q 454 2.29 88.33 -18.66
N LYS Q 455 2.25 89.53 -18.08
CA LYS Q 455 3.39 90.44 -18.16
C LYS Q 455 4.63 89.77 -17.57
N TYR Q 456 4.50 89.18 -16.39
CA TYR Q 456 5.63 88.51 -15.78
C TYR Q 456 6.10 87.35 -16.64
N LEU Q 457 5.17 86.58 -17.19
CA LEU Q 457 5.56 85.43 -18.00
C LEU Q 457 6.33 85.90 -19.23
N ASN Q 458 5.87 86.99 -19.84
CA ASN Q 458 6.52 87.45 -21.06
C ASN Q 458 7.91 87.99 -20.72
N VAL Q 459 8.03 88.65 -19.58
CA VAL Q 459 9.32 89.17 -19.17
C VAL Q 459 10.29 88.03 -18.93
N VAL Q 460 9.80 86.95 -18.31
CA VAL Q 460 10.66 85.80 -18.08
C VAL Q 460 11.05 85.17 -19.41
N ARG Q 461 10.09 85.03 -20.32
CA ARG Q 461 10.43 84.47 -21.62
C ARG Q 461 11.48 85.32 -22.32
N GLU Q 462 11.35 86.64 -22.24
CA GLU Q 462 12.29 87.54 -22.87
C GLU Q 462 13.59 87.64 -22.10
N CYS Q 463 13.67 87.03 -20.92
CA CYS Q 463 14.91 86.91 -20.19
C CYS Q 463 15.71 85.70 -20.63
N GLY Q 464 15.22 84.96 -21.61
CA GLY Q 464 15.86 83.74 -22.05
C GLY Q 464 15.35 82.54 -21.29
N HIS Q 465 14.08 82.55 -20.93
CA HIS Q 465 13.44 81.46 -20.21
C HIS Q 465 12.40 80.81 -21.11
N ASP Q 466 12.33 79.48 -21.05
CA ASP Q 466 11.25 78.76 -21.70
C ASP Q 466 10.05 78.78 -20.75
N VAL Q 467 8.94 79.38 -21.18
CA VAL Q 467 7.82 79.64 -20.29
C VAL Q 467 6.60 78.88 -20.77
N THR Q 468 6.28 77.82 -20.03
CA THR Q 468 5.11 76.98 -20.21
C THR Q 468 4.67 76.61 -18.81
N CYS Q 469 3.40 76.74 -18.50
CA CYS Q 469 2.99 76.43 -17.14
C CYS Q 469 3.04 74.91 -16.96
N PRO Q 470 3.65 74.41 -15.89
CA PRO Q 470 3.69 72.96 -15.68
C PRO Q 470 2.47 72.43 -14.94
N VAL Q 471 1.67 73.30 -14.34
CA VAL Q 471 0.43 72.89 -13.71
C VAL Q 471 -0.70 73.32 -14.65
N ALA Q 472 -0.37 73.43 -15.93
CA ALA Q 472 -1.34 73.88 -16.91
C ALA Q 472 -2.49 72.90 -17.05
N LYS Q 473 -3.69 73.45 -17.08
CA LYS Q 473 -4.92 72.71 -17.33
C LYS Q 473 -5.63 73.40 -18.48
N GLU Q 474 -6.57 72.71 -19.09
CA GLU Q 474 -7.46 73.37 -20.04
C GLU Q 474 -8.53 74.14 -19.28
N VAL Q 475 -8.64 75.43 -19.57
CA VAL Q 475 -9.60 76.31 -18.91
C VAL Q 475 -10.88 76.26 -19.71
N VAL Q 476 -11.94 75.76 -19.11
CA VAL Q 476 -13.25 75.70 -19.77
C VAL Q 476 -14.24 76.57 -19.00
N TYR Q 477 -15.19 77.13 -19.73
CA TYR Q 477 -16.18 77.99 -19.10
C TYR Q 477 -17.18 77.12 -18.35
N THR Q 478 -17.52 77.55 -17.14
CA THR Q 478 -18.44 76.83 -16.29
C THR Q 478 -19.44 77.80 -15.70
N LEU Q 479 -20.59 77.25 -15.31
CA LEU Q 479 -21.72 78.10 -14.96
C LEU Q 479 -21.51 78.80 -13.63
N LYS Q 480 -20.62 78.27 -12.78
CA LYS Q 480 -20.15 78.98 -11.62
C LYS Q 480 -18.70 79.39 -11.82
N GLU Q 481 -18.35 80.57 -11.29
CA GLU Q 481 -17.09 81.21 -11.61
C GLU Q 481 -15.90 80.43 -11.06
N ARG Q 482 -16.11 79.71 -9.95
CA ARG Q 482 -15.02 79.22 -9.14
C ARG Q 482 -13.94 78.53 -9.97
N ALA Q 483 -14.35 77.67 -10.91
CA ALA Q 483 -13.37 76.82 -11.57
C ALA Q 483 -12.31 77.65 -12.29
N TYR Q 484 -12.76 78.64 -13.07
CA TYR Q 484 -11.80 79.48 -13.77
C TYR Q 484 -11.19 80.52 -12.86
N VAL Q 485 -11.94 81.03 -11.87
CA VAL Q 485 -11.33 81.92 -10.90
C VAL Q 485 -10.10 81.25 -10.31
N GLU Q 486 -10.32 80.10 -9.66
CA GLU Q 486 -9.26 79.39 -8.97
C GLU Q 486 -8.15 78.96 -9.92
N GLN Q 487 -8.48 78.71 -11.19
CA GLN Q 487 -7.42 78.29 -12.09
C GLN Q 487 -6.55 79.47 -12.48
N ILE Q 488 -7.18 80.60 -12.77
CA ILE Q 488 -6.44 81.84 -13.00
C ILE Q 488 -5.54 82.15 -11.81
N GLU Q 489 -6.09 82.07 -10.60
CA GLU Q 489 -5.29 82.36 -9.41
C GLU Q 489 -4.12 81.40 -9.27
N LYS Q 490 -4.36 80.10 -9.48
CA LYS Q 490 -3.26 79.13 -9.43
C LYS Q 490 -2.17 79.51 -10.41
N ALA Q 491 -2.55 79.79 -11.65
CA ALA Q 491 -1.59 80.18 -12.66
C ALA Q 491 -0.82 81.42 -12.24
N PHE Q 492 -1.54 82.45 -11.78
CA PHE Q 492 -0.89 83.67 -11.33
C PHE Q 492 0.15 83.38 -10.26
N SER Q 493 -0.21 82.59 -9.26
CA SER Q 493 0.73 82.31 -8.17
C SER Q 493 1.92 81.48 -8.66
N TYR Q 494 1.72 80.65 -9.67
CA TYR Q 494 2.86 79.95 -10.26
C TYR Q 494 3.75 80.93 -11.01
N ALA Q 495 3.15 81.75 -11.85
CA ALA Q 495 3.94 82.63 -12.71
C ALA Q 495 4.72 83.59 -11.85
N SER Q 496 4.07 84.15 -10.82
CA SER Q 496 4.75 85.10 -9.96
C SER Q 496 5.84 84.41 -9.16
N LYS Q 497 5.62 83.17 -8.75
CA LYS Q 497 6.66 82.48 -8.00
C LYS Q 497 7.88 82.29 -8.88
N VAL Q 498 7.66 81.80 -10.11
CA VAL Q 498 8.77 81.53 -11.00
C VAL Q 498 9.49 82.82 -11.37
N LEU Q 499 8.74 83.88 -11.66
CA LEU Q 499 9.34 85.18 -11.92
C LEU Q 499 10.20 85.63 -10.75
N LEU Q 500 9.67 85.55 -9.54
CA LEU Q 500 10.37 86.10 -8.39
C LEU Q 500 11.65 85.32 -8.14
N ASP Q 501 11.56 83.99 -8.10
CA ASP Q 501 12.76 83.18 -7.94
C ASP Q 501 13.77 83.43 -9.04
N PHE Q 502 13.29 83.74 -10.26
CA PHE Q 502 14.21 84.02 -11.36
C PHE Q 502 14.94 85.34 -11.13
N LEU Q 503 14.22 86.33 -10.62
CA LEU Q 503 14.81 87.66 -10.47
C LEU Q 503 15.75 87.70 -9.28
N MET Q 504 15.39 87.01 -8.19
CA MET Q 504 16.27 86.95 -7.03
C MET Q 504 17.48 86.08 -7.27
N GLY Q 505 17.36 85.03 -8.10
CA GLY Q 505 18.50 84.20 -8.39
C GLY Q 505 19.41 84.80 -9.45
N GLU Q 506 18.89 84.94 -10.66
CA GLU Q 506 19.74 85.22 -11.81
C GLU Q 506 20.25 86.65 -11.79
N LYS Q 507 19.41 87.61 -11.40
CA LYS Q 507 19.82 89.00 -11.43
C LYS Q 507 20.28 89.52 -10.08
N GLU Q 508 20.21 88.71 -9.03
CA GLU Q 508 20.87 89.02 -7.76
C GLU Q 508 20.41 90.37 -7.23
N LEU Q 509 19.09 90.49 -7.03
CA LEU Q 509 18.55 91.73 -6.50
C LEU Q 509 19.22 92.09 -5.18
N LEU Q 510 19.33 91.12 -4.27
CA LEU Q 510 19.91 91.42 -2.96
C LEU Q 510 21.37 91.81 -3.07
N ALA Q 511 22.08 91.29 -4.07
CA ALA Q 511 23.49 91.64 -4.20
C ALA Q 511 23.62 93.05 -4.75
N HIS Q 512 22.76 93.41 -5.69
CA HIS Q 512 22.79 94.78 -6.20
C HIS Q 512 22.42 95.74 -5.10
N LEU Q 513 21.45 95.36 -4.26
CA LEU Q 513 21.09 96.17 -3.11
C LEU Q 513 22.25 96.34 -2.14
N ARG Q 514 23.02 95.27 -1.90
CA ARG Q 514 24.12 95.39 -0.94
C ARG Q 514 25.25 96.23 -1.51
N SER Q 515 25.52 96.10 -2.80
CA SER Q 515 26.46 97.01 -3.46
C SER Q 515 25.98 98.45 -3.33
N ILE Q 516 24.71 98.70 -3.59
CA ILE Q 516 24.17 100.04 -3.47
C ILE Q 516 24.28 100.54 -2.04
N LYS Q 517 24.08 99.67 -1.07
CA LYS Q 517 24.28 100.08 0.32
C LYS Q 517 25.72 100.53 0.57
N ARG Q 518 26.68 99.71 0.15
CA ARG Q 518 28.09 100.10 0.30
C ARG Q 518 28.40 101.43 -0.38
N TYR Q 519 27.95 101.60 -1.63
CA TYR Q 519 28.35 102.77 -2.41
C TYR Q 519 27.32 103.91 -2.41
N PHE Q 520 26.12 103.64 -2.95
CA PHE Q 520 25.14 104.70 -3.15
C PHE Q 520 24.49 105.12 -1.84
N LEU Q 521 24.45 104.23 -0.86
CA LEU Q 521 23.92 104.52 0.46
C LEU Q 521 25.03 104.78 1.46
N MET Q 522 26.27 104.74 1.02
CA MET Q 522 27.42 105.11 1.84
C MET Q 522 27.50 104.23 3.07
N ASP Q 523 27.18 102.95 2.92
CA ASP Q 523 27.56 102.00 3.95
C ASP Q 523 29.07 101.95 3.99
N GLN Q 524 29.69 101.98 2.81
CA GLN Q 524 31.14 101.95 2.69
C GLN Q 524 31.62 103.40 2.82
N GLY Q 525 31.60 103.89 4.07
CA GLY Q 525 31.90 105.29 4.31
C GLY Q 525 33.33 105.67 3.96
N ASP Q 526 34.23 104.68 3.96
CA ASP Q 526 35.62 104.95 3.64
C ASP Q 526 35.83 105.24 2.17
N PHE Q 527 35.01 104.65 1.28
CA PHE Q 527 35.07 105.04 -0.12
C PHE Q 527 34.81 106.53 -0.30
N PHE Q 528 33.79 107.07 0.37
CA PHE Q 528 33.51 108.49 0.23
C PHE Q 528 34.51 109.36 0.98
N VAL Q 529 35.02 108.89 2.12
CA VAL Q 529 36.15 109.54 2.77
C VAL Q 529 37.31 109.68 1.80
N HIS Q 530 37.75 108.56 1.23
CA HIS Q 530 38.92 108.57 0.36
C HIS Q 530 38.67 109.47 -0.83
N PHE Q 531 37.47 109.38 -1.42
CA PHE Q 531 37.19 110.14 -2.63
C PHE Q 531 37.24 111.63 -2.34
N MET Q 532 36.65 112.07 -1.22
CA MET Q 532 36.62 113.49 -0.97
C MET Q 532 37.95 114.02 -0.46
N ASP Q 533 38.75 113.16 0.17
CA ASP Q 533 40.13 113.54 0.47
C ASP Q 533 40.94 113.74 -0.80
N LEU Q 534 40.81 112.81 -1.75
CA LEU Q 534 41.67 112.88 -2.93
C LEU Q 534 41.21 113.97 -3.87
N THR Q 535 39.90 114.24 -3.90
CA THR Q 535 39.30 115.11 -4.89
C THR Q 535 38.99 116.50 -4.34
N GLU Q 536 39.26 116.75 -3.06
CA GLU Q 536 38.78 118.00 -2.46
C GLU Q 536 39.35 119.19 -3.22
N GLU Q 537 40.62 119.15 -3.57
CA GLU Q 537 41.19 120.24 -4.35
C GLU Q 537 40.79 120.15 -5.81
N GLU Q 538 40.35 118.98 -6.25
CA GLU Q 538 39.98 118.78 -7.65
C GLU Q 538 38.55 119.20 -7.89
N LEU Q 539 37.67 118.91 -6.94
CA LEU Q 539 36.27 119.28 -7.05
C LEU Q 539 36.03 120.74 -6.74
N LYS Q 540 37.04 121.43 -6.18
CA LYS Q 540 36.89 122.85 -5.88
C LYS Q 540 36.95 123.71 -7.13
N LYS Q 541 37.43 123.16 -8.25
CA LYS Q 541 37.41 123.89 -9.50
C LYS Q 541 36.01 123.91 -10.10
N PRO Q 542 35.71 124.89 -10.95
CA PRO Q 542 34.43 124.90 -11.65
C PRO Q 542 34.25 123.65 -12.50
N VAL Q 543 32.99 123.34 -12.82
CA VAL Q 543 32.75 122.13 -13.58
C VAL Q 543 33.46 122.22 -14.93
N ASP Q 544 33.53 123.42 -15.50
CA ASP Q 544 34.19 123.57 -16.79
C ASP Q 544 35.70 123.52 -16.62
N ASP Q 545 36.18 123.81 -15.41
CA ASP Q 545 37.59 123.74 -15.04
C ASP Q 545 38.02 122.34 -14.60
N ILE Q 546 37.08 121.40 -14.53
CA ILE Q 546 37.36 120.04 -14.07
C ILE Q 546 37.32 119.13 -15.29
N THR Q 547 38.44 118.46 -15.58
CA THR Q 547 38.44 117.43 -16.63
C THR Q 547 38.07 116.07 -16.04
N PRO Q 548 37.07 115.41 -16.62
CA PRO Q 548 36.50 114.22 -15.96
C PRO Q 548 37.48 113.10 -15.70
N THR Q 549 38.44 112.90 -16.61
CA THR Q 549 39.30 111.72 -16.51
C THR Q 549 40.16 111.75 -15.26
N ARG Q 550 40.44 112.92 -14.69
CA ARG Q 550 41.18 112.96 -13.44
C ARG Q 550 40.34 112.42 -12.29
N LEU Q 551 39.07 112.82 -12.22
CA LEU Q 551 38.18 112.25 -11.22
C LEU Q 551 37.95 110.76 -11.46
N GLU Q 552 37.83 110.35 -12.72
CA GLU Q 552 37.64 108.92 -12.99
C GLU Q 552 38.85 108.10 -12.55
N ALA Q 553 40.05 108.61 -12.83
CA ALA Q 553 41.25 107.92 -12.39
C ALA Q 553 41.36 107.87 -10.88
N LEU Q 554 41.05 108.98 -10.21
CA LEU Q 554 41.08 108.98 -8.76
C LEU Q 554 40.02 108.04 -8.18
N LEU Q 555 38.87 107.93 -8.83
CA LEU Q 555 37.85 107.00 -8.38
C LEU Q 555 38.34 105.57 -8.50
N GLU Q 556 38.93 105.23 -9.64
CA GLU Q 556 39.47 103.88 -9.80
C GLU Q 556 40.58 103.61 -8.78
N LEU Q 557 41.45 104.59 -8.54
CA LEU Q 557 42.50 104.42 -7.55
C LEU Q 557 41.91 104.14 -6.17
N ALA Q 558 40.93 104.94 -5.77
CA ALA Q 558 40.35 104.77 -4.44
C ALA Q 558 39.63 103.43 -4.33
N LEU Q 559 38.95 103.02 -5.39
CA LEU Q 559 38.29 101.73 -5.37
C LEU Q 559 39.31 100.62 -5.20
N ARG Q 560 40.39 100.67 -5.98
CA ARG Q 560 41.35 99.58 -5.94
C ARG Q 560 42.08 99.56 -4.61
N MET Q 561 42.37 100.73 -4.05
CA MET Q 561 43.06 100.84 -2.79
C MET Q 561 42.11 100.76 -1.60
N SER Q 562 40.83 100.50 -1.84
CA SER Q 562 39.89 100.26 -0.75
C SER Q 562 39.18 98.93 -0.94
N THR Q 563 38.60 98.45 0.17
CA THR Q 563 37.94 97.15 0.23
C THR Q 563 36.65 97.08 -0.59
N ALA Q 564 36.14 98.21 -1.08
CA ALA Q 564 35.04 98.18 -2.03
C ALA Q 564 35.28 97.22 -3.19
N ASN Q 565 36.55 96.87 -3.45
CA ASN Q 565 36.84 95.95 -4.53
C ASN Q 565 36.12 94.61 -4.33
N THR Q 566 35.80 94.27 -3.09
CA THR Q 566 35.17 92.99 -2.81
C THR Q 566 33.72 92.97 -3.26
N ASP Q 567 33.15 94.12 -3.60
CA ASP Q 567 31.81 94.15 -4.13
C ASP Q 567 31.86 93.81 -5.60
N PRO Q 568 31.14 92.79 -6.07
CA PRO Q 568 31.21 92.46 -7.50
C PRO Q 568 30.58 93.53 -8.36
N PHE Q 569 29.66 94.30 -7.80
CA PHE Q 569 28.98 95.35 -8.54
C PHE Q 569 29.72 96.68 -8.43
N LYS Q 570 30.90 96.68 -7.78
CA LYS Q 570 31.71 97.89 -7.71
C LYS Q 570 31.99 98.46 -9.09
N ASP Q 571 32.10 97.60 -10.10
CA ASP Q 571 32.45 98.07 -11.44
C ASP Q 571 31.27 98.70 -12.18
N ASP Q 572 30.04 98.54 -11.70
CA ASP Q 572 28.91 99.26 -12.28
C ASP Q 572 28.99 100.75 -12.00
N LEU Q 573 29.72 101.15 -10.97
CA LEU Q 573 29.71 102.53 -10.50
C LEU Q 573 30.52 103.43 -11.42
N LYS Q 574 29.95 104.58 -11.77
CA LYS Q 574 30.55 105.53 -12.69
C LYS Q 574 30.56 106.90 -12.01
N ILE Q 575 31.28 107.84 -12.61
CA ILE Q 575 31.31 109.23 -12.16
C ILE Q 575 30.43 110.07 -13.08
N ASP Q 576 29.64 110.95 -12.49
CA ASP Q 576 28.67 111.77 -13.21
C ASP Q 576 28.83 113.21 -12.76
N LEU Q 577 28.77 114.14 -13.71
CA LEU Q 577 28.99 115.56 -13.44
C LEU Q 577 27.68 116.24 -13.78
N MET Q 578 26.84 116.45 -12.76
CA MET Q 578 25.51 116.96 -13.00
C MET Q 578 25.54 118.45 -13.36
N PRO Q 579 24.57 118.91 -14.14
CA PRO Q 579 24.65 120.25 -14.72
C PRO Q 579 24.34 121.36 -13.73
N HIS Q 580 23.98 121.00 -12.50
CA HIS Q 580 23.74 121.97 -11.44
C HIS Q 580 24.03 121.30 -10.11
N ASP Q 581 24.11 122.13 -9.07
CA ASP Q 581 24.37 121.62 -7.74
C ASP Q 581 23.19 120.81 -7.26
N LEU Q 582 23.43 119.96 -6.24
CA LEU Q 582 22.38 119.09 -5.76
C LEU Q 582 21.19 119.90 -5.26
N ILE Q 583 21.47 120.97 -4.52
CA ILE Q 583 20.41 121.74 -3.89
C ILE Q 583 19.62 122.53 -4.93
N THR Q 584 20.32 123.20 -5.85
CA THR Q 584 19.64 123.85 -6.96
C THR Q 584 18.79 122.87 -7.77
N GLN Q 585 19.32 121.68 -8.04
CA GLN Q 585 18.59 120.72 -8.86
C GLN Q 585 17.34 120.22 -8.15
N LEU Q 586 17.49 119.81 -6.89
CA LEU Q 586 16.34 119.38 -6.11
C LEU Q 586 15.34 120.51 -5.94
N LEU Q 587 15.82 121.75 -5.80
CA LEU Q 587 14.91 122.87 -5.64
C LEU Q 587 14.12 123.13 -6.91
N ARG Q 588 14.77 123.03 -8.07
CA ARG Q 588 14.04 123.09 -9.34
C ARG Q 588 13.00 122.01 -9.43
N VAL Q 589 13.38 120.76 -9.11
CA VAL Q 589 12.43 119.65 -9.18
C VAL Q 589 11.25 119.88 -8.24
N LEU Q 590 11.53 120.24 -6.99
CA LEU Q 590 10.52 120.35 -5.95
C LEU Q 590 9.71 121.64 -6.02
N ALA Q 591 10.17 122.66 -6.73
CA ALA Q 591 9.43 123.90 -6.76
C ALA Q 591 8.16 123.77 -7.60
N ILE Q 592 8.08 122.73 -8.43
CA ILE Q 592 6.91 122.57 -9.28
C ILE Q 592 5.70 122.33 -8.38
N GLU Q 593 4.61 123.03 -8.67
CA GLU Q 593 3.35 122.79 -7.96
C GLU Q 593 3.41 123.44 -6.58
N PRO Q 605 24.52 127.88 -14.97
CA PRO Q 605 25.19 128.22 -13.71
C PRO Q 605 26.35 129.18 -13.90
N THR Q 606 26.13 130.25 -14.65
CA THR Q 606 27.15 131.27 -14.86
C THR Q 606 26.99 132.46 -13.93
N GLU Q 607 25.86 132.59 -13.24
CA GLU Q 607 25.64 133.63 -12.25
C GLU Q 607 25.58 133.04 -10.85
N LEU Q 608 25.82 131.75 -10.72
CA LEU Q 608 25.84 131.02 -9.46
C LEU Q 608 27.18 130.31 -9.38
N THR Q 609 27.83 130.37 -8.21
CA THR Q 609 29.05 129.61 -8.05
C THR Q 609 28.76 128.13 -8.24
N LEU Q 610 29.66 127.45 -8.94
CA LEU Q 610 29.49 126.05 -9.23
C LEU Q 610 30.86 125.40 -9.30
N SER Q 611 30.96 124.18 -8.79
CA SER Q 611 32.23 123.50 -8.69
C SER Q 611 31.97 122.00 -8.68
N GLY Q 612 33.06 121.24 -8.56
CA GLY Q 612 32.91 119.79 -8.61
C GLY Q 612 32.06 119.30 -7.47
N LEU Q 613 32.15 119.95 -6.31
CA LEU Q 613 31.43 119.46 -5.14
C LEU Q 613 29.94 119.38 -5.45
N GLU Q 614 29.40 120.44 -6.05
CA GLU Q 614 27.97 120.46 -6.32
C GLU Q 614 27.60 119.71 -7.59
N ALA Q 615 28.51 119.65 -8.58
CA ALA Q 615 28.20 118.92 -9.79
C ALA Q 615 28.23 117.42 -9.59
N PHE Q 616 29.05 116.96 -8.64
CA PHE Q 616 29.39 115.55 -8.55
C PHE Q 616 28.17 114.68 -8.28
N SER Q 617 28.16 113.52 -8.93
CA SER Q 617 27.24 112.43 -8.63
C SER Q 617 27.97 111.13 -8.94
N PHE Q 618 27.41 110.04 -8.44
CA PHE Q 618 27.68 108.72 -8.97
C PHE Q 618 26.62 108.33 -9.99
N ASP Q 619 26.97 107.38 -10.86
CA ASP Q 619 25.99 106.61 -11.60
C ASP Q 619 26.24 105.13 -11.36
N TYR Q 620 25.27 104.31 -11.78
CA TYR Q 620 25.37 102.85 -11.65
C TYR Q 620 24.74 102.22 -12.88
N VAL Q 621 25.56 101.58 -13.71
CA VAL Q 621 25.01 100.95 -14.91
C VAL Q 621 24.17 99.74 -14.49
N VAL Q 622 22.96 99.65 -15.05
CA VAL Q 622 22.10 98.48 -14.90
C VAL Q 622 21.55 98.12 -16.28
N THR Q 623 21.65 96.84 -16.64
CA THR Q 623 21.10 96.36 -17.90
C THR Q 623 19.79 95.59 -17.69
N TRP Q 624 18.97 95.59 -18.73
CA TRP Q 624 17.75 94.81 -18.70
C TRP Q 624 18.10 93.32 -18.63
N PRO Q 625 17.32 92.51 -17.93
CA PRO Q 625 16.02 92.85 -17.36
C PRO Q 625 16.22 93.49 -16.00
N LEU Q 626 17.42 93.37 -15.42
CA LEU Q 626 17.65 93.96 -14.11
C LEU Q 626 17.46 95.47 -14.13
N SER Q 627 17.58 96.09 -15.31
CA SER Q 627 17.42 97.52 -15.45
C SER Q 627 15.98 97.95 -15.18
N LEU Q 628 15.07 96.98 -15.07
CA LEU Q 628 13.66 97.22 -14.79
C LEU Q 628 13.38 97.57 -13.34
N ILE Q 629 14.36 97.47 -12.45
CA ILE Q 629 14.22 97.90 -11.05
C ILE Q 629 14.95 99.22 -10.80
N ILE Q 630 16.27 99.24 -10.98
CA ILE Q 630 17.02 100.48 -10.86
C ILE Q 630 16.75 101.27 -12.15
N ASN Q 631 16.04 102.39 -12.02
CA ASN Q 631 15.74 103.22 -13.18
C ASN Q 631 15.98 104.69 -12.85
N ARG Q 632 15.72 105.54 -13.85
CA ARG Q 632 15.94 106.97 -13.69
C ARG Q 632 15.16 107.51 -12.50
N LYS Q 633 13.92 107.06 -12.31
CA LYS Q 633 13.12 107.60 -11.23
C LYS Q 633 13.79 107.35 -9.88
N ALA Q 634 14.46 106.20 -9.74
CA ALA Q 634 15.19 105.88 -8.52
C ALA Q 634 16.59 106.46 -8.53
N LEU Q 635 17.24 106.41 -9.69
CA LEU Q 635 18.61 106.92 -9.79
C LEU Q 635 18.67 108.40 -9.46
N THR Q 636 17.71 109.18 -9.94
CA THR Q 636 17.73 110.62 -9.67
C THR Q 636 17.62 110.90 -8.17
N ARG Q 637 16.77 110.15 -7.47
CA ARG Q 637 16.63 110.35 -6.04
C ARG Q 637 17.89 109.92 -5.30
N TYR Q 638 18.43 108.76 -5.66
CA TYR Q 638 19.71 108.34 -5.09
C TYR Q 638 20.78 109.39 -5.31
N GLN Q 639 20.80 109.99 -6.49
CA GLN Q 639 21.80 111.00 -6.80
C GLN Q 639 21.60 112.25 -5.95
N MET Q 640 20.36 112.70 -5.81
CA MET Q 640 20.11 113.88 -5.00
C MET Q 640 20.56 113.66 -3.56
N LEU Q 641 20.20 112.50 -3.00
CA LEU Q 641 20.61 112.20 -1.63
C LEU Q 641 22.13 112.13 -1.51
N PHE Q 642 22.76 111.42 -2.45
CA PHE Q 642 24.21 111.33 -2.44
C PHE Q 642 24.83 112.71 -2.47
N ARG Q 643 24.40 113.55 -3.41
CA ARG Q 643 25.02 114.85 -3.57
C ARG Q 643 24.83 115.71 -2.31
N HIS Q 644 23.64 115.68 -1.73
CA HIS Q 644 23.43 116.43 -0.50
C HIS Q 644 24.37 115.94 0.59
N MET Q 645 24.46 114.62 0.76
CA MET Q 645 25.32 114.07 1.80
C MET Q 645 26.77 114.42 1.52
N PHE Q 646 27.17 114.41 0.24
CA PHE Q 646 28.54 114.69 -0.12
C PHE Q 646 28.90 116.14 0.17
N TYR Q 647 27.98 117.05 -0.12
CA TYR Q 647 28.22 118.45 0.18
C TYR Q 647 28.33 118.66 1.69
N CYS Q 648 27.47 117.98 2.45
CA CYS Q 648 27.61 118.04 3.91
C CYS Q 648 28.93 117.46 4.37
N LYS Q 649 29.43 116.42 3.70
CA LYS Q 649 30.70 115.83 4.12
C LYS Q 649 31.86 116.74 3.77
N HIS Q 650 31.80 117.39 2.61
CA HIS Q 650 32.77 118.43 2.28
C HIS Q 650 32.77 119.51 3.35
N VAL Q 651 31.59 119.92 3.80
CA VAL Q 651 31.53 120.99 4.78
C VAL Q 651 32.09 120.52 6.11
N GLU Q 652 31.79 119.27 6.49
CA GLU Q 652 32.38 118.70 7.69
C GLU Q 652 33.90 118.71 7.59
N ARG Q 653 34.42 118.36 6.41
CA ARG Q 653 35.85 118.32 6.21
C ARG Q 653 36.45 119.72 6.34
N GLN Q 654 35.78 120.72 5.77
CA GLN Q 654 36.31 122.07 5.85
C GLN Q 654 36.25 122.60 7.28
N LEU Q 655 35.22 122.23 8.04
CA LEU Q 655 35.16 122.63 9.43
C LEU Q 655 36.27 121.97 10.22
N CYS Q 656 36.57 120.72 9.90
CA CYS Q 656 37.68 120.04 10.54
C CYS Q 656 38.99 120.71 10.19
N SER Q 657 39.16 121.09 8.92
CA SER Q 657 40.36 121.81 8.51
C SER Q 657 40.51 123.10 9.29
N VAL Q 658 39.42 123.85 9.48
CA VAL Q 658 39.49 125.11 10.20
C VAL Q 658 39.88 124.86 11.65
N TRP Q 659 39.24 123.87 12.28
CA TRP Q 659 39.57 123.50 13.65
C TRP Q 659 41.03 123.10 13.76
N ILE Q 660 41.53 122.30 12.82
CA ILE Q 660 42.91 121.87 12.91
C ILE Q 660 43.84 123.05 12.69
N SER Q 661 43.52 123.93 11.75
CA SER Q 661 44.44 125.02 11.52
C SER Q 661 44.48 125.91 12.75
N ASN Q 662 43.38 126.01 13.49
CA ASN Q 662 43.41 126.75 14.74
C ASN Q 662 43.96 125.90 15.88
N LYS Q 663 44.27 124.63 15.59
CA LYS Q 663 44.99 123.76 16.52
C LYS Q 663 46.41 124.26 16.74
N ALA Q 664 46.97 125.00 15.78
CA ALA Q 664 48.30 125.54 15.96
C ALA Q 664 48.40 126.46 17.17
N ALA Q 665 47.29 127.07 17.57
CA ALA Q 665 47.34 127.95 18.73
C ALA Q 665 47.62 127.17 20.01
N LYS Q 666 47.40 125.85 20.01
CA LYS Q 666 47.70 125.08 21.21
C LYS Q 666 49.20 124.86 21.35
N ARG Q 667 49.92 124.88 20.24
CA ARG Q 667 51.38 124.81 20.28
C ARG Q 667 51.98 126.10 20.79
N PHE Q 668 51.19 127.17 20.80
CA PHE Q 668 51.58 128.48 21.25
C PHE Q 668 50.93 128.78 22.60
N SER Q 669 51.35 129.89 23.18
CA SER Q 669 50.96 130.24 24.55
C SER Q 669 49.44 130.10 24.71
N LEU Q 670 49.04 129.70 25.91
CA LEU Q 670 47.64 129.73 26.28
C LEU Q 670 47.16 131.14 26.58
N HIS Q 671 48.09 132.06 26.92
CA HIS Q 671 47.75 133.34 27.50
C HIS Q 671 47.82 134.48 26.48
N SER Q 672 48.09 134.18 25.22
CA SER Q 672 47.95 135.11 24.11
C SER Q 672 47.00 134.51 23.07
N ALA Q 673 45.99 133.82 23.57
CA ALA Q 673 44.98 133.13 22.76
C ALA Q 673 43.58 133.69 22.98
N LYS Q 674 43.44 134.86 23.60
CA LYS Q 674 42.11 135.36 23.91
C LYS Q 674 41.18 135.36 22.70
N TRP Q 675 41.71 135.61 21.50
CA TRP Q 675 40.84 135.72 20.33
C TRP Q 675 40.81 134.45 19.52
N PHE Q 676 41.90 133.68 19.56
CA PHE Q 676 41.86 132.32 19.05
C PHE Q 676 40.77 131.53 19.77
N ALA Q 677 40.66 131.71 21.09
CA ALA Q 677 39.74 130.90 21.87
C ALA Q 677 38.31 131.21 21.51
N GLY Q 678 37.99 132.49 21.30
CA GLY Q 678 36.65 132.84 20.84
C GLY Q 678 36.36 132.27 19.48
N ALA Q 679 37.32 132.36 18.55
CA ALA Q 679 37.13 131.74 17.25
C ALA Q 679 36.91 130.24 17.40
N PHE Q 680 37.68 129.61 18.29
CA PHE Q 680 37.59 128.17 18.48
C PHE Q 680 36.24 127.77 19.05
N THR Q 681 35.71 128.54 20.00
CA THR Q 681 34.41 128.21 20.58
C THR Q 681 33.29 128.40 19.58
N LEU Q 682 33.37 129.44 18.74
CA LEU Q 682 32.38 129.57 17.67
C LEU Q 682 32.49 128.41 16.68
N ARG Q 683 33.71 128.06 16.31
CA ARG Q 683 33.93 126.90 15.45
C ARG Q 683 33.34 125.64 16.06
N GLN Q 684 33.55 125.44 17.36
CA GLN Q 684 33.01 124.26 18.04
C GLN Q 684 31.50 124.25 17.98
N ARG Q 685 30.86 125.39 18.26
CA ARG Q 685 29.41 125.44 18.19
C ARG Q 685 28.91 125.09 16.79
N MET Q 686 29.58 125.62 15.76
CA MET Q 686 29.12 125.38 14.40
C MET Q 686 29.32 123.92 14.01
N LEU Q 687 30.49 123.36 14.34
CA LEU Q 687 30.77 121.97 14.01
C LEU Q 687 29.79 121.05 14.73
N ASN Q 688 29.51 121.33 16.01
CA ASN Q 688 28.55 120.52 16.75
C ASN Q 688 27.18 120.58 16.11
N PHE Q 689 26.74 121.78 15.71
CA PHE Q 689 25.44 121.89 15.03
C PHE Q 689 25.43 121.04 13.76
N VAL Q 690 26.43 121.22 12.91
CA VAL Q 690 26.42 120.54 11.62
C VAL Q 690 26.48 119.03 11.81
N GLN Q 691 27.31 118.57 12.75
CA GLN Q 691 27.44 117.14 12.99
C GLN Q 691 26.16 116.57 13.56
N ASN Q 692 25.47 117.33 14.42
CA ASN Q 692 24.21 116.84 14.96
C ASN Q 692 23.17 116.73 13.86
N ILE Q 693 23.12 117.71 12.96
CA ILE Q 693 22.20 117.63 11.83
C ILE Q 693 22.49 116.39 11.00
N GLN Q 694 23.76 116.19 10.65
CA GLN Q 694 24.13 115.04 9.84
C GLN Q 694 23.75 113.74 10.54
N SER Q 695 24.05 113.63 11.83
CA SER Q 695 23.78 112.40 12.54
C SER Q 695 22.28 112.12 12.61
N TYR Q 696 21.48 113.16 12.84
CA TYR Q 696 20.03 113.01 12.82
C TYR Q 696 19.58 112.45 11.48
N MET Q 697 20.01 113.09 10.38
CA MET Q 697 19.56 112.62 9.08
C MET Q 697 19.98 111.17 8.86
N MET Q 698 21.23 110.84 9.21
CA MET Q 698 21.80 109.55 8.86
C MET Q 698 21.18 108.41 9.67
N PHE Q 699 21.05 108.60 10.98
CA PHE Q 699 20.60 107.53 11.85
C PHE Q 699 19.08 107.49 12.04
N GLU Q 700 18.35 108.47 11.51
CA GLU Q 700 16.92 108.53 11.69
C GLU Q 700 16.14 108.53 10.38
N VAL Q 701 16.78 108.82 9.25
CA VAL Q 701 16.17 108.73 7.94
C VAL Q 701 16.71 107.51 7.19
N MET Q 702 18.02 107.50 6.90
CA MET Q 702 18.60 106.44 6.10
C MET Q 702 18.48 105.11 6.80
N GLU Q 703 18.93 105.03 8.06
CA GLU Q 703 19.03 103.72 8.71
C GLU Q 703 17.63 103.14 8.90
N PRO Q 704 16.65 103.91 9.38
CA PRO Q 704 15.30 103.33 9.52
C PRO Q 704 14.65 102.99 8.20
N THR Q 705 14.73 103.87 7.20
CA THR Q 705 14.11 103.54 5.93
C THR Q 705 14.79 102.33 5.29
N TRP Q 706 16.09 102.18 5.47
CA TRP Q 706 16.79 101.03 4.91
C TRP Q 706 16.45 99.75 5.63
N HIS Q 707 16.40 99.77 6.97
CA HIS Q 707 15.88 98.63 7.71
C HIS Q 707 14.51 98.24 7.20
N VAL Q 708 13.62 99.22 7.03
CA VAL Q 708 12.25 98.92 6.63
C VAL Q 708 12.23 98.32 5.23
N LEU Q 709 13.01 98.88 4.32
CA LEU Q 709 13.11 98.32 2.99
C LEU Q 709 13.67 96.91 3.02
N GLU Q 710 14.70 96.68 3.83
CA GLU Q 710 15.28 95.35 3.94
C GLU Q 710 14.24 94.34 4.40
N GLN Q 711 13.48 94.69 5.43
CA GLN Q 711 12.43 93.78 5.91
C GLN Q 711 11.35 93.56 4.85
N ASN Q 712 10.94 94.63 4.16
CA ASN Q 712 9.85 94.48 3.21
C ASN Q 712 10.29 93.63 2.02
N LEU Q 713 11.50 93.86 1.52
CA LEU Q 713 11.99 93.00 0.45
C LEU Q 713 12.26 91.59 0.95
N ARG Q 714 12.67 91.44 2.22
CA ARG Q 714 12.87 90.12 2.78
C ARG Q 714 11.57 89.39 2.98
N SER Q 715 10.44 90.06 2.78
CA SER Q 715 9.15 89.41 2.80
C SER Q 715 8.39 89.65 1.50
N ALA Q 716 9.05 90.20 0.48
CA ALA Q 716 8.45 90.38 -0.82
C ALA Q 716 8.28 89.04 -1.51
N SER Q 717 7.21 88.94 -2.31
CA SER Q 717 6.91 87.72 -3.05
C SER Q 717 6.54 87.96 -4.49
N ASN Q 718 6.11 89.17 -4.85
CA ASN Q 718 5.84 89.54 -6.23
C ASN Q 718 6.50 90.87 -6.54
N ILE Q 719 6.49 91.24 -7.82
CA ILE Q 719 7.21 92.42 -8.23
C ILE Q 719 6.48 93.67 -7.77
N ASP Q 720 5.17 93.59 -7.58
CA ASP Q 720 4.47 94.72 -7.01
C ASP Q 720 4.92 94.96 -5.58
N ASP Q 721 5.13 93.87 -4.83
CA ASP Q 721 5.66 93.97 -3.48
C ASP Q 721 7.05 94.57 -3.47
N VAL Q 722 7.91 94.12 -4.39
CA VAL Q 722 9.24 94.70 -4.48
C VAL Q 722 9.15 96.20 -4.75
N LEU Q 723 8.34 96.57 -5.74
CA LEU Q 723 8.19 97.97 -6.10
C LEU Q 723 7.72 98.80 -4.90
N GLY Q 724 6.72 98.27 -4.18
CA GLY Q 724 6.20 99.01 -3.05
C GLY Q 724 7.23 99.17 -1.95
N HIS Q 725 7.94 98.10 -1.61
CA HIS Q 725 8.98 98.20 -0.59
C HIS Q 725 10.03 99.21 -0.99
N HIS Q 726 10.47 99.18 -2.24
CA HIS Q 726 11.52 100.08 -2.68
C HIS Q 726 11.05 101.53 -2.68
N ALA Q 727 9.85 101.78 -3.19
CA ALA Q 727 9.32 103.14 -3.17
C ALA Q 727 9.16 103.65 -1.75
N SER Q 728 8.68 102.80 -0.85
CA SER Q 728 8.47 103.24 0.52
C SER Q 728 9.80 103.53 1.19
N PHE Q 729 10.82 102.71 0.93
CA PHE Q 729 12.17 103.01 1.39
C PHE Q 729 12.59 104.38 0.91
N LEU Q 730 12.49 104.61 -0.40
CA LEU Q 730 12.99 105.85 -0.98
C LEU Q 730 12.27 107.06 -0.38
N ASP Q 731 10.95 106.98 -0.28
CA ASP Q 731 10.20 108.16 0.15
C ASP Q 731 10.31 108.37 1.66
N ASN Q 732 10.41 107.30 2.45
CA ASN Q 732 10.70 107.44 3.87
C ASN Q 732 12.04 108.13 4.10
N CYS Q 733 13.08 107.67 3.40
CA CYS Q 733 14.39 108.27 3.57
C CYS Q 733 14.37 109.72 3.09
N LEU Q 734 13.66 110.00 1.99
CA LEU Q 734 13.61 111.36 1.47
C LEU Q 734 12.92 112.30 2.46
N LYS Q 735 11.80 111.88 3.03
CA LYS Q 735 11.12 112.68 4.02
C LYS Q 735 11.98 112.90 5.26
N ASP Q 736 12.58 111.83 5.78
CA ASP Q 736 13.26 111.91 7.07
C ASP Q 736 14.67 112.48 6.99
N CYS Q 737 15.26 112.57 5.80
CA CYS Q 737 16.55 113.21 5.63
C CYS Q 737 16.42 114.71 5.39
N MET Q 738 15.24 115.29 5.59
CA MET Q 738 15.06 116.73 5.47
C MET Q 738 15.26 117.21 4.04
N LEU Q 739 14.95 116.35 3.08
CA LEU Q 739 15.14 116.63 1.66
C LEU Q 739 13.93 117.29 1.01
N THR Q 740 12.93 117.66 1.79
CA THR Q 740 11.64 118.08 1.24
C THR Q 740 11.18 119.45 1.71
N ASN Q 741 11.98 120.18 2.50
CA ASN Q 741 11.62 121.53 2.93
C ASN Q 741 12.62 122.56 2.43
N PRO Q 742 12.27 123.36 1.42
CA PRO Q 742 13.30 124.22 0.83
C PRO Q 742 13.77 125.28 1.79
N GLU Q 743 12.99 125.57 2.84
CA GLU Q 743 13.41 126.62 3.75
C GLU Q 743 14.57 126.12 4.56
N LEU Q 744 14.47 124.88 5.05
CA LEU Q 744 15.55 124.31 5.81
C LEU Q 744 16.75 124.08 4.90
N LEU Q 745 16.50 123.71 3.64
CA LEU Q 745 17.60 123.58 2.70
C LEU Q 745 18.36 124.90 2.57
N ARG Q 746 17.62 126.01 2.44
CA ARG Q 746 18.25 127.31 2.27
C ARG Q 746 18.94 127.77 3.54
N VAL Q 747 18.48 127.28 4.69
CA VAL Q 747 19.12 127.66 5.93
C VAL Q 747 20.39 126.85 6.15
N PHE Q 748 20.37 125.58 5.77
CA PHE Q 748 21.58 124.79 5.86
C PHE Q 748 22.62 125.33 4.90
N SER Q 749 22.18 125.74 3.70
CA SER Q 749 23.08 126.37 2.75
C SER Q 749 23.66 127.67 3.29
N LYS Q 750 22.84 128.48 3.96
CA LYS Q 750 23.36 129.71 4.57
C LYS Q 750 24.38 129.39 5.64
N LEU Q 751 24.09 128.37 6.46
CA LEU Q 751 25.04 127.97 7.49
C LEU Q 751 26.35 127.52 6.87
N MET Q 752 26.28 126.73 5.80
CA MET Q 752 27.50 126.30 5.11
C MET Q 752 28.27 127.49 4.57
N SER Q 753 27.57 128.46 3.95
CA SER Q 753 28.24 129.65 3.44
C SER Q 753 28.96 130.39 4.56
N VAL Q 754 28.30 130.54 5.70
CA VAL Q 754 28.91 131.26 6.83
C VAL Q 754 30.12 130.50 7.33
N CYS Q 755 30.01 129.17 7.41
CA CYS Q 755 31.15 128.36 7.83
C CYS Q 755 32.32 128.54 6.87
N VAL Q 756 32.03 128.58 5.57
CA VAL Q 756 33.09 128.69 4.59
C VAL Q 756 33.77 130.05 4.68
N MET Q 757 32.97 131.12 4.89
CA MET Q 757 33.57 132.43 5.10
C MET Q 757 34.46 132.44 6.34
N PHE Q 758 34.00 131.83 7.43
CA PHE Q 758 34.80 131.81 8.66
C PHE Q 758 36.10 131.05 8.43
N THR Q 759 36.01 129.91 7.73
CA THR Q 759 37.19 129.10 7.50
C THR Q 759 38.15 129.79 6.56
N ASN Q 760 37.64 130.55 5.58
CA ASN Q 760 38.54 131.32 4.72
C ASN Q 760 39.20 132.44 5.51
N CYS Q 761 38.53 132.98 6.52
CA CYS Q 761 39.17 133.97 7.39
C CYS Q 761 40.31 133.32 8.16
N LEU Q 762 40.03 132.19 8.80
CA LEU Q 762 41.04 131.54 9.62
C LEU Q 762 42.19 131.06 8.76
N GLN Q 763 41.89 130.58 7.56
CA GLN Q 763 42.93 130.10 6.66
C GLN Q 763 43.79 131.25 6.16
N ARG Q 764 43.17 132.40 5.87
CA ARG Q 764 43.94 133.59 5.53
C ARG Q 764 44.89 133.93 6.66
N PHE Q 765 44.41 133.90 7.90
CA PHE Q 765 45.26 134.31 9.01
C PHE Q 765 46.37 133.29 9.24
N THR Q 766 46.03 132.00 9.17
CA THR Q 766 46.98 130.92 9.38
C THR Q 766 48.02 130.85 8.27
N GLN Q 767 47.69 131.36 7.07
CA GLN Q 767 48.70 131.48 6.03
C GLN Q 767 49.51 132.76 6.21
N SER Q 768 48.89 133.84 6.68
CA SER Q 768 49.63 135.08 6.83
C SER Q 768 50.71 134.92 7.89
N MET Q 769 50.37 134.26 8.99
CA MET Q 769 51.33 134.01 10.06
C MET Q 769 52.49 133.14 9.57
N LYS Q 770 52.17 132.09 8.78
CA LYS Q 770 53.23 131.25 8.22
C LYS Q 770 54.13 132.04 7.29
N LEU Q 771 53.54 132.87 6.43
CA LEU Q 771 54.36 133.67 5.52
C LEU Q 771 55.26 134.60 6.32
N ASP Q 772 54.73 135.19 7.39
CA ASP Q 772 55.50 136.17 8.16
C ASP Q 772 56.64 135.49 8.90
N SER Q 773 56.39 134.30 9.45
CA SER Q 773 57.43 133.52 10.11
C SER Q 773 58.43 132.99 9.10
N PRO Q 815 39.25 136.94 1.94
CA PRO Q 815 38.06 137.74 1.59
C PRO Q 815 37.63 138.66 2.72
N GLN Q 816 36.32 138.89 2.83
CA GLN Q 816 35.82 139.75 3.89
C GLN Q 816 36.15 139.16 5.25
N LEU Q 817 35.99 137.84 5.41
CA LEU Q 817 36.31 137.20 6.68
C LEU Q 817 37.79 137.35 6.99
N ALA Q 818 38.64 137.18 5.98
CA ALA Q 818 40.08 137.31 6.18
C ALA Q 818 40.44 138.72 6.59
N SER Q 819 39.74 139.72 6.03
CA SER Q 819 40.10 141.12 6.25
C SER Q 819 40.06 141.51 7.73
N SER Q 820 39.05 141.07 8.46
CA SER Q 820 38.89 141.42 9.87
C SER Q 820 39.13 140.21 10.75
N PHE Q 821 40.10 140.32 11.66
CA PHE Q 821 40.45 139.19 12.52
C PHE Q 821 39.28 138.81 13.42
N GLU Q 822 38.68 139.79 14.10
CA GLU Q 822 37.62 139.51 15.05
C GLU Q 822 36.28 140.14 14.67
N ALA Q 823 36.28 141.22 13.87
CA ALA Q 823 35.01 141.82 13.46
C ALA Q 823 34.24 140.84 12.58
N THR Q 824 34.95 140.21 11.65
CA THR Q 824 34.33 139.23 10.77
C THR Q 824 33.81 138.05 11.58
N ILE Q 825 34.59 137.59 12.55
CA ILE Q 825 34.16 136.46 13.36
C ILE Q 825 32.91 136.83 14.14
N THR Q 826 32.87 138.04 14.69
CA THR Q 826 31.71 138.47 15.46
C THR Q 826 30.47 138.55 14.57
N LYS Q 827 30.60 139.14 13.38
CA LYS Q 827 29.45 139.25 12.49
C LYS Q 827 28.98 137.89 12.03
N PHE Q 828 29.92 137.00 11.70
CA PHE Q 828 29.55 135.66 11.27
C PHE Q 828 28.86 134.92 12.40
N ASP Q 829 29.36 135.08 13.63
CA ASP Q 829 28.74 134.41 14.77
C ASP Q 829 27.31 134.92 14.97
N LYS Q 830 27.12 136.23 14.86
CA LYS Q 830 25.76 136.77 15.02
C LYS Q 830 24.82 136.24 13.94
N ASN Q 831 25.29 136.22 12.68
CA ASN Q 831 24.45 135.70 11.60
C ASN Q 831 24.16 134.23 11.82
N PHE Q 832 25.18 133.47 12.23
CA PHE Q 832 25.00 132.04 12.49
C PHE Q 832 24.01 131.81 13.61
N SER Q 833 24.10 132.58 14.68
CA SER Q 833 23.16 132.42 15.80
C SER Q 833 21.74 132.72 15.34
N ALA Q 834 21.56 133.79 14.57
CA ALA Q 834 20.22 134.12 14.10
C ALA Q 834 19.68 133.02 13.20
N HIS Q 835 20.51 132.53 12.27
CA HIS Q 835 20.08 131.47 11.38
C HIS Q 835 19.79 130.20 12.16
N LEU Q 836 20.62 129.89 13.15
CA LEU Q 836 20.40 128.69 13.97
C LEU Q 836 19.09 128.78 14.72
N LEU Q 837 18.80 129.94 15.31
CA LEU Q 837 17.52 130.09 16.02
C LEU Q 837 16.35 129.94 15.04
N ASP Q 838 16.48 130.55 13.85
CA ASP Q 838 15.44 130.43 12.85
C ASP Q 838 15.21 128.97 12.49
N LEU Q 839 16.23 128.33 11.94
CA LEU Q 839 16.17 126.93 11.55
C LEU Q 839 15.67 126.04 12.68
N LEU Q 840 16.11 126.29 13.92
CA LEU Q 840 15.65 125.48 15.04
C LEU Q 840 14.15 125.66 15.27
N ALA Q 841 13.66 126.90 15.13
CA ALA Q 841 12.22 127.11 15.26
C ALA Q 841 11.47 126.40 14.14
N ARG Q 842 12.01 126.45 12.92
CA ARG Q 842 11.42 125.73 11.81
C ARG Q 842 11.42 124.22 12.07
N LEU Q 843 12.53 123.72 12.63
CA LEU Q 843 12.63 122.31 12.98
C LEU Q 843 11.57 121.92 14.00
N SER Q 844 11.40 122.74 15.03
CA SER Q 844 10.39 122.42 16.04
C SER Q 844 8.99 122.48 15.45
N ILE Q 845 8.75 123.42 14.52
CA ILE Q 845 7.47 123.48 13.84
C ILE Q 845 7.24 122.22 13.03
N TYR Q 846 8.28 121.77 12.32
CA TYR Q 846 8.16 120.56 11.53
C TYR Q 846 7.94 119.35 12.43
N SER Q 847 8.53 119.35 13.62
CA SER Q 847 8.33 118.24 14.54
C SER Q 847 6.89 118.22 15.03
N THR Q 848 6.39 119.37 15.47
CA THR Q 848 5.02 119.45 15.97
C THR Q 848 3.98 119.26 14.87
N SER Q 849 4.35 119.40 13.60
CA SER Q 849 3.39 119.23 12.51
C SER Q 849 3.44 117.84 11.85
N ASP Q 850 4.62 117.33 11.52
CA ASP Q 850 4.74 116.06 10.80
C ASP Q 850 4.98 114.88 11.74
N CYS Q 851 4.51 114.96 14.58
CA CYS Q 851 5.30 113.86 15.11
C CYS Q 851 6.47 113.52 14.19
N GLU Q 852 7.41 114.46 14.06
CA GLU Q 852 8.63 114.24 13.28
C GLU Q 852 9.75 113.88 14.25
N HIS Q 853 10.05 112.58 14.32
CA HIS Q 853 11.05 112.14 15.29
C HIS Q 853 12.39 112.80 15.05
N GLY Q 854 12.66 113.24 13.82
CA GLY Q 854 13.96 113.82 13.56
C GLY Q 854 14.12 115.15 14.25
N MET Q 855 13.08 115.99 14.20
CA MET Q 855 13.15 117.26 14.89
C MET Q 855 13.04 117.07 16.39
N ALA Q 856 12.30 116.05 16.83
CA ALA Q 856 12.30 115.76 18.26
C ALA Q 856 13.69 115.32 18.72
N SER Q 857 14.42 114.60 17.87
CA SER Q 857 15.79 114.21 18.17
C SER Q 857 16.70 115.42 18.20
N VAL Q 858 16.52 116.34 17.26
CA VAL Q 858 17.33 117.55 17.24
C VAL Q 858 17.12 118.35 18.51
N ILE Q 859 15.87 118.52 18.93
CA ILE Q 859 15.60 119.21 20.19
C ILE Q 859 16.22 118.46 21.37
N SER Q 860 16.09 117.14 21.39
CA SER Q 860 16.61 116.35 22.51
C SER Q 860 18.12 116.36 22.55
N ARG Q 861 18.76 116.51 21.41
CA ARG Q 861 20.20 116.65 21.34
C ARG Q 861 20.62 118.04 21.77
N LEU Q 862 19.97 119.07 21.23
CA LEU Q 862 20.45 120.43 21.46
C LEU Q 862 20.20 120.87 22.89
N ASP Q 863 19.27 120.23 23.60
CA ASP Q 863 19.01 120.63 24.97
C ASP Q 863 19.03 119.43 25.92
N PHE Q 864 19.97 118.50 25.72
CA PHE Q 864 19.97 117.32 26.58
C PHE Q 864 20.51 117.65 27.96
N ASN Q 865 21.66 118.34 28.02
CA ASN Q 865 22.23 118.81 29.27
C ASN Q 865 21.78 120.22 29.59
N GLY Q 866 20.97 120.81 28.70
CA GLY Q 866 20.44 122.14 28.87
C GLY Q 866 21.42 123.23 28.51
N PHE Q 867 22.43 122.93 27.68
CA PHE Q 867 23.38 123.95 27.30
C PHE Q 867 22.74 124.92 26.31
N TYR Q 868 21.99 124.39 25.36
CA TYR Q 868 21.27 125.17 24.36
C TYR Q 868 19.84 125.44 24.78
N THR Q 869 19.34 124.69 25.77
CA THR Q 869 17.92 124.67 26.11
C THR Q 869 17.38 126.08 26.30
N GLU Q 870 18.08 126.88 27.11
CA GLU Q 870 17.61 128.24 27.36
C GLU Q 870 17.54 129.06 26.09
N ARG Q 871 18.53 128.90 25.20
CA ARG Q 871 18.52 129.64 23.94
C ARG Q 871 17.34 129.19 23.08
N LEU Q 872 17.08 127.88 23.04
CA LEU Q 872 15.95 127.37 22.26
C LEU Q 872 14.62 127.87 22.84
N GLU Q 873 14.52 127.91 24.16
CA GLU Q 873 13.32 128.45 24.79
C GLU Q 873 13.15 129.92 24.44
N ARG Q 874 14.23 130.70 24.51
CA ARG Q 874 14.15 132.12 24.21
C ARG Q 874 13.74 132.35 22.77
N LEU Q 875 14.29 131.57 21.85
CA LEU Q 875 13.92 131.71 20.43
C LEU Q 875 12.47 131.27 20.22
N SER Q 876 12.02 130.25 20.93
CA SER Q 876 10.61 129.86 20.86
C SER Q 876 9.72 131.00 21.33
N ALA Q 877 10.08 131.65 22.42
CA ALA Q 877 9.33 132.80 22.91
C ALA Q 877 9.40 133.94 21.91
N GLY R 244 -50.91 69.12 -71.31
CA GLY R 244 -50.49 69.39 -69.95
C GLY R 244 -49.06 69.89 -69.88
N ALA R 245 -48.85 71.00 -69.18
CA ALA R 245 -47.51 71.55 -68.99
C ALA R 245 -46.60 70.46 -68.46
N VAL R 246 -45.29 70.61 -68.64
CA VAL R 246 -44.32 69.69 -68.04
C VAL R 246 -43.87 70.33 -66.73
N GLU R 247 -44.23 69.69 -65.62
CA GLU R 247 -43.62 69.94 -64.32
C GLU R 247 -42.74 68.76 -63.97
N VAL R 248 -41.50 69.05 -63.57
CA VAL R 248 -40.52 67.99 -63.38
C VAL R 248 -40.77 67.37 -62.02
N THR R 249 -40.83 66.04 -61.98
CA THR R 249 -41.21 65.40 -60.75
C THR R 249 -40.13 65.60 -59.70
N GLU R 250 -40.49 65.32 -58.45
CA GLU R 250 -39.51 65.43 -57.38
C GLU R 250 -38.37 64.46 -57.62
N ALA R 251 -38.70 63.24 -58.04
CA ALA R 251 -37.67 62.25 -58.37
C ALA R 251 -36.80 62.72 -59.53
N ALA R 252 -37.40 63.30 -60.57
CA ALA R 252 -36.60 63.73 -61.70
C ALA R 252 -35.71 64.90 -61.31
N LEU R 253 -36.22 65.80 -60.49
CA LEU R 253 -35.39 66.89 -60.00
C LEU R 253 -34.27 66.36 -59.12
N VAL R 254 -34.55 65.31 -58.34
CA VAL R 254 -33.51 64.71 -57.52
C VAL R 254 -32.42 64.13 -58.40
N ARG R 255 -32.80 63.44 -59.47
CA ARG R 255 -31.81 62.89 -60.37
C ARG R 255 -30.98 63.98 -61.03
N ASP R 256 -31.63 65.06 -61.43
CA ASP R 256 -30.90 66.15 -62.08
C ASP R 256 -29.97 66.83 -61.09
N ILE R 257 -30.44 67.07 -59.86
CA ILE R 257 -29.60 67.69 -58.86
C ILE R 257 -28.47 66.78 -58.45
N LEU R 258 -28.69 65.47 -58.48
CA LEU R 258 -27.59 64.56 -58.18
C LEU R 258 -26.55 64.57 -59.30
N TYR R 259 -26.99 64.72 -60.55
CA TYR R 259 -26.03 64.97 -61.61
C TYR R 259 -25.30 66.30 -61.41
N VAL R 260 -26.04 67.32 -61.00
CA VAL R 260 -25.41 68.62 -60.76
C VAL R 260 -24.37 68.50 -59.67
N PHE R 261 -24.65 67.70 -58.65
CA PHE R 261 -23.67 67.52 -57.60
C PHE R 261 -22.48 66.76 -58.15
N GLN R 262 -22.74 65.81 -59.03
CA GLN R 262 -21.66 65.05 -59.62
C GLN R 262 -20.89 65.87 -60.63
N GLY R 263 -21.31 67.10 -60.89
CA GLY R 263 -20.59 67.95 -61.80
C GLY R 263 -21.02 67.83 -63.25
N ILE R 264 -22.07 67.06 -63.54
CA ILE R 264 -22.57 66.90 -64.89
C ILE R 264 -24.05 67.26 -64.91
N ASP R 265 -24.42 68.13 -65.85
CA ASP R 265 -25.72 68.77 -65.83
C ASP R 265 -26.83 67.73 -65.96
N GLY R 266 -28.05 68.15 -65.61
CA GLY R 266 -29.22 67.28 -65.60
C GLY R 266 -29.87 67.17 -66.96
N LYS R 267 -31.17 66.86 -66.94
CA LYS R 267 -31.99 66.86 -68.14
C LYS R 267 -32.95 68.04 -68.22
N HIS R 268 -33.18 68.73 -67.12
CA HIS R 268 -34.04 69.91 -67.08
C HIS R 268 -33.36 71.09 -66.41
N VAL R 269 -32.32 70.85 -65.63
CA VAL R 269 -31.49 71.88 -65.02
C VAL R 269 -30.11 71.75 -65.64
N LYS R 270 -29.61 72.84 -66.22
CA LYS R 270 -28.40 72.80 -67.01
C LYS R 270 -27.49 73.93 -66.54
N MET R 271 -26.19 73.69 -66.62
CA MET R 271 -25.22 74.71 -66.20
C MET R 271 -25.30 75.89 -67.14
N SER R 272 -25.78 77.02 -66.62
CA SER R 272 -25.53 78.32 -67.19
C SER R 272 -24.08 78.69 -66.90
N ASN R 273 -23.27 78.71 -67.96
CA ASN R 273 -21.88 79.08 -67.90
C ASN R 273 -21.67 80.58 -68.03
N ALA R 274 -22.73 81.37 -67.91
CA ALA R 274 -22.63 82.81 -67.82
C ALA R 274 -22.88 83.28 -66.41
N ASP R 275 -23.18 82.36 -65.49
CA ASP R 275 -23.18 82.60 -64.07
C ASP R 275 -22.36 81.57 -63.32
N ASN R 276 -21.99 80.46 -63.97
CA ASN R 276 -21.24 79.40 -63.32
C ASN R 276 -22.15 78.69 -62.32
N CYS R 277 -23.41 78.54 -62.69
CA CYS R 277 -24.32 77.72 -61.88
C CYS R 277 -25.40 77.14 -62.76
N TYR R 278 -26.06 76.09 -62.26
CA TYR R 278 -27.09 75.39 -63.02
C TYR R 278 -28.43 76.10 -62.85
N THR R 279 -29.04 76.48 -63.97
CA THR R 279 -30.37 77.06 -63.98
C THR R 279 -31.36 76.07 -64.58
N VAL R 280 -32.56 76.05 -64.01
CA VAL R 280 -33.66 75.22 -64.51
C VAL R 280 -34.39 75.98 -65.60
N GLU R 281 -34.59 75.33 -66.74
CA GLU R 281 -35.23 76.02 -67.85
C GLU R 281 -36.62 76.46 -67.42
N GLY R 282 -37.12 77.53 -68.06
CA GLY R 282 -38.48 77.97 -67.81
C GLY R 282 -39.55 77.38 -68.71
N LYS R 283 -39.16 76.67 -69.77
CA LYS R 283 -40.15 75.95 -70.57
C LYS R 283 -40.90 74.95 -69.72
N ALA R 284 -40.20 74.28 -68.81
CA ALA R 284 -40.83 73.46 -67.80
C ALA R 284 -41.26 74.32 -66.62
N ASN R 285 -42.44 74.03 -66.08
CA ASN R 285 -43.01 74.78 -64.98
C ASN R 285 -42.78 74.00 -63.69
N LEU R 286 -41.97 74.55 -62.81
CA LEU R 286 -41.76 74.01 -61.48
C LEU R 286 -42.03 75.11 -60.47
N SER R 287 -42.39 74.71 -59.26
CA SER R 287 -42.72 75.70 -58.25
C SER R 287 -41.50 76.53 -57.85
N LYS R 288 -41.80 77.66 -57.21
CA LYS R 288 -40.74 78.59 -56.87
C LYS R 288 -39.81 77.95 -55.88
N SER R 289 -40.37 77.17 -54.94
CA SER R 289 -39.57 76.58 -53.90
C SER R 289 -38.62 75.56 -54.51
N LEU R 290 -39.12 74.80 -55.48
CA LEU R 290 -38.28 73.83 -56.16
C LEU R 290 -37.13 74.54 -56.84
N ARG R 291 -37.42 75.64 -57.54
CA ARG R 291 -36.33 76.37 -58.20
C ARG R 291 -35.34 76.92 -57.19
N ASP R 292 -35.84 77.42 -56.06
CA ASP R 292 -34.95 77.97 -55.04
C ASP R 292 -34.05 76.89 -54.46
N THR R 293 -34.63 75.74 -54.15
CA THR R 293 -33.84 74.62 -53.66
C THR R 293 -32.80 74.24 -54.70
N ALA R 294 -33.20 74.24 -55.97
CA ALA R 294 -32.27 73.86 -57.02
C ALA R 294 -31.08 74.81 -57.05
N VAL R 295 -31.35 76.11 -56.91
CA VAL R 295 -30.24 77.07 -56.91
C VAL R 295 -29.36 76.87 -55.68
N ARG R 296 -29.99 76.73 -54.51
CA ARG R 296 -29.23 76.52 -53.30
C ARG R 296 -28.36 75.28 -53.39
N LEU R 297 -28.80 74.27 -54.15
CA LEU R 297 -28.01 73.07 -54.26
C LEU R 297 -26.95 73.20 -55.35
N ALA R 298 -27.28 73.88 -56.45
CA ALA R 298 -26.31 74.06 -57.52
C ALA R 298 -25.18 74.97 -57.10
N GLU R 299 -25.33 75.72 -56.03
CA GLU R 299 -24.16 76.37 -55.44
C GLU R 299 -23.05 75.34 -55.22
N LEU R 300 -23.44 74.17 -54.72
CA LEU R 300 -22.47 73.12 -54.46
C LEU R 300 -21.84 72.63 -55.75
N GLY R 301 -22.64 72.48 -56.80
CA GLY R 301 -22.07 72.11 -58.09
C GLY R 301 -21.11 73.13 -58.63
N TRP R 302 -21.40 74.42 -58.41
CA TRP R 302 -20.45 75.46 -58.81
C TRP R 302 -19.12 75.25 -58.10
N LEU R 303 -19.18 75.09 -56.78
CA LEU R 303 -17.94 74.87 -56.03
C LEU R 303 -17.24 73.60 -56.49
N HIS R 304 -18.01 72.53 -56.68
CA HIS R 304 -17.48 71.28 -57.22
C HIS R 304 -16.71 71.52 -58.50
N ASN R 305 -17.31 72.22 -59.45
CA ASN R 305 -16.68 72.38 -60.74
C ASN R 305 -15.48 73.28 -60.65
N LYS R 306 -15.52 74.28 -59.77
CA LYS R 306 -14.34 75.12 -59.57
C LYS R 306 -13.17 74.31 -59.05
N ILE R 307 -13.40 73.54 -57.98
CA ILE R 307 -12.35 72.69 -57.45
C ILE R 307 -11.86 71.71 -58.51
N ARG R 308 -12.78 71.18 -59.31
CA ARG R 308 -12.40 70.24 -60.35
C ARG R 308 -11.48 70.89 -61.37
N LYS R 309 -11.87 72.07 -61.87
CA LYS R 309 -11.05 72.74 -62.86
C LYS R 309 -9.68 73.07 -62.29
N TYR R 310 -9.63 73.56 -61.06
CA TYR R 310 -8.34 73.89 -60.48
C TYR R 310 -7.46 72.65 -60.37
N THR R 311 -8.05 71.53 -59.93
CA THR R 311 -7.25 70.32 -59.78
C THR R 311 -6.78 69.82 -61.13
N ASP R 312 -7.67 69.81 -62.12
CA ASP R 312 -7.28 69.38 -63.46
C ASP R 312 -6.14 70.23 -63.99
N GLN R 313 -6.26 71.55 -63.84
CA GLN R 313 -5.28 72.44 -64.44
C GLN R 313 -3.93 72.24 -63.79
N ARG R 314 -3.87 72.29 -62.47
CA ARG R 314 -2.57 72.18 -61.82
C ARG R 314 -2.02 70.77 -61.92
N SER R 315 -2.86 69.78 -62.21
CA SER R 315 -2.40 68.39 -62.28
C SER R 315 -1.52 68.13 -63.49
N LEU R 316 -1.67 68.89 -64.57
CA LEU R 316 -0.90 68.63 -65.78
C LEU R 316 0.47 69.27 -65.79
N ASP R 317 0.74 70.23 -64.91
CA ASP R 317 1.99 70.97 -64.95
C ASP R 317 3.02 70.26 -64.08
N ARG R 318 3.96 69.56 -64.70
CA ARG R 318 5.09 69.02 -63.96
C ARG R 318 5.88 70.14 -63.29
N SER R 319 5.80 71.35 -63.84
CA SER R 319 6.49 72.50 -63.31
C SER R 319 5.95 72.93 -61.95
N PHE R 320 4.72 72.52 -61.62
CA PHE R 320 4.11 72.98 -60.37
C PHE R 320 4.78 72.39 -59.14
N GLY R 321 5.61 71.38 -59.28
CA GLY R 321 6.40 70.91 -58.15
C GLY R 321 5.68 69.88 -57.30
N LEU R 322 6.46 69.29 -56.40
CA LEU R 322 5.92 68.24 -55.55
C LEU R 322 4.86 68.78 -54.61
N VAL R 323 5.06 70.00 -54.12
CA VAL R 323 4.06 70.60 -53.24
C VAL R 323 2.73 70.79 -53.98
N GLY R 324 2.80 71.26 -55.23
CA GLY R 324 1.57 71.39 -56.00
C GLY R 324 0.91 70.06 -56.24
N GLN R 325 1.71 69.03 -56.51
CA GLN R 325 1.13 67.71 -56.71
C GLN R 325 0.47 67.20 -55.43
N SER R 326 1.08 67.49 -54.29
CA SER R 326 0.47 67.07 -53.03
C SER R 326 -0.82 67.83 -52.77
N PHE R 327 -0.86 69.11 -53.10
CA PHE R 327 -2.12 69.86 -52.99
C PHE R 327 -3.20 69.24 -53.86
N CYS R 328 -2.84 68.88 -55.09
CA CYS R 328 -3.82 68.26 -55.97
C CYS R 328 -4.27 66.91 -55.42
N ALA R 329 -3.35 66.15 -54.83
CA ALA R 329 -3.72 64.87 -54.24
C ALA R 329 -4.68 65.04 -53.07
N ALA R 330 -4.38 65.98 -52.18
CA ALA R 330 -5.29 66.25 -51.07
C ALA R 330 -6.66 66.65 -51.58
N LEU R 331 -6.69 67.45 -52.64
CA LEU R 331 -7.99 67.90 -53.13
C LEU R 331 -8.75 66.74 -53.75
N HIS R 332 -8.05 65.91 -54.53
CA HIS R 332 -8.66 64.68 -55.02
C HIS R 332 -9.26 63.85 -53.88
N GLN R 333 -8.53 63.73 -52.77
CA GLN R 333 -9.03 62.92 -51.66
C GLN R 333 -10.31 63.50 -51.09
N GLU R 334 -10.33 64.81 -50.85
CA GLU R 334 -11.56 65.43 -50.40
C GLU R 334 -12.67 65.24 -51.42
N LEU R 335 -12.32 65.31 -52.70
CA LEU R 335 -13.32 65.11 -53.73
C LEU R 335 -13.91 63.72 -53.66
N ARG R 336 -13.07 62.73 -53.39
CA ARG R 336 -13.57 61.36 -53.29
C ARG R 336 -14.46 61.19 -52.08
N GLU R 337 -14.14 61.85 -50.97
CA GLU R 337 -15.07 61.87 -49.85
C GLU R 337 -16.41 62.45 -50.26
N TYR R 338 -16.37 63.57 -50.98
CA TYR R 338 -17.61 64.17 -51.46
C TYR R 338 -18.38 63.19 -52.34
N TYR R 339 -17.67 62.50 -53.22
CA TYR R 339 -18.34 61.54 -54.09
C TYR R 339 -18.92 60.39 -53.29
N ARG R 340 -18.25 59.98 -52.21
CA ARG R 340 -18.78 58.90 -51.40
C ARG R 340 -20.07 59.32 -50.72
N LEU R 341 -20.16 60.60 -50.34
CA LEU R 341 -21.43 61.07 -49.80
C LEU R 341 -22.48 61.14 -50.89
N LEU R 342 -22.06 61.53 -52.08
CA LEU R 342 -23.01 61.57 -53.18
C LEU R 342 -23.53 60.18 -53.48
N SER R 343 -22.66 59.17 -53.39
CA SER R 343 -23.08 57.80 -53.61
C SER R 343 -24.00 57.30 -52.50
N VAL R 344 -23.78 57.75 -51.27
CA VAL R 344 -24.75 57.44 -50.23
C VAL R 344 -26.09 58.01 -50.62
N LEU R 345 -26.07 59.23 -51.14
CA LEU R 345 -27.32 59.91 -51.41
C LEU R 345 -28.01 59.24 -52.59
N HIS R 346 -27.21 58.78 -53.55
CA HIS R 346 -27.76 57.98 -54.65
C HIS R 346 -28.44 56.74 -54.11
N SER R 347 -27.73 55.96 -53.30
CA SER R 347 -28.32 54.74 -52.74
C SER R 347 -29.62 55.05 -52.02
N GLN R 348 -29.66 56.14 -51.25
CA GLN R 348 -30.89 56.53 -50.59
C GLN R 348 -31.98 56.88 -51.60
N LEU R 349 -31.62 57.58 -52.67
CA LEU R 349 -32.60 57.88 -53.70
C LEU R 349 -33.16 56.60 -54.29
N GLN R 350 -32.31 55.62 -54.54
CA GLN R 350 -32.82 54.42 -55.17
C GLN R 350 -33.69 53.67 -54.18
N LEU R 351 -33.39 53.82 -52.89
CA LEU R 351 -34.26 53.21 -51.89
C LEU R 351 -35.61 53.90 -51.91
N GLU R 352 -35.61 55.19 -52.26
CA GLU R 352 -36.85 55.91 -52.42
C GLU R 352 -37.63 55.41 -53.63
N ASP R 353 -36.91 54.98 -54.67
CA ASP R 353 -37.53 54.45 -55.86
C ASP R 353 -38.12 53.07 -55.58
N LEU R 365 -36.54 59.95 -49.44
CA LEU R 365 -35.73 61.09 -49.84
C LEU R 365 -36.59 62.17 -50.46
N THR R 366 -36.46 63.39 -49.95
CA THR R 366 -37.07 64.55 -50.55
C THR R 366 -36.04 65.66 -50.67
N LEU R 367 -36.34 66.62 -51.55
CA LEU R 367 -35.40 67.70 -51.80
C LEU R 367 -35.04 68.41 -50.51
N ARG R 368 -36.00 68.59 -49.62
CA ARG R 368 -35.73 69.35 -48.42
C ARG R 368 -34.83 68.54 -47.50
N ARG R 369 -35.08 67.23 -47.39
CA ARG R 369 -34.19 66.41 -46.61
C ARG R 369 -32.81 66.42 -47.23
N LEU R 370 -32.77 66.47 -48.56
CA LEU R 370 -31.49 66.54 -49.25
C LEU R 370 -30.82 67.87 -48.98
N LEU R 371 -31.59 68.95 -48.91
CA LEU R 371 -30.99 70.22 -48.53
C LEU R 371 -30.37 70.13 -47.15
N VAL R 372 -31.07 69.49 -46.21
CA VAL R 372 -30.52 69.34 -44.88
C VAL R 372 -29.30 68.44 -44.91
N TRP R 373 -29.41 67.32 -45.63
CA TRP R 373 -28.26 66.44 -45.80
C TRP R 373 -27.10 67.14 -46.49
N THR R 374 -27.38 68.08 -47.39
CA THR R 374 -26.33 68.76 -48.13
C THR R 374 -25.74 69.97 -47.42
N TYR R 375 -26.25 70.34 -46.25
CA TYR R 375 -25.68 71.49 -45.57
C TYR R 375 -24.20 71.32 -45.29
N ASP R 376 -23.82 70.18 -44.71
CA ASP R 376 -22.43 69.97 -44.35
C ASP R 376 -21.50 69.88 -45.55
N PRO R 377 -21.89 69.18 -46.61
CA PRO R 377 -21.09 69.26 -47.84
C PRO R 377 -20.91 70.68 -48.33
N LYS R 378 -21.94 71.52 -48.18
CA LYS R 378 -21.81 72.88 -48.67
C LYS R 378 -20.74 73.61 -47.88
N MET R 379 -20.73 73.44 -46.56
CA MET R 379 -19.71 74.07 -45.74
C MET R 379 -18.32 73.58 -46.11
N ARG R 380 -18.14 72.26 -46.17
CA ARG R 380 -16.82 71.73 -46.46
C ARG R 380 -16.30 72.26 -47.79
N LEU R 381 -17.10 72.13 -48.85
CA LEU R 381 -16.62 72.53 -50.17
C LEU R 381 -16.47 74.03 -50.30
N LYS R 382 -17.27 74.81 -49.57
CA LYS R 382 -17.06 76.25 -49.55
C LYS R 382 -15.70 76.58 -48.95
N THR R 383 -15.38 75.96 -47.82
CA THR R 383 -14.09 76.22 -47.19
C THR R 383 -12.96 75.80 -48.10
N LEU R 384 -13.10 74.64 -48.75
CA LEU R 384 -12.03 74.17 -49.61
C LEU R 384 -11.85 75.07 -50.82
N ALA R 385 -12.95 75.52 -51.43
CA ALA R 385 -12.84 76.40 -52.58
C ALA R 385 -12.19 77.72 -52.18
N ALA R 386 -12.52 78.23 -51.00
CA ALA R 386 -11.90 79.48 -50.57
C ALA R 386 -10.40 79.31 -50.31
N LEU R 387 -10.01 78.21 -49.66
CA LEU R 387 -8.58 77.92 -49.54
C LEU R 387 -7.90 77.84 -50.89
N VAL R 388 -8.51 77.14 -51.85
CA VAL R 388 -7.90 77.00 -53.16
C VAL R 388 -7.75 78.37 -53.83
N ASP R 389 -8.79 79.20 -53.76
CA ASP R 389 -8.71 80.51 -54.39
C ASP R 389 -7.60 81.34 -53.76
N HIS R 390 -7.50 81.31 -52.42
CA HIS R 390 -6.45 82.09 -51.79
C HIS R 390 -5.08 81.51 -52.08
N CYS R 391 -5.02 80.20 -52.34
CA CYS R 391 -3.76 79.52 -52.60
C CYS R 391 -3.47 79.43 -54.10
N GLN R 392 -4.29 80.06 -54.93
CA GLN R 392 -4.12 80.00 -56.38
C GLN R 392 -3.09 81.01 -56.83
N GLY R 393 -2.31 80.63 -57.85
CA GLY R 393 -1.25 81.49 -58.31
C GLY R 393 -0.05 81.53 -57.38
N ARG R 394 0.16 80.48 -56.60
CA ARG R 394 1.30 80.42 -55.69
C ARG R 394 1.87 79.02 -55.73
N LYS R 395 3.13 78.91 -55.35
CA LYS R 395 3.82 77.63 -55.41
C LYS R 395 4.82 77.55 -54.27
N GLY R 396 5.15 76.33 -53.88
CA GLY R 396 6.21 76.17 -52.91
C GLY R 396 5.81 76.89 -51.64
N GLY R 397 6.72 77.71 -51.14
CA GLY R 397 6.45 78.36 -49.86
C GLY R 397 5.32 79.33 -49.95
N GLU R 398 4.97 79.81 -51.15
CA GLU R 398 3.76 80.60 -51.28
C GLU R 398 2.54 79.74 -51.03
N LEU R 399 2.56 78.49 -51.49
CA LEU R 399 1.48 77.57 -51.19
C LEU R 399 1.42 77.28 -49.69
N ALA R 400 2.59 77.00 -49.11
CA ALA R 400 2.63 76.66 -47.68
C ALA R 400 2.10 77.82 -46.83
N SER R 401 2.51 79.04 -47.17
CA SER R 401 1.97 80.20 -46.49
C SER R 401 0.46 80.32 -46.72
N ALA R 402 0.00 80.09 -47.95
CA ALA R 402 -1.42 80.23 -48.23
C ALA R 402 -2.22 79.31 -47.32
N VAL R 403 -1.77 78.08 -47.17
CA VAL R 403 -2.46 77.17 -46.25
C VAL R 403 -2.30 77.62 -44.80
N HIS R 404 -1.10 78.03 -44.41
CA HIS R 404 -0.91 78.39 -43.01
C HIS R 404 -1.78 79.57 -42.64
N ALA R 405 -2.09 80.43 -43.61
CA ALA R 405 -2.98 81.54 -43.33
C ALA R 405 -4.39 81.05 -43.06
N TYR R 406 -4.78 79.97 -43.73
CA TYR R 406 -6.13 79.47 -43.56
C TYR R 406 -6.25 78.73 -42.25
N THR R 407 -5.11 78.26 -41.74
CA THR R 407 -5.08 77.59 -40.45
C THR R 407 -5.61 78.46 -39.32
N LYS R 408 -5.65 79.79 -39.49
CA LYS R 408 -6.09 80.66 -38.42
C LYS R 408 -7.59 80.63 -38.17
N THR R 409 -8.36 79.94 -39.00
CA THR R 409 -9.79 79.80 -38.76
C THR R 409 -10.09 79.25 -37.37
N GLY R 410 -11.15 79.77 -36.76
CA GLY R 410 -11.59 79.33 -35.45
C GLY R 410 -12.62 78.21 -35.41
N ASP R 411 -13.28 77.95 -36.54
CA ASP R 411 -14.25 76.85 -36.61
C ASP R 411 -13.53 75.49 -36.61
N PRO R 412 -13.86 74.58 -35.71
CA PRO R 412 -13.05 73.36 -35.60
C PRO R 412 -13.24 72.40 -36.77
N TYR R 413 -14.44 72.30 -37.34
CA TYR R 413 -14.60 71.43 -38.50
C TYR R 413 -13.71 71.92 -39.63
N ALA R 414 -13.83 73.21 -39.95
CA ALA R 414 -12.94 73.78 -40.95
C ALA R 414 -11.51 73.64 -40.48
N ARG R 415 -11.29 73.90 -39.20
CA ARG R 415 -9.94 73.84 -38.66
C ARG R 415 -9.37 72.46 -38.87
N SER R 416 -10.15 71.42 -38.56
CA SER R 416 -9.64 70.07 -38.69
C SER R 416 -9.36 69.72 -40.15
N LEU R 417 -10.28 70.08 -41.05
CA LEU R 417 -10.02 69.84 -42.47
C LEU R 417 -8.71 70.49 -42.90
N VAL R 418 -8.53 71.76 -42.56
CA VAL R 418 -7.36 72.47 -43.04
C VAL R 418 -6.10 71.96 -42.36
N GLN R 419 -6.19 71.49 -41.11
CA GLN R 419 -4.99 70.99 -40.44
C GLN R 419 -4.55 69.67 -41.04
N HIS R 420 -5.50 68.80 -41.38
CA HIS R 420 -5.13 67.59 -42.09
C HIS R 420 -4.48 67.92 -43.42
N ILE R 421 -5.09 68.82 -44.18
CA ILE R 421 -4.52 69.18 -45.47
C ILE R 421 -3.13 69.79 -45.30
N LEU R 422 -2.93 70.56 -44.23
CA LEU R 422 -1.63 71.19 -44.03
C LEU R 422 -0.57 70.18 -43.66
N SER R 423 -0.92 69.19 -42.83
CA SER R 423 0.05 68.14 -42.54
C SER R 423 0.42 67.37 -43.80
N LEU R 424 -0.58 67.04 -44.61
CA LEU R 424 -0.29 66.35 -45.86
C LEU R 424 0.58 67.19 -46.77
N VAL R 425 0.31 68.49 -46.85
CA VAL R 425 1.05 69.34 -47.76
C VAL R 425 2.45 69.60 -47.23
N SER R 426 2.63 69.53 -45.91
CA SER R 426 3.94 69.78 -45.34
C SER R 426 4.82 68.54 -45.38
N HIS R 427 4.22 67.36 -45.48
CA HIS R 427 5.04 66.16 -45.54
C HIS R 427 6.08 66.25 -46.64
N PRO R 428 5.77 66.72 -47.85
CA PRO R 428 6.83 66.90 -48.83
C PRO R 428 7.84 67.96 -48.43
N VAL R 429 7.36 69.12 -48.00
CA VAL R 429 8.26 70.16 -47.52
C VAL R 429 9.13 69.64 -46.39
N LEU R 430 8.53 68.89 -45.48
CA LEU R 430 9.30 68.38 -44.35
C LEU R 430 10.35 67.38 -44.83
N SER R 431 10.01 66.56 -45.83
CA SER R 431 10.99 65.62 -46.35
C SER R 431 12.16 66.35 -46.99
N PHE R 432 11.87 67.37 -47.80
CA PHE R 432 12.93 68.18 -48.38
C PHE R 432 13.82 68.78 -47.30
N LEU R 433 13.21 69.36 -46.27
CA LEU R 433 14.02 69.98 -45.24
C LEU R 433 14.84 68.93 -44.51
N TYR R 434 14.23 67.77 -44.28
CA TYR R 434 14.98 66.69 -43.66
C TYR R 434 16.14 66.32 -44.57
N ARG R 435 15.89 66.26 -45.88
CA ARG R 435 16.98 65.95 -46.78
C ARG R 435 17.99 67.08 -46.78
N TRP R 436 17.50 68.32 -46.68
CA TRP R 436 18.42 69.44 -46.58
C TRP R 436 19.09 69.40 -45.22
N ILE R 437 18.36 68.90 -44.22
CA ILE R 437 18.86 68.83 -42.85
C ILE R 437 19.67 67.57 -42.63
N TYR R 438 19.37 66.50 -43.37
CA TYR R 438 20.03 65.22 -43.17
C TYR R 438 21.04 64.91 -44.26
N ASP R 439 20.68 65.13 -45.52
CA ASP R 439 21.62 64.89 -46.59
C ASP R 439 22.55 66.06 -46.77
N GLY R 440 22.10 67.26 -46.42
CA GLY R 440 22.82 68.43 -46.86
C GLY R 440 22.84 68.46 -48.37
N GLU R 441 21.70 68.15 -48.99
CA GLU R 441 21.60 68.12 -50.43
C GLU R 441 20.21 68.55 -50.83
N LEU R 442 20.07 68.93 -52.09
CA LEU R 442 18.84 69.51 -52.60
C LEU R 442 18.37 68.68 -53.78
N GLU R 443 17.07 68.40 -53.81
CA GLU R 443 16.40 67.87 -54.98
C GLU R 443 15.60 68.95 -55.68
N ASP R 444 16.02 70.20 -55.50
CA ASP R 444 15.27 71.35 -55.99
C ASP R 444 15.57 71.54 -57.47
N THR R 445 14.68 71.00 -58.31
CA THR R 445 14.73 71.25 -59.73
C THR R 445 13.63 72.19 -60.16
N TYR R 446 12.66 72.44 -59.28
CA TYR R 446 11.61 73.42 -59.47
C TYR R 446 12.00 74.75 -58.83
N HIS R 447 12.95 74.72 -57.89
CA HIS R 447 13.33 75.88 -57.09
C HIS R 447 12.17 76.28 -56.18
N GLU R 448 11.73 75.33 -55.34
CA GLU R 448 10.76 75.61 -54.30
C GLU R 448 11.34 75.52 -52.88
N PHE R 449 12.57 75.05 -52.72
CA PHE R 449 13.15 74.88 -51.40
C PHE R 449 13.83 76.16 -50.95
N PHE R 450 13.76 76.46 -49.65
CA PHE R 450 14.21 77.75 -49.16
C PHE R 450 15.73 77.89 -49.19
N VAL R 451 16.45 76.82 -49.50
CA VAL R 451 17.89 76.90 -49.69
C VAL R 451 18.16 77.05 -51.19
N ALA R 452 18.78 78.16 -51.56
CA ALA R 452 19.29 78.34 -52.91
C ALA R 452 20.71 77.81 -52.96
N SER R 453 20.96 76.92 -53.91
CA SER R 453 22.32 76.62 -54.32
C SER R 453 22.70 77.52 -55.48
N ASP R 454 23.88 78.09 -55.41
CA ASP R 454 24.45 78.83 -56.53
C ASP R 454 25.56 78.01 -57.14
N PRO R 455 25.42 77.56 -58.39
CA PRO R 455 26.51 76.79 -59.01
C PRO R 455 27.69 77.64 -59.40
N ALA R 456 27.55 78.97 -59.37
CA ALA R 456 28.64 79.85 -59.78
C ALA R 456 29.75 79.93 -58.75
N VAL R 457 29.44 79.74 -57.47
CA VAL R 457 30.46 79.82 -56.44
C VAL R 457 31.28 78.53 -56.43
N LYS R 458 32.60 78.69 -56.27
CA LYS R 458 33.51 77.58 -56.16
C LYS R 458 33.58 77.07 -54.72
N ALA R 459 34.26 75.94 -54.55
CA ALA R 459 34.40 75.39 -53.20
C ALA R 459 35.17 76.34 -52.31
N ASP R 460 36.01 77.20 -52.88
CA ASP R 460 36.71 78.18 -52.06
C ASP R 460 35.72 79.15 -51.43
N ARG R 461 34.63 79.47 -52.13
CA ARG R 461 33.60 80.35 -51.62
C ARG R 461 32.36 79.59 -51.15
N LEU R 462 32.50 78.29 -50.90
CA LEU R 462 31.36 77.52 -50.41
C LEU R 462 30.78 78.15 -49.16
N TRP R 463 31.66 78.60 -48.25
CA TRP R 463 31.19 79.17 -46.99
C TRP R 463 30.36 80.42 -47.28
N HIS R 464 30.79 81.20 -48.25
CA HIS R 464 30.24 82.54 -48.48
C HIS R 464 29.07 82.47 -49.45
N ASP R 465 29.31 82.00 -50.67
CA ASP R 465 28.37 82.23 -51.77
C ASP R 465 27.59 81.01 -52.20
N LYS R 466 28.08 79.79 -51.96
CA LYS R 466 27.47 78.63 -52.61
C LYS R 466 26.06 78.36 -52.09
N TYR R 467 25.81 78.71 -50.83
CA TYR R 467 24.58 78.34 -50.13
C TYR R 467 23.91 79.61 -49.62
N ALA R 468 22.71 79.92 -50.14
CA ALA R 468 22.05 81.20 -49.91
C ALA R 468 20.62 80.96 -49.47
N LEU R 469 20.09 81.87 -48.67
CA LEU R 469 18.73 81.77 -48.17
C LEU R 469 17.79 82.47 -49.16
N ARG R 470 16.85 81.73 -49.74
CA ARG R 470 15.83 82.34 -50.59
C ARG R 470 14.63 82.68 -49.72
N LYS R 471 14.52 83.96 -49.36
CA LYS R 471 13.50 84.39 -48.39
C LYS R 471 12.09 84.02 -48.80
N PRO R 472 11.67 84.16 -50.05
CA PRO R 472 10.27 83.85 -50.40
C PRO R 472 9.93 82.38 -50.31
N MET R 473 10.92 81.49 -50.20
CA MET R 473 10.67 80.06 -50.07
C MET R 473 10.75 79.61 -48.63
N ILE R 474 10.78 80.53 -47.68
CA ILE R 474 10.64 80.17 -46.27
C ILE R 474 9.18 79.87 -45.99
N PRO R 475 8.86 78.72 -45.40
CA PRO R 475 7.46 78.39 -45.11
C PRO R 475 7.01 79.00 -43.80
N SER R 476 5.70 78.95 -43.58
CA SER R 476 5.10 79.57 -42.41
C SER R 476 4.95 78.61 -41.24
N PHE R 477 5.48 77.40 -41.36
CA PHE R 477 5.78 76.58 -40.20
C PHE R 477 7.21 76.80 -39.73
N MET R 478 7.95 77.63 -40.44
CA MET R 478 9.29 78.06 -40.08
C MET R 478 9.27 79.55 -39.78
N THR R 479 10.37 80.04 -39.24
CA THR R 479 10.55 81.47 -38.97
C THR R 479 11.92 81.89 -39.49
N MET R 480 12.20 83.18 -39.40
CA MET R 480 13.48 83.68 -39.92
C MET R 480 14.65 83.02 -39.24
N ASP R 481 14.56 82.83 -37.93
CA ASP R 481 15.68 82.27 -37.18
C ASP R 481 15.82 80.77 -37.46
N GLN R 482 14.70 80.06 -37.53
CA GLN R 482 14.77 78.65 -37.89
C GLN R 482 15.34 78.47 -39.29
N CYS R 483 14.94 79.32 -40.23
CA CYS R 483 15.50 79.25 -41.57
C CYS R 483 16.99 79.56 -41.57
N ARG R 484 17.42 80.52 -40.76
CA ARG R 484 18.84 80.81 -40.68
C ARG R 484 19.62 79.62 -40.15
N LYS R 485 19.09 78.98 -39.10
CA LYS R 485 19.76 77.80 -38.57
C LYS R 485 19.82 76.69 -39.60
N VAL R 486 18.72 76.46 -40.33
CA VAL R 486 18.69 75.39 -41.32
C VAL R 486 19.69 75.69 -42.44
N LEU R 487 19.69 76.93 -42.92
CA LEU R 487 20.67 77.34 -43.92
C LEU R 487 22.08 77.06 -43.44
N LEU R 488 22.37 77.42 -42.19
CA LEU R 488 23.73 77.25 -41.71
C LEU R 488 24.08 75.78 -41.56
N ILE R 489 23.13 74.97 -41.10
CA ILE R 489 23.34 73.53 -41.04
C ILE R 489 23.68 72.97 -42.41
N GLY R 490 22.87 73.33 -43.41
CA GLY R 490 23.10 72.80 -44.75
C GLY R 490 24.42 73.27 -45.33
N LYS R 491 24.75 74.54 -45.12
CA LYS R 491 26.04 75.04 -45.58
C LYS R 491 27.18 74.28 -44.92
N SER R 492 27.08 74.06 -43.62
CA SER R 492 28.13 73.32 -42.92
C SER R 492 28.29 71.93 -43.52
N ILE R 493 27.18 71.24 -43.75
CA ILE R 493 27.27 69.87 -44.24
C ILE R 493 27.89 69.84 -45.63
N ASN R 494 27.44 70.72 -46.51
CA ASN R 494 27.94 70.69 -47.88
C ASN R 494 29.34 71.25 -48.01
N PHE R 495 29.75 72.12 -47.08
CA PHE R 495 31.13 72.57 -47.08
C PHE R 495 32.06 71.47 -46.58
N LEU R 496 31.64 70.76 -45.54
CA LEU R 496 32.44 69.64 -45.08
C LEU R 496 32.59 68.58 -46.17
N HIS R 497 31.49 68.26 -46.85
CA HIS R 497 31.58 67.23 -47.89
C HIS R 497 32.37 67.73 -49.10
N GLN R 498 32.03 68.89 -49.63
CA GLN R 498 32.52 69.33 -50.93
C GLN R 498 33.70 70.29 -50.87
N VAL R 499 33.89 71.01 -49.76
CA VAL R 499 34.85 72.10 -49.70
C VAL R 499 35.95 71.79 -48.69
N CYS R 500 35.59 71.29 -47.52
CA CYS R 500 36.59 70.80 -46.59
C CYS R 500 37.28 69.57 -47.14
N HIS R 501 36.61 68.84 -48.03
CA HIS R 501 37.11 67.60 -48.60
C HIS R 501 37.14 66.49 -47.57
N ASP R 502 36.35 66.63 -46.51
CA ASP R 502 36.06 65.54 -45.60
C ASP R 502 34.89 64.78 -46.21
N GLN R 503 35.16 63.58 -46.71
CA GLN R 503 34.09 62.74 -47.25
C GLN R 503 33.63 61.68 -46.28
N THR R 504 34.17 61.65 -45.07
CA THR R 504 33.59 60.80 -44.05
C THR R 504 32.27 61.42 -43.60
N PRO R 505 31.22 60.64 -43.42
CA PRO R 505 29.90 61.24 -43.22
C PRO R 505 29.64 61.46 -41.73
N THR R 506 28.59 62.23 -41.46
CA THR R 506 28.02 62.34 -40.13
C THR R 506 26.85 61.39 -39.96
N THR R 507 26.85 60.63 -38.87
CA THR R 507 26.00 59.46 -38.79
C THR R 507 24.62 59.86 -38.27
N LYS R 508 24.57 60.90 -37.45
CA LYS R 508 23.31 61.51 -37.04
C LYS R 508 22.70 62.39 -38.13
N MET R 509 23.49 62.79 -39.13
CA MET R 509 22.91 63.58 -40.20
C MET R 509 22.01 62.71 -41.05
N ILE R 510 22.42 61.48 -41.32
CA ILE R 510 21.56 60.58 -42.07
C ILE R 510 20.25 60.41 -41.32
N ALA R 511 20.29 60.56 -39.99
CA ALA R 511 19.12 60.48 -39.13
C ALA R 511 18.35 61.80 -39.02
N VAL R 512 18.94 62.90 -39.48
CA VAL R 512 18.28 64.21 -39.34
C VAL R 512 17.58 64.61 -40.63
N ALA R 523 -0.82 65.74 -39.09
CA ALA R 523 -1.32 66.64 -38.06
C ALA R 523 -0.32 66.69 -36.91
N ASP R 524 0.16 65.52 -36.50
CA ASP R 524 1.14 65.46 -35.42
C ASP R 524 2.42 66.20 -35.80
N LEU R 525 2.88 66.03 -37.05
CA LEU R 525 4.08 66.74 -37.48
C LEU R 525 3.84 68.24 -37.57
N PHE R 526 2.64 68.65 -38.01
CA PHE R 526 2.34 70.07 -38.05
C PHE R 526 2.26 70.66 -36.66
N THR R 527 1.90 69.86 -35.66
CA THR R 527 1.95 70.38 -34.29
C THR R 527 3.36 70.33 -33.71
N ASP R 528 4.17 69.35 -34.13
CA ASP R 528 5.53 69.26 -33.64
C ASP R 528 6.46 70.26 -34.30
N LEU R 529 6.03 70.95 -35.37
CA LEU R 529 7.00 71.69 -36.16
C LEU R 529 7.62 72.80 -35.34
N GLU R 530 6.87 73.31 -34.37
CA GLU R 530 7.30 74.31 -33.41
C GLU R 530 7.68 73.66 -32.08
N ASN R 531 7.35 72.38 -31.94
CA ASN R 531 7.55 71.58 -30.73
C ASN R 531 8.89 70.87 -30.77
N ALA R 532 8.93 69.66 -30.20
CA ALA R 532 10.18 68.90 -30.12
C ALA R 532 10.92 68.83 -31.44
N PHE R 533 10.23 68.84 -32.59
CA PHE R 533 10.95 68.71 -33.84
C PHE R 533 11.81 69.94 -34.12
N GLN R 534 11.40 71.10 -33.61
CA GLN R 534 12.29 72.24 -33.56
C GLN R 534 13.52 71.93 -32.71
N GLY R 535 13.31 71.29 -31.57
CA GLY R 535 14.45 70.89 -30.75
C GLY R 535 15.36 69.93 -31.49
N LYS R 536 14.79 69.01 -32.26
CA LYS R 536 15.59 68.09 -33.05
C LYS R 536 16.43 68.87 -34.05
N ILE R 537 15.85 69.89 -34.67
CA ILE R 537 16.60 70.71 -35.61
C ILE R 537 17.73 71.43 -34.89
N ASP R 538 17.44 72.01 -33.73
CA ASP R 538 18.48 72.70 -32.98
C ASP R 538 19.58 71.75 -32.54
N ALA R 539 19.22 70.54 -32.13
CA ALA R 539 20.23 69.55 -31.75
C ALA R 539 21.08 69.16 -32.94
N ALA R 540 20.46 68.99 -34.10
CA ALA R 540 21.23 68.67 -35.30
C ALA R 540 22.17 69.81 -35.64
N TYR R 541 21.70 71.05 -35.48
CA TYR R 541 22.58 72.20 -35.67
C TYR R 541 23.79 72.10 -34.76
N PHE R 542 23.55 71.88 -33.47
CA PHE R 542 24.65 71.73 -32.52
C PHE R 542 25.59 70.60 -32.95
N GLU R 543 25.02 69.47 -33.37
CA GLU R 543 25.85 68.30 -33.66
C GLU R 543 26.70 68.52 -34.90
N THR R 544 26.10 69.05 -35.96
CA THR R 544 26.83 69.32 -37.19
C THR R 544 27.88 70.38 -36.95
N SER R 545 27.55 71.41 -36.15
CA SER R 545 28.54 72.42 -35.85
C SER R 545 29.72 71.83 -35.09
N LYS R 546 29.44 70.94 -34.13
CA LYS R 546 30.54 70.32 -33.40
C LYS R 546 31.41 69.48 -34.31
N TYR R 547 30.80 68.72 -35.22
CA TYR R 547 31.60 67.91 -36.13
C TYR R 547 32.43 68.78 -37.06
N LEU R 548 31.84 69.86 -37.58
CA LEU R 548 32.58 70.80 -38.41
C LEU R 548 33.76 71.40 -37.64
N LEU R 549 33.52 71.84 -36.42
CA LEU R 549 34.60 72.46 -35.66
C LEU R 549 35.71 71.46 -35.39
N ASP R 550 35.34 70.20 -35.12
CA ASP R 550 36.34 69.16 -34.96
C ASP R 550 37.19 69.04 -36.22
N VAL R 551 36.53 68.97 -37.37
CA VAL R 551 37.25 68.82 -38.63
C VAL R 551 38.17 70.00 -38.87
N LEU R 552 37.65 71.21 -38.68
CA LEU R 552 38.42 72.41 -38.95
C LEU R 552 39.58 72.55 -37.99
N ASN R 553 39.44 72.05 -36.76
CA ASN R 553 40.50 72.15 -35.77
C ASN R 553 41.57 71.11 -36.00
N LYS R 554 41.20 69.95 -36.54
CA LYS R 554 42.15 68.84 -36.64
C LYS R 554 42.83 68.77 -37.99
N LYS R 555 42.12 69.06 -39.08
CA LYS R 555 42.68 68.88 -40.41
C LYS R 555 43.17 70.17 -41.05
N TYR R 556 42.62 71.33 -40.68
CA TYR R 556 43.07 72.59 -41.25
C TYR R 556 43.51 73.61 -40.20
N SER R 557 43.57 73.21 -38.93
CA SER R 557 44.28 73.95 -37.90
C SER R 557 44.04 75.46 -38.00
N LEU R 558 42.77 75.84 -38.08
CA LEU R 558 42.46 77.27 -38.22
C LEU R 558 43.05 78.06 -37.06
N LEU R 559 42.93 77.53 -35.85
CA LEU R 559 43.45 78.24 -34.68
C LEU R 559 44.96 78.38 -34.77
N ASP R 560 45.64 77.32 -35.21
CA ASP R 560 47.09 77.37 -35.30
C ASP R 560 47.51 78.37 -36.37
N HIS R 561 46.73 78.50 -37.45
CA HIS R 561 47.03 79.51 -38.44
C HIS R 561 46.85 80.90 -37.85
N MET R 562 45.81 81.08 -37.05
CA MET R 562 45.63 82.34 -36.34
C MET R 562 46.86 82.65 -35.49
N GLN R 563 47.32 81.67 -34.71
CA GLN R 563 48.43 81.92 -33.78
C GLN R 563 49.72 82.17 -34.53
N ALA R 564 49.94 81.45 -35.63
CA ALA R 564 51.09 81.73 -36.48
C ALA R 564 51.03 83.15 -37.00
N MET R 565 49.85 83.60 -37.41
CA MET R 565 49.75 84.92 -38.01
C MET R 565 49.90 86.01 -36.95
N ARG R 566 49.50 85.72 -35.72
CA ARG R 566 49.82 86.65 -34.64
C ARG R 566 51.32 86.71 -34.39
N ARG R 567 51.99 85.55 -34.36
CA ARG R 567 53.44 85.55 -34.14
C ARG R 567 54.17 86.31 -35.24
N TYR R 568 53.82 86.04 -36.50
CA TYR R 568 54.64 86.45 -37.63
C TYR R 568 54.05 87.59 -38.46
N LEU R 569 52.76 87.51 -38.77
CA LEU R 569 52.10 88.54 -39.56
C LEU R 569 51.63 89.71 -38.72
N LEU R 570 51.44 89.49 -37.43
CA LEU R 570 51.17 90.55 -36.47
C LEU R 570 52.43 90.91 -35.70
N LEU R 571 53.57 90.39 -36.13
CA LEU R 571 54.86 90.70 -35.51
C LEU R 571 54.85 90.28 -34.06
N GLY R 572 54.24 89.13 -33.78
CA GLY R 572 54.15 88.67 -32.41
C GLY R 572 55.51 88.30 -31.89
N GLN R 573 56.35 87.74 -32.76
CA GLN R 573 57.76 87.56 -32.46
C GLN R 573 58.48 88.77 -33.04
N GLY R 574 58.85 89.71 -32.17
CA GLY R 574 59.55 90.91 -32.62
C GLY R 574 60.96 90.64 -33.07
N ASP R 575 61.53 89.52 -32.62
CA ASP R 575 62.91 89.18 -32.96
C ASP R 575 63.04 88.84 -34.43
N PHE R 576 62.11 88.05 -34.96
CA PHE R 576 62.16 87.70 -36.37
C PHE R 576 62.16 88.96 -37.24
N ILE R 577 61.27 89.90 -36.95
CA ILE R 577 61.21 91.13 -37.73
C ILE R 577 62.47 91.98 -37.53
N ARG R 578 62.96 92.07 -36.29
CA ARG R 578 64.17 92.86 -36.04
C ARG R 578 65.37 92.28 -36.78
N HIS R 579 65.51 90.95 -36.77
CA HIS R 579 66.62 90.32 -37.45
C HIS R 579 66.47 90.40 -38.95
N LEU R 580 65.22 90.29 -39.44
CA LEU R 580 64.97 90.45 -40.86
C LEU R 580 65.37 91.83 -41.35
N MET R 581 65.06 92.87 -40.57
CA MET R 581 65.49 94.22 -40.94
C MET R 581 67.00 94.37 -40.80
N ASP R 582 67.61 93.73 -39.79
CA ASP R 582 69.06 93.73 -39.69
C ASP R 582 69.71 93.15 -40.93
N LEU R 583 69.22 92.00 -41.39
CA LEU R 583 69.78 91.37 -42.57
C LEU R 583 69.47 92.17 -43.83
N LEU R 584 68.31 92.82 -43.88
CA LEU R 584 67.87 93.49 -45.09
C LEU R 584 68.47 94.89 -45.24
N LYS R 585 68.95 95.49 -44.16
CA LYS R 585 69.42 96.87 -44.28
C LYS R 585 70.47 96.99 -45.36
N PRO R 586 71.44 96.08 -45.50
CA PRO R 586 72.36 96.17 -46.64
C PRO R 586 71.66 96.02 -47.97
N GLU R 587 70.47 95.41 -47.98
CA GLU R 587 69.65 95.33 -49.18
C GLU R 587 68.63 96.46 -49.20
N LEU R 588 67.90 96.65 -48.10
CA LEU R 588 66.74 97.52 -48.11
C LEU R 588 67.15 99.00 -48.14
N VAL R 589 68.40 99.29 -47.79
CA VAL R 589 68.90 100.65 -47.96
C VAL R 589 69.14 100.94 -49.44
N ARG R 590 69.31 99.90 -50.25
CA ARG R 590 69.48 100.08 -51.68
C ARG R 590 68.17 100.54 -52.32
N PRO R 591 68.25 101.25 -53.44
CA PRO R 591 67.04 101.52 -54.22
C PRO R 591 66.36 100.22 -54.60
N ALA R 592 65.03 100.25 -54.63
CA ALA R 592 64.28 99.01 -54.81
C ALA R 592 64.61 98.34 -56.14
N THR R 593 65.16 99.09 -57.09
CA THR R 593 65.45 98.54 -58.41
C THR R 593 66.56 97.50 -58.37
N THR R 594 67.30 97.40 -57.27
CA THR R 594 68.39 96.45 -57.14
C THR R 594 68.03 95.26 -56.27
N LEU R 595 66.80 95.21 -55.78
CA LEU R 595 66.33 94.07 -55.01
C LEU R 595 65.92 92.97 -55.96
N TYR R 596 66.37 91.75 -55.70
CA TYR R 596 65.97 90.60 -56.49
C TYR R 596 65.46 89.49 -55.59
N GLN R 597 64.39 88.83 -56.04
CA GLN R 597 63.61 87.97 -55.16
C GLN R 597 64.45 86.81 -54.64
N HIS R 598 65.32 86.27 -55.49
CA HIS R 598 66.02 85.04 -55.14
C HIS R 598 66.93 85.27 -53.94
N ASN R 599 67.59 86.43 -53.88
CA ASN R 599 68.42 86.73 -52.72
C ASN R 599 67.59 86.76 -51.46
N LEU R 600 66.39 87.32 -51.53
CA LEU R 600 65.57 87.45 -50.33
C LEU R 600 64.98 86.10 -49.91
N THR R 601 64.67 85.23 -50.87
CA THR R 601 64.22 83.89 -50.51
C THR R 601 65.36 83.06 -49.90
N GLY R 602 66.57 83.21 -50.43
CA GLY R 602 67.73 82.59 -49.78
C GLY R 602 67.92 83.11 -48.37
N ILE R 603 67.74 84.42 -48.19
CA ILE R 603 67.89 85.00 -46.85
C ILE R 603 66.80 84.48 -45.93
N LEU R 604 65.59 84.33 -46.45
CA LEU R 604 64.50 83.77 -45.65
C LEU R 604 64.82 82.35 -45.21
N GLU R 605 65.32 81.51 -46.12
CA GLU R 605 65.72 80.17 -45.74
C GLU R 605 66.79 80.19 -44.66
N THR R 606 67.81 81.05 -44.83
CA THR R 606 68.86 81.15 -43.84
C THR R 606 68.32 81.64 -42.51
N ALA R 607 67.44 82.64 -42.53
CA ALA R 607 66.87 83.16 -41.30
C ALA R 607 66.04 82.09 -40.59
N VAL R 608 65.27 81.33 -41.35
CA VAL R 608 64.47 80.27 -40.74
C VAL R 608 65.38 79.27 -40.06
N ARG R 609 66.44 78.85 -40.74
CA ARG R 609 67.28 77.81 -40.16
C ARG R 609 68.10 78.36 -38.99
N ALA R 610 68.47 79.64 -39.04
CA ALA R 610 69.25 80.29 -37.99
C ALA R 610 68.40 80.78 -36.82
N THR R 611 67.08 80.78 -36.92
CA THR R 611 66.21 81.25 -35.85
C THR R 611 65.39 80.10 -35.28
N ASN R 612 64.63 80.43 -34.23
CA ASN R 612 63.71 79.47 -33.63
C ASN R 612 62.45 79.28 -34.46
N ALA R 613 62.22 80.12 -35.47
CA ALA R 613 61.05 79.98 -36.31
C ALA R 613 61.05 78.64 -37.04
N GLN R 614 62.21 77.99 -37.13
CA GLN R 614 62.31 76.70 -37.80
C GLN R 614 61.46 75.64 -37.11
N PHE R 615 61.10 75.85 -35.85
CA PHE R 615 60.28 74.90 -35.11
C PHE R 615 58.79 75.20 -35.20
N ASP R 616 58.40 76.25 -35.91
CA ASP R 616 57.00 76.43 -36.24
C ASP R 616 56.52 75.34 -37.19
N SER R 617 55.24 74.99 -37.06
CA SER R 617 54.65 73.93 -37.86
C SER R 617 55.02 74.10 -39.33
N PRO R 618 55.29 73.02 -40.06
CA PRO R 618 55.76 73.19 -41.43
C PRO R 618 54.68 73.79 -42.31
N GLU R 619 53.40 73.63 -41.98
CA GLU R 619 52.36 74.28 -42.76
C GLU R 619 52.45 75.79 -42.60
N ILE R 620 52.84 76.24 -41.41
CA ILE R 620 53.04 77.67 -41.17
C ILE R 620 54.24 78.15 -41.96
N LEU R 621 55.32 77.38 -41.91
CA LEU R 621 56.53 77.79 -42.59
C LEU R 621 56.27 77.88 -44.09
N LYS R 622 55.60 76.87 -44.64
CA LYS R 622 55.37 76.82 -46.07
C LYS R 622 54.49 77.98 -46.54
N ARG R 623 53.80 78.64 -45.62
CA ARG R 623 52.97 79.78 -45.97
C ARG R 623 53.60 81.08 -45.52
N LEU R 624 54.75 81.03 -44.85
CA LEU R 624 55.46 82.23 -44.43
C LEU R 624 56.29 82.71 -45.61
N ASP R 625 55.80 83.72 -46.33
CA ASP R 625 56.39 84.15 -47.58
C ASP R 625 56.94 85.58 -47.49
N VAL R 626 57.82 85.90 -48.42
CA VAL R 626 58.25 87.27 -48.68
C VAL R 626 57.39 87.84 -49.80
N ARG R 627 56.78 89.00 -49.57
CA ARG R 627 56.06 89.72 -50.60
C ARG R 627 56.87 90.94 -51.05
N LEU R 628 57.15 91.01 -52.34
CA LEU R 628 57.70 92.22 -52.93
C LEU R 628 56.55 93.15 -53.29
N LEU R 629 56.71 94.42 -52.95
CA LEU R 629 55.63 95.38 -53.14
C LEU R 629 55.73 95.94 -54.55
N GLU R 630 54.80 96.81 -54.91
CA GLU R 630 54.86 97.45 -56.21
C GLU R 630 56.05 98.41 -56.26
N VAL R 631 56.85 98.29 -57.31
CA VAL R 631 58.06 99.10 -57.42
C VAL R 631 57.68 100.44 -58.03
N SER R 632 57.95 101.52 -57.30
CA SER R 632 57.76 102.87 -57.80
C SER R 632 59.01 103.70 -57.51
N PRO R 633 59.41 104.59 -58.42
CA PRO R 633 60.59 105.41 -58.15
C PRO R 633 60.37 106.24 -56.89
N GLY R 634 61.48 106.78 -56.37
CA GLY R 634 61.41 107.51 -55.12
C GLY R 634 61.36 106.65 -53.89
N ASP R 635 61.72 105.37 -54.01
CA ASP R 635 61.66 104.44 -52.89
C ASP R 635 62.97 103.67 -52.85
N THR R 636 63.25 103.09 -51.68
CA THR R 636 64.36 102.17 -51.55
C THR R 636 63.90 100.86 -50.94
N GLY R 637 64.80 99.89 -50.94
CA GLY R 637 64.44 98.55 -50.52
C GLY R 637 63.80 98.54 -49.14
N TRP R 638 64.18 99.47 -48.27
CA TRP R 638 63.52 99.54 -46.97
C TRP R 638 62.03 99.74 -47.14
N ASP R 639 61.64 100.59 -48.09
CA ASP R 639 60.24 100.88 -48.32
C ASP R 639 59.58 99.83 -49.20
N VAL R 640 60.38 99.03 -49.89
CA VAL R 640 59.87 98.06 -50.87
C VAL R 640 59.79 96.63 -50.35
N PHE R 641 60.50 96.29 -49.27
CA PHE R 641 60.38 94.97 -48.68
C PHE R 641 59.02 94.77 -48.02
N SER R 642 58.38 93.65 -48.34
CA SER R 642 57.19 93.19 -47.64
C SER R 642 57.27 91.68 -47.43
N LEU R 643 56.76 91.23 -46.28
CA LEU R 643 56.48 89.82 -46.08
C LEU R 643 55.13 89.46 -46.70
N ASP R 644 54.94 88.17 -46.98
CA ASP R 644 53.66 87.67 -47.50
C ASP R 644 53.33 86.34 -46.83
N TYR R 645 52.04 86.10 -46.66
CA TYR R 645 51.54 84.82 -46.15
C TYR R 645 50.50 84.24 -47.10
N HIS R 646 50.84 83.16 -47.79
CA HIS R 646 49.85 82.57 -48.68
C HIS R 646 48.85 81.76 -47.87
N VAL R 647 47.65 81.60 -48.42
CA VAL R 647 46.60 80.84 -47.78
C VAL R 647 45.94 79.92 -48.79
N ASP R 648 45.46 78.77 -48.31
CA ASP R 648 44.70 77.86 -49.14
C ASP R 648 43.78 77.02 -48.25
N GLY R 649 42.81 76.37 -48.89
CA GLY R 649 41.89 75.50 -48.19
C GLY R 649 40.95 76.26 -47.27
N PRO R 650 40.49 75.57 -46.22
CA PRO R 650 39.65 76.26 -45.23
C PRO R 650 40.36 77.44 -44.58
N ILE R 651 41.69 77.37 -44.44
CA ILE R 651 42.42 78.50 -43.88
C ILE R 651 42.15 79.74 -44.70
N ALA R 652 42.04 79.58 -46.01
CA ALA R 652 41.76 80.75 -46.84
C ALA R 652 40.34 81.23 -46.61
N THR R 653 39.47 80.34 -46.14
CA THR R 653 38.12 80.76 -45.78
C THR R 653 38.19 81.62 -44.53
N VAL R 654 39.22 81.42 -43.71
CA VAL R 654 39.39 82.18 -42.50
C VAL R 654 40.02 83.53 -42.82
N PHE R 655 40.92 83.55 -43.79
CA PHE R 655 41.65 84.76 -44.16
C PHE R 655 41.28 85.08 -45.60
N THR R 656 40.34 85.99 -45.79
CA THR R 656 39.84 86.31 -47.12
C THR R 656 40.68 87.42 -47.74
N ARG R 657 40.39 87.73 -49.01
CA ARG R 657 41.19 88.76 -49.68
C ARG R 657 41.12 90.08 -48.92
N GLU R 658 39.98 90.36 -48.28
CA GLU R 658 39.88 91.56 -47.47
C GLU R 658 40.75 91.42 -46.23
N CYS R 659 40.72 90.23 -45.63
CA CYS R 659 41.62 89.92 -44.52
C CYS R 659 43.07 90.12 -44.92
N MET R 660 43.44 89.62 -46.11
CA MET R 660 44.83 89.73 -46.51
C MET R 660 45.21 91.17 -46.81
N SER R 661 44.30 91.97 -47.35
CA SER R 661 44.61 93.38 -47.56
C SER R 661 44.71 94.13 -46.23
N HIS R 662 43.91 93.74 -45.25
CA HIS R 662 44.04 94.31 -43.92
C HIS R 662 45.40 93.96 -43.32
N TYR R 663 45.77 92.68 -43.38
CA TYR R 663 47.08 92.26 -42.90
C TYR R 663 48.18 93.03 -43.62
N LEU R 664 48.02 93.27 -44.92
CA LEU R 664 49.03 93.98 -45.68
C LEU R 664 49.16 95.43 -45.23
N ARG R 665 48.02 96.11 -45.06
CA ARG R 665 48.06 97.47 -44.54
C ARG R 665 48.71 97.51 -43.17
N ALA R 666 48.37 96.57 -42.30
CA ALA R 666 48.99 96.50 -40.99
C ALA R 666 50.49 96.33 -41.11
N PHE R 667 50.91 95.42 -41.99
CA PHE R 667 52.34 95.20 -42.20
C PHE R 667 53.00 96.49 -42.66
N ASN R 668 52.41 97.15 -43.65
CA ASN R 668 53.04 98.33 -44.23
C ASN R 668 53.09 99.50 -43.24
N PHE R 669 52.21 99.53 -42.25
CA PHE R 669 52.34 100.54 -41.21
C PHE R 669 53.37 100.13 -40.16
N LEU R 670 53.29 98.90 -39.69
CA LEU R 670 54.14 98.46 -38.58
C LEU R 670 55.58 98.35 -39.02
N TRP R 671 55.82 97.93 -40.26
CA TRP R 671 57.16 97.92 -40.80
C TRP R 671 57.77 99.31 -40.81
N ARG R 672 57.00 100.32 -41.21
CA ARG R 672 57.52 101.67 -41.20
C ARG R 672 57.80 102.15 -39.78
N ALA R 673 56.93 101.79 -38.83
CA ALA R 673 57.21 102.12 -37.43
C ALA R 673 58.47 101.44 -36.92
N LYS R 674 58.67 100.16 -37.26
CA LYS R 674 59.87 99.45 -36.83
C LYS R 674 61.12 100.03 -37.48
N ARG R 675 61.02 100.37 -38.76
CA ARG R 675 62.12 101.05 -39.44
C ARG R 675 62.50 102.33 -38.72
N VAL R 676 61.50 103.14 -38.35
CA VAL R 676 61.81 104.42 -37.72
C VAL R 676 62.40 104.20 -36.33
N GLU R 677 61.93 103.19 -35.61
CA GLU R 677 62.49 102.89 -34.30
C GLU R 677 63.94 102.45 -34.42
N TYR R 678 64.23 101.55 -35.37
CA TYR R 678 65.61 101.17 -35.62
C TYR R 678 66.45 102.38 -36.03
N ILE R 679 65.91 103.23 -36.89
CA ILE R 679 66.64 104.39 -37.36
C ILE R 679 67.04 105.28 -36.19
N LEU R 680 66.08 105.60 -35.33
CA LEU R 680 66.38 106.49 -34.21
C LEU R 680 67.31 105.80 -33.21
N THR R 681 67.15 104.50 -33.02
CA THR R 681 68.06 103.78 -32.12
C THR R 681 69.49 103.81 -32.63
N ASP R 682 69.67 103.61 -33.94
CA ASP R 682 71.02 103.65 -34.50
C ASP R 682 71.56 105.08 -34.54
N ILE R 683 70.69 106.07 -34.76
CA ILE R 683 71.13 107.45 -34.68
C ILE R 683 71.66 107.76 -33.29
N ARG R 684 70.94 107.33 -32.26
CA ARG R 684 71.41 107.55 -30.91
C ARG R 684 72.67 106.75 -30.61
N LYS R 685 72.75 105.52 -31.11
CA LYS R 685 73.96 104.72 -30.94
C LYS R 685 75.17 105.46 -31.50
N GLY R 686 75.08 105.91 -32.75
CA GLY R 686 76.17 106.66 -33.34
C GLY R 686 76.48 107.94 -32.60
N HIS R 687 75.43 108.69 -32.21
CA HIS R 687 75.61 109.88 -31.40
C HIS R 687 76.45 109.57 -30.17
N MET R 688 76.02 108.59 -29.38
CA MET R 688 76.58 108.37 -28.06
C MET R 688 77.91 107.62 -28.13
N CYS R 689 78.21 106.99 -29.26
CA CYS R 689 79.54 106.43 -29.45
C CYS R 689 80.51 107.52 -29.87
N ASN R 690 80.12 108.36 -30.83
CA ASN R 690 81.04 109.38 -31.28
C ASN R 690 81.24 110.44 -30.22
N ALA R 691 80.26 110.65 -29.33
CA ALA R 691 80.44 111.57 -28.23
C ALA R 691 81.34 111.02 -27.14
N ARG R 692 81.47 109.68 -27.07
CA ARG R 692 82.51 109.08 -26.25
C ARG R 692 83.88 109.26 -26.87
N LEU R 693 83.98 109.04 -28.18
CA LEU R 693 85.28 109.19 -28.83
C LEU R 693 85.72 110.65 -28.76
N LEU R 694 84.85 111.57 -29.16
CA LEU R 694 85.17 112.98 -29.27
C LEU R 694 84.93 113.75 -27.98
N ARG R 695 84.65 113.07 -26.86
CA ARG R 695 84.59 113.78 -25.60
C ARG R 695 85.94 114.43 -25.29
N SER R 696 87.02 113.77 -25.69
CA SER R 696 88.36 114.29 -25.42
C SER R 696 88.53 115.68 -25.99
N MET R 697 87.84 115.97 -27.10
CA MET R 697 87.84 117.32 -27.68
C MET R 697 86.57 118.06 -27.27
N PRO R 698 86.69 119.13 -26.49
CA PRO R 698 85.49 119.84 -26.02
C PRO R 698 84.75 120.58 -27.11
N GLU R 699 85.38 120.88 -28.25
CA GLU R 699 84.77 121.76 -29.24
C GLU R 699 83.37 121.27 -29.62
N PHE R 700 83.14 119.97 -29.59
CA PHE R 700 81.91 119.41 -30.12
C PHE R 700 80.78 119.42 -29.11
N SER R 701 81.09 119.70 -27.84
CA SER R 701 80.16 119.40 -26.76
C SER R 701 78.81 120.10 -26.93
N GLY R 702 78.80 121.35 -27.39
CA GLY R 702 77.53 122.02 -27.56
C GLY R 702 76.63 121.32 -28.56
N VAL R 703 77.22 120.86 -29.66
CA VAL R 703 76.47 120.06 -30.63
C VAL R 703 76.01 118.77 -29.99
N LEU R 704 76.94 118.06 -29.34
CA LEU R 704 76.60 116.82 -28.67
C LEU R 704 75.39 116.99 -27.75
N HIS R 705 75.45 117.97 -26.86
CA HIS R 705 74.37 118.19 -25.91
C HIS R 705 73.05 118.52 -26.60
N HIS R 706 73.09 119.41 -27.61
CA HIS R 706 71.84 119.76 -28.28
C HIS R 706 71.26 118.56 -29.01
N CYS R 707 72.13 117.72 -29.57
CA CYS R 707 71.67 116.56 -30.29
C CYS R 707 71.15 115.51 -29.32
N HIS R 708 71.86 115.28 -28.23
CA HIS R 708 71.39 114.34 -27.21
C HIS R 708 70.02 114.75 -26.70
N ILE R 709 69.78 116.05 -26.51
CA ILE R 709 68.47 116.51 -26.05
C ILE R 709 67.41 116.24 -27.11
N LEU R 710 67.67 116.64 -28.36
CA LEU R 710 66.70 116.37 -29.41
C LEU R 710 66.42 114.89 -29.53
N ALA R 711 67.48 114.08 -29.55
CA ALA R 711 67.36 112.63 -29.66
C ALA R 711 66.58 112.05 -28.49
N SER R 712 66.78 112.56 -27.28
CA SER R 712 66.06 112.01 -26.15
C SER R 712 64.58 112.34 -26.26
N GLU R 713 64.26 113.55 -26.74
CA GLU R 713 62.87 113.91 -26.96
C GLU R 713 62.23 112.98 -27.99
N MET R 714 62.87 112.84 -29.15
CA MET R 714 62.44 111.89 -30.15
C MET R 714 62.27 110.48 -29.59
N VAL R 715 63.25 110.02 -28.80
CA VAL R 715 63.19 108.67 -28.25
C VAL R 715 61.97 108.52 -27.37
N HIS R 716 61.70 109.51 -26.53
CA HIS R 716 60.50 109.47 -25.69
C HIS R 716 59.26 109.36 -26.57
N PHE R 717 59.11 110.27 -27.52
CA PHE R 717 57.90 110.30 -28.34
C PHE R 717 57.69 108.97 -29.05
N ILE R 718 58.71 108.52 -29.78
CA ILE R 718 58.60 107.28 -30.54
C ILE R 718 58.29 106.09 -29.63
N HIS R 719 58.98 106.00 -28.49
CA HIS R 719 58.73 104.90 -27.57
C HIS R 719 57.28 104.92 -27.08
N GLN R 720 56.80 106.12 -26.71
CA GLN R 720 55.41 106.23 -26.26
C GLN R 720 54.45 105.78 -27.35
N MET R 721 54.69 106.24 -28.58
CA MET R 721 53.76 105.92 -29.66
C MET R 721 53.75 104.42 -29.95
N GLN R 722 54.93 103.79 -29.88
CA GLN R 722 54.98 102.35 -30.11
C GLN R 722 54.34 101.58 -28.96
N TYR R 723 54.54 102.02 -27.71
CA TYR R 723 53.82 101.40 -26.60
C TYR R 723 52.31 101.54 -26.75
N TYR R 724 51.86 102.67 -27.30
CA TYR R 724 50.44 102.86 -27.52
C TYR R 724 49.93 101.90 -28.59
N VAL R 725 50.68 101.76 -29.68
CA VAL R 725 50.19 100.88 -30.73
C VAL R 725 50.19 99.45 -30.23
N THR R 726 51.21 99.10 -29.46
CA THR R 726 51.41 97.73 -28.98
C THR R 726 50.33 97.32 -28.01
N PHE R 727 49.95 98.20 -27.08
CA PHE R 727 48.95 97.78 -26.11
C PHE R 727 47.54 98.06 -26.61
N GLU R 728 47.28 99.25 -27.15
CA GLU R 728 45.93 99.62 -27.52
C GLU R 728 45.45 98.97 -28.82
N VAL R 729 46.36 98.45 -29.66
CA VAL R 729 45.99 97.76 -30.87
C VAL R 729 46.22 96.27 -30.74
N LEU R 730 47.47 95.86 -30.56
CA LEU R 730 47.79 94.44 -30.65
C LEU R 730 47.27 93.69 -29.45
N GLU R 731 47.46 94.24 -28.24
CA GLU R 731 47.09 93.50 -27.05
C GLU R 731 45.58 93.37 -26.99
N CYS R 732 44.86 94.46 -27.22
CA CYS R 732 43.41 94.43 -27.17
C CYS R 732 42.82 93.56 -28.27
N SER R 733 43.34 93.67 -29.50
CA SER R 733 42.81 92.85 -30.58
C SER R 733 43.05 91.37 -30.33
N TRP R 734 44.24 91.00 -29.83
CA TRP R 734 44.51 89.60 -29.56
C TRP R 734 43.66 89.07 -28.42
N ASP R 735 43.45 89.87 -27.37
CA ASP R 735 42.60 89.41 -26.29
C ASP R 735 41.16 89.24 -26.75
N GLU R 736 40.65 90.20 -27.52
CA GLU R 736 39.33 90.08 -28.12
C GLU R 736 39.23 88.81 -28.95
N LEU R 737 40.19 88.61 -29.86
CA LEU R 737 40.17 87.44 -30.72
C LEU R 737 40.17 86.16 -29.90
N TRP R 738 41.03 86.07 -28.89
CA TRP R 738 41.17 84.81 -28.18
C TRP R 738 39.93 84.51 -27.34
N ASN R 739 39.39 85.51 -26.65
CA ASN R 739 38.12 85.32 -25.94
C ASN R 739 36.98 84.95 -26.89
N ARG R 740 36.94 85.56 -28.07
CA ARG R 740 35.84 85.27 -28.99
C ARG R 740 36.00 83.87 -29.54
N VAL R 741 37.20 83.50 -29.97
CA VAL R 741 37.39 82.21 -30.60
C VAL R 741 37.16 81.12 -29.57
N GLN R 742 37.61 81.35 -28.33
CA GLN R 742 37.45 80.34 -27.30
C GLN R 742 36.02 80.23 -26.85
N ARG R 743 35.17 81.23 -27.15
CA ARG R 743 33.74 81.08 -26.94
C ARG R 743 32.98 80.94 -28.25
N ALA R 744 33.66 80.66 -29.35
CA ALA R 744 32.99 80.49 -30.63
C ALA R 744 32.27 79.15 -30.69
N GLN R 745 31.01 79.18 -31.10
CA GLN R 745 30.24 77.96 -31.31
C GLN R 745 29.86 77.74 -32.77
N ASP R 746 30.05 78.73 -33.63
CA ASP R 746 29.61 78.65 -35.02
C ASP R 746 30.72 79.15 -35.93
N LEU R 747 30.69 78.69 -37.19
CA LEU R 747 31.68 79.18 -38.15
C LEU R 747 31.45 80.64 -38.43
N ASP R 748 30.19 81.05 -38.57
CA ASP R 748 29.89 82.46 -38.72
C ASP R 748 30.48 83.24 -37.57
N HIS R 749 30.30 82.72 -36.35
CA HIS R 749 30.83 83.36 -35.15
C HIS R 749 32.35 83.49 -35.22
N ILE R 750 33.04 82.41 -35.60
CA ILE R 750 34.49 82.47 -35.70
C ILE R 750 34.91 83.53 -36.71
N ILE R 751 34.23 83.58 -37.85
CA ILE R 751 34.58 84.57 -38.88
C ILE R 751 34.38 85.97 -38.33
N ALA R 752 33.25 86.19 -37.66
CA ALA R 752 32.97 87.50 -37.11
C ALA R 752 34.00 87.89 -36.06
N ALA R 753 34.41 86.93 -35.21
CA ALA R 753 35.42 87.22 -34.21
C ALA R 753 36.75 87.59 -34.84
N HIS R 754 37.14 86.90 -35.90
CA HIS R 754 38.40 87.24 -36.56
C HIS R 754 38.31 88.62 -37.20
N GLU R 755 37.16 88.92 -37.80
CA GLU R 755 36.96 90.26 -38.34
C GLU R 755 37.03 91.30 -37.24
N ALA R 756 36.45 91.02 -36.09
CA ALA R 756 36.49 91.96 -34.98
C ALA R 756 37.91 92.18 -34.49
N PHE R 757 38.69 91.10 -34.37
CA PHE R 757 40.10 91.25 -34.04
C PHE R 757 40.80 92.21 -35.00
N LEU R 758 40.64 91.96 -36.30
CA LEU R 758 41.32 92.81 -37.27
C LEU R 758 40.78 94.24 -37.25
N GLY R 759 39.48 94.40 -36.99
CA GLY R 759 38.91 95.73 -36.92
C GLY R 759 39.46 96.50 -35.73
N THR R 760 39.57 95.84 -34.58
CA THR R 760 40.16 96.47 -33.42
C THR R 760 41.61 96.87 -33.69
N VAL R 761 42.37 95.99 -34.35
CA VAL R 761 43.74 96.33 -34.67
C VAL R 761 43.79 97.56 -35.57
N ILE R 762 42.92 97.60 -36.57
CA ILE R 762 42.90 98.73 -37.51
C ILE R 762 42.53 100.02 -36.78
N SER R 763 41.49 99.94 -35.94
CA SER R 763 41.02 101.12 -35.24
C SER R 763 42.11 101.67 -34.35
N ARG R 764 42.78 100.80 -33.60
CA ARG R 764 43.80 101.32 -32.70
C ARG R 764 44.98 101.83 -33.51
N CYS R 765 45.29 101.17 -34.63
CA CYS R 765 46.42 101.55 -35.45
C CYS R 765 46.08 102.69 -36.40
N LEU R 766 44.94 103.37 -36.20
CA LEU R 766 44.58 104.51 -37.06
C LEU R 766 44.55 104.10 -38.53
N LEU R 767 43.83 103.03 -38.83
CA LEU R 767 43.66 102.55 -40.18
C LEU R 767 42.37 103.04 -40.83
N ASP R 768 41.64 103.93 -40.18
CA ASP R 768 40.38 104.41 -40.75
C ASP R 768 40.65 105.42 -41.86
N SER R 769 39.58 105.86 -42.51
CA SER R 769 39.64 106.94 -43.49
C SER R 769 39.43 108.31 -42.85
N ASP R 770 39.35 108.38 -41.53
CA ASP R 770 39.22 109.63 -40.82
C ASP R 770 40.48 109.99 -40.06
N SER R 771 41.34 109.01 -39.78
CA SER R 771 42.62 109.25 -39.14
C SER R 771 43.69 109.66 -40.13
N ARG R 772 43.32 109.89 -41.39
CA ARG R 772 44.31 110.10 -42.44
C ARG R 772 45.20 111.29 -42.11
N ALA R 773 44.63 112.32 -41.49
CA ALA R 773 45.42 113.50 -41.14
C ALA R 773 46.44 113.18 -40.06
N LEU R 774 46.01 112.50 -39.00
CA LEU R 774 46.95 112.10 -37.96
C LEU R 774 48.02 111.14 -38.51
N LEU R 775 47.63 110.28 -39.45
CA LEU R 775 48.60 109.42 -40.10
C LEU R 775 49.62 110.24 -40.88
N ASN R 776 49.15 111.26 -41.61
CA ASN R 776 50.07 112.11 -42.35
C ASN R 776 51.01 112.84 -41.40
N GLN R 777 50.48 113.29 -40.26
CA GLN R 777 51.32 113.97 -39.28
C GLN R 777 52.37 113.01 -38.69
N LEU R 778 51.96 111.80 -38.35
CA LEU R 778 52.91 110.76 -37.96
C LEU R 778 54.00 110.58 -39.01
N ARG R 779 53.60 110.48 -40.28
CA ARG R 779 54.58 110.27 -41.34
C ARG R 779 55.52 111.46 -41.46
N ALA R 780 55.00 112.67 -41.31
CA ALA R 780 55.83 113.86 -41.35
C ALA R 780 56.81 113.87 -40.18
N VAL R 781 56.37 113.45 -39.00
CA VAL R 781 57.26 113.33 -37.86
C VAL R 781 58.38 112.33 -38.16
N PHE R 782 58.01 111.20 -38.75
CA PHE R 782 59.02 110.23 -39.19
C PHE R 782 60.03 110.89 -40.13
N ASP R 783 59.53 111.62 -41.13
CA ASP R 783 60.42 112.21 -42.12
C ASP R 783 61.32 113.27 -41.50
N GLN R 784 60.79 114.04 -40.54
CA GLN R 784 61.62 114.99 -39.82
C GLN R 784 62.67 114.28 -38.99
N ILE R 785 62.35 113.10 -38.47
CA ILE R 785 63.34 112.33 -37.70
C ILE R 785 64.43 111.82 -38.65
N ILE R 786 64.05 111.40 -39.85
CA ILE R 786 65.03 111.04 -40.86
C ILE R 786 65.93 112.22 -41.19
N GLU R 787 65.34 113.42 -41.31
CA GLU R 787 66.13 114.61 -41.59
C GLU R 787 67.10 114.90 -40.47
N LEU R 788 66.64 114.75 -39.22
CA LEU R 788 67.53 114.96 -38.08
C LEU R 788 68.64 113.93 -38.07
N GLN R 789 68.34 112.69 -38.44
CA GLN R 789 69.37 111.67 -38.58
C GLN R 789 70.42 112.12 -39.58
N ASN R 790 69.99 112.58 -40.75
CA ASN R 790 70.94 113.02 -41.77
C ASN R 790 71.79 114.18 -41.26
N THR R 791 71.16 115.16 -40.61
CA THR R 791 71.89 116.31 -40.10
C THR R 791 72.89 115.88 -39.04
N GLN R 792 72.49 114.95 -38.17
CA GLN R 792 73.40 114.44 -37.14
C GLN R 792 74.58 113.74 -37.76
N ASP R 793 74.34 112.93 -38.80
CA ASP R 793 75.45 112.24 -39.46
C ASP R 793 76.40 113.25 -40.08
N ALA R 794 75.87 114.34 -40.63
CA ALA R 794 76.72 115.38 -41.19
C ALA R 794 77.56 116.04 -40.09
N ILE R 795 76.91 116.43 -39.00
CA ILE R 795 77.60 117.04 -37.87
C ILE R 795 78.73 116.13 -37.37
N TYR R 796 78.43 114.84 -37.19
CA TYR R 796 79.45 113.91 -36.72
C TYR R 796 80.58 113.77 -37.72
N ARG R 797 80.26 113.78 -39.02
CA ARG R 797 81.32 113.67 -40.03
C ARG R 797 82.23 114.89 -39.97
N ALA R 798 81.65 116.07 -39.81
CA ALA R 798 82.45 117.29 -39.67
C ALA R 798 83.33 117.22 -38.42
N ALA R 799 82.75 116.80 -37.29
CA ALA R 799 83.51 116.78 -36.06
C ALA R 799 84.64 115.76 -36.14
N LEU R 800 84.40 114.64 -36.82
CA LEU R 800 85.45 113.64 -36.96
C LEU R 800 86.52 114.08 -37.95
N GLU R 801 86.14 114.80 -39.00
CA GLU R 801 87.15 115.41 -39.86
C GLU R 801 88.03 116.38 -39.09
N GLU R 802 87.44 117.22 -38.25
CA GLU R 802 88.23 118.15 -37.45
C GLU R 802 89.14 117.41 -36.48
N LEU R 803 88.60 116.38 -35.82
CA LEU R 803 89.42 115.59 -34.90
C LEU R 803 90.57 114.91 -35.62
N GLN R 804 90.31 114.37 -36.82
CA GLN R 804 91.36 113.71 -37.59
C GLN R 804 92.43 114.69 -38.02
N ARG R 805 92.03 115.91 -38.40
CA ARG R 805 93.02 116.94 -38.74
C ARG R 805 93.89 117.27 -37.53
N ARG R 806 93.26 117.51 -36.37
CA ARG R 806 94.03 117.79 -35.16
C ARG R 806 94.97 116.64 -34.82
N LEU R 807 94.49 115.40 -34.95
CA LEU R 807 95.31 114.25 -34.60
C LEU R 807 96.47 114.08 -35.58
N GLN R 808 96.23 114.33 -36.87
CA GLN R 808 97.31 114.26 -37.84
C GLN R 808 98.34 115.35 -37.59
N PHE R 809 97.89 116.53 -37.15
CA PHE R 809 98.84 117.58 -36.78
C PHE R 809 99.68 117.16 -35.58
N GLU R 810 99.05 116.54 -34.58
CA GLU R 810 99.81 116.07 -33.42
C GLU R 810 100.80 114.97 -33.82
N GLU R 811 100.39 114.08 -34.71
CA GLU R 811 101.27 113.03 -35.18
C GLU R 811 102.47 113.62 -35.91
N LYS R 812 102.22 114.58 -36.80
CA LYS R 812 103.31 115.22 -37.52
C LYS R 812 104.25 115.93 -36.54
N LYS R 813 103.68 116.55 -35.50
CA LYS R 813 104.51 117.22 -34.49
C LYS R 813 105.41 116.22 -33.80
N LYS R 814 104.86 115.09 -33.38
CA LYS R 814 105.69 114.07 -32.73
C LYS R 814 106.75 113.54 -33.68
N GLN R 815 106.39 113.36 -34.96
CA GLN R 815 107.34 112.84 -35.93
C GLN R 815 108.51 113.80 -36.13
N ARG R 816 108.22 115.09 -36.25
CA ARG R 816 109.25 116.11 -36.36
C ARG R 816 110.10 116.15 -35.09
N ALA R 826 106.92 122.74 -37.31
CA ALA R 826 106.07 123.90 -37.55
C ALA R 826 104.90 123.52 -38.45
N ALA R 827 105.13 122.57 -39.37
CA ALA R 827 104.06 122.13 -40.24
C ALA R 827 102.95 121.45 -39.45
N GLU R 828 103.32 120.62 -38.47
CA GLU R 828 102.33 119.96 -37.64
C GLU R 828 101.54 120.96 -36.82
N GLU R 829 102.22 121.99 -36.30
CA GLU R 829 101.52 123.00 -35.51
C GLU R 829 100.57 123.81 -36.39
N GLU R 830 100.99 124.16 -37.61
CA GLU R 830 100.08 124.83 -38.54
C GLU R 830 98.88 123.96 -38.86
N GLN R 831 99.11 122.65 -39.04
CA GLN R 831 98.00 121.75 -39.31
C GLN R 831 97.06 121.64 -38.12
N GLU R 832 97.60 121.62 -36.91
CA GLU R 832 96.77 121.65 -35.71
C GLU R 832 95.94 122.92 -35.64
N LYS R 833 96.57 124.07 -35.93
CA LYS R 833 95.84 125.33 -35.95
C LYS R 833 94.71 125.29 -36.96
N ARG R 834 94.99 124.81 -38.17
CA ARG R 834 93.96 124.74 -39.21
C ARG R 834 92.83 123.80 -38.79
N ARG R 835 93.15 122.67 -38.16
CA ARG R 835 92.12 121.76 -37.71
C ARG R 835 91.26 122.40 -36.61
N VAL R 836 91.90 123.08 -35.66
CA VAL R 836 91.17 123.76 -34.60
C VAL R 836 90.24 124.81 -35.19
N GLN R 837 90.73 125.54 -36.20
CA GLN R 837 89.91 126.61 -36.77
C GLN R 837 88.75 126.02 -37.57
N GLU R 838 89.00 124.96 -38.33
CA GLU R 838 87.91 124.34 -39.07
C GLU R 838 86.86 123.77 -38.13
N PHE R 839 87.29 123.24 -36.99
CA PHE R 839 86.33 122.67 -36.04
C PHE R 839 85.52 123.77 -35.36
N GLN R 840 86.19 124.84 -34.93
CA GLN R 840 85.48 125.96 -34.33
C GLN R 840 84.50 126.60 -35.30
N GLU R 841 84.89 126.76 -36.57
CA GLU R 841 83.98 127.32 -37.55
C GLU R 841 82.86 126.36 -37.94
N SER R 842 83.07 125.05 -37.78
CA SER R 842 82.01 124.11 -38.07
C SER R 842 81.00 124.05 -36.92
N ILE R 843 81.48 124.19 -35.69
CA ILE R 843 80.59 124.04 -34.52
C ILE R 843 79.43 125.02 -34.56
N PRO R 844 79.60 126.30 -34.88
CA PRO R 844 78.43 127.19 -34.96
C PRO R 844 77.37 126.74 -35.97
N LYS R 845 77.78 126.20 -37.11
CA LYS R 845 76.80 125.71 -38.08
C LYS R 845 76.02 124.52 -37.52
N MET R 846 76.73 123.58 -36.91
CA MET R 846 76.05 122.42 -36.34
C MET R 846 75.11 122.82 -35.21
N CYS R 847 75.55 123.75 -34.36
CA CYS R 847 74.70 124.20 -33.26
C CYS R 847 73.44 124.89 -33.77
N SER R 848 73.58 125.74 -34.80
CA SER R 848 72.41 126.41 -35.34
C SER R 848 71.48 125.42 -36.04
N GLN R 849 72.05 124.45 -36.74
CA GLN R 849 71.25 123.41 -37.37
C GLN R 849 70.48 122.61 -36.34
N LEU R 850 71.14 122.20 -35.26
CA LEU R 850 70.46 121.44 -34.22
C LEU R 850 69.40 122.26 -33.51
N ARG R 851 69.65 123.57 -33.31
CA ARG R 851 68.62 124.43 -32.74
C ARG R 851 67.41 124.51 -33.65
N ILE R 852 67.63 124.67 -34.95
CA ILE R 852 66.51 124.75 -35.89
C ILE R 852 65.73 123.45 -35.90
N LEU R 853 66.45 122.32 -35.95
CA LEU R 853 65.80 121.02 -35.93
C LEU R 853 64.98 120.83 -34.65
N THR R 854 65.55 121.20 -33.51
CA THR R 854 64.82 121.08 -32.25
C THR R 854 63.55 121.92 -32.29
N HIS R 855 63.67 123.17 -32.73
CA HIS R 855 62.50 124.04 -32.79
C HIS R 855 61.41 123.43 -33.66
N PHE R 856 61.80 122.97 -34.86
CA PHE R 856 60.82 122.44 -35.80
C PHE R 856 60.19 121.17 -35.26
N TYR R 857 61.00 120.29 -34.66
CA TYR R 857 60.49 119.06 -34.10
C TYR R 857 59.50 119.35 -32.99
N GLN R 858 59.82 120.31 -32.12
CA GLN R 858 58.92 120.64 -31.03
C GLN R 858 57.61 121.22 -31.56
N GLY R 859 57.69 122.07 -32.58
CA GLY R 859 56.47 122.62 -33.16
C GLY R 859 55.61 121.53 -33.80
N VAL R 860 56.24 120.59 -34.49
CA VAL R 860 55.50 119.50 -35.10
C VAL R 860 54.88 118.61 -34.03
N VAL R 861 55.60 118.35 -32.95
CA VAL R 861 55.05 117.55 -31.87
C VAL R 861 53.89 118.27 -31.20
N GLN R 862 53.96 119.60 -31.11
CA GLN R 862 52.83 120.36 -30.59
C GLN R 862 51.62 120.24 -31.50
N GLN R 863 51.83 120.34 -32.82
CA GLN R 863 50.72 120.17 -33.74
C GLN R 863 50.13 118.76 -33.63
N PHE R 864 50.99 117.76 -33.51
CA PHE R 864 50.54 116.40 -33.24
C PHE R 864 49.69 116.33 -31.99
N LEU R 865 50.16 116.95 -30.90
CA LEU R 865 49.43 116.87 -29.64
C LEU R 865 48.07 117.55 -29.77
N VAL R 866 48.03 118.70 -30.45
CA VAL R 866 46.76 119.38 -30.69
C VAL R 866 45.80 118.46 -31.44
N SER R 867 46.28 117.81 -32.51
CA SER R 867 45.42 116.92 -33.24
C SER R 867 45.01 115.72 -32.39
N LEU R 868 45.88 115.30 -31.47
CA LEU R 868 45.48 114.23 -30.56
C LEU R 868 44.35 114.72 -29.67
N THR R 869 44.46 115.96 -29.17
CA THR R 869 43.49 116.47 -28.23
C THR R 869 42.15 116.64 -28.92
N THR R 870 42.17 116.78 -30.25
CA THR R 870 40.93 116.96 -30.98
C THR R 870 40.22 115.65 -31.23
N SER R 871 40.86 114.52 -30.90
CA SER R 871 40.33 113.21 -31.22
C SER R 871 39.26 112.80 -30.21
N SER R 872 38.47 111.80 -30.61
CA SER R 872 37.45 111.20 -29.75
C SER R 872 37.88 109.87 -29.15
N ASP R 873 39.06 109.35 -29.48
CA ASP R 873 39.46 108.03 -29.03
C ASP R 873 40.10 108.07 -27.65
N GLU R 874 39.62 107.18 -26.77
CA GLU R 874 40.13 107.16 -25.41
C GLU R 874 41.56 106.64 -25.39
N SER R 875 41.86 105.71 -26.28
CA SER R 875 43.22 105.19 -26.35
C SER R 875 44.17 106.31 -26.75
N LEU R 876 43.72 107.17 -27.67
CA LEU R 876 44.53 108.32 -28.06
C LEU R 876 44.63 109.35 -26.95
N ARG R 877 43.60 109.49 -26.12
CA ARG R 877 43.74 110.36 -24.95
C ARG R 877 44.74 109.81 -23.96
N PHE R 878 44.75 108.49 -23.79
CA PHE R 878 45.80 107.86 -23.00
C PHE R 878 47.18 108.09 -23.63
N LEU R 879 47.26 108.01 -24.96
CA LEU R 879 48.52 108.26 -25.62
C LEU R 879 49.00 109.68 -25.37
N SER R 880 48.10 110.65 -25.48
CA SER R 880 48.46 112.04 -25.24
C SER R 880 48.89 112.24 -23.80
N PHE R 881 48.33 111.46 -22.87
CA PHE R 881 48.78 111.56 -21.48
C PHE R 881 50.14 110.91 -21.29
N ARG R 882 50.36 109.76 -21.93
CA ARG R 882 51.62 109.04 -21.78
C ARG R 882 52.76 109.85 -22.35
N LEU R 883 52.53 110.51 -23.49
CA LEU R 883 53.60 111.22 -24.16
C LEU R 883 53.99 112.48 -23.41
N ASP R 884 53.04 113.07 -22.68
CA ASP R 884 53.24 114.32 -21.97
C ASP R 884 53.07 114.14 -20.46
N PHE R 885 53.45 112.97 -19.94
CA PHE R 885 53.27 112.71 -18.52
C PHE R 885 54.12 113.64 -17.67
N ASN R 886 55.37 113.88 -18.08
CA ASN R 886 56.21 114.84 -17.37
C ASN R 886 55.61 116.23 -17.45
N GLU R 887 54.78 116.48 -18.46
CA GLU R 887 54.33 117.83 -18.79
C GLU R 887 55.44 118.57 -19.52
N HIS R 888 56.26 117.84 -20.27
CA HIS R 888 57.34 118.52 -20.97
C HIS R 888 56.78 119.29 -22.16
N TYR R 889 55.66 118.83 -22.71
CA TYR R 889 54.91 119.56 -23.71
C TYR R 889 53.68 120.23 -23.11
N ARG R 890 53.44 120.01 -21.82
CA ARG R 890 52.47 120.77 -21.04
C ARG R 890 53.14 121.90 -20.29
N ALA R 891 54.40 122.16 -20.61
CA ALA R 891 55.11 123.36 -20.20
C ALA R 891 55.42 124.21 -21.43
N ARG R 892 54.99 123.76 -22.61
CA ARG R 892 55.21 124.46 -23.87
C ARG R 892 53.95 124.65 -24.68
N GLU R 893 52.90 123.87 -24.44
CA GLU R 893 51.57 124.13 -25.00
C GLU R 893 50.58 124.06 -23.85
N PRO R 894 49.91 125.17 -23.50
CA PRO R 894 48.96 125.14 -22.38
C PRO R 894 47.69 124.35 -22.70
N THR S 149 0.94 52.24 -87.38
CA THR S 149 0.28 51.31 -86.47
C THR S 149 1.25 50.83 -85.40
N TRP S 150 0.79 50.82 -84.15
CA TRP S 150 1.68 50.43 -83.06
C TRP S 150 2.27 49.06 -83.31
N GLN S 151 1.47 48.15 -83.87
CA GLN S 151 1.97 46.79 -84.12
C GLN S 151 3.21 46.84 -85.02
N GLN S 152 3.11 47.57 -86.13
CA GLN S 152 4.23 47.67 -87.08
C GLN S 152 5.42 48.37 -86.44
N SER S 153 5.18 49.44 -85.68
CA SER S 153 6.30 50.14 -85.06
C SER S 153 7.01 49.25 -84.06
N LEU S 154 6.25 48.46 -83.29
CA LEU S 154 6.86 47.54 -82.33
C LEU S 154 7.59 46.41 -83.03
N GLU S 155 7.08 45.95 -84.18
CA GLU S 155 7.82 44.92 -84.92
C GLU S 155 9.13 45.47 -85.47
N LEU S 156 9.13 46.72 -85.94
CA LEU S 156 10.37 47.35 -86.38
C LEU S 156 11.34 47.49 -85.22
N THR S 157 10.85 47.97 -84.08
CA THR S 157 11.71 48.10 -82.91
C THR S 157 12.28 46.76 -82.49
N ARG S 158 11.44 45.71 -82.48
CA ARG S 158 11.91 44.39 -82.07
C ARG S 158 12.96 43.87 -83.03
N LYS S 159 12.77 44.07 -84.33
CA LYS S 159 13.77 43.65 -85.30
C LYS S 159 15.08 44.38 -85.07
N MET S 160 15.03 45.69 -84.84
CA MET S 160 16.26 46.44 -84.60
C MET S 160 16.93 45.99 -83.31
N LEU S 161 16.14 45.69 -82.28
CA LEU S 161 16.70 45.23 -81.01
C LEU S 161 17.37 43.88 -81.17
N ARG S 162 16.74 42.97 -81.91
CA ARG S 162 17.37 41.69 -82.23
C ARG S 162 18.69 41.92 -82.96
N ASP S 163 18.69 42.78 -83.97
CA ASP S 163 19.91 43.01 -84.73
C ASP S 163 21.00 43.59 -83.84
N LYS S 164 20.63 44.45 -82.89
CA LYS S 164 21.64 45.07 -82.04
C LYS S 164 22.16 44.09 -81.01
N GLN S 165 21.30 43.18 -80.53
CA GLN S 165 21.76 42.20 -79.57
C GLN S 165 22.71 41.23 -80.26
N SER S 166 22.38 40.81 -81.48
CA SER S 166 23.29 39.91 -82.19
C SER S 166 24.59 40.62 -82.50
N LYS S 167 24.50 41.93 -82.79
CA LYS S 167 25.69 42.71 -83.12
C LYS S 167 26.59 42.87 -81.91
N LYS S 168 26.04 42.77 -80.70
CA LYS S 168 26.86 42.88 -79.51
C LYS S 168 27.27 41.51 -79.00
N ASN S 169 26.53 40.47 -79.36
CA ASN S 169 26.82 39.11 -78.96
C ASN S 169 27.73 38.43 -79.97
N SER S 170 28.15 39.14 -81.02
CA SER S 170 29.01 38.57 -82.05
C SER S 170 28.36 37.36 -82.70
N GLY S 171 27.03 37.34 -82.76
CA GLY S 171 26.30 36.28 -83.42
C GLY S 171 26.03 35.08 -82.56
N GLN S 172 26.20 35.17 -81.25
CA GLN S 172 25.72 34.11 -80.37
C GLN S 172 24.20 34.09 -80.39
N ARG S 173 23.63 32.90 -80.21
CA ARG S 173 22.18 32.79 -80.24
C ARG S 173 21.58 33.61 -79.10
N LEU S 174 20.47 34.27 -79.40
CA LEU S 174 19.64 35.00 -78.46
C LEU S 174 18.26 34.36 -78.42
N PRO S 175 17.53 34.51 -77.31
CA PRO S 175 16.17 33.97 -77.30
C PRO S 175 15.26 34.86 -78.13
N VAL S 176 14.33 34.24 -78.84
CA VAL S 176 13.36 34.93 -79.68
C VAL S 176 12.01 34.24 -79.50
N LEU S 177 10.97 35.04 -79.31
CA LEU S 177 9.66 34.45 -79.10
C LEU S 177 9.09 33.94 -80.41
N PRO S 178 8.56 32.73 -80.45
CA PRO S 178 7.96 32.23 -81.70
C PRO S 178 6.96 33.22 -82.24
N ALA S 179 6.90 33.33 -83.56
CA ALA S 179 6.19 34.45 -84.15
C ALA S 179 4.70 34.39 -83.83
N TRP S 180 4.15 33.19 -83.69
CA TRP S 180 2.70 33.06 -83.57
C TRP S 180 2.18 33.80 -82.34
N VAL S 181 3.05 34.10 -81.38
CA VAL S 181 2.62 34.85 -80.21
C VAL S 181 2.28 36.28 -80.59
N TYR S 182 3.08 36.86 -81.49
CA TYR S 182 2.92 38.24 -81.90
C TYR S 182 2.02 38.38 -83.12
N GLU S 183 1.85 37.30 -83.87
CA GLU S 183 1.13 37.28 -85.13
C GLU S 183 -0.30 36.82 -85.00
N ARG S 184 -0.84 36.76 -83.79
CA ARG S 184 -2.22 36.32 -83.57
C ARG S 184 -2.92 37.36 -82.69
N PRO S 185 -3.76 38.21 -83.27
CA PRO S 185 -4.51 39.17 -82.46
C PRO S 185 -5.46 38.52 -81.47
N ALA S 186 -5.96 37.32 -81.78
CA ALA S 186 -6.98 36.68 -80.96
C ALA S 186 -6.40 36.04 -79.70
N LEU S 187 -5.10 36.21 -79.45
CA LEU S 187 -4.49 35.80 -78.20
C LEU S 187 -3.82 36.97 -77.48
N LEU S 188 -4.03 38.19 -77.93
CA LEU S 188 -3.65 39.35 -77.15
C LEU S 188 -4.49 39.45 -75.87
N GLY S 189 -3.88 40.01 -74.84
CA GLY S 189 -4.56 40.36 -73.61
C GLY S 189 -5.12 41.76 -73.55
N ASP S 190 -4.87 42.58 -74.56
CA ASP S 190 -5.51 43.89 -74.66
C ASP S 190 -6.83 43.74 -75.40
N PHE S 191 -7.38 44.85 -75.91
CA PHE S 191 -8.62 44.77 -76.65
C PHE S 191 -8.39 44.14 -78.02
N LEU S 192 -9.47 43.61 -78.59
CA LEU S 192 -9.40 43.01 -79.92
C LEU S 192 -9.93 43.98 -80.95
N PRO S 193 -9.10 44.52 -81.84
CA PRO S 193 -9.56 45.45 -82.88
C PRO S 193 -10.21 44.72 -84.04
N ALA S 202 -28.67 43.78 -79.48
CA ALA S 202 -28.86 45.07 -78.80
C ALA S 202 -30.29 45.56 -78.99
N VAL S 203 -30.85 46.10 -77.91
CA VAL S 203 -32.16 46.75 -77.95
C VAL S 203 -31.95 48.26 -78.05
N PRO S 204 -32.68 48.96 -78.91
CA PRO S 204 -32.43 50.39 -79.06
C PRO S 204 -32.61 51.12 -77.73
N ILE S 205 -31.70 52.05 -77.46
CA ILE S 205 -31.60 52.59 -76.11
C ILE S 205 -32.71 53.59 -75.82
N GLY S 206 -33.26 54.24 -76.85
CA GLY S 206 -34.23 55.27 -76.55
C GLY S 206 -35.57 54.76 -76.11
N SER S 207 -35.81 53.45 -76.22
CA SER S 207 -37.02 52.85 -75.68
C SER S 207 -36.87 52.37 -74.25
N LEU S 208 -35.64 52.39 -73.68
CA LEU S 208 -35.55 51.90 -72.32
C LEU S 208 -35.80 53.02 -71.30
N PRO S 209 -36.43 52.67 -70.18
CA PRO S 209 -36.53 53.63 -69.08
C PRO S 209 -35.16 53.99 -68.56
N LEU S 210 -35.07 55.19 -67.98
CA LEU S 210 -33.76 55.73 -67.62
C LEU S 210 -33.00 54.72 -66.78
N ALA S 211 -33.66 54.12 -65.80
CA ALA S 211 -33.01 53.14 -64.94
C ALA S 211 -32.57 51.93 -65.74
N SER S 212 -33.38 51.53 -66.72
CA SER S 212 -32.96 50.44 -67.59
C SER S 212 -31.76 50.86 -68.42
N GLN S 213 -31.72 52.14 -68.80
CA GLN S 213 -30.54 52.65 -69.46
C GLN S 213 -29.31 52.50 -68.58
N GLU S 214 -29.44 52.87 -67.31
CA GLU S 214 -28.32 52.71 -66.38
C GLU S 214 -27.90 51.25 -66.26
N ALA S 215 -28.88 50.34 -66.20
CA ALA S 215 -28.54 48.93 -66.10
C ALA S 215 -27.76 48.46 -67.32
N ALA S 216 -28.28 48.77 -68.50
CA ALA S 216 -27.60 48.36 -69.73
C ALA S 216 -26.22 48.98 -69.80
N VAL S 217 -26.09 50.24 -69.39
CA VAL S 217 -24.81 50.91 -69.41
C VAL S 217 -23.84 50.18 -68.49
N VAL S 218 -24.31 49.80 -67.31
CA VAL S 218 -23.43 49.14 -66.37
C VAL S 218 -23.00 47.78 -66.89
N GLU S 219 -23.90 47.10 -67.59
CA GLU S 219 -23.53 45.86 -68.25
C GLU S 219 -22.43 46.08 -69.29
N ASP S 220 -22.65 47.04 -70.18
CA ASP S 220 -21.63 47.33 -71.19
C ASP S 220 -20.31 47.70 -70.53
N LEU S 221 -20.37 48.50 -69.46
CA LEU S 221 -19.15 48.90 -68.77
C LEU S 221 -18.43 47.69 -68.21
N LEU S 222 -19.18 46.79 -67.59
CA LEU S 222 -18.55 45.62 -66.98
C LEU S 222 -17.92 44.74 -68.04
N TYR S 223 -18.52 44.68 -69.22
CA TYR S 223 -17.85 44.04 -70.36
C TYR S 223 -16.59 44.80 -70.74
N VAL S 224 -16.67 46.12 -70.83
CA VAL S 224 -15.59 46.94 -71.36
C VAL S 224 -14.39 47.02 -70.42
N LEU S 225 -14.59 46.81 -69.12
CA LEU S 225 -13.46 46.87 -68.21
C LEU S 225 -12.52 45.70 -68.37
N VAL S 226 -12.94 44.65 -69.06
CA VAL S 226 -12.10 43.48 -69.28
C VAL S 226 -11.73 43.36 -70.75
N GLY S 227 -11.83 44.44 -71.51
CA GLY S 227 -11.48 44.38 -72.91
C GLY S 227 -12.51 43.63 -73.73
N VAL S 228 -13.79 43.87 -73.48
CA VAL S 228 -14.86 43.25 -74.25
C VAL S 228 -15.91 44.29 -74.55
N ASP S 229 -16.37 44.33 -75.79
CA ASP S 229 -17.29 45.36 -76.23
C ASP S 229 -18.67 45.15 -75.64
N GLY S 230 -19.33 46.26 -75.28
CA GLY S 230 -20.71 46.26 -74.89
C GLY S 230 -21.64 46.38 -76.09
N ARG S 231 -22.93 46.51 -75.80
CA ARG S 231 -23.92 46.64 -76.87
C ARG S 231 -24.01 48.07 -77.37
N TYR S 232 -24.07 49.05 -76.46
CA TYR S 232 -24.17 50.45 -76.81
C TYR S 232 -22.90 51.23 -76.49
N ILE S 233 -21.84 50.54 -76.07
CA ILE S 233 -20.51 51.12 -75.94
C ILE S 233 -19.55 50.25 -76.75
N SER S 234 -18.88 50.85 -77.72
CA SER S 234 -18.04 50.12 -78.66
C SER S 234 -16.67 50.78 -78.76
N ALA S 235 -15.67 49.94 -78.96
CA ALA S 235 -14.28 50.36 -79.04
C ALA S 235 -13.93 50.77 -80.47
N GLN S 236 -12.99 51.70 -80.57
CA GLN S 236 -12.47 52.16 -81.84
C GLN S 236 -11.03 51.71 -81.97
N PRO S 237 -10.67 51.03 -83.06
CA PRO S 237 -9.29 50.54 -83.19
C PRO S 237 -8.29 51.69 -83.16
N LEU S 238 -7.10 51.38 -82.66
CA LEU S 238 -6.08 52.38 -82.41
C LEU S 238 -5.13 52.50 -83.60
N THR S 239 -4.41 53.62 -83.64
CA THR S 239 -3.28 53.81 -84.54
C THR S 239 -2.09 54.31 -83.73
N GLY S 240 -0.96 53.62 -83.85
CA GLY S 240 0.14 53.84 -82.94
C GLY S 240 -0.23 53.31 -81.57
N ARG S 241 0.67 53.52 -80.62
CA ARG S 241 0.37 53.13 -79.25
C ARG S 241 -0.45 54.24 -78.62
N GLN S 242 -1.71 53.94 -78.33
CA GLN S 242 -2.63 54.89 -77.73
C GLN S 242 -3.57 54.13 -76.82
N GLY S 243 -4.24 54.86 -75.94
CA GLY S 243 -5.35 54.28 -75.23
C GLY S 243 -6.56 54.09 -76.12
N ARG S 244 -7.36 53.09 -75.78
CA ARG S 244 -8.50 52.72 -76.61
C ARG S 244 -9.46 53.90 -76.74
N THR S 245 -9.90 54.16 -77.97
CA THR S 245 -11.00 55.08 -78.20
C THR S 245 -12.27 54.27 -78.39
N PHE S 246 -13.38 54.78 -77.87
CA PHE S 246 -14.62 54.04 -77.81
C PHE S 246 -15.73 54.84 -78.50
N LEU S 247 -16.57 54.13 -79.23
CA LEU S 247 -17.81 54.71 -79.75
C LEU S 247 -18.93 54.30 -78.81
N VAL S 248 -19.69 55.30 -78.36
CA VAL S 248 -20.81 55.09 -77.46
C VAL S 248 -22.10 55.34 -78.23
N ASP S 249 -23.09 54.50 -77.98
CA ASP S 249 -24.33 54.61 -78.72
C ASP S 249 -24.91 56.00 -78.48
N PRO S 250 -25.29 56.72 -79.53
CA PRO S 250 -25.71 58.12 -79.34
C PRO S 250 -27.13 58.26 -78.84
N ASN S 251 -27.88 57.17 -78.73
CA ASN S 251 -29.19 57.24 -78.12
C ASN S 251 -29.14 57.18 -76.61
N LEU S 252 -27.98 56.93 -76.02
CA LEU S 252 -27.82 57.08 -74.58
C LEU S 252 -28.09 58.53 -74.15
N ASP S 253 -28.41 58.69 -72.87
CA ASP S 253 -28.64 60.01 -72.31
C ASP S 253 -27.32 60.75 -72.15
N LEU S 254 -27.33 62.05 -72.46
CA LEU S 254 -26.08 62.81 -72.45
C LEU S 254 -25.40 62.71 -71.09
N SER S 255 -26.18 62.82 -70.02
CA SER S 255 -25.59 62.79 -68.69
C SER S 255 -24.93 61.45 -68.41
N ILE S 256 -25.63 60.37 -68.74
CA ILE S 256 -25.07 59.03 -68.58
C ILE S 256 -23.79 58.91 -69.39
N ARG S 257 -23.80 59.41 -70.62
CA ARG S 257 -22.61 59.31 -71.45
C ARG S 257 -21.44 60.07 -70.84
N GLU S 258 -21.71 61.26 -70.31
CA GLU S 258 -20.68 62.03 -69.63
C GLU S 258 -20.13 61.26 -68.45
N LEU S 259 -21.01 60.62 -67.67
CA LEU S 259 -20.55 59.88 -66.52
C LEU S 259 -19.76 58.65 -66.94
N VAL S 260 -20.11 58.10 -68.10
CA VAL S 260 -19.35 56.98 -68.63
C VAL S 260 -17.96 57.46 -69.01
N SER S 261 -17.89 58.60 -69.68
CA SER S 261 -16.65 59.03 -70.28
C SER S 261 -15.60 59.33 -69.23
N ARG S 262 -16.02 59.54 -67.98
CA ARG S 262 -15.02 59.69 -66.93
C ARG S 262 -14.46 58.35 -66.52
N ILE S 263 -15.25 57.28 -66.66
CA ILE S 263 -14.78 55.97 -66.23
C ILE S 263 -13.97 55.32 -67.34
N LEU S 264 -14.35 55.58 -68.59
CA LEU S 264 -13.73 54.88 -69.70
C LEU S 264 -12.22 55.04 -69.72
N PRO S 265 -11.65 56.12 -69.19
CA PRO S 265 -10.19 56.24 -69.26
C PRO S 265 -9.50 55.10 -68.56
N VAL S 266 -10.17 54.47 -67.59
CA VAL S 266 -9.57 53.32 -66.93
C VAL S 266 -9.40 52.18 -67.92
N ALA S 267 -10.44 51.91 -68.71
CA ALA S 267 -10.33 50.88 -69.73
C ALA S 267 -9.32 51.24 -70.79
N ALA S 268 -9.20 52.53 -71.12
CA ALA S 268 -8.19 52.93 -72.09
C ALA S 268 -6.81 52.62 -71.55
N SER S 269 -6.58 53.02 -70.31
CA SER S 269 -5.32 52.70 -69.65
C SER S 269 -5.11 51.20 -69.61
N TYR S 270 -6.17 50.44 -69.42
CA TYR S 270 -6.02 48.99 -69.38
C TYR S 270 -5.56 48.45 -70.73
N SER S 271 -6.15 48.93 -71.81
CA SER S 271 -5.73 48.47 -73.13
C SER S 271 -4.29 48.89 -73.41
N THR S 272 -3.90 50.04 -72.89
CA THR S 272 -2.51 50.46 -73.06
C THR S 272 -1.60 49.57 -72.24
N VAL S 273 -2.01 49.25 -71.02
CA VAL S 273 -1.14 48.49 -70.14
C VAL S 273 -0.98 47.09 -70.72
N THR S 274 -2.05 46.56 -71.29
CA THR S 274 -2.00 45.21 -71.85
C THR S 274 -1.04 45.16 -73.03
N ARG S 275 -1.21 46.10 -73.97
CA ARG S 275 -0.26 46.14 -75.08
C ARG S 275 1.16 46.32 -74.59
N PHE S 276 1.35 47.17 -73.57
CA PHE S 276 2.69 47.36 -73.02
C PHE S 276 3.25 46.08 -72.45
N ILE S 277 2.45 45.34 -71.69
CA ILE S 277 2.93 44.10 -71.10
C ILE S 277 3.32 43.12 -72.20
N GLU S 278 2.47 42.98 -73.20
CA GLU S 278 2.76 42.02 -74.25
C GLU S 278 4.04 42.38 -75.00
N GLU S 279 4.13 43.62 -75.48
CA GLU S 279 5.35 44.05 -76.18
C GLU S 279 6.59 43.86 -75.31
N LYS S 280 6.57 44.39 -74.09
CA LYS S 280 7.77 44.45 -73.29
C LYS S 280 8.01 43.17 -72.53
N SER S 281 7.27 42.11 -72.84
CA SER S 281 7.64 40.78 -72.37
C SER S 281 8.17 39.92 -73.50
N SER S 282 8.52 40.51 -74.63
CA SER S 282 9.20 39.79 -75.69
C SER S 282 10.71 39.86 -75.48
N PHE S 283 11.40 38.78 -75.86
CA PHE S 283 12.81 38.65 -75.50
C PHE S 283 13.62 39.83 -76.01
N GLU S 284 13.25 40.36 -77.18
CA GLU S 284 14.03 41.41 -77.82
C GLU S 284 14.09 42.66 -76.96
N TYR S 285 13.08 42.91 -76.15
CA TYR S 285 12.93 44.17 -75.44
C TYR S 285 13.72 44.19 -74.13
N GLY S 286 14.36 43.09 -73.76
CA GLY S 286 15.33 43.13 -72.68
C GLY S 286 14.74 42.64 -71.36
N GLN S 287 15.63 42.17 -70.49
CA GLN S 287 15.17 41.55 -69.25
C GLN S 287 14.47 42.55 -68.35
N VAL S 288 15.00 43.78 -68.28
CA VAL S 288 14.36 44.81 -67.46
C VAL S 288 12.90 44.99 -67.89
N ASN S 289 12.66 45.12 -69.19
CA ASN S 289 11.29 45.30 -69.65
C ASN S 289 10.47 44.04 -69.43
N HIS S 290 11.10 42.87 -69.52
CA HIS S 290 10.38 41.63 -69.23
C HIS S 290 9.85 41.67 -67.82
N ALA S 291 10.71 41.99 -66.86
CA ALA S 291 10.29 42.02 -65.46
C ALA S 291 9.27 43.11 -65.21
N LEU S 292 9.39 44.24 -65.88
CA LEU S 292 8.40 45.30 -65.70
C LEU S 292 7.06 44.83 -66.19
N ALA S 293 7.03 44.14 -67.32
CA ALA S 293 5.77 43.58 -67.82
C ALA S 293 5.21 42.56 -66.86
N ALA S 294 6.07 41.75 -66.23
CA ALA S 294 5.57 40.79 -65.25
C ALA S 294 4.94 41.48 -64.05
N ALA S 295 5.57 42.52 -63.56
CA ALA S 295 5.00 43.25 -62.43
C ALA S 295 3.68 43.90 -62.82
N MET S 296 3.64 44.53 -63.98
CA MET S 296 2.39 45.08 -64.46
C MET S 296 1.33 44.00 -64.60
N ARG S 297 1.74 42.79 -64.98
CA ARG S 297 0.78 41.70 -65.07
C ARG S 297 0.23 41.33 -63.70
N THR S 298 1.07 41.37 -62.67
CA THR S 298 0.56 41.16 -61.32
C THR S 298 -0.47 42.22 -60.96
N LEU S 299 -0.14 43.48 -61.20
CA LEU S 299 -1.07 44.55 -60.89
C LEU S 299 -2.36 44.39 -61.68
N VAL S 300 -2.26 43.96 -62.93
CA VAL S 300 -3.45 43.80 -63.75
C VAL S 300 -4.28 42.65 -63.21
N LYS S 301 -3.64 41.64 -62.65
CA LYS S 301 -4.39 40.58 -62.00
C LYS S 301 -5.19 41.14 -60.83
N GLU S 302 -4.56 41.98 -60.02
CA GLU S 302 -5.31 42.63 -58.95
C GLU S 302 -6.49 43.41 -59.50
N TYR S 303 -6.27 44.18 -60.56
CA TYR S 303 -7.36 44.89 -61.21
C TYR S 303 -8.48 43.94 -61.60
N LEU S 304 -8.10 42.80 -62.17
CA LEU S 304 -9.10 41.83 -62.60
C LEU S 304 -9.89 41.31 -61.42
N VAL S 305 -9.21 41.10 -60.29
CA VAL S 305 -9.92 40.69 -59.07
C VAL S 305 -10.95 41.75 -58.70
N LEU S 306 -10.56 43.01 -58.76
CA LEU S 306 -11.48 44.09 -58.47
C LEU S 306 -12.71 44.00 -59.37
N VAL S 307 -12.47 43.82 -60.66
CA VAL S 307 -13.58 43.82 -61.60
C VAL S 307 -14.44 42.59 -61.40
N THR S 308 -13.83 41.48 -60.98
CA THR S 308 -14.58 40.30 -60.57
C THR S 308 -15.54 40.63 -59.44
N GLN S 309 -15.04 41.29 -58.40
CA GLN S 309 -15.90 41.65 -57.28
C GLN S 309 -17.02 42.58 -57.74
N LEU S 310 -16.69 43.51 -58.63
CA LEU S 310 -17.72 44.42 -59.12
C LEU S 310 -18.74 43.66 -59.95
N GLU S 311 -18.30 42.66 -60.68
CA GLU S 311 -19.24 41.80 -61.41
C GLU S 311 -20.14 41.06 -60.45
N GLN S 312 -19.57 40.55 -59.35
CA GLN S 312 -20.38 39.86 -58.36
C GLN S 312 -21.45 40.78 -57.79
N LEU S 313 -21.12 42.04 -57.54
CA LEU S 313 -22.12 42.92 -57.00
C LEU S 313 -23.15 43.31 -58.06
N GLN S 314 -22.71 43.44 -59.31
CA GLN S 314 -23.69 43.53 -60.39
C GLN S 314 -24.65 42.36 -60.31
N ARG S 315 -24.11 41.15 -60.27
CA ARG S 315 -24.98 39.99 -60.38
C ARG S 315 -25.86 39.89 -59.16
N GLN S 316 -25.48 40.55 -58.07
CA GLN S 316 -26.32 40.62 -56.89
C GLN S 316 -27.27 41.81 -56.94
N GLY S 317 -27.21 42.60 -58.01
CA GLY S 317 -28.04 43.80 -58.07
C GLY S 317 -27.74 44.81 -56.98
N LEU S 318 -26.47 45.06 -56.70
CA LEU S 318 -26.08 45.90 -55.56
C LEU S 318 -25.09 46.98 -55.95
N LEU S 319 -24.97 47.31 -57.23
CA LEU S 319 -24.12 48.41 -57.66
C LEU S 319 -24.86 49.28 -58.66
N SER S 320 -24.44 50.54 -58.74
CA SER S 320 -24.98 51.44 -59.74
C SER S 320 -23.97 52.54 -60.03
N LEU S 321 -24.04 53.07 -61.24
CA LEU S 321 -23.49 54.37 -61.62
C LEU S 321 -22.56 54.94 -60.56
N GLN S 322 -23.11 55.77 -59.68
CA GLN S 322 -22.28 56.50 -58.73
C GLN S 322 -21.52 55.57 -57.81
N LYS S 323 -22.06 54.40 -57.51
CA LYS S 323 -21.33 53.48 -56.65
C LYS S 323 -20.12 52.93 -57.38
N LEU S 324 -20.29 52.57 -58.64
CA LEU S 324 -19.14 52.17 -59.46
C LEU S 324 -18.12 53.31 -59.54
N TRP S 325 -18.60 54.54 -59.74
CA TRP S 325 -17.68 55.67 -59.88
C TRP S 325 -16.89 55.86 -58.59
N PHE S 326 -17.51 55.64 -57.45
CA PHE S 326 -16.80 55.78 -56.19
C PHE S 326 -15.82 54.63 -56.02
N TYR S 327 -16.29 53.40 -56.23
CA TYR S 327 -15.43 52.25 -56.00
C TYR S 327 -14.23 52.25 -56.93
N ILE S 328 -14.37 52.76 -58.16
CA ILE S 328 -13.29 52.65 -59.13
C ILE S 328 -12.22 53.71 -58.98
N GLN S 329 -12.41 54.66 -58.07
CA GLN S 329 -11.47 55.78 -58.01
C GLN S 329 -10.07 55.35 -57.62
N PRO S 330 -9.88 54.49 -56.60
CA PRO S 330 -8.51 54.04 -56.32
C PRO S 330 -7.84 53.35 -57.49
N ALA S 331 -8.54 52.41 -58.12
CA ALA S 331 -7.98 51.73 -59.28
C ALA S 331 -7.80 52.67 -60.46
N MET S 332 -8.69 53.65 -60.62
CA MET S 332 -8.50 54.58 -61.73
C MET S 332 -7.18 55.32 -61.59
N ARG S 333 -6.90 55.82 -60.39
CA ARG S 333 -5.63 56.51 -60.16
C ARG S 333 -4.46 55.56 -60.34
N SER S 334 -4.57 54.35 -59.79
CA SER S 334 -3.47 53.40 -59.91
C SER S 334 -3.16 53.12 -61.38
N LEU S 335 -4.18 52.89 -62.19
CA LEU S 335 -3.94 52.51 -63.57
C LEU S 335 -3.48 53.69 -64.40
N ASP S 336 -3.97 54.89 -64.10
CA ASP S 336 -3.41 56.08 -64.72
C ASP S 336 -1.91 56.17 -64.47
N ILE S 337 -1.50 55.93 -63.22
CA ILE S 337 -0.08 55.99 -62.90
C ILE S 337 0.68 54.92 -63.67
N LEU S 338 0.14 53.71 -63.68
CA LEU S 338 0.82 52.62 -64.38
C LEU S 338 0.99 52.95 -65.85
N ALA S 339 -0.07 53.47 -66.48
CA ALA S 339 0.00 53.77 -67.90
C ALA S 339 1.00 54.89 -68.17
N SER S 340 1.06 55.89 -67.28
CA SER S 340 2.04 56.93 -67.46
C SER S 340 3.46 56.38 -67.40
N LEU S 341 3.72 55.49 -66.44
CA LEU S 341 5.04 54.85 -66.34
C LEU S 341 5.35 54.06 -67.61
N ALA S 342 4.38 53.27 -68.07
CA ALA S 342 4.60 52.46 -69.26
C ALA S 342 4.89 53.34 -70.46
N THR S 343 4.14 54.43 -70.62
CA THR S 343 4.36 55.29 -71.77
C THR S 343 5.75 55.92 -71.69
N SER S 344 6.15 56.37 -70.51
CA SER S 344 7.48 56.97 -70.38
C SER S 344 8.58 55.96 -70.71
N VAL S 345 8.44 54.72 -70.25
CA VAL S 345 9.48 53.74 -70.51
C VAL S 345 9.53 53.41 -71.99
N ASP S 346 8.36 53.27 -72.63
CA ASP S 346 8.35 52.96 -74.05
C ASP S 346 8.93 54.13 -74.85
N LYS S 347 8.53 55.35 -74.52
CA LYS S 347 8.90 56.48 -75.34
C LYS S 347 10.37 56.82 -75.18
N GLY S 348 10.96 56.52 -74.02
CA GLY S 348 12.39 56.61 -73.92
C GLY S 348 13.14 55.33 -74.22
N GLU S 349 12.44 54.28 -74.65
CA GLU S 349 13.07 53.02 -75.01
C GLU S 349 14.19 52.68 -74.04
N CYS S 350 13.87 52.74 -72.75
CA CYS S 350 14.88 52.54 -71.72
C CYS S 350 15.18 51.07 -71.54
N ILE S 351 16.45 50.74 -71.42
CA ILE S 351 16.86 49.39 -71.10
C ILE S 351 17.87 49.50 -69.97
N GLY S 352 17.88 48.51 -69.09
CA GLY S 352 18.91 48.45 -68.07
C GLY S 352 18.87 49.69 -67.21
N GLY S 353 20.06 50.24 -66.94
CA GLY S 353 20.11 51.37 -66.03
C GLY S 353 19.31 52.55 -66.53
N ALA S 354 19.06 52.63 -67.85
CA ALA S 354 18.16 53.66 -68.34
C ALA S 354 16.80 53.51 -67.70
N THR S 355 16.24 52.30 -67.80
CA THR S 355 14.93 52.05 -67.23
C THR S 355 14.93 52.28 -65.73
N LEU S 356 15.98 51.82 -65.05
CA LEU S 356 16.07 52.03 -63.60
C LEU S 356 16.12 53.51 -63.26
N SER S 357 16.90 54.29 -64.01
CA SER S 357 16.92 55.74 -63.85
C SER S 357 15.52 56.33 -63.99
N LEU S 358 14.84 56.00 -65.08
CA LEU S 358 13.49 56.51 -65.27
C LEU S 358 12.59 56.13 -64.11
N LEU S 359 12.75 54.91 -63.59
CA LEU S 359 11.87 54.49 -62.50
C LEU S 359 12.18 55.27 -61.23
N HIS S 360 13.45 55.52 -60.95
CA HIS S 360 13.79 56.34 -59.79
C HIS S 360 13.19 57.73 -59.93
N ASP S 361 13.44 58.38 -61.06
CA ASP S 361 13.00 59.75 -61.24
C ASP S 361 11.48 59.85 -61.13
N ARG S 362 10.76 58.95 -61.80
CA ARG S 362 9.30 58.97 -61.69
C ARG S 362 8.86 58.73 -60.26
N SER S 363 9.46 57.75 -59.60
CA SER S 363 9.13 57.48 -58.21
C SER S 363 9.30 58.72 -57.33
N PHE S 364 10.31 59.53 -57.63
CA PHE S 364 10.48 60.78 -56.91
C PHE S 364 9.37 61.77 -57.26
N SER S 365 9.11 61.96 -58.55
CA SER S 365 8.11 62.94 -58.96
C SER S 365 6.72 62.56 -58.47
N TYR S 366 6.44 61.27 -58.34
CA TYR S 366 5.19 60.79 -57.77
C TYR S 366 5.28 60.64 -56.26
N THR S 367 6.15 61.43 -55.63
CA THR S 367 6.25 61.45 -54.17
C THR S 367 5.04 62.12 -53.55
N GLY S 368 4.31 62.93 -54.31
CA GLY S 368 3.22 63.69 -53.74
C GLY S 368 2.10 62.83 -53.17
N ASP S 369 1.79 61.72 -53.82
CA ASP S 369 0.70 60.84 -53.41
C ASP S 369 1.23 59.49 -52.96
N SER S 370 0.72 59.02 -51.82
CA SER S 370 1.26 57.82 -51.20
C SER S 370 0.95 56.57 -52.02
N GLN S 371 -0.22 56.52 -52.65
CA GLN S 371 -0.53 55.38 -53.49
C GLN S 371 0.53 55.23 -54.56
N ALA S 372 0.85 56.33 -55.24
CA ALA S 372 1.84 56.28 -56.30
C ALA S 372 3.21 55.95 -55.74
N GLN S 373 3.55 56.49 -54.58
CA GLN S 373 4.84 56.17 -53.98
C GLN S 373 4.97 54.68 -53.71
N GLU S 374 3.97 54.08 -53.07
CA GLU S 374 4.06 52.66 -52.76
C GLU S 374 4.13 51.82 -54.04
N LEU S 375 3.30 52.16 -55.03
CA LEU S 375 3.32 51.40 -56.28
C LEU S 375 4.69 51.48 -56.91
N CYS S 376 5.25 52.69 -56.99
CA CYS S 376 6.53 52.86 -57.65
C CYS S 376 7.65 52.21 -56.88
N LEU S 377 7.58 52.19 -55.55
CA LEU S 377 8.64 51.53 -54.79
C LEU S 377 8.59 50.02 -54.99
N HIS S 378 7.40 49.43 -54.98
CA HIS S 378 7.29 48.03 -55.33
C HIS S 378 7.89 47.77 -56.70
N LEU S 379 7.47 48.55 -57.69
CA LEU S 379 7.94 48.33 -59.04
C LEU S 379 9.45 48.46 -59.12
N THR S 380 10.01 49.48 -58.46
CA THR S 380 11.44 49.73 -58.59
C THR S 380 12.25 48.63 -57.93
N LYS S 381 11.85 48.20 -56.73
CA LYS S 381 12.52 47.05 -56.13
C LYS S 381 12.50 45.86 -57.09
N ALA S 382 11.31 45.51 -57.57
CA ALA S 382 11.19 44.30 -58.38
C ALA S 382 12.06 44.39 -59.62
N ALA S 383 11.99 45.53 -60.32
CA ALA S 383 12.70 45.63 -61.59
C ALA S 383 14.19 45.79 -61.39
N SER S 384 14.61 46.38 -60.27
CA SER S 384 16.02 46.56 -60.04
C SER S 384 16.68 45.28 -59.58
N THR S 385 15.91 44.30 -59.12
CA THR S 385 16.53 43.07 -58.66
C THR S 385 17.49 42.46 -59.68
N PRO S 386 17.10 42.26 -60.94
CA PRO S 386 18.08 41.72 -61.90
C PRO S 386 19.33 42.56 -62.08
N TYR S 387 19.17 43.89 -62.16
CA TYR S 387 20.34 44.73 -62.41
C TYR S 387 21.32 44.70 -61.25
N PHE S 388 20.81 44.71 -60.02
CA PHE S 388 21.71 44.58 -58.88
C PHE S 388 22.32 43.20 -58.83
N GLU S 389 21.59 42.17 -59.26
CA GLU S 389 22.20 40.85 -59.35
C GLU S 389 23.40 40.86 -60.28
N ILE S 390 23.24 41.45 -61.46
CA ILE S 390 24.35 41.48 -62.43
C ILE S 390 25.50 42.31 -61.88
N LEU S 391 25.21 43.48 -61.34
CA LEU S 391 26.24 44.31 -60.74
C LEU S 391 26.99 43.57 -59.65
N GLU S 392 26.29 42.75 -58.87
CA GLU S 392 26.95 42.04 -57.78
C GLU S 392 27.95 41.04 -58.33
N LYS S 393 27.56 40.26 -59.34
CA LYS S 393 28.54 39.41 -59.99
C LYS S 393 29.77 40.22 -60.39
N TRP S 394 29.54 41.37 -61.01
CA TRP S 394 30.67 42.15 -61.51
C TRP S 394 31.47 42.72 -60.34
N ILE S 395 30.78 43.34 -59.39
CA ILE S 395 31.47 44.02 -58.30
C ILE S 395 31.81 43.10 -57.15
N TYR S 396 31.24 41.89 -57.12
CA TYR S 396 31.56 40.93 -56.08
C TYR S 396 32.41 39.78 -56.58
N ARG S 397 32.43 39.53 -57.88
CA ARG S 397 33.14 38.39 -58.45
C ARG S 397 33.96 38.74 -59.67
N GLY S 398 33.83 39.94 -60.21
CA GLY S 398 34.58 40.26 -61.41
C GLY S 398 34.07 39.51 -62.61
N ILE S 399 32.77 39.33 -62.72
CA ILE S 399 32.15 38.71 -63.88
C ILE S 399 31.07 39.63 -64.39
N ILE S 400 31.04 39.80 -65.71
CA ILE S 400 29.94 40.48 -66.38
C ILE S 400 29.28 39.45 -67.28
N ASP S 401 28.08 39.01 -66.91
CA ASP S 401 27.24 38.19 -67.77
C ASP S 401 25.94 38.93 -68.03
N ASP S 402 25.69 39.24 -69.28
CA ASP S 402 24.43 39.87 -69.66
C ASP S 402 24.23 39.68 -71.15
N PRO S 403 23.14 39.06 -71.59
CA PRO S 403 23.01 38.77 -73.02
C PRO S 403 22.54 39.95 -73.81
N TYR S 404 21.90 40.92 -73.15
CA TYR S 404 21.34 42.08 -73.84
C TYR S 404 22.31 43.24 -73.87
N SER S 405 23.32 43.23 -73.01
CA SER S 405 24.14 44.41 -72.79
C SER S 405 23.26 45.50 -72.20
N GLU S 406 22.97 45.40 -70.91
CA GLU S 406 22.26 46.44 -70.19
C GLU S 406 22.99 46.97 -68.97
N PHE S 407 24.22 46.56 -68.72
CA PHE S 407 24.84 46.78 -67.42
C PHE S 407 25.75 48.00 -67.49
N MET S 408 25.97 48.60 -66.32
CA MET S 408 26.71 49.86 -66.25
C MET S 408 28.01 49.78 -67.03
N VAL S 409 28.77 48.70 -66.83
CA VAL S 409 30.10 48.56 -67.38
C VAL S 409 30.01 47.59 -68.55
N GLU S 410 30.67 47.94 -69.65
CA GLU S 410 30.71 47.07 -70.82
C GLU S 410 32.16 46.72 -71.13
N GLU S 411 32.35 45.47 -71.55
CA GLU S 411 33.66 44.97 -71.93
C GLU S 411 33.80 45.06 -73.44
N HIS S 412 34.98 45.45 -73.89
CA HIS S 412 35.31 45.39 -75.30
C HIS S 412 36.55 44.55 -75.48
N GLU S 413 36.75 44.08 -76.71
CA GLU S 413 37.85 43.18 -76.97
C GLU S 413 39.17 43.92 -76.90
N LEU S 414 40.24 43.17 -76.65
CA LEU S 414 41.57 43.74 -76.57
C LEU S 414 42.59 42.65 -76.75
N ARG S 415 43.79 43.05 -77.15
CA ARG S 415 44.96 42.17 -77.14
C ARG S 415 45.93 42.78 -76.15
N LYS S 416 46.47 41.95 -75.26
CA LYS S 416 47.38 42.50 -74.26
C LYS S 416 48.63 43.04 -74.92
N GLU S 417 49.10 42.38 -75.98
CA GLU S 417 50.32 42.85 -76.65
C GLU S 417 50.17 44.32 -77.00
N LYS S 418 49.00 44.70 -77.51
CA LYS S 418 48.86 46.06 -77.99
C LYS S 418 48.75 47.06 -76.86
N ILE S 419 48.71 46.59 -75.61
CA ILE S 419 48.60 47.51 -74.50
C ILE S 419 49.86 48.37 -74.44
N GLN S 420 51.02 47.72 -74.54
CA GLN S 420 52.31 48.38 -74.53
C GLN S 420 52.89 48.53 -75.93
N GLU S 421 52.36 47.79 -76.91
CA GLU S 421 52.75 48.03 -78.30
C GLU S 421 52.19 49.35 -78.80
N ASP S 422 50.95 49.66 -78.41
CA ASP S 422 50.22 50.83 -78.88
C ASP S 422 50.24 51.92 -77.82
N TYR S 423 50.16 53.17 -78.29
CA TYR S 423 50.05 54.29 -77.36
C TYR S 423 48.80 54.17 -76.51
N ASN S 424 47.73 53.59 -77.05
CA ASN S 424 46.54 53.37 -76.25
C ASN S 424 46.84 52.39 -75.13
N ASP S 425 46.23 52.62 -73.98
CA ASP S 425 46.40 51.77 -72.80
C ASP S 425 45.30 50.71 -72.74
N LYS S 426 45.33 49.82 -73.72
CA LYS S 426 44.15 49.01 -73.99
C LYS S 426 43.82 48.11 -72.81
N TYR S 427 44.82 47.68 -72.04
CA TYR S 427 44.54 46.83 -70.90
C TYR S 427 43.62 47.56 -69.92
N TRP S 428 43.98 48.79 -69.54
CA TRP S 428 43.17 49.53 -68.58
C TRP S 428 41.91 50.07 -69.23
N ASP S 429 42.01 50.55 -70.46
CA ASP S 429 40.97 51.36 -71.07
C ASP S 429 39.94 50.57 -71.87
N GLN S 430 40.38 49.54 -72.60
CA GLN S 430 39.48 48.88 -73.55
C GLN S 430 38.84 47.61 -73.01
N ARG S 431 39.54 46.84 -72.18
CA ARG S 431 39.01 45.55 -71.78
C ARG S 431 37.63 45.72 -71.15
N TYR S 432 37.51 46.69 -70.25
CA TYR S 432 36.23 47.04 -69.65
C TYR S 432 36.04 48.54 -69.82
N THR S 433 34.94 48.93 -70.45
CA THR S 433 34.57 50.33 -70.59
C THR S 433 33.20 50.55 -69.95
N VAL S 434 32.91 51.82 -69.65
CA VAL S 434 31.66 52.20 -69.03
C VAL S 434 30.83 52.96 -70.06
N VAL S 435 29.66 52.42 -70.38
CA VAL S 435 28.72 53.14 -71.24
C VAL S 435 28.03 54.21 -70.41
N GLN S 436 28.13 55.46 -70.85
CA GLN S 436 27.65 56.58 -70.06
C GLN S 436 26.23 56.96 -70.47
N ARG S 437 25.38 55.97 -70.62
CA ARG S 437 23.94 56.19 -70.63
C ARG S 437 23.20 55.02 -70.01
N GLN S 438 23.90 53.98 -69.55
CA GLN S 438 23.29 52.79 -69.00
C GLN S 438 23.41 52.77 -67.48
N ILE S 439 23.85 53.86 -66.87
CA ILE S 439 23.90 53.96 -65.42
C ILE S 439 22.58 54.51 -64.93
N PRO S 440 21.96 53.90 -63.92
CA PRO S 440 20.81 54.55 -63.29
C PRO S 440 21.21 55.70 -62.39
N SER S 441 20.31 56.69 -62.32
CA SER S 441 20.61 57.90 -61.58
C SER S 441 21.06 57.58 -60.18
N PHE S 442 20.44 56.57 -59.55
CA PHE S 442 20.74 56.33 -58.15
C PHE S 442 22.04 55.58 -57.96
N LEU S 443 22.65 55.10 -59.04
CA LEU S 443 24.00 54.56 -58.99
C LEU S 443 25.01 55.51 -59.61
N GLN S 444 24.56 56.67 -60.08
CA GLN S 444 25.46 57.58 -60.79
C GLN S 444 26.60 58.07 -59.92
N LYS S 445 26.38 58.16 -58.61
CA LYS S 445 27.42 58.70 -57.73
C LYS S 445 28.54 57.71 -57.46
N MET S 446 28.23 56.42 -57.37
CA MET S 446 29.25 55.39 -57.18
C MET S 446 29.76 54.79 -58.48
N ALA S 447 29.31 55.27 -59.64
CA ALA S 447 29.60 54.59 -60.89
C ALA S 447 31.10 54.49 -61.13
N GLY S 448 31.84 55.57 -60.86
CA GLY S 448 33.28 55.52 -61.05
C GLY S 448 33.93 54.43 -60.23
N LYS S 449 33.55 54.33 -58.96
CA LYS S 449 34.15 53.32 -58.10
C LYS S 449 33.73 51.93 -58.55
N VAL S 450 32.48 51.77 -58.98
CA VAL S 450 32.03 50.47 -59.47
C VAL S 450 32.87 50.04 -60.66
N LEU S 451 33.05 50.94 -61.63
CA LEU S 451 33.86 50.62 -62.80
C LEU S 451 35.27 50.22 -62.38
N SER S 452 35.89 51.04 -61.53
CA SER S 452 37.29 50.76 -61.20
C SER S 452 37.39 49.45 -60.44
N THR S 453 36.45 49.20 -59.54
CA THR S 453 36.45 47.98 -58.75
C THR S 453 36.37 46.77 -59.67
N GLY S 454 35.41 46.76 -60.58
CA GLY S 454 35.28 45.63 -61.47
C GLY S 454 36.46 45.47 -62.42
N LYS S 455 37.02 46.59 -62.88
CA LYS S 455 38.25 46.50 -63.67
C LYS S 455 39.34 45.79 -62.88
N TYR S 456 39.53 46.21 -61.63
CA TYR S 456 40.53 45.57 -60.79
C TYR S 456 40.22 44.11 -60.58
N LEU S 457 38.94 43.79 -60.35
CA LEU S 457 38.59 42.41 -60.08
C LEU S 457 38.88 41.55 -61.30
N ASN S 458 38.60 42.07 -62.49
CA ASN S 458 38.80 41.27 -63.69
C ASN S 458 40.28 41.08 -63.92
N VAL S 459 41.08 42.11 -63.64
CA VAL S 459 42.52 42.00 -63.82
C VAL S 459 43.08 40.97 -62.85
N VAL S 460 42.60 40.98 -61.61
CA VAL S 460 43.10 40.01 -60.65
C VAL S 460 42.68 38.61 -61.04
N ARG S 461 41.42 38.44 -61.47
CA ARG S 461 40.98 37.11 -61.88
C ARG S 461 41.82 36.60 -63.04
N GLU S 462 42.11 37.46 -64.01
CA GLU S 462 42.91 37.03 -65.14
C GLU S 462 44.40 36.93 -64.80
N CYS S 463 44.80 37.37 -63.62
CA CYS S 463 46.16 37.18 -63.15
C CYS S 463 46.35 35.84 -62.44
N GLY S 464 45.30 35.03 -62.35
CA GLY S 464 45.39 33.78 -61.63
C GLY S 464 45.02 33.94 -60.17
N HIS S 465 44.09 34.83 -59.87
CA HIS S 465 43.61 35.07 -58.52
C HIS S 465 42.16 34.63 -58.44
N ASP S 466 41.80 33.98 -57.33
CA ASP S 466 40.40 33.67 -57.08
C ASP S 466 39.74 34.88 -56.44
N VAL S 467 38.77 35.47 -57.14
CA VAL S 467 38.16 36.72 -56.72
C VAL S 467 36.67 36.50 -56.50
N THR S 468 36.27 36.48 -55.24
CA THR S 468 34.88 36.38 -54.82
C THR S 468 34.76 37.25 -53.60
N CYS S 469 33.77 38.11 -53.55
CA CYS S 469 33.64 38.96 -52.38
C CYS S 469 33.12 38.09 -51.23
N PRO S 470 33.76 38.14 -50.06
CA PRO S 470 33.25 37.36 -48.92
C PRO S 470 32.21 38.11 -48.10
N VAL S 471 32.08 39.41 -48.31
CA VAL S 471 31.06 40.21 -47.65
C VAL S 471 29.97 40.50 -48.67
N ALA S 472 29.84 39.62 -49.66
CA ALA S 472 28.85 39.85 -50.69
C ALA S 472 27.45 39.81 -50.11
N LYS S 473 26.65 40.80 -50.48
CA LYS S 473 25.24 40.88 -50.13
C LYS S 473 24.45 41.07 -51.41
N GLU S 474 23.15 40.82 -51.33
CA GLU S 474 22.27 41.24 -52.41
C GLU S 474 21.96 42.72 -52.26
N VAL S 475 22.23 43.48 -53.32
CA VAL S 475 22.04 44.92 -53.30
C VAL S 475 20.61 45.18 -53.71
N VAL S 476 19.82 45.75 -52.80
CA VAL S 476 18.43 46.09 -53.08
C VAL S 476 18.24 47.59 -52.96
N TYR S 477 17.32 48.11 -53.75
CA TYR S 477 17.04 49.54 -53.74
C TYR S 477 16.25 49.87 -52.49
N THR S 478 16.63 50.94 -51.84
CA THR S 478 15.99 51.39 -50.61
C THR S 478 15.72 52.87 -50.70
N LEU S 479 14.78 53.33 -49.88
CA LEU S 479 14.27 54.68 -50.05
C LEU S 479 15.31 55.69 -49.62
N LYS S 480 16.26 55.27 -48.79
CA LYS S 480 17.46 56.04 -48.51
C LYS S 480 18.66 55.38 -49.17
N GLU S 481 19.59 56.22 -49.65
CA GLU S 481 20.67 55.76 -50.53
C GLU S 481 21.64 54.86 -49.78
N ARG S 482 21.74 55.04 -48.47
CA ARG S 482 22.86 54.49 -47.71
C ARG S 482 23.12 53.03 -48.02
N ALA S 483 22.08 52.20 -48.10
CA ALA S 483 22.33 50.77 -48.16
C ALA S 483 23.21 50.40 -49.34
N TYR S 484 22.85 50.92 -50.52
CA TYR S 484 23.66 50.64 -51.69
C TYR S 484 24.91 51.51 -51.74
N VAL S 485 24.86 52.75 -51.26
CA VAL S 485 26.08 53.54 -51.16
C VAL S 485 27.13 52.74 -50.38
N GLU S 486 26.81 52.43 -49.12
CA GLU S 486 27.73 51.77 -48.23
C GLU S 486 28.14 50.41 -48.75
N GLN S 487 27.28 49.73 -49.52
CA GLN S 487 27.69 48.42 -49.99
C GLN S 487 28.69 48.57 -51.13
N ILE S 488 28.43 49.49 -52.04
CA ILE S 488 29.39 49.81 -53.09
C ILE S 488 30.73 50.19 -52.47
N GLU S 489 30.71 51.07 -51.48
CA GLU S 489 31.94 51.49 -50.83
C GLU S 489 32.67 50.33 -50.18
N LYS S 490 31.94 49.47 -49.46
CA LYS S 490 32.56 48.30 -48.87
C LYS S 490 33.26 47.46 -49.93
N ALA S 491 32.54 47.19 -51.01
CA ALA S 491 33.11 46.41 -52.10
C ALA S 491 34.37 47.07 -52.65
N PHE S 492 34.30 48.37 -52.92
CA PHE S 492 35.46 49.09 -53.43
C PHE S 492 36.66 48.95 -52.51
N SER S 493 36.44 49.16 -51.21
CA SER S 493 37.54 49.08 -50.26
C SER S 493 38.09 47.66 -50.13
N TYR S 494 37.26 46.65 -50.34
CA TYR S 494 37.80 45.30 -50.40
C TYR S 494 38.60 45.10 -51.68
N ALA S 495 38.02 45.49 -52.81
CA ALA S 495 38.62 45.20 -54.09
C ALA S 495 39.96 45.90 -54.24
N SER S 496 40.05 47.16 -53.80
CA SER S 496 41.30 47.88 -53.95
C SER S 496 42.37 47.30 -53.06
N LYS S 497 41.99 46.83 -51.87
CA LYS S 497 42.98 46.23 -50.99
C LYS S 497 43.52 44.95 -51.60
N VAL S 498 42.62 44.10 -52.07
CA VAL S 498 43.05 42.83 -52.64
C VAL S 498 43.90 43.07 -53.90
N LEU S 499 43.47 44.01 -54.74
CA LEU S 499 44.25 44.39 -55.90
C LEU S 499 45.64 44.86 -55.51
N LEU S 500 45.72 45.75 -54.53
CA LEU S 500 47.01 46.35 -54.20
C LEU S 500 47.95 45.29 -53.65
N ASP S 501 47.47 44.48 -52.70
CA ASP S 501 48.29 43.40 -52.20
C ASP S 501 48.67 42.43 -53.31
N PHE S 502 47.81 42.27 -54.31
CA PHE S 502 48.13 41.38 -55.44
C PHE S 502 49.24 41.98 -56.29
N LEU S 503 49.21 43.28 -56.49
CA LEU S 503 50.16 43.93 -57.38
C LEU S 503 51.52 44.04 -56.71
N MET S 504 51.52 44.32 -55.40
CA MET S 504 52.78 44.38 -54.67
C MET S 504 53.39 43.00 -54.47
N GLY S 505 52.56 41.96 -54.37
CA GLY S 505 53.10 40.63 -54.23
C GLY S 505 53.54 40.05 -55.55
N GLU S 506 52.58 39.84 -56.45
CA GLU S 506 52.85 39.03 -57.63
C GLU S 506 53.70 39.78 -58.64
N LYS S 507 53.45 41.07 -58.84
CA LYS S 507 54.21 41.83 -59.82
C LYS S 507 55.34 42.65 -59.21
N GLU S 508 55.49 42.64 -57.88
CA GLU S 508 56.68 43.18 -57.23
C GLU S 508 56.90 44.64 -57.65
N LEU S 509 55.89 45.47 -57.38
CA LEU S 509 56.02 46.89 -57.74
C LEU S 509 57.27 47.50 -57.14
N LEU S 510 57.51 47.25 -55.86
CA LEU S 510 58.66 47.87 -55.20
C LEU S 510 59.98 47.36 -55.79
N ALA S 511 60.00 46.10 -56.23
CA ALA S 511 61.24 45.58 -56.79
C ALA S 511 61.46 46.13 -58.18
N HIS S 512 60.40 46.24 -58.98
CA HIS S 512 60.56 46.79 -60.32
C HIS S 512 60.97 48.26 -60.25
N LEU S 513 60.39 49.00 -59.29
CA LEU S 513 60.81 50.38 -59.09
C LEU S 513 62.26 50.45 -58.67
N ARG S 514 62.71 49.55 -57.81
CA ARG S 514 64.09 49.61 -57.35
C ARG S 514 65.05 49.21 -58.45
N SER S 515 64.67 48.24 -59.26
CA SER S 515 65.43 47.91 -60.47
C SER S 515 65.55 49.11 -61.38
N ILE S 516 64.44 49.80 -61.63
CA ILE S 516 64.49 50.96 -62.52
C ILE S 516 65.39 52.03 -61.95
N LYS S 517 65.35 52.23 -60.62
CA LYS S 517 66.29 53.16 -60.01
C LYS S 517 67.75 52.72 -60.19
N ARG S 518 68.03 51.45 -59.89
CA ARG S 518 69.39 50.93 -60.05
C ARG S 518 69.92 51.13 -61.46
N TYR S 519 69.11 50.85 -62.47
CA TYR S 519 69.59 50.84 -63.85
C TYR S 519 69.34 52.16 -64.56
N PHE S 520 68.08 52.54 -64.71
CA PHE S 520 67.76 53.71 -65.52
C PHE S 520 68.16 55.00 -64.82
N LEU S 521 68.23 54.98 -63.49
CA LEU S 521 68.62 56.15 -62.73
C LEU S 521 70.07 56.08 -62.25
N MET S 522 70.79 55.02 -62.59
CA MET S 522 72.24 54.96 -62.33
C MET S 522 72.53 55.11 -60.84
N ASP S 523 71.71 54.50 -60.00
CA ASP S 523 72.10 54.37 -58.59
C ASP S 523 73.35 53.51 -58.48
N GLN S 524 73.44 52.45 -59.28
CA GLN S 524 74.60 51.56 -59.25
C GLN S 524 75.65 52.18 -60.18
N GLY S 525 76.30 53.23 -59.67
CA GLY S 525 77.19 54.01 -60.50
C GLY S 525 78.40 53.24 -60.98
N ASP S 526 78.80 52.20 -60.26
CA ASP S 526 79.94 51.41 -60.69
C ASP S 526 79.63 50.58 -61.92
N PHE S 527 78.37 50.15 -62.07
CA PHE S 527 77.97 49.51 -63.31
C PHE S 527 78.19 50.42 -64.51
N PHE S 528 77.80 51.69 -64.40
CA PHE S 528 77.99 52.59 -65.54
C PHE S 528 79.44 52.99 -65.72
N VAL S 529 80.19 53.09 -64.62
CA VAL S 529 81.65 53.24 -64.71
C VAL S 529 82.24 52.11 -65.54
N HIS S 530 81.98 50.88 -65.13
CA HIS S 530 82.56 49.73 -65.80
C HIS S 530 82.15 49.71 -67.26
N PHE S 531 80.87 49.96 -67.52
CA PHE S 531 80.37 49.87 -68.89
C PHE S 531 81.03 50.91 -69.77
N MET S 532 81.18 52.14 -69.28
CA MET S 532 81.72 53.18 -70.14
C MET S 532 83.23 53.05 -70.27
N ASP S 533 83.90 52.46 -69.28
CA ASP S 533 85.30 52.11 -69.46
C ASP S 533 85.46 51.08 -70.55
N LEU S 534 84.62 50.04 -70.51
CA LEU S 534 84.80 48.94 -71.45
C LEU S 534 84.36 49.32 -72.85
N THR S 535 83.36 50.22 -72.93
CA THR S 535 82.67 50.55 -74.17
C THR S 535 83.13 51.87 -74.78
N GLU S 536 84.07 52.57 -74.15
CA GLU S 536 84.36 53.92 -74.60
C GLU S 536 84.76 53.94 -76.07
N GLU S 537 85.56 52.97 -76.50
CA GLU S 537 85.95 52.91 -77.90
C GLU S 537 84.84 52.36 -78.78
N GLU S 538 83.84 51.70 -78.19
CA GLU S 538 82.79 51.07 -78.98
C GLU S 538 81.66 52.03 -79.34
N LEU S 539 81.27 52.92 -78.42
CA LEU S 539 80.19 53.84 -78.72
C LEU S 539 80.63 54.99 -79.61
N LYS S 540 81.93 55.16 -79.80
CA LYS S 540 82.43 56.23 -80.66
C LYS S 540 82.25 55.92 -82.13
N LYS S 541 81.98 54.68 -82.48
CA LYS S 541 81.72 54.35 -83.87
C LYS S 541 80.32 54.80 -84.28
N PRO S 542 80.10 55.03 -85.57
CA PRO S 542 78.73 55.32 -86.03
C PRO S 542 77.79 54.17 -85.74
N VAL S 543 76.50 54.48 -85.72
CA VAL S 543 75.53 53.44 -85.39
C VAL S 543 75.63 52.32 -86.41
N ASP S 544 75.91 52.66 -87.66
CA ASP S 544 76.00 51.64 -88.68
C ASP S 544 77.31 50.87 -88.55
N ASP S 545 78.31 51.50 -87.92
CA ASP S 545 79.59 50.87 -87.65
C ASP S 545 79.59 50.06 -86.36
N ILE S 546 78.48 50.07 -85.63
CA ILE S 546 78.36 49.38 -84.34
C ILE S 546 77.47 48.16 -84.55
N THR S 547 78.02 46.95 -84.31
CA THR S 547 77.15 45.78 -84.30
C THR S 547 76.57 45.55 -82.92
N PRO S 548 75.25 45.44 -82.79
CA PRO S 548 74.64 45.48 -81.45
C PRO S 548 75.12 44.37 -80.53
N THR S 549 75.37 43.19 -81.07
CA THR S 549 75.67 42.04 -80.22
C THR S 549 76.95 42.23 -79.44
N ARG S 550 77.88 43.05 -79.94
CA ARG S 550 79.08 43.32 -79.17
C ARG S 550 78.76 44.15 -77.93
N LEU S 551 77.91 45.18 -78.09
CA LEU S 551 77.47 45.94 -76.94
C LEU S 551 76.66 45.08 -75.98
N GLU S 552 75.82 44.19 -76.50
CA GLU S 552 75.05 43.31 -75.62
C GLU S 552 75.96 42.40 -74.81
N ALA S 553 76.98 41.85 -75.46
CA ALA S 553 77.93 40.99 -74.76
C ALA S 553 78.69 41.78 -73.70
N LEU S 554 79.14 42.98 -74.04
CA LEU S 554 79.84 43.78 -73.04
C LEU S 554 78.92 44.15 -71.89
N LEU S 555 77.64 44.38 -72.17
CA LEU S 555 76.70 44.67 -71.10
C LEU S 555 76.54 43.48 -70.16
N GLU S 556 76.37 42.29 -70.74
CA GLU S 556 76.27 41.09 -69.92
C GLU S 556 77.54 40.87 -69.11
N LEU S 557 78.70 41.09 -69.73
CA LEU S 557 79.97 40.93 -69.01
C LEU S 557 80.04 41.88 -67.83
N ALA S 558 79.68 43.14 -68.05
CA ALA S 558 79.78 44.12 -66.97
C ALA S 558 78.79 43.79 -65.87
N LEU S 559 77.59 43.33 -66.23
CA LEU S 559 76.62 42.95 -65.23
C LEU S 559 77.17 41.81 -64.39
N ARG S 560 77.71 40.79 -65.03
CA ARG S 560 78.13 39.62 -64.28
C ARG S 560 79.33 39.96 -63.40
N MET S 561 80.21 40.82 -63.90
CA MET S 561 81.40 41.22 -63.17
C MET S 561 81.14 42.38 -62.22
N SER S 562 79.89 42.80 -62.07
CA SER S 562 79.55 43.83 -61.08
C SER S 562 78.47 43.33 -60.13
N THR S 563 78.36 44.04 -59.00
CA THR S 563 77.47 43.69 -57.91
C THR S 563 75.99 43.81 -58.28
N ALA S 564 75.67 44.41 -59.42
CA ALA S 564 74.31 44.35 -59.94
C ALA S 564 73.75 42.94 -59.94
N ASN S 565 74.62 41.93 -59.88
CA ASN S 565 74.16 40.55 -59.87
C ASN S 565 73.19 40.30 -58.71
N THR S 566 73.31 41.07 -57.63
CA THR S 566 72.43 40.82 -56.50
C THR S 566 71.01 41.29 -56.76
N ASP S 567 70.79 42.05 -57.82
CA ASP S 567 69.45 42.43 -58.21
C ASP S 567 68.84 41.29 -59.01
N PRO S 568 67.69 40.75 -58.62
CA PRO S 568 67.12 39.64 -59.38
C PRO S 568 66.67 40.05 -60.76
N PHE S 569 66.37 41.32 -60.96
CA PHE S 569 65.90 41.84 -62.23
C PHE S 569 67.05 42.27 -63.12
N LYS S 570 68.29 42.03 -62.68
CA LYS S 570 69.45 42.37 -63.50
C LYS S 570 69.33 41.76 -64.89
N ASP S 571 68.73 40.58 -65.00
CA ASP S 571 68.61 39.94 -66.29
C ASP S 571 67.49 40.53 -67.13
N ASP S 572 66.61 41.33 -66.52
CA ASP S 572 65.60 42.05 -67.28
C ASP S 572 66.21 43.15 -68.15
N LEU S 573 67.41 43.61 -67.82
CA LEU S 573 67.97 44.79 -68.47
C LEU S 573 68.45 44.43 -69.87
N LYS S 574 68.08 45.26 -70.85
CA LYS S 574 68.43 45.05 -72.24
C LYS S 574 69.08 46.31 -72.79
N ILE S 575 69.69 46.20 -73.96
CA ILE S 575 70.26 47.35 -74.65
C ILE S 575 69.33 47.77 -75.77
N ASP S 576 69.15 49.07 -75.91
CA ASP S 576 68.23 49.66 -76.88
C ASP S 576 68.96 50.75 -77.64
N LEU S 577 68.76 50.78 -78.96
CA LEU S 577 69.48 51.68 -79.84
C LEU S 577 68.43 52.60 -80.46
N MET S 578 68.26 53.77 -79.86
CA MET S 578 67.21 54.66 -80.29
C MET S 578 67.56 55.29 -81.63
N PRO S 579 66.55 55.64 -82.43
CA PRO S 579 66.79 56.03 -83.82
C PRO S 579 67.38 57.42 -83.94
N HIS S 580 67.53 58.11 -82.81
CA HIS S 580 68.17 59.41 -82.76
C HIS S 580 68.80 59.57 -81.39
N ASP S 581 69.64 60.59 -81.27
CA ASP S 581 70.31 60.86 -80.01
C ASP S 581 69.31 61.30 -78.97
N LEU S 582 69.71 61.21 -77.70
CA LEU S 582 68.78 61.53 -76.62
C LEU S 582 68.28 62.97 -76.75
N ILE S 583 69.18 63.89 -77.09
CA ILE S 583 68.81 65.30 -77.14
C ILE S 583 67.88 65.56 -78.32
N THR S 584 68.21 65.02 -79.48
CA THR S 584 67.29 65.08 -80.62
C THR S 584 65.94 64.47 -80.28
N GLN S 585 65.93 63.37 -79.54
CA GLN S 585 64.68 62.70 -79.21
C GLN S 585 63.84 63.57 -78.31
N LEU S 586 64.43 64.11 -77.25
CA LEU S 586 63.72 65.01 -76.36
C LEU S 586 63.24 66.24 -77.12
N LEU S 587 64.04 66.72 -78.08
CA LEU S 587 63.64 67.89 -78.84
C LEU S 587 62.44 67.57 -79.73
N ARG S 588 62.42 66.37 -80.31
CA ARG S 588 61.24 65.91 -81.03
C ARG S 588 60.03 65.85 -80.10
N VAL S 589 60.22 65.30 -78.90
CA VAL S 589 59.13 65.19 -77.94
C VAL S 589 58.57 66.57 -77.63
N LEU S 590 59.45 67.53 -77.36
CA LEU S 590 59.02 68.86 -76.95
C LEU S 590 58.53 69.70 -78.12
N ALA S 591 58.90 69.33 -79.35
CA ALA S 591 58.48 70.12 -80.51
C ALA S 591 57.01 69.94 -80.82
N ILE S 592 56.38 68.91 -80.26
CA ILE S 592 54.98 68.64 -80.58
C ILE S 592 54.14 69.82 -80.09
N GLU S 593 53.22 70.28 -80.94
CA GLU S 593 52.27 71.32 -80.56
C GLU S 593 52.95 72.68 -80.55
N PRO S 605 67.42 61.57 -89.72
CA PRO S 605 68.78 61.80 -89.26
C PRO S 605 69.84 61.12 -90.11
N THR S 606 69.72 61.25 -91.44
CA THR S 606 70.68 60.69 -92.36
C THR S 606 71.70 61.71 -92.83
N GLU S 607 71.49 62.99 -92.50
CA GLU S 607 72.41 64.07 -92.83
C GLU S 607 73.10 64.60 -91.58
N LEU S 608 72.92 63.93 -90.44
CA LEU S 608 73.51 64.31 -89.18
C LEU S 608 74.33 63.13 -88.65
N THR S 609 75.53 63.42 -88.18
CA THR S 609 76.36 62.39 -87.58
C THR S 609 75.67 61.78 -86.37
N LEU S 610 75.83 60.47 -86.23
CA LEU S 610 75.20 59.72 -85.15
C LEU S 610 76.13 58.56 -84.82
N SER S 611 76.22 58.23 -83.53
CA SER S 611 77.17 57.22 -83.10
C SER S 611 76.65 56.59 -81.82
N GLY S 612 77.42 55.65 -81.28
CA GLY S 612 76.96 54.91 -80.13
C GLY S 612 76.75 55.79 -78.92
N LEU S 613 77.58 56.82 -78.76
CA LEU S 613 77.48 57.63 -77.55
C LEU S 613 76.08 58.24 -77.45
N GLU S 614 75.57 58.82 -78.53
CA GLU S 614 74.27 59.45 -78.49
C GLU S 614 73.12 58.46 -78.68
N ALA S 615 73.34 57.39 -79.45
CA ALA S 615 72.27 56.43 -79.70
C ALA S 615 71.95 55.56 -78.49
N PHE S 616 72.94 55.30 -77.64
CA PHE S 616 72.80 54.25 -76.64
C PHE S 616 71.66 54.53 -75.66
N SER S 617 70.93 53.47 -75.33
CA SER S 617 69.97 53.50 -74.23
C SER S 617 69.92 52.10 -73.63
N PHE S 618 69.34 52.00 -72.44
CA PHE S 618 68.81 50.74 -71.93
C PHE S 618 67.33 50.60 -72.24
N ASP S 619 66.85 49.35 -72.25
CA ASP S 619 65.44 49.05 -72.08
C ASP S 619 65.25 48.06 -70.95
N TYR S 620 63.99 47.89 -70.53
CA TYR S 620 63.64 46.95 -69.46
C TYR S 620 62.31 46.31 -69.82
N VAL S 621 62.32 45.02 -70.14
CA VAL S 621 61.09 44.31 -70.47
C VAL S 621 60.26 44.11 -69.21
N VAL S 622 58.98 44.41 -69.30
CA VAL S 622 58.02 44.12 -68.23
C VAL S 622 56.82 43.44 -68.86
N THR S 623 56.39 42.33 -68.27
CA THR S 623 55.21 41.61 -68.72
C THR S 623 54.01 41.87 -67.81
N TRP S 624 52.82 41.74 -68.40
CA TRP S 624 51.61 41.85 -67.62
C TRP S 624 51.57 40.73 -66.57
N PRO S 625 51.04 41.00 -65.37
CA PRO S 625 50.29 42.20 -65.04
C PRO S 625 51.21 43.34 -64.63
N LEU S 626 52.48 43.07 -64.32
CA LEU S 626 53.38 44.15 -63.93
C LEU S 626 53.54 45.17 -65.05
N SER S 627 53.29 44.76 -66.29
CA SER S 627 53.41 45.64 -67.46
C SER S 627 52.37 46.74 -67.46
N LEU S 628 51.38 46.66 -66.57
CA LEU S 628 50.31 47.65 -66.46
C LEU S 628 50.75 48.94 -65.78
N ILE S 629 51.95 48.98 -65.19
CA ILE S 629 52.49 50.21 -64.61
C ILE S 629 53.60 50.79 -65.49
N ILE S 630 54.67 50.04 -65.71
CA ILE S 630 55.73 50.47 -66.60
C ILE S 630 55.20 50.32 -68.03
N ASN S 631 55.03 51.44 -68.71
CA ASN S 631 54.55 51.44 -70.09
C ASN S 631 55.39 52.38 -70.92
N ARG S 632 55.04 52.47 -72.21
CA ARG S 632 55.79 53.30 -73.13
C ARG S 632 55.87 54.73 -72.60
N LYS S 633 54.77 55.25 -72.07
CA LYS S 633 54.78 56.63 -71.61
C LYS S 633 55.80 56.81 -70.48
N ALA S 634 55.96 55.78 -69.65
CA ALA S 634 56.94 55.83 -68.57
C ALA S 634 58.32 55.39 -69.04
N LEU S 635 58.36 54.35 -69.87
CA LEU S 635 59.64 53.85 -70.35
C LEU S 635 60.39 54.93 -71.12
N THR S 636 59.70 55.68 -71.95
CA THR S 636 60.35 56.73 -72.72
C THR S 636 60.98 57.77 -71.80
N ARG S 637 60.29 58.13 -70.72
CA ARG S 637 60.83 59.11 -69.80
C ARG S 637 62.04 58.57 -69.06
N TYR S 638 61.94 57.33 -68.56
CA TYR S 638 63.11 56.72 -67.94
C TYR S 638 64.30 56.69 -68.90
N GLN S 639 64.04 56.40 -70.18
CA GLN S 639 65.12 56.34 -71.14
C GLN S 639 65.72 57.71 -71.38
N MET S 640 64.89 58.74 -71.52
CA MET S 640 65.41 60.08 -71.74
C MET S 640 66.30 60.50 -70.58
N LEU S 641 65.83 60.27 -69.35
CA LEU S 641 66.62 60.64 -68.18
C LEU S 641 67.94 59.89 -68.17
N PHE S 642 67.88 58.58 -68.42
CA PHE S 642 69.09 57.78 -68.46
C PHE S 642 70.07 58.35 -69.47
N ARG S 643 69.60 58.61 -70.70
CA ARG S 643 70.49 59.06 -71.75
C ARG S 643 71.13 60.40 -71.41
N HIS S 644 70.36 61.34 -70.86
CA HIS S 644 70.94 62.62 -70.47
C HIS S 644 72.02 62.42 -69.41
N MET S 645 71.72 61.63 -68.38
CA MET S 645 72.70 61.44 -67.32
C MET S 645 73.94 60.75 -67.86
N PHE S 646 73.74 59.81 -68.79
CA PHE S 646 74.86 59.06 -69.32
C PHE S 646 75.76 59.96 -70.15
N TYR S 647 75.18 60.86 -70.94
CA TYR S 647 76.00 61.75 -71.75
C TYR S 647 76.82 62.68 -70.85
N CYS S 648 76.18 63.20 -69.80
CA CYS S 648 76.94 64.01 -68.86
C CYS S 648 78.05 63.21 -68.18
N LYS S 649 77.79 61.93 -67.90
CA LYS S 649 78.82 61.13 -67.24
C LYS S 649 79.97 60.81 -68.19
N HIS S 650 79.65 60.54 -69.46
CA HIS S 650 80.68 60.38 -70.47
C HIS S 650 81.56 61.62 -70.54
N VAL S 651 80.95 62.81 -70.50
CA VAL S 651 81.75 64.01 -70.63
C VAL S 651 82.62 64.21 -69.40
N GLU S 652 82.07 63.94 -68.22
CA GLU S 652 82.87 64.03 -66.99
C GLU S 652 84.05 63.06 -67.06
N ARG S 653 83.82 61.86 -67.56
CA ARG S 653 84.88 60.87 -67.64
C ARG S 653 85.97 61.32 -68.59
N GLN S 654 85.60 61.86 -69.75
CA GLN S 654 86.62 62.29 -70.68
C GLN S 654 87.41 63.48 -70.14
N LEU S 655 86.75 64.39 -69.43
CA LEU S 655 87.48 65.50 -68.84
C LEU S 655 88.43 65.02 -67.76
N CYS S 656 88.01 64.02 -66.97
CA CYS S 656 88.90 63.45 -65.98
C CYS S 656 90.10 62.79 -66.64
N SER S 657 89.85 62.05 -67.72
CA SER S 657 90.95 61.42 -68.45
C SER S 657 91.95 62.47 -68.94
N VAL S 658 91.45 63.59 -69.48
CA VAL S 658 92.36 64.61 -69.99
C VAL S 658 93.17 65.23 -68.86
N TRP S 659 92.51 65.53 -67.74
CA TRP S 659 93.22 66.08 -66.59
C TRP S 659 94.29 65.12 -66.11
N ILE S 660 93.98 63.82 -66.05
CA ILE S 660 94.97 62.88 -65.55
C ILE S 660 96.12 62.78 -66.52
N SER S 661 95.82 62.79 -67.83
CA SER S 661 96.88 62.62 -68.81
C SER S 661 97.82 63.81 -68.76
N ASN S 662 97.31 64.97 -68.33
CA ASN S 662 98.14 66.15 -68.19
C ASN S 662 98.98 66.14 -66.91
N LYS S 663 98.88 65.06 -66.12
CA LYS S 663 99.75 64.86 -64.96
C LYS S 663 101.22 64.71 -65.33
N ALA S 664 101.53 64.29 -66.57
CA ALA S 664 102.92 64.15 -67.00
C ALA S 664 103.71 65.45 -66.91
N ALA S 665 103.04 66.60 -66.95
CA ALA S 665 103.75 67.88 -66.92
C ALA S 665 104.48 68.14 -65.60
N LYS S 666 104.18 67.41 -64.53
CA LYS S 666 104.85 67.66 -63.26
C LYS S 666 106.28 67.15 -63.25
N ARG S 667 106.61 66.15 -64.09
CA ARG S 667 107.99 65.67 -64.17
C ARG S 667 108.92 66.64 -64.87
N PHE S 668 108.39 67.63 -65.57
CA PHE S 668 109.20 68.60 -66.29
C PHE S 668 109.18 69.95 -65.60
N SER S 669 110.03 70.83 -66.10
CA SER S 669 110.26 72.14 -65.48
C SER S 669 108.94 72.82 -65.18
N LEU S 670 108.92 73.59 -64.10
CA LEU S 670 107.78 74.47 -63.83
C LEU S 670 107.81 75.71 -64.72
N HIS S 671 108.96 76.08 -65.26
CA HIS S 671 109.18 77.38 -65.86
C HIS S 671 109.14 77.33 -67.39
N SER S 672 108.84 76.17 -67.97
CA SER S 672 108.52 76.03 -69.38
C SER S 672 107.13 75.41 -69.53
N ALA S 673 106.25 75.79 -68.62
CA ALA S 673 104.87 75.31 -68.54
C ALA S 673 103.89 76.46 -68.74
N LYS S 674 104.35 77.60 -69.24
CA LYS S 674 103.48 78.76 -69.35
C LYS S 674 102.20 78.43 -70.11
N TRP S 675 102.26 77.52 -71.07
CA TRP S 675 101.08 77.27 -71.88
C TRP S 675 100.33 76.04 -71.41
N PHE S 676 101.02 75.09 -70.78
CA PHE S 676 100.33 74.03 -70.05
C PHE S 676 99.42 74.61 -68.98
N ALA S 677 99.89 75.64 -68.28
CA ALA S 677 99.18 76.14 -67.11
C ALA S 677 97.84 76.77 -67.48
N GLY S 678 97.79 77.49 -68.60
CA GLY S 678 96.52 78.04 -69.05
C GLY S 678 95.51 76.94 -69.39
N ALA S 679 95.99 75.90 -70.07
CA ALA S 679 95.13 74.75 -70.33
C ALA S 679 94.65 74.14 -69.03
N PHE S 680 95.53 74.04 -68.03
CA PHE S 680 95.16 73.41 -66.77
C PHE S 680 94.08 74.23 -66.06
N THR S 681 94.23 75.55 -66.05
CA THR S 681 93.24 76.40 -65.38
C THR S 681 91.90 76.39 -66.12
N LEU S 682 91.94 76.37 -67.46
CA LEU S 682 90.70 76.24 -68.21
C LEU S 682 90.04 74.89 -67.94
N ARG S 683 90.84 73.83 -67.91
CA ARG S 683 90.32 72.52 -67.56
C ARG S 683 89.65 72.54 -66.19
N GLN S 684 90.29 73.17 -65.22
CA GLN S 684 89.70 73.23 -63.88
C GLN S 684 88.37 73.97 -63.90
N ARG S 685 88.33 75.14 -64.56
CA ARG S 685 87.09 75.90 -64.64
C ARG S 685 85.99 75.09 -65.33
N MET S 686 86.33 74.42 -66.42
CA MET S 686 85.33 73.68 -67.17
C MET S 686 84.83 72.50 -66.37
N LEU S 687 85.73 71.78 -65.71
CA LEU S 687 85.34 70.64 -64.91
C LEU S 687 84.42 71.09 -63.78
N ASN S 688 84.76 72.20 -63.13
CA ASN S 688 83.93 72.71 -62.05
C ASN S 688 82.53 73.06 -62.56
N PHE S 689 82.45 73.76 -63.70
CA PHE S 689 81.16 74.10 -64.26
C PHE S 689 80.33 72.85 -64.57
N VAL S 690 80.92 71.93 -65.33
CA VAL S 690 80.17 70.76 -65.78
C VAL S 690 79.75 69.91 -64.59
N GLN S 691 80.65 69.74 -63.63
CA GLN S 691 80.34 68.94 -62.46
C GLN S 691 79.26 69.60 -61.63
N ASN S 692 79.28 70.93 -61.56
CA ASN S 692 78.24 71.61 -60.80
C ASN S 692 76.88 71.43 -61.47
N ILE S 693 76.84 71.52 -62.79
CA ILE S 693 75.59 71.28 -63.51
C ILE S 693 75.08 69.87 -63.23
N GLN S 694 75.96 68.88 -63.41
CA GLN S 694 75.59 67.49 -63.18
C GLN S 694 75.10 67.30 -61.75
N SER S 695 75.84 67.83 -60.78
CA SER S 695 75.50 67.61 -59.38
C SER S 695 74.16 68.25 -59.05
N TYR S 696 73.92 69.46 -59.57
CA TYR S 696 72.62 70.09 -59.40
C TYR S 696 71.52 69.17 -59.91
N MET S 697 71.65 68.69 -61.15
CA MET S 697 70.61 67.84 -61.69
C MET S 697 70.42 66.61 -60.82
N MET S 698 71.53 65.97 -60.42
CA MET S 698 71.45 64.68 -59.76
C MET S 698 70.89 64.80 -58.35
N PHE S 699 71.40 65.74 -57.58
CA PHE S 699 71.06 65.87 -56.18
C PHE S 699 69.89 66.80 -55.92
N GLU S 700 69.39 67.49 -56.95
CA GLU S 700 68.29 68.42 -56.80
C GLU S 700 67.10 68.07 -57.66
N VAL S 701 67.28 67.22 -58.66
CA VAL S 701 66.20 66.68 -59.47
C VAL S 701 65.95 65.23 -59.11
N MET S 702 66.95 64.38 -59.32
CA MET S 702 66.77 62.94 -59.15
C MET S 702 66.44 62.63 -57.70
N GLU S 703 67.25 63.12 -56.77
CA GLU S 703 67.09 62.69 -55.39
C GLU S 703 65.75 63.18 -54.85
N PRO S 704 65.34 64.43 -55.07
CA PRO S 704 64.03 64.85 -54.58
C PRO S 704 62.86 64.15 -55.27
N THR S 705 62.89 64.03 -56.60
CA THR S 705 61.78 63.35 -57.24
C THR S 705 61.69 61.89 -56.84
N TRP S 706 62.82 61.25 -56.60
CA TRP S 706 62.80 59.85 -56.18
C TRP S 706 62.33 59.70 -54.75
N HIS S 707 62.82 60.57 -53.85
CA HIS S 707 62.26 60.60 -52.50
C HIS S 707 60.75 60.75 -52.55
N VAL S 708 60.26 61.69 -53.36
CA VAL S 708 58.83 61.96 -53.41
C VAL S 708 58.08 60.75 -53.93
N LEU S 709 58.59 60.12 -54.99
CA LEU S 709 57.97 58.91 -55.51
C LEU S 709 57.97 57.79 -54.47
N GLU S 710 59.09 57.60 -53.79
CA GLU S 710 59.17 56.59 -52.75
C GLU S 710 58.13 56.83 -51.67
N GLN S 711 58.03 58.07 -51.19
CA GLN S 711 57.05 58.39 -50.16
C GLN S 711 55.62 58.19 -50.66
N ASN S 712 55.34 58.61 -51.88
CA ASN S 712 53.96 58.52 -52.35
C ASN S 712 53.55 57.07 -52.54
N LEU S 713 54.43 56.25 -53.11
CA LEU S 713 54.13 54.83 -53.19
C LEU S 713 54.12 54.17 -51.82
N ARG S 714 54.96 54.65 -50.89
CA ARG S 714 54.97 54.15 -49.52
C ARG S 714 53.71 54.54 -48.77
N SER S 715 52.89 55.40 -49.36
CA SER S 715 51.59 55.72 -48.78
C SER S 715 50.49 55.43 -49.79
N ALA S 716 50.81 54.76 -50.88
CA ALA S 716 49.81 54.36 -51.86
C ALA S 716 48.95 53.24 -51.29
N SER S 717 47.69 53.22 -51.72
CA SER S 717 46.74 52.22 -51.27
C SER S 717 45.94 51.60 -52.40
N ASN S 718 45.84 52.26 -53.55
CA ASN S 718 45.22 51.70 -54.74
C ASN S 718 46.13 51.96 -55.94
N ILE S 719 45.79 51.30 -57.04
CA ILE S 719 46.66 51.40 -58.21
C ILE S 719 46.52 52.76 -58.87
N ASP S 720 45.37 53.42 -58.70
CA ASP S 720 45.26 54.78 -59.21
C ASP S 720 46.21 55.69 -58.46
N ASP S 721 46.33 55.48 -57.15
CA ASP S 721 47.28 56.22 -56.34
C ASP S 721 48.71 55.94 -56.79
N VAL S 722 49.02 54.66 -57.04
CA VAL S 722 50.35 54.32 -57.54
C VAL S 722 50.62 55.05 -58.85
N LEU S 723 49.68 54.98 -59.78
CA LEU S 723 49.86 55.62 -61.08
C LEU S 723 50.10 57.12 -60.92
N GLY S 724 49.30 57.77 -60.06
CA GLY S 724 49.47 59.20 -59.87
C GLY S 724 50.82 59.53 -59.28
N HIS S 725 51.23 58.79 -58.24
CA HIS S 725 52.53 59.02 -57.64
C HIS S 725 53.64 58.84 -58.66
N HIS S 726 53.55 57.79 -59.48
CA HIS S 726 54.60 57.51 -60.45
C HIS S 726 54.68 58.60 -61.51
N ALA S 727 53.52 59.03 -62.02
CA ALA S 727 53.52 60.10 -63.02
C ALA S 727 54.10 61.38 -62.42
N SER S 728 53.73 61.69 -61.18
CA SER S 728 54.23 62.92 -60.57
C SER S 728 55.73 62.82 -60.34
N PHE S 729 56.21 61.65 -59.90
CA PHE S 729 57.64 61.42 -59.81
C PHE S 729 58.33 61.72 -61.13
N LEU S 730 57.84 61.10 -62.20
CA LEU S 730 58.49 61.23 -63.49
C LEU S 730 58.51 62.68 -63.94
N ASP S 731 57.40 63.40 -63.80
CA ASP S 731 57.36 64.75 -64.34
C ASP S 731 58.11 65.72 -63.45
N ASN S 732 58.12 65.49 -62.14
CA ASN S 732 58.97 66.27 -61.23
C ASN S 732 60.43 66.11 -61.59
N CYS S 733 60.89 64.87 -61.79
CA CYS S 733 62.29 64.66 -62.13
C CYS S 733 62.62 65.30 -63.47
N LEU S 734 61.70 65.20 -64.44
CA LEU S 734 61.96 65.80 -65.75
C LEU S 734 62.09 67.31 -65.64
N LYS S 735 61.18 67.95 -64.91
CA LYS S 735 61.26 69.40 -64.72
C LYS S 735 62.54 69.79 -64.00
N ASP S 736 62.87 69.09 -62.90
CA ASP S 736 63.94 69.52 -62.02
C ASP S 736 65.32 69.14 -62.52
N CYS S 737 65.41 68.23 -63.49
CA CYS S 737 66.68 67.92 -64.13
C CYS S 737 66.98 68.84 -65.28
N MET S 738 66.23 69.92 -65.44
CA MET S 738 66.48 70.91 -66.49
C MET S 738 66.21 70.31 -67.87
N LEU S 739 65.29 69.35 -67.91
CA LEU S 739 64.93 68.64 -69.13
C LEU S 739 63.79 69.30 -69.89
N THR S 740 63.35 70.49 -69.47
CA THR S 740 62.12 71.06 -70.00
C THR S 740 62.27 72.46 -70.58
N ASN S 741 63.49 72.99 -70.65
CA ASN S 741 63.73 74.30 -71.28
C ASN S 741 64.65 74.14 -72.48
N PRO S 742 64.15 74.24 -73.72
CA PRO S 742 65.00 73.86 -74.85
C PRO S 742 66.18 74.79 -75.00
N GLU S 743 66.11 75.98 -74.41
CA GLU S 743 67.23 76.90 -74.55
C GLU S 743 68.38 76.39 -73.71
N LEU S 744 68.07 75.97 -72.48
CA LEU S 744 69.11 75.45 -71.62
C LEU S 744 69.63 74.15 -72.20
N LEU S 745 68.75 73.37 -72.83
CA LEU S 745 69.22 72.16 -73.50
C LEU S 745 70.26 72.50 -74.56
N ARG S 746 69.99 73.52 -75.38
CA ARG S 746 70.92 73.87 -76.44
C ARG S 746 72.18 74.49 -75.89
N VAL S 747 72.10 75.09 -74.70
CA VAL S 747 73.30 75.68 -74.12
C VAL S 747 74.14 74.60 -73.47
N PHE S 748 73.49 73.61 -72.85
CA PHE S 748 74.24 72.50 -72.28
C PHE S 748 74.91 71.73 -73.41
N SER S 749 74.21 71.58 -74.53
CA SER S 749 74.82 70.93 -75.69
C SER S 749 76.02 71.72 -76.19
N LYS S 750 75.92 73.05 -76.22
CA LYS S 750 77.06 73.85 -76.64
C LYS S 750 78.23 73.70 -75.67
N LEU S 751 77.94 73.70 -74.37
CA LEU S 751 79.00 73.51 -73.38
C LEU S 751 79.67 72.15 -73.54
N MET S 752 78.88 71.11 -73.75
CA MET S 752 79.45 69.79 -73.98
C MET S 752 80.33 69.78 -75.21
N SER S 753 79.85 70.41 -76.30
CA SER S 753 80.66 70.47 -77.51
C SER S 753 81.99 71.16 -77.23
N VAL S 754 81.96 72.26 -76.47
CA VAL S 754 83.19 72.99 -76.19
C VAL S 754 84.14 72.16 -75.35
N CYS S 755 83.60 71.46 -74.34
CA CYS S 755 84.44 70.60 -73.52
C CYS S 755 85.09 69.51 -74.35
N VAL S 756 84.31 68.88 -75.24
CA VAL S 756 84.85 67.79 -76.05
C VAL S 756 85.90 68.32 -77.02
N MET S 757 85.66 69.49 -77.60
CA MET S 757 86.67 70.11 -78.45
C MET S 757 87.94 70.36 -77.67
N PHE S 758 87.82 70.87 -76.44
CA PHE S 758 89.00 71.14 -75.62
C PHE S 758 89.77 69.86 -75.33
N THR S 759 89.06 68.80 -74.97
CA THR S 759 89.75 67.56 -74.62
C THR S 759 90.40 66.93 -75.83
N ASN S 760 89.76 67.03 -77.00
CA ASN S 760 90.37 66.54 -78.22
C ASN S 760 91.55 67.42 -78.61
N CYS S 761 91.51 68.70 -78.26
CA CYS S 761 92.66 69.57 -78.47
C CYS S 761 93.83 69.12 -77.63
N LEU S 762 93.60 68.90 -76.34
CA LEU S 762 94.70 68.53 -75.47
C LEU S 762 95.25 67.17 -75.88
N GLN S 763 94.38 66.25 -76.29
CA GLN S 763 94.85 64.94 -76.70
C GLN S 763 95.63 65.04 -78.00
N ARG S 764 95.17 65.86 -78.94
CA ARG S 764 95.92 66.11 -80.16
C ARG S 764 97.29 66.68 -79.83
N PHE S 765 97.36 67.64 -78.91
CA PHE S 765 98.64 68.29 -78.63
C PHE S 765 99.59 67.32 -77.94
N THR S 766 99.07 66.56 -76.98
CA THR S 766 99.90 65.59 -76.28
C THR S 766 100.33 64.46 -77.20
N GLN S 767 99.57 64.18 -78.26
CA GLN S 767 100.01 63.19 -79.22
C GLN S 767 101.03 63.80 -80.17
N SER S 768 100.87 65.07 -80.53
CA SER S 768 101.84 65.68 -81.42
C SER S 768 103.19 65.73 -80.72
N MET S 769 103.18 66.12 -79.44
CA MET S 769 104.39 66.15 -78.63
C MET S 769 104.97 64.75 -78.45
N LYS S 770 104.13 63.75 -78.23
CA LYS S 770 104.64 62.39 -78.12
C LYS S 770 105.30 61.95 -79.43
N LEU S 771 104.66 62.23 -80.56
CA LEU S 771 105.24 61.85 -81.85
C LEU S 771 106.57 62.56 -82.05
N ASP S 772 106.66 63.83 -81.66
CA ASP S 772 107.88 64.59 -81.88
C ASP S 772 109.01 64.08 -80.99
N SER S 773 108.69 63.74 -79.75
CA SER S 773 109.66 63.16 -78.83
C SER S 773 110.03 61.74 -79.26
N PRO S 815 93.41 68.15 -86.36
CA PRO S 815 92.27 68.95 -86.86
C PRO S 815 92.25 70.37 -86.27
N GLN S 816 91.05 70.90 -86.09
CA GLN S 816 90.94 72.25 -85.55
C GLN S 816 91.51 72.33 -84.13
N LEU S 817 91.21 71.33 -83.30
CA LEU S 817 91.72 71.34 -81.94
C LEU S 817 93.24 71.24 -81.93
N ALA S 818 93.79 70.38 -82.77
CA ALA S 818 95.25 70.21 -82.85
C ALA S 818 95.94 71.46 -83.37
N SER S 819 95.29 72.21 -84.27
CA SER S 819 95.96 73.29 -84.98
C SER S 819 96.55 74.38 -84.08
N SER S 820 95.84 74.81 -83.04
CA SER S 820 96.32 75.90 -82.19
C SER S 820 96.67 75.41 -80.80
N PHE S 821 97.95 75.57 -80.42
CA PHE S 821 98.40 75.12 -79.10
C PHE S 821 97.74 75.94 -77.99
N GLU S 822 97.82 77.27 -78.09
CA GLU S 822 97.30 78.13 -77.03
C GLU S 822 96.21 79.08 -77.51
N ALA S 823 96.19 79.41 -78.81
CA ALA S 823 95.15 80.29 -79.30
C ALA S 823 93.80 79.59 -79.18
N THR S 824 93.77 78.31 -79.52
CA THR S 824 92.54 77.55 -79.44
C THR S 824 92.06 77.47 -78.00
N ILE S 825 92.99 77.26 -77.06
CA ILE S 825 92.61 77.15 -75.66
C ILE S 825 92.01 78.46 -75.18
N THR S 826 92.64 79.58 -75.54
CA THR S 826 92.12 80.87 -75.10
C THR S 826 90.74 81.14 -75.70
N LYS S 827 90.59 80.90 -77.00
CA LYS S 827 89.31 81.14 -77.66
C LYS S 827 88.24 80.23 -77.10
N PHE S 828 88.55 78.95 -76.89
CA PHE S 828 87.58 78.02 -76.36
C PHE S 828 87.16 78.43 -74.95
N ASP S 829 88.11 78.85 -74.13
CA ASP S 829 87.75 79.28 -72.78
C ASP S 829 86.82 80.49 -72.83
N LYS S 830 87.13 81.45 -73.71
CA LYS S 830 86.28 82.62 -73.84
C LYS S 830 84.88 82.25 -74.33
N ASN S 831 84.80 81.38 -75.34
CA ASN S 831 83.51 80.96 -75.85
C ASN S 831 82.71 80.22 -74.80
N PHE S 832 83.37 79.34 -74.04
CA PHE S 832 82.70 78.61 -72.98
C PHE S 832 82.17 79.57 -71.93
N SER S 833 82.97 80.56 -71.56
CA SER S 833 82.51 81.54 -70.57
C SER S 833 81.30 82.30 -71.10
N ALA S 834 81.33 82.71 -72.37
CA ALA S 834 80.21 83.44 -72.94
C ALA S 834 78.94 82.59 -72.97
N HIS S 835 79.07 81.33 -73.39
CA HIS S 835 77.91 80.46 -73.41
C HIS S 835 77.38 80.22 -72.00
N LEU S 836 78.29 80.05 -71.05
CA LEU S 836 77.88 79.85 -69.67
C LEU S 836 77.12 81.05 -69.15
N LEU S 837 77.62 82.26 -69.45
CA LEU S 837 76.92 83.46 -69.01
C LEU S 837 75.54 83.55 -69.64
N ASP S 838 75.43 83.22 -70.93
CA ASP S 838 74.14 83.24 -71.59
C ASP S 838 73.16 82.30 -70.90
N LEU S 839 73.49 81.01 -70.90
CA LEU S 839 72.63 80.01 -70.26
C LEU S 839 72.32 80.37 -68.80
N LEU S 840 73.29 80.88 -68.06
CA LEU S 840 73.06 81.23 -66.67
C LEU S 840 72.07 82.38 -66.56
N ALA S 841 72.17 83.35 -67.46
CA ALA S 841 71.19 84.45 -67.46
C ALA S 841 69.80 83.93 -67.77
N ARG S 842 69.68 83.02 -68.74
CA ARG S 842 68.38 82.44 -69.03
C ARG S 842 67.84 81.68 -67.83
N LEU S 843 68.72 80.91 -67.17
CA LEU S 843 68.32 80.16 -65.98
C LEU S 843 67.84 81.10 -64.88
N SER S 844 68.58 82.18 -64.64
CA SER S 844 68.18 83.12 -63.61
C SER S 844 66.87 83.80 -63.95
N ILE S 845 66.66 84.10 -65.23
CA ILE S 845 65.39 84.71 -65.63
C ILE S 845 64.24 83.74 -65.35
N TYR S 846 64.43 82.47 -65.70
CA TYR S 846 63.38 81.48 -65.45
C TYR S 846 63.16 81.29 -63.96
N SER S 847 64.21 81.37 -63.16
CA SER S 847 64.05 81.21 -61.72
C SER S 847 63.31 82.40 -61.13
N THR S 848 63.71 83.61 -61.51
CA THR S 848 63.08 84.82 -60.99
C THR S 848 61.66 84.97 -61.50
N SER S 849 61.28 84.25 -62.55
CA SER S 849 59.92 84.33 -63.09
C SER S 849 59.01 83.24 -62.55
N ASP S 850 59.44 81.99 -62.54
CA ASP S 850 58.58 80.90 -62.12
C ASP S 850 58.81 80.56 -60.64
N CYS S 851 60.94 80.97 -58.20
CA CYS S 851 61.42 80.27 -57.02
C CYS S 851 61.88 78.87 -57.36
N GLU S 852 62.95 78.76 -58.15
CA GLU S 852 63.53 77.47 -58.52
C GLU S 852 64.75 77.19 -57.64
N HIS S 853 64.56 76.31 -56.65
CA HIS S 853 65.66 76.03 -55.74
C HIS S 853 66.84 75.47 -56.51
N GLY S 854 66.60 74.88 -57.68
CA GLY S 854 67.69 74.30 -58.42
C GLY S 854 68.60 75.39 -58.97
N MET S 855 67.99 76.47 -59.48
CA MET S 855 68.79 77.57 -59.99
C MET S 855 69.44 78.33 -58.84
N ALA S 856 68.78 78.39 -57.68
CA ALA S 856 69.43 78.98 -56.53
C ALA S 856 70.64 78.16 -56.09
N SER S 857 70.54 76.84 -56.20
CA SER S 857 71.66 75.98 -55.89
C SER S 857 72.78 76.15 -56.91
N VAL S 858 72.42 76.27 -58.18
CA VAL S 858 73.41 76.48 -59.23
C VAL S 858 74.15 77.78 -58.99
N ILE S 859 73.42 78.85 -58.66
CA ILE S 859 74.07 80.13 -58.36
C ILE S 859 74.97 79.99 -57.13
N SER S 860 74.49 79.31 -56.09
CA SER S 860 75.26 79.21 -54.85
C SER S 860 76.51 78.36 -55.04
N ARG S 861 76.46 77.41 -55.96
CA ARG S 861 77.65 76.63 -56.29
C ARG S 861 78.60 77.44 -57.17
N LEU S 862 78.07 78.06 -58.22
CA LEU S 862 78.91 78.68 -59.23
C LEU S 862 79.59 79.94 -58.73
N ASP S 863 79.09 80.56 -57.66
CA ASP S 863 79.72 81.80 -57.20
C ASP S 863 80.05 81.75 -55.71
N PHE S 864 80.55 80.60 -55.22
CA PHE S 864 80.83 80.51 -53.80
C PHE S 864 82.09 81.28 -53.45
N ASN S 865 83.15 81.11 -54.24
CA ASN S 865 84.38 81.87 -54.08
C ASN S 865 84.34 83.15 -54.90
N GLY S 866 83.25 83.37 -55.62
CA GLY S 866 83.04 84.56 -56.41
C GLY S 866 83.75 84.57 -57.74
N PHE S 867 84.09 83.40 -58.29
CA PHE S 867 84.75 83.39 -59.58
C PHE S 867 83.77 83.80 -60.66
N TYR S 868 82.55 83.27 -60.59
CA TYR S 868 81.52 83.63 -61.54
C TYR S 868 80.65 84.75 -61.02
N THR S 869 80.65 84.98 -59.70
CA THR S 869 79.72 85.92 -59.09
C THR S 869 79.81 87.30 -59.72
N GLU S 870 81.04 87.82 -59.80
CA GLU S 870 81.27 89.14 -60.40
C GLU S 870 80.91 89.17 -61.87
N ARG S 871 81.22 88.10 -62.62
CA ARG S 871 80.88 88.09 -64.03
C ARG S 871 79.37 88.08 -64.22
N LEU S 872 78.66 87.30 -63.40
CA LEU S 872 77.21 87.24 -63.48
C LEU S 872 76.58 88.57 -63.09
N GLU S 873 77.13 89.23 -62.08
CA GLU S 873 76.65 90.56 -61.72
C GLU S 873 76.87 91.54 -62.87
N ARG S 874 78.06 91.52 -63.47
CA ARG S 874 78.36 92.44 -64.54
C ARG S 874 77.45 92.21 -65.73
N LEU S 875 77.21 90.94 -66.08
CA LEU S 875 76.32 90.65 -67.20
C LEU S 875 74.88 91.02 -66.87
N SER S 876 74.47 90.86 -65.61
CA SER S 876 73.15 91.33 -65.21
C SER S 876 73.05 92.84 -65.41
N ALA S 877 74.09 93.56 -65.02
CA ALA S 877 74.14 95.00 -65.21
C ALA S 877 74.14 95.31 -66.71
N MET T 1 -22.62 5.43 -65.00
CA MET T 1 -21.58 5.88 -65.95
C MET T 1 -20.19 5.56 -65.41
N ILE T 2 -19.88 6.18 -64.27
CA ILE T 2 -18.54 6.08 -63.72
C ILE T 2 -18.17 4.64 -63.38
N HIS T 3 -19.09 3.92 -62.75
CA HIS T 3 -18.81 2.51 -62.46
C HIS T 3 -18.55 1.70 -63.70
N GLU T 4 -19.32 1.93 -64.78
CA GLU T 4 -19.06 1.20 -66.01
C GLU T 4 -17.77 1.60 -66.67
N LEU T 5 -17.36 2.85 -66.54
CA LEU T 5 -16.05 3.26 -67.04
C LEU T 5 -14.94 2.55 -66.28
N LEU T 6 -15.06 2.51 -64.95
CA LEU T 6 -14.06 1.83 -64.17
C LEU T 6 -14.02 0.35 -64.51
N LEU T 7 -15.19 -0.25 -64.74
CA LEU T 7 -15.24 -1.64 -65.19
C LEU T 7 -14.53 -1.83 -66.52
N ALA T 8 -14.79 -0.94 -67.47
CA ALA T 8 -14.16 -1.07 -68.78
C ALA T 8 -12.65 -0.91 -68.69
N LEU T 9 -12.18 0.04 -67.89
CA LEU T 9 -10.74 0.13 -67.67
C LEU T 9 -10.23 -1.07 -66.90
N SER T 10 -11.07 -1.71 -66.10
CA SER T 10 -10.73 -2.94 -65.43
C SER T 10 -10.85 -4.16 -66.32
N GLY T 11 -11.21 -3.99 -67.58
CA GLY T 11 -11.25 -5.10 -68.51
C GLY T 11 -12.60 -5.71 -68.74
N TYR T 12 -13.68 -5.06 -68.33
CA TYR T 12 -15.02 -5.59 -68.53
C TYR T 12 -15.75 -4.68 -69.51
N PRO T 13 -15.72 -4.99 -70.80
CA PRO T 13 -16.43 -4.15 -71.77
C PRO T 13 -17.92 -4.08 -71.46
N GLY T 14 -18.50 -2.90 -71.67
CA GLY T 14 -19.92 -2.72 -71.42
C GLY T 14 -20.74 -2.43 -72.67
N SER T 15 -21.90 -1.82 -72.51
CA SER T 15 -22.72 -1.46 -73.66
C SER T 15 -22.25 -0.17 -74.33
N ILE T 16 -21.82 0.81 -73.54
CA ILE T 16 -21.33 2.06 -74.10
C ILE T 16 -19.89 1.92 -74.58
N PHE T 17 -19.08 1.19 -73.85
CA PHE T 17 -17.67 0.99 -74.17
C PHE T 17 -17.47 -0.47 -74.60
N THR T 18 -17.38 -0.69 -75.91
CA THR T 18 -17.36 -2.02 -76.48
C THR T 18 -15.95 -2.43 -76.88
N TRP T 19 -15.67 -3.73 -76.78
CA TRP T 19 -14.41 -4.33 -77.19
C TRP T 19 -14.47 -4.76 -78.64
N ASN T 20 -13.53 -4.29 -79.43
CA ASN T 20 -13.34 -4.71 -80.81
C ASN T 20 -12.04 -5.48 -80.89
N LYS T 21 -12.09 -6.69 -81.46
CA LYS T 21 -10.88 -7.48 -81.56
C LYS T 21 -9.77 -6.71 -82.26
N ARG T 22 -10.14 -5.81 -83.17
CA ARG T 22 -9.18 -5.00 -83.92
C ARG T 22 -8.83 -3.68 -83.22
N GLY T 23 -9.80 -3.00 -82.62
CA GLY T 23 -9.56 -1.66 -82.10
C GLY T 23 -9.36 -1.58 -80.61
N GLY T 24 -9.67 -2.65 -79.89
CA GLY T 24 -9.72 -2.61 -78.45
C GLY T 24 -11.01 -1.99 -77.92
N LEU T 25 -10.91 -1.45 -76.71
CA LEU T 25 -12.03 -0.76 -76.10
C LEU T 25 -12.30 0.58 -76.77
N GLN T 26 -13.57 0.87 -77.06
CA GLN T 26 -13.91 2.17 -77.60
C GLN T 26 -15.29 2.57 -77.12
N VAL T 27 -15.49 3.87 -76.99
CA VAL T 27 -16.80 4.45 -76.66
C VAL T 27 -17.81 4.24 -77.79
N SER T 28 -18.99 3.75 -77.41
CA SER T 28 -20.10 3.69 -78.35
C SER T 28 -20.46 5.11 -78.76
N GLN T 29 -20.61 5.34 -80.08
CA GLN T 29 -21.06 6.63 -80.54
C GLN T 29 -22.50 6.93 -80.13
N ASP T 30 -23.29 5.90 -79.86
CA ASP T 30 -24.71 6.02 -79.55
C ASP T 30 -25.02 6.32 -78.08
N PHE T 31 -24.02 6.42 -77.22
CA PHE T 31 -24.33 6.63 -75.81
C PHE T 31 -24.85 8.05 -75.57
N PRO T 32 -26.15 8.22 -75.29
CA PRO T 32 -26.68 9.55 -75.04
C PRO T 32 -26.27 10.08 -73.68
N PHE T 33 -26.49 11.39 -73.50
CA PHE T 33 -26.41 12.13 -72.25
C PHE T 33 -24.96 12.51 -71.93
N LEU T 34 -24.00 12.09 -72.73
CA LEU T 34 -22.62 12.54 -72.63
C LEU T 34 -22.41 13.73 -73.56
N HIS T 35 -21.71 14.75 -73.08
CA HIS T 35 -21.30 15.80 -73.98
C HIS T 35 -20.27 15.24 -74.97
N PRO T 36 -20.32 15.68 -76.23
CA PRO T 36 -19.36 15.16 -77.21
C PRO T 36 -17.92 15.25 -76.76
N SER T 37 -17.58 16.30 -76.02
CA SER T 37 -16.23 16.40 -75.48
C SER T 37 -15.99 15.27 -74.48
N GLU T 38 -17.03 14.93 -73.71
CA GLU T 38 -16.89 13.82 -72.78
C GLU T 38 -16.66 12.52 -73.51
N THR T 39 -17.40 12.29 -74.60
CA THR T 39 -17.14 11.13 -75.43
C THR T 39 -15.71 11.12 -75.98
N SER T 40 -15.20 12.28 -76.38
CA SER T 40 -13.83 12.33 -76.88
C SER T 40 -12.83 11.97 -75.80
N VAL T 41 -13.00 12.52 -74.60
CA VAL T 41 -12.11 12.22 -73.49
C VAL T 41 -12.20 10.74 -73.16
N LEU T 42 -13.41 10.20 -73.15
CA LEU T 42 -13.59 8.80 -72.88
C LEU T 42 -12.86 7.95 -73.90
N ASN T 43 -12.93 8.31 -75.18
CA ASN T 43 -12.20 7.56 -76.19
C ASN T 43 -10.69 7.70 -76.03
N ARG T 44 -10.22 8.85 -75.55
CA ARG T 44 -8.80 8.97 -75.25
C ARG T 44 -8.39 8.02 -74.15
N LEU T 45 -9.22 7.88 -73.13
CA LEU T 45 -8.96 6.87 -72.10
C LEU T 45 -9.09 5.46 -72.68
N CYS T 46 -10.10 5.25 -73.51
CA CYS T 46 -10.33 3.95 -74.10
C CYS T 46 -9.16 3.48 -74.95
N ARG T 47 -8.35 4.40 -75.46
CA ARG T 47 -7.12 3.94 -76.11
C ARG T 47 -6.22 3.20 -75.12
N LEU T 48 -6.12 3.72 -73.90
CA LEU T 48 -5.38 3.04 -72.86
C LEU T 48 -6.04 1.73 -72.49
N GLY T 49 -7.37 1.74 -72.33
CA GLY T 49 -8.07 0.50 -72.05
C GLY T 49 -7.90 -0.55 -73.12
N THR T 50 -7.86 -0.13 -74.38
CA THR T 50 -7.62 -1.06 -75.48
C THR T 50 -6.24 -1.68 -75.35
N ASP T 51 -5.25 -0.85 -75.07
CA ASP T 51 -3.91 -1.39 -74.92
C ASP T 51 -3.85 -2.33 -73.73
N TYR T 52 -4.54 -2.00 -72.64
CA TYR T 52 -4.58 -2.89 -71.49
C TYR T 52 -5.18 -4.24 -71.85
N ILE T 53 -6.31 -4.24 -72.55
CA ILE T 53 -6.94 -5.48 -72.97
C ILE T 53 -5.98 -6.31 -73.82
N ARG T 54 -5.35 -5.66 -74.81
CA ARG T 54 -4.43 -6.41 -75.68
C ARG T 54 -3.26 -6.96 -74.88
N PHE T 55 -2.76 -6.19 -73.93
CA PHE T 55 -1.67 -6.67 -73.09
C PHE T 55 -2.11 -7.87 -72.27
N THR T 56 -3.33 -7.82 -71.74
CA THR T 56 -3.80 -8.94 -70.92
C THR T 56 -3.97 -10.20 -71.75
N GLU T 57 -4.56 -10.08 -72.93
CA GLU T 57 -4.65 -11.22 -73.82
C GLU T 57 -3.28 -11.80 -74.13
N PHE T 58 -2.31 -10.94 -74.43
CA PHE T 58 -0.96 -11.43 -74.71
C PHE T 58 -0.36 -12.13 -73.51
N ILE T 59 -0.50 -11.54 -72.31
CA ILE T 59 0.06 -12.13 -71.11
C ILE T 59 -0.52 -13.52 -70.89
N GLU T 60 -1.85 -13.64 -70.97
CA GLU T 60 -2.46 -14.94 -70.77
C GLU T 60 -1.98 -15.95 -71.81
N GLN T 61 -1.93 -15.54 -73.08
CA GLN T 61 -1.53 -16.47 -74.13
C GLN T 61 -0.10 -17.00 -73.92
N TYR T 62 0.82 -16.14 -73.51
CA TYR T 62 2.23 -16.50 -73.47
C TYR T 62 2.77 -16.85 -72.10
N THR T 63 1.96 -16.74 -71.04
CA THR T 63 2.41 -17.18 -69.71
C THR T 63 1.73 -18.43 -69.19
N GLY T 64 0.52 -18.73 -69.63
CA GLY T 64 -0.29 -19.75 -68.99
C GLY T 64 0.08 -21.19 -69.30
N HIS T 65 1.09 -21.44 -70.11
CA HIS T 65 1.50 -22.80 -70.48
C HIS T 65 2.85 -23.10 -69.82
N VAL T 66 2.79 -23.54 -68.55
CA VAL T 66 3.90 -24.26 -67.93
C VAL T 66 3.47 -25.67 -67.53
N GLY T 80 6.58 -21.92 -82.96
CA GLY T 80 6.08 -20.86 -82.11
C GLY T 80 7.08 -20.45 -81.04
N LEU T 81 7.07 -19.16 -80.69
CA LEU T 81 7.90 -18.73 -79.59
C LEU T 81 7.45 -19.40 -78.30
N HIS T 82 8.43 -19.87 -77.53
CA HIS T 82 8.19 -20.48 -76.24
C HIS T 82 9.43 -20.28 -75.41
N GLY T 83 9.30 -20.39 -74.11
CA GLY T 83 10.47 -20.26 -73.26
C GLY T 83 10.18 -19.63 -71.93
N ILE T 84 11.09 -19.89 -70.99
CA ILE T 84 10.95 -19.33 -69.67
C ILE T 84 11.18 -17.84 -69.71
N TYR T 85 11.96 -17.35 -70.67
CA TYR T 85 12.13 -15.91 -70.76
C TYR T 85 10.84 -15.25 -71.22
N LEU T 86 10.10 -15.89 -72.12
CA LEU T 86 8.81 -15.34 -72.52
C LEU T 86 7.83 -15.33 -71.35
N ARG T 87 7.83 -16.41 -70.57
CA ARG T 87 6.99 -16.42 -69.37
C ARG T 87 7.41 -15.32 -68.40
N ALA T 88 8.70 -15.14 -68.19
CA ALA T 88 9.18 -14.08 -67.31
C ALA T 88 8.75 -12.71 -67.82
N PHE T 89 8.79 -12.50 -69.12
CA PHE T 89 8.31 -11.25 -69.70
C PHE T 89 6.84 -11.04 -69.38
N CYS T 90 6.02 -12.07 -69.54
CA CYS T 90 4.61 -11.91 -69.22
C CYS T 90 4.40 -11.60 -67.74
N THR T 91 5.16 -12.27 -66.87
CA THR T 91 5.07 -11.98 -65.44
C THR T 91 5.51 -10.56 -65.12
N GLY T 92 6.58 -10.09 -65.75
CA GLY T 92 7.00 -8.72 -65.55
C GLY T 92 5.95 -7.71 -65.99
N LEU T 93 5.35 -7.94 -67.15
CA LEU T 93 4.31 -7.03 -67.63
C LEU T 93 3.16 -6.99 -66.65
N ASP T 94 2.71 -8.14 -66.19
CA ASP T 94 1.65 -8.15 -65.17
C ASP T 94 2.06 -7.41 -63.90
N SER T 95 3.30 -7.62 -63.44
CA SER T 95 3.75 -6.92 -62.24
C SER T 95 3.89 -5.42 -62.45
N VAL T 96 4.15 -4.98 -63.68
CA VAL T 96 4.19 -3.54 -63.94
C VAL T 96 2.80 -2.97 -64.13
N LEU T 97 1.84 -3.78 -64.54
CA LEU T 97 0.48 -3.29 -64.65
C LEU T 97 -0.24 -3.29 -63.32
N GLN T 98 0.29 -4.03 -62.34
CA GLN T 98 -0.36 -4.07 -61.03
C GLN T 98 -0.57 -2.69 -60.43
N PRO T 99 0.39 -1.76 -60.48
CA PRO T 99 0.12 -0.43 -59.95
C PRO T 99 -1.02 0.26 -60.67
N TYR T 100 -1.22 -0.02 -61.94
CA TYR T 100 -2.35 0.58 -62.63
C TYR T 100 -3.66 0.05 -62.05
N ARG T 101 -3.73 -1.26 -61.81
CA ARG T 101 -4.90 -1.82 -61.17
C ARG T 101 -5.16 -1.20 -59.81
N GLN T 102 -4.10 -1.03 -59.01
CA GLN T 102 -4.28 -0.43 -57.68
C GLN T 102 -4.78 0.99 -57.79
N ALA T 103 -4.19 1.78 -58.69
CA ALA T 103 -4.67 3.15 -58.87
C ALA T 103 -6.12 3.16 -59.34
N LEU T 104 -6.52 2.18 -60.13
CA LEU T 104 -7.92 2.12 -60.54
C LEU T 104 -8.82 1.83 -59.36
N LEU T 105 -8.39 0.96 -58.45
CA LEU T 105 -9.18 0.70 -57.26
C LEU T 105 -9.27 1.94 -56.37
N ASP T 106 -8.17 2.66 -56.22
CA ASP T 106 -8.19 3.89 -55.41
C ASP T 106 -9.13 4.93 -56.02
N LEU T 107 -9.05 5.12 -57.35
CA LEU T 107 -9.97 6.02 -58.01
C LEU T 107 -11.41 5.58 -57.78
N GLU T 108 -11.67 4.28 -57.86
CA GLU T 108 -13.02 3.79 -57.60
C GLU T 108 -13.49 4.19 -56.21
N GLN T 109 -12.63 4.02 -55.21
CA GLN T 109 -13.01 4.39 -53.85
C GLN T 109 -13.27 5.89 -53.74
N GLU T 110 -12.43 6.71 -54.36
CA GLU T 110 -12.63 8.15 -54.31
C GLU T 110 -13.95 8.56 -54.95
N PHE T 111 -14.27 7.99 -56.11
CA PHE T 111 -15.52 8.35 -56.76
C PHE T 111 -16.73 7.84 -55.98
N LEU T 112 -16.57 6.72 -55.26
CA LEU T 112 -17.64 6.30 -54.37
C LEU T 112 -17.76 7.24 -53.18
N ALA T 113 -16.65 7.88 -52.80
CA ALA T 113 -16.62 8.77 -51.64
C ALA T 113 -17.25 10.13 -51.91
N ASP T 114 -17.06 10.69 -53.10
CA ASP T 114 -17.61 12.01 -53.42
C ASP T 114 -18.41 11.98 -54.71
N PRO T 115 -19.73 11.93 -54.63
CA PRO T 115 -20.54 11.90 -55.86
C PRO T 115 -20.44 13.14 -56.73
N HIS T 116 -19.87 14.23 -56.24
CA HIS T 116 -19.75 15.41 -57.09
C HIS T 116 -18.45 15.42 -57.91
N LEU T 117 -17.57 14.45 -57.69
CA LEU T 117 -16.40 14.29 -58.55
C LEU T 117 -16.77 14.02 -60.00
N SER T 118 -15.98 14.60 -60.92
CA SER T 118 -16.21 14.53 -62.35
C SER T 118 -15.37 13.43 -62.98
N ILE T 119 -15.75 13.05 -64.21
CA ILE T 119 -14.92 12.14 -64.99
C ILE T 119 -13.54 12.72 -65.22
N SER T 120 -13.44 14.05 -65.28
CA SER T 120 -12.14 14.67 -65.40
C SER T 120 -11.24 14.30 -64.24
N HIS T 121 -11.80 14.06 -63.06
CA HIS T 121 -10.98 13.64 -61.93
C HIS T 121 -10.33 12.29 -62.23
N ILE T 122 -11.10 11.35 -62.74
CA ILE T 122 -10.54 10.07 -63.15
C ILE T 122 -9.46 10.27 -64.21
N ASN T 123 -9.73 11.11 -65.20
CA ASN T 123 -8.75 11.30 -66.26
C ASN T 123 -7.46 11.89 -65.73
N TYR T 124 -7.55 12.81 -64.77
CA TYR T 124 -6.34 13.32 -64.16
C TYR T 124 -5.64 12.21 -63.38
N SER T 125 -6.40 11.48 -62.58
CA SER T 125 -5.76 10.45 -61.76
C SER T 125 -5.09 9.39 -62.63
N LEU T 126 -5.56 9.19 -63.86
CA LEU T 126 -4.98 8.15 -64.70
C LEU T 126 -4.04 8.69 -65.76
N ASP T 127 -3.80 10.00 -65.77
CA ASP T 127 -3.01 10.58 -66.86
C ASP T 127 -1.60 9.99 -66.88
N GLN T 128 -1.03 9.73 -65.72
CA GLN T 128 0.32 9.17 -65.66
C GLN T 128 0.43 7.85 -66.40
N PHE T 129 -0.64 7.09 -66.50
CA PHE T 129 -0.57 5.83 -67.21
C PHE T 129 -0.59 6.02 -68.72
N GLN T 130 -1.09 7.17 -69.18
CA GLN T 130 -1.15 7.42 -70.61
C GLN T 130 0.23 7.44 -71.24
N LEU T 131 1.27 7.74 -70.45
CA LEU T 131 2.62 7.72 -71.01
C LEU T 131 3.31 6.37 -70.84
N LEU T 132 3.10 5.69 -69.72
CA LEU T 132 3.79 4.42 -69.49
C LEU T 132 3.28 3.37 -70.47
N PHE T 133 1.96 3.24 -70.57
CA PHE T 133 1.38 2.14 -71.34
C PHE T 133 1.77 2.13 -72.81
N PRO T 134 1.73 3.25 -73.53
CA PRO T 134 2.14 3.17 -74.95
C PRO T 134 3.56 2.67 -75.16
N SER T 135 4.50 3.05 -74.31
CA SER T 135 5.88 2.59 -74.50
C SER T 135 6.01 1.09 -74.26
N VAL T 136 5.34 0.57 -73.24
CA VAL T 136 5.43 -0.86 -73.01
C VAL T 136 4.71 -1.63 -74.11
N MET T 137 3.61 -1.09 -74.61
CA MET T 137 2.93 -1.75 -75.72
C MET T 137 3.82 -1.78 -76.96
N VAL T 138 4.55 -0.70 -77.21
CA VAL T 138 5.51 -0.69 -78.31
C VAL T 138 6.55 -1.78 -78.11
N VAL T 139 7.07 -1.92 -76.89
CA VAL T 139 8.08 -2.95 -76.65
C VAL T 139 7.49 -4.35 -76.84
N VAL T 140 6.29 -4.57 -76.32
CA VAL T 140 5.64 -5.87 -76.46
C VAL T 140 5.44 -6.20 -77.93
N GLU T 141 4.93 -5.25 -78.71
CA GLU T 141 4.71 -5.50 -80.13
C GLU T 141 6.00 -5.76 -80.86
N GLN T 142 7.09 -5.10 -80.44
CA GLN T 142 8.37 -5.38 -81.04
C GLN T 142 8.82 -6.81 -80.73
N ILE T 143 8.71 -7.22 -79.47
CA ILE T 143 9.06 -8.58 -79.10
C ILE T 143 8.26 -9.59 -79.92
N LYS T 144 6.96 -9.34 -80.09
CA LYS T 144 6.12 -10.26 -80.84
C LYS T 144 6.54 -10.29 -82.30
N SER T 145 6.72 -9.12 -82.92
CA SER T 145 6.96 -9.10 -84.35
C SER T 145 8.32 -9.70 -84.67
N GLN T 146 9.32 -9.46 -83.83
CA GLN T 146 10.65 -9.98 -84.09
C GLN T 146 10.85 -11.38 -83.53
N LYS T 147 9.85 -11.95 -82.86
CA LYS T 147 9.97 -13.31 -82.33
C LYS T 147 11.26 -13.48 -81.54
N ILE T 148 11.53 -12.51 -80.66
CA ILE T 148 12.78 -12.53 -79.91
C ILE T 148 12.76 -13.71 -78.96
N HIS T 149 13.85 -14.47 -78.93
CA HIS T 149 13.90 -15.73 -78.21
C HIS T 149 15.10 -15.73 -77.28
N GLY T 150 14.94 -16.38 -76.14
CA GLY T 150 16.03 -16.54 -75.21
C GLY T 150 16.65 -15.22 -74.84
N CYS T 151 17.99 -15.19 -74.81
CA CYS T 151 18.70 -13.97 -74.46
C CYS T 151 18.43 -12.82 -75.42
N GLN T 152 17.93 -13.11 -76.63
CA GLN T 152 17.58 -11.99 -77.48
C GLN T 152 16.44 -11.18 -76.88
N ILE T 153 15.65 -11.79 -76.00
CA ILE T 153 14.66 -10.99 -75.28
C ILE T 153 15.37 -9.99 -74.38
N LEU T 154 16.44 -10.42 -73.71
CA LEU T 154 17.21 -9.51 -72.88
C LEU T 154 17.78 -8.37 -73.71
N GLU T 155 18.36 -8.71 -74.86
CA GLU T 155 18.91 -7.67 -75.73
C GLU T 155 17.83 -6.67 -76.14
N THR T 156 16.66 -7.17 -76.53
CA THR T 156 15.60 -6.28 -76.98
C THR T 156 15.14 -5.38 -75.85
N VAL T 157 14.97 -5.96 -74.66
CA VAL T 157 14.51 -5.17 -73.53
C VAL T 157 15.53 -4.09 -73.18
N TYR T 158 16.82 -4.42 -73.18
CA TYR T 158 17.82 -3.39 -72.90
C TYR T 158 17.75 -2.26 -73.92
N LYS T 159 17.75 -2.62 -75.21
CA LYS T 159 17.66 -1.60 -76.25
C LYS T 159 16.43 -0.71 -76.09
N HIS T 160 15.28 -1.28 -75.75
CA HIS T 160 14.13 -0.42 -75.58
C HIS T 160 14.19 0.33 -74.26
N SER T 161 14.89 -0.23 -73.27
CA SER T 161 15.06 0.42 -71.98
C SER T 161 15.90 1.67 -72.09
N CYS T 162 16.71 1.77 -73.12
CA CYS T 162 17.49 2.98 -73.29
C CYS T 162 16.64 4.21 -73.62
N GLY T 163 15.32 4.08 -73.68
CA GLY T 163 14.48 5.24 -73.95
C GLY T 163 14.55 6.29 -72.85
N GLY T 164 14.22 7.52 -73.26
CA GLY T 164 14.27 8.72 -72.44
C GLY T 164 13.13 8.97 -71.49
N LEU T 165 12.12 8.09 -71.42
CA LEU T 165 10.94 8.37 -70.61
C LEU T 165 11.14 7.78 -69.22
N PRO T 166 11.23 8.60 -68.18
CA PRO T 166 11.58 8.07 -66.86
C PRO T 166 10.62 7.00 -66.41
N PRO T 167 9.31 7.17 -66.64
CA PRO T 167 8.39 6.09 -66.26
C PRO T 167 8.69 4.81 -67.01
N VAL T 168 8.99 4.97 -68.31
CA VAL T 168 9.34 3.82 -69.13
C VAL T 168 10.64 3.22 -68.63
N ARG T 169 11.62 4.09 -68.34
CA ARG T 169 12.90 3.60 -67.83
C ARG T 169 12.71 2.76 -66.58
N SER T 170 11.97 3.26 -65.60
CA SER T 170 11.79 2.49 -64.38
C SER T 170 11.07 1.17 -64.63
N ALA T 171 10.04 1.17 -65.47
CA ALA T 171 9.34 -0.07 -65.75
C ALA T 171 10.24 -1.08 -66.45
N LEU T 172 10.97 -0.63 -67.45
CA LEU T 172 11.82 -1.54 -68.19
C LEU T 172 12.97 -2.01 -67.32
N GLU T 173 13.48 -1.17 -66.43
CA GLU T 173 14.48 -1.63 -65.50
C GLU T 173 13.97 -2.75 -64.61
N LYS T 174 12.74 -2.64 -64.13
CA LYS T 174 12.20 -3.74 -63.33
C LYS T 174 12.06 -5.02 -64.16
N ILE T 175 11.56 -4.90 -65.38
CA ILE T 175 11.43 -6.08 -66.23
C ILE T 175 12.80 -6.69 -66.52
N LEU T 176 13.75 -5.86 -66.90
CA LEU T 176 15.08 -6.32 -67.23
C LEU T 176 15.74 -6.97 -66.02
N ALA T 177 15.56 -6.40 -64.84
CA ALA T 177 16.11 -7.02 -63.64
C ALA T 177 15.53 -8.40 -63.40
N VAL T 178 14.23 -8.58 -63.61
CA VAL T 178 13.67 -9.92 -63.44
C VAL T 178 14.20 -10.89 -64.49
N CYS T 179 14.27 -10.45 -65.74
CA CYS T 179 14.78 -11.34 -66.78
C CYS T 179 16.26 -11.67 -66.56
N HIS T 180 17.05 -10.68 -66.17
CA HIS T 180 18.43 -10.96 -65.80
C HIS T 180 18.52 -11.89 -64.60
N GLY T 181 17.59 -11.80 -63.65
CA GLY T 181 17.57 -12.79 -62.59
C GLY T 181 17.35 -14.20 -63.08
N VAL T 182 16.60 -14.34 -64.16
CA VAL T 182 16.42 -15.69 -64.73
C VAL T 182 17.67 -16.11 -65.50
N MET T 183 18.16 -15.24 -66.36
CA MET T 183 19.38 -15.55 -67.11
C MET T 183 20.50 -15.91 -66.14
N TYR T 184 20.67 -15.11 -65.09
CA TYR T 184 21.67 -15.37 -64.08
C TYR T 184 21.40 -16.67 -63.35
N LYS T 185 20.14 -17.05 -63.19
CA LYS T 185 19.88 -18.35 -62.57
C LYS T 185 20.34 -19.49 -63.47
N GLN T 186 20.08 -19.40 -64.76
CA GLN T 186 20.58 -20.42 -65.69
C GLN T 186 22.10 -20.43 -65.72
N LEU T 187 22.71 -19.25 -65.71
CA LEU T 187 24.16 -19.16 -65.65
C LEU T 187 24.68 -19.81 -64.38
N SER T 188 24.02 -19.56 -63.26
CA SER T 188 24.41 -20.19 -62.00
C SER T 188 24.34 -21.70 -62.12
N ALA T 189 23.26 -22.20 -62.73
CA ALA T 189 23.15 -23.64 -62.91
C ALA T 189 24.29 -24.19 -63.74
N TRP T 190 24.66 -23.49 -64.82
CA TRP T 190 25.73 -23.99 -65.67
C TRP T 190 27.06 -23.94 -64.95
N MET T 191 27.37 -22.80 -64.35
CA MET T 191 28.68 -22.56 -63.77
C MET T 191 28.90 -23.28 -62.45
N LEU T 192 27.84 -23.61 -61.72
CA LEU T 192 27.98 -24.26 -60.43
C LEU T 192 27.72 -25.76 -60.49
N HIS T 193 26.91 -26.22 -61.43
CA HIS T 193 26.57 -27.63 -61.49
C HIS T 193 26.69 -28.19 -62.89
N GLY T 194 27.04 -27.38 -63.87
CA GLY T 194 27.15 -27.89 -65.22
C GLY T 194 25.84 -28.31 -65.82
N LEU T 195 24.71 -27.90 -65.25
CA LEU T 195 23.40 -28.34 -65.71
C LEU T 195 22.83 -27.30 -66.67
N LEU T 196 22.74 -27.67 -67.95
CA LEU T 196 22.11 -26.82 -68.95
C LEU T 196 20.61 -27.07 -68.89
N LEU T 197 19.93 -26.29 -68.08
CA LEU T 197 18.47 -26.36 -67.97
C LEU T 197 17.91 -25.47 -69.07
N ASP T 198 17.85 -26.04 -70.28
CA ASP T 198 17.50 -25.27 -71.49
C ASP T 198 16.54 -26.07 -72.36
N GLN T 199 15.42 -26.49 -71.77
CA GLN T 199 14.46 -27.31 -72.49
C GLN T 199 13.97 -26.63 -73.76
N HIS T 200 14.00 -25.29 -73.80
CA HIS T 200 13.45 -24.55 -74.92
C HIS T 200 14.52 -23.85 -75.74
N GLU T 201 15.78 -24.23 -75.56
CA GLU T 201 16.89 -23.62 -76.30
C GLU T 201 16.96 -22.12 -76.09
N GLU T 202 16.76 -21.68 -74.85
CA GLU T 202 16.68 -20.26 -74.54
C GLU T 202 17.99 -19.64 -74.06
N PHE T 203 18.94 -20.45 -73.59
CA PHE T 203 20.17 -19.93 -73.01
C PHE T 203 21.28 -19.81 -74.05
N PHE T 204 22.13 -18.79 -73.85
CA PHE T 204 23.22 -18.49 -74.78
C PHE T 204 24.34 -19.51 -74.72
N ILE T 205 24.22 -20.54 -73.88
CA ILE T 205 25.12 -21.67 -73.88
C ILE T 205 24.36 -22.86 -74.45
N LYS T 206 24.98 -23.57 -75.40
CA LYS T 206 24.42 -24.76 -76.00
C LYS T 206 25.43 -25.87 -75.77
N GLN T 207 24.98 -27.12 -75.73
CA GLN T 207 25.95 -28.20 -75.79
C GLN T 207 26.51 -28.32 -77.20
N GLY T 208 27.82 -28.24 -77.29
CA GLY T 208 28.55 -28.45 -78.52
C GLY T 208 28.51 -29.91 -78.92
N PRO T 209 28.92 -30.19 -80.15
CA PRO T 209 29.02 -31.60 -80.57
C PRO T 209 30.01 -32.31 -79.65
N SER T 210 29.52 -33.32 -78.94
CA SER T 210 30.40 -34.21 -78.21
C SER T 210 31.48 -34.77 -79.14
N SER T 211 32.73 -34.48 -78.80
CA SER T 211 33.90 -34.97 -79.54
C SER T 211 33.61 -36.15 -80.45
N LYS T 255 33.47 -30.60 -78.98
CA LYS T 255 33.29 -29.84 -77.75
C LYS T 255 31.95 -30.18 -77.12
N GLN T 256 31.98 -30.73 -75.91
CA GLN T 256 30.73 -31.05 -75.23
C GLN T 256 29.88 -29.80 -75.01
N PHE T 257 30.50 -28.63 -74.89
CA PHE T 257 29.75 -27.39 -74.78
C PHE T 257 30.28 -26.34 -75.76
N SER T 258 29.41 -25.41 -76.14
CA SER T 258 29.76 -24.31 -77.02
C SER T 258 28.86 -23.12 -76.72
N LEU T 259 29.29 -21.95 -77.20
CA LEU T 259 28.50 -20.73 -77.10
C LEU T 259 27.55 -20.61 -78.28
N ARG T 260 26.31 -20.21 -78.00
CA ARG T 260 25.41 -19.71 -79.03
C ARG T 260 25.64 -18.20 -79.08
N VAL T 261 26.71 -17.81 -79.77
CA VAL T 261 27.08 -16.40 -79.85
C VAL T 261 25.97 -15.60 -80.49
N GLU T 262 25.19 -16.22 -81.38
CA GLU T 262 24.12 -15.51 -82.04
C GLU T 262 23.03 -15.06 -81.07
N ILE T 263 22.98 -15.64 -79.87
CA ILE T 263 21.99 -15.25 -78.87
C ILE T 263 22.61 -14.59 -77.65
N LEU T 264 23.93 -14.42 -77.62
CA LEU T 264 24.54 -13.76 -76.48
C LEU T 264 24.05 -12.31 -76.41
N PRO T 265 23.45 -11.89 -75.30
CA PRO T 265 23.01 -10.49 -75.19
C PRO T 265 24.18 -9.52 -75.27
N SER T 266 23.97 -8.44 -76.04
CA SER T 266 25.04 -7.50 -76.34
C SER T 266 25.57 -6.80 -75.09
N TYR T 267 24.78 -6.73 -74.03
CA TYR T 267 25.23 -6.14 -72.78
C TYR T 267 26.13 -7.07 -71.98
N ILE T 268 26.36 -8.28 -72.47
CA ILE T 268 27.35 -9.21 -71.93
C ILE T 268 28.53 -9.23 -72.88
N PRO T 269 29.68 -8.66 -72.52
CA PRO T 269 30.82 -8.68 -73.44
C PRO T 269 31.21 -10.10 -73.80
N VAL T 270 31.62 -10.26 -75.05
CA VAL T 270 32.05 -11.57 -75.53
C VAL T 270 33.16 -12.14 -74.66
N ARG T 271 34.12 -11.32 -74.27
CA ARG T 271 35.17 -11.82 -73.38
C ARG T 271 34.60 -12.40 -72.10
N VAL T 272 33.45 -11.90 -71.66
CA VAL T 272 32.85 -12.45 -70.45
C VAL T 272 32.08 -13.70 -70.77
N ALA T 273 31.38 -13.74 -71.90
CA ALA T 273 30.70 -14.97 -72.26
C ALA T 273 31.71 -16.09 -72.45
N GLU T 274 32.87 -15.77 -73.03
CA GLU T 274 33.93 -16.75 -73.20
C GLU T 274 34.46 -17.23 -71.85
N LYS T 275 34.62 -16.32 -70.90
CA LYS T 275 35.04 -16.75 -69.57
C LYS T 275 34.00 -17.67 -68.95
N ILE T 276 32.72 -17.34 -69.11
CA ILE T 276 31.65 -18.18 -68.55
C ILE T 276 31.66 -19.55 -69.21
N LEU T 277 31.83 -19.57 -70.53
CA LEU T 277 31.92 -20.84 -71.25
C LEU T 277 33.06 -21.68 -70.70
N PHE T 278 34.26 -21.11 -70.62
CA PHE T 278 35.39 -21.85 -70.09
C PHE T 278 35.09 -22.39 -68.70
N VAL T 279 34.54 -21.55 -67.83
CA VAL T 279 34.25 -21.97 -66.46
C VAL T 279 33.30 -23.16 -66.46
N GLY T 280 32.17 -23.04 -67.16
CA GLY T 280 31.18 -24.10 -67.11
C GLY T 280 31.61 -25.36 -67.85
N GLU T 281 32.35 -25.20 -68.95
CA GLU T 281 32.97 -26.36 -69.59
C GLU T 281 33.89 -27.08 -68.63
N SER T 282 34.70 -26.33 -67.89
CA SER T 282 35.62 -26.96 -66.95
C SER T 282 34.85 -27.68 -65.85
N VAL T 283 33.80 -27.06 -65.34
CA VAL T 283 33.01 -27.68 -64.28
C VAL T 283 32.37 -28.97 -64.79
N GLN T 284 31.72 -28.90 -65.95
CA GLN T 284 31.09 -30.09 -66.50
C GLN T 284 32.10 -31.18 -66.81
N MET T 285 33.25 -30.81 -67.37
CA MET T 285 34.28 -31.80 -67.66
C MET T 285 34.84 -32.43 -66.38
N PHE T 286 34.94 -31.64 -65.31
CA PHE T 286 35.40 -32.20 -64.05
C PHE T 286 34.39 -33.19 -63.50
N GLU T 287 33.11 -32.81 -63.49
CA GLU T 287 32.09 -33.74 -63.01
C GLU T 287 32.02 -34.98 -63.91
N ASN T 288 32.04 -34.78 -65.22
CA ASN T 288 32.00 -35.87 -66.19
C ASN T 288 33.19 -36.80 -66.07
N GLN T 289 34.33 -36.32 -65.58
CA GLN T 289 35.49 -37.20 -65.49
C GLN T 289 35.66 -37.79 -64.11
N ASN T 290 35.18 -37.12 -63.06
CA ASN T 290 35.04 -37.80 -61.79
C ASN T 290 34.02 -38.91 -61.92
N VAL T 291 33.10 -38.78 -62.88
CA VAL T 291 32.18 -39.87 -63.22
C VAL T 291 32.94 -41.00 -63.90
N ASN T 292 33.95 -40.66 -64.69
CA ASN T 292 34.71 -41.65 -65.45
C ASN T 292 35.99 -42.01 -64.72
N ILE T 299 33.69 -29.52 -57.18
CA ILE T 299 34.89 -28.87 -57.66
C ILE T 299 35.06 -27.52 -57.00
N LEU T 300 33.95 -26.93 -56.56
CA LEU T 300 33.98 -25.66 -55.84
C LEU T 300 34.21 -25.84 -54.35
N LYS T 301 34.27 -27.08 -53.87
CA LYS T 301 34.46 -27.38 -52.46
C LYS T 301 33.52 -26.54 -51.59
N ASP T 302 34.08 -25.78 -50.64
CA ASP T 302 33.27 -25.00 -49.71
C ASP T 302 32.96 -23.61 -50.22
N GLN T 303 33.39 -23.26 -51.43
CA GLN T 303 33.16 -21.92 -51.94
C GLN T 303 31.87 -21.83 -52.72
N GLU T 304 31.21 -22.97 -52.95
CA GLU T 304 29.95 -22.95 -53.67
C GLU T 304 28.96 -22.02 -52.99
N ASP T 305 28.81 -22.16 -51.67
CA ASP T 305 27.88 -21.32 -50.94
C ASP T 305 28.27 -19.85 -51.00
N THR T 306 29.57 -19.56 -50.98
CA THR T 306 30.02 -18.18 -51.04
C THR T 306 29.67 -17.56 -52.39
N PHE T 307 29.96 -18.27 -53.46
CA PHE T 307 29.64 -17.75 -54.79
C PHE T 307 28.13 -17.68 -55.00
N ALA T 308 27.39 -18.63 -54.44
CA ALA T 308 25.93 -18.56 -54.47
C ALA T 308 25.44 -17.30 -53.78
N ALA T 309 26.02 -16.97 -52.62
CA ALA T 309 25.63 -15.74 -51.94
C ALA T 309 25.97 -14.52 -52.76
N GLU T 310 27.12 -14.53 -53.44
CA GLU T 310 27.46 -13.41 -54.29
C GLU T 310 26.48 -13.27 -55.45
N LEU T 311 26.14 -14.39 -56.09
CA LEU T 311 25.15 -14.36 -57.16
C LEU T 311 23.80 -13.89 -56.64
N HIS T 312 23.43 -14.30 -55.43
CA HIS T 312 22.21 -13.80 -54.83
C HIS T 312 22.25 -12.30 -54.65
N ARG T 313 23.38 -11.77 -54.17
CA ARG T 313 23.52 -10.33 -54.04
C ARG T 313 23.37 -9.64 -55.38
N LEU T 314 23.96 -10.21 -56.42
CA LEU T 314 23.79 -9.65 -57.75
C LEU T 314 22.33 -9.67 -58.18
N LYS T 315 21.64 -10.78 -57.95
CA LYS T 315 20.22 -10.82 -58.25
C LYS T 315 19.44 -9.81 -57.43
N GLN T 316 19.91 -9.52 -56.23
CA GLN T 316 19.26 -8.53 -55.39
C GLN T 316 19.63 -7.10 -55.78
N GLN T 317 20.60 -6.93 -56.66
CA GLN T 317 20.95 -5.58 -57.08
C GLN T 317 19.83 -5.02 -57.95
N PRO T 318 19.44 -3.76 -57.75
CA PRO T 318 18.38 -3.19 -58.58
C PRO T 318 18.80 -2.98 -60.02
N LEU T 319 20.08 -2.77 -60.29
CA LEU T 319 20.58 -2.54 -61.63
C LEU T 319 21.66 -3.57 -61.96
N PHE T 320 21.66 -4.04 -63.20
CA PHE T 320 22.72 -4.93 -63.66
C PHE T 320 23.99 -4.13 -63.85
N SER T 321 25.06 -4.55 -63.20
CA SER T 321 26.37 -3.94 -63.33
C SER T 321 27.29 -4.94 -64.02
N LEU T 322 27.66 -4.65 -65.26
CA LEU T 322 28.61 -5.51 -65.95
C LEU T 322 29.91 -5.60 -65.17
N VAL T 323 30.32 -4.51 -64.52
CA VAL T 323 31.57 -4.52 -63.76
C VAL T 323 31.48 -5.51 -62.61
N ASP T 324 30.40 -5.46 -61.83
CA ASP T 324 30.26 -6.38 -60.72
C ASP T 324 30.08 -7.81 -61.19
N PHE T 325 29.36 -8.00 -62.28
CA PHE T 325 29.22 -9.33 -62.87
C PHE T 325 30.59 -9.89 -63.20
N GLU T 326 31.38 -9.10 -63.93
CA GLU T 326 32.71 -9.54 -64.29
C GLU T 326 33.58 -9.78 -63.07
N GLN T 327 33.43 -8.96 -62.02
CA GLN T 327 34.20 -9.18 -60.80
C GLN T 327 33.87 -10.53 -60.17
N VAL T 328 32.58 -10.87 -60.14
CA VAL T 328 32.19 -12.16 -59.58
C VAL T 328 32.68 -13.29 -60.47
N VAL T 329 32.55 -13.12 -61.78
CA VAL T 329 33.05 -14.11 -62.72
C VAL T 329 34.55 -14.30 -62.52
N ASP T 330 35.28 -13.21 -62.34
CA ASP T 330 36.72 -13.31 -62.16
C ASP T 330 37.07 -14.05 -60.87
N ARG T 331 36.29 -13.83 -59.82
CA ARG T 331 36.54 -14.58 -58.58
C ARG T 331 36.32 -16.07 -58.79
N ILE T 332 35.20 -16.42 -59.41
CA ILE T 332 34.91 -17.82 -59.69
C ILE T 332 36.01 -18.40 -60.60
N ARG T 333 36.36 -17.67 -61.64
CA ARG T 333 37.40 -18.10 -62.55
C ARG T 333 38.70 -18.35 -61.82
N SER T 334 39.08 -17.46 -60.92
CA SER T 334 40.33 -17.64 -60.21
C SER T 334 40.30 -18.87 -59.31
N THR T 335 39.18 -19.10 -58.63
CA THR T 335 39.07 -20.31 -57.83
C THR T 335 39.17 -21.56 -58.70
N VAL T 336 38.43 -21.57 -59.81
CA VAL T 336 38.44 -22.71 -60.71
C VAL T 336 39.84 -22.93 -61.28
N ALA T 337 40.47 -21.85 -61.72
CA ALA T 337 41.81 -21.94 -62.31
C ALA T 337 42.82 -22.46 -61.31
N GLU T 338 42.73 -22.03 -60.05
CA GLU T 338 43.66 -22.56 -59.05
C GLU T 338 43.41 -24.04 -58.80
N HIS T 339 42.15 -24.44 -58.77
CA HIS T 339 41.86 -25.86 -58.61
C HIS T 339 42.38 -26.68 -59.78
N LEU T 340 42.08 -26.24 -61.00
CA LEU T 340 42.59 -26.90 -62.19
C LEU T 340 44.11 -26.91 -62.24
N TRP T 341 44.76 -25.82 -61.82
CA TRP T 341 46.21 -25.81 -61.77
C TRP T 341 46.71 -26.90 -60.84
N LYS T 342 46.15 -26.98 -59.64
CA LYS T 342 46.55 -28.05 -58.73
C LYS T 342 46.32 -29.42 -59.36
N LEU T 343 45.15 -29.61 -59.97
CA LEU T 343 44.83 -30.90 -60.57
C LEU T 343 45.80 -31.28 -61.67
N MET T 344 46.17 -30.32 -62.53
CA MET T 344 47.01 -30.65 -63.67
C MET T 344 48.45 -30.83 -63.23
N VAL T 345 48.96 -29.94 -62.39
CA VAL T 345 50.36 -30.00 -62.02
C VAL T 345 50.58 -31.10 -61.01
N GLU T 346 49.75 -31.13 -59.97
CA GLU T 346 49.92 -32.10 -58.91
C GLU T 346 49.19 -33.40 -59.24
N GLU T 347 47.92 -33.30 -59.61
CA GLU T 347 47.10 -34.50 -59.81
C GLU T 347 47.36 -35.17 -61.14
N SER T 348 47.70 -34.41 -62.18
CA SER T 348 47.80 -34.97 -63.53
C SER T 348 49.24 -35.08 -64.01
N ASP T 349 50.23 -34.78 -63.17
CA ASP T 349 51.64 -34.90 -63.52
C ASP T 349 51.92 -34.35 -64.92
N LEU T 350 51.49 -33.10 -65.12
CA LEU T 350 51.72 -32.45 -66.41
C LEU T 350 53.19 -32.51 -66.79
N LEU T 351 54.09 -32.38 -65.79
CA LEU T 351 55.52 -32.41 -66.08
C LEU T 351 55.94 -33.77 -66.61
N GLY T 352 55.44 -34.85 -65.99
CA GLY T 352 55.73 -36.17 -66.52
C GLY T 352 55.22 -36.34 -67.93
N GLN T 353 54.01 -35.85 -68.21
CA GLN T 353 53.47 -36.01 -69.56
C GLN T 353 54.26 -35.20 -70.58
N LEU T 354 54.69 -34.00 -70.21
CA LEU T 354 55.54 -33.22 -71.09
C LEU T 354 56.90 -33.89 -71.31
N LYS T 355 57.44 -34.55 -70.29
CA LYS T 355 58.68 -35.30 -70.50
C LYS T 355 58.47 -36.45 -71.46
N ILE T 356 57.32 -37.10 -71.37
CA ILE T 356 56.99 -38.15 -72.33
C ILE T 356 56.88 -37.58 -73.74
N ILE T 357 56.18 -36.45 -73.88
CA ILE T 357 56.06 -35.81 -75.19
C ILE T 357 57.44 -35.48 -75.75
N LYS T 358 58.33 -34.97 -74.92
CA LYS T 358 59.69 -34.70 -75.37
C LYS T 358 60.39 -35.98 -75.83
N ASP T 359 60.33 -37.03 -75.01
CA ASP T 359 61.05 -38.25 -75.34
C ASP T 359 60.56 -38.88 -76.62
N PHE T 360 59.25 -38.84 -76.88
CA PHE T 360 58.67 -39.55 -78.00
C PHE T 360 58.36 -38.63 -79.17
N TYR T 361 57.50 -37.64 -78.96
CA TYR T 361 57.14 -36.73 -80.03
C TYR T 361 58.35 -35.90 -80.47
N LEU T 362 59.23 -35.58 -79.53
CA LEU T 362 60.39 -34.75 -79.81
C LEU T 362 61.67 -35.54 -79.98
N LEU T 363 61.60 -36.87 -80.09
CA LEU T 363 62.80 -37.69 -80.29
C LEU T 363 63.84 -37.47 -79.19
N GLY T 364 63.40 -37.20 -77.97
CA GLY T 364 64.36 -37.04 -76.88
C GLY T 364 65.24 -38.24 -76.65
N ARG T 365 64.74 -39.44 -76.93
CA ARG T 365 65.55 -40.66 -76.90
C ARG T 365 66.20 -40.88 -78.28
N GLY T 366 67.21 -40.06 -78.54
CA GLY T 366 67.87 -40.12 -79.83
C GLY T 366 68.44 -41.49 -80.15
N GLU T 367 68.94 -42.19 -79.14
CA GLU T 367 69.45 -43.53 -79.38
C GLU T 367 68.32 -44.49 -79.76
N LEU T 368 67.17 -44.36 -79.09
CA LEU T 368 66.02 -45.19 -79.40
C LEU T 368 65.55 -44.96 -80.83
N PHE T 369 65.35 -43.70 -81.21
CA PHE T 369 64.85 -43.44 -82.55
C PHE T 369 65.89 -43.77 -83.61
N GLN T 370 67.18 -43.66 -83.27
CA GLN T 370 68.22 -44.14 -84.18
C GLN T 370 68.06 -45.63 -84.43
N ALA T 371 67.94 -46.41 -83.35
CA ALA T 371 67.76 -47.85 -83.52
C ALA T 371 66.49 -48.16 -84.30
N PHE T 372 65.44 -47.37 -84.09
CA PHE T 372 64.20 -47.60 -84.85
C PHE T 372 64.40 -47.34 -86.34
N ILE T 373 65.03 -46.22 -86.68
CA ILE T 373 65.33 -45.94 -88.08
C ILE T 373 66.16 -47.08 -88.68
N ASP T 374 67.20 -47.49 -87.97
CA ASP T 374 68.06 -48.56 -88.48
C ASP T 374 67.31 -49.86 -88.67
N THR T 375 66.38 -50.17 -87.78
CA THR T 375 65.64 -51.42 -87.89
C THR T 375 64.62 -51.36 -89.02
N ALA T 376 63.97 -50.22 -89.19
CA ALA T 376 62.88 -50.11 -90.14
C ALA T 376 63.34 -49.70 -91.53
N GLN T 377 64.61 -49.37 -91.71
CA GLN T 377 65.05 -48.90 -93.02
C GLN T 377 64.64 -49.87 -94.12
N HIS T 378 64.74 -51.17 -93.85
CA HIS T 378 64.42 -52.15 -94.87
C HIS T 378 62.93 -52.29 -95.11
N MET T 379 62.12 -52.23 -94.05
CA MET T 379 60.69 -52.39 -94.25
C MET T 379 60.07 -51.15 -94.85
N LEU T 380 60.63 -49.99 -94.53
CA LEU T 380 60.10 -48.71 -94.99
C LEU T 380 60.73 -48.26 -96.29
N LYS T 381 61.72 -48.97 -96.80
CA LYS T 381 62.22 -48.64 -98.13
C LYS T 381 61.17 -48.89 -99.19
N THR T 382 60.33 -49.88 -98.98
CA THR T 382 59.23 -50.19 -99.89
C THR T 382 57.99 -49.41 -99.51
N PRO T 383 57.06 -49.23 -100.45
CA PRO T 383 55.78 -48.64 -100.10
C PRO T 383 55.12 -49.40 -98.97
N PRO T 384 54.40 -48.71 -98.09
CA PRO T 384 53.81 -49.39 -96.93
C PRO T 384 52.75 -50.41 -97.30
N THR T 385 52.69 -51.49 -96.51
CA THR T 385 51.65 -52.50 -96.63
C THR T 385 50.82 -52.54 -95.36
N ALA T 386 49.75 -53.34 -95.40
CA ALA T 386 48.87 -53.47 -94.25
C ALA T 386 49.58 -54.04 -93.02
N VAL T 387 50.71 -54.71 -93.20
CA VAL T 387 51.45 -55.30 -92.07
C VAL T 387 52.61 -54.44 -91.61
N THR T 388 52.99 -53.43 -92.39
CA THR T 388 54.19 -52.66 -92.09
C THR T 388 54.08 -52.00 -90.72
N GLU T 389 52.89 -51.50 -90.38
CA GLU T 389 52.69 -50.90 -89.05
C GLU T 389 52.88 -51.93 -87.94
N HIS T 390 52.35 -53.13 -88.11
CA HIS T 390 52.52 -54.15 -87.09
C HIS T 390 53.99 -54.51 -86.93
N ASP T 391 54.67 -54.78 -88.05
CA ASP T 391 56.06 -55.19 -87.98
C ASP T 391 56.91 -54.06 -87.41
N VAL T 392 56.58 -52.82 -87.75
CA VAL T 392 57.31 -51.67 -87.23
C VAL T 392 57.10 -51.54 -85.73
N ASN T 393 55.89 -51.77 -85.24
CA ASN T 393 55.67 -51.70 -83.80
C ASN T 393 56.41 -52.81 -83.07
N VAL T 394 56.45 -54.00 -83.67
CA VAL T 394 57.27 -55.08 -83.11
C VAL T 394 58.73 -54.68 -83.07
N ALA T 395 59.23 -54.09 -84.16
CA ALA T 395 60.60 -53.62 -84.19
C ALA T 395 60.84 -52.54 -83.15
N PHE T 396 59.86 -51.68 -82.91
CA PHE T 396 59.99 -50.65 -81.89
C PHE T 396 60.11 -51.25 -80.50
N GLN T 397 59.28 -52.23 -80.20
CA GLN T 397 59.41 -52.94 -78.93
C GLN T 397 60.77 -53.60 -78.81
N GLN T 398 61.23 -54.24 -79.89
CA GLN T 398 62.56 -54.84 -79.89
C GLN T 398 63.64 -53.81 -79.68
N SER T 399 63.47 -52.61 -80.22
CA SER T 399 64.47 -51.57 -80.04
C SER T 399 64.46 -51.07 -78.61
N ALA T 400 63.27 -50.96 -78.01
CA ALA T 400 63.19 -50.62 -76.59
C ALA T 400 63.93 -51.65 -75.75
N HIS T 401 63.71 -52.93 -76.03
CA HIS T 401 64.45 -53.97 -75.34
C HIS T 401 65.96 -53.85 -75.56
N LYS T 402 66.37 -53.61 -76.81
CA LYS T 402 67.79 -53.43 -77.12
C LYS T 402 68.40 -52.25 -76.38
N VAL T 403 67.60 -51.22 -76.12
CA VAL T 403 68.08 -50.05 -75.39
C VAL T 403 67.65 -50.10 -73.93
N LEU T 404 67.20 -51.26 -73.45
CA LEU T 404 66.84 -51.43 -72.05
C LEU T 404 65.71 -50.48 -71.67
N LEU T 405 64.81 -50.22 -72.62
CA LEU T 405 63.60 -49.45 -72.37
C LEU T 405 62.43 -50.34 -71.95
N ASP T 406 62.71 -51.58 -71.55
CA ASP T 406 61.65 -52.55 -71.28
C ASP T 406 60.77 -52.12 -70.11
N ASP T 407 61.32 -51.34 -69.18
CA ASP T 407 60.60 -50.99 -67.96
C ASP T 407 59.61 -49.84 -68.15
N ASP T 408 59.61 -49.19 -69.30
CA ASP T 408 58.72 -48.06 -69.53
C ASP T 408 57.35 -48.61 -69.86
N ASN T 409 56.41 -48.48 -68.92
CA ASN T 409 55.01 -48.76 -69.18
C ASN T 409 54.43 -47.90 -70.31
N LEU T 410 55.27 -47.09 -70.95
CA LEU T 410 54.79 -46.15 -71.95
C LEU T 410 54.86 -46.74 -73.34
N LEU T 411 55.83 -47.63 -73.58
CA LEU T 411 55.90 -48.25 -74.89
C LEU T 411 54.59 -48.93 -75.23
N PRO T 412 53.93 -49.63 -74.32
CA PRO T 412 52.62 -50.20 -74.64
C PRO T 412 51.57 -49.15 -74.85
N LEU T 413 51.80 -47.93 -74.36
CA LEU T 413 50.88 -46.82 -74.61
C LEU T 413 51.16 -46.16 -75.93
N LEU T 414 52.32 -46.42 -76.52
CA LEU T 414 52.76 -45.74 -77.73
C LEU T 414 52.85 -46.76 -78.85
N HIS T 415 52.25 -46.43 -79.99
CA HIS T 415 52.21 -47.33 -81.13
C HIS T 415 52.46 -46.48 -82.37
N LEU T 416 53.45 -46.88 -83.16
CA LEU T 416 53.67 -46.19 -84.43
C LEU T 416 52.58 -46.57 -85.41
N THR T 417 51.96 -45.56 -86.02
CA THR T 417 50.89 -45.74 -86.98
C THR T 417 51.45 -45.52 -88.38
N ILE T 418 50.84 -46.17 -89.37
CA ILE T 418 51.21 -45.98 -90.76
C ILE T 418 49.98 -45.58 -91.56
N GLU T 419 50.03 -44.40 -92.16
CA GLU T 419 49.00 -43.98 -93.11
C GLU T 419 49.20 -44.79 -94.39
N TYR T 420 48.33 -45.77 -94.63
CA TYR T 420 48.46 -46.65 -95.78
C TYR T 420 47.15 -46.72 -96.54
N HIS T 421 47.16 -46.27 -97.80
CA HIS T 421 45.93 -46.25 -98.56
C HIS T 421 45.40 -47.66 -98.79
N GLY T 422 46.24 -48.67 -98.60
CA GLY T 422 45.80 -50.04 -98.69
C GLY T 422 45.00 -50.49 -97.48
N LYS T 423 44.81 -49.60 -96.52
CA LYS T 423 44.04 -49.91 -95.33
C LYS T 423 42.55 -50.02 -95.61
N GLU T 424 42.10 -49.51 -96.76
CA GLU T 424 40.67 -49.45 -97.06
C GLU T 424 40.11 -50.81 -97.48
N HIS T 425 40.95 -51.82 -97.65
CA HIS T 425 40.50 -53.13 -98.09
C HIS T 425 40.23 -54.02 -96.88
N GLU T 444 47.10 -41.99 -102.27
CA GLU T 444 48.19 -42.78 -102.84
C GLU T 444 49.02 -43.43 -101.75
N ALA T 445 49.24 -44.74 -101.88
CA ALA T 445 50.02 -45.44 -100.88
C ALA T 445 51.42 -44.84 -100.78
N PRO T 446 51.93 -44.62 -99.57
CA PRO T 446 53.23 -43.97 -99.43
C PRO T 446 54.33 -44.77 -100.11
N ALA T 447 55.12 -44.09 -100.95
CA ALA T 447 56.14 -44.77 -101.72
C ALA T 447 57.16 -45.45 -100.83
N SER T 448 57.24 -45.07 -99.56
CA SER T 448 58.13 -45.73 -98.62
C SER T 448 57.52 -45.63 -97.23
N GLY T 449 57.96 -46.55 -96.37
CA GLY T 449 57.54 -46.48 -94.98
C GLY T 449 57.89 -45.16 -94.32
N TRP T 450 58.98 -44.53 -94.74
CA TRP T 450 59.29 -43.24 -94.14
C TRP T 450 58.18 -42.24 -94.45
N ALA T 451 57.64 -42.28 -95.67
CA ALA T 451 56.53 -41.42 -96.01
C ALA T 451 55.24 -41.85 -95.33
N ALA T 452 55.12 -43.14 -95.02
CA ALA T 452 53.94 -43.69 -94.35
C ALA T 452 53.95 -43.59 -92.83
N LEU T 453 55.04 -43.16 -92.23
CA LEU T 453 55.19 -43.25 -90.78
C LEU T 453 54.36 -42.19 -90.05
N GLY T 454 53.55 -42.63 -89.10
CA GLY T 454 52.89 -41.75 -88.15
C GLY T 454 53.21 -42.15 -86.72
N LEU T 455 52.74 -41.31 -85.79
CA LEU T 455 52.85 -41.55 -84.35
C LEU T 455 51.50 -41.52 -83.66
N SER T 456 51.27 -42.46 -82.75
CA SER T 456 50.13 -42.44 -81.85
C SER T 456 50.61 -42.25 -80.42
N TYR T 457 49.91 -41.40 -79.67
CA TYR T 457 50.21 -41.14 -78.26
C TYR T 457 48.99 -41.47 -77.41
N LYS T 458 49.16 -42.38 -76.45
CA LYS T 458 48.08 -42.78 -75.55
C LYS T 458 47.86 -41.72 -74.47
N VAL T 459 47.07 -40.70 -74.81
CA VAL T 459 46.72 -39.67 -73.84
C VAL T 459 45.89 -40.30 -72.74
N GLN T 460 46.31 -40.11 -71.49
CA GLN T 460 45.53 -40.58 -70.36
C GLN T 460 44.61 -39.49 -69.81
N TRP T 461 43.51 -39.93 -69.20
CA TRP T 461 42.65 -39.03 -68.45
C TRP T 461 43.44 -38.41 -67.29
N PRO T 462 43.26 -37.11 -67.02
CA PRO T 462 42.33 -36.15 -67.61
C PRO T 462 43.02 -35.37 -68.72
N LEU T 463 44.26 -35.72 -69.02
CA LEU T 463 45.11 -34.91 -69.88
C LEU T 463 44.52 -34.77 -71.29
N HIS T 464 43.59 -35.66 -71.66
CA HIS T 464 42.90 -35.50 -72.93
C HIS T 464 42.17 -34.17 -73.01
N ILE T 465 41.95 -33.51 -71.88
CA ILE T 465 41.46 -32.13 -71.89
C ILE T 465 42.45 -31.22 -72.60
N LEU T 466 43.74 -31.50 -72.45
CA LEU T 466 44.82 -30.69 -73.01
C LEU T 466 45.23 -31.19 -74.39
N PHE T 467 45.46 -32.48 -74.53
CA PHE T 467 45.89 -33.08 -75.79
C PHE T 467 44.69 -33.31 -76.71
N THR T 468 44.15 -32.20 -77.19
CA THR T 468 43.07 -32.24 -78.16
C THR T 468 43.56 -32.84 -79.48
N PRO T 469 42.65 -33.33 -80.30
CA PRO T 469 43.05 -33.87 -81.61
C PRO T 469 43.86 -32.90 -82.47
N ALA T 470 43.53 -31.62 -82.46
CA ALA T 470 44.31 -30.67 -83.23
C ALA T 470 45.75 -30.60 -82.74
N VAL T 471 45.93 -30.68 -81.42
CA VAL T 471 47.27 -30.68 -80.86
C VAL T 471 48.02 -31.92 -81.30
N LEU T 472 47.35 -33.08 -81.30
CA LEU T 472 48.01 -34.28 -81.75
C LEU T 472 48.35 -34.23 -83.23
N GLU T 473 47.53 -33.55 -84.04
CA GLU T 473 47.85 -33.39 -85.44
C GLU T 473 49.08 -32.51 -85.65
N LYS T 474 49.14 -31.38 -84.94
CA LYS T 474 50.35 -30.57 -84.99
C LYS T 474 51.58 -31.33 -84.53
N TYR T 475 51.43 -32.12 -83.47
CA TYR T 475 52.54 -32.94 -83.01
C TYR T 475 52.95 -33.96 -84.06
N ASN T 476 51.98 -34.53 -84.77
CA ASN T 476 52.32 -35.45 -85.86
C ASN T 476 53.09 -34.75 -86.96
N VAL T 477 52.70 -33.52 -87.30
CA VAL T 477 53.43 -32.75 -88.29
C VAL T 477 54.87 -32.55 -87.86
N VAL T 478 55.06 -32.16 -86.60
CA VAL T 478 56.42 -31.93 -86.11
C VAL T 478 57.21 -33.22 -86.12
N PHE T 479 56.60 -34.31 -85.67
CA PHE T 479 57.24 -35.61 -85.70
C PHE T 479 57.71 -35.95 -87.11
N LYS T 480 56.82 -35.82 -88.08
CA LYS T 480 57.18 -36.11 -89.46
C LYS T 480 58.37 -35.27 -89.92
N TYR T 481 58.37 -33.99 -89.60
CA TYR T 481 59.48 -33.14 -90.03
C TYR T 481 60.79 -33.57 -89.39
N LEU T 482 60.78 -33.76 -88.07
CA LEU T 482 61.99 -34.17 -87.38
C LEU T 482 62.47 -35.52 -87.89
N LEU T 483 61.55 -36.44 -88.17
CA LEU T 483 61.94 -37.73 -88.70
C LEU T 483 62.56 -37.60 -90.08
N SER T 484 62.01 -36.72 -90.92
CA SER T 484 62.64 -36.48 -92.22
C SER T 484 64.06 -35.99 -92.05
N VAL T 485 64.24 -35.00 -91.19
CA VAL T 485 65.58 -34.47 -90.94
C VAL T 485 66.51 -35.58 -90.44
N ARG T 486 66.02 -36.40 -89.51
CA ARG T 486 66.85 -37.46 -88.95
C ARG T 486 67.21 -38.49 -90.01
N ARG T 487 66.29 -38.79 -90.92
CA ARG T 487 66.57 -39.71 -92.01
C ARG T 487 67.67 -39.17 -92.91
N VAL T 488 67.56 -37.90 -93.27
CA VAL T 488 68.62 -37.29 -94.08
C VAL T 488 69.95 -37.35 -93.35
N GLN T 489 69.93 -37.04 -92.05
CA GLN T 489 71.14 -37.12 -91.24
C GLN T 489 71.74 -38.51 -91.29
N ALA T 490 70.91 -39.53 -91.08
CA ALA T 490 71.41 -40.90 -91.09
C ALA T 490 72.00 -41.27 -92.44
N GLU T 491 71.37 -40.84 -93.53
CA GLU T 491 71.93 -41.14 -94.84
C GLU T 491 73.27 -40.45 -95.04
N LEU T 492 73.40 -39.22 -94.57
CA LEU T 492 74.67 -38.52 -94.67
C LEU T 492 75.74 -39.20 -93.82
N GLN T 493 75.38 -39.67 -92.63
CA GLN T 493 76.35 -40.38 -91.79
C GLN T 493 76.77 -41.68 -92.46
N HIS T 494 75.82 -42.39 -93.07
CA HIS T 494 76.17 -43.59 -93.82
C HIS T 494 77.12 -43.28 -94.97
N CYS T 495 76.87 -42.21 -95.71
CA CYS T 495 77.78 -41.82 -96.77
C CYS T 495 79.17 -41.50 -96.24
N TRP T 496 79.24 -40.83 -95.09
CA TRP T 496 80.53 -40.59 -94.45
C TRP T 496 81.22 -41.89 -94.10
N ALA T 497 80.48 -42.82 -93.52
CA ALA T 497 81.05 -44.11 -93.16
C ALA T 497 81.56 -44.85 -94.39
N LEU T 498 80.79 -44.85 -95.47
CA LEU T 498 81.24 -45.49 -96.70
C LEU T 498 82.53 -44.84 -97.21
N GLN T 499 82.63 -43.52 -97.14
CA GLN T 499 83.85 -42.88 -97.59
C GLN T 499 85.03 -43.27 -96.71
N MET T 500 84.81 -43.35 -95.40
CA MET T 500 85.90 -43.76 -94.54
C MET T 500 86.27 -45.22 -94.78
N GLN T 501 85.28 -46.07 -95.00
CA GLN T 501 85.55 -47.46 -95.35
C GLN T 501 86.33 -47.57 -96.65
N ARG T 502 86.22 -46.59 -97.54
CA ARG T 502 86.94 -46.65 -98.80
C ARG T 502 88.19 -45.80 -98.76
N LYS T 503 88.49 -45.22 -97.59
CA LYS T 503 89.64 -44.34 -97.46
C LYS T 503 90.95 -45.03 -97.82
N HIS T 504 91.01 -46.35 -97.73
CA HIS T 504 92.23 -47.07 -98.09
C HIS T 504 92.33 -47.35 -99.58
N LEU T 505 91.26 -47.15 -100.33
CA LEU T 505 91.33 -47.33 -101.77
C LEU T 505 91.93 -46.10 -102.43
N LYS T 506 92.52 -46.31 -103.60
CA LYS T 506 93.05 -45.21 -104.39
C LYS T 506 91.94 -44.23 -104.72
N SER T 507 92.09 -42.98 -104.26
CA SER T 507 91.12 -41.94 -104.55
C SER T 507 91.26 -41.43 -105.97
N ASN T 508 90.13 -41.32 -106.67
CA ASN T 508 90.09 -40.75 -108.01
C ASN T 508 89.54 -39.32 -107.92
N GLN T 509 89.77 -38.55 -108.97
CA GLN T 509 89.25 -37.18 -109.00
C GLN T 509 87.73 -37.16 -108.81
N THR T 510 87.02 -38.12 -109.40
CA THR T 510 85.59 -38.18 -109.17
C THR T 510 85.27 -38.53 -107.72
N ASP T 511 86.15 -39.30 -107.08
CA ASP T 511 85.91 -39.65 -105.69
C ASP T 511 86.11 -38.43 -104.80
N ALA T 512 87.12 -37.63 -105.11
CA ALA T 512 87.34 -36.37 -104.40
C ALA T 512 86.15 -35.44 -104.58
N VAL T 513 85.60 -35.35 -105.79
CA VAL T 513 84.44 -34.50 -106.00
C VAL T 513 83.25 -35.01 -105.20
N LYS T 514 83.01 -36.32 -105.24
CA LYS T 514 81.94 -36.91 -104.44
C LYS T 514 82.13 -36.60 -102.96
N TRP T 515 83.35 -36.79 -102.46
CA TRP T 515 83.62 -36.56 -101.04
C TRP T 515 83.41 -35.09 -100.67
N ARG T 516 83.86 -34.17 -101.53
CA ARG T 516 83.67 -32.75 -101.24
C ARG T 516 82.20 -32.39 -101.20
N LEU T 517 81.43 -32.83 -102.20
CA LEU T 517 80.01 -32.53 -102.22
C LEU T 517 79.33 -33.12 -101.00
N ARG T 518 79.61 -34.38 -100.69
CA ARG T 518 79.08 -35.01 -99.49
C ARG T 518 79.44 -34.22 -98.23
N ASN T 519 80.70 -33.81 -98.11
CA ASN T 519 81.11 -33.08 -96.91
C ASN T 519 80.36 -31.75 -96.77
N HIS T 520 80.15 -31.05 -97.88
CA HIS T 520 79.42 -29.79 -97.80
C HIS T 520 77.95 -30.03 -97.45
N MET T 521 77.34 -31.03 -98.09
CA MET T 521 75.96 -31.38 -97.76
C MET T 521 75.85 -31.73 -96.28
N ALA T 522 76.76 -32.56 -95.80
CA ALA T 522 76.77 -32.96 -94.39
C ALA T 522 76.90 -31.75 -93.49
N PHE T 523 77.82 -30.84 -93.80
CA PHE T 523 77.97 -29.64 -92.99
C PHE T 523 76.64 -28.88 -92.90
N LEU T 524 75.97 -28.71 -94.04
CA LEU T 524 74.71 -27.97 -94.03
C LEU T 524 73.64 -28.68 -93.22
N VAL T 525 73.48 -29.98 -93.45
CA VAL T 525 72.43 -30.72 -92.75
C VAL T 525 72.70 -30.80 -91.26
N ASP T 526 73.97 -30.99 -90.88
CA ASP T 526 74.34 -31.04 -89.47
C ASP T 526 74.08 -29.71 -88.80
N ASN T 527 74.40 -28.61 -89.47
CA ASN T 527 74.13 -27.31 -88.87
C ASN T 527 72.62 -27.08 -88.74
N LEU T 528 71.85 -27.55 -89.71
CA LEU T 528 70.40 -27.43 -89.60
C LEU T 528 69.90 -28.22 -88.39
N GLN T 529 70.38 -29.45 -88.23
CA GLN T 529 69.94 -30.27 -87.12
C GLN T 529 70.33 -29.65 -85.78
N TYR T 530 71.55 -29.12 -85.68
CA TYR T 530 71.96 -28.46 -84.45
C TYR T 530 71.07 -27.27 -84.14
N TYR T 531 70.81 -26.44 -85.16
CA TYR T 531 69.92 -25.29 -84.96
C TYR T 531 68.55 -25.74 -84.48
N LEU T 532 67.98 -26.74 -85.14
CA LEU T 532 66.64 -27.20 -84.78
C LEU T 532 66.62 -27.72 -83.35
N GLN T 533 67.66 -28.45 -82.95
CA GLN T 533 67.66 -29.11 -81.64
C GLN T 533 67.93 -28.13 -80.51
N VAL T 534 68.88 -27.22 -80.68
CA VAL T 534 69.28 -26.37 -79.57
C VAL T 534 68.50 -25.06 -79.58
N ASP T 535 68.60 -24.32 -80.69
CA ASP T 535 68.10 -22.95 -80.72
C ASP T 535 66.58 -22.86 -80.75
N VAL T 536 65.90 -23.74 -81.47
CA VAL T 536 64.45 -23.62 -81.60
C VAL T 536 63.73 -24.46 -80.55
N LEU T 537 63.87 -25.78 -80.66
CA LEU T 537 63.03 -26.67 -79.87
C LEU T 537 63.33 -26.54 -78.39
N GLU T 538 64.59 -26.65 -78.01
CA GLU T 538 64.94 -26.60 -76.59
C GLU T 538 64.58 -25.24 -76.00
N SER T 539 64.80 -24.16 -76.75
CA SER T 539 64.43 -22.84 -76.27
C SER T 539 62.94 -22.75 -75.99
N GLN T 540 62.11 -23.10 -76.98
CA GLN T 540 60.67 -22.97 -76.78
C GLN T 540 60.17 -23.87 -75.67
N PHE T 541 60.72 -25.08 -75.57
CA PHE T 541 60.29 -25.98 -74.51
C PHE T 541 60.71 -25.47 -73.14
N SER T 542 61.92 -24.92 -73.02
CA SER T 542 62.34 -24.33 -71.76
C SER T 542 61.44 -23.18 -71.37
N GLN T 543 61.07 -22.34 -72.33
CA GLN T 543 60.14 -21.25 -72.03
C GLN T 543 58.79 -21.77 -71.56
N LEU T 544 58.25 -22.78 -72.24
CA LEU T 544 57.00 -23.37 -71.82
C LEU T 544 57.09 -23.90 -70.40
N LEU T 545 58.14 -24.68 -70.12
CA LEU T 545 58.32 -25.25 -68.79
C LEU T 545 58.46 -24.19 -67.72
N HIS T 546 59.19 -23.11 -68.01
CA HIS T 546 59.31 -22.03 -67.06
C HIS T 546 57.96 -21.38 -66.78
N GLN T 547 57.19 -21.07 -67.82
CA GLN T 547 55.88 -20.46 -67.59
C GLN T 547 54.97 -21.39 -66.79
N ILE T 548 54.91 -22.65 -67.18
CA ILE T 548 54.06 -23.61 -66.46
C ILE T 548 54.47 -23.70 -65.00
N ASN T 549 55.78 -23.78 -64.73
CA ASN T 549 56.21 -23.87 -63.35
C ASN T 549 56.04 -22.55 -62.63
N SER T 550 55.87 -21.47 -63.38
CA SER T 550 55.77 -20.15 -62.79
C SER T 550 54.33 -19.76 -62.49
N THR T 551 53.36 -20.50 -63.00
CA THR T 551 51.97 -20.11 -62.83
C THR T 551 51.23 -21.16 -62.02
N ARG T 552 50.15 -20.72 -61.37
CA ARG T 552 49.19 -21.59 -60.72
C ARG T 552 47.81 -21.47 -61.37
N ASP T 553 47.79 -21.06 -62.63
CA ASP T 553 46.57 -20.90 -63.40
C ASP T 553 46.61 -21.89 -64.54
N PHE T 554 45.65 -22.81 -64.55
CA PHE T 554 45.62 -23.81 -65.62
C PHE T 554 45.51 -23.14 -66.98
N GLU T 555 44.78 -22.03 -67.07
CA GLU T 555 44.72 -21.29 -68.33
C GLU T 555 46.08 -20.73 -68.70
N SER T 556 46.83 -20.26 -67.71
CA SER T 556 48.20 -19.83 -67.96
C SER T 556 49.07 -20.99 -68.43
N ILE T 557 48.86 -22.17 -67.87
CA ILE T 557 49.59 -23.35 -68.33
C ILE T 557 49.25 -23.63 -69.79
N ARG T 558 47.96 -23.55 -70.12
CA ARG T 558 47.52 -23.75 -71.49
C ARG T 558 48.21 -22.76 -72.42
N LEU T 559 48.23 -21.49 -72.04
CA LEU T 559 48.90 -20.50 -72.87
C LEU T 559 50.39 -20.78 -73.01
N ALA T 560 51.05 -21.20 -71.93
CA ALA T 560 52.47 -21.54 -72.01
C ALA T 560 52.73 -22.71 -72.96
N HIS T 561 51.84 -23.70 -72.93
CA HIS T 561 52.00 -24.83 -73.86
C HIS T 561 51.76 -24.38 -75.29
N ASP T 562 50.73 -23.57 -75.51
CA ASP T 562 50.49 -23.02 -76.84
C ASP T 562 51.70 -22.24 -77.33
N HIS T 563 52.33 -21.47 -76.43
CA HIS T 563 53.54 -20.75 -76.81
C HIS T 563 54.67 -21.70 -77.16
N PHE T 564 54.85 -22.75 -76.37
CA PHE T 564 55.87 -23.75 -76.69
C PHE T 564 55.67 -24.27 -78.11
N LEU T 565 54.44 -24.68 -78.42
CA LEU T 565 54.18 -25.29 -79.72
C LEU T 565 54.26 -24.27 -80.85
N SER T 566 53.77 -23.05 -80.62
CA SER T 566 53.88 -22.00 -81.63
C SER T 566 55.33 -21.67 -81.93
N ASN T 567 56.16 -21.56 -80.89
CA ASN T 567 57.58 -21.29 -81.12
C ASN T 567 58.25 -22.44 -81.84
N LEU T 568 57.91 -23.68 -81.48
CA LEU T 568 58.48 -24.83 -82.19
C LEU T 568 58.11 -24.79 -83.66
N LEU T 569 56.83 -24.55 -83.96
CA LEU T 569 56.38 -24.51 -85.35
C LEU T 569 57.01 -23.36 -86.12
N ALA T 570 57.14 -22.20 -85.49
CA ALA T 570 57.70 -21.05 -86.19
C ALA T 570 59.19 -21.27 -86.45
N GLN T 571 59.94 -21.65 -85.43
CA GLN T 571 61.38 -21.73 -85.56
C GLN T 571 61.82 -22.93 -86.38
N SER T 572 61.01 -23.99 -86.48
CA SER T 572 61.38 -25.03 -87.42
C SER T 572 61.17 -24.64 -88.87
N PHE T 573 60.70 -23.43 -89.17
CA PHE T 573 60.48 -22.96 -90.53
C PHE T 573 59.36 -23.71 -91.24
N ILE T 574 58.65 -24.59 -90.56
CA ILE T 574 57.58 -25.36 -91.19
C ILE T 574 56.53 -24.45 -91.82
N LEU T 575 56.18 -23.36 -91.13
CA LEU T 575 55.16 -22.44 -91.64
C LEU T 575 55.63 -21.59 -92.81
N LEU T 576 56.93 -21.54 -93.11
CA LEU T 576 57.43 -20.74 -94.24
C LEU T 576 57.38 -21.59 -95.50
N LYS T 577 56.17 -21.73 -96.03
CA LYS T 577 55.91 -22.65 -97.16
C LYS T 577 56.92 -22.56 -98.28
N PRO T 578 57.33 -21.39 -98.77
CA PRO T 578 58.36 -21.38 -99.83
C PRO T 578 59.67 -21.97 -99.37
N VAL T 579 60.03 -21.71 -98.12
CA VAL T 579 61.24 -22.28 -97.56
C VAL T 579 61.09 -23.78 -97.40
N PHE T 580 59.94 -24.22 -96.89
CA PHE T 580 59.69 -25.64 -96.71
C PHE T 580 59.78 -26.38 -98.03
N HIS T 581 59.17 -25.83 -99.08
CA HIS T 581 59.26 -26.43 -100.41
C HIS T 581 60.71 -26.51 -100.89
N CYS T 582 61.45 -25.41 -100.75
CA CYS T 582 62.86 -25.44 -101.15
C CYS T 582 63.64 -26.45 -100.33
N LEU T 583 63.32 -26.56 -99.04
CA LEU T 583 63.98 -27.51 -98.16
C LEU T 583 63.67 -28.93 -98.57
N ASN T 584 62.42 -29.21 -98.90
CA ASN T 584 62.06 -30.55 -99.36
C ASN T 584 62.81 -30.90 -100.63
N GLU T 585 62.89 -29.98 -101.58
CA GLU T 585 63.69 -30.22 -102.77
C GLU T 585 65.15 -30.47 -102.43
N ILE T 586 65.70 -29.72 -101.48
CA ILE T 586 67.08 -29.93 -101.06
C ILE T 586 67.27 -31.30 -100.41
N LEU T 587 66.33 -31.67 -99.54
CA LEU T 587 66.40 -32.96 -98.88
C LEU T 587 66.33 -34.09 -99.91
N ASP T 588 65.46 -33.96 -100.90
CA ASP T 588 65.36 -34.99 -101.93
C ASP T 588 66.63 -35.07 -102.75
N LEU T 589 67.26 -33.92 -103.05
CA LEU T 589 68.55 -33.96 -103.74
C LEU T 589 69.62 -34.63 -102.89
N CYS T 590 69.62 -34.36 -101.58
CA CYS T 590 70.59 -35.01 -100.70
C CYS T 590 70.35 -36.51 -100.64
N HIS T 591 69.10 -36.92 -100.54
CA HIS T 591 68.76 -38.34 -100.56
C HIS T 591 69.23 -38.98 -101.86
N SER T 592 68.98 -38.32 -102.99
CA SER T 592 69.42 -38.86 -104.27
C SER T 592 70.93 -39.00 -104.33
N PHE T 593 71.67 -38.01 -103.82
CA PHE T 593 73.12 -38.13 -103.78
C PHE T 593 73.56 -39.31 -102.93
N CYS T 594 72.99 -39.44 -101.73
CA CYS T 594 73.34 -40.57 -100.87
C CYS T 594 73.01 -41.89 -101.55
N SER T 595 71.87 -41.95 -102.23
CA SER T 595 71.50 -43.14 -102.98
C SER T 595 72.52 -43.45 -104.07
N LEU T 596 72.90 -42.43 -104.83
CA LEU T 596 73.88 -42.63 -105.89
C LEU T 596 75.19 -43.19 -105.33
N VAL T 597 75.67 -42.63 -104.23
CA VAL T 597 76.91 -43.09 -103.65
C VAL T 597 76.76 -44.51 -103.13
N SER T 598 75.63 -44.81 -102.49
CA SER T 598 75.42 -46.15 -101.96
C SER T 598 75.26 -47.17 -103.09
N GLN T 599 74.67 -46.76 -104.21
CA GLN T 599 74.50 -47.66 -105.35
C GLN T 599 75.81 -47.91 -106.06
N ASN T 600 76.74 -46.95 -106.03
CA ASN T 600 78.00 -47.08 -106.76
C ASN T 600 79.11 -46.94 -105.73
N LEU T 601 79.35 -48.01 -104.98
CA LEU T 601 80.44 -48.01 -104.01
C LEU T 601 81.80 -47.92 -104.68
N GLY T 602 81.90 -48.28 -105.95
CA GLY T 602 83.15 -48.21 -106.67
C GLY T 602 83.32 -46.89 -107.38
N PRO T 603 84.25 -46.84 -108.34
CA PRO T 603 84.26 -45.72 -109.28
C PRO T 603 82.90 -45.60 -109.96
N LEU T 604 82.42 -44.36 -110.08
CA LEU T 604 81.20 -44.13 -110.83
C LEU T 604 81.44 -44.33 -112.31
N ASP T 605 80.49 -44.97 -112.98
CA ASP T 605 80.44 -44.97 -114.43
C ASP T 605 80.09 -43.58 -114.94
N GLU T 606 80.15 -43.43 -116.27
CA GLU T 606 79.81 -42.16 -116.88
C GLU T 606 78.40 -41.73 -116.54
N ARG T 607 77.47 -42.68 -116.37
CA ARG T 607 76.11 -42.33 -116.01
C ARG T 607 76.05 -41.75 -114.59
N GLY T 608 76.72 -42.41 -113.65
CA GLY T 608 76.78 -41.87 -112.30
C GLY T 608 77.49 -40.53 -112.23
N ALA T 609 78.52 -40.35 -113.05
CA ALA T 609 79.19 -39.05 -113.11
C ALA T 609 78.27 -37.96 -113.67
N ALA T 610 77.49 -38.28 -114.70
CA ALA T 610 76.53 -37.33 -115.22
C ALA T 610 75.47 -36.99 -114.19
N GLN T 611 74.96 -38.00 -113.48
CA GLN T 611 74.01 -37.75 -112.41
C GLN T 611 74.62 -36.87 -111.33
N LEU T 612 75.86 -37.16 -110.93
CA LEU T 612 76.54 -36.33 -109.95
C LEU T 612 76.69 -34.89 -110.43
N SER T 613 77.05 -34.70 -111.70
CA SER T 613 77.16 -33.34 -112.23
C SER T 613 75.82 -32.62 -112.24
N ILE T 614 74.74 -33.32 -112.59
CA ILE T 614 73.42 -32.71 -112.57
C ILE T 614 73.05 -32.33 -111.15
N LEU T 615 73.28 -33.23 -110.21
CA LEU T 615 72.98 -32.95 -108.81
C LEU T 615 73.82 -31.80 -108.29
N VAL T 616 75.11 -31.75 -108.65
CA VAL T 616 75.97 -30.65 -108.24
C VAL T 616 75.39 -29.33 -108.73
N LYS T 617 75.03 -29.26 -110.01
CA LYS T 617 74.50 -28.01 -110.55
C LYS T 617 73.18 -27.64 -109.87
N GLY T 618 72.28 -28.61 -109.72
CA GLY T 618 71.02 -28.34 -109.05
C GLY T 618 71.20 -27.85 -107.62
N PHE T 619 72.03 -28.56 -106.85
CA PHE T 619 72.26 -28.20 -105.47
C PHE T 619 72.95 -26.85 -105.34
N SER T 620 73.93 -26.56 -106.18
CA SER T 620 74.56 -25.25 -106.14
C SER T 620 73.54 -24.16 -106.42
N ARG T 621 72.69 -24.38 -107.43
CA ARG T 621 71.66 -23.40 -107.75
C ARG T 621 70.71 -23.22 -106.58
N GLN T 622 70.22 -24.32 -106.02
CA GLN T 622 69.23 -24.25 -104.96
C GLN T 622 69.81 -23.66 -103.68
N SER T 623 71.03 -24.05 -103.31
CA SER T 623 71.67 -23.46 -102.14
C SER T 623 71.92 -21.97 -102.33
N SER T 624 72.30 -21.55 -103.54
CA SER T 624 72.43 -20.13 -103.81
C SER T 624 71.08 -19.43 -103.67
N LEU T 625 70.03 -20.07 -104.19
CA LEU T 625 68.69 -19.51 -104.07
C LEU T 625 68.29 -19.39 -102.61
N LEU T 626 68.52 -20.44 -101.84
CA LEU T 626 68.26 -20.41 -100.41
C LEU T 626 68.97 -19.25 -99.73
N PHE T 627 70.27 -19.09 -99.98
CA PHE T 627 71.00 -17.99 -99.35
C PHE T 627 70.47 -16.63 -99.77
N LYS T 628 70.14 -16.47 -101.06
CA LYS T 628 69.56 -15.22 -101.53
C LYS T 628 68.20 -14.97 -100.89
N ILE T 629 67.39 -16.01 -100.80
CA ILE T 629 66.08 -15.90 -100.17
C ILE T 629 66.24 -15.48 -98.72
N LEU T 630 67.15 -16.14 -98.00
CA LEU T 630 67.37 -15.82 -96.60
C LEU T 630 67.83 -14.37 -96.43
N SER T 631 68.72 -13.88 -97.29
CA SER T 631 69.12 -12.48 -97.21
C SER T 631 67.96 -11.52 -97.51
N SER T 632 67.14 -11.85 -98.51
CA SER T 632 65.97 -11.02 -98.81
C SER T 632 64.98 -11.03 -97.65
N VAL T 633 64.73 -12.21 -97.09
CA VAL T 633 63.84 -12.33 -95.96
C VAL T 633 64.38 -11.54 -94.79
N ARG T 634 65.68 -11.62 -94.53
CA ARG T 634 66.27 -10.81 -93.47
C ARG T 634 66.03 -9.32 -93.73
N ASN T 635 66.11 -8.89 -94.99
CA ASN T 635 65.88 -7.48 -95.30
C ASN T 635 64.41 -7.05 -95.20
N HIS T 636 63.45 -7.96 -95.38
CA HIS T 636 62.05 -7.55 -95.28
C HIS T 636 61.37 -7.95 -93.97
N GLN T 637 61.77 -9.08 -93.40
CA GLN T 637 61.24 -9.66 -92.18
C GLN T 637 62.41 -9.93 -91.24
N ILE T 638 62.40 -9.33 -90.07
CA ILE T 638 63.40 -9.59 -89.04
C ILE T 638 63.11 -10.91 -88.33
N ASN T 639 63.36 -12.03 -89.01
CA ASN T 639 63.23 -13.35 -88.38
C ASN T 639 64.57 -13.75 -87.76
N SER T 640 64.57 -13.77 -86.42
CA SER T 640 65.75 -14.19 -85.65
C SER T 640 66.28 -15.51 -86.15
N ASP T 641 65.39 -16.48 -86.39
CA ASP T 641 65.86 -17.84 -86.56
C ASP T 641 66.48 -18.03 -87.94
N LEU T 642 65.90 -17.38 -88.96
CA LEU T 642 66.53 -17.40 -90.27
C LEU T 642 67.89 -16.72 -90.22
N ALA T 643 67.99 -15.62 -89.47
CA ALA T 643 69.30 -14.98 -89.34
C ALA T 643 70.29 -15.87 -88.60
N GLN T 644 69.82 -16.60 -87.58
CA GLN T 644 70.69 -17.52 -86.87
C GLN T 644 71.15 -18.65 -87.77
N LEU T 645 70.24 -19.20 -88.56
CA LEU T 645 70.62 -20.24 -89.51
C LEU T 645 71.69 -19.74 -90.46
N LEU T 646 71.48 -18.55 -91.03
CA LEU T 646 72.49 -18.00 -91.95
C LEU T 646 73.83 -17.77 -91.25
N LEU T 647 73.80 -17.31 -90.00
CA LEU T 647 75.05 -17.11 -89.26
C LEU T 647 75.78 -18.42 -89.02
N ARG T 648 75.04 -19.47 -88.66
CA ARG T 648 75.67 -20.75 -88.44
C ARG T 648 76.20 -21.31 -89.74
N LEU T 649 75.47 -21.09 -90.83
CA LEU T 649 75.91 -21.56 -92.12
C LEU T 649 77.24 -20.90 -92.51
N ASP T 650 77.35 -19.59 -92.28
CA ASP T 650 78.47 -18.84 -92.82
C ASP T 650 79.33 -18.27 -91.71
N TYR T 651 79.56 -19.06 -90.65
CA TYR T 651 80.33 -18.56 -89.53
C TYR T 651 81.72 -18.11 -89.98
N ASN T 652 82.29 -18.77 -90.99
CA ASN T 652 83.58 -18.42 -91.54
C ASN T 652 83.45 -17.58 -92.80
N LYS T 653 82.25 -17.09 -93.08
CA LYS T 653 81.98 -16.40 -94.34
C LYS T 653 82.28 -17.27 -95.54
N TYR T 654 82.40 -18.59 -95.35
CA TYR T 654 82.64 -19.47 -96.48
C TYR T 654 81.51 -19.35 -97.48
N TYR T 655 80.28 -19.32 -96.98
CA TYR T 655 79.11 -19.12 -97.83
C TYR T 655 79.11 -17.73 -98.44
N THR T 656 79.42 -16.71 -97.63
CA THR T 656 79.47 -15.36 -98.17
C THR T 656 80.47 -15.27 -99.33
N GLN T 657 81.61 -15.92 -99.19
CA GLN T 657 82.60 -15.90 -100.28
C GLN T 657 82.13 -16.73 -101.46
N ALA T 658 81.40 -17.81 -101.21
CA ALA T 658 80.81 -18.63 -102.27
C ALA T 658 79.48 -18.09 -102.75
N GLY T 659 79.15 -16.86 -102.39
CA GLY T 659 77.89 -16.26 -102.77
C GLY T 659 76.67 -16.92 -102.17
N GLY T 660 76.84 -17.65 -101.07
CA GLY T 660 75.76 -18.40 -100.46
C GLY T 660 75.59 -19.82 -100.96
N THR T 661 76.26 -20.20 -102.04
CA THR T 661 76.01 -21.50 -102.67
C THR T 661 76.74 -22.59 -101.91
N LEU T 662 76.01 -23.60 -101.45
CA LEU T 662 76.60 -24.85 -100.99
C LEU T 662 77.03 -25.63 -102.22
N GLY T 663 78.32 -25.68 -102.48
CA GLY T 663 78.87 -26.64 -103.39
C GLY T 663 78.89 -26.14 -104.81
N SER T 664 79.01 -24.82 -105.00
CA SER T 664 79.30 -24.24 -106.30
C SER T 664 80.75 -24.54 -106.64
N PHE T 665 80.97 -25.77 -107.09
CA PHE T 665 82.20 -26.15 -107.79
C PHE T 665 81.79 -26.94 -109.02
N GLY T 666 82.31 -26.54 -110.18
CA GLY T 666 81.91 -27.11 -111.44
C GLY T 666 81.80 -28.62 -111.41
N MET T 667 80.71 -29.14 -111.96
CA MET T 667 80.72 -30.47 -112.56
C MET T 667 81.83 -30.59 -113.59
N MET U 1 -65.11 43.66 69.06
CA MET U 1 -64.32 43.31 70.27
C MET U 1 -64.28 41.79 70.48
N PRO U 2 -63.11 41.28 70.83
CA PRO U 2 -63.02 39.86 71.19
C PRO U 2 -63.96 39.52 72.33
N ARG U 3 -64.31 38.22 72.40
CA ARG U 3 -65.15 37.67 73.46
C ARG U 3 -64.32 36.54 74.07
N GLU U 4 -63.39 36.93 74.93
CA GLU U 4 -62.38 36.02 75.44
C GLU U 4 -62.94 34.99 76.41
N ILE U 5 -62.38 33.79 76.33
CA ILE U 5 -62.66 32.69 77.25
C ILE U 5 -61.32 32.22 77.78
N ILE U 6 -61.18 32.17 79.10
CA ILE U 6 -59.95 31.71 79.73
C ILE U 6 -60.05 30.23 80.04
N THR U 7 -59.08 29.45 79.53
CA THR U 7 -59.02 28.01 79.80
C THR U 7 -58.06 27.75 80.97
N LEU U 8 -58.60 27.14 82.03
CA LEU U 8 -57.83 26.81 83.22
C LEU U 8 -57.54 25.30 83.20
N GLN U 9 -56.27 24.94 83.10
CA GLN U 9 -55.86 23.54 83.03
C GLN U 9 -55.31 23.14 84.40
N LEU U 10 -55.99 22.19 85.07
CA LEU U 10 -55.71 21.89 86.47
C LEU U 10 -55.12 20.49 86.62
N GLY U 11 -53.95 20.40 87.26
CA GLY U 11 -53.30 19.14 87.55
C GLY U 11 -52.80 18.44 86.30
N GLN U 12 -52.22 17.26 86.49
CA GLN U 12 -51.63 16.52 85.39
C GLN U 12 -52.64 16.32 84.26
N CYS U 13 -53.79 15.75 84.58
CA CYS U 13 -54.78 15.42 83.57
C CYS U 13 -55.39 16.68 82.96
N GLY U 14 -55.77 17.64 83.79
CA GLY U 14 -56.33 18.87 83.28
C GLY U 14 -55.37 19.60 82.37
N ASN U 15 -54.10 19.66 82.75
CA ASN U 15 -53.09 20.32 81.91
C ASN U 15 -52.89 19.56 80.61
N GLN U 16 -52.93 18.23 80.64
CA GLN U 16 -52.76 17.47 79.40
C GLN U 16 -53.95 17.67 78.47
N ILE U 17 -55.16 17.71 79.03
CA ILE U 17 -56.34 17.96 78.21
C ILE U 17 -56.34 19.37 77.67
N GLY U 18 -55.93 20.34 78.47
CA GLY U 18 -55.81 21.71 77.98
C GLY U 18 -54.79 21.85 76.87
N PHE U 19 -53.64 21.20 77.02
CA PHE U 19 -52.63 21.19 75.97
C PHE U 19 -53.18 20.60 74.68
N GLU U 20 -53.88 19.46 74.77
CA GLU U 20 -54.46 18.88 73.56
C GLU U 20 -55.60 19.74 73.01
N PHE U 21 -56.33 20.44 73.87
CA PHE U 21 -57.36 21.36 73.41
C PHE U 21 -56.74 22.50 72.61
N TRP U 22 -55.67 23.09 73.13
CA TRP U 22 -55.00 24.17 72.42
C TRP U 22 -54.37 23.67 71.12
N LYS U 23 -53.80 22.47 71.14
CA LYS U 23 -53.32 21.86 69.90
C LYS U 23 -54.44 21.71 68.88
N GLN U 24 -55.62 21.24 69.31
CA GLN U 24 -56.75 21.10 68.41
C GLN U 24 -57.21 22.45 67.87
N LEU U 25 -57.27 23.46 68.73
CA LEU U 25 -57.65 24.80 68.29
C LEU U 25 -56.66 25.34 67.26
N CYS U 26 -55.35 25.18 67.54
CA CYS U 26 -54.33 25.56 66.58
C CYS U 26 -54.53 24.85 65.25
N ALA U 27 -54.78 23.54 65.28
CA ALA U 27 -54.99 22.78 64.05
C ALA U 27 -56.23 23.26 63.31
N GLU U 28 -57.29 23.62 64.05
CA GLU U 28 -58.50 24.11 63.42
C GLU U 28 -58.34 25.52 62.86
N HIS U 29 -57.44 26.32 63.43
CA HIS U 29 -57.22 27.69 63.00
C HIS U 29 -56.04 27.83 62.06
N GLY U 30 -55.32 26.75 61.79
CA GLY U 30 -54.14 26.84 60.94
C GLY U 30 -53.03 27.62 61.59
N ILE U 31 -52.80 27.40 62.88
CA ILE U 31 -51.74 28.04 63.63
C ILE U 31 -50.64 27.01 63.89
N SER U 32 -49.40 27.40 63.62
CA SER U 32 -48.27 26.51 63.83
C SER U 32 -48.11 26.22 65.31
N PRO U 33 -47.31 25.20 65.66
CA PRO U 33 -47.07 24.91 67.08
C PRO U 33 -46.49 26.09 67.83
N GLU U 34 -45.95 27.08 67.14
CA GLU U 34 -45.46 28.30 67.78
C GLU U 34 -46.54 29.36 67.87
N GLY U 35 -47.75 29.06 67.40
CA GLY U 35 -48.83 30.01 67.40
C GLY U 35 -48.94 30.86 66.16
N ILE U 36 -48.11 30.61 65.16
CA ILE U 36 -48.09 31.44 63.96
C ILE U 36 -49.11 30.90 62.96
N VAL U 37 -49.87 31.82 62.36
CA VAL U 37 -50.84 31.45 61.35
C VAL U 37 -50.13 30.90 60.12
N GLU U 38 -50.57 29.72 59.67
CA GLU U 38 -50.05 29.14 58.45
C GLU U 38 -50.47 29.98 57.24
N GLU U 39 -49.61 30.00 56.23
CA GLU U 39 -49.85 30.86 55.08
C GLU U 39 -51.24 30.63 54.51
N PHE U 40 -51.71 29.38 54.48
CA PHE U 40 -53.05 29.14 53.98
C PHE U 40 -54.12 29.60 54.95
N ALA U 41 -53.74 29.95 56.18
CA ALA U 41 -54.69 30.30 57.24
C ALA U 41 -54.56 31.76 57.63
N THR U 42 -53.76 32.54 56.89
CA THR U 42 -53.54 33.94 57.23
C THR U 42 -54.81 34.79 57.05
N GLU U 43 -55.67 34.43 56.11
CA GLU U 43 -56.86 35.21 55.80
C GLU U 43 -58.14 34.65 56.42
N GLY U 44 -58.03 33.93 57.52
CA GLY U 44 -59.21 33.35 58.13
C GLY U 44 -60.17 34.40 58.65
N THR U 45 -61.46 34.06 58.59
CA THR U 45 -62.52 34.90 59.13
C THR U 45 -62.85 34.58 60.57
N ASP U 46 -62.10 33.68 61.21
CA ASP U 46 -62.38 33.27 62.58
C ASP U 46 -61.87 34.30 63.56
N ARG U 47 -62.59 34.45 64.67
CA ARG U 47 -62.17 35.30 65.78
C ARG U 47 -61.38 34.43 66.75
N LYS U 48 -60.05 34.57 66.70
CA LYS U 48 -59.18 33.79 67.57
C LYS U 48 -59.14 34.35 68.98
N ASP U 49 -59.33 35.66 69.13
CA ASP U 49 -59.21 36.32 70.42
C ASP U 49 -60.15 35.74 71.48
N VAL U 50 -61.22 35.06 71.07
CA VAL U 50 -62.14 34.47 72.04
C VAL U 50 -61.42 33.42 72.89
N PHE U 51 -60.65 32.53 72.26
CA PHE U 51 -60.02 31.43 72.99
C PHE U 51 -58.50 31.51 73.05
N PHE U 52 -57.88 32.21 72.10
CA PHE U 52 -56.46 32.43 72.01
C PHE U 52 -56.18 33.92 72.22
N TYR U 53 -54.99 34.23 72.71
CA TYR U 53 -54.46 35.57 72.60
C TYR U 53 -53.54 35.65 71.40
N GLN U 54 -53.55 36.80 70.74
CA GLN U 54 -52.70 37.06 69.57
C GLN U 54 -51.46 37.83 70.01
N ALA U 55 -50.29 37.24 69.76
CA ALA U 55 -49.04 37.92 70.01
C ALA U 55 -48.76 38.92 68.89
N ASP U 56 -47.80 39.82 69.16
CA ASP U 56 -47.46 40.88 68.22
C ASP U 56 -46.94 40.34 66.89
N ASP U 57 -46.48 39.09 66.85
CA ASP U 57 -45.93 38.49 65.63
C ASP U 57 -46.97 37.64 64.90
N GLU U 58 -48.25 37.95 65.08
CA GLU U 58 -49.34 37.15 64.53
C GLU U 58 -49.34 35.74 65.11
N HIS U 59 -48.64 35.54 66.22
CA HIS U 59 -48.69 34.28 66.92
C HIS U 59 -49.95 34.24 67.76
N TYR U 60 -50.67 33.12 67.71
CA TYR U 60 -51.83 32.91 68.56
C TYR U 60 -51.38 32.20 69.83
N ILE U 61 -51.57 32.85 70.97
CA ILE U 61 -51.15 32.32 72.27
C ILE U 61 -52.40 31.92 73.03
N PRO U 62 -52.51 30.68 73.51
CA PRO U 62 -53.67 30.30 74.31
C PRO U 62 -53.75 31.11 75.59
N ARG U 63 -54.95 31.58 75.91
CA ARG U 63 -55.26 32.06 77.25
C ARG U 63 -55.46 30.85 78.17
N ALA U 64 -54.37 30.09 78.31
CA ALA U 64 -54.35 28.80 79.01
C ALA U 64 -53.29 28.85 80.09
N VAL U 65 -53.66 28.40 81.29
CA VAL U 65 -52.73 28.29 82.41
C VAL U 65 -52.53 26.82 82.73
N LEU U 66 -51.28 26.37 82.71
CA LEU U 66 -50.91 25.00 82.99
C LEU U 66 -50.33 24.99 84.40
N LEU U 67 -51.04 24.34 85.32
CA LEU U 67 -50.66 24.30 86.72
C LEU U 67 -50.41 22.86 87.16
N ASP U 68 -49.20 22.61 87.64
CA ASP U 68 -48.86 21.34 88.28
C ASP U 68 -48.00 21.63 89.50
N LEU U 69 -48.18 20.80 90.54
CA LEU U 69 -47.37 20.87 91.74
C LEU U 69 -46.09 20.05 91.63
N GLU U 70 -45.93 19.30 90.55
CA GLU U 70 -44.74 18.54 90.25
C GLU U 70 -44.17 19.01 88.92
N PRO U 71 -42.85 19.18 88.81
CA PRO U 71 -42.31 19.82 87.61
C PRO U 71 -42.43 18.96 86.37
N ARG U 72 -42.58 17.64 86.51
CA ARG U 72 -42.45 16.76 85.36
C ARG U 72 -43.45 17.13 84.25
N VAL U 73 -44.71 17.34 84.63
CA VAL U 73 -45.77 17.55 83.66
C VAL U 73 -45.73 18.97 83.11
N ILE U 74 -45.52 19.97 83.98
CA ILE U 74 -45.40 21.34 83.50
C ILE U 74 -44.23 21.45 82.53
N HIS U 75 -43.08 20.86 82.88
CA HIS U 75 -41.95 20.84 81.96
C HIS U 75 -42.27 20.08 80.67
N SER U 76 -43.06 19.02 80.76
CA SER U 76 -43.45 18.30 79.54
C SER U 76 -44.30 19.17 78.62
N ILE U 77 -45.18 19.99 79.20
CA ILE U 77 -45.97 20.92 78.41
C ILE U 77 -45.09 22.00 77.81
N LEU U 78 -44.18 22.56 78.60
CA LEU U 78 -43.26 23.55 78.06
C LEU U 78 -42.27 22.93 77.09
N ASN U 79 -42.13 21.61 77.10
CA ASN U 79 -41.31 20.85 76.17
C ASN U 79 -42.11 20.29 75.01
N SER U 80 -43.39 20.64 74.92
CA SER U 80 -44.24 20.14 73.85
C SER U 80 -44.05 21.01 72.61
N PRO U 81 -44.51 20.54 71.45
CA PRO U 81 -44.46 21.41 70.26
C PRO U 81 -45.21 22.72 70.42
N TYR U 82 -46.09 22.83 71.41
CA TYR U 82 -46.86 24.04 71.61
C TYR U 82 -46.21 24.98 72.62
N ALA U 83 -44.95 24.72 73.00
CA ALA U 83 -44.31 25.59 73.97
C ALA U 83 -44.24 27.02 73.46
N LYS U 84 -44.02 27.20 72.15
CA LYS U 84 -44.00 28.57 71.67
C LYS U 84 -45.40 29.08 71.41
N LEU U 85 -46.39 28.17 71.39
CA LEU U 85 -47.77 28.58 71.25
C LEU U 85 -48.26 29.22 72.54
N TYR U 86 -47.91 28.62 73.67
CA TYR U 86 -48.38 29.09 74.96
C TYR U 86 -47.50 30.22 75.48
N ASN U 87 -48.13 31.18 76.14
CA ASN U 87 -47.38 32.19 76.89
C ASN U 87 -46.69 31.51 78.06
N PRO U 88 -45.36 31.52 78.14
CA PRO U 88 -44.71 30.94 79.32
C PRO U 88 -45.08 31.65 80.61
N GLU U 89 -45.40 32.94 80.54
CA GLU U 89 -45.82 33.71 81.71
C GLU U 89 -47.18 33.31 82.24
N ASN U 90 -47.96 32.54 81.49
CA ASN U 90 -49.26 32.09 81.95
C ASN U 90 -49.22 30.72 82.63
N ILE U 91 -48.03 30.17 82.86
CA ILE U 91 -47.90 28.86 83.50
C ILE U 91 -47.35 29.10 84.91
N TYR U 92 -48.17 28.79 85.91
CA TYR U 92 -47.74 28.78 87.31
C TYR U 92 -47.50 27.33 87.73
N LEU U 93 -46.35 27.07 88.34
CA LEU U 93 -46.04 25.78 88.92
C LEU U 93 -45.56 25.96 90.36
N SER U 94 -46.24 25.29 91.29
CA SER U 94 -45.86 25.35 92.70
C SER U 94 -44.45 24.83 92.92
N GLU U 95 -43.61 25.66 93.54
CA GLU U 95 -42.28 25.20 93.95
C GLU U 95 -42.34 24.16 95.06
N HIS U 96 -43.42 24.14 95.84
CA HIS U 96 -43.63 23.15 96.90
C HIS U 96 -44.08 21.85 96.26
N GLY U 97 -43.10 21.03 95.88
CA GLY U 97 -43.35 19.77 95.20
C GLY U 97 -44.05 18.69 96.01
N GLY U 98 -44.82 19.07 97.03
CA GLY U 98 -45.55 18.08 97.80
C GLY U 98 -46.89 17.72 97.22
N GLY U 99 -47.38 18.49 96.25
CA GLY U 99 -48.68 18.29 95.65
C GLY U 99 -49.85 18.31 96.63
N ALA U 100 -51.01 18.01 96.07
CA ALA U 100 -52.23 17.79 96.85
C ALA U 100 -52.41 16.33 97.25
N GLY U 101 -51.55 15.44 96.76
CA GLY U 101 -51.62 14.05 97.14
C GLY U 101 -52.95 13.38 96.84
N ASN U 102 -53.59 13.75 95.74
CA ASN U 102 -54.91 13.25 95.39
C ASN U 102 -55.93 13.54 96.50
N ASN U 103 -55.66 14.55 97.32
CA ASN U 103 -56.52 14.93 98.43
C ASN U 103 -57.15 16.29 98.13
N TRP U 104 -58.47 16.34 98.09
CA TRP U 104 -59.16 17.60 97.86
C TRP U 104 -58.76 18.65 98.88
N ALA U 105 -58.65 18.28 100.15
CA ALA U 105 -58.30 19.27 101.16
C ALA U 105 -56.90 19.82 100.94
N SER U 106 -55.95 18.96 100.55
CA SER U 106 -54.61 19.43 100.23
C SER U 106 -54.61 20.32 98.99
N GLY U 107 -55.38 19.94 97.97
CA GLY U 107 -55.50 20.80 96.80
C GLY U 107 -56.07 22.16 97.13
N PHE U 108 -57.05 22.19 98.03
CA PHE U 108 -57.64 23.45 98.47
C PHE U 108 -56.62 24.31 99.21
N SER U 109 -55.91 23.70 100.16
CA SER U 109 -54.86 24.44 100.87
C SER U 109 -53.80 24.96 99.91
N GLN U 110 -53.45 24.19 98.87
CA GLN U 110 -52.50 24.68 97.89
C GLN U 110 -53.07 25.83 97.07
N GLY U 111 -54.33 25.73 96.67
CA GLY U 111 -54.98 26.86 96.01
C GLY U 111 -54.98 28.11 96.86
N GLU U 112 -55.22 27.95 98.17
CA GLU U 112 -55.12 29.09 99.07
C GLU U 112 -53.71 29.64 99.14
N LYS U 113 -52.72 28.75 99.10
CA LYS U 113 -51.33 29.20 99.19
C LYS U 113 -50.89 29.93 97.93
N ILE U 114 -51.40 29.53 96.77
CA ILE U 114 -51.02 30.12 95.50
C ILE U 114 -52.11 31.04 94.95
N HIS U 115 -53.03 31.49 95.81
CA HIS U 115 -54.16 32.30 95.35
C HIS U 115 -53.68 33.54 94.59
N GLU U 116 -52.76 34.31 95.21
CA GLU U 116 -52.31 35.56 94.59
C GLU U 116 -51.67 35.31 93.24
N ASP U 117 -50.75 34.34 93.17
CA ASP U 117 -50.07 34.05 91.91
C ASP U 117 -51.08 33.68 90.82
N ILE U 118 -52.10 32.91 91.17
CA ILE U 118 -53.10 32.49 90.17
C ILE U 118 -53.98 33.67 89.78
N PHE U 119 -54.43 34.47 90.76
CA PHE U 119 -55.37 35.52 90.44
C PHE U 119 -54.70 36.67 89.69
N ASP U 120 -53.39 36.87 89.89
CA ASP U 120 -52.66 37.81 89.04
C ASP U 120 -52.71 37.39 87.58
N ILE U 121 -52.58 36.09 87.31
CA ILE U 121 -52.67 35.58 85.95
C ILE U 121 -54.08 35.77 85.42
N ILE U 122 -55.07 35.41 86.24
CA ILE U 122 -56.46 35.52 85.79
C ILE U 122 -56.79 36.96 85.44
N ASP U 123 -56.33 37.91 86.27
CA ASP U 123 -56.59 39.32 86.00
C ASP U 123 -55.84 39.80 84.77
N ARG U 124 -54.60 39.34 84.59
CA ARG U 124 -53.86 39.66 83.37
C ARG U 124 -54.61 39.19 82.13
N GLU U 125 -55.15 37.97 82.16
CA GLU U 125 -55.92 37.48 81.01
C GLU U 125 -57.23 38.23 80.83
N ALA U 126 -57.87 38.63 81.94
CA ALA U 126 -59.12 39.38 81.80
C ALA U 126 -58.86 40.73 81.17
N ASP U 127 -57.81 41.43 81.60
CA ASP U 127 -57.47 42.70 80.97
C ASP U 127 -56.98 42.51 79.54
N GLY U 128 -56.33 41.37 79.25
CA GLY U 128 -55.99 41.08 77.87
C GLY U 128 -57.16 40.57 77.06
N SER U 129 -58.34 40.53 77.68
CA SER U 129 -59.57 40.14 77.02
C SER U 129 -60.43 41.39 76.87
N ASP U 130 -60.91 41.64 75.64
CA ASP U 130 -61.74 42.82 75.40
C ASP U 130 -63.11 42.67 76.05
N SER U 131 -63.70 41.48 75.95
CA SER U 131 -65.00 41.19 76.52
C SER U 131 -64.98 39.75 77.02
N LEU U 132 -64.07 39.47 77.95
CA LEU U 132 -64.01 38.17 78.57
C LEU U 132 -65.38 37.69 78.99
N GLU U 133 -65.80 36.56 78.42
CA GLU U 133 -67.10 35.99 78.77
C GLU U 133 -67.02 35.18 80.04
N GLY U 134 -65.97 34.38 80.19
CA GLY U 134 -65.83 33.58 81.39
C GLY U 134 -64.64 32.64 81.30
N PHE U 135 -64.56 31.79 82.31
CA PHE U 135 -63.50 30.80 82.41
C PHE U 135 -64.08 29.39 82.30
N VAL U 136 -63.37 28.53 81.59
CA VAL U 136 -63.66 27.09 81.56
C VAL U 136 -62.49 26.40 82.26
N LEU U 137 -62.76 25.79 83.41
CA LEU U 137 -61.77 25.06 84.18
C LEU U 137 -61.88 23.59 83.84
N CYS U 138 -60.78 23.00 83.36
CA CYS U 138 -60.71 21.58 83.07
C CYS U 138 -59.90 20.92 84.19
N HIS U 139 -60.60 20.10 84.98
CA HIS U 139 -60.04 19.50 86.18
C HIS U 139 -60.79 18.20 86.45
N SER U 140 -60.25 17.40 87.36
CA SER U 140 -60.92 16.21 87.85
C SER U 140 -61.42 16.44 89.27
N ILE U 141 -62.63 15.94 89.55
CA ILE U 141 -63.22 16.08 90.88
C ILE U 141 -62.63 15.12 91.89
N ALA U 142 -61.88 14.11 91.42
CA ALA U 142 -61.41 13.03 92.28
C ALA U 142 -59.96 13.21 92.69
N GLY U 143 -59.19 13.98 91.93
CA GLY U 143 -57.79 14.19 92.23
C GLY U 143 -57.62 15.11 93.43
N GLY U 144 -56.38 15.54 93.62
CA GLY U 144 -56.08 16.54 94.63
C GLY U 144 -56.17 17.93 94.05
N THR U 145 -55.41 18.19 92.99
CA THR U 145 -55.39 19.53 92.39
C THR U 145 -56.75 19.87 91.81
N GLY U 146 -57.25 19.03 90.89
CA GLY U 146 -58.50 19.33 90.23
C GLY U 146 -59.69 19.44 91.17
N SER U 147 -59.64 18.73 92.30
CA SER U 147 -60.73 18.81 93.27
C SER U 147 -60.50 19.97 94.25
N GLY U 148 -59.40 19.94 94.98
CA GLY U 148 -59.15 20.94 95.99
C GLY U 148 -58.81 22.28 95.39
N LEU U 149 -57.75 22.29 94.58
CA LEU U 149 -57.37 23.50 93.87
C LEU U 149 -58.46 23.95 92.92
N GLY U 150 -59.17 23.00 92.32
CA GLY U 150 -60.31 23.36 91.49
C GLY U 150 -61.40 24.08 92.27
N SER U 151 -61.71 23.60 93.48
CA SER U 151 -62.68 24.28 94.33
C SER U 151 -62.19 25.67 94.73
N TYR U 152 -60.91 25.78 95.07
CA TYR U 152 -60.34 27.09 95.40
C TYR U 152 -60.47 28.05 94.21
N LEU U 153 -60.09 27.58 93.02
CA LEU U 153 -60.15 28.43 91.84
C LEU U 153 -61.59 28.78 91.47
N LEU U 154 -62.53 27.84 91.64
CA LEU U 154 -63.93 28.15 91.42
C LEU U 154 -64.41 29.25 92.35
N GLU U 155 -64.04 29.15 93.64
CA GLU U 155 -64.41 30.20 94.58
C GLU U 155 -63.81 31.54 94.17
N ARG U 156 -62.52 31.56 93.84
CA ARG U 156 -61.86 32.83 93.55
C ARG U 156 -62.37 33.43 92.25
N LEU U 157 -62.68 32.60 91.25
CA LEU U 157 -63.27 33.10 90.01
C LEU U 157 -64.68 33.64 90.25
N ASN U 158 -65.47 32.97 91.09
CA ASN U 158 -66.80 33.47 91.39
C ASN U 158 -66.74 34.80 92.11
N ASP U 159 -65.75 34.98 92.99
CA ASP U 159 -65.61 36.26 93.68
C ASP U 159 -65.08 37.36 92.75
N ARG U 160 -64.07 37.06 91.94
CA ARG U 160 -63.44 38.09 91.12
C ARG U 160 -64.24 38.45 89.88
N TYR U 161 -64.94 37.49 89.28
CA TYR U 161 -65.64 37.68 88.02
C TYR U 161 -67.13 37.33 88.19
N PRO U 162 -67.83 38.01 89.11
CA PRO U 162 -69.20 37.58 89.42
C PRO U 162 -70.17 37.76 88.27
N LYS U 163 -69.74 38.40 87.18
CA LYS U 163 -70.56 38.57 85.98
C LYS U 163 -70.09 37.68 84.85
N LYS U 164 -69.05 36.88 85.06
CA LYS U 164 -68.48 36.02 84.04
C LYS U 164 -68.94 34.58 84.25
N LEU U 165 -69.15 33.87 83.16
CA LEU U 165 -69.56 32.48 83.26
C LEU U 165 -68.43 31.59 83.79
N VAL U 166 -68.81 30.60 84.58
CA VAL U 166 -67.89 29.58 85.06
C VAL U 166 -68.35 28.23 84.51
N GLN U 167 -67.63 27.72 83.52
CA GLN U 167 -67.83 26.38 83.01
C GLN U 167 -66.74 25.48 83.57
N THR U 168 -67.09 24.25 83.89
CA THR U 168 -66.13 23.24 84.31
C THR U 168 -66.19 22.05 83.37
N TYR U 169 -65.03 21.45 83.13
CA TYR U 169 -64.89 20.11 82.58
C TYR U 169 -64.47 19.23 83.75
N SER U 170 -65.43 18.56 84.37
CA SER U 170 -65.18 17.83 85.60
C SER U 170 -65.00 16.36 85.25
N VAL U 171 -63.81 15.85 85.51
CA VAL U 171 -63.48 14.46 85.23
C VAL U 171 -63.90 13.59 86.41
N PHE U 172 -64.82 12.67 86.16
CA PHE U 172 -65.23 11.73 87.19
C PHE U 172 -64.27 10.55 87.23
N PRO U 173 -63.90 10.05 88.41
CA PRO U 173 -62.94 8.95 88.46
C PRO U 173 -63.52 7.66 87.91
N ASN U 174 -62.61 6.75 87.56
CA ASN U 174 -62.99 5.42 87.12
C ASN U 174 -63.62 4.62 88.25
N VAL U 181 -56.42 5.51 95.03
CA VAL U 181 -56.59 6.62 95.96
C VAL U 181 -57.77 6.35 96.88
N VAL U 182 -57.46 5.91 98.11
CA VAL U 182 -58.51 5.57 99.06
C VAL U 182 -59.35 6.78 99.43
N VAL U 183 -58.82 7.99 99.23
CA VAL U 183 -59.53 9.22 99.55
C VAL U 183 -60.34 9.74 98.37
N GLN U 184 -60.36 9.00 97.26
CA GLN U 184 -61.10 9.46 96.08
C GLN U 184 -62.53 9.84 96.41
N PRO U 185 -63.28 9.10 97.25
CA PRO U 185 -64.64 9.55 97.55
C PRO U 185 -64.70 10.89 98.24
N TYR U 186 -63.73 11.17 99.13
CA TYR U 186 -63.65 12.47 99.77
C TYR U 186 -63.35 13.57 98.76
N ASN U 187 -62.34 13.35 97.91
CA ASN U 187 -62.02 14.34 96.89
C ASN U 187 -63.23 14.58 96.00
N SER U 188 -63.93 13.52 95.62
CA SER U 188 -65.08 13.65 94.73
C SER U 188 -66.18 14.44 95.40
N LEU U 189 -66.46 14.17 96.68
CA LEU U 189 -67.51 14.89 97.38
C LEU U 189 -67.17 16.37 97.51
N LEU U 190 -65.93 16.69 97.89
CA LEU U 190 -65.51 18.08 97.99
C LEU U 190 -65.59 18.79 96.64
N THR U 191 -65.18 18.11 95.56
CA THR U 191 -65.26 18.71 94.24
C THR U 191 -66.70 18.91 93.80
N LEU U 192 -67.57 17.93 94.07
CA LEU U 192 -68.98 18.11 93.73
C LEU U 192 -69.59 19.28 94.48
N LYS U 193 -69.22 19.43 95.75
CA LYS U 193 -69.63 20.60 96.52
C LYS U 193 -69.21 21.89 95.83
N ARG U 194 -67.95 21.95 95.39
CA ARG U 194 -67.45 23.18 94.79
C ARG U 194 -68.08 23.44 93.42
N LEU U 195 -68.28 22.39 92.62
CA LEU U 195 -69.02 22.54 91.37
C LEU U 195 -70.43 23.05 91.63
N THR U 196 -71.09 22.54 92.66
CA THR U 196 -72.46 22.96 92.97
C THR U 196 -72.51 24.39 93.48
N GLN U 197 -71.49 24.85 94.20
CA GLN U 197 -71.59 26.15 94.88
C GLN U 197 -70.88 27.28 94.14
N ASN U 198 -69.83 26.98 93.36
CA ASN U 198 -68.96 28.00 92.82
C ASN U 198 -68.80 27.91 91.31
N ALA U 199 -69.46 26.96 90.66
CA ALA U 199 -69.46 26.85 89.21
C ALA U 199 -70.86 27.12 88.68
N ASP U 200 -70.93 27.78 87.52
CA ASP U 200 -72.23 28.01 86.90
C ASP U 200 -72.68 26.80 86.08
N CYS U 201 -71.74 26.01 85.56
CA CYS U 201 -72.09 24.87 84.74
C CYS U 201 -70.96 23.85 84.81
N VAL U 202 -71.27 22.60 85.12
CA VAL U 202 -70.28 21.52 85.20
C VAL U 202 -70.62 20.51 84.11
N VAL U 203 -69.77 20.40 83.10
CA VAL U 203 -69.85 19.34 82.11
C VAL U 203 -69.13 18.10 82.61
N VAL U 204 -69.90 17.04 82.87
CA VAL U 204 -69.37 15.81 83.44
C VAL U 204 -68.69 15.01 82.34
N LEU U 205 -67.40 14.70 82.53
CA LEU U 205 -66.63 13.86 81.62
C LEU U 205 -66.33 12.55 82.35
N ASP U 206 -67.09 11.51 82.05
CA ASP U 206 -66.94 10.23 82.73
C ASP U 206 -65.92 9.39 81.98
N ASN U 207 -64.79 9.15 82.65
CA ASN U 207 -63.72 8.34 82.07
C ASN U 207 -64.17 6.92 81.77
N THR U 208 -65.11 6.38 82.55
CA THR U 208 -65.60 5.04 82.26
C THR U 208 -66.27 4.99 80.89
N ALA U 209 -67.15 5.96 80.62
CA ALA U 209 -67.83 5.99 79.32
C ALA U 209 -66.86 6.33 78.20
N LEU U 210 -65.90 7.24 78.46
CA LEU U 210 -64.93 7.57 77.44
C LEU U 210 -64.06 6.36 77.08
N ASN U 211 -63.60 5.62 78.08
CA ASN U 211 -62.85 4.39 77.84
C ASN U 211 -63.70 3.38 77.07
N ARG U 212 -64.94 3.18 77.50
CA ARG U 212 -65.83 2.28 76.77
C ARG U 212 -65.94 2.66 75.30
N ILE U 213 -66.14 3.96 75.01
CA ILE U 213 -66.24 4.40 73.63
C ILE U 213 -64.94 4.14 72.88
N ALA U 214 -63.81 4.47 73.50
CA ALA U 214 -62.51 4.27 72.86
C ALA U 214 -62.27 2.80 72.53
N THR U 215 -62.66 1.90 73.43
CA THR U 215 -62.47 0.47 73.19
C THR U 215 -63.44 -0.03 72.13
N ASP U 216 -64.72 0.27 72.25
CA ASP U 216 -65.71 -0.36 71.38
C ASP U 216 -65.64 0.21 69.96
N ARG U 217 -65.28 1.48 69.82
CA ARG U 217 -65.41 2.17 68.54
C ARG U 217 -64.06 2.46 67.89
N LEU U 218 -63.05 2.78 68.69
CA LEU U 218 -61.69 2.94 68.19
C LEU U 218 -60.90 1.64 68.25
N HIS U 219 -61.47 0.58 68.84
CA HIS U 219 -60.79 -0.69 68.99
C HIS U 219 -59.50 -0.53 69.77
N ILE U 220 -59.47 0.41 70.71
CA ILE U 220 -58.31 0.63 71.57
C ILE U 220 -58.45 -0.26 72.80
N GLN U 221 -57.62 -1.29 72.89
CA GLN U 221 -57.55 -2.08 74.11
C GLN U 221 -56.81 -1.29 75.18
N ASN U 222 -57.48 -1.03 76.30
CA ASN U 222 -56.87 -0.19 77.33
C ASN U 222 -56.53 1.19 76.76
N PRO U 223 -57.52 2.05 76.56
CA PRO U 223 -57.24 3.38 75.99
C PRO U 223 -56.30 4.15 76.90
N SER U 224 -55.26 4.73 76.31
CA SER U 224 -54.35 5.61 77.03
C SER U 224 -54.94 7.00 77.27
N PHE U 225 -54.38 7.66 78.29
CA PHE U 225 -54.75 9.04 78.57
C PHE U 225 -54.53 9.95 77.37
N SER U 226 -53.51 9.68 76.55
CA SER U 226 -53.30 10.53 75.38
C SER U 226 -54.49 10.47 74.44
N GLN U 227 -55.02 9.27 74.21
CA GLN U 227 -56.18 9.12 73.34
C GLN U 227 -57.44 9.71 73.97
N ILE U 228 -57.57 9.55 75.28
CA ILE U 228 -58.71 10.17 75.96
C ILE U 228 -58.64 11.68 75.85
N ASN U 229 -57.45 12.25 76.05
CA ASN U 229 -57.31 13.70 75.93
C ASN U 229 -57.51 14.17 74.50
N GLN U 230 -57.18 13.34 73.50
CA GLN U 230 -57.49 13.68 72.12
C GLN U 230 -58.99 13.72 71.88
N LEU U 231 -59.72 12.77 72.47
CA LEU U 231 -61.18 12.82 72.39
C LEU U 231 -61.73 14.04 73.12
N VAL U 232 -61.18 14.34 74.30
CA VAL U 232 -61.61 15.50 75.06
C VAL U 232 -61.39 16.78 74.25
N SER U 233 -60.21 16.92 73.65
CA SER U 233 -59.93 18.09 72.84
C SER U 233 -60.85 18.17 71.63
N THR U 234 -61.17 17.03 71.01
CA THR U 234 -62.16 17.03 69.94
C THR U 234 -63.52 17.53 70.43
N ILE U 235 -63.93 17.09 71.62
CA ILE U 235 -65.20 17.55 72.18
C ILE U 235 -65.16 19.04 72.46
N MET U 236 -64.09 19.50 73.09
CA MET U 236 -63.94 20.93 73.38
C MET U 236 -63.93 21.76 72.10
N SER U 237 -63.32 21.23 71.04
CA SER U 237 -63.35 21.91 69.75
C SER U 237 -64.77 21.98 69.20
N ALA U 238 -65.53 20.89 69.32
CA ALA U 238 -66.90 20.94 68.82
C ALA U 238 -67.75 21.90 69.64
N SER U 239 -67.48 21.98 70.95
CA SER U 239 -68.20 22.92 71.81
C SER U 239 -67.80 24.38 71.52
N THR U 240 -66.57 24.59 71.07
CA THR U 240 -66.08 25.93 70.74
C THR U 240 -66.21 26.26 69.26
N THR U 241 -66.78 25.37 68.45
CA THR U 241 -66.84 25.61 67.02
C THR U 241 -67.68 26.84 66.69
N THR U 242 -68.76 27.06 67.45
CA THR U 242 -69.58 28.25 67.24
C THR U 242 -68.85 29.51 67.70
N LEU U 243 -67.88 29.37 68.60
CA LEU U 243 -67.04 30.50 68.98
C LEU U 243 -66.00 30.78 67.90
N ARG U 244 -65.41 29.71 67.35
CA ARG U 244 -64.28 29.85 66.44
C ARG U 244 -64.76 30.27 65.06
N TYR U 245 -66.00 29.92 64.69
CA TYR U 245 -66.57 30.34 63.42
C TYR U 245 -67.73 31.27 63.70
N PRO U 246 -67.63 32.55 63.34
CA PRO U 246 -68.69 33.51 63.69
C PRO U 246 -70.00 33.14 63.00
N GLY U 247 -71.05 32.95 63.81
CA GLY U 247 -72.37 32.69 63.29
C GLY U 247 -73.34 33.82 63.61
N TYR U 248 -74.61 33.55 63.33
CA TYR U 248 -75.66 34.54 63.57
C TYR U 248 -76.31 34.42 64.94
N MET U 249 -76.24 33.25 65.58
CA MET U 249 -76.97 33.03 66.82
C MET U 249 -76.17 32.18 67.79
N ASN U 250 -76.40 32.42 69.09
CA ASN U 250 -75.76 31.66 70.16
C ASN U 250 -74.24 31.68 70.02
N ASN U 251 -73.69 32.88 69.87
CA ASN U 251 -72.27 33.06 69.67
C ASN U 251 -71.50 33.19 70.97
N ASP U 252 -72.15 33.03 72.12
CA ASP U 252 -71.46 33.17 73.40
C ASP U 252 -71.80 32.04 74.37
N LEU U 253 -70.86 31.85 75.30
CA LEU U 253 -70.99 30.80 76.29
C LEU U 253 -72.14 31.11 77.23
N ILE U 254 -72.36 32.40 77.52
CA ILE U 254 -73.50 32.77 78.35
C ILE U 254 -74.77 32.21 77.75
N GLY U 255 -74.96 32.43 76.44
CA GLY U 255 -76.16 31.93 75.78
C GLY U 255 -76.23 30.41 75.76
N LEU U 256 -75.07 29.76 75.60
CA LEU U 256 -75.05 28.30 75.68
C LEU U 256 -75.50 27.83 77.06
N ILE U 257 -74.93 28.42 78.11
CA ILE U 257 -75.26 28.02 79.47
C ILE U 257 -76.74 28.28 79.73
N ALA U 258 -77.22 29.45 79.35
CA ALA U 258 -78.63 29.76 79.58
C ALA U 258 -79.55 28.79 78.86
N SER U 259 -79.13 28.27 77.70
CA SER U 259 -79.93 27.27 77.00
C SER U 259 -79.85 25.87 77.62
N LEU U 260 -78.74 25.52 78.27
CA LEU U 260 -78.56 24.15 78.76
C LEU U 260 -78.78 24.00 80.26
N ILE U 261 -78.53 25.06 81.03
CA ILE U 261 -78.50 25.09 82.49
C ILE U 261 -79.44 26.21 82.94
N PRO U 262 -80.75 25.98 82.99
CA PRO U 262 -81.66 27.03 83.49
C PRO U 262 -81.62 27.24 84.99
N THR U 263 -81.10 26.31 85.78
CA THR U 263 -81.07 26.44 87.23
C THR U 263 -79.63 26.41 87.74
N PRO U 264 -79.13 27.50 88.32
CA PRO U 264 -77.69 27.60 88.60
C PRO U 264 -77.14 26.45 89.44
N ARG U 265 -77.92 25.93 90.40
CA ARG U 265 -77.43 24.81 91.19
C ARG U 265 -77.50 23.52 90.39
N LEU U 266 -78.40 23.46 89.41
CA LEU U 266 -78.54 22.29 88.55
C LEU U 266 -77.68 22.49 87.32
N HIS U 267 -76.38 22.62 87.59
CA HIS U 267 -75.39 23.04 86.60
C HIS U 267 -74.54 21.89 86.11
N PHE U 268 -74.93 20.65 86.38
CA PHE U 268 -74.18 19.49 85.89
C PHE U 268 -74.69 19.21 84.48
N LEU U 269 -73.82 19.39 83.50
CA LEU U 269 -74.16 19.20 82.10
C LEU U 269 -73.59 17.88 81.60
N MET U 270 -74.40 17.11 80.90
CA MET U 270 -73.91 15.96 80.15
C MET U 270 -73.54 16.38 78.73
N THR U 271 -72.50 15.74 78.20
CA THR U 271 -72.06 15.99 76.84
C THR U 271 -72.40 14.77 75.97
N GLY U 272 -72.61 15.02 74.69
CA GLY U 272 -72.73 13.96 73.72
C GLY U 272 -72.11 14.25 72.37
N TYR U 273 -71.47 13.25 71.77
CA TYR U 273 -70.74 13.43 70.53
C TYR U 273 -71.15 12.33 69.56
N THR U 274 -71.21 12.67 68.28
CA THR U 274 -71.44 11.67 67.25
C THR U 274 -70.80 12.13 65.95
N PRO U 275 -70.17 11.24 65.19
CA PRO U 275 -69.96 9.81 65.48
C PRO U 275 -68.87 9.67 66.55
N LEU U 276 -68.92 8.65 67.39
CA LEU U 276 -67.82 8.32 68.29
C LEU U 276 -67.15 7.07 67.74
N THR U 277 -66.23 7.30 66.80
CA THR U 277 -65.53 6.25 66.10
C THR U 277 -64.12 6.74 65.80
N THR U 278 -63.15 5.85 65.85
CA THR U 278 -61.80 6.19 65.42
C THR U 278 -61.75 6.40 63.91
N ASP U 279 -60.86 7.30 63.49
CA ASP U 279 -60.70 7.60 62.07
C ASP U 279 -60.38 6.36 61.26
N GLN U 280 -59.92 5.29 61.91
CA GLN U 280 -59.70 4.03 61.20
C GLN U 280 -61.01 3.33 60.89
N SER U 281 -62.09 3.70 61.57
CA SER U 281 -63.41 3.18 61.28
C SER U 281 -63.96 3.97 60.11
N VAL U 282 -63.60 3.54 58.91
CA VAL U 282 -64.19 4.01 57.65
C VAL U 282 -65.64 3.54 57.56
N ALA U 283 -66.55 4.31 58.12
CA ALA U 283 -67.97 3.97 58.07
C ALA U 283 -68.45 3.96 56.63
N SER U 284 -68.85 2.78 56.15
CA SER U 284 -69.29 2.55 54.79
C SER U 284 -70.24 3.63 54.29
N VAL U 285 -69.78 4.37 53.28
CA VAL U 285 -70.62 4.92 52.21
C VAL U 285 -72.05 5.18 52.67
N ARG U 286 -72.23 5.74 53.86
CA ARG U 286 -73.52 6.21 54.31
C ARG U 286 -73.49 7.72 54.44
N LYS U 287 -74.24 8.41 53.58
CA LYS U 287 -74.46 9.85 53.68
C LYS U 287 -75.15 10.13 55.00
N THR U 288 -74.42 10.64 55.99
CA THR U 288 -75.05 10.94 57.26
C THR U 288 -76.09 12.05 57.07
N THR U 289 -77.34 11.69 57.32
CA THR U 289 -78.47 12.60 57.21
C THR U 289 -78.65 13.31 58.54
N VAL U 290 -79.36 14.43 58.51
CA VAL U 290 -79.73 15.08 59.76
C VAL U 290 -80.41 14.10 60.70
N LEU U 291 -81.35 13.30 60.16
CA LEU U 291 -82.03 12.28 60.97
C LEU U 291 -81.09 11.19 61.46
N ASP U 292 -80.15 10.73 60.63
CA ASP U 292 -79.21 9.72 61.10
C ASP U 292 -78.24 10.27 62.14
N VAL U 293 -77.80 11.50 61.93
CA VAL U 293 -76.94 12.17 62.91
C VAL U 293 -77.67 12.27 64.24
N MET U 294 -78.87 12.83 64.22
CA MET U 294 -79.62 13.01 65.46
C MET U 294 -79.92 11.66 66.12
N ARG U 295 -80.19 10.62 65.33
CA ARG U 295 -80.43 9.30 65.89
C ARG U 295 -79.19 8.73 66.56
N ARG U 296 -78.03 8.91 65.95
CA ARG U 296 -76.81 8.44 66.58
C ARG U 296 -76.49 9.25 67.84
N LEU U 297 -76.64 10.58 67.78
CA LEU U 297 -76.44 11.36 68.99
C LEU U 297 -77.43 10.95 70.08
N LEU U 298 -78.68 10.65 69.70
CA LEU U 298 -79.69 10.23 70.65
C LEU U 298 -79.48 8.81 71.14
N GLN U 299 -78.52 8.09 70.58
CA GLN U 299 -78.29 6.75 71.08
C GLN U 299 -77.49 6.83 72.38
N PRO U 300 -77.95 6.22 73.46
CA PRO U 300 -77.21 6.32 74.74
C PRO U 300 -75.78 5.83 74.65
N LYS U 301 -75.48 4.88 73.76
CA LYS U 301 -74.13 4.37 73.62
C LYS U 301 -73.14 5.38 73.04
N ASN U 302 -73.61 6.53 72.56
CA ASN U 302 -72.73 7.55 72.01
C ASN U 302 -72.50 8.71 72.95
N VAL U 303 -73.11 8.68 74.14
CA VAL U 303 -72.81 9.67 75.16
C VAL U 303 -71.55 9.23 75.91
N MET U 304 -70.61 10.17 76.10
CA MET U 304 -69.31 9.85 76.66
C MET U 304 -69.30 10.02 78.18
N VAL U 305 -70.45 9.86 78.82
CA VAL U 305 -70.59 9.93 80.27
C VAL U 305 -71.46 8.77 80.71
N SER U 306 -70.99 8.00 81.69
CA SER U 306 -71.74 6.87 82.20
C SER U 306 -72.75 7.34 83.23
N THR U 307 -73.98 7.59 82.77
CA THR U 307 -75.12 7.88 83.63
C THR U 307 -75.94 6.60 83.74
N GLY U 308 -76.31 6.22 84.96
CA GLY U 308 -77.16 5.06 85.10
C GLY U 308 -78.53 5.17 84.44
N ARG U 309 -78.88 4.14 83.66
CA ARG U 309 -80.25 3.92 83.20
C ARG U 309 -81.05 3.24 84.31
N ASP U 310 -81.39 4.03 85.32
CA ASP U 310 -82.38 3.58 86.30
C ASP U 310 -83.73 3.38 85.62
N ARG U 311 -84.25 2.14 85.70
CA ARG U 311 -85.56 1.84 85.14
C ARG U 311 -86.70 2.34 86.02
N GLN U 312 -86.41 2.70 87.27
CA GLN U 312 -87.45 3.16 88.19
C GLN U 312 -87.72 4.63 88.01
N THR U 313 -86.66 5.40 87.74
CA THR U 313 -86.74 6.85 87.58
C THR U 313 -86.79 7.13 86.09
N ASN U 314 -87.86 7.79 85.64
CA ASN U 314 -87.99 8.15 84.23
C ASN U 314 -87.16 9.41 83.98
N HIS U 315 -85.86 9.22 83.87
CA HIS U 315 -84.97 10.32 83.56
C HIS U 315 -85.34 10.92 82.21
N CYS U 316 -85.04 12.20 82.05
CA CYS U 316 -85.41 12.89 80.83
C CYS U 316 -84.34 13.91 80.50
N TYR U 317 -84.34 14.33 79.24
CA TYR U 317 -83.48 15.42 78.82
C TYR U 317 -84.11 16.73 79.29
N ILE U 318 -83.33 17.58 79.93
CA ILE U 318 -83.79 18.93 80.21
C ILE U 318 -83.70 19.77 78.95
N ALA U 319 -82.54 19.75 78.29
CA ALA U 319 -82.34 20.48 77.05
C ALA U 319 -81.31 19.75 76.23
N ILE U 320 -81.40 19.86 74.91
CA ILE U 320 -80.42 19.29 74.00
C ILE U 320 -80.12 20.31 72.92
N LEU U 321 -78.84 20.59 72.71
CA LEU U 321 -78.38 21.32 71.53
C LEU U 321 -77.50 20.37 70.74
N ASN U 322 -77.83 20.15 69.47
CA ASN U 322 -76.99 19.38 68.58
C ASN U 322 -76.32 20.38 67.64
N ILE U 323 -75.01 20.51 67.77
CA ILE U 323 -74.18 21.25 66.84
C ILE U 323 -73.69 20.27 65.80
N ILE U 324 -74.16 20.42 64.57
CA ILE U 324 -73.77 19.56 63.47
C ILE U 324 -72.79 20.37 62.64
N GLN U 325 -71.57 19.86 62.49
CA GLN U 325 -70.50 20.57 61.81
C GLN U 325 -70.26 19.91 60.47
N GLY U 326 -70.23 20.74 59.43
CA GLY U 326 -69.91 20.33 58.09
C GLY U 326 -70.97 20.82 57.13
N GLU U 327 -70.94 20.27 55.93
CA GLU U 327 -71.90 20.67 54.90
C GLU U 327 -73.24 20.04 55.26
N VAL U 328 -74.11 20.84 55.87
CA VAL U 328 -75.42 20.40 56.34
C VAL U 328 -76.47 21.26 55.67
N ASP U 329 -77.47 20.62 55.10
CA ASP U 329 -78.63 21.34 54.60
C ASP U 329 -79.57 21.71 55.74
N PRO U 330 -79.81 23.00 55.99
CA PRO U 330 -80.72 23.35 57.08
C PRO U 330 -82.09 22.74 56.89
N THR U 331 -82.54 22.56 55.65
CA THR U 331 -83.83 21.93 55.44
C THR U 331 -83.81 20.48 55.88
N GLN U 332 -82.67 19.80 55.76
CA GLN U 332 -82.57 18.44 56.25
C GLN U 332 -82.49 18.43 57.77
N VAL U 333 -81.93 19.49 58.34
CA VAL U 333 -81.91 19.62 59.79
C VAL U 333 -83.33 19.76 60.30
N HIS U 334 -84.09 20.65 59.68
CA HIS U 334 -85.49 20.86 60.04
C HIS U 334 -86.31 19.58 59.88
N LYS U 335 -86.15 18.89 58.75
CA LYS U 335 -86.85 17.62 58.57
C LYS U 335 -86.46 16.60 59.63
N SER U 336 -85.20 16.61 60.05
CA SER U 336 -84.75 15.65 61.06
C SER U 336 -85.35 15.98 62.42
N LEU U 337 -85.36 17.27 62.77
CA LEU U 337 -86.01 17.71 64.01
C LEU U 337 -87.49 17.35 64.01
N GLN U 338 -88.18 17.60 62.89
CA GLN U 338 -89.59 17.24 62.78
C GLN U 338 -89.81 15.75 62.98
N ARG U 339 -88.99 14.92 62.33
CA ARG U 339 -89.12 13.48 62.50
C ARG U 339 -88.80 13.06 63.94
N ILE U 340 -87.82 13.70 64.56
CA ILE U 340 -87.47 13.38 65.94
C ILE U 340 -88.62 13.72 66.87
N ARG U 341 -89.27 14.86 66.65
CA ARG U 341 -90.42 15.24 67.46
C ARG U 341 -91.56 14.25 67.26
N GLU U 342 -91.88 13.94 66.00
CA GLU U 342 -92.95 13.00 65.72
C GLU U 342 -92.68 11.65 66.36
N ARG U 343 -91.42 11.20 66.34
CA ARG U 343 -91.02 9.93 66.90
C ARG U 343 -90.77 9.97 68.40
N LYS U 344 -90.83 11.14 69.03
CA LYS U 344 -90.56 11.28 70.47
C LYS U 344 -89.28 10.55 70.85
N LEU U 345 -88.24 10.74 70.03
CA LEU U 345 -86.97 10.06 70.22
C LEU U 345 -86.25 10.50 71.49
N ALA U 346 -86.67 11.61 72.10
CA ALA U 346 -86.09 12.08 73.34
C ALA U 346 -87.19 12.45 74.31
N ASN U 347 -87.02 12.05 75.57
CA ASN U 347 -87.91 12.44 76.65
C ASN U 347 -87.38 13.73 77.25
N PHE U 348 -88.25 14.73 77.35
CA PHE U 348 -87.88 16.04 77.86
C PHE U 348 -88.47 16.28 79.24
N ILE U 349 -87.88 17.23 79.94
CA ILE U 349 -88.38 17.68 81.25
C ILE U 349 -89.87 17.99 81.13
N PRO U 350 -90.68 17.59 82.10
CA PRO U 350 -92.12 17.88 82.03
C PRO U 350 -92.48 19.27 82.52
N TRP U 351 -91.57 19.93 83.22
CA TRP U 351 -91.84 21.22 83.84
C TRP U 351 -91.42 22.37 82.96
N GLY U 352 -90.92 22.06 81.76
CA GLY U 352 -90.49 23.04 80.80
C GLY U 352 -90.69 22.48 79.42
N PRO U 353 -90.60 23.32 78.41
CA PRO U 353 -90.75 22.82 77.03
C PRO U 353 -89.60 21.93 76.63
N ALA U 354 -89.90 20.93 75.80
CA ALA U 354 -88.85 20.06 75.28
C ALA U 354 -87.94 20.90 74.39
N SER U 355 -86.74 21.15 74.87
CA SER U 355 -85.73 21.86 74.12
C SER U 355 -84.89 20.84 73.37
N ILE U 356 -85.14 20.69 72.08
CA ILE U 356 -84.25 19.96 71.19
C ILE U 356 -83.96 20.89 70.04
N GLN U 357 -82.77 21.46 70.00
CA GLN U 357 -82.33 22.33 68.93
C GLN U 357 -81.26 21.64 68.09
N VAL U 358 -81.21 21.99 66.82
CA VAL U 358 -80.15 21.55 65.92
C VAL U 358 -79.64 22.79 65.21
N ALA U 359 -78.38 23.12 65.45
CA ALA U 359 -77.67 24.17 64.74
C ALA U 359 -76.68 23.55 63.77
N LEU U 360 -76.74 23.97 62.51
CA LEU U 360 -75.73 23.61 61.52
C LEU U 360 -74.65 24.68 61.53
N SER U 361 -73.41 24.24 61.68
CA SER U 361 -72.24 25.11 61.64
C SER U 361 -71.18 24.50 60.74
N ARG U 362 -70.25 25.34 60.30
CA ARG U 362 -69.12 24.86 59.54
C ARG U 362 -67.98 24.49 60.49
N LYS U 363 -67.21 23.50 60.09
CA LYS U 363 -65.98 23.15 60.78
C LYS U 363 -64.88 24.15 60.47
N SER U 364 -63.89 24.22 61.34
CA SER U 364 -62.68 24.96 61.05
C SER U 364 -62.10 24.49 59.71
N PRO U 365 -61.72 25.41 58.83
CA PRO U 365 -61.07 24.98 57.57
C PRO U 365 -59.67 24.41 57.76
N TYR U 366 -59.04 24.61 58.92
CA TYR U 366 -57.68 24.15 59.13
C TYR U 366 -57.59 22.73 59.68
N LEU U 367 -58.68 22.20 60.24
CA LEU U 367 -58.64 20.84 60.78
C LEU U 367 -59.19 19.88 59.74
N PRO U 368 -58.45 18.83 59.38
CA PRO U 368 -58.97 17.80 58.48
C PRO U 368 -60.10 16.99 59.11
N SER U 369 -61.25 17.00 58.45
CA SER U 369 -62.41 16.20 58.86
C SER U 369 -62.62 15.12 57.80
N ALA U 370 -62.39 13.86 58.18
CA ALA U 370 -62.71 12.74 57.32
C ALA U 370 -64.20 12.63 57.03
N HIS U 371 -65.04 13.15 57.92
CA HIS U 371 -66.48 13.03 57.80
C HIS U 371 -67.06 14.36 57.33
N ARG U 372 -67.81 14.33 56.23
CA ARG U 372 -68.45 15.54 55.73
C ARG U 372 -69.35 16.15 56.79
N VAL U 373 -69.90 15.34 57.69
CA VAL U 373 -70.76 15.83 58.75
C VAL U 373 -70.40 15.09 60.04
N SER U 374 -70.13 15.86 61.10
CA SER U 374 -70.02 15.35 62.45
C SER U 374 -71.06 16.03 63.32
N GLY U 375 -71.30 15.48 64.51
CA GLY U 375 -72.19 16.16 65.44
C GLY U 375 -71.77 16.03 66.89
N LEU U 376 -71.89 17.12 67.63
CA LEU U 376 -71.83 17.10 69.08
C LEU U 376 -73.20 17.42 69.66
N MET U 377 -73.60 16.66 70.67
CA MET U 377 -74.77 17.00 71.48
C MET U 377 -74.29 17.48 72.83
N MET U 378 -74.76 18.66 73.24
CA MET U 378 -74.68 19.09 74.63
C MET U 378 -76.08 18.96 75.23
N ALA U 379 -76.21 18.14 76.26
CA ALA U 379 -77.51 17.87 76.83
C ALA U 379 -77.51 18.04 78.34
N ASN U 380 -78.54 18.72 78.85
CA ASN U 380 -78.87 18.70 80.27
C ASN U 380 -79.92 17.61 80.39
N HIS U 381 -79.57 16.51 81.04
CA HIS U 381 -80.41 15.31 81.08
C HIS U 381 -80.46 14.76 82.48
N THR U 382 -81.67 14.43 82.93
CA THR U 382 -81.88 14.12 84.34
C THR U 382 -81.12 12.88 84.77
N SER U 383 -80.67 12.05 83.82
CA SER U 383 -79.90 10.88 84.19
C SER U 383 -78.55 11.25 84.79
N ILE U 384 -78.14 12.52 84.69
CA ILE U 384 -76.95 12.96 85.40
C ILE U 384 -77.17 12.78 86.91
N SER U 385 -78.43 12.86 87.35
CA SER U 385 -78.67 12.60 88.75
C SER U 385 -78.18 11.22 89.14
N SER U 386 -78.27 10.24 88.22
CA SER U 386 -77.74 8.92 88.54
C SER U 386 -76.24 8.99 88.82
N LEU U 387 -75.56 9.91 88.14
CA LEU U 387 -74.13 10.14 88.38
C LEU U 387 -73.92 10.77 89.76
N PHE U 388 -74.79 11.71 90.11
CA PHE U 388 -74.67 12.35 91.43
C PHE U 388 -74.97 11.36 92.54
N GLU U 389 -75.99 10.52 92.33
CA GLU U 389 -76.26 9.42 93.26
C GLU U 389 -75.07 8.49 93.41
N SER U 390 -74.45 8.09 92.30
CA SER U 390 -73.25 7.28 92.37
C SER U 390 -72.13 7.95 93.16
N SER U 391 -71.89 9.24 92.90
CA SER U 391 -70.88 9.98 93.66
C SER U 391 -71.21 10.04 95.14
N CYS U 392 -72.48 10.30 95.47
CA CYS U 392 -72.92 10.30 96.87
C CYS U 392 -72.72 8.93 97.51
N GLN U 393 -73.05 7.87 96.79
CA GLN U 393 -72.85 6.53 97.32
C GLN U 393 -71.38 6.23 97.55
N GLN U 394 -70.50 6.68 96.67
CA GLN U 394 -69.07 6.52 96.90
C GLN U 394 -68.59 7.32 98.11
N TYR U 395 -69.04 8.56 98.23
CA TYR U 395 -68.71 9.37 99.40
C TYR U 395 -69.17 8.68 100.68
N ASP U 396 -70.44 8.28 100.72
CA ASP U 396 -70.98 7.61 101.89
C ASP U 396 -70.25 6.31 102.18
N LYS U 397 -69.83 5.59 101.14
CA LYS U 397 -69.06 4.37 101.32
C LYS U 397 -67.73 4.65 101.99
N LEU U 398 -67.09 5.76 101.65
CA LEU U 398 -65.84 6.08 102.31
C LEU U 398 -66.07 6.62 103.72
N ARG U 399 -66.99 7.58 103.87
CA ARG U 399 -67.23 8.20 105.16
C ARG U 399 -67.72 7.20 106.21
N LYS U 400 -68.63 6.29 105.82
CA LYS U 400 -69.11 5.27 106.75
C LYS U 400 -68.00 4.35 107.22
N ARG U 401 -66.91 4.25 106.48
CA ARG U 401 -65.76 3.45 106.85
C ARG U 401 -64.62 4.30 107.37
N GLU U 402 -64.82 5.61 107.44
CA GLU U 402 -63.74 6.55 107.77
C GLU U 402 -62.52 6.30 106.89
N ALA U 403 -62.78 5.89 105.64
CA ALA U 403 -61.70 5.44 104.78
C ALA U 403 -60.90 6.64 104.30
N PHE U 404 -59.58 6.52 104.34
CA PHE U 404 -58.67 7.50 103.77
C PHE U 404 -58.86 8.87 104.40
N LEU U 405 -59.38 8.93 105.62
CA LEU U 405 -59.58 10.21 106.28
C LEU U 405 -58.36 10.68 107.04
N GLU U 406 -57.38 9.80 107.26
CA GLU U 406 -56.20 10.21 108.03
C GLU U 406 -55.41 11.27 107.28
N GLN U 407 -55.33 11.16 105.95
CA GLN U 407 -54.64 12.15 105.14
C GLN U 407 -55.45 13.42 105.00
N PHE U 408 -56.78 13.33 105.00
CA PHE U 408 -57.60 14.53 105.01
C PHE U 408 -57.43 15.29 106.31
N ARG U 409 -57.40 14.56 107.44
CA ARG U 409 -57.23 15.22 108.73
C ARG U 409 -55.91 15.96 108.81
N LYS U 410 -54.94 15.63 107.95
CA LYS U 410 -53.71 16.40 107.90
C LYS U 410 -53.93 17.74 107.22
N GLU U 411 -54.99 17.85 106.41
CA GLU U 411 -55.29 19.07 105.67
C GLU U 411 -56.29 19.93 106.42
N ASP U 412 -56.14 21.25 106.27
CA ASP U 412 -56.85 22.18 107.13
C ASP U 412 -58.37 22.02 107.01
N ILE U 413 -58.86 21.72 105.81
CA ILE U 413 -60.29 21.53 105.62
C ILE U 413 -60.83 20.36 106.43
N PHE U 414 -59.98 19.39 106.77
CA PHE U 414 -60.39 18.23 107.53
C PHE U 414 -59.61 18.09 108.83
N LYS U 415 -58.84 19.13 109.22
CA LYS U 415 -57.96 19.00 110.38
C LYS U 415 -58.76 18.83 111.67
N GLU U 416 -59.86 19.56 111.83
CA GLU U 416 -60.64 19.48 113.05
C GLU U 416 -61.74 18.42 112.94
N ASN U 417 -62.46 18.43 111.82
CA ASN U 417 -63.56 17.52 111.59
C ASN U 417 -63.68 17.32 110.08
N PHE U 418 -64.67 16.55 109.67
CA PHE U 418 -64.93 16.30 108.26
C PHE U 418 -66.19 17.02 107.81
N ASP U 419 -66.56 18.09 108.51
CA ASP U 419 -67.82 18.77 108.22
C ASP U 419 -67.85 19.27 106.79
N GLU U 420 -66.71 19.64 106.21
CA GLU U 420 -66.72 20.06 104.82
C GLU U 420 -67.06 18.89 103.89
N LEU U 421 -66.62 17.68 104.24
CA LEU U 421 -67.02 16.50 103.49
C LEU U 421 -68.50 16.22 103.67
N ASP U 422 -69.00 16.36 104.89
CA ASP U 422 -70.41 16.06 105.14
C ASP U 422 -71.32 17.08 104.47
N ARG U 423 -70.95 18.36 104.52
CA ARG U 423 -71.67 19.38 103.78
C ARG U 423 -71.62 19.13 102.27
N SER U 424 -70.48 18.68 101.75
CA SER U 424 -70.44 18.35 100.32
C SER U 424 -71.34 17.16 100.00
N ARG U 425 -71.39 16.17 100.87
CA ARG U 425 -72.29 15.04 100.66
C ARG U 425 -73.75 15.47 100.73
N GLU U 426 -74.08 16.38 101.65
CA GLU U 426 -75.44 16.90 101.74
C GLU U 426 -75.80 17.69 100.49
N VAL U 427 -74.92 18.58 100.08
CA VAL U 427 -75.15 19.36 98.86
C VAL U 427 -75.32 18.44 97.66
N VAL U 428 -74.51 17.39 97.56
CA VAL U 428 -74.63 16.47 96.42
C VAL U 428 -75.92 15.65 96.50
N GLN U 429 -76.39 15.31 97.70
CA GLN U 429 -77.68 14.65 97.81
C GLN U 429 -78.81 15.57 97.38
N GLU U 430 -78.79 16.81 97.88
CA GLU U 430 -79.77 17.80 97.47
C GLU U 430 -79.71 18.03 95.97
N LEU U 431 -78.50 18.07 95.41
CA LEU U 431 -78.33 18.19 93.96
C LEU U 431 -78.97 17.03 93.22
N ILE U 432 -78.74 15.80 93.68
CA ILE U 432 -79.37 14.64 93.04
C ILE U 432 -80.89 14.77 93.08
N ASP U 433 -81.42 15.11 94.26
CA ASP U 433 -82.86 15.24 94.40
C ASP U 433 -83.42 16.37 93.54
N GLU U 434 -82.70 17.49 93.46
CA GLU U 434 -83.11 18.60 92.60
C GLU U 434 -83.05 18.23 91.12
N TYR U 435 -82.03 17.48 90.71
CA TYR U 435 -81.96 16.99 89.34
C TYR U 435 -83.15 16.07 89.03
N HIS U 436 -83.53 15.24 89.97
CA HIS U 436 -84.70 14.40 89.76
C HIS U 436 -85.97 15.24 89.69
N ALA U 437 -86.14 16.21 90.59
CA ALA U 437 -87.30 17.09 90.48
C ALA U 437 -87.30 17.84 89.15
N ALA U 438 -86.14 18.32 88.71
CA ALA U 438 -86.07 19.00 87.42
C ALA U 438 -86.37 18.06 86.27
N THR U 439 -86.28 16.76 86.51
CA THR U 439 -86.72 15.79 85.52
C THR U 439 -88.23 15.62 85.52
N ARG U 440 -88.92 16.15 86.55
CA ARG U 440 -90.31 15.94 86.84
C ARG U 440 -91.14 17.16 86.47
N PRO U 441 -92.41 16.95 86.13
CA PRO U 441 -93.27 18.10 85.78
C PRO U 441 -93.45 19.06 86.92
N ASP U 442 -93.29 18.62 88.16
CA ASP U 442 -93.48 19.47 89.32
C ASP U 442 -92.23 20.27 89.66
N TYR U 443 -91.19 20.19 88.84
CA TYR U 443 -89.97 20.92 89.13
C TYR U 443 -90.26 22.40 89.34
N ILE U 444 -91.20 22.95 88.56
CA ILE U 444 -91.57 24.34 88.69
C ILE U 444 -92.07 24.66 90.09
N SER U 445 -92.69 23.68 90.75
CA SER U 445 -93.15 23.87 92.12
C SER U 445 -92.20 23.27 93.16
N TRP U 446 -91.08 22.69 92.74
CA TRP U 446 -90.23 22.00 93.70
C TRP U 446 -89.64 22.99 94.68
N GLY U 447 -89.07 24.09 94.17
CA GLY U 447 -88.51 25.13 95.01
C GLY U 447 -89.52 26.08 95.62
N THR U 448 -90.78 26.01 95.18
CA THR U 448 -91.83 26.86 95.72
C THR U 448 -92.50 26.22 96.93
N MET V 1 -31.24 82.44 61.87
CA MET V 1 -30.12 82.08 62.77
C MET V 1 -30.29 80.70 63.38
N PRO V 2 -29.20 79.94 63.41
CA PRO V 2 -29.21 78.66 64.11
C PRO V 2 -29.64 78.84 65.56
N ARG V 3 -30.09 77.74 66.17
CA ARG V 3 -30.49 77.76 67.58
C ARG V 3 -29.61 76.72 68.25
N GLU V 4 -28.39 77.15 68.53
CA GLU V 4 -27.33 76.27 68.99
C GLU V 4 -27.55 75.77 70.41
N ILE V 5 -27.11 74.54 70.64
CA ILE V 5 -27.14 73.92 71.95
C ILE V 5 -25.72 73.50 72.26
N ILE V 6 -25.20 73.96 73.38
CA ILE V 6 -23.87 73.59 73.83
C ILE V 6 -23.99 72.39 74.75
N THR V 7 -23.28 71.31 74.44
CA THR V 7 -23.31 70.13 75.29
C THR V 7 -22.12 70.20 76.25
N LEU V 8 -22.41 70.25 77.55
CA LEU V 8 -21.38 70.30 78.59
C LEU V 8 -21.25 68.91 79.21
N GLN V 9 -20.11 68.27 79.04
CA GLN V 9 -19.91 66.92 79.54
C GLN V 9 -19.08 66.99 80.81
N LEU V 10 -19.68 66.58 81.94
CA LEU V 10 -19.12 66.77 83.27
C LEU V 10 -18.74 65.43 83.91
N GLY V 11 -17.49 65.32 84.34
CA GLY V 11 -17.00 64.14 85.04
C GLY V 11 -16.94 62.92 84.13
N GLN V 12 -16.56 61.79 84.73
CA GLN V 12 -16.39 60.58 83.94
C GLN V 12 -17.64 60.25 83.14
N CYS V 13 -18.79 60.19 83.82
CA CYS V 13 -20.03 59.78 83.16
C CYS V 13 -20.47 60.82 82.14
N GLY V 14 -20.45 62.10 82.53
CA GLY V 14 -20.84 63.15 81.61
C GLY V 14 -19.98 63.20 80.37
N ASN V 15 -18.66 63.06 80.55
CA ASN V 15 -17.74 63.07 79.42
C ASN V 15 -17.93 61.86 78.53
N GLN V 16 -18.20 60.70 79.11
CA GLN V 16 -18.43 59.51 78.28
C GLN V 16 -19.72 59.65 77.50
N ILE V 17 -20.75 60.21 78.14
CA ILE V 17 -22.02 60.42 77.45
C ILE V 17 -21.85 61.46 76.36
N GLY V 18 -21.09 62.52 76.62
CA GLY V 18 -20.83 63.51 75.59
C GLY V 18 -20.07 62.93 74.41
N PHE V 19 -19.06 62.10 74.69
CA PHE V 19 -18.34 61.42 73.62
C PHE V 19 -19.26 60.55 72.78
N GLU V 20 -20.12 59.76 73.44
CA GLU V 20 -21.06 58.94 72.68
C GLU V 20 -22.10 59.79 71.94
N PHE V 21 -22.48 60.94 72.51
CA PHE V 21 -23.37 61.86 71.83
C PHE V 21 -22.73 62.38 70.55
N TRP V 22 -21.47 62.79 70.62
CA TRP V 22 -20.78 63.27 69.44
C TRP V 22 -20.60 62.16 68.42
N LYS V 23 -20.31 60.94 68.87
CA LYS V 23 -20.28 59.81 67.96
C LYS V 23 -21.62 59.61 67.27
N GLN V 24 -22.72 59.68 68.03
CA GLN V 24 -24.05 59.50 67.45
C GLN V 24 -24.38 60.61 66.44
N LEU V 25 -24.07 61.85 66.78
CA LEU V 25 -24.32 62.95 65.86
C LEU V 25 -23.50 62.80 64.59
N CYS V 26 -22.22 62.46 64.74
CA CYS V 26 -21.38 62.18 63.58
C CYS V 26 -21.98 61.08 62.72
N ALA V 27 -22.40 59.99 63.33
CA ALA V 27 -23.00 58.89 62.58
C ALA V 27 -24.30 59.31 61.89
N GLU V 28 -25.09 60.15 62.55
CA GLU V 28 -26.33 60.62 61.96
C GLU V 28 -26.11 61.58 60.80
N HIS V 29 -25.02 62.35 60.84
CA HIS V 29 -24.72 63.30 59.79
C HIS V 29 -23.72 62.76 58.77
N GLY V 30 -23.20 61.55 58.98
CA GLY V 30 -22.19 61.02 58.08
C GLY V 30 -20.91 61.81 58.19
N ILE V 31 -20.50 62.13 59.41
CA ILE V 31 -19.26 62.87 59.69
C ILE V 31 -18.23 61.90 60.22
N SER V 32 -17.01 61.97 59.68
CA SER V 32 -15.95 61.09 60.11
C SER V 32 -15.52 61.39 61.54
N PRO V 33 -14.80 60.46 62.18
CA PRO V 33 -14.30 60.72 63.54
C PRO V 33 -13.38 61.92 63.64
N GLU V 34 -12.85 62.43 62.53
CA GLU V 34 -12.00 63.61 62.57
C GLU V 34 -12.81 64.89 62.45
N GLY V 35 -14.12 64.79 62.36
CA GLY V 35 -14.98 65.94 62.19
C GLY V 35 -15.21 66.33 60.76
N ILE V 36 -14.68 65.58 59.81
CA ILE V 36 -14.82 65.89 58.39
C ILE V 36 -16.07 65.21 57.88
N VAL V 37 -16.85 65.93 57.07
CA VAL V 37 -18.02 65.34 56.46
C VAL V 37 -17.59 64.26 55.47
N GLU V 38 -18.17 63.08 55.61
CA GLU V 38 -17.90 62.00 54.67
C GLU V 38 -18.49 62.33 53.30
N GLU V 39 -17.79 61.88 52.26
CA GLU V 39 -18.21 62.19 50.89
C GLU V 39 -19.64 61.77 50.64
N PHE V 40 -20.05 60.63 51.22
CA PHE V 40 -21.40 60.12 51.04
C PHE V 40 -22.46 60.92 51.78
N ALA V 41 -22.07 61.86 52.64
CA ALA V 41 -22.99 62.59 53.49
C ALA V 41 -23.13 64.04 53.10
N THR V 42 -22.57 64.43 51.95
CA THR V 42 -22.61 65.81 51.49
C THR V 42 -24.03 66.29 51.18
N GLU V 43 -24.93 65.40 50.75
CA GLU V 43 -26.26 65.80 50.31
C GLU V 43 -27.33 65.62 51.39
N GLY V 44 -26.97 65.65 52.67
CA GLY V 44 -27.96 65.48 53.70
C GLY V 44 -28.96 66.63 53.71
N THR V 45 -30.20 66.31 54.06
CA THR V 45 -31.25 67.31 54.20
C THR V 45 -31.35 67.86 55.63
N ASP V 46 -30.45 67.45 56.52
CA ASP V 46 -30.50 67.89 57.91
C ASP V 46 -29.91 69.28 58.08
N ARG V 47 -30.47 70.02 59.03
CA ARG V 47 -29.95 71.33 59.43
C ARG V 47 -28.94 71.06 60.55
N LYS V 48 -27.67 71.10 60.20
CA LYS V 48 -26.62 70.84 61.19
C LYS V 48 -26.35 72.03 62.09
N ASP V 49 -26.56 73.25 61.61
CA ASP V 49 -26.20 74.42 62.41
C ASP V 49 -26.87 74.45 63.77
N VAL V 50 -28.00 73.77 63.93
CA VAL V 50 -28.66 73.72 65.24
C VAL V 50 -27.79 73.03 66.29
N PHE V 51 -27.22 71.86 65.96
CA PHE V 51 -26.50 71.06 66.96
C PHE V 51 -25.00 70.90 66.74
N PHE V 52 -24.51 71.07 65.52
CA PHE V 52 -23.10 70.98 65.19
C PHE V 52 -22.57 72.34 64.78
N TYR V 53 -21.29 72.55 65.04
CA TYR V 53 -20.55 73.63 64.40
C TYR V 53 -19.78 73.15 63.19
N GLN V 54 -19.67 74.03 62.21
CA GLN V 54 -18.94 73.79 60.97
C GLN V 54 -17.54 74.39 61.09
N ALA V 55 -16.52 73.54 60.97
CA ALA V 55 -15.15 74.03 60.95
C ALA V 55 -14.80 74.60 59.57
N ASP V 56 -13.70 75.36 59.54
CA ASP V 56 -13.27 76.01 58.29
C ASP V 56 -12.91 75.01 57.21
N ASP V 57 -12.65 73.76 57.56
CA ASP V 57 -12.24 72.73 56.63
C ASP V 57 -13.41 71.89 56.16
N GLU V 58 -14.62 72.45 56.20
CA GLU V 58 -15.85 71.73 55.87
C GLU V 58 -16.07 70.57 56.84
N HIS V 59 -15.33 70.56 57.95
CA HIS V 59 -15.54 69.61 59.02
C HIS V 59 -16.68 70.11 59.91
N TYR V 60 -17.59 69.21 60.26
CA TYR V 60 -18.64 69.51 61.22
C TYR V 60 -18.15 69.13 62.61
N ILE V 61 -18.04 70.12 63.47
CA ILE V 61 -17.52 69.98 64.83
C ILE V 61 -18.68 70.13 65.80
N PRO V 62 -18.87 69.20 66.73
CA PRO V 62 -19.94 69.34 67.71
C PRO V 62 -19.80 70.64 68.50
N ARG V 63 -20.93 71.31 68.70
CA ARG V 63 -20.97 72.39 69.67
C ARG V 63 -20.97 71.82 71.09
N ALA V 64 -19.87 71.15 71.43
CA ALA V 64 -19.77 70.43 72.69
C ALA V 64 -18.51 70.89 73.42
N VAL V 65 -18.68 71.18 74.71
CA VAL V 65 -17.60 71.53 75.62
C VAL V 65 -17.46 70.37 76.60
N LEU V 66 -16.28 69.79 76.67
CA LEU V 66 -16.03 68.67 77.57
C LEU V 66 -15.24 69.24 78.74
N LEU V 67 -15.84 69.27 79.92
CA LEU V 67 -15.22 69.81 81.12
C LEU V 67 -15.13 68.69 82.14
N ASP V 68 -13.92 68.38 82.59
CA ASP V 68 -13.78 67.44 83.69
C ASP V 68 -12.73 67.86 84.71
N LEU V 69 -13.02 67.58 85.97
CA LEU V 69 -12.09 67.77 87.07
C LEU V 69 -11.23 66.54 87.28
N GLU V 70 -11.50 65.46 86.55
CA GLU V 70 -10.73 64.24 86.56
C GLU V 70 -10.25 63.97 85.14
N PRO V 71 -8.98 63.58 84.96
CA PRO V 71 -8.45 63.47 83.60
C PRO V 71 -8.98 62.30 82.80
N ARG V 72 -9.52 61.26 83.45
CA ARG V 72 -9.78 60.01 82.76
C ARG V 72 -10.70 60.20 81.55
N VAL V 73 -11.81 60.93 81.74
CA VAL V 73 -12.81 61.03 80.69
C VAL V 73 -12.39 62.02 79.60
N ILE V 74 -11.85 63.17 79.99
CA ILE V 74 -11.37 64.13 78.99
C ILE V 74 -10.28 63.50 78.14
N HIS V 75 -9.31 62.84 78.78
CA HIS V 75 -8.28 62.12 78.03
C HIS V 75 -8.87 61.01 77.17
N SER V 76 -9.92 60.33 77.65
CA SER V 76 -10.55 59.31 76.82
C SER V 76 -11.18 59.91 75.57
N ILE V 77 -11.75 61.10 75.70
CA ILE V 77 -12.32 61.79 74.53
C ILE V 77 -11.22 62.22 73.56
N LEU V 78 -10.16 62.82 74.09
CA LEU V 78 -9.03 63.20 73.24
C LEU V 78 -8.25 62.01 72.69
N ASN V 79 -8.38 60.83 73.30
CA ASN V 79 -7.80 59.59 72.80
C ASN V 79 -8.79 58.73 72.01
N SER V 80 -10.00 59.19 71.79
CA SER V 80 -10.99 58.43 71.05
C SER V 80 -10.80 58.66 69.56
N PRO V 81 -11.40 57.82 68.72
CA PRO V 81 -11.39 58.10 67.29
C PRO V 81 -12.02 59.43 66.94
N TYR V 82 -12.83 59.99 67.83
CA TYR V 82 -13.51 61.24 67.58
C TYR V 82 -12.75 62.42 68.15
N ALA V 83 -11.50 62.20 68.58
CA ALA V 83 -10.73 63.28 69.18
C ALA V 83 -10.56 64.44 68.21
N LYS V 84 -10.44 64.14 66.92
CA LYS V 84 -10.26 65.21 65.94
C LYS V 84 -11.59 65.85 65.56
N LEU V 85 -12.71 65.23 65.92
CA LEU V 85 -14.00 65.82 65.61
C LEU V 85 -14.23 67.07 66.46
N TYR V 86 -13.88 66.98 67.75
CA TYR V 86 -14.11 68.05 68.70
C TYR V 86 -12.97 69.05 68.65
N ASN V 87 -13.31 70.31 68.86
CA ASN V 87 -12.31 71.34 69.08
C ASN V 87 -11.54 71.07 70.37
N PRO V 88 -10.23 70.86 70.32
CA PRO V 88 -9.47 70.68 71.57
C PRO V 88 -9.58 71.87 72.50
N GLU V 89 -9.79 73.06 71.94
CA GLU V 89 -10.00 74.26 72.74
C GLU V 89 -11.32 74.23 73.48
N ASN V 90 -12.21 73.31 73.13
CA ASN V 90 -13.49 73.13 73.79
C ASN V 90 -13.39 72.11 74.91
N ILE V 91 -12.20 71.65 75.24
CA ILE V 91 -12.00 70.70 76.33
C ILE V 91 -11.34 71.47 77.48
N TYR V 92 -12.08 71.60 78.57
CA TYR V 92 -11.59 72.16 79.81
C TYR V 92 -11.25 71.03 80.77
N LEU V 93 -10.06 71.10 81.38
CA LEU V 93 -9.66 70.15 82.40
C LEU V 93 -9.22 70.94 83.62
N SER V 94 -9.84 70.65 84.75
CA SER V 94 -9.48 71.28 86.00
C SER V 94 -8.03 70.97 86.33
N GLU V 95 -7.24 72.01 86.61
CA GLU V 95 -5.87 71.77 87.03
C GLU V 95 -5.85 71.03 88.35
N HIS V 96 -6.89 71.17 89.16
CA HIS V 96 -7.02 70.43 90.40
C HIS V 96 -7.54 69.04 90.02
N GLY V 97 -6.61 68.16 89.69
CA GLY V 97 -6.95 66.81 89.26
C GLY V 97 -7.51 65.91 90.34
N GLY V 98 -8.12 66.49 91.37
CA GLY V 98 -8.73 65.73 92.43
C GLY V 98 -10.16 65.30 92.17
N GLY V 99 -10.79 65.85 91.14
CA GLY V 99 -12.17 65.55 90.87
C GLY V 99 -13.04 65.90 92.08
N ALA V 100 -14.31 65.52 91.95
CA ALA V 100 -15.24 65.62 93.06
C ALA V 100 -15.28 64.37 93.92
N GLY V 101 -14.59 63.30 93.51
CA GLY V 101 -14.51 62.11 94.33
C GLY V 101 -15.85 61.54 94.72
N ASN V 102 -16.83 61.59 93.81
CA ASN V 102 -18.21 61.21 94.10
C ASN V 102 -18.78 62.00 95.27
N ASN V 103 -18.24 63.18 95.55
CA ASN V 103 -18.72 64.05 96.63
C ASN V 103 -19.35 65.30 96.02
N TRP V 104 -20.64 65.51 96.30
CA TRP V 104 -21.31 66.70 95.82
C TRP V 104 -20.60 67.96 96.28
N ALA V 105 -20.17 68.00 97.54
CA ALA V 105 -19.53 69.21 98.05
C ALA V 105 -18.24 69.48 97.29
N SER V 106 -17.47 68.43 97.00
CA SER V 106 -16.23 68.58 96.24
C SER V 106 -16.52 69.04 94.81
N GLY V 107 -17.55 68.49 94.18
CA GLY V 107 -17.92 68.95 92.85
C GLY V 107 -18.33 70.41 92.84
N PHE V 108 -19.06 70.84 93.87
CA PHE V 108 -19.47 72.23 93.97
C PHE V 108 -18.26 73.14 94.13
N SER V 109 -17.36 72.79 95.05
CA SER V 109 -16.15 73.57 95.23
C SER V 109 -15.32 73.61 93.95
N GLN V 110 -15.28 72.51 93.19
CA GLN V 110 -14.56 72.53 91.92
C GLN V 110 -15.23 73.45 90.90
N GLY V 111 -16.56 73.42 90.82
CA GLY V 111 -17.26 74.39 89.98
C GLY V 111 -16.94 75.81 90.36
N GLU V 112 -16.84 76.08 91.66
CA GLU V 112 -16.43 77.40 92.14
C GLU V 112 -15.00 77.71 91.70
N LYS V 113 -14.13 76.69 91.72
CA LYS V 113 -12.73 76.92 91.37
C LYS V 113 -12.57 77.21 89.89
N ILE V 114 -13.41 76.61 89.05
CA ILE V 114 -13.30 76.76 87.61
C ILE V 114 -14.39 77.68 87.06
N HIS V 115 -15.00 78.48 87.94
CA HIS V 115 -16.11 79.34 87.53
C HIS V 115 -15.70 80.26 86.39
N GLU V 116 -14.60 81.01 86.57
CA GLU V 116 -14.18 81.97 85.56
C GLU V 116 -13.85 81.27 84.24
N ASP V 117 -13.06 80.20 84.28
CA ASP V 117 -12.72 79.49 83.06
C ASP V 117 -13.96 79.00 82.34
N ILE V 118 -14.94 78.51 83.11
CA ILE V 118 -16.15 77.97 82.52
C ILE V 118 -16.97 79.07 81.87
N PHE V 119 -17.14 80.21 82.55
CA PHE V 119 -17.97 81.25 81.96
C PHE V 119 -17.24 81.94 80.80
N ASP V 120 -15.91 81.97 80.84
CA ASP V 120 -15.14 82.41 79.69
C ASP V 120 -15.39 81.51 78.49
N ILE V 121 -15.44 80.20 78.72
CA ILE V 121 -15.71 79.25 77.64
C ILE V 121 -17.13 79.46 77.12
N ILE V 122 -18.08 79.57 78.04
CA ILE V 122 -19.48 79.71 77.63
C ILE V 122 -19.67 80.98 76.81
N ASP V 123 -19.05 82.08 77.24
CA ASP V 123 -19.18 83.33 76.49
C ASP V 123 -18.48 83.24 75.13
N ARG V 124 -17.31 82.60 75.08
CA ARG V 124 -16.66 82.36 73.79
C ARG V 124 -17.57 81.60 72.83
N GLU V 125 -18.22 80.56 73.32
CA GLU V 125 -19.14 79.82 72.46
C GLU V 125 -20.37 80.63 72.12
N ALA V 126 -20.84 81.46 73.05
CA ALA V 126 -22.02 82.27 72.74
C ALA V 126 -21.70 83.25 71.63
N ASP V 127 -20.54 83.90 71.69
CA ASP V 127 -20.16 84.80 70.62
C ASP V 127 -19.88 84.05 69.33
N GLY V 128 -19.40 82.80 69.42
CA GLY V 128 -19.28 82.01 68.21
C GLY V 128 -20.58 81.41 67.75
N SER V 129 -21.68 81.72 68.43
CA SER V 129 -23.01 81.25 68.07
C SER V 129 -23.84 82.43 67.56
N ASP V 130 -24.46 82.25 66.38
CA ASP V 130 -25.28 83.33 65.84
C ASP V 130 -26.57 83.51 66.64
N SER V 131 -27.20 82.42 67.04
CA SER V 131 -28.42 82.45 67.84
C SER V 131 -28.43 81.27 68.79
N LEU V 132 -27.43 81.19 69.65
CA LEU V 132 -27.34 80.16 70.68
C LEU V 132 -28.67 79.98 71.38
N GLU V 133 -29.20 78.74 71.33
CA GLU V 133 -30.46 78.50 72.03
C GLU V 133 -30.23 78.24 73.51
N GLY V 134 -29.21 77.44 73.86
CA GLY V 134 -28.96 77.19 75.27
C GLY V 134 -27.89 76.14 75.50
N PHE V 135 -27.73 75.78 76.76
CA PHE V 135 -26.78 74.76 77.18
C PHE V 135 -27.49 73.54 77.77
N VAL V 136 -27.00 72.36 77.42
CA VAL V 136 -27.41 71.09 78.00
C VAL V 136 -26.23 70.53 78.78
N LEU V 137 -26.38 70.39 80.09
CA LEU V 137 -25.33 69.85 80.94
C LEU V 137 -25.59 68.36 81.11
N CYS V 138 -24.62 67.54 80.73
CA CYS V 138 -24.68 66.09 80.90
C CYS V 138 -23.80 65.75 82.09
N HIS V 139 -24.44 65.30 83.16
CA HIS V 139 -23.80 65.09 84.44
C HIS V 139 -24.60 64.03 85.16
N SER V 140 -24.08 63.53 86.29
CA SER V 140 -24.84 62.66 87.17
C SER V 140 -25.26 63.41 88.42
N ILE V 141 -26.51 63.17 88.84
CA ILE V 141 -27.03 63.82 90.05
C ILE V 141 -26.51 63.18 91.32
N ALA V 142 -25.94 61.98 91.22
CA ALA V 142 -25.54 61.23 92.40
C ALA V 142 -24.04 61.31 92.63
N GLY V 143 -23.27 61.59 91.59
CA GLY V 143 -21.84 61.66 91.67
C GLY V 143 -21.43 62.91 92.43
N GLY V 144 -20.14 63.20 92.37
CA GLY V 144 -19.65 64.44 92.92
C GLY V 144 -19.67 65.57 91.90
N THR V 145 -19.03 65.35 90.76
CA THR V 145 -18.94 66.40 89.74
C THR V 145 -20.32 66.75 89.20
N GLY V 146 -21.04 65.75 88.68
CA GLY V 146 -22.33 66.04 88.10
C GLY V 146 -23.31 66.62 89.09
N SER V 147 -23.16 66.27 90.37
CA SER V 147 -24.05 66.80 91.40
C SER V 147 -23.52 68.15 91.88
N GLY V 148 -22.31 68.16 92.41
CA GLY V 148 -21.74 69.36 92.97
C GLY V 148 -21.38 70.36 91.90
N LEU V 149 -20.51 69.93 90.98
CA LEU V 149 -20.13 70.78 89.86
C LEU V 149 -21.33 71.08 88.99
N GLY V 150 -22.26 70.14 88.84
CA GLY V 150 -23.48 70.43 88.11
C GLY V 150 -24.31 71.53 88.76
N SER V 151 -24.44 71.49 90.07
CA SER V 151 -25.16 72.55 90.78
C SER V 151 -24.44 73.89 90.66
N TYR V 152 -23.12 73.88 90.79
CA TYR V 152 -22.34 75.10 90.62
C TYR V 152 -22.52 75.67 89.23
N LEU V 153 -22.42 74.84 88.20
CA LEU V 153 -22.57 75.31 86.83
C LEU V 153 -23.99 75.78 86.56
N LEU V 154 -24.99 75.10 87.11
CA LEU V 154 -26.37 75.55 86.97
C LEU V 154 -26.55 76.94 87.58
N GLU V 155 -26.01 77.15 88.79
CA GLU V 155 -26.09 78.45 89.42
C GLU V 155 -25.40 79.51 88.57
N ARG V 156 -24.18 79.23 88.12
CA ARG V 156 -23.42 80.24 87.41
C ARG V 156 -24.02 80.54 86.04
N LEU V 157 -24.57 79.53 85.37
CA LEU V 157 -25.26 79.75 84.12
C LEU V 157 -26.53 80.56 84.34
N ASN V 158 -27.26 80.28 85.41
CA ASN V 158 -28.48 81.04 85.69
C ASN V 158 -28.16 82.50 85.97
N ASP V 159 -27.05 82.76 86.66
CA ASP V 159 -26.67 84.14 86.93
C ASP V 159 -26.12 84.85 85.70
N ARG V 160 -25.24 84.19 84.93
CA ARG V 160 -24.58 84.84 83.81
C ARG V 160 -25.46 84.96 82.58
N TYR V 161 -26.34 83.98 82.35
CA TYR V 161 -27.17 83.88 81.16
C TYR V 161 -28.63 83.85 81.55
N PRO V 162 -29.11 84.88 82.26
CA PRO V 162 -30.46 84.81 82.83
C PRO V 162 -31.56 84.76 81.79
N LYS V 163 -31.23 84.95 80.50
CA LYS V 163 -32.22 84.85 79.44
C LYS V 163 -32.04 83.57 78.62
N LYS V 164 -31.04 82.75 78.92
CA LYS V 164 -30.77 81.53 78.18
C LYS V 164 -31.22 80.34 79.02
N LEU V 165 -31.75 79.32 78.37
CA LEU V 165 -32.15 78.12 79.09
C LEU V 165 -30.92 77.31 79.53
N VAL V 166 -31.01 76.73 80.72
CA VAL V 166 -30.03 75.77 81.23
C VAL V 166 -30.78 74.47 81.47
N GLN V 167 -30.62 73.48 80.59
CA GLN V 167 -31.19 72.17 80.81
C GLN V 167 -30.10 71.22 81.28
N THR V 168 -30.45 70.30 82.19
CA THR V 168 -29.52 69.27 82.63
C THR V 168 -30.08 67.89 82.32
N TYR V 169 -29.18 66.99 81.94
CA TYR V 169 -29.40 65.56 81.93
C TYR V 169 -28.63 64.99 83.12
N SER V 170 -29.33 64.82 84.24
CA SER V 170 -28.74 64.43 85.50
C SER V 170 -28.96 62.94 85.67
N VAL V 171 -27.87 62.20 85.70
CA VAL V 171 -27.90 60.75 85.89
C VAL V 171 -27.94 60.46 87.39
N PHE V 172 -29.02 59.84 87.82
CA PHE V 172 -29.19 59.43 89.21
C PHE V 172 -28.54 58.07 89.41
N PRO V 173 -27.91 57.82 90.55
CA PRO V 173 -27.23 56.54 90.73
C PRO V 173 -28.25 55.41 90.77
N ASN V 174 -27.76 54.19 90.57
CA ASN V 174 -28.63 53.03 90.67
C ASN V 174 -29.17 52.91 92.09
N GLN V 175 -30.50 52.83 92.19
CA GLN V 175 -31.15 52.71 93.49
C GLN V 175 -31.12 51.27 93.98
N ASP V 176 -30.95 50.32 93.07
CA ASP V 176 -31.06 48.91 93.40
C ASP V 176 -29.73 48.35 93.84
N GLU V 177 -28.63 49.03 93.51
CA GLU V 177 -27.30 48.65 93.91
C GLU V 177 -26.86 49.53 95.06
N MET V 178 -26.12 48.93 96.00
CA MET V 178 -25.47 49.69 97.06
C MET V 178 -24.47 50.69 96.48
N SER V 179 -24.79 51.98 96.56
CA SER V 179 -23.85 53.01 96.13
C SER V 179 -22.58 52.93 96.96
N ASP V 180 -21.43 52.91 96.28
CA ASP V 180 -20.14 53.03 96.95
C ASP V 180 -19.99 54.34 97.70
N VAL V 181 -20.81 55.35 97.37
CA VAL V 181 -20.75 56.66 98.02
C VAL V 181 -21.83 56.67 99.10
N VAL V 182 -21.41 56.49 100.35
CA VAL V 182 -22.37 56.46 101.45
C VAL V 182 -23.08 57.79 101.55
N VAL V 183 -22.46 58.85 101.03
CA VAL V 183 -23.08 60.17 101.02
C VAL V 183 -23.83 60.40 99.72
N GLN V 184 -23.89 59.39 98.86
CA GLN V 184 -24.59 59.53 97.59
C GLN V 184 -25.99 60.07 97.79
N PRO V 185 -26.75 59.66 98.80
CA PRO V 185 -28.08 60.26 98.97
C PRO V 185 -28.01 61.75 99.23
N TYR V 186 -26.97 62.21 99.94
CA TYR V 186 -26.77 63.64 100.14
C TYR V 186 -26.47 64.34 98.82
N ASN V 187 -25.55 63.77 98.04
CA ASN V 187 -25.24 64.35 96.72
C ASN V 187 -26.48 64.40 95.85
N SER V 188 -27.28 63.33 95.86
CA SER V 188 -28.49 63.29 95.04
C SER V 188 -29.48 64.34 95.50
N LEU V 189 -29.64 64.51 96.81
CA LEU V 189 -30.57 65.51 97.30
C LEU V 189 -30.11 66.91 96.91
N LEU V 190 -28.82 67.20 97.05
CA LEU V 190 -28.30 68.50 96.65
C LEU V 190 -28.49 68.75 95.15
N THR V 191 -28.27 67.72 94.33
CA THR V 191 -28.50 67.87 92.91
C THR V 191 -29.97 68.07 92.59
N LEU V 192 -30.85 67.33 93.27
CA LEU V 192 -32.28 67.54 93.07
C LEU V 192 -32.70 68.94 93.49
N LYS V 193 -32.13 69.45 94.58
CA LYS V 193 -32.36 70.82 95.00
C LYS V 193 -31.98 71.80 93.90
N ARG V 194 -30.80 71.60 93.30
CA ARG V 194 -30.35 72.53 92.27
C ARG V 194 -31.19 72.40 91.00
N LEU V 195 -31.55 71.18 90.62
CA LEU V 195 -32.47 70.98 89.51
C LEU V 195 -33.82 71.65 89.77
N THR V 196 -34.34 71.54 90.98
CA THR V 196 -35.64 72.12 91.31
C THR V 196 -35.62 73.63 91.35
N GLN V 197 -34.52 74.25 91.79
CA GLN V 197 -34.54 75.68 92.02
C GLN V 197 -33.87 76.47 90.91
N ASN V 198 -32.89 75.88 90.21
CA ASN V 198 -32.03 76.61 89.30
C ASN V 198 -31.95 75.98 87.92
N ALA V 199 -32.66 74.89 87.68
CA ALA V 199 -32.71 74.27 86.36
C ALA V 199 -34.13 74.37 85.79
N ASP V 200 -34.21 74.56 84.48
CA ASP V 200 -35.50 74.58 83.82
C ASP V 200 -36.00 73.17 83.52
N CYS V 201 -35.10 72.23 83.33
CA CYS V 201 -35.48 70.85 83.02
C CYS V 201 -34.36 69.93 83.45
N VAL V 202 -34.68 68.92 84.27
CA VAL V 202 -33.74 67.91 84.72
C VAL V 202 -34.25 66.57 84.20
N VAL V 203 -33.50 65.98 83.27
CA VAL V 203 -33.77 64.63 82.79
C VAL V 203 -33.11 63.63 83.71
N VAL V 204 -33.92 62.86 84.44
CA VAL V 204 -33.42 61.90 85.42
C VAL V 204 -32.97 60.64 84.68
N LEU V 205 -31.70 60.27 84.84
CA LEU V 205 -31.15 59.03 84.29
C LEU V 205 -30.85 58.08 85.45
N ASP V 206 -31.76 57.14 85.68
CA ASP V 206 -31.66 56.20 86.80
C ASP V 206 -30.89 54.95 86.35
N ASN V 207 -29.72 54.74 86.94
CA ASN V 207 -28.94 53.54 86.62
C ASN V 207 -29.73 52.28 86.95
N THR V 208 -30.60 52.35 87.96
CA THR V 208 -31.46 51.21 88.26
C THR V 208 -32.34 50.89 87.06
N ALA V 209 -32.93 51.92 86.45
CA ALA V 209 -33.77 51.72 85.28
C ALA V 209 -32.95 51.23 84.10
N LEU V 210 -31.73 51.74 83.96
CA LEU V 210 -30.87 51.28 82.88
C LEU V 210 -30.54 49.79 83.01
N ASN V 211 -30.22 49.36 84.23
CA ASN V 211 -30.00 47.94 84.49
C ASN V 211 -31.24 47.11 84.20
N ARG V 212 -32.40 47.56 84.70
CA ARG V 212 -33.65 46.88 84.41
C ARG V 212 -33.90 46.76 82.90
N ILE V 213 -33.68 47.83 82.15
CA ILE V 213 -33.86 47.79 80.70
C ILE V 213 -32.88 46.82 80.07
N ALA V 214 -31.62 46.86 80.50
CA ALA V 214 -30.60 45.98 79.94
C ALA V 214 -30.96 44.52 80.15
N THR V 215 -31.49 44.19 81.32
CA THR V 215 -31.89 42.80 81.58
C THR V 215 -33.16 42.42 80.84
N ASP V 216 -34.22 43.21 80.98
CA ASP V 216 -35.53 42.82 80.47
C ASP V 216 -35.68 42.96 78.97
N ARG V 217 -35.05 43.95 78.34
CA ARG V 217 -35.33 44.27 76.94
C ARG V 217 -34.17 44.01 76.00
N LEU V 218 -32.94 44.28 76.43
CA LEU V 218 -31.77 43.95 75.62
C LEU V 218 -31.19 42.58 75.95
N HIS V 219 -31.71 41.93 76.99
CA HIS V 219 -31.22 40.62 77.41
C HIS V 219 -29.73 40.68 77.73
N ILE V 220 -29.27 41.83 78.22
CA ILE V 220 -27.87 42.01 78.61
C ILE V 220 -27.76 41.64 80.09
N GLN V 221 -27.11 40.52 80.36
CA GLN V 221 -26.77 40.15 81.73
C GLN V 221 -25.60 41.00 82.20
N ASN V 222 -25.81 41.80 83.24
CA ASN V 222 -24.77 42.71 83.70
C ASN V 222 -24.36 43.63 82.56
N PRO V 223 -25.19 44.62 82.22
CA PRO V 223 -24.84 45.52 81.11
C PRO V 223 -23.55 46.27 81.41
N SER V 224 -22.66 46.29 80.43
CA SER V 224 -21.44 47.08 80.52
C SER V 224 -21.71 48.57 80.27
N PHE V 225 -20.77 49.38 80.77
CA PHE V 225 -20.82 50.82 80.54
C PHE V 225 -20.90 51.16 79.06
N SER V 226 -20.26 50.36 78.21
CA SER V 226 -20.35 50.60 76.77
C SER V 226 -21.79 50.46 76.27
N GLN V 227 -22.50 49.43 76.74
CA GLN V 227 -23.89 49.25 76.31
C GLN V 227 -24.79 50.34 76.88
N ILE V 228 -24.53 50.76 78.12
CA ILE V 228 -25.29 51.86 78.68
C ILE V 228 -25.07 53.14 77.87
N ASN V 229 -23.82 53.42 77.53
CA ASN V 229 -23.52 54.62 76.74
C ASN V 229 -24.09 54.52 75.33
N GLN V 230 -24.18 53.30 74.77
CA GLN V 230 -24.86 53.15 73.49
C GLN V 230 -26.35 53.47 73.60
N LEU V 231 -26.99 53.05 74.69
CA LEU V 231 -28.38 53.44 74.90
C LEU V 231 -28.53 54.95 75.09
N VAL V 232 -27.62 55.55 75.86
CA VAL V 232 -27.65 57.00 76.05
C VAL V 232 -27.49 57.72 74.72
N SER V 233 -26.54 57.27 73.90
CA SER V 233 -26.33 57.89 72.59
C SER V 233 -27.56 57.72 71.69
N THR V 234 -28.23 56.56 71.78
CA THR V 234 -29.47 56.39 71.04
C THR V 234 -30.51 57.41 71.46
N ILE V 235 -30.63 57.65 72.77
CA ILE V 235 -31.59 58.64 73.26
C ILE V 235 -31.21 60.04 72.79
N MET V 236 -29.94 60.40 72.94
CA MET V 236 -29.51 61.73 72.52
C MET V 236 -29.73 61.95 71.03
N SER V 237 -29.49 60.92 70.21
CA SER V 237 -29.78 61.05 68.79
C SER V 237 -31.27 61.26 68.56
N ALA V 238 -32.10 60.54 69.31
CA ALA V 238 -33.54 60.70 69.15
C ALA V 238 -33.98 62.09 69.54
N SER V 239 -33.27 62.72 70.49
CA SER V 239 -33.65 64.05 70.95
C SER V 239 -33.50 65.10 69.88
N THR V 240 -32.61 64.88 68.91
CA THR V 240 -32.35 65.86 67.85
C THR V 240 -33.16 65.65 66.58
N THR V 241 -34.09 64.68 66.58
CA THR V 241 -34.80 64.33 65.35
C THR V 241 -35.65 65.49 64.82
N THR V 242 -36.27 66.27 65.72
CA THR V 242 -37.07 67.40 65.27
C THR V 242 -36.22 68.53 64.71
N LEU V 243 -34.95 68.60 65.11
CA LEU V 243 -34.02 69.54 64.51
C LEU V 243 -33.50 69.02 63.19
N ARG V 244 -33.19 67.72 63.12
CA ARG V 244 -32.51 67.13 61.98
C ARG V 244 -33.44 66.88 60.81
N TYR V 245 -34.73 66.68 61.04
CA TYR V 245 -35.65 66.49 59.93
C TYR V 245 -36.60 67.67 59.85
N PRO V 246 -36.49 68.50 58.81
CA PRO V 246 -37.32 69.71 58.73
C PRO V 246 -38.80 69.38 58.62
N GLY V 247 -39.58 69.84 59.60
CA GLY V 247 -41.02 69.67 59.53
C GLY V 247 -41.72 71.01 59.44
N TYR V 248 -43.06 71.01 59.58
CA TYR V 248 -43.80 72.26 59.56
C TYR V 248 -44.01 72.86 60.94
N MET V 249 -43.95 72.05 62.00
CA MET V 249 -44.26 72.52 63.34
C MET V 249 -43.35 71.85 64.36
N ASN V 250 -43.07 72.57 65.45
CA ASN V 250 -42.30 72.05 66.57
C ASN V 250 -40.94 71.50 66.11
N ASN V 251 -40.22 72.30 65.33
CA ASN V 251 -38.92 71.88 64.84
C ASN V 251 -37.80 72.24 65.79
N ASP V 252 -38.11 72.79 66.97
CA ASP V 252 -37.08 73.17 67.93
C ASP V 252 -37.42 72.70 69.33
N LEU V 253 -36.36 72.54 70.12
CA LEU V 253 -36.51 72.03 71.48
C LEU V 253 -37.20 73.06 72.35
N ILE V 254 -36.92 74.34 72.12
CA ILE V 254 -37.61 75.39 72.89
C ILE V 254 -39.11 75.25 72.73
N GLY V 255 -39.57 75.13 71.47
CA GLY V 255 -40.99 75.00 71.22
C GLY V 255 -41.56 73.72 71.80
N LEU V 256 -40.79 72.63 71.73
CA LEU V 256 -41.23 71.38 72.35
C LEU V 256 -41.42 71.57 73.85
N ILE V 257 -40.43 72.16 74.52
CA ILE V 257 -40.50 72.32 75.96
C ILE V 257 -41.68 73.20 76.32
N ALA V 258 -41.82 74.34 75.64
CA ALA V 258 -42.93 75.23 75.96
C ALA V 258 -44.28 74.55 75.77
N SER V 259 -44.38 73.62 74.82
CA SER V 259 -45.62 72.86 74.66
C SER V 259 -45.78 71.78 75.72
N LEU V 260 -44.68 71.30 76.30
CA LEU V 260 -44.69 70.14 77.19
C LEU V 260 -44.72 70.48 78.67
N ILE V 261 -44.28 71.67 79.07
CA ILE V 261 -44.02 71.99 80.48
C ILE V 261 -44.87 73.18 80.91
N PRO V 262 -46.13 72.94 81.28
CA PRO V 262 -46.97 74.04 81.78
C PRO V 262 -46.59 74.49 83.18
N THR V 263 -45.84 73.70 83.93
CA THR V 263 -45.45 74.06 85.30
C THR V 263 -43.93 74.09 85.42
N PRO V 264 -43.33 75.27 85.65
CA PRO V 264 -41.87 75.37 85.56
C PRO V 264 -41.12 74.42 86.47
N ARG V 265 -41.65 74.15 87.67
CA ARG V 265 -40.99 73.22 88.58
C ARG V 265 -41.19 71.76 88.18
N LEU V 266 -42.24 71.46 87.42
CA LEU V 266 -42.54 70.07 87.05
C LEU V 266 -41.83 69.72 85.74
N HIS V 267 -40.51 69.81 85.80
CA HIS V 267 -39.65 69.71 84.63
C HIS V 267 -38.91 68.38 84.57
N PHE V 268 -39.30 67.40 85.38
CA PHE V 268 -38.67 66.08 85.33
C PHE V 268 -39.37 65.22 84.29
N LEU V 269 -38.65 64.86 83.25
CA LEU V 269 -39.17 64.08 82.13
C LEU V 269 -38.70 62.64 82.26
N MET V 270 -39.62 61.70 82.09
CA MET V 270 -39.27 60.29 81.93
C MET V 270 -39.12 59.96 80.46
N THR V 271 -38.21 59.04 80.17
CA THR V 271 -37.96 58.57 78.81
C THR V 271 -38.44 57.15 78.63
N GLY V 272 -38.83 56.83 77.41
CA GLY V 272 -39.11 55.47 76.99
C GLY V 272 -38.66 55.26 75.56
N TYR V 273 -38.13 54.08 75.25
CA TYR V 273 -37.55 53.79 73.95
C TYR V 273 -38.09 52.47 73.44
N THR V 274 -38.29 52.38 72.12
CA THR V 274 -38.68 51.14 71.48
C THR V 274 -38.22 51.14 70.04
N PRO V 275 -37.74 49.99 69.53
CA PRO V 275 -37.57 48.71 70.25
C PRO V 275 -36.33 48.73 71.13
N LEU V 276 -36.38 48.07 72.28
CA LEU V 276 -35.20 47.79 73.10
C LEU V 276 -34.94 46.30 73.01
N THR V 277 -34.19 45.88 72.00
CA THR V 277 -33.94 44.47 71.76
C THR V 277 -32.53 44.28 71.22
N THR V 278 -31.89 43.20 71.65
CA THR V 278 -30.59 42.81 71.11
C THR V 278 -30.73 42.33 69.67
N ARG V 286 -42.02 42.39 60.53
CA ARG V 286 -43.32 42.93 60.92
C ARG V 286 -43.31 44.45 60.85
N LYS V 287 -44.11 45.00 59.95
CA LYS V 287 -44.30 46.44 59.86
C LYS V 287 -44.92 46.97 61.16
N THR V 288 -44.10 47.59 61.99
CA THR V 288 -44.60 48.18 63.23
C THR V 288 -45.55 49.33 62.90
N THR V 289 -46.80 49.19 63.32
CA THR V 289 -47.80 50.21 63.07
C THR V 289 -47.71 51.26 64.16
N VAL V 290 -48.25 52.45 63.87
CA VAL V 290 -48.34 53.49 64.88
C VAL V 290 -49.01 52.98 66.15
N LEU V 291 -50.09 52.23 66.01
CA LEU V 291 -50.76 51.65 67.17
C LEU V 291 -49.88 50.66 67.92
N ASP V 292 -49.11 49.85 67.21
CA ASP V 292 -48.19 48.94 67.88
C ASP V 292 -47.06 49.69 68.56
N VAL V 293 -46.57 50.75 67.92
CA VAL V 293 -45.55 51.59 68.52
C VAL V 293 -46.08 52.17 69.83
N MET V 294 -47.23 52.83 69.78
CA MET V 294 -47.79 53.46 70.97
C MET V 294 -48.07 52.43 72.06
N ARG V 295 -48.51 51.23 71.69
CA ARG V 295 -48.71 50.18 72.68
C ARG V 295 -47.39 49.73 73.31
N ARG V 296 -46.33 49.62 72.52
CA ARG V 296 -45.05 49.25 73.10
C ARG V 296 -44.53 50.35 74.02
N LEU V 297 -44.68 51.61 73.60
CA LEU V 297 -44.29 52.72 74.47
C LEU V 297 -45.08 52.69 75.76
N LEU V 298 -46.37 52.35 75.69
CA LEU V 298 -47.18 52.25 76.90
C LEU V 298 -46.84 50.99 77.69
N GLN V 299 -46.02 50.13 77.13
CA GLN V 299 -45.62 48.91 77.84
C GLN V 299 -44.53 49.26 78.85
N PRO V 300 -44.68 48.87 80.11
CA PRO V 300 -43.66 49.22 81.12
C PRO V 300 -42.26 48.76 80.77
N LYS V 301 -42.14 47.65 80.03
CA LYS V 301 -40.82 47.15 79.62
C LYS V 301 -40.12 48.05 78.62
N ASN V 302 -40.82 49.03 78.04
CA ASN V 302 -40.20 49.98 77.12
C ASN V 302 -40.04 51.38 77.71
N VAL V 303 -40.46 51.61 78.95
CA VAL V 303 -40.21 52.90 79.59
C VAL V 303 -38.81 52.90 80.19
N MET V 304 -38.06 53.96 79.90
CA MET V 304 -36.65 54.09 80.29
C MET V 304 -36.47 54.86 81.59
N VAL V 305 -37.45 54.83 82.50
CA VAL V 305 -37.35 55.51 83.78
C VAL V 305 -37.84 54.57 84.87
N SER V 306 -37.03 54.39 85.89
CA SER V 306 -37.39 53.56 87.04
C SER V 306 -38.18 54.41 88.01
N THR V 307 -39.50 54.35 87.88
CA THR V 307 -40.41 55.00 88.82
C THR V 307 -40.95 53.92 89.75
N GLY V 308 -40.94 54.19 91.05
CA GLY V 308 -41.56 53.29 91.98
C GLY V 308 -43.04 53.16 91.71
N ARG V 309 -43.53 51.91 91.66
CA ARG V 309 -44.97 51.65 91.65
C ARG V 309 -45.52 51.77 93.07
N ASP V 310 -45.62 53.01 93.53
CA ASP V 310 -46.40 53.30 94.72
C ASP V 310 -47.88 52.99 94.46
N ARG V 311 -48.43 52.07 95.26
CA ARG V 311 -49.85 51.74 95.13
C ARG V 311 -50.76 52.79 95.76
N GLN V 312 -50.22 53.70 96.57
CA GLN V 312 -51.02 54.71 97.24
C GLN V 312 -51.28 55.93 96.38
N THR V 313 -50.29 56.33 95.58
CA THR V 313 -50.40 57.52 94.73
C THR V 313 -50.73 57.06 93.32
N ASN V 314 -51.88 57.52 92.80
CA ASN V 314 -52.28 57.20 91.44
C ASN V 314 -51.51 58.16 90.52
N HIS V 315 -50.25 57.82 90.28
CA HIS V 315 -49.41 58.62 89.40
C HIS V 315 -50.00 58.66 88.01
N CYS V 316 -49.71 59.75 87.30
CA CYS V 316 -50.26 59.96 85.97
C CYS V 316 -49.21 60.69 85.14
N TYR V 317 -49.38 60.63 83.84
CA TYR V 317 -48.56 61.42 82.93
C TYR V 317 -49.04 62.86 82.90
N ILE V 318 -48.09 63.79 83.07
CA ILE V 318 -48.40 65.19 82.81
C ILE V 318 -48.43 65.44 81.31
N ALA V 319 -47.40 64.96 80.61
CA ALA V 319 -47.31 65.09 79.16
C ALA V 319 -46.55 63.89 78.62
N ILE V 320 -46.84 63.56 77.37
CA ILE V 320 -46.17 62.49 76.64
C ILE V 320 -45.85 63.01 75.26
N LEU V 321 -44.60 62.85 74.83
CA LEU V 321 -44.21 63.02 73.45
C LEU V 321 -43.73 61.68 72.94
N ASN V 322 -44.33 61.22 71.85
CA ASN V 322 -43.86 60.03 71.16
C ASN V 322 -43.15 60.49 69.90
N ILE V 323 -41.84 60.29 69.86
CA ILE V 323 -41.04 60.50 68.66
C ILE V 323 -40.97 59.17 67.93
N ILE V 324 -41.62 59.10 66.77
CA ILE V 324 -41.61 57.90 65.96
C ILE V 324 -40.69 58.18 64.78
N GLN V 325 -39.64 57.40 64.66
CA GLN V 325 -38.64 57.58 63.62
C GLN V 325 -38.78 56.47 62.60
N GLY V 326 -38.88 56.85 61.33
CA GLY V 326 -38.89 55.93 60.23
C GLY V 326 -40.08 56.18 59.33
N GLU V 327 -40.33 55.21 58.46
CA GLU V 327 -41.42 55.27 57.49
C GLU V 327 -42.74 55.00 58.21
N VAL V 328 -43.48 56.08 58.49
CA VAL V 328 -44.73 56.00 59.25
C VAL V 328 -45.84 56.55 58.37
N ASP V 329 -46.92 55.79 58.26
CA ASP V 329 -48.15 56.26 57.62
C ASP V 329 -48.96 57.14 58.56
N PRO V 330 -49.19 58.41 58.22
CA PRO V 330 -50.01 59.24 59.12
C PRO V 330 -51.38 58.65 59.39
N THR V 331 -51.95 57.91 58.45
CA THR V 331 -53.24 57.30 58.74
C THR V 331 -53.09 56.26 59.85
N GLN V 332 -51.93 55.61 59.92
CA GLN V 332 -51.68 54.68 61.01
C GLN V 332 -51.41 55.44 62.29
N VAL V 333 -50.87 56.66 62.18
CA VAL V 333 -50.70 57.49 63.36
C VAL V 333 -52.05 57.86 63.94
N HIS V 334 -52.97 58.29 63.08
CA HIS V 334 -54.33 58.61 63.51
C HIS V 334 -55.01 57.40 64.13
N LYS V 335 -54.89 56.23 63.48
CA LYS V 335 -55.43 55.01 64.07
C LYS V 335 -54.79 54.70 65.42
N SER V 336 -53.51 55.01 65.57
CA SER V 336 -52.82 54.73 66.83
C SER V 336 -53.33 55.66 67.93
N LEU V 337 -53.49 56.93 67.62
CA LEU V 337 -54.08 57.87 68.58
C LEU V 337 -55.47 57.43 68.99
N GLN V 338 -56.30 57.05 68.01
CA GLN V 338 -57.64 56.58 68.31
C GLN V 338 -57.61 55.35 69.22
N ARG V 339 -56.76 54.37 68.90
CA ARG V 339 -56.67 53.16 69.73
C ARG V 339 -56.14 53.46 71.12
N ILE V 340 -55.18 54.37 71.24
CA ILE V 340 -54.65 54.73 72.55
C ILE V 340 -55.73 55.40 73.38
N ARG V 341 -56.50 56.30 72.77
CA ARG V 341 -57.58 56.96 73.49
C ARG V 341 -58.63 55.94 73.93
N GLU V 342 -59.08 55.10 73.00
CA GLU V 342 -60.11 54.11 73.33
C GLU V 342 -59.62 53.17 74.43
N ARG V 343 -58.36 52.76 74.38
CA ARG V 343 -57.83 51.83 75.36
C ARG V 343 -57.36 52.49 76.66
N LYS V 344 -57.38 53.81 76.75
CA LYS V 344 -56.88 54.50 77.95
C LYS V 344 -55.48 53.98 78.31
N LEU V 345 -54.63 53.86 77.30
CA LEU V 345 -53.30 53.29 77.49
C LEU V 345 -52.40 54.17 78.36
N ALA V 346 -52.76 55.42 78.60
CA ALA V 346 -51.96 56.30 79.44
C ALA V 346 -52.86 57.01 80.46
N ASN V 347 -52.40 57.03 81.71
CA ASN V 347 -53.04 57.79 82.77
C ASN V 347 -52.40 59.18 82.79
N PHE V 348 -53.23 60.22 82.70
CA PHE V 348 -52.74 61.59 82.66
C PHE V 348 -53.07 62.32 83.96
N ILE V 349 -52.34 63.42 84.17
CA ILE V 349 -52.58 64.32 85.30
C ILE V 349 -54.07 64.67 85.35
N PRO V 350 -54.66 64.70 86.55
CA PRO V 350 -56.09 65.01 86.65
C PRO V 350 -56.39 66.50 86.61
N TRP V 351 -55.40 67.37 86.80
CA TRP V 351 -55.65 68.80 86.91
C TRP V 351 -55.49 69.52 85.59
N GLY V 352 -55.18 68.79 84.52
CA GLY V 352 -55.02 69.38 83.21
C GLY V 352 -55.36 68.37 82.15
N PRO V 353 -55.50 68.81 80.91
CA PRO V 353 -55.73 67.86 79.82
C PRO V 353 -54.47 67.05 79.54
N ALA V 354 -54.68 65.81 79.13
CA ALA V 354 -53.57 64.95 78.77
C ALA V 354 -52.92 65.53 77.51
N SER V 355 -51.71 66.07 77.66
CA SER V 355 -50.96 66.55 76.50
C SER V 355 -50.18 65.35 76.00
N ILE V 356 -50.62 64.76 74.90
CA ILE V 356 -49.89 63.70 74.24
C ILE V 356 -49.68 64.13 72.79
N GLN V 357 -48.43 64.42 72.46
CA GLN V 357 -48.03 64.77 71.10
C GLN V 357 -47.27 63.61 70.51
N VAL V 358 -47.37 63.47 69.19
CA VAL V 358 -46.61 62.47 68.46
C VAL V 358 -45.94 63.19 67.29
N ALA V 359 -44.62 63.16 67.26
CA ALA V 359 -43.84 63.67 66.15
C ALA V 359 -43.33 62.51 65.32
N LEU V 360 -43.58 62.57 64.02
CA LEU V 360 -42.97 61.64 63.08
C LEU V 360 -41.71 62.30 62.53
N SER V 361 -40.60 61.58 62.60
CA SER V 361 -39.33 62.03 62.05
C SER V 361 -38.70 60.95 61.20
N ARG V 362 -37.79 61.37 60.33
CA ARG V 362 -37.01 60.47 59.51
C ARG V 362 -35.76 60.07 60.29
N LYS V 363 -35.30 58.86 60.03
CA LYS V 363 -34.02 58.44 60.56
C LYS V 363 -32.88 59.12 59.81
N SER V 364 -31.73 59.23 60.49
CA SER V 364 -30.51 59.66 59.83
C SER V 364 -30.22 58.76 58.62
N PRO V 365 -29.91 59.33 57.46
CA PRO V 365 -29.50 58.49 56.33
C PRO V 365 -28.14 57.86 56.53
N TYR V 366 -27.35 58.39 57.46
CA TYR V 366 -26.00 57.89 57.70
C TYR V 366 -25.99 56.82 58.77
N LEU V 367 -27.05 56.76 59.62
CA LEU V 367 -27.16 55.80 60.71
C LEU V 367 -28.01 54.61 60.28
N PRO V 368 -27.49 53.39 60.39
CA PRO V 368 -28.29 52.18 60.16
C PRO V 368 -29.37 51.97 61.22
N SER V 369 -30.62 51.87 60.77
CA SER V 369 -31.76 51.57 61.65
C SER V 369 -32.24 50.17 61.31
N ALA V 370 -32.06 49.23 62.26
CA ALA V 370 -32.59 47.89 62.11
C ALA V 370 -34.11 47.86 62.06
N HIS V 371 -34.77 48.86 62.64
CA HIS V 371 -36.22 48.90 62.73
C HIS V 371 -36.76 49.91 61.72
N ARG V 372 -37.66 49.44 60.85
CA ARG V 372 -38.26 50.36 59.89
C ARG V 372 -38.96 51.49 60.63
N VAL V 373 -39.41 51.22 61.85
CA VAL V 373 -40.07 52.19 62.69
C VAL V 373 -39.55 51.96 64.10
N SER V 374 -39.06 53.02 64.74
CA SER V 374 -38.77 53.02 66.16
C SER V 374 -39.60 54.09 66.84
N GLY V 375 -39.71 53.99 68.16
CA GLY V 375 -40.37 55.03 68.91
C GLY V 375 -39.71 55.25 70.24
N LEU V 376 -39.56 56.52 70.61
CA LEU V 376 -39.22 56.92 71.96
C LEU V 376 -40.40 57.63 72.60
N MET V 377 -40.66 57.31 73.85
CA MET V 377 -41.59 58.09 74.67
C MET V 377 -40.80 58.92 75.66
N MET V 378 -41.07 60.23 75.68
CA MET V 378 -40.67 61.10 76.77
C MET V 378 -41.94 61.44 77.54
N ALA V 379 -41.97 61.11 78.83
CA ALA V 379 -43.16 61.30 79.64
C ALA V 379 -42.80 62.04 80.93
N ASN V 380 -43.62 63.03 81.27
CA ASN V 380 -43.63 63.63 82.59
C ASN V 380 -44.72 62.90 83.36
N HIS V 381 -44.31 62.11 84.35
CA HIS V 381 -45.23 61.22 85.03
C HIS V 381 -44.97 61.27 86.53
N THR V 382 -46.06 61.35 87.29
CA THR V 382 -45.95 61.65 88.72
C THR V 382 -45.18 60.57 89.46
N SER V 383 -45.04 59.38 88.86
CA SER V 383 -44.29 58.34 89.54
C SER V 383 -42.81 58.69 89.65
N ILE V 384 -42.36 59.73 88.94
CA ILE V 384 -41.01 60.23 89.17
C ILE V 384 -40.92 60.71 90.61
N SER V 385 -42.05 61.15 91.17
CA SER V 385 -42.05 61.52 92.57
C SER V 385 -41.58 60.35 93.43
N SER V 386 -41.91 59.11 93.03
CA SER V 386 -41.43 57.97 93.80
C SER V 386 -39.91 57.94 93.85
N LEU V 387 -39.26 58.38 92.76
CA LEU V 387 -37.81 58.51 92.73
C LEU V 387 -37.33 59.65 93.61
N PHE V 388 -38.04 60.77 93.58
CA PHE V 388 -37.64 61.91 94.41
C PHE V 388 -37.84 61.59 95.89
N GLU V 389 -38.95 60.95 96.22
CA GLU V 389 -39.19 60.46 97.58
C GLU V 389 -38.10 59.49 98.01
N SER V 390 -37.73 58.53 97.15
CA SER V 390 -36.64 57.62 97.47
C SER V 390 -35.34 58.36 97.74
N SER V 391 -35.01 59.34 96.90
CA SER V 391 -33.79 60.13 97.11
C SER V 391 -33.85 60.89 98.44
N CYS V 392 -35.00 61.50 98.72
CA CYS V 392 -35.19 62.20 99.99
C CYS V 392 -35.06 61.26 101.18
N GLN V 393 -35.66 60.06 101.09
CA GLN V 393 -35.56 59.08 102.17
C GLN V 393 -34.13 58.60 102.37
N GLN V 394 -33.38 58.40 101.28
CA GLN V 394 -31.97 58.02 101.44
C GLN V 394 -31.17 59.15 102.07
N TYR V 395 -31.42 60.39 101.63
CA TYR V 395 -30.77 61.54 102.27
C TYR V 395 -31.10 61.57 103.76
N ASP V 396 -32.38 61.45 104.11
CA ASP V 396 -32.80 61.47 105.51
C ASP V 396 -32.17 60.34 106.29
N LYS V 397 -32.00 59.18 105.66
CA LYS V 397 -31.35 58.03 106.28
C LYS V 397 -29.89 58.31 106.59
N LEU V 398 -29.19 59.01 105.69
CA LEU V 398 -27.79 59.32 105.98
C LEU V 398 -27.68 60.50 106.95
N ARG V 399 -28.39 61.59 106.69
CA ARG V 399 -28.28 62.77 107.53
C ARG V 399 -28.71 62.50 108.96
N LYS V 400 -29.81 61.76 109.15
CA LYS V 400 -30.22 61.41 110.49
C LYS V 400 -29.19 60.53 111.18
N ARG V 401 -28.35 59.85 110.41
CA ARG V 401 -27.27 59.03 110.92
C ARG V 401 -25.93 59.72 110.76
N GLU V 402 -25.93 60.93 110.19
CA GLU V 402 -24.72 61.66 109.84
C GLU V 402 -23.74 60.78 109.06
N ALA V 403 -24.29 59.87 108.25
CA ALA V 403 -23.44 58.88 107.59
C ALA V 403 -22.68 59.55 106.47
N PHE V 404 -21.39 59.24 106.33
CA PHE V 404 -20.58 59.70 105.21
C PHE V 404 -20.49 61.23 105.19
N LEU V 405 -20.67 61.87 106.34
CA LEU V 405 -20.63 63.32 106.42
C LEU V 405 -19.22 63.88 106.61
N GLU V 406 -18.23 63.04 106.93
CA GLU V 406 -16.90 63.56 107.21
C GLU V 406 -16.30 64.23 105.98
N GLN V 407 -16.59 63.69 104.79
CA GLN V 407 -16.10 64.30 103.57
C GLN V 407 -16.88 65.56 103.22
N PHE V 408 -18.17 65.62 103.56
CA PHE V 408 -18.86 66.89 103.34
C PHE V 408 -18.33 67.95 104.30
N ARG V 409 -18.14 67.59 105.57
CA ARG V 409 -17.61 68.54 106.53
C ARG V 409 -16.20 68.97 106.16
N LYS V 410 -15.51 68.18 105.33
CA LYS V 410 -14.20 68.63 104.83
C LYS V 410 -14.34 69.69 103.76
N GLU V 411 -15.50 69.74 103.10
CA GLU V 411 -15.78 70.67 102.01
C GLU V 411 -16.51 71.91 102.52
N ASP V 412 -16.21 73.05 101.91
CA ASP V 412 -16.66 74.33 102.45
C ASP V 412 -18.18 74.41 102.50
N ILE V 413 -18.86 73.86 101.48
CA ILE V 413 -20.31 73.90 101.45
C ILE V 413 -20.93 73.14 102.61
N PHE V 414 -20.21 72.16 103.17
CA PHE V 414 -20.68 71.36 104.29
C PHE V 414 -19.77 71.47 105.50
N LYS V 415 -18.79 72.38 105.47
CA LYS V 415 -17.80 72.45 106.54
C LYS V 415 -18.43 72.89 107.87
N GLU V 416 -19.35 73.83 107.83
CA GLU V 416 -19.96 74.33 109.06
C GLU V 416 -21.19 73.53 109.42
N ASN V 417 -22.06 73.30 108.44
CA ASN V 417 -23.30 72.58 108.65
C ASN V 417 -23.67 71.91 107.34
N PHE V 418 -24.80 71.20 107.35
CA PHE V 418 -25.31 70.54 106.16
C PHE V 418 -26.60 71.19 105.67
N ASP V 419 -26.80 72.47 106.01
CA ASP V 419 -28.06 73.13 105.71
C ASP V 419 -28.41 73.08 104.23
N GLU V 420 -27.42 73.11 103.34
CA GLU V 420 -27.72 72.97 101.92
C GLU V 420 -28.21 71.57 101.60
N LEU V 421 -27.70 70.55 102.29
CA LEU V 421 -28.22 69.20 102.14
C LEU V 421 -29.63 69.10 102.70
N ASP V 422 -29.89 69.73 103.84
CA ASP V 422 -31.21 69.63 104.45
C ASP V 422 -32.26 70.36 103.62
N ARG V 423 -31.90 71.53 103.10
CA ARG V 423 -32.76 72.20 102.13
C ARG V 423 -32.97 71.37 100.88
N SER V 424 -31.93 70.67 100.42
CA SER V 424 -32.11 69.78 99.26
C SER V 424 -33.05 68.62 99.59
N ARG V 425 -32.94 68.07 100.79
CA ARG V 425 -33.86 67.00 101.21
C ARG V 425 -35.28 67.50 101.31
N GLU V 426 -35.45 68.73 101.81
CA GLU V 426 -36.78 69.33 101.87
C GLU V 426 -37.33 69.55 100.48
N VAL V 427 -36.51 70.13 99.59
CA VAL V 427 -36.91 70.36 98.21
C VAL V 427 -37.29 69.04 97.55
N VAL V 428 -36.53 67.96 97.78
CA VAL V 428 -36.85 66.68 97.16
C VAL V 428 -38.11 66.06 97.74
N GLN V 429 -38.38 66.27 99.03
CA GLN V 429 -39.65 65.82 99.58
C GLN V 429 -40.81 66.60 98.97
N GLU V 430 -40.67 67.92 98.90
CA GLU V 430 -41.67 68.76 98.25
C GLU V 430 -41.86 68.36 96.80
N LEU V 431 -40.76 68.04 96.11
CA LEU V 431 -40.84 67.57 94.73
C LEU V 431 -41.65 66.27 94.62
N ILE V 432 -41.38 65.31 95.50
CA ILE V 432 -42.15 64.06 95.46
C ILE V 432 -43.64 64.35 95.70
N ASP V 433 -43.92 65.16 96.71
CA ASP V 433 -45.32 65.46 97.04
C ASP V 433 -45.99 66.25 95.92
N GLU V 434 -45.27 67.19 95.32
CA GLU V 434 -45.80 67.97 94.20
C GLU V 434 -46.04 67.10 92.97
N TYR V 435 -45.13 66.17 92.66
CA TYR V 435 -45.36 65.23 91.57
C TYR V 435 -46.59 64.36 91.82
N HIS V 436 -46.78 63.94 93.07
CA HIS V 436 -48.00 63.19 93.37
C HIS V 436 -49.24 64.06 93.22
N ALA V 437 -49.18 65.31 93.70
CA ALA V 437 -50.30 66.22 93.48
C ALA V 437 -50.54 66.44 92.00
N ALA V 438 -49.47 66.58 91.21
CA ALA V 438 -49.62 66.74 89.77
C ALA V 438 -50.25 65.51 89.14
N THR V 439 -50.22 64.39 89.85
CA THR V 439 -50.97 63.23 89.38
C THR V 439 -52.45 63.38 89.70
N ARG V 440 -52.82 64.38 90.59
CA ARG V 440 -54.08 64.70 91.23
C ARG V 440 -54.71 65.94 90.60
N PRO V 441 -56.05 66.00 90.62
CA PRO V 441 -56.74 67.18 90.07
C PRO V 441 -56.40 68.47 90.80
N ASP V 442 -55.95 68.39 92.05
CA ASP V 442 -55.63 69.56 92.86
C ASP V 442 -54.22 70.09 92.62
N TYR V 443 -53.52 69.57 91.61
CA TYR V 443 -52.14 70.00 91.37
C TYR V 443 -52.05 71.52 91.29
N ILE V 444 -53.06 72.16 90.67
CA ILE V 444 -53.05 73.61 90.55
C ILE V 444 -52.98 74.28 91.92
N SER V 445 -53.54 73.65 92.94
CA SER V 445 -53.48 74.16 94.30
C SER V 445 -52.41 73.48 95.15
N TRP V 446 -51.65 72.55 94.57
CA TRP V 446 -50.71 71.77 95.36
C TRP V 446 -49.62 72.64 95.96
N GLY V 447 -49.02 73.51 95.14
CA GLY V 447 -48.00 74.42 95.62
C GLY V 447 -48.56 75.60 96.39
N MET W 1 4.47 103.97 35.53
CA MET W 1 5.72 104.00 36.32
C MET W 1 5.58 103.19 37.61
N PRO W 2 6.61 102.41 37.94
CA PRO W 2 6.61 101.69 39.22
C PRO W 2 6.46 102.64 40.40
N ARG W 3 5.97 102.08 41.51
CA ARG W 3 5.79 102.80 42.78
C ARG W 3 6.50 101.95 43.83
N GLU W 4 7.82 102.11 43.90
CA GLU W 4 8.65 101.22 44.71
C GLU W 4 8.42 101.43 46.20
N ILE W 5 8.47 100.33 46.94
CA ILE W 5 8.36 100.32 48.39
C ILE W 5 9.56 99.55 48.92
N ILE W 6 10.31 100.16 49.84
CA ILE W 6 11.47 99.50 50.43
C ILE W 6 11.06 98.79 51.71
N THR W 7 11.35 97.48 51.78
CA THR W 7 11.07 96.69 52.98
C THR W 7 12.33 96.58 53.83
N LEU W 8 12.24 97.06 55.08
CA LEU W 8 13.34 97.01 56.04
C LEU W 8 13.07 95.88 57.03
N GLN W 9 13.90 94.86 57.04
CA GLN W 9 13.75 93.71 57.94
C GLN W 9 14.77 93.90 59.05
N LEU W 10 14.30 94.08 60.29
CA LEU W 10 15.14 94.50 61.41
C LEU W 10 15.27 93.40 62.46
N GLY W 11 16.51 93.06 62.77
CA GLY W 11 16.81 92.08 63.80
C GLY W 11 16.39 90.68 63.38
N GLN W 12 16.57 89.74 64.31
CA GLN W 12 16.28 88.34 64.00
C GLN W 12 14.87 88.17 63.46
N CYS W 13 13.88 88.71 64.20
CA CYS W 13 12.49 88.51 63.82
C CYS W 13 12.17 89.23 62.52
N GLY W 14 12.60 90.49 62.39
CA GLY W 14 12.35 91.22 61.16
C GLY W 14 12.95 90.58 59.93
N ASN W 15 14.20 90.12 60.05
CA ASN W 15 14.86 89.45 58.93
C ASN W 15 14.21 88.12 58.60
N GLN W 16 13.77 87.37 59.61
CA GLN W 16 13.12 86.09 59.33
C GLN W 16 11.76 86.32 58.68
N ILE W 17 11.04 87.34 59.14
CA ILE W 17 9.75 87.67 58.53
C ILE W 17 9.96 88.16 57.10
N GLY W 18 11.00 88.95 56.86
CA GLY W 18 11.28 89.38 55.50
C GLY W 18 11.63 88.22 54.58
N PHE W 19 12.44 87.28 55.07
CA PHE W 19 12.77 86.09 54.29
C PHE W 19 11.52 85.27 53.94
N GLU W 20 10.66 85.02 54.94
CA GLU W 20 9.44 84.28 54.67
C GLU W 20 8.46 85.07 53.81
N PHE W 21 8.47 86.40 53.94
CA PHE W 21 7.64 87.24 53.08
C PHE W 21 8.09 87.10 51.63
N TRP W 22 9.39 87.16 51.40
CA TRP W 22 9.91 87.02 50.03
C TRP W 22 9.62 85.63 49.48
N LYS W 23 9.74 84.59 50.31
CA LYS W 23 9.34 83.26 49.86
C LYS W 23 7.87 83.22 49.46
N GLN W 24 7.00 83.82 50.28
CA GLN W 24 5.58 83.85 49.95
C GLN W 24 5.29 84.64 48.69
N LEU W 25 5.95 85.79 48.52
CA LEU W 25 5.76 86.58 47.31
C LEU W 25 6.23 85.83 46.08
N CYS W 26 7.40 85.19 46.17
CA CYS W 26 7.87 84.34 45.07
C CYS W 26 6.84 83.28 44.72
N ALA W 27 6.30 82.61 45.73
CA ALA W 27 5.30 81.57 45.49
C ALA W 27 4.01 82.15 44.88
N GLU W 28 3.60 83.35 45.32
CA GLU W 28 2.39 83.96 44.78
C GLU W 28 2.57 84.48 43.36
N HIS W 29 3.77 84.90 43.00
CA HIS W 29 4.05 85.45 41.68
C HIS W 29 4.66 84.40 40.75
N GLY W 30 4.91 83.20 41.25
CA GLY W 30 5.56 82.17 40.46
C GLY W 30 7.01 82.55 40.20
N ILE W 31 7.69 83.09 41.19
CA ILE W 31 9.10 83.45 41.13
C ILE W 31 9.90 82.44 41.92
N SER W 32 10.98 81.94 41.33
CA SER W 32 11.83 80.99 42.02
C SER W 32 12.57 81.68 43.17
N PRO W 33 13.11 80.89 44.10
CA PRO W 33 13.92 81.49 45.18
C PRO W 33 15.17 82.21 44.71
N GLU W 34 15.63 81.98 43.48
CA GLU W 34 16.80 82.68 42.95
C GLU W 34 16.45 83.98 42.22
N GLY W 35 15.17 84.35 42.16
CA GLY W 35 14.77 85.55 41.47
C GLY W 35 14.44 85.38 40.01
N ILE W 36 14.44 84.16 39.50
CA ILE W 36 14.17 83.92 38.08
C ILE W 36 12.67 83.73 37.93
N VAL W 37 12.10 84.35 36.89
CA VAL W 37 10.68 84.18 36.62
C VAL W 37 10.44 82.74 36.17
N GLU W 38 9.51 82.07 36.83
CA GLU W 38 9.11 80.74 36.42
C GLU W 38 8.38 80.77 35.08
N GLU W 39 8.58 79.71 34.29
CA GLU W 39 7.96 79.67 32.97
C GLU W 39 6.46 79.87 33.11
N PHE W 40 5.86 79.32 34.17
CA PHE W 40 4.43 79.51 34.36
C PHE W 40 4.11 80.93 34.81
N ALA W 41 5.13 81.72 35.14
CA ALA W 41 4.95 83.05 35.70
C ALA W 41 5.43 84.11 34.72
N THR W 42 5.79 83.71 33.51
CA THR W 42 6.26 84.66 32.51
C THR W 42 5.16 85.64 32.09
N GLU W 43 3.91 85.17 32.07
CA GLU W 43 2.78 85.97 31.64
C GLU W 43 2.00 86.54 32.82
N GLY W 44 2.64 86.70 33.97
CA GLY W 44 1.93 87.19 35.13
C GLY W 44 1.46 88.62 34.94
N THR W 45 0.34 88.94 35.57
CA THR W 45 -0.19 90.30 35.59
C THR W 45 0.36 91.11 36.75
N ASP W 46 1.28 90.55 37.53
CA ASP W 46 1.84 91.24 38.67
C ASP W 46 2.91 92.22 38.24
N ARG W 47 2.99 93.35 38.94
CA ARG W 47 4.05 94.34 38.75
C ARG W 47 5.15 94.00 39.74
N LYS W 48 6.21 93.36 39.23
CA LYS W 48 7.32 92.99 40.09
C LYS W 48 8.24 94.17 40.37
N ASP W 49 8.36 95.10 39.42
CA ASP W 49 9.29 96.22 39.57
C ASP W 49 9.02 97.07 40.82
N VAL W 50 7.80 97.07 41.35
CA VAL W 50 7.53 97.84 42.56
C VAL W 50 8.35 97.34 43.74
N PHE W 51 8.40 96.02 43.95
CA PHE W 51 9.06 95.48 45.13
C PHE W 51 10.33 94.71 44.85
N PHE W 52 10.49 94.21 43.63
CA PHE W 52 11.68 93.52 43.17
C PHE W 52 12.35 94.36 42.11
N TYR W 53 13.67 94.29 42.05
CA TYR W 53 14.43 94.71 40.88
C TYR W 53 14.81 93.50 40.02
N GLN W 54 14.86 93.72 38.72
CA GLN W 54 15.27 92.68 37.77
C GLN W 54 16.76 92.85 37.47
N ALA W 55 17.53 91.83 37.78
CA ALA W 55 18.95 91.79 37.47
C ALA W 55 19.16 91.43 35.99
N ASP W 56 20.39 91.66 35.53
CA ASP W 56 20.73 91.41 34.13
C ASP W 56 20.55 89.95 33.76
N ASP W 57 20.52 89.04 34.73
CA ASP W 57 20.36 87.61 34.50
C ASP W 57 18.91 87.17 34.66
N GLU W 58 17.97 88.09 34.46
CA GLU W 58 16.54 87.83 34.65
C GLU W 58 16.23 87.49 36.10
N HIS W 59 17.14 87.78 37.02
CA HIS W 59 16.87 87.62 38.44
C HIS W 59 16.06 88.81 38.95
N TYR W 60 15.02 88.50 39.71
CA TYR W 60 14.22 89.50 40.42
C TYR W 60 14.80 89.65 41.83
N ILE W 61 15.26 90.84 42.17
CA ILE W 61 15.93 91.08 43.45
C ILE W 61 14.99 91.89 44.33
N PRO W 62 14.71 91.44 45.56
CA PRO W 62 13.86 92.21 46.47
C PRO W 62 14.42 93.59 46.77
N ARG W 63 13.53 94.58 46.77
CA ARG W 63 13.85 95.87 47.36
C ARG W 63 13.78 95.76 48.88
N ALA W 64 14.66 94.92 49.44
CA ALA W 64 14.65 94.60 50.86
C ALA W 64 16.02 94.87 51.45
N VAL W 65 16.06 95.55 52.59
CA VAL W 65 17.27 95.77 53.35
C VAL W 65 17.18 94.98 54.64
N LEU W 66 18.14 94.08 54.86
CA LEU W 66 18.15 93.21 56.03
C LEU W 66 19.21 93.71 57.01
N LEU W 67 18.75 94.18 58.17
CA LEU W 67 19.61 94.69 59.24
C LEU W 67 19.37 93.83 60.46
N ASP W 68 20.42 93.19 60.97
CA ASP W 68 20.35 92.46 62.22
C ASP W 68 21.62 92.69 63.02
N LEU W 69 21.46 92.74 64.34
CA LEU W 69 22.58 92.82 65.26
C LEU W 69 23.12 91.46 65.65
N GLU W 70 22.48 90.37 65.21
CA GLU W 70 22.95 89.02 65.47
C GLU W 70 23.20 88.30 64.15
N PRO W 71 24.32 87.58 64.03
CA PRO W 71 24.66 86.98 62.72
C PRO W 71 23.78 85.81 62.34
N ARG W 72 23.12 85.16 63.29
CA ARG W 72 22.51 83.86 63.03
C ARG W 72 21.50 83.94 61.88
N VAL W 73 20.65 84.96 61.90
CA VAL W 73 19.56 85.05 60.94
C VAL W 73 20.07 85.50 59.58
N ILE W 74 20.96 86.49 59.55
CA ILE W 74 21.55 86.92 58.28
C ILE W 74 22.27 85.76 57.61
N HIS W 75 23.08 85.03 58.38
CA HIS W 75 23.75 83.84 57.82
C HIS W 75 22.75 82.79 57.35
N SER W 76 21.64 82.60 58.07
CA SER W 76 20.63 81.67 57.60
C SER W 76 19.99 82.12 56.29
N ILE W 77 19.77 83.43 56.14
CA ILE W 77 19.19 83.91 54.90
C ILE W 77 20.18 83.74 53.75
N LEU W 78 21.43 84.13 53.97
CA LEU W 78 22.43 83.99 52.91
C LEU W 78 22.74 82.54 52.61
N ASN W 79 22.41 81.61 53.51
CA ASN W 79 22.56 80.18 53.23
C ASN W 79 21.25 79.54 52.80
N SER W 80 20.18 80.31 52.66
CA SER W 80 18.90 79.79 52.24
C SER W 80 18.80 79.75 50.73
N PRO W 81 17.83 79.02 50.20
CA PRO W 81 17.57 79.08 48.74
C PRO W 81 17.22 80.46 48.24
N TYR W 82 16.82 81.38 49.11
CA TYR W 82 16.42 82.72 48.73
C TYR W 82 17.57 83.72 48.81
N ALA W 83 18.79 83.25 48.97
CA ALA W 83 19.93 84.16 49.08
C ALA W 83 20.05 85.03 47.84
N LYS W 84 19.71 84.49 46.68
CA LYS W 84 19.79 85.24 45.43
C LYS W 84 18.59 86.15 45.23
N LEU W 85 17.56 86.02 46.08
CA LEU W 85 16.39 86.88 45.95
C LEU W 85 16.71 88.32 46.31
N TYR W 86 17.51 88.52 47.36
CA TYR W 86 17.76 89.87 47.85
C TYR W 86 18.87 90.53 47.03
N ASN W 87 18.74 91.83 46.81
CA ASN W 87 19.83 92.62 46.26
C ASN W 87 20.98 92.65 47.27
N PRO W 88 22.16 92.14 46.94
CA PRO W 88 23.27 92.19 47.91
C PRO W 88 23.68 93.60 48.33
N GLU W 89 23.52 94.60 47.47
CA GLU W 89 23.88 95.97 47.84
C GLU W 89 22.93 96.59 48.85
N ASN W 90 21.77 95.99 49.08
CA ASN W 90 20.80 96.47 50.05
C ASN W 90 20.90 95.79 51.41
N ILE W 91 21.93 94.99 51.66
CA ILE W 91 22.06 94.28 52.94
C ILE W 91 23.18 94.93 53.75
N TYR W 92 22.79 95.54 54.86
CA TYR W 92 23.70 96.04 55.88
C TYR W 92 23.73 95.04 57.04
N LEU W 93 24.93 94.66 57.47
CA LEU W 93 25.11 93.83 58.66
C LEU W 93 26.13 94.48 59.56
N SER W 94 25.75 94.73 60.81
CA SER W 94 26.68 95.31 61.77
C SER W 94 27.87 94.39 61.99
N GLU W 95 29.07 94.96 61.82
CA GLU W 95 30.30 94.22 62.11
C GLU W 95 30.46 93.91 63.59
N HIS W 96 29.83 94.71 64.47
CA HIS W 96 29.85 94.45 65.91
C HIS W 96 28.85 93.36 66.26
N GLY W 97 29.30 92.11 66.16
CA GLY W 97 28.46 90.96 66.42
C GLY W 97 28.04 90.76 67.86
N GLY W 98 28.00 91.84 68.65
CA GLY W 98 27.56 91.76 70.03
C GLY W 98 26.07 91.87 70.22
N GLY W 99 25.34 92.25 69.19
CA GLY W 99 23.92 92.48 69.28
C GLY W 99 23.54 93.53 70.30
N ALA W 100 22.23 93.64 70.49
CA ALA W 100 21.65 94.47 71.53
C ALA W 100 21.43 93.75 72.85
N GLY W 101 21.70 92.45 72.91
CA GLY W 101 21.55 91.73 74.16
C GLY W 101 20.16 91.83 74.76
N ASN W 102 19.14 91.80 73.91
CA ASN W 102 17.75 91.98 74.33
C ASN W 102 17.52 93.30 75.06
N ASN W 103 18.36 94.30 74.83
CA ASN W 103 18.26 95.60 75.46
C ASN W 103 17.84 96.62 74.40
N TRP W 104 16.70 97.27 74.61
CA TRP W 104 16.26 98.31 73.67
C TRP W 104 17.31 99.40 73.51
N ALA W 105 17.90 99.84 74.62
CA ALA W 105 18.90 100.90 74.54
C ALA W 105 20.11 100.43 73.73
N SER W 106 20.50 99.17 73.94
CA SER W 106 21.60 98.59 73.16
C SER W 106 21.23 98.48 71.69
N GLY W 107 20.00 98.09 71.37
CA GLY W 107 19.57 98.06 69.98
C GLY W 107 19.60 99.42 69.33
N PHE W 108 19.22 100.46 70.06
CA PHE W 108 19.31 101.82 69.53
C PHE W 108 20.75 102.20 69.27
N SER W 109 21.63 101.96 70.25
CA SER W 109 23.04 102.23 70.06
C SER W 109 23.62 101.42 68.90
N GLN W 110 23.15 100.19 68.70
CA GLN W 110 23.59 99.40 67.56
C GLN W 110 23.11 99.98 66.24
N GLY W 111 21.87 100.45 66.18
CA GLY W 111 21.41 101.16 65.00
C GLY W 111 22.28 102.37 64.70
N GLU W 112 22.70 103.08 65.75
CA GLU W 112 23.65 104.17 65.58
C GLU W 112 25.00 103.67 65.09
N LYS W 113 25.44 102.51 65.57
CA LYS W 113 26.75 101.98 65.20
C LYS W 113 26.75 101.52 63.74
N ILE W 114 25.63 101.03 63.25
CA ILE W 114 25.52 100.55 61.89
C ILE W 114 24.77 101.56 61.02
N HIS W 115 24.69 102.80 61.49
CA HIS W 115 23.96 103.85 60.79
C HIS W 115 24.47 104.00 59.37
N GLU W 116 25.79 104.13 59.20
CA GLU W 116 26.34 104.39 57.88
C GLU W 116 25.98 103.26 56.92
N ASP W 117 26.21 102.01 57.32
CA ASP W 117 25.86 100.91 56.42
C ASP W 117 24.38 100.93 56.08
N ILE W 118 23.53 101.18 57.09
CA ILE W 118 22.09 101.17 56.87
C ILE W 118 21.66 102.37 56.04
N PHE W 119 22.17 103.55 56.35
CA PHE W 119 21.71 104.73 55.63
C PHE W 119 22.28 104.75 54.22
N ASP W 120 23.48 104.19 54.03
CA ASP W 120 24.01 103.99 52.69
C ASP W 120 23.12 103.05 51.88
N ILE W 121 22.61 102.00 52.51
CA ILE W 121 21.71 101.10 51.80
C ILE W 121 20.41 101.82 51.46
N ILE W 122 19.85 102.52 52.44
CA ILE W 122 18.56 103.20 52.23
C ILE W 122 18.69 104.25 51.13
N ASP W 123 19.78 105.02 51.14
CA ASP W 123 19.98 106.04 50.13
C ASP W 123 20.22 105.43 48.75
N ARG W 124 21.00 104.35 48.69
CA ARG W 124 21.18 103.65 47.43
C ARG W 124 19.85 103.18 46.87
N GLU W 125 18.99 102.61 47.71
CA GLU W 125 17.68 102.15 47.25
C GLU W 125 16.76 103.31 46.87
N ALA W 126 16.84 104.42 47.59
CA ALA W 126 16.00 105.56 47.26
C ALA W 126 16.40 106.12 45.90
N ASP W 127 17.69 106.28 45.66
CA ASP W 127 18.10 106.75 44.34
C ASP W 127 17.84 105.70 43.27
N GLY W 128 17.90 104.41 43.61
CA GLY W 128 17.56 103.34 42.70
C GLY W 128 16.09 103.07 42.50
N SER W 129 15.20 103.87 43.08
CA SER W 129 13.77 103.70 42.89
C SER W 129 13.24 104.81 42.00
N ASP W 130 12.50 104.43 40.94
CA ASP W 130 11.98 105.44 40.02
C ASP W 130 10.89 106.29 40.67
N SER W 131 10.01 105.66 41.44
CA SER W 131 8.92 106.35 42.12
C SER W 131 8.70 105.68 43.47
N LEU W 132 9.73 105.68 44.30
CA LEU W 132 9.63 105.17 45.66
C LEU W 132 8.39 105.70 46.34
N GLU W 133 7.51 104.80 46.77
CA GLU W 133 6.32 105.25 47.47
C GLU W 133 6.63 105.48 48.94
N GLY W 134 7.40 104.60 49.55
CA GLY W 134 7.75 104.76 50.95
C GLY W 134 8.52 103.57 51.47
N PHE W 135 8.75 103.59 52.78
CA PHE W 135 9.44 102.51 53.47
C PHE W 135 8.48 101.83 54.44
N VAL W 136 8.56 100.50 54.48
CA VAL W 136 7.89 99.68 55.47
C VAL W 136 8.95 99.04 56.35
N LEU W 137 8.98 99.39 57.63
CA LEU W 137 9.93 98.81 58.56
C LEU W 137 9.22 97.67 59.28
N CYS W 138 9.74 96.45 59.14
CA CYS W 138 9.25 95.27 59.83
C CYS W 138 10.23 94.91 60.93
N HIS W 139 9.78 95.05 62.17
CA HIS W 139 10.64 94.85 63.32
C HIS W 139 9.77 94.44 64.51
N SER W 140 10.43 93.96 65.57
CA SER W 140 9.78 93.69 66.84
C SER W 140 10.16 94.72 67.89
N ILE W 141 9.17 95.13 68.68
CA ILE W 141 9.35 96.10 69.75
C ILE W 141 9.96 95.51 71.01
N ALA W 142 10.03 94.18 71.13
CA ALA W 142 10.40 93.55 72.39
C ALA W 142 11.85 93.10 72.44
N GLY W 143 12.50 92.87 71.31
CA GLY W 143 13.87 92.43 71.34
C GLY W 143 14.77 93.58 71.75
N GLY W 144 16.07 93.36 71.62
CA GLY W 144 16.99 94.45 71.80
C GLY W 144 17.26 95.16 70.49
N THR W 145 17.73 94.41 69.49
CA THR W 145 18.05 94.99 68.20
C THR W 145 16.80 95.49 67.51
N GLY W 146 15.83 94.60 67.29
CA GLY W 146 14.62 94.99 66.59
C GLY W 146 13.85 96.09 67.29
N SER W 147 13.98 96.18 68.61
CA SER W 147 13.24 97.20 69.34
C SER W 147 14.00 98.53 69.33
N GLY W 148 15.24 98.52 69.80
CA GLY W 148 15.99 99.75 69.90
C GLY W 148 16.30 100.27 68.52
N LEU W 149 16.94 99.41 67.73
CA LEU W 149 17.26 99.76 66.34
C LEU W 149 16.00 100.02 65.54
N GLY W 150 14.90 99.30 65.82
CA GLY W 150 13.65 99.60 65.14
C GLY W 150 13.11 100.99 65.43
N SER W 151 13.16 101.41 66.69
CA SER W 151 12.76 102.77 67.04
C SER W 151 13.69 103.80 66.40
N TYR W 152 14.98 103.51 66.41
CA TYR W 152 15.94 104.38 65.75
C TYR W 152 15.63 104.52 64.27
N LEU W 153 15.37 103.40 63.59
CA LEU W 153 15.07 103.44 62.17
C LEU W 153 13.75 104.16 61.89
N LEU W 154 12.74 103.98 62.74
CA LEU W 154 11.51 104.75 62.58
C LEU W 154 11.76 106.24 62.68
N GLU W 155 12.56 106.64 63.68
CA GLU W 155 12.94 108.04 63.81
C GLU W 155 13.69 108.52 62.57
N ARG W 156 14.66 107.75 62.11
CA ARG W 156 15.51 108.19 61.01
C ARG W 156 14.74 108.24 59.70
N LEU W 157 13.79 107.33 59.49
CA LEU W 157 12.94 107.40 58.31
C LEU W 157 12.04 108.63 58.38
N ASN W 158 11.51 108.95 59.56
CA ASN W 158 10.69 110.15 59.71
C ASN W 158 11.52 111.41 59.45
N ASP W 159 12.78 111.40 59.88
CA ASP W 159 13.66 112.55 59.66
C ASP W 159 14.09 112.67 58.20
N ARG W 160 14.45 111.55 57.56
CA ARG W 160 15.00 111.60 56.21
C ARG W 160 13.91 111.83 55.18
N TYR W 161 12.71 111.30 55.40
CA TYR W 161 11.62 111.39 54.43
C TYR W 161 10.43 112.03 55.12
N PRO W 162 10.61 113.25 55.68
CA PRO W 162 9.56 113.81 56.51
C PRO W 162 8.29 114.14 55.74
N LYS W 163 8.33 114.08 54.41
CA LYS W 163 7.16 114.27 53.58
C LYS W 163 6.69 112.95 52.99
N LYS W 164 7.40 111.87 53.26
CA LYS W 164 7.10 110.55 52.76
C LYS W 164 6.50 109.74 53.90
N LEU W 165 5.55 108.87 53.59
CA LEU W 165 5.00 108.05 54.65
C LEU W 165 6.04 107.04 55.12
N VAL W 166 6.03 106.78 56.42
CA VAL W 166 6.84 105.76 57.05
C VAL W 166 5.85 104.79 57.67
N GLN W 167 5.68 103.61 57.07
CA GLN W 167 4.84 102.59 57.69
C GLN W 167 5.72 101.57 58.38
N THR W 168 5.24 101.10 59.53
CA THR W 168 5.92 100.05 60.27
C THR W 168 4.99 98.86 60.42
N TYR W 169 5.59 97.67 60.38
CA TYR W 169 4.98 96.43 60.88
C TYR W 169 5.70 96.16 62.19
N SER W 170 5.10 96.62 63.27
CA SER W 170 5.73 96.59 64.59
C SER W 170 5.13 95.42 65.36
N VAL W 171 5.97 94.46 65.72
CA VAL W 171 5.53 93.28 66.47
C VAL W 171 5.50 93.65 67.94
N PHE W 172 4.32 93.61 68.53
CA PHE W 172 4.19 93.88 69.96
C PHE W 172 4.45 92.60 70.75
N PRO W 173 5.14 92.70 71.88
CA PRO W 173 5.44 91.49 72.65
C PRO W 173 4.18 90.92 73.28
N ASN W 174 4.28 89.65 73.64
CA ASN W 174 3.19 89.02 74.36
C ASN W 174 3.06 89.66 75.73
N GLN W 175 1.86 90.14 76.04
CA GLN W 175 1.64 90.77 77.34
C GLN W 175 1.38 89.73 78.42
N ASP W 176 0.98 88.52 78.03
CA ASP W 176 0.56 87.50 78.98
C ASP W 176 1.71 86.61 79.41
N GLU W 177 2.80 86.56 78.65
CA GLU W 177 3.97 85.77 79.01
C GLU W 177 5.06 86.67 79.56
N MET W 178 5.79 86.16 80.56
CA MET W 178 7.00 86.81 81.06
C MET W 178 8.05 86.93 79.97
N SER W 179 8.32 88.16 79.51
CA SER W 179 9.36 88.38 78.53
C SER W 179 10.71 87.94 79.10
N ASP W 180 11.44 87.13 78.31
CA ASP W 180 12.82 86.80 78.66
C ASP W 180 13.70 88.03 78.73
N VAL W 181 13.28 89.14 78.14
CA VAL W 181 14.00 90.40 78.14
C VAL W 181 13.41 91.26 79.25
N VAL W 182 14.11 91.34 80.39
CA VAL W 182 13.58 92.10 81.52
C VAL W 182 13.39 93.55 81.12
N VAL W 183 14.10 94.02 80.10
CA VAL W 183 13.93 95.38 79.61
C VAL W 183 12.94 95.40 78.46
N GLN W 184 12.37 94.25 78.11
CA GLN W 184 11.42 94.18 77.01
C GLN W 184 10.32 95.21 77.17
N PRO W 185 9.79 95.46 78.37
CA PRO W 185 8.74 96.49 78.49
C PRO W 185 9.25 97.85 78.07
N TYR W 186 10.52 98.16 78.37
CA TYR W 186 11.12 99.40 77.91
C TYR W 186 11.21 99.45 76.40
N ASN W 187 11.70 98.36 75.79
CA ASN W 187 11.77 98.30 74.34
C ASN W 187 10.39 98.49 73.71
N SER W 188 9.38 97.84 74.29
CA SER W 188 8.02 97.93 73.78
C SER W 188 7.50 99.35 73.89
N LEU W 189 7.76 100.00 75.02
CA LEU W 189 7.29 101.37 75.19
C LEU W 189 7.97 102.30 74.18
N LEU W 190 9.28 102.14 73.99
CA LEU W 190 9.98 102.96 73.01
C LEU W 190 9.45 102.75 71.59
N THR W 191 9.16 101.50 71.23
CA THR W 191 8.62 101.26 69.90
C THR W 191 7.21 101.83 69.76
N LEU W 192 6.36 101.66 70.79
CA LEU W 192 5.02 102.24 70.73
C LEU W 192 5.09 103.77 70.65
N LYS W 193 6.02 104.37 71.38
CA LYS W 193 6.25 105.81 71.30
C LYS W 193 6.60 106.22 69.88
N ARG W 194 7.51 105.49 69.23
CA ARG W 194 7.93 105.89 67.89
C ARG W 194 6.83 105.67 66.86
N LEU W 195 6.08 104.57 66.97
CA LEU W 195 4.91 104.41 66.12
C LEU W 195 3.88 105.51 66.31
N THR W 196 3.62 105.90 67.57
CA THR W 196 2.61 106.93 67.83
C THR W 196 3.05 108.33 67.40
N GLN W 197 4.35 108.65 67.53
CA GLN W 197 4.77 110.03 67.31
C GLN W 197 5.44 110.27 65.97
N ASN W 198 6.09 109.26 65.39
CA ASN W 198 6.97 109.45 64.26
C ASN W 198 6.64 108.55 63.07
N ALA W 199 5.59 107.75 63.16
CA ALA W 199 5.14 106.91 62.07
C ALA W 199 3.78 107.39 61.58
N ASP W 200 3.57 107.28 60.26
CA ASP W 200 2.28 107.61 59.69
C ASP W 200 1.30 106.46 59.84
N CYS W 201 1.80 105.23 59.92
CA CYS W 201 0.95 104.06 60.05
C CYS W 201 1.74 102.96 60.75
N VAL W 202 1.18 102.43 61.84
CA VAL W 202 1.80 101.36 62.61
C VAL W 202 0.86 100.17 62.53
N VAL W 203 1.31 99.10 61.87
CA VAL W 203 0.60 97.82 61.86
C VAL W 203 1.02 97.06 63.12
N VAL W 204 0.09 96.90 64.05
CA VAL W 204 0.37 96.24 65.32
C VAL W 204 0.31 94.73 65.10
N LEU W 205 1.41 94.06 65.41
CA LEU W 205 1.50 92.61 65.36
C LEU W 205 1.61 92.13 66.81
N ASP W 206 0.49 91.71 67.37
CA ASP W 206 0.42 91.28 68.76
C ASP W 206 0.73 89.79 68.79
N ASN W 207 1.85 89.43 69.40
CA ASN W 207 2.23 88.02 69.48
C ASN W 207 1.17 87.20 70.20
N THR W 208 0.46 87.78 71.17
CA THR W 208 -0.61 87.04 71.84
C THR W 208 -1.71 86.67 70.87
N ALA W 209 -2.17 87.64 70.07
CA ALA W 209 -3.23 87.38 69.11
C ALA W 209 -2.76 86.49 67.98
N LEU W 210 -1.53 86.68 67.51
CA LEU W 210 -1.00 85.84 66.45
C LEU W 210 -0.87 84.38 66.90
N ASN W 211 -0.35 84.16 68.11
CA ASN W 211 -0.29 82.82 68.67
C ASN W 211 -1.68 82.21 68.80
N ARG W 212 -2.62 82.98 69.36
CA ARG W 212 -4.00 82.50 69.47
C ARG W 212 -4.56 82.10 68.11
N ILE W 213 -4.35 82.92 67.08
CA ILE W 213 -4.86 82.61 65.74
C ILE W 213 -4.20 81.35 65.19
N ALA W 214 -2.87 81.26 65.32
CA ALA W 214 -2.16 80.10 64.80
C ALA W 214 -2.60 78.81 65.47
N THR W 215 -2.82 78.84 66.78
CA THR W 215 -3.25 77.65 67.49
C THR W 215 -4.70 77.31 67.18
N ASP W 216 -5.61 78.27 67.32
CA ASP W 216 -7.04 77.98 67.25
C ASP W 216 -7.49 77.71 65.82
N ARG W 217 -6.86 78.32 64.83
CA ARG W 217 -7.37 78.33 63.47
C ARG W 217 -6.56 77.48 62.51
N LEU W 218 -5.25 77.40 62.69
CA LEU W 218 -4.40 76.55 61.86
C LEU W 218 -4.29 75.13 62.40
N HIS W 219 -4.89 74.86 63.55
CA HIS W 219 -4.83 73.54 64.18
C HIS W 219 -3.39 73.14 64.46
N ILE W 220 -2.57 74.14 64.77
CA ILE W 220 -1.18 73.94 65.15
C ILE W 220 -1.15 73.76 66.66
N GLN W 221 -0.86 72.56 67.13
CA GLN W 221 -0.68 72.34 68.55
C GLN W 221 0.63 72.99 68.97
N ASN W 222 0.55 73.98 69.86
CA ASN W 222 1.73 74.74 70.21
C ASN W 222 2.25 75.36 68.93
N PRO W 223 1.59 76.39 68.41
CA PRO W 223 2.04 76.97 67.14
C PRO W 223 3.45 77.50 67.26
N SER W 224 4.29 77.10 66.31
CA SER W 224 5.64 77.60 66.21
C SER W 224 5.71 78.99 65.58
N PHE W 225 6.81 79.68 65.86
CA PHE W 225 7.07 80.96 65.20
C PHE W 225 7.04 80.80 63.70
N SER W 226 7.46 79.65 63.19
CA SER W 226 7.41 79.42 61.74
C SER W 226 5.97 79.48 61.23
N GLN W 227 5.02 78.89 61.97
CA GLN W 227 3.63 78.95 61.54
C GLN W 227 3.06 80.36 61.66
N ILE W 228 3.47 81.08 62.70
CA ILE W 228 3.05 82.48 62.82
C ILE W 228 3.59 83.29 61.65
N ASN W 229 4.87 83.10 61.31
CA ASN W 229 5.47 83.81 60.19
C ASN W 229 4.85 83.40 58.86
N GLN W 230 4.39 82.15 58.73
CA GLN W 230 3.65 81.76 57.53
C GLN W 230 2.34 82.52 57.44
N LEU W 231 1.67 82.73 58.57
CA LEU W 231 0.48 83.57 58.57
C LEU W 231 0.84 85.01 58.21
N VAL W 232 1.94 85.50 58.75
CA VAL W 232 2.41 86.85 58.43
C VAL W 232 2.69 86.98 56.93
N SER W 233 3.37 86.00 56.35
CA SER W 233 3.67 86.04 54.92
C SER W 233 2.39 85.99 54.10
N THR W 234 1.40 85.22 54.54
CA THR W 234 0.10 85.25 53.88
C THR W 234 -0.51 86.64 53.94
N ILE W 235 -0.37 87.30 55.09
CA ILE W 235 -0.90 88.66 55.25
C ILE W 235 -0.18 89.61 54.31
N MET W 236 1.15 89.51 54.25
CA MET W 236 1.93 90.38 53.38
C MET W 236 1.57 90.16 51.91
N SER W 237 1.31 88.92 51.51
CA SER W 237 0.85 88.67 50.14
C SER W 237 -0.52 89.31 49.92
N ALA W 238 -1.42 89.20 50.89
CA ALA W 238 -2.72 89.80 50.70
C ALA W 238 -2.60 91.32 50.66
N SER W 239 -1.64 91.87 51.42
CA SER W 239 -1.43 93.31 51.42
C SER W 239 -0.86 93.77 50.07
N THR W 240 -0.13 92.90 49.39
CA THR W 240 0.44 93.27 48.11
C THR W 240 -0.46 92.86 46.96
N THR W 241 -1.62 92.28 47.25
CA THR W 241 -2.49 91.79 46.19
C THR W 241 -3.00 92.94 45.32
N THR W 242 -3.27 94.10 45.92
CA THR W 242 -3.71 95.26 45.16
C THR W 242 -2.60 95.85 44.31
N LEU W 243 -1.35 95.59 44.68
CA LEU W 243 -0.20 95.94 43.85
C LEU W 243 -0.02 94.94 42.71
N ARG W 244 -0.21 93.66 43.01
CA ARG W 244 0.05 92.61 42.03
C ARG W 244 -1.09 92.46 41.03
N TYR W 245 -2.32 92.80 41.40
CA TYR W 245 -3.40 92.72 40.44
C TYR W 245 -3.92 94.12 40.14
N PRO W 246 -3.72 94.63 38.93
CA PRO W 246 -4.12 96.01 38.61
C PRO W 246 -5.63 96.17 38.70
N GLY W 247 -6.07 97.09 39.57
CA GLY W 247 -7.47 97.43 39.68
C GLY W 247 -7.77 98.86 39.26
N TYR W 248 -9.01 99.27 39.51
CA TYR W 248 -9.44 100.63 39.21
C TYR W 248 -9.26 101.59 40.37
N MET W 249 -9.20 101.10 41.61
CA MET W 249 -9.16 101.98 42.76
C MET W 249 -8.24 101.40 43.83
N ASN W 250 -7.65 102.30 44.61
CA ASN W 250 -6.78 101.93 45.72
C ASN W 250 -5.65 101.01 45.26
N ASN W 251 -4.97 101.42 44.20
CA ASN W 251 -3.87 100.64 43.65
C ASN W 251 -2.53 100.98 44.29
N ASP W 252 -2.51 101.87 45.30
CA ASP W 252 -1.26 102.25 45.93
C ASP W 252 -1.36 102.25 47.46
N LEU W 253 -0.18 102.12 48.06
CA LEU W 253 -0.10 102.06 49.52
C LEU W 253 -0.47 103.41 50.11
N ILE W 254 -0.12 104.50 49.42
CA ILE W 254 -0.49 105.83 49.91
C ILE W 254 -2.01 105.89 50.09
N GLY W 255 -2.75 105.45 49.07
CA GLY W 255 -4.20 105.45 49.16
C GLY W 255 -4.72 104.53 50.25
N LEU W 256 -4.07 103.38 50.43
CA LEU W 256 -4.45 102.48 51.51
C LEU W 256 -4.29 103.19 52.86
N ILE W 257 -3.13 103.81 53.08
CA ILE W 257 -2.86 104.47 54.36
C ILE W 257 -3.86 105.59 54.58
N ALA W 258 -4.08 106.43 53.56
CA ALA W 258 -5.03 107.53 53.72
C ALA W 258 -6.42 107.01 54.04
N SER W 259 -6.77 105.82 53.54
CA SER W 259 -8.05 105.21 53.87
C SER W 259 -8.06 104.63 55.28
N LEU W 260 -6.88 104.28 55.81
CA LEU W 260 -6.78 103.54 57.07
C LEU W 260 -6.46 104.40 58.28
N ILE W 261 -5.85 105.56 58.10
CA ILE W 261 -5.31 106.36 59.19
C ILE W 261 -5.97 107.73 59.12
N PRO W 262 -7.18 107.87 59.68
CA PRO W 262 -7.84 109.17 59.68
C PRO W 262 -7.25 110.19 60.64
N THR W 263 -6.50 109.76 61.65
CA THR W 263 -5.91 110.68 62.63
C THR W 263 -4.40 110.49 62.64
N PRO W 264 -3.62 111.50 62.23
CA PRO W 264 -2.19 111.25 62.02
C PRO W 264 -1.51 110.72 63.26
N ARG W 265 -1.91 111.18 64.44
CA ARG W 265 -1.34 110.65 65.66
C ARG W 265 -1.91 109.28 65.97
N LEU W 266 -3.14 109.03 65.50
CA LEU W 266 -3.82 107.75 65.70
C LEU W 266 -3.52 106.84 64.51
N HIS W 267 -2.24 106.52 64.35
CA HIS W 267 -1.73 105.85 63.17
C HIS W 267 -1.46 104.37 63.42
N PHE W 268 -1.98 103.81 64.50
CA PHE W 268 -1.82 102.39 64.79
C PHE W 268 -2.93 101.63 64.08
N LEU W 269 -2.55 100.81 63.10
CA LEU W 269 -3.48 100.05 62.28
C LEU W 269 -3.52 98.61 62.76
N MET W 270 -4.72 98.05 62.91
CA MET W 270 -4.85 96.63 63.12
C MET W 270 -4.97 95.89 61.80
N THR W 271 -4.41 94.68 61.76
CA THR W 271 -4.44 93.81 60.61
C THR W 271 -5.34 92.61 60.89
N GLY W 272 -5.93 92.07 59.84
CA GLY W 272 -6.61 90.79 59.93
C GLY W 272 -6.41 89.95 58.69
N TYR W 273 -6.26 88.64 58.86
CA TYR W 273 -5.94 87.74 57.77
C TYR W 273 -6.89 86.55 57.80
N THR W 274 -7.24 86.07 56.60
CA THR W 274 -8.04 84.88 56.41
C THR W 274 -7.69 84.27 55.06
N PRO W 275 -7.66 82.93 54.94
CA PRO W 275 -7.91 81.91 55.96
C PRO W 275 -6.75 81.69 56.93
N LEU W 276 -7.07 81.35 58.17
CA LEU W 276 -6.08 80.89 59.16
C LEU W 276 -6.36 79.41 59.35
N THR W 277 -5.74 78.59 58.51
CA THR W 277 -5.96 77.14 58.54
C THR W 277 -4.69 76.37 58.19
N LYS W 287 -17.57 76.61 49.25
CA LYS W 287 -17.58 77.89 48.56
C LYS W 287 -17.92 79.02 49.53
N THR W 288 -16.90 79.73 49.98
CA THR W 288 -17.09 80.88 50.84
C THR W 288 -17.79 82.01 50.09
N THR W 289 -18.97 82.38 50.55
CA THR W 289 -19.74 83.47 49.97
C THR W 289 -19.25 84.76 50.61
N VAL W 290 -19.53 85.88 49.95
CA VAL W 290 -19.20 87.16 50.58
C VAL W 290 -19.77 87.24 51.99
N LEU W 291 -21.03 86.85 52.15
CA LEU W 291 -21.66 86.84 53.46
C LEU W 291 -21.03 85.82 54.41
N ASP W 292 -20.69 84.63 53.92
CA ASP W 292 -20.06 83.65 54.80
C ASP W 292 -18.66 84.07 55.20
N VAL W 293 -17.92 84.66 54.28
CA VAL W 293 -16.61 85.22 54.58
C VAL W 293 -16.75 86.27 55.67
N MET W 294 -17.64 87.24 55.47
CA MET W 294 -17.80 88.30 56.46
C MET W 294 -18.22 87.74 57.81
N ARG W 295 -19.07 86.71 57.83
CA ARG W 295 -19.46 86.10 59.08
C ARG W 295 -18.30 85.41 59.77
N ARG W 296 -17.44 84.72 59.02
CA ARG W 296 -16.26 84.11 59.63
C ARG W 296 -15.27 85.18 60.10
N LEU W 297 -15.09 86.23 59.29
CA LEU W 297 -14.22 87.33 59.64
C LEU W 297 -14.67 87.98 60.94
N LEU W 298 -15.98 88.03 61.17
CA LEU W 298 -16.47 88.64 62.39
C LEU W 298 -16.15 87.80 63.63
N GLN W 299 -15.56 86.62 63.46
CA GLN W 299 -15.19 85.83 64.61
C GLN W 299 -13.92 86.41 65.22
N PRO W 300 -13.89 86.69 66.52
CA PRO W 300 -12.69 87.31 67.13
C PRO W 300 -11.39 86.55 66.90
N LYS W 301 -11.45 85.23 66.71
CA LYS W 301 -10.24 84.43 66.52
C LYS W 301 -9.49 84.74 65.23
N ASN W 302 -10.06 85.52 64.32
CA ASN W 302 -9.38 85.87 63.07
C ASN W 302 -8.85 87.29 63.01
N VAL W 303 -9.03 88.10 64.05
CA VAL W 303 -8.44 89.44 64.05
C VAL W 303 -6.98 89.35 64.48
N MET W 304 -6.10 89.99 63.70
CA MET W 304 -4.66 89.90 63.89
C MET W 304 -4.10 91.06 64.71
N VAL W 305 -4.92 91.66 65.58
CA VAL W 305 -4.47 92.74 66.45
C VAL W 305 -5.00 92.51 67.84
N SER W 306 -4.13 92.55 68.85
CA SER W 306 -4.54 92.39 70.23
C SER W 306 -5.03 93.73 70.73
N THR W 307 -6.34 93.95 70.61
CA THR W 307 -6.99 95.12 71.17
C THR W 307 -7.72 94.70 72.44
N GLY W 308 -7.56 95.48 73.51
CA GLY W 308 -8.30 95.21 74.73
C GLY W 308 -9.80 95.30 74.54
N HIS W 315 -14.36 99.78 73.40
CA HIS W 315 -13.64 99.93 72.14
C HIS W 315 -14.56 99.70 70.96
N CYS W 316 -14.22 100.33 69.83
CA CYS W 316 -15.05 100.25 68.64
C CYS W 316 -14.14 100.24 67.42
N TYR W 317 -14.69 99.77 66.31
CA TYR W 317 -14.02 99.85 65.03
C TYR W 317 -14.17 101.27 64.48
N ILE W 318 -13.07 101.87 64.05
CA ILE W 318 -13.17 103.11 63.29
C ILE W 318 -13.56 102.83 61.85
N ALA W 319 -12.84 101.91 61.20
CA ALA W 319 -13.14 101.54 59.82
C ALA W 319 -12.71 100.11 59.58
N ILE W 320 -13.35 99.46 58.62
CA ILE W 320 -12.98 98.11 58.19
C ILE W 320 -12.95 98.08 56.68
N LEU W 321 -11.84 97.58 56.12
CA LEU W 321 -11.75 97.25 54.70
C LEU W 321 -11.54 95.76 54.57
N ASN W 322 -12.42 95.09 53.83
CA ASN W 322 -12.22 93.70 53.46
C ASN W 322 -11.80 93.62 52.00
N ILE W 323 -10.56 93.19 51.78
CA ILE W 323 -10.05 92.88 50.45
C ILE W 323 -10.27 91.39 50.22
N ILE W 324 -11.18 91.04 49.32
CA ILE W 324 -11.49 89.66 49.01
C ILE W 324 -10.88 89.33 47.66
N GLN W 325 -9.99 88.35 47.64
CA GLN W 325 -9.26 87.93 46.45
C GLN W 325 -9.78 86.58 45.98
N GLY W 326 -10.11 86.48 44.69
CA GLY W 326 -10.53 85.28 44.03
C GLY W 326 -11.81 85.50 43.25
N GLU W 327 -12.43 84.39 42.85
CA GLU W 327 -13.67 84.42 42.07
C GLU W 327 -14.83 84.77 43.00
N VAL W 328 -15.24 86.03 42.95
CA VAL W 328 -16.28 86.56 43.83
C VAL W 328 -17.41 87.09 42.97
N ASP W 329 -18.63 86.70 43.31
CA ASP W 329 -19.81 87.28 42.68
C ASP W 329 -20.08 88.66 43.27
N PRO W 330 -20.02 89.73 42.48
CA PRO W 330 -20.30 91.05 43.05
C PRO W 330 -21.67 91.13 43.68
N THR W 331 -22.64 90.37 43.16
CA THR W 331 -23.95 90.39 43.79
C THR W 331 -23.90 89.76 45.18
N GLN W 332 -23.01 88.78 45.37
CA GLN W 332 -22.84 88.21 46.70
C GLN W 332 -22.08 89.16 47.60
N VAL W 333 -21.19 89.98 47.03
CA VAL W 333 -20.51 90.99 47.81
C VAL W 333 -21.53 92.02 48.30
N HIS W 334 -22.38 92.49 47.39
CA HIS W 334 -23.42 93.44 47.76
C HIS W 334 -24.36 92.87 48.81
N LYS W 335 -24.80 91.62 48.62
CA LYS W 335 -25.64 90.97 49.62
C LYS W 335 -24.92 90.85 50.97
N SER W 336 -23.61 90.61 50.95
CA SER W 336 -22.90 90.47 52.21
C SER W 336 -22.79 91.81 52.91
N LEU W 337 -22.50 92.87 52.15
CA LEU W 337 -22.49 94.22 52.70
C LEU W 337 -23.84 94.60 53.28
N GLN W 338 -24.92 94.32 52.53
CA GLN W 338 -26.26 94.59 53.03
C GLN W 338 -26.55 93.84 54.33
N ARG W 339 -26.20 92.55 54.38
CA ARG W 339 -26.41 91.79 55.61
C ARG W 339 -25.57 92.31 56.75
N ILE W 340 -24.34 92.75 56.46
CA ILE W 340 -23.47 93.29 57.50
C ILE W 340 -24.06 94.58 58.04
N ARG W 341 -24.59 95.43 57.16
CA ARG W 341 -25.23 96.67 57.60
C ARG W 341 -26.45 96.38 58.44
N GLU W 342 -27.33 95.50 57.96
CA GLU W 342 -28.53 95.21 58.73
C GLU W 342 -28.18 94.61 60.09
N ARG W 343 -27.15 93.77 60.14
CA ARG W 343 -26.74 93.11 61.39
C ARG W 343 -25.83 93.96 62.27
N LYS W 344 -25.43 95.16 61.83
CA LYS W 344 -24.52 96.01 62.59
C LYS W 344 -23.29 95.23 63.05
N LEU W 345 -22.71 94.48 62.11
CA LEU W 345 -21.56 93.64 62.42
C LEU W 345 -20.31 94.43 62.79
N ALA W 346 -20.26 95.73 62.50
CA ALA W 346 -19.13 96.57 62.91
C ALA W 346 -19.61 97.85 63.57
N ASN W 347 -18.98 98.19 64.69
CA ASN W 347 -19.22 99.45 65.38
C ASN W 347 -18.26 100.50 64.85
N PHE W 348 -18.81 101.63 64.42
CA PHE W 348 -18.02 102.71 63.83
C PHE W 348 -17.95 103.90 64.78
N ILE W 349 -16.96 104.76 64.54
CA ILE W 349 -16.81 106.02 65.27
C ILE W 349 -18.13 106.77 65.26
N PRO W 350 -18.55 107.37 66.39
CA PRO W 350 -19.84 108.09 66.39
C PRO W 350 -19.73 109.49 65.81
N TRP W 351 -18.53 110.03 65.68
CA TRP W 351 -18.32 111.40 65.24
C TRP W 351 -18.05 111.49 63.75
N GLY W 352 -18.11 110.36 63.05
CA GLY W 352 -17.89 110.30 61.63
C GLY W 352 -18.66 109.16 61.03
N PRO W 353 -18.77 109.12 59.70
CA PRO W 353 -19.46 108.01 59.06
C PRO W 353 -18.68 106.71 59.18
N ALA W 354 -19.42 105.62 59.30
CA ALA W 354 -18.84 104.29 59.32
C ALA W 354 -18.20 103.96 57.99
N SER W 355 -16.88 103.87 57.97
CA SER W 355 -16.16 103.46 56.76
C SER W 355 -16.05 101.93 56.80
N ILE W 356 -16.87 101.26 56.01
CA ILE W 356 -16.76 99.83 55.78
C ILE W 356 -16.68 99.66 54.27
N GLN W 357 -15.50 99.31 53.76
CA GLN W 357 -15.31 99.04 52.35
C GLN W 357 -15.11 97.56 52.09
N VAL W 358 -15.51 97.14 50.91
CA VAL W 358 -15.27 95.80 50.40
C VAL W 358 -14.68 95.95 49.01
N ALA W 359 -13.46 95.48 48.82
CA ALA W 359 -12.84 95.44 47.50
C ALA W 359 -12.87 94.02 46.97
N LEU W 360 -13.35 93.86 45.74
CA LEU W 360 -13.24 92.59 45.04
C LEU W 360 -11.98 92.64 44.20
N SER W 361 -11.13 91.63 44.38
CA SER W 361 -9.91 91.44 43.63
C SER W 361 -9.82 89.98 43.21
N ARG W 362 -8.98 89.72 42.22
CA ARG W 362 -8.68 88.36 41.82
C ARG W 362 -7.51 87.86 42.65
N LYS W 363 -7.50 86.55 42.91
CA LYS W 363 -6.33 85.96 43.56
C LYS W 363 -5.16 85.85 42.58
N SER W 364 -3.96 85.82 43.13
CA SER W 364 -2.78 85.49 42.34
C SER W 364 -2.97 84.16 41.63
N PRO W 365 -2.71 84.09 40.31
CA PRO W 365 -2.75 82.80 39.62
C PRO W 365 -1.55 81.90 39.93
N TYR W 366 -0.48 82.44 40.50
CA TYR W 366 0.74 81.66 40.69
C TYR W 366 0.78 80.90 42.01
N LEU W 367 -0.03 81.29 42.99
CA LEU W 367 -0.02 80.59 44.27
C LEU W 367 -1.15 79.58 44.28
N PRO W 368 -0.89 78.30 44.58
CA PRO W 368 -1.99 77.34 44.70
C PRO W 368 -2.88 77.69 45.89
N SER W 369 -4.15 77.94 45.59
CA SER W 369 -5.15 78.23 46.61
C SER W 369 -6.15 77.08 46.66
N ALA W 370 -6.19 76.36 47.79
CA ALA W 370 -7.23 75.37 47.98
C ALA W 370 -8.60 76.03 47.99
N HIS W 371 -8.63 77.32 48.34
CA HIS W 371 -9.85 78.10 48.46
C HIS W 371 -9.91 79.02 47.24
N ARG W 372 -11.01 78.93 46.48
CA ARG W 372 -11.16 79.79 45.33
C ARG W 372 -11.11 81.26 45.72
N VAL W 373 -11.47 81.57 46.96
CA VAL W 373 -11.51 82.95 47.45
C VAL W 373 -10.94 82.99 48.86
N SER W 374 -10.02 83.92 49.09
CA SER W 374 -9.54 84.27 50.41
C SER W 374 -9.89 85.73 50.67
N GLY W 375 -9.83 86.13 51.94
CA GLY W 375 -10.07 87.52 52.29
C GLY W 375 -9.20 88.02 53.41
N LEU W 376 -8.73 89.25 53.31
CA LEU W 376 -8.12 89.94 54.44
C LEU W 376 -9.03 91.05 54.92
N MET W 377 -9.16 91.16 56.24
CA MET W 377 -9.81 92.29 56.89
C MET W 377 -8.75 93.17 57.54
N MET W 378 -8.79 94.45 57.23
CA MET W 378 -8.06 95.46 58.00
C MET W 378 -9.07 96.26 58.80
N ALA W 379 -8.90 96.28 60.12
CA ALA W 379 -9.84 96.97 61.00
C ALA W 379 -9.07 97.93 61.89
N ASN W 380 -9.58 99.15 61.98
CA ASN W 380 -9.14 100.16 62.94
C ASN W 380 -10.07 100.10 64.13
N HIS W 381 -9.56 99.68 65.29
CA HIS W 381 -10.40 99.45 66.45
C HIS W 381 -9.75 100.07 67.67
N THR W 382 -10.54 100.83 68.42
CA THR W 382 -10.02 101.67 69.49
C THR W 382 -9.41 100.87 70.63
N SER W 383 -9.72 99.58 70.72
CA SER W 383 -9.15 98.78 71.79
C SER W 383 -7.64 98.59 71.64
N ILE W 384 -7.06 98.97 70.50
CA ILE W 384 -5.60 98.96 70.40
C ILE W 384 -5.01 99.89 71.44
N SER W 385 -5.75 100.93 71.83
CA SER W 385 -5.26 101.76 72.91
C SER W 385 -5.06 100.94 74.16
N SER W 386 -5.93 99.94 74.38
CA SER W 386 -5.75 99.02 75.50
C SER W 386 -4.46 98.23 75.39
N LEU W 387 -4.04 97.91 74.17
CA LEU W 387 -2.75 97.25 73.94
C LEU W 387 -1.60 98.19 74.28
N PHE W 388 -1.72 99.45 73.91
CA PHE W 388 -0.69 100.42 74.25
C PHE W 388 -0.65 100.66 75.76
N GLU W 389 -1.81 100.73 76.40
CA GLU W 389 -1.89 100.78 77.85
C GLU W 389 -1.21 99.58 78.49
N SER W 390 -1.48 98.38 77.97
CA SER W 390 -0.80 97.18 78.47
C SER W 390 0.71 97.28 78.33
N SER W 391 1.19 97.76 77.18
CA SER W 391 2.62 97.94 76.99
C SER W 391 3.19 98.95 77.98
N CYS W 392 2.47 100.05 78.20
CA CYS W 392 2.88 101.05 79.19
C CYS W 392 2.93 100.43 80.59
N GLN W 393 1.93 99.62 80.93
CA GLN W 393 1.91 98.96 82.23
C GLN W 393 3.09 98.01 82.38
N GLN W 394 3.45 97.30 81.32
CA GLN W 394 4.63 96.43 81.39
C GLN W 394 5.90 97.26 81.58
N TYR W 395 6.02 98.37 80.86
CA TYR W 395 7.16 99.27 81.08
C TYR W 395 7.21 99.73 82.53
N ASP W 396 6.08 100.21 83.05
CA ASP W 396 6.04 100.68 84.43
C ASP W 396 6.37 99.57 85.41
N LYS W 397 5.95 98.34 85.10
CA LYS W 397 6.27 97.18 85.92
C LYS W 397 7.77 96.92 85.96
N LEU W 398 8.46 97.13 84.84
CA LEU W 398 9.91 96.93 84.85
C LEU W 398 10.61 98.11 85.52
N ARG W 399 10.23 99.33 85.17
CA ARG W 399 10.89 100.51 85.71
C ARG W 399 10.73 100.57 87.23
N LYS W 400 9.54 100.25 87.75
CA LYS W 400 9.34 100.26 89.19
C LYS W 400 10.24 99.27 89.90
N ARG W 401 10.73 98.26 89.20
CA ARG W 401 11.64 97.29 89.81
C ARG W 401 13.09 97.54 89.41
N GLU W 402 13.34 98.56 88.60
CA GLU W 402 14.68 98.84 88.08
C GLU W 402 15.33 97.58 87.51
N ALA W 403 14.52 96.69 86.93
CA ALA W 403 15.03 95.41 86.50
C ALA W 403 15.86 95.56 85.22
N PHE W 404 17.00 94.88 85.19
CA PHE W 404 17.82 94.80 83.98
C PHE W 404 18.31 96.18 83.53
N LEU W 405 18.42 97.12 84.48
CA LEU W 405 18.84 98.47 84.11
C LEU W 405 20.35 98.64 84.07
N GLU W 406 21.12 97.69 84.58
CA GLU W 406 22.57 97.86 84.59
C GLU W 406 23.10 97.88 83.16
N GLN W 407 22.50 97.06 82.29
CA GLN W 407 22.86 97.04 80.87
C GLN W 407 22.31 98.23 80.12
N PHE W 408 21.16 98.76 80.54
CA PHE W 408 20.64 99.96 79.91
C PHE W 408 21.53 101.15 80.22
N ARG W 409 21.99 101.28 81.46
CA ARG W 409 22.84 102.41 81.79
C ARG W 409 24.13 102.39 80.98
N LYS W 410 24.50 101.24 80.42
CA LYS W 410 25.65 101.18 79.53
C LYS W 410 25.35 101.77 78.16
N GLU W 411 24.08 101.82 77.77
CA GLU W 411 23.69 102.31 76.45
C GLU W 411 23.31 103.79 76.49
N ASP W 412 23.62 104.49 75.39
CA ASP W 412 23.56 105.95 75.39
C ASP W 412 22.15 106.44 75.67
N ILE W 413 21.13 105.75 75.13
CA ILE W 413 19.76 106.17 75.36
C ILE W 413 19.40 106.08 76.84
N PHE W 414 20.08 105.21 77.59
CA PHE W 414 19.82 105.04 79.02
C PHE W 414 21.07 105.32 79.85
N LYS W 415 22.12 105.88 79.24
CA LYS W 415 23.38 106.03 79.97
C LYS W 415 23.26 107.02 81.12
N GLU W 416 22.53 108.11 80.93
CA GLU W 416 22.42 109.14 81.95
C GLU W 416 21.22 108.88 82.86
N ASN W 417 20.09 108.54 82.25
CA ASN W 417 18.84 108.31 82.95
C ASN W 417 18.03 107.32 82.13
N PHE W 418 16.81 107.05 82.58
CA PHE W 418 15.91 106.16 81.88
C PHE W 418 14.80 106.98 81.23
N ASP W 419 15.09 108.26 80.99
CA ASP W 419 14.10 109.17 80.46
C ASP W 419 13.60 108.68 79.11
N GLU W 420 14.43 107.97 78.34
CA GLU W 420 13.93 107.46 77.08
C GLU W 420 12.83 106.41 77.31
N LEU W 421 12.96 105.63 78.38
CA LEU W 421 11.89 104.70 78.76
C LEU W 421 10.66 105.45 79.24
N ASP W 422 10.85 106.49 80.05
CA ASP W 422 9.71 107.22 80.58
C ASP W 422 8.99 107.99 79.47
N ARG W 423 9.76 108.61 78.57
CA ARG W 423 9.20 109.24 77.39
C ARG W 423 8.47 108.24 76.51
N SER W 424 9.01 107.01 76.37
CA SER W 424 8.30 106.00 75.61
C SER W 424 6.98 105.64 76.26
N ARG W 425 6.96 105.54 77.59
CA ARG W 425 5.71 105.28 78.29
C ARG W 425 4.73 106.43 78.12
N GLU W 426 5.23 107.66 78.13
CA GLU W 426 4.38 108.83 77.92
C GLU W 426 3.80 108.83 76.52
N VAL W 427 4.65 108.62 75.51
CA VAL W 427 4.18 108.57 74.12
C VAL W 427 3.14 107.48 73.95
N VAL W 428 3.35 106.31 74.54
CA VAL W 428 2.36 105.24 74.41
C VAL W 428 1.07 105.59 75.17
N GLN W 429 1.19 106.34 76.27
CA GLN W 429 0.00 106.82 76.96
C GLN W 429 -0.76 107.80 76.09
N GLU W 430 -0.06 108.74 75.48
CA GLU W 430 -0.68 109.69 74.55
C GLU W 430 -1.35 108.96 73.40
N LEU W 431 -0.71 107.91 72.87
CA LEU W 431 -1.32 107.10 71.83
C LEU W 431 -2.60 106.45 72.32
N ILE W 432 -2.57 105.87 73.52
CA ILE W 432 -3.78 105.27 74.09
C ILE W 432 -4.89 106.32 74.24
N ASP W 433 -4.53 107.48 74.76
CA ASP W 433 -5.51 108.55 74.98
C ASP W 433 -6.08 109.05 73.66
N GLU W 434 -5.24 109.18 72.64
CA GLU W 434 -5.72 109.56 71.32
C GLU W 434 -6.64 108.50 70.72
N TYR W 435 -6.31 107.23 70.92
CA TYR W 435 -7.22 106.15 70.50
C TYR W 435 -8.55 106.22 71.23
N HIS W 436 -8.54 106.57 72.52
CA HIS W 436 -9.79 106.76 73.24
C HIS W 436 -10.57 107.97 72.73
N ALA W 437 -9.88 109.10 72.49
CA ALA W 437 -10.58 110.22 71.90
C ALA W 437 -11.17 109.84 70.54
N ALA W 438 -10.43 109.08 69.73
CA ALA W 438 -10.99 108.63 68.46
C ALA W 438 -12.13 107.65 68.68
N THR W 439 -12.21 107.06 69.88
CA THR W 439 -13.38 106.26 70.23
C THR W 439 -14.53 107.15 70.67
N ARG W 440 -14.22 108.41 70.95
CA ARG W 440 -15.12 109.40 71.50
C ARG W 440 -15.53 110.38 70.41
N PRO W 441 -16.74 110.97 70.51
CA PRO W 441 -17.09 111.92 69.45
C PRO W 441 -16.16 113.13 69.40
N MET X 1 41.85 108.00 1.14
CA MET X 1 43.26 107.95 1.59
C MET X 1 43.35 107.35 2.99
N PRO X 2 44.33 106.47 3.20
CA PRO X 2 44.58 105.95 4.54
C PRO X 2 44.84 107.06 5.54
N ARG X 3 44.63 106.73 6.81
CA ARG X 3 44.87 107.66 7.93
C ARG X 3 45.82 106.94 8.87
N GLU X 4 47.11 106.97 8.52
CA GLU X 4 48.10 106.21 9.26
C GLU X 4 48.33 106.82 10.63
N ILE X 5 48.55 105.97 11.62
CA ILE X 5 48.85 106.40 12.98
C ILE X 5 50.15 105.73 13.41
N ILE X 6 51.10 106.56 13.84
CA ILE X 6 52.37 106.05 14.36
C ILE X 6 52.25 105.93 15.87
N THR X 7 52.52 104.74 16.41
CA THR X 7 52.48 104.51 17.84
C THR X 7 53.88 104.68 18.40
N LEU X 8 54.05 105.64 19.31
CA LEU X 8 55.32 105.92 19.98
C LEU X 8 55.24 105.36 21.38
N GLN X 9 56.06 104.36 21.68
CA GLN X 9 56.05 103.69 22.98
C GLN X 9 57.24 104.19 23.81
N LEU X 10 56.95 104.90 24.90
CA LEU X 10 57.96 105.60 25.68
C LEU X 10 58.07 104.98 27.07
N GLY X 11 59.28 104.56 27.43
CA GLY X 11 59.55 104.00 28.74
C GLY X 11 58.87 102.67 28.95
N GLN X 12 59.04 102.13 30.15
CA GLN X 12 58.49 100.80 30.46
C GLN X 12 57.00 100.74 30.17
N CYS X 13 56.24 101.68 30.73
CA CYS X 13 54.78 101.66 30.59
C CYS X 13 54.38 101.90 29.14
N GLY X 14 54.98 102.90 28.50
CA GLY X 14 54.66 103.18 27.12
C GLY X 14 54.93 102.00 26.20
N ASN X 15 56.08 101.34 26.39
CA ASN X 15 56.42 100.19 25.58
C ASN X 15 55.48 99.03 25.82
N GLN X 16 55.06 98.83 27.08
CA GLN X 16 54.14 97.73 27.36
C GLN X 16 52.77 98.02 26.78
N ILE X 17 52.33 99.28 26.84
CA ILE X 17 51.05 99.66 26.27
C ILE X 17 51.09 99.55 24.75
N GLY X 18 52.19 99.98 24.13
CA GLY X 18 52.31 99.83 22.69
C GLY X 18 52.32 98.37 22.25
N PHE X 19 53.05 97.52 22.98
CA PHE X 19 53.05 96.10 22.67
C PHE X 19 51.66 95.50 22.79
N GLU X 20 50.94 95.82 23.87
CA GLU X 20 49.58 95.30 24.01
C GLU X 20 48.63 95.90 23.00
N PHE X 21 48.85 97.15 22.58
CA PHE X 21 48.04 97.75 21.53
C PHE X 21 48.21 97.00 20.22
N TRP X 22 49.46 96.73 19.83
CA TRP X 22 49.70 96.00 18.59
C TRP X 22 49.17 94.57 18.68
N LYS X 23 49.33 93.91 19.83
CA LYS X 23 48.73 92.60 20.02
C LYS X 23 47.21 92.65 19.86
N GLN X 24 46.56 93.65 20.46
CA GLN X 24 45.11 93.78 20.34
C GLN X 24 44.70 94.04 18.90
N LEU X 25 45.42 94.90 18.19
CA LEU X 25 45.10 95.16 16.80
C LEU X 25 45.25 93.89 15.96
N CYS X 26 46.34 93.16 16.16
CA CYS X 26 46.54 91.89 15.47
C CYS X 26 45.37 90.95 15.74
N ALA X 27 44.97 90.81 17.01
CA ALA X 27 43.87 89.91 17.34
C ALA X 27 42.54 90.36 16.74
N GLU X 28 42.29 91.67 16.70
CA GLU X 28 41.05 92.18 16.13
C GLU X 28 41.01 92.05 14.62
N HIS X 29 42.16 92.13 13.96
CA HIS X 29 42.22 92.04 12.50
C HIS X 29 42.57 90.65 12.01
N GLY X 30 42.84 89.70 12.90
CA GLY X 30 43.25 88.39 12.49
C GLY X 30 44.61 88.40 11.82
N ILE X 31 45.55 89.17 12.35
CA ILE X 31 46.92 89.25 11.85
C ILE X 31 47.83 88.50 12.82
N SER X 32 48.70 87.66 12.28
CA SER X 32 49.61 86.90 13.13
C SER X 32 50.63 87.82 13.80
N PRO X 33 51.29 87.33 14.86
CA PRO X 33 52.35 88.13 15.49
C PRO X 33 53.50 88.46 14.57
N GLU X 34 53.64 87.75 13.45
CA GLU X 34 54.67 88.04 12.47
C GLU X 34 54.22 89.02 11.40
N GLY X 35 52.98 89.50 11.49
CA GLY X 35 52.45 90.41 10.51
C GLY X 35 51.77 89.73 9.35
N ILE X 36 51.63 88.41 9.37
CA ILE X 36 51.03 87.65 8.29
C ILE X 36 49.53 87.58 8.55
N VAL X 37 48.73 87.79 7.51
CA VAL X 37 47.29 87.67 7.64
C VAL X 37 46.91 86.23 7.93
N GLU X 38 46.14 86.03 9.00
CA GLU X 38 45.61 84.71 9.32
C GLU X 38 44.55 84.29 8.32
N GLU X 39 44.48 82.98 8.06
CA GLU X 39 43.55 82.45 7.08
C GLU X 39 42.12 82.89 7.38
N PHE X 40 41.78 82.99 8.66
CA PHE X 40 40.44 83.40 9.08
C PHE X 40 40.17 84.88 8.85
N ALA X 41 41.17 85.65 8.45
CA ALA X 41 41.06 87.10 8.35
C ALA X 41 41.08 87.59 6.91
N THR X 42 41.01 86.69 5.93
CA THR X 42 41.05 87.10 4.54
C THR X 42 39.83 87.93 4.15
N GLU X 43 38.66 87.67 4.75
CA GLU X 43 37.43 88.37 4.39
C GLU X 43 37.08 89.47 5.39
N GLY X 44 38.08 90.03 6.08
CA GLY X 44 37.79 91.05 7.06
C GLY X 44 37.27 92.33 6.42
N THR X 45 36.38 93.00 7.14
CA THR X 45 35.85 94.30 6.74
C THR X 45 36.67 95.47 7.31
N ASP X 46 37.78 95.20 7.97
CA ASP X 46 38.55 96.27 8.59
C ASP X 46 39.42 97.01 7.58
N ARG X 47 39.58 98.31 7.82
CA ARG X 47 40.48 99.17 7.06
C ARG X 47 41.81 99.14 7.80
N LYS X 48 42.77 98.38 7.28
CA LYS X 48 44.05 98.27 7.94
C LYS X 48 44.93 99.48 7.70
N ASP X 49 44.78 100.17 6.58
CA ASP X 49 45.69 101.26 6.25
C ASP X 49 45.72 102.35 7.33
N VAL X 50 44.67 102.49 8.13
CA VAL X 50 44.70 103.49 9.19
C VAL X 50 45.79 103.20 10.23
N PHE X 51 45.87 101.97 10.72
CA PHE X 51 46.81 101.67 11.80
C PHE X 51 47.93 100.70 11.45
N PHE X 52 47.73 99.85 10.45
CA PHE X 52 48.70 98.88 9.96
C PHE X 52 49.11 99.26 8.55
N TYR X 53 50.33 98.89 8.18
CA TYR X 53 50.67 98.84 6.77
C TYR X 53 50.51 97.42 6.25
N GLN X 54 50.08 97.32 5.00
CA GLN X 54 49.87 96.06 4.30
C GLN X 54 51.09 95.74 3.44
N ALA X 55 51.74 94.61 3.72
CA ALA X 55 52.81 94.16 2.85
C ALA X 55 52.24 93.52 1.59
N ASP X 56 53.12 93.34 0.60
CA ASP X 56 52.70 92.80 -0.69
C ASP X 56 52.15 91.39 -0.55
N ASP X 57 52.45 90.71 0.55
CA ASP X 57 52.00 89.36 0.81
C ASP X 57 50.75 89.34 1.69
N GLU X 58 49.98 90.43 1.67
CA GLU X 58 48.83 90.59 2.54
C GLU X 58 49.20 90.57 4.02
N HIS X 59 50.48 90.79 4.33
CA HIS X 59 50.89 90.92 5.72
C HIS X 59 50.56 92.32 6.22
N TYR X 60 49.96 92.37 7.40
CA TYR X 60 49.69 93.62 8.11
C TYR X 60 50.81 93.90 9.10
N ILE X 61 51.51 95.01 8.92
CA ILE X 61 52.65 95.38 9.75
C ILE X 61 52.23 96.56 10.63
N PRO X 62 52.41 96.48 11.94
CA PRO X 62 52.06 97.62 12.82
C PRO X 62 52.83 98.87 12.44
N ARG X 63 52.13 99.99 12.38
CA ARG X 63 52.76 101.32 12.36
C ARG X 63 53.23 101.72 13.76
N ALA X 64 54.20 100.97 14.29
CA ALA X 64 54.66 101.13 15.67
C ALA X 64 56.17 101.35 15.69
N VAL X 65 56.59 102.39 16.42
CA VAL X 65 58.00 102.69 16.68
C VAL X 65 58.26 102.47 18.17
N LEU X 66 59.23 101.61 18.49
CA LEU X 66 59.55 101.28 19.87
C LEU X 66 60.84 102.02 20.25
N LEU X 67 60.71 102.96 21.18
CA LEU X 67 61.83 103.79 21.65
C LEU X 67 62.02 103.58 23.14
N ASP X 68 63.22 103.14 23.53
CA ASP X 68 63.58 103.06 24.95
C ASP X 68 65.02 103.53 25.13
N LEU X 69 65.28 104.19 26.25
CA LEU X 69 66.62 104.58 26.65
C LEU X 69 67.33 103.50 27.45
N GLU X 70 66.63 102.42 27.77
CA GLU X 70 67.15 101.27 28.48
C GLU X 70 66.96 100.01 27.63
N PRO X 71 67.97 99.14 27.54
CA PRO X 71 67.86 98.01 26.61
C PRO X 71 66.86 96.96 27.04
N ARG X 72 66.50 96.91 28.33
CA ARG X 72 65.74 95.76 28.83
C ARG X 72 64.43 95.61 28.06
N VAL X 73 63.73 96.73 27.84
CA VAL X 73 62.41 96.71 27.24
C VAL X 73 62.50 96.46 25.75
N ILE X 74 63.46 97.09 25.07
CA ILE X 74 63.66 96.84 23.65
C ILE X 74 63.97 95.35 23.42
N HIS X 75 64.86 94.78 24.22
CA HIS X 75 65.13 93.35 24.13
C HIS X 75 63.89 92.52 24.43
N SER X 76 63.06 92.94 25.38
CA SER X 76 61.83 92.20 25.66
C SER X 76 60.87 92.25 24.47
N ILE X 77 60.81 93.38 23.78
CA ILE X 77 59.95 93.47 22.62
C ILE X 77 60.48 92.59 21.49
N LEU X 78 61.79 92.66 21.26
CA LEU X 78 62.38 91.82 20.22
C LEU X 78 62.33 90.33 20.59
N ASN X 79 62.12 90.02 21.87
CA ASN X 79 61.93 88.65 22.31
C ASN X 79 60.47 88.27 22.47
N SER X 80 59.55 89.17 22.14
CA SER X 80 58.14 88.80 22.28
C SER X 80 57.66 88.10 21.02
N PRO X 81 56.51 87.40 21.10
CA PRO X 81 55.92 86.84 19.88
C PRO X 81 55.54 87.85 18.82
N TYR X 82 55.36 89.13 19.18
CA TYR X 82 54.94 90.14 18.22
C TYR X 82 56.12 90.92 17.68
N ALA X 83 57.34 90.46 17.92
CA ALA X 83 58.51 91.19 17.44
C ALA X 83 58.50 91.36 15.93
N LYS X 84 57.98 90.37 15.19
CA LYS X 84 57.95 90.45 13.75
C LYS X 84 56.82 91.30 13.20
N LEU X 85 55.85 91.70 14.03
CA LEU X 85 54.77 92.55 13.51
C LEU X 85 55.29 93.94 13.18
N TYR X 86 56.14 94.49 14.06
CA TYR X 86 56.65 95.84 13.92
C TYR X 86 57.86 95.85 13.00
N ASN X 87 58.00 96.92 12.23
CA ASN X 87 59.24 97.11 11.48
C ASN X 87 60.40 97.27 12.45
N PRO X 88 61.38 96.36 12.44
CA PRO X 88 62.56 96.53 13.32
C PRO X 88 63.35 97.79 13.04
N GLU X 89 63.37 98.26 11.79
CA GLU X 89 64.10 99.47 11.43
C GLU X 89 63.49 100.74 12.01
N ASN X 90 62.27 100.68 12.53
CA ASN X 90 61.64 101.83 13.15
C ASN X 90 61.85 101.87 14.66
N ILE X 91 62.69 100.97 15.18
CA ILE X 91 62.98 100.89 16.61
C ILE X 91 64.39 101.42 16.84
N TYR X 92 64.49 102.55 17.55
CA TYR X 92 65.75 103.08 18.04
C TYR X 92 65.88 102.72 19.51
N LEU X 93 67.02 102.16 19.90
CA LEU X 93 67.33 101.89 21.29
C LEU X 93 68.70 102.47 21.63
N SER X 94 68.72 103.32 22.66
CA SER X 94 69.97 103.92 23.12
C SER X 94 70.96 102.85 23.58
N GLU X 95 72.17 102.91 23.03
CA GLU X 95 73.26 102.03 23.47
C GLU X 95 73.67 102.32 24.90
N HIS X 96 73.43 103.52 25.39
CA HIS X 96 73.70 103.88 26.78
C HIS X 96 72.57 103.31 27.63
N GLY X 97 72.77 102.06 28.07
CA GLY X 97 71.77 101.32 28.81
C GLY X 97 71.46 101.86 30.20
N GLY X 98 71.64 103.16 30.42
CA GLY X 98 71.31 103.76 31.70
C GLY X 98 69.86 104.17 31.85
N GLY X 99 69.11 104.19 30.75
CA GLY X 99 67.73 104.64 30.82
C GLY X 99 67.58 106.06 31.35
N ALA X 100 66.32 106.42 31.58
CA ALA X 100 65.97 107.66 32.24
C ALA X 100 65.90 107.52 33.75
N GLY X 101 66.03 106.31 34.28
CA GLY X 101 66.05 106.10 35.72
C GLY X 101 64.83 106.63 36.44
N ASN X 102 63.65 106.51 35.82
CA ASN X 102 62.41 107.06 36.36
C ASN X 102 62.52 108.55 36.62
N ASN X 103 63.44 109.24 35.95
CA ASN X 103 63.66 110.67 36.10
C ASN X 103 63.22 111.37 34.82
N TRP X 104 62.27 112.29 34.94
CA TRP X 104 61.84 113.05 33.77
C TRP X 104 63.03 113.77 33.14
N ALA X 105 63.88 114.39 33.95
CA ALA X 105 65.01 115.13 33.42
C ALA X 105 65.97 114.19 32.69
N SER X 106 66.19 113.00 33.25
CA SER X 106 67.04 112.00 32.60
C SER X 106 66.42 111.53 31.29
N GLY X 107 65.10 111.31 31.27
CA GLY X 107 64.44 110.96 30.03
C GLY X 107 64.59 112.04 28.99
N PHE X 108 64.53 113.31 29.40
CA PHE X 108 64.72 114.41 28.48
C PHE X 108 66.14 114.42 27.91
N SER X 109 67.13 114.31 28.80
CA SER X 109 68.52 114.24 28.34
C SER X 109 68.76 113.05 27.41
N GLN X 110 68.10 111.92 27.68
CA GLN X 110 68.22 110.77 26.80
C GLN X 110 67.56 111.03 25.44
N GLY X 111 66.40 111.66 25.44
CA GLY X 111 65.80 112.09 24.18
C GLY X 111 66.72 113.00 23.38
N GLU X 112 67.41 113.90 24.07
CA GLU X 112 68.39 114.75 23.42
C GLU X 112 69.55 113.92 22.87
N LYS X 113 69.97 112.90 23.61
CA LYS X 113 71.09 112.07 23.16
C LYS X 113 70.71 111.22 21.96
N ILE X 114 69.46 110.80 21.87
CA ILE X 114 68.98 109.96 20.78
C ILE X 114 68.15 110.76 19.79
N HIS X 115 68.31 112.08 19.80
CA HIS X 115 67.51 112.95 18.93
C HIS X 115 67.63 112.53 17.49
N GLU X 116 68.87 112.39 17.00
CA GLU X 116 69.06 112.05 15.59
C GLU X 116 68.42 110.72 15.28
N ASP X 117 68.67 109.70 16.11
CA ASP X 117 68.08 108.38 15.88
C ASP X 117 66.56 108.46 15.87
N ILE X 118 65.98 109.26 16.76
CA ILE X 118 64.53 109.35 16.84
C ILE X 118 63.96 110.06 15.62
N PHE X 119 64.58 111.16 15.20
CA PHE X 119 64.00 111.89 14.07
C PHE X 119 64.24 111.14 12.78
N ASP X 120 65.34 110.39 12.69
CA ASP X 120 65.55 109.46 11.58
C ASP X 120 64.46 108.40 11.53
N ILE X 121 64.06 107.89 12.69
CA ILE X 121 62.98 106.90 12.72
C ILE X 121 61.68 107.53 12.29
N ILE X 122 61.38 108.72 12.81
CA ILE X 122 60.14 109.39 12.48
C ILE X 122 60.07 109.66 10.99
N ASP X 123 61.18 110.11 10.40
CA ASP X 123 61.20 110.39 8.98
C ASP X 123 61.08 109.11 8.15
N ARG X 124 61.74 108.04 8.59
CA ARG X 124 61.58 106.76 7.91
C ARG X 124 60.12 106.31 7.91
N GLU X 125 59.44 106.43 9.06
CA GLU X 125 58.04 106.04 9.12
C GLU X 125 57.15 106.98 8.31
N ALA X 126 57.49 108.27 8.28
CA ALA X 126 56.69 109.19 7.50
C ALA X 126 56.81 108.86 6.01
N ASP X 127 58.02 108.58 5.54
CA ASP X 127 58.17 108.21 4.15
C ASP X 127 57.54 106.84 3.88
N GLY X 128 57.54 105.94 4.87
CA GLY X 128 56.82 104.70 4.71
C GLY X 128 55.32 104.76 4.91
N SER X 129 54.76 105.93 5.15
CA SER X 129 53.31 106.07 5.28
C SER X 129 52.74 106.81 4.08
N ASP X 130 51.72 106.23 3.45
CA ASP X 130 51.11 106.85 2.28
C ASP X 130 50.32 108.11 2.66
N SER X 131 49.57 108.05 3.75
CA SER X 131 48.74 109.18 4.21
C SER X 131 48.71 109.18 5.74
N LEU X 132 49.89 109.33 6.34
CA LEU X 132 49.99 109.45 7.79
C LEU X 132 48.97 110.42 8.35
N GLU X 133 48.10 109.91 9.23
CA GLU X 133 47.11 110.77 9.86
C GLU X 133 47.69 111.49 11.06
N GLY X 134 48.48 110.80 11.87
CA GLY X 134 49.06 111.44 13.04
C GLY X 134 49.82 110.45 13.90
N PHE X 135 50.25 110.93 15.06
CA PHE X 135 50.98 110.11 16.01
C PHE X 135 50.17 109.93 17.29
N VAL X 136 50.19 108.71 17.81
CA VAL X 136 49.68 108.38 19.14
C VAL X 136 50.86 107.99 20.01
N LEU X 137 51.14 108.78 21.03
CA LEU X 137 52.24 108.52 21.95
C LEU X 137 51.66 107.80 23.17
N CYS X 138 52.14 106.60 23.44
CA CYS X 138 51.77 105.85 24.63
C CYS X 138 52.96 105.93 25.59
N HIS X 139 52.76 106.64 26.68
CA HIS X 139 53.84 106.91 27.62
C HIS X 139 53.22 107.16 28.98
N SER X 140 54.04 107.18 30.01
CA SER X 140 53.64 107.59 31.35
C SER X 140 54.21 108.96 31.68
N ILE X 141 53.40 109.81 32.32
CA ILE X 141 53.87 111.14 32.69
C ILE X 141 54.74 111.10 33.92
N ALA X 142 54.75 109.99 34.65
CA ALA X 142 55.41 109.90 35.94
C ALA X 142 56.75 109.20 35.85
N GLY X 143 56.96 108.37 34.84
CA GLY X 143 58.21 107.65 34.71
C GLY X 143 59.33 108.58 34.30
N GLY X 144 60.45 107.99 33.94
CA GLY X 144 61.53 108.76 33.37
C GLY X 144 61.45 108.86 31.87
N THR X 145 61.45 107.69 31.21
CA THR X 145 61.39 107.68 29.76
C THR X 145 60.06 108.21 29.26
N GLY X 146 58.96 107.61 29.71
CA GLY X 146 57.66 108.02 29.24
C GLY X 146 57.35 109.47 29.58
N SER X 147 57.91 109.97 30.68
CA SER X 147 57.69 111.35 31.07
C SER X 147 58.72 112.25 30.39
N GLY X 148 60.00 111.99 30.65
CA GLY X 148 61.05 112.83 30.13
C GLY X 148 61.20 112.64 28.64
N LEU X 149 61.45 111.38 28.24
CA LEU X 149 61.55 111.07 26.82
C LEU X 149 60.24 111.33 26.10
N GLY X 150 59.10 111.09 26.75
CA GLY X 150 57.83 111.42 26.13
C GLY X 150 57.65 112.90 25.85
N SER X 151 58.01 113.75 26.81
CA SER X 151 57.96 115.19 26.59
C SER X 151 58.94 115.63 25.52
N TYR X 152 60.16 115.06 25.54
CA TYR X 152 61.14 115.36 24.50
C TYR X 152 60.60 114.99 23.12
N LEU X 153 60.04 113.80 22.99
CA LEU X 153 59.50 113.36 21.71
C LEU X 153 58.32 114.23 21.30
N LEU X 154 57.49 114.65 22.25
CA LEU X 154 56.41 115.57 21.93
C LEU X 154 56.95 116.89 21.37
N GLU X 155 57.98 117.44 22.02
CA GLU X 155 58.60 118.66 21.52
C GLU X 155 59.15 118.46 20.12
N ARG X 156 59.91 117.38 19.91
CA ARG X 156 60.57 117.19 18.64
C ARG X 156 59.57 116.88 17.53
N LEU X 157 58.51 116.15 17.84
CA LEU X 157 57.45 115.91 16.87
C LEU X 157 56.72 117.20 16.52
N ASN X 158 56.48 118.06 17.51
CA ASN X 158 55.82 119.33 17.24
C ASN X 158 56.67 120.21 16.34
N ASP X 159 57.99 120.19 16.54
CA ASP X 159 58.87 120.98 15.68
C ASP X 159 59.01 120.37 14.28
N ARG X 160 59.21 119.05 14.19
CA ARG X 160 59.48 118.43 12.89
C ARG X 160 58.23 118.21 12.05
N TYR X 161 57.09 117.91 12.67
CA TYR X 161 55.86 117.54 11.98
C TYR X 161 54.73 118.47 12.39
N PRO X 162 54.91 119.78 12.20
CA PRO X 162 53.94 120.74 12.76
C PRO X 162 52.56 120.63 12.14
N LYS X 163 52.38 119.79 11.12
CA LYS X 163 51.09 119.61 10.47
C LYS X 163 50.42 118.29 10.85
N LYS X 164 51.04 117.48 11.70
CA LYS X 164 50.49 116.19 12.09
C LYS X 164 49.92 116.29 13.50
N LEU X 165 48.81 115.59 13.73
CA LEU X 165 48.19 115.58 15.05
C LEU X 165 49.04 114.77 16.03
N VAL X 166 49.08 115.23 17.27
CA VAL X 166 49.72 114.51 18.38
C VAL X 166 48.67 114.18 19.43
N GLN X 167 48.25 112.91 19.46
CA GLN X 167 47.43 112.41 20.54
C GLN X 167 48.34 111.59 21.45
N THR X 168 48.12 111.66 22.75
CA THR X 168 48.86 110.88 23.72
C THR X 168 47.89 110.02 24.53
N TYR X 169 48.35 108.83 24.87
CA TYR X 169 47.79 108.02 25.94
C TYR X 169 48.82 108.15 27.06
N SER X 170 48.56 109.10 27.95
CA SER X 170 49.52 109.47 28.99
C SER X 170 49.05 108.79 30.27
N VAL X 171 49.88 107.92 30.82
CA VAL X 171 49.55 107.22 32.05
C VAL X 171 49.91 108.12 33.20
N PHE X 172 48.90 108.53 33.96
CA PHE X 172 49.13 109.36 35.13
C PHE X 172 49.42 108.48 36.34
N PRO X 173 50.37 108.87 37.18
CA PRO X 173 50.69 108.08 38.36
C PRO X 173 49.53 108.13 39.35
N ASN X 174 49.53 107.17 40.27
CA ASN X 174 48.53 107.17 41.32
C ASN X 174 48.70 108.40 42.19
N GLN X 175 47.64 109.19 42.32
CA GLN X 175 47.68 110.39 43.14
C GLN X 175 47.46 110.08 44.60
N ASP X 176 46.84 108.95 44.91
CA ASP X 176 46.42 108.64 46.26
C ASP X 176 47.50 107.91 47.06
N GLU X 177 48.47 107.31 46.38
CA GLU X 177 49.58 106.64 47.04
C GLU X 177 50.83 107.52 47.00
N MET X 178 51.61 107.47 48.09
CA MET X 178 52.92 108.09 48.13
C MET X 178 53.84 107.48 47.07
N SER X 179 54.17 108.24 46.03
CA SER X 179 55.12 107.77 45.03
C SER X 179 56.46 107.45 45.68
N ASP X 180 56.99 106.26 45.37
CA ASP X 180 58.36 105.93 45.78
C ASP X 180 59.36 106.92 45.20
N VAL X 181 58.98 107.62 44.14
CA VAL X 181 59.82 108.63 43.50
C VAL X 181 59.35 109.97 44.07
N VAL X 182 60.11 110.51 45.03
CA VAL X 182 59.69 111.76 45.66
C VAL X 182 59.63 112.88 44.63
N VAL X 183 60.37 112.74 43.53
CA VAL X 183 60.30 113.76 42.48
C VAL X 183 59.29 113.37 41.42
N GLN X 184 58.61 112.24 41.59
CA GLN X 184 57.61 111.81 40.62
C GLN X 184 56.62 112.93 40.37
N PRO X 185 56.18 113.69 41.38
CA PRO X 185 55.26 114.79 41.09
C PRO X 185 55.88 115.84 40.20
N TYR X 186 57.19 116.07 40.33
CA TYR X 186 57.88 116.98 39.43
C TYR X 186 57.87 116.46 38.01
N ASN X 187 58.23 115.17 37.83
CA ASN X 187 58.19 114.58 36.49
C ASN X 187 56.79 114.68 35.90
N SER X 188 55.77 114.39 36.71
CA SER X 188 54.40 114.43 36.23
C SER X 188 53.99 115.84 35.85
N LEU X 189 54.38 116.83 36.67
CA LEU X 189 54.06 118.21 36.36
C LEU X 189 54.74 118.66 35.08
N LEU X 190 56.01 118.31 34.91
CA LEU X 190 56.71 118.65 33.67
C LEU X 190 56.04 118.02 32.46
N THR X 191 55.60 116.78 32.59
CA THR X 191 54.90 116.13 31.48
C THR X 191 53.55 116.81 31.22
N LEU X 192 52.82 117.16 32.27
CA LEU X 192 51.56 117.86 32.08
C LEU X 192 51.78 119.22 31.44
N LYS X 193 52.84 119.94 31.84
CA LYS X 193 53.22 121.18 31.19
C LYS X 193 53.45 120.97 29.70
N ARG X 194 54.19 119.93 29.35
CA ARG X 194 54.51 119.69 27.94
C ARG X 194 53.26 119.28 27.18
N LEU X 195 52.40 118.47 27.80
CA LEU X 195 51.10 118.18 27.21
C LEU X 195 50.29 119.46 26.98
N THR X 196 50.31 120.38 27.95
CA THR X 196 49.54 121.60 27.85
C THR X 196 50.07 122.56 26.79
N GLN X 197 51.39 122.61 26.59
CA GLN X 197 51.95 123.63 25.71
C GLN X 197 52.33 123.10 24.34
N ASN X 198 52.67 121.81 24.23
CA ASN X 198 53.27 121.26 23.04
C ASN X 198 52.57 120.00 22.54
N ALA X 199 51.50 119.56 23.20
CA ALA X 199 50.71 118.42 22.75
C ALA X 199 49.32 118.87 22.34
N ASP X 200 48.77 118.22 21.31
CA ASP X 200 47.41 118.53 20.89
C ASP X 200 46.36 117.80 21.71
N CYS X 201 46.66 116.61 22.23
CA CYS X 201 45.64 115.89 23.00
C CYS X 201 46.29 114.90 23.96
N VAL X 202 45.96 114.99 25.25
CA VAL X 202 46.46 114.05 26.25
C VAL X 202 45.27 113.30 26.86
N VAL X 203 45.17 112.00 26.60
CA VAL X 203 44.21 111.13 27.26
C VAL X 203 44.84 110.60 28.55
N VAL X 204 44.33 111.03 29.70
CA VAL X 204 44.91 110.62 30.98
C VAL X 204 44.41 109.23 31.36
N LEU X 205 45.35 108.30 31.52
CA LEU X 205 45.10 106.94 31.99
C LEU X 205 45.74 106.80 33.37
N ASP X 206 44.95 106.91 34.43
CA ASP X 206 45.50 106.87 35.79
C ASP X 206 45.53 105.43 36.29
N ASN X 207 46.74 104.92 36.50
CA ASN X 207 46.93 103.57 36.99
C ASN X 207 46.28 103.36 38.36
N THR X 208 46.20 104.40 39.19
CA THR X 208 45.54 104.25 40.48
C THR X 208 44.08 103.86 40.29
N ALA X 209 43.37 104.59 39.42
CA ALA X 209 41.97 104.28 39.17
C ALA X 209 41.80 102.95 38.45
N LEU X 210 42.70 102.64 37.51
CA LEU X 210 42.60 101.36 36.81
C LEU X 210 42.79 100.20 37.78
N ASN X 211 43.77 100.30 38.68
CA ASN X 211 43.96 99.30 39.72
C ASN X 211 42.73 99.20 40.62
N ARG X 212 42.21 100.35 41.06
CA ARG X 212 40.98 100.35 41.86
C ARG X 212 39.85 99.61 41.16
N ILE X 213 39.67 99.87 39.85
CA ILE X 213 38.62 99.18 39.10
C ILE X 213 38.88 97.69 39.05
N ALA X 214 40.13 97.30 38.79
CA ALA X 214 40.48 95.88 38.72
C ALA X 214 40.20 95.18 40.04
N THR X 215 40.50 95.86 41.15
CA THR X 215 40.26 95.27 42.47
C THR X 215 38.77 95.20 42.78
N ASP X 216 38.05 96.30 42.60
CA ASP X 216 36.67 96.35 43.07
C ASP X 216 35.75 95.54 42.17
N ARG X 217 36.05 95.44 40.88
CA ARG X 217 35.14 94.85 39.90
C ARG X 217 35.66 93.55 39.34
N LEU X 218 36.98 93.46 39.12
CA LEU X 218 37.62 92.23 38.69
C LEU X 218 38.10 91.39 39.88
N HIS X 219 37.98 91.91 41.10
CA HIS X 219 38.42 91.20 42.30
C HIS X 219 39.90 90.87 42.23
N ILE X 220 40.69 91.74 41.58
CA ILE X 220 42.14 91.57 41.51
C ILE X 220 42.73 92.27 42.73
N GLN X 221 43.23 91.48 43.67
CA GLN X 221 43.95 92.03 44.81
C GLN X 221 45.33 92.50 44.36
N ASN X 222 45.60 93.79 44.51
CA ASN X 222 46.88 94.32 44.03
C ASN X 222 47.00 94.04 42.54
N PRO X 223 46.29 94.78 41.69
CA PRO X 223 46.39 94.51 40.25
C PRO X 223 47.82 94.68 39.76
N SER X 224 48.28 93.68 39.01
CA SER X 224 49.58 93.72 38.37
C SER X 224 49.58 94.59 37.12
N PHE X 225 50.79 95.02 36.75
CA PHE X 225 50.96 95.76 35.50
C PHE X 225 50.41 95.00 34.31
N SER X 226 50.50 93.67 34.33
CA SER X 226 49.93 92.89 33.23
C SER X 226 48.41 93.09 33.14
N GLN X 227 47.72 93.10 34.29
CA GLN X 227 46.28 93.31 34.28
C GLN X 227 45.93 94.73 33.88
N ILE X 228 46.75 95.70 34.32
CA ILE X 228 46.51 97.08 33.90
C ILE X 228 46.67 97.20 32.39
N ASN X 229 47.72 96.56 31.84
CA ASN X 229 47.93 96.60 30.40
C ASN X 229 46.84 95.86 29.64
N GLN X 230 46.25 94.81 30.22
CA GLN X 230 45.09 94.18 29.58
C GLN X 230 43.89 95.12 29.54
N LEU X 231 43.68 95.88 30.60
CA LEU X 231 42.63 96.90 30.57
C LEU X 231 42.94 97.98 29.54
N VAL X 232 44.20 98.40 29.48
CA VAL X 232 44.63 99.40 28.50
C VAL X 232 44.37 98.89 27.08
N SER X 233 44.74 97.63 26.82
CA SER X 233 44.52 97.06 25.48
C SER X 233 43.04 96.99 25.16
N THR X 234 42.20 96.68 26.14
CA THR X 234 40.76 96.73 25.91
C THR X 234 40.31 98.14 25.54
N ILE X 235 40.85 99.14 26.24
CA ILE X 235 40.51 100.53 25.95
C ILE X 235 40.97 100.92 24.56
N MET X 236 42.20 100.56 24.21
CA MET X 236 42.73 100.88 22.88
C MET X 236 41.91 100.21 21.78
N SER X 237 41.45 98.98 22.03
CA SER X 237 40.57 98.32 21.07
C SER X 237 39.26 99.09 20.93
N ALA X 238 38.70 99.54 22.05
CA ALA X 238 37.46 100.30 21.97
C ALA X 238 37.66 101.62 21.25
N SER X 239 38.83 102.24 21.43
CA SER X 239 39.11 103.49 20.73
C SER X 239 39.33 103.24 19.24
N THR X 240 39.80 102.05 18.86
CA THR X 240 40.03 101.74 17.46
C THR X 240 38.85 101.02 16.82
N THR X 241 37.75 100.82 17.57
CA THR X 241 36.64 100.06 17.01
C THR X 241 36.02 100.76 15.81
N THR X 242 35.99 102.10 15.82
CA THR X 242 35.48 102.84 14.67
C THR X 242 36.42 102.77 13.48
N LEU X 243 37.69 102.46 13.73
CA LEU X 243 38.65 102.20 12.67
C LEU X 243 38.45 100.79 12.11
N ARG X 244 38.20 99.82 13.01
CA ARG X 244 38.12 98.43 12.59
C ARG X 244 36.78 98.10 11.95
N TYR X 245 35.72 98.81 12.30
CA TYR X 245 34.43 98.59 11.67
C TYR X 245 34.01 99.82 10.87
N PRO X 246 33.97 99.73 9.54
CA PRO X 246 33.68 100.91 8.72
C PRO X 246 32.26 101.42 8.95
N GLY X 247 32.13 102.69 9.31
CA GLY X 247 30.84 103.32 9.46
C GLY X 247 30.59 104.40 8.41
N TYR X 248 29.47 105.10 8.59
CA TYR X 248 29.07 106.15 7.66
C TYR X 248 29.52 107.55 8.05
N MET X 249 29.80 107.81 9.33
CA MET X 249 30.06 109.17 9.77
C MET X 249 31.15 109.20 10.84
N ASN X 250 31.87 110.32 10.87
CA ASN X 250 32.93 110.55 11.86
C ASN X 250 33.94 109.43 11.83
N ASN X 251 34.43 109.14 10.62
CA ASN X 251 35.39 108.06 10.40
C ASN X 251 36.83 108.52 10.58
N ASP X 252 37.08 109.75 11.01
CA ASP X 252 38.45 110.23 11.16
C ASP X 252 38.69 110.93 12.50
N LEU X 253 39.97 110.93 12.88
CA LEU X 253 40.38 111.49 14.15
C LEU X 253 40.21 113.00 14.17
N ILE X 254 40.42 113.66 13.04
CA ILE X 254 40.18 115.10 12.98
C ILE X 254 38.75 115.41 13.40
N GLY X 255 37.79 114.69 12.81
CA GLY X 255 36.40 114.90 13.17
C GLY X 255 36.12 114.53 14.61
N LEU X 256 36.78 113.47 15.10
CA LEU X 256 36.62 113.11 16.51
C LEU X 256 37.07 114.26 17.40
N ILE X 257 38.26 114.79 17.15
CA ILE X 257 38.81 115.86 17.98
C ILE X 257 37.90 117.08 17.92
N ALA X 258 37.51 117.48 16.70
CA ALA X 258 36.63 118.65 16.57
C ALA X 258 35.31 118.46 17.30
N SER X 259 34.80 117.22 17.36
CA SER X 259 33.57 116.95 18.10
C SER X 259 33.80 116.91 19.61
N LEU X 260 35.01 116.61 20.05
CA LEU X 260 35.27 116.38 21.47
C LEU X 260 35.87 117.57 22.20
N ILE X 261 36.55 118.47 21.49
CA ILE X 261 37.32 119.53 22.13
C ILE X 261 36.85 120.88 21.63
N PRO X 262 35.76 121.42 22.17
CA PRO X 262 35.35 122.77 21.75
C PRO X 262 36.26 123.84 22.31
N THR X 263 37.03 123.52 23.33
CA THR X 263 37.96 124.44 23.97
C THR X 263 39.35 123.83 23.84
N PRO X 264 40.25 124.45 23.08
CA PRO X 264 41.50 123.76 22.74
C PRO X 264 42.28 123.29 23.95
N ARG X 265 42.24 124.05 25.04
CA ARG X 265 42.95 123.63 26.25
C ARG X 265 42.23 122.53 27.02
N LEU X 266 40.91 122.43 26.89
CA LEU X 266 40.15 121.42 27.64
C LEU X 266 39.99 120.13 26.83
N HIS X 267 41.14 119.56 26.45
CA HIS X 267 41.17 118.41 25.55
C HIS X 267 41.55 117.11 26.24
N PHE X 268 41.55 117.06 27.57
CA PHE X 268 41.86 115.84 28.29
C PHE X 268 40.61 114.99 28.50
N LEU X 269 40.59 113.80 27.89
CA LEU X 269 39.44 112.91 27.98
C LEU X 269 39.74 111.77 28.95
N MET X 270 38.80 111.48 29.84
CA MET X 270 38.81 110.28 30.66
C MET X 270 38.05 109.16 29.96
N THR X 271 38.50 107.92 30.16
CA THR X 271 37.88 106.75 29.57
C THR X 271 37.15 105.91 30.61
N GLY X 272 36.08 105.25 30.17
CA GLY X 272 35.38 104.24 30.93
C GLY X 272 34.89 103.12 30.02
N TYR X 273 34.93 101.89 30.50
CA TYR X 273 34.63 100.72 29.68
C TYR X 273 33.61 99.84 30.41
N THR X 274 32.74 99.21 29.62
CA THR X 274 31.78 98.26 30.16
C THR X 274 31.45 97.24 29.07
N PRO X 275 31.25 95.97 29.44
CA PRO X 275 31.34 95.42 30.80
C PRO X 275 32.77 95.22 31.27
N LEU X 276 33.00 95.38 32.57
CA LEU X 276 34.24 94.99 33.21
C LEU X 276 33.88 93.81 34.10
N THR X 277 33.87 92.62 33.53
CA THR X 277 33.47 91.41 34.24
C THR X 277 34.29 90.24 33.75
N THR X 278 34.65 89.35 34.67
CA THR X 278 35.27 88.09 34.31
C THR X 278 34.25 87.19 33.64
N LYS X 287 19.04 90.94 27.55
CA LYS X 287 19.14 91.90 26.46
C LYS X 287 19.44 93.30 27.00
N THR X 288 20.70 93.70 26.92
CA THR X 288 21.08 95.04 27.33
C THR X 288 20.47 96.06 26.39
N THR X 289 19.63 96.94 26.94
CA THR X 289 18.99 97.97 26.14
C THR X 289 19.90 99.18 26.05
N VAL X 290 19.65 100.02 25.05
CA VAL X 290 20.35 101.29 24.94
C VAL X 290 20.27 102.07 26.25
N LEU X 291 19.08 102.10 26.85
CA LEU X 291 18.93 102.80 28.13
C LEU X 291 19.77 102.17 29.23
N ASP X 292 19.86 100.83 29.25
CA ASP X 292 20.69 100.19 30.26
C ASP X 292 22.16 100.48 30.02
N VAL X 293 22.57 100.51 28.76
CA VAL X 293 23.93 100.88 28.42
C VAL X 293 24.22 102.28 28.94
N MET X 294 23.38 103.24 28.58
CA MET X 294 23.60 104.63 29.00
C MET X 294 23.61 104.76 30.52
N ARG X 295 22.76 104.00 31.20
CA ARG X 295 22.76 104.04 32.66
C ARG X 295 24.06 103.50 33.23
N ARG X 296 24.60 102.42 32.66
CA ARG X 296 25.88 101.92 33.16
C ARG X 296 27.00 102.90 32.85
N LEU X 297 26.98 103.49 31.65
CA LEU X 297 27.98 104.47 31.26
C LEU X 297 27.99 105.67 32.19
N LEU X 298 26.83 106.09 32.67
CA LEU X 298 26.76 107.25 33.56
C LEU X 298 27.31 107.00 34.96
N GLN X 299 27.73 105.80 35.32
CA GLN X 299 28.26 105.61 36.66
C GLN X 299 29.69 106.11 36.75
N PRO X 300 30.00 107.01 37.69
CA PRO X 300 31.38 107.52 37.83
C PRO X 300 32.40 106.41 38.10
N LYS X 301 31.95 105.31 38.71
CA LYS X 301 32.78 104.18 39.12
C LYS X 301 33.43 103.45 37.94
N ASN X 302 33.09 103.77 36.71
CA ASN X 302 33.67 103.10 35.56
C ASN X 302 34.75 103.90 34.84
N VAL X 303 35.10 105.09 35.34
CA VAL X 303 36.20 105.85 34.76
C VAL X 303 37.51 105.29 35.33
N MET X 304 38.47 105.01 34.44
CA MET X 304 39.72 104.35 34.80
C MET X 304 40.84 105.34 35.05
N VAL X 305 40.50 106.56 35.45
CA VAL X 305 41.48 107.60 35.76
C VAL X 305 41.07 108.27 37.07
N SER X 306 42.00 108.36 38.01
CA SER X 306 41.73 109.00 39.30
C SER X 306 41.91 110.50 39.14
N THR X 307 40.80 111.17 38.82
CA THR X 307 40.71 112.62 38.82
C THR X 307 39.96 113.01 40.08
N GLY X 308 40.46 114.01 40.79
CA GLY X 308 39.76 114.46 41.96
C GLY X 308 38.37 115.00 41.70
N ARG X 309 37.39 114.51 42.47
CA ARG X 309 36.07 115.11 42.58
C ARG X 309 36.21 116.26 43.56
N ASP X 310 36.79 117.36 43.11
CA ASP X 310 36.77 118.60 43.88
C ASP X 310 35.34 119.07 44.09
N ARG X 311 34.93 119.16 45.35
CA ARG X 311 33.62 119.67 45.71
C ARG X 311 33.54 121.19 45.64
N GLN X 312 34.70 121.86 45.55
CA GLN X 312 34.72 123.32 45.53
C GLN X 312 34.49 123.83 44.12
N THR X 313 34.99 123.10 43.13
CA THR X 313 34.89 123.48 41.72
C THR X 313 33.71 122.70 41.15
N ASN X 314 32.72 123.42 40.61
CA ASN X 314 31.55 122.78 40.03
C ASN X 314 31.93 122.25 38.66
N HIS X 315 32.59 121.09 38.69
CA HIS X 315 32.99 120.40 37.47
C HIS X 315 31.76 120.03 36.66
N CYS X 316 31.95 119.92 35.35
CA CYS X 316 30.89 119.63 34.41
C CYS X 316 31.48 118.75 33.32
N TYR X 317 30.61 118.06 32.59
CA TYR X 317 31.09 117.32 31.43
C TYR X 317 31.31 118.30 30.28
N ILE X 318 32.49 118.23 29.66
CA ILE X 318 32.71 118.92 28.41
C ILE X 318 32.10 118.17 27.25
N ALA X 319 32.38 116.86 27.15
CA ALA X 319 31.81 116.05 26.08
C ALA X 319 31.69 114.60 26.51
N ILE X 320 30.74 113.89 25.91
CA ILE X 320 30.59 112.46 26.14
C ILE X 320 30.39 111.77 24.80
N LEU X 321 31.19 110.74 24.54
CA LEU X 321 30.99 109.83 23.42
C LEU X 321 30.72 108.44 23.98
N ASN X 322 29.60 107.85 23.62
CA ASN X 322 29.34 106.45 23.93
C ASN X 322 29.51 105.64 22.65
N ILE X 323 30.53 104.81 22.62
CA ILE X 323 30.73 103.85 21.55
C ILE X 323 30.06 102.55 21.97
N ILE X 324 28.95 102.21 21.32
CA ILE X 324 28.21 100.99 21.60
C ILE X 324 28.49 100.03 20.44
N GLN X 325 29.07 98.88 20.75
CA GLN X 325 29.47 97.90 19.76
C GLN X 325 28.54 96.71 19.90
N GLY X 326 27.96 96.27 18.79
CA GLY X 326 27.16 95.08 18.74
C GLY X 326 25.82 95.32 18.08
N GLU X 327 24.94 94.33 18.25
CA GLU X 327 23.59 94.32 17.67
C GLU X 327 22.70 95.28 18.44
N VAL X 328 22.45 96.45 17.87
CA VAL X 328 21.68 97.52 18.51
C VAL X 328 20.49 97.83 17.64
N ASP X 329 19.31 97.86 18.25
CA ASP X 329 18.10 98.33 17.58
C ASP X 329 18.08 99.85 17.50
N PRO X 330 18.06 100.44 16.29
CA PRO X 330 18.02 101.91 16.22
C PRO X 330 16.84 102.53 16.94
N THR X 331 15.70 101.83 17.00
CA THR X 331 14.58 102.38 17.74
C THR X 331 14.88 102.41 19.24
N GLN X 332 15.67 101.44 19.72
CA GLN X 332 16.08 101.47 21.12
C GLN X 332 17.13 102.53 21.35
N VAL X 333 17.94 102.82 20.32
CA VAL X 333 18.90 103.91 20.44
C VAL X 333 18.16 105.23 20.55
N HIS X 334 17.17 105.45 19.68
CA HIS X 334 16.37 106.67 19.73
C HIS X 334 15.66 106.81 21.07
N LYS X 335 15.04 105.71 21.54
CA LYS X 335 14.40 105.75 22.86
C LYS X 335 15.40 106.04 23.96
N SER X 336 16.62 105.53 23.84
CA SER X 336 17.63 105.78 24.86
C SER X 336 18.09 107.23 24.86
N LEU X 337 18.30 107.79 23.67
CA LEU X 337 18.64 109.20 23.57
C LEU X 337 17.55 110.07 24.16
N GLN X 338 16.29 109.77 23.83
CA GLN X 338 15.17 110.52 24.41
C GLN X 338 15.16 110.41 25.93
N ARG X 339 15.32 109.19 26.46
CA ARG X 339 15.33 109.00 27.91
C ARG X 339 16.52 109.70 28.58
N ILE X 340 17.68 109.67 27.93
CA ILE X 340 18.85 110.35 28.48
C ILE X 340 18.63 111.85 28.53
N ARG X 341 18.06 112.42 27.46
CA ARG X 341 17.77 113.84 27.46
C ARG X 341 16.75 114.19 28.53
N GLU X 342 15.65 113.45 28.58
CA GLU X 342 14.61 113.73 29.58
C GLU X 342 15.15 113.59 31.00
N ARG X 343 15.99 112.59 31.24
CA ARG X 343 16.51 112.37 32.58
C ARG X 343 17.74 113.22 32.92
N LYS X 344 18.25 114.00 31.97
CA LYS X 344 19.44 114.81 32.22
C LYS X 344 20.54 113.97 32.88
N LEU X 345 20.77 112.78 32.32
CA LEU X 345 21.72 111.85 32.91
C LEU X 345 23.16 112.34 32.86
N ALA X 346 23.46 113.36 32.06
CA ALA X 346 24.79 113.93 32.01
C ALA X 346 24.68 115.44 32.11
N ASN X 347 25.51 116.03 32.97
CA ASN X 347 25.63 117.47 33.09
C ASN X 347 26.75 117.95 32.16
N PHE X 348 26.43 118.89 31.28
CA PHE X 348 27.38 119.42 30.33
C PHE X 348 27.74 120.86 30.72
N ILE X 349 28.86 121.32 30.18
CA ILE X 349 29.27 122.72 30.33
C ILE X 349 28.11 123.63 29.91
N PRO X 350 27.84 124.69 30.67
CA PRO X 350 26.73 125.59 30.32
C PRO X 350 27.06 126.61 29.25
N TRP X 351 28.35 126.81 28.94
CA TRP X 351 28.79 127.89 28.05
C TRP X 351 28.92 127.43 26.61
N GLY X 352 28.59 126.18 26.34
CA GLY X 352 28.64 125.61 25.02
C GLY X 352 27.58 124.54 24.96
N PRO X 353 27.25 124.05 23.77
CA PRO X 353 26.26 122.99 23.70
C PRO X 353 26.80 121.68 24.26
N ALA X 354 25.92 120.91 24.87
CA ALA X 354 26.25 119.59 25.37
C ALA X 354 26.54 118.68 24.19
N SER X 355 27.80 118.28 24.04
CA SER X 355 28.18 117.31 23.01
C SER X 355 28.05 115.93 23.64
N ILE X 356 26.98 115.21 23.31
CA ILE X 356 26.81 113.82 23.69
C ILE X 356 26.49 113.05 22.42
N GLN X 357 27.44 112.25 21.94
CA GLN X 357 27.23 111.40 20.78
C GLN X 357 27.14 109.94 21.21
N VAL X 358 26.37 109.17 20.44
CA VAL X 358 26.29 107.72 20.59
C VAL X 358 26.47 107.12 19.21
N ALA X 359 27.52 106.33 19.02
CA ALA X 359 27.72 105.58 17.79
C ALA X 359 27.42 104.11 18.00
N LEU X 360 26.58 103.55 17.13
CA LEU X 360 26.38 102.11 17.05
C LEU X 360 27.33 101.58 16.00
N SER X 361 28.13 100.58 16.37
CA SER X 361 29.05 99.96 15.43
C SER X 361 28.97 98.44 15.52
N ARG X 362 29.48 97.80 14.46
CA ARG X 362 29.63 96.35 14.40
C ARG X 362 31.00 95.96 14.97
N LYS X 363 31.07 94.76 15.54
CA LYS X 363 32.34 94.23 15.98
C LYS X 363 33.20 93.79 14.80
N SER X 364 34.51 93.77 15.04
CA SER X 364 35.45 93.15 14.12
C SER X 364 35.04 91.70 13.84
N PRO X 365 35.04 91.28 12.57
CA PRO X 365 34.75 89.87 12.27
C PRO X 365 35.86 88.91 12.68
N TYR X 366 37.07 89.41 12.97
CA TYR X 366 38.19 88.53 13.27
C TYR X 366 38.30 88.19 14.75
N LEU X 367 37.69 88.99 15.62
CA LEU X 367 37.72 88.73 17.05
C LEU X 367 36.43 88.07 17.49
N PRO X 368 36.48 86.90 18.12
CA PRO X 368 35.28 86.31 18.74
C PRO X 368 34.83 87.14 19.94
N SER X 369 33.58 87.62 19.92
CA SER X 369 33.01 88.37 21.02
C SER X 369 31.93 87.52 21.70
N ALA X 370 32.20 87.12 22.94
CA ALA X 370 31.20 86.44 23.77
C ALA X 370 30.02 87.35 24.09
N HIS X 371 30.22 88.66 24.10
CA HIS X 371 29.19 89.61 24.48
C HIS X 371 28.67 90.27 23.20
N ARG X 372 27.37 90.12 22.95
CA ARG X 372 26.77 90.73 21.78
C ARG X 372 26.92 92.25 21.78
N VAL X 373 26.97 92.88 22.95
CA VAL X 373 27.05 94.33 23.03
C VAL X 373 27.99 94.75 24.15
N SER X 374 28.94 95.62 23.81
CA SER X 374 29.73 96.35 24.80
C SER X 374 29.56 97.85 24.60
N GLY X 375 29.94 98.64 25.60
CA GLY X 375 29.95 100.08 25.46
C GLY X 375 31.11 100.73 26.17
N LEU X 376 31.74 101.70 25.53
CA LEU X 376 32.69 102.60 26.17
C LEU X 376 32.15 104.01 26.23
N MET X 377 32.33 104.68 27.37
CA MET X 377 32.11 106.12 27.46
C MET X 377 33.47 106.81 27.53
N MET X 378 33.69 107.77 26.64
CA MET X 378 34.78 108.73 26.77
C MET X 378 34.20 110.09 27.13
N ALA X 379 34.64 110.64 28.25
CA ALA X 379 34.08 111.91 28.71
C ALA X 379 35.19 112.93 29.00
N ASN X 380 34.99 114.14 28.51
CA ASN X 380 35.78 115.31 28.90
C ASN X 380 34.97 116.02 29.97
N HIS X 381 35.47 116.00 31.21
CA HIS X 381 34.73 116.48 32.38
C HIS X 381 35.63 117.34 33.25
N THR X 382 35.08 118.48 33.68
CA THR X 382 35.88 119.52 34.33
C THR X 382 36.50 119.06 35.65
N SER X 383 36.01 117.97 36.23
CA SER X 383 36.62 117.50 37.48
C SER X 383 38.04 117.02 37.28
N ILE X 384 38.47 116.87 36.03
CA ILE X 384 39.88 116.59 35.74
C ILE X 384 40.75 117.71 36.28
N SER X 385 40.19 118.92 36.39
CA SER X 385 40.97 120.00 36.98
C SER X 385 41.46 119.62 38.37
N SER X 386 40.67 118.87 39.13
CA SER X 386 41.14 118.38 40.42
C SER X 386 42.37 117.50 40.27
N LEU X 387 42.45 116.73 39.18
CA LEU X 387 43.63 115.92 38.89
C LEU X 387 44.82 116.79 38.53
N PHE X 388 44.59 117.83 37.75
CA PHE X 388 45.69 118.74 37.40
C PHE X 388 46.14 119.53 38.62
N GLU X 389 45.20 119.96 39.45
CA GLU X 389 45.52 120.58 40.73
C GLU X 389 46.33 119.63 41.61
N SER X 390 45.92 118.37 41.71
CA SER X 390 46.68 117.39 42.48
C SER X 390 48.11 117.25 41.94
N SER X 391 48.26 117.17 40.62
CA SER X 391 49.61 117.08 40.05
C SER X 391 50.45 118.32 40.35
N CYS X 392 49.85 119.50 40.21
CA CYS X 392 50.53 120.74 40.56
C CYS X 392 50.90 120.79 42.04
N GLN X 393 49.98 120.38 42.91
CA GLN X 393 50.25 120.38 44.35
C GLN X 393 51.35 119.39 44.71
N GLN X 394 51.38 118.22 44.07
CA GLN X 394 52.47 117.28 44.32
C GLN X 394 53.80 117.84 43.85
N TYR X 395 53.81 118.46 42.65
CA TYR X 395 55.02 119.12 42.19
C TYR X 395 55.48 120.17 43.19
N ASP X 396 54.56 121.04 43.61
CA ASP X 396 54.89 122.10 44.56
C ASP X 396 55.37 121.53 45.88
N LYS X 397 54.80 120.40 46.30
CA LYS X 397 55.24 119.71 47.52
C LYS X 397 56.67 119.22 47.40
N LEU X 398 57.06 118.75 46.22
CA LEU X 398 58.45 118.33 46.05
C LEU X 398 59.37 119.53 45.91
N ARG X 399 58.99 120.51 45.09
CA ARG X 399 59.85 121.66 44.86
C ARG X 399 60.09 122.44 46.16
N LYS X 400 59.04 122.62 46.97
CA LYS X 400 59.19 123.30 48.25
C LYS X 400 60.14 122.56 49.18
N ARG X 401 60.36 121.26 48.96
CA ARG X 401 61.28 120.49 49.78
C ARG X 401 62.61 120.25 49.09
N GLU X 402 62.79 120.75 47.87
CA GLU X 402 63.98 120.48 47.07
C GLU X 402 64.29 118.99 47.03
N ALA X 403 63.25 118.15 47.03
CA ALA X 403 63.45 116.72 47.14
C ALA X 403 63.97 116.16 45.82
N PHE X 404 64.94 115.26 45.91
CA PHE X 404 65.43 114.53 44.75
C PHE X 404 66.04 115.47 43.72
N LEU X 405 66.53 116.63 44.17
CA LEU X 405 67.09 117.62 43.27
C LEU X 405 68.57 117.38 42.95
N GLU X 406 69.24 116.51 43.70
CA GLU X 406 70.68 116.32 43.46
C GLU X 406 70.91 115.74 42.07
N GLN X 407 70.01 114.84 41.64
CA GLN X 407 70.10 114.26 40.30
C GLN X 407 69.60 115.23 39.23
N PHE X 408 68.65 116.09 39.57
CA PHE X 408 68.20 117.12 38.63
C PHE X 408 69.29 118.13 38.35
N ARG X 409 70.00 118.59 39.39
CA ARG X 409 71.06 119.58 39.17
C ARG X 409 72.14 119.03 38.25
N LYS X 410 72.24 117.72 38.10
CA LYS X 410 73.17 117.14 37.14
C LYS X 410 72.66 117.30 35.72
N GLU X 411 71.35 117.48 35.55
CA GLU X 411 70.73 117.60 34.25
C GLU X 411 70.58 119.06 33.84
N ASP X 412 70.73 119.31 32.54
CA ASP X 412 70.85 120.69 32.06
C ASP X 412 69.63 121.51 32.42
N ILE X 413 68.43 120.90 32.37
CA ILE X 413 67.21 121.61 32.69
C ILE X 413 67.19 122.08 34.14
N PHE X 414 67.94 121.43 35.02
CA PHE X 414 67.98 121.81 36.43
C PHE X 414 69.37 122.18 36.91
N LYS X 415 70.34 122.29 36.00
CA LYS X 415 71.71 122.54 36.42
C LYS X 415 71.87 123.93 37.02
N GLU X 416 71.22 124.92 36.41
CA GLU X 416 71.32 126.31 36.85
C GLU X 416 70.24 126.68 37.86
N ASN X 417 69.00 126.31 37.58
CA ASN X 417 67.87 126.63 38.43
C ASN X 417 66.81 125.55 38.26
N PHE X 418 65.69 125.71 38.95
CA PHE X 418 64.57 124.79 38.87
C PHE X 418 63.39 125.42 38.15
N ASP X 419 63.67 126.43 37.32
CA ASP X 419 62.58 127.16 36.68
C ASP X 419 61.71 126.24 35.85
N GLU X 420 62.28 125.19 35.26
CA GLU X 420 61.46 124.25 34.50
C GLU X 420 60.51 123.47 35.40
N LEU X 421 60.93 123.16 36.64
CA LEU X 421 60.01 122.54 37.59
C LEU X 421 58.92 123.51 38.02
N ASP X 422 59.30 124.77 38.26
CA ASP X 422 58.32 125.74 38.70
C ASP X 422 57.33 126.06 37.59
N ARG X 423 57.83 126.17 36.35
CA ARG X 423 56.96 126.31 35.20
C ARG X 423 56.03 125.12 35.02
N SER X 424 56.53 123.90 35.26
CA SER X 424 55.63 122.75 35.17
C SER X 424 54.54 122.79 36.23
N ARG X 425 54.89 123.21 37.45
CA ARG X 425 53.87 123.36 38.49
C ARG X 425 52.89 124.45 38.15
N GLU X 426 53.38 125.55 37.56
CA GLU X 426 52.52 126.64 37.13
C GLU X 426 51.58 126.17 36.02
N VAL X 427 52.12 125.50 35.01
CA VAL X 427 51.32 125.00 33.91
C VAL X 427 50.22 124.07 34.42
N VAL X 428 50.55 123.18 35.36
CA VAL X 428 49.52 122.29 35.89
C VAL X 428 48.50 123.04 36.75
N GLN X 429 48.93 124.09 37.44
CA GLN X 429 47.97 124.92 38.17
C GLN X 429 47.04 125.65 37.21
N GLU X 430 47.61 126.27 36.18
CA GLU X 430 46.81 126.94 35.15
C GLU X 430 45.85 125.97 34.49
N LEU X 431 46.30 124.74 34.21
CA LEU X 431 45.42 123.73 33.65
C LEU X 431 44.26 123.42 34.58
N ILE X 432 44.54 123.23 35.87
CA ILE X 432 43.46 122.97 36.83
C ILE X 432 42.49 124.14 36.85
N ASP X 433 43.01 125.36 36.92
CA ASP X 433 42.14 126.54 36.98
C ASP X 433 41.33 126.73 35.70
N GLU X 434 41.94 126.48 34.54
CA GLU X 434 41.20 126.56 33.29
C GLU X 434 40.13 125.49 33.20
N TYR X 435 40.43 124.27 33.65
CA TYR X 435 39.42 123.23 33.73
C TYR X 435 38.27 123.63 34.67
N HIS X 436 38.60 124.30 35.76
CA HIS X 436 37.54 124.79 36.64
C HIS X 436 36.71 125.87 35.98
N ALA X 437 37.34 126.82 35.29
CA ALA X 437 36.56 127.79 34.53
C ALA X 437 35.70 127.10 33.49
N ALA X 438 36.24 126.10 32.80
CA ALA X 438 35.47 125.33 31.84
C ALA X 438 34.35 124.56 32.51
N THR X 439 34.43 124.41 33.84
CA THR X 439 33.35 123.82 34.61
C THR X 439 32.20 124.78 34.84
N ARG X 440 32.40 126.06 34.57
CA ARG X 440 31.42 127.08 34.90
C ARG X 440 30.68 127.55 33.65
N MET Y 1 69.06 87.05 -37.37
CA MET Y 1 70.39 86.82 -36.78
C MET Y 1 70.33 86.85 -35.26
N PRO Y 2 71.00 85.90 -34.61
CA PRO Y 2 71.12 85.93 -33.16
C PRO Y 2 71.72 87.25 -32.67
N ARG Y 3 71.45 87.57 -31.40
CA ARG Y 3 71.97 88.78 -30.76
C ARG Y 3 72.70 88.36 -29.47
N GLU Y 4 73.94 87.92 -29.63
CA GLU Y 4 74.68 87.33 -28.52
C GLU Y 4 75.07 88.39 -27.49
N ILE Y 5 75.04 87.99 -26.22
CA ILE Y 5 75.44 88.84 -25.10
C ILE Y 5 76.50 88.09 -24.30
N ILE Y 6 77.65 88.71 -24.08
CA ILE Y 6 78.72 88.11 -23.26
C ILE Y 6 78.61 88.61 -21.83
N THR Y 7 78.53 87.68 -20.87
CA THR Y 7 78.52 88.01 -19.45
C THR Y 7 79.92 87.89 -18.87
N LEU Y 8 80.45 88.98 -18.34
CA LEU Y 8 81.78 89.04 -17.72
C LEU Y 8 81.66 89.08 -16.20
N GLN Y 9 82.14 88.05 -15.51
CA GLN Y 9 82.07 87.98 -14.04
C GLN Y 9 83.46 88.31 -13.51
N LEU Y 10 83.60 89.44 -12.80
CA LEU Y 10 84.89 89.99 -12.43
C LEU Y 10 85.13 89.99 -10.92
N GLY Y 11 86.24 89.39 -10.49
CA GLY Y 11 86.64 89.38 -9.09
C GLY Y 11 85.70 88.57 -8.23
N GLN Y 12 85.97 88.57 -6.92
CA GLN Y 12 85.16 87.75 -6.02
C GLN Y 12 83.67 88.07 -6.16
N CYS Y 13 83.32 89.35 -6.03
CA CYS Y 13 81.91 89.74 -6.06
C CYS Y 13 81.31 89.55 -7.44
N GLY Y 14 82.02 90.01 -8.47
CA GLY Y 14 81.51 89.85 -9.82
C GLY Y 14 81.32 88.40 -10.21
N ASN Y 15 82.29 87.54 -9.86
CA ASN Y 15 82.18 86.12 -10.15
C ASN Y 15 81.05 85.46 -9.38
N GLN Y 16 80.84 85.86 -8.13
CA GLN Y 16 79.75 85.27 -7.37
C GLN Y 16 78.40 85.71 -7.92
N ILE Y 17 78.31 86.98 -8.33
CA ILE Y 17 77.08 87.48 -8.93
C ILE Y 17 76.86 86.83 -10.28
N GLY Y 18 77.92 86.65 -11.07
CA GLY Y 18 77.78 85.96 -12.34
C GLY Y 18 77.35 84.52 -12.18
N PHE Y 19 77.93 83.81 -11.20
CA PHE Y 19 77.52 82.45 -10.92
C PHE Y 19 76.05 82.38 -10.56
N GLU Y 20 75.59 83.25 -9.65
CA GLU Y 20 74.18 83.23 -9.29
C GLU Y 20 73.27 83.67 -10.44
N PHE Y 21 73.75 84.59 -11.28
CA PHE Y 21 72.99 84.99 -12.47
C PHE Y 21 72.81 83.83 -13.42
N TRP Y 22 73.89 83.10 -13.69
CA TRP Y 22 73.82 81.95 -14.58
C TRP Y 22 72.95 80.86 -13.98
N LYS Y 23 73.03 80.65 -12.65
CA LYS Y 23 72.10 79.72 -12.01
C LYS Y 23 70.65 80.14 -12.23
N GLN Y 24 70.35 81.43 -12.08
CA GLN Y 24 68.98 81.90 -12.29
C GLN Y 24 68.55 81.73 -13.74
N LEU Y 25 69.42 82.05 -14.69
CA LEU Y 25 69.10 81.87 -16.10
C LEU Y 25 68.87 80.40 -16.42
N CYS Y 26 69.76 79.53 -15.92
CA CYS Y 26 69.59 78.10 -16.08
C CYS Y 26 68.24 77.65 -15.53
N ALA Y 27 67.89 78.11 -14.33
CA ALA Y 27 66.61 77.73 -13.74
C ALA Y 27 65.43 78.23 -14.57
N GLU Y 28 65.56 79.44 -15.14
CA GLU Y 28 64.48 79.98 -15.97
C GLU Y 28 64.35 79.26 -17.31
N HIS Y 29 65.45 78.76 -17.85
CA HIS Y 29 65.42 78.07 -19.14
C HIS Y 29 65.39 76.56 -19.00
N GLY Y 30 65.49 76.03 -17.78
CA GLY Y 30 65.51 74.59 -17.57
C GLY Y 30 66.74 73.94 -18.17
N ILE Y 31 67.92 74.54 -17.99
CA ILE Y 31 69.17 74.01 -18.49
C ILE Y 31 69.98 73.42 -17.34
N SER Y 32 70.46 72.19 -17.53
CA SER Y 32 71.27 71.52 -16.53
C SER Y 32 72.63 72.18 -16.37
N PRO Y 33 73.33 71.88 -15.27
CA PRO Y 33 74.70 72.39 -15.08
C PRO Y 33 75.69 71.92 -16.15
N GLU Y 34 75.38 70.86 -16.89
CA GLU Y 34 76.25 70.40 -17.96
C GLU Y 34 75.90 71.04 -19.30
N GLY Y 35 74.91 71.92 -19.32
CA GLY Y 35 74.48 72.58 -20.54
C GLY Y 35 73.42 71.86 -21.33
N ILE Y 36 72.90 70.73 -20.84
CA ILE Y 36 71.91 69.97 -21.58
C ILE Y 36 70.53 70.49 -21.21
N VAL Y 37 69.67 70.68 -22.23
CA VAL Y 37 68.31 71.09 -21.98
C VAL Y 37 67.56 69.96 -21.29
N GLU Y 38 66.91 70.28 -20.18
CA GLU Y 38 66.07 69.30 -19.50
C GLU Y 38 64.85 68.95 -20.34
N GLU Y 39 64.41 67.69 -20.24
CA GLU Y 39 63.28 67.25 -21.07
C GLU Y 39 62.09 68.15 -20.87
N PHE Y 40 61.87 68.63 -19.65
CA PHE Y 40 60.78 69.55 -19.40
C PHE Y 40 61.07 70.94 -19.95
N ALA Y 41 62.31 71.18 -20.37
CA ALA Y 41 62.76 72.49 -20.81
C ALA Y 41 63.08 72.49 -22.30
N THR Y 42 62.78 71.39 -22.99
CA THR Y 42 63.06 71.31 -24.42
C THR Y 42 62.21 72.29 -25.21
N GLU Y 43 61.01 72.60 -24.72
CA GLU Y 43 60.06 73.47 -25.40
C GLU Y 43 60.08 74.88 -24.84
N GLY Y 44 61.20 75.31 -24.26
CA GLY Y 44 61.25 76.63 -23.68
C GLY Y 44 61.09 77.71 -24.73
N THR Y 45 60.50 78.82 -24.32
CA THR Y 45 60.34 79.98 -25.19
C THR Y 45 61.53 80.92 -25.14
N ASP Y 46 62.59 80.56 -24.42
CA ASP Y 46 63.75 81.42 -24.31
C ASP Y 46 64.62 81.32 -25.55
N ARG Y 47 65.23 82.45 -25.92
CA ARG Y 47 66.20 82.51 -27.01
C ARG Y 47 67.56 82.27 -26.36
N LYS Y 48 68.08 81.06 -26.51
CA LYS Y 48 69.36 80.74 -25.90
C LYS Y 48 70.54 81.30 -26.68
N ASP Y 49 70.43 81.44 -27.99
CA ASP Y 49 71.59 81.88 -28.75
C ASP Y 49 72.10 83.25 -28.30
N VAL Y 50 71.24 84.08 -27.71
CA VAL Y 50 71.68 85.37 -27.20
C VAL Y 50 72.70 85.24 -26.07
N PHE Y 51 72.42 84.38 -25.08
CA PHE Y 51 73.29 84.31 -23.90
C PHE Y 51 74.06 83.01 -23.73
N PHE Y 52 73.59 81.93 -24.31
CA PHE Y 52 74.24 80.63 -24.29
C PHE Y 52 74.71 80.28 -25.69
N TYR Y 53 75.80 79.53 -25.75
CA TYR Y 53 76.17 78.80 -26.95
C TYR Y 53 75.75 77.34 -26.84
N GLN Y 54 75.39 76.76 -27.98
CA GLN Y 54 75.03 75.35 -28.08
C GLN Y 54 76.26 74.58 -28.52
N ALA Y 55 76.68 73.63 -27.68
CA ALA Y 55 77.77 72.73 -28.00
C ALA Y 55 77.33 71.62 -28.94
N ASP Y 56 78.32 70.93 -29.50
CA ASP Y 56 78.08 69.86 -30.47
C ASP Y 56 77.26 68.72 -29.88
N ASP Y 57 77.20 68.62 -28.56
CA ASP Y 57 76.45 67.57 -27.88
C ASP Y 57 75.06 68.03 -27.47
N GLU Y 58 74.53 69.04 -28.17
CA GLU Y 58 73.24 69.66 -27.87
C GLU Y 58 73.21 70.30 -26.49
N HIS Y 59 74.38 70.51 -25.89
CA HIS Y 59 74.46 71.25 -24.64
C HIS Y 59 74.42 72.75 -24.91
N TYR Y 60 73.58 73.46 -24.17
CA TYR Y 60 73.58 74.92 -24.22
C TYR Y 60 74.48 75.45 -23.12
N ILE Y 61 75.53 76.14 -23.51
CA ILE Y 61 76.56 76.65 -22.60
C ILE Y 61 76.42 78.16 -22.51
N PRO Y 62 76.35 78.73 -21.31
CA PRO Y 62 76.28 80.20 -21.20
C PRO Y 62 77.46 80.86 -21.86
N ARG Y 63 77.19 81.93 -22.61
CA ARG Y 63 78.23 82.82 -23.06
C ARG Y 63 78.77 83.69 -21.94
N ALA Y 64 79.41 83.07 -20.95
CA ALA Y 64 79.87 83.77 -19.76
C ALA Y 64 81.36 83.50 -19.59
N VAL Y 65 82.12 84.57 -19.38
CA VAL Y 65 83.55 84.52 -19.10
C VAL Y 65 83.78 84.99 -17.67
N LEU Y 66 84.41 84.13 -16.87
CA LEU Y 66 84.68 84.44 -15.47
C LEU Y 66 86.17 84.79 -15.38
N LEU Y 67 86.46 86.04 -15.05
CA LEU Y 67 87.82 86.56 -14.95
C LEU Y 67 88.04 87.02 -13.52
N ASP Y 68 89.04 86.44 -12.86
CA ASP Y 68 89.47 86.91 -11.54
C ASP Y 68 90.99 86.87 -11.48
N LEU Y 69 91.54 87.84 -10.75
CA LEU Y 69 92.98 87.89 -10.48
C LEU Y 69 93.35 87.08 -9.25
N GLU Y 70 92.36 86.53 -8.54
CA GLU Y 70 92.57 85.69 -7.38
C GLU Y 70 91.93 84.33 -7.63
N PRO Y 71 92.63 83.24 -7.29
CA PRO Y 71 92.12 81.90 -7.66
C PRO Y 71 90.89 81.46 -6.88
N ARG Y 72 90.63 82.04 -5.71
CA ARG Y 72 89.65 81.46 -4.79
C ARG Y 72 88.27 81.32 -5.45
N VAL Y 73 87.81 82.37 -6.14
CA VAL Y 73 86.46 82.38 -6.67
C VAL Y 73 86.35 81.52 -7.92
N ILE Y 74 87.33 81.62 -8.81
CA ILE Y 74 87.34 80.77 -9.99
C ILE Y 74 87.36 79.30 -9.59
N HIS Y 75 88.23 78.95 -8.63
CA HIS Y 75 88.25 77.58 -8.12
C HIS Y 75 86.92 77.18 -7.48
N SER Y 76 86.25 78.11 -6.80
CA SER Y 76 84.93 77.79 -6.25
C SER Y 76 83.92 77.50 -7.35
N ILE Y 77 84.01 78.24 -8.46
CA ILE Y 77 83.10 77.98 -9.57
C ILE Y 77 83.42 76.63 -10.21
N LEU Y 78 84.71 76.37 -10.44
CA LEU Y 78 85.10 75.10 -11.04
C LEU Y 78 84.84 73.92 -10.10
N ASN Y 79 84.67 74.18 -8.81
CA ASN Y 79 84.28 73.14 -7.87
C ASN Y 79 82.78 73.14 -7.60
N SER Y 80 82.04 74.01 -8.28
CA SER Y 80 80.59 74.05 -8.11
C SER Y 80 79.94 73.06 -9.07
N PRO Y 81 78.67 72.75 -8.86
CA PRO Y 81 77.94 71.92 -9.85
C PRO Y 81 77.86 72.54 -11.22
N TYR Y 82 78.10 73.84 -11.35
CA TYR Y 82 77.97 74.53 -12.63
C TYR Y 82 79.30 74.64 -13.37
N ALA Y 83 80.32 73.90 -12.93
CA ALA Y 83 81.62 74.00 -13.59
C ALA Y 83 81.53 73.64 -15.06
N LYS Y 84 80.65 72.70 -15.42
CA LYS Y 84 80.50 72.29 -16.81
C LYS Y 84 79.69 73.25 -17.64
N LEU Y 85 79.04 74.23 -17.03
CA LEU Y 85 78.23 75.17 -17.81
C LEU Y 85 79.12 76.05 -18.69
N TYR Y 86 80.25 76.51 -18.14
CA TYR Y 86 81.11 77.44 -18.85
C TYR Y 86 82.03 76.69 -19.79
N ASN Y 87 82.30 77.30 -20.95
CA ASN Y 87 83.33 76.80 -21.84
C ASN Y 87 84.69 76.94 -21.18
N PRO Y 88 85.42 75.84 -20.94
CA PRO Y 88 86.75 75.96 -20.34
C PRO Y 88 87.72 76.80 -21.17
N GLU Y 89 87.58 76.81 -22.49
CA GLU Y 89 88.47 77.61 -23.32
C GLU Y 89 88.22 79.10 -23.21
N ASN Y 90 87.10 79.52 -22.62
CA ASN Y 90 86.79 80.92 -22.43
C ASN Y 90 87.16 81.43 -21.04
N ILE Y 91 87.86 80.63 -20.25
CA ILE Y 91 88.23 81.01 -18.88
C ILE Y 91 89.72 81.32 -18.83
N TYR Y 92 90.04 82.59 -18.58
CA TYR Y 92 91.40 83.01 -18.25
C TYR Y 92 91.47 83.22 -16.74
N LEU Y 93 92.47 82.62 -16.10
CA LEU Y 93 92.71 82.83 -14.67
C LEU Y 93 94.16 83.21 -14.43
N SER Y 94 94.37 84.34 -13.76
CA SER Y 94 95.71 84.76 -13.39
C SER Y 94 96.33 83.70 -12.48
N GLU Y 95 97.53 83.24 -12.84
CA GLU Y 95 98.24 82.29 -11.98
C GLU Y 95 98.62 82.90 -10.63
N HIS Y 96 98.76 84.22 -10.56
CA HIS Y 96 99.05 84.88 -9.29
C HIS Y 96 97.75 85.03 -8.49
N GLY Y 97 97.40 83.98 -7.75
CA GLY Y 97 96.18 83.97 -6.96
C GLY Y 97 96.19 84.90 -5.75
N GLY Y 98 96.99 85.96 -5.79
CA GLY Y 98 97.05 86.94 -4.72
C GLY Y 98 96.03 88.03 -4.80
N GLY Y 99 95.34 88.17 -5.93
CA GLY Y 99 94.41 89.25 -6.15
C GLY Y 99 95.06 90.62 -6.05
N ALA Y 100 94.20 91.64 -6.11
CA ALA Y 100 94.57 93.03 -5.91
C ALA Y 100 94.49 93.50 -4.46
N GLY Y 101 94.03 92.66 -3.54
CA GLY Y 101 94.00 93.06 -2.14
C GLY Y 101 93.16 94.28 -1.81
N ASN Y 102 92.00 94.43 -2.46
CA ASN Y 102 91.14 95.61 -2.29
C ASN Y 102 91.82 96.91 -2.67
N ASN Y 103 92.83 96.85 -3.53
CA ASN Y 103 93.56 98.03 -3.99
C ASN Y 103 93.22 98.27 -5.45
N TRP Y 104 92.65 99.44 -5.74
CA TRP Y 104 92.34 99.77 -7.13
C TRP Y 104 93.58 99.69 -8.02
N ALA Y 105 94.70 100.21 -7.51
CA ALA Y 105 95.93 100.20 -8.30
C ALA Y 105 96.40 98.76 -8.54
N SER Y 106 96.28 97.90 -7.54
CA SER Y 106 96.62 96.50 -7.71
C SER Y 106 95.70 95.81 -8.70
N GLY Y 107 94.40 96.12 -8.64
CA GLY Y 107 93.47 95.57 -9.62
C GLY Y 107 93.81 96.00 -11.03
N PHE Y 108 94.25 97.24 -11.19
CA PHE Y 108 94.67 97.74 -12.50
C PHE Y 108 95.91 96.99 -12.98
N SER Y 109 96.92 96.88 -12.12
CA SER Y 109 98.12 96.13 -12.48
C SER Y 109 97.81 94.67 -12.81
N GLN Y 110 96.86 94.05 -12.10
CA GLN Y 110 96.46 92.69 -12.42
C GLN Y 110 95.75 92.61 -13.77
N GLY Y 111 94.86 93.56 -14.05
CA GLY Y 111 94.28 93.63 -15.38
C GLY Y 111 95.33 93.77 -16.46
N GLU Y 112 96.37 94.57 -16.20
CA GLU Y 112 97.49 94.67 -17.13
C GLU Y 112 98.20 93.33 -17.27
N LYS Y 113 98.33 92.59 -16.18
CA LYS Y 113 99.04 91.31 -16.22
C LYS Y 113 98.26 90.27 -17.01
N ILE Y 114 96.93 90.32 -16.96
CA ILE Y 114 96.09 89.35 -17.65
C ILE Y 114 95.44 89.97 -18.89
N HIS Y 115 96.00 91.08 -19.37
CA HIS Y 115 95.41 91.79 -20.50
C HIS Y 115 95.29 90.88 -21.72
N GLU Y 116 96.38 90.21 -22.10
CA GLU Y 116 96.36 89.40 -23.30
C GLU Y 116 95.32 88.29 -23.20
N ASP Y 117 95.30 87.57 -22.08
CA ASP Y 117 94.32 86.50 -21.92
C ASP Y 117 92.90 87.02 -22.06
N ILE Y 118 92.63 88.20 -21.51
CA ILE Y 118 91.27 88.75 -21.56
C ILE Y 118 90.91 89.16 -22.97
N PHE Y 119 91.80 89.84 -23.70
CA PHE Y 119 91.41 90.29 -25.02
C PHE Y 119 91.38 89.14 -26.01
N ASP Y 120 92.21 88.12 -25.79
CA ASP Y 120 92.09 86.88 -26.55
C ASP Y 120 90.75 86.22 -26.32
N ILE Y 121 90.28 86.22 -25.07
CA ILE Y 121 88.98 85.65 -24.77
C ILE Y 121 87.88 86.46 -25.43
N ILE Y 122 87.96 87.79 -25.33
CA ILE Y 122 86.92 88.64 -25.89
C ILE Y 122 86.84 88.46 -27.39
N ASP Y 123 87.98 88.38 -28.06
CA ASP Y 123 87.97 88.19 -29.51
C ASP Y 123 87.45 86.81 -29.88
N ARG Y 124 87.86 85.76 -29.14
CA ARG Y 124 87.31 84.43 -29.36
C ARG Y 124 85.79 84.41 -29.24
N GLU Y 125 85.25 85.05 -28.20
CA GLU Y 125 83.81 85.09 -28.03
C GLU Y 125 83.13 85.93 -29.11
N ALA Y 126 83.77 87.01 -29.55
CA ALA Y 126 83.16 87.81 -30.59
C ALA Y 126 83.08 87.01 -31.88
N ASP Y 127 84.14 86.28 -32.22
CA ASP Y 127 84.08 85.47 -33.42
C ASP Y 127 83.10 84.32 -33.25
N GLY Y 128 82.94 83.81 -32.02
CA GLY Y 128 81.91 82.81 -31.79
C GLY Y 128 80.50 83.33 -31.65
N SER Y 129 80.30 84.63 -31.80
CA SER Y 129 78.96 85.23 -31.74
C SER Y 129 78.56 85.68 -33.14
N ASP Y 130 77.37 85.29 -33.59
CA ASP Y 130 76.94 85.68 -34.93
C ASP Y 130 76.65 87.17 -35.00
N SER Y 131 75.99 87.72 -33.98
CA SER Y 131 75.66 89.13 -33.91
C SER Y 131 75.72 89.56 -32.44
N LEU Y 132 76.89 89.41 -31.83
CA LEU Y 132 77.11 89.86 -30.47
C LEU Y 132 76.56 91.25 -30.24
N GLU Y 133 75.64 91.38 -29.28
CA GLU Y 133 75.06 92.68 -29.00
C GLU Y 133 75.97 93.49 -28.10
N GLY Y 134 76.56 92.87 -27.08
CA GLY Y 134 77.45 93.59 -26.20
C GLY Y 134 77.88 92.73 -25.03
N PHE Y 135 78.60 93.37 -24.12
CA PHE Y 135 79.09 92.73 -22.90
C PHE Y 135 78.45 93.38 -21.69
N VAL Y 136 78.10 92.54 -20.72
CA VAL Y 136 77.67 92.99 -19.40
C VAL Y 136 78.75 92.57 -18.41
N LEU Y 137 79.43 93.55 -17.82
CA LEU Y 137 80.47 93.30 -16.84
C LEU Y 137 79.84 93.42 -15.45
N CYS Y 138 79.91 92.37 -14.67
CA CYS Y 138 79.45 92.34 -13.28
C CYS Y 138 80.67 92.36 -12.39
N HIS Y 139 80.86 93.47 -11.67
CA HIS Y 139 82.06 93.69 -10.87
C HIS Y 139 81.70 94.65 -9.75
N SER Y 140 82.58 94.74 -8.76
CA SER Y 140 82.49 95.75 -7.71
C SER Y 140 83.56 96.82 -7.89
N ILE Y 141 83.17 98.07 -7.65
CA ILE Y 141 84.08 99.20 -7.74
C ILE Y 141 85.00 99.36 -6.54
N ALA Y 142 84.71 98.67 -5.44
CA ALA Y 142 85.42 98.89 -4.19
C ALA Y 142 86.48 97.83 -3.91
N GLY Y 143 86.35 96.65 -4.50
CA GLY Y 143 87.32 95.61 -4.26
C GLY Y 143 88.61 95.92 -4.97
N GLY Y 144 89.50 94.94 -4.98
CA GLY Y 144 90.70 95.07 -5.78
C GLY Y 144 90.55 94.52 -7.17
N THR Y 145 90.20 93.23 -7.27
CA THR Y 145 90.08 92.60 -8.57
C THR Y 145 88.93 93.21 -9.36
N GLY Y 146 87.73 93.14 -8.79
CA GLY Y 146 86.57 93.65 -9.50
C GLY Y 146 86.64 95.13 -9.80
N SER Y 147 87.34 95.90 -8.98
CA SER Y 147 87.41 97.34 -9.21
C SER Y 147 88.46 97.71 -10.24
N GLY Y 148 89.71 97.32 -10.00
CA GLY Y 148 90.78 97.73 -10.89
C GLY Y 148 90.66 97.06 -12.24
N LEU Y 149 90.61 95.73 -12.22
CA LEU Y 149 90.44 94.97 -13.45
C LEU Y 149 89.12 95.30 -14.13
N GLY Y 150 88.06 95.56 -13.36
CA GLY Y 150 86.81 95.98 -13.96
C GLY Y 150 86.90 97.30 -14.70
N SER Y 151 87.56 98.29 -14.11
CA SER Y 151 87.77 99.56 -14.79
C SER Y 151 88.64 99.39 -16.03
N TYR Y 152 89.70 98.58 -15.92
CA TYR Y 152 90.54 98.30 -17.07
C TYR Y 152 89.74 97.67 -18.21
N LEU Y 153 88.92 96.67 -17.88
CA LEU Y 153 88.12 96.01 -18.90
C LEU Y 153 87.07 96.95 -19.49
N LEU Y 154 86.48 97.80 -18.67
CA LEU Y 154 85.55 98.81 -19.19
C LEU Y 154 86.24 99.73 -20.18
N GLU Y 155 87.45 100.19 -19.82
CA GLU Y 155 88.22 101.03 -20.74
C GLU Y 155 88.52 100.30 -22.04
N ARG Y 156 88.99 99.05 -21.93
CA ARG Y 156 89.42 98.34 -23.13
C ARG Y 156 88.24 97.97 -24.02
N LEU Y 157 87.09 97.67 -23.43
CA LEU Y 157 85.89 97.43 -24.23
C LEU Y 157 85.42 98.72 -24.90
N ASN Y 158 85.50 99.85 -24.20
CA ASN Y 158 85.12 101.12 -24.80
C ASN Y 158 86.05 101.48 -25.97
N ASP Y 159 87.32 101.16 -25.84
CA ASP Y 159 88.27 101.43 -26.92
C ASP Y 159 88.08 100.48 -28.10
N ARG Y 160 87.90 99.19 -27.84
CA ARG Y 160 87.84 98.23 -28.94
C ARG Y 160 86.49 98.26 -29.64
N TYR Y 161 85.41 98.49 -28.89
CA TYR Y 161 84.05 98.46 -29.43
C TYR Y 161 83.38 99.79 -29.15
N PRO Y 162 83.97 100.90 -29.60
CA PRO Y 162 83.47 102.22 -29.19
C PRO Y 162 82.07 102.53 -29.71
N LYS Y 163 81.51 101.70 -30.59
CA LYS Y 163 80.16 101.88 -31.08
C LYS Y 163 79.20 100.86 -30.50
N LYS Y 164 79.69 99.95 -29.67
CA LYS Y 164 78.89 98.89 -29.06
C LYS Y 164 78.60 99.25 -27.62
N LEU Y 165 77.43 98.91 -27.12
CA LEU Y 165 77.13 99.21 -25.73
C LEU Y 165 77.95 98.31 -24.82
N VAL Y 166 78.40 98.91 -23.72
CA VAL Y 166 79.07 98.22 -22.61
C VAL Y 166 78.20 98.46 -21.39
N GLN Y 167 77.48 97.44 -20.94
CA GLN Y 167 76.73 97.58 -19.70
C GLN Y 167 77.50 96.96 -18.53
N THR Y 168 77.45 97.63 -17.38
CA THR Y 168 78.05 97.10 -16.16
C THR Y 168 76.99 96.95 -15.08
N TYR Y 169 77.16 95.91 -14.27
CA TYR Y 169 76.53 95.78 -12.97
C TYR Y 169 77.64 96.08 -11.97
N SER Y 170 77.70 97.34 -11.55
CA SER Y 170 78.78 97.84 -10.73
C SER Y 170 78.27 97.88 -9.31
N VAL Y 171 78.91 97.13 -8.42
CA VAL Y 171 78.49 97.08 -7.03
C VAL Y 171 79.13 98.25 -6.29
N PHE Y 172 78.30 99.13 -5.77
CA PHE Y 172 78.80 100.25 -4.99
C PHE Y 172 79.01 99.79 -3.55
N PRO Y 173 80.08 100.24 -2.90
CA PRO Y 173 80.34 99.76 -1.54
C PRO Y 173 79.31 100.26 -0.57
N ASN Y 174 79.22 99.55 0.56
CA ASN Y 174 78.35 99.98 1.64
C ASN Y 174 78.90 101.27 2.22
N GLN Y 175 78.04 102.29 2.29
CA GLN Y 175 78.46 103.57 2.84
C GLN Y 175 78.43 103.56 4.36
N ASP Y 176 77.66 102.66 4.94
CA ASP Y 176 77.41 102.66 6.38
C ASP Y 176 78.42 101.80 7.14
N GLU Y 177 79.10 100.87 6.47
CA GLU Y 177 80.12 100.04 7.09
C GLU Y 177 81.50 100.55 6.74
N MET Y 178 82.41 100.48 7.71
CA MET Y 178 83.84 100.73 7.48
C MET Y 178 84.41 99.74 6.47
N SER Y 179 84.77 100.22 5.28
CA SER Y 179 85.42 99.36 4.31
C SER Y 179 86.73 98.84 4.87
N ASP Y 180 86.93 97.52 4.79
CA ASP Y 180 88.22 96.94 5.12
C ASP Y 180 89.34 97.46 4.24
N VAL Y 181 89.01 98.02 3.08
CA VAL Y 181 89.98 98.57 2.15
C VAL Y 181 90.01 100.08 2.40
N VAL Y 182 91.04 100.54 3.10
CA VAL Y 182 91.11 101.97 3.39
C VAL Y 182 91.20 102.77 2.10
N VAL Y 183 91.66 102.13 1.02
CA VAL Y 183 91.71 102.78 -0.28
C VAL Y 183 90.46 102.50 -1.08
N GLN Y 184 89.51 101.76 -0.51
CA GLN Y 184 88.28 101.43 -1.21
C GLN Y 184 87.63 102.67 -1.78
N PRO Y 185 87.60 103.81 -1.07
CA PRO Y 185 86.99 105.01 -1.66
C PRO Y 185 87.72 105.45 -2.92
N TYR Y 186 89.04 105.27 -2.96
CA TYR Y 186 89.79 105.56 -4.18
C TYR Y 186 89.38 104.63 -5.29
N ASN Y 187 89.29 103.33 -4.99
CA ASN Y 187 88.84 102.37 -5.99
C ASN Y 187 87.47 102.76 -6.51
N SER Y 188 86.57 103.15 -5.60
CA SER Y 188 85.21 103.51 -5.98
C SER Y 188 85.21 104.73 -6.89
N LEU Y 189 86.03 105.73 -6.56
CA LEU Y 189 86.10 106.93 -7.40
C LEU Y 189 86.64 106.59 -8.79
N LEU Y 190 87.69 105.78 -8.85
CA LEU Y 190 88.23 105.36 -10.15
C LEU Y 190 87.20 104.59 -10.97
N THR Y 191 86.44 103.72 -10.31
CA THR Y 191 85.40 102.99 -11.02
C THR Y 191 84.29 103.93 -11.48
N LEU Y 192 83.92 104.90 -10.63
CA LEU Y 192 82.91 105.86 -11.04
C LEU Y 192 83.38 106.67 -12.24
N LYS Y 193 84.67 107.03 -12.26
CA LYS Y 193 85.26 107.68 -13.42
C LYS Y 193 85.11 106.82 -14.68
N ARG Y 194 85.41 105.52 -14.56
CA ARG Y 194 85.34 104.66 -15.73
C ARG Y 194 83.89 104.43 -16.17
N LEU Y 195 82.97 104.28 -15.22
CA LEU Y 195 81.55 104.24 -15.57
C LEU Y 195 81.10 105.52 -16.27
N THR Y 196 81.58 106.67 -15.79
CA THR Y 196 81.18 107.94 -16.37
C THR Y 196 81.74 108.14 -17.77
N GLN Y 197 82.93 107.63 -18.06
CA GLN Y 197 83.56 107.96 -19.33
C GLN Y 197 83.44 106.86 -20.37
N ASN Y 198 83.32 105.59 -19.95
CA ASN Y 198 83.44 104.48 -20.86
C ASN Y 198 82.29 103.49 -20.79
N ALA Y 199 81.28 103.73 -19.94
CA ALA Y 199 80.11 102.88 -19.88
C ALA Y 199 78.87 103.65 -20.32
N ASP Y 200 77.97 102.95 -21.02
CA ASP Y 200 76.71 103.57 -21.42
C ASP Y 200 75.67 103.47 -20.30
N CYS Y 201 75.78 102.47 -19.44
CA CYS Y 201 74.82 102.28 -18.36
C CYS Y 201 75.48 101.48 -17.25
N VAL Y 202 75.43 102.02 -16.03
CA VAL Y 202 75.98 101.38 -14.84
C VAL Y 202 74.81 101.10 -13.91
N VAL Y 203 74.52 99.82 -13.68
CA VAL Y 203 73.52 99.43 -12.68
C VAL Y 203 74.23 99.39 -11.33
N VAL Y 204 73.87 100.30 -10.44
CA VAL Y 204 74.51 100.42 -9.13
C VAL Y 204 73.94 99.38 -8.18
N LEU Y 205 74.82 98.54 -7.64
CA LEU Y 205 74.49 97.53 -6.63
C LEU Y 205 75.13 97.93 -5.30
N ASP Y 206 74.34 98.52 -4.41
CA ASP Y 206 74.84 99.00 -3.12
C ASP Y 206 74.70 97.84 -2.14
N ASN Y 207 75.83 97.33 -1.65
CA ASN Y 207 75.76 96.23 -0.69
C ASN Y 207 75.01 96.61 0.57
N THR Y 208 75.06 97.88 0.97
CA THR Y 208 74.29 98.33 2.12
C THR Y 208 72.80 98.14 1.85
N ALA Y 209 72.35 98.55 0.67
CA ALA Y 209 70.94 98.41 0.32
C ALA Y 209 70.55 96.96 0.15
N LEU Y 210 71.44 96.15 -0.43
CA LEU Y 210 71.14 94.73 -0.60
C LEU Y 210 70.97 94.05 0.75
N ASN Y 211 71.86 94.34 1.71
CA ASN Y 211 71.69 93.81 3.05
C ASN Y 211 70.38 94.29 3.68
N ARG Y 212 70.11 95.60 3.59
CA ARG Y 212 68.85 96.13 4.11
C ARG Y 212 67.63 95.42 3.51
N ILE Y 213 67.62 95.24 2.19
CA ILE Y 213 66.49 94.57 1.53
C ILE Y 213 66.39 93.13 1.98
N ALA Y 214 67.50 92.42 2.03
CA ALA Y 214 67.48 91.02 2.45
C ALA Y 214 66.94 90.86 3.86
N THR Y 215 67.31 91.78 4.76
CA THR Y 215 66.81 91.70 6.13
C THR Y 215 65.34 92.08 6.21
N ASP Y 216 64.97 93.23 5.64
CA ASP Y 216 63.62 93.75 5.84
C ASP Y 216 62.58 92.97 5.06
N ARG Y 217 62.92 92.43 3.89
CA ARG Y 217 61.96 91.87 2.97
C ARG Y 217 62.07 90.36 2.84
N LEU Y 218 63.27 89.82 2.92
CA LEU Y 218 63.49 88.38 2.91
C LEU Y 218 63.46 87.79 4.31
N HIS Y 219 63.37 88.62 5.35
CA HIS Y 219 63.37 88.15 6.73
C HIS Y 219 64.64 87.36 7.03
N ILE Y 220 65.73 87.75 6.40
CA ILE Y 220 67.03 87.14 6.62
C ILE Y 220 67.70 87.89 7.77
N GLN Y 221 67.83 87.23 8.92
CA GLN Y 221 68.58 87.81 10.03
C GLN Y 221 70.06 87.78 9.69
N ASN Y 222 70.67 88.95 9.60
CA ASN Y 222 72.06 89.06 9.17
C ASN Y 222 72.17 88.46 7.77
N PRO Y 223 71.68 89.14 6.74
CA PRO Y 223 71.75 88.57 5.40
C PRO Y 223 73.20 88.36 4.99
N SER Y 224 73.49 87.16 4.51
CA SER Y 224 74.79 86.88 3.93
C SER Y 224 74.90 87.42 2.50
N PHE Y 225 76.15 87.61 2.08
CA PHE Y 225 76.40 87.98 0.69
C PHE Y 225 75.78 86.96 -0.25
N SER Y 226 75.75 85.69 0.14
CA SER Y 226 75.12 84.67 -0.69
C SER Y 226 73.64 84.96 -0.89
N GLN Y 227 72.96 85.39 0.17
CA GLN Y 227 71.54 85.72 0.05
C GLN Y 227 71.33 86.96 -0.81
N ILE Y 228 72.24 87.93 -0.68
CA ILE Y 228 72.17 89.10 -1.54
C ILE Y 228 72.37 88.70 -2.99
N ASN Y 229 73.34 87.83 -3.25
CA ASN Y 229 73.57 87.37 -4.61
C ASN Y 229 72.43 86.52 -5.14
N GLN Y 230 71.73 85.78 -4.26
CA GLN Y 230 70.53 85.07 -4.69
C GLN Y 230 69.42 86.04 -5.10
N LEU Y 231 69.27 87.14 -4.37
CA LEU Y 231 68.33 88.18 -4.79
C LEU Y 231 68.76 88.78 -6.12
N VAL Y 232 70.05 89.04 -6.26
CA VAL Y 232 70.59 89.57 -7.52
C VAL Y 232 70.31 88.61 -8.67
N SER Y 233 70.54 87.32 -8.46
CA SER Y 233 70.28 86.33 -9.51
C SER Y 233 68.79 86.28 -9.87
N THR Y 234 67.92 86.42 -8.89
CA THR Y 234 66.50 86.53 -9.19
C THR Y 234 66.24 87.75 -10.07
N ILE Y 235 66.90 88.87 -9.75
CA ILE Y 235 66.73 90.09 -10.53
C ILE Y 235 67.24 89.88 -11.95
N MET Y 236 68.42 89.28 -12.10
CA MET Y 236 68.98 89.04 -13.42
C MET Y 236 68.10 88.13 -14.26
N SER Y 237 67.49 87.12 -13.64
CA SER Y 237 66.55 86.27 -14.38
C SER Y 237 65.37 87.10 -14.83
N ALA Y 238 64.85 87.97 -13.96
CA ALA Y 238 63.72 88.80 -14.38
C ALA Y 238 64.15 89.78 -15.45
N SER Y 239 65.42 90.22 -15.39
CA SER Y 239 65.96 91.16 -16.36
C SER Y 239 66.09 90.54 -17.74
N THR Y 240 66.22 89.21 -17.80
CA THR Y 240 66.38 88.55 -19.08
C THR Y 240 65.05 88.09 -19.67
N THR Y 241 63.93 88.41 -19.01
CA THR Y 241 62.63 87.95 -19.46
C THR Y 241 62.24 88.50 -20.82
N THR Y 242 62.62 89.76 -21.11
CA THR Y 242 62.31 90.32 -22.43
C THR Y 242 63.14 89.69 -23.53
N LEU Y 243 64.28 89.11 -23.19
CA LEU Y 243 65.06 88.32 -24.14
C LEU Y 243 64.45 86.94 -24.30
N ARG Y 244 64.00 86.36 -23.19
CA ARG Y 244 63.52 84.98 -23.19
C ARG Y 244 62.12 84.84 -23.74
N TYR Y 245 61.29 85.87 -23.65
CA TYR Y 245 59.95 85.77 -24.22
C TYR Y 245 59.80 86.72 -25.41
N PRO Y 246 59.67 86.18 -26.62
CA PRO Y 246 59.58 87.04 -27.81
C PRO Y 246 58.30 87.87 -27.79
N GLY Y 247 58.46 89.19 -27.85
CA GLY Y 247 57.32 90.07 -27.95
C GLY Y 247 57.25 90.81 -29.28
N TYR Y 248 56.32 91.74 -29.34
CA TYR Y 248 56.12 92.55 -30.53
C TYR Y 248 56.90 93.85 -30.53
N MET Y 249 57.31 94.35 -29.36
CA MET Y 249 57.91 95.66 -29.26
C MET Y 249 59.05 95.63 -28.27
N ASN Y 250 60.01 96.51 -28.49
CA ASN Y 250 61.18 96.65 -27.62
C ASN Y 250 61.87 95.30 -27.48
N ASN Y 251 62.15 94.68 -28.63
CA ASN Y 251 62.78 93.38 -28.68
C ASN Y 251 64.29 93.48 -28.69
N ASP Y 252 64.86 94.68 -28.55
CA ASP Y 252 66.29 94.86 -28.56
C ASP Y 252 66.72 95.77 -27.42
N LEU Y 253 67.99 95.60 -27.02
CA LEU Y 253 68.56 96.36 -25.92
C LEU Y 253 68.71 97.84 -26.27
N ILE Y 254 68.99 98.11 -27.55
CA ILE Y 254 69.13 99.49 -28.02
C ILE Y 254 67.90 100.31 -27.68
N GLY Y 255 66.70 99.79 -27.96
CA GLY Y 255 65.50 100.56 -27.66
C GLY Y 255 65.31 100.82 -26.18
N LEU Y 256 65.65 99.84 -25.34
CA LEU Y 256 65.60 100.06 -23.90
C LEU Y 256 66.54 101.18 -23.49
N ILE Y 257 67.78 101.11 -23.95
CA ILE Y 257 68.76 102.11 -23.57
C ILE Y 257 68.33 103.49 -24.07
N ALA Y 258 67.93 103.58 -25.33
CA ALA Y 258 67.51 104.87 -25.88
C ALA Y 258 66.33 105.45 -25.12
N SER Y 259 65.45 104.59 -24.60
CA SER Y 259 64.34 105.07 -23.79
C SER Y 259 64.77 105.46 -22.38
N LEU Y 260 65.87 104.87 -21.87
CA LEU Y 260 66.24 105.07 -20.47
C LEU Y 260 67.36 106.07 -20.24
N ILE Y 261 68.24 106.28 -21.22
CA ILE Y 261 69.46 107.06 -21.03
C ILE Y 261 69.50 108.19 -22.05
N PRO Y 262 68.82 109.31 -21.79
CA PRO Y 262 68.90 110.44 -22.72
C PRO Y 262 70.21 111.20 -22.64
N THR Y 263 70.95 111.06 -21.55
CA THR Y 263 72.22 111.78 -21.36
C THR Y 263 73.34 110.77 -21.13
N PRO Y 264 74.31 110.64 -22.04
CA PRO Y 264 75.27 109.54 -21.94
C PRO Y 264 76.01 109.48 -20.61
N ARG Y 265 76.34 110.63 -20.03
CA ARG Y 265 77.02 110.63 -18.74
C ARG Y 265 76.10 110.31 -17.57
N LEU Y 266 74.80 110.56 -17.70
CA LEU Y 266 73.86 110.27 -16.62
C LEU Y 266 73.29 108.86 -16.76
N HIS Y 267 74.20 107.89 -16.71
CA HIS Y 267 73.91 106.51 -17.04
C HIS Y 267 73.84 105.59 -15.81
N PHE Y 268 73.74 106.14 -14.60
CA PHE Y 268 73.63 105.31 -13.40
C PHE Y 268 72.18 104.92 -13.12
N LEU Y 269 71.89 103.63 -13.22
CA LEU Y 269 70.56 103.07 -13.02
C LEU Y 269 70.47 102.39 -11.67
N MET Y 270 69.39 102.66 -10.93
CA MET Y 270 69.03 101.91 -9.74
C MET Y 270 68.09 100.76 -10.11
N THR Y 271 68.22 99.66 -9.37
CA THR Y 271 67.38 98.49 -9.58
C THR Y 271 66.40 98.32 -8.42
N GLY Y 272 65.24 97.73 -8.74
CA GLY Y 272 64.27 97.30 -7.76
C GLY Y 272 63.58 96.01 -8.15
N TYR Y 273 63.28 95.15 -7.19
CA TYR Y 273 62.71 93.83 -7.46
C TYR Y 273 61.49 93.64 -6.58
N THR Y 274 60.48 92.96 -7.11
CA THR Y 274 59.30 92.60 -6.33
C THR Y 274 58.68 91.35 -6.93
N PRO Y 275 58.13 90.45 -6.09
CA PRO Y 275 58.02 90.49 -4.63
C PRO Y 275 59.31 90.14 -3.92
N LEU Y 276 59.53 90.71 -2.74
CA LEU Y 276 60.61 90.30 -1.85
C LEU Y 276 59.95 89.55 -0.71
N THR Y 277 59.73 88.25 -0.92
CA THR Y 277 59.06 87.40 0.05
C THR Y 277 59.66 86.01 -0.02
N THR Y 278 59.81 85.37 1.13
CA THR Y 278 60.21 83.97 1.16
C THR Y 278 59.07 83.08 0.68
N ARG Y 286 47.58 86.46 -3.25
CA ARG Y 286 46.98 87.75 -3.61
C ARG Y 286 47.35 88.11 -5.05
N LYS Y 287 46.35 88.16 -5.92
CA LYS Y 287 46.55 88.62 -7.28
C LYS Y 287 47.02 90.07 -7.30
N THR Y 288 48.30 90.27 -7.53
CA THR Y 288 48.84 91.62 -7.65
C THR Y 288 48.28 92.29 -8.90
N THR Y 289 47.56 93.39 -8.71
CA THR Y 289 46.97 94.11 -9.82
C THR Y 289 47.99 95.08 -10.37
N VAL Y 290 47.79 95.52 -11.61
CA VAL Y 290 48.65 96.56 -12.17
C VAL Y 290 48.71 97.78 -11.25
N LEU Y 291 47.55 98.18 -10.72
CA LEU Y 291 47.52 99.30 -9.79
C LEU Y 291 48.28 99.00 -8.50
N ASP Y 292 48.16 97.77 -7.99
CA ASP Y 292 48.91 97.42 -6.78
C ASP Y 292 50.40 97.37 -7.05
N VAL Y 293 50.78 96.87 -8.21
CA VAL Y 293 52.18 96.87 -8.61
C VAL Y 293 52.71 98.29 -8.64
N MET Y 294 52.02 99.17 -9.35
CA MET Y 294 52.47 100.55 -9.46
C MET Y 294 52.52 101.24 -8.10
N ARG Y 295 51.56 100.94 -7.22
CA ARG Y 295 51.59 101.51 -5.89
C ARG Y 295 52.79 100.99 -5.10
N ARG Y 296 53.11 99.71 -5.24
CA ARG Y 296 54.28 99.20 -4.54
C ARG Y 296 55.55 99.81 -5.12
N LEU Y 297 55.62 99.94 -6.45
CA LEU Y 297 56.79 100.55 -7.06
C LEU Y 297 56.97 101.97 -6.57
N LEU Y 298 55.87 102.71 -6.42
CA LEU Y 298 55.99 104.05 -5.87
C LEU Y 298 56.23 104.03 -4.37
N GLN Y 299 56.13 102.86 -3.76
CA GLN Y 299 56.39 102.76 -2.33
C GLN Y 299 57.89 102.72 -2.08
N PRO Y 300 58.43 103.59 -1.21
CA PRO Y 300 59.88 103.57 -0.97
C PRO Y 300 60.40 102.22 -0.48
N LYS Y 301 59.56 101.43 0.19
CA LYS Y 301 59.95 100.13 0.70
C LYS Y 301 60.25 99.11 -0.38
N ASN Y 302 59.93 99.38 -1.65
CA ASN Y 302 60.21 98.46 -2.74
C ASN Y 302 61.37 98.89 -3.63
N VAL Y 303 62.02 100.01 -3.34
CA VAL Y 303 63.20 100.40 -4.10
C VAL Y 303 64.42 99.66 -3.55
N MET Y 304 65.20 99.06 -4.45
CA MET Y 304 66.34 98.22 -4.10
C MET Y 304 67.65 98.98 -4.13
N VAL Y 305 67.63 100.29 -3.90
CA VAL Y 305 68.85 101.10 -3.88
C VAL Y 305 68.79 102.03 -2.67
N SER Y 306 69.86 102.01 -1.87
CA SER Y 306 70.00 102.88 -0.70
C SER Y 306 70.56 104.22 -1.15
N THR Y 307 69.66 105.16 -1.41
CA THR Y 307 70.04 106.53 -1.71
C THR Y 307 69.79 107.35 -0.46
N GLY Y 308 70.76 108.19 -0.10
CA GLY Y 308 70.56 109.11 1.01
C GLY Y 308 69.39 110.04 0.76
N ARG Y 309 68.50 110.17 1.75
CA ARG Y 309 67.48 111.22 1.71
C ARG Y 309 68.15 112.52 2.15
N ASP Y 310 68.93 113.09 1.25
CA ASP Y 310 69.38 114.46 1.41
C ASP Y 310 68.18 115.39 1.38
N ARG Y 311 67.98 116.14 2.47
CA ARG Y 311 66.91 117.11 2.50
C ARG Y 311 67.21 118.38 1.72
N GLN Y 312 68.48 118.60 1.35
CA GLN Y 312 68.85 119.81 0.64
C GLN Y 312 68.64 119.67 -0.86
N THR Y 313 68.90 118.49 -1.40
CA THR Y 313 68.78 118.23 -2.83
C THR Y 313 67.46 117.52 -3.08
N ASN Y 314 66.59 118.13 -3.88
CA ASN Y 314 65.30 117.52 -4.22
C ASN Y 314 65.54 116.49 -5.33
N HIS Y 315 66.04 115.33 -4.94
CA HIS Y 315 66.24 114.26 -5.89
C HIS Y 315 64.89 113.85 -6.49
N CYS Y 316 64.93 113.35 -7.72
CA CYS Y 316 63.71 112.99 -8.41
C CYS Y 316 63.97 111.77 -9.28
N TYR Y 317 62.89 111.09 -9.66
CA TYR Y 317 62.99 110.03 -10.62
C TYR Y 317 63.10 110.67 -12.00
N ILE Y 318 64.12 110.27 -12.76
CA ILE Y 318 64.17 110.65 -14.16
C ILE Y 318 63.27 109.75 -15.00
N ALA Y 319 63.41 108.43 -14.84
CA ALA Y 319 62.59 107.49 -15.57
C ALA Y 319 62.43 106.21 -14.77
N ILE Y 320 61.32 105.52 -15.00
CA ILE Y 320 61.08 104.21 -14.41
C ILE Y 320 60.55 103.29 -15.49
N LEU Y 321 61.15 102.10 -15.61
CA LEU Y 321 60.60 101.03 -16.43
C LEU Y 321 60.25 99.87 -15.52
N ASN Y 322 58.99 99.46 -15.55
CA ASN Y 322 58.54 98.26 -14.87
C ASN Y 322 58.31 97.15 -15.88
N ILE Y 323 59.13 96.11 -15.81
CA ILE Y 323 58.91 94.89 -16.57
C ILE Y 323 58.14 93.95 -15.66
N ILE Y 324 56.88 93.70 -15.99
CA ILE Y 324 56.00 92.84 -15.20
C ILE Y 324 55.84 91.52 -15.96
N GLN Y 325 56.23 90.43 -15.32
CA GLN Y 325 56.20 89.09 -15.90
C GLN Y 325 55.11 88.29 -15.21
N GLY Y 326 54.26 87.65 -16.00
CA GLY Y 326 53.24 86.74 -15.52
C GLY Y 326 51.89 87.08 -16.10
N GLU Y 327 50.84 86.50 -15.51
CA GLU Y 327 49.47 86.71 -15.98
C GLU Y 327 49.00 88.09 -15.57
N VAL Y 328 49.07 89.04 -16.50
CA VAL Y 328 48.73 90.44 -16.28
C VAL Y 328 47.63 90.81 -17.28
N ASP Y 329 46.57 91.44 -16.78
CA ASP Y 329 45.57 92.00 -17.68
C ASP Y 329 46.07 93.31 -18.29
N PRO Y 330 46.24 93.39 -19.61
CA PRO Y 330 46.70 94.64 -20.20
C PRO Y 330 45.78 95.81 -19.90
N THR Y 331 44.48 95.55 -19.75
CA THR Y 331 43.58 96.64 -19.41
C THR Y 331 43.87 97.14 -18.00
N GLN Y 332 44.34 96.25 -17.13
CA GLN Y 332 44.73 96.68 -15.80
C GLN Y 332 46.05 97.43 -15.84
N VAL Y 333 46.91 97.07 -16.80
CA VAL Y 333 48.15 97.82 -16.97
C VAL Y 333 47.85 99.25 -17.41
N HIS Y 334 46.98 99.39 -18.41
CA HIS Y 334 46.59 100.72 -18.88
C HIS Y 334 45.93 101.53 -17.77
N LYS Y 335 45.00 100.90 -17.03
CA LYS Y 335 44.38 101.57 -15.90
C LYS Y 335 45.41 101.96 -14.85
N SER Y 336 46.44 101.13 -14.65
CA SER Y 336 47.43 101.43 -13.64
C SER Y 336 48.28 102.63 -14.06
N LEU Y 337 48.67 102.68 -15.33
CA LEU Y 337 49.38 103.85 -15.84
C LEU Y 337 48.54 105.11 -15.69
N GLN Y 338 47.25 105.03 -16.05
CA GLN Y 338 46.36 106.16 -15.89
C GLN Y 338 46.26 106.61 -14.43
N ARG Y 339 46.09 105.66 -13.52
CA ARG Y 339 45.98 105.99 -12.10
C ARG Y 339 47.28 106.58 -11.56
N ILE Y 340 48.43 106.08 -12.00
CA ILE Y 340 49.70 106.62 -11.56
C ILE Y 340 49.86 108.05 -12.03
N ARG Y 341 49.47 108.32 -13.28
CA ARG Y 341 49.55 109.68 -13.77
C ARG Y 341 48.60 110.58 -13.00
N GLU Y 342 47.35 110.16 -12.81
CA GLU Y 342 46.39 110.99 -12.10
C GLU Y 342 46.87 111.29 -10.70
N ARG Y 343 47.49 110.30 -10.03
CA ARG Y 343 47.94 110.51 -8.66
C ARG Y 343 49.30 111.20 -8.57
N LYS Y 344 49.96 111.43 -9.71
CA LYS Y 344 51.28 112.06 -9.71
C LYS Y 344 52.20 111.44 -8.66
N LEU Y 345 52.19 110.10 -8.59
CA LEU Y 345 52.98 109.42 -7.58
C LEU Y 345 54.49 109.54 -7.83
N ALA Y 346 54.91 109.93 -9.02
CA ALA Y 346 56.33 110.10 -9.34
C ALA Y 346 56.55 111.43 -10.05
N ASN Y 347 57.59 112.15 -9.63
CA ASN Y 347 58.03 113.36 -10.30
C ASN Y 347 59.05 113.04 -11.38
N PHE Y 348 58.78 113.50 -12.60
CA PHE Y 348 59.65 113.28 -13.74
C PHE Y 348 60.32 114.60 -14.11
N ILE Y 349 61.42 114.51 -14.87
CA ILE Y 349 62.08 115.69 -15.38
C ILE Y 349 61.08 116.60 -16.07
N PRO Y 350 61.12 117.91 -15.82
CA PRO Y 350 60.17 118.81 -16.48
C PRO Y 350 60.58 119.25 -17.87
N TRP Y 351 61.85 119.07 -18.23
CA TRP Y 351 62.38 119.58 -19.49
C TRP Y 351 62.34 118.53 -20.59
N GLY Y 352 61.80 117.35 -20.29
CA GLY Y 352 61.68 116.28 -21.25
C GLY Y 352 60.47 115.47 -20.86
N PRO Y 353 60.03 114.58 -21.72
CA PRO Y 353 58.89 113.73 -21.35
C PRO Y 353 59.26 112.75 -20.24
N ALA Y 354 58.29 112.48 -19.39
CA ALA Y 354 58.43 111.51 -18.32
C ALA Y 354 58.60 110.14 -18.93
N SER Y 355 59.77 109.54 -18.78
CA SER Y 355 59.96 108.18 -19.29
C SER Y 355 59.49 107.23 -18.21
N ILE Y 356 58.29 106.71 -18.38
CA ILE Y 356 57.75 105.62 -17.57
C ILE Y 356 57.33 104.56 -18.57
N GLN Y 357 58.06 103.45 -18.59
CA GLN Y 357 57.74 102.34 -19.48
C GLN Y 357 57.15 101.20 -18.67
N VAL Y 358 56.27 100.44 -19.31
CA VAL Y 358 55.71 99.23 -18.75
C VAL Y 358 55.83 98.15 -19.81
N ALA Y 359 56.54 97.09 -19.48
CA ALA Y 359 56.60 95.91 -20.34
C ALA Y 359 55.72 94.81 -19.75
N LEU Y 360 54.80 94.29 -20.57
CA LEU Y 360 54.02 93.13 -20.19
C LEU Y 360 54.74 91.92 -20.73
N SER Y 361 55.02 90.95 -19.87
CA SER Y 361 55.62 89.68 -20.25
C SER Y 361 54.87 88.54 -19.60
N ARG Y 362 55.04 87.36 -20.18
CA ARG Y 362 54.51 86.14 -19.60
C ARG Y 362 55.58 85.57 -18.67
N LYS Y 363 55.13 84.86 -17.64
CA LYS Y 363 56.09 84.16 -16.80
C LYS Y 363 56.66 82.95 -17.55
N SER Y 364 57.86 82.54 -17.16
CA SER Y 364 58.42 81.30 -17.64
C SER Y 364 57.47 80.14 -17.37
N PRO Y 365 57.18 79.30 -18.36
CA PRO Y 365 56.40 78.09 -18.08
C PRO Y 365 57.19 77.04 -17.34
N TYR Y 366 58.52 77.13 -17.31
CA TYR Y 366 59.35 76.10 -16.71
C TYR Y 366 59.61 76.37 -15.24
N LEU Y 367 59.46 77.61 -14.80
CA LEU Y 367 59.68 77.93 -13.40
C LEU Y 367 58.33 77.98 -12.69
N PRO Y 368 58.14 77.22 -11.60
CA PRO Y 368 56.91 77.38 -10.81
C PRO Y 368 56.87 78.74 -10.15
N SER Y 369 55.84 79.53 -10.46
CA SER Y 369 55.64 80.84 -9.84
C SER Y 369 54.40 80.77 -8.97
N ALA Y 370 54.59 80.87 -7.66
CA ALA Y 370 53.46 81.02 -6.75
C ALA Y 370 52.72 82.31 -7.02
N HIS Y 371 53.41 83.31 -7.58
CA HIS Y 371 52.87 84.63 -7.81
C HIS Y 371 52.56 84.76 -9.30
N ARG Y 372 51.30 85.07 -9.61
CA ARG Y 372 50.91 85.26 -10.99
C ARG Y 372 51.70 86.37 -11.67
N VAL Y 373 52.20 87.35 -10.90
CA VAL Y 373 52.92 88.47 -11.46
C VAL Y 373 54.13 88.82 -10.59
N SER Y 374 55.30 88.98 -11.22
CA SER Y 374 56.46 89.57 -10.60
C SER Y 374 56.84 90.83 -11.37
N GLY Y 375 57.66 91.68 -10.77
CA GLY Y 375 58.11 92.87 -11.46
C GLY Y 375 59.53 93.30 -11.16
N LEU Y 376 60.23 93.77 -12.19
CA LEU Y 376 61.49 94.49 -12.03
C LEU Y 376 61.29 95.96 -12.39
N MET Y 377 61.84 96.84 -11.56
CA MET Y 377 61.94 98.26 -11.86
C MET Y 377 63.40 98.62 -12.16
N MET Y 378 63.60 99.29 -13.29
CA MET Y 378 64.84 100.01 -13.56
C MET Y 378 64.53 101.50 -13.50
N ALA Y 379 65.22 102.23 -12.62
CA ALA Y 379 64.91 103.64 -12.44
C ALA Y 379 66.16 104.52 -12.54
N ASN Y 380 66.02 105.59 -13.32
CA ASN Y 380 66.98 106.68 -13.35
C ASN Y 380 66.43 107.75 -12.41
N HIS Y 381 67.10 107.96 -11.28
CA HIS Y 381 66.60 108.83 -10.24
C HIS Y 381 67.75 109.71 -9.75
N THR Y 382 67.48 111.01 -9.63
CA THR Y 382 68.57 111.96 -9.40
C THR Y 382 69.25 111.73 -8.06
N SER Y 383 68.61 111.03 -7.13
CA SER Y 383 69.28 110.77 -5.86
C SER Y 383 70.44 109.81 -6.02
N ILE Y 384 70.59 109.17 -7.18
CA ILE Y 384 71.80 108.39 -7.42
C ILE Y 384 73.01 109.30 -7.36
N SER Y 385 72.82 110.58 -7.69
CA SER Y 385 73.91 111.51 -7.53
C SER Y 385 74.37 111.51 -6.08
N SER Y 386 73.43 111.31 -5.14
CA SER Y 386 73.83 111.21 -3.74
C SER Y 386 74.75 110.03 -3.50
N LEU Y 387 74.57 108.94 -4.24
CA LEU Y 387 75.46 107.78 -4.15
C LEU Y 387 76.83 108.09 -4.72
N PHE Y 388 76.86 108.79 -5.86
CA PHE Y 388 78.14 109.16 -6.45
C PHE Y 388 78.85 110.19 -5.57
N GLU Y 389 78.11 111.15 -5.03
CA GLU Y 389 78.64 112.09 -4.07
C GLU Y 389 79.21 111.37 -2.85
N SER Y 390 78.48 110.39 -2.32
CA SER Y 390 78.99 109.61 -1.20
C SER Y 390 80.30 108.92 -1.55
N SER Y 391 80.38 108.31 -2.74
CA SER Y 391 81.63 107.67 -3.15
C SER Y 391 82.77 108.69 -3.27
N CYS Y 392 82.49 109.85 -3.88
CA CYS Y 392 83.48 110.90 -3.98
C CYS Y 392 83.92 111.41 -2.61
N GLN Y 393 82.97 111.61 -1.70
CA GLN Y 393 83.30 112.07 -0.36
C GLN Y 393 84.15 111.05 0.38
N GLN Y 394 83.86 109.76 0.20
CA GLN Y 394 84.69 108.74 0.82
C GLN Y 394 86.10 108.76 0.24
N TYR Y 395 86.21 108.92 -1.08
CA TYR Y 395 87.52 109.07 -1.70
C TYR Y 395 88.27 110.25 -1.11
N ASP Y 396 87.61 111.41 -1.05
CA ASP Y 396 88.25 112.61 -0.52
C ASP Y 396 88.66 112.43 0.94
N LYS Y 397 87.84 111.70 1.70
CA LYS Y 397 88.14 111.38 3.10
C LYS Y 397 89.39 110.51 3.21
N LEU Y 398 89.56 109.56 2.29
CA LEU Y 398 90.75 108.72 2.36
C LEU Y 398 91.97 109.49 1.85
N ARG Y 399 91.83 110.18 0.73
CA ARG Y 399 92.96 110.90 0.14
C ARG Y 399 93.49 111.97 1.09
N LYS Y 400 92.60 112.69 1.77
CA LYS Y 400 93.04 113.69 2.74
C LYS Y 400 93.85 113.09 3.88
N ARG Y 401 93.67 111.79 4.13
CA ARG Y 401 94.42 111.08 5.17
C ARG Y 401 95.54 110.23 4.60
N GLU Y 402 95.70 110.24 3.27
CA GLU Y 402 96.65 109.36 2.59
C GLU Y 402 96.45 107.92 3.02
N ALA Y 403 95.20 107.54 3.31
CA ALA Y 403 94.94 106.23 3.89
C ALA Y 403 95.08 105.16 2.82
N PHE Y 404 95.71 104.05 3.19
CA PHE Y 404 95.80 102.86 2.34
C PHE Y 404 96.54 103.17 1.04
N LEU Y 405 97.41 104.18 1.05
CA LEU Y 405 98.14 104.55 -0.15
C LEU Y 405 99.42 103.75 -0.32
N GLU Y 406 99.87 103.03 0.72
CA GLU Y 406 101.13 102.31 0.62
C GLU Y 406 101.04 101.20 -0.43
N GLN Y 407 99.87 100.55 -0.54
CA GLN Y 407 99.69 99.52 -1.54
C GLN Y 407 99.50 100.10 -2.93
N PHE Y 408 98.91 101.28 -3.04
CA PHE Y 408 98.81 101.92 -4.34
C PHE Y 408 100.19 102.35 -4.84
N ARG Y 409 101.01 102.92 -3.96
CA ARG Y 409 102.33 103.35 -4.38
C ARG Y 409 103.18 102.18 -4.86
N LYS Y 410 102.83 100.95 -4.48
CA LYS Y 410 103.53 99.80 -5.01
C LYS Y 410 103.13 99.51 -6.45
N GLU Y 411 101.96 99.96 -6.87
CA GLU Y 411 101.46 99.71 -8.21
C GLU Y 411 101.79 100.88 -9.15
N ASP Y 412 102.07 100.55 -10.41
CA ASP Y 412 102.62 101.54 -11.31
C ASP Y 412 101.67 102.72 -11.50
N ILE Y 413 100.35 102.45 -11.54
CA ILE Y 413 99.38 103.51 -11.71
C ILE Y 413 99.39 104.49 -10.55
N PHE Y 414 99.82 104.06 -9.37
CA PHE Y 414 99.87 104.93 -8.21
C PHE Y 414 101.27 105.05 -7.62
N LYS Y 415 102.29 104.55 -8.31
CA LYS Y 415 103.64 104.55 -7.75
C LYS Y 415 104.18 105.96 -7.62
N GLU Y 416 103.92 106.81 -8.61
CA GLU Y 416 104.45 108.17 -8.63
C GLU Y 416 103.49 109.17 -7.98
N ASN Y 417 102.21 109.09 -8.31
CA ASN Y 417 101.21 110.01 -7.79
C ASN Y 417 99.85 109.32 -7.75
N PHE Y 418 98.85 110.09 -7.32
CA PHE Y 418 97.47 109.63 -7.24
C PHE Y 418 96.60 110.33 -8.27
N ASP Y 419 97.21 110.82 -9.35
CA ASP Y 419 96.46 111.62 -10.32
C ASP Y 419 95.30 110.82 -10.89
N GLU Y 420 95.42 109.50 -10.99
CA GLU Y 420 94.27 108.73 -11.46
C GLU Y 420 93.12 108.79 -10.46
N LEU Y 421 93.44 108.86 -9.17
CA LEU Y 421 92.42 109.07 -8.15
C LEU Y 421 91.80 110.44 -8.27
N ASP Y 422 92.62 111.47 -8.51
CA ASP Y 422 92.09 112.83 -8.59
C ASP Y 422 91.23 113.01 -9.83
N ARG Y 423 91.66 112.44 -10.95
CA ARG Y 423 90.83 112.42 -12.16
C ARG Y 423 89.53 111.66 -11.92
N SER Y 424 89.58 110.56 -11.17
CA SER Y 424 88.34 109.85 -10.86
C SER Y 424 87.40 110.70 -10.02
N ARG Y 425 87.96 111.45 -9.07
CA ARG Y 425 87.15 112.34 -8.26
C ARG Y 425 86.55 113.44 -9.12
N GLU Y 426 87.32 113.95 -10.07
CA GLU Y 426 86.81 114.97 -10.99
C GLU Y 426 85.69 114.42 -11.85
N VAL Y 427 85.91 113.24 -12.45
CA VAL Y 427 84.89 112.62 -13.28
C VAL Y 427 83.60 112.39 -12.50
N VAL Y 428 83.72 111.91 -11.26
CA VAL Y 428 82.53 111.67 -10.45
C VAL Y 428 81.88 112.99 -10.04
N GLN Y 429 82.66 114.04 -9.85
CA GLN Y 429 82.09 115.36 -9.58
C GLN Y 429 81.32 115.86 -10.79
N GLU Y 430 81.92 115.77 -11.98
CA GLU Y 430 81.24 116.16 -13.20
C GLU Y 430 79.96 115.37 -13.41
N LEU Y 431 79.99 114.06 -13.12
CA LEU Y 431 78.77 113.26 -13.21
C LEU Y 431 77.70 113.74 -12.25
N ILE Y 432 78.08 114.00 -10.99
CA ILE Y 432 77.12 114.52 -10.02
C ILE Y 432 76.54 115.84 -10.48
N ASP Y 433 77.42 116.74 -10.96
CA ASP Y 433 76.97 118.05 -11.40
C ASP Y 433 76.06 117.96 -12.61
N GLU Y 434 76.36 117.06 -13.54
CA GLU Y 434 75.49 116.84 -14.69
C GLU Y 434 74.14 116.29 -14.28
N TYR Y 435 74.12 115.38 -13.32
CA TYR Y 435 72.85 114.89 -12.77
C TYR Y 435 72.05 116.01 -12.11
N HIS Y 436 72.73 116.91 -11.41
CA HIS Y 436 72.03 118.05 -10.84
C HIS Y 436 71.53 119.01 -11.92
N ALA Y 437 72.34 119.31 -12.94
CA ALA Y 437 71.84 120.15 -14.02
C ALA Y 437 70.63 119.50 -14.69
N ALA Y 438 70.68 118.19 -14.92
CA ALA Y 438 69.54 117.50 -15.48
C ALA Y 438 68.36 117.53 -14.53
N THR Y 439 68.62 117.82 -13.25
CA THR Y 439 67.56 118.03 -12.27
C THR Y 439 66.95 119.41 -12.37
N ARG Y 440 67.57 120.33 -13.10
CA ARG Y 440 67.16 121.72 -13.12
C ARG Y 440 66.43 122.03 -14.43
N MET Z 1 84.95 47.84 -65.68
CA MET Z 1 86.22 47.23 -65.21
C MET Z 1 86.61 47.78 -63.85
N PRO Z 2 87.05 46.91 -62.96
CA PRO Z 2 87.58 47.37 -61.67
C PRO Z 2 88.71 48.37 -61.89
N ARG Z 3 88.97 49.17 -60.86
CA ARG Z 3 90.03 50.16 -60.89
C ARG Z 3 90.93 49.84 -59.70
N GLU Z 4 91.79 48.85 -59.91
CA GLU Z 4 92.62 48.32 -58.83
C GLU Z 4 93.69 49.32 -58.40
N ILE Z 5 93.98 49.32 -57.11
CA ILE Z 5 95.02 50.17 -56.54
C ILE Z 5 95.99 49.27 -55.80
N ILE Z 6 97.26 49.38 -56.13
CA ILE Z 6 98.30 48.63 -55.43
C ILE Z 6 98.84 49.50 -54.31
N THR Z 7 98.78 48.97 -53.08
CA THR Z 7 99.29 49.68 -51.91
C THR Z 7 100.71 49.22 -51.61
N LEU Z 8 101.65 50.14 -51.62
CA LEU Z 8 103.05 49.86 -51.31
C LEU Z 8 103.34 50.34 -49.90
N GLN Z 9 103.65 49.42 -48.99
CA GLN Z 9 103.90 49.74 -47.59
C GLN Z 9 105.40 49.72 -47.35
N LEU Z 10 105.97 50.88 -47.00
CA LEU Z 10 107.42 51.09 -46.96
C LEU Z 10 107.93 51.30 -45.55
N GLY Z 11 108.91 50.48 -45.16
CA GLY Z 11 109.59 50.57 -43.88
C GLY Z 11 108.70 50.23 -42.69
N GLN Z 12 109.30 50.34 -41.50
CA GLN Z 12 108.59 49.95 -40.28
C GLN Z 12 107.26 50.70 -40.14
N CYS Z 13 107.31 52.03 -40.21
CA CYS Z 13 106.10 52.82 -39.99
C CYS Z 13 105.10 52.61 -41.10
N GLY Z 14 105.55 52.66 -42.35
CA GLY Z 14 104.65 52.46 -43.47
C GLY Z 14 103.99 51.09 -43.43
N ASN Z 15 104.76 50.05 -43.13
CA ASN Z 15 104.20 48.71 -43.05
C ASN Z 15 103.23 48.57 -41.89
N GLN Z 16 103.50 49.20 -40.76
CA GLN Z 16 102.58 49.10 -39.63
C GLN Z 16 101.28 49.84 -39.93
N ILE Z 17 101.38 51.00 -40.57
CA ILE Z 17 100.18 51.75 -40.92
C ILE Z 17 99.40 51.00 -41.99
N GLY Z 18 100.09 50.40 -42.96
CA GLY Z 18 99.39 49.60 -43.95
C GLY Z 18 98.70 48.40 -43.35
N PHE Z 19 99.37 47.72 -42.40
CA PHE Z 19 98.75 46.60 -41.71
C PHE Z 19 97.48 47.03 -40.99
N GLU Z 20 97.53 48.15 -40.27
CA GLU Z 20 96.32 48.62 -39.59
C GLU Z 20 95.25 49.09 -40.58
N PHE Z 21 95.66 49.66 -41.71
CA PHE Z 21 94.69 50.05 -42.74
C PHE Z 21 93.97 48.84 -43.30
N TRP Z 22 94.75 47.80 -43.64
CA TRP Z 22 94.14 46.58 -44.17
C TRP Z 22 93.28 45.90 -43.13
N LYS Z 23 93.70 45.90 -41.87
CA LYS Z 23 92.85 45.40 -40.80
C LYS Z 23 91.53 46.16 -40.74
N GLN Z 24 91.59 47.48 -40.84
CA GLN Z 24 90.37 48.28 -40.83
C GLN Z 24 89.48 47.97 -42.03
N LEU Z 25 90.08 47.83 -43.21
CA LEU Z 25 89.32 47.48 -44.40
C LEU Z 25 88.67 46.11 -44.26
N CYS Z 26 89.43 45.14 -43.77
CA CYS Z 26 88.89 43.80 -43.51
C CYS Z 26 87.70 43.89 -42.56
N ALA Z 27 87.84 44.64 -41.47
CA ALA Z 27 86.74 44.78 -40.52
C ALA Z 27 85.54 45.46 -41.14
N GLU Z 28 85.77 46.43 -42.03
CA GLU Z 28 84.67 47.11 -42.71
C GLU Z 28 83.99 46.21 -43.73
N HIS Z 29 84.72 45.28 -44.31
CA HIS Z 29 84.20 44.38 -45.33
C HIS Z 29 83.76 43.04 -44.75
N GLY Z 30 83.95 42.83 -43.45
CA GLY Z 30 83.61 41.56 -42.84
C GLY Z 30 84.48 40.40 -43.29
N ILE Z 31 85.79 40.62 -43.39
CA ILE Z 31 86.74 39.58 -43.74
C ILE Z 31 87.48 39.17 -42.47
N SER Z 32 87.54 37.87 -42.22
CA SER Z 32 88.23 37.37 -41.04
C SER Z 32 89.73 37.59 -41.15
N PRO Z 33 90.44 37.51 -40.03
CA PRO Z 33 91.91 37.61 -40.09
C PRO Z 33 92.53 36.51 -40.92
N GLU Z 34 91.82 35.43 -41.20
CA GLU Z 34 92.30 34.35 -42.04
C GLU Z 34 91.92 34.55 -43.51
N GLY Z 35 91.25 35.66 -43.83
CA GLY Z 35 90.83 35.91 -45.19
C GLY Z 35 89.47 35.35 -45.55
N ILE Z 36 88.74 34.80 -44.59
CA ILE Z 36 87.43 34.21 -44.85
C ILE Z 36 86.36 35.28 -44.69
N VAL Z 37 85.42 35.33 -45.62
CA VAL Z 37 84.29 36.24 -45.54
C VAL Z 37 83.40 35.82 -44.37
N GLU Z 38 83.08 36.77 -43.51
CA GLU Z 38 82.15 36.50 -42.42
C GLU Z 38 80.73 36.27 -42.93
N GLU Z 39 80.02 35.37 -42.26
CA GLU Z 39 78.67 35.02 -42.69
C GLU Z 39 77.80 36.26 -42.81
N PHE Z 40 77.97 37.21 -41.89
CA PHE Z 40 77.18 38.43 -41.96
C PHE Z 40 77.63 39.33 -43.10
N ALA Z 41 78.78 39.02 -43.70
CA ALA Z 41 79.37 39.87 -44.72
C ALA Z 41 79.36 39.19 -46.08
N THR Z 42 78.71 38.03 -46.17
CA THR Z 42 78.67 37.32 -47.45
C THR Z 42 77.87 38.09 -48.49
N GLU Z 43 76.84 38.82 -48.07
CA GLU Z 43 75.96 39.56 -48.96
C GLU Z 43 76.29 41.06 -48.98
N GLY Z 44 77.54 41.41 -48.68
CA GLY Z 44 77.89 42.82 -48.62
C GLY Z 44 77.75 43.49 -49.98
N THR Z 45 77.38 44.77 -49.94
CA THR Z 45 77.27 45.61 -51.12
C THR Z 45 78.57 46.35 -51.45
N ASP Z 46 79.66 46.08 -50.75
CA ASP Z 46 80.90 46.80 -51.01
C ASP Z 46 81.58 46.25 -52.25
N ARG Z 47 82.23 47.13 -53.01
CA ARG Z 47 83.03 46.74 -54.16
C ARG Z 47 84.45 46.56 -53.66
N LYS Z 48 84.85 45.31 -53.46
CA LYS Z 48 86.19 45.00 -52.99
C LYS Z 48 87.24 45.06 -54.09
N ASP Z 49 86.84 44.79 -55.34
CA ASP Z 49 87.82 44.68 -56.42
C ASP Z 49 88.68 45.92 -56.60
N VAL Z 50 88.22 47.08 -56.17
CA VAL Z 50 89.04 48.28 -56.28
C VAL Z 50 90.33 48.16 -55.46
N PHE Z 51 90.24 47.70 -54.22
CA PHE Z 51 91.41 47.68 -53.34
C PHE Z 51 91.90 46.29 -52.93
N PHE Z 52 91.05 45.28 -53.00
CA PHE Z 52 91.39 43.91 -52.64
C PHE Z 52 91.39 43.03 -53.88
N TYR Z 53 92.21 41.99 -53.85
CA TYR Z 53 92.07 40.88 -54.75
C TYR Z 53 91.31 39.75 -54.09
N GLN Z 54 90.53 39.02 -54.90
CA GLN Z 54 89.75 37.88 -54.45
C GLN Z 54 90.55 36.62 -54.75
N ALA Z 55 90.83 35.85 -53.70
CA ALA Z 55 91.49 34.56 -53.85
C ALA Z 55 90.49 33.49 -54.30
N ASP Z 56 91.05 32.37 -54.75
CA ASP Z 56 90.25 31.27 -55.28
C ASP Z 56 89.28 30.70 -54.25
N ASP Z 57 89.53 30.94 -52.96
CA ASP Z 57 88.69 30.43 -51.89
C ASP Z 57 87.66 31.46 -51.44
N GLU Z 58 87.31 32.40 -52.31
CA GLU Z 58 86.42 33.50 -51.98
C GLU Z 58 87.02 34.38 -50.89
N HIS Z 59 88.32 34.22 -50.65
CA HIS Z 59 89.06 35.08 -49.75
C HIS Z 59 89.42 36.37 -50.48
N TYR Z 60 89.21 37.49 -49.82
CA TYR Z 60 89.62 38.78 -50.34
C TYR Z 60 91.01 39.08 -49.81
N ILE Z 61 91.97 39.19 -50.71
CA ILE Z 61 93.37 39.42 -50.37
C ILE Z 61 93.72 40.84 -50.78
N PRO Z 62 94.30 41.64 -49.89
CA PRO Z 62 94.68 43.00 -50.28
C PRO Z 62 95.63 42.98 -51.46
N ARG Z 63 95.37 43.88 -52.41
CA ARG Z 63 96.36 44.22 -53.44
C ARG Z 63 97.44 45.12 -52.84
N ALA Z 64 98.15 44.55 -51.87
CA ALA Z 64 99.12 45.28 -51.08
C ALA Z 64 100.47 44.56 -51.15
N VAL Z 65 101.52 45.33 -51.41
CA VAL Z 65 102.90 44.85 -51.39
C VAL Z 65 103.60 45.50 -50.20
N LEU Z 66 104.13 44.69 -49.31
CA LEU Z 66 104.80 45.14 -48.10
C LEU Z 66 106.31 44.99 -48.33
N LEU Z 67 107.02 46.10 -48.37
CA LEU Z 67 108.46 46.12 -48.60
C LEU Z 67 109.11 46.73 -47.36
N ASP Z 68 110.00 45.98 -46.73
CA ASP Z 68 110.80 46.51 -45.64
C ASP Z 68 112.24 46.05 -45.76
N LEU Z 69 113.16 46.91 -45.37
CA LEU Z 69 114.58 46.56 -45.33
C LEU Z 69 115.00 45.90 -44.03
N GLU Z 70 114.11 45.82 -43.03
CA GLU Z 70 114.41 45.14 -41.78
C GLU Z 70 113.39 44.04 -41.53
N PRO Z 71 113.82 42.85 -41.13
CA PRO Z 71 112.87 41.73 -41.02
C PRO Z 71 111.91 41.85 -39.86
N ARG Z 72 112.22 42.64 -38.83
CA ARG Z 72 111.47 42.58 -37.58
C ARG Z 72 109.99 42.86 -37.81
N VAL Z 73 109.69 43.91 -38.58
CA VAL Z 73 108.30 44.36 -38.73
C VAL Z 73 107.55 43.43 -39.67
N ILE Z 74 108.18 43.04 -40.77
CA ILE Z 74 107.55 42.08 -41.68
C ILE Z 74 107.24 40.78 -40.96
N HIS Z 75 108.19 40.28 -40.17
CA HIS Z 75 107.94 39.09 -39.36
C HIS Z 75 106.81 39.30 -38.35
N SER Z 76 106.71 40.49 -37.77
CA SER Z 76 105.61 40.76 -36.86
C SER Z 76 104.26 40.74 -37.58
N ILE Z 77 104.23 41.25 -38.80
CA ILE Z 77 102.99 41.22 -39.56
C ILE Z 77 102.65 39.78 -39.94
N LEU Z 78 103.64 39.03 -40.42
CA LEU Z 78 103.38 37.65 -40.77
C LEU Z 78 103.07 36.80 -39.56
N ASN Z 79 103.39 37.29 -38.36
CA ASN Z 79 103.03 36.62 -37.13
C ASN Z 79 101.75 37.19 -36.52
N SER Z 80 101.12 38.13 -37.19
CA SER Z 80 99.89 38.66 -36.64
C SER Z 80 98.71 37.80 -37.08
N PRO Z 81 97.56 37.94 -36.41
CA PRO Z 81 96.35 37.24 -36.89
C PRO Z 81 95.92 37.62 -38.29
N TYR Z 82 96.39 38.75 -38.82
CA TYR Z 82 95.99 39.23 -40.14
C TYR Z 82 96.94 38.79 -41.25
N ALA Z 83 97.84 37.85 -40.97
CA ALA Z 83 98.80 37.41 -41.97
C ALA Z 83 98.12 36.88 -43.23
N LYS Z 84 96.96 36.24 -43.10
CA LYS Z 84 96.29 35.67 -44.27
C LYS Z 84 95.55 36.69 -45.11
N LEU Z 85 95.36 37.92 -44.64
CA LEU Z 85 94.68 38.91 -45.45
C LEU Z 85 95.52 39.31 -46.65
N TYR Z 86 96.82 39.50 -46.43
CA TYR Z 86 97.73 39.96 -47.46
C TYR Z 86 98.22 38.80 -48.30
N ASN Z 87 98.43 39.05 -49.58
CA ASN Z 87 99.11 38.08 -50.42
C ASN Z 87 100.55 37.90 -49.91
N PRO Z 88 100.93 36.70 -49.46
CA PRO Z 88 102.31 36.50 -49.00
C PRO Z 88 103.36 36.75 -50.07
N GLU Z 89 103.03 36.53 -51.34
CA GLU Z 89 104.00 36.76 -52.42
C GLU Z 89 104.31 38.22 -52.63
N ASN Z 90 103.55 39.13 -52.02
CA ASN Z 90 103.77 40.56 -52.14
C ASN Z 90 104.61 41.14 -51.01
N ILE Z 91 105.20 40.31 -50.15
CA ILE Z 91 106.00 40.82 -49.04
C ILE Z 91 107.48 40.54 -49.34
N TYR Z 92 108.23 41.61 -49.56
CA TYR Z 92 109.69 41.57 -49.65
C TYR Z 92 110.30 42.11 -48.36
N LEU Z 93 111.25 41.35 -47.79
CA LEU Z 93 112.02 41.81 -46.65
C LEU Z 93 113.51 41.63 -46.93
N SER Z 94 114.25 42.73 -46.88
CA SER Z 94 115.69 42.69 -47.07
C SER Z 94 116.34 41.84 -45.98
N GLU Z 95 117.12 40.84 -46.38
CA GLU Z 95 117.89 40.08 -45.40
C GLU Z 95 118.98 40.94 -44.77
N HIS Z 96 119.45 41.97 -45.47
CA HIS Z 96 120.43 42.91 -44.92
C HIS Z 96 119.69 43.90 -44.04
N GLY Z 97 119.51 43.53 -42.77
CA GLY Z 97 118.78 44.35 -41.83
C GLY Z 97 119.42 45.66 -41.42
N GLY Z 98 120.27 46.24 -42.27
CA GLY Z 98 120.88 47.51 -41.94
C GLY Z 98 120.08 48.74 -42.29
N GLY Z 99 119.03 48.59 -43.10
CA GLY Z 99 118.24 49.72 -43.52
C GLY Z 99 119.00 50.85 -44.22
N ALA Z 100 118.25 51.92 -44.45
CA ALA Z 100 118.78 53.20 -44.93
C ALA Z 100 119.18 54.14 -43.81
N GLY Z 101 118.95 53.74 -42.56
CA GLY Z 101 119.37 54.55 -41.42
C GLY Z 101 118.80 55.95 -41.36
N ASN Z 102 117.54 56.12 -41.75
CA ASN Z 102 116.91 57.45 -41.81
C ASN Z 102 117.68 58.40 -42.71
N ASN Z 103 118.45 57.88 -43.66
CA ASN Z 103 119.23 58.67 -44.58
C ASN Z 103 118.60 58.55 -45.96
N TRP Z 104 118.16 59.69 -46.51
CA TRP Z 104 117.58 59.68 -47.84
C TRP Z 104 118.56 59.10 -48.85
N ALA Z 105 119.84 59.47 -48.76
CA ALA Z 105 120.80 58.96 -49.72
C ALA Z 105 120.96 57.45 -49.61
N SER Z 106 120.97 56.94 -48.37
CA SER Z 106 121.06 55.49 -48.19
C SER Z 106 119.81 54.79 -48.70
N GLY Z 107 118.63 55.35 -48.44
CA GLY Z 107 117.41 54.78 -48.99
C GLY Z 107 117.41 54.78 -50.50
N PHE Z 108 117.94 55.83 -51.11
CA PHE Z 108 118.02 55.90 -52.56
C PHE Z 108 118.95 54.82 -53.10
N SER Z 109 120.14 54.70 -52.50
CA SER Z 109 121.07 53.66 -52.92
C SER Z 109 120.47 52.27 -52.73
N GLN Z 110 119.69 52.06 -51.67
CA GLN Z 110 119.04 50.76 -51.49
C GLN Z 110 117.96 50.52 -52.54
N GLY Z 111 117.15 51.54 -52.85
CA GLY Z 111 116.22 51.41 -53.95
C GLY Z 111 116.89 51.07 -55.26
N GLU Z 112 118.05 51.69 -55.52
CA GLU Z 112 118.82 51.36 -56.70
C GLU Z 112 119.31 49.92 -56.66
N LYS Z 113 119.71 49.46 -55.47
CA LYS Z 113 120.25 48.11 -55.36
C LYS Z 113 119.16 47.07 -55.56
N ILE Z 114 117.93 47.38 -55.16
CA ILE Z 114 116.82 46.44 -55.26
C ILE Z 114 115.88 46.83 -56.40
N HIS Z 115 116.37 47.65 -57.34
CA HIS Z 115 115.51 48.14 -58.42
C HIS Z 115 114.89 46.97 -59.17
N GLU Z 116 115.71 46.04 -59.62
CA GLU Z 116 115.18 44.92 -60.40
C GLU Z 116 114.20 44.10 -59.56
N ASP Z 117 114.59 43.74 -58.34
CA ASP Z 117 113.68 42.98 -57.49
C ASP Z 117 112.40 43.76 -57.25
N ILE Z 118 112.50 45.06 -57.03
CA ILE Z 118 111.33 45.87 -56.75
C ILE Z 118 110.46 46.00 -57.99
N PHE Z 119 111.06 46.24 -59.15
CA PHE Z 119 110.24 46.42 -60.33
C PHE Z 119 109.66 45.09 -60.80
N ASP Z 120 110.37 44.00 -60.55
CA ASP Z 120 109.82 42.67 -60.76
C ASP Z 120 108.60 42.42 -59.88
N ILE Z 121 108.65 42.86 -58.62
CA ILE Z 121 107.50 42.69 -57.74
C ILE Z 121 106.34 43.55 -58.25
N ILE Z 122 106.64 44.80 -58.60
CA ILE Z 122 105.60 45.71 -59.05
C ILE Z 122 104.95 45.17 -60.31
N ASP Z 123 105.75 44.65 -61.23
CA ASP Z 123 105.20 44.11 -62.47
C ASP Z 123 104.39 42.85 -62.21
N ARG Z 124 104.85 41.98 -61.33
CA ARG Z 124 104.05 40.82 -60.95
C ARG Z 124 102.70 41.23 -60.39
N GLU Z 125 102.68 42.22 -59.51
CA GLU Z 125 101.42 42.67 -58.94
C GLU Z 125 100.56 43.37 -59.98
N ALA Z 126 101.17 44.10 -60.91
CA ALA Z 126 100.39 44.77 -61.95
C ALA Z 126 99.75 43.74 -62.87
N ASP Z 127 100.50 42.70 -63.22
CA ASP Z 127 99.94 41.66 -64.08
C ASP Z 127 98.86 40.89 -63.33
N GLY Z 128 98.96 40.82 -62.00
CA GLY Z 128 97.90 40.22 -61.22
C GLY Z 128 96.68 41.08 -61.01
N SER Z 129 96.60 42.26 -61.62
CA SER Z 129 95.43 43.13 -61.51
C SER Z 129 94.69 43.14 -62.83
N ASP Z 130 93.37 42.90 -62.78
CA ASP Z 130 92.61 42.87 -64.02
C ASP Z 130 92.49 44.25 -64.65
N SER Z 131 92.26 45.27 -63.85
CA SER Z 131 92.14 46.65 -64.35
C SER Z 131 92.72 47.60 -63.31
N LEU Z 132 94.01 47.42 -63.01
CA LEU Z 132 94.74 48.30 -62.11
C LEU Z 132 94.49 49.78 -62.41
N GLU Z 133 93.96 50.50 -61.42
CA GLU Z 133 93.73 51.93 -61.59
C GLU Z 133 95.02 52.70 -61.35
N GLY Z 134 95.80 52.31 -60.35
CA GLY Z 134 97.04 53.00 -60.05
C GLY Z 134 97.72 52.49 -58.82
N PHE Z 135 98.79 53.18 -58.41
CA PHE Z 135 99.53 52.81 -57.21
C PHE Z 135 99.41 53.88 -56.14
N VAL Z 136 99.23 53.42 -54.91
CA VAL Z 136 99.27 54.23 -53.70
C VAL Z 136 100.49 53.82 -52.88
N LEU Z 137 101.44 54.71 -52.70
CA LEU Z 137 102.61 54.43 -51.88
C LEU Z 137 102.33 54.96 -50.49
N CYS Z 138 102.33 54.08 -49.51
CA CYS Z 138 102.18 54.42 -48.10
C CYS Z 138 103.54 54.28 -47.44
N HIS Z 139 104.09 55.42 -47.03
CA HIS Z 139 105.44 55.46 -46.50
C HIS Z 139 105.54 56.64 -45.56
N SER Z 140 106.63 56.68 -44.80
CA SER Z 140 106.95 57.82 -43.95
C SER Z 140 108.13 58.60 -44.53
N ILE Z 141 108.03 59.93 -44.43
CA ILE Z 141 109.07 60.83 -44.91
C ILE Z 141 110.26 60.88 -43.97
N ALA Z 142 110.11 60.32 -42.76
CA ALA Z 142 111.10 60.45 -41.71
C ALA Z 142 112.01 59.22 -41.59
N GLY Z 143 111.56 58.06 -42.07
CA GLY Z 143 112.37 56.87 -41.95
C GLY Z 143 113.53 56.94 -42.93
N GLY Z 144 114.22 55.81 -43.06
CA GLY Z 144 115.27 55.70 -44.06
C GLY Z 144 114.78 55.18 -45.40
N THR Z 145 114.15 54.01 -45.37
CA THR Z 145 113.69 53.39 -46.61
C THR Z 145 112.63 54.24 -47.29
N GLY Z 146 111.57 54.57 -46.55
CA GLY Z 146 110.47 55.30 -47.16
C GLY Z 146 110.88 56.63 -47.74
N SER Z 147 111.93 57.25 -47.19
CA SER Z 147 112.35 58.54 -47.74
C SER Z 147 113.28 58.36 -48.93
N GLY Z 148 114.42 57.71 -48.72
CA GLY Z 148 115.41 57.56 -49.77
C GLY Z 148 114.92 56.59 -50.82
N LEU Z 149 114.61 55.38 -50.37
CA LEU Z 149 114.06 54.37 -51.25
C LEU Z 149 112.73 54.83 -51.82
N GLY Z 150 111.95 55.59 -51.04
CA GLY Z 150 110.73 56.15 -51.58
C GLY Z 150 110.97 57.09 -52.74
N SER Z 151 111.98 57.96 -52.63
CA SER Z 151 112.32 58.83 -53.75
C SER Z 151 112.81 58.04 -54.96
N TYR Z 152 113.64 57.03 -54.73
CA TYR Z 152 114.09 56.17 -55.82
C TYR Z 152 112.90 55.49 -56.49
N LEU Z 153 111.99 54.94 -55.70
CA LEU Z 153 110.82 54.28 -56.25
C LEU Z 153 109.92 55.25 -56.97
N LEU Z 154 109.79 56.48 -56.46
CA LEU Z 154 109.01 57.49 -57.17
C LEU Z 154 109.58 57.74 -58.56
N GLU Z 155 110.90 57.88 -58.65
CA GLU Z 155 111.53 58.05 -59.95
C GLU Z 155 111.27 56.85 -60.84
N ARG Z 156 111.48 55.64 -60.32
CA ARG Z 156 111.37 54.46 -61.15
C ARG Z 156 109.93 54.19 -61.56
N LEU Z 157 108.98 54.48 -60.68
CA LEU Z 157 107.57 54.36 -61.04
C LEU Z 157 107.19 55.37 -62.10
N ASN Z 158 107.71 56.60 -62.00
CA ASN Z 158 107.40 57.60 -63.01
C ASN Z 158 107.92 57.17 -64.38
N ASP Z 159 109.09 56.54 -64.41
CA ASP Z 159 109.61 56.05 -65.69
C ASP Z 159 108.87 54.81 -66.18
N ARG Z 160 108.59 53.86 -65.30
CA ARG Z 160 108.03 52.57 -65.69
C ARG Z 160 106.53 52.59 -65.99
N TYR Z 161 105.76 53.43 -65.30
CA TYR Z 161 104.31 53.43 -65.40
C TYR Z 161 103.80 54.80 -65.81
N PRO Z 162 104.26 55.31 -66.96
CA PRO Z 162 103.96 56.70 -67.32
C PRO Z 162 102.49 56.98 -67.56
N LYS Z 163 101.63 55.95 -67.59
CA LYS Z 163 100.21 56.14 -67.75
C LYS Z 163 99.42 55.86 -66.46
N LYS Z 164 100.09 55.48 -65.39
CA LYS Z 164 99.44 55.15 -64.12
C LYS Z 164 99.63 56.29 -63.12
N LEU Z 165 98.61 56.53 -62.31
CA LEU Z 165 98.71 57.55 -61.26
C LEU Z 165 99.60 57.06 -60.13
N VAL Z 166 100.35 57.99 -59.54
CA VAL Z 166 101.15 57.74 -58.35
C VAL Z 166 100.62 58.65 -57.24
N GLN Z 167 99.84 58.08 -56.33
CA GLN Z 167 99.40 58.80 -55.13
C GLN Z 167 100.23 58.31 -53.95
N THR Z 168 100.55 59.21 -53.02
CA THR Z 168 101.23 58.81 -51.79
C THR Z 168 100.42 59.14 -50.55
N TYR Z 169 100.50 58.25 -49.57
CA TYR Z 169 100.14 58.50 -48.19
C TYR Z 169 101.45 58.65 -47.44
N SER Z 170 101.89 59.90 -47.30
CA SER Z 170 103.20 60.25 -46.79
C SER Z 170 103.07 60.68 -45.33
N VAL Z 171 103.71 59.94 -44.43
CA VAL Z 171 103.69 60.27 -43.02
C VAL Z 171 104.76 61.32 -42.78
N PHE Z 172 104.34 62.50 -42.38
CA PHE Z 172 105.25 63.60 -42.09
C PHE Z 172 105.76 63.51 -40.66
N PRO Z 173 107.04 63.82 -40.45
CA PRO Z 173 107.58 63.72 -39.10
C PRO Z 173 106.96 64.79 -38.21
N ASN Z 174 107.07 64.57 -36.91
CA ASN Z 174 106.57 65.58 -35.97
C ASN Z 174 107.38 66.87 -36.10
N GLN Z 175 106.67 67.97 -36.32
CA GLN Z 175 107.30 69.27 -36.44
C GLN Z 175 107.59 69.89 -35.09
N ASP Z 176 106.89 69.44 -34.05
CA ASP Z 176 106.95 70.07 -32.74
C ASP Z 176 108.06 69.50 -31.87
N GLU Z 177 108.56 68.31 -32.19
CA GLU Z 177 109.66 67.71 -31.46
C GLU Z 177 110.96 67.88 -32.25
N MET Z 178 112.05 68.10 -31.52
CA MET Z 178 113.39 68.09 -32.11
C MET Z 178 113.71 66.73 -32.72
N SER Z 179 113.78 66.67 -34.05
CA SER Z 179 114.19 65.44 -34.71
C SER Z 179 115.60 65.05 -34.28
N ASP Z 180 115.76 63.79 -33.87
CA ASP Z 180 117.07 63.23 -33.60
C ASP Z 180 117.98 63.24 -34.83
N VAL Z 181 117.42 63.35 -36.02
CA VAL Z 181 118.18 63.39 -37.26
C VAL Z 181 118.33 64.86 -37.66
N VAL Z 182 119.49 65.44 -37.36
CA VAL Z 182 119.70 66.84 -37.67
C VAL Z 182 119.64 67.07 -39.17
N VAL Z 183 119.89 66.03 -39.97
CA VAL Z 183 119.81 66.18 -41.41
C VAL Z 183 118.43 65.79 -41.91
N GLN Z 184 117.53 65.45 -40.99
CA GLN Z 184 116.18 65.08 -41.38
C GLN Z 184 115.58 66.13 -42.29
N PRO Z 185 115.78 67.42 -42.04
CA PRO Z 185 115.22 68.42 -42.96
C PRO Z 185 115.79 68.31 -44.35
N TYR Z 186 117.07 67.95 -44.49
CA TYR Z 186 117.65 67.72 -45.80
C TYR Z 186 117.01 66.52 -46.50
N ASN Z 187 116.92 65.39 -45.80
CA ASN Z 187 116.28 64.21 -46.38
C ASN Z 187 114.84 64.52 -46.77
N SER Z 188 114.12 65.22 -45.89
CA SER Z 188 112.74 65.55 -46.16
C SER Z 188 112.63 66.47 -47.36
N LEU Z 189 113.52 67.45 -47.46
CA LEU Z 189 113.48 68.37 -48.59
C LEU Z 189 113.74 67.63 -49.89
N LEU Z 190 114.73 66.73 -49.91
CA LEU Z 190 114.97 65.96 -51.12
C LEU Z 190 113.75 65.12 -51.50
N THR Z 191 113.09 64.54 -50.49
CA THR Z 191 111.87 63.79 -50.78
C THR Z 191 110.76 64.71 -51.26
N LEU Z 192 110.63 65.89 -50.68
CA LEU Z 192 109.64 66.85 -51.13
C LEU Z 192 109.91 67.29 -52.56
N LYS Z 193 111.18 67.47 -52.92
CA LYS Z 193 111.56 67.75 -54.31
C LYS Z 193 111.05 66.65 -55.23
N ARG Z 194 111.26 65.39 -54.81
CA ARG Z 194 110.82 64.29 -55.65
C ARG Z 194 109.30 64.20 -55.69
N LEU Z 195 108.64 64.48 -54.57
CA LEU Z 195 107.19 64.59 -54.57
C LEU Z 195 106.70 65.68 -55.52
N THR Z 196 107.40 66.82 -55.54
CA THR Z 196 107.01 67.94 -56.38
C THR Z 196 107.19 67.64 -57.85
N GLN Z 197 108.20 66.86 -58.22
CA GLN Z 197 108.48 66.69 -59.63
C GLN Z 197 107.96 65.36 -60.17
N ASN Z 198 107.88 64.34 -59.34
CA ASN Z 198 107.63 62.97 -59.80
C ASN Z 198 106.47 62.29 -59.07
N ALA Z 199 105.82 62.96 -58.13
CA ALA Z 199 104.64 62.44 -57.45
C ALA Z 199 103.42 63.26 -57.81
N ASP Z 200 102.27 62.58 -57.92
CA ASP Z 200 101.03 63.29 -58.20
C ASP Z 200 100.37 63.85 -56.95
N CYS Z 201 100.57 63.22 -55.79
CA CYS Z 201 99.91 63.71 -54.59
C CYS Z 201 100.67 63.27 -53.34
N VAL Z 202 100.99 64.23 -52.48
CA VAL Z 202 101.65 63.97 -51.20
C VAL Z 202 100.70 64.45 -50.11
N VAL Z 203 100.14 63.51 -49.35
CA VAL Z 203 99.34 63.82 -48.17
C VAL Z 203 100.25 63.96 -46.97
N VAL Z 204 100.36 65.18 -46.43
CA VAL Z 204 101.25 65.42 -45.30
C VAL Z 204 100.56 64.96 -44.02
N LEU Z 205 101.19 64.01 -43.31
CA LEU Z 205 100.73 63.52 -42.01
C LEU Z 205 101.73 63.91 -40.92
N ASP Z 206 101.45 64.98 -40.17
CA ASP Z 206 102.36 65.48 -39.15
C ASP Z 206 102.08 64.77 -37.82
N ASN Z 207 103.04 63.95 -37.38
CA ASN Z 207 102.89 63.26 -36.11
C ASN Z 207 102.78 64.22 -34.94
N THR Z 208 103.42 65.38 -35.04
CA THR Z 208 103.31 66.37 -33.97
C THR Z 208 101.87 66.82 -33.80
N ALA Z 209 101.21 67.13 -34.91
CA ALA Z 209 99.81 67.54 -34.86
C ALA Z 209 98.92 66.39 -34.42
N LEU Z 210 99.25 65.18 -34.86
CA LEU Z 210 98.46 64.03 -34.43
C LEU Z 210 98.54 63.82 -32.92
N ASN Z 211 99.75 63.93 -32.36
CA ASN Z 211 99.92 63.88 -30.91
C ASN Z 211 99.15 65.00 -30.22
N ARG Z 212 99.27 66.23 -30.73
CA ARG Z 212 98.51 67.35 -30.18
C ARG Z 212 97.01 67.07 -30.18
N ILE Z 213 96.50 66.55 -31.30
CA ILE Z 213 95.08 66.23 -31.39
C ILE Z 213 94.71 65.14 -30.39
N ALA Z 214 95.54 64.11 -30.28
CA ALA Z 214 95.26 63.02 -29.35
C ALA Z 214 95.20 63.53 -27.92
N THR Z 215 96.08 64.47 -27.57
CA THR Z 215 96.07 65.03 -26.22
C THR Z 215 94.88 65.96 -26.00
N ASP Z 216 94.68 66.93 -26.89
CA ASP Z 216 93.68 67.96 -26.66
C ASP Z 216 92.26 67.47 -26.88
N ARG Z 217 92.06 66.56 -27.83
CA ARG Z 217 90.74 66.14 -28.27
C ARG Z 217 90.45 64.69 -27.94
N LEU Z 218 91.46 63.83 -28.03
CA LEU Z 218 91.34 62.44 -27.64
C LEU Z 218 91.76 62.22 -26.19
N HIS Z 219 92.29 63.25 -25.52
CA HIS Z 219 92.73 63.14 -24.14
C HIS Z 219 93.79 62.06 -23.98
N ILE Z 220 94.62 61.87 -25.00
CA ILE Z 220 95.71 60.89 -24.94
C ILE Z 220 96.92 61.60 -24.36
N GLN Z 221 97.27 61.27 -23.12
CA GLN Z 221 98.50 61.75 -22.51
C GLN Z 221 99.71 61.02 -23.10
N ASN Z 222 100.59 61.77 -23.76
CA ASN Z 222 101.73 61.16 -24.43
C ASN Z 222 101.26 60.14 -25.46
N PRO Z 223 100.73 60.59 -26.60
CA PRO Z 223 100.25 59.63 -27.60
C PRO Z 223 101.40 58.76 -28.10
N SER Z 224 101.16 57.44 -28.11
CA SER Z 224 102.12 56.51 -28.69
C SER Z 224 102.04 56.51 -30.22
N PHE Z 225 103.13 56.05 -30.82
CA PHE Z 225 103.14 55.89 -32.27
C PHE Z 225 102.01 54.99 -32.72
N SER Z 226 101.66 53.98 -31.92
CA SER Z 226 100.54 53.10 -32.26
C SER Z 226 99.23 53.89 -32.34
N GLN Z 227 99.00 54.81 -31.40
CA GLN Z 227 97.77 55.60 -31.41
C GLN Z 227 97.77 56.59 -32.58
N ILE Z 228 98.92 57.17 -32.88
CA ILE Z 228 98.99 58.07 -34.03
C ILE Z 228 98.70 57.30 -35.31
N ASN Z 229 99.28 56.11 -35.45
CA ASN Z 229 99.02 55.31 -36.63
C ASN Z 229 97.57 54.81 -36.68
N GLN Z 230 96.94 54.60 -35.53
CA GLN Z 230 95.51 54.28 -35.52
C GLN Z 230 94.68 55.45 -36.04
N LEU Z 231 95.06 56.67 -35.67
CA LEU Z 231 94.39 57.84 -36.24
C LEU Z 231 94.63 57.93 -37.75
N VAL Z 232 95.86 57.68 -38.17
CA VAL Z 232 96.19 57.69 -39.59
C VAL Z 232 95.35 56.64 -40.33
N SER Z 233 95.26 55.44 -39.78
CA SER Z 233 94.47 54.38 -40.40
C SER Z 233 93.00 54.76 -40.47
N THR Z 234 92.49 55.44 -39.44
CA THR Z 234 91.12 55.95 -39.51
C THR Z 234 90.97 56.92 -40.67
N ILE Z 235 91.96 57.78 -40.87
CA ILE Z 235 91.91 58.73 -41.98
C ILE Z 235 91.95 57.99 -43.31
N MET Z 236 92.85 57.01 -43.44
CA MET Z 236 92.95 56.22 -44.67
C MET Z 236 91.65 55.47 -44.95
N SER Z 237 90.99 54.96 -43.90
CA SER Z 237 89.69 54.32 -44.10
C SER Z 237 88.68 55.32 -44.60
N ALA Z 238 88.69 56.54 -44.06
CA ALA Z 238 87.74 57.53 -44.54
C ALA Z 238 88.05 57.89 -45.99
N SER Z 239 89.33 57.88 -46.36
CA SER Z 239 89.70 58.17 -47.74
C SER Z 239 89.27 57.03 -48.66
N THR Z 240 89.20 55.80 -48.16
CA THR Z 240 88.80 54.67 -48.97
C THR Z 240 87.31 54.37 -48.88
N THR Z 241 86.56 55.18 -48.13
CA THR Z 241 85.15 54.89 -47.95
C THR Z 241 84.40 54.97 -49.27
N THR Z 242 84.79 55.90 -50.15
CA THR Z 242 84.14 56.00 -51.46
C THR Z 242 84.49 54.83 -52.35
N LEU Z 243 85.59 54.15 -52.06
CA LEU Z 243 85.93 52.91 -52.75
C LEU Z 243 85.11 51.75 -52.21
N ARG Z 244 84.93 51.70 -50.90
CA ARG Z 244 84.28 50.56 -50.27
C ARG Z 244 82.77 50.63 -50.37
N TYR Z 245 82.19 51.83 -50.44
CA TYR Z 245 80.74 51.95 -50.57
C TYR Z 245 80.37 52.57 -51.90
N PRO Z 246 79.73 51.81 -52.80
CA PRO Z 246 79.40 52.34 -54.14
C PRO Z 246 78.41 53.49 -54.04
N GLY Z 247 78.77 54.63 -54.60
CA GLY Z 247 77.88 55.77 -54.67
C GLY Z 247 77.44 56.10 -56.08
N TYR Z 248 76.74 57.23 -56.18
CA TYR Z 248 76.20 57.70 -57.46
C TYR Z 248 77.13 58.65 -58.21
N MET Z 249 78.05 59.32 -57.51
CA MET Z 249 78.88 60.34 -58.15
C MET Z 249 80.29 60.27 -57.59
N ASN Z 250 81.25 60.64 -58.42
CA ASN Z 250 82.65 60.66 -58.02
C ASN Z 250 83.04 59.29 -57.46
N ASN Z 251 82.72 58.26 -58.22
CA ASN Z 251 82.99 56.89 -57.81
C ASN Z 251 84.38 56.43 -58.21
N ASP Z 252 85.21 57.31 -58.78
CA ASP Z 252 86.55 56.94 -59.19
C ASP Z 252 87.57 57.96 -58.73
N LEU Z 253 88.81 57.48 -58.60
CA LEU Z 253 89.90 58.31 -58.12
C LEU Z 253 90.27 59.37 -59.15
N ILE Z 254 90.19 59.03 -60.43
CA ILE Z 254 90.46 60.03 -61.47
C ILE Z 254 89.52 61.21 -61.31
N GLY Z 255 88.22 60.94 -61.18
CA GLY Z 255 87.26 62.02 -61.02
C GLY Z 255 87.47 62.79 -59.73
N LEU Z 256 87.82 62.08 -58.66
CA LEU Z 256 88.11 62.76 -57.39
C LEU Z 256 89.29 63.72 -57.55
N ILE Z 257 90.39 63.22 -58.11
CA ILE Z 257 91.57 64.05 -58.27
C ILE Z 257 91.28 65.25 -59.17
N ALA Z 258 90.66 65.00 -60.33
CA ALA Z 258 90.37 66.10 -61.23
C ALA Z 258 89.46 67.14 -60.58
N SER Z 259 88.57 66.73 -59.68
CA SER Z 259 87.74 67.69 -58.97
C SER Z 259 88.49 68.43 -57.87
N LEU Z 260 89.53 67.83 -57.30
CA LEU Z 260 90.19 68.40 -56.12
C LEU Z 260 91.48 69.15 -56.42
N ILE Z 261 92.19 68.83 -57.50
CA ILE Z 261 93.52 69.36 -57.76
C ILE Z 261 93.53 70.02 -59.14
N PRO Z 262 93.05 71.26 -59.24
CA PRO Z 262 93.09 71.94 -60.54
C PRO Z 262 94.48 72.38 -60.95
N THR Z 263 95.42 72.45 -60.02
CA THR Z 263 96.79 72.86 -60.32
C THR Z 263 97.75 71.74 -59.93
N PRO Z 264 98.43 71.13 -60.91
CA PRO Z 264 99.18 69.90 -60.60
C PRO Z 264 100.17 70.10 -59.48
N ARG Z 265 100.78 71.29 -59.42
CA ARG Z 265 101.73 71.57 -58.36
C ARG Z 265 100.99 71.85 -57.06
N LEU Z 266 99.74 72.30 -57.16
CA LEU Z 266 98.95 72.62 -55.97
C LEU Z 266 98.14 71.38 -55.58
N HIS Z 267 98.89 70.31 -55.32
CA HIS Z 267 98.33 68.99 -55.09
C HIS Z 267 98.42 68.59 -53.63
N PHE Z 268 98.71 69.53 -52.74
CA PHE Z 268 98.77 69.26 -51.31
C PHE Z 268 97.37 69.43 -50.73
N LEU Z 269 96.79 68.33 -50.26
CA LEU Z 269 95.45 68.32 -49.71
C LEU Z 269 95.53 68.27 -48.19
N MET Z 270 94.74 69.11 -47.54
CA MET Z 270 94.55 68.98 -46.10
C MET Z 270 93.36 68.07 -45.84
N THR Z 271 93.44 67.29 -44.76
CA THR Z 271 92.39 66.38 -44.38
C THR Z 271 91.69 66.88 -43.11
N GLY Z 272 90.41 66.53 -43.01
CA GLY Z 272 89.67 66.72 -41.79
C GLY Z 272 88.72 65.56 -41.56
N TYR Z 273 88.57 65.15 -40.30
CA TYR Z 273 87.79 63.97 -39.96
C TYR Z 273 86.84 64.31 -38.83
N THR Z 274 85.66 63.68 -38.88
CA THR Z 274 84.70 63.79 -37.80
C THR Z 274 83.85 62.53 -37.79
N PRO Z 275 83.49 62.02 -36.61
CA PRO Z 275 83.82 62.53 -35.27
C PRO Z 275 85.25 62.16 -34.87
N LEU Z 276 85.92 63.01 -34.10
CA LEU Z 276 87.19 62.67 -33.47
C LEU Z 276 86.91 62.53 -31.97
N THR Z 277 86.48 61.34 -31.57
CA THR Z 277 86.11 61.07 -30.19
C THR Z 277 86.48 59.64 -29.85
N THR Z 278 86.95 59.42 -28.62
CA THR Z 278 87.16 58.08 -28.12
C THR Z 278 85.85 57.36 -27.87
N ARG Z 286 73.99 63.11 -29.21
CA ARG Z 286 73.63 64.30 -29.98
C ARG Z 286 73.36 63.94 -31.44
N LYS Z 287 72.11 64.11 -31.87
CA LYS Z 287 71.77 63.93 -33.28
C LYS Z 287 72.54 64.93 -34.12
N THR Z 288 73.60 64.46 -34.79
CA THR Z 288 74.37 65.31 -35.68
C THR Z 288 73.56 65.70 -36.91
N THR Z 289 73.33 67.00 -37.07
CA THR Z 289 72.61 67.55 -38.20
C THR Z 289 73.61 67.78 -39.32
N VAL Z 290 73.12 67.88 -40.56
CA VAL Z 290 74.02 68.26 -41.65
C VAL Z 290 74.76 69.54 -41.32
N LEU Z 291 74.04 70.53 -40.81
CA LEU Z 291 74.66 71.79 -40.41
C LEU Z 291 75.62 71.62 -39.25
N ASP Z 292 75.27 70.77 -38.26
CA ASP Z 292 76.17 70.54 -37.14
C ASP Z 292 77.43 69.80 -37.57
N VAL Z 293 77.28 68.84 -38.47
CA VAL Z 293 78.44 68.13 -39.01
C VAL Z 293 79.35 69.12 -39.70
N MET Z 294 78.82 69.90 -40.64
CA MET Z 294 79.64 70.85 -41.37
C MET Z 294 80.30 71.88 -40.44
N ARG Z 295 79.58 72.31 -39.40
CA ARG Z 295 80.16 73.24 -38.44
C ARG Z 295 81.29 72.60 -37.64
N ARG Z 296 81.13 71.35 -37.24
CA ARG Z 296 82.22 70.69 -36.52
C ARG Z 296 83.41 70.46 -37.43
N LEU Z 297 83.16 70.05 -38.67
CA LEU Z 297 84.23 69.85 -39.64
C LEU Z 297 85.01 71.14 -39.88
N LEU Z 298 84.31 72.27 -39.91
CA LEU Z 298 84.98 73.55 -40.12
C LEU Z 298 85.78 74.05 -38.93
N GLN Z 299 85.77 73.38 -37.77
CA GLN Z 299 86.54 73.91 -36.65
C GLN Z 299 88.02 73.60 -36.82
N PRO Z 300 88.91 74.60 -36.77
CA PRO Z 300 90.35 74.35 -36.92
C PRO Z 300 90.93 73.38 -35.91
N LYS Z 301 90.33 73.29 -34.72
CA LYS Z 301 90.80 72.44 -33.64
C LYS Z 301 90.71 70.95 -33.94
N ASN Z 302 90.06 70.56 -35.03
CA ASN Z 302 89.94 69.15 -35.40
C ASN Z 302 90.84 68.75 -36.56
N VAL Z 303 91.65 69.66 -37.09
CA VAL Z 303 92.60 69.30 -38.14
C VAL Z 303 93.84 68.67 -37.53
N MET Z 304 94.24 67.52 -38.07
CA MET Z 304 95.31 66.69 -37.55
C MET Z 304 96.65 66.96 -38.25
N VAL Z 305 96.85 68.18 -38.75
CA VAL Z 305 98.09 68.54 -39.44
C VAL Z 305 98.56 69.89 -38.91
N SER Z 306 99.83 69.94 -38.49
CA SER Z 306 100.43 71.17 -37.98
C SER Z 306 100.91 72.02 -39.15
N THR Z 307 100.05 72.92 -39.59
CA THR Z 307 100.39 73.94 -40.57
C THR Z 307 100.59 75.25 -39.81
N GLY Z 308 101.67 75.96 -40.10
CA GLY Z 308 101.85 77.26 -39.49
C GLY Z 308 100.73 78.23 -39.79
N ARG Z 309 100.20 78.88 -38.77
CA ARG Z 309 99.32 80.04 -38.95
C ARG Z 309 100.17 81.29 -39.22
N ASP Z 310 100.70 81.35 -40.44
CA ASP Z 310 101.27 82.60 -40.92
C ASP Z 310 100.19 83.67 -41.04
N ARG Z 311 100.35 84.77 -40.31
CA ARG Z 311 99.42 85.88 -40.40
C ARG Z 311 99.63 86.72 -41.65
N GLN Z 312 100.73 86.54 -42.35
CA GLN Z 312 101.05 87.36 -43.52
C GLN Z 312 100.37 86.86 -44.79
N THR Z 313 100.22 85.55 -44.93
CA THR Z 313 99.65 84.95 -46.13
C THR Z 313 98.17 84.65 -45.90
N ASN Z 314 97.31 85.26 -46.72
CA ASN Z 314 95.87 85.03 -46.64
C ASN Z 314 95.56 83.72 -47.35
N HIS Z 315 95.79 82.63 -46.63
CA HIS Z 315 95.50 81.31 -47.17
C HIS Z 315 94.01 81.19 -47.48
N CYS Z 316 93.70 80.33 -48.44
CA CYS Z 316 92.32 80.17 -48.91
C CYS Z 316 92.11 78.72 -49.26
N TYR Z 317 90.84 78.33 -49.31
CA TYR Z 317 90.48 76.99 -49.77
C TYR Z 317 90.53 76.91 -51.28
N ILE Z 318 91.25 75.91 -51.80
CA ILE Z 318 91.15 75.59 -53.22
C ILE Z 318 89.91 74.76 -53.49
N ALA Z 319 89.72 73.69 -52.74
CA ALA Z 319 88.57 72.82 -52.88
C ALA Z 319 88.26 72.17 -51.55
N ILE Z 320 86.98 71.80 -51.38
CA ILE Z 320 86.53 71.09 -50.20
C ILE Z 320 85.65 69.93 -50.65
N LEU Z 321 85.94 68.74 -50.14
CA LEU Z 321 85.05 67.59 -50.25
C LEU Z 321 84.59 67.20 -48.86
N ASN Z 322 83.27 67.13 -48.67
CA ASN Z 322 82.70 66.62 -47.44
C ASN Z 322 82.16 65.23 -47.72
N ILE Z 323 82.78 64.23 -47.12
CA ILE Z 323 82.26 62.86 -47.12
C ILE Z 323 81.41 62.69 -45.87
N ILE Z 324 80.10 62.58 -46.04
CA ILE Z 324 79.18 62.41 -44.94
C ILE Z 324 78.69 60.97 -44.97
N GLN Z 325 78.96 60.23 -43.90
CA GLN Z 325 78.60 58.83 -43.81
C GLN Z 325 77.46 58.71 -42.81
N GLY Z 326 76.37 58.06 -43.22
CA GLY Z 326 75.26 57.77 -42.36
C GLY Z 326 73.97 58.25 -42.97
N GLU Z 327 72.92 58.29 -42.16
CA GLU Z 327 71.60 58.74 -42.59
C GLU Z 327 71.62 60.26 -42.69
N VAL Z 328 71.78 60.77 -43.91
CA VAL Z 328 71.91 62.19 -44.18
C VAL Z 328 70.79 62.59 -45.13
N ASP Z 329 70.07 63.64 -44.77
CA ASP Z 329 69.11 64.21 -45.70
C ASP Z 329 69.81 65.08 -46.74
N PRO Z 330 69.73 64.73 -48.03
CA PRO Z 330 70.39 65.58 -49.03
C PRO Z 330 69.85 66.99 -49.00
N THR Z 331 68.59 67.19 -48.63
CA THR Z 331 68.07 68.55 -48.55
C THR Z 331 68.75 69.31 -47.42
N GLN Z 332 69.15 68.61 -46.36
CA GLN Z 332 69.90 69.28 -45.30
C GLN Z 332 71.32 69.55 -45.76
N VAL Z 333 71.86 68.69 -46.63
CA VAL Z 333 73.17 68.96 -47.20
C VAL Z 333 73.12 70.21 -48.05
N HIS Z 334 72.11 70.30 -48.92
CA HIS Z 334 71.94 71.48 -49.76
C HIS Z 334 71.74 72.75 -48.94
N LYS Z 335 70.89 72.69 -47.91
CA LYS Z 335 70.72 73.83 -47.02
C LYS Z 335 72.02 74.21 -46.34
N SER Z 336 72.84 73.22 -45.96
CA SER Z 336 74.09 73.54 -45.29
C SER Z 336 75.07 74.19 -46.25
N LEU Z 337 75.17 73.66 -47.47
CA LEU Z 337 76.00 74.29 -48.49
C LEU Z 337 75.55 75.72 -48.78
N GLN Z 338 74.24 75.93 -48.94
CA GLN Z 338 73.72 77.27 -49.17
C GLN Z 338 74.08 78.22 -48.03
N ARG Z 339 73.88 77.77 -46.79
CA ARG Z 339 74.22 78.61 -45.65
C ARG Z 339 75.71 78.89 -45.57
N ILE Z 340 76.54 77.89 -45.90
CA ILE Z 340 77.99 78.10 -45.87
C ILE Z 340 78.40 79.12 -46.91
N ARG Z 341 77.82 79.04 -48.11
CA ARG Z 341 78.13 80.01 -49.16
C ARG Z 341 77.67 81.40 -48.76
N GLU Z 342 76.42 81.53 -48.31
CA GLU Z 342 75.90 82.83 -47.93
C GLU Z 342 76.70 83.45 -46.79
N ARG Z 343 77.11 82.64 -45.81
CA ARG Z 343 77.84 83.13 -44.66
C ARG Z 343 79.35 83.25 -44.91
N LYS Z 344 79.85 82.82 -46.07
CA LYS Z 344 81.28 82.85 -46.34
C LYS Z 344 82.06 82.26 -45.17
N LEU Z 345 81.58 81.12 -44.67
CA LEU Z 345 82.19 80.46 -43.53
C LEU Z 345 83.56 79.87 -43.85
N ALA Z 346 83.91 79.77 -45.13
CA ALA Z 346 85.20 79.27 -45.57
C ALA Z 346 85.78 80.21 -46.61
N ASN Z 347 87.07 80.50 -46.48
CA ASN Z 347 87.79 81.30 -47.45
C ASN Z 347 88.34 80.41 -48.55
N PHE Z 348 88.01 80.74 -49.79
CA PHE Z 348 88.42 79.98 -50.96
C PHE Z 348 89.46 80.75 -51.77
N ILE Z 349 90.16 80.01 -52.62
CA ILE Z 349 91.11 80.60 -53.58
C ILE Z 349 90.40 81.74 -54.32
N PRO Z 350 91.07 82.88 -54.50
CA PRO Z 350 90.41 84.01 -55.18
C PRO Z 350 90.43 83.93 -56.70
N TRP Z 351 91.25 83.07 -57.30
CA TRP Z 351 91.44 83.07 -58.74
C TRP Z 351 90.53 82.07 -59.45
N GLY Z 352 89.68 81.36 -58.72
CA GLY Z 352 88.79 80.39 -59.32
C GLY Z 352 87.53 80.23 -58.50
N PRO Z 353 86.52 79.57 -59.05
CA PRO Z 353 85.32 79.28 -58.27
C PRO Z 353 85.63 78.22 -57.21
N ALA Z 354 84.97 78.37 -56.06
CA ALA Z 354 85.09 77.40 -54.98
C ALA Z 354 84.52 76.05 -55.39
N SER Z 355 85.38 75.05 -55.53
CA SER Z 355 84.93 73.68 -55.80
C SER Z 355 84.69 73.06 -54.43
N ILE Z 356 83.42 72.94 -54.04
CA ILE Z 356 83.04 72.24 -52.84
C ILE Z 356 82.00 71.19 -53.18
N GLN Z 357 82.39 69.92 -53.10
CA GLN Z 357 81.46 68.82 -53.28
C GLN Z 357 81.17 68.18 -51.94
N VAL Z 358 79.96 67.64 -51.80
CA VAL Z 358 79.56 66.89 -50.62
C VAL Z 358 78.94 65.60 -51.12
N ALA Z 359 79.53 64.47 -50.74
CA ALA Z 359 78.94 63.17 -51.02
C ALA Z 359 78.31 62.59 -49.77
N LEU Z 360 77.05 62.18 -49.87
CA LEU Z 360 76.40 61.41 -48.82
C LEU Z 360 76.54 59.94 -49.18
N SER Z 361 77.04 59.16 -48.24
CA SER Z 361 77.16 57.71 -48.40
C SER Z 361 76.63 56.99 -47.18
N ARG Z 362 76.31 55.72 -47.38
CA ARG Z 362 75.90 54.83 -46.30
C ARG Z 362 77.14 54.16 -45.71
N LYS Z 363 77.06 53.85 -44.43
CA LYS Z 363 78.10 53.06 -43.81
C LYS Z 363 78.00 51.61 -44.24
N SER Z 364 79.12 50.91 -44.16
CA SER Z 364 79.12 49.47 -44.31
C SER Z 364 78.12 48.84 -43.35
N PRO Z 365 77.28 47.92 -43.81
CA PRO Z 365 76.39 47.22 -42.86
C PRO Z 365 77.14 46.26 -41.95
N TYR Z 366 78.38 45.92 -42.30
CA TYR Z 366 79.15 44.95 -41.53
C TYR Z 366 79.97 45.61 -40.44
N LEU Z 367 80.22 46.92 -40.55
CA LEU Z 367 81.01 47.64 -39.56
C LEU Z 367 80.09 48.35 -38.57
N PRO Z 368 80.26 48.09 -37.27
CA PRO Z 368 79.53 48.87 -36.25
C PRO Z 368 80.01 50.31 -36.22
N SER Z 369 79.07 51.25 -36.40
CA SER Z 369 79.36 52.68 -36.31
C SER Z 369 78.70 53.22 -35.05
N ALA Z 370 79.53 53.65 -34.09
CA ALA Z 370 79.01 54.32 -32.90
C ALA Z 370 78.31 55.62 -33.23
N HIS Z 371 78.66 56.25 -34.35
CA HIS Z 371 78.10 57.54 -34.73
C HIS Z 371 77.10 57.32 -35.86
N ARG Z 372 75.85 57.75 -35.64
CA ARG Z 372 74.85 57.63 -36.70
C ARG Z 372 75.27 58.39 -37.94
N VAL Z 373 76.05 59.46 -37.74
CA VAL Z 373 76.53 60.30 -38.83
C VAL Z 373 77.96 60.68 -38.50
N SER Z 374 78.87 60.45 -39.44
CA SER Z 374 80.22 60.99 -39.38
C SER Z 374 80.48 61.86 -40.59
N GLY Z 375 81.52 62.67 -40.50
CA GLY Z 375 81.95 63.46 -41.64
C GLY Z 375 83.46 63.60 -41.71
N LEU Z 376 83.99 63.50 -42.91
CA LEU Z 376 85.36 63.89 -43.21
C LEU Z 376 85.36 65.11 -44.12
N MET Z 377 86.21 66.08 -43.80
CA MET Z 377 86.51 67.18 -44.69
C MET Z 377 87.88 66.98 -45.30
N MET Z 378 87.96 67.04 -46.62
CA MET Z 378 89.22 67.20 -47.34
C MET Z 378 89.26 68.61 -47.89
N ALA Z 379 90.29 69.36 -47.51
CA ALA Z 379 90.42 70.75 -47.90
C ALA Z 379 91.80 71.01 -48.49
N ASN Z 380 91.82 71.72 -49.62
CA ASN Z 380 93.04 72.26 -50.18
C ASN Z 380 93.16 73.70 -49.68
N HIS Z 381 94.14 73.96 -48.81
CA HIS Z 381 94.23 75.24 -48.13
C HIS Z 381 95.68 75.73 -48.12
N THR Z 382 95.85 77.01 -48.47
CA THR Z 382 97.17 77.57 -48.72
C THR Z 382 98.04 77.60 -47.47
N SER Z 383 97.45 77.45 -46.28
CA SER Z 383 98.25 77.47 -45.07
C SER Z 383 99.18 76.28 -44.97
N ILE Z 384 99.03 75.27 -45.84
CA ILE Z 384 100.03 74.21 -45.89
C ILE Z 384 101.36 74.82 -46.28
N SER Z 385 101.32 75.96 -46.99
CA SER Z 385 102.56 76.63 -47.32
C SER Z 385 103.35 76.93 -46.05
N SER Z 386 102.66 77.20 -44.94
CA SER Z 386 103.38 77.42 -43.67
C SER Z 386 104.17 76.19 -43.25
N LEU Z 387 103.66 74.99 -43.55
CA LEU Z 387 104.39 73.75 -43.30
C LEU Z 387 105.58 73.63 -44.24
N PHE Z 388 105.37 73.98 -45.51
CA PHE Z 388 106.48 73.92 -46.46
C PHE Z 388 107.55 74.95 -46.11
N GLU Z 389 107.13 76.15 -45.70
CA GLU Z 389 108.05 77.17 -45.21
C GLU Z 389 108.83 76.67 -44.00
N SER Z 390 108.15 76.03 -43.04
CA SER Z 390 108.86 75.44 -41.90
C SER Z 390 109.89 74.43 -42.36
N SER Z 391 109.51 73.56 -43.30
CA SER Z 391 110.46 72.59 -43.83
C SER Z 391 111.65 73.27 -44.51
N CYS Z 392 111.38 74.30 -45.31
CA CYS Z 392 112.45 75.07 -45.94
C CYS Z 392 113.37 75.73 -44.93
N GLN Z 393 112.79 76.30 -43.87
CA GLN Z 393 113.61 76.92 -42.83
C GLN Z 393 114.46 75.88 -42.11
N GLN Z 394 113.92 74.70 -41.85
CA GLN Z 394 114.71 73.64 -41.23
C GLN Z 394 115.84 73.20 -42.15
N TYR Z 395 115.54 73.03 -43.44
CA TYR Z 395 116.59 72.71 -44.40
C TYR Z 395 117.67 73.77 -44.40
N ASP Z 396 117.28 75.05 -44.50
CA ASP Z 396 118.26 76.13 -44.53
C ASP Z 396 119.08 76.16 -43.25
N LYS Z 397 118.46 75.84 -42.11
CA LYS Z 397 119.16 75.77 -40.84
C LYS Z 397 120.20 74.66 -40.82
N LEU Z 398 119.90 73.52 -41.43
CA LEU Z 398 120.87 72.44 -41.46
C LEU Z 398 121.97 72.73 -42.49
N ARG Z 399 121.56 73.14 -43.69
CA ARG Z 399 122.54 73.38 -44.76
C ARG Z 399 123.51 74.48 -44.37
N LYS Z 400 123.04 75.54 -43.72
CA LYS Z 400 123.93 76.59 -43.26
C LYS Z 400 124.95 76.06 -42.26
N ARG Z 401 124.65 74.94 -41.62
CA ARG Z 401 125.57 74.34 -40.65
C ARG Z 401 126.31 73.15 -41.24
N GLU Z 402 126.06 72.82 -42.51
CA GLU Z 402 126.63 71.63 -43.13
C GLU Z 402 126.40 70.40 -42.25
N ALA Z 403 125.26 70.35 -41.57
CA ALA Z 403 125.03 69.31 -40.59
C ALA Z 403 124.77 67.98 -41.27
N PHE Z 404 125.39 66.93 -40.72
CA PHE Z 404 125.14 65.56 -41.14
C PHE Z 404 125.52 65.35 -42.60
N LEU Z 405 126.45 66.17 -43.10
CA LEU Z 405 126.87 66.06 -44.49
C LEU Z 405 127.97 65.02 -44.70
N GLU Z 406 128.60 64.55 -43.63
CA GLU Z 406 129.69 63.60 -43.78
C GLU Z 406 129.18 62.29 -44.37
N GLN Z 407 127.97 61.88 -43.97
CA GLN Z 407 127.36 60.67 -44.51
C GLN Z 407 126.84 60.89 -45.92
N PHE Z 408 126.41 62.11 -46.25
CA PHE Z 408 126.01 62.38 -47.62
C PHE Z 408 127.21 62.33 -48.55
N ARG Z 409 128.33 62.91 -48.14
CA ARG Z 409 129.51 62.89 -48.99
C ARG Z 409 129.97 61.46 -49.26
N LYS Z 410 129.57 60.51 -48.43
CA LYS Z 410 129.87 59.11 -48.71
C LYS Z 410 128.97 58.52 -49.80
N GLU Z 411 127.80 59.10 -50.02
CA GLU Z 411 126.85 58.58 -51.01
C GLU Z 411 126.97 59.30 -52.35
N ASP Z 412 126.78 58.55 -53.42
CA ASP Z 412 127.09 59.08 -54.75
C ASP Z 412 126.22 60.28 -55.09
N ILE Z 413 124.95 60.25 -54.71
CA ILE Z 413 124.07 61.37 -54.98
C ILE Z 413 124.53 62.61 -54.21
N PHE Z 414 125.23 62.40 -53.10
CA PHE Z 414 125.71 63.50 -52.26
C PHE Z 414 127.22 63.45 -52.11
N LYS Z 415 127.90 62.61 -52.91
CA LYS Z 415 129.34 62.41 -52.72
C LYS Z 415 130.11 63.68 -52.99
N GLU Z 416 129.70 64.44 -54.01
CA GLU Z 416 130.43 65.64 -54.39
C GLU Z 416 129.90 66.85 -53.63
N ASN Z 417 128.59 66.99 -53.57
CA ASN Z 417 127.96 68.12 -52.90
C ASN Z 417 126.59 67.68 -52.41
N PHE Z 418 125.87 68.63 -51.81
CA PHE Z 418 124.51 68.41 -51.33
C PHE Z 418 123.52 69.18 -52.19
N ASP Z 419 123.91 69.46 -53.44
CA ASP Z 419 123.11 70.31 -54.31
C ASP Z 419 121.70 69.77 -54.49
N GLU Z 420 121.52 68.45 -54.46
CA GLU Z 420 120.15 67.95 -54.56
C GLU Z 420 119.33 68.33 -53.34
N LEU Z 421 119.96 68.37 -52.17
CA LEU Z 421 119.27 68.86 -50.97
C LEU Z 421 118.99 70.35 -51.06
N ASP Z 422 119.95 71.13 -51.57
CA ASP Z 422 119.75 72.57 -51.64
C ASP Z 422 118.69 72.92 -52.68
N ARG Z 423 118.71 72.25 -53.83
CA ARG Z 423 117.64 72.40 -54.81
C ARG Z 423 116.29 71.99 -54.24
N SER Z 424 116.26 70.92 -53.45
CA SER Z 424 115.00 70.53 -52.82
C SER Z 424 114.51 71.59 -51.84
N ARG Z 425 115.43 72.20 -51.09
CA ARG Z 425 115.05 73.28 -50.18
C ARG Z 425 114.55 74.49 -50.94
N GLU Z 426 115.17 74.78 -52.08
CA GLU Z 426 114.72 75.88 -52.93
C GLU Z 426 113.33 75.59 -53.48
N VAL Z 427 113.14 74.39 -54.01
CA VAL Z 427 111.85 73.99 -54.54
C VAL Z 427 110.76 74.08 -53.47
N VAL Z 428 111.07 73.65 -52.24
CA VAL Z 428 110.06 73.73 -51.18
C VAL Z 428 109.79 75.18 -50.76
N GLN Z 429 110.80 76.05 -50.85
CA GLN Z 429 110.56 77.46 -50.61
C GLN Z 429 109.66 78.04 -51.70
N GLU Z 430 109.98 77.73 -52.96
CA GLU Z 430 109.15 78.14 -54.06
C GLU Z 430 107.72 77.61 -53.91
N LEU Z 431 107.59 76.37 -53.45
CA LEU Z 431 106.26 75.80 -53.19
C LEU Z 431 105.51 76.61 -52.13
N ILE Z 432 106.18 76.94 -51.04
CA ILE Z 432 105.54 77.76 -50.01
C ILE Z 432 105.09 79.09 -50.61
N ASP Z 433 105.97 79.72 -51.38
CA ASP Z 433 105.65 81.02 -51.98
C ASP Z 433 104.52 80.90 -52.98
N GLU Z 434 104.49 79.84 -53.77
CA GLU Z 434 103.40 79.61 -54.71
C GLU Z 434 102.08 79.36 -53.98
N TYR Z 435 102.12 78.62 -52.88
CA TYR Z 435 100.92 78.46 -52.04
C TYR Z 435 100.46 79.81 -51.49
N HIS Z 436 101.39 80.68 -51.14
CA HIS Z 436 101.00 82.01 -50.71
C HIS Z 436 100.41 82.84 -51.85
N ALA Z 437 101.02 82.77 -53.05
CA ALA Z 437 100.42 83.46 -54.18
C ALA Z 437 99.01 82.94 -54.45
N ALA Z 438 98.82 81.62 -54.36
CA ALA Z 438 97.47 81.10 -54.53
C ALA Z 438 96.58 81.55 -53.37
N THR Z 439 97.21 81.99 -52.28
CA THR Z 439 96.49 82.61 -51.18
C THR Z 439 96.18 84.07 -51.47
N ARG Z 440 96.79 84.62 -52.50
CA ARG Z 440 96.71 86.05 -52.78
C ARG Z 440 95.78 86.32 -53.96
N MET AA 1 85.16 -0.33 -80.14
CA MET AA 1 86.23 -0.95 -79.34
C MET AA 1 86.80 0.05 -78.34
N PRO AA 2 87.03 -0.42 -77.11
CA PRO AA 2 87.73 0.41 -76.12
C PRO AA 2 89.09 0.87 -76.63
N ARG AA 3 89.59 1.95 -76.04
CA ARG AA 3 90.89 2.53 -76.39
C ARG AA 3 91.69 2.59 -75.09
N GLU AA 4 92.26 1.45 -74.73
CA GLU AA 4 92.94 1.29 -73.45
C GLU AA 4 94.24 2.07 -73.39
N ILE AA 5 94.56 2.57 -72.20
CA ILE AA 5 95.79 3.30 -71.95
C ILE AA 5 96.52 2.62 -70.81
N ILE AA 6 97.78 2.27 -71.05
CA ILE AA 6 98.66 1.67 -70.05
C ILE AA 6 99.47 2.78 -69.39
N THR AA 7 99.42 2.86 -68.06
CA THR AA 7 100.17 3.86 -67.33
C THR AA 7 101.48 3.27 -66.84
N LEU AA 8 102.60 3.87 -67.26
CA LEU AA 8 103.94 3.46 -66.86
C LEU AA 8 104.46 4.45 -65.82
N GLN AA 9 104.67 3.98 -64.59
CA GLN AA 9 105.11 4.83 -63.49
C GLN AA 9 106.60 4.61 -63.28
N LEU AA 10 107.39 5.67 -63.49
CA LEU AA 10 108.85 5.57 -63.56
C LEU AA 10 109.54 6.29 -62.40
N GLY AA 11 110.38 5.56 -61.68
CA GLY AA 11 111.18 6.07 -60.59
C GLY AA 11 110.37 6.48 -59.38
N GLN AA 12 111.09 6.99 -58.37
CA GLN AA 12 110.45 7.34 -57.10
C GLN AA 12 109.31 8.32 -57.30
N CYS AA 13 109.58 9.44 -57.96
CA CYS AA 13 108.57 10.48 -58.09
C CYS AA 13 107.43 10.02 -58.99
N GLY AA 14 107.77 9.45 -60.15
CA GLY AA 14 106.75 8.98 -61.06
C GLY AA 14 105.86 7.92 -60.44
N ASN AA 15 106.45 6.97 -59.72
CA ASN AA 15 105.68 5.92 -59.07
C ASN AA 15 104.80 6.47 -57.95
N GLN AA 16 105.30 7.44 -57.20
CA GLN AA 16 104.49 8.00 -56.13
C GLN AA 16 103.31 8.80 -56.68
N ILE AA 17 103.56 9.56 -57.76
CA ILE AA 17 102.48 10.31 -58.37
C ILE AA 17 101.47 9.37 -59.02
N GLY AA 18 101.95 8.31 -59.65
CA GLY AA 18 101.05 7.33 -60.21
C GLY AA 18 100.22 6.65 -59.14
N PHE AA 19 100.84 6.32 -58.01
CA PHE AA 19 100.10 5.74 -56.90
C PHE AA 19 98.98 6.66 -56.44
N GLU AA 20 99.29 7.96 -56.27
CA GLU AA 20 98.23 8.88 -55.86
C GLU AA 20 97.18 9.08 -56.95
N PHE AA 21 97.58 9.03 -58.22
CA PHE AA 21 96.61 9.10 -59.30
C PHE AA 21 95.66 7.92 -59.29
N TRP AA 22 96.22 6.71 -59.15
CA TRP AA 22 95.39 5.52 -59.09
C TRP AA 22 94.51 5.52 -57.84
N LYS AA 23 95.04 6.01 -56.72
CA LYS AA 23 94.21 6.20 -55.54
C LYS AA 23 93.03 7.11 -55.82
N GLN AA 24 93.28 8.22 -56.51
CA GLN AA 24 92.20 9.13 -56.86
C GLN AA 24 91.19 8.46 -57.78
N LEU AA 25 91.68 7.71 -58.77
CA LEU AA 25 90.78 7.00 -59.67
C LEU AA 25 89.95 5.97 -58.91
N CYS AA 26 90.59 5.21 -58.04
CA CYS AA 26 89.89 4.26 -57.18
C CYS AA 26 88.80 4.96 -56.38
N ALA AA 27 89.13 6.10 -55.77
CA ALA AA 27 88.14 6.83 -55.00
C ALA AA 27 87.00 7.32 -55.86
N GLU AA 28 87.29 7.72 -57.09
CA GLU AA 28 86.25 8.17 -58.00
C GLU AA 28 85.37 7.03 -58.48
N HIS AA 29 85.93 5.82 -58.57
CA HIS AA 29 85.18 4.67 -59.03
C HIS AA 29 84.61 3.84 -57.88
N GLY AA 30 84.92 4.21 -56.64
CA GLY AA 30 84.45 3.45 -55.51
C GLY AA 30 85.05 2.07 -55.41
N ILE AA 31 86.34 1.93 -55.64
CA ILE AA 31 87.03 0.64 -55.52
C ILE AA 31 87.84 0.67 -54.23
N SER AA 32 87.69 -0.38 -53.44
CA SER AA 32 88.42 -0.48 -52.19
C SER AA 32 89.91 -0.67 -52.45
N PRO AA 33 90.74 -0.45 -51.42
CA PRO AA 33 92.18 -0.73 -51.58
C PRO AA 33 92.47 -2.19 -51.92
N GLU AA 34 91.52 -3.08 -51.68
CA GLU AA 34 91.64 -4.48 -52.03
C GLU AA 34 91.10 -4.79 -53.42
N GLY AA 35 90.62 -3.78 -54.15
CA GLY AA 35 90.06 -4.00 -55.46
C GLY AA 35 88.57 -4.28 -55.50
N ILE AA 36 87.88 -4.18 -54.37
CA ILE AA 36 86.46 -4.47 -54.31
C ILE AA 36 85.68 -3.19 -54.58
N VAL AA 37 84.64 -3.30 -55.42
CA VAL AA 37 83.76 -2.18 -55.69
C VAL AA 37 82.97 -1.84 -54.43
N GLU AA 38 82.99 -0.56 -54.04
CA GLU AA 38 82.21 -0.13 -52.91
C GLU AA 38 80.71 -0.18 -53.19
N GLU AA 39 79.95 -0.51 -52.13
CA GLU AA 39 78.51 -0.67 -52.28
C GLU AA 39 77.87 0.58 -52.88
N PHE AA 40 78.36 1.76 -52.49
CA PHE AA 40 77.78 2.97 -53.05
C PHE AA 40 78.20 3.18 -54.49
N ALA AA 41 79.17 2.39 -54.97
CA ALA AA 41 79.74 2.56 -56.29
C ALA AA 41 79.40 1.39 -57.20
N THR AA 42 78.53 0.49 -56.73
CA THR AA 42 78.17 -0.66 -57.55
C THR AA 42 77.42 -0.25 -58.80
N GLU AA 43 76.64 0.83 -58.72
CA GLU AA 43 75.83 1.33 -59.83
C GLU AA 43 76.48 2.52 -60.53
N GLY AA 44 77.80 2.64 -60.44
CA GLY AA 44 78.47 3.77 -61.05
C GLY AA 44 78.35 3.79 -62.56
N THR AA 45 78.30 5.00 -63.10
CA THR AA 45 78.30 5.23 -64.54
C THR AA 45 79.69 5.40 -65.14
N ASP AA 46 80.74 5.20 -64.34
CA ASP AA 46 82.10 5.40 -64.85
C ASP AA 46 82.56 4.20 -65.66
N ARG AA 47 83.34 4.48 -66.70
CA ARG AA 47 83.95 3.43 -67.52
C ARG AA 47 85.31 3.12 -66.96
N LYS AA 48 85.42 2.02 -66.23
CA LYS AA 48 86.71 1.63 -65.67
C LYS AA 48 87.59 0.97 -66.71
N ASP AA 49 86.98 0.30 -67.69
CA ASP AA 49 87.72 -0.48 -68.68
C ASP AA 49 88.72 0.35 -69.47
N VAL AA 50 88.53 1.67 -69.56
CA VAL AA 50 89.49 2.50 -70.29
C VAL AA 50 90.87 2.42 -69.64
N PHE AA 51 90.95 2.56 -68.32
CA PHE AA 51 92.25 2.63 -67.64
C PHE AA 51 92.55 1.44 -66.74
N PHE AA 52 91.52 0.74 -66.28
CA PHE AA 52 91.65 -0.45 -65.45
C PHE AA 52 91.16 -1.66 -66.25
N TYR AA 53 91.74 -2.80 -65.96
CA TYR AA 53 91.14 -4.08 -66.34
C TYR AA 53 90.39 -4.68 -65.16
N GLN AA 54 89.31 -5.38 -65.48
CA GLN AA 54 88.51 -6.08 -64.49
C GLN AA 54 88.97 -7.53 -64.45
N ALA AA 55 89.43 -7.96 -63.27
CA ALA AA 55 89.82 -9.35 -63.06
C ALA AA 55 88.60 -10.24 -62.86
N ASP AA 56 88.87 -11.55 -62.94
CA ASP AA 56 87.82 -12.57 -62.82
C ASP AA 56 87.13 -12.53 -61.47
N ASP AA 57 87.76 -11.91 -60.46
CA ASP AA 57 87.19 -11.83 -59.12
C ASP AA 57 86.44 -10.53 -58.90
N GLU AA 58 85.96 -9.92 -59.98
CA GLU AA 58 85.27 -8.63 -59.94
C GLU AA 58 86.17 -7.53 -59.40
N HIS AA 59 87.48 -7.78 -59.35
CA HIS AA 59 88.42 -6.73 -59.01
C HIS AA 59 88.71 -5.90 -60.24
N TYR AA 60 88.68 -4.58 -60.08
CA TYR AA 60 89.08 -3.66 -61.14
C TYR AA 60 90.55 -3.33 -60.89
N ILE AA 61 91.41 -3.71 -61.84
CA ILE AA 61 92.85 -3.54 -61.70
C ILE AA 61 93.28 -2.46 -62.68
N PRO AA 62 94.02 -1.45 -62.23
CA PRO AA 62 94.52 -0.45 -63.16
C PRO AA 62 95.38 -1.11 -64.23
N ARG AA 63 95.21 -0.67 -65.47
CA ARG AA 63 96.18 -1.02 -66.50
C ARG AA 63 97.45 -0.21 -66.28
N ALA AA 64 98.12 -0.46 -65.16
CA ALA AA 64 99.28 0.33 -64.76
C ALA AA 64 100.45 -0.60 -64.48
N VAL AA 65 101.61 -0.25 -65.04
CA VAL AA 65 102.87 -0.94 -64.79
C VAL AA 65 103.76 0.01 -64.01
N LEU AA 66 104.20 -0.42 -62.83
CA LEU AA 66 105.04 0.39 -61.97
C LEU AA 66 106.46 -0.14 -62.05
N LEU AA 67 107.37 0.65 -62.59
CA LEU AA 67 108.76 0.25 -62.76
C LEU AA 67 109.62 1.21 -61.95
N ASP AA 68 110.40 0.66 -61.02
CA ASP AA 68 111.39 1.42 -60.28
C ASP AA 68 112.66 0.61 -60.16
N LEU AA 69 113.80 1.30 -60.19
CA LEU AA 69 115.09 0.67 -59.99
C LEU AA 69 115.49 0.61 -58.52
N GLU AA 70 114.72 1.20 -57.61
CA GLU AA 70 115.01 1.14 -56.20
C GLU AA 70 113.84 0.52 -55.45
N PRO AA 71 114.10 -0.41 -54.54
CA PRO AA 71 113.00 -1.14 -53.89
C PRO AA 71 112.19 -0.33 -52.91
N ARG AA 72 112.73 0.77 -52.37
CA ARG AA 72 112.10 1.41 -51.21
C ARG AA 72 110.66 1.82 -51.52
N VAL AA 73 110.44 2.46 -52.66
CA VAL AA 73 109.12 3.01 -52.96
C VAL AA 73 108.15 1.92 -53.38
N ILE AA 74 108.60 0.98 -54.21
CA ILE AA 74 107.75 -0.14 -54.60
C ILE AA 74 107.33 -0.92 -53.36
N HIS AA 75 108.27 -1.19 -52.46
CA HIS AA 75 107.92 -1.85 -51.21
C HIS AA 75 106.95 -1.01 -50.38
N SER AA 76 107.09 0.31 -50.41
CA SER AA 76 106.13 1.15 -49.69
C SER AA 76 104.72 1.04 -50.28
N ILE AA 77 104.63 0.94 -51.60
CA ILE AA 77 103.31 0.77 -52.21
C ILE AA 77 102.75 -0.60 -51.87
N LEU AA 78 103.57 -1.64 -52.00
CA LEU AA 78 103.10 -2.97 -51.67
C LEU AA 78 102.82 -3.13 -50.18
N ASN AA 79 103.33 -2.22 -49.35
CA ASN AA 79 103.03 -2.20 -47.93
C ASN AA 79 101.92 -1.21 -47.60
N SER AA 80 101.35 -0.57 -48.60
CA SER AA 80 100.26 0.36 -48.36
C SER AA 80 98.94 -0.41 -48.33
N PRO AA 81 97.88 0.21 -47.82
CA PRO AA 81 96.56 -0.44 -47.90
C PRO AA 81 96.12 -0.71 -49.33
N TYR AA 82 96.70 -0.05 -50.31
CA TYR AA 82 96.31 -0.20 -51.70
C TYR AA 82 97.18 -1.23 -52.43
N ALA AA 83 97.97 -2.01 -51.69
CA ALA AA 83 98.86 -2.97 -52.32
C ALA AA 83 98.09 -3.95 -53.20
N LYS AA 84 96.87 -4.30 -52.81
CA LYS AA 84 96.09 -5.25 -53.60
C LYS AA 84 95.45 -4.64 -54.83
N LEU AA 85 95.46 -3.32 -54.98
CA LEU AA 85 94.86 -2.71 -56.16
C LEU AA 85 95.67 -3.01 -57.41
N TYR AA 86 96.99 -2.92 -57.31
CA TYR AA 86 97.87 -3.09 -58.47
C TYR AA 86 98.14 -4.57 -58.72
N ASN AA 87 98.24 -4.94 -59.99
CA ASN AA 87 98.71 -6.27 -60.32
C ASN AA 87 100.16 -6.42 -59.89
N PRO AA 88 100.47 -7.34 -58.97
CA PRO AA 88 101.88 -7.53 -58.59
C PRO AA 88 102.77 -7.95 -59.73
N GLU AA 89 102.24 -8.66 -60.72
CA GLU AA 89 103.02 -9.08 -61.88
C GLU AA 89 103.38 -7.92 -62.79
N ASN AA 90 102.79 -6.75 -62.61
CA ASN AA 90 103.11 -5.58 -63.41
C ASN AA 90 104.17 -4.70 -62.76
N ILE AA 91 104.78 -5.13 -61.67
CA ILE AA 91 105.82 -4.36 -60.99
C ILE AA 91 107.15 -5.05 -61.25
N TYR AA 92 108.02 -4.38 -62.00
CA TYR AA 92 109.41 -4.80 -62.17
C TYR AA 92 110.31 -3.93 -61.29
N LEU AA 93 111.17 -4.57 -60.51
CA LEU AA 93 112.18 -3.85 -59.74
C LEU AA 93 113.54 -4.47 -60.00
N SER AA 94 114.49 -3.66 -60.45
CA SER AA 94 115.84 -4.13 -60.69
C SER AA 94 116.45 -4.61 -59.38
N GLU AA 95 116.96 -5.84 -59.39
CA GLU AA 95 117.69 -6.32 -58.22
C GLU AA 95 118.97 -5.53 -58.01
N HIS AA 96 119.52 -4.95 -59.07
CA HIS AA 96 120.68 -4.07 -58.95
C HIS AA 96 120.19 -2.71 -58.50
N GLY AA 97 120.07 -2.54 -57.19
CA GLY AA 97 119.55 -1.32 -56.62
C GLY AA 97 120.45 -0.10 -56.78
N GLY AA 98 121.29 -0.07 -57.81
CA GLY AA 98 122.15 1.08 -58.02
C GLY AA 98 121.52 2.22 -58.78
N GLY AA 99 120.39 2.00 -59.42
CA GLY AA 99 119.81 3.06 -60.22
C GLY AA 99 120.70 3.60 -61.33
N ALA AA 100 120.22 4.69 -61.92
CA ALA AA 100 120.96 5.49 -62.87
C ALA AA 100 121.78 6.59 -62.21
N GLY AA 101 121.67 6.74 -60.90
CA GLY AA 101 122.46 7.73 -60.20
C GLY AA 101 122.26 9.14 -60.68
N ASN AA 102 121.01 9.50 -61.02
CA ASN AA 102 120.70 10.80 -61.60
C ASN AA 102 121.48 11.07 -62.87
N ASN AA 103 121.92 10.02 -63.56
CA ASN AA 103 122.67 10.15 -64.80
C ASN AA 103 121.80 9.66 -65.94
N TRP AA 104 121.51 10.55 -66.90
CA TRP AA 104 120.72 10.17 -68.06
C TRP AA 104 121.37 9.01 -68.80
N ALA AA 105 122.69 9.06 -68.97
CA ALA AA 105 123.35 7.99 -69.72
C ALA AA 105 123.20 6.66 -69.00
N SER AA 106 123.32 6.69 -67.67
CA SER AA 106 123.14 5.47 -66.88
C SER AA 106 121.70 4.97 -66.98
N GLY AA 107 120.73 5.86 -66.92
CA GLY AA 107 119.35 5.45 -67.10
C GLY AA 107 119.08 4.84 -68.47
N PHE AA 108 119.69 5.41 -69.51
CA PHE AA 108 119.53 4.85 -70.85
C PHE AA 108 120.14 3.46 -70.94
N SER AA 109 121.39 3.33 -70.47
CA SER AA 109 122.04 2.03 -70.47
C SER AA 109 121.26 1.01 -69.65
N GLN AA 110 120.66 1.44 -68.54
CA GLN AA 110 119.84 0.53 -67.75
C GLN AA 110 118.57 0.12 -68.49
N GLY AA 111 117.92 1.07 -69.17
CA GLY AA 111 116.79 0.71 -70.00
C GLY AA 111 117.15 -0.30 -71.06
N GLU AA 112 118.32 -0.15 -71.66
CA GLU AA 112 118.82 -1.14 -72.62
C GLU AA 112 119.08 -2.48 -71.92
N LYS AA 113 119.60 -2.45 -70.71
CA LYS AA 113 119.93 -3.70 -70.02
C LYS AA 113 118.66 -4.42 -69.59
N ILE AA 114 117.61 -3.70 -69.26
CA ILE AA 114 116.37 -4.30 -68.78
C ILE AA 114 115.29 -4.28 -69.86
N HIS AA 115 115.70 -4.11 -71.11
CA HIS AA 115 114.73 -4.02 -72.21
C HIS AA 115 113.81 -5.24 -72.21
N GLU AA 116 114.40 -6.43 -72.17
CA GLU AA 116 113.60 -7.65 -72.26
C GLU AA 116 112.62 -7.74 -71.09
N ASP AA 117 113.08 -7.53 -69.87
CA ASP AA 117 112.15 -7.60 -68.74
C ASP AA 117 111.04 -6.59 -68.91
N ILE AA 118 111.40 -5.39 -69.36
CA ILE AA 118 110.42 -4.32 -69.54
C ILE AA 118 109.48 -4.66 -70.68
N PHE AA 119 110.03 -5.14 -71.79
CA PHE AA 119 109.16 -5.39 -72.93
C PHE AA 119 108.30 -6.62 -72.70
N ASP AA 120 108.78 -7.57 -71.90
CA ASP AA 120 107.94 -8.69 -71.45
C ASP AA 120 106.75 -8.19 -70.64
N ILE AA 121 107.00 -7.22 -69.75
CA ILE AA 121 105.90 -6.69 -68.97
C ILE AA 121 104.93 -5.94 -69.88
N ILE AA 122 105.48 -5.11 -70.76
CA ILE AA 122 104.65 -4.31 -71.66
C ILE AA 122 103.81 -5.22 -72.54
N ASP AA 123 104.40 -6.29 -73.05
CA ASP AA 123 103.67 -7.21 -73.90
C ASP AA 123 102.58 -7.95 -73.14
N ARG AA 124 102.87 -8.36 -71.90
CA ARG AA 124 101.83 -8.97 -71.08
C ARG AA 124 100.64 -8.02 -70.90
N GLU AA 125 100.92 -6.75 -70.61
CA GLU AA 125 99.84 -5.80 -70.45
C GLU AA 125 99.15 -5.51 -71.77
N ALA AA 126 99.89 -5.51 -72.89
CA ALA AA 126 99.28 -5.25 -74.18
C ALA AA 126 98.34 -6.38 -74.55
N ASP AA 127 98.76 -7.62 -74.30
CA ASP AA 127 97.90 -8.74 -74.60
C ASP AA 127 96.68 -8.74 -73.70
N GLY AA 128 96.83 -8.19 -72.49
CA GLY AA 128 95.65 -8.02 -71.65
C GLY AA 128 94.76 -6.86 -72.01
N SER AA 129 95.05 -6.12 -73.09
CA SER AA 129 94.21 -5.02 -73.55
C SER AA 129 93.53 -5.40 -74.85
N ASP AA 130 92.21 -5.24 -74.92
CA ASP AA 130 91.50 -5.61 -76.14
C ASP AA 130 91.81 -4.66 -77.29
N SER AA 131 91.84 -3.36 -77.01
CA SER AA 131 92.12 -2.36 -78.05
C SER AA 131 92.90 -1.21 -77.42
N LEU AA 132 94.07 -1.53 -76.88
CA LEU AA 132 94.99 -0.54 -76.32
C LEU AA 132 95.14 0.69 -77.21
N GLU AA 133 94.81 1.86 -76.66
CA GLU AA 133 94.96 3.08 -77.43
C GLU AA 133 96.41 3.56 -77.35
N GLY AA 134 97.03 3.46 -76.19
CA GLY AA 134 98.40 3.89 -76.06
C GLY AA 134 98.90 3.80 -74.63
N PHE AA 135 100.11 4.31 -74.44
CA PHE AA 135 100.76 4.33 -73.13
C PHE AA 135 100.93 5.76 -72.65
N VAL AA 136 100.70 5.97 -71.36
CA VAL AA 136 100.99 7.23 -70.68
C VAL AA 136 102.14 6.97 -69.72
N LEU AA 137 103.28 7.59 -69.98
CA LEU AA 137 104.46 7.46 -69.12
C LEU AA 137 104.47 8.62 -68.15
N CYS AA 138 104.45 8.33 -66.85
CA CYS AA 138 104.56 9.32 -65.80
C CYS AA 138 105.96 9.19 -65.20
N HIS AA 139 106.77 10.21 -65.44
CA HIS AA 139 108.18 10.19 -65.07
C HIS AA 139 108.65 11.62 -64.86
N SER AA 140 109.83 11.75 -64.28
CA SER AA 140 110.52 13.03 -64.17
C SER AA 140 111.68 13.10 -65.15
N ILE AA 141 111.84 14.28 -65.75
CA ILE AA 141 112.92 14.53 -66.72
C ILE AA 141 114.26 14.77 -66.05
N ALA AA 142 114.27 14.97 -64.74
CA ALA AA 142 115.47 15.40 -64.03
C ALA AA 142 116.21 14.26 -63.35
N GLY AA 143 115.53 13.15 -63.06
CA GLY AA 143 116.18 12.05 -62.38
C GLY AA 143 117.14 11.35 -63.32
N GLY AA 144 117.63 10.19 -62.87
CA GLY AA 144 118.43 9.35 -63.73
C GLY AA 144 117.60 8.36 -64.51
N THR AA 145 116.82 7.56 -63.78
CA THR AA 145 116.02 6.52 -64.43
C THR AA 145 114.97 7.13 -65.34
N GLY AA 146 114.13 8.02 -64.80
CA GLY AA 146 113.06 8.58 -65.59
C GLY AA 146 113.52 9.34 -66.81
N SER AA 147 114.74 9.90 -66.77
CA SER AA 147 115.25 10.64 -67.92
C SER AA 147 115.93 9.69 -68.91
N GLY AA 148 116.97 9.00 -68.46
CA GLY AA 148 117.73 8.14 -69.35
C GLY AA 148 116.95 6.92 -69.75
N LEU AA 149 116.53 6.16 -68.74
CA LEU AA 149 115.71 4.99 -69.00
C LEU AA 149 114.40 5.38 -69.65
N GLY AA 150 113.85 6.54 -69.31
CA GLY AA 150 112.66 7.00 -69.99
C GLY AA 150 112.87 7.24 -71.47
N SER AA 151 113.98 7.87 -71.85
CA SER AA 151 114.28 8.06 -73.27
C SER AA 151 114.51 6.74 -73.98
N TYR AA 152 115.24 5.82 -73.36
CA TYR AA 152 115.43 4.50 -73.94
C TYR AA 152 114.10 3.80 -74.15
N LEU AA 153 113.24 3.83 -73.13
CA LEU AA 153 111.95 3.18 -73.24
C LEU AA 153 111.08 3.86 -74.28
N LEU AA 154 111.17 5.19 -74.40
CA LEU AA 154 110.44 5.88 -75.45
C LEU AA 154 110.85 5.40 -76.82
N GLU AA 155 112.17 5.26 -77.04
CA GLU AA 155 112.64 4.74 -78.32
C GLU AA 155 112.12 3.32 -78.57
N ARG AA 156 112.27 2.44 -77.57
CA ARG AA 156 111.91 1.04 -77.79
C ARG AA 156 110.41 0.87 -77.92
N LEU AA 157 109.62 1.66 -77.18
CA LEU AA 157 108.17 1.64 -77.32
C LEU AA 157 107.75 2.17 -78.68
N ASN AA 158 108.42 3.22 -79.17
CA ASN AA 158 108.08 3.74 -80.48
C ASN AA 158 108.35 2.71 -81.56
N ASP AA 159 109.41 1.92 -81.38
CA ASP AA 159 109.70 0.86 -82.34
C ASP AA 159 108.72 -0.29 -82.24
N ARG AA 160 108.39 -0.72 -81.02
CA ARG AA 160 107.56 -1.91 -80.84
C ARG AA 160 106.08 -1.65 -81.10
N TYR AA 161 105.58 -0.47 -80.75
CA TYR AA 161 104.16 -0.15 -80.85
C TYR AA 161 103.97 1.11 -81.70
N PRO AA 162 104.46 1.07 -82.95
CA PRO AA 162 104.48 2.31 -83.75
C PRO AA 162 103.10 2.84 -84.08
N LYS AA 163 102.04 2.11 -83.73
CA LYS AA 163 100.67 2.52 -83.96
C LYS AA 163 99.95 2.96 -82.69
N LYS AA 164 100.62 2.95 -81.54
CA LYS AA 164 100.01 3.29 -80.27
C LYS AA 164 100.41 4.70 -79.87
N LEU AA 165 99.48 5.42 -79.23
CA LEU AA 165 99.79 6.77 -78.77
C LEU AA 165 100.77 6.73 -77.61
N VAL AA 166 101.66 7.71 -77.56
CA VAL AA 166 102.57 7.89 -76.43
C VAL AA 166 102.30 9.26 -75.82
N GLN AA 167 101.63 9.27 -74.66
CA GLN AA 167 101.45 10.47 -73.86
C GLN AA 167 102.42 10.43 -72.69
N THR AA 168 102.94 11.59 -72.32
CA THR AA 168 103.81 11.67 -71.14
C THR AA 168 103.23 12.63 -70.10
N TYR AA 169 103.41 12.26 -68.83
CA TYR AA 169 103.31 13.15 -67.70
C TYR AA 169 104.75 13.39 -67.25
N SER AA 170 105.32 14.47 -67.76
CA SER AA 170 106.74 14.77 -67.60
C SER AA 170 106.90 15.79 -66.48
N VAL AA 171 107.59 15.40 -65.41
CA VAL AA 171 107.82 16.31 -64.30
C VAL AA 171 109.05 17.14 -64.63
N PHE AA 172 108.86 18.44 -64.76
CA PHE AA 172 109.98 19.34 -65.01
C PHE AA 172 110.63 19.72 -63.69
N PRO AA 173 111.95 19.81 -63.66
CA PRO AA 173 112.62 20.12 -62.40
C PRO AA 173 112.33 21.54 -61.96
N ASN AA 174 112.54 21.78 -60.67
CA ASN AA 174 112.39 23.13 -60.14
C ASN AA 174 113.44 24.04 -60.73
N GLN AA 175 112.99 25.14 -61.34
CA GLN AA 175 113.90 26.10 -61.94
C GLN AA 175 114.44 27.08 -60.91
N ASP AA 176 113.76 27.25 -59.77
CA ASP AA 176 114.10 28.28 -58.82
C ASP AA 176 115.10 27.81 -57.78
N GLU AA 177 115.25 26.50 -57.60
CA GLU AA 177 116.24 25.96 -56.67
C GLU AA 177 117.45 25.47 -57.43
N MET AA 178 118.63 25.66 -56.83
CA MET AA 178 119.87 25.07 -57.33
C MET AA 178 119.76 23.55 -57.35
N SER AA 179 119.71 22.95 -58.53
CA SER AA 179 119.70 21.49 -58.62
C SER AA 179 120.98 20.93 -58.00
N ASP AA 180 120.83 19.96 -57.11
CA ASP AA 180 121.96 19.22 -56.59
C ASP AA 180 122.74 18.49 -57.68
N VAL AA 181 122.11 18.26 -58.84
CA VAL AA 181 122.74 17.60 -59.96
C VAL AA 181 123.21 18.70 -60.91
N VAL AA 182 124.50 19.02 -60.87
CA VAL AA 182 125.01 20.09 -61.71
C VAL AA 182 124.84 19.70 -63.18
N VAL AA 183 124.73 18.39 -63.45
CA VAL AA 183 124.51 17.93 -64.81
C VAL AA 183 123.04 17.75 -65.08
N GLN AA 184 122.18 18.09 -64.10
CA GLN AA 184 120.75 17.94 -64.28
C GLN AA 184 120.30 18.61 -65.56
N PRO AA 185 120.81 19.79 -65.92
CA PRO AA 185 120.40 20.38 -67.20
C PRO AA 185 120.76 19.51 -68.38
N TYR AA 186 121.91 18.82 -68.32
CA TYR AA 186 122.29 17.89 -69.38
C TYR AA 186 121.32 16.71 -69.45
N ASN AA 187 121.03 16.09 -68.29
CA ASN AA 187 120.07 15.00 -68.29
C ASN AA 187 118.73 15.46 -68.82
N SER AA 188 118.30 16.65 -68.41
CA SER AA 188 117.02 17.19 -68.84
C SER AA 188 117.03 17.44 -70.34
N LEU AA 189 118.14 17.97 -70.86
CA LEU AA 189 118.23 18.23 -72.29
C LEU AA 189 118.15 16.93 -73.08
N LEU AA 190 118.86 15.90 -72.64
CA LEU AA 190 118.77 14.60 -73.33
C LEU AA 190 117.35 14.06 -73.30
N THR AA 191 116.68 14.21 -72.16
CA THR AA 191 115.29 13.79 -72.09
C THR AA 191 114.41 14.64 -72.99
N LEU AA 192 114.66 15.94 -73.04
CA LEU AA 192 113.91 16.81 -73.94
C LEU AA 192 114.12 16.42 -75.39
N LYS AA 193 115.35 16.04 -75.75
CA LYS AA 193 115.62 15.51 -77.08
C LYS AA 193 114.74 14.30 -77.37
N ARG AA 194 114.65 13.39 -76.41
CA ARG AA 194 113.84 12.21 -76.63
C ARG AA 194 112.36 12.55 -76.68
N LEU AA 195 111.91 13.48 -75.83
CA LEU AA 195 110.56 14.01 -75.94
C LEU AA 195 110.30 14.63 -77.31
N THR AA 196 111.28 15.34 -77.84
CA THR AA 196 111.12 16.00 -79.12
C THR AA 196 111.02 14.99 -80.26
N GLN AA 197 111.68 13.84 -80.13
CA GLN AA 197 111.73 12.92 -81.25
C GLN AA 197 110.74 11.78 -81.13
N ASN AA 198 110.35 11.41 -79.90
CA ASN AA 198 109.61 10.20 -79.64
C ASN AA 198 108.34 10.41 -78.82
N ALA AA 199 107.99 11.64 -78.46
CA ALA AA 199 106.75 11.91 -77.73
C ALA AA 199 105.78 12.72 -78.58
N ASP AA 200 104.49 12.41 -78.43
CA ASP AA 200 103.42 13.14 -79.10
C ASP AA 200 102.96 14.38 -78.35
N CYS AA 201 103.05 14.40 -77.02
CA CYS AA 201 102.57 15.54 -76.24
C CYS AA 201 103.31 15.58 -74.90
N VAL AA 202 103.89 16.72 -74.55
CA VAL AA 202 104.60 16.88 -73.29
C VAL AA 202 103.88 17.93 -72.44
N VAL AA 203 103.27 17.48 -71.34
CA VAL AA 203 102.72 18.35 -70.32
C VAL AA 203 103.83 18.68 -69.34
N VAL AA 204 104.24 19.94 -69.28
CA VAL AA 204 105.36 20.34 -68.42
C VAL AA 204 104.87 20.50 -66.99
N LEU AA 205 105.47 19.73 -66.07
CA LEU AA 205 105.19 19.83 -64.64
C LEU AA 205 106.43 20.35 -63.90
N ASP AA 206 106.46 21.65 -63.59
CA ASP AA 206 107.61 22.27 -62.95
C ASP AA 206 107.45 22.18 -61.43
N ASN AA 207 108.32 21.39 -60.79
CA ASN AA 207 108.24 21.27 -59.33
C ASN AA 207 108.44 22.61 -58.64
N THR AA 208 109.25 23.50 -59.21
CA THR AA 208 109.43 24.82 -58.62
C THR AA 208 108.11 25.59 -58.60
N ALA AA 209 107.39 25.57 -59.71
CA ALA AA 209 106.12 26.27 -59.78
C ALA AA 209 105.09 25.62 -58.88
N LEU AA 210 105.11 24.28 -58.80
CA LEU AA 210 104.19 23.59 -57.92
C LEU AA 210 104.43 23.95 -56.46
N ASN AA 211 105.70 23.99 -56.04
CA ASN AA 211 106.03 24.44 -54.70
C ASN AA 211 105.57 25.87 -54.46
N ARG AA 212 105.87 26.77 -55.40
CA ARG AA 212 105.41 28.15 -55.29
C ARG AA 212 103.90 28.22 -55.14
N ILE AA 213 103.17 27.45 -55.94
CA ILE AA 213 101.70 27.44 -55.84
C ILE AA 213 101.25 26.92 -54.50
N ALA AA 214 101.87 25.83 -54.03
CA ALA AA 214 101.49 25.26 -52.73
C ALA AA 214 101.70 26.26 -51.60
N THR AA 215 102.80 27.01 -51.66
CA THR AA 215 103.05 28.00 -50.62
C THR AA 215 102.11 29.20 -50.73
N ASP AA 216 102.02 29.79 -51.92
CA ASP AA 216 101.28 31.04 -52.07
C ASP AA 216 99.77 30.85 -52.04
N ARG AA 217 99.28 29.72 -52.53
CA ARG AA 217 97.85 29.48 -52.73
C ARG AA 217 97.32 28.41 -51.80
N LEU AA 218 98.12 27.40 -51.52
CA LEU AA 218 97.77 26.37 -50.55
C LEU AA 218 98.25 26.73 -49.16
N HIS AA 219 98.99 27.82 -49.02
CA HIS AA 219 99.51 28.26 -47.73
C HIS AA 219 100.35 27.18 -47.07
N ILE AA 220 101.06 26.40 -47.89
CA ILE AA 220 101.95 25.37 -47.38
C ILE AA 220 103.31 25.99 -47.16
N GLN AA 221 103.69 26.17 -45.90
CA GLN AA 221 105.03 26.60 -45.57
C GLN AA 221 105.95 25.40 -45.79
N ASN AA 222 106.90 25.52 -46.71
CA ASN AA 222 107.71 24.36 -47.06
C ASN AA 222 106.76 23.26 -47.52
N PRO AA 223 106.20 23.37 -48.72
CA PRO AA 223 105.24 22.36 -49.18
C PRO AA 223 105.89 20.99 -49.25
N SER AA 224 105.21 20.01 -48.67
CA SER AA 224 105.66 18.63 -48.79
C SER AA 224 105.32 18.02 -50.14
N PHE AA 225 106.08 16.99 -50.49
CA PHE AA 225 105.81 16.22 -51.68
C PHE AA 225 104.40 15.66 -51.66
N SER AA 226 103.88 15.32 -50.48
CA SER AA 226 102.53 14.79 -50.39
C SER AA 226 101.51 15.81 -50.91
N GLN AA 227 101.68 17.08 -50.52
CA GLN AA 227 100.75 18.11 -50.98
C GLN AA 227 100.94 18.40 -52.47
N ILE AA 228 102.18 18.37 -52.93
CA ILE AA 228 102.41 18.56 -54.35
C ILE AA 228 101.78 17.41 -55.13
N ASN AA 229 101.96 16.18 -54.65
CA ASN AA 229 101.37 15.03 -55.32
C ASN AA 229 99.85 15.04 -55.24
N GLN AA 230 99.27 15.60 -54.18
CA GLN AA 230 97.82 15.76 -54.15
C GLN AA 230 97.36 16.73 -55.23
N LEU AA 231 98.11 17.82 -55.43
CA LEU AA 231 97.79 18.70 -56.54
C LEU AA 231 97.97 18.01 -57.89
N VAL AA 232 99.04 17.23 -58.02
CA VAL AA 232 99.29 16.48 -59.24
C VAL AA 232 98.15 15.50 -59.50
N SER AA 233 97.71 14.79 -58.47
CA SER AA 233 96.62 13.84 -58.63
C SER AA 233 95.33 14.55 -59.03
N THR AA 234 95.11 15.75 -58.49
CA THR AA 234 93.97 16.52 -58.95
C THR AA 234 94.08 16.84 -60.44
N ILE AA 235 95.29 17.22 -60.88
CA ILE AA 235 95.48 17.53 -62.29
C ILE AA 235 95.27 16.28 -63.15
N MET AA 236 95.85 15.16 -62.75
CA MET AA 236 95.69 13.91 -63.50
C MET AA 236 94.25 13.48 -63.55
N SER AA 237 93.51 13.66 -62.46
CA SER AA 237 92.08 13.37 -62.48
C SER AA 237 91.37 14.28 -63.46
N ALA AA 238 91.73 15.56 -63.48
CA ALA AA 238 91.07 16.45 -64.40
C ALA AA 238 91.40 16.07 -65.84
N SER AA 239 92.62 15.59 -66.09
CA SER AA 239 92.98 15.15 -67.43
C SER AA 239 92.25 13.87 -67.81
N THR AA 240 91.92 13.04 -66.84
CA THR AA 240 91.24 11.78 -67.09
C THR AA 240 89.73 11.88 -66.93
N THR AA 241 89.20 13.07 -66.64
CA THR AA 241 87.77 13.18 -66.37
C THR AA 241 86.93 12.81 -67.58
N THR AA 242 87.40 13.15 -68.79
CA THR AA 242 86.66 12.76 -69.98
C THR AA 242 86.77 11.28 -70.24
N LEU AA 243 87.79 10.63 -69.70
CA LEU AA 243 87.89 9.17 -69.78
C LEU AA 243 86.96 8.52 -68.76
N ARG AA 244 86.89 9.09 -67.57
CA ARG AA 244 86.16 8.46 -66.48
C ARG AA 244 84.65 8.70 -66.59
N TYR AA 245 84.23 9.80 -67.19
CA TYR AA 245 82.81 10.05 -67.38
C TYR AA 245 82.47 10.06 -68.86
N PRO AA 246 81.71 9.08 -69.35
CA PRO AA 246 81.42 9.02 -70.78
C PRO AA 246 80.60 10.23 -71.22
N GLY AA 247 81.12 10.98 -72.19
CA GLY AA 247 80.40 12.10 -72.75
C GLY AA 247 80.02 11.90 -74.20
N TYR AA 248 79.52 12.98 -74.81
CA TYR AA 248 79.10 12.96 -76.20
C TYR AA 248 80.20 13.38 -77.17
N MET AA 249 81.21 14.10 -76.69
CA MET AA 249 82.23 14.65 -77.57
C MET AA 249 83.58 14.55 -76.88
N ASN AA 250 84.61 14.42 -77.69
CA ASN AA 250 85.98 14.32 -77.18
C ASN AA 250 86.07 13.20 -76.16
N ASN AA 251 85.59 12.03 -76.56
CA ASN AA 251 85.59 10.87 -75.68
C ASN AA 251 86.88 10.07 -75.77
N ASP AA 252 87.86 10.51 -76.54
CA ASP AA 252 89.12 9.78 -76.66
C ASP AA 252 90.32 10.73 -76.55
N LEU AA 253 91.45 10.14 -76.15
CA LEU AA 253 92.66 10.94 -75.98
C LEU AA 253 93.18 11.41 -77.32
N ILE AA 254 93.03 10.56 -78.36
CA ILE AA 254 93.44 10.98 -79.69
C ILE AA 254 92.72 12.26 -80.08
N GLY AA 255 91.39 12.28 -79.88
CA GLY AA 255 90.63 13.46 -80.24
C GLY AA 255 91.00 14.68 -79.42
N LEU AA 256 91.28 14.48 -78.12
CA LEU AA 256 91.73 15.61 -77.30
C LEU AA 256 93.03 16.17 -77.85
N ILE AA 257 94.00 15.31 -78.10
CA ILE AA 257 95.29 15.77 -78.58
C ILE AA 257 95.12 16.47 -79.92
N ALA AA 258 94.37 15.87 -80.82
CA ALA AA 258 94.16 16.50 -82.13
C ALA AA 258 93.51 17.86 -81.98
N SER AA 259 92.70 18.05 -80.94
CA SER AA 259 92.11 19.36 -80.70
C SER AA 259 93.14 20.33 -80.12
N LEU AA 260 94.16 19.82 -79.46
CA LEU AA 260 95.11 20.68 -78.73
C LEU AA 260 96.41 20.96 -79.46
N ILE AA 261 96.85 20.09 -80.38
CA ILE AA 261 98.18 20.17 -80.97
C ILE AA 261 98.02 20.24 -82.49
N PRO AA 262 97.74 21.42 -83.05
CA PRO AA 262 97.65 21.53 -84.52
C PRO AA 262 98.99 21.43 -85.24
N THR AA 263 100.10 21.58 -84.53
CA THR AA 263 101.42 21.53 -85.17
C THR AA 263 102.21 20.38 -84.58
N PRO AA 264 102.52 19.35 -85.36
CA PRO AA 264 103.07 18.12 -84.77
C PRO AA 264 104.32 18.37 -83.95
N ARG AA 265 105.16 19.31 -84.38
CA ARG AA 265 106.34 19.62 -83.60
C ARG AA 265 105.99 20.47 -82.39
N LEU AA 266 104.90 21.21 -82.48
CA LEU AA 266 104.44 22.10 -81.41
C LEU AA 266 103.44 21.37 -80.50
N HIS AA 267 103.92 20.29 -79.89
CA HIS AA 267 103.06 19.38 -79.14
C HIS AA 267 103.23 19.50 -77.64
N PHE AA 268 103.89 20.56 -77.16
CA PHE AA 268 104.05 20.79 -75.72
C PHE AA 268 102.84 21.56 -75.20
N LEU AA 269 102.06 20.93 -74.34
CA LEU AA 269 100.83 21.52 -73.80
C LEU AA 269 101.08 22.00 -72.38
N MET AA 270 100.62 23.22 -72.08
CA MET AA 270 100.57 23.69 -70.70
C MET AA 270 99.21 23.38 -70.09
N THR AA 271 99.20 23.10 -68.79
CA THR AA 271 98.00 22.80 -68.04
C THR AA 271 97.66 23.92 -67.06
N GLY AA 272 96.36 24.07 -66.80
CA GLY AA 272 95.87 24.92 -65.74
C GLY AA 272 94.65 24.32 -65.06
N TYR AA 273 94.54 24.48 -63.75
CA TYR AA 273 93.47 23.86 -62.97
C TYR AA 273 92.85 24.91 -62.07
N THR AA 274 91.52 24.82 -61.88
CA THR AA 274 90.83 25.69 -60.95
C THR AA 274 89.58 25.00 -60.44
N PRO AA 275 89.20 25.20 -59.17
CA PRO AA 275 89.88 25.98 -58.12
C PRO AA 275 91.06 25.23 -57.53
N LEU AA 276 92.10 25.94 -57.11
CA LEU AA 276 93.17 25.36 -56.31
C LEU AA 276 93.03 25.95 -54.91
N THR AA 277 92.19 25.32 -54.09
CA THR AA 277 91.89 25.80 -52.77
C THR AA 277 91.70 24.62 -51.83
N THR AA 278 92.16 24.77 -50.60
CA THR AA 278 91.86 23.80 -49.56
C THR AA 278 90.40 23.88 -49.14
N ARG AA 286 78.92 28.74 -52.95
CA ARG AA 286 78.78 29.67 -54.06
C ARG AA 286 78.77 28.93 -55.39
N LYS AA 287 77.63 28.99 -56.08
CA LYS AA 287 77.51 28.44 -57.42
C LYS AA 287 78.47 29.12 -58.38
N THR AA 288 79.57 28.46 -58.72
CA THR AA 288 80.51 28.97 -59.70
C THR AA 288 79.86 29.00 -61.07
N THR AA 289 79.73 30.18 -61.66
CA THR AA 289 79.12 30.28 -62.97
C THR AA 289 80.16 30.03 -64.04
N VAL AA 290 79.68 29.65 -65.23
CA VAL AA 290 80.57 29.48 -66.37
C VAL AA 290 81.40 30.75 -66.63
N LEU AA 291 80.75 31.91 -66.57
CA LEU AA 291 81.47 33.16 -66.79
C LEU AA 291 82.51 33.41 -65.71
N ASP AA 292 82.20 33.11 -64.46
CA ASP AA 292 83.17 33.30 -63.40
C ASP AA 292 84.31 32.29 -63.53
N VAL AA 293 83.98 31.06 -63.90
CA VAL AA 293 85.00 30.05 -64.13
C VAL AA 293 85.96 30.51 -65.20
N MET AA 294 85.42 30.87 -66.37
CA MET AA 294 86.27 31.28 -67.49
C MET AA 294 87.08 32.52 -67.14
N ARG AA 295 86.50 33.46 -66.40
CA ARG AA 295 87.26 34.64 -66.01
C ARG AA 295 88.38 34.29 -65.07
N ARG AA 296 88.15 33.38 -64.12
CA ARG AA 296 89.23 32.98 -63.23
C ARG AA 296 90.30 32.20 -63.99
N LEU AA 297 89.88 31.33 -64.90
CA LEU AA 297 90.83 30.57 -65.69
C LEU AA 297 91.73 31.48 -66.50
N LEU AA 298 91.17 32.57 -67.03
CA LEU AA 298 91.98 33.49 -67.80
C LEU AA 298 92.92 34.34 -66.95
N GLN AA 299 92.84 34.25 -65.63
CA GLN AA 299 93.72 35.05 -64.79
C GLN AA 299 95.12 34.46 -64.75
N PRO AA 300 96.16 35.25 -65.05
CA PRO AA 300 97.52 34.70 -65.01
C PRO AA 300 97.87 34.11 -63.66
N LYS AA 301 97.27 34.63 -62.59
CA LYS AA 301 97.53 34.13 -61.25
C LYS AA 301 97.01 32.72 -61.05
N ASN AA 302 96.26 32.21 -62.01
CA ASN AA 302 95.71 30.86 -61.96
C ASN AA 302 96.45 29.91 -62.89
N VAL AA 303 97.48 30.35 -63.58
CA VAL AA 303 98.29 29.46 -64.41
C VAL AA 303 99.26 28.70 -63.52
N MET AA 304 99.32 27.37 -63.70
CA MET AA 304 100.07 26.47 -62.85
C MET AA 304 101.47 26.18 -63.38
N VAL AA 305 102.06 27.11 -64.13
CA VAL AA 305 103.41 26.94 -64.64
C VAL AA 305 104.16 28.25 -64.44
N SER AA 306 105.33 28.18 -63.83
CA SER AA 306 106.16 29.35 -63.60
C SER AA 306 106.95 29.61 -64.87
N THR AA 307 106.39 30.45 -65.74
CA THR AA 307 107.07 30.92 -66.93
C THR AA 307 107.55 32.35 -66.70
N GLY AA 308 108.79 32.63 -67.07
CA GLY AA 308 109.28 34.00 -67.01
C GLY AA 308 108.43 34.89 -67.88
N ARG AA 309 108.00 36.03 -67.35
CA ARG AA 309 107.36 37.08 -68.14
C ARG AA 309 108.43 37.88 -68.89
N ASP AA 310 108.96 37.27 -69.94
CA ASP AA 310 109.74 38.03 -70.91
C ASP AA 310 108.87 39.07 -71.58
N ARG AA 311 109.24 40.34 -71.43
CA ARG AA 311 108.52 41.43 -72.09
C ARG AA 311 108.84 41.56 -73.57
N GLN AA 312 109.87 40.87 -74.05
CA GLN AA 312 110.27 41.03 -75.44
C GLN AA 312 109.46 40.15 -76.38
N THR AA 313 109.09 38.95 -75.94
CA THR AA 313 108.36 38.01 -76.78
C THR AA 313 106.88 38.09 -76.45
N ASN AA 314 106.07 38.44 -77.44
CA ASN AA 314 104.62 38.51 -77.25
C ASN AA 314 104.06 37.10 -77.35
N HIS AA 315 104.23 36.35 -76.27
CA HIS AA 315 103.68 35.01 -76.20
C HIS AA 315 102.17 35.07 -76.34
N CYS AA 316 101.58 33.98 -76.84
CA CYS AA 316 100.16 33.93 -77.09
C CYS AA 316 99.66 32.52 -76.80
N TYR AA 317 98.36 32.41 -76.61
CA TYR AA 317 97.74 31.11 -76.47
C TYR AA 317 97.59 30.50 -77.86
N ILE AA 318 98.05 29.26 -78.01
CA ILE AA 318 97.72 28.52 -79.23
C ILE AA 318 96.31 27.95 -79.13
N ALA AA 319 96.02 27.27 -78.03
CA ALA AA 319 94.69 26.71 -77.81
C ALA AA 319 94.43 26.63 -76.32
N ILE AA 320 93.16 26.70 -75.96
CA ILE AA 320 92.70 26.53 -74.59
C ILE AA 320 91.48 25.62 -74.63
N LEU AA 321 91.49 24.57 -73.83
CA LEU AA 321 90.31 23.77 -73.55
C LEU AA 321 89.99 23.89 -72.07
N ASN AA 322 88.77 24.31 -71.76
CA ASN AA 322 88.28 24.30 -70.39
C ASN AA 322 87.30 23.16 -70.23
N ILE AA 323 87.67 22.17 -69.42
CA ILE AA 323 86.76 21.12 -69.00
C ILE AA 323 86.14 21.56 -67.68
N ILE AA 324 84.85 21.87 -67.71
CA ILE AA 324 84.11 22.31 -66.53
C ILE AA 324 83.23 21.17 -66.07
N GLN AA 325 83.46 20.73 -64.84
CA GLN AA 325 82.76 19.60 -64.24
C GLN AA 325 81.81 20.12 -63.17
N GLY AA 326 80.56 19.70 -63.22
CA GLY AA 326 79.60 20.04 -62.19
C GLY AA 326 78.33 20.59 -62.78
N GLU AA 327 77.51 21.20 -61.92
CA GLU AA 327 76.22 21.75 -62.33
C GLU AA 327 76.43 23.05 -63.09
N VAL AA 328 76.38 22.96 -64.42
CA VAL AA 328 76.57 24.09 -65.31
C VAL AA 328 75.36 24.20 -66.20
N ASP AA 329 74.80 25.40 -66.30
CA ASP AA 329 73.74 25.66 -67.28
C ASP AA 329 74.36 25.85 -68.65
N PRO AA 330 74.05 24.99 -69.63
CA PRO AA 330 74.65 25.17 -70.96
C PRO AA 330 74.32 26.50 -71.62
N THR AA 331 73.15 27.08 -71.37
CA THR AA 331 72.88 28.37 -71.98
C THR AA 331 73.79 29.43 -71.39
N GLN AA 332 74.15 29.26 -70.13
CA GLN AA 332 75.11 30.17 -69.52
C GLN AA 332 76.50 29.87 -70.03
N VAL AA 333 76.78 28.62 -70.39
CA VAL AA 333 78.08 28.31 -70.95
C VAL AA 333 78.24 29.04 -72.28
N HIS AA 334 77.23 28.94 -73.14
CA HIS AA 334 77.26 29.62 -74.43
C HIS AA 334 77.39 31.13 -74.26
N LYS AA 335 76.58 31.72 -73.39
CA LYS AA 335 76.70 33.15 -73.14
C LYS AA 335 78.06 33.51 -72.58
N SER AA 336 78.63 32.64 -71.74
CA SER AA 336 79.92 32.93 -71.14
C SER AA 336 81.02 32.89 -72.18
N LEU AA 337 80.95 31.92 -73.08
CA LEU AA 337 81.90 31.87 -74.18
C LEU AA 337 81.81 33.14 -75.01
N GLN AA 338 80.58 33.57 -75.30
CA GLN AA 338 80.42 34.81 -76.06
C GLN AA 338 81.05 35.99 -75.32
N ARG AA 339 80.79 36.10 -74.02
CA ARG AA 339 81.36 37.20 -73.25
C ARG AA 339 82.89 37.13 -73.16
N ILE AA 340 83.44 35.93 -73.03
CA ILE AA 340 84.89 35.79 -72.97
C ILE AA 340 85.51 36.23 -74.28
N ARG AA 341 84.89 35.85 -75.39
CA ARG AA 341 85.41 36.30 -76.68
C ARG AA 341 85.31 37.82 -76.76
N GLU AA 342 84.17 38.37 -76.37
CA GLU AA 342 83.95 39.80 -76.45
C GLU AA 342 85.02 40.56 -75.68
N ARG AA 343 85.46 40.01 -74.55
CA ARG AA 343 86.43 40.73 -73.73
C ARG AA 343 87.87 40.58 -74.25
N LYS AA 344 88.09 39.77 -75.27
CA LYS AA 344 89.43 39.55 -75.82
C LYS AA 344 90.45 39.32 -74.72
N LEU AA 345 90.09 38.48 -73.75
CA LEU AA 345 90.96 38.23 -72.61
C LEU AA 345 92.23 37.45 -72.98
N ALA AA 346 92.28 36.84 -74.15
CA ALA AA 346 93.46 36.09 -74.57
C ALA AA 346 93.90 36.43 -75.97
N ASN AA 347 95.21 36.60 -76.14
CA ASN AA 347 95.82 36.78 -77.46
C ASN AA 347 96.17 35.42 -78.05
N PHE AA 348 95.69 35.17 -79.26
CA PHE AA 348 95.91 33.90 -79.93
C PHE AA 348 96.89 34.06 -81.10
N ILE AA 349 97.42 32.92 -81.53
CA ILE AA 349 98.29 32.85 -82.72
C ILE AA 349 97.64 33.56 -83.89
N PRO AA 350 98.40 34.34 -84.67
CA PRO AA 350 97.81 35.06 -85.80
C PRO AA 350 97.66 34.20 -87.05
N TRP AA 351 98.29 33.04 -87.11
CA TRP AA 351 98.32 32.20 -88.30
C TRP AA 351 97.25 31.14 -88.30
N GLY AA 352 96.40 31.11 -87.27
CA GLY AA 352 95.33 30.13 -87.19
C GLY AA 352 94.15 30.64 -86.40
N PRO AA 353 93.03 29.93 -86.45
CA PRO AA 353 91.88 30.33 -85.63
C PRO AA 353 92.15 30.08 -84.16
N ALA AA 354 91.60 30.96 -83.33
CA ALA AA 354 91.69 30.84 -81.88
C ALA AA 354 90.92 29.62 -81.41
N SER AA 355 91.63 28.61 -80.92
CA SER AA 355 90.99 27.43 -80.38
C SER AA 355 90.70 27.69 -78.91
N ILE AA 356 89.44 27.99 -78.59
CA ILE AA 356 88.97 28.04 -77.22
C ILE AA 356 87.77 27.11 -77.16
N GLN AA 357 87.93 25.96 -76.52
CA GLN AA 357 86.84 25.01 -76.34
C GLN AA 357 86.39 25.01 -74.89
N VAL AA 358 85.10 24.73 -74.70
CA VAL AA 358 84.52 24.53 -73.38
C VAL AA 358 83.72 23.24 -73.41
N ALA AA 359 84.10 22.28 -72.59
CA ALA AA 359 83.35 21.05 -72.40
C ALA AA 359 82.59 21.10 -71.08
N LEU AA 360 81.29 20.84 -71.13
CA LEU AA 360 80.51 20.68 -69.92
C LEU AA 360 80.46 19.20 -69.58
N SER AA 361 80.84 18.84 -68.36
CA SER AA 361 80.75 17.48 -67.88
C SER AA 361 80.11 17.45 -66.49
N ARG AA 362 79.61 16.28 -66.12
CA ARG AA 362 79.10 16.04 -64.78
C ARG AA 362 80.24 15.54 -63.90
N LYS AA 363 80.15 15.86 -62.60
CA LYS AA 363 81.09 15.29 -61.65
C LYS AA 363 80.76 13.83 -61.34
N SER AA 364 81.78 13.10 -60.91
CA SER AA 364 81.59 11.76 -60.37
C SER AA 364 80.56 11.78 -59.24
N PRO AA 365 79.57 10.88 -59.25
CA PRO AA 365 78.65 10.78 -58.11
C PRO AA 365 79.27 10.17 -56.87
N TYR AA 366 80.43 9.52 -56.99
CA TYR AA 366 81.01 8.84 -55.86
C TYR AA 366 81.94 9.73 -55.04
N LEU AA 367 82.41 10.82 -55.62
CA LEU AA 367 83.30 11.71 -54.89
C LEU AA 367 82.48 12.86 -54.33
N PRO AA 368 82.53 13.12 -53.03
CA PRO AA 368 81.89 14.33 -52.50
C PRO AA 368 82.60 15.58 -52.98
N SER AA 369 81.86 16.45 -53.66
CA SER AA 369 82.39 17.73 -54.13
C SER AA 369 81.74 18.85 -53.34
N ALA AA 370 82.54 19.55 -52.53
CA ALA AA 370 82.07 20.75 -51.87
C ALA AA 370 81.72 21.83 -52.89
N HIS AA 371 82.31 21.79 -54.07
CA HIS AA 371 82.13 22.80 -55.10
C HIS AA 371 81.22 22.28 -56.20
N ARG AA 372 80.13 23.02 -56.45
CA ARG AA 372 79.19 22.63 -57.50
C ARG AA 372 79.88 22.58 -58.86
N VAL AA 373 80.93 23.37 -59.06
CA VAL AA 373 81.64 23.43 -60.33
C VAL AA 373 83.14 23.50 -60.08
N SER AA 374 83.89 22.64 -60.75
CA SER AA 374 85.35 22.74 -60.85
C SER AA 374 85.73 22.88 -62.32
N GLY AA 375 86.97 23.32 -62.56
CA GLY AA 375 87.45 23.41 -63.93
C GLY AA 375 88.92 23.09 -64.12
N LEU AA 376 89.23 22.41 -65.21
CA LEU AA 376 90.60 22.29 -65.70
C LEU AA 376 90.79 23.07 -66.99
N MET AA 377 91.89 23.81 -67.07
CA MET AA 377 92.33 24.43 -68.31
C MET AA 377 93.55 23.69 -68.83
N MET AA 378 93.50 23.28 -70.09
CA MET AA 378 94.70 22.87 -70.83
C MET AA 378 95.00 23.97 -71.86
N ALA AA 379 96.19 24.55 -71.77
CA ALA AA 379 96.57 25.65 -72.65
C ALA AA 379 97.92 25.41 -73.31
N ASN AA 380 97.97 25.66 -74.61
CA ASN AA 380 99.22 25.74 -75.36
C ASN AA 380 99.60 27.22 -75.43
N HIS AA 381 100.66 27.61 -74.73
CA HIS AA 381 101.04 29.01 -74.60
C HIS AA 381 102.53 29.17 -74.80
N THR AA 382 102.90 30.16 -75.61
CA THR AA 382 104.27 30.30 -76.08
C THR AA 382 105.24 30.62 -74.95
N SER AA 383 104.75 31.05 -73.79
CA SER AA 383 105.66 31.37 -72.71
C SER AA 383 106.38 30.14 -72.15
N ILE AA 384 105.97 28.93 -72.52
CA ILE AA 384 106.76 27.76 -72.15
C ILE AA 384 108.15 27.87 -72.76
N SER AA 385 108.26 28.57 -73.89
CA SER AA 385 109.58 28.76 -74.47
C SER AA 385 110.51 29.43 -73.48
N SER AA 386 110.01 30.30 -72.61
CA SER AA 386 110.88 30.90 -71.60
C SER AA 386 111.48 29.86 -70.67
N LEU AA 387 110.72 28.80 -70.37
CA LEU AA 387 111.25 27.70 -69.59
C LEU AA 387 112.28 26.91 -70.37
N PHE AA 388 112.00 26.68 -71.65
CA PHE AA 388 112.96 25.94 -72.47
C PHE AA 388 114.25 26.75 -72.67
N GLU AA 389 114.11 28.05 -72.90
CA GLU AA 389 115.27 28.94 -72.98
C GLU AA 389 116.08 28.92 -71.70
N SER AA 390 115.42 29.02 -70.54
CA SER AA 390 116.14 28.92 -69.29
C SER AA 390 116.89 27.60 -69.15
N SER AA 391 116.24 26.49 -69.51
CA SER AA 391 116.89 25.19 -69.44
C SER AA 391 118.08 25.14 -70.38
N CYS AA 392 117.92 25.64 -71.60
CA CYS AA 392 119.03 25.68 -72.56
C CYS AA 392 120.18 26.52 -72.04
N GLN AA 393 119.89 27.68 -71.46
CA GLN AA 393 120.94 28.53 -70.92
C GLN AA 393 121.68 27.82 -69.78
N GLN AA 394 120.96 27.10 -68.93
CA GLN AA 394 121.62 26.36 -67.86
C GLN AA 394 122.50 25.25 -68.42
N TYR AA 395 122.00 24.52 -69.42
CA TYR AA 395 122.82 23.51 -70.08
C TYR AA 395 124.07 24.12 -70.69
N ASP AA 396 123.90 25.21 -71.45
CA ASP AA 396 125.05 25.84 -72.09
C ASP AA 396 126.04 26.35 -71.05
N LYS AA 397 125.54 26.83 -69.92
CA LYS AA 397 126.42 27.26 -68.83
C LYS AA 397 127.21 26.10 -68.27
N LEU AA 398 126.62 24.92 -68.18
CA LEU AA 398 127.36 23.78 -67.68
C LEU AA 398 128.34 23.27 -68.73
N ARG AA 399 127.89 23.10 -69.96
CA ARG AA 399 128.76 22.57 -71.02
C ARG AA 399 129.95 23.48 -71.24
N LYS AA 400 129.74 24.80 -71.23
CA LYS AA 400 130.84 25.73 -71.37
C LYS AA 400 131.84 25.60 -70.23
N ARG AA 401 131.41 25.04 -69.09
CA ARG AA 401 132.27 24.83 -67.94
C ARG AA 401 132.76 23.39 -67.84
N GLU AA 402 132.35 22.53 -68.78
CA GLU AA 402 132.64 21.10 -68.71
C GLU AA 402 132.26 20.52 -67.35
N ALA AA 403 131.20 21.03 -66.75
CA ALA AA 403 130.87 20.66 -65.38
C ALA AA 403 130.32 19.24 -65.35
N PHE AA 404 130.77 18.46 -64.38
CA PHE AA 404 130.24 17.13 -64.09
C PHE AA 404 130.42 16.18 -65.27
N LEU AA 405 131.39 16.42 -66.14
CA LEU AA 405 131.60 15.55 -67.29
C LEU AA 405 132.51 14.37 -66.97
N GLU AA 406 133.22 14.38 -65.84
CA GLU AA 406 134.15 13.30 -65.54
C GLU AA 406 133.41 11.98 -65.34
N GLN AA 407 132.23 12.04 -64.72
CA GLN AA 407 131.43 10.84 -64.53
C GLN AA 407 130.73 10.41 -65.81
N PHE AA 408 130.39 11.36 -66.69
CA PHE AA 408 129.81 10.99 -67.97
C PHE AA 408 130.84 10.28 -68.84
N ARG AA 409 132.08 10.80 -68.87
CA ARG AA 409 133.10 10.16 -69.67
C ARG AA 409 133.35 8.73 -69.21
N LYS AA 410 132.97 8.41 -67.97
CA LYS AA 410 133.06 7.03 -67.51
C LYS AA 410 131.97 6.16 -68.10
N GLU AA 411 130.87 6.76 -68.55
CA GLU AA 411 129.74 6.02 -69.10
C GLU AA 411 129.83 5.93 -70.61
N ASP AA 412 129.39 4.80 -71.15
CA ASP AA 412 129.65 4.50 -72.55
C ASP AA 412 129.01 5.53 -73.47
N ILE AA 413 127.81 6.01 -73.11
CA ILE AA 413 127.12 6.99 -73.93
C ILE AA 413 127.88 8.30 -74.01
N PHE AA 414 128.71 8.60 -73.00
CA PHE AA 414 129.49 9.83 -72.97
C PHE AA 414 130.98 9.55 -72.88
N LYS AA 415 131.39 8.29 -73.06
CA LYS AA 415 132.80 7.94 -72.86
C LYS AA 415 133.68 8.61 -73.90
N GLU AA 416 133.23 8.67 -75.15
CA GLU AA 416 134.08 9.22 -76.20
C GLU AA 416 133.85 10.72 -76.38
N ASN AA 417 132.59 11.16 -76.47
CA ASN AA 417 132.31 12.57 -76.68
C ASN AA 417 130.93 12.89 -76.10
N PHE AA 418 130.54 14.15 -76.24
CA PHE AA 418 129.24 14.65 -75.82
C PHE AA 418 128.38 15.05 -77.02
N ASP AA 419 128.67 14.48 -78.20
CA ASP AA 419 127.98 14.91 -79.40
C ASP AA 419 126.47 14.70 -79.26
N GLU AA 420 126.05 13.68 -78.53
CA GLU AA 420 124.61 13.51 -78.33
C GLU AA 420 124.04 14.66 -77.52
N LEU AA 421 124.83 15.18 -76.58
CA LEU AA 421 124.42 16.37 -75.84
C LEU AA 421 124.35 17.58 -76.77
N ASP AA 422 125.31 17.70 -77.67
CA ASP AA 422 125.34 18.86 -78.55
C ASP AA 422 124.17 18.81 -79.55
N ARG AA 423 123.88 17.62 -80.07
CA ARG AA 423 122.70 17.44 -80.90
C ARG AA 423 121.41 17.73 -80.14
N SER AA 424 121.33 17.31 -78.87
CA SER AA 424 120.14 17.64 -78.08
C SER AA 424 120.01 19.15 -77.87
N ARG AA 425 121.13 19.83 -77.66
CA ARG AA 425 121.09 21.28 -77.53
C ARG AA 425 120.66 21.93 -78.83
N GLU AA 426 121.10 21.38 -79.96
CA GLU AA 426 120.67 21.89 -81.25
C GLU AA 426 119.18 21.70 -81.45
N VAL AA 427 118.69 20.50 -81.18
CA VAL AA 427 117.26 20.22 -81.30
C VAL AA 427 116.45 21.16 -80.42
N VAL AA 428 116.91 21.39 -79.18
CA VAL AA 428 116.18 22.28 -78.29
C VAL AA 428 116.28 23.73 -78.75
N GLN AA 429 117.39 24.10 -79.39
CA GLN AA 429 117.49 25.43 -79.98
C GLN AA 429 116.50 25.59 -81.11
N GLU AA 430 116.44 24.59 -82.00
CA GLU AA 430 115.47 24.60 -83.07
C GLU AA 430 114.05 24.67 -82.53
N LEU AA 431 113.76 23.95 -81.45
CA LEU AA 431 112.45 24.03 -80.82
C LEU AA 431 112.14 25.43 -80.31
N ILE AA 432 113.10 26.06 -79.63
CA ILE AA 432 112.89 27.42 -79.15
C ILE AA 432 112.63 28.35 -80.32
N ASP AA 433 113.45 28.23 -81.38
CA ASP AA 433 113.31 29.09 -82.53
C ASP AA 433 111.98 28.86 -83.22
N GLU AA 434 111.53 27.62 -83.29
CA GLU AA 434 110.22 27.32 -83.85
C GLU AA 434 109.11 27.92 -83.00
N TYR AA 435 109.25 27.89 -81.68
CA TYR AA 435 108.28 28.55 -80.81
C TYR AA 435 108.23 30.05 -81.06
N HIS AA 436 109.39 30.66 -81.28
CA HIS AA 436 109.38 32.08 -81.62
C HIS AA 436 108.77 32.33 -82.99
N ALA AA 437 109.13 31.53 -84.00
CA ALA AA 437 108.49 31.70 -85.29
C ALA AA 437 106.98 31.51 -85.18
N ALA AA 438 106.55 30.53 -84.39
CA ALA AA 438 105.13 30.31 -84.18
C ALA AA 438 104.51 31.50 -83.46
N THR AA 439 105.34 32.33 -82.83
CA THR AA 439 104.83 33.56 -82.26
C THR AA 439 104.63 34.62 -83.33
N ARG AA 440 105.16 34.40 -84.55
CA ARG AA 440 105.23 35.37 -85.62
C ARG AA 440 104.18 35.09 -86.68
N PRO AA 441 103.72 36.13 -87.39
CA PRO AA 441 102.72 35.90 -88.44
C PRO AA 441 103.21 35.00 -89.55
N ASP AA 442 104.53 34.86 -89.71
CA ASP AA 442 105.11 34.06 -90.78
C ASP AA 442 105.20 32.58 -90.42
N TYR AA 443 104.65 32.18 -89.27
CA TYR AA 443 104.70 30.78 -88.87
C TYR AA 443 104.18 29.87 -89.98
N ILE AA 444 103.16 30.33 -90.70
CA ILE AA 444 102.60 29.54 -91.79
C ILE AA 444 103.67 29.20 -92.81
N SER AA 445 104.66 30.05 -92.97
CA SER AA 445 105.77 29.80 -93.89
C SER AA 445 107.00 29.26 -93.19
N TRP AA 446 106.96 29.07 -91.87
CA TRP AA 446 108.14 28.71 -91.10
C TRP AA 446 108.67 27.34 -91.51
N MET BA 1 69.80 -50.57 -82.92
CA MET BA 1 70.90 -51.39 -82.34
C MET BA 1 71.90 -50.52 -81.60
N PRO BA 2 72.33 -50.98 -80.42
CA PRO BA 2 73.42 -50.29 -79.73
C PRO BA 2 74.64 -50.19 -80.63
N ARG BA 3 75.52 -49.24 -80.33
CA ARG BA 3 76.74 -49.04 -81.10
C ARG BA 3 77.89 -49.19 -80.12
N GLU BA 4 78.22 -50.45 -79.85
CA GLU BA 4 79.20 -50.77 -78.82
C GLU BA 4 80.59 -50.36 -79.28
N ILE BA 5 81.40 -49.93 -78.32
CA ILE BA 5 82.78 -49.56 -78.56
C ILE BA 5 83.64 -50.37 -77.59
N ILE BA 6 84.61 -51.10 -78.12
CA ILE BA 6 85.51 -51.88 -77.29
C ILE BA 6 86.73 -51.03 -76.96
N THR BA 7 87.03 -50.88 -75.67
CA THR BA 7 88.20 -50.10 -75.26
C THR BA 7 89.37 -51.05 -75.04
N LEU BA 8 90.44 -50.84 -75.80
CA LEU BA 8 91.66 -51.63 -75.68
C LEU BA 8 92.70 -50.78 -74.94
N GLN BA 9 93.09 -51.23 -73.75
CA GLN BA 9 94.04 -50.51 -72.91
C GLN BA 9 95.38 -51.21 -73.05
N LEU BA 10 96.36 -50.50 -73.61
CA LEU BA 10 97.63 -51.08 -74.04
C LEU BA 10 98.79 -50.57 -73.21
N GLY BA 11 99.56 -51.51 -72.65
CA GLY BA 11 100.74 -51.19 -71.87
C GLY BA 11 100.41 -50.50 -70.57
N GLN BA 12 101.46 -50.14 -69.83
CA GLN BA 12 101.28 -49.55 -68.51
C GLN BA 12 100.33 -48.35 -68.58
N CYS BA 13 100.63 -47.40 -69.46
CA CYS BA 13 99.85 -46.17 -69.51
C CYS BA 13 98.43 -46.44 -70.02
N GLY BA 14 98.29 -47.20 -71.09
CA GLY BA 14 96.97 -47.49 -71.61
C GLY BA 14 96.09 -48.23 -70.61
N ASN BA 15 96.63 -49.23 -69.94
CA ASN BA 15 95.86 -49.97 -68.95
C ASN BA 15 95.51 -49.11 -67.75
N GLN BA 16 96.43 -48.25 -67.30
CA GLN BA 16 96.14 -47.41 -66.15
C GLN BA 16 95.09 -46.36 -66.50
N ILE BA 17 95.17 -45.81 -67.70
CA ILE BA 17 94.18 -44.83 -68.14
C ILE BA 17 92.82 -45.50 -68.32
N GLY BA 18 92.80 -46.71 -68.88
CA GLY BA 18 91.54 -47.41 -69.01
C GLY BA 18 90.91 -47.74 -67.67
N PHE BA 19 91.73 -48.20 -66.71
CA PHE BA 19 91.24 -48.46 -65.37
C PHE BA 19 90.66 -47.20 -64.72
N GLU BA 20 91.37 -46.08 -64.80
CA GLU BA 20 90.84 -44.85 -64.22
C GLU BA 20 89.63 -44.35 -64.98
N PHE BA 21 89.58 -44.57 -66.29
CA PHE BA 21 88.40 -44.20 -67.07
C PHE BA 21 87.19 -45.00 -66.61
N TRP BA 22 87.35 -46.31 -66.47
CA TRP BA 22 86.24 -47.14 -66.01
C TRP BA 22 85.83 -46.78 -64.59
N LYS BA 23 86.80 -46.48 -63.72
CA LYS BA 23 86.46 -45.99 -62.39
C LYS BA 23 85.64 -44.70 -62.45
N GLN BA 24 86.05 -43.76 -63.30
CA GLN BA 24 85.29 -42.52 -63.44
C GLN BA 24 83.91 -42.77 -63.99
N LEU BA 25 83.80 -43.66 -64.97
CA LEU BA 25 82.50 -44.01 -65.53
C LEU BA 25 81.61 -44.64 -64.47
N CYS BA 26 82.16 -45.57 -63.69
CA CYS BA 26 81.42 -46.16 -62.58
C CYS BA 26 80.90 -45.09 -61.65
N ALA BA 27 81.77 -44.14 -61.27
CA ALA BA 27 81.33 -43.08 -60.37
C ALA BA 27 80.26 -42.19 -60.99
N GLU BA 28 80.35 -41.93 -62.29
CA GLU BA 28 79.34 -41.10 -62.96
C GLU BA 28 78.02 -41.84 -63.14
N HIS BA 29 78.05 -43.16 -63.29
CA HIS BA 29 76.86 -43.95 -63.50
C HIS BA 29 76.32 -44.59 -62.23
N GLY BA 30 77.01 -44.41 -61.10
CA GLY BA 30 76.58 -45.02 -59.87
C GLY BA 30 76.71 -46.53 -59.87
N ILE BA 31 77.79 -47.06 -60.42
CA ILE BA 31 78.08 -48.49 -60.42
C ILE BA 31 79.18 -48.76 -59.40
N SER BA 32 78.96 -49.73 -58.53
CA SER BA 32 79.96 -50.06 -57.53
C SER BA 32 81.19 -50.67 -58.18
N PRO BA 33 82.32 -50.70 -57.44
CA PRO BA 33 83.52 -51.36 -57.97
C PRO BA 33 83.31 -52.84 -58.23
N GLU BA 34 82.28 -53.44 -57.65
CA GLU BA 34 81.94 -54.84 -57.88
C GLU BA 34 80.96 -55.02 -59.02
N GLY BA 35 80.53 -53.94 -59.68
CA GLY BA 35 79.58 -54.04 -60.75
C GLY BA 35 78.14 -53.95 -60.31
N ILE BA 36 77.89 -53.69 -59.05
CA ILE BA 36 76.53 -53.63 -58.53
C ILE BA 36 76.04 -52.20 -58.69
N VAL BA 37 74.80 -52.05 -59.14
CA VAL BA 37 74.20 -50.73 -59.26
C VAL BA 37 73.99 -50.13 -57.89
N GLU BA 38 74.48 -48.91 -57.70
CA GLU BA 38 74.24 -48.18 -56.47
C GLU BA 38 72.78 -47.75 -56.38
N GLU BA 39 72.27 -47.74 -55.15
CA GLU BA 39 70.86 -47.41 -54.92
C GLU BA 39 70.47 -46.06 -55.52
N PHE BA 40 71.39 -45.08 -55.49
CA PHE BA 40 71.12 -43.74 -55.99
C PHE BA 40 71.03 -43.66 -57.51
N ALA BA 41 71.34 -44.73 -58.23
CA ALA BA 41 71.44 -44.69 -59.69
C ALA BA 41 70.32 -45.48 -60.37
N THR BA 42 69.30 -45.91 -59.62
CA THR BA 42 68.23 -46.68 -60.21
C THR BA 42 67.42 -45.89 -61.23
N GLU BA 43 67.28 -44.58 -61.04
CA GLU BA 43 66.48 -43.75 -61.93
C GLU BA 43 67.32 -42.98 -62.94
N GLY BA 44 68.51 -43.45 -63.26
CA GLY BA 44 69.35 -42.73 -64.20
C GLY BA 44 68.78 -42.70 -65.60
N THR BA 45 69.03 -41.59 -66.30
CA THR BA 45 68.67 -41.43 -67.70
C THR BA 45 69.79 -41.83 -68.66
N ASP BA 46 70.88 -42.39 -68.17
CA ASP BA 46 72.02 -42.72 -69.02
C ASP BA 46 71.82 -44.02 -69.78
N ARG BA 47 72.32 -44.04 -71.02
CA ARG BA 47 72.37 -45.25 -71.83
C ARG BA 47 73.73 -45.88 -71.61
N LYS BA 48 73.78 -46.93 -70.78
CA LYS BA 48 75.04 -47.60 -70.50
C LYS BA 48 75.46 -48.56 -71.59
N ASP BA 49 74.51 -49.13 -72.32
CA ASP BA 49 74.81 -50.18 -73.30
C ASP BA 49 75.82 -49.74 -74.37
N VAL BA 50 75.94 -48.45 -74.63
CA VAL BA 50 76.90 -47.99 -75.65
C VAL BA 50 78.33 -48.35 -75.25
N PHE BA 51 78.72 -48.05 -74.01
CA PHE BA 51 80.11 -48.22 -73.60
C PHE BA 51 80.34 -49.30 -72.55
N PHE BA 52 79.31 -49.67 -71.80
CA PHE BA 52 79.35 -50.71 -70.80
C PHE BA 52 78.47 -51.84 -71.31
N TYR BA 53 78.78 -53.07 -70.90
CA TYR BA 53 77.81 -54.14 -71.04
C TYR BA 53 77.04 -54.34 -69.74
N GLN BA 54 75.76 -54.66 -69.90
CA GLN BA 54 74.87 -54.95 -68.79
C GLN BA 54 74.76 -56.45 -68.63
N ALA BA 55 75.12 -56.94 -67.46
CA ALA BA 55 74.93 -58.35 -67.19
C ALA BA 55 73.45 -58.61 -66.87
N ASP BA 56 73.08 -59.88 -66.92
CA ASP BA 56 71.68 -60.25 -66.69
C ASP BA 56 71.23 -59.87 -65.30
N ASP BA 57 72.18 -59.64 -64.38
CA ASP BA 57 71.88 -59.28 -62.99
C ASP BA 57 71.92 -57.78 -62.77
N GLU BA 58 71.70 -56.99 -63.82
CA GLU BA 58 71.81 -55.53 -63.73
C GLU BA 58 73.21 -55.10 -63.36
N HIS BA 59 74.19 -55.99 -63.49
CA HIS BA 59 75.58 -55.62 -63.31
C HIS BA 59 76.07 -54.93 -64.57
N TYR BA 60 76.73 -53.80 -64.40
CA TYR BA 60 77.36 -53.09 -65.51
C TYR BA 60 78.83 -53.49 -65.60
N ILE BA 61 79.21 -54.10 -66.72
CA ILE BA 61 80.56 -54.56 -66.96
C ILE BA 61 81.17 -53.67 -68.04
N PRO BA 62 82.33 -53.08 -67.81
CA PRO BA 62 82.96 -52.27 -68.86
C PRO BA 62 83.21 -53.12 -70.11
N ARG BA 63 82.86 -52.57 -71.27
CA ARG BA 63 83.34 -53.13 -72.53
C ARG BA 63 84.80 -52.76 -72.76
N ALA BA 64 85.66 -53.24 -71.85
CA ALA BA 64 87.07 -52.89 -71.84
C ALA BA 64 87.91 -54.16 -71.83
N VAL BA 65 88.90 -54.20 -72.71
CA VAL BA 65 89.89 -55.26 -72.78
C VAL BA 65 91.23 -54.64 -72.38
N LEU BA 66 91.84 -55.21 -71.34
CA LEU BA 66 93.12 -54.72 -70.82
C LEU BA 66 94.18 -55.69 -71.30
N LEU BA 67 95.09 -55.22 -72.16
CA LEU BA 67 96.12 -56.06 -72.73
C LEU BA 67 97.48 -55.54 -72.29
N ASP BA 68 98.25 -56.40 -71.62
CA ASP BA 68 99.63 -56.16 -71.27
C ASP BA 68 100.42 -57.44 -71.49
N LEU BA 69 101.67 -57.28 -71.90
CA LEU BA 69 102.59 -58.41 -72.05
C LEU BA 69 103.32 -58.73 -70.76
N GLU BA 70 103.13 -57.92 -69.71
CA GLU BA 70 103.73 -58.12 -68.41
C GLU BA 70 102.63 -58.26 -67.37
N PRO BA 71 102.74 -59.21 -66.44
CA PRO BA 71 101.62 -59.48 -65.53
C PRO BA 71 101.38 -58.38 -64.50
N ARG BA 72 102.36 -57.53 -64.23
CA ARG BA 72 102.26 -56.64 -63.08
C ARG BA 72 101.01 -55.76 -63.15
N VAL BA 73 100.74 -55.19 -64.33
CA VAL BA 73 99.65 -54.23 -64.47
C VAL BA 73 98.30 -54.94 -64.50
N ILE BA 74 98.21 -56.04 -65.24
CA ILE BA 74 96.97 -56.81 -65.26
C ILE BA 74 96.61 -57.27 -63.85
N HIS BA 75 97.60 -57.79 -63.12
CA HIS BA 75 97.38 -58.16 -61.73
C HIS BA 75 96.99 -56.96 -60.88
N SER BA 76 97.54 -55.78 -61.16
CA SER BA 76 97.13 -54.60 -60.40
C SER BA 76 95.67 -54.25 -60.65
N ILE BA 77 95.21 -54.43 -61.88
CA ILE BA 77 93.81 -54.17 -62.16
C ILE BA 77 92.93 -55.23 -61.48
N LEU BA 78 93.31 -56.49 -61.59
CA LEU BA 78 92.54 -57.54 -60.93
C LEU BA 78 92.63 -57.46 -59.41
N ASN BA 79 93.61 -56.73 -58.88
CA ASN BA 79 93.73 -56.48 -57.45
C ASN BA 79 93.14 -55.14 -57.04
N SER BA 80 92.56 -54.42 -57.96
CA SER BA 80 91.97 -53.15 -57.57
C SER BA 80 90.56 -53.39 -57.05
N PRO BA 81 89.98 -52.41 -56.35
CA PRO BA 81 88.58 -52.55 -55.95
C PRO BA 81 87.63 -52.69 -57.13
N TYR BA 82 88.04 -52.29 -58.32
CA TYR BA 82 87.20 -52.36 -59.51
C TYR BA 82 87.46 -53.62 -60.33
N ALA BA 83 88.19 -54.58 -59.76
CA ALA BA 83 88.54 -55.80 -60.48
C ALA BA 83 87.31 -56.53 -61.00
N LYS BA 84 86.20 -56.47 -60.27
CA LYS BA 84 85.00 -57.18 -60.67
C LYS BA 84 84.21 -56.49 -61.77
N LEU BA 85 84.54 -55.25 -62.14
CA LEU BA 85 83.77 -54.60 -63.19
C LEU BA 85 83.98 -55.26 -64.55
N TYR BA 86 85.22 -55.63 -64.88
CA TYR BA 86 85.53 -56.17 -66.19
C TYR BA 86 85.26 -57.68 -66.23
N ASN BA 87 84.79 -58.16 -67.37
CA ASN BA 87 84.74 -59.60 -67.58
C ASN BA 87 86.16 -60.15 -67.62
N PRO BA 88 86.55 -61.02 -66.69
CA PRO BA 88 87.91 -61.59 -66.77
C PRO BA 88 88.17 -62.40 -68.03
N GLU BA 89 87.15 -63.04 -68.59
CA GLU BA 89 87.34 -63.85 -69.79
C GLU BA 89 87.64 -63.05 -71.04
N ASN BA 90 87.45 -61.74 -71.03
CA ASN BA 90 87.76 -60.91 -72.17
C ASN BA 90 89.14 -60.27 -72.07
N ILE BA 91 89.93 -60.65 -71.06
CA ILE BA 91 91.25 -60.10 -70.85
C ILE BA 91 92.29 -61.15 -71.21
N TYR BA 92 93.06 -60.89 -72.26
CA TYR BA 92 94.23 -61.69 -72.58
C TYR BA 92 95.47 -60.93 -72.12
N LEU BA 93 96.34 -61.60 -71.37
CA LEU BA 93 97.62 -61.04 -70.97
C LEU BA 93 98.74 -62.03 -71.28
N SER BA 94 99.73 -61.59 -72.05
CA SER BA 94 100.87 -62.44 -72.37
C SER BA 94 101.62 -62.83 -71.09
N GLU BA 95 101.78 -64.13 -70.90
CA GLU BA 95 102.58 -64.66 -69.79
C GLU BA 95 104.07 -64.35 -69.93
N HIS BA 96 104.56 -64.12 -71.14
CA HIS BA 96 105.96 -63.78 -71.38
C HIS BA 96 106.20 -62.31 -71.03
N GLY BA 97 106.50 -62.07 -69.76
CA GLY BA 97 106.72 -60.74 -69.24
C GLY BA 97 107.96 -60.01 -69.73
N GLY BA 98 108.45 -60.34 -70.92
CA GLY BA 98 109.61 -59.65 -71.47
C GLY BA 98 109.29 -58.39 -72.23
N GLY BA 99 108.02 -58.17 -72.55
CA GLY BA 99 107.56 -57.03 -73.31
C GLY BA 99 108.16 -56.85 -74.70
N ALA BA 100 107.81 -55.71 -75.28
CA ALA BA 100 108.36 -55.21 -76.53
C ALA BA 100 109.59 -54.34 -76.33
N GLY BA 101 109.97 -54.08 -75.08
CA GLY BA 101 111.16 -53.29 -74.82
C GLY BA 101 111.12 -51.91 -75.43
N ASN BA 102 109.95 -51.26 -75.41
CA ASN BA 102 109.75 -49.96 -76.05
C ASN BA 102 110.10 -49.96 -77.53
N ASN BA 103 110.03 -51.11 -78.19
CA ASN BA 103 110.35 -51.24 -79.61
C ASN BA 103 109.05 -51.52 -80.36
N TRP BA 104 108.70 -50.62 -81.28
CA TRP BA 104 107.51 -50.83 -82.10
C TRP BA 104 107.58 -52.15 -82.85
N ALA BA 105 108.75 -52.47 -83.41
CA ALA BA 105 108.86 -53.71 -84.17
C ALA BA 105 108.67 -54.92 -83.27
N SER BA 106 109.23 -54.88 -82.06
CA SER BA 106 109.05 -55.98 -81.12
C SER BA 106 107.60 -56.11 -80.68
N GLY BA 107 106.93 -54.99 -80.41
CA GLY BA 107 105.51 -55.04 -80.09
C GLY BA 107 104.68 -55.60 -81.22
N PHE BA 108 105.04 -55.26 -82.45
CA PHE BA 108 104.33 -55.80 -83.61
C PHE BA 108 104.53 -57.30 -83.73
N SER BA 109 105.78 -57.74 -83.62
CA SER BA 109 106.05 -59.18 -83.66
C SER BA 109 105.35 -59.92 -82.53
N GLN BA 110 105.25 -59.30 -81.35
CA GLN BA 110 104.50 -59.93 -80.26
C GLN BA 110 103.01 -59.99 -80.57
N GLY BA 111 102.46 -58.93 -81.14
CA GLY BA 111 101.08 -58.98 -81.60
C GLY BA 111 100.85 -60.10 -82.59
N GLU BA 112 101.81 -60.30 -83.50
CA GLU BA 112 101.73 -61.42 -84.42
C GLU BA 112 101.80 -62.76 -83.69
N LYS BA 113 102.62 -62.84 -82.63
CA LYS BA 113 102.77 -64.10 -81.91
C LYS BA 113 101.52 -64.43 -81.11
N ILE BA 114 100.83 -63.42 -80.60
CA ILE BA 114 99.64 -63.61 -79.78
C ILE BA 114 98.39 -63.27 -80.59
N HIS BA 115 98.50 -63.27 -81.91
CA HIS BA 115 97.41 -62.88 -82.79
C HIS BA 115 96.15 -63.68 -82.50
N GLU BA 116 96.27 -65.00 -82.47
CA GLU BA 116 95.08 -65.84 -82.30
C GLU BA 116 94.37 -65.54 -80.98
N ASP BA 117 95.11 -65.48 -79.88
CA ASP BA 117 94.48 -65.20 -78.59
C ASP BA 117 93.77 -63.86 -78.61
N ILE BA 118 94.40 -62.84 -79.19
CA ILE BA 118 93.83 -61.50 -79.19
C ILE BA 118 92.62 -61.45 -80.11
N PHE BA 119 92.72 -62.02 -81.31
CA PHE BA 119 91.60 -61.90 -82.23
C PHE BA 119 90.45 -62.79 -81.80
N ASP BA 120 90.74 -63.91 -81.14
CA ASP BA 120 89.69 -64.71 -80.51
C ASP BA 120 88.95 -63.93 -79.44
N ILE BA 121 89.68 -63.17 -78.63
CA ILE BA 121 89.01 -62.37 -77.61
C ILE BA 121 88.17 -61.28 -78.27
N ILE BA 122 88.76 -60.59 -79.25
CA ILE BA 122 88.07 -59.50 -79.90
C ILE BA 122 86.81 -60.01 -80.59
N ASP BA 123 86.89 -61.17 -81.25
CA ASP BA 123 85.73 -61.71 -81.94
C ASP BA 123 84.66 -62.15 -80.95
N ARG BA 124 85.05 -62.77 -79.84
CA ARG BA 124 84.07 -63.12 -78.81
C ARG BA 124 83.34 -61.87 -78.31
N GLU BA 125 84.08 -60.80 -78.04
CA GLU BA 125 83.42 -59.58 -77.58
C GLU BA 125 82.58 -58.94 -78.68
N ALA BA 126 83.03 -59.03 -79.93
CA ALA BA 126 82.25 -58.47 -81.03
C ALA BA 126 80.94 -59.22 -81.19
N ASP BA 127 80.99 -60.55 -81.09
CA ASP BA 127 79.77 -61.32 -81.19
C ASP BA 127 78.87 -61.03 -80.01
N GLY BA 128 79.45 -60.67 -78.86
CA GLY BA 128 78.64 -60.23 -77.75
C GLY BA 128 78.13 -58.82 -77.87
N SER BA 129 78.37 -58.15 -79.00
CA SER BA 129 77.86 -56.81 -79.27
C SER BA 129 76.78 -56.88 -80.33
N ASP BA 130 75.64 -56.25 -80.08
CA ASP BA 130 74.55 -56.32 -81.06
C ASP BA 130 74.92 -55.56 -82.32
N SER BA 131 75.52 -54.39 -82.17
CA SER BA 131 75.94 -53.56 -83.31
C SER BA 131 77.24 -52.85 -82.93
N LEU BA 132 78.28 -53.63 -82.62
CA LEU BA 132 79.60 -53.07 -82.35
C LEU BA 132 79.98 -52.03 -83.40
N GLU BA 133 80.22 -50.80 -82.94
CA GLU BA 133 80.62 -49.75 -83.87
C GLU BA 133 82.10 -49.80 -84.18
N GLY BA 134 82.93 -50.04 -83.17
CA GLY BA 134 84.36 -50.10 -83.42
C GLY BA 134 85.14 -50.25 -82.13
N PHE BA 135 86.46 -50.12 -82.28
CA PHE BA 135 87.37 -50.20 -81.16
C PHE BA 135 88.04 -48.86 -80.93
N VAL BA 136 88.17 -48.50 -79.66
CA VAL BA 136 88.93 -47.35 -79.22
C VAL BA 136 90.15 -47.88 -78.49
N LEU BA 137 91.33 -47.63 -79.05
CA LEU BA 137 92.57 -48.08 -78.46
C LEU BA 137 93.15 -46.94 -77.65
N CYS BA 138 93.37 -47.15 -76.36
CA CYS BA 138 94.05 -46.19 -75.51
C CYS BA 138 95.45 -46.73 -75.31
N HIS BA 139 96.40 -46.05 -75.95
CA HIS BA 139 97.78 -46.52 -76.00
C HIS BA 139 98.67 -45.32 -76.25
N SER BA 140 99.97 -45.52 -76.10
CA SER BA 140 100.96 -44.54 -76.50
C SER BA 140 101.66 -45.03 -77.76
N ILE BA 141 101.94 -44.11 -78.69
CA ILE BA 141 102.63 -44.47 -79.91
C ILE BA 141 104.11 -44.68 -79.67
N ALA BA 142 104.59 -44.27 -78.50
CA ALA BA 142 106.01 -44.27 -78.18
C ALA BA 142 106.40 -45.46 -77.33
N GLY BA 143 105.45 -46.05 -76.60
CA GLY BA 143 105.75 -47.17 -75.74
C GLY BA 143 106.07 -48.41 -76.55
N GLY BA 144 106.13 -49.54 -75.85
CA GLY BA 144 106.29 -50.81 -76.54
C GLY BA 144 104.98 -51.45 -76.90
N THR BA 145 104.12 -51.69 -75.90
CA THR BA 145 102.85 -52.34 -76.19
C THR BA 145 101.99 -51.46 -77.06
N GLY BA 146 101.71 -50.24 -76.59
CA GLY BA 146 100.84 -49.36 -77.34
C GLY BA 146 101.38 -49.00 -78.72
N SER BA 147 102.70 -48.98 -78.87
CA SER BA 147 103.28 -48.65 -80.17
C SER BA 147 103.41 -49.89 -81.05
N GLY BA 148 104.19 -50.87 -80.59
CA GLY BA 148 104.45 -52.04 -81.39
C GLY BA 148 103.23 -52.94 -81.47
N LEU BA 149 102.78 -53.36 -80.30
CA LEU BA 149 101.58 -54.18 -80.22
C LEU BA 149 100.38 -53.41 -80.75
N GLY BA 150 100.34 -52.10 -80.52
CA GLY BA 150 99.28 -51.30 -81.09
C GLY BA 150 99.27 -51.32 -82.60
N SER BA 151 100.44 -51.19 -83.23
CA SER BA 151 100.51 -51.29 -84.69
C SER BA 151 100.12 -52.67 -85.19
N TYR BA 152 100.57 -53.71 -84.51
CA TYR BA 152 100.16 -55.06 -84.88
C TYR BA 152 98.65 -55.20 -84.79
N LEU BA 153 98.07 -54.73 -83.69
CA LEU BA 153 96.62 -54.81 -83.52
C LEU BA 153 95.90 -53.95 -84.55
N LEU BA 154 96.46 -52.80 -84.90
CA LEU BA 154 95.87 -51.98 -85.95
C LEU BA 154 95.81 -52.74 -87.28
N GLU BA 155 96.90 -53.41 -87.63
CA GLU BA 155 96.91 -54.22 -88.84
C GLU BA 155 95.86 -55.33 -88.76
N ARG BA 156 95.85 -56.07 -87.65
CA ARG BA 156 94.96 -57.22 -87.55
C ARG BA 156 93.51 -56.80 -87.48
N LEU BA 157 93.23 -55.68 -86.80
CA LEU BA 157 91.88 -55.14 -86.77
C LEU BA 157 91.46 -54.65 -88.14
N ASN BA 158 92.38 -54.04 -88.88
CA ASN BA 158 92.04 -53.58 -90.22
C ASN BA 158 91.68 -54.77 -91.10
N ASP BA 159 92.36 -55.89 -90.93
CA ASP BA 159 92.00 -57.08 -91.69
C ASP BA 159 90.71 -57.73 -91.20
N ARG BA 160 90.55 -57.88 -89.88
CA ARG BA 160 89.42 -58.62 -89.32
C ARG BA 160 88.10 -57.86 -89.29
N TYR BA 161 88.12 -56.55 -89.07
CA TYR BA 161 86.92 -55.74 -88.88
C TYR BA 161 86.86 -54.59 -89.88
N PRO BA 162 86.90 -54.89 -91.18
CA PRO BA 162 87.03 -53.82 -92.17
C PRO BA 162 85.84 -52.89 -92.21
N LYS BA 163 84.76 -53.20 -91.48
CA LYS BA 163 83.58 -52.34 -91.41
C LYS BA 163 83.44 -51.61 -90.08
N LYS BA 164 84.37 -51.81 -89.14
CA LYS BA 164 84.30 -51.21 -87.82
C LYS BA 164 85.24 -50.02 -87.72
N LEU BA 165 84.82 -48.99 -86.99
CA LEU BA 165 85.66 -47.81 -86.80
C LEU BA 165 86.84 -48.12 -85.89
N VAL BA 166 87.98 -47.50 -86.19
CA VAL BA 166 89.16 -47.57 -85.33
C VAL BA 166 89.49 -46.17 -84.84
N GLN BA 167 89.15 -45.89 -83.59
CA GLN BA 167 89.55 -44.66 -82.92
C GLN BA 167 90.68 -44.98 -81.96
N THR BA 168 91.64 -44.08 -81.86
CA THR BA 168 92.72 -44.20 -80.88
C THR BA 168 92.70 -42.99 -79.96
N TYR BA 169 93.01 -43.24 -78.70
CA TYR BA 169 93.44 -42.23 -77.75
C TYR BA 169 94.93 -42.46 -77.61
N SER BA 170 95.71 -41.71 -78.37
CA SER BA 170 97.14 -41.93 -78.47
C SER BA 170 97.79 -40.90 -77.55
N VAL BA 171 98.48 -41.38 -76.53
CA VAL BA 171 99.17 -40.52 -75.58
C VAL BA 171 100.55 -40.20 -76.16
N PHE BA 172 100.79 -38.92 -76.42
CA PHE BA 172 102.12 -38.59 -76.91
C PHE BA 172 103.06 -38.36 -75.73
N PRO BA 173 104.29 -38.84 -75.86
CA PRO BA 173 105.26 -38.70 -74.78
C PRO BA 173 105.69 -37.25 -74.60
N ASN BA 174 106.26 -36.96 -73.44
CA ASN BA 174 106.80 -35.63 -73.20
C ASN BA 174 107.96 -35.39 -74.15
N GLN BA 175 107.87 -34.29 -74.92
CA GLN BA 175 108.90 -33.93 -75.88
C GLN BA 175 110.05 -33.17 -75.26
N ASP BA 176 109.85 -32.59 -74.07
CA ASP BA 176 110.82 -31.67 -73.49
C ASP BA 176 111.87 -32.38 -72.66
N GLU BA 177 111.62 -33.61 -72.24
CA GLU BA 177 112.61 -34.37 -71.49
C GLU BA 177 113.29 -35.37 -72.41
N MET BA 178 114.58 -35.59 -72.20
CA MET BA 178 115.31 -36.65 -72.89
C MET BA 178 114.71 -38.02 -72.58
N SER BA 179 114.07 -38.62 -73.57
CA SER BA 179 113.56 -39.98 -73.41
C SER BA 179 114.70 -40.94 -73.14
N ASP BA 180 114.55 -41.76 -72.09
CA ASP BA 180 115.49 -42.84 -71.86
C ASP BA 180 115.52 -43.83 -73.02
N VAL BA 181 114.47 -43.85 -73.84
CA VAL BA 181 114.40 -44.72 -75.01
C VAL BA 181 114.80 -43.88 -76.22
N VAL BA 182 116.05 -44.02 -76.65
CA VAL BA 182 116.54 -43.22 -77.77
C VAL BA 182 115.80 -43.57 -79.05
N VAL BA 183 115.19 -44.76 -79.14
CA VAL BA 183 114.46 -45.15 -80.34
C VAL BA 183 112.99 -44.81 -80.23
N GLN BA 184 112.57 -44.17 -79.15
CA GLN BA 184 111.16 -43.82 -79.00
C GLN BA 184 110.65 -43.10 -80.23
N PRO BA 185 111.41 -42.17 -80.83
CA PRO BA 185 110.90 -41.53 -82.05
C PRO BA 185 110.66 -42.52 -83.18
N TYR BA 186 111.50 -43.54 -83.29
CA TYR BA 186 111.28 -44.57 -84.29
C TYR BA 186 110.00 -45.34 -84.02
N ASN BA 187 109.80 -45.76 -82.77
CA ASN BA 187 108.57 -46.46 -82.43
C ASN BA 187 107.35 -45.58 -82.73
N SER BA 188 107.45 -44.30 -82.38
CA SER BA 188 106.34 -43.37 -82.61
C SER BA 188 106.07 -43.22 -84.09
N LEU BA 189 107.11 -43.09 -84.89
CA LEU BA 189 106.92 -42.95 -86.34
C LEU BA 189 106.28 -44.20 -86.92
N LEU BA 190 106.73 -45.38 -86.51
CA LEU BA 190 106.11 -46.61 -87.00
C LEU BA 190 104.64 -46.67 -86.60
N THR BA 191 104.32 -46.25 -85.38
CA THR BA 191 102.94 -46.23 -84.95
C THR BA 191 102.13 -45.21 -85.74
N LEU BA 192 102.72 -44.04 -86.00
CA LEU BA 192 102.03 -43.03 -86.81
C LEU BA 192 101.79 -43.55 -88.23
N LYS BA 193 102.75 -44.28 -88.78
CA LYS BA 193 102.56 -44.94 -90.07
C LYS BA 193 101.36 -45.86 -90.04
N ARG BA 194 101.25 -46.67 -88.99
CA ARG BA 194 100.15 -47.61 -88.92
C ARG BA 194 98.83 -46.88 -88.70
N LEU BA 195 98.83 -45.82 -87.89
CA LEU BA 195 97.66 -44.96 -87.77
C LEU BA 195 97.28 -44.37 -89.13
N THR BA 196 98.27 -43.96 -89.91
CA THR BA 196 98.02 -43.34 -91.21
C THR BA 196 97.42 -44.31 -92.20
N GLN BA 197 97.78 -45.58 -92.10
CA GLN BA 197 97.34 -46.53 -93.12
C GLN BA 197 96.15 -47.35 -92.68
N ASN BA 198 96.02 -47.61 -91.37
CA ASN BA 198 95.08 -48.57 -90.83
C ASN BA 198 94.18 -48.03 -89.72
N ALA BA 199 94.31 -46.77 -89.33
CA ALA BA 199 93.44 -46.17 -88.33
C ALA BA 199 92.54 -45.09 -88.91
N ASP BA 200 91.30 -45.02 -88.40
CA ASP BA 200 90.35 -44.00 -88.82
C ASP BA 200 90.47 -42.69 -88.05
N CYS BA 201 90.93 -42.70 -86.79
CA CYS BA 201 90.98 -41.46 -86.03
C CYS BA 201 92.02 -41.56 -84.91
N VAL BA 202 92.94 -40.61 -84.83
CA VAL BA 202 93.94 -40.55 -83.77
C VAL BA 202 93.73 -39.28 -82.94
N VAL BA 203 93.31 -39.43 -81.69
CA VAL BA 203 93.24 -38.32 -80.74
C VAL BA 203 94.58 -38.18 -80.03
N VAL BA 204 95.29 -37.08 -80.30
CA VAL BA 204 96.61 -36.86 -79.72
C VAL BA 204 96.48 -36.31 -78.31
N LEU BA 205 97.03 -37.04 -77.34
CA LEU BA 205 97.12 -36.64 -75.93
C LEU BA 205 98.61 -36.43 -75.61
N ASP BA 206 99.05 -35.18 -75.58
CA ASP BA 206 100.47 -34.88 -75.40
C ASP BA 206 100.80 -34.81 -73.90
N ASN BA 207 101.59 -35.78 -73.43
CA ASN BA 207 102.00 -35.77 -72.02
C ASN BA 207 102.84 -34.55 -71.69
N THR BA 208 103.61 -34.03 -72.65
CA THR BA 208 104.39 -32.83 -72.38
C THR BA 208 103.46 -31.67 -72.05
N ALA BA 209 102.40 -31.52 -72.84
CA ALA BA 209 101.43 -30.46 -72.60
C ALA BA 209 100.69 -30.71 -71.30
N LEU BA 210 100.39 -31.97 -71.00
CA LEU BA 210 99.71 -32.27 -69.74
C LEU BA 210 100.57 -31.89 -68.53
N ASN BA 211 101.87 -32.21 -68.57
CA ASN BA 211 102.78 -31.78 -67.53
C ASN BA 211 102.84 -30.26 -67.43
N ARG BA 212 102.99 -29.59 -68.58
CA ARG BA 212 102.99 -28.14 -68.59
C ARG BA 212 101.72 -27.57 -67.97
N ILE BA 213 100.57 -28.13 -68.31
CA ILE BA 213 99.30 -27.68 -67.74
C ILE BA 213 99.26 -27.92 -66.24
N ALA BA 214 99.72 -29.09 -65.80
CA ALA BA 214 99.72 -29.37 -64.37
C ALA BA 214 100.57 -28.37 -63.60
N THR BA 215 101.71 -28.00 -64.16
CA THR BA 215 102.56 -27.02 -63.48
C THR BA 215 101.97 -25.61 -63.56
N ASP BA 216 101.63 -25.14 -64.77
CA ASP BA 216 101.25 -23.75 -64.97
C ASP BA 216 99.83 -23.42 -64.50
N ARG BA 217 98.89 -24.36 -64.60
CA ARG BA 217 97.48 -24.10 -64.37
C ARG BA 217 96.96 -24.81 -63.14
N LEU BA 218 97.43 -26.03 -62.89
CA LEU BA 218 97.10 -26.78 -61.69
C LEU BA 218 98.11 -26.52 -60.58
N HIS BA 219 99.19 -25.81 -60.87
CA HIS BA 219 100.22 -25.52 -59.88
C HIS BA 219 100.77 -26.80 -59.28
N ILE BA 220 100.82 -27.86 -60.09
CA ILE BA 220 101.37 -29.14 -59.66
C ILE BA 220 102.86 -29.12 -59.95
N GLN BA 221 103.66 -29.05 -58.89
CA GLN BA 221 105.10 -29.20 -59.03
C GLN BA 221 105.42 -30.67 -59.28
N ASN BA 222 106.01 -30.97 -60.43
CA ASN BA 222 106.27 -32.36 -60.79
C ASN BA 222 104.96 -33.14 -60.81
N PRO BA 223 104.11 -32.94 -61.82
CA PRO BA 223 102.84 -33.68 -61.85
C PRO BA 223 103.07 -35.18 -61.91
N SER BA 224 102.38 -35.92 -61.05
CA SER BA 224 102.43 -37.36 -61.11
C SER BA 224 101.56 -37.91 -62.23
N PHE BA 225 101.91 -39.13 -62.64
CA PHE BA 225 101.10 -39.85 -63.62
C PHE BA 225 99.66 -39.99 -63.14
N SER BA 226 99.45 -40.14 -61.83
CA SER BA 226 98.09 -40.25 -61.31
C SER BA 226 97.28 -38.99 -61.60
N GLN BA 227 97.88 -37.82 -61.41
CA GLN BA 227 97.15 -36.58 -61.68
C GLN BA 227 96.94 -36.39 -63.17
N ILE BA 228 97.93 -36.78 -63.98
CA ILE BA 228 97.74 -36.72 -65.42
C ILE BA 228 96.61 -37.64 -65.85
N ASN BA 229 96.58 -38.86 -65.31
CA ASN BA 229 95.53 -39.80 -65.64
C ASN BA 229 94.17 -39.34 -65.12
N GLN BA 230 94.13 -38.60 -64.01
CA GLN BA 230 92.87 -38.01 -63.57
C GLN BA 230 92.36 -36.96 -64.56
N LEU BA 231 93.27 -36.16 -65.09
CA LEU BA 231 92.87 -35.22 -66.15
C LEU BA 231 92.41 -35.96 -67.39
N VAL BA 232 93.14 -37.02 -67.76
CA VAL BA 232 92.75 -37.83 -68.90
C VAL BA 232 91.37 -38.43 -68.71
N SER BA 233 91.10 -38.97 -67.53
CA SER BA 233 89.80 -39.55 -67.25
C SER BA 233 88.70 -38.49 -67.31
N THR BA 234 89.00 -37.27 -66.84
CA THR BA 234 88.05 -36.19 -67.02
C THR BA 234 87.77 -35.94 -68.49
N ILE BA 235 88.82 -35.96 -69.32
CA ILE BA 235 88.65 -35.75 -70.75
C ILE BA 235 87.80 -36.87 -71.37
N MET BA 236 88.13 -38.11 -71.02
CA MET BA 236 87.38 -39.25 -71.53
C MET BA 236 85.92 -39.20 -71.12
N SER BA 237 85.66 -38.74 -69.89
CA SER BA 237 84.28 -38.56 -69.46
C SER BA 237 83.61 -37.49 -70.31
N ALA BA 238 84.31 -36.40 -70.59
CA ALA BA 238 83.69 -35.38 -71.41
C ALA BA 238 83.44 -35.89 -72.82
N SER BA 239 84.32 -36.76 -73.32
CA SER BA 239 84.12 -37.33 -74.65
C SER BA 239 82.95 -38.31 -74.65
N THR BA 240 82.68 -38.93 -73.52
CA THR BA 240 81.58 -39.89 -73.43
C THR BA 240 80.30 -39.26 -72.89
N THR BA 241 80.30 -37.95 -72.64
CA THR BA 241 79.13 -37.32 -72.03
C THR BA 241 77.90 -37.41 -72.93
N THR BA 242 78.09 -37.31 -74.25
CA THR BA 242 76.96 -37.44 -75.15
C THR BA 242 76.46 -38.87 -75.22
N LEU BA 243 77.30 -39.83 -74.86
CA LEU BA 243 76.87 -41.21 -74.74
C LEU BA 243 76.13 -41.43 -73.43
N ARG BA 244 76.64 -40.81 -72.36
CA ARG BA 244 76.11 -41.06 -71.02
C ARG BA 244 74.82 -40.32 -70.75
N TYR BA 245 74.57 -39.19 -71.39
CA TYR BA 245 73.31 -38.49 -71.20
C TYR BA 245 72.51 -38.51 -72.50
N PRO BA 246 71.38 -39.22 -72.55
CA PRO BA 246 70.64 -39.31 -73.81
C PRO BA 246 70.12 -37.95 -74.24
N GLY BA 247 70.52 -37.52 -75.44
CA GLY BA 247 70.04 -36.29 -76.01
C GLY BA 247 69.21 -36.50 -77.26
N TYR BA 248 68.90 -35.38 -77.92
CA TYR BA 248 68.11 -35.40 -79.14
C TYR BA 248 68.96 -35.46 -80.41
N MET BA 249 70.22 -35.09 -80.35
CA MET BA 249 71.03 -34.97 -81.55
C MET BA 249 72.44 -35.46 -81.28
N ASN BA 250 73.07 -35.96 -82.34
CA ASN BA 250 74.44 -36.44 -82.27
C ASN BA 250 74.57 -37.51 -81.17
N ASN BA 251 73.68 -38.49 -81.23
CA ASN BA 251 73.65 -39.57 -80.26
C ASN BA 251 74.55 -40.72 -80.68
N ASP BA 252 75.30 -40.58 -81.77
CA ASP BA 252 76.17 -41.63 -82.26
C ASP BA 252 77.54 -41.07 -82.62
N LEU BA 253 78.52 -41.98 -82.61
CA LEU BA 253 79.90 -41.62 -82.89
C LEU BA 253 80.11 -41.23 -84.35
N ILE BA 254 79.34 -41.83 -85.27
CA ILE BA 254 79.47 -41.51 -86.69
C ILE BA 254 79.30 -40.01 -86.92
N GLY BA 255 78.26 -39.41 -86.36
CA GLY BA 255 78.07 -37.99 -86.57
C GLY BA 255 79.18 -37.14 -85.98
N LEU BA 256 79.70 -37.55 -84.80
CA LEU BA 256 80.81 -36.83 -84.20
C LEU BA 256 82.04 -36.87 -85.12
N ILE BA 257 82.40 -38.07 -85.58
CA ILE BA 257 83.59 -38.19 -86.42
C ILE BA 257 83.42 -37.40 -87.70
N ALA BA 258 82.27 -37.57 -88.37
CA ALA BA 258 82.07 -36.84 -89.61
C ALA BA 258 82.12 -35.33 -89.39
N SER BA 259 81.71 -34.86 -88.21
CA SER BA 259 81.81 -33.44 -87.91
C SER BA 259 83.24 -33.01 -87.59
N LEU BA 260 84.08 -33.91 -87.11
CA LEU BA 260 85.41 -33.52 -86.62
C LEU BA 260 86.54 -33.77 -87.61
N ILE BA 261 86.40 -34.74 -88.51
CA ILE BA 261 87.49 -35.18 -89.37
C ILE BA 261 87.01 -35.09 -90.82
N PRO BA 262 87.05 -33.90 -91.43
CA PRO BA 262 86.64 -33.81 -92.84
C PRO BA 262 87.65 -34.39 -93.81
N THR BA 263 88.90 -34.59 -93.41
CA THR BA 263 89.92 -35.12 -94.30
C THR BA 263 90.47 -36.44 -93.75
N PRO BA 264 90.24 -37.57 -94.43
CA PRO BA 264 90.54 -38.86 -93.80
C PRO BA 264 91.98 -38.96 -93.34
N ARG BA 265 92.90 -38.39 -94.10
CA ARG BA 265 94.30 -38.40 -93.69
C ARG BA 265 94.53 -37.36 -92.60
N LEU BA 266 93.69 -36.33 -92.58
CA LEU BA 266 93.78 -35.25 -91.60
C LEU BA 266 92.89 -35.58 -90.40
N HIS BA 267 93.22 -36.69 -89.76
CA HIS BA 267 92.38 -37.29 -88.73
C HIS BA 267 92.93 -37.07 -87.33
N PHE BA 268 93.90 -36.16 -87.18
CA PHE BA 268 94.43 -35.81 -85.88
C PHE BA 268 93.58 -34.69 -85.28
N LEU BA 269 92.91 -34.98 -84.16
CA LEU BA 269 92.01 -34.05 -83.51
C LEU BA 269 92.71 -33.44 -82.30
N MET BA 270 92.60 -32.12 -82.14
CA MET BA 270 93.03 -31.47 -80.92
C MET BA 270 91.87 -31.40 -79.92
N THR BA 271 92.21 -31.52 -78.64
CA THR BA 271 91.25 -31.46 -77.56
C THR BA 271 91.39 -30.18 -76.74
N GLY BA 272 90.27 -29.75 -76.17
CA GLY BA 272 90.25 -28.70 -75.19
C GLY BA 272 89.23 -29.03 -74.13
N TYR BA 273 89.53 -28.73 -72.87
CA TYR BA 273 88.70 -29.12 -71.74
C TYR BA 273 88.45 -27.92 -70.86
N THR BA 274 87.26 -27.88 -70.26
CA THR BA 274 86.98 -26.84 -69.31
C THR BA 274 85.93 -27.29 -68.30
N PRO BA 275 86.08 -26.90 -67.03
CA PRO BA 275 87.19 -26.10 -66.52
C PRO BA 275 88.41 -26.97 -66.31
N LEU BA 276 89.61 -26.47 -66.54
CA LEU BA 276 90.85 -27.14 -66.13
C LEU BA 276 91.43 -26.28 -65.02
N THR BA 277 90.98 -26.51 -63.79
CA THR BA 277 91.43 -25.70 -62.67
C THR BA 277 91.51 -26.54 -61.41
N THR BA 278 92.54 -26.26 -60.61
CA THR BA 278 92.62 -26.86 -59.29
C THR BA 278 91.56 -26.25 -58.38
N ASP BA 279 91.05 -27.07 -57.46
CA ASP BA 279 90.04 -26.60 -56.52
C ASP BA 279 90.54 -25.42 -55.71
N THR BA 288 78.34 -17.50 -64.72
CA THR BA 288 79.11 -17.85 -65.91
C THR BA 288 78.20 -18.04 -67.11
N THR BA 289 78.36 -17.21 -68.13
CA THR BA 289 77.55 -17.32 -69.32
C THR BA 289 78.20 -18.28 -70.30
N VAL BA 290 77.37 -18.78 -71.22
CA VAL BA 290 77.88 -19.61 -72.30
C VAL BA 290 79.02 -18.91 -73.03
N LEU BA 291 78.85 -17.62 -73.30
CA LEU BA 291 79.91 -16.85 -73.95
C LEU BA 291 81.17 -16.77 -73.11
N ASP BA 292 81.03 -16.62 -71.79
CA ASP BA 292 82.22 -16.56 -70.95
C ASP BA 292 82.92 -17.92 -70.90
N VAL BA 293 82.13 -18.99 -70.85
CA VAL BA 293 82.69 -20.33 -70.91
C VAL BA 293 83.48 -20.51 -72.19
N MET BA 294 82.84 -20.25 -73.33
CA MET BA 294 83.49 -20.45 -74.61
C MET BA 294 84.73 -19.57 -74.74
N ARG BA 295 84.69 -18.34 -74.21
CA ARG BA 295 85.87 -17.49 -74.26
C ARG BA 295 87.01 -18.05 -73.43
N ARG BA 296 86.69 -18.60 -72.25
CA ARG BA 296 87.76 -19.19 -71.46
C ARG BA 296 88.34 -20.41 -72.15
N LEU BA 297 87.47 -21.24 -72.73
CA LEU BA 297 87.98 -22.39 -73.47
C LEU BA 297 88.85 -21.92 -74.63
N LEU BA 298 88.45 -20.81 -75.27
CA LEU BA 298 89.17 -20.23 -76.38
C LEU BA 298 90.45 -19.55 -75.96
N GLN BA 299 90.74 -19.46 -74.67
CA GLN BA 299 91.99 -18.82 -74.30
C GLN BA 299 93.13 -19.80 -74.56
N PRO BA 300 94.16 -19.41 -75.31
CA PRO BA 300 95.25 -20.35 -75.62
C PRO BA 300 95.93 -20.95 -74.40
N LYS BA 301 95.96 -20.24 -73.28
CA LYS BA 301 96.59 -20.76 -72.06
C LYS BA 301 95.84 -21.94 -71.48
N ASN BA 302 94.64 -22.23 -71.98
CA ASN BA 302 93.83 -23.34 -71.51
C ASN BA 302 93.77 -24.52 -72.47
N VAL BA 303 94.47 -24.47 -73.59
CA VAL BA 303 94.50 -25.62 -74.49
C VAL BA 303 95.50 -26.65 -73.96
N MET BA 304 95.04 -27.91 -73.89
CA MET BA 304 95.80 -28.99 -73.27
C MET BA 304 96.60 -29.80 -74.29
N VAL BA 305 96.99 -29.19 -75.40
CA VAL BA 305 97.81 -29.84 -76.42
C VAL BA 305 98.87 -28.86 -76.85
N SER BA 306 100.14 -29.27 -76.80
CA SER BA 306 101.22 -28.39 -77.22
C SER BA 306 101.38 -28.48 -78.74
N THR BA 307 100.66 -27.60 -79.43
CA THR BA 307 100.84 -27.39 -80.85
C THR BA 307 101.58 -26.06 -80.99
N GLY BA 308 102.64 -26.04 -81.80
CA GLY BA 308 103.28 -24.77 -82.01
C GLY BA 308 102.39 -23.72 -82.64
N ARG BA 309 102.33 -22.54 -82.02
CA ARG BA 309 101.78 -21.34 -82.65
C ARG BA 309 102.87 -20.73 -83.53
N ASP BA 310 103.11 -21.37 -84.67
CA ASP BA 310 103.94 -20.75 -85.68
C ASP BA 310 103.29 -19.48 -86.21
N ARG BA 311 103.99 -18.35 -86.04
CA ARG BA 311 103.51 -17.10 -86.60
C ARG BA 311 103.80 -16.99 -88.08
N GLN BA 312 104.67 -17.86 -88.61
CA GLN BA 312 105.02 -17.81 -90.02
C GLN BA 312 103.99 -18.60 -90.81
N THR BA 313 103.52 -19.69 -90.22
CA THR BA 313 102.53 -20.57 -90.80
C THR BA 313 101.23 -20.13 -90.16
N ASN BA 314 100.28 -19.69 -90.98
CA ASN BA 314 99.02 -19.24 -90.42
C ASN BA 314 98.19 -20.47 -90.08
N HIS BA 315 98.55 -21.08 -88.95
CA HIS BA 315 97.76 -22.20 -88.47
C HIS BA 315 96.35 -21.71 -88.18
N CYS BA 316 95.39 -22.59 -88.32
CA CYS BA 316 94.01 -22.20 -88.15
C CYS BA 316 93.25 -23.36 -87.53
N TYR BA 317 92.10 -23.03 -86.96
CA TYR BA 317 91.19 -24.07 -86.52
C TYR BA 317 90.49 -24.60 -87.75
N ILE BA 318 90.49 -25.92 -87.91
CA ILE BA 318 89.64 -26.53 -88.93
C ILE BA 318 88.22 -26.61 -88.42
N ALA BA 319 88.03 -27.13 -87.21
CA ALA BA 319 86.69 -27.22 -86.64
C ALA BA 319 86.80 -27.17 -85.13
N ILE BA 320 85.74 -26.68 -84.48
CA ILE BA 320 85.64 -26.67 -83.03
C ILE BA 320 84.24 -27.13 -82.65
N LEU BA 321 84.17 -28.12 -81.77
CA LEU BA 321 82.92 -28.49 -81.10
C LEU BA 321 83.11 -28.24 -79.62
N ASN BA 322 82.23 -27.44 -79.03
CA ASN BA 322 82.19 -27.26 -77.59
C ASN BA 322 81.00 -28.03 -77.04
N ILE BA 323 81.29 -29.07 -76.27
CA ILE BA 323 80.28 -29.79 -75.51
C ILE BA 323 80.20 -29.15 -74.13
N ILE BA 324 79.08 -28.47 -73.87
CA ILE BA 324 78.85 -27.79 -72.61
C ILE BA 324 77.85 -28.61 -71.81
N GLN BA 325 78.24 -29.04 -70.63
CA GLN BA 325 77.44 -29.88 -69.76
C GLN BA 325 76.97 -29.04 -68.58
N GLY BA 326 75.66 -29.07 -68.33
CA GLY BA 326 75.03 -28.43 -67.19
C GLY BA 326 73.87 -27.57 -67.63
N GLU BA 327 73.40 -26.74 -66.70
CA GLU BA 327 72.26 -25.85 -66.94
C GLU BA 327 72.71 -24.66 -67.77
N VAL BA 328 72.42 -24.70 -69.07
CA VAL BA 328 72.83 -23.69 -70.02
C VAL BA 328 71.58 -23.11 -70.66
N ASP BA 329 71.48 -21.79 -70.68
CA ASP BA 329 70.41 -21.15 -71.42
C ASP BA 329 70.72 -21.13 -72.90
N PRO BA 330 69.92 -21.79 -73.74
CA PRO BA 330 70.21 -21.76 -75.17
C PRO BA 330 70.25 -20.36 -75.75
N THR BA 331 69.46 -19.43 -75.20
CA THR BA 331 69.52 -18.07 -75.73
C THR BA 331 70.88 -17.46 -75.45
N GLN BA 332 71.50 -17.86 -74.34
CA GLN BA 332 72.84 -17.39 -74.05
C GLN BA 332 73.83 -18.08 -74.96
N VAL BA 333 73.51 -19.31 -75.38
CA VAL BA 333 74.37 -19.99 -76.34
C VAL BA 333 74.36 -19.24 -77.67
N HIS BA 334 73.16 -18.89 -78.15
CA HIS BA 334 73.05 -18.15 -79.40
C HIS BA 334 73.77 -16.82 -79.32
N LYS BA 335 73.54 -16.07 -78.23
CA LYS BA 335 74.26 -14.81 -78.06
C LYS BA 335 75.77 -15.02 -77.98
N SER BA 336 76.22 -16.12 -77.39
CA SER BA 336 77.65 -16.36 -77.27
C SER BA 336 78.26 -16.65 -78.62
N LEU BA 337 77.58 -17.45 -79.43
CA LEU BA 337 78.04 -17.70 -80.79
C LEU BA 337 78.11 -16.39 -81.57
N GLN BA 338 77.08 -15.56 -81.45
CA GLN BA 338 77.09 -14.28 -82.14
C GLN BA 338 78.28 -13.43 -81.71
N ARG BA 339 78.52 -13.33 -80.40
CA ARG BA 339 79.64 -12.53 -79.91
C ARG BA 339 80.98 -13.10 -80.35
N ILE BA 340 81.13 -14.42 -80.36
CA ILE BA 340 82.39 -15.02 -80.79
C ILE BA 340 82.64 -14.74 -82.26
N ARG BA 341 81.60 -14.86 -83.08
CA ARG BA 341 81.76 -14.56 -84.49
C ARG BA 341 82.13 -13.11 -84.70
N GLU BA 342 81.39 -12.21 -84.06
CA GLU BA 342 81.67 -10.79 -84.23
C GLU BA 342 83.10 -10.47 -83.78
N ARG BA 343 83.57 -11.11 -82.71
CA ARG BA 343 84.91 -10.82 -82.21
C ARG BA 343 86.01 -11.56 -82.96
N LYS BA 344 85.66 -12.44 -83.89
CA LYS BA 344 86.65 -13.21 -84.62
C LYS BA 344 87.70 -13.81 -83.67
N LEU BA 345 87.22 -14.35 -82.55
CA LEU BA 345 88.13 -14.89 -81.56
C LEU BA 345 88.83 -16.16 -82.04
N ALA BA 346 88.35 -16.79 -83.11
CA ALA BA 346 88.99 -17.99 -83.63
C ALA BA 346 89.16 -17.87 -85.15
N ASN BA 347 90.34 -18.26 -85.61
CA ASN BA 347 90.65 -18.35 -87.03
C ASN BA 347 90.29 -19.75 -87.52
N PHE BA 348 89.51 -19.82 -88.60
CA PHE BA 348 89.06 -21.09 -89.13
C PHE BA 348 89.81 -21.42 -90.41
N ILE BA 349 89.79 -22.70 -90.76
CA ILE BA 349 90.37 -23.19 -92.01
C ILE BA 349 89.87 -22.36 -93.19
N PRO BA 350 90.74 -21.97 -94.12
CA PRO BA 350 90.29 -21.18 -95.27
C PRO BA 350 89.70 -21.99 -96.41
N TRP BA 351 89.94 -23.31 -96.44
CA TRP BA 351 89.54 -24.12 -97.57
C TRP BA 351 88.18 -24.79 -97.37
N GLY BA 352 87.53 -24.54 -96.25
CA GLY BA 352 86.23 -25.11 -95.97
C GLY BA 352 85.46 -24.17 -95.06
N PRO BA 353 84.18 -24.42 -94.87
CA PRO BA 353 83.43 -23.60 -93.93
C PRO BA 353 83.85 -23.87 -92.50
N ALA BA 354 83.81 -22.80 -91.69
CA ALA BA 354 84.12 -22.92 -90.27
C ALA BA 354 83.07 -23.78 -89.59
N SER BA 355 83.47 -24.95 -89.14
CA SER BA 355 82.60 -25.83 -88.38
C SER BA 355 82.80 -25.45 -86.92
N ILE BA 356 81.82 -24.73 -86.36
CA ILE BA 356 81.79 -24.46 -84.92
C ILE BA 356 80.45 -24.97 -84.41
N GLN BA 357 80.49 -26.06 -83.65
CA GLN BA 357 79.31 -26.64 -83.04
C GLN BA 357 79.31 -26.40 -81.54
N VAL BA 358 78.10 -26.31 -80.97
CA VAL BA 358 77.90 -26.23 -79.54
C VAL BA 358 76.84 -27.26 -79.19
N ALA BA 359 77.20 -28.22 -78.36
CA ALA BA 359 76.25 -29.21 -77.83
C ALA BA 359 75.92 -28.87 -76.38
N LEU BA 360 74.64 -28.79 -76.06
CA LEU BA 360 74.19 -28.69 -74.69
C LEU BA 360 73.87 -30.09 -74.19
N SER BA 361 74.45 -30.46 -73.05
CA SER BA 361 74.15 -31.74 -72.43
C SER BA 361 73.88 -31.57 -70.94
N ARG BA 362 73.22 -32.58 -70.39
CA ARG BA 362 72.99 -32.68 -68.95
C ARG BA 362 74.15 -33.42 -68.32
N LYS BA 363 74.45 -33.08 -67.07
CA LYS BA 363 75.43 -33.85 -66.31
C LYS BA 363 74.84 -35.18 -65.85
N SER BA 364 75.74 -36.13 -65.61
CA SER BA 364 75.37 -37.36 -64.93
C SER BA 364 74.72 -37.05 -63.59
N PRO BA 365 73.58 -37.67 -63.27
CA PRO BA 365 73.00 -37.48 -61.93
C PRO BA 365 73.78 -38.16 -60.82
N TYR BA 366 74.67 -39.11 -61.15
CA TYR BA 366 75.36 -39.86 -60.11
C TYR BA 366 76.67 -39.21 -59.68
N LEU BA 367 77.23 -38.33 -60.49
CA LEU BA 367 78.48 -37.70 -60.12
C LEU BA 367 78.23 -36.32 -59.52
N PRO BA 368 78.73 -36.05 -58.31
CA PRO BA 368 78.67 -34.70 -57.76
C PRO BA 368 79.57 -33.76 -58.56
N SER BA 369 78.99 -32.70 -59.11
CA SER BA 369 79.73 -31.69 -59.86
C SER BA 369 79.77 -30.40 -59.06
N ALA BA 370 80.97 -30.00 -58.63
CA ALA BA 370 81.16 -28.70 -58.00
C ALA BA 370 80.84 -27.55 -58.95
N HIS BA 371 80.96 -27.78 -60.25
CA HIS BA 371 80.75 -26.73 -61.26
C HIS BA 371 79.41 -26.94 -61.93
N ARG BA 372 78.55 -25.92 -61.86
CA ARG BA 372 77.25 -26.01 -62.51
C ARG BA 372 77.40 -26.26 -64.01
N VAL BA 373 78.49 -25.82 -64.60
CA VAL BA 373 78.72 -25.97 -66.04
C VAL BA 373 80.17 -26.34 -66.26
N SER BA 374 80.40 -27.38 -67.04
CA SER BA 374 81.71 -27.70 -67.57
C SER BA 374 81.67 -27.66 -69.09
N GLY BA 375 82.85 -27.58 -69.72
CA GLY BA 375 82.91 -27.64 -71.17
C GLY BA 375 84.14 -28.37 -71.67
N LEU BA 376 83.96 -29.17 -72.72
CA LEU BA 376 85.06 -29.70 -73.50
C LEU BA 376 85.07 -29.08 -74.88
N MET BA 377 86.26 -28.70 -75.35
CA MET BA 377 86.46 -28.29 -76.73
C MET BA 377 87.20 -29.41 -77.45
N MET BA 378 86.67 -29.85 -78.58
CA MET BA 378 87.40 -30.65 -79.54
C MET BA 378 87.69 -29.79 -80.76
N ALA BA 379 88.96 -29.61 -81.09
CA ALA BA 379 89.33 -28.74 -82.19
C ALA BA 379 90.30 -29.43 -83.14
N ASN BA 380 90.02 -29.33 -84.43
CA ASN BA 380 90.95 -29.64 -85.50
C ASN BA 380 91.58 -28.33 -85.91
N HIS BA 381 92.87 -28.16 -85.61
CA HIS BA 381 93.58 -26.90 -85.77
C HIS BA 381 94.94 -27.15 -86.39
N THR BA 382 95.29 -26.35 -87.39
CA THR BA 382 96.45 -26.63 -88.23
C THR BA 382 97.77 -26.55 -87.46
N SER BA 383 97.79 -25.94 -86.28
CA SER BA 383 99.04 -25.88 -85.55
C SER BA 383 99.51 -27.25 -85.07
N ILE BA 384 98.65 -28.28 -85.18
CA ILE BA 384 99.12 -29.64 -84.92
C ILE BA 384 100.24 -30.01 -85.88
N SER BA 385 100.24 -29.39 -87.06
CA SER BA 385 101.33 -29.65 -87.98
C SER BA 385 102.66 -29.35 -87.32
N SER BA 386 102.70 -28.35 -86.43
CA SER BA 386 103.95 -28.07 -85.72
C SER BA 386 104.38 -29.25 -84.86
N LEU BA 387 103.41 -29.99 -84.32
CA LEU BA 387 103.71 -31.22 -83.58
C LEU BA 387 104.22 -32.31 -84.50
N PHE BA 388 103.60 -32.44 -85.68
CA PHE BA 388 104.06 -33.46 -86.62
C PHE BA 388 105.44 -33.13 -87.15
N GLU BA 389 105.68 -31.86 -87.46
CA GLU BA 389 107.01 -31.40 -87.85
C GLU BA 389 108.04 -31.70 -86.76
N SER BA 390 107.72 -31.38 -85.51
CA SER BA 390 108.63 -31.71 -84.41
C SER BA 390 108.93 -33.21 -84.35
N SER BA 391 107.90 -34.04 -84.50
CA SER BA 391 108.12 -35.48 -84.48
C SER BA 391 109.01 -35.92 -85.64
N CYS BA 392 108.76 -35.39 -86.83
CA CYS BA 392 109.61 -35.71 -87.98
C CYS BA 392 111.05 -35.28 -87.74
N GLN BA 393 111.25 -34.08 -87.19
CA GLN BA 393 112.59 -33.60 -86.91
C GLN BA 393 113.29 -34.47 -85.88
N GLN BA 394 112.56 -34.93 -84.86
CA GLN BA 394 113.15 -35.82 -83.87
C GLN BA 394 113.55 -37.15 -84.50
N TYR BA 395 112.69 -37.70 -85.36
CA TYR BA 395 113.03 -38.92 -86.08
C TYR BA 395 114.29 -38.72 -86.91
N ASP BA 396 114.33 -37.65 -87.70
CA ASP BA 396 115.49 -37.40 -88.54
C ASP BA 396 116.74 -37.19 -87.71
N LYS BA 397 116.60 -36.57 -86.54
CA LYS BA 397 117.73 -36.38 -85.63
C LYS BA 397 118.27 -37.69 -85.11
N LEU BA 398 117.39 -38.66 -84.85
CA LEU BA 398 117.86 -39.95 -84.36
C LEU BA 398 118.45 -40.76 -85.51
N ARG BA 399 117.76 -40.82 -86.64
CA ARG BA 399 118.21 -41.61 -87.78
C ARG BA 399 119.56 -41.12 -88.29
N LYS BA 400 119.78 -39.80 -88.30
CA LYS BA 400 121.03 -39.25 -88.78
C LYS BA 400 122.25 -39.72 -88.01
N ARG BA 401 122.11 -40.23 -86.79
CA ARG BA 401 123.27 -40.69 -86.04
C ARG BA 401 123.40 -42.21 -86.04
N GLU BA 402 122.48 -42.93 -86.68
CA GLU BA 402 122.46 -44.39 -86.68
C GLU BA 402 122.65 -44.96 -85.27
N ALA BA 403 122.16 -44.24 -84.26
CA ALA BA 403 122.41 -44.62 -82.88
C ALA BA 403 121.55 -45.82 -82.48
N PHE BA 404 122.17 -46.76 -81.76
CA PHE BA 404 121.43 -47.87 -81.16
C PHE BA 404 120.75 -48.74 -82.21
N LEU BA 405 121.29 -48.77 -83.43
CA LEU BA 405 120.66 -49.54 -84.50
C LEU BA 405 121.05 -51.00 -84.47
N GLU BA 406 122.07 -51.38 -83.70
CA GLU BA 406 122.48 -52.78 -83.68
C GLU BA 406 121.37 -53.65 -83.13
N GLN BA 407 120.62 -53.15 -82.15
CA GLN BA 407 119.50 -53.87 -81.58
C GLN BA 407 118.29 -53.84 -82.52
N PHE BA 408 118.14 -52.78 -83.31
CA PHE BA 408 117.07 -52.76 -84.30
C PHE BA 408 117.34 -53.81 -85.37
N ARG BA 409 118.59 -53.90 -85.82
CA ARG BA 409 118.93 -54.89 -86.82
C ARG BA 409 118.69 -56.30 -86.30
N LYS BA 410 118.60 -56.45 -84.97
CA LYS BA 410 118.25 -57.74 -84.40
C LYS BA 410 116.76 -58.04 -84.58
N GLU BA 411 115.94 -57.00 -84.78
CA GLU BA 411 114.51 -57.17 -84.94
C GLU BA 411 114.13 -57.26 -86.41
N ASP BA 412 113.12 -58.08 -86.69
CA ASP BA 412 112.82 -58.44 -88.07
C ASP BA 412 112.44 -57.22 -88.91
N ILE BA 413 111.69 -56.28 -88.32
CA ILE BA 413 111.28 -55.08 -89.06
C ILE BA 413 112.47 -54.23 -89.46
N PHE BA 414 113.57 -54.31 -88.72
CA PHE BA 414 114.76 -53.53 -89.02
C PHE BA 414 115.98 -54.40 -89.28
N LYS BA 415 115.78 -55.72 -89.40
CA LYS BA 415 116.93 -56.60 -89.52
C LYS BA 415 117.67 -56.38 -90.84
N GLU BA 416 116.94 -56.17 -91.92
CA GLU BA 416 117.55 -56.01 -93.24
C GLU BA 416 117.83 -54.55 -93.57
N ASN BA 417 116.85 -53.67 -93.34
CA ASN BA 417 116.99 -52.27 -93.66
C ASN BA 417 116.09 -51.45 -92.75
N PHE BA 418 116.11 -50.14 -92.97
CA PHE BA 418 115.26 -49.20 -92.24
C PHE BA 418 114.18 -48.61 -93.14
N ASP BA 419 113.83 -49.32 -94.21
CA ASP BA 419 112.90 -48.77 -95.19
C ASP BA 419 111.58 -48.41 -94.54
N GLU BA 420 111.17 -49.16 -93.50
CA GLU BA 420 109.94 -48.79 -92.81
C GLU BA 420 110.10 -47.46 -92.09
N LEU BA 421 111.31 -47.17 -91.60
CA LEU BA 421 111.59 -45.85 -91.03
C LEU BA 421 111.55 -44.78 -92.11
N ASP BA 422 112.10 -45.07 -93.27
CA ASP BA 422 112.13 -44.06 -94.33
C ASP BA 422 110.73 -43.80 -94.85
N ARG BA 423 109.92 -44.85 -95.01
CA ARG BA 423 108.51 -44.69 -95.34
C ARG BA 423 107.77 -43.90 -94.27
N SER BA 424 108.07 -44.14 -92.99
CA SER BA 424 107.43 -43.36 -91.94
C SER BA 424 107.83 -41.89 -92.03
N ARG BA 425 109.09 -41.61 -92.36
CA ARG BA 425 109.52 -40.23 -92.55
C ARG BA 425 108.80 -39.60 -93.73
N GLU BA 426 108.60 -40.38 -94.79
CA GLU BA 426 107.85 -39.89 -95.94
C GLU BA 426 106.41 -39.60 -95.57
N VAL BA 427 105.76 -40.54 -94.88
CA VAL BA 427 104.37 -40.35 -94.46
C VAL BA 427 104.24 -39.11 -93.57
N VAL BA 428 105.18 -38.90 -92.65
CA VAL BA 428 105.11 -37.73 -91.78
C VAL BA 428 105.38 -36.46 -92.58
N GLN BA 429 106.19 -36.55 -93.63
CA GLN BA 429 106.38 -35.42 -94.52
C GLN BA 429 105.09 -35.11 -95.26
N GLU BA 430 104.44 -36.14 -95.80
CA GLU BA 430 103.15 -35.95 -96.47
C GLU BA 430 102.11 -35.35 -95.53
N LEU BA 431 102.08 -35.79 -94.28
CA LEU BA 431 101.17 -35.21 -93.30
C LEU BA 431 101.47 -33.73 -93.08
N ILE BA 432 102.75 -33.38 -92.91
CA ILE BA 432 103.11 -31.98 -92.75
C ILE BA 432 102.69 -31.18 -93.97
N ASP BA 433 102.95 -31.72 -95.16
CA ASP BA 433 102.62 -31.01 -96.39
C ASP BA 433 101.12 -30.84 -96.55
N GLU BA 434 100.34 -31.85 -96.17
CA GLU BA 434 98.89 -31.72 -96.22
C GLU BA 434 98.40 -30.66 -95.23
N TYR BA 435 99.00 -30.61 -94.04
CA TYR BA 435 98.69 -29.54 -93.09
C TYR BA 435 99.03 -28.17 -93.65
N HIS BA 436 100.15 -28.07 -94.37
CA HIS BA 436 100.47 -26.80 -95.02
C HIS BA 436 99.49 -26.46 -96.12
N ALA BA 437 99.11 -27.43 -96.96
CA ALA BA 437 98.09 -27.17 -97.96
C ALA BA 437 96.80 -26.73 -97.30
N ALA BA 438 96.43 -27.37 -96.20
CA ALA BA 438 95.24 -26.93 -95.48
C ALA BA 438 95.44 -25.54 -94.89
N THR BA 439 96.69 -25.10 -94.80
CA THR BA 439 96.98 -23.74 -94.39
C THR BA 439 96.78 -22.75 -95.52
N ARG BA 440 96.62 -23.23 -96.73
CA ARG BA 440 96.58 -22.39 -97.92
C ARG BA 440 95.16 -22.25 -98.42
N PRO BA 441 94.82 -21.14 -99.07
CA PRO BA 441 93.46 -20.98 -99.58
C PRO BA 441 93.07 -22.03 -100.60
N ASP BA 442 94.04 -22.64 -101.27
CA ASP BA 442 93.77 -23.64 -102.31
C ASP BA 442 93.60 -25.04 -101.74
N TYR BA 443 93.60 -25.18 -100.41
CA TYR BA 443 93.46 -26.50 -99.81
C TYR BA 443 92.21 -27.22 -100.32
N ILE BA 444 91.11 -26.47 -100.46
CA ILE BA 444 89.89 -27.09 -100.95
C ILE BA 444 90.12 -27.68 -102.34
N SER BA 445 91.01 -27.07 -103.11
CA SER BA 445 91.40 -27.55 -104.43
C SER BA 445 92.71 -28.31 -104.41
N TRP BA 446 93.32 -28.47 -103.23
CA TRP BA 446 94.65 -29.04 -103.12
C TRP BA 446 94.67 -30.51 -103.58
N MET CA 1 -12.68 -68.91 110.72
CA MET CA 1 -11.98 -69.89 111.59
C MET CA 1 -11.51 -71.11 110.81
N PRO CA 2 -10.28 -71.56 111.07
CA PRO CA 2 -9.82 -72.81 110.48
C PRO CA 2 -10.75 -73.96 110.81
N ARG CA 3 -10.68 -75.01 110.00
CA ARG CA 3 -11.51 -76.21 110.19
C ARG CA 3 -10.55 -77.39 110.32
N GLU CA 4 -9.99 -77.52 111.52
CA GLU CA 4 -8.95 -78.49 111.80
C GLU CA 4 -9.50 -79.91 111.88
N ILE CA 5 -8.68 -80.86 111.43
CA ILE CA 5 -8.96 -82.29 111.54
C ILE CA 5 -7.76 -82.88 112.24
N ILE CA 6 -7.98 -83.58 113.36
CA ILE CA 6 -6.90 -84.22 114.08
C ILE CA 6 -6.76 -85.66 113.61
N THR CA 7 -5.57 -86.04 113.15
CA THR CA 7 -5.28 -87.40 112.72
C THR CA 7 -4.62 -88.18 113.84
N LEU CA 8 -5.27 -89.26 114.28
CA LEU CA 8 -4.75 -90.16 115.30
C LEU CA 8 -4.23 -91.41 114.61
N GLN CA 9 -2.93 -91.65 114.64
CA GLN CA 9 -2.31 -92.78 113.97
C GLN CA 9 -1.98 -93.82 115.03
N LEU CA 10 -2.64 -94.98 114.95
CA LEU CA 10 -2.59 -96.00 115.99
C LEU CA 10 -1.91 -97.25 115.45
N GLY CA 11 -0.86 -97.69 116.14
CA GLY CA 11 -0.15 -98.90 115.79
C GLY CA 11 0.59 -98.77 114.47
N GLN CA 12 1.22 -99.88 114.07
CA GLN CA 12 2.04 -99.89 112.87
C GLN CA 12 1.27 -99.39 111.65
N CYS CA 13 0.10 -99.97 111.40
CA CYS CA 13 -0.66 -99.62 110.20
C CYS CA 13 -1.16 -98.19 110.27
N GLY CA 14 -1.73 -97.79 111.41
CA GLY CA 14 -2.21 -96.42 111.55
C GLY CA 14 -1.11 -95.39 111.37
N ASN CA 15 0.06 -95.64 111.96
CA ASN CA 15 1.17 -94.71 111.83
C ASN CA 15 1.69 -94.67 110.40
N GLN CA 16 1.73 -95.81 109.71
CA GLN CA 16 2.20 -95.81 108.32
C GLN CA 16 1.22 -95.09 107.41
N ILE CA 17 -0.09 -95.27 107.64
CA ILE CA 17 -1.08 -94.59 106.84
C ILE CA 17 -1.05 -93.09 107.11
N GLY CA 18 -0.87 -92.69 108.37
CA GLY CA 18 -0.72 -91.27 108.67
C GLY CA 18 0.50 -90.65 108.03
N PHE CA 19 1.63 -91.36 108.09
CA PHE CA 19 2.85 -90.89 107.44
C PHE CA 19 2.65 -90.71 105.94
N GLU CA 20 2.06 -91.71 105.28
CA GLU CA 20 1.83 -91.58 103.84
C GLU CA 20 0.78 -90.51 103.52
N PHE CA 21 -0.21 -90.31 104.38
CA PHE CA 21 -1.17 -89.24 104.19
C PHE CA 21 -0.49 -87.88 104.24
N TRP CA 22 0.37 -87.67 105.26
CA TRP CA 22 1.08 -86.41 105.36
C TRP CA 22 2.05 -86.22 104.21
N LYS CA 23 2.71 -87.29 103.77
CA LYS CA 23 3.55 -87.21 102.57
C LYS CA 23 2.74 -86.78 101.35
N GLN CA 24 1.56 -87.37 101.15
CA GLN CA 24 0.72 -87.00 100.02
C GLN CA 24 0.26 -85.55 100.12
N LEU CA 25 -0.12 -85.11 101.31
CA LEU CA 25 -0.53 -83.71 101.49
C LEU CA 25 0.63 -82.76 101.19
N CYS CA 26 1.83 -83.08 101.69
CA CYS CA 26 3.01 -82.29 101.36
C CYS CA 26 3.24 -82.23 99.86
N ALA CA 27 3.16 -83.38 99.18
CA ALA CA 27 3.37 -83.39 97.73
C ALA CA 27 2.32 -82.58 96.99
N GLU CA 28 1.08 -82.61 97.45
CA GLU CA 28 0.01 -81.83 96.82
C GLU CA 28 0.15 -80.34 97.11
N HIS CA 29 0.73 -79.97 98.25
CA HIS CA 29 0.87 -78.57 98.63
C HIS CA 29 2.23 -77.99 98.31
N GLY CA 30 3.16 -78.79 97.77
CA GLY CA 30 4.48 -78.28 97.49
C GLY CA 30 5.25 -77.92 98.74
N ILE CA 31 5.17 -78.76 99.77
CA ILE CA 31 5.89 -78.58 101.02
C ILE CA 31 7.07 -79.55 101.06
N SER CA 32 8.24 -79.05 101.41
CA SER CA 32 9.44 -79.85 101.49
C SER CA 32 9.35 -80.88 102.62
N PRO CA 33 10.24 -81.87 102.62
CA PRO CA 33 10.25 -82.87 103.71
C PRO CA 33 10.45 -82.26 105.09
N GLU CA 34 10.92 -81.03 105.19
CA GLU CA 34 11.06 -80.36 106.48
C GLU CA 34 9.82 -79.58 106.86
N GLY CA 35 8.78 -79.60 106.04
CA GLY CA 35 7.56 -78.85 106.30
C GLY CA 35 7.56 -77.45 105.75
N ILE CA 36 8.60 -77.07 105.02
CA ILE CA 36 8.74 -75.73 104.48
C ILE CA 36 8.09 -75.69 103.11
N VAL CA 37 7.36 -74.62 102.83
CA VAL CA 37 6.75 -74.46 101.50
C VAL CA 37 7.86 -74.28 100.48
N GLU CA 38 7.82 -75.09 99.44
CA GLU CA 38 8.78 -74.98 98.34
C GLU CA 38 8.54 -73.69 97.55
N GLU CA 39 9.64 -73.14 97.02
CA GLU CA 39 9.55 -71.87 96.29
C GLU CA 39 8.50 -71.96 95.20
N PHE CA 40 8.37 -73.14 94.59
CA PHE CA 40 7.37 -73.34 93.54
C PHE CA 40 5.95 -73.39 94.10
N ALA CA 41 5.80 -73.38 95.43
CA ALA CA 41 4.51 -73.58 96.08
C ALA CA 41 4.00 -72.31 96.74
N THR CA 42 4.65 -71.17 96.51
CA THR CA 42 4.18 -69.91 97.10
C THR CA 42 2.82 -69.52 96.54
N GLU CA 43 2.54 -69.89 95.30
CA GLU CA 43 1.29 -69.58 94.61
C GLU CA 43 0.32 -70.75 94.65
N GLY CA 44 0.43 -71.61 95.66
CA GLY CA 44 -0.41 -72.79 95.72
C GLY CA 44 -1.88 -72.45 95.80
N THR CA 45 -2.70 -73.34 95.25
CA THR CA 45 -4.15 -73.21 95.28
C THR CA 45 -4.78 -73.82 96.52
N ASP CA 46 -3.98 -74.28 97.49
CA ASP CA 46 -4.51 -74.87 98.71
C ASP CA 46 -3.83 -74.22 99.91
N ARG CA 47 -4.62 -74.00 100.96
CA ARG CA 47 -4.14 -73.51 102.25
C ARG CA 47 -3.90 -74.70 103.18
N LYS CA 48 -2.63 -75.06 103.37
CA LYS CA 48 -2.25 -76.15 104.27
C LYS CA 48 -3.00 -76.12 105.60
N ASP CA 49 -3.43 -74.93 106.02
CA ASP CA 49 -4.04 -74.72 107.33
C ASP CA 49 -5.24 -75.61 107.62
N VAL CA 50 -5.90 -76.14 106.58
CA VAL CA 50 -7.05 -77.02 106.81
C VAL CA 50 -6.63 -78.26 107.60
N PHE CA 51 -5.53 -78.90 107.20
CA PHE CA 51 -5.10 -80.17 107.80
C PHE CA 51 -3.79 -80.08 108.56
N PHE CA 52 -2.97 -79.08 108.26
CA PHE CA 52 -1.70 -78.82 108.92
C PHE CA 52 -1.82 -77.52 109.71
N TYR CA 53 -1.01 -77.39 110.74
CA TYR CA 53 -0.76 -76.10 111.37
C TYR CA 53 0.50 -75.47 110.78
N GLN CA 54 0.47 -74.14 110.68
CA GLN CA 54 1.59 -73.35 110.18
C GLN CA 54 2.42 -72.83 111.34
N ALA CA 55 3.70 -73.18 111.36
CA ALA CA 55 4.65 -72.67 112.32
C ALA CA 55 5.09 -71.25 111.92
N ASP CA 56 5.73 -70.57 112.86
CA ASP CA 56 6.14 -69.19 112.65
C ASP CA 56 7.12 -69.05 111.49
N ASP CA 57 7.77 -70.13 111.06
CA ASP CA 57 8.72 -70.09 109.96
C ASP CA 57 8.10 -70.49 108.63
N GLU CA 58 6.80 -70.33 108.49
CA GLU CA 58 6.05 -70.74 107.30
C GLU CA 58 6.10 -72.25 107.06
N HIS CA 59 6.48 -73.03 108.06
CA HIS CA 59 6.43 -74.48 107.96
C HIS CA 59 5.01 -74.97 108.18
N TYR CA 60 4.53 -75.87 107.32
CA TYR CA 60 3.24 -76.52 107.51
C TYR CA 60 3.46 -77.84 108.24
N ILE CA 61 2.89 -77.96 109.43
CA ILE CA 61 3.04 -79.14 110.29
C ILE CA 61 1.72 -79.90 110.32
N PRO CA 62 1.72 -81.20 110.02
CA PRO CA 62 0.46 -81.96 110.12
C PRO CA 62 -0.06 -81.95 111.55
N ARG CA 63 -1.38 -81.75 111.68
CA ARG CA 63 -2.08 -82.03 112.94
C ARG CA 63 -2.29 -83.54 113.13
N ALA CA 64 -1.16 -84.25 113.25
CA ALA CA 64 -1.13 -85.71 113.30
C ALA CA 64 -0.38 -86.15 114.54
N VAL CA 65 -0.96 -87.07 115.30
CA VAL CA 65 -0.32 -87.70 116.45
C VAL CA 65 -0.06 -89.16 116.10
N LEU CA 66 1.21 -89.55 116.16
CA LEU CA 66 1.67 -90.91 115.83
C LEU CA 66 1.98 -91.65 117.13
N LEU CA 67 1.21 -92.69 117.43
CA LEU CA 67 1.37 -93.48 118.66
C LEU CA 67 1.70 -94.91 118.27
N ASP CA 68 2.85 -95.40 118.76
CA ASP CA 68 3.23 -96.80 118.62
C ASP CA 68 3.86 -97.28 119.92
N LEU CA 69 3.61 -98.56 120.23
CA LEU CA 69 4.19 -99.24 121.38
C LEU CA 69 5.55 -99.87 121.11
N GLU CA 70 6.05 -99.86 119.88
CA GLU CA 70 7.38 -100.41 119.61
C GLU CA 70 8.32 -99.36 119.03
N PRO CA 71 9.56 -99.28 119.52
CA PRO CA 71 10.44 -98.18 119.11
C PRO CA 71 10.93 -98.29 117.67
N ARG CA 72 10.90 -99.48 117.07
CA ARG CA 72 11.60 -99.67 115.79
C ARG CA 72 11.08 -98.71 114.74
N VAL CA 73 9.75 -98.59 114.65
CA VAL CA 73 9.13 -97.82 113.59
C VAL CA 73 9.25 -96.33 113.88
N ILE CA 74 9.05 -95.93 115.14
CA ILE CA 74 9.24 -94.53 115.50
C ILE CA 74 10.67 -94.07 115.18
N HIS CA 75 11.67 -94.89 115.54
CA HIS CA 75 13.05 -94.57 115.20
C HIS CA 75 13.27 -94.52 113.69
N SER CA 76 12.62 -95.42 112.95
CA SER CA 76 12.75 -95.37 111.49
C SER CA 76 12.14 -94.09 110.92
N ILE CA 77 11.03 -93.64 111.52
CA ILE CA 77 10.42 -92.39 111.07
C ILE CA 77 11.31 -91.21 111.40
N LEU CA 78 11.87 -91.19 112.62
CA LEU CA 78 12.74 -90.08 112.96
C LEU CA 78 14.03 -90.12 112.15
N ASN CA 79 14.35 -91.26 111.54
CA ASN CA 79 15.47 -91.35 110.62
C ASN CA 79 15.04 -91.23 109.17
N SER CA 80 13.76 -90.99 108.92
CA SER CA 80 13.22 -90.86 107.58
C SER CA 80 13.37 -89.43 107.09
N PRO CA 81 13.22 -89.21 105.77
CA PRO CA 81 13.20 -87.82 105.27
C PRO CA 81 12.08 -86.97 105.85
N TYR CA 82 11.03 -87.56 106.40
CA TYR CA 82 9.90 -86.82 106.94
C TYR CA 82 10.00 -86.57 108.44
N ALA CA 83 11.16 -86.83 109.05
CA ALA CA 83 11.29 -86.65 110.49
C ALA CA 83 11.00 -85.21 110.90
N LYS CA 84 11.36 -84.24 110.07
CA LYS CA 84 11.15 -82.83 110.39
C LYS CA 84 9.73 -82.35 110.15
N LEU CA 85 8.89 -83.14 109.48
CA LEU CA 85 7.52 -82.70 109.25
C LEU CA 85 6.71 -82.71 110.55
N TYR CA 86 6.86 -83.76 111.36
CA TYR CA 86 6.08 -83.91 112.58
C TYR CA 86 6.74 -83.16 113.73
N ASN CA 87 5.92 -82.56 114.58
CA ASN CA 87 6.40 -82.02 115.85
C ASN CA 87 6.84 -83.19 116.74
N PRO CA 88 8.11 -83.26 117.14
CA PRO CA 88 8.50 -84.36 118.05
C PRO CA 88 7.77 -84.32 119.38
N GLU CA 89 7.38 -83.14 119.86
CA GLU CA 89 6.63 -83.04 121.11
C GLU CA 89 5.19 -83.53 120.98
N ASN CA 90 4.70 -83.73 119.76
CA ASN CA 90 3.36 -84.25 119.53
C ASN CA 90 3.32 -85.76 119.33
N ILE CA 91 4.45 -86.43 119.53
CA ILE CA 91 4.56 -87.87 119.39
C ILE CA 91 4.71 -88.45 120.80
N TYR CA 92 3.72 -89.22 121.24
CA TYR CA 92 3.82 -90.00 122.46
C TYR CA 92 4.14 -91.44 122.12
N LEU CA 93 5.18 -91.99 122.76
CA LEU CA 93 5.53 -93.40 122.66
C LEU CA 93 5.69 -93.97 124.06
N SER CA 94 4.95 -95.03 124.34
CA SER CA 94 5.04 -95.69 125.64
C SER CA 94 6.46 -96.22 125.86
N GLU CA 95 7.07 -95.81 126.97
CA GLU CA 95 8.37 -96.36 127.35
C GLU CA 95 8.29 -97.84 127.71
N HIS CA 96 7.12 -98.32 128.11
CA HIS CA 96 6.90 -99.73 128.40
C HIS CA 96 6.74 -100.47 127.07
N GLY CA 97 7.87 -100.88 126.51
CA GLY CA 97 7.91 -101.56 125.22
C GLY CA 97 7.30 -102.95 125.18
N GLY CA 98 6.34 -103.25 126.07
CA GLY CA 98 5.68 -104.54 126.07
C GLY CA 98 4.51 -104.66 125.12
N GLY CA 99 4.04 -103.55 124.57
CA GLY CA 99 2.89 -103.55 123.69
C GLY CA 99 1.60 -104.11 124.29
N ALA CA 100 0.61 -104.21 123.41
CA ALA CA 100 -0.67 -104.85 123.68
C ALA CA 100 -0.68 -106.34 123.34
N GLY CA 101 0.40 -106.87 122.77
CA GLY CA 101 0.46 -108.30 122.48
C GLY CA 101 -0.62 -108.80 121.54
N ASN CA 102 -0.97 -108.00 120.54
CA ASN CA 102 -2.05 -108.32 119.59
C ASN CA 102 -3.39 -108.59 120.26
N ASN CA 103 -3.62 -108.03 121.46
CA ASN CA 103 -4.88 -108.22 122.17
C ASN CA 103 -5.63 -106.88 122.19
N TRP CA 104 -6.84 -106.88 121.63
CA TRP CA 104 -7.66 -105.67 121.65
C TRP CA 104 -7.89 -105.18 123.06
N ALA CA 105 -8.17 -106.10 123.99
CA ALA CA 105 -8.44 -105.69 125.37
C ALA CA 105 -7.20 -105.07 125.99
N SER CA 106 -6.03 -105.62 125.70
CA SER CA 106 -4.78 -105.04 126.20
C SER CA 106 -4.54 -103.66 125.61
N GLY CA 107 -4.82 -103.50 124.31
CA GLY CA 107 -4.73 -102.17 123.71
C GLY CA 107 -5.65 -101.17 124.36
N PHE CA 108 -6.86 -101.62 124.71
CA PHE CA 108 -7.81 -100.74 125.39
C PHE CA 108 -7.29 -100.35 126.78
N SER CA 109 -6.82 -101.33 127.55
CA SER CA 109 -6.25 -101.04 128.86
C SER CA 109 -5.06 -100.10 128.75
N GLN CA 110 -4.25 -100.24 127.68
CA GLN CA 110 -3.14 -99.31 127.48
C GLN CA 110 -3.63 -97.91 127.16
N GLY CA 111 -4.66 -97.80 126.32
CA GLY CA 111 -5.28 -96.51 126.09
C GLY CA 111 -5.78 -95.87 127.38
N GLU CA 112 -6.35 -96.69 128.27
CA GLU CA 112 -6.76 -96.19 129.57
C GLU CA 112 -5.55 -95.74 130.39
N LYS CA 113 -4.44 -96.46 130.27
CA LYS CA 113 -3.24 -96.10 131.04
C LYS CA 113 -2.62 -94.81 130.53
N ILE CA 114 -2.74 -94.55 129.24
CA ILE CA 114 -2.19 -93.36 128.61
C ILE CA 114 -3.28 -92.34 128.30
N HIS CA 115 -4.42 -92.47 128.98
CA HIS CA 115 -5.57 -91.61 128.72
C HIS CA 115 -5.19 -90.14 128.85
N GLU CA 116 -4.55 -89.78 129.95
CA GLU CA 116 -4.26 -88.36 130.21
C GLU CA 116 -3.39 -87.77 129.10
N ASP CA 117 -2.31 -88.45 128.74
CA ASP CA 117 -1.44 -87.94 127.68
C ASP CA 117 -2.21 -87.79 126.37
N ILE CA 118 -3.05 -88.76 126.04
CA ILE CA 118 -3.77 -88.74 124.77
C ILE CA 118 -4.81 -87.62 124.78
N PHE CA 119 -5.58 -87.50 125.86
CA PHE CA 119 -6.62 -86.49 125.88
C PHE CA 119 -6.03 -85.09 126.02
N ASP CA 120 -4.87 -84.97 126.66
CA ASP CA 120 -4.12 -83.73 126.65
C ASP CA 120 -3.69 -83.36 125.24
N ILE CA 121 -3.25 -84.34 124.45
CA ILE CA 121 -2.88 -84.07 123.06
C ILE CA 121 -4.10 -83.63 122.27
N ILE CA 122 -5.21 -84.35 122.42
CA ILE CA 122 -6.41 -84.01 121.67
C ILE CA 122 -6.90 -82.61 122.02
N ASP CA 123 -6.86 -82.26 123.31
CA ASP CA 123 -7.30 -80.93 123.73
C ASP CA 123 -6.34 -79.85 123.23
N ARG CA 124 -5.03 -80.12 123.28
CA ARG CA 124 -4.06 -79.19 122.71
C ARG CA 124 -4.34 -78.92 121.24
N GLU CA 125 -4.62 -79.97 120.47
CA GLU CA 125 -4.92 -79.76 119.05
C GLU CA 125 -6.25 -79.04 118.86
N ALA CA 126 -7.23 -79.32 119.73
CA ALA CA 126 -8.51 -78.64 119.59
C ALA CA 126 -8.37 -77.15 119.87
N ASP CA 127 -7.62 -76.80 120.92
CA ASP CA 127 -7.39 -75.39 121.21
C ASP CA 127 -6.52 -74.74 120.15
N GLY CA 128 -5.60 -75.49 119.54
CA GLY CA 128 -4.88 -74.95 118.41
C GLY CA 128 -5.68 -74.96 117.12
N SER CA 129 -6.93 -75.40 117.19
CA SER CA 129 -7.84 -75.41 116.06
C SER CA 129 -8.91 -74.36 116.28
N ASP CA 130 -9.13 -73.49 115.29
CA ASP CA 130 -10.14 -72.45 115.43
C ASP CA 130 -11.54 -73.05 115.39
N SER CA 131 -11.77 -74.01 114.50
CA SER CA 131 -13.06 -74.66 114.34
C SER CA 131 -12.81 -76.13 113.98
N LEU CA 132 -12.14 -76.83 114.88
CA LEU CA 132 -11.90 -78.26 114.71
C LEU CA 132 -13.17 -78.98 114.26
N GLU CA 133 -13.08 -79.62 113.10
CA GLU CA 133 -14.24 -80.33 112.57
C GLU CA 133 -14.37 -81.72 113.20
N GLY CA 134 -13.27 -82.43 113.36
CA GLY CA 134 -13.35 -83.75 113.95
C GLY CA 134 -12.01 -84.46 113.94
N PHE CA 135 -12.06 -85.73 114.33
CA PHE CA 135 -10.88 -86.58 114.36
C PHE CA 135 -10.99 -87.70 113.34
N VAL CA 136 -9.87 -88.00 112.67
CA VAL CA 136 -9.74 -89.16 111.82
C VAL CA 136 -8.75 -90.11 112.48
N LEU CA 137 -9.23 -91.28 112.89
CA LEU CA 137 -8.41 -92.31 113.51
C LEU CA 137 -8.02 -93.30 112.43
N CYS CA 138 -6.72 -93.48 112.23
CA CYS CA 138 -6.20 -94.47 111.29
C CYS CA 138 -5.65 -95.62 112.10
N HIS CA 139 -6.31 -96.78 112.00
CA HIS CA 139 -5.98 -97.91 112.84
C HIS CA 139 -6.37 -99.21 112.13
N SER CA 140 -5.88 -100.32 112.67
CA SER CA 140 -6.28 -101.65 112.26
C SER CA 140 -7.16 -102.27 113.36
N ILE CA 141 -8.20 -102.98 112.92
CA ILE CA 141 -9.13 -103.63 113.85
C ILE CA 141 -8.58 -104.91 114.45
N ALA CA 142 -7.50 -105.46 113.91
CA ALA CA 142 -7.05 -106.78 114.32
C ALA CA 142 -5.87 -106.76 115.29
N GLY CA 143 -5.10 -105.68 115.32
CA GLY CA 143 -3.96 -105.61 116.21
C GLY CA 143 -4.41 -105.40 117.65
N GLY CA 144 -3.42 -105.13 118.50
CA GLY CA 144 -3.72 -104.73 119.87
C GLY CA 144 -3.84 -103.23 120.05
N THR CA 145 -2.79 -102.51 119.69
CA THR CA 145 -2.79 -101.05 119.87
C THR CA 145 -3.82 -100.37 118.98
N GLY CA 146 -3.73 -100.61 117.66
CA GLY CA 146 -4.63 -99.93 116.74
C GLY CA 146 -6.09 -100.22 117.00
N SER CA 147 -6.39 -101.39 117.55
CA SER CA 147 -7.77 -101.77 117.86
C SER CA 147 -8.19 -101.23 119.23
N GLY CA 148 -7.47 -101.63 120.27
CA GLY CA 148 -7.83 -101.27 121.63
C GLY CA 148 -7.65 -99.81 121.95
N LEU CA 149 -6.42 -99.31 121.78
CA LEU CA 149 -6.16 -97.89 122.01
C LEU CA 149 -6.98 -97.02 121.06
N GLY CA 150 -7.17 -97.48 119.83
CA GLY CA 150 -8.04 -96.75 118.91
C GLY CA 150 -9.47 -96.66 119.39
N SER CA 151 -10.02 -97.76 119.90
CA SER CA 151 -11.38 -97.73 120.45
C SER CA 151 -11.46 -96.83 121.68
N TYR CA 152 -10.44 -96.89 122.54
CA TYR CA 152 -10.41 -96.00 123.70
C TYR CA 152 -10.40 -94.54 123.28
N LEU CA 153 -9.56 -94.19 122.31
CA LEU CA 153 -9.49 -92.80 121.85
C LEU CA 153 -10.79 -92.38 121.17
N LEU CA 154 -11.41 -93.27 120.40
CA LEU CA 154 -12.71 -92.98 119.83
C LEU CA 154 -13.76 -92.70 120.89
N GLU CA 155 -13.80 -93.53 121.95
CA GLU CA 155 -14.72 -93.30 123.04
C GLU CA 155 -14.47 -91.94 123.69
N ARG CA 156 -13.21 -91.64 123.99
CA ARG CA 156 -12.92 -90.40 124.72
C ARG CA 156 -13.19 -89.18 123.85
N LEU CA 157 -12.93 -89.27 122.55
CA LEU CA 157 -13.28 -88.18 121.65
C LEU CA 157 -14.79 -88.00 121.53
N ASN CA 158 -15.53 -89.10 121.47
CA ASN CA 158 -16.99 -88.99 121.41
C ASN CA 158 -17.55 -88.38 122.68
N ASP CA 159 -16.96 -88.68 123.83
CA ASP CA 159 -17.42 -88.10 125.08
C ASP CA 159 -17.04 -86.62 125.20
N ARG CA 160 -15.80 -86.26 124.85
CA ARG CA 160 -15.35 -84.88 125.04
C ARG CA 160 -15.88 -83.95 123.96
N TYR CA 161 -16.02 -84.44 122.74
CA TYR CA 161 -16.38 -83.64 121.57
C TYR CA 161 -17.64 -84.23 120.93
N PRO CA 162 -18.74 -84.31 121.69
CA PRO CA 162 -19.92 -85.04 121.18
C PRO CA 162 -20.56 -84.42 119.96
N LYS CA 163 -20.09 -83.24 119.53
CA LYS CA 163 -20.59 -82.57 118.33
C LYS CA 163 -19.62 -82.65 117.16
N LYS CA 164 -18.47 -83.31 117.34
CA LYS CA 164 -17.45 -83.40 116.31
C LYS CA 164 -17.52 -84.77 115.64
N LEU CA 165 -17.26 -84.80 114.34
CA LEU CA 165 -17.25 -86.05 113.59
C LEU CA 165 -16.06 -86.93 113.95
N VAL CA 166 -16.31 -88.24 113.95
CA VAL CA 166 -15.28 -89.26 114.12
C VAL CA 166 -15.24 -90.10 112.84
N GLN CA 167 -14.21 -89.90 112.04
CA GLN CA 167 -13.95 -90.73 110.87
C GLN CA 167 -12.84 -91.70 111.23
N THR CA 168 -12.94 -92.93 110.73
CA THR CA 168 -11.90 -93.93 110.90
C THR CA 168 -11.43 -94.41 109.54
N TYR CA 169 -10.14 -94.70 109.45
CA TYR CA 169 -9.57 -95.53 108.40
C TYR CA 169 -9.27 -96.88 109.05
N SER CA 170 -10.20 -97.82 108.91
CA SER CA 170 -10.17 -99.08 109.62
C SER CA 170 -9.60 -100.14 108.68
N VAL CA 171 -8.46 -100.71 109.04
CA VAL CA 171 -7.83 -101.74 108.23
C VAL CA 171 -8.43 -103.08 108.61
N PHE CA 172 -9.09 -103.72 107.64
CA PHE CA 172 -9.65 -105.05 107.86
C PHE CA 172 -8.59 -106.12 107.60
N PRO CA 173 -8.55 -107.16 108.43
CA PRO CA 173 -7.51 -108.19 108.26
C PRO CA 173 -7.73 -109.01 107.00
N ASN CA 174 -6.65 -109.66 106.57
CA ASN CA 174 -6.71 -110.58 105.45
C ASN CA 174 -7.55 -111.81 105.80
N VAL CA 181 -2.45 -114.50 114.54
CA VAL CA 181 -3.05 -113.92 115.73
C VAL CA 181 -4.31 -114.69 116.11
N VAL CA 182 -4.18 -115.58 117.10
CA VAL CA 182 -5.31 -116.40 117.50
C VAL CA 182 -6.45 -115.56 118.06
N VAL CA 183 -6.15 -114.34 118.52
CA VAL CA 183 -7.17 -113.45 119.07
C VAL CA 183 -7.74 -112.51 118.01
N GLN CA 184 -7.31 -112.66 116.76
CA GLN CA 184 -7.79 -111.77 115.71
C GLN CA 184 -9.31 -111.68 115.68
N PRO CA 185 -10.07 -112.76 115.84
CA PRO CA 185 -11.53 -112.61 115.81
C PRO CA 185 -12.05 -111.72 116.93
N TYR CA 186 -11.43 -111.81 118.11
CA TYR CA 186 -11.81 -110.95 119.22
C TYR CA 186 -11.49 -109.49 118.92
N ASN CA 187 -10.26 -109.22 118.45
CA ASN CA 187 -9.90 -107.85 118.10
C ASN CA 187 -10.83 -107.30 117.04
N SER CA 188 -11.14 -108.09 116.02
CA SER CA 188 -11.99 -107.63 114.93
C SER CA 188 -13.40 -107.34 115.42
N LEU CA 189 -13.96 -108.23 116.26
CA LEU CA 189 -15.30 -108.01 116.77
C LEU CA 189 -15.36 -106.77 117.65
N LEU CA 190 -14.39 -106.61 118.55
CA LEU CA 190 -14.36 -105.41 119.40
C LEU CA 190 -14.23 -104.13 118.57
N THR CA 191 -13.38 -104.16 117.54
CA THR CA 191 -13.23 -102.97 116.71
C THR CA 191 -14.49 -102.68 115.90
N LEU CA 192 -15.13 -103.70 115.34
CA LEU CA 192 -16.39 -103.47 114.62
C LEU CA 192 -17.47 -102.93 115.54
N LYS CA 193 -17.55 -103.45 116.77
CA LYS CA 193 -18.47 -102.92 117.76
C LYS CA 193 -18.20 -101.44 118.03
N ARG CA 194 -16.94 -101.08 118.22
CA ARG CA 194 -16.62 -99.69 118.55
C ARG CA 194 -16.86 -98.76 117.37
N LEU CA 195 -16.52 -99.21 116.16
CA LEU CA 195 -16.87 -98.44 114.97
C LEU CA 195 -18.38 -98.25 114.84
N THR CA 196 -19.16 -99.30 115.11
CA THR CA 196 -20.60 -99.19 114.98
C THR CA 196 -21.23 -98.29 116.03
N GLN CA 197 -20.68 -98.26 117.24
CA GLN CA 197 -21.35 -97.55 118.33
C GLN CA 197 -20.78 -96.16 118.61
N ASN CA 198 -19.50 -95.93 118.33
CA ASN CA 198 -18.80 -94.73 118.79
C ASN CA 198 -18.09 -93.98 117.67
N ALA CA 199 -18.19 -94.44 116.43
CA ALA CA 199 -17.63 -93.75 115.28
C ALA CA 199 -18.76 -93.27 114.38
N ASP CA 200 -18.57 -92.09 113.79
CA ASP CA 200 -19.55 -91.57 112.84
C ASP CA 200 -19.35 -92.15 111.45
N CYS CA 201 -18.13 -92.53 111.08
CA CYS CA 201 -17.87 -93.03 109.74
C CYS CA 201 -16.65 -93.93 109.78
N VAL CA 202 -16.77 -95.15 109.27
CA VAL CA 202 -15.64 -96.09 109.19
C VAL CA 202 -15.39 -96.39 107.72
N VAL CA 203 -14.25 -95.95 107.20
CA VAL CA 203 -13.79 -96.31 105.87
C VAL CA 203 -13.04 -97.64 105.95
N VAL CA 204 -13.63 -98.69 105.36
CA VAL CA 204 -13.07 -100.03 105.43
C VAL CA 204 -11.96 -100.15 104.40
N LEU CA 205 -10.74 -100.48 104.86
CA LEU CA 205 -9.59 -100.76 103.99
C LEU CA 205 -9.28 -102.24 104.12
N ASP CA 206 -9.73 -103.03 103.15
CA ASP CA 206 -9.59 -104.48 103.19
C ASP CA 206 -8.25 -104.87 102.57
N ASN CA 207 -7.34 -105.40 103.39
CA ASN CA 207 -6.04 -105.82 102.90
C ASN CA 207 -6.16 -106.92 101.85
N THR CA 208 -7.17 -107.78 101.97
CA THR CA 208 -7.37 -108.83 100.96
C THR CA 208 -7.65 -108.20 99.60
N ALA CA 209 -8.57 -107.24 99.55
CA ALA CA 209 -8.91 -106.60 98.29
C ALA CA 209 -7.74 -105.77 97.76
N LEU CA 210 -7.00 -105.11 98.66
CA LEU CA 210 -5.85 -104.33 98.21
C LEU CA 210 -4.78 -105.22 97.60
N ASN CA 211 -4.50 -106.37 98.24
CA ASN CA 211 -3.58 -107.34 97.66
C ASN CA 211 -4.07 -107.85 96.31
N ARG CA 212 -5.35 -108.23 96.23
CA ARG CA 212 -5.92 -108.67 94.96
C ARG CA 212 -5.72 -107.63 93.86
N ILE CA 213 -6.01 -106.37 94.17
CA ILE CA 213 -5.83 -105.30 93.18
C ILE CA 213 -4.37 -105.15 92.79
N ALA CA 214 -3.47 -105.16 93.78
CA ALA CA 214 -2.05 -105.01 93.51
C ALA CA 214 -1.53 -106.11 92.59
N THR CA 215 -1.99 -107.35 92.82
CA THR CA 215 -1.54 -108.46 92.00
C THR CA 215 -2.17 -108.40 90.60
N ASP CA 216 -3.50 -108.25 90.53
CA ASP CA 216 -4.18 -108.40 89.25
C ASP CA 216 -3.96 -107.21 88.33
N ARG CA 217 -3.80 -106.00 88.87
CA ARG CA 217 -3.84 -104.79 88.05
C ARG CA 217 -2.49 -104.10 87.89
N LEU CA 218 -1.64 -104.12 88.92
CA LEU CA 218 -0.29 -103.59 88.81
C LEU CA 218 0.73 -104.64 88.39
N HIS CA 219 0.32 -105.90 88.28
CA HIS CA 219 1.23 -106.99 87.91
C HIS CA 219 2.37 -107.08 88.91
N ILE CA 220 2.09 -106.76 90.16
CA ILE CA 220 3.06 -106.83 91.25
C ILE CA 220 3.00 -108.23 91.84
N GLN CA 221 4.04 -109.02 91.61
CA GLN CA 221 4.16 -110.31 92.27
C GLN CA 221 4.49 -110.11 93.74
N ASN CA 222 3.62 -110.59 94.62
CA ASN CA 222 3.76 -110.36 96.06
C ASN CA 222 3.76 -108.88 96.41
N PRO CA 223 2.61 -108.21 96.38
CA PRO CA 223 2.59 -106.78 96.72
C PRO CA 223 3.02 -106.59 98.17
N SER CA 224 3.93 -105.64 98.37
CA SER CA 224 4.35 -105.28 99.72
C SER CA 224 3.34 -104.39 100.45
N PHE CA 225 3.45 -104.43 101.78
CA PHE CA 225 2.66 -103.54 102.62
C PHE CA 225 2.91 -102.08 102.26
N SER CA 226 4.12 -101.75 101.82
CA SER CA 226 4.39 -100.37 101.45
C SER CA 226 3.49 -99.95 100.29
N GLN CA 227 3.32 -100.83 99.31
CA GLN CA 227 2.46 -100.51 98.16
C GLN CA 227 1.00 -100.44 98.58
N ILE CA 228 0.58 -101.32 99.49
CA ILE CA 228 -0.79 -101.24 100.00
C ILE CA 228 -1.02 -99.92 100.71
N ASN CA 229 -0.06 -99.50 101.55
CA ASN CA 229 -0.19 -98.23 102.25
C ASN CA 229 -0.13 -97.04 101.30
N GLN CA 230 0.59 -97.18 100.19
CA GLN CA 230 0.56 -96.13 99.17
C GLN CA 230 -0.82 -96.02 98.53
N LEU CA 231 -1.47 -97.16 98.30
CA LEU CA 231 -2.85 -97.13 97.82
C LEU CA 231 -3.77 -96.49 98.85
N VAL CA 232 -3.59 -96.84 100.12
CA VAL CA 232 -4.38 -96.25 101.20
C VAL CA 232 -4.21 -94.74 101.23
N SER CA 233 -2.96 -94.27 101.15
CA SER CA 233 -2.70 -92.83 101.15
C SER CA 233 -3.30 -92.14 99.94
N THR CA 234 -3.28 -92.80 98.77
CA THR CA 234 -3.97 -92.24 97.61
C THR CA 234 -5.45 -92.09 97.88
N ILE CA 235 -6.05 -93.08 98.54
CA ILE CA 235 -7.47 -93.00 98.89
C ILE CA 235 -7.71 -91.84 99.86
N MET CA 236 -6.85 -91.72 100.87
CA MET CA 236 -7.00 -90.65 101.84
C MET CA 236 -6.89 -89.28 101.17
N SER CA 237 -6.00 -89.15 100.19
CA SER CA 237 -5.93 -87.89 99.44
C SER CA 237 -7.22 -87.64 98.67
N ALA CA 238 -7.79 -88.69 98.09
CA ALA CA 238 -9.04 -88.50 97.37
C ALA CA 238 -10.14 -88.09 98.35
N SER CA 239 -10.05 -88.57 99.59
CA SER CA 239 -11.05 -88.19 100.59
C SER CA 239 -10.94 -86.72 100.95
N THR CA 240 -9.74 -86.14 100.83
CA THR CA 240 -9.55 -84.73 101.14
C THR CA 240 -9.65 -83.85 99.89
N THR CA 241 -9.92 -84.46 98.74
CA THR CA 241 -9.96 -83.69 97.50
C THR CA 241 -11.09 -82.65 97.50
N THR CA 242 -12.21 -82.96 98.16
CA THR CA 242 -13.35 -82.05 98.24
C THR CA 242 -13.07 -80.82 99.09
N LEU CA 243 -12.03 -80.85 99.93
CA LEU CA 243 -11.63 -79.68 100.71
C LEU CA 243 -10.88 -78.66 99.86
N ARG CA 244 -10.06 -79.12 98.92
CA ARG CA 244 -9.11 -78.25 98.21
C ARG CA 244 -9.77 -77.36 97.15
N TYR CA 245 -10.93 -77.74 96.61
CA TYR CA 245 -11.60 -76.94 95.59
C TYR CA 245 -12.92 -76.34 96.09
N PRO CA 246 -13.05 -75.02 96.21
CA PRO CA 246 -14.30 -74.45 96.75
C PRO CA 246 -15.47 -74.72 95.82
N GLY CA 247 -16.44 -75.47 96.32
CA GLY CA 247 -17.70 -75.77 95.67
C GLY CA 247 -18.93 -75.29 96.40
N TYR CA 248 -20.11 -75.78 96.02
CA TYR CA 248 -21.32 -75.43 96.75
C TYR CA 248 -21.72 -76.41 97.87
N MET CA 249 -21.32 -77.70 97.86
CA MET CA 249 -21.87 -78.57 98.90
C MET CA 249 -20.92 -79.63 99.45
N ASN CA 250 -21.15 -79.98 100.72
CA ASN CA 250 -20.47 -81.07 101.44
C ASN CA 250 -18.94 -80.96 101.51
N ASN CA 251 -18.48 -79.82 102.02
CA ASN CA 251 -17.06 -79.48 102.20
C ASN CA 251 -16.50 -79.89 103.55
N ASP CA 252 -17.26 -80.61 104.38
CA ASP CA 252 -16.83 -80.90 105.73
C ASP CA 252 -16.96 -82.38 106.05
N LEU CA 253 -16.21 -82.79 107.08
CA LEU CA 253 -16.17 -84.19 107.48
C LEU CA 253 -17.53 -84.68 107.98
N ILE CA 254 -18.30 -83.81 108.63
CA ILE CA 254 -19.66 -84.18 109.02
C ILE CA 254 -20.48 -84.60 107.81
N GLY CA 255 -20.48 -83.76 106.77
CA GLY CA 255 -21.22 -84.09 105.57
C GLY CA 255 -20.65 -85.29 104.83
N LEU CA 256 -19.32 -85.41 104.81
CA LEU CA 256 -18.69 -86.58 104.18
C LEU CA 256 -19.13 -87.86 104.87
N ILE CA 257 -19.07 -87.88 106.20
CA ILE CA 257 -19.45 -89.07 106.95
C ILE CA 257 -20.92 -89.38 106.73
N ALA CA 258 -21.77 -88.35 106.83
CA ALA CA 258 -23.20 -88.59 106.63
C ALA CA 258 -23.52 -89.11 105.23
N SER CA 259 -22.75 -88.69 104.22
CA SER CA 259 -22.96 -89.19 102.86
C SER CA 259 -22.35 -90.56 102.60
N LEU CA 260 -21.26 -90.94 103.28
CA LEU CA 260 -20.55 -92.17 102.95
C LEU CA 260 -20.79 -93.30 103.93
N ILE CA 261 -21.05 -92.99 105.19
CA ILE CA 261 -21.12 -93.95 106.28
C ILE CA 261 -22.47 -93.73 106.96
N PRO CA 262 -23.56 -94.27 106.41
CA PRO CA 262 -24.55 -93.40 105.76
C PRO CA 262 -25.44 -92.62 106.70
N THR CA 263 -25.64 -93.05 107.94
CA THR CA 263 -25.36 -92.19 109.10
C THR CA 263 -24.45 -92.87 110.12
N PRO CA 264 -24.23 -92.22 111.27
CA PRO CA 264 -23.17 -92.69 112.18
C PRO CA 264 -23.28 -94.14 112.60
N ARG CA 265 -24.49 -94.67 112.79
CA ARG CA 265 -24.59 -96.07 113.19
C ARG CA 265 -24.34 -97.00 112.01
N LEU CA 266 -24.65 -96.56 110.80
CA LEU CA 266 -24.40 -97.34 109.58
C LEU CA 266 -23.08 -96.89 108.98
N HIS CA 267 -22.00 -97.08 109.75
CA HIS CA 267 -20.73 -96.45 109.46
C HIS CA 267 -19.70 -97.38 108.83
N PHE CA 268 -20.11 -98.56 108.35
CA PHE CA 268 -19.17 -99.43 107.65
C PHE CA 268 -19.15 -98.95 106.20
N LEU CA 269 -18.02 -98.38 105.78
CA LEU CA 269 -17.88 -97.80 104.45
C LEU CA 269 -17.08 -98.70 103.52
N MET CA 270 -17.59 -98.89 102.31
CA MET CA 270 -16.81 -99.48 101.24
C MET CA 270 -16.11 -98.37 100.49
N THR CA 271 -14.90 -98.66 99.99
CA THR CA 271 -14.13 -97.68 99.24
C THR CA 271 -14.05 -98.08 97.78
N GLY CA 272 -13.92 -97.06 96.93
CA GLY CA 272 -13.59 -97.26 95.53
C GLY CA 272 -12.64 -96.21 95.00
N TYR CA 273 -11.69 -96.63 94.17
CA TYR CA 273 -10.63 -95.75 93.69
C TYR CA 273 -10.50 -95.92 92.19
N THR CA 274 -10.17 -94.83 91.50
CA THR CA 274 -9.87 -94.87 90.08
C THR CA 274 -8.91 -93.73 89.75
N PRO CA 275 -7.92 -93.96 88.89
CA PRO CA 275 -7.57 -95.23 88.21
C PRO CA 275 -6.87 -96.19 89.15
N LEU CA 276 -7.06 -97.50 88.98
CA LEU CA 276 -6.25 -98.51 89.68
C LEU CA 276 -5.32 -99.13 88.65
N THR CA 277 -4.19 -98.47 88.43
CA THR CA 277 -3.20 -98.88 87.45
C THR CA 277 -1.82 -98.51 87.97
N THR CA 278 -0.84 -99.35 87.68
CA THR CA 278 0.54 -99.00 87.99
C THR CA 278 1.01 -97.88 87.05
N ASP CA 279 1.88 -97.01 87.59
CA ASP CA 279 2.39 -95.90 86.80
C ASP CA 279 3.11 -96.37 85.54
N GLN CA 280 3.54 -97.63 85.50
CA GLN CA 280 4.15 -98.20 84.31
C GLN CA 280 3.12 -98.51 83.22
N SER CA 281 1.85 -98.62 83.58
CA SER CA 281 0.78 -98.86 82.61
C SER CA 281 0.38 -97.53 81.99
N VAL CA 282 1.12 -97.14 80.95
CA VAL CA 282 0.74 -96.04 80.06
C VAL CA 282 -0.47 -96.44 79.24
N ALA CA 283 -1.67 -96.23 79.79
CA ALA CA 283 -2.90 -96.55 79.06
C ALA CA 283 -3.01 -95.71 77.81
N SER CA 284 -2.93 -96.36 76.65
CA SER CA 284 -2.97 -95.71 75.35
C SER CA 284 -4.05 -94.64 75.25
N VAL CA 285 -3.63 -93.39 75.07
CA VAL CA 285 -4.33 -92.38 74.28
C VAL CA 285 -5.84 -92.59 74.25
N ARG CA 286 -6.44 -92.90 75.39
CA ARG CA 286 -7.91 -92.94 75.52
C ARG CA 286 -8.35 -91.83 76.46
N LYS CA 287 -9.08 -90.85 75.91
CA LYS CA 287 -9.72 -89.81 76.70
C LYS CA 287 -10.74 -90.39 77.66
N THR CA 288 -10.40 -90.49 78.94
CA THR CA 288 -11.33 -91.00 79.94
C THR CA 288 -12.52 -90.06 80.08
N THR CA 289 -13.71 -90.56 79.75
CA THR CA 289 -14.94 -89.80 79.83
C THR CA 289 -15.54 -89.94 81.22
N VAL CA 290 -16.41 -88.98 81.56
CA VAL CA 290 -17.18 -89.09 82.80
C VAL CA 290 -17.93 -90.42 82.88
N LEU CA 291 -18.54 -90.83 81.77
CA LEU CA 291 -19.24 -92.12 81.73
C LEU CA 291 -18.28 -93.29 81.95
N ASP CA 292 -17.09 -93.22 81.36
CA ASP CA 292 -16.12 -94.29 81.58
C ASP CA 292 -15.63 -94.31 83.01
N VAL CA 293 -15.44 -93.13 83.61
CA VAL CA 293 -15.06 -93.04 85.02
C VAL CA 293 -16.11 -93.73 85.89
N MET CA 294 -17.37 -93.32 85.74
CA MET CA 294 -18.42 -93.89 86.56
C MET CA 294 -18.57 -95.40 86.31
N ARG CA 295 -18.40 -95.84 85.06
CA ARG CA 295 -18.48 -97.27 84.77
C ARG CA 295 -17.34 -98.04 85.43
N ARG CA 296 -16.12 -97.49 85.41
CA ARG CA 296 -15.03 -98.18 86.07
C ARG CA 296 -15.24 -98.22 87.58
N LEU CA 297 -15.71 -97.12 88.17
CA LEU CA 297 -16.01 -97.16 89.60
C LEU CA 297 -17.06 -98.21 89.90
N LEU CA 298 -18.06 -98.33 89.01
CA LEU CA 298 -19.10 -99.35 89.18
C LEU CA 298 -18.59 -100.76 88.85
N GLN CA 299 -17.38 -100.88 88.34
CA GLN CA 299 -16.85 -102.20 88.02
C GLN CA 299 -16.36 -102.88 89.31
N PRO CA 300 -16.81 -104.10 89.59
CA PRO CA 300 -16.37 -104.77 90.82
C PRO CA 300 -14.86 -104.91 90.97
N LYS CA 301 -14.13 -105.05 89.85
CA LYS CA 301 -12.67 -105.16 89.94
C LYS CA 301 -11.99 -103.88 90.38
N ASN CA 302 -12.71 -102.76 90.44
CA ASN CA 302 -12.13 -101.50 90.88
C ASN CA 302 -12.59 -101.10 92.27
N VAL CA 303 -13.41 -101.90 92.93
CA VAL CA 303 -13.76 -101.67 94.33
C VAL CA 303 -12.69 -102.25 95.22
N MET CA 304 -12.25 -101.46 96.21
CA MET CA 304 -11.13 -101.81 97.06
C MET CA 304 -11.57 -102.54 98.34
N VAL CA 305 -12.70 -103.23 98.28
CA VAL CA 305 -13.20 -104.01 99.41
C VAL CA 305 -13.67 -105.36 98.90
N SER CA 306 -13.19 -106.44 99.52
CA SER CA 306 -13.58 -107.79 99.14
C SER CA 306 -14.90 -108.13 99.81
N THR CA 307 -16.01 -107.93 99.08
CA THR CA 307 -17.33 -108.34 99.54
C THR CA 307 -17.70 -109.65 98.90
N GLY CA 308 -18.18 -110.59 99.72
CA GLY CA 308 -18.69 -111.85 99.22
C GLY CA 308 -19.86 -111.70 98.29
N ARG CA 309 -19.83 -112.41 97.15
CA ARG CA 309 -21.04 -112.56 96.33
C ARG CA 309 -21.92 -113.63 96.95
N ASP CA 310 -22.54 -113.25 98.07
CA ASP CA 310 -23.66 -114.01 98.62
C ASP CA 310 -24.84 -113.97 97.65
N ARG CA 311 -25.28 -115.15 97.21
CA ARG CA 311 -26.43 -115.24 96.32
C ARG CA 311 -27.75 -115.05 97.04
N GLN CA 312 -27.76 -115.10 98.38
CA GLN CA 312 -29.00 -115.00 99.14
C GLN CA 312 -29.42 -113.56 99.42
N THR CA 313 -28.47 -112.67 99.67
CA THR CA 313 -28.78 -111.29 100.04
C THR CA 313 -28.65 -110.37 98.84
N ASN CA 314 -29.74 -109.71 98.47
CA ASN CA 314 -29.75 -108.72 97.39
C ASN CA 314 -29.22 -107.41 97.94
N HIS CA 315 -27.89 -107.34 98.06
CA HIS CA 315 -27.25 -106.12 98.54
C HIS CA 315 -27.53 -104.94 97.62
N CYS CA 316 -27.49 -103.74 98.20
CA CYS CA 316 -27.79 -102.52 97.47
C CYS CA 316 -26.90 -101.40 98.01
N TYR CA 317 -26.75 -100.35 97.21
CA TYR CA 317 -26.06 -99.15 97.67
C TYR CA 317 -26.98 -98.32 98.55
N ILE CA 318 -26.49 -97.94 99.73
CA ILE CA 318 -27.20 -96.95 100.54
C ILE CA 318 -26.93 -95.55 100.04
N ALA CA 319 -25.65 -95.19 99.89
CA ALA CA 319 -25.28 -93.86 99.40
C ALA CA 319 -23.94 -93.94 98.70
N ILE CA 320 -23.73 -93.04 97.74
CA ILE CA 320 -22.46 -92.90 97.04
C ILE CA 320 -22.14 -91.42 96.91
N LEU CA 321 -20.93 -91.03 97.30
CA LEU CA 321 -20.36 -89.74 96.96
C LEU CA 321 -19.16 -89.97 96.06
N ASN CA 322 -19.18 -89.39 94.86
CA ASN CA 322 -18.03 -89.41 93.96
C ASN CA 322 -17.40 -88.03 93.94
N ILE CA 323 -16.17 -87.95 94.44
CA ILE CA 323 -15.33 -86.77 94.29
C ILE CA 323 -14.49 -86.98 93.04
N ILE CA 324 -14.76 -86.23 91.99
CA ILE CA 324 -14.03 -86.31 90.73
C ILE CA 324 -13.10 -85.11 90.65
N GLN CA 325 -11.80 -85.37 90.59
CA GLN CA 325 -10.78 -84.32 90.57
C GLN CA 325 -10.14 -84.27 89.20
N GLY CA 326 -10.08 -83.06 88.63
CA GLY CA 326 -9.39 -82.85 87.39
C GLY CA 326 -10.27 -82.12 86.42
N GLU CA 327 -9.84 -82.09 85.15
CA GLU CA 327 -10.59 -81.42 84.10
C GLU CA 327 -11.78 -82.30 83.74
N VAL CA 328 -12.94 -81.95 84.29
CA VAL CA 328 -14.17 -82.71 84.12
C VAL CA 328 -15.22 -81.75 83.57
N ASP CA 329 -15.89 -82.16 82.50
CA ASP CA 329 -17.05 -81.43 82.02
C ASP CA 329 -18.27 -81.73 82.88
N PRO CA 330 -18.83 -80.74 83.58
CA PRO CA 330 -20.00 -81.04 84.41
C PRO CA 330 -21.14 -81.61 83.60
N THR CA 331 -21.26 -81.23 82.32
CA THR CA 331 -22.31 -81.81 81.49
C THR CA 331 -22.05 -83.29 81.25
N GLN CA 332 -20.78 -83.69 81.19
CA GLN CA 332 -20.48 -85.11 81.04
C GLN CA 332 -20.73 -85.85 82.34
N VAL CA 333 -20.53 -85.17 83.47
CA VAL CA 333 -20.86 -85.78 84.76
C VAL CA 333 -22.38 -86.00 84.85
N HIS CA 334 -23.14 -84.98 84.50
CA HIS CA 334 -24.60 -85.08 84.52
C HIS CA 334 -25.09 -86.18 83.57
N LYS CA 335 -24.56 -86.21 82.34
CA LYS CA 335 -24.92 -87.26 81.40
C LYS CA 335 -24.56 -88.64 81.95
N SER CA 336 -23.44 -88.75 82.66
CA SER CA 336 -23.05 -90.05 83.19
C SER CA 336 -23.98 -90.50 84.30
N LEU CA 337 -24.33 -89.58 85.20
CA LEU CA 337 -25.31 -89.89 86.24
C LEU CA 337 -26.66 -90.29 85.63
N GLN CA 338 -27.13 -89.52 84.64
CA GLN CA 338 -28.39 -89.84 83.98
C GLN CA 338 -28.35 -91.22 83.34
N ARG CA 339 -27.28 -91.54 82.62
CA ARG CA 339 -27.17 -92.85 81.99
C ARG CA 339 -27.09 -93.95 83.02
N ILE CA 340 -26.40 -93.69 84.14
CA ILE CA 340 -26.29 -94.69 85.21
C ILE CA 340 -27.66 -94.97 85.80
N ARG CA 341 -28.45 -93.92 86.03
CA ARG CA 341 -29.80 -94.10 86.56
C ARG CA 341 -30.68 -94.86 85.57
N GLU CA 342 -30.70 -94.43 84.31
CA GLU CA 342 -31.54 -95.10 83.31
C GLU CA 342 -31.16 -96.56 83.15
N ARG CA 343 -29.87 -96.87 83.16
CA ARG CA 343 -29.37 -98.23 83.00
C ARG CA 343 -29.36 -99.01 84.32
N LYS CA 344 -29.70 -98.36 85.43
CA LYS CA 344 -29.67 -98.99 86.74
C LYS CA 344 -28.35 -99.72 86.96
N LEU CA 345 -27.26 -99.04 86.59
CA LEU CA 345 -25.93 -99.63 86.70
C LEU CA 345 -25.52 -99.84 88.15
N ALA CA 346 -26.22 -99.21 89.08
CA ALA CA 346 -26.00 -99.38 90.51
C ALA CA 346 -27.35 -99.57 91.16
N ASN CA 347 -27.44 -100.55 92.06
CA ASN CA 347 -28.64 -100.77 92.87
C ASN CA 347 -28.56 -99.96 94.15
N PHE CA 348 -29.60 -99.18 94.42
CA PHE CA 348 -29.66 -98.33 95.61
C PHE CA 348 -30.65 -98.91 96.60
N ILE CA 349 -30.50 -98.51 97.86
CA ILE CA 349 -31.42 -98.89 98.93
C ILE CA 349 -32.86 -98.63 98.54
N PRO CA 350 -33.79 -99.55 98.80
CA PRO CA 350 -35.20 -99.31 98.47
C PRO CA 350 -35.94 -98.53 99.55
N TRP CA 351 -35.38 -98.47 100.76
CA TRP CA 351 -36.02 -97.87 101.93
C TRP CA 351 -35.59 -96.43 102.17
N GLY CA 352 -34.75 -95.88 101.29
CA GLY CA 352 -34.27 -94.54 101.44
C GLY CA 352 -34.03 -93.94 100.07
N PRO CA 353 -33.77 -92.63 100.02
CA PRO CA 353 -33.51 -92.00 98.73
C PRO CA 353 -32.18 -92.47 98.15
N ALA CA 354 -32.16 -92.61 96.82
CA ALA CA 354 -30.91 -92.95 96.15
C ALA CA 354 -29.98 -91.75 96.27
N SER CA 355 -28.95 -91.89 97.09
CA SER CA 355 -27.93 -90.85 97.24
C SER CA 355 -26.82 -91.17 96.26
N ILE CA 356 -26.77 -90.46 95.15
CA ILE CA 356 -25.63 -90.48 94.26
C ILE CA 356 -25.23 -89.03 94.04
N GLN CA 357 -24.13 -88.60 94.65
CA GLN CA 357 -23.62 -87.26 94.43
C GLN CA 357 -22.34 -87.32 93.61
N VAL CA 358 -22.13 -86.28 92.81
CA VAL CA 358 -20.90 -86.09 92.06
C VAL CA 358 -20.43 -84.65 92.28
N ALA CA 359 -19.27 -84.48 92.90
CA ALA CA 359 -18.64 -83.18 92.98
C ALA CA 359 -17.44 -83.15 92.04
N LEU CA 360 -17.38 -82.12 91.19
CA LEU CA 360 -16.22 -81.87 90.36
C LEU CA 360 -15.34 -80.85 91.08
N SER CA 361 -14.07 -81.18 91.23
CA SER CA 361 -13.08 -80.29 91.82
C SER CA 361 -11.83 -80.24 90.96
N ARG CA 362 -11.04 -79.19 91.17
CA ARG CA 362 -9.74 -79.07 90.52
C ARG CA 362 -8.69 -79.77 91.38
N LYS CA 363 -7.69 -80.33 90.73
CA LYS CA 363 -6.55 -80.88 91.44
C LYS CA 363 -5.61 -79.81 91.95
N SER CA 364 -4.86 -80.18 92.99
CA SER CA 364 -3.73 -79.40 93.44
C SER CA 364 -2.76 -79.16 92.29
N PRO CA 365 -2.26 -77.93 92.11
CA PRO CA 365 -1.23 -77.71 91.08
C PRO CA 365 0.10 -78.37 91.42
N TYR CA 366 0.31 -78.79 92.66
CA TYR CA 366 1.58 -79.37 93.08
C TYR CA 366 1.64 -80.87 92.90
N LEU CA 367 0.48 -81.55 92.78
CA LEU CA 367 0.49 -83.01 92.64
C LEU CA 367 0.41 -83.38 91.17
N PRO CA 368 1.35 -84.18 90.67
CA PRO CA 368 1.25 -84.71 89.29
C PRO CA 368 0.11 -85.71 89.14
N SER CA 369 -0.81 -85.40 88.22
CA SER CA 369 -1.92 -86.29 87.89
C SER CA 369 -1.68 -86.81 86.48
N ALA CA 370 -1.42 -88.11 86.36
CA ALA CA 370 -1.35 -88.75 85.05
C ALA CA 370 -2.69 -88.71 84.33
N HIS CA 371 -3.79 -88.65 85.08
CA HIS CA 371 -5.13 -88.68 84.52
C HIS CA 371 -5.72 -87.28 84.58
N ARG CA 372 -6.16 -86.76 83.43
CA ARG CA 372 -6.78 -85.43 83.42
C ARG CA 372 -7.99 -85.41 84.34
N VAL CA 373 -8.65 -86.56 84.53
CA VAL CA 373 -9.80 -86.66 85.41
C VAL CA 373 -9.67 -87.98 86.14
N SER CA 374 -9.73 -87.93 87.47
CA SER CA 374 -9.85 -89.11 88.31
C SER CA 374 -11.13 -89.00 89.14
N GLY CA 375 -11.55 -90.12 89.71
CA GLY CA 375 -12.67 -90.10 90.63
C GLY CA 375 -12.48 -91.08 91.75
N LEU CA 376 -12.85 -90.68 92.97
CA LEU CA 376 -13.02 -91.60 94.07
C LEU CA 376 -14.50 -91.69 94.43
N MET CA 377 -15.00 -92.90 94.63
CA MET CA 377 -16.31 -93.13 95.21
C MET CA 377 -16.15 -93.62 96.64
N MET CA 378 -16.83 -92.97 97.57
CA MET CA 378 -17.08 -93.52 98.89
C MET CA 378 -18.55 -93.92 98.94
N ALA CA 379 -18.80 -95.20 99.17
CA ALA CA 379 -20.16 -95.73 99.13
C ALA CA 379 -20.48 -96.54 100.38
N ASN CA 380 -21.67 -96.28 100.92
CA ASN CA 380 -22.27 -97.15 101.93
C ASN CA 380 -23.19 -98.09 101.17
N HIS CA 381 -22.82 -99.37 101.13
CA HIS CA 381 -23.50 -100.37 100.32
C HIS CA 381 -23.69 -101.64 101.14
N THR CA 382 -24.89 -102.21 101.10
CA THR CA 382 -25.25 -103.25 102.04
C THR CA 382 -24.36 -104.49 101.89
N SER CA 383 -23.69 -104.66 100.75
CA SER CA 383 -22.80 -105.80 100.61
C SER CA 383 -21.58 -105.69 101.52
N ILE CA 384 -21.34 -104.51 102.11
CA ILE CA 384 -20.30 -104.37 103.13
C ILE CA 384 -20.64 -105.26 104.31
N SER CA 385 -21.93 -105.52 104.53
CA SER CA 385 -22.36 -106.41 105.59
C SER CA 385 -21.72 -107.79 105.48
N SER CA 386 -21.42 -108.26 104.26
CA SER CA 386 -20.78 -109.56 104.11
C SER CA 386 -19.46 -109.64 104.86
N LEU CA 387 -18.74 -108.51 104.97
CA LEU CA 387 -17.51 -108.48 105.75
C LEU CA 387 -17.80 -108.62 107.25
N PHE CA 388 -18.84 -107.95 107.73
CA PHE CA 388 -19.20 -108.08 109.14
C PHE CA 388 -19.71 -109.49 109.45
N GLU CA 389 -20.50 -110.06 108.54
CA GLU CA 389 -20.91 -111.46 108.68
C GLU CA 389 -19.71 -112.40 108.74
N SER CA 390 -18.73 -112.21 107.85
CA SER CA 390 -17.51 -113.01 107.91
C SER CA 390 -16.80 -112.86 109.26
N SER CA 391 -16.69 -111.62 109.74
CA SER CA 391 -16.06 -111.38 111.04
C SER CA 391 -16.84 -112.06 112.16
N CYS CA 392 -18.17 -111.97 112.12
CA CYS CA 392 -19.00 -112.65 113.11
C CYS CA 392 -18.81 -114.16 113.08
N GLN CA 393 -18.74 -114.75 111.87
CA GLN CA 393 -18.51 -116.18 111.76
C GLN CA 393 -17.16 -116.57 112.34
N GLN CA 394 -16.13 -115.75 112.10
CA GLN CA 394 -14.82 -116.02 112.69
C GLN CA 394 -14.87 -115.91 114.21
N TYR CA 395 -15.54 -114.88 114.73
CA TYR CA 395 -15.70 -114.74 116.16
C TYR CA 395 -16.39 -115.97 116.75
N ASP CA 396 -17.51 -116.38 116.18
CA ASP CA 396 -18.24 -117.54 116.68
C ASP CA 396 -17.39 -118.81 116.59
N LYS CA 397 -16.57 -118.91 115.54
CA LYS CA 397 -15.65 -120.05 115.41
C LYS CA 397 -14.63 -120.07 116.53
N LEU CA 398 -14.14 -118.90 116.94
CA LEU CA 398 -13.18 -118.86 118.03
C LEU CA 398 -13.87 -119.07 119.37
N ARG CA 399 -14.98 -118.36 119.61
CA ARG CA 399 -15.68 -118.44 120.89
C ARG CA 399 -16.16 -119.86 121.18
N LYS CA 400 -16.70 -120.55 120.17
CA LYS CA 400 -17.13 -121.93 120.40
C LYS CA 400 -15.96 -122.83 120.80
N ARG CA 401 -14.73 -122.43 120.48
CA ARG CA 401 -13.54 -123.19 120.86
C ARG CA 401 -12.81 -122.57 122.04
N GLU CA 402 -13.33 -121.47 122.60
CA GLU CA 402 -12.62 -120.73 123.64
C GLU CA 402 -11.20 -120.40 123.20
N ALA CA 403 -11.04 -120.14 121.90
CA ALA CA 403 -9.71 -120.01 121.31
C ALA CA 403 -9.05 -118.69 121.70
N PHE CA 404 -7.76 -118.76 122.03
CA PHE CA 404 -6.93 -117.58 122.26
C PHE CA 404 -7.43 -116.73 123.42
N LEU CA 405 -8.15 -117.33 124.36
CA LEU CA 405 -8.68 -116.60 125.50
C LEU CA 405 -7.70 -116.51 126.66
N GLU CA 406 -6.62 -117.31 126.63
CA GLU CA 406 -5.70 -117.33 127.76
C GLU CA 406 -4.99 -115.99 127.93
N GLN CA 407 -4.66 -115.33 126.82
CA GLN CA 407 -4.03 -114.01 126.92
C GLN CA 407 -5.03 -112.93 127.31
N PHE CA 408 -6.29 -113.08 126.91
CA PHE CA 408 -7.32 -112.15 127.36
C PHE CA 408 -7.55 -112.25 128.86
N ARG CA 409 -7.58 -113.47 129.39
CA ARG CA 409 -7.82 -113.65 130.83
C ARG CA 409 -6.74 -112.98 131.68
N LYS CA 410 -5.58 -112.67 131.10
CA LYS CA 410 -4.56 -111.93 131.83
C LYS CA 410 -4.91 -110.46 132.01
N GLU CA 411 -5.80 -109.92 131.18
CA GLU CA 411 -6.16 -108.51 131.27
C GLU CA 411 -7.40 -108.31 132.12
N ASP CA 412 -7.43 -107.19 132.85
CA ASP CA 412 -8.44 -107.00 133.87
C ASP CA 412 -9.86 -107.02 133.29
N ILE CA 413 -10.01 -106.46 132.07
CA ILE CA 413 -11.32 -106.42 131.42
C ILE CA 413 -11.86 -107.81 131.12
N PHE CA 414 -10.99 -108.82 131.01
CA PHE CA 414 -11.42 -110.18 130.69
C PHE CA 414 -11.05 -111.17 131.79
N LYS CA 415 -10.61 -110.69 132.95
CA LYS CA 415 -10.15 -111.60 133.99
C LYS CA 415 -11.28 -112.46 134.53
N GLU CA 416 -12.47 -111.87 134.71
CA GLU CA 416 -13.60 -112.61 135.27
C GLU CA 416 -14.47 -113.25 134.21
N ASN CA 417 -14.84 -112.51 133.16
CA ASN CA 417 -15.71 -113.05 132.13
C ASN CA 417 -15.44 -112.33 130.80
N PHE CA 418 -16.18 -112.74 129.78
CA PHE CA 418 -16.12 -112.15 128.44
C PHE CA 418 -17.38 -111.38 128.08
N ASP CA 419 -18.14 -110.92 129.08
CA ASP CA 419 -19.43 -110.30 128.77
C ASP CA 419 -19.29 -109.12 127.83
N GLU CA 420 -18.18 -108.39 127.90
CA GLU CA 420 -18.00 -107.29 126.96
C GLU CA 420 -17.84 -107.81 125.53
N LEU CA 421 -17.22 -109.00 125.39
CA LEU CA 421 -17.14 -109.65 124.10
C LEU CA 421 -18.52 -110.06 123.61
N ASP CA 422 -19.36 -110.57 124.52
CA ASP CA 422 -20.68 -111.00 124.13
C ASP CA 422 -21.55 -109.82 123.73
N ARG CA 423 -21.44 -108.71 124.47
CA ARG CA 423 -22.12 -107.48 124.08
C ARG CA 423 -21.64 -106.96 122.72
N SER CA 424 -20.34 -107.04 122.46
CA SER CA 424 -19.85 -106.62 121.15
C SER CA 424 -20.38 -107.53 120.04
N ARG CA 425 -20.46 -108.83 120.31
CA ARG CA 425 -21.03 -109.75 119.34
C ARG CA 425 -22.51 -109.46 119.10
N GLU CA 426 -23.23 -109.08 120.16
CA GLU CA 426 -24.63 -108.71 120.02
C GLU CA 426 -24.78 -107.46 119.16
N VAL CA 427 -23.98 -106.43 119.45
CA VAL CA 427 -24.01 -105.21 118.64
C VAL CA 427 -23.71 -105.52 117.19
N VAL CA 428 -22.72 -106.38 116.92
CA VAL CA 428 -22.39 -106.71 115.54
C VAL CA 428 -23.50 -107.54 114.89
N GLN CA 429 -24.21 -108.36 115.67
CA GLN CA 429 -25.36 -109.07 115.14
C GLN CA 429 -26.46 -108.10 114.76
N GLU CA 430 -26.76 -107.14 115.64
CA GLU CA 430 -27.75 -106.12 115.32
C GLU CA 430 -27.35 -105.33 114.08
N LEU CA 431 -26.07 -105.01 113.95
CA LEU CA 431 -25.58 -104.35 112.73
C LEU CA 431 -25.83 -105.19 111.50
N ILE CA 432 -25.52 -106.50 111.58
CA ILE CA 432 -25.77 -107.40 110.45
C ILE CA 432 -27.25 -107.40 110.09
N ASP CA 433 -28.11 -107.49 111.11
CA ASP CA 433 -29.55 -107.55 110.86
C ASP CA 433 -30.05 -106.25 110.22
N GLU CA 434 -29.52 -105.11 110.66
CA GLU CA 434 -29.88 -103.85 110.03
C GLU CA 434 -29.38 -103.78 108.59
N TYR CA 435 -28.19 -104.29 108.33
CA TYR CA 435 -27.70 -104.37 106.95
C TYR CA 435 -28.61 -105.24 106.08
N HIS CA 436 -29.12 -106.34 106.64
CA HIS CA 436 -30.06 -107.18 105.90
C HIS CA 436 -31.37 -106.43 105.66
N ALA CA 437 -31.86 -105.73 106.69
CA ALA CA 437 -33.05 -104.89 106.52
C ALA CA 437 -32.84 -103.87 105.42
N ALA CA 438 -31.63 -103.33 105.29
CA ALA CA 438 -31.34 -102.35 104.26
C ALA CA 438 -31.55 -102.89 102.85
N THR CA 439 -31.65 -104.21 102.69
CA THR CA 439 -32.02 -104.75 101.39
C THR CA 439 -33.51 -104.64 101.14
N ARG CA 440 -34.31 -104.34 102.19
CA ARG CA 440 -35.76 -104.34 102.17
C ARG CA 440 -36.30 -102.92 102.15
N PRO CA 441 -37.47 -102.69 101.57
CA PRO CA 441 -38.03 -101.32 101.57
C PRO CA 441 -38.34 -100.79 102.96
N ASP CA 442 -38.58 -101.67 103.94
CA ASP CA 442 -38.91 -101.26 105.30
C ASP CA 442 -37.69 -101.01 106.17
N TYR CA 443 -36.48 -101.04 105.59
CA TYR CA 443 -35.27 -100.89 106.37
C TYR CA 443 -35.30 -99.63 107.23
N ILE CA 444 -35.86 -98.54 106.69
CA ILE CA 444 -35.88 -97.28 107.45
C ILE CA 444 -36.61 -97.46 108.78
N SER CA 445 -37.60 -98.34 108.83
CA SER CA 445 -38.34 -98.62 110.05
C SER CA 445 -37.91 -99.92 110.72
N TRP CA 446 -36.95 -100.64 110.15
CA TRP CA 446 -36.66 -101.98 110.66
C TRP CA 446 -36.10 -101.93 112.08
N GLY CA 447 -35.10 -101.08 112.31
CA GLY CA 447 -34.48 -101.01 113.62
C GLY CA 447 -35.24 -100.19 114.64
N THR CA 448 -36.27 -99.47 114.21
CA THR CA 448 -37.07 -98.65 115.13
C THR CA 448 -38.54 -98.69 114.74
N MET DA 1 -30.61 -20.96 -35.78
CA MET DA 1 -29.84 -21.65 -36.83
C MET DA 1 -28.68 -22.42 -36.24
N ILE DA 2 -27.75 -21.70 -35.61
CA ILE DA 2 -26.54 -22.32 -35.09
C ILE DA 2 -26.89 -23.36 -34.02
N HIS DA 3 -27.81 -23.00 -33.12
CA HIS DA 3 -28.27 -23.95 -32.13
C HIS DA 3 -28.91 -25.18 -32.78
N GLU DA 4 -29.68 -24.99 -33.85
CA GLU DA 4 -30.25 -26.16 -34.52
C GLU DA 4 -29.19 -26.99 -35.21
N LEU DA 5 -28.12 -26.38 -35.69
CA LEU DA 5 -27.01 -27.14 -36.23
C LEU DA 5 -26.36 -27.97 -35.14
N LEU DA 6 -26.12 -27.38 -33.98
CA LEU DA 6 -25.54 -28.12 -32.88
C LEU DA 6 -26.47 -29.25 -32.46
N LEU DA 7 -27.78 -29.01 -32.50
CA LEU DA 7 -28.75 -30.06 -32.24
C LEU DA 7 -28.63 -31.21 -33.23
N ALA DA 8 -28.48 -30.89 -34.51
CA ALA DA 8 -28.34 -31.93 -35.51
C ALA DA 8 -27.06 -32.71 -35.27
N LEU DA 9 -26.00 -32.02 -34.88
CA LEU DA 9 -24.79 -32.75 -34.50
C LEU DA 9 -25.03 -33.56 -33.24
N SER DA 10 -25.97 -33.16 -32.40
CA SER DA 10 -26.31 -33.94 -31.23
C SER DA 10 -27.26 -35.09 -31.56
N GLY DA 11 -27.71 -35.21 -32.80
CA GLY DA 11 -28.51 -36.36 -33.21
C GLY DA 11 -30.00 -36.21 -33.17
N TYR DA 12 -30.52 -34.99 -32.97
CA TYR DA 12 -31.96 -34.80 -32.90
C TYR DA 12 -32.44 -33.94 -34.05
N PRO DA 13 -32.92 -34.53 -35.14
CA PRO DA 13 -33.43 -33.73 -36.25
C PRO DA 13 -34.53 -32.78 -35.82
N GLY DA 14 -34.55 -31.61 -36.45
CA GLY DA 14 -35.49 -30.56 -36.16
C GLY DA 14 -36.47 -30.33 -37.31
N SER DA 15 -37.02 -29.12 -37.35
CA SER DA 15 -37.94 -28.80 -38.44
C SER DA 15 -37.21 -28.55 -39.74
N ILE DA 16 -36.04 -27.91 -39.68
CA ILE DA 16 -35.28 -27.70 -40.90
C ILE DA 16 -34.51 -28.97 -41.23
N PHE DA 17 -33.98 -29.63 -40.22
CA PHE DA 17 -33.22 -30.86 -40.37
C PHE DA 17 -34.05 -32.00 -39.79
N THR DA 18 -34.68 -32.79 -40.66
CA THR DA 18 -35.62 -33.81 -40.25
C THR DA 18 -34.95 -35.18 -40.30
N TRP DA 19 -35.38 -36.05 -39.39
CA TRP DA 19 -34.88 -37.42 -39.34
C TRP DA 19 -35.73 -38.33 -40.21
N ASN DA 20 -35.09 -39.03 -41.12
CA ASN DA 20 -35.70 -40.07 -41.94
C ASN DA 20 -35.12 -41.40 -41.53
N LYS DA 21 -35.98 -42.37 -41.21
CA LYS DA 21 -35.48 -43.67 -40.81
C LYS DA 21 -34.51 -44.25 -41.84
N ARG DA 22 -34.69 -43.90 -43.11
CA ARG DA 22 -33.83 -44.40 -44.17
C ARG DA 22 -32.60 -43.54 -44.40
N GLY DA 23 -32.73 -42.21 -44.34
CA GLY DA 23 -31.64 -41.33 -44.71
C GLY DA 23 -30.85 -40.73 -43.57
N GLY DA 24 -31.37 -40.84 -42.35
CA GLY DA 24 -30.82 -40.10 -41.23
C GLY DA 24 -31.29 -38.66 -41.24
N LEU DA 25 -30.49 -37.78 -40.64
CA LEU DA 25 -30.81 -36.37 -40.65
C LEU DA 25 -30.59 -35.78 -42.04
N GLN DA 26 -31.54 -34.99 -42.51
CA GLN DA 26 -31.41 -34.32 -43.79
C GLN DA 26 -32.13 -32.98 -43.72
N VAL DA 27 -31.66 -32.03 -44.51
CA VAL DA 27 -32.34 -30.74 -44.61
C VAL DA 27 -33.71 -30.89 -45.26
N SER DA 28 -34.73 -30.32 -44.62
CA SER DA 28 -36.04 -30.28 -45.23
C SER DA 28 -35.96 -29.43 -46.49
N GLN DA 29 -36.48 -29.94 -47.60
CA GLN DA 29 -36.54 -29.14 -48.81
C GLN DA 29 -37.54 -27.99 -48.69
N ASP DA 30 -38.51 -28.09 -47.78
CA ASP DA 30 -39.60 -27.13 -47.65
C ASP DA 30 -39.26 -25.91 -46.81
N PHE DA 31 -38.07 -25.80 -46.25
CA PHE DA 31 -37.80 -24.66 -45.40
C PHE DA 31 -37.68 -23.40 -46.25
N PRO DA 32 -38.66 -22.49 -46.21
CA PRO DA 32 -38.57 -21.26 -47.00
C PRO DA 32 -37.58 -20.26 -46.42
N PHE DA 33 -37.26 -19.26 -47.23
CA PHE DA 33 -36.51 -18.05 -46.88
C PHE DA 33 -35.01 -18.29 -46.87
N LEU DA 34 -34.54 -19.51 -47.12
CA LEU DA 34 -33.12 -19.78 -47.31
C LEU DA 34 -32.74 -19.64 -48.76
N HIS DA 35 -31.61 -19.00 -49.02
CA HIS DA 35 -31.09 -18.99 -50.38
C HIS DA 35 -30.69 -20.41 -50.76
N PRO DA 36 -30.92 -20.80 -52.02
CA PRO DA 36 -30.58 -22.18 -52.40
C PRO DA 36 -29.16 -22.58 -52.09
N SER DA 37 -28.21 -21.65 -52.18
CA SER DA 37 -26.84 -22.00 -51.79
C SER DA 37 -26.76 -22.35 -50.32
N GLU DA 38 -27.50 -21.61 -49.49
CA GLU DA 38 -27.52 -21.92 -48.07
C GLU DA 38 -28.14 -23.28 -47.83
N THR DA 39 -29.25 -23.56 -48.52
CA THR DA 39 -29.83 -24.90 -48.44
C THR DA 39 -28.83 -25.98 -48.85
N SER DA 40 -28.04 -25.72 -49.87
CA SER DA 40 -27.06 -26.70 -50.32
C SER DA 40 -26.00 -26.95 -49.26
N VAL DA 41 -25.48 -25.88 -48.66
CA VAL DA 41 -24.48 -26.04 -47.60
C VAL DA 41 -25.09 -26.77 -46.42
N LEU DA 42 -26.31 -26.40 -46.07
CA LEU DA 42 -26.99 -27.07 -44.97
C LEU DA 42 -27.15 -28.55 -45.24
N ASN DA 43 -27.55 -28.91 -46.45
CA ASN DA 43 -27.70 -30.32 -46.80
C ASN DA 43 -26.36 -31.05 -46.82
N ARG DA 44 -25.28 -30.37 -47.22
CA ARG DA 44 -23.97 -31.00 -47.15
C ARG DA 44 -23.59 -31.31 -45.71
N LEU DA 45 -23.88 -30.39 -44.79
CA LEU DA 45 -23.68 -30.68 -43.38
C LEU DA 45 -24.62 -31.78 -42.90
N CYS DA 46 -25.88 -31.72 -43.33
CA CYS DA 46 -26.87 -32.70 -42.91
C CYS DA 46 -26.51 -34.11 -43.36
N ARG DA 47 -25.73 -34.26 -44.43
CA ARG DA 47 -25.24 -35.59 -44.76
C ARG DA 47 -24.33 -36.12 -43.65
N LEU DA 48 -23.47 -35.26 -43.12
CA LEU DA 48 -22.64 -35.66 -41.99
C LEU DA 48 -23.51 -35.94 -40.77
N GLY DA 49 -24.48 -35.08 -40.50
CA GLY DA 49 -25.37 -35.33 -39.37
C GLY DA 49 -26.14 -36.64 -39.50
N THR DA 50 -26.55 -36.98 -40.71
CA THR DA 50 -27.20 -38.26 -40.94
C THR DA 50 -26.28 -39.41 -40.64
N ASP DA 51 -25.05 -39.34 -41.14
CA ASP DA 51 -24.09 -40.40 -40.87
C ASP DA 51 -23.82 -40.50 -39.38
N TYR DA 52 -23.72 -39.36 -38.70
CA TYR DA 52 -23.52 -39.34 -37.26
C TYR DA 52 -24.68 -40.04 -36.55
N ILE DA 53 -25.91 -39.71 -36.93
CA ILE DA 53 -27.07 -40.36 -36.32
C ILE DA 53 -27.01 -41.86 -36.51
N ARG DA 54 -26.75 -42.30 -37.75
CA ARG DA 54 -26.69 -43.73 -38.00
C ARG DA 54 -25.55 -44.39 -37.21
N PHE DA 55 -24.41 -43.71 -37.12
CA PHE DA 55 -23.29 -44.24 -36.35
C PHE DA 55 -23.66 -44.36 -34.87
N THR DA 56 -24.35 -43.35 -34.34
CA THR DA 56 -24.74 -43.39 -32.94
C THR DA 56 -25.72 -44.52 -32.68
N GLU DA 57 -26.69 -44.69 -33.57
CA GLU DA 57 -27.60 -45.83 -33.46
C GLU DA 57 -26.84 -47.14 -33.47
N PHE DA 58 -25.87 -47.29 -34.38
CA PHE DA 58 -25.09 -48.53 -34.43
C PHE DA 58 -24.29 -48.75 -33.15
N ILE DA 59 -23.63 -47.70 -32.66
CA ILE DA 59 -22.84 -47.83 -31.43
C ILE DA 59 -23.73 -48.28 -30.28
N GLU DA 60 -24.88 -47.63 -30.13
CA GLU DA 60 -25.81 -48.01 -29.09
C GLU DA 60 -26.28 -49.45 -29.29
N GLN DA 61 -26.60 -49.81 -30.52
CA GLN DA 61 -27.09 -51.16 -30.80
C GLN DA 61 -26.09 -52.22 -30.38
N TYR DA 62 -24.81 -51.99 -30.63
CA TYR DA 62 -23.82 -53.05 -30.43
C TYR DA 62 -23.05 -52.92 -29.12
N THR DA 63 -23.26 -51.84 -28.35
CA THR DA 63 -22.68 -51.74 -27.03
C THR DA 63 -23.70 -51.78 -25.90
N GLY DA 64 -24.94 -51.37 -26.18
CA GLY DA 64 -25.96 -51.10 -25.20
C GLY DA 64 -26.63 -52.31 -24.57
N HIS DA 65 -26.21 -53.52 -24.91
CA HIS DA 65 -26.82 -54.74 -24.37
C HIS DA 65 -25.82 -55.32 -23.38
N VAL DA 66 -25.89 -54.82 -22.15
CA VAL DA 66 -25.32 -55.49 -21.00
C VAL DA 66 -26.42 -55.84 -20.01
N GLY DA 80 -26.61 -63.66 -34.04
CA GLY DA 80 -26.19 -62.27 -33.97
C GLY DA 80 -24.70 -62.14 -33.75
N LEU DA 81 -24.10 -61.10 -34.33
CA LEU DA 81 -22.70 -60.83 -34.07
C LEU DA 81 -22.49 -60.53 -32.59
N HIS DA 82 -21.44 -61.11 -32.03
CA HIS DA 82 -21.08 -60.87 -30.65
C HIS DA 82 -19.59 -61.06 -30.51
N GLY DA 83 -19.03 -60.50 -29.47
CA GLY DA 83 -17.60 -60.64 -29.20
C GLY DA 83 -17.00 -59.39 -28.60
N ILE DA 84 -15.86 -59.60 -27.96
CA ILE DA 84 -15.16 -58.48 -27.35
C ILE DA 84 -14.63 -57.57 -28.45
N TYR DA 85 -14.35 -58.15 -29.62
CA TYR DA 85 -13.91 -57.33 -30.73
C TYR DA 85 -15.06 -56.46 -31.25
N LEU DA 86 -16.28 -57.00 -31.26
CA LEU DA 86 -17.42 -56.18 -31.66
C LEU DA 86 -17.65 -55.03 -30.67
N ARG DA 87 -17.54 -55.32 -29.39
CA ARG DA 87 -17.63 -54.26 -28.39
C ARG DA 87 -16.52 -53.23 -28.58
N ALA DA 88 -15.30 -53.69 -28.83
CA ALA DA 88 -14.19 -52.77 -29.08
C ALA DA 88 -14.45 -51.93 -30.31
N PHE DA 89 -15.04 -52.51 -31.35
CA PHE DA 89 -15.42 -51.73 -32.53
C PHE DA 89 -16.38 -50.61 -32.18
N CYS DA 90 -17.41 -50.93 -31.39
CA CYS DA 90 -18.36 -49.89 -31.00
C CYS DA 90 -17.68 -48.80 -30.18
N THR DA 91 -16.80 -49.20 -29.26
CA THR DA 91 -16.06 -48.22 -28.47
C THR DA 91 -15.15 -47.37 -29.35
N GLY DA 92 -14.51 -47.99 -30.34
CA GLY DA 92 -13.70 -47.24 -31.28
C GLY DA 92 -14.51 -46.22 -32.04
N LEU DA 93 -15.70 -46.60 -32.50
CA LEU DA 93 -16.53 -45.65 -33.22
C LEU DA 93 -16.89 -44.47 -32.33
N ASP DA 94 -17.29 -44.74 -31.09
CA ASP DA 94 -17.56 -43.66 -30.16
C ASP DA 94 -16.33 -42.76 -29.94
N SER DA 95 -15.15 -43.37 -29.78
CA SER DA 95 -13.94 -42.58 -29.60
C SER DA 95 -13.55 -41.80 -30.84
N VAL DA 96 -13.97 -42.26 -32.01
CA VAL DA 96 -13.70 -41.50 -33.22
C VAL DA 96 -14.70 -40.38 -33.39
N LEU DA 97 -15.89 -40.53 -32.81
CA LEU DA 97 -16.85 -39.44 -32.85
C LEU DA 97 -16.55 -38.42 -31.77
N GLN DA 98 -15.79 -38.81 -30.75
CA GLN DA 98 -15.43 -37.86 -29.71
C GLN DA 98 -14.73 -36.62 -30.25
N PRO DA 99 -13.77 -36.72 -31.17
CA PRO DA 99 -13.20 -35.48 -31.73
C PRO DA 99 -14.22 -34.65 -32.44
N TYR DA 100 -15.22 -35.29 -33.05
CA TYR DA 100 -16.31 -34.54 -33.66
C TYR DA 100 -17.11 -33.82 -32.59
N ARG DA 101 -17.37 -34.48 -31.48
CA ARG DA 101 -18.04 -33.83 -30.36
C ARG DA 101 -17.24 -32.62 -29.88
N GLN DA 102 -15.92 -32.77 -29.76
CA GLN DA 102 -15.11 -31.64 -29.31
C GLN DA 102 -15.17 -30.48 -30.29
N ALA DA 103 -15.07 -30.77 -31.58
CA ALA DA 103 -15.21 -29.72 -32.59
C ALA DA 103 -16.58 -29.07 -32.54
N LEU DA 104 -17.61 -29.86 -32.23
CA LEU DA 104 -18.94 -29.28 -32.10
C LEU DA 104 -19.02 -28.38 -30.88
N LEU DA 105 -18.34 -28.74 -29.80
CA LEU DA 105 -18.30 -27.87 -28.64
C LEU DA 105 -17.59 -26.56 -28.95
N ASP DA 106 -16.50 -26.64 -29.69
CA ASP DA 106 -15.80 -25.42 -30.08
C ASP DA 106 -16.68 -24.54 -30.96
N LEU DA 107 -17.37 -25.14 -31.93
CA LEU DA 107 -18.32 -24.38 -32.74
C LEU DA 107 -19.40 -23.74 -31.88
N GLU DA 108 -19.92 -24.50 -30.91
CA GLU DA 108 -20.92 -23.94 -30.01
C GLU DA 108 -20.38 -22.73 -29.27
N GLN DA 109 -19.15 -22.82 -28.77
CA GLN DA 109 -18.56 -21.67 -28.08
C GLN DA 109 -18.42 -20.48 -29.02
N GLU DA 110 -17.99 -20.73 -30.26
CA GLU DA 110 -17.87 -19.65 -31.22
C GLU DA 110 -19.22 -18.99 -31.49
N PHE DA 111 -20.28 -19.79 -31.65
CA PHE DA 111 -21.59 -19.21 -31.88
C PHE DA 111 -22.12 -18.48 -30.66
N LEU DA 112 -21.73 -18.94 -29.46
CA LEU DA 112 -22.08 -18.19 -28.27
C LEU DA 112 -21.32 -16.88 -28.19
N ALA DA 113 -20.11 -16.83 -28.75
CA ALA DA 113 -19.35 -15.59 -28.71
C ALA DA 113 -19.85 -14.58 -29.74
N ASP DA 114 -20.19 -15.05 -30.94
CA ASP DA 114 -20.71 -14.19 -31.99
C ASP DA 114 -21.97 -14.80 -32.59
N PRO DA 115 -23.16 -14.36 -32.17
CA PRO DA 115 -24.38 -14.91 -32.79
C PRO DA 115 -24.52 -14.56 -34.26
N HIS DA 116 -23.71 -13.63 -34.77
CA HIS DA 116 -23.74 -13.23 -36.17
C HIS DA 116 -22.81 -14.07 -37.04
N LEU DA 117 -22.09 -15.03 -36.46
CA LEU DA 117 -21.26 -15.93 -37.24
C LEU DA 117 -22.07 -16.66 -38.30
N SER DA 118 -21.44 -16.90 -39.45
CA SER DA 118 -22.12 -17.49 -40.59
C SER DA 118 -21.90 -19.00 -40.65
N ILE DA 119 -22.79 -19.66 -41.39
CA ILE DA 119 -22.67 -21.09 -41.65
C ILE DA 119 -21.40 -21.42 -42.43
N SER DA 120 -20.92 -20.50 -43.27
CA SER DA 120 -19.70 -20.79 -44.02
C SER DA 120 -18.53 -21.07 -43.09
N HIS DA 121 -18.50 -20.39 -41.94
CA HIS DA 121 -17.44 -20.65 -40.97
C HIS DA 121 -17.53 -22.07 -40.44
N ILE DA 122 -18.73 -22.49 -40.05
CA ILE DA 122 -18.92 -23.86 -39.59
C ILE DA 122 -18.53 -24.86 -40.68
N ASN DA 123 -18.97 -24.61 -41.91
CA ASN DA 123 -18.69 -25.56 -42.97
C ASN DA 123 -17.19 -25.70 -43.22
N TYR DA 124 -16.47 -24.58 -43.14
CA TYR DA 124 -15.02 -24.66 -43.25
C TYR DA 124 -14.43 -25.42 -42.06
N SER DA 125 -14.83 -25.07 -40.85
CA SER DA 125 -14.27 -25.73 -39.68
C SER DA 125 -14.59 -27.22 -39.65
N LEU DA 126 -15.70 -27.64 -40.25
CA LEU DA 126 -16.12 -29.02 -40.18
C LEU DA 126 -15.84 -29.81 -41.45
N ASP DA 127 -15.21 -29.20 -42.45
CA ASP DA 127 -15.04 -29.92 -43.70
C ASP DA 127 -14.20 -31.18 -43.53
N GLN DA 128 -13.19 -31.12 -42.65
CA GLN DA 128 -12.33 -32.28 -42.43
C GLN DA 128 -13.12 -33.49 -41.94
N PHE DA 129 -14.23 -33.26 -41.25
CA PHE DA 129 -15.00 -34.39 -40.78
C PHE DA 129 -15.80 -35.02 -41.91
N GLN DA 130 -16.10 -34.23 -42.95
CA GLN DA 130 -16.82 -34.78 -44.10
C GLN DA 130 -15.98 -35.84 -44.78
N LEU DA 131 -14.66 -35.73 -44.65
CA LEU DA 131 -13.77 -36.74 -45.23
C LEU DA 131 -13.43 -37.82 -44.21
N LEU DA 132 -13.26 -37.46 -42.95
CA LEU DA 132 -12.84 -38.46 -41.97
C LEU DA 132 -13.97 -39.48 -41.76
N PHE DA 133 -15.18 -38.99 -41.50
CA PHE DA 133 -16.29 -39.87 -41.15
C PHE DA 133 -16.66 -40.84 -42.25
N PRO DA 134 -16.78 -40.43 -43.52
CA PRO DA 134 -17.17 -41.40 -44.55
C PRO DA 134 -16.25 -42.60 -44.68
N SER DA 135 -14.93 -42.44 -44.53
CA SER DA 135 -14.05 -43.59 -44.69
C SER DA 135 -14.23 -44.60 -43.57
N VAL DA 136 -14.37 -44.13 -42.33
CA VAL DA 136 -14.57 -45.04 -41.23
C VAL DA 136 -15.95 -45.67 -41.32
N MET DA 137 -16.95 -44.90 -41.77
CA MET DA 137 -18.27 -45.48 -41.95
C MET DA 137 -18.28 -46.56 -43.02
N VAL DA 138 -17.53 -46.34 -44.10
CA VAL DA 138 -17.37 -47.38 -45.11
C VAL DA 138 -16.74 -48.63 -44.52
N VAL DA 139 -15.69 -48.47 -43.71
CA VAL DA 139 -15.05 -49.66 -43.14
C VAL DA 139 -15.99 -50.38 -42.18
N VAL DA 140 -16.68 -49.63 -41.33
CA VAL DA 140 -17.63 -50.22 -40.38
C VAL DA 140 -18.73 -50.97 -41.14
N GLU DA 141 -19.29 -50.34 -42.17
CA GLU DA 141 -20.35 -50.97 -42.93
C GLU DA 141 -19.85 -52.21 -43.65
N GLN DA 142 -18.59 -52.21 -44.08
CA GLN DA 142 -18.03 -53.41 -44.67
C GLN DA 142 -17.95 -54.54 -43.65
N ILE DA 143 -17.44 -54.23 -42.46
CA ILE DA 143 -17.41 -55.22 -41.39
C ILE DA 143 -18.80 -55.76 -41.10
N LYS DA 144 -19.79 -54.88 -41.05
CA LYS DA 144 -21.15 -55.30 -40.75
C LYS DA 144 -21.68 -56.19 -41.87
N SER DA 145 -21.52 -55.76 -43.11
CA SER DA 145 -22.12 -56.47 -44.23
C SER DA 145 -21.49 -57.85 -44.37
N GLN DA 146 -20.19 -57.94 -44.12
CA GLN DA 146 -19.49 -59.22 -44.22
C GLN DA 146 -19.60 -60.01 -42.93
N LYS DA 147 -20.27 -59.48 -41.92
CA LYS DA 147 -20.45 -60.17 -40.65
C LYS DA 147 -19.10 -60.60 -40.07
N ILE DA 148 -18.13 -59.70 -40.10
CA ILE DA 148 -16.81 -60.03 -39.60
C ILE DA 148 -16.92 -60.23 -38.10
N HIS DA 149 -16.38 -61.33 -37.60
CA HIS DA 149 -16.60 -61.72 -36.22
C HIS DA 149 -15.26 -61.97 -35.54
N GLY DA 150 -15.23 -61.64 -34.25
CA GLY DA 150 -14.04 -61.91 -33.46
C GLY DA 150 -12.80 -61.31 -34.08
N CYS DA 151 -11.73 -62.10 -34.10
CA CYS DA 151 -10.47 -61.65 -34.68
C CYS DA 151 -10.60 -61.34 -36.16
N GLN DA 152 -11.65 -61.83 -36.84
CA GLN DA 152 -11.81 -61.41 -38.22
C GLN DA 152 -12.12 -59.93 -38.32
N ILE DA 153 -12.64 -59.32 -37.26
CA ILE DA 153 -12.76 -57.87 -37.26
C ILE DA 153 -11.37 -57.26 -37.26
N LEU DA 154 -10.45 -57.85 -36.50
CA LEU DA 154 -9.07 -57.39 -36.50
C LEU DA 154 -8.48 -57.51 -37.89
N GLU DA 155 -8.72 -58.63 -38.56
CA GLU DA 155 -8.23 -58.81 -39.92
C GLU DA 155 -8.76 -57.73 -40.84
N THR DA 156 -10.06 -57.42 -40.73
CA THR DA 156 -10.66 -56.41 -41.59
C THR DA 156 -10.05 -55.04 -41.32
N VAL DA 157 -9.90 -54.69 -40.04
CA VAL DA 157 -9.32 -53.40 -39.69
C VAL DA 157 -7.89 -53.31 -40.20
N TYR DA 158 -7.11 -54.38 -40.08
CA TYR DA 158 -5.76 -54.38 -40.60
C TYR DA 158 -5.76 -54.12 -42.11
N LYS DA 159 -6.60 -54.86 -42.84
CA LYS DA 159 -6.75 -54.64 -44.27
C LYS DA 159 -7.10 -53.20 -44.59
N HIS DA 160 -7.96 -52.59 -43.79
CA HIS DA 160 -8.34 -51.20 -44.00
C HIS DA 160 -7.24 -50.23 -43.58
N SER DA 161 -6.35 -50.65 -42.69
CA SER DA 161 -5.26 -49.79 -42.25
C SER DA 161 -4.28 -49.44 -43.36
N CYS DA 162 -4.22 -50.26 -44.41
CA CYS DA 162 -3.36 -49.92 -45.54
C CYS DA 162 -3.90 -48.74 -46.34
N GLY DA 163 -5.03 -48.16 -45.94
CA GLY DA 163 -5.56 -47.01 -46.63
C GLY DA 163 -4.67 -45.79 -46.53
N GLY DA 164 -4.82 -44.91 -47.52
CA GLY DA 164 -4.07 -43.69 -47.73
C GLY DA 164 -4.47 -42.44 -46.96
N LEU DA 165 -5.50 -42.46 -46.13
CA LEU DA 165 -5.98 -41.22 -45.51
C LEU DA 165 -5.31 -41.04 -44.16
N PRO DA 166 -4.44 -40.05 -43.99
CA PRO DA 166 -3.69 -39.93 -42.73
C PRO DA 166 -4.63 -39.77 -41.54
N PRO DA 167 -5.68 -38.95 -41.67
CA PRO DA 167 -6.63 -38.84 -40.55
C PRO DA 167 -7.32 -40.17 -40.31
N VAL DA 168 -7.69 -40.83 -41.39
CA VAL DA 168 -8.29 -42.14 -41.29
C VAL DA 168 -7.28 -43.12 -40.72
N ARG DA 169 -6.04 -43.04 -41.18
CA ARG DA 169 -4.99 -43.91 -40.66
C ARG DA 169 -4.87 -43.78 -39.15
N SER DA 170 -4.79 -42.54 -38.64
CA SER DA 170 -4.68 -42.35 -37.20
C SER DA 170 -5.90 -42.87 -36.45
N ALA DA 171 -7.10 -42.63 -36.97
CA ALA DA 171 -8.30 -43.14 -36.30
C ALA DA 171 -8.29 -44.66 -36.26
N LEU DA 172 -7.96 -45.28 -37.39
CA LEU DA 172 -7.94 -46.73 -37.44
C LEU DA 172 -6.83 -47.28 -36.57
N GLU DA 173 -5.72 -46.55 -36.45
CA GLU DA 173 -4.67 -46.93 -35.52
C GLU DA 173 -5.19 -46.93 -34.09
N LYS DA 174 -5.99 -45.93 -33.72
CA LYS DA 174 -6.58 -45.95 -32.38
C LYS DA 174 -7.51 -47.15 -32.18
N ILE DA 175 -8.33 -47.44 -33.19
CA ILE DA 175 -9.21 -48.60 -33.10
C ILE DA 175 -8.38 -49.88 -32.99
N LEU DA 176 -7.36 -49.99 -33.83
CA LEU DA 176 -6.49 -51.14 -33.83
C LEU DA 176 -5.79 -51.29 -32.49
N ALA DA 177 -5.37 -50.18 -31.90
CA ALA DA 177 -4.74 -50.25 -30.59
C ALA DA 177 -5.70 -50.80 -29.54
N VAL DA 178 -6.98 -50.41 -29.60
CA VAL DA 178 -7.93 -50.99 -28.65
C VAL DA 178 -8.10 -52.49 -28.92
N CYS DA 179 -8.21 -52.85 -30.19
CA CYS DA 179 -8.37 -54.27 -30.53
C CYS DA 179 -7.14 -55.07 -30.16
N HIS DA 180 -5.95 -54.53 -30.38
CA HIS DA 180 -4.72 -55.17 -29.94
C HIS DA 180 -4.65 -55.29 -28.43
N GLY DA 181 -5.16 -54.30 -27.69
CA GLY DA 181 -5.25 -54.47 -26.26
C GLY DA 181 -6.14 -55.64 -25.86
N VAL DA 182 -7.18 -55.89 -26.65
CA VAL DA 182 -8.03 -57.04 -26.37
C VAL DA 182 -7.33 -58.32 -26.77
N MET DA 183 -6.77 -58.35 -27.98
CA MET DA 183 -6.03 -59.50 -28.45
C MET DA 183 -4.93 -59.87 -27.46
N TYR DA 184 -4.19 -58.88 -26.99
CA TYR DA 184 -3.13 -59.13 -26.02
C TYR DA 184 -3.68 -59.62 -24.69
N LYS DA 185 -4.86 -59.16 -24.27
CA LYS DA 185 -5.42 -59.70 -23.04
C LYS DA 185 -5.79 -61.18 -23.21
N GLN DA 186 -6.44 -61.51 -24.32
CA GLN DA 186 -6.77 -62.91 -24.59
C GLN DA 186 -5.52 -63.76 -24.74
N LEU DA 187 -4.50 -63.23 -25.42
CA LEU DA 187 -3.24 -63.94 -25.56
C LEU DA 187 -2.61 -64.18 -24.20
N SER DA 188 -2.62 -63.17 -23.33
CA SER DA 188 -2.08 -63.35 -22.00
C SER DA 188 -2.83 -64.43 -21.24
N ALA DA 189 -4.16 -64.42 -21.33
CA ALA DA 189 -4.93 -65.46 -20.64
C ALA DA 189 -4.58 -66.85 -21.16
N TRP DA 190 -4.49 -67.02 -22.48
CA TRP DA 190 -4.20 -68.34 -23.03
C TRP DA 190 -2.78 -68.77 -22.69
N MET DA 191 -1.81 -67.89 -22.96
CA MET DA 191 -0.40 -68.19 -22.86
C MET DA 191 0.12 -68.20 -21.43
N LEU DA 192 -0.55 -67.52 -20.51
CA LEU DA 192 -0.09 -67.47 -19.13
C LEU DA 192 -0.85 -68.41 -18.21
N HIS DA 193 -2.09 -68.75 -18.56
CA HIS DA 193 -2.91 -69.58 -17.71
C HIS DA 193 -3.58 -70.71 -18.48
N GLY DA 194 -3.38 -70.78 -19.80
CA GLY DA 194 -4.03 -71.81 -20.58
C GLY DA 194 -5.52 -71.68 -20.65
N LEU DA 195 -6.06 -70.52 -20.29
CA LEU DA 195 -7.50 -70.30 -20.20
C LEU DA 195 -7.99 -69.71 -21.51
N LEU DA 196 -8.77 -70.49 -22.26
CA LEU DA 196 -9.43 -70.00 -23.48
C LEU DA 196 -10.73 -69.32 -23.07
N LEU DA 197 -10.66 -68.01 -22.84
CA LEU DA 197 -11.83 -67.22 -22.50
C LEU DA 197 -12.50 -66.78 -23.80
N ASP DA 198 -13.27 -67.70 -24.39
CA ASP DA 198 -13.88 -67.47 -25.69
C ASP DA 198 -15.33 -67.94 -25.66
N GLN DA 199 -16.07 -67.47 -24.66
CA GLN DA 199 -17.46 -67.90 -24.49
C GLN DA 199 -18.29 -67.58 -25.72
N HIS DA 200 -17.90 -66.56 -26.49
CA HIS DA 200 -18.67 -66.11 -27.64
C HIS DA 200 -17.98 -66.39 -28.96
N GLU DA 201 -16.95 -67.24 -28.97
CA GLU DA 201 -16.22 -67.55 -30.20
C GLU DA 201 -15.65 -66.29 -30.86
N GLU DA 202 -15.11 -65.39 -30.03
CA GLU DA 202 -14.64 -64.10 -30.53
C GLU DA 202 -13.14 -64.08 -30.81
N PHE DA 203 -12.38 -65.00 -30.24
CA PHE DA 203 -10.94 -64.98 -30.39
C PHE DA 203 -10.52 -65.84 -31.57
N PHE DA 204 -9.45 -65.43 -32.25
CA PHE DA 204 -8.95 -66.14 -33.41
C PHE DA 204 -8.29 -67.45 -33.02
N ILE DA 205 -8.26 -67.73 -31.73
CA ILE DA 205 -7.84 -69.01 -31.18
C ILE DA 205 -9.09 -69.73 -30.68
N LYS DA 206 -9.23 -70.98 -31.06
CA LYS DA 206 -10.32 -71.85 -30.64
C LYS DA 206 -9.67 -73.04 -29.96
N GLN DA 207 -10.37 -73.68 -29.03
CA GLN DA 207 -9.86 -74.95 -28.55
C GLN DA 207 -10.09 -76.03 -29.60
N GLY DA 208 -8.99 -76.68 -29.99
CA GLY DA 208 -9.03 -77.85 -30.82
C GLY DA 208 -9.64 -79.02 -30.09
N PRO DA 209 -9.93 -80.11 -30.80
CA PRO DA 209 -10.41 -81.30 -30.11
C PRO DA 209 -9.39 -81.73 -29.08
N SER DA 210 -9.79 -81.70 -27.81
CA SER DA 210 -8.97 -82.26 -26.75
C SER DA 210 -8.60 -83.70 -27.08
N SER DA 211 -7.30 -83.96 -27.16
CA SER DA 211 -6.73 -85.29 -27.41
C SER DA 211 -7.70 -86.42 -27.14
N LYS DA 255 -6.16 -82.00 -29.94
CA LYS DA 255 -5.38 -80.79 -29.68
C LYS DA 255 -6.09 -79.91 -28.69
N GLN DA 256 -5.48 -79.67 -27.53
CA GLN DA 256 -6.08 -78.80 -26.54
C GLN DA 256 -6.30 -77.39 -27.08
N PHE DA 257 -5.48 -76.96 -28.04
CA PHE DA 257 -5.65 -75.67 -28.69
C PHE DA 257 -5.60 -75.79 -30.20
N SER DA 258 -6.24 -74.85 -30.88
CA SER DA 258 -6.24 -74.78 -32.33
C SER DA 258 -6.39 -73.32 -32.75
N LEU DA 259 -6.08 -73.05 -34.01
CA LEU DA 259 -6.24 -71.74 -34.60
C LEU DA 259 -7.65 -71.56 -35.16
N ARG DA 260 -8.24 -70.39 -34.92
CA ARG DA 260 -9.41 -69.94 -35.68
C ARG DA 260 -8.87 -69.16 -36.89
N VAL DA 261 -8.45 -69.93 -37.89
CA VAL DA 261 -7.83 -69.36 -39.09
C VAL DA 261 -8.77 -68.43 -39.83
N GLU DA 262 -10.07 -68.69 -39.78
CA GLU DA 262 -11.02 -67.83 -40.49
C GLU DA 262 -11.09 -66.42 -39.91
N ILE DA 263 -10.68 -66.23 -38.66
CA ILE DA 263 -10.67 -64.91 -38.04
C ILE DA 263 -9.27 -64.44 -37.71
N LEU DA 264 -8.24 -65.21 -38.04
CA LEU DA 264 -6.89 -64.80 -37.72
C LEU DA 264 -6.51 -63.52 -38.46
N PRO DA 265 -6.17 -62.44 -37.75
CA PRO DA 265 -5.74 -61.22 -38.41
C PRO DA 265 -4.44 -61.41 -39.18
N SER DA 266 -4.40 -60.88 -40.40
CA SER DA 266 -3.24 -61.08 -41.27
C SER DA 266 -1.97 -60.47 -40.68
N TYR DA 267 -2.12 -59.52 -39.76
CA TYR DA 267 -1.00 -58.88 -39.10
C TYR DA 267 -0.37 -59.75 -38.01
N ILE DA 268 -0.89 -60.94 -37.79
CA ILE DA 268 -0.24 -61.92 -36.92
C ILE DA 268 0.39 -62.98 -37.82
N PRO DA 269 1.71 -62.99 -37.97
CA PRO DA 269 2.33 -63.99 -38.83
C PRO DA 269 2.04 -65.41 -38.35
N VAL DA 270 1.89 -66.31 -39.32
CA VAL DA 270 1.62 -67.72 -39.00
C VAL DA 270 2.65 -68.29 -38.04
N ARG DA 271 3.93 -67.99 -38.28
CA ARG DA 271 4.98 -68.41 -37.35
C ARG DA 271 4.76 -67.84 -35.95
N VAL DA 272 4.14 -66.67 -35.85
CA VAL DA 272 3.90 -66.09 -34.54
C VAL DA 272 2.69 -66.72 -33.89
N ALA DA 273 1.64 -67.00 -34.67
CA ALA DA 273 0.51 -67.72 -34.13
C ALA DA 273 0.92 -69.11 -33.66
N GLU DA 274 1.82 -69.77 -34.40
CA GLU DA 274 2.36 -71.05 -33.98
C GLU DA 274 3.19 -70.93 -32.70
N LYS DA 275 4.00 -69.88 -32.58
CA LYS DA 275 4.73 -69.68 -31.34
C LYS DA 275 3.79 -69.47 -30.17
N ILE DA 276 2.73 -68.68 -30.36
CA ILE DA 276 1.76 -68.45 -29.31
C ILE DA 276 1.02 -69.74 -28.96
N LEU DA 277 0.66 -70.52 -29.97
CA LEU DA 277 0.03 -71.81 -29.72
C LEU DA 277 0.92 -72.70 -28.87
N PHE DA 278 2.17 -72.86 -29.28
CA PHE DA 278 3.10 -73.67 -28.49
C PHE DA 278 3.22 -73.15 -27.06
N VAL DA 279 3.35 -71.83 -26.92
CA VAL DA 279 3.49 -71.23 -25.59
C VAL DA 279 2.29 -71.55 -24.73
N GLY DA 280 1.08 -71.30 -25.25
CA GLY DA 280 -0.11 -71.50 -24.44
C GLY DA 280 -0.41 -72.96 -24.18
N GLU DA 281 -0.12 -73.84 -25.14
CA GLU DA 281 -0.19 -75.27 -24.89
C GLU DA 281 0.75 -75.66 -23.75
N SER DA 282 1.98 -75.16 -23.78
CA SER DA 282 2.93 -75.50 -22.72
C SER DA 282 2.47 -74.96 -21.37
N VAL DA 283 1.95 -73.74 -21.34
CA VAL DA 283 1.48 -73.15 -20.09
C VAL DA 283 0.31 -73.97 -19.55
N GLN DA 284 -0.65 -74.30 -20.41
CA GLN DA 284 -1.80 -75.07 -19.98
C GLN DA 284 -1.38 -76.46 -19.50
N MET DA 285 -0.45 -77.10 -20.21
CA MET DA 285 0.02 -78.41 -19.78
C MET DA 285 0.77 -78.34 -18.45
N PHE DA 286 1.51 -77.26 -18.22
CA PHE DA 286 2.22 -77.11 -16.96
C PHE DA 286 1.23 -76.92 -15.82
N GLU DA 287 0.25 -76.03 -16.01
CA GLU DA 287 -0.77 -75.85 -14.96
C GLU DA 287 -1.56 -77.13 -14.73
N ASN DA 288 -1.97 -77.79 -15.82
CA ASN DA 288 -2.71 -79.04 -15.74
C ASN DA 288 -1.91 -80.14 -15.06
N GLN DA 289 -0.59 -80.07 -15.08
CA GLN DA 289 0.19 -81.12 -14.44
C GLN DA 289 0.63 -80.74 -13.04
N ASN DA 290 0.79 -79.45 -12.75
CA ASN DA 290 0.87 -79.04 -11.36
C ASN DA 290 -0.43 -79.35 -10.63
N VAL DA 291 -1.54 -79.42 -11.38
CA VAL DA 291 -2.80 -79.88 -10.81
C VAL DA 291 -2.74 -81.36 -10.50
N ASN DA 292 -2.02 -82.12 -11.32
CA ASN DA 292 -1.92 -83.56 -11.16
C ASN DA 292 -0.64 -83.92 -10.42
N ILE DA 299 5.82 -73.05 -15.63
CA ILE DA 299 7.15 -73.21 -16.21
C ILE DA 299 7.88 -71.87 -16.25
N LEU DA 300 7.10 -70.78 -16.30
CA LEU DA 300 7.65 -69.44 -16.26
C LEU DA 300 7.90 -68.94 -14.85
N LYS DA 301 7.51 -69.71 -13.84
CA LYS DA 301 7.68 -69.33 -12.44
C LYS DA 301 7.21 -67.90 -12.18
N ASP DA 302 8.11 -67.05 -11.67
CA ASP DA 302 7.79 -65.68 -11.28
C ASP DA 302 7.90 -64.68 -12.42
N GLN DA 303 8.17 -65.11 -13.65
CA GLN DA 303 8.35 -64.17 -14.74
C GLN DA 303 7.04 -63.86 -15.45
N GLU DA 304 5.95 -64.54 -15.10
CA GLU DA 304 4.66 -64.27 -15.70
C GLU DA 304 4.30 -62.80 -15.53
N ASP DA 305 4.42 -62.28 -14.30
CA ASP DA 305 4.12 -60.88 -14.04
C ASP DA 305 5.05 -59.94 -14.81
N THR DA 306 6.31 -60.32 -14.97
CA THR DA 306 7.24 -59.46 -15.70
C THR DA 306 6.81 -59.36 -17.17
N PHE DA 307 6.48 -60.50 -17.77
CA PHE DA 307 6.04 -60.49 -19.15
C PHE DA 307 4.69 -59.78 -19.28
N ALA DA 308 3.84 -59.91 -18.26
CA ALA DA 308 2.60 -59.14 -18.22
C ALA DA 308 2.88 -57.64 -18.22
N ALA DA 309 3.86 -57.20 -17.44
CA ALA DA 309 4.22 -55.79 -17.43
C ALA DA 309 4.73 -55.34 -18.79
N GLU DA 310 5.52 -56.19 -19.45
CA GLU DA 310 6.00 -55.84 -20.78
C GLU DA 310 4.84 -55.74 -21.77
N LEU DA 311 3.93 -56.70 -21.71
CA LEU DA 311 2.73 -56.65 -22.55
C LEU DA 311 1.89 -55.42 -22.25
N HIS DA 312 1.81 -55.03 -20.98
CA HIS DA 312 1.11 -53.81 -20.62
C HIS DA 312 1.77 -52.60 -21.26
N ARG DA 313 3.10 -52.54 -21.23
CA ARG DA 313 3.79 -51.45 -21.90
C ARG DA 313 3.49 -51.44 -23.39
N LEU DA 314 3.47 -52.62 -24.00
CA LEU DA 314 3.10 -52.70 -25.42
C LEU DA 314 1.67 -52.21 -25.65
N LYS DA 315 0.74 -52.62 -24.80
CA LYS DA 315 -0.62 -52.12 -24.91
C LYS DA 315 -0.66 -50.62 -24.73
N GLN DA 316 0.24 -50.07 -23.93
CA GLN DA 316 0.30 -48.63 -23.75
C GLN DA 316 0.98 -47.95 -24.92
N GLN DA 317 1.59 -48.72 -25.80
CA GLN DA 317 2.20 -48.12 -26.98
C GLN DA 317 1.09 -47.62 -27.91
N PRO DA 318 1.25 -46.44 -28.51
CA PRO DA 318 0.20 -45.95 -29.40
C PRO DA 318 0.05 -46.76 -30.67
N LEU DA 319 1.10 -47.42 -31.14
CA LEU DA 319 1.06 -48.22 -32.35
C LEU DA 319 1.44 -49.66 -32.04
N PHE DA 320 0.74 -50.61 -32.66
CA PHE DA 320 1.10 -52.01 -32.53
C PHE DA 320 2.36 -52.30 -33.35
N SER DA 321 3.37 -52.86 -32.68
CA SER DA 321 4.60 -53.28 -33.36
C SER DA 321 4.66 -54.80 -33.32
N LEU DA 322 4.46 -55.42 -34.48
CA LEU DA 322 4.58 -56.86 -34.58
C LEU DA 322 5.97 -57.31 -34.18
N VAL DA 323 6.99 -56.51 -34.49
CA VAL DA 323 8.36 -56.90 -34.19
C VAL DA 323 8.57 -56.97 -32.69
N ASP DA 324 8.16 -55.94 -31.96
CA ASP DA 324 8.36 -55.94 -30.52
C ASP DA 324 7.50 -57.00 -29.84
N PHE DA 325 6.26 -57.16 -30.32
CA PHE DA 325 5.41 -58.22 -29.78
C PHE DA 325 6.08 -59.58 -29.94
N GLU DA 326 6.51 -59.88 -31.16
CA GLU DA 326 7.16 -61.16 -31.42
C GLU DA 326 8.44 -61.32 -30.60
N GLN DA 327 9.20 -60.24 -30.43
CA GLN DA 327 10.42 -60.34 -29.62
C GLN DA 327 10.11 -60.71 -28.18
N VAL DA 328 9.08 -60.10 -27.59
CA VAL DA 328 8.73 -60.44 -26.22
C VAL DA 328 8.20 -61.87 -26.16
N VAL DA 329 7.34 -62.24 -27.11
CA VAL DA 329 6.83 -63.60 -27.16
C VAL DA 329 7.97 -64.60 -27.29
N ASP DA 330 8.95 -64.30 -28.14
CA ASP DA 330 10.08 -65.20 -28.34
C ASP DA 330 10.91 -65.33 -27.07
N ARG DA 331 11.07 -64.23 -26.32
CA ARG DA 331 11.81 -64.33 -25.07
C ARG DA 331 11.08 -65.22 -24.08
N ILE DA 332 9.78 -65.02 -23.92
CA ILE DA 332 9.00 -65.87 -23.03
C ILE DA 332 9.08 -67.32 -23.49
N ARG DA 333 8.88 -67.55 -24.79
CA ARG DA 333 8.95 -68.89 -25.36
C ARG DA 333 10.29 -69.54 -25.07
N SER DA 334 11.39 -68.80 -25.26
CA SER DA 334 12.71 -69.37 -25.04
C SER DA 334 12.93 -69.72 -23.57
N THR DA 335 12.48 -68.86 -22.66
CA THR DA 335 12.59 -69.20 -21.24
C THR DA 335 11.80 -70.46 -20.92
N VAL DA 336 10.57 -70.54 -21.43
CA VAL DA 336 9.72 -71.71 -21.19
C VAL DA 336 10.37 -72.95 -21.76
N ALA DA 337 10.87 -72.86 -23.00
CA ALA DA 337 11.47 -74.01 -23.67
C ALA DA 337 12.71 -74.50 -22.93
N GLU DA 338 13.53 -73.58 -22.43
CA GLU DA 338 14.70 -74.00 -21.67
C GLU DA 338 14.29 -74.66 -20.36
N HIS DA 339 13.26 -74.13 -19.70
CA HIS DA 339 12.79 -74.76 -18.47
C HIS DA 339 12.25 -76.16 -18.73
N LEU DA 340 11.41 -76.30 -19.76
CA LEU DA 340 10.89 -77.61 -20.14
C LEU DA 340 12.00 -78.56 -20.53
N TRP DA 341 13.01 -78.08 -21.24
CA TRP DA 341 14.15 -78.92 -21.60
C TRP DA 341 14.85 -79.44 -20.35
N LYS DA 342 15.15 -78.56 -19.39
CA LYS DA 342 15.78 -79.00 -18.16
C LYS DA 342 14.92 -80.05 -17.47
N LEU DA 343 13.62 -79.79 -17.38
CA LEU DA 343 12.70 -80.72 -16.72
C LEU DA 343 12.69 -82.07 -17.42
N MET DA 344 12.72 -82.07 -18.75
CA MET DA 344 12.61 -83.31 -19.50
C MET DA 344 13.89 -84.11 -19.42
N VAL DA 345 15.05 -83.45 -19.52
CA VAL DA 345 16.31 -84.16 -19.57
C VAL DA 345 16.67 -84.66 -18.17
N GLU DA 346 16.56 -83.80 -17.17
CA GLU DA 346 16.96 -84.16 -15.81
C GLU DA 346 15.81 -84.85 -15.08
N GLU DA 347 14.62 -84.26 -15.11
CA GLU DA 347 13.50 -84.74 -14.32
C GLU DA 347 12.84 -85.98 -14.91
N SER DA 348 12.86 -86.15 -16.24
CA SER DA 348 12.09 -87.22 -16.88
C SER DA 348 12.95 -88.38 -17.38
N ASP DA 349 14.25 -88.38 -17.10
CA ASP DA 349 15.16 -89.46 -17.49
C ASP DA 349 14.91 -89.91 -18.94
N LEU DA 350 14.96 -88.92 -19.84
CA LEU DA 350 14.78 -89.24 -21.26
C LEU DA 350 15.76 -90.32 -21.70
N LEU DA 351 16.98 -90.30 -21.17
CA LEU DA 351 17.97 -91.29 -21.58
C LEU DA 351 17.54 -92.69 -21.17
N GLY DA 352 17.04 -92.84 -19.94
CA GLY DA 352 16.51 -94.13 -19.52
C GLY DA 352 15.37 -94.62 -20.39
N GLN DA 353 14.43 -93.72 -20.71
CA GLN DA 353 13.29 -94.13 -21.52
C GLN DA 353 13.70 -94.48 -22.94
N LEU DA 354 14.64 -93.73 -23.52
CA LEU DA 354 15.16 -94.07 -24.84
C LEU DA 354 15.92 -95.40 -24.83
N LYS DA 355 16.66 -95.69 -23.77
CA LYS DA 355 17.33 -96.98 -23.68
C LYS DA 355 16.31 -98.11 -23.58
N ILE DA 356 15.24 -97.91 -22.82
CA ILE DA 356 14.18 -98.92 -22.75
C ILE DA 356 13.54 -99.12 -24.12
N ILE DA 357 13.20 -98.03 -24.80
CA ILE DA 357 12.59 -98.13 -26.14
C ILE DA 357 13.52 -98.87 -27.10
N LYS DA 358 14.81 -98.55 -27.07
CA LYS DA 358 15.76 -99.26 -27.92
C LYS DA 358 15.80 -100.75 -27.59
N ASP DA 359 15.95 -101.08 -26.31
CA ASP DA 359 16.12 -102.47 -25.93
C ASP DA 359 14.88 -103.30 -26.25
N PHE DA 360 13.69 -102.74 -26.06
CA PHE DA 360 12.46 -103.51 -26.20
C PHE DA 360 11.73 -103.21 -27.50
N TYR DA 361 11.32 -101.95 -27.71
CA TYR DA 361 10.60 -101.62 -28.92
C TYR DA 361 11.47 -101.76 -30.16
N LEU DA 362 12.76 -101.48 -30.03
CA LEU DA 362 13.68 -101.55 -31.15
C LEU DA 362 14.54 -102.80 -31.13
N LEU DA 363 14.28 -103.73 -30.21
CA LEU DA 363 15.04 -104.97 -30.15
C LEU DA 363 16.55 -104.71 -30.05
N GLY DA 364 16.91 -103.60 -29.40
CA GLY DA 364 18.33 -103.29 -29.23
C GLY DA 364 19.11 -104.38 -28.53
N ARG DA 365 18.48 -105.11 -27.62
CA ARG DA 365 19.09 -106.28 -26.98
C ARG DA 365 18.81 -107.50 -27.86
N GLY DA 366 19.56 -107.58 -28.96
CA GLY DA 366 19.35 -108.66 -29.92
C GLY DA 366 19.50 -110.05 -29.31
N GLU DA 367 20.44 -110.21 -28.38
CA GLU DA 367 20.58 -111.49 -27.69
C GLU DA 367 19.38 -111.77 -26.79
N LEU DA 368 18.90 -110.74 -26.09
CA LEU DA 368 17.71 -110.91 -25.25
C LEU DA 368 16.51 -111.29 -26.10
N PHE DA 369 16.29 -110.57 -27.20
CA PHE DA 369 15.15 -110.86 -28.07
C PHE DA 369 15.28 -112.22 -28.75
N GLN DA 370 16.50 -112.66 -29.03
CA GLN DA 370 16.70 -114.04 -29.49
C GLN DA 370 16.23 -115.03 -28.43
N ALA DA 371 16.68 -114.85 -27.19
CA ALA DA 371 16.27 -115.73 -26.10
C ALA DA 371 14.75 -115.68 -25.90
N PHE DA 372 14.16 -114.49 -26.08
CA PHE DA 372 12.71 -114.35 -25.97
C PHE DA 372 12.00 -115.11 -27.08
N ILE DA 373 12.49 -114.99 -28.31
CA ILE DA 373 11.94 -115.78 -29.42
C ILE DA 373 12.02 -117.26 -29.08
N ASP DA 374 13.16 -117.71 -28.58
CA ASP DA 374 13.32 -119.13 -28.25
C ASP DA 374 12.33 -119.55 -27.17
N THR DA 375 12.05 -118.67 -26.20
CA THR DA 375 11.12 -119.03 -25.14
C THR DA 375 9.68 -119.02 -25.62
N ALA DA 376 9.34 -118.05 -26.46
CA ALA DA 376 7.97 -117.83 -26.91
C ALA DA 376 7.60 -118.60 -28.18
N GLN DA 377 8.55 -119.30 -28.79
CA GLN DA 377 8.28 -119.98 -30.05
C GLN DA 377 7.04 -120.85 -29.93
N HIS DA 378 6.86 -121.51 -28.80
CA HIS DA 378 5.72 -122.42 -28.66
C HIS DA 378 4.43 -121.63 -28.51
N MET DA 379 4.47 -120.52 -27.78
CA MET DA 379 3.27 -119.72 -27.56
C MET DA 379 2.90 -118.92 -28.79
N LEU DA 380 3.88 -118.48 -29.58
CA LEU DA 380 3.63 -117.65 -30.74
C LEU DA 380 3.52 -118.45 -32.04
N LYS DA 381 3.80 -119.76 -32.00
CA LYS DA 381 3.56 -120.58 -33.17
C LYS DA 381 2.07 -120.73 -33.46
N THR DA 382 1.26 -120.79 -32.42
CA THR DA 382 -0.18 -120.89 -32.58
C THR DA 382 -0.81 -119.51 -32.64
N PRO DA 383 -2.00 -119.40 -33.21
CA PRO DA 383 -2.74 -118.14 -33.14
C PRO DA 383 -2.92 -117.71 -31.70
N PRO DA 384 -2.89 -116.41 -31.42
CA PRO DA 384 -2.97 -115.97 -30.03
C PRO DA 384 -4.32 -116.29 -29.43
N THR DA 385 -4.29 -116.61 -28.14
CA THR DA 385 -5.48 -116.82 -27.33
C THR DA 385 -5.47 -115.79 -26.20
N ALA DA 386 -6.57 -115.78 -25.44
CA ALA DA 386 -6.64 -114.86 -24.31
C ALA DA 386 -5.55 -115.15 -23.29
N VAL DA 387 -5.01 -116.37 -23.29
CA VAL DA 387 -3.91 -116.72 -22.38
C VAL DA 387 -2.55 -116.71 -23.07
N THR DA 388 -2.52 -116.67 -24.40
CA THR DA 388 -1.24 -116.74 -25.10
C THR DA 388 -0.36 -115.54 -24.73
N GLU DA 389 -0.97 -114.36 -24.60
CA GLU DA 389 -0.23 -113.18 -24.17
C GLU DA 389 0.31 -113.35 -22.76
N HIS DA 390 -0.49 -113.92 -21.85
CA HIS DA 390 -0.02 -114.13 -20.48
C HIS DA 390 1.17 -115.09 -20.49
N ASP DA 391 1.03 -116.21 -21.20
CA ASP DA 391 2.10 -117.20 -21.23
C ASP DA 391 3.36 -116.63 -21.88
N VAL DA 392 3.18 -115.80 -22.90
CA VAL DA 392 4.32 -115.16 -23.56
C VAL DA 392 5.01 -114.20 -22.62
N ASN DA 393 4.23 -113.44 -21.83
CA ASN DA 393 4.86 -112.52 -20.87
C ASN DA 393 5.58 -113.28 -19.77
N VAL DA 394 5.02 -114.41 -19.33
CA VAL DA 394 5.72 -115.26 -18.38
C VAL DA 394 7.02 -115.78 -18.98
N ALA DA 395 6.97 -116.22 -20.23
CA ALA DA 395 8.19 -116.67 -20.91
C ALA DA 395 9.20 -115.54 -21.04
N PHE DA 396 8.72 -114.32 -21.28
CA PHE DA 396 9.61 -113.17 -21.38
C PHE DA 396 10.29 -112.88 -20.04
N GLN DA 397 9.53 -112.93 -18.95
CA GLN DA 397 10.13 -112.78 -17.62
C GLN DA 397 11.16 -113.89 -17.36
N GLN DA 398 10.82 -115.13 -17.72
CA GLN DA 398 11.77 -116.22 -17.58
C GLN DA 398 13.02 -116.00 -18.43
N SER DA 399 12.87 -115.42 -19.62
CA SER DA 399 14.02 -115.17 -20.47
C SER DA 399 14.87 -114.04 -19.90
N ALA DA 400 14.22 -113.02 -19.33
CA ALA DA 400 14.95 -111.98 -18.62
C ALA DA 400 15.76 -112.57 -17.46
N HIS DA 401 15.15 -113.47 -16.70
CA HIS DA 401 15.90 -114.16 -15.64
C HIS DA 401 17.05 -114.96 -16.23
N LYS DA 402 16.81 -115.68 -17.34
CA LYS DA 402 17.87 -116.44 -17.99
C LYS DA 402 19.02 -115.54 -18.43
N VAL DA 403 18.73 -114.30 -18.78
CA VAL DA 403 19.75 -113.34 -19.16
C VAL DA 403 20.10 -112.42 -18.00
N LEU DA 404 19.71 -112.81 -16.78
CA LEU DA 404 20.05 -112.08 -15.56
C LEU DA 404 19.45 -110.68 -15.59
N LEU DA 405 18.27 -110.55 -16.20
CA LEU DA 405 17.49 -109.32 -16.18
C LEU DA 405 16.51 -109.28 -15.01
N ASP DA 406 16.68 -110.16 -14.03
CA ASP DA 406 15.71 -110.28 -12.94
C ASP DA 406 15.64 -109.00 -12.13
N ASP DA 407 16.75 -108.25 -12.07
CA ASP DA 407 16.85 -107.05 -11.25
C ASP DA 407 16.25 -105.82 -11.93
N ASP DA 408 15.86 -105.92 -13.19
CA ASP DA 408 15.31 -104.78 -13.91
C ASP DA 408 13.86 -104.60 -13.49
N ASN DA 409 13.60 -103.54 -12.72
CA ASN DA 409 12.26 -103.10 -12.38
C ASN DA 409 11.38 -102.76 -13.58
N LEU DA 410 11.86 -102.97 -14.80
CA LEU DA 410 11.12 -102.53 -15.98
C LEU DA 410 10.21 -103.62 -16.53
N LEU DA 411 10.55 -104.88 -16.36
CA LEU DA 411 9.68 -105.94 -16.84
C LEU DA 411 8.27 -105.81 -16.28
N PRO DA 412 8.07 -105.46 -15.00
CA PRO DA 412 6.70 -105.25 -14.53
C PRO DA 412 6.04 -104.03 -15.14
N LEU DA 413 6.82 -103.10 -15.70
CA LEU DA 413 6.25 -101.96 -16.40
C LEU DA 413 5.93 -102.31 -17.84
N LEU DA 414 6.47 -103.43 -18.32
CA LEU DA 414 6.37 -103.84 -19.71
C LEU DA 414 5.57 -105.12 -19.78
N HIS DA 415 4.59 -105.15 -20.68
CA HIS DA 415 3.71 -106.30 -20.82
C HIS DA 415 3.54 -106.61 -22.30
N LEU DA 416 3.83 -107.85 -22.67
CA LEU DA 416 3.61 -108.29 -24.04
C LEU DA 416 2.13 -108.45 -24.30
N THR DA 417 1.66 -107.86 -25.39
CA THR DA 417 0.27 -107.92 -25.79
C THR DA 417 0.11 -108.92 -26.94
N ILE DA 418 -1.09 -109.51 -27.02
CA ILE DA 418 -1.43 -110.42 -28.11
C ILE DA 418 -2.69 -109.89 -28.78
N GLU DA 419 -2.59 -109.57 -30.06
CA GLU DA 419 -3.78 -109.22 -30.85
C GLU DA 419 -4.58 -110.49 -31.08
N TYR DA 420 -5.68 -110.63 -30.34
CA TYR DA 420 -6.52 -111.81 -30.39
C TYR DA 420 -7.96 -111.33 -30.57
N HIS DA 421 -8.59 -111.71 -31.69
CA HIS DA 421 -9.93 -111.20 -31.92
C HIS DA 421 -10.89 -111.71 -30.86
N GLY DA 422 -10.51 -112.78 -30.14
CA GLY DA 422 -11.30 -113.23 -29.02
C GLY DA 422 -11.11 -112.39 -27.78
N LYS DA 423 -10.20 -111.41 -27.86
CA LYS DA 423 -10.00 -110.48 -26.75
C LYS DA 423 -11.13 -109.45 -26.65
N GLU DA 424 -11.89 -109.26 -27.72
CA GLU DA 424 -12.89 -108.20 -27.77
C GLU DA 424 -14.17 -108.57 -27.03
N HIS DA 425 -14.30 -109.81 -26.55
CA HIS DA 425 -15.51 -110.24 -25.87
C HIS DA 425 -15.39 -110.03 -24.37
N GLU DA 444 -10.21 -109.14 -37.31
CA GLU DA 444 -9.87 -110.51 -37.66
C GLU DA 444 -8.85 -111.09 -36.68
N ALA DA 445 -9.14 -112.28 -36.15
CA ALA DA 445 -8.24 -112.89 -35.20
C ALA DA 445 -6.88 -113.13 -35.85
N PRO DA 446 -5.79 -112.83 -35.15
CA PRO DA 446 -4.46 -112.97 -35.75
C PRO DA 446 -4.18 -114.42 -36.16
N ALA DA 447 -3.75 -114.60 -37.41
CA ALA DA 447 -3.55 -115.94 -37.95
C ALA DA 447 -2.50 -116.72 -37.17
N SER DA 448 -1.61 -116.04 -36.43
CA SER DA 448 -0.63 -116.72 -35.61
C SER DA 448 -0.30 -115.86 -34.41
N GLY DA 449 0.21 -116.50 -33.36
CA GLY DA 449 0.69 -115.75 -32.21
C GLY DA 449 1.80 -114.78 -32.56
N TRP DA 450 2.64 -115.12 -33.54
CA TRP DA 450 3.68 -114.19 -33.96
C TRP DA 450 3.08 -112.93 -34.54
N ALA DA 451 2.01 -113.07 -35.33
CA ALA DA 451 1.33 -111.90 -35.86
C ALA DA 451 0.54 -111.16 -34.78
N ALA DA 452 0.12 -111.86 -33.74
CA ALA DA 452 -0.61 -111.23 -32.65
C ALA DA 452 0.29 -110.61 -31.58
N LEU DA 453 1.59 -110.85 -31.62
CA LEU DA 453 2.45 -110.43 -30.52
C LEU DA 453 2.69 -108.93 -30.56
N GLY DA 454 2.40 -108.25 -29.44
CA GLY DA 454 2.79 -106.87 -29.25
C GLY DA 454 3.62 -106.69 -27.99
N LEU DA 455 4.07 -105.45 -27.81
CA LEU DA 455 4.79 -105.01 -26.63
C LEU DA 455 4.08 -103.82 -25.99
N SER DA 456 3.99 -103.82 -24.67
CA SER DA 456 3.50 -102.65 -23.93
C SER DA 456 4.64 -102.06 -23.11
N TYR DA 457 4.73 -100.74 -23.13
CA TYR DA 457 5.72 -99.99 -22.36
C TYR DA 457 5.00 -99.01 -21.43
N LYS DA 458 5.27 -99.14 -20.13
CA LYS DA 458 4.66 -98.25 -19.14
C LYS DA 458 5.39 -96.90 -19.21
N VAL DA 459 4.94 -96.06 -20.15
CA VAL DA 459 5.52 -94.73 -20.29
C VAL DA 459 5.22 -93.92 -19.04
N GLN DA 460 6.26 -93.36 -18.45
CA GLN DA 460 6.10 -92.46 -17.30
C GLN DA 460 6.00 -91.02 -17.76
N TRP DA 461 5.34 -90.20 -16.93
CA TRP DA 461 5.33 -88.77 -17.17
C TRP DA 461 6.76 -88.25 -17.16
N PRO DA 462 7.11 -87.34 -18.09
CA PRO DA 462 6.28 -86.68 -19.11
C PRO DA 462 6.29 -87.40 -20.45
N LEU DA 463 6.95 -88.56 -20.53
CA LEU DA 463 7.19 -89.18 -21.84
C LEU DA 463 5.90 -89.54 -22.56
N HIS DA 464 4.78 -89.67 -21.85
CA HIS DA 464 3.50 -89.88 -22.53
C HIS DA 464 3.12 -88.70 -23.41
N ILE DA 465 3.72 -87.54 -23.18
CA ILE DA 465 3.62 -86.41 -24.11
C ILE DA 465 4.26 -86.76 -25.45
N LEU DA 466 5.33 -87.55 -25.42
CA LEU DA 466 6.08 -87.90 -26.61
C LEU DA 466 5.53 -89.14 -27.29
N PHE DA 467 5.25 -90.18 -26.51
CA PHE DA 467 4.73 -91.44 -27.07
C PHE DA 467 3.24 -91.28 -27.34
N THR DA 468 2.95 -90.42 -28.32
CA THR DA 468 1.61 -90.25 -28.83
C THR DA 468 1.16 -91.53 -29.52
N PRO DA 469 -0.14 -91.71 -29.72
CA PRO DA 469 -0.60 -92.92 -30.42
C PRO DA 469 0.09 -93.12 -31.77
N ALA DA 470 0.34 -92.06 -32.52
CA ALA DA 470 1.07 -92.22 -33.77
C ALA DA 470 2.50 -92.68 -33.49
N VAL DA 471 3.12 -92.13 -32.45
CA VAL DA 471 4.46 -92.55 -32.07
C VAL DA 471 4.47 -94.00 -31.59
N LEU DA 472 3.48 -94.37 -30.78
CA LEU DA 472 3.43 -95.75 -30.32
C LEU DA 472 3.14 -96.72 -31.46
N GLU DA 473 2.39 -96.28 -32.47
CA GLU DA 473 2.17 -97.12 -33.65
C GLU DA 473 3.46 -97.29 -34.44
N LYS DA 474 4.21 -96.20 -34.63
CA LYS DA 474 5.51 -96.32 -35.26
C LYS DA 474 6.45 -97.25 -34.49
N TYR DA 475 6.45 -97.15 -33.17
CA TYR DA 475 7.27 -98.04 -32.36
C TYR DA 475 6.84 -99.50 -32.51
N ASN DA 476 5.53 -99.74 -32.57
CA ASN DA 476 5.04 -101.10 -32.79
C ASN DA 476 5.46 -101.61 -34.16
N VAL DA 477 5.39 -100.75 -35.18
CA VAL DA 477 5.83 -101.13 -36.51
C VAL DA 477 7.31 -101.52 -36.49
N VAL DA 478 8.13 -100.72 -35.81
CA VAL DA 478 9.56 -101.02 -35.74
C VAL DA 478 9.79 -102.35 -35.01
N PHE DA 479 9.08 -102.55 -33.91
CA PHE DA 479 9.18 -103.81 -33.18
C PHE DA 479 8.85 -104.98 -34.09
N LYS DA 480 7.69 -104.90 -34.77
CA LYS DA 480 7.27 -105.97 -35.66
C LYS DA 480 8.30 -106.24 -36.74
N TYR DA 481 8.86 -105.18 -37.35
CA TYR DA 481 9.83 -105.37 -38.41
C TYR DA 481 11.08 -106.05 -37.89
N LEU DA 482 11.63 -105.55 -36.79
CA LEU DA 482 12.83 -106.16 -36.21
C LEU DA 482 12.58 -107.60 -35.82
N LEU DA 483 11.41 -107.89 -35.25
CA LEU DA 483 11.08 -109.26 -34.87
C LEU DA 483 10.96 -110.17 -36.09
N SER DA 484 10.34 -109.68 -37.17
CA SER DA 484 10.27 -110.46 -38.40
C SER DA 484 11.67 -110.78 -38.93
N VAL DA 485 12.52 -109.77 -39.03
CA VAL DA 485 13.87 -109.97 -39.51
C VAL DA 485 14.61 -110.98 -38.62
N ARG DA 486 14.49 -110.81 -37.30
CA ARG DA 486 15.19 -111.71 -36.38
C ARG DA 486 14.66 -113.12 -36.47
N ARG DA 487 13.34 -113.29 -36.66
CA ARG DA 487 12.78 -114.62 -36.84
C ARG DA 487 13.32 -115.30 -38.09
N VAL DA 488 13.34 -114.59 -39.20
CA VAL DA 488 13.90 -115.16 -40.42
C VAL DA 488 15.37 -115.53 -40.22
N GLN DA 489 16.15 -114.63 -39.60
CA GLN DA 489 17.55 -114.91 -39.33
C GLN DA 489 17.73 -116.14 -38.45
N ALA DA 490 16.99 -116.21 -37.34
CA ALA DA 490 17.10 -117.34 -36.44
C ALA DA 490 16.71 -118.65 -37.13
N GLU DA 491 15.66 -118.64 -37.94
CA GLU DA 491 15.28 -119.86 -38.63
C GLU DA 491 16.35 -120.30 -39.62
N LEU DA 492 16.96 -119.34 -40.34
CA LEU DA 492 18.03 -119.69 -41.26
C LEU DA 492 19.24 -120.24 -40.51
N GLN DA 493 19.55 -119.65 -39.35
CA GLN DA 493 20.65 -120.14 -38.53
C GLN DA 493 20.37 -121.55 -37.99
N HIS DA 494 19.13 -121.81 -37.58
CA HIS DA 494 18.76 -123.15 -37.15
C HIS DA 494 18.89 -124.16 -38.28
N CYS DA 495 18.45 -123.79 -39.49
CA CYS DA 495 18.63 -124.69 -40.63
C CYS DA 495 20.10 -124.94 -40.92
N TRP DA 496 20.94 -123.92 -40.79
CA TRP DA 496 22.39 -124.12 -40.92
C TRP DA 496 22.91 -125.07 -39.85
N ALA DA 497 22.46 -124.89 -38.61
CA ALA DA 497 22.89 -125.77 -37.54
C ALA DA 497 22.48 -127.21 -37.82
N LEU DA 498 21.25 -127.42 -38.28
CA LEU DA 498 20.79 -128.74 -38.67
C LEU DA 498 21.65 -129.34 -39.78
N GLN DA 499 22.01 -128.52 -40.77
CA GLN DA 499 22.89 -129.01 -41.83
C GLN DA 499 24.26 -129.37 -41.29
N MET DA 500 24.79 -128.57 -40.35
CA MET DA 500 26.08 -128.90 -39.77
C MET DA 500 25.98 -130.17 -38.92
N GLN DA 501 24.86 -130.34 -38.21
CA GLN DA 501 24.59 -131.57 -37.48
C GLN DA 501 24.57 -132.76 -38.42
N ARG DA 502 24.23 -132.53 -39.69
CA ARG DA 502 24.21 -133.60 -40.68
C ARG DA 502 25.45 -133.59 -41.55
N LYS DA 503 26.41 -132.71 -41.24
CA LYS DA 503 27.61 -132.59 -42.06
C LYS DA 503 28.38 -133.91 -42.11
N HIS DA 504 28.22 -134.75 -41.09
CA HIS DA 504 28.85 -136.06 -41.06
C HIS DA 504 28.05 -137.11 -41.80
N LEU DA 505 26.79 -136.81 -42.14
CA LEU DA 505 25.99 -137.72 -42.94
C LEU DA 505 26.33 -137.55 -44.41
N LYS DA 506 26.08 -138.60 -45.19
CA LYS DA 506 26.25 -138.51 -46.63
C LYS DA 506 25.40 -137.39 -47.19
N SER DA 507 26.05 -136.40 -47.80
CA SER DA 507 25.34 -135.27 -48.38
C SER DA 507 24.68 -135.71 -49.69
N ASN DA 508 23.42 -135.33 -49.87
CA ASN DA 508 22.70 -135.57 -51.11
C ASN DA 508 22.65 -134.29 -51.92
N GLN DA 509 22.35 -134.44 -53.21
CA GLN DA 509 22.26 -133.26 -54.07
C GLN DA 509 21.23 -132.27 -53.53
N THR DA 510 20.12 -132.79 -53.00
CA THR DA 510 19.13 -131.92 -52.37
C THR DA 510 19.67 -131.27 -51.11
N ASP DA 511 20.55 -131.96 -50.38
CA ASP DA 511 21.12 -131.35 -49.17
C ASP DA 511 22.10 -130.25 -49.51
N ALA DA 512 22.92 -130.46 -50.54
CA ALA DA 512 23.82 -129.42 -51.02
C ALA DA 512 23.03 -128.22 -51.52
N VAL DA 513 21.96 -128.46 -52.26
CA VAL DA 513 21.14 -127.37 -52.77
C VAL DA 513 20.48 -126.62 -51.61
N LYS DA 514 19.93 -127.35 -50.64
CA LYS DA 514 19.34 -126.71 -49.47
C LYS DA 514 20.36 -125.84 -48.75
N TRP DA 515 21.57 -126.37 -48.53
CA TRP DA 515 22.58 -125.60 -47.82
C TRP DA 515 22.98 -124.35 -48.60
N ARG DA 516 23.16 -124.47 -49.92
CA ARG DA 516 23.54 -123.31 -50.73
C ARG DA 516 22.44 -122.26 -50.74
N LEU DA 517 21.20 -122.67 -50.98
CA LEU DA 517 20.09 -121.73 -51.00
C LEU DA 517 19.91 -121.05 -49.65
N ARG DA 518 19.92 -121.84 -48.58
CA ARG DA 518 19.84 -121.27 -47.23
C ARG DA 518 20.96 -120.27 -46.99
N ASN DA 519 22.19 -120.61 -47.36
CA ASN DA 519 23.31 -119.70 -47.11
C ASN DA 519 23.15 -118.40 -47.90
N HIS DA 520 22.69 -118.47 -49.15
CA HIS DA 520 22.50 -117.26 -49.93
C HIS DA 520 21.35 -116.41 -49.40
N MET DA 521 20.22 -117.05 -49.07
CA MET DA 521 19.10 -116.32 -48.47
C MET DA 521 19.52 -115.63 -47.19
N ALA DA 522 20.21 -116.38 -46.31
CA ALA DA 522 20.68 -115.82 -45.05
C ALA DA 522 21.63 -114.65 -45.29
N PHE DA 523 22.58 -114.81 -46.21
CA PHE DA 523 23.50 -113.72 -46.53
C PHE DA 523 22.75 -112.47 -46.95
N LEU DA 524 21.76 -112.62 -47.84
CA LEU DA 524 21.02 -111.47 -48.32
C LEU DA 524 20.23 -110.81 -47.19
N VAL DA 525 19.51 -111.61 -46.41
CA VAL DA 525 18.68 -111.05 -45.35
C VAL DA 525 19.56 -110.40 -44.28
N ASP DA 526 20.68 -111.03 -43.95
CA ASP DA 526 21.60 -110.48 -42.96
C ASP DA 526 22.20 -109.16 -43.44
N ASN DA 527 22.58 -109.07 -44.71
CA ASN DA 527 23.13 -107.82 -45.22
C ASN DA 527 22.07 -106.72 -45.24
N LEU DA 528 20.83 -107.07 -45.60
CA LEU DA 528 19.76 -106.08 -45.54
C LEU DA 528 19.53 -105.61 -44.11
N GLN DA 529 19.47 -106.54 -43.17
CA GLN DA 529 19.25 -106.20 -41.77
C GLN DA 529 20.39 -105.35 -41.22
N TYR DA 530 21.63 -105.69 -41.56
CA TYR DA 530 22.77 -104.89 -41.13
C TYR DA 530 22.69 -103.47 -41.67
N TYR DA 531 22.41 -103.33 -42.97
CA TYR DA 531 22.27 -101.99 -43.53
C TYR DA 531 21.17 -101.20 -42.83
N LEU DA 532 19.98 -101.80 -42.68
CA LEU DA 532 18.86 -101.10 -42.07
C LEU DA 532 19.15 -100.73 -40.62
N GLN DA 533 19.75 -101.66 -39.86
CA GLN DA 533 19.93 -101.45 -38.42
C GLN DA 533 21.10 -100.52 -38.11
N VAL DA 534 22.20 -100.69 -38.82
CA VAL DA 534 23.42 -99.95 -38.51
C VAL DA 534 23.39 -98.70 -39.35
N ASP DA 535 23.29 -98.88 -40.68
CA ASP DA 535 23.44 -97.73 -41.57
C ASP DA 535 22.21 -96.83 -41.48
N VAL DA 536 21.02 -97.41 -41.35
CA VAL DA 536 19.80 -96.61 -41.27
C VAL DA 536 19.42 -96.41 -39.81
N LEU DA 537 19.04 -97.49 -39.14
CA LEU DA 537 18.44 -97.37 -37.81
C LEU DA 537 19.44 -96.86 -36.79
N GLU DA 538 20.60 -97.50 -36.71
CA GLU DA 538 21.60 -97.09 -35.72
C GLU DA 538 22.10 -95.68 -36.02
N SER DA 539 22.29 -95.35 -37.29
CA SER DA 539 22.71 -93.99 -37.64
C SER DA 539 21.69 -92.97 -37.16
N GLN DA 540 20.42 -93.16 -37.53
CA GLN DA 540 19.41 -92.19 -37.15
C GLN DA 540 19.22 -92.11 -35.65
N PHE DA 541 19.29 -93.25 -34.96
CA PHE DA 541 19.15 -93.24 -33.51
C PHE DA 541 20.33 -92.56 -32.83
N SER DA 542 21.54 -92.80 -33.32
CA SER DA 542 22.70 -92.12 -32.79
C SER DA 542 22.60 -90.61 -33.02
N GLN DA 543 22.13 -90.20 -34.19
CA GLN DA 543 21.93 -88.78 -34.45
C GLN DA 543 20.91 -88.19 -33.49
N LEU DA 544 19.79 -88.88 -33.29
CA LEU DA 544 18.78 -88.40 -32.34
C LEU DA 544 19.36 -88.25 -30.94
N LEU DA 545 20.05 -89.30 -30.46
CA LEU DA 545 20.62 -89.26 -29.13
C LEU DA 545 21.67 -88.16 -28.99
N HIS DA 546 22.50 -87.98 -30.02
CA HIS DA 546 23.50 -86.92 -29.98
C HIS DA 546 22.83 -85.56 -29.90
N GLN DA 547 21.81 -85.32 -30.72
CA GLN DA 547 21.13 -84.03 -30.68
C GLN DA 547 20.48 -83.80 -29.31
N ILE DA 548 19.79 -84.81 -28.80
CA ILE DA 548 19.12 -84.69 -27.50
C ILE DA 548 20.13 -84.36 -26.40
N ASN DA 549 21.27 -85.07 -26.39
CA ASN DA 549 22.27 -84.80 -25.37
C ASN DA 549 23.01 -83.50 -25.62
N SER DA 550 22.97 -82.99 -26.86
CA SER DA 550 23.69 -81.78 -27.23
C SER DA 550 22.84 -80.53 -27.07
N THR DA 551 21.55 -80.67 -26.83
CA THR DA 551 20.63 -79.53 -26.81
C THR DA 551 20.07 -79.34 -25.41
N ARG DA 552 19.63 -78.11 -25.16
CA ARG DA 552 18.89 -77.75 -23.96
C ARG DA 552 17.47 -77.31 -24.32
N ASP DA 553 16.97 -77.79 -25.46
CA ASP DA 553 15.61 -77.52 -25.91
C ASP DA 553 14.88 -78.85 -25.99
N PHE DA 554 13.84 -79.01 -25.18
CA PHE DA 554 13.09 -80.26 -25.19
C PHE DA 554 12.47 -80.51 -26.56
N GLU DA 555 12.01 -79.45 -27.21
CA GLU DA 555 11.45 -79.60 -28.55
C GLU DA 555 12.52 -80.04 -29.54
N SER DA 556 13.74 -79.52 -29.39
CA SER DA 556 14.84 -79.96 -30.24
C SER DA 556 15.16 -81.45 -30.02
N ILE DA 557 15.11 -81.90 -28.77
CA ILE DA 557 15.32 -83.32 -28.49
C ILE DA 557 14.22 -84.16 -29.14
N ARG DA 558 12.98 -83.72 -28.98
CA ARG DA 558 11.85 -84.43 -29.58
C ARG DA 558 12.01 -84.51 -31.09
N LEU DA 559 12.36 -83.39 -31.73
CA LEU DA 559 12.54 -83.38 -33.17
C LEU DA 559 13.68 -84.29 -33.59
N ALA DA 560 14.78 -84.30 -32.84
CA ALA DA 560 15.89 -85.19 -33.18
C ALA DA 560 15.49 -86.66 -33.09
N HIS DA 561 14.68 -87.01 -32.09
CA HIS DA 561 14.21 -88.39 -31.97
C HIS DA 561 13.26 -88.74 -33.10
N ASP DA 562 12.33 -87.83 -33.42
CA ASP DA 562 11.43 -88.04 -34.55
C ASP DA 562 12.19 -88.21 -35.85
N HIS DA 563 13.24 -87.41 -36.05
CA HIS DA 563 14.06 -87.56 -37.24
C HIS DA 563 14.77 -88.91 -37.26
N PHE DA 564 15.32 -89.33 -36.13
CA PHE DA 564 15.92 -90.65 -36.05
C PHE DA 564 14.94 -91.72 -36.50
N LEU DA 565 13.73 -91.68 -35.96
CA LEU DA 565 12.76 -92.73 -36.26
C LEU DA 565 12.27 -92.64 -37.70
N SER DA 566 12.09 -91.43 -38.21
CA SER DA 566 11.70 -91.25 -39.61
C SER DA 566 12.76 -91.78 -40.55
N ASN DA 567 14.03 -91.50 -40.27
CA ASN DA 567 15.10 -92.02 -41.12
C ASN DA 567 15.17 -93.54 -41.04
N LEU DA 568 14.99 -94.10 -39.85
CA LEU DA 568 14.98 -95.56 -39.73
C LEU DA 568 13.85 -96.17 -40.57
N LEU DA 569 12.65 -95.59 -40.47
CA LEU DA 569 11.51 -96.10 -41.23
C LEU DA 569 11.72 -95.94 -42.73
N ALA DA 570 12.28 -94.81 -43.15
CA ALA DA 570 12.47 -94.58 -44.58
C ALA DA 570 13.51 -95.54 -45.15
N GLN DA 571 14.65 -95.66 -44.48
CA GLN DA 571 15.72 -96.49 -45.03
C GLN DA 571 15.42 -97.97 -44.88
N SER DA 572 14.55 -98.36 -43.94
CA SER DA 572 14.07 -99.73 -43.90
C SER DA 572 13.06 -100.05 -45.00
N PHE DA 573 12.76 -99.11 -45.89
CA PHE DA 573 11.78 -99.29 -46.97
C PHE DA 573 10.35 -99.39 -46.47
N ILE DA 574 10.12 -99.17 -45.16
CA ILE DA 574 8.77 -99.26 -44.62
C ILE DA 574 7.82 -98.32 -45.35
N LEU DA 575 8.24 -97.09 -45.62
CA LEU DA 575 7.37 -96.17 -46.33
C LEU DA 575 7.24 -96.50 -47.81
N LEU DA 576 8.12 -97.34 -48.36
CA LEU DA 576 8.03 -97.78 -49.74
C LEU DA 576 7.22 -99.07 -49.75
N LYS DA 577 5.90 -98.93 -49.63
CA LYS DA 577 5.03 -100.10 -49.45
C LYS DA 577 5.34 -101.26 -50.38
N PRO DA 578 5.53 -101.06 -51.69
CA PRO DA 578 5.90 -102.21 -52.53
C PRO DA 578 7.24 -102.83 -52.16
N VAL DA 579 8.22 -102.00 -51.80
CA VAL DA 579 9.52 -102.52 -51.39
C VAL DA 579 9.40 -103.27 -50.07
N PHE DA 580 8.67 -102.68 -49.11
CA PHE DA 580 8.47 -103.32 -47.83
C PHE DA 580 7.80 -104.68 -47.99
N HIS DA 581 6.76 -104.74 -48.82
CA HIS DA 581 6.10 -106.01 -49.11
C HIS DA 581 7.07 -107.01 -49.72
N CYS DA 582 7.87 -106.58 -50.69
CA CYS DA 582 8.85 -107.49 -51.29
C CYS DA 582 9.87 -107.97 -50.27
N LEU DA 583 10.28 -107.09 -49.36
CA LEU DA 583 11.24 -107.47 -48.31
C LEU DA 583 10.61 -108.47 -47.35
N ASN DA 584 9.36 -108.24 -46.95
CA ASN DA 584 8.68 -109.20 -46.09
C ASN DA 584 8.54 -110.55 -46.77
N GLU DA 585 8.19 -110.55 -48.06
CA GLU DA 585 8.15 -111.79 -48.82
C GLU DA 585 9.51 -112.48 -48.85
N ILE DA 586 10.59 -111.71 -48.97
CA ILE DA 586 11.93 -112.29 -48.96
C ILE DA 586 12.23 -112.91 -47.60
N LEU DA 587 11.89 -112.21 -46.51
CA LEU DA 587 12.11 -112.76 -45.18
C LEU DA 587 11.30 -114.03 -44.96
N ASP DA 588 10.06 -114.05 -45.44
CA ASP DA 588 9.23 -115.24 -45.32
C ASP DA 588 9.79 -116.39 -46.15
N LEU DA 589 10.31 -116.10 -47.33
CA LEU DA 589 10.96 -117.12 -48.14
C LEU DA 589 12.19 -117.69 -47.44
N CYS DA 590 12.97 -116.82 -46.79
CA CYS DA 590 14.12 -117.30 -46.03
C CYS DA 590 13.68 -118.19 -44.87
N HIS DA 591 12.64 -117.77 -44.15
CA HIS DA 591 12.08 -118.61 -43.10
C HIS DA 591 11.60 -119.94 -43.63
N SER DA 592 10.89 -119.94 -44.76
CA SER DA 592 10.41 -121.18 -45.36
C SER DA 592 11.55 -122.10 -45.78
N PHE DA 593 12.62 -121.53 -46.35
CA PHE DA 593 13.78 -122.34 -46.70
C PHE DA 593 14.40 -122.95 -45.45
N CYS DA 594 14.57 -122.14 -44.40
CA CYS DA 594 15.11 -122.65 -43.15
C CYS DA 594 14.23 -123.75 -42.58
N SER DA 595 12.90 -123.58 -42.65
CA SER DA 595 11.98 -124.62 -42.20
C SER DA 595 12.16 -125.90 -42.99
N LEU DA 596 12.24 -125.80 -44.32
CA LEU DA 596 12.45 -126.98 -45.15
C LEU DA 596 13.73 -127.71 -44.76
N VAL DA 597 14.83 -126.96 -44.55
CA VAL DA 597 16.09 -127.59 -44.19
C VAL DA 597 16.02 -128.21 -42.80
N SER DA 598 15.37 -127.51 -41.87
CA SER DA 598 15.28 -128.03 -40.50
C SER DA 598 14.42 -129.27 -40.44
N GLN DA 599 13.36 -129.32 -41.26
CA GLN DA 599 12.55 -130.53 -41.27
C GLN DA 599 13.28 -131.66 -41.97
N ASN DA 600 14.11 -131.35 -42.98
CA ASN DA 600 14.84 -132.38 -43.71
C ASN DA 600 16.33 -132.01 -43.67
N LEU DA 601 16.97 -132.26 -42.53
CA LEU DA 601 18.41 -132.03 -42.43
C LEU DA 601 19.18 -133.03 -43.29
N GLY DA 602 18.56 -134.17 -43.59
CA GLY DA 602 19.14 -135.19 -44.43
C GLY DA 602 18.71 -135.00 -45.86
N PRO DA 603 18.85 -136.03 -46.69
CA PRO DA 603 18.17 -136.00 -47.98
C PRO DA 603 16.67 -135.76 -47.79
N LEU DA 604 16.13 -134.88 -48.62
CA LEU DA 604 14.69 -134.65 -48.64
C LEU DA 604 13.93 -135.81 -49.27
N ASP DA 605 12.77 -136.13 -48.69
CA ASP DA 605 11.82 -137.00 -49.35
C ASP DA 605 11.27 -136.27 -50.56
N GLU DA 606 10.48 -136.95 -51.38
CA GLU DA 606 9.96 -136.31 -52.58
C GLU DA 606 9.18 -135.03 -52.26
N ARG DA 607 8.43 -135.04 -51.16
CA ARG DA 607 7.70 -133.84 -50.72
C ARG DA 607 8.63 -132.73 -50.23
N GLY DA 608 9.58 -133.07 -49.37
CA GLY DA 608 10.52 -132.07 -48.92
C GLY DA 608 11.40 -131.52 -50.03
N ALA DA 609 11.77 -132.38 -50.98
CA ALA DA 609 12.55 -131.95 -52.13
C ALA DA 609 11.74 -131.01 -53.02
N ALA DA 610 10.46 -131.31 -53.24
CA ALA DA 610 9.62 -130.39 -54.00
C ALA DA 610 9.50 -129.05 -53.29
N GLN DA 611 9.28 -129.08 -51.97
CA GLN DA 611 9.22 -127.84 -51.20
C GLN DA 611 10.53 -127.06 -51.27
N LEU DA 612 11.66 -127.76 -51.13
CA LEU DA 612 12.96 -127.11 -51.23
C LEU DA 612 13.18 -126.49 -52.61
N SER DA 613 12.82 -127.20 -53.68
CA SER DA 613 12.97 -126.64 -55.02
C SER DA 613 12.07 -125.43 -55.22
N ILE DA 614 10.85 -125.47 -54.69
CA ILE DA 614 9.97 -124.31 -54.79
C ILE DA 614 10.55 -123.13 -54.03
N LEU DA 615 11.05 -123.38 -52.82
CA LEU DA 615 11.66 -122.33 -52.03
C LEU DA 615 12.90 -121.76 -52.71
N VAL DA 616 13.75 -122.62 -53.26
CA VAL DA 616 14.94 -122.17 -53.98
C VAL DA 616 14.56 -121.26 -55.15
N LYS DA 617 13.61 -121.70 -55.98
CA LYS DA 617 13.22 -120.88 -57.13
C LYS DA 617 12.58 -119.57 -56.68
N GLY DA 618 11.69 -119.62 -55.70
CA GLY DA 618 11.07 -118.41 -55.20
C GLY DA 618 12.09 -117.44 -54.63
N PHE DA 619 13.00 -117.95 -53.80
CA PHE DA 619 14.02 -117.10 -53.19
C PHE DA 619 14.95 -116.52 -54.24
N SER DA 620 15.34 -117.31 -55.24
CA SER DA 620 16.16 -116.76 -56.31
C SER DA 620 15.44 -115.64 -57.05
N ARG DA 621 14.17 -115.84 -57.38
CA ARG DA 621 13.42 -114.79 -58.07
C ARG DA 621 13.30 -113.54 -57.20
N GLN DA 622 12.91 -113.72 -55.93
CA GLN DA 622 12.69 -112.58 -55.06
C GLN DA 622 13.99 -111.86 -54.74
N SER DA 623 15.07 -112.60 -54.50
CA SER DA 623 16.39 -112.00 -54.29
C SER DA 623 16.86 -111.26 -55.54
N SER DA 624 16.57 -111.79 -56.73
CA SER DA 624 16.91 -111.06 -57.95
C SER DA 624 16.16 -109.74 -58.02
N LEU DA 625 14.87 -109.77 -57.72
CA LEU DA 625 14.08 -108.55 -57.74
C LEU DA 625 14.58 -107.56 -56.70
N LEU DA 626 14.77 -108.03 -55.47
CA LEU DA 626 15.32 -107.21 -54.39
C LEU DA 626 16.65 -106.58 -54.75
N PHE DA 627 17.62 -107.37 -55.21
CA PHE DA 627 18.93 -106.82 -55.53
C PHE DA 627 18.86 -105.79 -56.66
N LYS DA 628 18.07 -106.08 -57.70
CA LYS DA 628 17.91 -105.11 -58.78
C LYS DA 628 17.27 -103.83 -58.27
N ILE DA 629 16.23 -103.97 -57.45
CA ILE DA 629 15.55 -102.81 -56.87
C ILE DA 629 16.51 -102.00 -56.03
N LEU DA 630 17.27 -102.67 -55.16
CA LEU DA 630 18.22 -101.98 -54.29
C LEU DA 630 19.28 -101.24 -55.10
N SER DA 631 19.79 -101.85 -56.17
CA SER DA 631 20.75 -101.15 -57.01
C SER DA 631 20.13 -99.94 -57.68
N SER DA 632 18.87 -100.07 -58.13
CA SER DA 632 18.18 -98.92 -58.72
C SER DA 632 17.95 -97.82 -57.69
N VAL DA 633 17.54 -98.20 -56.48
CA VAL DA 633 17.32 -97.23 -55.42
C VAL DA 633 18.61 -96.51 -55.07
N ARG DA 634 19.71 -97.26 -54.94
CA ARG DA 634 20.98 -96.60 -54.71
C ARG DA 634 21.35 -95.63 -55.83
N ASN DA 635 21.04 -95.99 -57.08
CA ASN DA 635 21.33 -95.10 -58.21
C ASN DA 635 20.42 -93.88 -58.32
N HIS DA 636 19.20 -93.93 -57.78
CA HIS DA 636 18.30 -92.77 -57.86
C HIS DA 636 18.23 -91.95 -56.58
N GLN DA 637 18.39 -92.59 -55.43
CA GLN DA 637 18.33 -91.97 -54.11
C GLN DA 637 19.63 -92.31 -53.41
N ILE DA 638 20.39 -91.29 -53.01
CA ILE DA 638 21.61 -91.56 -52.26
C ILE DA 638 21.28 -91.89 -50.83
N ASN DA 639 20.72 -93.09 -50.62
CA ASN DA 639 20.48 -93.65 -49.29
C ASN DA 639 21.72 -94.47 -48.94
N SER DA 640 22.45 -94.05 -47.92
CA SER DA 640 23.63 -94.80 -47.48
C SER DA 640 23.31 -96.29 -47.36
N ASP DA 641 22.19 -96.62 -46.72
CA ASP DA 641 21.92 -98.00 -46.36
C ASP DA 641 21.44 -98.81 -47.56
N LEU DA 642 20.63 -98.22 -48.43
CA LEU DA 642 20.25 -98.90 -49.67
C LEU DA 642 21.46 -99.11 -50.58
N ALA DA 643 22.35 -98.13 -50.66
CA ALA DA 643 23.56 -98.30 -51.46
C ALA DA 643 24.45 -99.38 -50.87
N GLN DA 644 24.51 -99.44 -49.54
CA GLN DA 644 25.27 -100.50 -48.89
C GLN DA 644 24.65 -101.86 -49.16
N LEU DA 645 23.32 -101.96 -49.09
CA LEU DA 645 22.64 -103.21 -49.41
C LEU DA 645 22.94 -103.66 -50.84
N LEU DA 646 22.82 -102.74 -51.81
CA LEU DA 646 23.09 -103.10 -53.19
C LEU DA 646 24.54 -103.51 -53.40
N LEU DA 647 25.47 -102.82 -52.72
CA LEU DA 647 26.88 -103.18 -52.80
C LEU DA 647 27.11 -104.56 -52.19
N ARG DA 648 26.47 -104.86 -51.07
CA ARG DA 648 26.66 -106.16 -50.45
C ARG DA 648 26.07 -107.26 -51.31
N LEU DA 649 24.92 -106.98 -51.95
CA LEU DA 649 24.30 -107.96 -52.82
C LEU DA 649 25.19 -108.31 -54.00
N ASP DA 650 25.75 -107.31 -54.67
CA ASP DA 650 26.48 -107.57 -55.90
C ASP DA 650 27.94 -107.14 -55.81
N TYR DA 651 28.56 -107.33 -54.63
CA TYR DA 651 29.93 -106.89 -54.45
C TYR DA 651 30.87 -107.63 -55.39
N ASN DA 652 30.62 -108.91 -55.62
CA ASN DA 652 31.39 -109.72 -56.55
C ASN DA 652 30.69 -109.87 -57.89
N LYS DA 653 29.64 -109.09 -58.12
CA LYS DA 653 28.74 -109.20 -59.26
C LYS DA 653 28.08 -110.56 -59.35
N TYR DA 654 28.15 -111.37 -58.30
CA TYR DA 654 27.45 -112.65 -58.31
C TYR DA 654 25.95 -112.43 -58.40
N TYR DA 655 25.44 -111.48 -57.62
CA TYR DA 655 24.03 -111.12 -57.69
C TYR DA 655 23.69 -110.47 -59.02
N THR DA 656 24.54 -109.55 -59.50
CA THR DA 656 24.28 -108.93 -60.79
C THR DA 656 24.16 -109.98 -61.89
N GLN DA 657 25.02 -111.00 -61.86
CA GLN DA 657 24.94 -112.07 -62.85
C GLN DA 657 23.73 -112.96 -62.62
N ALA DA 658 23.34 -113.16 -61.36
CA ALA DA 658 22.13 -113.91 -61.02
C ALA DA 658 20.89 -113.03 -61.05
N GLY DA 659 20.97 -111.86 -61.68
CA GLY DA 659 19.84 -110.95 -61.69
C GLY DA 659 19.53 -110.38 -60.33
N GLY DA 660 20.53 -110.34 -59.45
CA GLY DA 660 20.36 -109.94 -58.08
C GLY DA 660 20.08 -111.06 -57.11
N THR DA 661 19.86 -112.28 -57.61
CA THR DA 661 19.42 -113.38 -56.76
C THR DA 661 20.57 -113.95 -55.97
N LEU DA 662 20.42 -113.96 -54.64
CA LEU DA 662 21.28 -114.73 -53.76
C LEU DA 662 20.93 -116.21 -53.88
N GLY DA 663 21.79 -116.98 -54.53
CA GLY DA 663 21.71 -118.42 -54.44
C GLY DA 663 20.84 -119.05 -55.50
N SER DA 664 20.76 -118.43 -56.68
CA SER DA 664 20.15 -119.08 -57.84
C SER DA 664 21.08 -120.20 -58.30
N PHE DA 665 21.01 -121.31 -57.58
CA PHE DA 665 21.54 -122.59 -58.04
C PHE DA 665 20.48 -123.65 -57.81
N GLY DA 666 20.19 -124.43 -58.84
CA GLY DA 666 19.11 -125.39 -58.81
C GLY DA 666 19.05 -126.17 -57.52
N MET DA 667 17.86 -126.33 -56.95
CA MET DA 667 17.56 -127.48 -56.11
C MET DA 667 17.87 -128.78 -56.87
N ARG EA 223 -34.01 -9.61 -48.22
CA ARG EA 223 -34.93 -10.52 -48.88
C ARG EA 223 -34.17 -11.63 -49.59
N GLN EA 224 -34.67 -12.86 -49.49
CA GLN EA 224 -34.06 -13.98 -50.19
C GLN EA 224 -34.10 -13.78 -51.69
N TYR EA 225 -32.94 -13.50 -52.30
CA TYR EA 225 -32.93 -13.23 -53.73
C TYR EA 225 -33.37 -14.45 -54.51
N TRP EA 226 -33.40 -15.61 -53.87
CA TRP EA 226 -33.88 -16.84 -54.47
C TRP EA 226 -35.38 -16.92 -54.43
N THR EA 227 -36.04 -15.88 -53.91
CA THR EA 227 -37.49 -15.82 -53.86
C THR EA 227 -37.99 -15.12 -55.12
N THR EA 228 -38.98 -15.72 -55.76
CA THR EA 228 -39.38 -15.32 -57.09
C THR EA 228 -40.10 -14.01 -57.11
N ARG EA 229 -40.08 -13.21 -56.04
CA ARG EA 229 -40.77 -11.93 -56.01
C ARG EA 229 -39.73 -10.84 -56.20
N SER EA 230 -39.64 -10.33 -57.43
CA SER EA 230 -38.81 -9.17 -57.74
C SER EA 230 -39.36 -7.94 -57.03
N SER EA 231 -38.65 -7.46 -56.01
CA SER EA 231 -38.90 -6.13 -55.47
C SER EA 231 -37.84 -5.17 -56.00
N LYS EA 232 -38.27 -4.26 -56.88
CA LYS EA 232 -37.44 -3.17 -57.37
C LYS EA 232 -37.35 -2.09 -56.29
N PHE EA 233 -36.23 -2.02 -55.57
CA PHE EA 233 -35.97 -0.89 -54.70
C PHE EA 233 -34.94 0.01 -55.36
N PRO EA 234 -35.25 1.27 -55.65
CA PRO EA 234 -34.21 2.22 -56.08
C PRO EA 234 -33.26 2.56 -54.95
N HIS EA 235 -31.98 2.23 -55.14
CA HIS EA 235 -30.98 2.54 -54.11
C HIS EA 235 -30.71 4.02 -53.98
N SER EA 236 -30.84 4.80 -55.06
CA SER EA 236 -30.73 6.25 -54.99
C SER EA 236 -31.24 6.85 -56.30
N LEU EA 237 -31.41 8.16 -56.29
CA LEU EA 237 -31.71 8.96 -57.46
C LEU EA 237 -30.48 9.40 -58.25
N HIS EA 238 -29.27 9.05 -57.82
CA HIS EA 238 -28.07 9.57 -58.48
C HIS EA 238 -27.82 8.85 -59.80
N LEU EA 239 -27.51 9.66 -60.83
CA LEU EA 239 -27.24 9.11 -62.15
C LEU EA 239 -26.13 8.07 -62.09
N HIS EA 240 -25.11 8.34 -61.28
CA HIS EA 240 -24.02 7.38 -61.24
C HIS EA 240 -24.46 6.11 -60.52
N SER EA 241 -25.45 6.21 -59.64
CA SER EA 241 -25.97 5.03 -58.96
C SER EA 241 -26.98 4.23 -59.77
N ASN EA 242 -27.58 4.81 -60.83
CA ASN EA 242 -28.62 4.12 -61.57
C ASN EA 242 -28.27 3.90 -63.04
N LEU EA 243 -26.97 3.82 -63.34
CA LEU EA 243 -26.55 3.69 -64.73
C LEU EA 243 -27.29 2.57 -65.44
N ALA EA 244 -27.56 1.47 -64.71
CA ALA EA 244 -28.33 0.40 -65.33
C ALA EA 244 -29.74 0.88 -65.65
N ALA EA 245 -30.33 1.64 -64.74
CA ALA EA 245 -31.66 2.18 -65.03
C ALA EA 245 -31.53 3.20 -66.14
N VAL EA 246 -30.44 3.96 -66.13
CA VAL EA 246 -30.19 4.92 -67.19
C VAL EA 246 -30.00 4.22 -68.53
N TRP EA 247 -29.33 3.07 -68.53
CA TRP EA 247 -29.14 2.34 -69.79
C TRP EA 247 -30.46 1.79 -70.30
N ASP EA 248 -31.28 1.23 -69.42
CA ASP EA 248 -32.60 0.77 -69.82
C ASP EA 248 -33.44 1.94 -70.34
N GLN EA 249 -33.33 3.10 -69.71
CA GLN EA 249 -34.03 4.27 -70.20
C GLN EA 249 -33.49 4.72 -71.54
N HIS EA 250 -32.19 4.58 -71.77
CA HIS EA 250 -31.63 4.91 -73.07
C HIS EA 250 -32.17 3.98 -74.14
N LEU EA 251 -32.28 2.68 -73.84
CA LEU EA 251 -32.88 1.76 -74.79
C LEU EA 251 -34.34 2.12 -75.05
N TYR EA 252 -35.09 2.42 -73.99
CA TYR EA 252 -36.49 2.83 -74.15
C TYR EA 252 -36.62 4.13 -74.93
N SER EA 253 -35.62 5.01 -74.82
CA SER EA 253 -35.65 6.28 -75.51
C SER EA 253 -35.17 6.16 -76.95
N SER EA 254 -34.44 5.10 -77.27
CA SER EA 254 -33.95 4.92 -78.62
C SER EA 254 -34.91 4.07 -79.44
N ASP EA 255 -35.66 3.19 -78.79
CA ASP EA 255 -36.69 2.40 -79.46
C ASP EA 255 -38.00 2.58 -78.71
N PRO EA 256 -38.99 3.26 -79.28
CA PRO EA 256 -40.25 3.43 -78.54
C PRO EA 256 -41.01 2.14 -78.39
N LEU EA 257 -40.58 1.08 -79.08
CA LEU EA 257 -41.12 -0.26 -78.90
C LEU EA 257 -40.21 -1.12 -78.04
N TYR EA 258 -39.12 -0.55 -77.53
CA TYR EA 258 -38.20 -1.31 -76.68
C TYR EA 258 -38.90 -1.67 -75.39
N VAL EA 259 -38.99 -2.96 -75.11
CA VAL EA 259 -39.53 -3.46 -73.85
C VAL EA 259 -38.35 -3.87 -72.97
N PRO EA 260 -38.23 -3.34 -71.75
CA PRO EA 260 -37.17 -3.79 -70.86
C PRO EA 260 -37.35 -5.27 -70.55
N ASP EA 261 -36.26 -6.02 -70.66
CA ASP EA 261 -36.34 -7.42 -70.27
C ASP EA 261 -36.70 -7.51 -68.79
N ASP EA 262 -37.50 -8.51 -68.45
CA ASP EA 262 -37.84 -8.76 -67.06
C ASP EA 262 -36.61 -9.29 -66.36
N ARG EA 263 -35.92 -8.42 -65.64
CA ARG EA 263 -34.68 -8.76 -64.96
C ARG EA 263 -34.92 -8.71 -63.45
N VAL EA 264 -34.33 -9.66 -62.75
CA VAL EA 264 -34.41 -9.73 -61.30
C VAL EA 264 -33.38 -8.74 -60.77
N SER EA 265 -33.83 -7.82 -59.93
CA SER EA 265 -32.94 -6.85 -59.31
C SER EA 265 -32.21 -7.51 -58.15
N VAL EA 266 -30.89 -7.49 -58.21
CA VAL EA 266 -30.05 -8.05 -57.16
C VAL EA 266 -29.12 -6.96 -56.66
N THR EA 267 -28.83 -7.00 -55.38
CA THR EA 267 -27.90 -6.03 -54.80
C THR EA 267 -26.47 -6.43 -55.13
N GLU EA 268 -25.59 -5.43 -55.19
CA GLU EA 268 -24.19 -5.71 -55.47
C GLU EA 268 -23.59 -6.54 -54.34
N THR EA 269 -23.94 -6.23 -53.11
CA THR EA 269 -23.51 -7.05 -51.98
C THR EA 269 -24.03 -8.47 -52.12
N GLN EA 270 -25.29 -8.62 -52.53
CA GLN EA 270 -25.82 -9.96 -52.74
C GLN EA 270 -25.07 -10.68 -53.84
N VAL EA 271 -24.73 -9.97 -54.91
CA VAL EA 271 -23.95 -10.57 -55.99
C VAL EA 271 -22.61 -11.06 -55.47
N ILE EA 272 -21.95 -10.22 -54.68
CA ILE EA 272 -20.65 -10.58 -54.11
C ILE EA 272 -20.80 -11.83 -53.24
N ARG EA 273 -21.82 -11.86 -52.40
CA ARG EA 273 -22.01 -13.01 -51.52
C ARG EA 273 -22.28 -14.28 -52.30
N GLU EA 274 -23.12 -14.20 -53.33
CA GLU EA 274 -23.36 -15.36 -54.18
C GLU EA 274 -22.09 -15.81 -54.88
N THR EA 275 -21.24 -14.86 -55.28
CA THR EA 275 -19.97 -15.26 -55.90
C THR EA 275 -19.05 -15.93 -54.90
N LEU EA 276 -19.02 -15.43 -53.67
CA LEU EA 276 -18.21 -16.06 -52.64
C LEU EA 276 -18.73 -17.47 -52.34
N TRP EA 277 -20.05 -17.64 -52.33
CA TRP EA 277 -20.62 -18.97 -52.14
C TRP EA 277 -20.29 -19.88 -53.32
N LEU EA 278 -20.27 -19.33 -54.53
CA LEU EA 278 -19.85 -20.12 -55.68
C LEU EA 278 -18.42 -20.60 -55.52
N LEU EA 279 -17.52 -19.68 -55.16
CA LEU EA 279 -16.14 -20.08 -54.99
C LEU EA 279 -15.95 -20.98 -53.77
N SER EA 280 -16.87 -20.92 -52.81
CA SER EA 280 -16.87 -21.84 -51.69
C SER EA 280 -17.49 -23.18 -52.03
N GLY EA 281 -18.09 -23.30 -53.21
CA GLY EA 281 -18.61 -24.57 -53.67
C GLY EA 281 -20.09 -24.80 -53.50
N VAL EA 282 -20.89 -23.75 -53.39
CA VAL EA 282 -22.34 -23.90 -53.29
C VAL EA 282 -22.88 -24.23 -54.68
N LYS EA 283 -23.66 -25.29 -54.76
CA LYS EA 283 -24.06 -25.82 -56.06
C LYS EA 283 -25.31 -25.15 -56.62
N LYS EA 284 -26.14 -24.56 -55.77
CA LYS EA 284 -27.44 -24.03 -56.17
C LYS EA 284 -27.46 -22.51 -55.96
N LEU EA 285 -26.88 -21.78 -56.90
CA LEU EA 285 -26.89 -20.33 -56.83
C LEU EA 285 -27.99 -19.79 -57.73
N PHE EA 286 -28.54 -18.64 -57.35
CA PHE EA 286 -29.64 -18.06 -58.11
C PHE EA 286 -29.14 -17.31 -59.34
N ILE EA 287 -28.05 -16.57 -59.19
CA ILE EA 287 -27.50 -15.81 -60.31
C ILE EA 287 -26.76 -16.71 -61.28
N PHE EA 288 -25.96 -17.64 -60.76
CA PHE EA 288 -25.13 -18.50 -61.59
C PHE EA 288 -25.80 -19.87 -61.70
N GLN EA 289 -26.35 -20.16 -62.87
CA GLN EA 289 -27.00 -21.43 -63.14
C GLN EA 289 -25.97 -22.39 -63.72
N LEU EA 290 -25.88 -23.59 -63.15
CA LEU EA 290 -25.00 -24.63 -63.66
C LEU EA 290 -25.74 -25.41 -64.74
N ILE EA 291 -25.29 -25.25 -65.98
CA ILE EA 291 -25.88 -25.93 -67.13
C ILE EA 291 -24.81 -26.80 -67.77
N ASP EA 292 -25.09 -28.09 -67.88
CA ASP EA 292 -24.17 -29.05 -68.48
C ASP EA 292 -22.78 -28.99 -67.86
N GLY EA 293 -22.73 -28.85 -66.54
CA GLY EA 293 -21.45 -28.78 -65.87
C GLY EA 293 -20.71 -27.48 -66.06
N LYS EA 294 -21.33 -26.48 -66.67
CA LYS EA 294 -20.76 -25.15 -66.80
C LYS EA 294 -21.57 -24.20 -65.94
N VAL EA 295 -20.89 -23.42 -65.11
CA VAL EA 295 -21.56 -22.39 -64.35
C VAL EA 295 -21.88 -21.23 -65.28
N ALA EA 296 -23.16 -20.94 -65.45
CA ALA EA 296 -23.62 -19.86 -66.30
C ALA EA 296 -24.45 -18.87 -65.51
N VAL EA 297 -24.37 -17.62 -65.90
CA VAL EA 297 -25.14 -16.57 -65.27
C VAL EA 297 -26.56 -16.59 -65.81
N ARG EA 298 -27.54 -16.46 -64.93
CA ARG EA 298 -28.91 -16.39 -65.40
C ARG EA 298 -29.06 -15.12 -66.23
N ASN EA 299 -29.68 -15.26 -67.40
CA ASN EA 299 -29.70 -14.14 -68.34
C ASN EA 299 -30.55 -12.99 -67.84
N ASN EA 300 -31.42 -13.23 -66.85
CA ASN EA 300 -32.40 -12.26 -66.40
C ASN EA 300 -31.99 -11.60 -65.09
N ILE EA 301 -30.74 -11.23 -64.91
CA ILE EA 301 -30.26 -10.61 -63.67
C ILE EA 301 -29.84 -9.18 -64.00
N MET EA 302 -30.23 -8.24 -63.14
CA MET EA 302 -29.81 -6.85 -63.26
C MET EA 302 -29.41 -6.27 -61.91
N VAL EA 303 -28.34 -5.47 -61.93
CA VAL EA 303 -27.95 -4.65 -60.78
C VAL EA 303 -28.02 -3.18 -61.18
N THR EA 304 -28.41 -2.34 -60.22
CA THR EA 304 -28.68 -0.93 -60.50
C THR EA 304 -27.42 -0.19 -60.93
N HIS EA 305 -26.28 -0.54 -60.36
CA HIS EA 305 -25.05 0.22 -60.54
C HIS EA 305 -24.08 -0.40 -61.54
N LEU EA 306 -24.45 -1.50 -62.17
CA LEU EA 306 -23.62 -2.14 -63.18
C LEU EA 306 -24.40 -2.27 -64.48
N THR EA 307 -23.72 -2.11 -65.60
CA THR EA 307 -24.36 -2.43 -66.87
C THR EA 307 -24.49 -3.94 -67.06
N HIS EA 308 -25.56 -4.33 -67.75
CA HIS EA 308 -25.80 -5.76 -67.95
C HIS EA 308 -24.64 -6.42 -68.67
N SER EA 309 -24.11 -5.75 -69.70
CA SER EA 309 -22.99 -6.32 -70.43
C SER EA 309 -21.76 -6.38 -69.55
N CYS EA 310 -21.49 -5.32 -68.78
CA CYS EA 310 -20.33 -5.33 -67.92
C CYS EA 310 -20.54 -6.32 -66.79
N LEU EA 311 -21.72 -6.30 -66.17
CA LEU EA 311 -22.03 -7.26 -65.12
C LEU EA 311 -21.91 -8.67 -65.65
N ARG EA 312 -22.46 -8.92 -66.83
CA ARG EA 312 -22.35 -10.24 -67.43
C ARG EA 312 -20.90 -10.63 -67.66
N SER EA 313 -20.11 -9.72 -68.23
CA SER EA 313 -18.71 -10.03 -68.50
C SER EA 313 -17.95 -10.35 -67.22
N VAL EA 314 -18.17 -9.59 -66.17
CA VAL EA 314 -17.44 -9.83 -64.93
C VAL EA 314 -17.90 -11.11 -64.28
N LEU EA 315 -19.20 -11.34 -64.27
CA LEU EA 315 -19.71 -12.58 -63.70
C LEU EA 315 -19.21 -13.78 -64.49
N GLU EA 316 -19.10 -13.65 -65.81
CA GLU EA 316 -18.61 -14.74 -66.63
C GLU EA 316 -17.12 -14.98 -66.42
N GLN EA 317 -16.36 -13.91 -66.23
CA GLN EA 317 -14.95 -14.09 -65.91
C GLN EA 317 -14.79 -14.85 -64.60
N ILE EA 318 -15.60 -14.51 -63.60
CA ILE EA 318 -15.54 -15.28 -62.36
C ILE EA 318 -16.09 -16.68 -62.57
N ALA EA 319 -17.14 -16.80 -63.35
CA ALA EA 319 -17.79 -18.08 -63.62
C ALA EA 319 -16.88 -19.08 -64.30
N ALA EA 320 -15.96 -18.66 -65.15
CA ALA EA 320 -15.07 -19.64 -65.75
C ALA EA 320 -14.25 -20.35 -64.68
N TYR EA 321 -13.78 -19.60 -63.69
CA TYR EA 321 -13.06 -20.21 -62.59
C TYR EA 321 -13.99 -20.99 -61.69
N GLY EA 322 -15.21 -20.48 -61.49
CA GLY EA 322 -16.19 -21.23 -60.74
C GLY EA 322 -16.49 -22.58 -61.36
N GLN EA 323 -16.61 -22.64 -62.68
CA GLN EA 323 -16.81 -23.92 -63.36
C GLN EA 323 -15.62 -24.84 -63.18
N VAL EA 324 -14.41 -24.29 -63.28
CA VAL EA 324 -13.23 -25.13 -63.08
C VAL EA 324 -13.22 -25.71 -61.66
N VAL EA 325 -13.45 -24.85 -60.67
CA VAL EA 325 -13.48 -25.30 -59.29
C VAL EA 325 -14.58 -26.33 -59.09
N PHE EA 326 -15.75 -26.09 -59.66
CA PHE EA 326 -16.87 -27.02 -59.52
C PHE EA 326 -16.50 -28.39 -60.07
N ARG EA 327 -15.90 -28.43 -61.25
CA ARG EA 327 -15.51 -29.71 -61.81
C ARG EA 327 -14.45 -30.39 -60.93
N LEU EA 328 -13.52 -29.61 -60.39
CA LEU EA 328 -12.51 -30.19 -59.53
C LEU EA 328 -13.11 -30.72 -58.24
N GLN EA 329 -14.08 -30.00 -57.69
CA GLN EA 329 -14.76 -30.47 -56.48
C GLN EA 329 -15.57 -31.72 -56.76
N GLU EA 330 -16.22 -31.78 -57.92
CA GLU EA 330 -16.93 -32.99 -58.31
C GLU EA 330 -15.97 -34.16 -58.41
N PHE EA 331 -14.80 -33.95 -59.01
CA PHE EA 331 -13.81 -35.01 -59.07
C PHE EA 331 -13.33 -35.40 -57.68
N ILE EA 332 -13.13 -34.43 -56.80
CA ILE EA 332 -12.73 -34.74 -55.44
C ILE EA 332 -13.78 -35.60 -54.75
N ASP EA 333 -15.04 -35.25 -54.91
CA ASP EA 333 -16.11 -36.06 -54.32
C ASP EA 333 -16.15 -37.45 -54.92
N GLU EA 334 -15.97 -37.55 -56.22
CA GLU EA 334 -15.96 -38.84 -56.88
C GLU EA 334 -14.88 -39.75 -56.31
N VAL EA 335 -13.67 -39.21 -56.16
CA VAL EA 335 -12.60 -40.08 -55.68
C VAL EA 335 -12.77 -40.32 -54.19
N MET EA 336 -13.38 -39.37 -53.47
CA MET EA 336 -13.63 -39.56 -52.05
C MET EA 336 -14.72 -40.59 -51.81
N GLY EA 337 -15.50 -40.94 -52.82
CA GLY EA 337 -16.51 -41.95 -52.63
C GLY EA 337 -17.78 -41.47 -51.97
N HIS EA 338 -17.99 -40.15 -51.90
CA HIS EA 338 -19.24 -39.59 -51.39
C HIS EA 338 -20.28 -39.42 -52.50
N SER EA 339 -20.56 -40.49 -53.22
CA SER EA 339 -21.69 -40.52 -54.13
C SER EA 339 -22.99 -40.56 -53.33
N SER EA 354 -16.78 -51.17 -55.38
CA SER EA 354 -15.63 -51.95 -55.84
C SER EA 354 -14.81 -52.46 -54.66
N THR EA 355 -14.72 -53.79 -54.54
CA THR EA 355 -13.90 -54.43 -53.52
C THR EA 355 -12.40 -54.33 -53.82
N ASP EA 356 -11.99 -53.35 -54.62
CA ASP EA 356 -10.60 -53.17 -54.98
C ASP EA 356 -9.99 -52.09 -54.09
N ALA EA 357 -8.78 -52.34 -53.62
CA ALA EA 357 -8.11 -51.38 -52.75
C ALA EA 357 -7.98 -50.03 -53.46
N PRO EA 358 -8.02 -48.94 -52.70
CA PRO EA 358 -7.90 -47.61 -53.32
C PRO EA 358 -6.60 -47.41 -54.07
N PHE EA 359 -6.68 -46.74 -55.20
CA PHE EA 359 -5.51 -46.33 -55.95
C PHE EA 359 -4.86 -45.25 -55.11
N ARG EA 360 -3.87 -45.63 -54.32
CA ARG EA 360 -3.39 -44.75 -53.26
C ARG EA 360 -2.88 -43.44 -53.82
N THR EA 361 -2.26 -43.46 -55.00
CA THR EA 361 -1.78 -42.21 -55.57
C THR EA 361 -2.94 -41.28 -55.94
N TYR EA 362 -4.03 -41.83 -56.49
CA TYR EA 362 -5.17 -40.99 -56.80
C TYR EA 362 -5.86 -40.49 -55.54
N GLN EA 363 -5.90 -41.34 -54.51
CA GLN EA 363 -6.43 -40.90 -53.22
C GLN EA 363 -5.60 -39.77 -52.64
N ALA EA 364 -4.28 -39.87 -52.73
CA ALA EA 364 -3.43 -38.81 -52.22
C ALA EA 364 -3.63 -37.53 -52.99
N PHE EA 365 -3.80 -37.62 -54.31
CA PHE EA 365 -4.08 -36.42 -55.09
C PHE EA 365 -5.40 -35.80 -54.67
N MET EA 366 -6.42 -36.62 -54.45
CA MET EA 366 -7.69 -36.09 -53.98
C MET EA 366 -7.54 -35.39 -52.63
N TRP EA 367 -6.76 -35.98 -51.73
CA TRP EA 367 -6.53 -35.34 -50.43
C TRP EA 367 -5.80 -34.02 -50.56
N ALA EA 368 -4.77 -33.97 -51.40
CA ALA EA 368 -4.05 -32.71 -51.61
C ALA EA 368 -4.95 -31.65 -52.20
N LEU EA 369 -5.77 -32.04 -53.18
CA LEU EA 369 -6.72 -31.10 -53.74
C LEU EA 369 -7.65 -30.60 -52.66
N TYR EA 370 -8.11 -31.50 -51.79
CA TYR EA 370 -8.99 -31.09 -50.71
C TYR EA 370 -8.31 -30.10 -49.79
N LYS EA 371 -7.05 -30.33 -49.45
CA LYS EA 371 -6.33 -29.38 -48.61
C LYS EA 371 -6.18 -28.01 -49.26
N TYR EA 372 -5.85 -27.97 -50.55
CA TYR EA 372 -5.76 -26.68 -51.23
C TYR EA 372 -7.11 -25.99 -51.28
N PHE EA 373 -8.16 -26.73 -51.57
CA PHE EA 373 -9.48 -26.13 -51.56
C PHE EA 373 -9.87 -25.70 -50.17
N ILE EA 374 -9.36 -26.39 -49.16
CA ILE EA 374 -9.60 -26.00 -47.78
C ILE EA 374 -9.02 -24.62 -47.51
N SER EA 375 -7.76 -24.42 -47.86
CA SER EA 375 -7.16 -23.12 -47.57
C SER EA 375 -7.81 -22.01 -48.39
N PHE EA 376 -8.20 -22.31 -49.63
CA PHE EA 376 -8.90 -21.30 -50.42
C PHE EA 376 -10.24 -20.97 -49.80
N LYS EA 377 -10.98 -21.97 -49.33
CA LYS EA 377 -12.25 -21.73 -48.69
C LYS EA 377 -12.06 -20.96 -47.38
N GLU EA 378 -10.98 -21.21 -46.66
CA GLU EA 378 -10.71 -20.45 -45.45
C GLU EA 378 -10.52 -18.98 -45.75
N GLU EA 379 -9.73 -18.67 -46.79
CA GLU EA 379 -9.58 -17.27 -47.16
C GLU EA 379 -10.90 -16.68 -47.60
N LEU EA 380 -11.68 -17.45 -48.36
CA LEU EA 380 -13.00 -16.99 -48.77
C LEU EA 380 -13.89 -16.73 -47.56
N SER EA 381 -13.78 -17.57 -46.53
CA SER EA 381 -14.60 -17.39 -45.34
C SER EA 381 -14.19 -16.15 -44.56
N GLU EA 382 -12.90 -15.83 -44.54
CA GLU EA 382 -12.50 -14.59 -43.88
C GLU EA 382 -13.03 -13.38 -44.65
N ILE EA 383 -12.98 -13.44 -45.98
CA ILE EA 383 -13.56 -12.37 -46.78
C ILE EA 383 -15.05 -12.27 -46.53
N GLU EA 384 -15.74 -13.42 -46.46
CA GLU EA 384 -17.16 -13.42 -46.19
C GLU EA 384 -17.48 -12.82 -44.83
N LYS EA 385 -16.67 -13.11 -43.82
CA LYS EA 385 -16.88 -12.51 -42.51
C LYS EA 385 -16.71 -10.99 -42.56
N CYS EA 386 -15.69 -10.53 -43.28
CA CYS EA 386 -15.51 -9.09 -43.43
C CYS EA 386 -16.72 -8.48 -44.13
N ILE EA 387 -17.28 -9.19 -45.09
CA ILE EA 387 -18.47 -8.70 -45.78
C ILE EA 387 -19.64 -8.65 -44.82
N ILE EA 388 -19.88 -9.76 -44.12
CA ILE EA 388 -21.02 -9.87 -43.22
C ILE EA 388 -20.99 -8.78 -42.16
N ASN EA 389 -19.79 -8.38 -41.72
CA ASN EA 389 -19.76 -7.40 -40.64
C ASN EA 389 -20.19 -6.02 -41.11
N ASN EA 390 -20.17 -5.76 -42.41
CA ASN EA 390 -20.59 -4.49 -42.99
C ASN EA 390 -19.86 -3.30 -42.40
N ASP EA 391 -18.73 -3.51 -41.72
CA ASP EA 391 -18.02 -2.42 -41.10
C ASP EA 391 -17.21 -1.59 -42.09
N THR EA 392 -16.97 -2.11 -43.28
CA THR EA 392 -16.16 -1.43 -44.29
C THR EA 392 -16.76 -1.67 -45.67
N THR EA 393 -16.65 -0.67 -46.52
CA THR EA 393 -17.14 -0.78 -47.88
C THR EA 393 -16.28 -1.77 -48.65
N VAL EA 394 -16.83 -2.94 -48.93
CA VAL EA 394 -16.18 -3.97 -49.75
C VAL EA 394 -16.87 -3.96 -51.10
N THR EA 395 -16.12 -3.64 -52.16
CA THR EA 395 -16.65 -3.66 -53.50
C THR EA 395 -16.19 -4.90 -54.27
N LEU EA 396 -16.90 -5.18 -55.35
CA LEU EA 396 -16.60 -6.35 -56.16
C LEU EA 396 -15.19 -6.26 -56.74
N ALA EA 397 -14.76 -5.05 -57.08
CA ALA EA 397 -13.39 -4.90 -57.58
C ALA EA 397 -12.40 -5.25 -56.50
N ILE EA 398 -12.65 -4.79 -55.28
CA ILE EA 398 -11.75 -5.10 -54.17
C ILE EA 398 -11.70 -6.60 -53.95
N VAL EA 399 -12.86 -7.25 -54.02
CA VAL EA 399 -12.89 -8.70 -53.83
C VAL EA 399 -12.13 -9.42 -54.94
N VAL EA 400 -12.33 -9.02 -56.19
CA VAL EA 400 -11.64 -9.66 -57.29
C VAL EA 400 -10.14 -9.48 -57.15
N ASP EA 401 -9.71 -8.28 -56.77
CA ASP EA 401 -8.29 -8.05 -56.58
C ASP EA 401 -7.73 -8.86 -55.42
N LYS EA 402 -8.49 -8.96 -54.33
CA LYS EA 402 -8.04 -9.76 -53.20
C LYS EA 402 -7.90 -11.22 -53.60
N LEU EA 403 -8.79 -11.72 -54.44
CA LEU EA 403 -8.74 -13.11 -54.85
C LEU EA 403 -7.78 -13.36 -56.00
N SER EA 404 -7.31 -12.32 -56.68
CA SER EA 404 -6.41 -12.49 -57.82
C SER EA 404 -5.30 -13.51 -57.61
N PRO EA 405 -4.53 -13.48 -56.53
CA PRO EA 405 -3.51 -14.53 -56.38
C PRO EA 405 -4.11 -15.92 -56.27
N ARG EA 406 -5.24 -16.03 -55.58
CA ARG EA 406 -5.90 -17.31 -55.49
C ARG EA 406 -6.50 -17.72 -56.82
N LEU EA 407 -7.04 -16.76 -57.57
CA LEU EA 407 -7.56 -17.07 -58.88
C LEU EA 407 -6.45 -17.55 -59.81
N ALA EA 408 -5.27 -16.94 -59.72
CA ALA EA 408 -4.14 -17.41 -60.52
C ALA EA 408 -3.73 -18.82 -60.14
N GLN EA 409 -3.64 -19.09 -58.83
CA GLN EA 409 -3.30 -20.43 -58.40
C GLN EA 409 -4.33 -21.43 -58.92
N LEU EA 410 -5.61 -21.08 -58.80
CA LEU EA 410 -6.67 -21.94 -59.31
C LEU EA 410 -6.58 -22.17 -60.81
N LYS EA 411 -6.23 -21.13 -61.58
CA LYS EA 411 -6.11 -21.32 -63.02
C LYS EA 411 -4.99 -22.29 -63.35
N VAL EA 412 -3.86 -22.16 -62.67
CA VAL EA 412 -2.76 -23.09 -62.91
C VAL EA 412 -3.17 -24.49 -62.49
N LEU EA 413 -3.82 -24.61 -61.33
CA LEU EA 413 -4.28 -25.90 -60.87
C LEU EA 413 -5.25 -26.54 -61.85
N HIS EA 414 -6.17 -25.77 -62.41
CA HIS EA 414 -7.12 -26.34 -63.37
C HIS EA 414 -6.41 -26.82 -64.62
N LYS EA 415 -5.44 -26.07 -65.12
CA LYS EA 415 -4.69 -26.56 -66.28
C LYS EA 415 -3.96 -27.85 -65.94
N VAL EA 416 -3.29 -27.88 -64.79
CA VAL EA 416 -2.55 -29.08 -64.40
C VAL EA 416 -3.49 -30.26 -64.22
N PHE EA 417 -4.62 -30.04 -63.56
CA PHE EA 417 -5.58 -31.12 -63.35
C PHE EA 417 -6.10 -31.66 -64.67
N SER EA 418 -6.44 -30.77 -65.60
CA SER EA 418 -6.95 -31.26 -66.86
C SER EA 418 -5.92 -32.13 -67.54
N THR EA 419 -4.66 -31.68 -67.54
CA THR EA 419 -3.62 -32.45 -68.21
C THR EA 419 -3.31 -33.76 -67.48
N GLY EA 420 -3.38 -33.75 -66.16
CA GLY EA 420 -2.94 -34.90 -65.38
C GLY EA 420 -3.98 -35.98 -65.23
N VAL EA 421 -5.27 -35.61 -65.33
CA VAL EA 421 -6.36 -36.53 -65.06
C VAL EA 421 -7.29 -36.66 -66.27
N ALA EA 422 -7.76 -35.54 -66.81
CA ALA EA 422 -8.81 -35.62 -67.81
C ALA EA 422 -8.26 -36.21 -69.10
N GLU EA 423 -6.96 -36.07 -69.32
CA GLU EA 423 -6.34 -36.62 -70.51
C GLU EA 423 -6.01 -38.10 -70.38
N VAL EA 424 -6.08 -38.66 -69.19
CA VAL EA 424 -5.81 -40.09 -68.97
C VAL EA 424 -7.11 -40.84 -69.20
N PRO EA 425 -7.18 -41.75 -70.16
CA PRO EA 425 -8.42 -42.49 -70.39
C PRO EA 425 -8.81 -43.30 -69.18
N PRO EA 426 -10.11 -43.36 -68.87
CA PRO EA 426 -10.54 -44.17 -67.72
C PRO EA 426 -10.32 -45.64 -67.94
N ASP EA 427 -10.28 -46.09 -69.20
CA ASP EA 427 -10.02 -47.48 -69.53
C ASP EA 427 -8.56 -47.83 -69.43
N THR EA 428 -7.77 -47.00 -68.75
CA THR EA 428 -6.36 -47.25 -68.57
C THR EA 428 -6.15 -47.95 -67.25
N ARG EA 429 -5.25 -48.93 -67.24
CA ARG EA 429 -4.96 -49.62 -66.00
C ARG EA 429 -4.46 -48.63 -64.96
N ASN EA 430 -4.76 -48.91 -63.70
CA ASN EA 430 -4.46 -47.95 -62.65
C ASN EA 430 -3.00 -47.54 -62.69
N VAL EA 431 -2.10 -48.50 -62.92
CA VAL EA 431 -0.69 -48.18 -63.05
C VAL EA 431 -0.46 -47.19 -64.19
N VAL EA 432 -1.16 -47.38 -65.32
CA VAL EA 432 -0.93 -46.50 -66.46
C VAL EA 432 -1.47 -45.09 -66.19
N ARG EA 433 -2.66 -45.01 -65.61
CA ARG EA 433 -3.23 -43.71 -65.27
C ARG EA 433 -2.32 -42.98 -64.29
N ALA EA 434 -1.84 -43.70 -63.27
CA ALA EA 434 -0.95 -43.11 -62.29
C ALA EA 434 0.35 -42.64 -62.92
N SER EA 435 0.94 -43.46 -63.79
CA SER EA 435 2.19 -43.05 -64.42
C SER EA 435 1.99 -41.81 -65.28
N HIS EA 436 0.85 -41.72 -65.97
CA HIS EA 436 0.61 -40.54 -66.80
C HIS EA 436 0.43 -39.30 -65.94
N LEU EA 437 -0.34 -39.41 -64.86
CA LEU EA 437 -0.50 -38.29 -63.95
C LEU EA 437 0.84 -37.87 -63.34
N LEU EA 438 1.62 -38.83 -62.86
CA LEU EA 438 2.90 -38.53 -62.24
C LEU EA 438 3.86 -37.87 -63.23
N ASN EA 439 3.86 -38.32 -64.49
CA ASN EA 439 4.74 -37.71 -65.47
C ASN EA 439 4.27 -36.32 -65.84
N THR EA 440 2.95 -36.10 -65.87
CA THR EA 440 2.46 -34.76 -66.13
C THR EA 440 2.85 -33.82 -65.01
N LEU EA 441 2.70 -34.27 -63.77
CA LEU EA 441 3.12 -33.47 -62.62
C LEU EA 441 4.62 -33.17 -62.68
N TYR EA 442 5.45 -34.18 -62.96
CA TYR EA 442 6.89 -33.94 -63.00
C TYR EA 442 7.23 -32.90 -64.07
N LYS EA 443 6.65 -33.04 -65.26
CA LYS EA 443 6.96 -32.09 -66.33
C LYS EA 443 6.47 -30.69 -65.99
N ALA EA 444 5.28 -30.57 -65.39
CA ALA EA 444 4.80 -29.25 -65.02
C ALA EA 444 5.70 -28.62 -63.97
N ILE EA 445 6.12 -29.41 -62.98
CA ILE EA 445 7.03 -28.91 -61.95
C ILE EA 445 8.30 -28.38 -62.59
N LEU EA 446 8.89 -29.16 -63.49
CA LEU EA 446 10.14 -28.72 -64.11
C LEU EA 446 9.92 -27.47 -64.95
N GLU EA 447 8.77 -27.36 -65.62
CA GLU EA 447 8.49 -26.16 -66.40
C GLU EA 447 8.38 -24.92 -65.51
N TYR EA 448 7.65 -25.04 -64.41
CA TYR EA 448 7.40 -23.89 -63.55
C TYR EA 448 8.60 -23.51 -62.69
N ASP EA 449 9.46 -24.45 -62.34
CA ASP EA 449 10.64 -24.11 -61.52
C ASP EA 449 11.54 -23.06 -62.14
N ASN EA 450 11.65 -23.02 -63.46
CA ASN EA 450 12.48 -22.01 -64.12
C ASN EA 450 11.88 -20.60 -64.12
N VAL EA 451 10.61 -20.44 -63.73
CA VAL EA 451 10.02 -19.11 -63.80
C VAL EA 451 10.50 -18.17 -62.69
N GLY EA 452 10.96 -18.68 -61.57
CA GLY EA 452 11.54 -17.83 -60.55
C GLY EA 452 10.55 -17.32 -59.52
N GLU EA 453 11.01 -16.31 -58.78
CA GLU EA 453 10.26 -15.81 -57.63
C GLU EA 453 8.86 -15.34 -57.97
N ALA EA 454 8.64 -14.83 -59.18
CA ALA EA 454 7.32 -14.31 -59.55
C ALA EA 454 6.23 -15.37 -59.52
N SER EA 455 6.60 -16.66 -59.54
CA SER EA 455 5.65 -17.77 -59.51
C SER EA 455 5.75 -18.57 -58.21
N GLU EA 456 6.38 -17.99 -57.19
CA GLU EA 456 6.67 -18.72 -55.95
C GLU EA 456 5.47 -19.43 -55.37
N GLN EA 457 4.31 -18.77 -55.29
CA GLN EA 457 3.13 -19.45 -54.77
C GLN EA 457 2.71 -20.62 -55.63
N THR EA 458 2.91 -20.54 -56.94
CA THR EA 458 2.54 -21.65 -57.81
C THR EA 458 3.55 -22.79 -57.69
N VAL EA 459 4.83 -22.45 -57.61
CA VAL EA 459 5.86 -23.47 -57.46
C VAL EA 459 5.67 -24.20 -56.14
N SER EA 460 5.41 -23.47 -55.05
CA SER EA 460 5.19 -24.11 -53.76
C SER EA 460 3.95 -24.99 -53.79
N LEU EA 461 2.85 -24.53 -54.41
CA LEU EA 461 1.66 -25.35 -54.53
C LEU EA 461 1.98 -26.65 -55.27
N LEU EA 462 2.59 -26.54 -56.44
CA LEU EA 462 2.90 -27.72 -57.22
C LEU EA 462 3.87 -28.64 -56.48
N PHE EA 463 4.82 -28.08 -55.75
CA PHE EA 463 5.74 -28.90 -54.99
C PHE EA 463 5.02 -29.71 -53.93
N SER EA 464 4.14 -29.06 -53.17
CA SER EA 464 3.38 -29.79 -52.17
C SER EA 464 2.51 -30.87 -52.81
N LEU EA 465 1.89 -30.56 -53.94
CA LEU EA 465 1.07 -31.56 -54.61
C LEU EA 465 1.89 -32.76 -55.05
N TRP EA 466 3.05 -32.51 -55.65
CA TRP EA 466 3.89 -33.62 -56.11
C TRP EA 466 4.37 -34.46 -54.94
N VAL EA 467 4.82 -33.82 -53.86
CA VAL EA 467 5.29 -34.57 -52.70
C VAL EA 467 4.18 -35.46 -52.17
N GLU EA 468 2.98 -34.91 -52.02
CA GLU EA 468 1.87 -35.71 -51.50
C GLU EA 468 1.49 -36.83 -52.44
N THR EA 469 1.51 -36.57 -53.75
CA THR EA 469 1.09 -37.62 -54.68
C THR EA 469 2.12 -38.74 -54.78
N VAL EA 470 3.41 -38.42 -54.68
CA VAL EA 470 4.41 -39.48 -54.73
C VAL EA 470 4.59 -40.18 -53.39
N ARG EA 471 4.14 -39.59 -52.29
CA ARG EA 471 4.30 -40.22 -50.99
C ARG EA 471 3.82 -41.66 -50.97
N PRO EA 472 2.58 -41.98 -51.34
CA PRO EA 472 2.18 -43.40 -51.35
C PRO EA 472 2.95 -44.28 -52.31
N TYR EA 473 3.28 -43.76 -53.50
CA TYR EA 473 4.02 -44.59 -54.44
C TYR EA 473 5.42 -44.88 -53.93
N LEU EA 474 6.10 -43.89 -53.39
CA LEU EA 474 7.42 -44.13 -52.85
C LEU EA 474 7.36 -45.00 -51.60
N GLN EA 475 6.30 -44.86 -50.82
CA GLN EA 475 6.14 -45.73 -49.67
C GLN EA 475 5.95 -47.18 -50.10
N ILE EA 476 5.16 -47.41 -51.15
CA ILE EA 476 5.02 -48.77 -51.66
C ILE EA 476 6.36 -49.29 -52.14
N VAL EA 477 7.11 -48.44 -52.84
CA VAL EA 477 8.43 -48.86 -53.30
C VAL EA 477 9.31 -49.15 -52.10
N ASP EA 478 9.28 -48.24 -51.13
CA ASP EA 478 10.07 -48.44 -49.91
C ASP EA 478 9.64 -49.71 -49.19
N GLU EA 479 8.34 -49.91 -49.04
CA GLU EA 479 7.84 -51.11 -48.37
C GLU EA 479 8.30 -52.38 -49.06
N TRP EA 480 8.29 -52.40 -50.40
CA TRP EA 480 8.71 -53.60 -51.11
C TRP EA 480 10.22 -53.81 -50.98
N ILE EA 481 10.99 -52.72 -51.03
CA ILE EA 481 12.43 -52.84 -50.92
C ILE EA 481 12.82 -53.30 -49.52
N VAL EA 482 12.11 -52.84 -48.51
CA VAL EA 482 12.51 -53.11 -47.13
C VAL EA 482 11.96 -54.43 -46.64
N HIS EA 483 10.66 -54.66 -46.81
CA HIS EA 483 10.04 -55.87 -46.28
C HIS EA 483 9.96 -56.99 -47.29
N GLY EA 484 10.14 -56.67 -48.57
CA GLY EA 484 10.10 -57.67 -49.61
C GLY EA 484 8.72 -58.17 -49.94
N HIS EA 485 7.67 -57.58 -49.39
CA HIS EA 485 6.30 -57.93 -49.75
C HIS EA 485 5.67 -56.72 -50.39
N LEU EA 486 5.22 -56.88 -51.64
CA LEU EA 486 4.47 -55.85 -52.34
C LEU EA 486 2.99 -55.98 -52.04
N CYS EA 487 2.46 -55.12 -51.16
CA CYS EA 487 1.02 -55.11 -50.93
C CYS EA 487 0.54 -53.97 -51.81
N ASP EA 488 0.31 -54.28 -53.08
CA ASP EA 488 -0.21 -53.37 -54.08
C ASP EA 488 -1.55 -53.89 -54.58
N GLY EA 489 -2.62 -53.50 -53.89
CA GLY EA 489 -3.94 -53.92 -54.31
C GLY EA 489 -4.39 -53.32 -55.62
N ALA EA 490 -3.85 -52.16 -55.98
CA ALA EA 490 -4.31 -51.43 -57.15
C ALA EA 490 -3.47 -51.66 -58.40
N ARG EA 491 -2.39 -52.43 -58.30
CA ARG EA 491 -1.52 -52.63 -59.46
C ARG EA 491 -1.07 -51.29 -60.02
N GLU EA 492 -0.66 -50.40 -59.13
CA GLU EA 492 -0.29 -49.05 -59.52
C GLU EA 492 1.19 -48.90 -59.83
N PHE EA 493 2.01 -49.84 -59.40
CA PHE EA 493 3.45 -49.71 -59.52
C PHE EA 493 3.88 -50.15 -60.92
N ILE EA 494 4.88 -49.46 -61.47
CA ILE EA 494 5.30 -49.72 -62.84
C ILE EA 494 5.84 -51.13 -63.01
N ILE EA 495 6.30 -51.74 -61.93
CA ILE EA 495 6.82 -53.11 -61.97
C ILE EA 495 5.71 -54.03 -61.47
N GLN EA 496 5.29 -54.96 -62.32
CA GLN EA 496 4.28 -55.94 -61.99
C GLN EA 496 4.98 -57.24 -61.64
N ARG EA 497 4.63 -57.83 -60.49
CA ARG EA 497 5.14 -59.14 -60.15
C ARG EA 497 4.33 -60.20 -60.89
N ASN EA 498 5.01 -61.01 -61.69
CA ASN EA 498 4.40 -62.19 -62.28
C ASN EA 498 4.19 -63.25 -61.21
N LYS EA 499 2.92 -63.51 -60.88
CA LYS EA 499 2.60 -64.48 -59.85
C LYS EA 499 2.92 -65.91 -60.27
N ASN EA 500 3.18 -66.14 -61.56
CA ASN EA 500 3.36 -67.49 -62.07
C ASN EA 500 4.74 -68.05 -61.78
N VAL EA 501 5.66 -67.24 -61.26
CA VAL EA 501 7.02 -67.67 -60.96
C VAL EA 501 7.13 -67.75 -59.44
N PRO EA 502 7.13 -68.95 -58.86
CA PRO EA 502 7.36 -69.07 -57.42
C PRO EA 502 8.79 -68.72 -57.07
N VAL EA 503 8.99 -68.36 -55.80
CA VAL EA 503 10.31 -67.92 -55.38
C VAL EA 503 11.31 -69.06 -55.56
N ASN EA 504 10.83 -70.30 -55.49
CA ASN EA 504 11.67 -71.46 -55.72
C ASN EA 504 11.78 -71.81 -57.21
N HIS EA 505 11.20 -70.99 -58.09
CA HIS EA 505 11.28 -71.25 -59.51
C HIS EA 505 12.59 -70.72 -60.09
N ARG EA 506 13.07 -71.40 -61.12
CA ARG EA 506 14.32 -71.00 -61.75
C ARG EA 506 14.24 -69.57 -62.25
N ASP EA 507 13.07 -69.16 -62.76
CA ASP EA 507 12.92 -67.82 -63.30
C ASP EA 507 12.66 -66.77 -62.23
N PHE EA 508 12.76 -67.14 -60.94
CA PHE EA 508 12.50 -66.16 -59.90
C PHE EA 508 13.35 -64.92 -60.10
N TRP EA 509 14.63 -65.11 -60.45
CA TRP EA 509 15.51 -63.97 -60.63
C TRP EA 509 15.10 -63.19 -61.86
N TYR EA 510 14.47 -63.85 -62.83
CA TYR EA 510 14.15 -63.26 -64.11
C TYR EA 510 12.68 -62.85 -64.22
N ALA EA 511 11.77 -63.66 -63.66
CA ALA EA 511 10.36 -63.52 -63.93
C ALA EA 511 9.57 -62.97 -62.76
N THR EA 512 10.17 -62.81 -61.58
CA THR EA 512 9.38 -62.38 -60.44
C THR EA 512 8.91 -60.95 -60.60
N TYR EA 513 9.72 -60.11 -61.23
CA TYR EA 513 9.42 -58.69 -61.41
C TYR EA 513 9.58 -58.33 -62.87
N THR EA 514 8.51 -57.90 -63.52
CA THR EA 514 8.54 -57.47 -64.91
C THR EA 514 8.16 -56.00 -64.95
N LEU EA 515 8.84 -55.22 -65.78
CA LEU EA 515 8.37 -53.87 -66.00
C LEU EA 515 7.17 -53.91 -66.94
N TYR EA 516 6.11 -53.20 -66.57
CA TYR EA 516 4.95 -53.12 -67.43
C TYR EA 516 5.32 -52.44 -68.73
N SER EA 517 5.01 -53.09 -69.85
CA SER EA 517 5.24 -52.52 -71.17
C SER EA 517 3.91 -52.29 -71.86
N VAL EA 518 3.72 -51.09 -72.40
CA VAL EA 518 2.45 -50.71 -73.01
C VAL EA 518 2.25 -51.47 -74.31
N GLN EA 546 7.77 -50.22 -75.18
CA GLN EA 546 7.53 -49.09 -74.28
C GLN EA 546 7.33 -49.58 -72.86
N HIS EA 547 8.41 -49.67 -72.09
CA HIS EA 547 8.28 -49.86 -70.66
C HIS EA 547 7.54 -48.69 -70.04
N THR EA 548 6.54 -49.00 -69.22
CA THR EA 548 5.89 -48.01 -68.36
C THR EA 548 6.83 -47.59 -67.23
N MET EA 549 7.62 -46.55 -67.46
CA MET EA 549 8.60 -46.08 -66.49
C MET EA 549 8.11 -44.80 -65.84
N VAL EA 550 8.16 -44.77 -64.50
CA VAL EA 550 7.87 -43.56 -63.75
C VAL EA 550 9.00 -42.57 -63.95
N SER EA 551 8.71 -41.42 -64.55
CA SER EA 551 9.76 -40.51 -64.99
C SER EA 551 10.63 -40.08 -63.82
N PHE EA 552 10.04 -39.77 -62.67
CA PHE EA 552 10.84 -39.31 -61.55
C PHE EA 552 11.71 -40.42 -60.99
N LEU EA 553 11.31 -41.67 -61.21
CA LEU EA 553 12.10 -42.82 -60.80
C LEU EA 553 13.08 -43.25 -61.88
N LYS EA 554 12.94 -42.72 -63.09
CA LYS EA 554 13.75 -43.18 -64.21
C LYS EA 554 15.24 -43.20 -63.91
N PRO EA 555 15.83 -42.18 -63.26
CA PRO EA 555 17.29 -42.27 -63.05
C PRO EA 555 17.62 -43.39 -62.10
N VAL EA 556 16.76 -43.61 -61.10
CA VAL EA 556 17.01 -44.59 -60.06
C VAL EA 556 16.12 -45.81 -60.23
N LEU EA 557 15.21 -45.79 -61.21
CA LEU EA 557 14.23 -46.88 -61.35
C LEU EA 557 14.89 -48.24 -61.47
N LYS EA 558 15.95 -48.37 -62.26
CA LYS EA 558 16.62 -49.66 -62.41
C LYS EA 558 17.17 -50.14 -61.08
N GLN EA 559 17.85 -49.25 -60.36
CA GLN EA 559 18.41 -49.64 -59.07
C GLN EA 559 17.31 -50.00 -58.10
N ILE EA 560 16.22 -49.22 -58.09
CA ILE EA 560 15.10 -49.50 -57.19
C ILE EA 560 14.52 -50.87 -57.47
N ILE EA 561 14.26 -51.17 -58.75
CA ILE EA 561 13.68 -52.46 -59.10
C ILE EA 561 14.61 -53.59 -58.70
N MET EA 562 15.90 -53.45 -58.98
CA MET EA 562 16.83 -54.52 -58.67
C MET EA 562 16.96 -54.70 -57.17
N ALA EA 563 16.98 -53.59 -56.44
CA ALA EA 563 17.05 -53.64 -54.98
C ALA EA 563 15.82 -54.32 -54.40
N GLY EA 564 14.62 -53.96 -54.87
CA GLY EA 564 13.42 -54.58 -54.34
C GLY EA 564 13.37 -56.08 -54.61
N LYS EA 565 13.70 -56.48 -55.84
CA LYS EA 565 13.77 -57.90 -56.13
C LYS EA 565 14.82 -58.58 -55.27
N SER EA 566 15.97 -57.94 -55.09
CA SER EA 566 17.04 -58.52 -54.30
C SER EA 566 16.63 -58.64 -52.84
N MET EA 567 15.96 -57.64 -52.31
CA MET EA 567 15.50 -57.70 -50.92
C MET EA 567 14.49 -58.82 -50.74
N GLN EA 568 13.55 -58.96 -51.67
CA GLN EA 568 12.61 -60.08 -51.56
C GLN EA 568 13.34 -61.42 -51.60
N LEU EA 569 14.30 -61.54 -52.51
CA LEU EA 569 15.10 -62.76 -52.59
C LEU EA 569 15.88 -62.99 -51.30
N LEU EA 570 16.51 -61.94 -50.78
CA LEU EA 570 17.27 -62.07 -49.55
C LEU EA 570 16.39 -62.50 -48.40
N LYS EA 571 15.19 -61.93 -48.29
CA LYS EA 571 14.27 -62.34 -47.25
C LYS EA 571 13.87 -63.80 -47.40
N ASN EA 572 13.63 -64.24 -48.63
CA ASN EA 572 13.31 -65.65 -48.87
C ASN EA 572 14.50 -66.57 -48.61
N LEU EA 573 15.72 -66.10 -48.85
CA LEU EA 573 16.90 -66.89 -48.54
C LEU EA 573 17.17 -66.93 -47.04
N GLN EA 574 16.93 -65.84 -46.34
CA GLN EA 574 17.18 -65.84 -44.91
C GLN EA 574 16.07 -66.56 -44.16
N CYS EA 575 14.88 -66.68 -44.77
CA CYS EA 575 13.85 -67.48 -44.13
C CYS EA 575 14.26 -68.95 -44.09
N ALA EA 576 15.30 -69.32 -44.86
CA ALA EA 576 15.93 -70.62 -44.74
C ALA EA 576 16.89 -70.67 -43.56
N GLU EA 577 17.27 -69.52 -43.01
CA GLU EA 577 18.12 -69.45 -41.83
C GLU EA 577 17.41 -68.71 -40.70
N GLU EA 589 12.67 -46.74 -36.90
CA GLU EA 589 13.36 -45.46 -36.91
C GLU EA 589 13.54 -44.94 -38.34
N ARG EA 590 13.12 -45.74 -39.31
CA ARG EA 590 13.32 -45.43 -40.71
C ARG EA 590 12.17 -44.58 -41.20
N LYS EA 591 12.48 -43.45 -41.84
CA LYS EA 591 11.44 -42.65 -42.47
C LYS EA 591 10.91 -43.35 -43.73
N SER EA 592 9.58 -43.38 -43.84
CA SER EA 592 8.96 -43.90 -45.05
C SER EA 592 9.45 -43.07 -46.22
N LEU EA 593 9.40 -43.62 -47.42
CA LEU EA 593 9.83 -42.79 -48.56
C LEU EA 593 9.06 -41.48 -48.61
N TYR EA 594 7.77 -41.50 -48.25
CA TYR EA 594 6.98 -40.28 -48.15
C TYR EA 594 7.44 -39.37 -47.02
N THR EA 595 7.66 -39.91 -45.83
CA THR EA 595 8.12 -39.08 -44.72
C THR EA 595 9.52 -38.55 -44.93
N LEU EA 596 10.40 -39.37 -45.50
CA LEU EA 596 11.75 -38.93 -45.81
C LEU EA 596 11.75 -37.85 -46.87
N PHE EA 597 10.89 -38.00 -47.89
CA PHE EA 597 10.75 -36.94 -48.88
C PHE EA 597 10.30 -35.63 -48.23
N LEU EA 598 9.28 -35.72 -47.38
CA LEU EA 598 8.80 -34.52 -46.69
C LEU EA 598 9.88 -33.92 -45.79
N GLU EA 599 10.60 -34.77 -45.06
CA GLU EA 599 11.66 -34.28 -44.19
C GLU EA 599 12.79 -33.66 -44.99
N SER EA 600 13.13 -34.23 -46.14
CA SER EA 600 14.18 -33.65 -46.96
C SER EA 600 13.74 -32.35 -47.60
N VAL EA 601 12.45 -32.24 -47.92
CA VAL EA 601 11.93 -30.98 -48.46
C VAL EA 601 11.99 -29.91 -47.38
N GLN EA 602 11.58 -30.25 -46.16
CA GLN EA 602 11.65 -29.28 -45.06
C GLN EA 602 13.09 -28.91 -44.75
N SER EA 603 14.00 -29.90 -44.78
CA SER EA 603 15.40 -29.63 -44.51
C SER EA 603 16.05 -28.78 -45.58
N ARG EA 604 15.60 -28.93 -46.83
CA ARG EA 604 16.11 -28.06 -47.90
C ARG EA 604 15.50 -26.66 -47.81
N LEU EA 605 14.22 -26.56 -47.44
CA LEU EA 605 13.63 -25.27 -47.16
C LEU EA 605 14.38 -24.54 -46.04
N ARG EA 606 14.84 -25.27 -45.04
CA ARG EA 606 15.64 -24.66 -43.98
C ARG EA 606 17.06 -24.35 -44.45
N HIS EA 607 17.65 -25.22 -45.27
CA HIS EA 607 19.00 -25.01 -45.77
C HIS EA 607 19.06 -23.99 -46.90
N GLY EA 608 17.92 -23.46 -47.33
CA GLY EA 608 17.89 -22.33 -48.25
C GLY EA 608 18.45 -21.06 -47.64
N GLU EA 677 8.09 -18.53 -51.25
CA GLU EA 677 9.11 -17.82 -52.01
C GLU EA 677 10.45 -18.49 -51.87
N SER EA 678 10.48 -19.64 -51.20
CA SER EA 678 11.72 -20.31 -50.84
C SER EA 678 11.86 -21.68 -51.50
N VAL EA 679 10.86 -22.12 -52.25
CA VAL EA 679 10.95 -23.36 -53.00
C VAL EA 679 10.98 -23.13 -54.51
N THR EA 680 10.64 -21.93 -54.97
CA THR EA 680 10.68 -21.61 -56.40
C THR EA 680 12.03 -21.11 -56.90
N CYS EA 681 13.05 -21.03 -56.04
CA CYS EA 681 14.38 -20.63 -56.49
C CYS EA 681 15.34 -21.79 -56.68
N GLN EA 682 14.90 -23.03 -56.45
CA GLN EA 682 15.69 -24.21 -56.74
C GLN EA 682 14.84 -25.15 -57.57
N THR EA 683 15.32 -25.52 -58.76
CA THR EA 683 14.52 -26.40 -59.60
C THR EA 683 14.10 -27.62 -58.80
N PHE EA 684 12.80 -27.92 -58.84
CA PHE EA 684 12.32 -29.09 -58.12
C PHE EA 684 13.12 -30.33 -58.51
N GLU EA 685 13.52 -30.41 -59.78
CA GLU EA 685 14.35 -31.54 -60.20
C GLU EA 685 15.73 -31.53 -59.55
N LEU EA 686 16.33 -30.36 -59.39
CA LEU EA 686 17.61 -30.32 -58.68
C LEU EA 686 17.44 -30.67 -57.21
N THR EA 687 16.33 -30.21 -56.62
CA THR EA 687 16.07 -30.56 -55.22
C THR EA 687 15.87 -32.06 -55.06
N LEU EA 688 15.12 -32.69 -55.95
CA LEU EA 688 14.96 -34.14 -55.90
C LEU EA 688 16.29 -34.85 -56.13
N ARG EA 689 17.05 -34.39 -57.12
CA ARG EA 689 18.33 -35.02 -57.44
C ARG EA 689 19.27 -34.96 -56.27
N SER EA 690 19.18 -33.92 -55.44
CA SER EA 690 20.14 -33.76 -54.36
C SER EA 690 19.64 -34.29 -53.03
N CYS EA 691 18.32 -34.36 -52.82
CA CYS EA 691 17.79 -34.89 -51.57
C CYS EA 691 17.45 -36.38 -51.64
N LEU EA 692 16.67 -36.81 -52.64
CA LEU EA 692 16.05 -38.12 -52.57
C LEU EA 692 16.94 -39.23 -53.12
N TYR EA 693 17.58 -39.00 -54.25
CA TYR EA 693 18.31 -40.07 -54.90
C TYR EA 693 19.46 -40.58 -54.04
N PRO EA 694 20.21 -39.73 -53.33
CA PRO EA 694 21.32 -40.27 -52.52
C PRO EA 694 20.88 -41.20 -51.40
N HIS EA 695 19.75 -40.93 -50.75
CA HIS EA 695 19.29 -41.84 -49.71
C HIS EA 695 18.87 -43.18 -50.31
N ILE EA 696 18.18 -43.14 -51.44
CA ILE EA 696 17.77 -44.36 -52.10
C ILE EA 696 18.99 -45.16 -52.54
N ASP EA 697 20.00 -44.49 -53.09
CA ASP EA 697 21.19 -45.19 -53.53
C ASP EA 697 21.95 -45.80 -52.36
N LYS EA 698 22.00 -45.08 -51.24
CA LYS EA 698 22.60 -45.64 -50.04
C LYS EA 698 21.88 -46.90 -49.63
N GLN EA 699 20.55 -46.84 -49.56
CA GLN EA 699 19.79 -48.03 -49.17
C GLN EA 699 19.98 -49.18 -50.15
N TYR EA 700 20.00 -48.88 -51.44
CA TYR EA 700 20.23 -49.92 -52.45
C TYR EA 700 21.57 -50.59 -52.24
N LEU EA 701 22.62 -49.79 -52.05
CA LEU EA 701 23.93 -50.35 -51.83
C LEU EA 701 23.96 -51.20 -50.57
N ASP EA 702 23.31 -50.72 -49.51
CA ASP EA 702 23.30 -51.48 -48.25
C ASP EA 702 22.59 -52.81 -48.43
N CYS EA 703 21.43 -52.79 -49.09
CA CYS EA 703 20.65 -54.01 -49.27
C CYS EA 703 21.41 -55.01 -50.13
N CYS EA 704 21.98 -54.54 -51.23
CA CYS EA 704 22.71 -55.45 -52.11
C CYS EA 704 23.95 -55.99 -51.42
N GLY EA 705 24.65 -55.16 -50.64
CA GLY EA 705 25.78 -55.66 -49.89
C GLY EA 705 25.41 -56.71 -48.85
N ASN EA 706 24.29 -56.51 -48.16
CA ASN EA 706 23.83 -57.51 -47.21
C ASN EA 706 23.49 -58.81 -47.90
N LEU EA 707 22.75 -58.73 -49.01
CA LEU EA 707 22.44 -59.92 -49.79
C LEU EA 707 23.71 -60.64 -50.24
N MET EA 708 24.68 -59.90 -50.77
CA MET EA 708 25.92 -60.51 -51.21
C MET EA 708 26.68 -61.16 -50.06
N ARG EA 709 26.68 -60.52 -48.89
CA ARG EA 709 27.35 -61.11 -47.74
C ARG EA 709 26.68 -62.41 -47.32
N THR EA 710 25.35 -62.42 -47.30
CA THR EA 710 24.63 -63.64 -46.98
C THR EA 710 24.93 -64.74 -48.00
N LEU EA 711 24.95 -64.38 -49.28
CA LEU EA 711 25.22 -65.37 -50.32
C LEU EA 711 26.64 -65.90 -50.24
N LYS EA 712 27.59 -65.04 -49.85
CA LYS EA 712 28.97 -65.46 -49.72
C LYS EA 712 29.15 -66.40 -48.54
N LYS EA 713 28.49 -66.11 -47.41
CA LYS EA 713 28.72 -66.88 -46.21
C LYS EA 713 27.94 -68.20 -46.23
N ASP EA 714 26.64 -68.14 -46.50
CA ASP EA 714 25.78 -69.29 -46.25
C ASP EA 714 25.80 -70.30 -47.39
N TYR EA 715 25.87 -69.83 -48.64
CA TYR EA 715 25.86 -70.72 -49.80
C TYR EA 715 27.24 -70.99 -50.38
N ARG EA 716 28.30 -70.47 -49.76
CA ARG EA 716 29.68 -70.78 -50.18
C ARG EA 716 29.83 -70.69 -51.70
N LEU EA 717 29.21 -69.65 -52.28
CA LEU EA 717 29.22 -69.52 -53.73
C LEU EA 717 30.65 -69.58 -54.27
N VAL EA 718 31.61 -69.02 -53.55
CA VAL EA 718 32.99 -69.04 -54.01
C VAL EA 718 33.54 -70.45 -54.05
N GLU EA 719 33.18 -71.27 -53.06
CA GLU EA 719 33.60 -72.67 -53.07
C GLU EA 719 32.98 -73.40 -54.24
N TYR EA 720 31.71 -73.14 -54.52
CA TYR EA 720 31.05 -73.75 -55.67
C TYR EA 720 31.72 -73.33 -56.98
N LEU EA 721 32.05 -72.05 -57.10
CA LEU EA 721 32.74 -71.59 -58.31
C LEU EA 721 34.12 -72.22 -58.45
N GLN EA 722 34.83 -72.42 -57.33
CA GLN EA 722 36.13 -73.07 -57.42
C GLN EA 722 35.99 -74.52 -57.83
N ALA EA 723 34.98 -75.21 -57.31
CA ALA EA 723 34.70 -76.56 -57.76
C ALA EA 723 34.36 -76.59 -59.25
N MET EA 724 33.54 -75.64 -59.70
CA MET EA 724 33.23 -75.54 -61.12
C MET EA 724 34.48 -75.35 -61.95
N ARG EA 725 35.43 -74.55 -61.46
CA ARG EA 725 36.69 -74.41 -62.17
C ARG EA 725 37.46 -75.72 -62.19
N ASN EA 726 37.53 -76.39 -61.04
CA ASN EA 726 38.28 -77.64 -60.95
C ASN EA 726 37.73 -78.69 -61.91
N PHE EA 727 36.41 -78.83 -61.97
CA PHE EA 727 35.80 -79.90 -62.75
C PHE EA 727 35.51 -79.52 -64.19
N PHE EA 728 34.81 -78.42 -64.41
CA PHE EA 728 34.43 -78.06 -65.77
C PHE EA 728 35.59 -77.43 -66.50
N LEU EA 729 36.44 -76.70 -65.80
CA LEU EA 729 37.63 -76.11 -66.37
C LEU EA 729 38.85 -76.99 -66.21
N MET EA 730 38.70 -78.18 -65.63
CA MET EA 730 39.82 -79.09 -65.43
C MET EA 730 40.90 -78.46 -64.57
N GLU EA 731 40.50 -77.58 -63.66
CA GLU EA 731 41.44 -76.98 -62.72
C GLU EA 731 41.89 -78.00 -61.69
N GLY EA 732 41.10 -79.05 -61.48
CA GLY EA 732 41.54 -80.17 -60.67
C GLY EA 732 42.57 -80.96 -61.44
N GLY EA 733 43.70 -80.32 -61.71
CA GLY EA 733 44.63 -80.83 -62.72
C GLY EA 733 44.93 -82.30 -62.58
N ASP EA 734 45.12 -82.77 -61.35
CA ASP EA 734 45.48 -84.18 -61.13
C ASP EA 734 44.29 -85.09 -61.43
N THR EA 735 43.10 -84.70 -60.96
CA THR EA 735 41.91 -85.51 -61.22
C THR EA 735 41.58 -85.56 -62.70
N MET EA 736 41.72 -84.43 -63.39
CA MET EA 736 41.47 -84.44 -64.83
C MET EA 736 42.57 -85.20 -65.56
N TYR EA 737 43.79 -85.17 -65.04
CA TYR EA 737 44.86 -86.02 -65.59
C TYR EA 737 44.47 -87.49 -65.51
N ASP EA 738 44.04 -87.95 -64.34
CA ASP EA 738 43.65 -89.34 -64.19
C ASP EA 738 42.47 -89.69 -65.09
N PHE EA 739 41.52 -88.77 -65.21
CA PHE EA 739 40.37 -88.99 -66.09
C PHE EA 739 40.80 -89.16 -67.54
N TYR EA 740 41.60 -88.22 -68.03
CA TYR EA 740 41.98 -88.26 -69.44
C TYR EA 740 42.94 -89.40 -69.72
N THR EA 741 43.76 -89.78 -68.74
CA THR EA 741 44.61 -90.95 -68.90
C THR EA 741 43.79 -92.22 -69.02
N SER EA 742 42.82 -92.41 -68.12
CA SER EA 742 41.93 -93.57 -68.23
C SER EA 742 41.16 -93.55 -69.55
N ILE EA 743 40.76 -92.37 -70.03
CA ILE EA 743 40.03 -92.29 -71.28
C ILE EA 743 40.93 -92.64 -72.46
N PHE EA 744 42.15 -92.10 -72.48
CA PHE EA 744 43.06 -92.38 -73.57
C PHE EA 744 43.48 -93.84 -73.56
N ASP EA 745 43.64 -94.41 -72.37
CA ASP EA 745 43.95 -95.83 -72.24
C ASP EA 745 42.83 -96.70 -72.81
N LYS EA 746 41.58 -96.38 -72.47
CA LYS EA 746 40.46 -97.14 -73.03
C LYS EA 746 40.35 -96.95 -74.55
N ILE EA 747 40.64 -95.74 -75.04
CA ILE EA 747 40.65 -95.51 -76.48
C ILE EA 747 41.74 -96.34 -77.15
N ARG EA 748 42.94 -96.38 -76.55
CA ARG EA 748 44.03 -97.14 -77.15
C ARG EA 748 43.74 -98.64 -77.09
N GLU EA 749 43.15 -99.11 -76.00
CA GLU EA 749 42.77 -100.50 -75.89
C GLU EA 749 41.55 -100.82 -76.74
N LYS EA 750 40.95 -99.82 -77.36
CA LYS EA 750 39.74 -100.01 -78.16
C LYS EA 750 38.61 -100.52 -77.28
N GLU EA 751 38.67 -100.21 -76.00
CA GLU EA 751 37.61 -100.58 -75.09
C GLU EA 751 36.46 -99.60 -75.24
N THR EA 752 35.31 -99.98 -74.71
CA THR EA 752 34.17 -99.08 -74.74
C THR EA 752 34.37 -97.97 -73.73
N TRP EA 753 34.97 -96.86 -74.15
CA TRP EA 753 35.15 -95.77 -73.20
C TRP EA 753 33.88 -94.95 -73.13
N GLN EA 754 32.95 -95.17 -74.06
CA GLN EA 754 31.68 -94.49 -74.14
C GLN EA 754 30.70 -95.08 -73.14
N ASN EA 755 31.18 -96.03 -72.32
CA ASN EA 755 30.36 -96.68 -71.32
C ASN EA 755 30.11 -95.73 -70.16
N VAL EA 756 28.84 -95.37 -69.99
CA VAL EA 756 28.49 -94.45 -68.92
C VAL EA 756 28.84 -95.05 -67.58
N SER EA 757 28.70 -96.36 -67.43
CA SER EA 757 29.02 -96.99 -66.14
C SER EA 757 30.50 -96.95 -65.85
N PHE EA 758 31.34 -97.24 -66.85
CA PHE EA 758 32.78 -97.15 -66.63
C PHE EA 758 33.20 -95.72 -66.32
N LEU EA 759 32.74 -94.76 -67.12
CA LEU EA 759 33.11 -93.37 -66.88
C LEU EA 759 32.59 -92.88 -65.54
N ASN EA 760 31.35 -93.22 -65.18
CA ASN EA 760 30.80 -92.80 -63.92
C ASN EA 760 31.52 -93.42 -62.74
N VAL EA 761 31.88 -94.70 -62.83
CA VAL EA 761 32.61 -95.34 -61.75
C VAL EA 761 33.97 -94.67 -61.56
N GLN EA 762 34.68 -94.44 -62.67
CA GLN EA 762 36.00 -93.82 -62.53
C GLN EA 762 35.90 -92.38 -62.01
N LEU EA 763 34.91 -91.62 -62.49
CA LEU EA 763 34.71 -90.26 -62.00
C LEU EA 763 34.33 -90.25 -60.53
N GLN EA 764 33.41 -91.12 -60.13
CA GLN EA 764 32.98 -91.15 -58.74
C GLN EA 764 34.12 -91.56 -57.81
N GLU EA 765 34.96 -92.50 -58.24
CA GLU EA 765 36.10 -92.87 -57.41
C GLU EA 765 37.10 -91.72 -57.30
N ALA EA 766 37.43 -91.11 -58.44
CA ALA EA 766 38.43 -90.05 -58.44
C ALA EA 766 37.96 -88.85 -57.61
N VAL EA 767 36.68 -88.51 -57.69
CA VAL EA 767 36.18 -87.37 -56.92
C VAL EA 767 35.99 -87.75 -55.46
N GLY EA 768 35.49 -88.96 -55.19
CA GLY EA 768 35.25 -89.37 -53.83
C GLY EA 768 36.51 -89.50 -53.00
N GLN EA 769 37.66 -89.73 -53.65
CA GLN EA 769 38.89 -89.84 -52.87
C GLN EA 769 39.33 -88.50 -52.27
N ARG EA 770 39.09 -87.38 -52.93
CA ARG EA 770 39.58 -86.10 -52.40
C ARG EA 770 38.51 -85.09 -52.03
N TYR EA 771 37.36 -85.08 -52.70
CA TYR EA 771 36.34 -84.05 -52.51
C TYR EA 771 34.97 -84.70 -52.44
N PRO EA 772 34.59 -85.25 -51.28
CA PRO EA 772 33.30 -85.96 -51.23
C PRO EA 772 32.14 -85.07 -51.56
N GLU EA 773 32.21 -83.78 -51.21
CA GLU EA 773 31.11 -82.88 -51.56
C GLU EA 773 31.13 -82.64 -53.06
N ASP EA 774 32.33 -82.46 -53.63
CA ASP EA 774 32.41 -82.31 -55.07
C ASP EA 774 32.20 -83.66 -55.73
N SER EA 775 32.59 -84.73 -55.02
CA SER EA 775 32.37 -86.07 -55.54
C SER EA 775 30.90 -86.31 -55.81
N SER EA 776 30.03 -85.79 -54.93
CA SER EA 776 28.59 -85.93 -55.14
C SER EA 776 28.08 -85.07 -56.30
N ARG EA 777 28.81 -84.05 -56.70
CA ARG EA 777 28.31 -83.17 -57.75
C ARG EA 777 28.92 -83.45 -59.11
N LEU EA 778 30.09 -84.09 -59.16
CA LEU EA 778 30.70 -84.47 -60.42
C LEU EA 778 30.18 -85.82 -60.87
N SER EA 779 29.86 -85.92 -62.16
CA SER EA 779 29.47 -87.17 -62.79
C SER EA 779 30.00 -87.20 -64.20
N ILE EA 780 30.41 -88.37 -64.67
CA ILE EA 780 30.79 -88.55 -66.06
C ILE EA 780 29.65 -89.30 -66.75
N SER EA 781 29.20 -88.77 -67.88
CA SER EA 781 28.26 -89.46 -68.76
C SER EA 781 28.93 -89.67 -70.12
N PHE EA 782 28.65 -90.79 -70.76
CA PHE EA 782 29.17 -91.05 -72.09
C PHE EA 782 28.03 -91.26 -73.10
N LEU EA 792 37.55 -89.79 -86.69
CA LEU EA 792 38.80 -89.20 -86.22
C LEU EA 792 39.08 -89.61 -84.78
N PRO EA 793 40.29 -90.12 -84.53
CA PRO EA 793 40.67 -90.45 -83.14
C PRO EA 793 40.27 -89.34 -82.19
N VAL EA 794 40.53 -88.09 -82.57
CA VAL EA 794 40.21 -86.97 -81.71
C VAL EA 794 38.75 -87.02 -81.29
N HIS EA 795 37.89 -87.50 -82.20
CA HIS EA 795 36.45 -87.54 -81.95
C HIS EA 795 36.04 -88.78 -81.17
N THR EA 796 37.02 -89.57 -80.70
CA THR EA 796 36.70 -90.77 -79.94
C THR EA 796 36.04 -90.45 -78.62
N LEU EA 797 36.34 -89.30 -78.04
CA LEU EA 797 35.76 -88.87 -76.78
C LEU EA 797 34.47 -88.07 -76.94
N ASP EA 798 33.95 -87.93 -78.16
CA ASP EA 798 32.72 -87.18 -78.37
C ASP EA 798 31.53 -88.00 -77.89
N GLY EA 799 30.87 -87.50 -76.84
CA GLY EA 799 29.75 -88.20 -76.22
C GLY EA 799 29.87 -88.24 -74.72
N LEU EA 800 31.03 -87.84 -74.22
CA LEU EA 800 31.24 -87.65 -72.79
C LEU EA 800 30.53 -86.39 -72.29
N THR EA 801 29.59 -86.56 -71.36
CA THR EA 801 28.86 -85.43 -70.77
C THR EA 801 29.15 -85.37 -69.28
N LEU EA 802 29.71 -84.25 -68.83
CA LEU EA 802 30.00 -83.98 -67.42
C LEU EA 802 28.82 -83.31 -66.73
N SER EA 803 28.39 -83.85 -65.59
CA SER EA 803 27.26 -83.34 -64.83
C SER EA 803 27.77 -82.80 -63.49
N TYR EA 804 27.68 -81.49 -63.29
CA TYR EA 804 28.08 -80.84 -62.05
C TYR EA 804 26.85 -80.45 -61.24
N LYS EA 805 26.71 -81.02 -60.04
CA LYS EA 805 25.56 -80.77 -59.19
C LYS EA 805 25.72 -79.46 -58.43
N VAL EA 806 25.13 -78.40 -58.95
CA VAL EA 806 25.18 -77.10 -58.28
C VAL EA 806 24.12 -77.07 -57.19
N PRO EA 807 24.46 -76.67 -55.96
CA PRO EA 807 23.43 -76.59 -54.91
C PRO EA 807 22.52 -75.37 -55.03
N TRP EA 808 21.31 -75.54 -54.51
CA TRP EA 808 20.40 -74.43 -54.30
C TRP EA 808 20.95 -73.49 -53.23
N PRO EA 809 20.79 -72.17 -53.39
CA PRO EA 809 20.00 -71.45 -54.39
C PRO EA 809 20.82 -71.06 -55.62
N VAL EA 810 22.09 -71.48 -55.67
CA VAL EA 810 22.97 -71.07 -56.75
C VAL EA 810 22.50 -71.60 -58.10
N ASP EA 811 21.70 -72.67 -58.10
CA ASP EA 811 21.11 -73.16 -59.34
C ASP EA 811 20.27 -72.11 -60.06
N ILE EA 812 19.74 -71.11 -59.35
CA ILE EA 812 19.03 -70.02 -60.00
C ILE EA 812 19.99 -69.25 -60.91
N VAL EA 813 21.24 -69.13 -60.49
CA VAL EA 813 22.25 -68.41 -61.28
C VAL EA 813 22.89 -69.33 -62.32
N ILE EA 814 23.20 -70.56 -61.92
CA ILE EA 814 23.87 -71.51 -62.82
C ILE EA 814 22.75 -72.27 -63.52
N SER EA 815 22.23 -71.66 -64.57
CA SER EA 815 21.17 -72.25 -65.38
C SER EA 815 21.69 -73.46 -66.13
N LEU EA 816 20.75 -74.30 -66.57
CA LEU EA 816 21.11 -75.44 -67.41
C LEU EA 816 21.86 -74.99 -68.65
N GLU EA 817 21.56 -73.80 -69.18
CA GLU EA 817 22.33 -73.31 -70.32
C GLU EA 817 23.75 -72.97 -69.90
N CYS EA 818 23.91 -72.34 -68.73
CA CYS EA 818 25.24 -72.12 -68.17
C CYS EA 818 25.95 -73.44 -67.95
N GLN EA 819 25.23 -74.46 -67.47
CA GLN EA 819 25.87 -75.75 -67.25
C GLN EA 819 26.27 -76.41 -68.56
N LYS EA 820 25.46 -76.23 -69.61
CA LYS EA 820 25.84 -76.71 -70.93
C LYS EA 820 27.10 -76.01 -71.45
N ILE EA 821 27.19 -74.70 -71.26
CA ILE EA 821 28.38 -73.97 -71.68
C ILE EA 821 29.61 -74.46 -70.91
N TYR EA 822 29.45 -74.65 -69.60
CA TYR EA 822 30.53 -75.20 -68.80
C TYR EA 822 30.92 -76.58 -69.31
N ASN EA 823 29.93 -77.40 -69.65
CA ASN EA 823 30.22 -78.73 -70.17
C ASN EA 823 30.97 -78.66 -71.49
N GLN EA 824 30.61 -77.71 -72.35
CA GLN EA 824 31.32 -77.55 -73.62
C GLN EA 824 32.76 -77.15 -73.39
N VAL EA 825 32.99 -76.25 -72.44
CA VAL EA 825 34.35 -75.85 -72.12
C VAL EA 825 35.13 -77.03 -71.55
N PHE EA 826 34.49 -77.78 -70.65
CA PHE EA 826 35.09 -78.99 -70.11
C PHE EA 826 35.48 -79.94 -71.23
N LEU EA 827 34.58 -80.16 -72.18
CA LEU EA 827 34.86 -81.05 -73.31
C LEU EA 827 36.07 -80.57 -74.11
N LEU EA 828 36.13 -79.27 -74.39
CA LEU EA 828 37.28 -78.75 -75.13
C LEU EA 828 38.58 -78.97 -74.35
N LEU EA 829 38.54 -78.67 -73.05
CA LEU EA 829 39.72 -78.86 -72.22
C LEU EA 829 40.10 -80.33 -72.14
N LEU EA 830 39.11 -81.20 -72.07
CA LEU EA 830 39.36 -82.63 -72.01
C LEU EA 830 39.98 -83.13 -73.30
N GLN EA 831 39.50 -82.65 -74.44
CA GLN EA 831 40.12 -83.03 -75.72
C GLN EA 831 41.57 -82.57 -75.77
N ILE EA 832 41.84 -81.35 -75.32
CA ILE EA 832 43.22 -80.87 -75.34
C ILE EA 832 44.09 -81.66 -74.38
N LYS EA 833 43.58 -81.96 -73.18
CA LYS EA 833 44.31 -82.76 -72.21
C LYS EA 833 44.54 -84.17 -72.75
N TRP EA 834 43.55 -84.72 -73.46
CA TRP EA 834 43.71 -86.05 -74.05
C TRP EA 834 44.83 -86.06 -75.06
N ALA EA 835 44.84 -85.08 -75.96
CA ALA EA 835 45.94 -85.01 -76.93
C ALA EA 835 47.28 -84.83 -76.21
N LYS EA 836 47.29 -84.01 -75.16
CA LYS EA 836 48.52 -83.82 -74.40
C LYS EA 836 49.01 -85.11 -73.79
N TYR EA 837 48.14 -85.81 -73.06
CA TYR EA 837 48.53 -87.07 -72.43
C TYR EA 837 48.94 -88.10 -73.47
N SER EA 838 48.18 -88.21 -74.56
CA SER EA 838 48.53 -89.16 -75.61
C SER EA 838 49.90 -88.89 -76.18
N LEU EA 839 50.29 -87.62 -76.30
CA LEU EA 839 51.63 -87.33 -76.78
C LEU EA 839 52.71 -87.48 -75.71
N ASP EA 840 52.41 -87.17 -74.46
CA ASP EA 840 53.43 -87.31 -73.42
C ASP EA 840 53.70 -88.75 -73.07
N VAL EA 841 52.64 -89.56 -72.98
CA VAL EA 841 52.81 -90.95 -72.58
C VAL EA 841 53.51 -91.74 -73.67
N LEU EA 842 53.50 -91.26 -74.90
CA LEU EA 842 54.14 -91.98 -75.99
C LEU EA 842 55.62 -92.13 -75.70
N LEU EA 843 56.03 -93.35 -75.38
CA LEU EA 843 57.42 -93.64 -75.07
C LEU EA 843 58.17 -93.98 -76.35
N PHE EA 844 59.44 -93.58 -76.41
CA PHE EA 844 60.23 -93.91 -77.58
C PHE EA 844 60.42 -95.41 -77.71
N GLY EA 845 60.31 -96.15 -76.61
CA GLY EA 845 60.58 -97.57 -76.68
C GLY EA 845 59.44 -98.38 -77.23
N GLU EA 846 58.22 -97.85 -77.17
CA GLU EA 846 57.08 -98.59 -77.67
C GLU EA 846 57.10 -98.63 -79.20
N LEU EA 847 57.57 -97.55 -79.82
CA LEU EA 847 57.81 -97.56 -81.25
C LEU EA 847 59.14 -98.22 -81.61
N ALA EA 848 60.16 -98.12 -80.76
CA ALA EA 848 61.44 -98.73 -81.09
C ALA EA 848 61.40 -100.25 -81.06
N SER EA 849 60.75 -100.84 -80.05
CA SER EA 849 60.69 -102.29 -79.99
C SER EA 849 59.72 -102.86 -81.02
N SER EA 850 58.71 -102.09 -81.40
CA SER EA 850 57.80 -102.49 -82.47
C SER EA 850 58.44 -102.29 -83.84
N ARG EA 878 65.95 -97.55 -90.30
CA ARG EA 878 66.58 -96.53 -89.45
C ARG EA 878 66.19 -95.14 -89.91
N GLN EA 879 66.08 -94.95 -91.22
CA GLN EA 879 65.66 -93.65 -91.74
C GLN EA 879 64.17 -93.40 -91.47
N GLN EA 880 63.34 -94.44 -91.55
CA GLN EA 880 61.94 -94.27 -91.20
C GLN EA 880 61.78 -93.96 -89.72
N ILE EA 881 62.52 -94.67 -88.87
CA ILE EA 881 62.53 -94.36 -87.44
C ILE EA 881 62.96 -92.92 -87.19
N HIS EA 882 64.02 -92.48 -87.87
CA HIS EA 882 64.48 -91.11 -87.71
C HIS EA 882 63.42 -90.09 -88.15
N ARG EA 883 62.74 -90.37 -89.26
CA ARG EA 883 61.68 -89.49 -89.71
C ARG EA 883 60.53 -89.46 -88.72
N MET EA 884 60.20 -90.61 -88.14
CA MET EA 884 59.15 -90.66 -87.12
C MET EA 884 59.58 -89.89 -85.87
N PHE EA 885 60.86 -89.97 -85.49
CA PHE EA 885 61.37 -89.17 -84.38
C PHE EA 885 61.25 -87.68 -84.68
N LEU EA 886 61.60 -87.26 -85.90
CA LEU EA 886 61.47 -85.86 -86.26
C LEU EA 886 60.02 -85.42 -86.24
N LEU EA 887 59.12 -86.28 -86.69
CA LEU EA 887 57.70 -85.96 -86.63
C LEU EA 887 57.22 -85.89 -85.18
N ARG EA 888 57.70 -86.79 -84.34
CA ARG EA 888 57.41 -86.71 -82.91
C ARG EA 888 57.85 -85.37 -82.33
N VAL EA 889 59.09 -84.98 -82.61
CA VAL EA 889 59.59 -83.71 -82.08
C VAL EA 889 58.75 -82.55 -82.58
N LYS EA 890 58.32 -82.63 -83.84
CA LYS EA 890 57.49 -81.57 -84.42
C LYS EA 890 56.13 -81.50 -83.74
N LEU EA 891 55.49 -82.66 -83.60
CA LEU EA 891 54.21 -82.72 -82.92
C LEU EA 891 54.34 -82.27 -81.48
N MET EA 892 55.43 -82.65 -80.81
CA MET EA 892 55.63 -82.22 -79.43
C MET EA 892 55.77 -80.71 -79.33
N HIS EA 893 56.52 -80.09 -80.23
CA HIS EA 893 56.62 -78.64 -80.20
C HIS EA 893 55.26 -77.99 -80.46
N PHE EA 894 54.53 -78.49 -81.45
CA PHE EA 894 53.21 -77.93 -81.74
C PHE EA 894 52.26 -78.10 -80.56
N VAL EA 895 52.15 -79.33 -80.05
CA VAL EA 895 51.23 -79.63 -78.98
C VAL EA 895 51.59 -78.88 -77.70
N ASN EA 896 52.88 -78.78 -77.40
CA ASN EA 896 53.28 -78.04 -76.20
C ASN EA 896 52.95 -76.57 -76.34
N SER EA 897 53.17 -76.00 -77.52
CA SER EA 897 52.81 -74.61 -77.73
C SER EA 897 51.30 -74.42 -77.61
N LEU EA 898 50.52 -75.34 -78.18
CA LEU EA 898 49.07 -75.24 -78.09
C LEU EA 898 48.59 -75.35 -76.65
N HIS EA 899 49.11 -76.34 -75.92
CA HIS EA 899 48.70 -76.53 -74.53
C HIS EA 899 49.05 -75.30 -73.69
N ASN EA 900 50.28 -74.80 -73.80
CA ASN EA 900 50.65 -73.63 -73.02
C ASN EA 900 49.82 -72.41 -73.42
N TYR EA 901 49.59 -72.22 -74.71
CA TYR EA 901 48.79 -71.09 -75.17
C TYR EA 901 47.39 -71.17 -74.59
N ILE EA 902 46.76 -72.34 -74.70
CA ILE EA 902 45.39 -72.47 -74.20
C ILE EA 902 45.38 -72.24 -72.70
N MET EA 903 46.27 -72.93 -71.98
CA MET EA 903 46.24 -72.86 -70.52
C MET EA 903 46.40 -71.43 -70.05
N THR EA 904 47.41 -70.73 -70.55
CA THR EA 904 47.72 -69.42 -69.98
C THR EA 904 46.83 -68.33 -70.57
N ARG EA 905 46.65 -68.29 -71.89
CA ARG EA 905 45.93 -67.16 -72.45
C ARG EA 905 44.43 -67.34 -72.30
N ILE EA 906 43.91 -68.56 -72.40
CA ILE EA 906 42.48 -68.78 -72.24
C ILE EA 906 42.21 -69.10 -70.79
N LEU EA 907 42.72 -70.24 -70.31
CA LEU EA 907 42.30 -70.75 -69.02
C LEU EA 907 42.82 -69.88 -67.87
N HIS EA 908 44.12 -69.61 -67.85
CA HIS EA 908 44.68 -68.85 -66.74
C HIS EA 908 44.15 -67.42 -66.73
N SER EA 909 44.14 -66.78 -67.91
CA SER EA 909 43.69 -65.40 -67.99
C SER EA 909 42.22 -65.28 -67.62
N THR EA 910 41.38 -66.18 -68.13
CA THR EA 910 39.95 -66.09 -67.81
C THR EA 910 39.69 -66.47 -66.36
N GLY EA 911 40.45 -67.39 -65.79
CA GLY EA 911 40.30 -67.70 -64.38
C GLY EA 911 40.68 -66.53 -63.49
N LEU EA 912 41.77 -65.85 -63.81
CA LEU EA 912 42.16 -64.70 -63.00
C LEU EA 912 41.15 -63.56 -63.14
N GLU EA 913 40.74 -63.27 -64.37
CA GLU EA 913 39.71 -62.25 -64.58
C GLU EA 913 38.41 -62.61 -63.86
N PHE EA 914 38.00 -63.87 -63.92
CA PHE EA 914 36.78 -64.29 -63.25
C PHE EA 914 36.91 -64.14 -61.75
N GLN EA 915 38.04 -64.57 -61.18
CA GLN EA 915 38.24 -64.44 -59.74
C GLN EA 915 38.18 -62.98 -59.31
N HIS EA 916 38.87 -62.11 -60.02
CA HIS EA 916 38.85 -60.69 -59.66
C HIS EA 916 37.46 -60.08 -59.79
N GLN EA 917 36.76 -60.36 -60.89
CA GLN EA 917 35.43 -59.79 -61.08
C GLN EA 917 34.41 -60.35 -60.09
N VAL EA 918 34.54 -61.62 -59.72
CA VAL EA 918 33.65 -62.20 -58.71
C VAL EA 918 33.95 -61.61 -57.34
N GLU EA 919 35.23 -61.36 -57.06
CA GLU EA 919 35.57 -60.73 -55.79
C GLU EA 919 35.02 -59.32 -55.71
N GLU EA 920 35.13 -58.55 -56.80
CA GLU EA 920 34.58 -57.21 -56.78
C GLU EA 920 33.07 -57.17 -56.87
N ALA EA 921 32.44 -58.24 -57.35
CA ALA EA 921 30.99 -58.21 -57.54
C ALA EA 921 30.26 -58.07 -56.21
N LYS EA 922 29.44 -57.03 -56.09
CA LYS EA 922 28.65 -56.77 -54.90
C LYS EA 922 27.19 -57.20 -55.08
N ASP EA 923 26.76 -57.41 -56.32
CA ASP EA 923 25.37 -57.67 -56.68
C ASP EA 923 25.30 -58.97 -57.46
N LEU EA 924 24.15 -59.63 -57.35
CA LEU EA 924 23.97 -60.91 -58.04
C LEU EA 924 23.94 -60.74 -59.54
N ASP EA 925 23.34 -59.65 -60.04
CA ASP EA 925 23.41 -59.37 -61.47
C ASP EA 925 24.85 -59.08 -61.92
N GLN EA 926 25.61 -58.34 -61.11
CA GLN EA 926 27.02 -58.15 -61.42
C GLN EA 926 27.78 -59.47 -61.44
N LEU EA 927 27.55 -60.33 -60.45
CA LEU EA 927 28.21 -61.63 -60.42
C LEU EA 927 27.86 -62.45 -61.66
N ILE EA 928 26.58 -62.46 -62.02
CA ILE EA 928 26.13 -63.17 -63.21
C ILE EA 928 26.83 -62.64 -64.45
N LYS EA 929 26.94 -61.32 -64.56
CA LYS EA 929 27.61 -60.73 -65.71
C LYS EA 929 29.09 -61.11 -65.75
N ILE EA 930 29.76 -61.09 -64.59
CA ILE EA 930 31.17 -61.48 -64.54
C ILE EA 930 31.35 -62.93 -64.95
N HIS EA 931 30.49 -63.81 -64.43
CA HIS EA 931 30.58 -65.22 -64.80
C HIS EA 931 30.33 -65.41 -66.28
N TYR EA 932 29.32 -64.75 -66.82
CA TYR EA 932 29.02 -64.85 -68.24
C TYR EA 932 30.19 -64.34 -69.09
N ARG EA 933 30.81 -63.25 -68.65
CA ARG EA 933 31.98 -62.76 -69.38
C ARG EA 933 33.13 -63.76 -69.35
N TYR EA 934 33.38 -64.37 -68.19
CA TYR EA 934 34.40 -65.40 -68.11
C TYR EA 934 34.10 -66.55 -69.06
N LEU EA 935 32.85 -67.03 -69.02
CA LEU EA 935 32.43 -68.12 -69.90
C LEU EA 935 32.59 -67.75 -71.37
N SER EA 936 32.13 -66.55 -71.76
CA SER EA 936 32.27 -66.11 -73.14
C SER EA 936 33.73 -66.05 -73.55
N THR EA 937 34.60 -65.60 -72.64
CA THR EA 937 36.02 -65.52 -72.94
C THR EA 937 36.59 -66.92 -73.16
N ILE EA 938 36.19 -67.87 -72.33
CA ILE EA 938 36.65 -69.23 -72.51
C ILE EA 938 36.18 -69.79 -73.85
N HIS EA 939 34.90 -69.60 -74.17
CA HIS EA 939 34.35 -70.10 -75.42
C HIS EA 939 35.06 -69.51 -76.63
N ASP EA 940 35.36 -68.21 -76.57
CA ASP EA 940 36.06 -67.58 -77.67
C ASP EA 940 37.48 -68.12 -77.79
N ARG EA 941 38.17 -68.30 -76.67
CA ARG EA 941 39.53 -68.81 -76.80
C ARG EA 941 39.47 -70.28 -77.24
N CYS EA 942 38.38 -70.96 -76.93
CA CYS EA 942 38.11 -72.32 -77.37
C CYS EA 942 37.62 -72.39 -78.79
N LEU EA 943 37.55 -71.25 -79.49
CA LEU EA 943 37.13 -71.23 -80.89
C LEU EA 943 35.69 -71.64 -81.09
N LEU EA 944 34.84 -71.49 -80.08
CA LEU EA 944 33.45 -71.89 -80.26
C LEU EA 944 32.63 -70.83 -80.98
N ARG EA 945 33.18 -69.64 -81.20
CA ARG EA 945 32.42 -68.59 -81.86
C ARG EA 945 32.30 -68.92 -83.34
N GLU EA 946 31.13 -68.65 -83.92
CA GLU EA 946 30.88 -69.02 -85.30
C GLU EA 946 31.93 -68.43 -86.23
N LYS EA 947 32.39 -67.22 -85.94
CA LYS EA 947 33.38 -66.54 -86.77
C LYS EA 947 34.75 -67.24 -86.79
N VAL EA 948 35.01 -68.18 -85.89
CA VAL EA 948 36.30 -68.85 -85.82
C VAL EA 948 36.20 -70.33 -86.18
N SER EA 949 35.05 -70.76 -86.70
CA SER EA 949 34.87 -72.16 -87.07
C SER EA 949 35.98 -72.63 -88.02
N PHE EA 950 36.40 -71.78 -88.96
CA PHE EA 950 37.48 -72.13 -89.86
C PHE EA 950 38.76 -72.48 -89.11
N VAL EA 951 39.12 -71.64 -88.13
CA VAL EA 951 40.36 -71.88 -87.38
C VAL EA 951 40.20 -73.11 -86.50
N LYS EA 952 39.02 -73.29 -85.92
CA LYS EA 952 38.74 -74.50 -85.15
C LYS EA 952 38.94 -75.74 -86.02
N GLU EA 953 38.37 -75.73 -87.22
CA GLU EA 953 38.52 -76.86 -88.15
C GLU EA 953 39.98 -77.09 -88.52
N ALA EA 954 40.74 -76.02 -88.73
CA ALA EA 954 42.16 -76.20 -89.03
C ALA EA 954 42.88 -76.84 -87.86
N ILE EA 955 42.60 -76.37 -86.65
CA ILE EA 955 43.22 -76.94 -85.47
C ILE EA 955 42.83 -78.39 -85.32
N MET EA 956 41.54 -78.71 -85.55
CA MET EA 956 41.08 -80.08 -85.47
C MET EA 956 41.78 -80.97 -86.49
N LYS EA 957 42.01 -80.46 -87.71
CA LYS EA 957 42.76 -81.23 -88.69
C LYS EA 957 44.18 -81.49 -88.23
N VAL EA 958 44.82 -80.49 -87.62
CA VAL EA 958 46.18 -80.69 -87.14
C VAL EA 958 46.20 -81.68 -85.98
N LEU EA 959 45.22 -81.60 -85.09
CA LEU EA 959 45.10 -82.57 -84.00
C LEU EA 959 44.86 -83.97 -84.53
N ASN EA 960 44.05 -84.11 -85.57
CA ASN EA 960 43.82 -85.43 -86.15
C ASN EA 960 45.11 -85.98 -86.76
N LEU EA 961 45.88 -85.13 -87.42
CA LEU EA 961 47.16 -85.58 -87.94
C LEU EA 961 48.09 -85.97 -86.79
N ALA EA 962 48.02 -85.26 -85.67
CA ALA EA 962 48.79 -85.61 -84.49
C ALA EA 962 48.38 -86.96 -83.93
N LEU EA 963 47.07 -87.24 -83.90
CA LEU EA 963 46.60 -88.51 -83.38
C LEU EA 963 47.01 -89.66 -84.29
N MET EA 964 46.89 -89.48 -85.60
CA MET EA 964 47.39 -90.49 -86.54
C MET EA 964 48.89 -90.68 -86.39
N PHE EA 965 49.63 -89.59 -86.14
CA PHE EA 965 51.06 -89.70 -85.89
C PHE EA 965 51.35 -90.54 -84.65
N ALA EA 966 50.58 -90.31 -83.58
CA ALA EA 966 50.78 -91.10 -82.36
C ALA EA 966 50.47 -92.57 -82.60
N ASP EA 967 49.40 -92.84 -83.35
CA ASP EA 967 49.07 -94.22 -83.67
C ASP EA 967 50.17 -94.88 -84.49
N GLY EA 968 50.73 -94.16 -85.47
CA GLY EA 968 51.83 -94.71 -86.24
C GLY EA 968 53.10 -94.87 -85.44
N TRP EA 969 53.30 -94.01 -84.43
CA TRP EA 969 54.43 -94.19 -83.52
C TRP EA 969 54.25 -95.44 -82.69
N GLN EA 970 53.02 -95.72 -82.25
CA GLN EA 970 52.78 -96.92 -81.46
C GLN EA 970 52.84 -98.17 -82.33
N ALA EA 971 52.60 -98.04 -83.64
CA ALA EA 971 52.63 -99.20 -84.51
C ALA EA 971 54.05 -99.69 -84.81
N GLY EA 972 55.07 -98.92 -84.45
CA GLY EA 972 56.44 -99.37 -84.61
C GLY EA 972 57.01 -99.30 -86.01
N LEU EA 973 58.32 -99.57 -86.07
CA LEU EA 973 59.10 -99.40 -87.30
C LEU EA 973 58.61 -100.27 -88.44
N GLY EA 974 57.90 -101.37 -88.15
CA GLY EA 974 57.44 -102.23 -89.22
C GLY EA 974 56.39 -101.56 -90.07
N ALA EA 975 55.56 -100.73 -89.43
CA ALA EA 975 54.60 -99.90 -90.12
C ALA EA 975 55.25 -98.62 -90.63
N TRP EA 976 56.46 -98.33 -90.16
CA TRP EA 976 57.13 -97.06 -90.45
C TRP EA 976 57.40 -96.85 -91.94
N HIS EA 977 57.55 -97.90 -92.74
CA HIS EA 977 57.82 -97.64 -94.15
C HIS EA 977 56.63 -96.98 -94.82
N GLY EA 978 55.41 -97.41 -94.50
CA GLY EA 978 54.19 -96.78 -94.96
C GLY EA 978 53.87 -95.50 -94.19
N ILE EA 979 54.23 -95.54 -92.92
CA ILE EA 979 53.96 -94.42 -92.01
C ILE EA 979 54.79 -93.21 -92.39
N SER EA 980 56.01 -93.41 -92.88
CA SER EA 980 56.78 -92.26 -93.33
C SER EA 980 56.04 -91.51 -94.43
N SER EA 981 55.45 -92.23 -95.39
CA SER EA 981 54.70 -91.55 -96.44
C SER EA 981 53.39 -90.95 -95.94
N ALA EA 982 52.67 -91.66 -95.05
CA ALA EA 982 51.40 -91.08 -94.58
C ALA EA 982 51.63 -89.92 -93.62
N VAL EA 983 52.66 -90.03 -92.77
CA VAL EA 983 53.05 -88.94 -91.89
C VAL EA 983 53.54 -87.75 -92.70
N THR EA 984 54.38 -88.00 -93.70
CA THR EA 984 54.89 -86.92 -94.52
C THR EA 984 53.76 -86.19 -95.24
N HIS EA 985 52.79 -86.93 -95.77
CA HIS EA 985 51.66 -86.26 -96.42
C HIS EA 985 50.80 -85.48 -95.42
N GLY EA 986 50.49 -86.08 -94.26
CA GLY EA 986 49.72 -85.36 -93.28
C GLY EA 986 50.42 -84.16 -92.69
N TRP EA 987 51.72 -84.29 -92.43
CA TRP EA 987 52.51 -83.17 -91.94
C TRP EA 987 52.71 -82.09 -93.00
N HIS EA 988 52.85 -82.46 -94.27
CA HIS EA 988 52.90 -81.46 -95.31
C HIS EA 988 51.59 -80.70 -95.40
N GLY EA 989 50.47 -81.41 -95.32
CA GLY EA 989 49.18 -80.73 -95.34
C GLY EA 989 48.93 -79.92 -94.09
N THR EA 990 49.48 -80.33 -92.94
CA THR EA 990 49.33 -79.54 -91.73
C THR EA 990 50.23 -78.31 -91.72
N LYS EA 991 51.43 -78.41 -92.29
CA LYS EA 991 52.27 -77.24 -92.47
C LYS EA 991 51.63 -76.26 -93.44
N LEU EA 992 51.05 -76.78 -94.52
CA LEU EA 992 50.32 -75.92 -95.44
C LEU EA 992 49.12 -75.30 -94.76
N ASN EA 993 48.43 -76.06 -93.91
CA ASN EA 993 47.29 -75.52 -93.19
C ASN EA 993 47.72 -74.43 -92.21
N ILE EA 994 48.80 -74.64 -91.47
CA ILE EA 994 49.28 -73.61 -90.54
C ILE EA 994 49.71 -72.37 -91.28
N PHE EA 995 50.35 -72.53 -92.45
CA PHE EA 995 50.70 -71.38 -93.26
C PHE EA 995 49.46 -70.67 -93.81
N SER EA 996 48.47 -71.45 -94.26
CA SER EA 996 47.21 -70.89 -94.71
C SER EA 996 46.50 -70.16 -93.59
N ALA EA 997 46.62 -70.64 -92.36
CA ALA EA 997 45.95 -69.99 -91.24
C ALA EA 997 46.71 -68.77 -90.76
N VAL EA 998 48.02 -68.73 -90.99
CA VAL EA 998 48.77 -67.53 -90.68
C VAL EA 998 48.48 -66.44 -91.72
N ASN EA 999 48.40 -66.84 -93.00
CA ASN EA 999 48.03 -65.91 -94.05
C ASN EA 999 46.57 -65.46 -93.90
N THR EA 1000 45.70 -66.36 -93.45
CA THR EA 1000 44.33 -65.97 -93.17
C THR EA 1000 44.22 -65.10 -91.93
N SER EA 1001 45.13 -65.26 -90.97
CA SER EA 1001 45.15 -64.33 -89.84
C SER EA 1001 45.68 -62.97 -90.27
N ASP EA 1002 46.57 -62.92 -91.25
CA ASP EA 1002 46.99 -61.62 -91.77
C ASP EA 1002 45.90 -60.97 -92.61
N LEU EA 1003 45.14 -61.77 -93.35
CA LEU EA 1003 43.97 -61.26 -94.06
C LEU EA 1003 42.90 -60.79 -93.07
N ILE EA 1004 42.74 -61.52 -91.97
CA ILE EA 1004 41.74 -61.15 -90.99
C ILE EA 1004 42.18 -59.93 -90.21
N VAL EA 1005 43.49 -59.73 -90.05
CA VAL EA 1005 43.96 -58.51 -89.42
C VAL EA 1005 43.81 -57.32 -90.37
N ILE EA 1006 44.00 -57.53 -91.67
CA ILE EA 1006 43.73 -56.49 -92.66
C ILE EA 1006 42.25 -56.10 -92.66
N HIS EA 1007 41.37 -57.08 -92.54
CA HIS EA 1007 39.92 -56.81 -92.48
C HIS EA 1007 39.46 -56.32 -91.11
N PHE EA 1008 40.19 -56.68 -90.05
CA PHE EA 1008 39.86 -56.36 -88.68
C PHE EA 1008 40.51 -55.10 -88.17
N HIS EA 1009 41.44 -54.49 -88.91
CA HIS EA 1009 41.92 -53.19 -88.46
C HIS EA 1009 40.78 -52.20 -88.28
N HIS EA 1010 39.66 -52.39 -88.97
CA HIS EA 1010 38.46 -51.64 -88.67
C HIS EA 1010 37.58 -52.35 -87.64
N MET EA 1011 37.88 -53.61 -87.32
CA MET EA 1011 37.11 -54.42 -86.37
C MET EA 1011 37.97 -54.82 -85.17
N GLN EA 1012 37.80 -54.10 -84.06
CA GLN EA 1012 38.58 -54.26 -82.85
C GLN EA 1012 38.43 -55.66 -82.24
N LEU EA 1013 39.45 -56.52 -82.32
CA LEU EA 1013 39.48 -57.70 -81.45
C LEU EA 1013 40.90 -58.01 -80.97
N ARG EA 1014 41.25 -57.40 -79.83
CA ARG EA 1014 42.58 -57.57 -79.25
C ARG EA 1014 42.89 -59.01 -78.89
N ASN EA 1015 41.86 -59.83 -78.63
CA ASN EA 1015 42.12 -61.17 -78.15
C ASN EA 1015 42.30 -62.13 -79.29
N ARG EA 1016 41.67 -61.86 -80.43
CA ARG EA 1016 42.01 -62.61 -81.63
C ARG EA 1016 43.37 -62.18 -82.14
N ASN EA 1017 43.72 -60.92 -81.92
CA ASN EA 1017 45.08 -60.48 -82.21
C ASN EA 1017 46.09 -61.21 -81.32
N LEU EA 1018 45.80 -61.34 -80.03
CA LEU EA 1018 46.70 -62.06 -79.13
C LEU EA 1018 46.76 -63.54 -79.48
N PHE EA 1019 45.62 -64.12 -79.85
CA PHE EA 1019 45.60 -65.51 -80.31
C PHE EA 1019 46.50 -65.69 -81.53
N TRP EA 1020 46.37 -64.80 -82.51
CA TRP EA 1020 47.23 -64.87 -83.68
C TRP EA 1020 48.68 -64.54 -83.35
N THR EA 1021 48.94 -63.72 -82.34
CA THR EA 1021 50.31 -63.47 -81.93
C THR EA 1021 50.93 -64.68 -81.26
N VAL EA 1022 50.11 -65.52 -80.64
CA VAL EA 1022 50.62 -66.75 -80.08
C VAL EA 1022 50.72 -67.83 -81.15
N LEU EA 1023 49.80 -67.81 -82.11
CA LEU EA 1023 49.80 -68.79 -83.18
C LEU EA 1023 50.85 -68.53 -84.23
N LYS EA 1024 51.21 -67.27 -84.51
CA LYS EA 1024 52.23 -67.03 -85.52
C LYS EA 1024 53.54 -67.70 -85.17
N PRO EA 1025 54.09 -67.55 -83.97
CA PRO EA 1025 55.23 -68.41 -83.61
C PRO EA 1025 54.86 -69.88 -83.64
N LEU EA 1026 53.71 -70.20 -83.05
CA LEU EA 1026 53.23 -71.57 -83.00
C LEU EA 1026 52.90 -72.11 -84.39
N VAL EA 1027 52.33 -71.28 -85.25
CA VAL EA 1027 51.97 -71.74 -86.60
C VAL EA 1027 53.22 -71.90 -87.45
N TYR EA 1028 54.20 -71.00 -87.31
CA TYR EA 1028 55.43 -71.16 -88.07
C TYR EA 1028 56.24 -72.37 -87.59
N TYR EA 1029 56.19 -72.66 -86.28
CA TYR EA 1029 56.80 -73.89 -85.79
C TYR EA 1029 56.05 -75.14 -86.24
N LEU EA 1030 54.72 -75.10 -86.20
CA LEU EA 1030 53.93 -76.18 -86.78
C LEU EA 1030 54.28 -76.42 -88.24
N ASP EA 1031 54.43 -75.35 -89.03
CA ASP EA 1031 54.75 -75.51 -90.44
C ASP EA 1031 56.15 -76.10 -90.63
N LYS EA 1032 57.14 -75.54 -89.92
CA LYS EA 1032 58.51 -76.04 -90.03
C LYS EA 1032 58.65 -77.47 -89.51
N TRP EA 1033 57.81 -77.87 -88.57
CA TRP EA 1033 57.95 -79.19 -87.97
C TRP EA 1033 57.05 -80.23 -88.61
N ILE EA 1034 55.95 -79.81 -89.23
CA ILE EA 1034 55.18 -80.69 -90.10
C ILE EA 1034 55.93 -80.90 -91.40
N LEU EA 1035 56.81 -79.98 -91.76
CA LEU EA 1035 57.67 -80.23 -92.91
C LEU EA 1035 58.74 -81.26 -92.60
N PHE EA 1036 59.04 -81.50 -91.31
CA PHE EA 1036 60.08 -82.43 -90.92
C PHE EA 1036 59.60 -83.86 -91.19
N PRO EA 1037 58.31 -84.13 -90.98
CA PRO EA 1037 57.78 -85.44 -91.42
C PRO EA 1037 57.64 -85.51 -92.93
N LEU EA 1038 57.39 -84.38 -93.59
CA LEU EA 1038 57.19 -84.36 -95.03
C LEU EA 1038 58.49 -84.49 -95.80
N GLY EA 1039 59.61 -84.08 -95.22
CA GLY EA 1039 60.92 -84.25 -95.83
C GLY EA 1039 61.52 -85.63 -95.79
N ILE EA 1040 60.84 -86.63 -95.24
CA ILE EA 1040 61.41 -87.98 -95.11
C ILE EA 1040 60.58 -89.05 -95.81
N ILE EA 1041 59.49 -88.67 -96.49
CA ILE EA 1041 58.77 -89.60 -97.36
C ILE EA 1041 59.04 -89.37 -98.84
N GLY EA 1042 59.86 -88.37 -99.18
CA GLY EA 1042 60.32 -88.21 -100.55
C GLY EA 1042 61.64 -88.91 -100.81
N MET FA 1 15.65 -117.20 -22.56
CA MET FA 1 16.46 -118.46 -22.62
C MET FA 1 17.92 -118.20 -22.97
N PRO FA 2 18.78 -118.14 -21.96
CA PRO FA 2 20.22 -118.05 -22.23
C PRO FA 2 20.70 -119.20 -23.08
N ARG FA 3 21.83 -118.98 -23.76
CA ARG FA 3 22.45 -119.98 -24.63
C ARG FA 3 23.89 -120.17 -24.16
N GLU FA 4 24.06 -120.97 -23.11
CA GLU FA 4 25.37 -121.15 -22.51
C GLU FA 4 26.28 -121.99 -23.40
N ILE FA 5 27.57 -121.66 -23.37
CA ILE FA 5 28.59 -122.37 -24.13
C ILE FA 5 29.65 -122.85 -23.14
N ILE FA 6 29.97 -124.15 -23.18
CA ILE FA 6 30.99 -124.70 -22.31
C ILE FA 6 32.34 -124.68 -23.02
N THR FA 7 33.32 -124.05 -22.37
CA THR FA 7 34.68 -123.98 -22.88
C THR FA 7 35.53 -125.07 -22.23
N LEU FA 8 36.09 -125.95 -23.04
CA LEU FA 8 36.95 -127.04 -22.60
C LEU FA 8 38.39 -126.62 -22.87
N GLN FA 9 39.17 -126.45 -21.83
CA GLN FA 9 40.56 -126.02 -21.95
C GLN FA 9 41.45 -127.23 -21.80
N LEU FA 10 42.20 -127.57 -22.86
CA LEU FA 10 42.91 -128.84 -22.97
C LEU FA 10 44.42 -128.64 -22.91
N GLY FA 11 45.05 -129.36 -21.97
CA GLY FA 11 46.50 -129.35 -21.81
C GLY FA 11 47.01 -128.02 -21.28
N GLN FA 12 48.33 -127.93 -21.17
CA GLN FA 12 48.96 -126.73 -20.61
C GLN FA 12 48.53 -125.47 -21.35
N CYS FA 13 48.68 -125.48 -22.68
CA CYS FA 13 48.37 -124.29 -23.47
C CYS FA 13 46.89 -123.98 -23.44
N GLY FA 14 46.05 -124.99 -23.61
CA GLY FA 14 44.61 -124.77 -23.57
C GLY FA 14 44.15 -124.22 -22.24
N ASN FA 15 44.68 -124.76 -21.14
CA ASN FA 15 44.31 -124.28 -19.82
C ASN FA 15 44.80 -122.86 -19.56
N GLN FA 16 46.00 -122.52 -20.04
CA GLN FA 16 46.48 -121.15 -19.85
C GLN FA 16 45.68 -120.16 -20.68
N ILE FA 17 45.33 -120.54 -21.90
CA ILE FA 17 44.51 -119.69 -22.74
C ILE FA 17 43.11 -119.55 -22.16
N GLY FA 18 42.56 -120.63 -21.62
CA GLY FA 18 41.28 -120.56 -20.97
C GLY FA 18 41.29 -119.65 -19.74
N PHE FA 19 42.35 -119.75 -18.94
CA PHE FA 19 42.49 -118.86 -17.79
C PHE FA 19 42.53 -117.39 -18.22
N GLU FA 20 43.33 -117.07 -19.25
CA GLU FA 20 43.36 -115.70 -19.72
C GLU FA 20 42.05 -115.28 -20.38
N PHE FA 21 41.36 -116.22 -21.02
CA PHE FA 21 40.04 -115.93 -21.58
C PHE FA 21 39.05 -115.57 -20.48
N TRP FA 22 39.05 -116.35 -19.41
CA TRP FA 22 38.16 -116.08 -18.28
C TRP FA 22 38.51 -114.75 -17.63
N LYS FA 23 39.80 -114.45 -17.51
CA LYS FA 23 40.22 -113.13 -17.02
C LYS FA 23 39.69 -112.01 -17.90
N GLN FA 24 39.80 -112.16 -19.22
CA GLN FA 24 39.29 -111.13 -20.14
C GLN FA 24 37.77 -111.00 -20.04
N LEU FA 25 37.05 -112.12 -19.97
CA LEU FA 25 35.61 -112.07 -19.83
C LEU FA 25 35.20 -111.42 -18.51
N CYS FA 26 35.88 -111.78 -17.42
CA CYS FA 26 35.64 -111.13 -16.14
C CYS FA 26 35.85 -109.64 -16.24
N ALA FA 27 36.94 -109.20 -16.88
CA ALA FA 27 37.20 -107.78 -17.02
C ALA FA 27 36.12 -107.09 -17.87
N GLU FA 28 35.64 -107.76 -18.91
CA GLU FA 28 34.60 -107.17 -19.76
C GLU FA 28 33.23 -107.13 -19.08
N HIS FA 29 32.93 -108.08 -18.21
CA HIS FA 29 31.64 -108.15 -17.55
C HIS FA 29 31.68 -107.56 -16.14
N GLY FA 30 32.84 -107.14 -15.68
CA GLY FA 30 33.00 -106.63 -14.32
C GLY FA 30 32.77 -107.69 -13.27
N ILE FA 31 33.31 -108.88 -13.48
CA ILE FA 31 33.20 -109.98 -12.53
C ILE FA 31 34.55 -110.14 -11.85
N SER FA 32 34.52 -110.21 -10.51
CA SER FA 32 35.74 -110.38 -9.75
C SER FA 32 36.34 -111.76 -9.97
N PRO FA 33 37.61 -111.94 -9.59
CA PRO FA 33 38.22 -113.28 -9.70
C PRO FA 33 37.50 -114.33 -8.87
N GLU FA 34 36.68 -113.92 -7.91
CA GLU FA 34 35.89 -114.83 -7.10
C GLU FA 34 34.52 -115.11 -7.69
N GLY FA 35 34.21 -114.53 -8.84
CA GLY FA 35 32.92 -114.72 -9.47
C GLY FA 35 31.86 -113.72 -9.08
N ILE FA 36 32.19 -112.71 -8.29
CA ILE FA 36 31.22 -111.73 -7.84
C ILE FA 36 31.16 -110.59 -8.85
N VAL FA 37 29.93 -110.17 -9.18
CA VAL FA 37 29.73 -109.03 -10.06
C VAL FA 37 30.19 -107.76 -9.38
N GLU FA 38 31.03 -106.99 -10.06
CA GLU FA 38 31.45 -105.71 -9.52
C GLU FA 38 30.28 -104.73 -9.49
N GLU FA 39 30.27 -103.87 -8.48
CA GLU FA 39 29.15 -102.95 -8.31
C GLU FA 39 28.94 -102.12 -9.57
N PHE FA 40 30.02 -101.72 -10.24
CA PHE FA 40 29.85 -100.93 -11.46
C PHE FA 40 29.36 -101.78 -12.61
N ALA FA 41 29.37 -103.11 -12.47
CA ALA FA 41 29.01 -104.03 -13.54
C ALA FA 41 27.74 -104.81 -13.23
N THR FA 42 27.06 -104.48 -12.12
CA THR FA 42 25.83 -105.19 -11.78
C THR FA 42 24.73 -104.88 -12.78
N GLU FA 43 24.73 -103.66 -13.32
CA GLU FA 43 23.72 -103.20 -14.26
C GLU FA 43 24.21 -103.27 -15.70
N GLY FA 44 25.17 -104.15 -15.98
CA GLY FA 44 25.70 -104.26 -17.33
C GLY FA 44 24.65 -104.75 -18.30
N THR FA 45 24.78 -104.32 -19.56
CA THR FA 45 23.91 -104.81 -20.62
C THR FA 45 24.42 -106.08 -21.25
N ASP FA 46 25.50 -106.64 -20.71
CA ASP FA 46 26.04 -107.88 -21.25
C ASP FA 46 25.25 -109.08 -20.72
N ARG FA 47 25.12 -110.10 -21.57
CA ARG FA 47 24.50 -111.36 -21.19
C ARG FA 47 25.61 -112.26 -20.67
N LYS FA 48 25.70 -112.39 -19.35
CA LYS FA 48 26.73 -113.21 -18.72
C LYS FA 48 26.41 -114.69 -18.77
N ASP FA 49 25.13 -115.05 -18.77
CA ASP FA 49 24.71 -116.44 -18.72
C ASP FA 49 25.29 -117.26 -19.87
N VAL FA 50 25.68 -116.63 -20.97
CA VAL FA 50 26.26 -117.36 -22.10
C VAL FA 50 27.56 -118.06 -21.68
N PHE FA 51 28.45 -117.36 -20.97
CA PHE FA 51 29.75 -117.91 -20.65
C PHE FA 51 29.98 -118.20 -19.16
N PHE FA 52 29.25 -117.54 -18.28
CA PHE FA 52 29.32 -117.76 -16.84
C PHE FA 52 27.99 -118.35 -16.38
N TYR FA 53 28.03 -119.15 -15.32
CA TYR FA 53 26.82 -119.47 -14.58
C TYR FA 53 26.69 -118.59 -13.36
N GLN FA 54 25.45 -118.22 -13.04
CA GLN FA 54 25.11 -117.41 -11.89
C GLN FA 54 24.64 -118.31 -10.75
N ALA FA 55 25.36 -118.27 -9.63
CA ALA FA 55 24.90 -118.97 -8.45
C ALA FA 55 23.81 -118.16 -7.74
N ASP FA 56 23.08 -118.82 -6.84
CA ASP FA 56 22.00 -118.16 -6.13
C ASP FA 56 22.50 -117.01 -5.27
N ASP FA 57 23.80 -117.00 -4.95
CA ASP FA 57 24.41 -115.97 -4.13
C ASP FA 57 25.11 -114.90 -4.96
N GLU FA 58 24.68 -114.72 -6.22
CA GLU FA 58 25.30 -113.78 -7.15
C GLU FA 58 26.74 -114.16 -7.47
N HIS FA 59 27.14 -115.41 -7.20
CA HIS FA 59 28.45 -115.88 -7.61
C HIS FA 59 28.41 -116.24 -9.09
N TYR FA 60 29.40 -115.75 -9.84
CA TYR FA 60 29.56 -116.09 -11.25
C TYR FA 60 30.54 -117.24 -11.39
N ILE FA 61 30.08 -118.36 -11.92
CA ILE FA 61 30.90 -119.55 -12.11
C ILE FA 61 31.13 -119.74 -13.61
N PRO FA 62 32.37 -119.83 -14.07
CA PRO FA 62 32.61 -120.05 -15.49
C PRO FA 62 31.98 -121.36 -15.95
N ARG FA 63 31.33 -121.32 -17.11
CA ARG FA 63 30.98 -122.55 -17.82
C ARG FA 63 32.22 -123.11 -18.52
N ALA FA 64 33.21 -123.47 -17.69
CA ALA FA 64 34.51 -123.89 -18.17
C ALA FA 64 34.87 -125.24 -17.57
N VAL FA 65 35.31 -126.16 -18.42
CA VAL FA 65 35.82 -127.46 -18.02
C VAL FA 65 37.32 -127.45 -18.30
N LEU FA 66 38.13 -127.67 -17.27
CA LEU FA 66 39.58 -127.63 -17.42
C LEU FA 66 40.12 -129.06 -17.40
N LEU FA 67 40.64 -129.50 -18.54
CA LEU FA 67 41.22 -130.82 -18.71
C LEU FA 67 42.68 -130.64 -19.11
N ASP FA 68 43.59 -131.20 -18.32
CA ASP FA 68 44.99 -131.21 -18.69
C ASP FA 68 45.60 -132.57 -18.36
N LEU FA 69 46.51 -133.01 -19.21
CA LEU FA 69 47.27 -134.22 -18.95
C LEU FA 69 48.54 -133.94 -18.16
N GLU FA 70 48.85 -132.67 -17.91
CA GLU FA 70 50.00 -132.26 -17.12
C GLU FA 70 49.53 -131.42 -15.93
N PRO FA 71 50.06 -131.69 -14.74
CA PRO FA 71 49.54 -131.00 -13.54
C PRO FA 71 49.90 -129.52 -13.48
N ARG FA 72 50.95 -129.09 -14.19
CA ARG FA 72 51.50 -127.76 -13.96
C ARG FA 72 50.44 -126.69 -14.17
N VAL FA 73 49.68 -126.81 -15.26
CA VAL FA 73 48.73 -125.77 -15.64
C VAL FA 73 47.49 -125.82 -14.74
N ILE FA 74 46.99 -127.02 -14.45
CA ILE FA 74 45.85 -127.14 -13.54
C ILE FA 74 46.20 -126.55 -12.18
N HIS FA 75 47.37 -126.90 -11.66
CA HIS FA 75 47.82 -126.31 -10.39
C HIS FA 75 47.99 -124.80 -10.49
N SER FA 76 48.47 -124.29 -11.62
CA SER FA 76 48.56 -122.84 -11.79
C SER FA 76 47.19 -122.18 -11.79
N ILE FA 77 46.19 -122.85 -12.37
CA ILE FA 77 44.84 -122.29 -12.34
C ILE FA 77 44.28 -122.32 -10.93
N LEU FA 78 44.46 -123.43 -10.22
CA LEU FA 78 43.98 -123.53 -8.85
C LEU FA 78 44.74 -122.61 -7.90
N ASN FA 79 45.93 -122.15 -8.27
CA ASN FA 79 46.66 -121.14 -7.52
C ASN FA 79 46.51 -119.73 -8.09
N SER FA 80 45.74 -119.55 -9.15
CA SER FA 80 45.56 -118.24 -9.75
C SER FA 80 44.42 -117.50 -9.07
N PRO FA 81 44.33 -116.18 -9.29
CA PRO FA 81 43.16 -115.44 -8.80
C PRO FA 81 41.85 -115.94 -9.36
N TYR FA 82 41.88 -116.66 -10.47
CA TYR FA 82 40.68 -117.14 -11.14
C TYR FA 82 40.34 -118.58 -10.74
N ALA FA 83 40.99 -119.11 -9.71
CA ALA FA 83 40.72 -120.49 -9.30
C ALA FA 83 39.25 -120.66 -8.94
N LYS FA 84 38.65 -119.64 -8.33
CA LYS FA 84 37.25 -119.70 -7.94
C LYS FA 84 36.31 -119.41 -9.10
N LEU FA 85 36.83 -118.95 -10.24
CA LEU FA 85 35.96 -118.66 -11.38
C LEU FA 85 35.38 -119.93 -11.96
N TYR FA 86 36.19 -120.98 -12.08
CA TYR FA 86 35.73 -122.21 -12.72
C TYR FA 86 35.02 -123.07 -11.69
N ASN FA 87 33.96 -123.75 -12.13
CA ASN FA 87 33.35 -124.78 -11.29
C ASN FA 87 34.31 -125.95 -11.10
N PRO FA 88 34.71 -126.25 -9.87
CA PRO FA 88 35.60 -127.40 -9.67
C PRO FA 88 35.00 -128.72 -10.12
N GLU FA 89 33.67 -128.88 -10.04
CA GLU FA 89 33.02 -130.10 -10.49
C GLU FA 89 33.01 -130.26 -12.00
N ASN FA 90 33.28 -129.20 -12.76
CA ASN FA 90 33.33 -129.28 -14.20
C ASN FA 90 34.76 -129.47 -14.72
N ILE FA 91 35.71 -129.72 -13.82
CA ILE FA 91 37.11 -129.90 -14.19
C ILE FA 91 37.46 -131.37 -14.04
N TYR FA 92 37.77 -132.00 -15.17
CA TYR FA 92 38.32 -133.35 -15.20
C TYR FA 92 39.83 -133.23 -15.39
N LEU FA 93 40.60 -133.91 -14.55
CA LEU FA 93 42.05 -133.96 -14.71
C LEU FA 93 42.53 -135.39 -14.67
N SER FA 94 43.27 -135.78 -15.71
CA SER FA 94 43.83 -137.13 -15.77
C SER FA 94 44.75 -137.37 -14.58
N GLU FA 95 44.50 -138.47 -13.86
CA GLU FA 95 45.36 -138.88 -12.76
C GLU FA 95 46.76 -139.27 -13.21
N HIS FA 96 46.92 -139.67 -14.47
CA HIS FA 96 48.24 -140.02 -15.02
C HIS FA 96 48.98 -138.73 -15.37
N GLY FA 97 49.69 -138.19 -14.38
CA GLY FA 97 50.41 -136.94 -14.53
C GLY FA 97 51.63 -137.02 -15.44
N GLY FA 98 51.64 -137.98 -16.36
CA GLY FA 98 52.70 -138.12 -17.34
C GLY FA 98 52.51 -137.27 -18.58
N GLY FA 99 51.34 -136.68 -18.72
CA GLY FA 99 50.95 -135.93 -19.88
C GLY FA 99 50.97 -136.77 -21.15
N ALA FA 100 50.73 -136.08 -22.25
CA ALA FA 100 50.84 -136.66 -23.57
C ALA FA 100 52.22 -136.52 -24.19
N GLY FA 101 53.13 -135.79 -23.56
CA GLY FA 101 54.49 -135.68 -24.07
C GLY FA 101 54.59 -135.17 -25.49
N ASN FA 102 53.73 -134.22 -25.86
CA ASN FA 102 53.65 -133.72 -27.24
C ASN FA 102 53.36 -134.82 -28.24
N ASN FA 103 52.74 -135.90 -27.79
CA ASN FA 103 52.40 -137.04 -28.64
C ASN FA 103 50.89 -137.09 -28.80
N TRP FA 104 50.42 -137.03 -30.05
CA TRP FA 104 48.99 -137.12 -30.31
C TRP FA 104 48.40 -138.40 -29.74
N ALA FA 105 49.09 -139.53 -29.92
CA ALA FA 105 48.57 -140.79 -29.42
C ALA FA 105 48.48 -140.79 -27.90
N SER FA 106 49.49 -140.21 -27.23
CA SER FA 106 49.42 -140.09 -25.78
C SER FA 106 48.30 -139.16 -25.34
N GLY FA 107 48.08 -138.05 -26.06
CA GLY FA 107 46.94 -137.19 -25.75
C GLY FA 107 45.62 -137.90 -25.91
N PHE FA 108 45.51 -138.75 -26.93
CA PHE FA 108 44.30 -139.54 -27.12
C PHE FA 108 44.10 -140.52 -25.97
N SER FA 109 45.16 -141.23 -25.59
CA SER FA 109 45.08 -142.14 -24.46
C SER FA 109 44.72 -141.40 -23.17
N GLN FA 110 45.21 -140.18 -23.00
CA GLN FA 110 44.83 -139.40 -21.82
C GLN FA 110 43.36 -138.99 -21.87
N GLY FA 111 42.87 -138.56 -23.03
CA GLY FA 111 41.45 -138.33 -23.18
C GLY FA 111 40.61 -139.55 -22.85
N GLU FA 112 41.09 -140.73 -23.27
CA GLU FA 112 40.43 -141.97 -22.91
C GLU FA 112 40.48 -142.22 -21.41
N LYS FA 113 41.59 -141.86 -20.77
CA LYS FA 113 41.75 -142.09 -19.34
C LYS FA 113 40.84 -141.17 -18.53
N ILE FA 114 40.58 -139.96 -19.03
CA ILE FA 114 39.74 -139.00 -18.33
C ILE FA 114 38.37 -138.90 -19.00
N HIS FA 115 38.01 -139.89 -19.83
CA HIS FA 115 36.76 -139.83 -20.56
C HIS FA 115 35.59 -139.65 -19.62
N GLU FA 116 35.49 -140.51 -18.60
CA GLU FA 116 34.36 -140.43 -17.69
C GLU FA 116 34.31 -139.08 -16.99
N ASP FA 117 35.45 -138.66 -16.43
CA ASP FA 117 35.49 -137.36 -15.77
C ASP FA 117 35.15 -136.25 -16.75
N ILE FA 118 35.67 -136.36 -17.98
CA ILE FA 118 35.44 -135.33 -18.98
C ILE FA 118 33.99 -135.31 -19.42
N PHE FA 119 33.40 -136.48 -19.67
CA PHE FA 119 32.03 -136.49 -20.15
C PHE FA 119 31.05 -136.15 -19.03
N ASP FA 120 31.39 -136.49 -17.78
CA ASP FA 120 30.62 -136.01 -16.64
C ASP FA 120 30.68 -134.49 -16.54
N ILE FA 121 31.84 -133.90 -16.78
CA ILE FA 121 31.96 -132.46 -16.76
C ILE FA 121 31.13 -131.85 -17.88
N ILE FA 122 31.23 -132.41 -19.08
CA ILE FA 122 30.50 -131.87 -20.23
C ILE FA 122 29.00 -131.95 -19.98
N ASP FA 123 28.52 -133.07 -19.43
CA ASP FA 123 27.10 -133.21 -19.17
C ASP FA 123 26.64 -132.25 -18.06
N ARG FA 124 27.46 -132.10 -17.01
CA ARG FA 124 27.15 -131.11 -15.98
C ARG FA 124 27.05 -129.71 -16.56
N GLU FA 125 27.97 -129.34 -17.44
CA GLU FA 125 27.95 -128.00 -18.05
C GLU FA 125 26.75 -127.85 -18.99
N ALA FA 126 26.38 -128.93 -19.68
CA ALA FA 126 25.22 -128.84 -20.57
C ALA FA 126 23.95 -128.64 -19.74
N ASP FA 127 23.82 -129.37 -18.63
CA ASP FA 127 22.65 -129.18 -17.79
C ASP FA 127 22.68 -127.81 -17.10
N GLY FA 128 23.87 -127.30 -16.78
CA GLY FA 128 24.02 -125.95 -16.28
C GLY FA 128 23.95 -124.87 -17.34
N SER FA 129 23.67 -125.25 -18.58
CA SER FA 129 23.53 -124.32 -19.68
C SER FA 129 22.05 -124.24 -20.07
N ASP FA 130 21.54 -123.02 -20.21
CA ASP FA 130 20.13 -122.87 -20.54
C ASP FA 130 19.82 -123.37 -21.94
N SER FA 131 20.71 -123.11 -22.89
CA SER FA 131 20.55 -123.58 -24.27
C SER FA 131 21.92 -123.94 -24.82
N LEU FA 132 22.59 -124.88 -24.15
CA LEU FA 132 23.87 -125.38 -24.63
C LEU FA 132 23.82 -125.70 -26.12
N GLU FA 133 24.64 -124.99 -26.89
CA GLU FA 133 24.76 -125.18 -28.32
C GLU FA 133 25.76 -126.29 -28.62
N GLY FA 134 26.86 -126.31 -27.89
CA GLY FA 134 27.91 -127.27 -28.13
C GLY FA 134 29.07 -126.97 -27.23
N PHE FA 135 30.19 -127.64 -27.50
CA PHE FA 135 31.40 -127.45 -26.72
C PHE FA 135 32.45 -126.77 -27.58
N VAL FA 136 33.19 -125.83 -26.98
CA VAL FA 136 34.33 -125.20 -27.63
C VAL FA 136 35.59 -125.67 -26.93
N LEU FA 137 36.44 -126.39 -27.65
CA LEU FA 137 37.69 -126.89 -27.10
C LEU FA 137 38.79 -125.89 -27.46
N CYS FA 138 39.46 -125.36 -26.44
CA CYS FA 138 40.60 -124.49 -26.60
C CYS FA 138 41.84 -125.30 -26.29
N HIS FA 139 42.65 -125.55 -27.32
CA HIS FA 139 43.77 -126.47 -27.23
C HIS FA 139 44.79 -126.05 -28.27
N SER FA 140 45.97 -126.62 -28.19
CA SER FA 140 46.98 -126.48 -29.23
C SER FA 140 47.09 -127.76 -30.03
N ILE FA 141 47.23 -127.61 -31.34
CA ILE FA 141 47.35 -128.77 -32.23
C ILE FA 141 48.72 -129.40 -32.19
N ALA FA 142 49.70 -128.72 -31.61
CA ALA FA 142 51.09 -129.18 -31.66
C ALA FA 142 51.50 -129.89 -30.38
N GLY FA 143 50.83 -129.62 -29.28
CA GLY FA 143 51.15 -130.25 -28.03
C GLY FA 143 50.70 -131.69 -28.04
N GLY FA 144 50.74 -132.31 -26.87
CA GLY FA 144 50.18 -133.64 -26.73
C GLY FA 144 48.73 -133.63 -26.32
N THR FA 145 48.44 -132.98 -25.18
CA THR FA 145 47.08 -132.97 -24.67
C THR FA 145 46.14 -132.22 -25.60
N GLY FA 146 46.45 -130.96 -25.89
CA GLY FA 146 45.56 -130.16 -26.72
C GLY FA 146 45.38 -130.75 -28.11
N SER FA 147 46.40 -131.44 -28.62
CA SER FA 147 46.32 -132.06 -29.94
C SER FA 147 45.72 -133.46 -29.85
N GLY FA 148 46.37 -134.34 -29.10
CA GLY FA 148 45.95 -135.72 -28.99
C GLY FA 148 44.66 -135.83 -28.20
N LEU FA 149 44.70 -135.34 -26.97
CA LEU FA 149 43.51 -135.31 -26.14
C LEU FA 149 42.44 -134.44 -26.77
N GLY FA 150 42.83 -133.38 -27.47
CA GLY FA 150 41.86 -132.58 -28.19
C GLY FA 150 41.13 -133.36 -29.27
N SER FA 151 41.88 -134.16 -30.04
CA SER FA 151 41.24 -135.02 -31.05
C SER FA 151 40.35 -136.07 -30.40
N TYR FA 152 40.80 -136.67 -29.30
CA TYR FA 152 39.96 -137.61 -28.57
C TYR FA 152 38.66 -136.95 -28.11
N LEU FA 153 38.77 -135.76 -27.53
CA LEU FA 153 37.59 -135.05 -27.06
C LEU FA 153 36.68 -134.64 -28.21
N LEU FA 154 37.26 -134.25 -29.36
CA LEU FA 154 36.45 -133.96 -30.53
C LEU FA 154 35.66 -135.17 -30.97
N GLU FA 155 36.31 -136.34 -31.00
CA GLU FA 155 35.60 -137.57 -31.33
C GLU FA 155 34.47 -137.85 -30.34
N ARG FA 156 34.77 -137.74 -29.05
CA ARG FA 156 33.78 -138.10 -28.04
C ARG FA 156 32.62 -137.11 -28.01
N LEU FA 157 32.90 -135.82 -28.25
CA LEU FA 157 31.84 -134.83 -28.37
C LEU FA 157 30.99 -135.08 -29.60
N ASN FA 158 31.62 -135.45 -30.72
CA ASN FA 158 30.85 -135.74 -31.93
C ASN FA 158 29.94 -136.94 -31.71
N ASP FA 159 30.42 -137.93 -30.95
CA ASP FA 159 29.59 -139.09 -30.66
C ASP FA 159 28.48 -138.79 -29.66
N ARG FA 160 28.79 -138.05 -28.59
CA ARG FA 160 27.80 -137.82 -27.53
C ARG FA 160 26.78 -136.75 -27.89
N TYR FA 161 27.18 -135.71 -28.61
CA TYR FA 161 26.33 -134.56 -28.92
C TYR FA 161 26.27 -134.35 -30.43
N PRO FA 162 25.84 -135.36 -31.20
CA PRO FA 162 25.95 -135.26 -32.66
C PRO FA 162 25.06 -134.16 -33.23
N LYS FA 163 24.20 -133.56 -32.43
CA LYS FA 163 23.37 -132.45 -32.84
C LYS FA 163 23.88 -131.15 -32.23
N LYS FA 164 24.95 -131.23 -31.43
CA LYS FA 164 25.55 -130.09 -30.77
C LYS FA 164 26.82 -129.74 -31.53
N LEU FA 165 27.12 -128.45 -31.62
CA LEU FA 165 28.33 -128.04 -32.31
C LEU FA 165 29.59 -128.41 -31.52
N VAL FA 166 30.63 -128.79 -32.24
CA VAL FA 166 31.95 -129.00 -31.67
C VAL FA 166 32.83 -127.97 -32.37
N GLN FA 167 33.15 -126.90 -31.67
CA GLN FA 167 34.09 -125.90 -32.17
C GLN FA 167 35.45 -126.09 -31.51
N THR FA 168 36.52 -125.89 -32.27
CA THR FA 168 37.85 -125.93 -31.70
C THR FA 168 38.54 -124.60 -31.93
N TYR FA 169 39.31 -124.16 -30.94
CA TYR FA 169 40.33 -123.15 -31.06
C TYR FA 169 41.65 -123.90 -31.01
N SER FA 170 42.18 -124.24 -32.18
CA SER FA 170 43.35 -125.09 -32.28
C SER FA 170 44.53 -124.18 -32.52
N VAL FA 171 45.48 -124.19 -31.59
CA VAL FA 171 46.67 -123.36 -31.72
C VAL FA 171 47.67 -124.10 -32.58
N PHE FA 172 47.99 -123.51 -33.73
CA PHE FA 172 48.96 -124.08 -34.64
C PHE FA 172 50.36 -123.63 -34.24
N PRO FA 173 51.33 -124.54 -34.32
CA PRO FA 173 52.69 -124.18 -33.93
C PRO FA 173 53.30 -123.20 -34.91
N ASN FA 174 54.36 -122.55 -34.45
CA ASN FA 174 55.12 -121.67 -35.33
C ASN FA 174 55.73 -122.50 -36.45
N GLN FA 175 55.48 -122.09 -37.70
CA GLN FA 175 55.99 -122.84 -38.83
C GLN FA 175 57.46 -122.54 -39.10
N ASP FA 176 57.97 -121.41 -38.60
CA ASP FA 176 59.31 -120.98 -38.93
C ASP FA 176 60.35 -121.53 -37.97
N GLU FA 177 59.92 -121.96 -36.78
CA GLU FA 177 60.81 -122.57 -35.79
C GLU FA 177 60.63 -124.08 -35.77
N MET FA 178 61.76 -124.79 -35.58
CA MET FA 178 61.74 -126.23 -35.33
C MET FA 178 60.96 -126.55 -34.06
N SER FA 179 59.80 -127.18 -34.19
CA SER FA 179 59.06 -127.58 -33.00
C SER FA 179 59.88 -128.55 -32.16
N ASP FA 180 59.96 -128.24 -30.86
CA ASP FA 180 60.57 -129.14 -29.89
C ASP FA 180 59.85 -130.49 -29.79
N VAL FA 181 58.61 -130.56 -30.27
CA VAL FA 181 57.82 -131.79 -30.23
C VAL FA 181 57.98 -132.47 -31.59
N VAL FA 182 58.82 -133.49 -31.65
CA VAL FA 182 59.04 -134.19 -32.92
C VAL FA 182 57.75 -134.83 -33.39
N VAL FA 183 56.82 -135.10 -32.48
CA VAL FA 183 55.54 -135.67 -32.85
C VAL FA 183 54.50 -134.57 -33.06
N GLN FA 184 54.90 -133.31 -32.92
CA GLN FA 184 53.96 -132.21 -33.10
C GLN FA 184 53.23 -132.28 -34.43
N PRO FA 185 53.87 -132.63 -35.54
CA PRO FA 185 53.10 -132.71 -36.80
C PRO FA 185 52.02 -133.77 -36.73
N TYR FA 186 52.28 -134.88 -36.05
CA TYR FA 186 51.25 -135.89 -35.84
C TYR FA 186 50.11 -135.35 -35.00
N ASN FA 187 50.45 -134.69 -33.89
CA ASN FA 187 49.41 -134.09 -33.05
C ASN FA 187 48.57 -133.09 -33.83
N SER FA 188 49.22 -132.25 -34.62
CA SER FA 188 48.51 -131.24 -35.40
C SER FA 188 47.62 -131.90 -36.43
N LEU FA 189 48.13 -132.93 -37.10
CA LEU FA 189 47.34 -133.62 -38.11
C LEU FA 189 46.13 -134.29 -37.47
N LEU FA 190 46.33 -134.97 -36.34
CA LEU FA 190 45.20 -135.62 -35.66
C LEU FA 190 44.15 -134.60 -35.24
N THR FA 191 44.59 -133.44 -34.73
CA THR FA 191 43.63 -132.42 -34.35
C THR FA 191 42.90 -131.85 -35.56
N LEU FA 192 43.62 -131.62 -36.67
CA LEU FA 192 42.97 -131.15 -37.88
C LEU FA 192 41.98 -132.18 -38.42
N LYS FA 193 42.34 -133.46 -38.37
CA LYS FA 193 41.43 -134.54 -38.75
C LYS FA 193 40.16 -134.49 -37.91
N ARG FA 194 40.30 -134.33 -36.60
CA ARG FA 194 39.13 -134.34 -35.73
C ARG FA 194 38.29 -133.09 -35.95
N LEU FA 195 38.94 -131.95 -36.16
CA LEU FA 195 38.21 -130.74 -36.55
C LEU FA 195 37.45 -130.94 -37.85
N THR FA 196 38.08 -131.58 -38.84
CA THR FA 196 37.45 -131.77 -40.14
C THR FA 196 36.28 -132.75 -40.09
N GLN FA 197 36.36 -133.78 -39.25
CA GLN FA 197 35.33 -134.83 -39.29
C GLN FA 197 34.28 -134.69 -38.20
N ASN FA 198 34.61 -134.11 -37.05
CA ASN FA 198 33.73 -134.12 -35.90
C ASN FA 198 33.53 -132.74 -35.32
N ALA FA 199 34.18 -131.72 -35.88
CA ALA FA 199 34.00 -130.32 -35.48
C ALA FA 199 33.40 -129.54 -36.65
N ASP FA 200 32.56 -128.57 -36.33
CA ASP FA 200 32.01 -127.72 -37.38
C ASP FA 200 32.96 -126.60 -37.77
N CYS FA 201 33.83 -126.17 -36.86
CA CYS FA 201 34.75 -125.08 -37.16
C CYS FA 201 35.99 -125.15 -36.29
N VAL FA 202 37.16 -125.09 -36.93
CA VAL FA 202 38.45 -125.09 -36.26
C VAL FA 202 39.10 -123.75 -36.56
N VAL FA 203 39.27 -122.93 -35.53
CA VAL FA 203 40.00 -121.67 -35.61
C VAL FA 203 41.48 -121.91 -35.41
N VAL FA 204 42.27 -121.73 -36.48
CA VAL FA 204 43.70 -121.97 -36.45
C VAL FA 204 44.38 -120.75 -35.83
N LEU FA 205 45.12 -120.98 -34.75
CA LEU FA 205 45.93 -119.96 -34.08
C LEU FA 205 47.40 -120.32 -34.32
N ASP FA 206 48.02 -119.65 -35.29
CA ASP FA 206 49.39 -119.95 -35.68
C ASP FA 206 50.36 -119.15 -34.83
N ASN FA 207 51.15 -119.87 -34.02
CA ASN FA 207 52.14 -119.21 -33.18
C ASN FA 207 53.13 -118.39 -33.98
N THR FA 208 53.40 -118.78 -35.23
CA THR FA 208 54.28 -117.97 -36.06
C THR FA 208 53.70 -116.58 -36.27
N ALA FA 209 52.40 -116.51 -36.61
CA ALA FA 209 51.76 -115.22 -36.80
C ALA FA 209 51.63 -114.47 -35.49
N LEU FA 210 51.37 -115.18 -34.38
CA LEU FA 210 51.29 -114.50 -33.10
C LEU FA 210 52.62 -113.86 -32.73
N ASN FA 211 53.72 -114.57 -32.93
CA ASN FA 211 55.05 -114.00 -32.72
C ASN FA 211 55.30 -112.80 -33.63
N ARG FA 212 54.97 -112.94 -34.92
CA ARG FA 212 55.11 -111.82 -35.85
C ARG FA 212 54.34 -110.60 -35.39
N ILE FA 213 53.08 -110.79 -34.95
CA ILE FA 213 52.27 -109.68 -34.48
C ILE FA 213 52.89 -109.06 -33.22
N ALA FA 214 53.33 -109.91 -32.29
CA ALA FA 214 53.92 -109.40 -31.05
C ALA FA 214 55.16 -108.57 -31.34
N THR FA 215 55.98 -109.01 -32.30
CA THR FA 215 57.19 -108.27 -32.63
C THR FA 215 56.88 -106.99 -33.38
N ASP FA 216 56.09 -107.07 -34.45
CA ASP FA 216 55.89 -105.91 -35.31
C ASP FA 216 54.96 -104.85 -34.72
N ARG FA 217 53.95 -105.26 -33.95
CA ARG FA 217 52.92 -104.33 -33.49
C ARG FA 217 52.93 -104.12 -31.99
N LEU FA 218 53.20 -105.16 -31.21
CA LEU FA 218 53.33 -105.05 -29.76
C LEU FA 218 54.77 -104.82 -29.33
N HIS FA 219 55.73 -104.90 -30.25
CA HIS FA 219 57.14 -104.71 -29.94
C HIS FA 219 57.61 -105.69 -28.86
N ILE FA 220 57.03 -106.89 -28.85
CA ILE FA 220 57.42 -107.94 -27.91
C ILE FA 220 58.55 -108.74 -28.55
N GLN FA 221 59.75 -108.59 -28.02
CA GLN FA 221 60.88 -109.42 -28.43
C GLN FA 221 60.72 -110.81 -27.84
N ASN FA 222 60.62 -111.82 -28.71
CA ASN FA 222 60.40 -113.18 -28.23
C ASN FA 222 59.12 -113.26 -27.41
N PRO FA 223 57.95 -113.21 -28.05
CA PRO FA 223 56.70 -113.28 -27.28
C PRO FA 223 56.61 -114.61 -26.53
N SER FA 224 56.29 -114.50 -25.24
CA SER FA 224 56.07 -115.67 -24.41
C SER FA 224 54.70 -116.30 -24.66
N PHE FA 225 54.60 -117.58 -24.30
CA PHE FA 225 53.32 -118.28 -24.36
C PHE FA 225 52.25 -117.56 -23.56
N SER FA 226 52.63 -116.93 -22.43
CA SER FA 226 51.65 -116.16 -21.67
C SER FA 226 51.06 -115.03 -22.50
N GLN FA 227 51.92 -114.34 -23.27
CA GLN FA 227 51.43 -113.25 -24.12
C GLN FA 227 50.59 -113.79 -25.27
N ILE FA 228 50.95 -114.95 -25.80
CA ILE FA 228 50.14 -115.56 -26.84
C ILE FA 228 48.76 -115.92 -26.29
N ASN FA 229 48.71 -116.50 -25.10
CA ASN FA 229 47.42 -116.83 -24.49
C ASN FA 229 46.62 -115.59 -24.12
N GLN FA 230 47.28 -114.50 -23.75
CA GLN FA 230 46.57 -113.24 -23.54
C GLN FA 230 45.97 -112.70 -24.83
N LEU FA 231 46.70 -112.82 -25.94
CA LEU FA 231 46.14 -112.44 -27.23
C LEU FA 231 44.96 -113.34 -27.59
N VAL FA 232 45.09 -114.64 -27.34
CA VAL FA 232 44.00 -115.57 -27.59
C VAL FA 232 42.76 -115.18 -26.77
N SER FA 233 42.96 -114.85 -25.50
CA SER FA 233 41.84 -114.45 -24.65
C SER FA 233 41.19 -113.16 -25.13
N THR FA 234 42.01 -112.20 -25.59
CA THR FA 234 41.45 -110.99 -26.18
C THR FA 234 40.62 -111.32 -27.42
N ILE FA 235 41.12 -112.22 -28.26
CA ILE FA 235 40.39 -112.60 -29.47
C ILE FA 235 39.09 -113.29 -29.09
N MET FA 236 39.14 -114.21 -28.14
CA MET FA 236 37.94 -114.93 -27.71
C MET FA 236 36.89 -113.97 -27.12
N SER FA 237 37.34 -112.97 -26.35
CA SER FA 237 36.40 -111.99 -25.81
C SER FA 237 35.77 -111.16 -26.93
N ALA FA 238 36.58 -110.71 -27.89
CA ALA FA 238 36.01 -109.90 -28.97
C ALA FA 238 35.08 -110.73 -29.85
N SER FA 239 35.41 -112.00 -30.07
CA SER FA 239 34.55 -112.87 -30.87
C SER FA 239 33.26 -113.22 -30.14
N THR FA 240 33.30 -113.28 -28.81
CA THR FA 240 32.12 -113.62 -28.03
C THR FA 240 31.38 -112.38 -27.55
N THR FA 241 31.82 -111.19 -27.94
CA THR FA 241 31.20 -109.97 -27.44
C THR FA 241 29.76 -109.85 -27.90
N THR FA 242 29.45 -110.28 -29.13
CA THR FA 242 28.08 -110.26 -29.60
C THR FA 242 27.19 -111.31 -28.97
N LEU FA 243 27.75 -112.43 -28.48
CA LEU FA 243 26.94 -113.39 -27.73
C LEU FA 243 26.76 -112.97 -26.27
N ARG FA 244 27.84 -112.53 -25.61
CA ARG FA 244 27.80 -112.21 -24.19
C ARG FA 244 27.22 -110.82 -23.95
N TYR FA 245 27.40 -109.91 -24.89
CA TYR FA 245 26.87 -108.56 -24.84
C TYR FA 245 25.86 -108.42 -25.97
N PRO FA 246 24.59 -108.21 -25.68
CA PRO FA 246 23.59 -108.21 -26.75
C PRO FA 246 23.87 -107.11 -27.76
N GLY FA 247 24.05 -107.51 -29.02
CA GLY FA 247 24.25 -106.59 -30.11
C GLY FA 247 23.10 -106.62 -31.11
N TYR FA 248 23.32 -105.96 -32.23
CA TYR FA 248 22.32 -105.88 -33.28
C TYR FA 248 22.41 -107.01 -34.32
N MET FA 249 23.56 -107.65 -34.48
CA MET FA 249 23.74 -108.61 -35.54
C MET FA 249 24.58 -109.79 -35.06
N ASN FA 250 24.31 -110.95 -35.66
CA ASN FA 250 25.06 -112.18 -35.37
C ASN FA 250 25.06 -112.47 -33.87
N ASN FA 251 23.87 -112.48 -33.28
CA ASN FA 251 23.72 -112.72 -31.86
C ASN FA 251 23.59 -114.19 -31.52
N ASP FA 252 23.69 -115.10 -32.50
CA ASP FA 252 23.59 -116.53 -32.23
C ASP FA 252 24.68 -117.29 -32.97
N LEU FA 253 25.03 -118.46 -32.41
CA LEU FA 253 26.07 -119.26 -33.02
C LEU FA 253 25.58 -119.88 -34.32
N ILE FA 254 24.31 -120.27 -34.36
CA ILE FA 254 23.74 -120.82 -35.59
C ILE FA 254 23.90 -119.81 -36.72
N GLY FA 255 23.52 -118.56 -36.45
CA GLY FA 255 23.63 -117.52 -37.47
C GLY FA 255 25.07 -117.24 -37.84
N LEU FA 256 25.97 -117.28 -36.86
CA LEU FA 256 27.39 -117.08 -37.16
C LEU FA 256 27.88 -118.16 -38.12
N ILE FA 257 27.57 -119.42 -37.81
CA ILE FA 257 28.02 -120.53 -38.64
C ILE FA 257 27.40 -120.41 -40.03
N ALA FA 258 26.10 -120.15 -40.09
CA ALA FA 258 25.44 -120.04 -41.39
C ALA FA 258 26.02 -118.91 -42.23
N SER FA 259 26.46 -117.82 -41.60
CA SER FA 259 27.09 -116.73 -42.35
C SER FA 259 28.54 -117.01 -42.73
N LEU FA 260 29.26 -117.82 -41.96
CA LEU FA 260 30.69 -117.97 -42.21
C LEU FA 260 31.07 -119.26 -42.94
N ILE FA 261 30.30 -120.33 -42.80
CA ILE FA 261 30.73 -121.63 -43.29
C ILE FA 261 29.68 -122.22 -44.22
N PRO FA 262 29.63 -121.81 -45.49
CA PRO FA 262 28.69 -122.46 -46.42
C PRO FA 262 29.15 -123.84 -46.83
N THR FA 263 30.42 -124.16 -46.67
CA THR FA 263 30.99 -125.46 -47.06
C THR FA 263 31.63 -126.13 -45.85
N PRO FA 264 31.09 -127.26 -45.38
CA PRO FA 264 31.55 -127.81 -44.10
C PRO FA 264 33.05 -128.09 -44.05
N ARG FA 265 33.64 -128.49 -45.19
CA ARG FA 265 35.06 -128.78 -45.25
C ARG FA 265 35.94 -127.53 -45.22
N LEU FA 266 35.41 -126.38 -45.63
CA LEU FA 266 36.18 -125.14 -45.65
C LEU FA 266 36.03 -124.40 -44.33
N HIS FA 267 36.46 -125.07 -43.25
CA HIS FA 267 36.24 -124.62 -41.90
C HIS FA 267 37.49 -124.04 -41.25
N PHE FA 268 38.53 -123.78 -42.04
CA PHE FA 268 39.75 -123.13 -41.53
C PHE FA 268 39.55 -121.63 -41.57
N LEU FA 269 39.53 -120.99 -40.41
CA LEU FA 269 39.26 -119.56 -40.29
C LEU FA 269 40.55 -118.79 -40.05
N MET FA 270 40.74 -117.71 -40.80
CA MET FA 270 41.77 -116.74 -40.51
C MET FA 270 41.20 -115.64 -39.62
N THR FA 271 42.05 -115.10 -38.74
CA THR FA 271 41.67 -114.01 -37.86
C THR FA 271 42.37 -112.73 -38.29
N GLY FA 272 41.69 -111.61 -38.04
CA GLY FA 272 42.31 -110.30 -38.20
C GLY FA 272 41.85 -109.31 -37.16
N TYR FA 273 42.77 -108.46 -36.70
CA TYR FA 273 42.49 -107.52 -35.63
C TYR FA 273 42.99 -106.14 -36.04
N THR FA 274 42.26 -105.11 -35.63
CA THR FA 274 42.70 -103.73 -35.84
C THR FA 274 42.11 -102.87 -34.75
N PRO FA 275 42.88 -101.90 -34.22
CA PRO FA 275 44.26 -101.55 -34.53
C PRO FA 275 45.24 -102.55 -33.92
N LEU FA 276 46.38 -102.80 -34.56
CA LEU FA 276 47.45 -103.61 -33.96
C LEU FA 276 48.58 -102.65 -33.60
N THR FA 277 48.48 -102.08 -32.39
CA THR FA 277 49.45 -101.12 -31.91
C THR FA 277 49.61 -101.30 -30.41
N THR FA 278 50.84 -101.14 -29.94
CA THR FA 278 51.10 -101.13 -28.50
C THR FA 278 50.53 -99.87 -27.86
N LYS FA 287 42.94 -91.67 -32.82
CA LYS FA 287 41.58 -92.14 -33.06
C LYS FA 287 41.51 -92.99 -34.32
N THR FA 288 41.47 -94.30 -34.12
CA THR FA 288 41.33 -95.23 -35.24
C THR FA 288 39.98 -95.05 -35.90
N THR FA 289 39.98 -94.66 -37.17
CA THR FA 289 38.75 -94.47 -37.93
C THR FA 289 38.33 -95.81 -38.52
N VAL FA 290 37.05 -95.91 -38.88
CA VAL FA 290 36.57 -97.10 -39.57
C VAL FA 290 37.43 -97.42 -40.79
N LEU FA 291 37.75 -96.41 -41.60
CA LEU FA 291 38.60 -96.62 -42.77
C LEU FA 291 40.02 -97.04 -42.40
N ASP FA 292 40.60 -96.44 -41.37
CA ASP FA 292 41.95 -96.84 -40.97
C ASP FA 292 41.96 -98.24 -40.37
N VAL FA 293 40.92 -98.56 -39.61
CA VAL FA 293 40.77 -99.90 -39.07
C VAL FA 293 40.70 -100.92 -40.20
N MET FA 294 39.80 -100.69 -41.15
CA MET FA 294 39.65 -101.63 -42.27
C MET FA 294 40.94 -101.75 -43.07
N ARG FA 295 41.67 -100.65 -43.25
CA ARG FA 295 42.95 -100.72 -43.97
C ARG FA 295 43.98 -101.53 -43.19
N ARG FA 296 44.03 -101.36 -41.87
CA ARG FA 296 44.97 -102.14 -41.08
C ARG FA 296 44.57 -103.62 -41.08
N LEU FA 297 43.28 -103.91 -40.94
CA LEU FA 297 42.85 -105.30 -40.97
C LEU FA 297 43.20 -105.93 -42.31
N LEU FA 298 43.05 -105.18 -43.42
CA LEU FA 298 43.42 -105.73 -44.71
C LEU FA 298 44.93 -105.77 -44.87
N GLN FA 299 45.67 -105.17 -43.94
CA GLN FA 299 47.12 -105.21 -44.00
C GLN FA 299 47.60 -106.55 -43.47
N PRO FA 300 48.43 -107.28 -44.21
CA PRO FA 300 48.88 -108.59 -43.70
C PRO FA 300 49.53 -108.52 -42.33
N LYS FA 301 50.17 -107.40 -42.00
CA LYS FA 301 50.82 -107.25 -40.71
C LYS FA 301 49.84 -107.19 -39.54
N ASN FA 302 48.54 -107.04 -39.81
CA ASN FA 302 47.54 -107.01 -38.74
C ASN FA 302 46.68 -108.26 -38.66
N VAL FA 303 46.91 -109.25 -39.52
CA VAL FA 303 46.18 -110.51 -39.42
C VAL FA 303 46.83 -111.39 -38.37
N MET FA 304 46.01 -111.94 -37.46
CA MET FA 304 46.50 -112.72 -36.33
C MET FA 304 46.47 -114.23 -36.61
N VAL FA 305 46.57 -114.62 -37.88
CA VAL FA 305 46.63 -116.02 -38.27
C VAL FA 305 47.71 -116.19 -39.32
N SER FA 306 48.61 -117.16 -39.09
CA SER FA 306 49.69 -117.40 -40.04
C SER FA 306 49.17 -118.29 -41.16
N THR FA 307 48.67 -117.64 -42.21
CA THR FA 307 48.30 -118.30 -43.44
C THR FA 307 49.39 -118.00 -44.45
N GLY FA 308 49.88 -119.02 -45.16
CA GLY FA 308 50.83 -118.74 -46.20
C GLY FA 308 50.22 -117.84 -47.25
N ARG FA 309 50.92 -116.77 -47.59
CA ARG FA 309 50.60 -115.95 -48.77
C ARG FA 309 51.19 -116.67 -49.98
N ASP FA 310 50.52 -117.75 -50.37
CA ASP FA 310 50.82 -118.37 -51.65
C ASP FA 310 50.53 -117.41 -52.80
N ARG FA 311 51.56 -117.09 -53.56
CA ARG FA 311 51.42 -116.25 -54.74
C ARG FA 311 50.85 -117.02 -55.93
N GLN FA 312 50.84 -118.35 -55.86
CA GLN FA 312 50.36 -119.17 -56.97
C GLN FA 312 48.84 -119.31 -56.91
N THR FA 313 48.29 -119.40 -55.70
CA THR FA 313 46.85 -119.58 -55.52
C THR FA 313 46.27 -118.20 -55.22
N ASN FA 314 45.34 -117.76 -56.08
CA ASN FA 314 44.67 -116.48 -55.90
C ASN FA 314 43.61 -116.66 -54.84
N HIS FA 315 44.07 -116.63 -53.59
CA HIS FA 315 43.18 -116.76 -52.45
C HIS FA 315 42.14 -115.64 -52.45
N CYS FA 316 40.97 -115.95 -51.89
CA CYS FA 316 39.86 -115.04 -51.88
C CYS FA 316 39.10 -115.27 -50.58
N TYR FA 317 38.33 -114.26 -50.19
CA TYR FA 317 37.43 -114.40 -49.06
C TYR FA 317 36.16 -115.14 -49.46
N ILE FA 318 35.81 -116.17 -48.69
CA ILE FA 318 34.48 -116.75 -48.81
C ILE FA 318 33.48 -115.84 -48.12
N ALA FA 319 33.80 -115.44 -46.89
CA ALA FA 319 32.98 -114.51 -46.13
C ALA FA 319 33.90 -113.75 -45.19
N ILE FA 320 33.51 -112.52 -44.87
CA ILE FA 320 34.23 -111.70 -43.90
C ILE FA 320 33.20 -111.07 -42.98
N LEU FA 321 33.40 -111.22 -41.68
CA LEU FA 321 32.66 -110.48 -40.66
C LEU FA 321 33.63 -109.60 -39.90
N ASN FA 322 33.37 -108.30 -39.87
CA ASN FA 322 34.13 -107.39 -39.02
C ASN FA 322 33.24 -107.02 -37.83
N ILE FA 323 33.63 -107.48 -36.65
CA ILE FA 323 33.01 -107.09 -35.39
C ILE FA 323 33.78 -105.90 -34.86
N ILE FA 324 33.16 -104.72 -34.89
CA ILE FA 324 33.80 -103.50 -34.39
C ILE FA 324 33.15 -103.15 -33.07
N GLN FA 325 33.95 -103.13 -32.01
CA GLN FA 325 33.48 -102.85 -30.66
C GLN FA 325 33.97 -101.48 -30.22
N GLY FA 326 33.05 -100.63 -29.77
CA GLY FA 326 33.40 -99.35 -29.22
C GLY FA 326 32.63 -98.24 -29.88
N GLU FA 327 33.07 -97.01 -29.65
CA GLU FA 327 32.42 -95.82 -30.21
C GLU FA 327 32.82 -95.72 -31.68
N VAL FA 328 31.92 -96.17 -32.56
CA VAL FA 328 32.16 -96.21 -33.99
C VAL FA 328 31.09 -95.37 -34.68
N ASP FA 329 31.52 -94.50 -35.58
CA ASP FA 329 30.57 -93.79 -36.42
C ASP FA 329 30.11 -94.73 -37.53
N PRO FA 330 28.81 -95.07 -37.59
CA PRO FA 330 28.36 -95.96 -38.65
C PRO FA 330 28.62 -95.42 -40.05
N THR FA 331 28.60 -94.10 -40.22
CA THR FA 331 28.90 -93.55 -41.53
C THR FA 331 30.35 -93.77 -41.89
N GLN FA 332 31.24 -93.78 -40.89
CA GLN FA 332 32.63 -94.09 -41.16
C GLN FA 332 32.82 -95.58 -41.40
N VAL FA 333 31.98 -96.42 -40.78
CA VAL FA 333 32.03 -97.85 -41.07
C VAL FA 333 31.60 -98.10 -42.52
N HIS FA 334 30.50 -97.49 -42.93
CA HIS FA 334 30.05 -97.64 -44.31
C HIS FA 334 31.09 -97.12 -45.29
N LYS FA 335 31.65 -95.94 -45.01
CA LYS FA 335 32.72 -95.40 -45.85
C LYS FA 335 33.92 -96.34 -45.89
N SER FA 336 34.23 -97.01 -44.78
CA SER FA 336 35.37 -97.91 -44.76
C SER FA 336 35.11 -99.15 -45.60
N LEU FA 337 33.90 -99.72 -45.49
CA LEU FA 337 33.53 -100.84 -46.34
C LEU FA 337 33.58 -100.44 -47.82
N GLN FA 338 33.03 -99.28 -48.15
CA GLN FA 338 33.07 -98.79 -49.53
C GLN FA 338 34.51 -98.62 -50.02
N ARG FA 339 35.36 -98.02 -49.19
CA ARG FA 339 36.76 -97.84 -49.58
C ARG FA 339 37.47 -99.17 -49.74
N ILE FA 340 37.16 -100.14 -48.90
CA ILE FA 340 37.78 -101.46 -49.02
C ILE FA 340 37.35 -102.11 -50.32
N ARG FA 341 36.08 -101.98 -50.68
CA ARG FA 341 35.60 -102.54 -51.95
C ARG FA 341 36.25 -101.84 -53.15
N GLU FA 342 36.24 -100.51 -53.16
CA GLU FA 342 36.83 -99.77 -54.28
C GLU FA 342 38.33 -100.04 -54.41
N ARG FA 343 39.04 -100.13 -53.29
CA ARG FA 343 40.47 -100.38 -53.24
C ARG FA 343 40.80 -101.86 -53.33
N LYS FA 344 39.78 -102.71 -53.40
CA LYS FA 344 39.95 -104.16 -53.38
C LYS FA 344 40.84 -104.54 -52.21
N LEU FA 345 40.55 -103.94 -51.06
CA LEU FA 345 41.33 -104.20 -49.87
C LEU FA 345 41.08 -105.61 -49.36
N ALA FA 346 40.01 -106.25 -49.85
CA ALA FA 346 39.67 -107.62 -49.52
C ALA FA 346 39.35 -108.36 -50.80
N ASN FA 347 39.89 -109.57 -50.92
CA ASN FA 347 39.57 -110.48 -52.02
C ASN FA 347 38.39 -111.35 -51.61
N PHE FA 348 37.37 -111.38 -52.44
CA PHE FA 348 36.15 -112.13 -52.14
C PHE FA 348 36.08 -113.38 -53.01
N ILE FA 349 35.25 -114.33 -52.56
CA ILE FA 349 35.00 -115.57 -53.28
C ILE FA 349 34.65 -115.26 -54.73
N PRO FA 350 35.20 -116.00 -55.70
CA PRO FA 350 34.85 -115.72 -57.10
C PRO FA 350 33.55 -116.37 -57.55
N TRP FA 351 33.05 -117.35 -56.80
CA TRP FA 351 31.88 -118.11 -57.20
C TRP FA 351 30.61 -117.57 -56.56
N GLY FA 352 30.72 -116.50 -55.78
CA GLY FA 352 29.60 -115.91 -55.10
C GLY FA 352 29.83 -114.42 -54.90
N PRO FA 353 28.80 -113.70 -54.46
CA PRO FA 353 28.99 -112.28 -54.16
C PRO FA 353 29.92 -112.10 -52.97
N ALA FA 354 30.66 -111.00 -52.99
CA ALA FA 354 31.57 -110.71 -51.89
C ALA FA 354 30.73 -110.51 -50.63
N SER FA 355 30.80 -111.45 -49.70
CA SER FA 355 30.11 -111.32 -48.42
C SER FA 355 31.03 -110.62 -47.44
N ILE FA 356 30.74 -109.35 -47.18
CA ILE FA 356 31.41 -108.57 -46.15
C ILE FA 356 30.32 -108.03 -45.24
N GLN FA 357 30.25 -108.55 -44.03
CA GLN FA 357 29.31 -108.11 -43.01
C GLN FA 357 30.07 -107.30 -41.97
N VAL FA 358 29.36 -106.36 -41.35
CA VAL FA 358 29.92 -105.57 -40.26
C VAL FA 358 28.92 -105.60 -39.11
N ALA FA 359 29.36 -106.10 -37.97
CA ALA FA 359 28.59 -106.06 -36.74
C ALA FA 359 29.13 -104.95 -35.87
N LEU FA 360 28.24 -104.07 -35.43
CA LEU FA 360 28.58 -103.03 -34.46
C LEU FA 360 28.27 -103.55 -33.08
N SER FA 361 29.25 -103.47 -32.19
CA SER FA 361 29.08 -103.84 -30.80
C SER FA 361 29.65 -102.74 -29.91
N ARG FA 362 29.18 -102.75 -28.67
CA ARG FA 362 29.70 -101.87 -27.64
C ARG FA 362 30.87 -102.55 -26.94
N LYS FA 363 31.80 -101.73 -26.47
CA LYS FA 363 32.85 -102.27 -25.62
C LYS FA 363 32.25 -102.61 -24.27
N SER FA 364 32.88 -103.54 -23.58
CA SER FA 364 32.50 -103.81 -22.20
C SER FA 364 32.56 -102.52 -21.38
N PRO FA 365 31.51 -102.18 -20.64
CA PRO FA 365 31.60 -101.03 -19.72
C PRO FA 365 32.45 -101.33 -18.51
N TYR FA 366 32.69 -102.61 -18.20
CA TYR FA 366 33.43 -102.98 -17.02
C TYR FA 366 34.91 -103.13 -17.30
N LEU FA 367 35.28 -103.32 -18.57
CA LEU FA 367 36.66 -103.51 -18.96
C LEU FA 367 37.24 -102.20 -19.44
N PRO FA 368 38.38 -101.76 -18.88
CA PRO FA 368 39.07 -100.59 -19.43
C PRO FA 368 39.62 -100.90 -20.82
N SER FA 369 39.22 -100.10 -21.81
CA SER FA 369 39.70 -100.25 -23.18
C SER FA 369 40.61 -99.07 -23.50
N ALA FA 370 41.89 -99.37 -23.72
CA ALA FA 370 42.82 -98.34 -24.19
C ALA FA 370 42.41 -97.78 -25.54
N HIS FA 371 41.68 -98.55 -26.33
CA HIS FA 371 41.26 -98.15 -27.67
C HIS FA 371 39.79 -97.79 -27.64
N ARG FA 372 39.46 -96.56 -28.06
CA ARG FA 372 38.06 -96.16 -28.11
C ARG FA 372 37.28 -97.08 -29.04
N VAL FA 373 37.94 -97.65 -30.04
CA VAL FA 373 37.33 -98.57 -30.98
C VAL FA 373 38.35 -99.68 -31.25
N SER FA 374 37.92 -100.93 -31.12
CA SER FA 374 38.69 -102.07 -31.57
C SER FA 374 37.89 -102.82 -32.63
N GLY FA 375 38.59 -103.65 -33.40
CA GLY FA 375 37.91 -104.49 -34.37
C GLY FA 375 38.54 -105.84 -34.52
N LEU FA 376 37.71 -106.87 -34.62
CA LEU FA 376 38.17 -108.18 -35.07
C LEU FA 376 37.58 -108.46 -36.45
N MET FA 377 38.42 -108.98 -37.34
CA MET FA 377 37.96 -109.51 -38.62
C MET FA 377 38.06 -111.02 -38.57
N MET FA 378 36.96 -111.70 -38.88
CA MET FA 378 36.97 -113.11 -39.19
C MET FA 378 36.77 -113.27 -40.69
N ALA FA 379 37.74 -113.88 -41.37
CA ALA FA 379 37.70 -114.03 -42.80
C ALA FA 379 37.96 -115.49 -43.16
N ASN FA 380 37.16 -116.03 -44.06
CA ASN FA 380 37.46 -117.33 -44.67
C ASN FA 380 38.20 -116.99 -45.97
N HIS FA 381 39.49 -117.29 -46.00
CA HIS FA 381 40.34 -116.84 -47.10
C HIS FA 381 41.22 -117.99 -47.56
N THR FA 382 41.31 -118.15 -48.88
CA THR FA 382 41.93 -119.35 -49.43
C THR FA 382 43.41 -119.43 -49.09
N SER FA 383 44.03 -118.30 -48.71
CA SER FA 383 45.44 -118.40 -48.32
C SER FA 383 45.58 -119.15 -47.02
N ILE FA 384 44.48 -119.37 -46.29
CA ILE FA 384 44.51 -120.26 -45.14
C ILE FA 384 44.87 -121.65 -45.62
N SER FA 385 44.53 -121.96 -46.88
CA SER FA 385 44.91 -123.23 -47.45
C SER FA 385 46.42 -123.41 -47.40
N SER FA 386 47.19 -122.33 -47.55
CA SER FA 386 48.64 -122.46 -47.41
C SER FA 386 49.03 -122.92 -46.01
N LEU FA 387 48.28 -122.49 -45.00
CA LEU FA 387 48.49 -122.97 -43.63
C LEU FA 387 48.09 -124.43 -43.48
N PHE FA 388 46.97 -124.82 -44.09
CA PHE FA 388 46.57 -126.22 -44.03
C PHE FA 388 47.54 -127.11 -44.81
N GLU FA 389 48.01 -126.63 -45.96
CA GLU FA 389 49.06 -127.31 -46.70
C GLU FA 389 50.31 -127.46 -45.86
N SER FA 390 50.71 -126.39 -45.16
CA SER FA 390 51.87 -126.48 -44.26
C SER FA 390 51.67 -127.54 -43.18
N SER FA 391 50.49 -127.56 -42.56
CA SER FA 391 50.21 -128.58 -41.55
C SER FA 391 50.26 -129.99 -42.14
N CYS FA 392 49.66 -130.17 -43.32
CA CYS FA 392 49.72 -131.46 -44.00
C CYS FA 392 51.15 -131.84 -44.32
N GLN FA 393 51.96 -130.89 -44.78
CA GLN FA 393 53.35 -131.16 -45.09
C GLN FA 393 54.13 -131.55 -43.84
N GLN FA 394 53.85 -130.92 -42.72
CA GLN FA 394 54.50 -131.30 -41.47
C GLN FA 394 54.12 -132.71 -41.06
N TYR FA 395 52.83 -133.04 -41.16
CA TYR FA 395 52.39 -134.41 -40.87
C TYR FA 395 53.11 -135.41 -41.78
N ASP FA 396 53.11 -135.14 -43.08
CA ASP FA 396 53.76 -136.04 -44.03
C ASP FA 396 55.26 -136.15 -43.77
N LYS FA 397 55.89 -135.05 -43.36
CA LYS FA 397 57.30 -135.05 -43.00
C LYS FA 397 57.59 -135.95 -41.80
N LEU FA 398 56.68 -135.96 -40.83
CA LEU FA 398 56.90 -136.85 -39.69
C LEU FA 398 56.58 -138.30 -40.05
N ARG FA 399 55.43 -138.54 -40.68
CA ARG FA 399 55.02 -139.89 -40.99
C ARG FA 399 55.97 -140.60 -41.95
N LYS FA 400 56.43 -139.90 -43.00
CA LYS FA 400 57.40 -140.46 -43.94
C LYS FA 400 58.74 -140.78 -43.32
N ARG FA 401 59.10 -140.13 -42.21
CA ARG FA 401 60.36 -140.41 -41.54
C ARG FA 401 60.18 -141.24 -40.28
N GLU FA 402 58.95 -141.62 -39.95
CA GLU FA 402 58.64 -142.29 -38.69
C GLU FA 402 59.23 -141.51 -37.51
N ALA FA 403 59.26 -140.19 -37.63
CA ALA FA 403 59.92 -139.37 -36.62
C ALA FA 403 59.07 -139.33 -35.36
N PHE FA 404 59.71 -139.48 -34.20
CA PHE FA 404 59.03 -139.35 -32.92
C PHE FA 404 57.90 -140.38 -32.79
N LEU FA 405 58.01 -141.49 -33.52
CA LEU FA 405 56.98 -142.52 -33.50
C LEU FA 405 57.19 -143.56 -32.40
N GLU FA 406 58.37 -143.61 -31.77
CA GLU FA 406 58.60 -144.64 -30.77
C GLU FA 406 57.67 -144.45 -29.58
N GLN FA 407 57.42 -143.20 -29.20
CA GLN FA 407 56.49 -142.89 -28.11
C GLN FA 407 55.04 -143.01 -28.54
N PHE FA 408 54.74 -142.73 -29.81
CA PHE FA 408 53.38 -142.92 -30.31
C PHE FA 408 53.00 -144.39 -30.36
N ARG FA 409 53.91 -145.24 -30.82
CA ARG FA 409 53.61 -146.66 -30.92
C ARG FA 409 53.29 -147.27 -29.57
N LYS FA 410 53.71 -146.63 -28.47
CA LYS FA 410 53.30 -147.09 -27.16
C LYS FA 410 51.87 -146.73 -26.84
N GLU FA 411 51.31 -145.72 -27.51
CA GLU FA 411 49.95 -145.26 -27.28
C GLU FA 411 49.00 -145.90 -28.28
N ASP FA 412 47.77 -146.15 -27.83
CA ASP FA 412 46.84 -146.98 -28.60
C ASP FA 412 46.54 -146.37 -29.96
N ILE FA 413 46.47 -145.04 -30.04
CA ILE FA 413 46.15 -144.38 -31.30
C ILE FA 413 47.22 -144.65 -32.36
N PHE FA 414 48.45 -144.94 -31.93
CA PHE FA 414 49.54 -145.22 -32.85
C PHE FA 414 50.17 -146.59 -32.63
N LYS FA 415 49.56 -147.45 -31.82
CA LYS FA 415 50.19 -148.71 -31.47
C LYS FA 415 50.32 -149.63 -32.68
N GLU FA 416 49.30 -149.66 -33.54
CA GLU FA 416 49.32 -150.57 -34.68
C GLU FA 416 49.93 -149.92 -35.92
N ASN FA 417 49.52 -148.69 -36.22
CA ASN FA 417 50.00 -147.98 -37.40
C ASN FA 417 49.93 -146.48 -37.12
N PHE FA 418 50.29 -145.70 -38.15
CA PHE FA 418 50.22 -144.25 -38.12
C PHE FA 418 49.09 -143.75 -39.02
N ASP FA 419 48.10 -144.61 -39.27
CA ASP FA 419 47.05 -144.29 -40.21
C ASP FA 419 46.29 -143.04 -39.79
N GLU FA 420 46.17 -142.77 -38.50
CA GLU FA 420 45.51 -141.54 -38.09
C GLU FA 420 46.31 -140.33 -38.49
N LEU FA 421 47.64 -140.41 -38.44
CA LEU FA 421 48.48 -139.33 -38.93
C LEU FA 421 48.40 -139.20 -40.45
N ASP FA 422 48.40 -140.31 -41.17
CA ASP FA 422 48.37 -140.22 -42.63
C ASP FA 422 47.02 -139.72 -43.14
N ARG FA 423 45.93 -140.20 -42.54
CA ARG FA 423 44.60 -139.68 -42.83
C ARG FA 423 44.51 -138.21 -42.48
N SER FA 424 45.10 -137.79 -41.36
CA SER FA 424 45.11 -136.39 -40.99
C SER FA 424 45.87 -135.53 -42.01
N ARG FA 425 46.99 -136.03 -42.51
CA ARG FA 425 47.74 -135.31 -43.54
C ARG FA 425 46.93 -135.22 -44.82
N GLU FA 426 46.23 -136.29 -45.17
CA GLU FA 426 45.37 -136.26 -46.36
C GLU FA 426 44.25 -135.25 -46.19
N VAL FA 427 43.58 -135.29 -45.04
CA VAL FA 427 42.50 -134.35 -44.76
C VAL FA 427 43.00 -132.90 -44.83
N VAL FA 428 44.18 -132.63 -44.28
CA VAL FA 428 44.70 -131.26 -44.33
C VAL FA 428 45.10 -130.85 -45.75
N GLN FA 429 45.57 -131.81 -46.56
CA GLN FA 429 45.84 -131.51 -47.96
C GLN FA 429 44.55 -131.19 -48.71
N GLU FA 430 43.53 -132.02 -48.51
CA GLU FA 430 42.22 -131.77 -49.11
C GLU FA 430 41.65 -130.43 -48.66
N LEU FA 431 41.81 -130.09 -47.39
CA LEU FA 431 41.37 -128.79 -46.90
C LEU FA 431 42.10 -127.65 -47.61
N ILE FA 432 43.41 -127.76 -47.76
CA ILE FA 432 44.16 -126.72 -48.48
C ILE FA 432 43.65 -126.59 -49.91
N ASP FA 433 43.47 -127.72 -50.59
CA ASP FA 433 43.02 -127.70 -51.97
C ASP FA 433 41.60 -127.14 -52.09
N GLU FA 434 40.72 -127.49 -51.16
CA GLU FA 434 39.38 -126.93 -51.16
C GLU FA 434 39.39 -125.43 -50.89
N TYR FA 435 40.23 -124.97 -49.98
CA TYR FA 435 40.38 -123.53 -49.76
C TYR FA 435 40.87 -122.82 -51.03
N HIS FA 436 41.79 -123.44 -51.76
CA HIS FA 436 42.23 -122.85 -53.01
C HIS FA 436 41.10 -122.84 -54.04
N ALA FA 437 40.33 -123.93 -54.13
CA ALA FA 437 39.15 -123.90 -54.99
C ALA FA 437 38.18 -122.83 -54.55
N ALA FA 438 38.00 -122.65 -53.23
CA ALA FA 438 37.11 -121.61 -52.72
C ALA FA 438 37.63 -120.24 -53.09
N THR FA 439 38.90 -120.15 -53.44
CA THR FA 439 39.42 -118.92 -54.00
C THR FA 439 39.06 -118.79 -55.47
N ARG FA 440 38.60 -119.89 -56.09
CA ARG FA 440 38.33 -120.06 -57.49
C ARG FA 440 36.82 -120.08 -57.75
N PRO FA 441 36.38 -119.65 -58.93
CA PRO FA 441 34.94 -119.68 -59.22
C PRO FA 441 34.36 -121.09 -59.21
N ASP FA 442 35.20 -122.11 -59.37
CA ASP FA 442 34.76 -123.50 -59.44
C ASP FA 442 34.61 -124.13 -58.06
N TYR FA 443 34.72 -123.35 -56.99
CA TYR FA 443 34.59 -123.90 -55.64
C TYR FA 443 33.28 -124.67 -55.49
N ILE FA 444 32.20 -124.16 -56.08
CA ILE FA 444 30.92 -124.84 -56.00
C ILE FA 444 31.03 -126.23 -56.62
N SER FA 445 31.87 -126.38 -57.64
CA SER FA 445 32.09 -127.67 -58.29
C SER FA 445 33.37 -128.35 -57.82
N TRP FA 446 34.10 -127.74 -56.88
CA TRP FA 446 35.40 -128.26 -56.48
C TRP FA 446 35.27 -129.62 -55.80
N MET GA 1 46.04 -88.56 -62.41
CA MET GA 1 46.30 -89.82 -61.69
C MET GA 1 47.68 -89.73 -61.05
N PRO GA 2 47.81 -90.18 -59.82
CA PRO GA 2 49.15 -90.23 -59.21
C PRO GA 2 50.11 -91.07 -60.04
N ARG GA 3 51.38 -90.69 -59.98
CA ARG GA 3 52.48 -91.35 -60.68
C ARG GA 3 53.59 -91.57 -59.66
N GLU GA 4 53.50 -92.65 -58.88
CA GLU GA 4 54.47 -92.82 -57.80
C GLU GA 4 55.84 -93.10 -58.39
N ILE GA 5 56.86 -92.51 -57.76
CA ILE GA 5 58.24 -92.64 -58.20
C ILE GA 5 59.08 -93.08 -57.00
N ILE GA 6 59.85 -94.15 -57.18
CA ILE GA 6 60.79 -94.60 -56.16
C ILE GA 6 62.16 -94.00 -56.45
N THR GA 7 62.71 -93.30 -55.46
CA THR GA 7 64.03 -92.68 -55.57
C THR GA 7 65.06 -93.62 -54.96
N LEU GA 8 66.02 -94.03 -55.76
CA LEU GA 8 67.11 -94.92 -55.33
C LEU GA 8 68.37 -94.08 -55.12
N GLN GA 9 68.86 -94.01 -53.89
CA GLN GA 9 70.03 -93.22 -53.56
C GLN GA 9 71.22 -94.18 -53.43
N LEU GA 10 72.17 -94.04 -54.35
CA LEU GA 10 73.26 -94.99 -54.55
C LEU GA 10 74.61 -94.39 -54.19
N GLY GA 11 75.34 -95.09 -53.34
CA GLY GA 11 76.69 -94.70 -52.95
C GLY GA 11 76.73 -93.44 -52.10
N GLN GA 12 77.97 -93.02 -51.80
CA GLN GA 12 78.18 -91.89 -50.90
C GLN GA 12 77.41 -90.66 -51.35
N CYS GA 13 77.58 -90.27 -52.61
CA CYS GA 13 76.96 -89.04 -53.09
C CYS GA 13 75.45 -89.17 -53.12
N GLY GA 14 74.94 -90.27 -53.65
CA GLY GA 14 73.50 -90.46 -53.70
C GLY GA 14 72.86 -90.48 -52.32
N ASN GA 15 73.49 -91.18 -51.37
CA ASN GA 15 72.94 -91.24 -50.02
C ASN GA 15 73.01 -89.89 -49.31
N GLN GA 16 74.09 -89.13 -49.50
CA GLN GA 16 74.19 -87.83 -48.86
C GLN GA 16 73.17 -86.87 -49.46
N ILE GA 17 72.99 -86.94 -50.77
CA ILE GA 17 72.02 -86.10 -51.44
C ILE GA 17 70.61 -86.48 -51.00
N GLY GA 18 70.36 -87.78 -50.84
CA GLY GA 18 69.06 -88.21 -50.34
C GLY GA 18 68.78 -87.73 -48.94
N PHE GA 19 69.77 -87.81 -48.05
CA PHE GA 19 69.60 -87.30 -46.69
C PHE GA 19 69.29 -85.81 -46.69
N GLU GA 20 70.07 -85.02 -47.44
CA GLU GA 20 69.80 -83.59 -47.49
C GLU GA 20 68.50 -83.28 -48.21
N PHE GA 21 68.13 -84.11 -49.18
CA PHE GA 21 66.85 -83.97 -49.86
C PHE GA 21 65.71 -84.19 -48.90
N TRP GA 22 65.78 -85.24 -48.09
CA TRP GA 22 64.71 -85.51 -47.13
C TRP GA 22 64.63 -84.42 -46.08
N LYS GA 23 65.77 -83.92 -45.61
CA LYS GA 23 65.73 -82.77 -44.70
C LYS GA 23 65.07 -81.55 -45.35
N GLN GA 24 65.44 -81.25 -46.60
CA GLN GA 24 64.86 -80.12 -47.30
C GLN GA 24 63.37 -80.31 -47.55
N LEU GA 25 62.97 -81.53 -47.94
CA LEU GA 25 61.56 -81.82 -48.16
C LEU GA 25 60.75 -81.67 -46.88
N CYS GA 26 61.27 -82.21 -45.78
CA CYS GA 26 60.60 -82.03 -44.49
C CYS GA 26 60.42 -80.55 -44.17
N ALA GA 27 61.48 -79.76 -44.33
CA ALA GA 27 61.38 -78.34 -44.03
C ALA GA 27 60.43 -77.61 -44.98
N GLU GA 28 60.43 -77.98 -46.26
CA GLU GA 28 59.55 -77.33 -47.24
C GLU GA 28 58.09 -77.72 -47.09
N HIS GA 29 57.81 -78.93 -46.64
CA HIS GA 29 56.44 -79.41 -46.49
C HIS GA 29 55.94 -79.31 -45.06
N GLY GA 30 56.78 -78.90 -44.11
CA GLY GA 30 56.36 -78.87 -42.73
C GLY GA 30 56.12 -80.27 -42.23
N ILE GA 31 57.01 -81.21 -42.57
CA ILE GA 31 56.94 -82.59 -42.14
C ILE GA 31 57.99 -82.84 -41.07
N SER GA 32 57.58 -83.46 -39.97
CA SER GA 32 58.50 -83.76 -38.88
C SER GA 32 59.50 -84.83 -39.31
N PRO GA 33 60.60 -84.97 -38.57
CA PRO GA 33 61.57 -86.04 -38.86
C PRO GA 33 60.99 -87.44 -38.76
N GLU GA 34 59.85 -87.61 -38.11
CA GLU GA 34 59.20 -88.91 -38.00
C GLU GA 34 58.22 -89.19 -39.13
N GLY GA 35 58.09 -88.27 -40.08
CA GLY GA 35 57.16 -88.42 -41.18
C GLY GA 35 55.78 -87.85 -40.93
N ILE GA 36 55.56 -87.19 -39.81
CA ILE GA 36 54.28 -86.62 -39.48
C ILE GA 36 54.27 -85.18 -40.00
N VAL GA 37 53.17 -84.79 -40.65
CA VAL GA 37 53.04 -83.41 -41.10
C VAL GA 37 52.92 -82.49 -39.91
N GLU GA 38 53.77 -81.46 -39.87
CA GLU GA 38 53.69 -80.45 -38.82
C GLU GA 38 52.44 -79.59 -39.01
N GLU GA 39 51.87 -79.17 -37.88
CA GLU GA 39 50.64 -78.40 -37.90
C GLU GA 39 50.79 -77.15 -38.76
N THR GA 45 48.41 -79.15 -48.20
CA THR GA 45 47.74 -79.33 -49.50
C THR GA 45 48.66 -80.04 -50.49
N ASP GA 46 49.83 -80.46 -50.01
CA ASP GA 46 50.80 -81.11 -50.88
C ASP GA 46 50.45 -82.57 -51.09
N ARG GA 47 50.76 -83.07 -52.28
CA ARG GA 47 50.59 -84.50 -52.59
C ARG GA 47 51.90 -85.18 -52.26
N LYS GA 48 51.94 -85.86 -51.12
CA LYS GA 48 53.14 -86.57 -50.68
C LYS GA 48 53.30 -87.91 -51.38
N ASP GA 49 52.21 -88.54 -51.82
CA ASP GA 49 52.25 -89.89 -52.34
C ASP GA 49 53.21 -90.07 -53.52
N VAL GA 50 53.55 -89.02 -54.25
CA VAL GA 50 54.48 -89.17 -55.37
C VAL GA 50 55.85 -89.63 -54.88
N PHE GA 51 56.38 -89.02 -53.82
CA PHE GA 51 57.73 -89.31 -53.37
C PHE GA 51 57.79 -89.98 -52.01
N PHE GA 52 56.75 -89.83 -51.20
CA PHE GA 52 56.62 -90.45 -49.89
C PHE GA 52 55.50 -91.48 -49.93
N TYR GA 53 55.64 -92.51 -49.10
CA TYR GA 53 54.52 -93.37 -48.75
C TYR GA 53 53.92 -92.94 -47.42
N GLN GA 54 52.60 -93.07 -47.31
CA GLN GA 54 51.85 -92.75 -46.10
C GLN GA 54 51.61 -94.04 -45.33
N ALA GA 55 52.10 -94.10 -44.10
CA ALA GA 55 51.81 -95.22 -43.22
C ALA GA 55 50.41 -95.08 -42.62
N ASP GA 56 49.94 -96.19 -42.05
CA ASP GA 56 48.60 -96.23 -41.47
C ASP GA 56 48.43 -95.24 -40.32
N ASP GA 57 49.53 -94.78 -39.74
CA ASP GA 57 49.49 -93.85 -38.62
C ASP GA 57 49.68 -92.41 -39.06
N GLU GA 58 49.34 -92.12 -40.32
CA GLU GA 58 49.52 -90.80 -40.92
C GLU GA 58 50.99 -90.38 -40.96
N HIS GA 59 51.91 -91.33 -40.81
CA HIS GA 59 53.32 -91.05 -41.00
C HIS GA 59 53.64 -91.03 -42.49
N TYR GA 60 54.37 -90.01 -42.91
CA TYR GA 60 54.83 -89.91 -44.29
C TYR GA 60 56.23 -90.49 -44.37
N ILE GA 61 56.37 -91.56 -45.12
CA ILE GA 61 57.65 -92.26 -45.30
C ILE GA 61 58.13 -92.02 -46.72
N PRO GA 62 59.36 -91.57 -46.92
CA PRO GA 62 59.83 -91.35 -48.29
C PRO GA 62 59.75 -92.64 -49.09
N ARG GA 63 59.25 -92.53 -50.32
CA ARG GA 63 59.39 -93.60 -51.30
C ARG GA 63 60.82 -93.61 -51.84
N ALA GA 64 61.74 -93.86 -50.91
CA ALA GA 64 63.17 -93.80 -51.18
C ALA GA 64 63.80 -95.11 -50.73
N VAL GA 65 64.63 -95.67 -51.61
CA VAL GA 65 65.42 -96.87 -51.33
C VAL GA 65 66.87 -96.40 -51.27
N LEU GA 66 67.52 -96.64 -50.14
CA LEU GA 66 68.90 -96.22 -49.94
C LEU GA 66 69.77 -97.46 -50.08
N LEU GA 67 70.60 -97.49 -51.12
CA LEU GA 67 71.49 -98.61 -51.42
C LEU GA 67 72.91 -98.07 -51.40
N ASP GA 68 73.73 -98.63 -50.53
CA ASP GA 68 75.16 -98.34 -50.51
C ASP GA 68 75.93 -99.63 -50.28
N LEU GA 69 77.09 -99.71 -50.92
CA LEU GA 69 78.00 -100.83 -50.71
C LEU GA 69 78.94 -100.59 -49.55
N GLU GA 70 78.90 -99.41 -48.94
CA GLU GA 70 79.72 -99.08 -47.78
C GLU GA 70 78.81 -98.68 -46.61
N PRO GA 71 79.10 -99.17 -45.40
CA PRO GA 71 78.17 -98.94 -44.29
C PRO GA 71 78.14 -97.49 -43.81
N ARG GA 72 79.17 -96.70 -44.13
CA ARG GA 72 79.32 -95.40 -43.49
C ARG GA 72 78.09 -94.52 -43.72
N VAL GA 73 77.61 -94.50 -44.96
CA VAL GA 73 76.54 -93.58 -45.34
C VAL GA 73 75.20 -94.06 -44.78
N ILE GA 74 74.94 -95.37 -44.87
CA ILE GA 74 73.72 -95.91 -44.28
C ILE GA 74 73.67 -95.62 -42.79
N HIS GA 75 74.79 -95.85 -42.09
CA HIS GA 75 74.85 -95.51 -40.67
C HIS GA 75 74.65 -94.02 -40.41
N SER GA 76 75.19 -93.16 -41.29
CA SER GA 76 74.96 -91.73 -41.13
C SER GA 76 73.50 -91.37 -41.31
N ILE GA 77 72.80 -92.04 -42.24
CA ILE GA 77 71.38 -91.79 -42.44
C ILE GA 77 70.58 -92.27 -41.23
N LEU GA 78 70.90 -93.48 -40.74
CA LEU GA 78 70.20 -93.99 -39.58
C LEU GA 78 70.52 -93.18 -38.32
N ASN GA 79 71.60 -92.41 -38.35
CA ASN GA 79 71.93 -91.48 -37.28
C ASN GA 79 71.49 -90.06 -37.59
N SER GA 80 70.81 -89.83 -38.72
CA SER GA 80 70.36 -88.50 -39.06
C SER GA 80 69.00 -88.20 -38.44
N PRO GA 81 68.60 -86.93 -38.41
CA PRO GA 81 67.24 -86.60 -37.96
C PRO GA 81 66.13 -87.20 -38.80
N TYR GA 82 66.41 -87.62 -40.04
CA TYR GA 82 65.39 -88.16 -40.91
C TYR GA 82 65.36 -89.69 -40.88
N ALA GA 83 66.05 -90.30 -39.92
CA ALA GA 83 66.09 -91.76 -39.86
C ALA GA 83 64.71 -92.38 -39.74
N LYS GA 84 63.79 -91.71 -39.04
CA LYS GA 84 62.46 -92.28 -38.85
C LYS GA 84 61.54 -92.08 -40.05
N LEU GA 85 61.90 -91.25 -41.02
CA LEU GA 85 61.02 -91.08 -42.17
C LEU GA 85 61.00 -92.35 -43.03
N TYR GA 86 62.16 -92.94 -43.27
CA TYR GA 86 62.26 -94.09 -44.15
C TYR GA 86 61.98 -95.37 -43.37
N ASN GA 87 61.32 -96.33 -44.02
CA ASN GA 87 61.21 -97.67 -43.46
C ASN GA 87 62.58 -98.33 -43.41
N PRO GA 88 63.09 -98.68 -42.23
CA PRO GA 88 64.39 -99.37 -42.17
C PRO GA 88 64.42 -100.72 -42.88
N GLU GA 89 63.28 -101.42 -42.95
CA GLU GA 89 63.22 -102.72 -43.60
C GLU GA 89 63.35 -102.65 -45.12
N ASN GA 90 63.24 -101.47 -45.72
CA ASN GA 90 63.37 -101.34 -47.16
C ASN GA 90 64.78 -100.97 -47.59
N ILE GA 91 65.74 -101.00 -46.67
CA ILE GA 91 67.13 -100.66 -46.94
C ILE GA 91 67.96 -101.94 -46.94
N TYR GA 92 68.51 -102.29 -48.10
CA TYR GA 92 69.49 -103.34 -48.24
C TYR GA 92 70.86 -102.68 -48.35
N LEU GA 93 71.81 -103.14 -47.52
CA LEU GA 93 73.18 -102.67 -47.57
C LEU GA 93 74.15 -103.84 -47.65
N SER GA 94 75.02 -103.82 -48.65
CA SER GA 94 76.03 -104.85 -48.81
C SER GA 94 76.94 -104.90 -47.58
N GLU GA 95 77.09 -106.10 -47.02
CA GLU GA 95 77.99 -106.30 -45.89
C GLU GA 95 79.45 -106.04 -46.25
N HIS GA 96 79.80 -106.19 -47.53
CA HIS GA 96 81.15 -105.88 -48.00
C HIS GA 96 81.30 -104.37 -48.18
N GLY GA 97 81.65 -103.69 -47.10
CA GLY GA 97 81.78 -102.25 -47.09
C GLY GA 97 82.96 -101.70 -47.87
N GLY GA 98 83.47 -102.44 -48.84
CA GLY GA 98 84.55 -101.98 -49.68
C GLY GA 98 84.13 -101.19 -50.90
N GLY GA 99 82.84 -101.20 -51.21
CA GLY GA 99 82.37 -100.55 -52.41
C GLY GA 99 83.02 -101.14 -53.67
N ALA GA 100 82.72 -100.48 -54.78
CA ALA GA 100 83.34 -100.77 -56.07
C ALA GA 100 84.60 -99.97 -56.32
N GLY GA 101 84.99 -99.06 -55.43
CA GLY GA 101 86.22 -98.32 -55.65
C GLY GA 101 86.23 -97.48 -56.91
N ASN GA 102 85.11 -96.83 -57.22
CA ASN GA 102 84.96 -96.06 -58.46
C ASN GA 102 85.14 -96.91 -59.71
N ASN GA 103 84.88 -98.22 -59.63
CA ASN GA 103 84.99 -99.10 -60.78
C ASN GA 103 83.58 -99.55 -61.17
N TRP GA 104 83.17 -99.20 -62.39
CA TRP GA 104 81.87 -99.63 -62.88
C TRP GA 104 81.76 -101.14 -62.91
N ALA GA 105 82.80 -101.82 -63.38
CA ALA GA 105 82.73 -103.29 -63.49
C ALA GA 105 82.59 -103.94 -62.12
N SER GA 106 83.33 -103.45 -61.12
CA SER GA 106 83.20 -103.99 -59.78
C SER GA 106 81.83 -103.68 -59.18
N GLY GA 107 81.33 -102.46 -59.40
CA GLY GA 107 80.00 -102.13 -58.93
C GLY GA 107 78.94 -102.98 -59.59
N PHE GA 108 79.11 -103.28 -60.88
CA PHE GA 108 78.17 -104.14 -61.58
C PHE GA 108 78.18 -105.55 -61.00
N SER GA 109 79.37 -106.11 -60.80
CA SER GA 109 79.45 -107.43 -60.18
C SER GA 109 78.83 -107.43 -58.79
N GLN GA 110 78.99 -106.34 -58.04
CA GLN GA 110 78.35 -106.25 -56.74
C GLN GA 110 76.83 -106.15 -56.85
N GLY GA 111 76.33 -105.35 -57.80
CA GLY GA 111 74.90 -105.34 -58.06
C GLY GA 111 74.35 -106.70 -58.41
N GLU GA 112 75.09 -107.47 -59.19
CA GLU GA 112 74.71 -108.85 -59.49
C GLU GA 112 74.71 -109.70 -58.22
N LYS GA 113 75.68 -109.47 -57.34
CA LYS GA 113 75.77 -110.26 -56.11
C LYS GA 113 74.64 -109.93 -55.15
N ILE GA 114 74.18 -108.68 -55.14
CA ILE GA 114 73.14 -108.24 -54.23
C ILE GA 114 71.83 -108.07 -54.98
N HIS GA 115 71.72 -108.71 -56.16
CA HIS GA 115 70.54 -108.56 -56.99
C HIS GA 115 69.27 -108.89 -56.21
N GLU GA 116 69.27 -110.06 -55.55
CA GLU GA 116 68.06 -110.48 -54.86
C GLU GA 116 67.67 -109.47 -53.79
N ASP GA 117 68.61 -109.06 -52.94
CA ASP GA 117 68.27 -108.08 -51.92
C ASP GA 117 67.76 -106.79 -52.56
N ILE GA 118 68.41 -106.37 -53.64
CA ILE GA 118 68.05 -105.12 -54.30
C ILE GA 118 66.69 -105.26 -54.98
N PHE GA 119 66.46 -106.38 -55.67
CA PHE GA 119 65.20 -106.52 -56.39
C PHE GA 119 64.04 -106.77 -55.42
N ASP GA 120 64.31 -107.40 -54.28
CA ASP GA 120 63.31 -107.50 -53.22
C ASP GA 120 62.92 -106.12 -52.70
N ILE GA 121 63.91 -105.24 -52.52
CA ILE GA 121 63.60 -103.89 -52.08
C ILE GA 121 62.79 -103.17 -53.15
N ILE GA 122 63.23 -103.30 -54.40
CA ILE GA 122 62.56 -102.62 -55.51
C ILE GA 122 61.12 -103.09 -55.63
N ASP GA 123 60.90 -104.41 -55.48
CA ASP GA 123 59.54 -104.93 -55.58
C ASP GA 123 58.68 -104.46 -54.42
N ARG GA 124 59.24 -104.43 -53.20
CA ARG GA 124 58.50 -103.88 -52.08
C ARG GA 124 58.08 -102.44 -52.35
N GLU GA 125 58.99 -101.63 -52.88
CA GLU GA 125 58.67 -100.24 -53.19
C GLU GA 125 57.67 -100.14 -54.33
N ALA GA 126 57.75 -101.04 -55.32
CA ALA GA 126 56.81 -100.97 -56.43
C ALA GA 126 55.41 -101.31 -55.94
N ASP GA 127 55.30 -102.31 -55.06
CA ASP GA 127 54.00 -102.66 -54.52
C ASP GA 127 53.48 -101.53 -53.65
N GLY GA 128 54.38 -100.77 -53.03
CA GLY GA 128 53.96 -99.58 -52.30
C GLY GA 128 53.62 -98.39 -53.18
N SER GA 129 53.62 -98.54 -54.50
CA SER GA 129 53.27 -97.49 -55.43
C SER GA 129 51.92 -97.80 -56.07
N ASP GA 130 51.01 -96.83 -56.03
CA ASP GA 130 49.68 -97.05 -56.60
C ASP GA 130 49.74 -97.14 -58.13
N SER GA 131 50.55 -96.28 -58.76
CA SER GA 131 50.71 -96.26 -60.21
C SER GA 131 52.18 -95.93 -60.50
N LEU GA 132 53.07 -96.76 -59.98
CA LEU GA 132 54.50 -96.63 -60.26
C LEU GA 132 54.77 -96.43 -61.75
N GLU GA 133 55.35 -95.28 -62.07
CA GLU GA 133 55.75 -94.98 -63.45
C GLU GA 133 57.11 -95.57 -63.76
N GLY GA 134 58.02 -95.48 -62.80
CA GLY GA 134 59.36 -95.99 -62.99
C GLY GA 134 60.21 -95.64 -61.78
N PHE GA 135 61.50 -95.88 -61.92
CA PHE GA 135 62.45 -95.59 -60.86
C PHE GA 135 63.37 -94.44 -61.24
N VAL GA 136 63.66 -93.57 -60.28
CA VAL GA 136 64.65 -92.52 -60.46
C VAL GA 136 65.83 -92.85 -59.56
N LEU GA 137 66.98 -93.13 -60.16
CA LEU GA 137 68.21 -93.44 -59.44
C LEU GA 137 69.06 -92.18 -59.31
N CYS GA 138 69.38 -91.80 -58.09
CA CYS GA 138 70.30 -90.69 -57.84
C CYS GA 138 71.60 -91.34 -57.43
N HIS GA 139 72.59 -91.23 -58.30
CA HIS GA 139 73.85 -91.94 -58.17
C HIS GA 139 74.90 -91.14 -58.90
N SER GA 140 76.17 -91.51 -58.70
CA SER GA 140 77.25 -90.95 -59.50
C SER GA 140 77.76 -92.00 -60.48
N ILE GA 141 78.07 -91.53 -61.70
CA ILE GA 141 78.60 -92.41 -62.74
C ILE GA 141 80.06 -92.71 -62.51
N ALA GA 142 80.71 -91.96 -61.61
CA ALA GA 142 82.14 -92.06 -61.38
C ALA GA 142 82.44 -92.86 -60.14
N GLY GA 143 81.47 -92.96 -59.23
CA GLY GA 143 81.66 -93.70 -58.01
C GLY GA 143 81.68 -95.18 -58.30
N GLY GA 144 81.62 -95.97 -57.23
CA GLY GA 144 81.49 -97.40 -57.39
C GLY GA 144 80.06 -97.88 -57.44
N THR GA 145 79.29 -97.59 -56.39
CA THR GA 145 77.91 -98.07 -56.32
C THR GA 145 77.07 -97.45 -57.43
N GLY GA 146 77.03 -96.11 -57.47
CA GLY GA 146 76.19 -95.42 -58.45
C GLY GA 146 76.57 -95.71 -59.89
N SER GA 147 77.84 -95.97 -60.16
CA SER GA 147 78.25 -96.28 -61.53
C SER GA 147 78.11 -97.77 -61.82
N GLY GA 148 78.85 -98.60 -61.10
CA GLY GA 148 78.85 -100.02 -61.36
C GLY GA 148 77.57 -100.70 -60.90
N LEU GA 149 77.29 -100.58 -59.60
CA LEU GA 149 76.05 -101.12 -59.06
C LEU GA 149 74.86 -100.42 -59.70
N GLY GA 150 75.01 -99.14 -60.00
CA GLY GA 150 73.97 -98.45 -60.72
C GLY GA 150 73.71 -99.05 -62.09
N SER GA 151 74.78 -99.41 -62.82
CA SER GA 151 74.61 -100.07 -64.10
C SER GA 151 73.96 -101.44 -63.96
N TYR GA 152 74.37 -102.21 -62.95
CA TYR GA 152 73.71 -103.49 -62.70
C TYR GA 152 72.22 -103.31 -62.42
N LEU GA 153 71.89 -102.35 -61.55
CA LEU GA 153 70.50 -102.10 -61.23
C LEU GA 153 69.74 -101.58 -62.44
N LEU GA 154 70.39 -100.76 -63.26
CA LEU GA 154 69.78 -100.30 -64.50
C LEU GA 154 69.43 -101.46 -65.43
N GLU GA 155 70.36 -102.40 -65.57
CA GLU GA 155 70.07 -103.58 -66.38
C GLU GA 155 68.88 -104.34 -65.81
N ARG GA 156 68.88 -104.57 -64.50
CA ARG GA 156 67.83 -105.39 -63.93
C ARG GA 156 66.48 -104.68 -63.95
N LEU GA 157 66.48 -103.36 -63.76
CA LEU GA 157 65.24 -102.59 -63.88
C LEU GA 157 64.74 -102.56 -65.31
N ASN GA 158 65.64 -102.43 -66.29
CA ASN GA 158 65.21 -102.45 -67.68
C ASN GA 158 64.60 -103.79 -68.05
N ASP GA 159 65.15 -104.87 -67.50
CA ASP GA 159 64.59 -106.20 -67.76
C ASP GA 159 63.26 -106.42 -67.03
N ARG GA 160 63.18 -106.04 -65.75
CA ARG GA 160 61.99 -106.34 -64.96
C ARG GA 160 60.84 -105.38 -65.25
N TYR GA 161 61.14 -104.11 -65.54
CA TYR GA 161 60.14 -103.07 -65.72
C TYR GA 161 60.35 -102.42 -67.08
N PRO GA 162 60.32 -103.21 -68.16
CA PRO GA 162 60.66 -102.65 -69.48
C PRO GA 162 59.65 -101.63 -69.96
N LYS GA 163 58.54 -101.48 -69.25
CA LYS GA 163 57.51 -100.50 -69.58
C LYS GA 163 57.54 -99.33 -68.60
N LYS GA 164 58.44 -99.37 -67.63
CA LYS GA 164 58.57 -98.35 -66.61
C LYS GA 164 59.78 -97.48 -66.97
N LEU GA 165 59.66 -96.18 -66.70
CA LEU GA 165 60.76 -95.28 -66.98
C LEU GA 165 61.93 -95.49 -66.02
N VAL GA 166 63.14 -95.33 -66.55
CA VAL GA 166 64.35 -95.35 -65.75
C VAL GA 166 64.98 -93.97 -65.92
N GLN GA 167 64.81 -93.12 -64.92
CA GLN GA 167 65.50 -91.84 -64.88
C GLN GA 167 66.67 -91.92 -63.93
N THR GA 168 67.78 -91.29 -64.31
CA THR GA 168 68.93 -91.19 -63.43
C THR GA 168 69.25 -89.71 -63.22
N TYR GA 169 69.67 -89.39 -62.01
CA TYR GA 169 70.42 -88.18 -61.71
C TYR GA 169 71.85 -88.67 -61.50
N SER GA 170 72.63 -88.62 -62.57
CA SER GA 170 73.96 -89.21 -62.57
C SER GA 170 74.96 -88.09 -62.33
N VAL GA 171 75.69 -88.18 -61.23
CA VAL GA 171 76.69 -87.17 -60.91
C VAL GA 171 77.93 -87.52 -61.69
N PHE GA 172 78.31 -86.67 -62.62
CA PHE GA 172 79.53 -86.88 -63.37
C PHE GA 172 80.71 -86.31 -62.62
N PRO GA 173 81.85 -86.99 -62.63
CA PRO GA 173 82.99 -86.47 -61.89
C PRO GA 173 83.44 -85.17 -62.55
N ASN GA 174 84.20 -84.38 -61.83
CA ASN GA 174 84.71 -83.16 -62.42
C ASN GA 174 85.62 -83.52 -63.59
N GLN GA 175 85.32 -82.94 -64.76
CA GLN GA 175 86.13 -83.20 -65.94
C GLN GA 175 87.38 -82.34 -65.93
N ASP GA 176 87.35 -81.24 -65.17
CA ASP GA 176 88.44 -80.28 -65.15
C ASP GA 176 89.46 -80.65 -64.10
N GLU GA 177 89.06 -81.47 -63.13
CA GLU GA 177 89.92 -81.97 -62.07
C GLU GA 177 90.33 -83.40 -62.37
N MET GA 178 91.58 -83.73 -62.04
CA MET GA 178 92.07 -85.11 -62.09
C MET GA 178 91.28 -86.04 -61.19
N SER GA 179 90.51 -86.95 -61.78
CA SER GA 179 89.80 -87.95 -61.00
C SER GA 179 90.78 -88.81 -60.22
N ASP GA 180 90.53 -88.96 -58.91
CA ASP GA 180 91.31 -89.87 -58.08
C ASP GA 180 91.22 -91.32 -58.56
N VAL GA 181 90.22 -91.66 -59.36
CA VAL GA 181 90.04 -93.02 -59.86
C VAL GA 181 90.66 -93.05 -61.26
N VAL GA 182 91.87 -93.60 -61.35
CA VAL GA 182 92.54 -93.65 -62.65
C VAL GA 182 91.74 -94.50 -63.62
N VAL GA 183 90.90 -95.41 -63.10
CA VAL GA 183 90.04 -96.23 -63.94
C VAL GA 183 88.68 -95.58 -64.12
N GLN GA 184 88.50 -94.39 -63.56
CA GLN GA 184 87.23 -93.68 -63.68
C GLN GA 184 86.76 -93.59 -65.11
N PRO GA 185 87.61 -93.34 -66.11
CA PRO GA 185 87.10 -93.31 -67.48
C PRO GA 185 86.51 -94.63 -67.94
N TYR GA 186 87.10 -95.75 -67.52
CA TYR GA 186 86.53 -97.06 -67.83
C TYR GA 186 85.19 -97.23 -67.13
N ASN GA 187 85.16 -96.91 -65.83
CA ASN GA 187 83.90 -96.99 -65.09
C ASN GA 187 82.84 -96.12 -65.74
N SER GA 188 83.22 -94.92 -66.16
CA SER GA 188 82.29 -93.98 -66.78
C SER GA 188 81.77 -94.54 -68.10
N LEU GA 189 82.65 -95.14 -68.90
CA LEU GA 189 82.21 -95.70 -70.17
C LEU GA 189 81.21 -96.84 -69.95
N LEU GA 190 81.52 -97.74 -69.00
CA LEU GA 190 80.57 -98.81 -68.70
C LEU GA 190 79.24 -98.27 -68.18
N THR GA 191 79.30 -97.26 -67.33
CA THR GA 191 78.07 -96.65 -66.81
C THR GA 191 77.29 -95.94 -67.91
N LEU GA 192 77.97 -95.23 -68.80
CA LEU GA 192 77.30 -94.58 -69.93
C LEU GA 192 76.65 -95.61 -70.84
N LYS GA 193 77.33 -96.74 -71.08
CA LYS GA 193 76.72 -97.83 -71.82
C LYS GA 193 75.43 -98.29 -71.15
N ARG GA 194 75.46 -98.46 -69.83
CA ARG GA 194 74.27 -98.94 -69.14
C ARG GA 194 73.17 -97.87 -69.13
N LEU GA 195 73.54 -96.60 -68.97
CA LEU GA 195 72.57 -95.52 -69.11
C LEU GA 195 71.94 -95.52 -70.50
N THR GA 196 72.76 -95.74 -71.53
CA THR GA 196 72.26 -95.73 -72.91
C THR GA 196 71.35 -96.92 -73.20
N GLN GA 197 71.60 -98.07 -72.58
CA GLN GA 197 70.86 -99.28 -72.97
C GLN GA 197 69.73 -99.62 -72.01
N ASN GA 198 69.83 -99.26 -70.74
CA ASN GA 198 68.91 -99.72 -69.72
C ASN GA 198 68.31 -98.59 -68.90
N ALA GA 199 68.70 -97.35 -69.19
CA ALA GA 199 68.13 -96.16 -68.56
C ALA GA 199 67.40 -95.37 -69.63
N ASP GA 200 66.28 -94.76 -69.26
CA ASP GA 200 65.56 -93.94 -70.21
C ASP GA 200 66.11 -92.52 -70.27
N CYS GA 201 66.69 -92.01 -69.20
CA CYS GA 201 67.17 -90.64 -69.20
C CYS GA 201 68.27 -90.47 -68.16
N VAL GA 202 69.40 -89.90 -68.55
CA VAL GA 202 70.51 -89.64 -67.64
C VAL GA 202 70.69 -88.13 -67.59
N VAL GA 203 70.37 -87.52 -66.43
CA VAL GA 203 70.67 -86.12 -66.17
C VAL GA 203 72.07 -86.00 -65.60
N VAL GA 204 72.98 -85.41 -66.36
CA VAL GA 204 74.38 -85.29 -65.96
C VAL GA 204 74.52 -84.13 -64.98
N LEU GA 205 75.03 -84.42 -63.79
CA LEU GA 205 75.32 -83.41 -62.76
C LEU GA 205 76.83 -83.31 -62.54
N ASP GA 206 77.44 -82.28 -63.12
CA ASP GA 206 78.89 -82.08 -63.06
C ASP GA 206 79.19 -81.25 -61.82
N ASN GA 207 79.89 -81.86 -60.85
CA ASN GA 207 80.23 -81.15 -59.62
C ASN GA 207 81.10 -79.92 -59.88
N THR GA 208 81.96 -79.95 -60.89
CA THR GA 208 82.75 -78.77 -61.23
C THR GA 208 81.85 -77.61 -61.65
N ALA GA 209 80.89 -77.88 -62.53
CA ALA GA 209 79.99 -76.83 -62.99
C ALA GA 209 79.08 -76.38 -61.86
N LEU GA 210 78.65 -77.30 -61.01
CA LEU GA 210 77.81 -76.92 -59.89
C LEU GA 210 78.56 -75.99 -58.94
N ASN GA 211 79.83 -76.30 -58.64
CA ASN GA 211 80.66 -75.43 -57.83
C ASN GA 211 80.82 -74.05 -58.49
N ARG GA 212 81.14 -74.04 -59.79
CA ARG GA 212 81.25 -72.77 -60.51
C ARG GA 212 79.98 -71.94 -60.39
N ILE GA 213 78.82 -72.59 -60.60
CA ILE GA 213 77.55 -71.88 -60.51
C ILE GA 213 77.31 -71.37 -59.10
N ALA GA 214 77.59 -72.20 -58.09
CA ALA GA 214 77.39 -71.78 -56.70
C ALA GA 214 78.25 -70.57 -56.37
N THR GA 215 79.47 -70.54 -56.88
CA THR GA 215 80.35 -69.40 -56.62
C THR GA 215 79.83 -68.16 -57.34
N ASP GA 216 79.49 -68.29 -58.63
CA ASP GA 216 79.16 -67.11 -59.43
C ASP GA 216 77.80 -66.53 -59.06
N ARG GA 217 76.85 -67.36 -58.63
CA ARG GA 217 75.47 -66.94 -58.45
C ARG GA 217 75.02 -66.87 -57.00
N LEU GA 218 75.47 -67.81 -56.15
CA LEU GA 218 75.17 -67.77 -54.74
C LEU GA 218 76.20 -67.00 -53.92
N HIS GA 219 77.28 -66.55 -54.54
CA HIS GA 219 78.35 -65.83 -53.85
C HIS GA 219 78.95 -66.68 -52.74
N ILE GA 220 78.99 -68.00 -52.96
CA ILE GA 220 79.61 -68.92 -52.02
C ILE GA 220 81.08 -69.04 -52.41
N GLN GA 221 81.96 -68.49 -51.59
CA GLN GA 221 83.39 -68.66 -51.80
C GLN GA 221 83.79 -70.09 -51.43
N ASN GA 222 84.30 -70.84 -52.41
CA ASN GA 222 84.63 -72.23 -52.16
C ASN GA 222 83.39 -72.99 -51.70
N PRO GA 223 82.45 -73.29 -52.59
CA PRO GA 223 81.25 -74.00 -52.14
C PRO GA 223 81.61 -75.36 -51.56
N SER GA 224 81.07 -75.63 -50.37
CA SER GA 224 81.21 -76.91 -49.70
C SER GA 224 80.29 -77.98 -50.28
N PHE GA 225 80.67 -79.23 -50.04
CA PHE GA 225 79.82 -80.35 -50.43
C PHE GA 225 78.43 -80.19 -49.83
N SER GA 226 78.34 -79.60 -48.64
CA SER GA 226 77.04 -79.38 -48.03
C SER GA 226 76.20 -78.45 -48.91
N GLN GA 227 76.82 -77.41 -49.46
CA GLN GA 227 76.09 -76.48 -50.32
C GLN GA 227 75.73 -77.16 -51.65
N ILE GA 228 76.62 -78.01 -52.15
CA ILE GA 228 76.30 -78.76 -53.37
C ILE GA 228 75.09 -79.67 -53.13
N ASN GA 229 75.08 -80.36 -51.99
CA ASN GA 229 73.95 -81.23 -51.68
C ASN GA 229 72.68 -80.42 -51.43
N GLN GA 230 72.83 -79.20 -50.91
CA GLN GA 230 71.68 -78.31 -50.79
C GLN GA 230 71.13 -77.94 -52.17
N LEU GA 231 72.02 -77.70 -53.12
CA LEU GA 231 71.58 -77.46 -54.50
C LEU GA 231 70.89 -78.69 -55.07
N VAL GA 232 71.43 -79.88 -54.81
CA VAL GA 232 70.80 -81.11 -55.28
C VAL GA 232 69.40 -81.23 -54.70
N SER GA 233 69.27 -80.99 -53.39
CA SER GA 233 67.96 -81.06 -52.74
C SER GA 233 67.02 -80.02 -53.31
N THR GA 234 67.53 -78.84 -53.63
CA THR GA 234 66.73 -77.83 -54.31
C THR GA 234 66.24 -78.33 -55.65
N ILE GA 235 67.11 -79.02 -56.40
CA ILE GA 235 66.71 -79.55 -57.70
C ILE GA 235 65.61 -80.58 -57.53
N MET GA 236 65.79 -81.49 -56.56
CA MET GA 236 64.78 -82.51 -56.32
C MET GA 236 63.46 -81.88 -55.89
N SER GA 237 63.52 -80.82 -55.08
CA SER GA 237 62.30 -80.11 -54.69
C SER GA 237 61.65 -79.47 -55.91
N ALA GA 238 62.44 -78.88 -56.79
CA ALA GA 238 61.86 -78.29 -57.99
C ALA GA 238 61.23 -79.36 -58.87
N SER GA 239 61.82 -80.56 -58.88
CA SER GA 239 61.25 -81.65 -59.64
C SER GA 239 59.95 -82.15 -59.02
N THR GA 240 59.81 -82.02 -57.70
CA THR GA 240 58.59 -82.45 -57.03
C THR GA 240 57.62 -81.30 -56.83
N THR GA 241 57.97 -80.10 -57.30
CA THR GA 241 57.13 -78.95 -57.05
C THR GA 241 55.78 -79.10 -57.76
N THR GA 242 55.78 -79.72 -58.94
CA THR GA 242 54.52 -79.94 -59.65
C THR GA 242 53.68 -81.01 -58.96
N LEU GA 243 54.32 -81.86 -58.15
CA LEU GA 243 53.59 -82.81 -57.33
C LEU GA 243 53.00 -82.14 -56.10
N ARG GA 244 53.78 -81.26 -55.45
CA ARG GA 244 53.31 -80.69 -54.19
C ARG GA 244 52.35 -79.51 -54.40
N TYR GA 245 52.52 -78.75 -55.48
CA TYR GA 245 51.63 -77.63 -55.79
C TYR GA 245 50.90 -77.88 -57.10
N PRO GA 246 49.59 -78.07 -57.10
CA PRO GA 246 48.90 -78.35 -58.38
C PRO GA 246 49.00 -77.14 -59.30
N GLY GA 247 49.54 -77.34 -60.50
CA GLY GA 247 49.62 -76.32 -61.50
C GLY GA 247 48.75 -76.61 -62.71
N TYR GA 248 48.92 -75.76 -63.72
CA TYR GA 248 48.16 -75.89 -64.96
C TYR GA 248 48.85 -76.72 -66.03
N MET GA 249 50.17 -76.85 -66.00
CA MET GA 249 50.89 -77.51 -67.09
C MET GA 249 52.05 -78.34 -66.57
N ASN GA 250 52.36 -79.40 -67.31
CA ASN GA 250 53.49 -80.30 -67.02
C ASN GA 250 53.42 -80.84 -65.60
N ASN GA 251 52.28 -81.40 -65.25
CA ASN GA 251 52.08 -81.93 -63.90
C ASN GA 251 52.56 -83.37 -63.75
N ASP GA 252 53.16 -83.96 -64.78
CA ASP GA 252 53.63 -85.33 -64.69
C ASP GA 252 55.04 -85.48 -65.27
N LEU GA 253 55.73 -86.51 -64.77
CA LEU GA 253 57.10 -86.76 -65.19
C LEU GA 253 57.12 -87.24 -66.64
N ILE GA 254 56.11 -88.02 -67.04
CA ILE GA 254 56.03 -88.45 -68.43
C ILE GA 254 56.03 -87.22 -69.33
N GLY GA 255 55.20 -86.23 -68.98
CA GLY GA 255 55.14 -85.01 -69.78
C GLY GA 255 56.44 -84.25 -69.76
N LEU GA 256 57.13 -84.23 -68.61
CA LEU GA 256 58.44 -83.58 -68.56
C LEU GA 256 59.41 -84.25 -69.53
N ILE GA 257 59.49 -85.58 -69.47
CA ILE GA 257 60.42 -86.31 -70.34
C ILE GA 257 60.07 -86.07 -71.80
N ALA GA 258 58.79 -86.20 -72.14
CA ALA GA 258 58.36 -85.98 -73.52
C ALA GA 258 58.68 -84.56 -73.98
N SER GA 259 58.66 -83.59 -73.07
CA SER GA 259 59.02 -82.22 -73.42
C SER GA 259 60.52 -82.06 -73.57
N LEU GA 260 61.31 -82.93 -72.95
CA LEU GA 260 62.75 -82.74 -72.92
C LEU GA 260 63.49 -83.58 -73.96
N ILE GA 261 62.90 -84.69 -74.39
CA ILE GA 261 63.60 -85.65 -75.24
C ILE GA 261 62.79 -85.89 -76.51
N PRO GA 262 62.88 -85.01 -77.51
CA PRO GA 262 62.16 -85.27 -78.76
C PRO GA 262 62.81 -86.35 -79.62
N THR GA 263 64.06 -86.68 -79.37
CA THR GA 263 64.79 -87.69 -80.14
C THR GA 263 65.23 -88.79 -79.19
N PRO GA 264 64.74 -90.02 -79.33
CA PRO GA 264 64.97 -91.01 -78.28
C PRO GA 264 66.43 -91.24 -77.96
N ARG GA 265 67.32 -91.16 -78.95
CA ARG GA 265 68.74 -91.31 -78.66
C ARG GA 265 69.31 -90.05 -78.03
N LEU GA 266 68.66 -88.91 -78.27
CA LEU GA 266 69.10 -87.62 -77.75
C LEU GA 266 68.43 -87.33 -76.41
N HIS GA 267 68.71 -88.20 -75.44
CA HIS GA 267 68.02 -88.17 -74.15
C HIS GA 267 68.92 -87.61 -73.05
N PHE GA 268 70.03 -87.00 -73.41
CA PHE GA 268 70.92 -86.35 -72.45
C PHE GA 268 70.42 -84.92 -72.22
N LEU GA 269 70.02 -84.64 -70.99
CA LEU GA 269 69.43 -83.37 -70.62
C LEU GA 269 70.45 -82.49 -69.90
N MET GA 270 70.51 -81.22 -70.28
CA MET GA 270 71.25 -80.26 -69.49
C MET GA 270 70.29 -79.64 -68.49
N THR GA 271 70.82 -79.29 -67.32
CA THR GA 271 70.04 -78.72 -66.24
C THR GA 271 70.33 -77.24 -66.03
N GLY GA 272 69.30 -76.55 -65.57
CA GLY GA 272 69.41 -75.18 -65.08
C GLY GA 272 68.48 -75.00 -63.91
N TYR GA 273 68.91 -74.24 -62.90
CA TYR GA 273 68.16 -74.08 -61.67
C TYR GA 273 68.02 -72.61 -61.36
N THR GA 274 66.88 -72.23 -60.79
CA THR GA 274 66.70 -70.85 -60.38
C THR GA 274 65.71 -70.73 -59.22
N PRO GA 275 65.97 -69.83 -58.28
CA PRO GA 275 67.16 -68.97 -58.23
C PRO GA 275 68.36 -69.75 -57.73
N LEU GA 276 69.58 -69.45 -58.18
CA LEU GA 276 70.77 -69.99 -57.54
C LEU GA 276 71.35 -68.80 -56.81
N THR GA 277 70.81 -68.54 -55.63
CA THR GA 277 71.19 -67.38 -54.83
C THR GA 277 71.05 -67.73 -53.36
N THR GA 278 71.94 -67.16 -52.55
CA THR GA 278 71.76 -67.29 -51.11
C THR GA 278 70.53 -66.48 -50.68
N ASP GA 279 69.84 -66.98 -49.66
CA ASP GA 279 68.66 -66.29 -49.16
C ASP GA 279 68.95 -64.86 -48.75
N GLN GA 280 70.23 -64.52 -48.56
CA GLN GA 280 70.61 -63.17 -48.20
C GLN GA 280 70.48 -62.18 -49.35
N SER GA 281 70.40 -62.66 -50.59
CA SER GA 281 70.19 -61.76 -51.73
C SER GA 281 68.70 -61.44 -51.83
N VAL GA 282 68.28 -60.49 -51.00
CA VAL GA 282 66.99 -59.83 -51.08
C VAL GA 282 66.96 -58.87 -52.25
N ALA GA 283 66.59 -59.34 -53.44
CA ALA GA 283 66.52 -58.44 -54.58
C ALA GA 283 65.47 -57.38 -54.31
N SER GA 284 65.91 -56.13 -54.17
CA SER GA 284 65.05 -55.00 -53.89
C SER GA 284 63.78 -55.02 -54.75
N VAL GA 285 62.64 -55.17 -54.10
CA VAL GA 285 61.37 -54.59 -54.53
C VAL GA 285 61.31 -54.42 -56.03
N ARG GA 286 61.78 -55.42 -56.78
CA ARG GA 286 61.58 -55.49 -58.21
C ARG GA 286 60.71 -56.70 -58.52
N LYS GA 287 59.51 -56.44 -59.04
CA LYS GA 287 58.66 -57.53 -59.49
C LYS GA 287 59.40 -58.25 -60.61
N THR GA 288 59.98 -59.40 -60.31
CA THR GA 288 60.63 -60.17 -61.35
C THR GA 288 59.58 -60.67 -62.33
N THR GA 289 59.69 -60.23 -63.57
CA THR GA 289 58.76 -60.64 -64.61
C THR GA 289 59.26 -61.96 -65.16
N VAL GA 290 58.39 -62.70 -65.81
CA VAL GA 290 58.85 -63.92 -66.47
C VAL GA 290 60.04 -63.61 -67.37
N LEU GA 291 59.95 -62.52 -68.14
CA LEU GA 291 61.07 -62.12 -69.00
C LEU GA 291 62.31 -61.73 -68.21
N ASP GA 292 62.16 -61.00 -67.10
CA ASP GA 292 63.33 -60.61 -66.32
C ASP GA 292 63.95 -61.81 -65.61
N VAL GA 293 63.12 -62.69 -65.09
CA VAL GA 293 63.60 -63.92 -64.47
C VAL GA 293 64.38 -64.73 -65.48
N MET GA 294 63.77 -65.00 -66.64
CA MET GA 294 64.42 -65.80 -67.65
C MET GA 294 65.72 -65.16 -68.12
N ARG GA 295 65.74 -63.82 -68.21
CA ARG GA 295 66.97 -63.14 -68.59
C ARG GA 295 68.07 -63.34 -67.55
N ARG GA 296 67.71 -63.29 -66.27
CA ARG GA 296 68.71 -63.53 -65.24
C ARG GA 296 69.18 -64.98 -65.23
N LEU GA 297 68.25 -65.91 -65.40
CA LEU GA 297 68.57 -67.32 -65.49
C LEU GA 297 69.48 -67.63 -66.67
N LEU GA 298 69.29 -66.92 -67.78
CA LEU GA 298 70.04 -67.11 -69.01
C LEU GA 298 71.49 -66.67 -68.93
N GLN GA 299 71.96 -66.09 -67.83
CA GLN GA 299 73.37 -65.69 -67.83
C GLN GA 299 74.24 -66.93 -67.67
N PRO GA 300 75.22 -67.13 -68.55
CA PRO GA 300 76.07 -68.33 -68.46
C PRO GA 300 76.76 -68.50 -67.13
N LYS GA 301 77.08 -67.40 -66.44
CA LYS GA 301 77.73 -67.52 -65.14
C LYS GA 301 76.81 -68.12 -64.09
N ASN GA 302 75.52 -68.24 -64.38
CA ASN GA 302 74.56 -68.87 -63.47
C ASN GA 302 74.11 -70.23 -63.97
N VAL GA 303 74.62 -70.70 -65.11
CA VAL GA 303 74.28 -72.03 -65.60
C VAL GA 303 75.13 -73.07 -64.87
N MET GA 304 74.47 -74.12 -64.39
CA MET GA 304 75.10 -75.13 -63.55
C MET GA 304 75.61 -76.32 -64.36
N VAL GA 305 75.95 -76.12 -65.62
CA VAL GA 305 76.49 -77.19 -66.46
C VAL GA 305 77.68 -76.63 -67.23
N SER GA 306 78.82 -77.31 -67.11
CA SER GA 306 80.03 -76.94 -67.84
C SER GA 306 80.00 -77.58 -69.22
N THR GA 307 79.53 -76.83 -70.21
CA THR GA 307 79.57 -77.29 -71.59
C THR GA 307 80.76 -76.59 -72.27
N GLY GA 308 81.58 -77.37 -72.96
CA GLY GA 308 82.66 -76.82 -73.76
C GLY GA 308 82.30 -75.89 -74.89
N ARG GA 309 83.02 -74.76 -74.97
CA ARG GA 309 82.96 -73.91 -76.16
C ARG GA 309 83.86 -74.55 -77.21
N ASP GA 310 83.37 -75.65 -77.77
CA ASP GA 310 83.97 -76.20 -78.98
C ASP GA 310 83.82 -75.23 -80.13
N ARG GA 311 84.95 -74.81 -80.70
CA ARG GA 311 84.89 -73.93 -81.85
C ARG GA 311 84.51 -74.68 -83.11
N GLN GA 312 84.57 -76.01 -83.09
CA GLN GA 312 84.27 -76.81 -84.27
C GLN GA 312 82.77 -77.06 -84.38
N THR GA 313 82.11 -77.27 -83.24
CA THR GA 313 80.70 -77.58 -83.18
C THR GA 313 79.91 -76.31 -82.85
N ASN GA 314 79.04 -75.90 -83.77
CA ASN GA 314 78.18 -74.74 -83.55
C ASN GA 314 77.01 -75.24 -82.69
N HIS GA 315 77.29 -75.35 -81.39
CA HIS GA 315 76.26 -75.80 -80.46
C HIS GA 315 75.06 -74.87 -80.47
N CYS GA 316 73.91 -75.46 -80.17
CA CYS GA 316 72.64 -74.75 -80.20
C CYS GA 316 71.76 -75.35 -79.12
N TYR GA 317 70.73 -74.61 -78.75
CA TYR GA 317 69.71 -75.15 -77.86
C TYR GA 317 68.77 -76.02 -78.66
N ILE GA 318 68.55 -77.25 -78.21
CA ILE GA 318 67.49 -78.04 -78.81
C ILE GA 318 66.15 -77.61 -78.25
N ALA GA 319 66.03 -77.57 -76.92
CA ALA GA 319 64.81 -77.15 -76.28
C ALA GA 319 65.16 -76.57 -74.91
N ILE GA 320 64.29 -75.69 -74.42
CA ILE GA 320 64.42 -75.12 -73.09
C ILE GA 320 63.04 -75.21 -72.46
N LEU GA 321 62.97 -75.78 -71.27
CA LEU GA 321 61.78 -75.73 -70.43
C LEU GA 321 62.11 -74.97 -69.16
N ASN GA 322 61.38 -73.90 -68.90
CA ASN GA 322 61.47 -73.19 -67.63
C ASN GA 322 60.23 -73.53 -66.84
N ILE GA 323 60.40 -74.24 -65.73
CA ILE GA 323 59.33 -74.47 -64.77
C ILE GA 323 59.43 -73.35 -63.74
N ILE GA 324 58.48 -72.44 -63.77
CA ILE GA 324 58.43 -71.29 -62.88
C ILE GA 324 57.34 -71.54 -61.85
N GLN GA 325 57.73 -71.57 -60.58
CA GLN GA 325 56.83 -71.81 -59.48
C GLN GA 325 56.67 -70.49 -58.74
N GLY GA 326 55.44 -70.08 -58.51
CA GLY GA 326 55.15 -68.89 -57.73
C GLY GA 326 54.22 -67.96 -58.48
N GLU GA 327 54.12 -66.72 -57.98
CA GLU GA 327 53.24 -65.73 -58.57
C GLU GA 327 53.85 -65.20 -59.87
N VAL GA 328 53.36 -65.73 -60.99
CA VAL GA 328 53.85 -65.41 -62.32
C VAL GA 328 52.68 -64.87 -63.13
N ASP GA 329 52.89 -63.73 -63.78
CA ASP GA 329 51.89 -63.24 -64.73
C ASP GA 329 51.99 -64.01 -66.03
N PRO GA 330 50.94 -64.72 -66.46
CA PRO GA 330 51.03 -65.44 -67.73
C PRO GA 330 51.39 -64.54 -68.89
N THR GA 331 50.95 -63.28 -68.83
CA THR GA 331 51.34 -62.35 -69.88
C THR GA 331 52.84 -62.10 -69.81
N GLN GA 332 53.41 -62.17 -68.61
CA GLN GA 332 54.85 -62.04 -68.47
C GLN GA 332 55.57 -63.30 -68.96
N VAL GA 333 54.94 -64.47 -68.82
CA VAL GA 333 55.53 -65.69 -69.39
C VAL GA 333 55.59 -65.58 -70.91
N HIS GA 334 54.47 -65.19 -71.51
CA HIS GA 334 54.45 -65.01 -72.95
C HIS GA 334 55.46 -63.97 -73.37
N LYS GA 335 55.51 -62.84 -72.65
CA LYS GA 335 56.49 -61.81 -72.92
C LYS GA 335 57.92 -62.33 -72.76
N SER GA 336 58.15 -63.24 -71.82
CA SER GA 336 59.50 -63.75 -71.63
C SER GA 336 59.93 -64.61 -72.80
N LEU GA 337 59.04 -65.49 -73.26
CA LEU GA 337 59.34 -66.26 -74.47
C LEU GA 337 59.56 -65.34 -75.66
N GLN GA 338 58.69 -64.34 -75.83
CA GLN GA 338 58.83 -63.38 -76.91
C GLN GA 338 60.15 -62.64 -76.84
N ARG GA 339 60.52 -62.16 -75.66
CA ARG GA 339 61.78 -61.43 -75.52
C ARG GA 339 62.98 -62.30 -75.80
N ILE GA 340 62.94 -63.56 -75.37
CA ILE GA 340 64.05 -64.47 -75.64
C ILE GA 340 64.18 -64.72 -77.14
N ARG GA 341 63.06 -64.94 -77.82
CA ARG GA 341 63.12 -65.14 -79.26
C ARG GA 341 63.57 -63.87 -79.99
N GLU GA 342 62.92 -62.74 -79.68
CA GLU GA 342 63.20 -61.48 -80.37
C GLU GA 342 64.66 -61.06 -80.19
N ARG GA 343 65.21 -61.27 -79.00
CA ARG GA 343 66.59 -60.86 -78.75
C ARG GA 343 67.57 -61.89 -79.27
N LYS GA 344 67.08 -63.01 -79.78
CA LYS GA 344 67.94 -64.10 -80.24
C LYS GA 344 68.99 -64.41 -79.17
N LEU GA 345 68.53 -64.41 -77.91
CA LEU GA 345 69.42 -64.64 -76.79
C LEU GA 345 69.91 -66.09 -76.75
N ALA GA 346 69.25 -66.98 -77.49
CA ALA GA 346 69.61 -68.39 -77.54
C ALA GA 346 69.70 -68.88 -78.97
N ASN GA 347 70.74 -69.67 -79.24
CA ASN GA 347 70.90 -70.37 -80.50
C ASN GA 347 70.20 -71.72 -80.37
N PHE GA 348 69.33 -72.04 -81.32
CA PHE GA 348 68.55 -73.26 -81.22
C PHE GA 348 69.05 -74.34 -82.18
N ILE GA 349 68.64 -75.57 -81.89
CA ILE GA 349 68.92 -76.74 -82.71
C ILE GA 349 68.61 -76.48 -84.19
N PRO GA 350 69.48 -76.93 -85.09
CA PRO GA 350 69.23 -76.67 -86.52
C PRO GA 350 68.21 -77.62 -87.12
N TRP GA 351 67.90 -78.72 -86.44
CA TRP GA 351 67.02 -79.75 -86.97
C TRP GA 351 65.57 -79.59 -86.51
N GLY GA 352 65.27 -78.56 -85.72
CA GLY GA 352 63.92 -78.36 -85.25
C GLY GA 352 63.57 -76.92 -84.95
N PRO GA 353 62.28 -76.66 -84.74
CA PRO GA 353 61.86 -75.33 -84.32
C PRO GA 353 62.33 -75.04 -82.91
N ALA GA 354 62.56 -73.75 -82.62
CA ALA GA 354 62.97 -73.38 -81.28
C ALA GA 354 61.88 -73.74 -80.29
N SER GA 355 62.18 -74.75 -79.47
CA SER GA 355 61.30 -75.22 -78.41
C SER GA 355 61.60 -74.44 -77.13
N ILE GA 356 60.71 -73.52 -76.76
CA ILE GA 356 60.77 -72.86 -75.46
C ILE GA 356 59.44 -73.10 -74.78
N GLN GA 357 59.44 -73.92 -73.74
CA GLN GA 357 58.26 -74.21 -72.94
C GLN GA 357 58.37 -73.52 -71.58
N VAL GA 358 57.22 -73.17 -71.05
CA VAL GA 358 57.10 -72.58 -69.73
C VAL GA 358 56.01 -73.34 -68.98
N ALA GA 359 56.37 -73.93 -67.84
CA ALA GA 359 55.39 -74.54 -66.96
C ALA GA 359 55.14 -73.61 -65.78
N LEU GA 360 53.87 -73.32 -65.51
CA LEU GA 360 53.50 -72.57 -64.32
C LEU GA 360 53.15 -73.55 -63.20
N SER GA 361 53.78 -73.35 -62.05
CA SER GA 361 53.50 -74.15 -60.87
C SER GA 361 53.34 -73.23 -59.65
N ARG GA 362 52.72 -73.78 -58.61
CA ARG GA 362 52.64 -73.09 -57.34
C ARG GA 362 53.84 -73.48 -56.49
N LYS GA 363 54.27 -72.56 -55.63
CA LYS GA 363 55.30 -72.89 -54.66
C LYS GA 363 54.68 -73.72 -53.53
N SER GA 364 55.54 -74.50 -52.87
CA SER GA 364 55.13 -75.15 -51.63
C SER GA 364 54.60 -74.12 -50.65
N PRO GA 365 53.43 -74.32 -50.05
CA PRO GA 365 52.96 -73.39 -49.01
C PRO GA 365 53.71 -73.52 -47.70
N TYR GA 366 54.42 -74.63 -47.48
CA TYR GA 366 55.08 -74.88 -46.21
C TYR GA 366 56.52 -74.35 -46.17
N LEU GA 367 57.13 -74.11 -47.33
CA LEU GA 367 58.49 -73.62 -47.37
C LEU GA 367 58.50 -72.11 -47.52
N PRO GA 368 59.17 -71.38 -46.63
CA PRO GA 368 59.32 -69.93 -46.81
C PRO GA 368 60.19 -69.62 -48.02
N SER GA 369 59.63 -68.88 -48.97
CA SER GA 369 60.32 -68.43 -50.17
C SER GA 369 60.48 -66.92 -50.09
N ALA GA 370 61.72 -66.44 -49.98
CA ALA GA 370 61.96 -65.00 -50.09
C ALA GA 370 61.57 -64.49 -51.46
N HIS GA 371 61.58 -65.35 -52.46
CA HIS GA 371 61.30 -64.98 -53.85
C HIS GA 371 59.90 -65.46 -54.19
N ARG GA 372 59.05 -64.54 -54.64
CA ARG GA 372 57.69 -64.91 -55.02
C ARG GA 372 57.70 -65.99 -56.11
N VAL GA 373 58.77 -66.06 -56.91
CA VAL GA 373 58.86 -67.00 -58.01
C VAL GA 373 60.27 -67.58 -58.04
N SER GA 374 60.38 -68.89 -58.13
CA SER GA 374 61.62 -69.59 -58.43
C SER GA 374 61.47 -70.34 -59.74
N GLY GA 375 62.60 -70.73 -60.33
CA GLY GA 375 62.53 -71.50 -61.56
C GLY GA 375 63.58 -72.57 -61.74
N LEU GA 376 63.21 -73.69 -62.32
CA LEU GA 376 64.17 -74.65 -62.82
C LEU GA 376 64.18 -74.62 -64.33
N MET GA 377 65.36 -74.59 -64.93
CA MET GA 377 65.50 -74.75 -66.37
C MET GA 377 66.06 -76.12 -66.68
N MET GA 378 65.37 -76.85 -67.54
CA MET GA 378 65.95 -78.01 -68.21
C MET GA 378 66.16 -77.67 -69.67
N ALA GA 379 67.40 -77.76 -70.14
CA ALA GA 379 67.70 -77.37 -71.51
C ALA GA 379 68.46 -78.48 -72.20
N ASN GA 380 68.02 -78.82 -73.41
CA ASN GA 380 68.76 -79.66 -74.33
C ASN GA 380 69.47 -78.71 -75.27
N HIS GA 381 70.79 -78.63 -75.15
CA HIS GA 381 71.58 -77.66 -75.88
C HIS GA 381 72.82 -78.36 -76.40
N THR GA 382 73.13 -78.16 -77.68
CA THR GA 382 74.15 -78.97 -78.31
C THR GA 382 75.50 -78.71 -77.68
N SER GA 383 75.68 -77.58 -76.98
CA SER GA 383 76.97 -77.40 -76.34
C SER GA 383 77.14 -78.37 -75.18
N ILE GA 384 76.06 -79.02 -74.75
CA ILE GA 384 76.21 -80.11 -73.79
C ILE GA 384 77.05 -81.19 -74.43
N SER GA 385 76.97 -81.29 -75.76
CA SER GA 385 77.83 -82.24 -76.45
C SER GA 385 79.28 -81.95 -76.15
N SER GA 386 79.62 -80.67 -75.96
CA SER GA 386 80.99 -80.33 -75.59
C SER GA 386 81.39 -80.94 -74.25
N LEU GA 387 80.45 -81.06 -73.32
CA LEU GA 387 80.70 -81.75 -72.06
C LEU GA 387 80.85 -83.25 -72.28
N PHE GA 388 80.02 -83.82 -73.15
CA PHE GA 388 80.14 -85.24 -73.45
C PHE GA 388 81.44 -85.51 -74.19
N GLU GA 389 81.81 -84.62 -75.11
CA GLU GA 389 83.11 -84.69 -75.78
C GLU GA 389 84.26 -84.63 -74.79
N SER GA 390 84.19 -83.72 -73.81
CA SER GA 390 85.22 -83.68 -72.78
C SER GA 390 85.31 -85.01 -72.03
N SER GA 391 84.16 -85.57 -71.66
CA SER GA 391 84.16 -86.86 -70.99
C SER GA 391 84.76 -87.95 -71.88
N CYS GA 392 84.40 -87.94 -73.17
CA CYS GA 392 84.96 -88.88 -74.13
C CYS GA 392 86.47 -88.71 -74.26
N GLN GA 393 86.94 -87.46 -74.29
CA GLN GA 393 88.37 -87.21 -74.36
C GLN GA 393 89.08 -87.75 -73.13
N GLN GA 394 88.47 -87.61 -71.95
CA GLN GA 394 89.07 -88.17 -70.75
C GLN GA 394 89.12 -89.70 -70.84
N TYR GA 395 88.03 -90.31 -71.31
CA TYR GA 395 88.02 -91.75 -71.53
C TYR GA 395 89.14 -92.17 -72.48
N ASP GA 396 89.23 -91.50 -73.63
CA ASP GA 396 90.24 -91.83 -74.62
C ASP GA 396 91.65 -91.64 -74.05
N LYS GA 397 91.83 -90.62 -73.20
CA LYS GA 397 93.10 -90.39 -72.53
C LYS GA 397 93.48 -91.55 -71.61
N LEU GA 398 92.50 -92.13 -70.93
CA LEU GA 398 92.82 -93.26 -70.06
C LEU GA 398 93.04 -94.53 -70.90
N ARG GA 399 92.13 -94.79 -71.83
CA ARG GA 399 92.21 -96.02 -72.63
C ARG GA 399 93.48 -96.07 -73.48
N LYS GA 400 93.86 -94.96 -74.11
CA LYS GA 400 95.10 -94.90 -74.87
C LYS GA 400 96.34 -95.12 -74.02
N ARG GA 401 96.27 -94.89 -72.72
CA ARG GA 401 97.41 -95.12 -71.84
C ARG GA 401 97.28 -96.40 -71.04
N GLU GA 402 96.18 -97.13 -71.22
CA GLU GA 402 95.89 -98.32 -70.43
C GLU GA 402 96.01 -98.04 -68.93
N ALA GA 403 95.69 -96.82 -68.52
CA ALA GA 403 95.92 -96.44 -67.14
C ALA GA 403 94.87 -97.08 -66.25
N PHE GA 404 95.30 -97.62 -65.11
CA PHE GA 404 94.38 -98.14 -64.11
C PHE GA 404 93.52 -99.27 -64.67
N LEU GA 405 94.00 -99.97 -65.69
CA LEU GA 405 93.23 -101.04 -66.30
C LEU GA 405 93.40 -102.39 -65.61
N GLU GA 406 94.38 -102.54 -64.71
CA GLU GA 406 94.59 -103.84 -64.09
C GLU GA 406 93.38 -104.23 -63.24
N GLN GA 407 92.74 -103.25 -62.60
CA GLN GA 407 91.56 -103.55 -61.82
C GLN GA 407 90.35 -103.79 -62.70
N PHE GA 408 90.27 -103.16 -63.88
CA PHE GA 408 89.18 -103.52 -64.77
C PHE GA 408 89.38 -104.93 -65.28
N ARG GA 409 90.61 -105.28 -65.68
CA ARG GA 409 90.87 -106.62 -66.16
C ARG GA 409 90.62 -107.64 -65.07
N LYS GA 410 90.65 -107.22 -63.81
CA LYS GA 410 90.26 -108.11 -62.73
C LYS GA 410 88.75 -108.24 -62.62
N GLU GA 411 88.00 -107.28 -63.16
CA GLU GA 411 86.55 -107.27 -63.08
C GLU GA 411 85.92 -107.88 -64.33
N ASP GA 412 84.78 -108.53 -64.13
CA ASP GA 412 84.19 -109.36 -65.18
C ASP GA 412 83.88 -108.55 -66.43
N ILE GA 413 83.42 -107.30 -66.24
CA ILE GA 413 83.10 -106.45 -67.40
C ILE GA 413 84.33 -106.20 -68.25
N PHE GA 414 85.51 -106.27 -67.63
CA PHE GA 414 86.77 -106.07 -68.34
C PHE GA 414 87.69 -107.28 -68.20
N LYS GA 415 87.16 -108.40 -67.67
CA LYS GA 415 88.01 -109.55 -67.40
C LYS GA 415 88.54 -110.18 -68.68
N GLU GA 416 87.72 -110.26 -69.72
CA GLU GA 416 88.16 -110.89 -70.95
C GLU GA 416 88.76 -109.87 -71.90
N ASN GA 417 88.09 -108.73 -72.06
CA ASN GA 417 88.54 -107.66 -72.95
C ASN GA 417 87.99 -106.36 -72.41
N PHE GA 418 88.28 -105.27 -73.11
CA PHE GA 418 87.78 -103.96 -72.75
C PHE GA 418 86.73 -103.50 -73.76
N ASP GA 419 86.10 -104.45 -74.44
CA ASP GA 419 85.17 -104.11 -75.51
C ASP GA 419 84.01 -103.28 -74.99
N GLU GA 420 83.59 -103.47 -73.74
CA GLU GA 420 82.52 -102.62 -73.21
C GLU GA 420 82.98 -101.18 -73.02
N LEU GA 421 84.25 -100.97 -72.63
CA LEU GA 421 84.78 -99.62 -72.57
C LEU GA 421 84.92 -99.02 -73.96
N ASP GA 422 85.38 -99.81 -74.93
CA ASP GA 422 85.57 -99.28 -76.28
C ASP GA 422 84.23 -98.98 -76.95
N ARG GA 423 83.24 -99.86 -76.76
CA ARG GA 423 81.89 -99.58 -77.22
C ARG GA 423 81.31 -98.34 -76.55
N SER GA 424 81.55 -98.15 -75.26
CA SER GA 424 81.08 -96.94 -74.60
C SER GA 424 81.76 -95.70 -75.18
N ARG GA 425 83.06 -95.80 -75.47
CA ARG GA 425 83.75 -94.67 -76.10
C ARG GA 425 83.21 -94.39 -77.49
N GLU GA 426 82.90 -95.46 -78.24
CA GLU GA 426 82.33 -95.29 -79.57
C GLU GA 426 80.95 -94.64 -79.48
N VAL GA 427 80.10 -95.14 -78.58
CA VAL GA 427 78.78 -94.57 -78.39
C VAL GA 427 78.87 -93.10 -78.00
N VAL GA 428 79.79 -92.74 -77.10
CA VAL GA 428 79.92 -91.34 -76.71
C VAL GA 428 80.46 -90.49 -77.84
N GLN GA 429 81.33 -91.06 -78.69
CA GLN GA 429 81.79 -90.33 -79.87
C GLN GA 429 80.64 -90.09 -80.82
N GLU GA 430 79.85 -91.13 -81.08
CA GLU GA 430 78.66 -90.99 -81.91
C GLU GA 430 77.69 -89.98 -81.33
N LEU GA 431 77.52 -89.98 -80.02
CA LEU GA 431 76.67 -88.98 -79.37
C LEU GA 431 77.19 -87.56 -79.60
N ILE GA 432 78.49 -87.34 -79.41
CA ILE GA 432 79.06 -86.01 -79.66
C ILE GA 432 78.84 -85.61 -81.10
N ASP GA 433 79.13 -86.53 -82.03
CA ASP GA 433 79.00 -86.24 -83.45
C ASP GA 433 77.55 -85.98 -83.83
N GLU GA 434 76.62 -86.74 -83.26
CA GLU GA 434 75.20 -86.52 -83.49
C GLU GA 434 74.75 -85.18 -82.94
N TYR GA 435 75.24 -84.79 -81.76
CA TYR GA 435 74.95 -83.46 -81.23
C TYR GA 435 75.47 -82.35 -82.14
N HIS GA 436 76.66 -82.54 -82.71
CA HIS GA 436 77.15 -81.57 -83.68
C HIS GA 436 76.32 -81.59 -84.95
N ALA GA 437 75.98 -82.78 -85.44
CA ALA GA 437 75.11 -82.84 -86.61
C ALA GA 437 73.77 -82.18 -86.32
N ALA GA 438 73.21 -82.39 -85.12
CA ALA GA 438 71.95 -81.73 -84.80
C ALA GA 438 72.13 -80.24 -84.71
N THR GA 439 73.37 -79.76 -84.53
CA THR GA 439 73.63 -78.35 -84.67
C THR GA 439 73.76 -77.98 -86.14
N ARG GA 440 73.95 -78.99 -86.97
CA ARG GA 440 74.25 -79.06 -88.39
C ARG GA 440 73.03 -79.51 -89.19
N PRO GA 441 72.92 -79.09 -90.46
CA PRO GA 441 71.81 -79.56 -91.28
C PRO GA 441 71.83 -81.07 -91.50
N ASP GA 442 72.97 -81.72 -91.32
CA ASP GA 442 73.18 -83.14 -91.57
C ASP GA 442 72.76 -84.05 -90.41
N TYR GA 443 72.09 -83.52 -89.38
CA TYR GA 443 71.71 -84.35 -88.25
C TYR GA 443 70.96 -85.59 -88.69
N ILE GA 444 70.12 -85.47 -89.71
CA ILE GA 444 69.38 -86.61 -90.22
C ILE GA 444 70.36 -87.70 -90.68
N MET HA 1 -6.89 -119.18 24.46
CA MET HA 1 -6.06 -119.89 25.48
C MET HA 1 -4.60 -119.96 25.04
N PRO HA 2 -3.68 -119.71 25.97
CA PRO HA 2 -2.26 -119.89 25.66
C PRO HA 2 -1.96 -121.31 25.21
N ARG HA 3 -0.89 -121.45 24.44
CA ARG HA 3 -0.44 -122.76 23.97
C ARG HA 3 1.03 -122.92 24.35
N GLU HA 4 1.26 -123.26 25.61
CA GLU HA 4 2.62 -123.35 26.12
C GLU HA 4 3.30 -124.60 25.60
N ILE HA 5 4.60 -124.50 25.37
CA ILE HA 5 5.42 -125.62 24.92
C ILE HA 5 6.55 -125.80 25.92
N ILE HA 6 6.71 -127.02 26.42
CA ILE HA 6 7.75 -127.33 27.38
C ILE HA 6 8.99 -127.80 26.62
N THR HA 7 10.11 -127.12 26.84
CA THR HA 7 11.38 -127.48 26.22
C THR HA 7 12.17 -128.31 27.23
N LEU HA 8 12.56 -129.52 26.84
CA LEU HA 8 13.36 -130.40 27.70
C LEU HA 8 14.81 -130.29 27.22
N GLN HA 9 15.68 -129.75 28.07
CA GLN HA 9 17.06 -129.49 27.72
C GLN HA 9 17.96 -130.57 28.32
N LEU HA 10 18.61 -131.34 27.45
CA LEU HA 10 19.34 -132.54 27.85
C LEU HA 10 20.84 -132.35 27.62
N GLY HA 11 21.61 -132.55 28.69
CA GLY HA 11 23.07 -132.47 28.62
C GLY HA 11 23.61 -131.09 28.34
N GLN HA 12 24.93 -131.02 28.24
CA GLN HA 12 25.62 -129.75 28.05
C GLN HA 12 25.09 -128.99 26.83
N CYS HA 13 25.05 -129.65 25.68
CA CYS HA 13 24.66 -128.97 24.44
C CYS HA 13 23.20 -128.57 24.50
N GLY HA 14 22.33 -129.49 24.94
CA GLY HA 14 20.92 -129.18 25.03
C GLY HA 14 20.64 -128.02 25.97
N ASN HA 15 21.31 -128.00 27.13
CA ASN HA 15 21.11 -126.92 28.08
C ASN HA 15 21.64 -125.60 27.54
N GLN HA 16 22.77 -125.61 26.84
CA GLN HA 16 23.30 -124.36 26.30
C GLN HA 16 22.41 -123.81 25.19
N ILE HA 17 21.89 -124.70 24.34
CA ILE HA 17 21.00 -124.27 23.27
C ILE HA 17 19.69 -123.77 23.86
N GLY HA 18 19.18 -124.44 24.89
CA GLY HA 18 17.97 -123.96 25.55
C GLY HA 18 18.16 -122.60 26.20
N PHE HA 19 19.29 -122.40 26.86
CA PHE HA 19 19.58 -121.10 27.46
C PHE HA 19 19.63 -120.00 26.40
N GLU HA 20 20.33 -120.24 25.30
CA GLU HA 20 20.38 -119.22 24.25
C GLU HA 20 19.03 -119.04 23.57
N PHE HA 21 18.24 -120.10 23.46
CA PHE HA 21 16.89 -119.99 22.93
C PHE HA 21 16.03 -119.12 23.82
N TRP HA 22 16.08 -119.34 25.14
CA TRP HA 22 15.31 -118.54 26.06
C TRP HA 22 15.77 -117.08 26.04
N LYS HA 23 17.08 -116.85 25.93
CA LYS HA 23 17.56 -115.48 25.73
C LYS HA 23 16.98 -114.85 24.48
N GLN HA 24 16.95 -115.60 23.37
CA GLN HA 24 16.39 -115.07 22.13
C GLN HA 24 14.90 -114.79 22.27
N LEU HA 25 14.17 -115.69 22.92
CA LEU HA 25 12.74 -115.48 23.15
C LEU HA 25 12.51 -114.24 24.02
N CYS HA 26 13.29 -114.10 25.09
CA CYS HA 26 13.22 -112.89 25.90
C CYS HA 26 13.44 -111.65 25.07
N ALA HA 27 14.47 -111.66 24.21
CA ALA HA 27 14.73 -110.50 23.36
C ALA HA 27 13.58 -110.24 22.39
N GLU HA 28 12.95 -111.30 21.88
CA GLU HA 28 11.82 -111.11 20.96
C GLU HA 28 10.58 -110.61 21.67
N HIS HA 29 10.43 -110.93 22.94
CA HIS HA 29 9.28 -110.52 23.75
C HIS HA 29 9.57 -109.27 24.56
N GLY HA 30 10.77 -108.73 24.47
CA GLY HA 30 11.17 -107.60 25.29
C GLY HA 30 11.29 -107.99 26.74
N ILE HA 31 11.86 -109.16 27.01
CA ILE HA 31 12.10 -109.66 28.36
C ILE HA 31 13.59 -109.55 28.63
N SER HA 32 13.94 -109.01 29.80
CA SER HA 32 15.32 -108.87 30.20
C SER HA 32 15.95 -110.24 30.45
N PRO HA 33 17.27 -110.31 30.55
CA PRO HA 33 17.92 -111.59 30.86
C PRO HA 33 17.46 -112.20 32.18
N GLU HA 34 16.82 -111.42 33.04
CA GLU HA 34 16.28 -111.93 34.29
C GLU HA 34 14.84 -112.39 34.14
N GLY HA 35 14.27 -112.32 32.94
CA GLY HA 35 12.91 -112.72 32.69
C GLY HA 35 11.86 -111.65 32.84
N ILE HA 36 12.25 -110.40 33.10
CA ILE HA 36 11.30 -109.32 33.31
C ILE HA 36 11.00 -108.65 31.97
N VAL HA 37 9.71 -108.40 31.71
CA VAL HA 37 9.31 -107.68 30.51
C VAL HA 37 9.79 -106.23 30.62
N GLU HA 38 10.47 -105.75 29.57
CA GLU HA 38 10.89 -104.37 29.57
C GLU HA 38 9.70 -103.41 29.48
N GLU HA 39 9.85 -102.27 30.15
CA GLU HA 39 8.75 -101.31 30.21
C GLU HA 39 8.30 -100.90 28.81
N PHE HA 40 9.25 -100.76 27.88
CA PHE HA 40 8.87 -100.40 26.52
C PHE HA 40 8.24 -101.56 25.78
N ALA HA 41 8.30 -102.77 26.33
CA ALA HA 41 7.82 -103.96 25.66
C ALA HA 41 6.60 -104.55 26.37
N THR HA 42 6.08 -103.84 27.38
CA THR HA 42 4.91 -104.36 28.08
C THR HA 42 3.68 -104.37 27.17
N GLU HA 43 3.59 -103.40 26.26
CA GLU HA 43 2.49 -103.29 25.31
C GLU HA 43 2.87 -103.81 23.93
N GLY HA 44 3.84 -104.71 23.87
CA GLY HA 44 4.30 -105.22 22.60
C GLY HA 44 3.23 -106.03 21.89
N THR HA 45 3.30 -106.02 20.56
CA THR HA 45 2.42 -106.85 19.74
C THR HA 45 3.01 -108.24 19.53
N ASP HA 46 4.13 -108.54 20.18
CA ASP HA 46 4.78 -109.84 20.06
C ASP HA 46 4.03 -110.83 20.94
N ARG HA 47 3.97 -112.08 20.50
CA ARG HA 47 3.37 -113.13 21.31
C ARG HA 47 4.46 -113.79 22.14
N LYS HA 48 4.52 -113.41 23.41
CA LYS HA 48 5.47 -114.02 24.33
C LYS HA 48 4.97 -115.36 24.84
N ASP HA 49 3.65 -115.50 24.98
CA ASP HA 49 3.06 -116.72 25.55
C ASP HA 49 3.40 -117.98 24.76
N VAL HA 50 3.75 -117.85 23.48
CA VAL HA 50 4.07 -119.04 22.69
C VAL HA 50 5.27 -119.77 23.26
N PHE HA 51 6.35 -119.05 23.58
CA PHE HA 51 7.59 -119.67 24.02
C PHE HA 51 7.95 -119.39 25.48
N PHE HA 52 7.44 -118.31 26.05
CA PHE HA 52 7.62 -117.96 27.45
C PHE HA 52 6.27 -118.05 28.15
N TYR HA 53 6.32 -118.36 29.45
CA TYR HA 53 5.18 -118.11 30.32
C TYR HA 53 5.33 -116.80 31.06
N GLN HA 54 4.20 -116.13 31.28
CA GLN HA 54 4.14 -114.86 32.00
C GLN HA 54 3.78 -115.14 33.45
N ALA HA 55 4.66 -114.74 34.36
CA ALA HA 55 4.35 -114.83 35.78
C ALA HA 55 3.45 -113.66 36.19
N ASP HA 56 2.84 -113.82 37.37
CA ASP HA 56 1.92 -112.80 37.87
C ASP HA 56 2.61 -111.47 38.11
N ASP HA 57 3.94 -111.45 38.23
CA ASP HA 57 4.70 -110.24 38.46
C ASP HA 57 5.25 -109.64 37.17
N GLU HA 58 4.60 -109.93 36.04
CA GLU HA 58 5.02 -109.49 34.72
C GLU HA 58 6.39 -110.03 34.34
N HIS HA 59 6.92 -111.01 35.07
CA HIS HA 59 8.15 -111.68 34.69
C HIS HA 59 7.85 -112.75 33.64
N TYR HA 60 8.63 -112.77 32.58
CA TYR HA 60 8.53 -113.80 31.56
C TYR HA 60 9.55 -114.89 31.89
N ILE HA 61 9.05 -116.07 32.18
CA ILE HA 61 9.85 -117.24 32.54
C ILE HA 61 9.77 -118.25 31.40
N PRO HA 62 10.89 -118.72 30.88
CA PRO HA 62 10.82 -119.74 29.82
C PRO HA 62 10.08 -120.97 30.34
N ARG HA 63 9.19 -121.50 29.50
CA ARG HA 63 8.63 -122.83 29.71
C ARG HA 63 9.64 -123.92 29.34
N ALA HA 64 10.75 -123.92 30.09
CA ALA HA 64 11.86 -124.81 29.81
C ALA HA 64 12.20 -125.58 31.07
N VAL HA 65 12.33 -126.90 30.91
CA VAL HA 65 12.78 -127.80 31.96
C VAL HA 65 14.15 -128.30 31.53
N LEU HA 66 15.15 -128.06 32.36
CA LEU HA 66 16.51 -128.45 32.04
C LEU HA 66 16.84 -129.67 32.89
N LEU HA 67 17.05 -130.81 32.24
CA LEU HA 67 17.36 -132.06 32.90
C LEU HA 67 18.74 -132.48 32.41
N ASP HA 68 19.68 -132.62 33.34
CA ASP HA 68 20.99 -133.14 32.99
C ASP HA 68 21.51 -134.10 34.05
N LEU HA 69 22.24 -135.11 33.59
CA LEU HA 69 22.94 -136.04 34.46
C LEU HA 69 24.33 -135.53 34.81
N GLU HA 70 24.74 -134.41 34.23
CA GLU HA 70 26.02 -133.77 34.50
C GLU HA 70 25.77 -132.35 35.00
N PRO HA 71 26.48 -131.93 36.06
CA PRO HA 71 26.16 -130.63 36.68
C PRO HA 71 26.57 -129.43 35.85
N ARG HA 72 27.49 -129.58 34.89
CA ARG HA 72 28.14 -128.43 34.29
C ARG HA 72 27.12 -127.48 33.66
N VAL HA 73 26.17 -128.00 32.90
CA VAL HA 73 25.27 -127.12 32.15
C VAL HA 73 24.21 -126.48 33.05
N ILE HA 74 23.62 -127.28 33.95
CA ILE HA 74 22.65 -126.72 34.90
C ILE HA 74 23.31 -125.64 35.75
N HIS HA 75 24.50 -125.92 36.27
CA HIS HA 75 25.24 -124.92 37.03
C HIS HA 75 25.58 -123.69 36.20
N SER HA 76 25.91 -123.87 34.92
CA SER HA 76 26.18 -122.72 34.07
C SER HA 76 24.93 -121.86 33.87
N ILE HA 77 23.77 -122.49 33.74
CA ILE HA 77 22.54 -121.72 33.58
C ILE HA 77 22.20 -120.99 34.88
N LEU HA 78 22.26 -121.69 36.01
CA LEU HA 78 21.94 -121.04 37.28
C LEU HA 78 22.98 -120.01 37.70
N ASN HA 79 24.21 -120.08 37.16
CA ASN HA 79 25.22 -119.06 37.42
C ASN HA 79 25.34 -118.02 36.31
N SER HA 80 24.52 -118.10 35.29
CA SER HA 80 24.56 -117.16 34.18
C SER HA 80 23.72 -115.93 34.50
N PRO HA 81 23.89 -114.85 33.75
CA PRO HA 81 22.97 -113.71 33.91
C PRO HA 81 21.54 -114.09 33.63
N TYR HA 82 21.31 -115.21 32.94
CA TYR HA 82 19.98 -115.67 32.59
C TYR HA 82 19.44 -116.68 33.60
N ALA HA 83 20.08 -116.79 34.76
CA ALA HA 83 19.65 -117.76 35.76
C ALA HA 83 18.21 -117.51 36.17
N LYS HA 84 17.78 -116.26 36.21
CA LYS HA 84 16.40 -115.96 36.59
C LYS HA 84 15.42 -116.15 35.44
N LEU HA 85 15.90 -116.34 34.21
CA LEU HA 85 14.99 -116.56 33.10
C LEU HA 85 14.32 -117.93 33.22
N TYR HA 86 15.10 -118.94 33.57
CA TYR HA 86 14.60 -120.30 33.67
C TYR HA 86 13.96 -120.51 35.03
N ASN HA 87 12.89 -121.29 35.06
CA ASN HA 87 12.33 -121.71 36.34
C ASN HA 87 13.31 -122.62 37.06
N PRO HA 88 13.81 -122.24 38.25
CA PRO HA 88 14.72 -123.14 38.97
C PRO HA 88 14.07 -124.46 39.35
N GLU HA 89 12.76 -124.46 39.58
CA GLU HA 89 12.04 -125.69 39.93
C GLU HA 89 11.91 -126.62 38.73
N ASN HA 90 12.18 -126.13 37.52
CA ASN HA 90 12.14 -126.91 36.30
C ASN HA 90 13.50 -127.48 35.94
N ILE HA 91 14.49 -127.37 36.82
CA ILE HA 91 15.82 -127.88 36.55
C ILE HA 91 16.01 -129.14 37.40
N TYR HA 92 16.11 -130.28 36.72
CA TYR HA 92 16.48 -131.54 37.32
C TYR HA 92 17.95 -131.82 37.04
N LEU HA 93 18.69 -132.16 38.09
CA LEU HA 93 20.08 -132.57 37.96
C LEU HA 93 20.26 -133.89 38.67
N SER HA 94 20.75 -134.88 37.95
CA SER HA 94 21.02 -136.18 38.55
C SER HA 94 22.02 -136.03 39.68
N GLU HA 95 21.69 -136.54 40.85
CA GLU HA 95 22.64 -136.51 41.95
C GLU HA 95 23.88 -137.34 41.62
N HIS HA 96 23.74 -138.32 40.73
CA HIS HA 96 24.88 -139.09 40.25
C HIS HA 96 25.56 -138.23 39.19
N GLY HA 97 26.47 -137.37 39.64
CA GLY HA 97 27.14 -136.44 38.73
C GLY HA 97 28.11 -137.08 37.77
N GLY HA 98 27.91 -138.36 37.44
CA GLY HA 98 28.74 -139.06 36.49
C GLY HA 98 28.36 -138.88 35.05
N GLY HA 99 27.19 -138.31 34.78
CA GLY HA 99 26.74 -138.20 33.41
C GLY HA 99 26.61 -139.57 32.76
N ALA HA 100 26.35 -139.52 31.45
CA ALA HA 100 26.34 -140.72 30.64
C ALA HA 100 27.70 -141.07 30.05
N GLY HA 101 28.70 -140.21 30.24
CA GLY HA 101 30.04 -140.52 29.78
C GLY HA 101 30.13 -140.79 28.29
N ASN HA 102 29.35 -140.06 27.49
CA ASN HA 102 29.27 -140.29 26.05
C ASN HA 102 28.86 -141.72 25.70
N ASN HA 103 28.16 -142.39 26.61
CA ASN HA 103 27.69 -143.76 26.41
C ASN HA 103 26.17 -143.72 26.30
N TRP HA 104 25.64 -144.18 25.15
CA TRP HA 104 24.19 -144.24 24.99
C TRP HA 104 23.53 -145.08 26.07
N ALA HA 105 24.10 -146.24 26.39
CA ALA HA 105 23.49 -147.10 27.40
C ALA HA 105 23.50 -146.44 28.78
N SER HA 106 24.61 -145.76 29.11
CA SER HA 106 24.68 -145.05 30.38
C SER HA 106 23.68 -143.91 30.41
N GLY HA 107 23.54 -143.19 29.30
CA GLY HA 107 22.53 -142.16 29.23
C GLY HA 107 21.13 -142.70 29.42
N PHE HA 108 20.87 -143.89 28.87
CA PHE HA 108 19.56 -144.52 29.06
C PHE HA 108 19.32 -144.86 30.52
N SER HA 109 20.30 -145.51 31.16
CA SER HA 109 20.17 -145.81 32.58
C SER HA 109 20.00 -144.56 33.42
N GLN HA 110 20.68 -143.47 33.06
CA GLN HA 110 20.51 -142.20 33.77
C GLN HA 110 19.12 -141.61 33.53
N GLY HA 111 18.64 -141.66 32.30
CA GLY HA 111 17.27 -141.23 32.03
C GLY HA 111 16.25 -142.02 32.83
N GLU HA 112 16.47 -143.32 32.97
CA GLU HA 112 15.60 -144.13 33.83
C GLU HA 112 15.70 -143.70 35.29
N LYS HA 113 16.91 -143.35 35.74
CA LYS HA 113 17.07 -142.93 37.13
C LYS HA 113 16.47 -141.55 37.39
N ILE HA 114 16.49 -140.67 36.39
CA ILE HA 114 15.99 -139.31 36.52
C ILE HA 114 14.65 -139.15 35.82
N HIS HA 115 13.96 -140.26 35.55
CA HIS HA 115 12.69 -140.21 34.85
C HIS HA 115 11.71 -139.29 35.57
N GLU HA 116 11.54 -139.51 36.88
CA GLU HA 116 10.58 -138.73 37.64
C GLU HA 116 10.91 -137.24 37.60
N ASP HA 117 12.18 -136.90 37.82
CA ASP HA 117 12.55 -135.48 37.80
C ASP HA 117 12.21 -134.82 36.47
N ILE HA 118 12.48 -135.52 35.36
CA ILE HA 118 12.19 -134.95 34.04
C ILE HA 118 10.69 -134.90 33.78
N PHE HA 119 9.97 -135.98 34.10
CA PHE HA 119 8.55 -136.03 33.77
C PHE HA 119 7.73 -135.12 34.67
N ASP HA 120 8.20 -134.86 35.90
CA ASP HA 120 7.57 -133.85 36.73
C ASP HA 120 7.65 -132.48 36.08
N ILE HA 121 8.79 -132.16 35.47
CA ILE HA 121 8.93 -130.88 34.78
C ILE HA 121 8.02 -130.84 33.56
N ILE HA 122 8.02 -131.91 32.77
CA ILE HA 122 7.21 -131.93 31.56
C ILE HA 122 5.73 -131.78 31.90
N ASP HA 123 5.28 -132.50 32.94
CA ASP HA 123 3.88 -132.42 33.34
C ASP HA 123 3.54 -131.05 33.93
N ARG HA 124 4.45 -130.48 34.72
CA ARG HA 124 4.25 -129.13 35.22
C ARG HA 124 4.07 -128.13 34.08
N GLU HA 125 4.90 -128.23 33.03
CA GLU HA 125 4.77 -127.31 31.90
C GLU HA 125 3.49 -127.56 31.11
N ALA HA 126 3.07 -128.83 31.01
CA ALA HA 126 1.83 -129.10 30.31
C ALA HA 126 0.65 -128.53 31.07
N ASP HA 127 0.61 -128.70 32.39
CA ASP HA 127 -0.48 -128.12 33.16
C ASP HA 127 -0.38 -126.59 33.20
N GLY HA 128 0.83 -126.04 33.12
CA GLY HA 128 1.02 -124.62 32.98
C GLY HA 128 0.79 -124.09 31.59
N SER HA 129 0.33 -124.95 30.69
CA SER HA 129 0.03 -124.55 29.32
C SER HA 129 -1.49 -124.53 29.16
N ASP HA 130 -2.01 -123.43 28.62
CA ASP HA 130 -3.46 -123.31 28.45
C ASP HA 130 -3.96 -124.29 27.38
N SER HA 131 -3.19 -124.46 26.31
CA SER HA 131 -3.55 -125.37 25.23
C SER HA 131 -2.25 -126.03 24.74
N LEU HA 132 -1.59 -126.70 25.67
CA LEU HA 132 -0.36 -127.45 25.37
C LEU HA 132 -0.50 -128.27 24.09
N GLU HA 133 0.34 -127.97 23.11
CA GLU HA 133 0.37 -128.72 21.87
C GLU HA 133 1.22 -129.97 22.02
N GLY HA 134 2.34 -129.85 22.70
CA GLY HA 134 3.25 -130.96 22.87
C GLY HA 134 4.52 -130.51 23.58
N PHE HA 135 5.49 -131.42 23.59
CA PHE HA 135 6.78 -131.19 24.21
C PHE HA 135 7.84 -131.14 23.12
N VAL HA 136 8.80 -130.21 23.27
CA VAL HA 136 9.96 -130.12 22.39
C VAL HA 136 11.20 -130.49 23.20
N LEU HA 137 11.85 -131.58 22.81
CA LEU HA 137 13.07 -132.04 23.46
C LEU HA 137 14.27 -131.49 22.69
N CYS HA 138 15.11 -130.73 23.37
CA CYS HA 138 16.36 -130.22 22.84
C CYS HA 138 17.48 -131.04 23.46
N HIS HA 139 18.14 -131.83 22.62
CA HIS HA 139 19.15 -132.79 23.06
C HIS HA 139 20.08 -133.02 21.89
N SER HA 140 21.20 -133.67 22.17
CA SER HA 140 22.11 -134.13 21.12
C SER HA 140 21.98 -135.62 20.93
N ILE HA 141 21.99 -136.04 19.66
CA ILE HA 141 21.88 -137.46 19.32
C ILE HA 141 23.18 -138.23 19.52
N ALA HA 142 24.30 -137.52 19.71
CA ALA HA 142 25.61 -138.14 19.72
C ALA HA 142 26.17 -138.37 21.10
N GLY HA 143 25.71 -137.62 22.10
CA GLY HA 143 26.23 -137.79 23.44
C GLY HA 143 25.72 -139.08 24.06
N GLY HA 144 25.96 -139.19 25.36
CA GLY HA 144 25.40 -140.29 26.12
C GLY HA 144 24.04 -139.94 26.69
N THR HA 145 24.00 -138.84 27.46
CA THR HA 145 22.75 -138.44 28.11
C THR HA 145 21.70 -138.07 27.08
N GLY HA 146 22.03 -137.15 26.17
CA GLY HA 146 21.04 -136.68 25.22
C GLY HA 146 20.48 -137.79 24.35
N SER HA 147 21.25 -138.86 24.14
CA SER HA 147 20.76 -139.97 23.34
C SER HA 147 19.94 -140.94 24.18
N GLY HA 148 20.56 -141.51 25.22
CA GLY HA 148 19.87 -142.51 26.02
C GLY HA 148 18.76 -141.97 26.89
N LEU HA 149 19.09 -141.02 27.77
CA LEU HA 149 18.06 -140.39 28.60
C LEU HA 149 17.04 -139.67 27.73
N GLY HA 150 17.48 -139.09 26.62
CA GLY HA 150 16.53 -138.47 25.70
C GLY HA 150 15.55 -139.46 25.12
N SER HA 151 16.02 -140.64 24.73
CA SER HA 151 15.11 -141.67 24.24
C SER HA 151 14.17 -142.14 25.34
N TYR HA 152 14.67 -142.31 26.56
CA TYR HA 152 13.80 -142.67 27.69
C TYR HA 152 12.71 -141.64 27.90
N LEU HA 153 13.08 -140.35 27.93
CA LEU HA 153 12.10 -139.30 28.15
C LEU HA 153 11.12 -139.22 26.99
N LEU HA 154 11.61 -139.42 25.76
CA LEU HA 154 10.72 -139.47 24.60
C LEU HA 154 9.70 -140.59 24.74
N GLU HA 155 10.16 -141.77 25.16
CA GLU HA 155 9.26 -142.89 25.39
C GLU HA 155 8.20 -142.53 26.43
N ARG HA 156 8.63 -141.96 27.55
CA ARG HA 156 7.68 -141.71 28.63
C ARG HA 156 6.69 -140.61 28.24
N LEU HA 157 7.16 -139.60 27.49
CA LEU HA 157 6.26 -138.58 26.98
C LEU HA 157 5.28 -139.14 25.95
N ASN HA 158 5.75 -140.05 25.09
CA ASN HA 158 4.86 -140.66 24.11
C ASN HA 158 3.79 -141.51 24.80
N ASP HA 159 4.16 -142.16 25.91
CA ASP HA 159 3.19 -142.96 26.65
C ASP HA 159 2.19 -142.07 27.40
N ARG HA 160 2.67 -141.01 28.04
CA ARG HA 160 1.78 -140.19 28.87
C ARG HA 160 0.92 -139.25 28.05
N TYR HA 161 1.43 -138.72 26.93
CA TYR HA 161 0.73 -137.72 26.12
C TYR HA 161 0.59 -138.20 24.69
N PRO HA 162 -0.04 -139.36 24.47
CA PRO HA 162 -0.05 -139.95 23.12
C PRO HA 162 -0.82 -139.11 22.09
N LYS HA 163 -1.52 -138.06 22.53
CA LYS HA 163 -2.24 -137.16 21.64
C LYS HA 163 -1.52 -135.82 21.51
N LYS HA 164 -0.39 -135.67 22.17
CA LYS HA 164 0.41 -134.45 22.17
C LYS HA 164 1.60 -134.65 21.25
N LEU HA 165 2.00 -133.58 20.57
CA LEU HA 165 3.14 -133.65 19.68
C LEU HA 165 4.44 -133.81 20.45
N VAL HA 166 5.36 -134.58 19.88
CA VAL HA 166 6.72 -134.73 20.40
C VAL HA 166 7.63 -134.23 19.28
N GLN HA 167 8.18 -133.03 19.45
CA GLN HA 167 9.19 -132.49 18.54
C GLN HA 167 10.56 -132.65 19.16
N THR HA 168 11.55 -132.97 18.34
CA THR HA 168 12.93 -133.05 18.78
C THR HA 168 13.81 -132.10 17.98
N TYR HA 169 14.79 -131.52 18.66
CA TYR HA 169 15.95 -130.91 18.02
C TYR HA 169 17.12 -131.86 18.29
N SER HA 170 17.38 -132.75 17.34
CA SER HA 170 18.34 -133.84 17.53
C SER HA 170 19.66 -133.45 16.87
N VAL HA 171 20.70 -133.33 17.67
CA VAL HA 171 22.02 -132.97 17.19
C VAL HA 171 22.73 -134.24 16.73
N PHE HA 172 23.05 -134.31 15.45
CA PHE HA 172 23.80 -135.43 14.92
C PHE HA 172 25.29 -135.16 15.11
N PRO HA 173 26.11 -136.16 15.45
CA PRO HA 173 27.52 -135.87 15.70
C PRO HA 173 28.24 -135.44 14.43
N ASN HA 174 29.35 -134.74 14.63
CA ASN HA 174 30.19 -134.35 13.51
C ASN HA 174 30.83 -135.57 12.89
N GLN HA 175 30.66 -135.73 11.57
CA GLN HA 175 31.28 -136.85 10.88
C GLN HA 175 32.72 -136.55 10.52
N ASP HA 176 33.08 -135.27 10.43
CA ASP HA 176 34.40 -134.86 9.99
C ASP HA 176 35.37 -134.65 11.14
N GLU HA 177 34.86 -134.46 12.36
CA GLU HA 177 35.69 -134.30 13.54
C GLU HA 177 35.67 -135.59 14.35
N MET HA 178 36.81 -135.91 14.96
CA MET HA 178 36.87 -137.01 15.93
C MET HA 178 35.92 -136.75 17.09
N SER HA 179 34.84 -137.52 17.16
CA SER HA 179 33.92 -137.42 18.29
C SER HA 179 34.62 -137.74 19.59
N ASP HA 180 34.46 -136.87 20.60
CA ASP HA 180 34.93 -137.17 21.93
C ASP HA 180 34.25 -138.41 22.51
N VAL HA 181 33.12 -138.81 21.94
CA VAL HA 181 32.36 -139.98 22.38
C VAL HA 181 32.72 -141.14 21.46
N VAL HA 182 33.58 -142.04 21.94
CA VAL HA 182 33.97 -143.17 21.11
C VAL HA 182 32.76 -144.04 20.81
N VAL HA 183 31.72 -143.95 21.65
CA VAL HA 183 30.47 -144.68 21.43
C VAL HA 183 29.48 -143.82 20.66
N GLN HA 184 29.90 -142.63 20.23
CA GLN HA 184 29.00 -141.72 19.54
C GLN HA 184 28.23 -142.39 18.42
N PRO HA 185 28.80 -143.29 17.62
CA PRO HA 185 27.98 -143.89 16.56
C PRO HA 185 26.79 -144.66 17.11
N TYR HA 186 26.99 -145.35 18.24
CA TYR HA 186 25.91 -146.04 18.93
C TYR HA 186 24.88 -145.05 19.46
N ASN HA 187 25.36 -144.00 20.14
CA ASN HA 187 24.46 -142.97 20.64
C ASN HA 187 23.65 -142.35 19.51
N SER HA 188 24.32 -142.08 18.38
CA SER HA 188 23.65 -141.45 17.25
C SER HA 188 22.59 -142.37 16.67
N LEU HA 189 22.90 -143.67 16.55
CA LEU HA 189 21.92 -144.60 16.02
C LEU HA 189 20.71 -144.70 16.94
N LEU HA 190 20.95 -144.81 18.25
CA LEU HA 190 19.85 -144.87 19.20
C LEU HA 190 19.00 -143.61 19.18
N THR HA 191 19.65 -142.44 19.09
CA THR HA 191 18.91 -141.19 19.04
C THR HA 191 18.12 -141.06 17.74
N LEU HA 192 18.71 -141.46 16.61
CA LEU HA 192 17.97 -141.43 15.35
C LEU HA 192 16.78 -142.37 15.40
N LYS HA 193 16.95 -143.54 16.02
CA LYS HA 193 15.83 -144.45 16.24
C LYS HA 193 14.73 -143.77 17.04
N ARG HA 194 15.10 -143.09 18.12
CA ARG HA 194 14.09 -142.48 18.98
C ARG HA 194 13.40 -141.30 18.29
N LEU HA 195 14.15 -140.50 17.54
CA LEU HA 195 13.55 -139.46 16.71
C LEU HA 195 12.58 -140.04 15.69
N THR HA 196 12.96 -141.15 15.06
CA THR HA 196 12.10 -141.77 14.05
C THR HA 196 10.84 -142.39 14.64
N GLN HA 197 10.92 -142.91 15.86
CA GLN HA 197 9.81 -143.69 16.40
C GLN HA 197 8.93 -142.90 17.37
N ASN HA 198 9.48 -141.89 18.04
CA ASN HA 198 8.78 -141.24 19.15
C ASN HA 198 8.69 -139.73 18.98
N ALA HA 199 9.22 -139.17 17.89
CA ALA HA 199 9.10 -137.76 17.58
C ALA HA 199 8.27 -137.58 16.32
N ASP HA 200 7.47 -136.51 16.29
CA ASP HA 200 6.71 -136.19 15.10
C ASP HA 200 7.53 -135.39 14.09
N CYS HA 201 8.51 -134.63 14.57
CA CYS HA 201 9.34 -133.79 13.72
C CYS HA 201 10.67 -133.56 14.43
N VAL HA 202 11.77 -133.85 13.72
CA VAL HA 202 13.12 -133.67 14.24
C VAL HA 202 13.77 -132.61 13.36
N VAL HA 203 14.07 -131.46 13.95
CA VAL HA 203 14.85 -130.43 13.27
C VAL HA 203 16.33 -130.76 13.47
N VAL HA 204 17.00 -131.14 12.38
CA VAL HA 204 18.38 -131.57 12.46
C VAL HA 204 19.28 -130.34 12.55
N LEU HA 205 20.07 -130.26 13.61
CA LEU HA 205 21.08 -129.24 13.79
C LEU HA 205 22.44 -129.91 13.67
N ASP HA 206 23.05 -129.82 12.50
CA ASP HA 206 24.30 -130.49 12.20
C ASP HA 206 25.44 -129.55 12.58
N ASN HA 207 26.22 -129.95 13.59
CA ASN HA 207 27.36 -129.13 14.00
C ASN HA 207 28.34 -128.94 12.85
N THR HA 208 28.46 -129.93 11.97
CA THR HA 208 29.33 -129.79 10.80
C THR HA 208 28.86 -128.65 9.91
N ALA HA 209 27.55 -128.61 9.61
CA ALA HA 209 27.01 -127.55 8.78
C ALA HA 209 27.07 -126.20 9.48
N LEU HA 210 26.82 -126.18 10.79
CA LEU HA 210 26.91 -124.91 11.52
C LEU HA 210 28.33 -124.37 11.50
N ASN HA 211 29.33 -125.23 11.70
CA ASN HA 211 30.72 -124.82 11.57
C ASN HA 211 31.04 -124.32 10.17
N ARG HA 212 30.62 -125.07 9.14
CA ARG HA 212 30.82 -124.62 7.76
C ARG HA 212 30.22 -123.24 7.52
N ILE HA 213 28.99 -123.02 7.99
CA ILE HA 213 28.35 -121.71 7.82
C ILE HA 213 29.12 -120.63 8.57
N ALA HA 214 29.52 -120.92 9.81
CA ALA HA 214 30.27 -119.93 10.59
C ALA HA 214 31.58 -119.55 9.92
N THR HA 215 32.27 -120.53 9.36
CA THR HA 215 33.55 -120.25 8.69
C THR HA 215 33.36 -119.54 7.36
N ASP HA 216 32.52 -120.08 6.47
CA ASP HA 216 32.43 -119.53 5.13
C ASP HA 216 31.65 -118.23 5.08
N ARG HA 217 30.62 -118.10 5.92
CA ARG HA 217 29.68 -116.98 5.84
C ARG HA 217 29.76 -116.06 7.05
N LEU HA 218 29.98 -116.61 8.24
CA LEU HA 218 30.17 -115.80 9.43
C LEU HA 218 31.63 -115.49 9.71
N HIS HA 219 32.55 -116.06 8.93
CA HIS HA 219 33.98 -115.81 9.10
C HIS HA 219 34.46 -116.16 10.51
N ILE HA 220 33.86 -117.18 11.12
CA ILE HA 220 34.28 -117.64 12.44
C ILE HA 220 35.37 -118.68 12.24
N GLN HA 221 36.60 -118.33 12.57
CA GLN HA 221 37.71 -119.28 12.56
C GLN HA 221 37.63 -120.19 13.78
N ASN HA 222 37.48 -121.50 13.55
CA ASN HA 222 37.34 -122.43 14.65
C ASN HA 222 36.14 -122.07 15.52
N PRO HA 223 34.91 -122.33 15.05
CA PRO HA 223 33.74 -121.98 15.85
C PRO HA 223 33.77 -122.68 17.21
N SER HA 224 33.56 -121.89 18.26
CA SER HA 224 33.44 -122.42 19.61
C SER HA 224 32.06 -123.02 19.84
N PHE HA 225 32.00 -123.88 20.86
CA PHE HA 225 30.72 -124.45 21.27
C PHE HA 225 29.71 -123.36 21.58
N SER HA 226 30.17 -122.22 22.12
CA SER HA 226 29.26 -121.11 22.37
C SER HA 226 28.63 -120.61 21.07
N GLN HA 227 29.43 -120.49 20.01
CA GLN HA 227 28.90 -120.03 18.74
C GLN HA 227 27.98 -121.07 18.11
N ILE HA 228 28.31 -122.35 18.28
CA ILE HA 228 27.41 -123.40 17.79
C ILE HA 228 26.08 -123.35 18.52
N ASN HA 229 26.11 -123.17 19.84
CA ASN HA 229 24.88 -123.08 20.60
C ASN HA 229 24.10 -121.81 20.27
N GLN HA 230 24.80 -120.72 19.92
CA GLN HA 230 24.11 -119.52 19.45
C GLN HA 230 23.41 -119.79 18.11
N LEU HA 231 24.05 -120.54 17.22
CA LEU HA 231 23.39 -120.93 15.98
C LEU HA 231 22.19 -121.82 16.25
N VAL HA 232 22.34 -122.76 17.18
CA VAL HA 232 21.22 -123.64 17.55
C VAL HA 232 20.06 -122.82 18.09
N SER HA 233 20.36 -121.87 18.99
CA SER HA 233 19.31 -121.02 19.55
C SER HA 233 18.66 -120.16 18.48
N THR HA 234 19.45 -119.68 17.52
CA THR HA 234 18.87 -118.95 16.39
C THR HA 234 17.92 -119.84 15.60
N ILE HA 235 18.29 -121.09 15.37
CA ILE HA 235 17.43 -122.02 14.65
C ILE HA 235 16.14 -122.26 15.42
N MET HA 236 16.26 -122.52 16.72
CA MET HA 236 15.08 -122.74 17.56
C MET HA 236 14.18 -121.52 17.59
N SER HA 237 14.77 -120.33 17.62
CA SER HA 237 13.98 -119.11 17.56
C SER HA 237 13.27 -118.99 16.21
N ALA HA 238 13.95 -119.32 15.12
CA ALA HA 238 13.32 -119.21 13.82
C ALA HA 238 12.19 -120.24 13.69
N SER HA 239 12.36 -121.42 14.29
CA SER HA 239 11.31 -122.43 14.28
C SER HA 239 10.13 -122.04 15.15
N THR HA 240 10.35 -121.28 16.23
CA THR HA 240 9.26 -120.84 17.09
C THR HA 240 8.78 -119.44 16.76
N THR HA 241 9.34 -118.81 15.72
CA THR HA 241 8.98 -117.42 15.41
C THR HA 241 7.54 -117.28 15.00
N THR HA 242 6.97 -118.29 14.32
CA THR HA 242 5.56 -118.19 13.96
C THR HA 242 4.65 -118.35 15.16
N LEU HA 243 5.13 -118.96 16.24
CA LEU HA 243 4.38 -119.02 17.48
C LEU HA 243 4.52 -117.73 18.28
N ARG HA 244 5.74 -117.19 18.38
CA ARG HA 244 5.97 -116.02 19.23
C ARG HA 244 5.60 -114.70 18.56
N TYR HA 245 5.71 -114.60 17.25
CA TYR HA 245 5.36 -113.39 16.51
C TYR HA 245 4.18 -113.66 15.59
N PRO HA 246 3.02 -113.04 15.82
CA PRO HA 246 1.83 -113.38 15.00
C PRO HA 246 2.06 -113.04 13.54
N GLY HA 247 1.92 -114.07 12.69
CA GLY HA 247 1.99 -113.91 11.26
C GLY HA 247 0.68 -114.22 10.57
N TYR HA 248 0.74 -114.28 9.24
CA TYR HA 248 -0.44 -114.59 8.45
C TYR HA 248 -0.61 -116.07 8.17
N MET HA 249 0.47 -116.87 8.21
CA MET HA 249 0.39 -118.27 7.86
C MET HA 249 1.32 -119.08 8.74
N ASN HA 250 0.92 -120.34 8.99
CA ASN HA 250 1.73 -121.28 9.76
C ASN HA 250 2.14 -120.69 11.11
N ASN HA 251 1.15 -120.21 11.86
CA ASN HA 251 1.40 -119.56 13.13
C ASN HA 251 1.47 -120.52 14.32
N ASP HA 252 1.41 -121.83 14.10
CA ASP HA 252 1.48 -122.78 15.20
C ASP HA 252 2.45 -123.92 14.91
N LEU HA 253 2.95 -124.52 15.99
CA LEU HA 253 3.92 -125.60 15.88
C LEU HA 253 3.27 -126.85 15.31
N ILE HA 254 2.03 -127.12 15.69
CA ILE HA 254 1.31 -128.27 15.14
C ILE HA 254 1.25 -128.15 13.61
N GLY HA 255 0.86 -126.97 13.12
CA GLY HA 255 0.77 -126.77 11.69
C GLY HA 255 2.14 -126.86 11.03
N LEU HA 256 3.17 -126.35 11.69
CA LEU HA 256 4.52 -126.49 11.15
C LEU HA 256 4.90 -127.95 10.99
N ILE HA 257 4.68 -128.75 12.04
CA ILE HA 257 5.03 -130.16 11.98
C ILE HA 257 4.24 -130.86 10.90
N ALA HA 258 2.93 -130.64 10.85
CA ALA HA 258 2.11 -131.27 9.82
C ALA HA 258 2.54 -130.86 8.42
N SER HA 259 3.04 -129.63 8.26
CA SER HA 259 3.54 -129.18 6.96
C SER HA 259 4.90 -129.76 6.61
N LEU HA 260 5.69 -130.13 7.62
CA LEU HA 260 7.07 -130.54 7.38
C LEU HA 260 7.25 -132.06 7.38
N ILE HA 261 6.38 -132.79 8.05
CA ILE HA 261 6.55 -134.23 8.26
C ILE HA 261 5.29 -134.94 7.76
N PRO HA 262 5.15 -135.18 6.46
CA PRO HA 262 4.00 -135.95 5.98
C PRO HA 262 4.10 -137.44 6.28
N THR HA 263 5.29 -137.94 6.56
CA THR HA 263 5.52 -139.35 6.87
C THR HA 263 6.16 -139.39 8.24
N PRO HA 264 5.50 -139.95 9.27
CA PRO HA 264 6.00 -139.76 10.63
C PRO HA 264 7.44 -140.20 10.82
N ARG HA 265 7.88 -141.27 10.15
CA ARG HA 265 9.27 -141.69 10.29
C ARG HA 265 10.21 -140.78 9.49
N LEU HA 266 9.72 -140.17 8.41
CA LEU HA 266 10.55 -139.29 7.59
C LEU HA 266 10.39 -137.84 8.04
N HIS HA 267 10.73 -137.62 9.31
CA HIS HA 267 10.47 -136.34 9.98
C HIS HA 267 11.72 -135.51 10.20
N PHE HA 268 12.84 -135.83 9.53
CA PHE HA 268 14.07 -135.07 9.67
C PHE HA 268 14.08 -133.87 8.72
N LEU HA 269 14.07 -132.67 9.29
CA LEU HA 269 14.04 -131.42 8.53
C LEU HA 269 15.43 -130.80 8.54
N MET HA 270 15.88 -130.34 7.37
CA MET HA 270 17.08 -129.53 7.28
C MET HA 270 16.74 -128.05 7.41
N THR HA 271 17.66 -127.31 8.02
CA THR HA 271 17.53 -125.87 8.22
C THR HA 271 18.53 -125.12 7.33
N GLY HA 272 18.13 -123.91 6.94
CA GLY HA 272 18.98 -122.95 6.28
C GLY HA 272 18.70 -121.53 6.73
N TYR HA 273 19.72 -120.68 6.83
CA TYR HA 273 19.54 -119.34 7.37
C TYR HA 273 20.19 -118.33 6.44
N THR HA 274 19.57 -117.15 6.34
CA THR HA 274 20.12 -116.05 5.58
C THR HA 274 19.61 -114.73 6.17
N PRO HA 275 20.45 -113.69 6.21
CA PRO HA 275 21.86 -113.65 5.78
C PRO HA 275 22.83 -114.33 6.75
N LEU HA 276 23.89 -114.93 6.22
CA LEU HA 276 25.00 -115.46 7.01
C LEU HA 276 26.21 -114.55 6.78
N THR HA 277 26.30 -113.49 7.56
CA THR HA 277 27.39 -112.52 7.41
C THR HA 277 27.81 -111.96 8.77
N LYS HA 287 19.44 -104.57 1.64
CA LYS HA 287 18.01 -104.80 1.59
C LYS HA 287 17.70 -106.18 1.04
N THR HA 288 17.39 -107.11 1.93
CA THR HA 288 17.01 -108.46 1.51
C THR HA 288 15.66 -108.43 0.81
N THR HA 289 15.66 -108.78 -0.48
CA THR HA 289 14.44 -108.85 -1.27
C THR HA 289 13.86 -110.25 -1.11
N VAL HA 290 12.58 -110.39 -1.43
CA VAL HA 290 11.98 -111.73 -1.45
C VAL HA 290 12.80 -112.66 -2.33
N LEU HA 291 13.16 -112.19 -3.53
CA LEU HA 291 14.01 -112.98 -4.44
C LEU HA 291 15.42 -113.19 -3.89
N ASP HA 292 16.02 -112.18 -3.27
CA ASP HA 292 17.36 -112.37 -2.72
C ASP HA 292 17.35 -113.33 -1.53
N VAL HA 293 16.32 -113.23 -0.69
CA VAL HA 293 16.14 -114.17 0.40
C VAL HA 293 16.04 -115.58 -0.14
N MET HA 294 15.13 -115.80 -1.10
CA MET HA 294 14.96 -117.15 -1.65
C MET HA 294 16.25 -117.66 -2.30
N ARG HA 295 16.98 -116.79 -2.98
CA ARG HA 295 18.25 -117.19 -3.57
C ARG HA 295 19.29 -117.57 -2.53
N ARG HA 296 19.37 -116.81 -1.44
CA ARG HA 296 20.31 -117.17 -0.39
C ARG HA 296 19.90 -118.47 0.29
N LEU HA 297 18.60 -118.64 0.56
CA LEU HA 297 18.17 -119.90 1.16
C LEU HA 297 18.50 -121.07 0.24
N LEU HA 298 18.34 -120.87 -1.08
CA LEU HA 298 18.68 -121.93 -2.02
C LEU HA 298 20.18 -122.07 -2.19
N GLN HA 299 20.98 -121.17 -1.63
CA GLN HA 299 22.42 -121.30 -1.72
C GLN HA 299 22.92 -122.32 -0.70
N PRO HA 300 23.70 -123.32 -1.13
CA PRO HA 300 24.18 -124.33 -0.17
C PRO HA 300 24.95 -123.76 1.00
N LYS HA 301 25.64 -122.62 0.81
CA LYS HA 301 26.40 -121.99 1.89
C LYS HA 301 25.51 -121.40 2.97
N ASN HA 302 24.20 -121.31 2.75
CA ASN HA 302 23.28 -120.81 3.76
C ASN HA 302 22.40 -121.91 4.36
N VAL HA 303 22.55 -123.16 3.93
CA VAL HA 303 21.81 -124.25 4.55
C VAL HA 303 22.52 -124.70 5.82
N MET HA 304 21.76 -124.82 6.91
CA MET HA 304 22.28 -125.14 8.24
C MET HA 304 22.21 -126.62 8.56
N VAL HA 305 22.22 -127.49 7.55
CA VAL HA 305 22.21 -128.94 7.78
C VAL HA 305 23.21 -129.59 6.84
N SER HA 306 24.11 -130.40 7.41
CA SER HA 306 25.10 -131.11 6.62
C SER HA 306 24.46 -132.38 6.09
N THR HA 307 23.93 -132.30 4.88
CA THR HA 307 23.41 -133.47 4.17
C THR HA 307 24.44 -133.92 3.15
N GLY HA 308 24.72 -135.21 3.13
CA GLY HA 308 25.59 -135.76 2.10
C GLY HA 308 25.03 -135.56 0.72
N ARG HA 309 25.85 -135.05 -0.21
CA ARG HA 309 25.54 -135.05 -1.63
C ARG HA 309 25.85 -136.43 -2.20
N ASP HA 310 25.00 -137.39 -1.87
CA ASP HA 310 25.02 -138.67 -2.57
C ASP HA 310 24.65 -138.47 -4.03
N ARG HA 311 25.58 -138.82 -4.92
CA ARG HA 311 25.33 -138.75 -6.35
C ARG HA 311 24.50 -139.92 -6.87
N GLN HA 312 24.36 -140.98 -6.07
CA GLN HA 312 23.64 -142.17 -6.51
C GLN HA 312 22.14 -142.06 -6.25
N THR HA 313 21.76 -141.43 -5.15
CA THR HA 313 20.37 -141.30 -4.76
C THR HA 313 19.90 -139.91 -5.17
N ASN HA 314 18.89 -139.85 -6.04
CA ASN HA 314 18.34 -138.57 -6.49
C ASN HA 314 17.37 -138.07 -5.41
N HIS HA 315 17.96 -137.53 -4.35
CA HIS HA 315 17.17 -136.94 -3.28
C HIS HA 315 16.36 -135.75 -3.82
N CYS HA 316 15.22 -135.50 -3.18
CA CYS HA 316 14.34 -134.44 -3.62
C CYS HA 316 13.68 -133.82 -2.40
N TYR HA 317 13.20 -132.58 -2.56
CA TYR HA 317 12.41 -131.93 -1.53
C TYR HA 317 10.98 -132.44 -1.59
N ILE HA 318 10.46 -132.88 -0.44
CA ILE HA 318 9.03 -133.11 -0.34
C ILE HA 318 8.28 -131.80 -0.15
N ALA HA 319 8.72 -130.99 0.81
CA ALA HA 319 8.11 -129.70 1.06
C ALA HA 319 9.17 -128.75 1.62
N ILE HA 320 8.93 -127.45 1.40
CA ILE HA 320 9.79 -126.40 1.94
C ILE HA 320 8.89 -125.35 2.58
N LEU HA 321 9.20 -124.98 3.81
CA LEU HA 321 8.59 -123.84 4.49
C LEU HA 321 9.66 -122.78 4.70
N ASN HA 322 9.42 -121.57 4.22
CA ASN HA 322 10.29 -120.44 4.50
C ASN HA 322 9.66 -119.55 5.55
N ILE HA 323 10.31 -119.45 6.71
CA ILE HA 323 9.94 -118.52 7.76
C ILE HA 323 10.72 -117.25 7.49
N ILE HA 324 10.01 -116.21 7.07
CA ILE HA 324 10.61 -114.93 6.74
C ILE HA 324 10.27 -113.96 7.87
N GLN HA 325 11.29 -113.39 8.48
CA GLN HA 325 11.14 -112.50 9.62
C GLN HA 325 11.38 -111.07 9.16
N GLY HA 326 10.42 -110.20 9.44
CA GLY HA 326 10.46 -108.79 9.19
C GLY HA 326 9.20 -108.37 8.44
N GLU HA 327 9.22 -107.13 7.94
CA GLU HA 327 8.08 -106.61 7.20
C GLU HA 327 8.11 -107.17 5.79
N VAL HA 328 7.32 -108.21 5.55
CA VAL HA 328 7.29 -108.92 4.27
C VAL HA 328 5.87 -108.88 3.72
N ASP HA 329 5.75 -108.49 2.46
CA ASP HA 329 4.49 -108.58 1.73
C ASP HA 329 4.29 -110.01 1.25
N PRO HA 330 3.23 -110.70 1.65
CA PRO HA 330 3.02 -112.06 1.12
C PRO HA 330 2.92 -112.11 -0.39
N THR HA 331 2.43 -111.05 -1.03
CA THR HA 331 2.39 -111.05 -2.49
C THR HA 331 3.80 -110.97 -3.08
N GLN HA 332 4.71 -110.27 -2.40
CA GLN HA 332 6.09 -110.23 -2.86
C GLN HA 332 6.80 -111.54 -2.57
N VAL HA 333 6.41 -112.22 -1.49
CA VAL HA 333 6.93 -113.55 -1.23
C VAL HA 333 6.49 -114.50 -2.34
N HIS HA 334 5.22 -114.42 -2.73
CA HIS HA 334 4.71 -115.24 -3.83
C HIS HA 334 5.46 -114.95 -5.12
N LYS HA 335 5.66 -113.67 -5.44
CA LYS HA 335 6.42 -113.31 -6.63
C LYS HA 335 7.85 -113.84 -6.57
N SER HA 336 8.46 -113.83 -5.39
CA SER HA 336 9.83 -114.33 -5.26
C SER HA 336 9.88 -115.84 -5.44
N LEU HA 337 8.91 -116.55 -4.86
CA LEU HA 337 8.80 -117.99 -5.09
C LEU HA 337 8.61 -118.29 -6.57
N GLN HA 338 7.76 -117.51 -7.25
CA GLN HA 338 7.56 -117.69 -8.68
C GLN HA 338 8.87 -117.52 -9.44
N ARG HA 339 9.64 -116.47 -9.11
CA ARG HA 339 10.93 -116.27 -9.78
C ARG HA 339 11.91 -117.41 -9.47
N ILE HA 340 11.87 -117.92 -8.24
CA ILE HA 340 12.72 -119.05 -7.88
C ILE HA 340 12.34 -120.28 -8.68
N ARG HA 341 11.03 -120.50 -8.87
CA ARG HA 341 10.56 -121.62 -9.67
C ARG HA 341 11.02 -121.47 -11.12
N GLU HA 342 10.83 -120.28 -11.69
CA GLU HA 342 11.25 -120.05 -13.07
C GLU HA 342 12.74 -120.30 -13.25
N ARG HA 343 13.55 -119.93 -12.25
CA ARG HA 343 14.98 -120.20 -12.28
C ARG HA 343 15.32 -121.60 -11.81
N LYS HA 344 14.32 -122.36 -11.39
CA LYS HA 344 14.48 -123.70 -10.83
C LYS HA 344 15.55 -123.72 -9.73
N LEU HA 345 15.50 -122.70 -8.86
CA LEU HA 345 16.47 -122.59 -7.78
C LEU HA 345 16.24 -123.64 -6.70
N ALA HA 346 15.07 -124.27 -6.67
CA ALA HA 346 14.75 -125.33 -5.72
C ALA HA 346 14.10 -126.51 -6.41
N ASN HA 347 14.55 -127.71 -6.06
CA ASN HA 347 13.95 -128.95 -6.54
C ASN HA 347 12.85 -129.39 -5.58
N PHE HA 348 11.66 -129.63 -6.13
CA PHE HA 348 10.51 -130.05 -5.34
C PHE HA 348 10.19 -131.52 -5.62
N ILE HA 349 9.41 -132.11 -4.72
CA ILE HA 349 8.95 -133.49 -4.89
C ILE HA 349 8.34 -133.70 -6.27
N PRO HA 350 8.64 -134.81 -6.93
CA PRO HA 350 8.09 -135.05 -8.27
C PRO HA 350 6.70 -135.64 -8.28
N TRP HA 351 6.23 -136.20 -7.16
CA TRP HA 351 4.96 -136.91 -7.12
C TRP HA 351 3.81 -136.04 -6.66
N GLY HA 352 4.06 -134.76 -6.41
CA GLY HA 352 3.07 -133.85 -5.93
C GLY HA 352 3.38 -132.45 -6.41
N PRO HA 353 2.46 -131.51 -6.20
CA PRO HA 353 2.76 -130.12 -6.57
C PRO HA 353 3.90 -129.61 -5.72
N ALA HA 354 4.66 -128.66 -6.27
CA ALA HA 354 5.77 -128.09 -5.53
C ALA HA 354 5.23 -127.44 -4.27
N SER HA 355 5.53 -128.03 -3.10
CA SER HA 355 5.08 -127.48 -1.83
C SER HA 355 6.11 -126.47 -1.38
N ILE HA 356 5.78 -125.19 -1.54
CA ILE HA 356 6.53 -124.07 -0.99
C ILE HA 356 5.55 -123.24 -0.16
N GLN HA 357 5.73 -123.27 1.15
CA GLN HA 357 4.93 -122.50 2.10
C GLN HA 357 5.76 -121.32 2.59
N VAL HA 358 5.08 -120.23 2.94
CA VAL HA 358 5.75 -119.07 3.50
C VAL HA 358 5.04 -118.67 4.79
N ALA HA 359 5.79 -118.67 5.88
CA ALA HA 359 5.35 -118.16 7.17
C ALA HA 359 5.93 -116.77 7.38
N LEU HA 360 5.07 -115.81 7.72
CA LEU HA 360 5.51 -114.47 8.05
C LEU HA 360 5.68 -114.40 9.56
N SER HA 361 6.84 -113.93 10.01
CA SER HA 361 7.09 -113.69 11.42
C SER HA 361 7.71 -112.31 11.60
N ARG HA 362 7.59 -111.81 12.82
CA ARG HA 362 8.21 -110.55 13.20
C ARG HA 362 9.62 -110.80 13.73
N LYS HA 363 10.49 -109.82 13.52
CA LYS HA 363 11.79 -109.84 14.15
C LYS HA 363 11.66 -109.49 15.63
N SER HA 364 12.64 -109.92 16.41
CA SER HA 364 12.72 -109.47 17.79
C SER HA 364 12.70 -107.95 17.83
N PRO HA 365 11.85 -107.34 18.66
CA PRO HA 365 11.91 -105.88 18.82
C PRO HA 365 13.12 -105.40 19.59
N TYR HA 366 13.81 -106.27 20.33
CA TYR HA 366 14.94 -105.86 21.14
C TYR HA 366 16.26 -105.99 20.40
N LEU HA 367 16.30 -106.79 19.34
CA LEU HA 367 17.53 -107.01 18.58
C LEU HA 367 17.54 -106.10 17.36
N PRO HA 368 18.58 -105.28 17.17
CA PRO HA 368 18.71 -104.51 15.93
C PRO HA 368 18.95 -105.44 14.74
N SER HA 369 18.10 -105.34 13.73
CA SER HA 369 18.24 -106.12 12.50
C SER HA 369 18.66 -105.18 11.38
N ALA HA 370 19.89 -105.35 10.89
CA ALA HA 370 20.35 -104.62 9.73
C ALA HA 370 19.53 -104.95 8.48
N HIS HA 371 18.92 -106.13 8.43
CA HIS HA 371 18.18 -106.59 7.26
C HIS HA 371 16.69 -106.44 7.52
N ARG HA 372 16.01 -105.70 6.64
CA ARG HA 372 14.56 -105.55 6.77
C ARG HA 372 13.86 -106.90 6.70
N VAL HA 373 14.46 -107.86 6.02
CA VAL HA 373 13.89 -109.20 5.87
C VAL HA 373 15.02 -110.21 6.03
N SER HA 374 14.81 -111.20 6.90
CA SER HA 374 15.68 -112.36 6.97
C SER HA 374 14.85 -113.59 6.70
N GLY HA 375 15.52 -114.70 6.40
CA GLY HA 375 14.80 -115.94 6.21
C GLY HA 375 15.47 -117.21 6.70
N LEU HA 376 14.68 -118.09 7.30
CA LEU HA 376 15.05 -119.46 7.55
C LEU HA 376 14.22 -120.37 6.65
N MET HA 377 14.87 -121.36 6.05
CA MET HA 377 14.19 -122.42 5.32
C MET HA 377 14.23 -123.70 6.14
N MET HA 378 13.06 -124.31 6.34
CA MET HA 378 12.97 -125.69 6.79
C MET HA 378 12.51 -126.52 5.60
N ALA HA 379 13.32 -127.49 5.21
CA ALA HA 379 13.04 -128.30 4.04
C ALA HA 379 13.12 -129.78 4.38
N ASN HA 380 12.15 -130.55 3.90
CA ASN HA 380 12.24 -132.00 3.94
C ASN HA 380 12.83 -132.44 2.61
N HIS HA 381 14.08 -132.92 2.64
CA HIS HA 381 14.82 -133.23 1.43
C HIS HA 381 15.55 -134.55 1.64
N THR HA 382 15.48 -135.43 0.64
CA THR HA 382 15.95 -136.80 0.84
C THR HA 382 17.45 -136.86 1.09
N SER HA 383 18.21 -135.82 0.73
CA SER HA 383 19.64 -135.86 1.01
C SER HA 383 19.94 -135.77 2.50
N ILE HA 384 18.95 -135.42 3.32
CA ILE HA 384 19.13 -135.48 4.77
C ILE HA 384 19.38 -136.93 5.18
N SER HA 385 18.88 -137.88 4.39
CA SER HA 385 19.11 -139.29 4.65
C SER HA 385 20.59 -139.63 4.72
N SER HA 386 21.45 -138.92 3.98
CA SER HA 386 22.88 -139.19 4.03
C SER HA 386 23.47 -139.05 5.43
N LEU HA 387 22.95 -138.14 6.25
CA LEU HA 387 23.39 -138.04 7.64
C LEU HA 387 22.97 -139.24 8.47
N PHE HA 388 21.74 -139.71 8.29
CA PHE HA 388 21.30 -140.90 9.02
C PHE HA 388 22.04 -142.14 8.54
N GLU HA 389 22.27 -142.25 7.24
CA GLU HA 389 23.09 -143.32 6.70
C GLU HA 389 24.49 -143.31 7.29
N SER HA 390 25.12 -142.13 7.35
CA SER HA 390 26.44 -142.03 7.98
C SER HA 390 26.41 -142.48 9.44
N SER HA 391 25.40 -142.04 10.20
CA SER HA 391 25.30 -142.46 11.59
C SER HA 391 25.11 -143.97 11.71
N CYS HA 392 24.25 -144.55 10.87
CA CYS HA 392 24.05 -146.00 10.88
C CYS HA 392 25.33 -146.73 10.52
N GLN HA 393 26.07 -146.25 9.52
CA GLN HA 393 27.33 -146.88 9.15
C GLN HA 393 28.34 -146.81 10.29
N GLN HA 394 28.38 -145.67 11.00
CA GLN HA 394 29.28 -145.57 12.15
C GLN HA 394 28.88 -146.53 13.25
N TYR HA 395 27.58 -146.63 13.53
CA TYR HA 395 27.10 -147.61 14.50
C TYR HA 395 27.52 -149.02 14.11
N ASP HA 396 27.24 -149.41 12.87
CA ASP HA 396 27.60 -150.75 12.41
C ASP HA 396 29.11 -150.99 12.48
N LYS HA 397 29.90 -149.94 12.19
CA LYS HA 397 31.35 -150.00 12.30
C LYS HA 397 31.79 -150.23 13.74
N LEU HA 398 31.11 -149.63 14.70
CA LEU HA 398 31.46 -149.83 16.10
C LEU HA 398 30.98 -151.20 16.58
N ARG HA 399 29.73 -151.55 16.30
CA ARG HA 399 29.17 -152.80 16.78
C ARG HA 399 29.91 -154.01 16.24
N LYS HA 400 30.27 -154.00 14.95
CA LYS HA 400 31.04 -155.11 14.38
C LYS HA 400 32.41 -155.24 15.01
N ARG HA 401 32.96 -154.18 15.59
CA ARG HA 401 34.25 -154.21 16.26
C ARG HA 401 34.13 -154.25 17.77
N GLU HA 402 32.91 -154.29 18.30
CA GLU HA 402 32.65 -154.18 19.73
C GLU HA 402 33.36 -152.95 20.31
N ALA HA 403 33.45 -151.89 19.50
CA ALA HA 403 34.19 -150.71 19.88
C ALA HA 403 33.40 -149.90 20.91
N PHE HA 404 34.08 -149.41 21.93
CA PHE HA 404 33.50 -148.50 22.91
C PHE HA 404 32.34 -149.14 23.65
N LEU HA 405 32.32 -150.47 23.72
CA LEU HA 405 31.24 -151.20 24.38
C LEU HA 405 31.45 -151.38 25.87
N GLU HA 406 32.65 -151.11 26.39
CA GLU HA 406 32.89 -151.35 27.81
C GLU HA 406 32.03 -150.46 28.68
N GLN HA 407 31.81 -149.22 28.26
CA GLN HA 407 30.93 -148.31 29.00
C GLN HA 407 29.45 -148.61 28.78
N PHE HA 408 29.10 -149.13 27.60
CA PHE HA 408 27.72 -149.54 27.35
C PHE HA 408 27.33 -150.76 28.18
N ARG HA 409 28.23 -151.74 28.27
CA ARG HA 409 27.93 -152.96 29.01
C ARG HA 409 27.62 -152.71 30.48
N LYS HA 410 27.99 -151.55 31.02
CA LYS HA 410 27.62 -151.25 32.40
C LYS HA 410 26.15 -150.88 32.52
N GLU HA 411 25.50 -150.46 31.44
CA GLU HA 411 24.11 -150.06 31.46
C GLU HA 411 23.21 -151.22 31.01
N ASP HA 412 22.02 -151.28 31.62
CA ASP HA 412 21.18 -152.47 31.46
C ASP HA 412 20.77 -152.67 30.01
N ILE HA 413 20.52 -151.59 29.27
CA ILE HA 413 20.12 -151.70 27.87
C ILE HA 413 21.22 -152.31 27.01
N PHE HA 414 22.48 -152.19 27.43
CA PHE HA 414 23.60 -152.74 26.67
C PHE HA 414 24.42 -153.75 27.46
N LYS HA 415 23.95 -154.20 28.62
CA LYS HA 415 24.75 -155.07 29.46
C LYS HA 415 24.97 -156.44 28.82
N GLU HA 416 23.94 -156.98 28.17
CA GLU HA 416 24.04 -158.32 27.59
C GLU HA 416 24.52 -158.28 26.15
N ASN HA 417 23.96 -157.39 25.34
CA ASN HA 417 24.29 -157.29 23.93
C ASN HA 417 24.09 -155.86 23.48
N PHE HA 418 24.31 -155.62 22.19
CA PHE HA 418 24.11 -154.32 21.57
C PHE HA 418 22.89 -154.31 20.67
N ASP HA 419 21.93 -155.20 20.93
CA ASP HA 419 20.78 -155.33 20.05
C ASP HA 419 20.02 -154.03 19.96
N GLU HA 420 20.02 -153.22 21.03
CA GLU HA 420 19.36 -151.92 20.94
C GLU HA 420 20.10 -151.01 19.96
N LEU HA 421 21.42 -151.12 19.89
CA LEU HA 421 22.18 -150.40 18.87
C LEU HA 421 21.85 -150.90 17.48
N ASP HA 422 21.72 -152.22 17.32
CA ASP HA 422 21.43 -152.77 16.00
C ASP HA 422 20.02 -152.39 15.54
N ARG HA 423 19.05 -152.43 16.46
CA ARG HA 423 17.71 -151.93 16.16
C ARG HA 423 17.71 -150.45 15.81
N SER HA 424 18.52 -149.65 16.52
CA SER HA 424 18.62 -148.23 16.15
C SER HA 424 19.22 -148.05 14.77
N ARG HA 425 20.22 -148.87 14.43
CA ARG HA 425 20.80 -148.82 13.09
C ARG HA 425 19.78 -149.22 12.03
N GLU HA 426 18.95 -150.22 12.35
CA GLU HA 426 17.90 -150.64 11.43
C GLU HA 426 16.88 -149.53 11.23
N VAL HA 427 16.43 -148.92 12.33
CA VAL HA 427 15.48 -147.82 12.24
C VAL HA 427 16.07 -146.67 11.42
N VAL HA 428 17.35 -146.35 11.62
CA VAL HA 428 17.96 -145.26 10.85
C VAL HA 428 18.13 -145.64 9.38
N GLN HA 429 18.36 -146.92 9.10
CA GLN HA 429 18.40 -147.37 7.71
C GLN HA 429 17.03 -147.22 7.04
N GLU HA 430 15.99 -147.67 7.74
CA GLU HA 430 14.63 -147.50 7.23
C GLU HA 430 14.30 -146.03 7.02
N LEU HA 431 14.73 -145.17 7.93
CA LEU HA 431 14.52 -143.73 7.75
C LEU HA 431 15.23 -143.22 6.50
N ILE HA 432 16.48 -143.62 6.30
CA ILE HA 432 17.21 -143.22 5.10
C ILE HA 432 16.49 -143.69 3.84
N ASP HA 433 16.06 -144.95 3.84
CA ASP HA 433 15.40 -145.51 2.67
C ASP HA 433 14.07 -144.81 2.42
N GLU HA 434 13.34 -144.49 3.48
CA GLU HA 434 12.09 -143.75 3.32
C GLU HA 434 12.32 -142.34 2.80
N TYR HA 435 13.39 -141.67 3.26
CA TYR HA 435 13.75 -140.36 2.72
C TYR HA 435 14.08 -140.44 1.23
N HIS HA 436 14.78 -141.50 0.82
CA HIS HA 436 15.05 -141.67 -0.60
C HIS HA 436 13.76 -141.96 -1.38
N ALA HA 437 12.90 -142.82 -0.86
CA ALA HA 437 11.62 -143.03 -1.53
C ALA HA 437 10.81 -141.74 -1.59
N ALA HA 438 10.81 -140.95 -0.51
CA ALA HA 438 10.10 -139.68 -0.51
C ALA HA 438 10.70 -138.71 -1.51
N THR HA 439 11.93 -138.97 -1.94
CA THR HA 439 12.48 -138.17 -3.04
C THR HA 439 11.95 -138.65 -4.38
N ARG HA 440 11.35 -139.85 -4.41
CA ARG HA 440 10.91 -140.58 -5.58
C ARG HA 440 9.40 -140.52 -5.70
N PRO HA 441 8.86 -140.60 -6.93
CA PRO HA 441 7.39 -140.59 -7.07
C PRO HA 441 6.72 -141.79 -6.42
N ASP HA 442 7.45 -142.89 -6.21
CA ASP HA 442 6.91 -144.12 -5.65
C ASP HA 442 6.88 -144.14 -4.13
N TYR HA 443 7.21 -143.03 -3.47
CA TYR HA 443 7.21 -143.01 -2.01
C TYR HA 443 5.88 -143.48 -1.44
N ILE HA 444 4.77 -143.11 -2.06
CA ILE HA 444 3.45 -143.52 -1.60
C ILE HA 444 3.34 -145.04 -1.60
#